data_8JMV
#
_entry.id   8JMV
#
_cell.length_a   1.00
_cell.length_b   1.00
_cell.length_c   1.00
_cell.angle_alpha   90.00
_cell.angle_beta   90.00
_cell.angle_gamma   90.00
#
_symmetry.space_group_name_H-M   'P 1'
#
_entity_poly.entity_id   1
_entity_poly.type   'polypeptide(L)'
_entity_poly.pdbx_seq_one_letter_code
;MRINHNIAALNTSRQLNAGSNAASKNMEKLSSGLRINRAGDDAAGLAISEKMRSQIRGLDMASKNAQDGISLIQTSEGAL
NETHSILQRMSELATQAANDTNTDSDRSELQKEMDQLASEVTRISTDTEFNTKKLLDGTAQNLTFQIGANEGQTMSLSIN
KMDSESLKVGTTYTANDDGSKLVTADGKEATLVTDGSKGPNGYYDDADKLVYQADSALAKDTKVTKGIDISSSAKAASSA
LTTIKTAIDTVSSERAKLGAVQNRLEHTINNLGTSSENLTSAESRIRDVDMASEMMEYTKNNILTQASQAMLAQANQQPQ
QVLQLLKG
;
_entity_poly.pdbx_strand_id   A,B,C,D,E,F,G,H,I,J,K,L,M,N,O,P,Q,R,S,T,V,W,X,Y,Z,AA,BA,CA,DA,EA,FA,GA,HA
#
# COMPACT_ATOMS: atom_id res chain seq x y z
N MET A 1 -81.72 -6.24 9.33
CA MET A 1 -80.67 -6.77 8.46
C MET A 1 -81.08 -6.71 6.99
N ARG A 2 -80.53 -5.74 6.28
CA ARG A 2 -80.82 -5.58 4.85
C ARG A 2 -79.74 -6.27 4.04
N ILE A 3 -80.16 -7.11 3.10
CA ILE A 3 -79.25 -8.01 2.40
C ILE A 3 -78.92 -7.50 1.01
N ASN A 4 -79.87 -6.87 0.34
CA ASN A 4 -79.65 -6.46 -1.05
C ASN A 4 -78.54 -5.44 -1.21
N HIS A 5 -78.10 -4.79 -0.13
CA HIS A 5 -77.03 -3.81 -0.22
C HIS A 5 -76.19 -3.91 1.04
N ASN A 6 -74.87 -4.00 0.86
CA ASN A 6 -73.93 -4.06 1.98
C ASN A 6 -73.19 -2.73 2.02
N ILE A 7 -73.78 -1.75 2.72
CA ILE A 7 -73.18 -0.43 2.78
C ILE A 7 -71.86 -0.46 3.53
N ALA A 8 -71.72 -1.37 4.49
CA ALA A 8 -70.45 -1.50 5.20
C ALA A 8 -69.33 -1.93 4.25
N ALA A 9 -69.61 -2.88 3.37
CA ALA A 9 -68.62 -3.30 2.39
C ALA A 9 -68.47 -2.30 1.26
N LEU A 10 -69.57 -1.67 0.85
CA LEU A 10 -69.49 -0.66 -0.21
C LEU A 10 -68.68 0.55 0.24
N ASN A 11 -68.80 0.94 1.51
CA ASN A 11 -68.00 2.03 2.03
C ASN A 11 -66.53 1.64 2.13
N THR A 12 -66.25 0.40 2.54
CA THR A 12 -64.87 -0.06 2.64
C THR A 12 -64.21 -0.15 1.27
N SER A 13 -64.99 -0.43 0.22
CA SER A 13 -64.43 -0.49 -1.12
C SER A 13 -63.86 0.86 -1.55
N ARG A 14 -64.58 1.94 -1.24
CA ARG A 14 -64.09 3.26 -1.62
C ARG A 14 -62.79 3.60 -0.92
N GLN A 15 -62.69 3.28 0.37
CA GLN A 15 -61.43 3.49 1.08
C GLN A 15 -60.34 2.56 0.55
N LEU A 16 -60.73 1.40 0.03
CA LEU A 16 -59.76 0.52 -0.61
C LEU A 16 -59.24 1.14 -1.90
N ASN A 17 -60.13 1.68 -2.73
CA ASN A 17 -59.68 2.43 -3.91
C ASN A 17 -59.48 3.89 -3.60
N ALA A 18 -58.82 4.18 -2.48
CA ALA A 18 -58.32 5.51 -2.18
C ALA A 18 -56.94 5.49 -1.53
N GLY A 19 -56.51 4.36 -0.99
CA GLY A 19 -55.16 4.22 -0.49
C GLY A 19 -54.32 3.52 -1.53
N SER A 20 -54.96 2.71 -2.37
CA SER A 20 -54.26 2.14 -3.52
C SER A 20 -53.85 3.24 -4.49
N ASN A 21 -54.73 4.20 -4.75
CA ASN A 21 -54.38 5.31 -5.61
C ASN A 21 -53.24 6.13 -5.02
N ALA A 22 -53.30 6.39 -3.71
CA ALA A 22 -52.23 7.15 -3.07
C ALA A 22 -50.92 6.39 -3.11
N ALA A 23 -50.96 5.08 -2.89
CA ALA A 23 -49.74 4.28 -2.97
C ALA A 23 -49.18 4.27 -4.37
N SER A 24 -50.05 4.19 -5.38
CA SER A 24 -49.58 4.26 -6.77
C SER A 24 -48.93 5.59 -7.06
N LYS A 25 -49.53 6.68 -6.59
CA LYS A 25 -48.92 7.99 -6.79
C LYS A 25 -47.59 8.10 -6.06
N ASN A 26 -47.49 7.52 -4.87
CA ASN A 26 -46.24 7.57 -4.13
C ASN A 26 -45.15 6.75 -4.80
N MET A 27 -45.52 5.63 -5.43
CA MET A 27 -44.54 4.80 -6.09
C MET A 27 -44.06 5.40 -7.40
N GLU A 28 -44.88 6.23 -8.05
CA GLU A 28 -44.40 6.96 -9.21
C GLU A 28 -43.24 7.87 -8.83
N LYS A 29 -43.39 8.61 -7.73
CA LYS A 29 -42.33 9.49 -7.28
C LYS A 29 -41.10 8.71 -6.88
N LEU A 30 -41.28 7.58 -6.19
CA LEU A 30 -40.14 6.82 -5.71
C LEU A 30 -39.35 6.22 -6.86
N SER A 31 -40.04 5.71 -7.88
CA SER A 31 -39.36 5.12 -9.02
C SER A 31 -38.63 6.18 -9.85
N SER A 32 -39.33 7.26 -10.19
CA SER A 32 -38.74 8.30 -11.03
C SER A 32 -37.77 9.19 -10.27
N GLY A 33 -37.98 9.36 -8.96
CA GLY A 33 -37.16 10.27 -8.20
C GLY A 33 -37.57 11.72 -8.31
N LEU A 34 -38.74 12.01 -8.88
CA LEU A 34 -39.20 13.37 -9.09
C LEU A 34 -40.52 13.60 -8.38
N ARG A 35 -40.63 14.74 -7.69
CA ARG A 35 -41.89 15.13 -7.09
C ARG A 35 -42.96 15.37 -8.15
N ILE A 36 -42.59 16.08 -9.21
CA ILE A 36 -43.53 16.54 -10.22
C ILE A 36 -43.32 15.66 -11.46
N ASN A 37 -44.15 14.64 -11.60
CA ASN A 37 -44.19 13.85 -12.83
C ASN A 37 -45.22 14.43 -13.79
N ARG A 38 -46.47 14.49 -13.36
CA ARG A 38 -47.52 15.17 -14.10
C ARG A 38 -47.54 16.64 -13.71
N ALA A 39 -48.27 17.43 -14.50
CA ALA A 39 -48.41 18.84 -14.19
C ALA A 39 -49.39 19.10 -13.06
N GLY A 40 -50.18 18.09 -12.68
CA GLY A 40 -51.12 18.25 -11.59
C GLY A 40 -50.51 18.18 -10.20
N ASP A 41 -49.28 17.70 -10.09
CA ASP A 41 -48.61 17.67 -8.80
C ASP A 41 -48.15 19.05 -8.37
N ASP A 42 -47.69 19.88 -9.31
CA ASP A 42 -47.36 21.27 -9.02
C ASP A 42 -47.37 22.03 -10.33
N ALA A 43 -48.38 22.88 -10.54
CA ALA A 43 -48.42 23.69 -11.76
C ALA A 43 -47.28 24.69 -11.78
N ALA A 44 -47.16 25.48 -10.71
CA ALA A 44 -46.05 26.43 -10.63
C ALA A 44 -44.72 25.70 -10.49
N GLY A 45 -44.71 24.55 -9.83
CA GLY A 45 -43.49 23.77 -9.77
C GLY A 45 -43.05 23.28 -11.13
N LEU A 46 -44.00 22.83 -11.96
CA LEU A 46 -43.68 22.45 -13.32
C LEU A 46 -43.17 23.65 -14.12
N ALA A 47 -43.85 24.79 -14.00
CA ALA A 47 -43.44 25.96 -14.76
C ALA A 47 -42.04 26.44 -14.37
N ILE A 48 -41.78 26.54 -13.08
CA ILE A 48 -40.49 27.02 -12.60
C ILE A 48 -39.38 26.06 -12.99
N SER A 49 -39.66 24.76 -12.88
CA SER A 49 -38.65 23.75 -13.18
C SER A 49 -38.16 23.86 -14.61
N GLU A 50 -39.09 23.93 -15.56
CA GLU A 50 -38.71 23.97 -16.97
C GLU A 50 -37.91 25.21 -17.30
N LYS A 51 -38.28 26.37 -16.76
CA LYS A 51 -37.46 27.56 -16.89
C LYS A 51 -36.08 27.29 -16.31
N MET A 52 -36.04 26.65 -15.13
CA MET A 52 -34.77 26.35 -14.49
C MET A 52 -33.92 25.41 -15.32
N ARG A 53 -34.50 24.29 -15.78
CA ARG A 53 -33.74 23.34 -16.59
C ARG A 53 -33.20 24.00 -17.84
N SER A 54 -34.04 24.78 -18.52
CA SER A 54 -33.63 25.50 -19.71
C SER A 54 -32.43 26.39 -19.41
N GLN A 55 -32.46 27.06 -18.27
CA GLN A 55 -31.37 27.94 -17.88
C GLN A 55 -30.12 27.14 -17.50
N ILE A 56 -30.30 26.03 -16.78
CA ILE A 56 -29.16 25.23 -16.35
C ILE A 56 -28.47 24.61 -17.56
N ARG A 57 -29.24 24.03 -18.48
CA ARG A 57 -28.64 23.48 -19.69
C ARG A 57 -28.12 24.57 -20.61
N GLY A 58 -28.44 25.84 -20.35
CA GLY A 58 -27.88 26.92 -21.11
C GLY A 58 -26.57 27.39 -20.52
N LEU A 59 -26.50 27.53 -19.20
CA LEU A 59 -25.25 27.96 -18.57
C LEU A 59 -24.17 26.91 -18.67
N ASP A 60 -24.53 25.63 -18.64
CA ASP A 60 -23.51 24.61 -18.80
C ASP A 60 -23.05 24.50 -20.24
N MET A 61 -23.91 24.89 -21.19
CA MET A 61 -23.49 24.96 -22.59
C MET A 61 -22.81 26.28 -22.91
N ALA A 62 -23.29 27.38 -22.34
CA ALA A 62 -22.59 28.64 -22.48
C ALA A 62 -21.24 28.64 -21.78
N SER A 63 -21.01 27.69 -20.88
CA SER A 63 -19.67 27.48 -20.34
C SER A 63 -18.77 26.75 -21.30
N LYS A 64 -19.33 25.97 -22.23
CA LYS A 64 -18.52 25.41 -23.30
C LYS A 64 -18.14 26.47 -24.32
N ASN A 65 -19.08 27.36 -24.66
CA ASN A 65 -18.78 28.44 -25.57
C ASN A 65 -17.69 29.35 -25.00
N ALA A 66 -17.77 29.66 -23.71
CA ALA A 66 -16.74 30.47 -23.09
C ALA A 66 -15.39 29.78 -23.14
N GLN A 67 -15.36 28.46 -23.04
CA GLN A 67 -14.10 27.74 -23.12
C GLN A 67 -13.67 27.47 -24.55
N ASP A 68 -14.60 27.41 -25.49
CA ASP A 68 -14.22 27.38 -26.89
C ASP A 68 -13.77 28.73 -27.41
N GLY A 69 -14.00 29.79 -26.66
CA GLY A 69 -13.47 31.08 -27.00
C GLY A 69 -12.13 31.30 -26.34
N ILE A 70 -11.93 30.65 -25.20
CA ILE A 70 -10.62 30.68 -24.56
C ILE A 70 -9.59 29.96 -25.44
N SER A 71 -10.01 28.88 -26.09
CA SER A 71 -9.12 28.17 -27.00
C SER A 71 -8.86 28.98 -28.25
N LEU A 72 -9.88 29.63 -28.79
CA LEU A 72 -9.70 30.45 -29.97
C LEU A 72 -8.76 31.61 -29.70
N ILE A 73 -8.74 32.10 -28.47
CA ILE A 73 -7.92 33.24 -28.13
C ILE A 73 -6.50 32.82 -27.77
N GLN A 74 -6.35 31.66 -27.12
CA GLN A 74 -5.02 31.14 -26.85
C GLN A 74 -4.27 30.84 -28.13
N THR A 75 -4.98 30.40 -29.16
CA THR A 75 -4.34 30.13 -30.44
C THR A 75 -3.79 31.41 -31.06
N SER A 76 -4.55 32.50 -30.99
CA SER A 76 -4.11 33.75 -31.60
C SER A 76 -2.89 34.31 -30.88
N GLU A 77 -2.97 34.44 -29.55
CA GLU A 77 -1.83 34.98 -28.83
C GLU A 77 -0.66 34.01 -28.82
N GLY A 78 -0.93 32.71 -28.90
CA GLY A 78 0.16 31.77 -29.10
C GLY A 78 0.89 32.00 -30.40
N ALA A 79 0.15 32.39 -31.44
CA ALA A 79 0.79 32.71 -32.72
C ALA A 79 1.57 34.01 -32.64
N LEU A 80 0.97 35.09 -32.03
CA LEU A 80 1.71 36.32 -31.88
C LEU A 80 2.87 36.20 -30.93
N ASN A 81 2.93 35.13 -30.15
CA ASN A 81 4.12 34.89 -29.36
C ASN A 81 5.35 34.77 -30.22
N GLU A 82 5.19 34.30 -31.44
CA GLU A 82 6.32 34.12 -32.35
C GLU A 82 6.56 35.32 -33.23
N THR A 83 5.52 36.04 -33.62
CA THR A 83 5.75 37.32 -34.26
C THR A 83 6.55 38.25 -33.38
N HIS A 84 6.51 38.06 -32.08
CA HIS A 84 7.40 38.83 -31.23
C HIS A 84 8.84 38.41 -31.38
N SER A 85 9.11 37.12 -31.48
CA SER A 85 10.48 36.67 -31.57
C SER A 85 11.07 36.98 -32.93
N ILE A 86 10.25 36.89 -33.94
CA ILE A 86 10.75 37.25 -35.27
C ILE A 86 11.03 38.75 -35.33
N LEU A 87 10.12 39.56 -34.81
CA LEU A 87 10.36 41.00 -34.76
C LEU A 87 11.55 41.33 -33.88
N GLN A 88 11.81 40.51 -32.86
CA GLN A 88 12.95 40.77 -31.98
C GLN A 88 14.26 40.48 -32.69
N ARG A 89 14.32 39.35 -33.40
CA ARG A 89 15.49 39.05 -34.23
C ARG A 89 15.59 40.03 -35.38
N MET A 90 14.46 40.45 -35.94
CA MET A 90 14.47 41.40 -37.04
C MET A 90 15.02 42.74 -36.62
N SER A 91 15.08 43.02 -35.34
CA SER A 91 15.64 44.27 -34.84
C SER A 91 17.14 44.21 -34.61
N GLU A 92 17.69 43.03 -34.40
CA GLU A 92 19.13 42.89 -34.39
C GLU A 92 19.71 43.04 -35.78
N LEU A 93 19.02 42.55 -36.80
CA LEU A 93 19.46 42.82 -38.15
C LEU A 93 19.00 44.19 -38.63
N ALA A 94 19.09 45.18 -37.77
CA ALA A 94 19.10 46.59 -38.17
C ALA A 94 20.05 47.41 -37.35
N THR A 95 20.47 46.92 -36.18
CA THR A 95 21.56 47.53 -35.45
C THR A 95 22.90 47.06 -35.99
N GLN A 96 22.92 45.87 -36.59
CA GLN A 96 24.12 45.39 -37.24
C GLN A 96 24.27 46.00 -38.63
N ALA A 97 23.14 46.17 -39.33
CA ALA A 97 23.18 46.78 -40.65
C ALA A 97 23.42 48.28 -40.62
N ALA A 98 23.18 48.93 -39.48
CA ALA A 98 23.42 50.36 -39.37
C ALA A 98 24.88 50.71 -39.17
N ASN A 99 25.69 49.78 -38.67
CA ASN A 99 27.11 50.01 -38.54
C ASN A 99 27.75 50.17 -39.90
N ASP A 100 28.72 51.07 -40.00
CA ASP A 100 29.32 51.40 -41.29
C ASP A 100 30.62 50.63 -41.55
N THR A 101 30.95 49.66 -40.71
CA THR A 101 31.96 48.70 -41.09
C THR A 101 31.42 47.66 -42.06
N ASN A 102 30.11 47.51 -42.13
CA ASN A 102 29.50 46.67 -43.15
C ASN A 102 29.65 47.30 -44.52
N THR A 103 29.73 46.47 -45.54
CA THR A 103 29.66 46.93 -46.91
C THR A 103 28.30 46.56 -47.50
N ASP A 104 28.01 47.12 -48.68
CA ASP A 104 26.74 46.81 -49.32
C ASP A 104 26.65 45.32 -49.67
N SER A 105 27.79 44.68 -49.90
CA SER A 105 27.79 43.23 -50.08
C SER A 105 27.34 42.50 -48.84
N ASP A 106 27.46 43.12 -47.67
CA ASP A 106 27.06 42.52 -46.41
C ASP A 106 25.76 43.05 -45.86
N ARG A 107 25.40 44.30 -46.17
CA ARG A 107 24.05 44.76 -45.86
C ARG A 107 23.03 44.00 -46.68
N SER A 108 23.28 43.84 -47.97
CA SER A 108 22.42 43.01 -48.80
C SER A 108 22.51 41.56 -48.37
N GLU A 109 23.58 41.21 -47.66
CA GLU A 109 23.69 39.85 -47.13
C GLU A 109 22.74 39.67 -45.96
N LEU A 110 22.63 40.70 -45.12
CA LEU A 110 21.66 40.70 -44.04
C LEU A 110 20.24 40.79 -44.57
N GLN A 111 20.04 41.48 -45.69
CA GLN A 111 18.71 41.62 -46.26
C GLN A 111 18.12 40.26 -46.63
N LYS A 112 18.95 39.26 -46.86
CA LYS A 112 18.44 37.94 -47.17
C LYS A 112 17.62 37.38 -46.00
N GLU A 113 18.11 37.55 -44.78
CA GLU A 113 17.33 37.14 -43.62
C GLU A 113 16.22 38.13 -43.30
N MET A 114 16.43 39.41 -43.62
CA MET A 114 15.37 40.40 -43.50
C MET A 114 14.13 39.96 -44.27
N ASP A 115 14.30 39.59 -45.53
CA ASP A 115 13.18 39.18 -46.35
C ASP A 115 12.64 37.83 -45.95
N GLN A 116 13.44 36.99 -45.31
CA GLN A 116 12.98 35.68 -44.88
C GLN A 116 12.25 35.74 -43.55
N LEU A 117 12.64 36.66 -42.68
CA LEU A 117 11.90 36.88 -41.45
C LEU A 117 10.57 37.57 -41.72
N ALA A 118 10.60 38.60 -42.56
CA ALA A 118 9.37 39.31 -42.90
C ALA A 118 8.40 38.43 -43.66
N SER A 119 8.88 37.43 -44.37
CA SER A 119 8.01 36.49 -45.05
C SER A 119 7.45 35.44 -44.13
N GLU A 120 8.02 35.28 -42.95
CA GLU A 120 7.48 34.36 -41.95
C GLU A 120 6.45 35.04 -41.07
N VAL A 121 6.63 36.33 -40.81
CA VAL A 121 5.59 37.10 -40.12
C VAL A 121 4.29 37.06 -40.90
N THR A 122 4.39 37.18 -42.22
CA THR A 122 3.19 37.08 -43.05
C THR A 122 2.60 35.69 -43.04
N ARG A 123 3.45 34.65 -42.98
CA ARG A 123 2.93 33.30 -42.96
C ARG A 123 2.09 33.04 -41.71
N ILE A 124 2.55 33.51 -40.56
CA ILE A 124 1.81 33.28 -39.33
C ILE A 124 0.44 33.91 -39.39
N SER A 125 0.33 35.08 -40.01
CA SER A 125 -0.96 35.75 -40.12
C SER A 125 -1.91 34.96 -41.00
N THR A 126 -1.45 34.52 -42.17
CA THR A 126 -2.32 33.82 -43.10
C THR A 126 -2.48 32.35 -42.80
N ASP A 127 -1.64 31.76 -41.94
CA ASP A 127 -1.73 30.35 -41.65
C ASP A 127 -2.39 30.04 -40.32
N THR A 128 -2.29 30.94 -39.35
CA THR A 128 -2.90 30.70 -38.05
C THR A 128 -4.41 30.55 -38.21
N GLU A 129 -4.92 29.38 -37.88
CA GLU A 129 -6.30 29.06 -38.18
C GLU A 129 -6.86 28.18 -37.07
N PHE A 130 -7.84 28.70 -36.34
CA PHE A 130 -8.63 27.91 -35.42
C PHE A 130 -9.91 27.48 -36.13
N ASN A 131 -10.25 26.21 -35.98
CA ASN A 131 -11.41 25.63 -36.68
C ASN A 131 -11.10 25.86 -38.15
N THR A 132 -11.92 26.59 -38.90
CA THR A 132 -11.58 27.00 -40.25
C THR A 132 -11.58 28.52 -40.40
N LYS A 133 -11.17 29.21 -39.34
CA LYS A 133 -11.20 30.67 -39.28
C LYS A 133 -9.77 31.19 -39.24
N LYS A 134 -9.43 32.07 -40.17
CA LYS A 134 -8.14 32.74 -40.14
C LYS A 134 -8.22 33.88 -39.14
N LEU A 135 -7.44 33.78 -38.07
CA LEU A 135 -7.59 34.72 -36.96
C LEU A 135 -6.83 36.01 -37.20
N LEU A 136 -5.59 35.92 -37.64
CA LEU A 136 -4.70 37.08 -37.68
C LEU A 136 -4.63 37.75 -39.03
N ASP A 137 -5.52 37.41 -39.97
CA ASP A 137 -5.49 38.02 -41.29
C ASP A 137 -6.50 39.15 -41.43
N GLY A 138 -7.06 39.62 -40.32
CA GLY A 138 -7.98 40.74 -40.35
C GLY A 138 -9.40 40.40 -40.69
N THR A 139 -9.73 39.12 -40.87
CA THR A 139 -11.10 38.71 -41.16
C THR A 139 -11.87 38.29 -39.92
N ALA A 140 -11.17 38.00 -38.82
CA ALA A 140 -11.83 37.60 -37.57
C ALA A 140 -12.21 38.87 -36.81
N GLN A 141 -13.34 39.44 -37.20
CA GLN A 141 -13.87 40.64 -36.58
C GLN A 141 -15.29 40.38 -36.10
N ASN A 142 -15.66 41.03 -34.99
CA ASN A 142 -17.00 40.92 -34.44
C ASN A 142 -17.31 39.49 -34.01
N LEU A 143 -16.28 38.76 -33.57
CA LEU A 143 -16.48 37.41 -33.07
C LEU A 143 -17.32 37.45 -31.82
N THR A 144 -18.51 36.89 -31.89
CA THR A 144 -19.49 36.95 -30.81
C THR A 144 -19.52 35.61 -30.10
N PHE A 145 -19.12 35.60 -28.82
CA PHE A 145 -19.22 34.42 -27.99
C PHE A 145 -20.47 34.54 -27.14
N GLN A 146 -21.35 33.55 -27.23
CA GLN A 146 -22.55 33.53 -26.41
C GLN A 146 -22.17 33.01 -25.03
N ILE A 147 -21.69 33.93 -24.19
CA ILE A 147 -21.39 33.60 -22.81
C ILE A 147 -22.62 33.92 -21.97
N GLY A 148 -23.57 33.02 -21.95
CA GLY A 148 -24.83 33.27 -21.28
C GLY A 148 -25.93 32.49 -21.97
N ALA A 149 -27.00 32.23 -21.22
CA ALA A 149 -28.06 31.36 -21.70
C ALA A 149 -29.16 32.10 -22.43
N ASN A 150 -29.06 33.41 -22.61
CA ASN A 150 -30.14 34.21 -23.17
C ASN A 150 -29.62 35.08 -24.31
N GLU A 151 -30.52 35.87 -24.87
CA GLU A 151 -30.14 36.86 -25.87
C GLU A 151 -29.21 37.92 -25.29
N GLY A 152 -28.34 38.44 -26.15
CA GLY A 152 -27.54 39.59 -25.79
C GLY A 152 -26.53 39.35 -24.69
N GLN A 153 -26.39 38.10 -24.25
CA GLN A 153 -25.38 37.76 -23.26
C GLN A 153 -24.11 37.30 -23.96
N THR A 154 -23.58 38.19 -24.79
CA THR A 154 -22.48 37.91 -25.68
C THR A 154 -21.30 38.81 -25.35
N MET A 155 -20.17 38.48 -25.96
CA MET A 155 -18.97 39.30 -25.94
C MET A 155 -18.39 39.36 -27.33
N SER A 156 -18.06 40.55 -27.79
CA SER A 156 -17.46 40.69 -29.11
C SER A 156 -15.95 40.66 -29.00
N LEU A 157 -15.29 40.53 -30.16
CA LEU A 157 -13.85 40.51 -30.23
C LEU A 157 -13.42 40.79 -31.66
N SER A 158 -12.33 41.53 -31.82
CA SER A 158 -11.85 41.86 -33.16
C SER A 158 -10.33 41.84 -33.12
N ILE A 159 -9.73 40.87 -33.81
CA ILE A 159 -8.29 40.78 -33.93
C ILE A 159 -7.87 41.45 -35.23
N ASN A 160 -6.94 42.39 -35.13
CA ASN A 160 -6.52 43.14 -36.30
C ASN A 160 -5.57 42.30 -37.15
N LYS A 161 -5.38 42.75 -38.39
CA LYS A 161 -4.45 42.09 -39.28
C LYS A 161 -3.03 42.30 -38.78
N MET A 162 -2.29 41.20 -38.60
CA MET A 162 -0.99 41.25 -37.95
C MET A 162 0.07 40.60 -38.84
N ASP A 163 0.08 40.98 -40.10
CA ASP A 163 1.10 40.54 -41.04
C ASP A 163 2.12 41.65 -41.26
N SER A 164 3.17 41.32 -42.02
CA SER A 164 4.26 42.26 -42.18
C SER A 164 3.80 43.52 -42.89
N GLU A 165 2.86 43.39 -43.82
CA GLU A 165 2.34 44.57 -44.50
C GLU A 165 1.65 45.52 -43.52
N SER A 166 0.88 44.97 -42.58
CA SER A 166 0.16 45.82 -41.63
C SER A 166 1.10 46.44 -40.61
N LEU A 167 2.06 45.66 -40.11
CA LEU A 167 3.05 46.20 -39.19
C LEU A 167 4.08 47.07 -39.87
N LYS A 168 4.08 47.13 -41.21
CA LYS A 168 4.98 47.95 -42.00
C LYS A 168 6.43 47.48 -41.91
N VAL A 169 6.64 46.21 -41.60
CA VAL A 169 7.98 45.64 -41.59
C VAL A 169 8.24 44.83 -42.86
N GLY A 170 7.42 45.00 -43.88
CA GLY A 170 7.59 44.25 -45.10
C GLY A 170 6.60 44.72 -46.13
N THR A 171 6.60 44.02 -47.26
CA THR A 171 5.65 44.31 -48.32
C THR A 171 5.47 43.07 -49.17
N THR A 172 4.24 42.80 -49.59
CA THR A 172 3.90 41.56 -50.27
C THR A 172 3.52 41.85 -51.70
N TYR A 173 4.35 41.41 -52.63
CA TYR A 173 4.04 41.48 -54.05
C TYR A 173 3.34 40.20 -54.47
N THR A 174 2.35 40.34 -55.33
CA THR A 174 1.67 39.19 -55.92
C THR A 174 1.91 39.18 -57.42
N ALA A 175 1.98 37.98 -57.99
CA ALA A 175 2.31 37.82 -59.39
C ALA A 175 1.06 38.00 -60.24
N ASN A 176 1.18 38.82 -61.28
CA ASN A 176 0.07 39.02 -62.20
C ASN A 176 -0.21 37.73 -62.96
N ASP A 177 -1.28 37.75 -63.76
CA ASP A 177 -1.76 36.52 -64.39
C ASP A 177 -0.72 35.91 -65.32
N ASP A 178 -0.05 36.72 -66.13
CA ASP A 178 1.02 36.26 -66.99
C ASP A 178 2.31 36.00 -66.22
N GLY A 179 2.55 36.75 -65.16
CA GLY A 179 3.78 36.61 -64.40
C GLY A 179 4.87 37.55 -64.87
N SER A 180 4.49 38.52 -65.70
CA SER A 180 5.46 39.49 -66.20
C SER A 180 5.89 40.46 -65.12
N LYS A 181 4.95 40.92 -64.30
CA LYS A 181 5.21 41.96 -63.32
C LYS A 181 4.62 41.57 -61.97
N LEU A 182 5.45 41.53 -60.94
CA LEU A 182 4.96 41.34 -59.58
C LEU A 182 4.24 42.60 -59.13
N VAL A 183 3.03 42.43 -58.60
CA VAL A 183 2.17 43.53 -58.23
C VAL A 183 1.88 43.43 -56.74
N THR A 184 2.11 44.51 -56.02
CA THR A 184 1.69 44.59 -54.64
C THR A 184 0.37 45.34 -54.54
N ALA A 185 -0.28 45.22 -53.38
CA ALA A 185 -1.39 46.09 -53.08
C ALA A 185 -0.89 47.53 -52.98
N ASP A 186 -1.71 48.47 -53.43
CA ASP A 186 -1.39 49.86 -53.75
C ASP A 186 -0.69 49.90 -55.12
N GLY A 187 -0.30 48.76 -55.68
CA GLY A 187 0.17 48.73 -57.05
C GLY A 187 1.56 49.25 -57.29
N LYS A 188 2.58 48.58 -56.76
CA LYS A 188 3.96 48.84 -57.09
C LYS A 188 4.46 47.73 -58.00
N GLU A 189 4.94 48.11 -59.18
CA GLU A 189 5.25 47.17 -60.24
C GLU A 189 6.65 46.60 -60.07
N ALA A 190 6.82 45.38 -60.56
CA ALA A 190 8.14 44.75 -60.57
C ALA A 190 8.22 43.85 -61.78
N THR A 191 8.76 44.36 -62.87
CA THR A 191 8.76 43.65 -64.14
C THR A 191 9.90 42.63 -64.21
N LEU A 192 9.67 41.58 -64.99
CA LEU A 192 10.64 40.49 -65.15
C LEU A 192 11.69 40.74 -66.22
N VAL A 193 12.87 40.16 -66.00
CA VAL A 193 14.08 40.27 -66.82
C VAL A 193 14.48 41.68 -67.24
N THR A 194 14.50 42.60 -66.28
CA THR A 194 14.74 44.00 -66.60
C THR A 194 15.96 44.63 -65.92
N LYS A 198 20.31 44.63 -68.89
CA LYS A 198 19.85 43.33 -68.43
C LYS A 198 20.26 43.08 -66.98
N GLY A 199 21.56 42.94 -66.76
CA GLY A 199 22.08 42.72 -65.43
C GLY A 199 21.67 41.37 -64.87
N PRO A 200 21.85 41.18 -63.56
CA PRO A 200 21.37 39.94 -62.93
C PRO A 200 19.87 39.79 -63.12
N ASN A 201 19.43 38.55 -63.26
CA ASN A 201 18.09 38.26 -63.73
C ASN A 201 17.12 38.18 -62.56
N GLY A 202 15.96 38.83 -62.70
CA GLY A 202 14.95 38.81 -61.68
C GLY A 202 13.87 39.85 -61.98
N TYR A 203 12.97 40.02 -61.02
CA TYR A 203 11.86 40.97 -61.13
C TYR A 203 12.36 42.33 -60.67
N TYR A 204 12.73 43.17 -61.63
CA TYR A 204 13.26 44.47 -61.27
C TYR A 204 12.13 45.47 -61.03
N ASP A 205 12.47 46.54 -60.33
CA ASP A 205 11.56 47.59 -59.92
C ASP A 205 11.87 48.84 -60.76
N ASP A 206 11.12 49.91 -60.56
CA ASP A 206 11.28 51.13 -61.35
C ASP A 206 12.56 51.88 -61.03
N ALA A 207 13.40 51.35 -60.14
CA ALA A 207 14.65 51.99 -59.81
C ALA A 207 15.85 51.07 -59.95
N ASP A 208 15.67 49.96 -60.68
CA ASP A 208 16.72 49.00 -61.03
C ASP A 208 17.07 48.19 -59.77
N LYS A 209 16.46 48.52 -58.64
CA LYS A 209 16.62 47.70 -57.44
C LYS A 209 15.94 46.36 -57.68
N LEU A 210 16.71 45.28 -57.66
CA LEU A 210 16.14 43.95 -57.77
C LEU A 210 15.18 43.70 -56.62
N VAL A 211 14.00 43.18 -56.95
CA VAL A 211 12.99 42.84 -55.95
C VAL A 211 12.97 41.35 -55.67
N TYR A 212 12.87 40.53 -56.70
CA TYR A 212 12.92 39.08 -56.55
C TYR A 212 13.98 38.51 -57.48
N GLN A 213 14.64 37.46 -57.01
CA GLN A 213 15.67 36.78 -57.78
C GLN A 213 15.07 35.53 -58.41
N ALA A 214 14.68 35.63 -59.67
CA ALA A 214 14.18 34.49 -60.41
C ALA A 214 14.44 34.71 -61.89
N ASP A 215 14.80 33.64 -62.59
CA ASP A 215 15.04 33.71 -64.02
C ASP A 215 13.84 33.27 -64.85
N SER A 216 13.05 32.33 -64.36
CA SER A 216 11.80 31.97 -65.01
C SER A 216 10.72 32.97 -64.62
N ALA A 217 9.47 32.66 -64.93
CA ALA A 217 8.36 33.53 -64.56
C ALA A 217 7.57 32.85 -63.45
N LEU A 218 7.27 33.61 -62.40
CA LEU A 218 6.50 33.06 -61.29
C LEU A 218 5.11 32.67 -61.75
N ALA A 219 4.52 31.71 -61.04
CA ALA A 219 3.19 31.23 -61.36
C ALA A 219 2.14 32.29 -61.05
N LYS A 220 0.87 31.96 -61.23
CA LYS A 220 -0.21 32.91 -61.06
C LYS A 220 -0.60 33.00 -59.59
N ASP A 221 -0.76 34.22 -59.10
CA ASP A 221 -1.09 34.48 -57.69
C ASP A 221 -0.10 33.85 -56.73
N THR A 222 1.18 33.95 -57.05
CA THR A 222 2.23 33.59 -56.11
C THR A 222 2.72 34.85 -55.41
N LYS A 223 2.60 34.87 -54.09
CA LYS A 223 2.98 36.03 -53.31
C LYS A 223 4.43 35.91 -52.86
N VAL A 224 5.15 37.03 -52.93
CA VAL A 224 6.49 37.12 -52.37
C VAL A 224 6.48 38.27 -51.37
N THR A 225 7.18 38.08 -50.26
CA THR A 225 7.27 39.09 -49.23
C THR A 225 8.71 39.59 -49.15
N LYS A 226 8.87 40.91 -49.14
CA LYS A 226 10.18 41.54 -49.16
C LYS A 226 10.30 42.40 -47.91
N GLY A 227 11.36 42.19 -47.15
CA GLY A 227 11.51 42.89 -45.88
C GLY A 227 11.72 44.37 -46.06
N ILE A 228 11.67 45.08 -44.93
CA ILE A 228 11.90 46.52 -44.97
C ILE A 228 13.35 46.77 -45.33
N ASP A 229 13.60 47.89 -46.00
CA ASP A 229 14.90 48.17 -46.58
C ASP A 229 15.91 48.47 -45.49
N ILE A 230 16.93 47.62 -45.37
CA ILE A 230 18.07 47.88 -44.50
C ILE A 230 19.38 47.83 -45.25
N SER A 231 19.37 47.48 -46.53
CA SER A 231 20.59 47.24 -47.27
C SER A 231 21.01 48.39 -48.18
N SER A 232 20.14 49.37 -48.38
CA SER A 232 20.49 50.47 -49.28
C SER A 232 21.53 51.40 -48.69
N SER A 233 21.56 51.56 -47.37
CA SER A 233 22.47 52.49 -46.71
C SER A 233 22.46 52.22 -45.22
N ALA A 234 23.35 52.90 -44.51
CA ALA A 234 23.31 52.87 -43.06
C ALA A 234 22.19 53.74 -42.51
N LYS A 235 21.87 54.84 -43.20
CA LYS A 235 20.75 55.67 -42.80
C LYS A 235 19.44 54.91 -42.91
N ALA A 236 19.27 54.14 -43.99
CA ALA A 236 18.05 53.36 -44.16
C ALA A 236 17.91 52.30 -43.08
N ALA A 237 19.01 51.65 -42.71
CA ALA A 237 18.95 50.64 -41.67
C ALA A 237 18.57 51.25 -40.33
N SER A 238 19.09 52.44 -40.02
CA SER A 238 18.67 53.14 -38.81
C SER A 238 17.20 53.51 -38.88
N SER A 239 16.72 53.94 -40.05
CA SER A 239 15.31 54.28 -40.18
C SER A 239 14.43 53.08 -39.90
N ALA A 240 14.83 51.90 -40.39
CA ALA A 240 14.07 50.69 -40.12
C ALA A 240 14.05 50.33 -38.65
N LEU A 241 14.95 50.88 -37.83
CA LEU A 241 14.98 50.54 -36.42
C LEU A 241 13.71 51.01 -35.71
N THR A 242 13.30 52.25 -35.95
CA THR A 242 12.05 52.73 -35.34
C THR A 242 10.84 52.00 -35.91
N THR A 243 10.85 51.69 -37.20
CA THR A 243 9.74 50.97 -37.78
C THR A 243 9.59 49.59 -37.15
N ILE A 244 10.70 48.91 -36.89
CA ILE A 244 10.63 47.60 -36.28
C ILE A 244 10.22 47.72 -34.82
N LYS A 245 10.81 48.66 -34.09
CA LYS A 245 10.50 48.78 -32.67
C LYS A 245 9.07 49.27 -32.44
N THR A 246 8.49 49.95 -33.42
CA THR A 246 7.08 50.31 -33.33
C THR A 246 6.21 49.09 -33.60
N ALA A 247 6.62 48.23 -34.53
CA ALA A 247 5.86 47.02 -34.81
C ALA A 247 5.80 46.13 -33.57
N ILE A 248 6.88 46.08 -32.80
CA ILE A 248 6.84 45.35 -31.54
C ILE A 248 5.83 45.97 -30.60
N ASP A 249 5.61 47.28 -30.71
CA ASP A 249 4.64 47.94 -29.85
C ASP A 249 3.21 47.61 -30.24
N THR A 250 2.92 47.57 -31.54
CA THR A 250 1.57 47.24 -31.99
C THR A 250 1.29 45.75 -31.98
N VAL A 251 2.30 44.93 -31.71
CA VAL A 251 2.05 43.51 -31.45
C VAL A 251 1.79 43.29 -29.97
N SER A 252 2.54 43.96 -29.10
CA SER A 252 2.27 43.90 -27.68
C SER A 252 0.87 44.41 -27.35
N SER A 253 0.41 45.43 -28.08
CA SER A 253 -0.95 45.92 -27.89
C SER A 253 -1.97 44.86 -28.26
N GLU A 254 -1.74 44.14 -29.35
CA GLU A 254 -2.68 43.11 -29.75
C GLU A 254 -2.65 41.92 -28.80
N ARG A 255 -1.47 41.55 -28.32
CA ARG A 255 -1.38 40.40 -27.44
C ARG A 255 -2.15 40.59 -26.15
N ALA A 256 -2.09 41.78 -25.55
CA ALA A 256 -2.81 42.01 -24.32
C ALA A 256 -4.23 42.50 -24.53
N LYS A 257 -4.59 42.89 -25.75
CA LYS A 257 -6.01 42.98 -26.08
C LYS A 257 -6.65 41.61 -26.11
N LEU A 258 -5.86 40.56 -26.35
CA LEU A 258 -6.34 39.19 -26.31
C LEU A 258 -6.09 38.51 -24.99
N GLY A 259 -5.13 39.01 -24.20
CA GLY A 259 -4.93 38.47 -22.88
C GLY A 259 -5.94 39.05 -21.91
N ALA A 260 -6.44 40.24 -22.22
CA ALA A 260 -7.49 40.83 -21.41
C ALA A 260 -8.79 40.10 -21.57
N VAL A 261 -9.13 39.71 -22.80
CA VAL A 261 -10.35 38.96 -23.04
C VAL A 261 -10.26 37.58 -22.41
N GLN A 262 -9.09 36.96 -22.47
CA GLN A 262 -8.95 35.62 -21.90
C GLN A 262 -9.06 35.66 -20.38
N ASN A 263 -8.52 36.70 -19.74
CA ASN A 263 -8.70 36.85 -18.31
C ASN A 263 -10.16 37.03 -17.95
N ARG A 264 -10.89 37.82 -18.73
CA ARG A 264 -12.32 37.99 -18.50
C ARG A 264 -13.06 36.67 -18.65
N LEU A 265 -12.74 35.92 -19.71
CA LEU A 265 -13.41 34.66 -19.94
C LEU A 265 -13.12 33.62 -18.87
N GLU A 266 -12.00 33.76 -18.17
CA GLU A 266 -11.74 32.88 -17.04
C GLU A 266 -12.61 33.22 -15.85
N HIS A 267 -12.94 34.49 -15.66
CA HIS A 267 -13.89 34.87 -14.62
C HIS A 267 -15.32 34.52 -15.03
N THR A 268 -15.64 34.65 -16.31
CA THR A 268 -16.97 34.26 -16.78
C THR A 268 -17.24 32.79 -16.59
N ILE A 269 -16.21 31.95 -16.66
CA ILE A 269 -16.40 30.52 -16.52
C ILE A 269 -16.69 30.14 -15.07
N ASN A 270 -15.95 30.72 -14.13
CA ASN A 270 -16.23 30.45 -12.71
C ASN A 270 -17.61 30.92 -12.32
N ASN A 271 -18.04 32.06 -12.85
CA ASN A 271 -19.37 32.56 -12.51
C ASN A 271 -20.46 31.75 -13.19
N LEU A 272 -20.23 31.28 -14.40
CA LEU A 272 -21.20 30.40 -15.05
C LEU A 272 -21.27 29.05 -14.35
N GLY A 273 -20.12 28.53 -13.91
CA GLY A 273 -20.12 27.29 -13.18
C GLY A 273 -20.77 27.40 -11.82
N THR A 274 -20.57 28.52 -11.13
CA THR A 274 -21.23 28.71 -9.84
C THR A 274 -22.73 28.89 -9.99
N SER A 275 -23.17 29.54 -11.06
CA SER A 275 -24.60 29.75 -11.27
C SER A 275 -25.31 28.49 -11.72
N SER A 276 -24.60 27.48 -12.20
CA SER A 276 -25.24 26.21 -12.51
C SER A 276 -25.48 25.40 -11.24
N GLU A 277 -24.50 25.37 -10.34
CA GLU A 277 -24.69 24.67 -9.07
C GLU A 277 -25.82 25.29 -8.27
N ASN A 278 -25.84 26.62 -8.20
CA ASN A 278 -26.87 27.29 -7.42
C ASN A 278 -28.25 27.10 -8.03
N LEU A 279 -28.32 26.92 -9.34
CA LEU A 279 -29.60 26.66 -9.98
C LEU A 279 -29.93 25.18 -10.04
N THR A 280 -28.91 24.32 -10.17
CA THR A 280 -29.16 22.88 -10.10
C THR A 280 -29.72 22.50 -8.74
N SER A 281 -29.11 23.04 -7.68
CA SER A 281 -29.64 22.80 -6.33
C SER A 281 -31.02 23.41 -6.17
N ALA A 282 -31.23 24.59 -6.75
CA ALA A 282 -32.54 25.22 -6.67
C ALA A 282 -33.60 24.40 -7.37
N GLU A 283 -33.28 23.84 -8.53
CA GLU A 283 -34.24 23.04 -9.27
C GLU A 283 -34.48 21.69 -8.64
N SER A 284 -33.45 21.12 -7.99
CA SER A 284 -33.63 19.83 -7.35
C SER A 284 -34.61 19.92 -6.20
N ARG A 285 -34.56 21.00 -5.41
CA ARG A 285 -35.51 21.16 -4.32
C ARG A 285 -36.94 21.27 -4.83
N ILE A 286 -37.13 21.94 -5.97
CA ILE A 286 -38.47 22.10 -6.52
C ILE A 286 -38.95 20.79 -7.14
N ARG A 287 -38.08 20.08 -7.84
CA ARG A 287 -38.49 18.97 -8.69
C ARG A 287 -38.23 17.60 -8.08
N ASP A 288 -37.02 17.36 -7.57
CA ASP A 288 -36.69 16.05 -7.05
C ASP A 288 -37.46 15.75 -5.79
N VAL A 289 -37.70 14.48 -5.55
CA VAL A 289 -38.46 14.02 -4.39
C VAL A 289 -37.50 13.71 -3.26
N ASP A 290 -38.00 13.80 -2.03
CA ASP A 290 -37.23 13.41 -0.86
C ASP A 290 -37.47 11.92 -0.63
N MET A 291 -36.41 11.12 -0.79
CA MET A 291 -36.57 9.68 -0.71
C MET A 291 -37.08 9.25 0.65
N ALA A 292 -36.55 9.83 1.72
CA ALA A 292 -36.95 9.46 3.06
C ALA A 292 -38.41 9.82 3.33
N SER A 293 -38.78 11.07 3.04
CA SER A 293 -40.14 11.53 3.33
C SER A 293 -41.17 10.90 2.43
N GLU A 294 -40.76 10.25 1.34
CA GLU A 294 -41.68 9.63 0.41
C GLU A 294 -41.81 8.13 0.62
N MET A 295 -40.72 7.46 0.94
CA MET A 295 -40.80 6.04 1.29
C MET A 295 -41.61 5.84 2.55
N MET A 296 -41.45 6.73 3.53
CA MET A 296 -42.24 6.66 4.74
C MET A 296 -43.71 6.90 4.47
N GLU A 297 -44.03 7.77 3.50
CA GLU A 297 -45.42 8.00 3.17
C GLU A 297 -45.99 6.87 2.33
N TYR A 298 -45.17 6.27 1.47
CA TYR A 298 -45.63 5.14 0.68
C TYR A 298 -46.02 3.97 1.58
N THR A 299 -45.20 3.69 2.60
CA THR A 299 -45.50 2.60 3.51
C THR A 299 -46.80 2.83 4.25
N LYS A 300 -47.12 4.08 4.59
CA LYS A 300 -48.36 4.36 5.30
C LYS A 300 -49.57 3.97 4.47
N ASN A 301 -49.66 4.49 3.23
CA ASN A 301 -50.78 4.12 2.38
C ASN A 301 -50.74 2.65 1.99
N ASN A 302 -49.56 2.05 1.99
CA ASN A 302 -49.47 0.61 1.74
C ASN A 302 -50.00 -0.20 2.89
N ILE A 303 -50.14 0.40 4.08
CA ILE A 303 -50.76 -0.28 5.20
C ILE A 303 -52.25 0.04 5.28
N LEU A 304 -52.62 1.30 5.04
CA LEU A 304 -54.02 1.69 5.07
C LEU A 304 -54.84 0.91 4.05
N THR A 305 -54.24 0.47 2.95
CA THR A 305 -54.96 -0.37 2.00
C THR A 305 -55.10 -1.81 2.49
N GLN A 306 -54.13 -2.30 3.26
CA GLN A 306 -54.26 -3.63 3.84
C GLN A 306 -55.25 -3.64 5.01
N ALA A 307 -55.31 -2.54 5.76
CA ALA A 307 -56.34 -2.42 6.79
C ALA A 307 -57.73 -2.43 6.18
N SER A 308 -57.92 -1.72 5.08
CA SER A 308 -59.20 -1.75 4.39
C SER A 308 -59.43 -3.10 3.74
N GLN A 309 -58.36 -3.73 3.25
CA GLN A 309 -58.48 -5.08 2.70
C GLN A 309 -58.94 -6.07 3.76
N ALA A 310 -58.36 -5.98 4.96
CA ALA A 310 -58.72 -6.89 6.04
C ALA A 310 -60.16 -6.71 6.47
N MET A 311 -60.62 -5.46 6.57
CA MET A 311 -61.99 -5.22 7.02
C MET A 311 -63.02 -5.48 5.93
N LEU A 312 -62.62 -5.39 4.66
CA LEU A 312 -63.54 -5.73 3.58
C LEU A 312 -63.94 -7.20 3.64
N ALA A 313 -62.99 -8.07 3.98
CA ALA A 313 -63.29 -9.49 4.10
C ALA A 313 -64.34 -9.74 5.17
N GLN A 314 -64.20 -9.07 6.32
CA GLN A 314 -65.17 -9.24 7.40
C GLN A 314 -66.50 -8.58 7.04
N ALA A 315 -66.46 -7.49 6.28
CA ALA A 315 -67.70 -6.81 5.90
C ALA A 315 -68.60 -7.72 5.06
N ASN A 316 -68.00 -8.61 4.27
CA ASN A 316 -68.80 -9.55 3.49
C ASN A 316 -69.35 -10.68 4.34
N GLN A 317 -68.68 -11.02 5.45
CA GLN A 317 -69.13 -12.12 6.28
C GLN A 317 -70.38 -11.74 7.08
N GLN A 318 -70.53 -10.46 7.41
CA GLN A 318 -71.65 -10.04 8.24
C GLN A 318 -73.02 -10.35 7.64
N PRO A 319 -73.30 -10.12 6.36
CA PRO A 319 -74.61 -10.50 5.83
C PRO A 319 -74.86 -11.99 5.82
N GLN A 320 -73.82 -12.81 5.94
CA GLN A 320 -73.98 -14.26 5.88
C GLN A 320 -74.68 -14.85 7.09
N GLN A 321 -74.89 -14.07 8.14
CA GLN A 321 -75.45 -14.60 9.39
C GLN A 321 -76.97 -14.62 9.40
N VAL A 322 -77.63 -14.04 8.41
CA VAL A 322 -79.09 -14.08 8.39
C VAL A 322 -79.62 -15.42 7.92
N LEU A 323 -78.77 -16.25 7.29
CA LEU A 323 -79.23 -17.55 6.82
C LEU A 323 -79.59 -18.46 7.98
N GLN A 324 -78.81 -18.43 9.05
CA GLN A 324 -79.13 -19.23 10.23
C GLN A 324 -80.42 -18.79 10.89
N LEU A 325 -80.81 -17.53 10.71
CA LEU A 325 -82.08 -17.04 11.21
C LEU A 325 -83.24 -17.37 10.28
N LEU A 326 -82.99 -17.43 8.97
CA LEU A 326 -84.05 -17.67 8.01
C LEU A 326 -84.55 -19.10 8.02
N LYS A 327 -83.76 -20.03 8.55
CA LYS A 327 -84.18 -21.43 8.62
C LYS A 327 -84.89 -21.71 9.94
N MET B 1 -82.81 -24.45 -10.99
CA MET B 1 -81.54 -25.06 -10.64
C MET B 1 -81.30 -26.34 -11.43
N ARG B 2 -80.45 -26.26 -12.43
CA ARG B 2 -80.10 -27.41 -13.26
C ARG B 2 -78.82 -28.05 -12.72
N ILE B 3 -78.87 -29.36 -12.50
CA ILE B 3 -77.83 -30.06 -11.79
C ILE B 3 -76.90 -30.82 -12.74
N ASN B 4 -77.44 -31.36 -13.83
CA ASN B 4 -76.65 -32.20 -14.73
C ASN B 4 -75.51 -31.45 -15.39
N HIS B 5 -75.52 -30.12 -15.37
CA HIS B 5 -74.44 -29.35 -15.98
C HIS B 5 -74.20 -28.11 -15.14
N ASN B 6 -72.94 -27.85 -14.80
CA ASN B 6 -72.56 -26.68 -14.02
C ASN B 6 -71.82 -25.73 -14.97
N ILE B 7 -72.57 -24.89 -15.66
CA ILE B 7 -71.98 -23.98 -16.63
C ILE B 7 -71.08 -22.97 -15.94
N ALA B 8 -71.42 -22.60 -14.71
CA ALA B 8 -70.57 -21.68 -13.96
C ALA B 8 -69.19 -22.28 -13.71
N ALA B 9 -69.13 -23.55 -13.33
CA ALA B 9 -67.86 -24.21 -13.13
C ALA B 9 -67.19 -24.58 -14.45
N LEU B 10 -67.97 -24.95 -15.45
CA LEU B 10 -67.39 -25.28 -16.75
C LEU B 10 -66.77 -24.05 -17.40
N ASN B 11 -67.39 -22.88 -17.22
CA ASN B 11 -66.79 -21.64 -17.75
C ASN B 11 -65.53 -21.28 -16.98
N THR B 12 -65.54 -21.48 -15.66
CA THR B 12 -64.35 -21.16 -14.86
C THR B 12 -63.19 -22.09 -15.20
N SER B 13 -63.49 -23.32 -15.61
CA SER B 13 -62.41 -24.23 -15.99
C SER B 13 -61.64 -23.73 -17.19
N ARG B 14 -62.34 -23.18 -18.18
CA ARG B 14 -61.66 -22.67 -19.37
C ARG B 14 -60.74 -21.50 -19.02
N GLN B 15 -61.21 -20.59 -18.16
CA GLN B 15 -60.35 -19.51 -17.72
C GLN B 15 -59.20 -20.03 -16.86
N LEU B 16 -59.41 -21.16 -16.18
CA LEU B 16 -58.32 -21.79 -15.44
C LEU B 16 -57.27 -22.34 -16.40
N ASN B 17 -57.70 -23.04 -17.45
CA ASN B 17 -56.77 -23.46 -18.48
C ASN B 17 -56.62 -22.41 -19.57
N ALA B 18 -56.47 -21.16 -19.16
CA ALA B 18 -56.04 -20.08 -20.07
C ALA B 18 -55.07 -19.12 -19.41
N GLY B 19 -54.97 -19.10 -18.08
CA GLY B 19 -53.96 -18.32 -17.40
C GLY B 19 -52.80 -19.23 -17.02
N SER B 20 -53.10 -20.52 -16.85
CA SER B 20 -52.03 -21.48 -16.68
C SER B 20 -51.18 -21.59 -17.93
N ASN B 21 -51.81 -21.60 -19.09
CA ASN B 21 -51.06 -21.63 -20.34
C ASN B 21 -50.22 -20.37 -20.50
N ALA B 22 -50.80 -19.21 -20.18
CA ALA B 22 -50.04 -17.96 -20.29
C ALA B 22 -48.88 -17.93 -19.30
N ALA B 23 -49.09 -18.43 -18.09
CA ALA B 23 -48.01 -18.48 -17.11
C ALA B 23 -46.91 -19.43 -17.57
N SER B 24 -47.29 -20.56 -18.15
CA SER B 24 -46.30 -21.49 -18.67
C SER B 24 -45.49 -20.85 -19.80
N LYS B 25 -46.16 -20.13 -20.69
CA LYS B 25 -45.44 -19.44 -21.75
C LYS B 25 -44.52 -18.36 -21.20
N ASN B 26 -44.96 -17.66 -20.15
CA ASN B 26 -44.15 -16.62 -19.56
C ASN B 26 -42.93 -17.21 -18.85
N MET B 27 -43.07 -18.39 -18.25
CA MET B 27 -41.96 -19.00 -17.56
C MET B 27 -40.94 -19.60 -18.51
N GLU B 28 -41.37 -19.98 -19.73
CA GLU B 28 -40.40 -20.40 -20.74
C GLU B 28 -39.44 -19.25 -21.06
N LYS B 29 -39.99 -18.05 -21.26
CA LYS B 29 -39.17 -16.90 -21.56
C LYS B 29 -38.26 -16.55 -20.40
N LEU B 30 -38.79 -16.62 -19.17
CA LEU B 30 -38.00 -16.24 -18.01
C LEU B 30 -36.84 -17.20 -17.77
N SER B 31 -37.08 -18.50 -17.95
CA SER B 31 -36.02 -19.48 -17.76
C SER B 31 -34.96 -19.37 -18.84
N SER B 32 -35.37 -19.34 -20.11
CA SER B 32 -34.42 -19.31 -21.21
C SER B 32 -33.80 -17.94 -21.40
N GLY B 33 -34.51 -16.87 -21.05
CA GLY B 33 -34.03 -15.54 -21.30
C GLY B 33 -34.26 -15.04 -22.70
N LEU B 34 -35.07 -15.74 -23.50
CA LEU B 34 -35.31 -15.39 -24.89
C LEU B 34 -36.79 -15.15 -25.13
N ARG B 35 -37.10 -14.07 -25.84
CA ARG B 35 -38.48 -13.81 -26.25
C ARG B 35 -38.98 -14.88 -27.19
N ILE B 36 -38.16 -15.27 -28.16
CA ILE B 36 -38.57 -16.16 -29.23
C ILE B 36 -37.92 -17.51 -28.95
N ASN B 37 -38.68 -18.41 -28.35
CA ASN B 37 -38.26 -19.81 -28.20
C ASN B 37 -38.76 -20.63 -29.38
N ARG B 38 -40.07 -20.67 -29.56
CA ARG B 38 -40.67 -21.27 -30.74
C ARG B 38 -40.75 -20.24 -31.86
N ALA B 39 -41.03 -20.72 -33.06
CA ALA B 39 -41.19 -19.81 -34.19
C ALA B 39 -42.54 -19.11 -34.18
N GLY B 40 -43.48 -19.56 -33.35
CA GLY B 40 -44.78 -18.92 -33.27
C GLY B 40 -44.81 -17.65 -32.44
N ASP B 41 -43.76 -17.38 -31.67
CA ASP B 41 -43.69 -16.14 -30.92
C ASP B 41 -43.37 -14.95 -31.81
N ASP B 42 -42.50 -15.15 -32.81
CA ASP B 42 -42.24 -14.12 -33.81
C ASP B 42 -41.65 -14.81 -35.03
N ALA B 43 -42.42 -14.87 -36.11
CA ALA B 43 -41.91 -15.46 -37.34
C ALA B 43 -40.79 -14.61 -37.93
N ALA B 44 -41.07 -13.31 -38.13
CA ALA B 44 -40.04 -12.41 -38.62
C ALA B 44 -38.94 -12.22 -37.59
N GLY B 45 -39.28 -12.26 -36.30
CA GLY B 45 -38.24 -12.20 -35.28
C GLY B 45 -37.31 -13.39 -35.33
N LEU B 46 -37.87 -14.58 -35.55
CA LEU B 46 -37.03 -15.76 -35.72
C LEU B 46 -36.16 -15.64 -36.96
N ALA B 47 -36.75 -15.19 -38.07
CA ALA B 47 -35.98 -15.09 -39.32
C ALA B 47 -34.86 -14.08 -39.20
N ILE B 48 -35.15 -12.90 -38.67
CA ILE B 48 -34.14 -11.86 -38.54
C ILE B 48 -33.04 -12.28 -37.59
N SER B 49 -33.42 -12.92 -36.49
CA SER B 49 -32.45 -13.33 -35.48
C SER B 49 -31.39 -14.26 -36.07
N GLU B 50 -31.84 -15.31 -36.77
CA GLU B 50 -30.91 -16.29 -37.32
C GLU B 50 -29.96 -15.67 -38.33
N LYS B 51 -30.45 -14.78 -39.19
CA LYS B 51 -29.57 -14.02 -40.06
C LYS B 51 -28.58 -13.25 -39.22
N MET B 52 -29.07 -12.59 -38.17
CA MET B 52 -28.21 -11.81 -37.29
C MET B 52 -27.14 -12.66 -36.61
N ARG B 53 -27.56 -13.77 -36.00
CA ARG B 53 -26.60 -14.64 -35.33
C ARG B 53 -25.54 -15.14 -36.30
N SER B 54 -25.97 -15.58 -37.47
CA SER B 54 -25.06 -16.04 -38.51
C SER B 54 -24.04 -14.96 -38.84
N GLN B 55 -24.50 -13.71 -38.94
CA GLN B 55 -23.61 -12.62 -39.25
C GLN B 55 -22.70 -12.29 -38.07
N ILE B 56 -23.23 -12.32 -36.85
CA ILE B 56 -22.41 -12.00 -35.68
C ILE B 56 -21.33 -13.04 -35.47
N ARG B 57 -21.69 -14.32 -35.57
CA ARG B 57 -20.67 -15.36 -35.46
C ARG B 57 -19.75 -15.40 -36.66
N GLY B 58 -20.07 -14.67 -37.72
CA GLY B 58 -19.18 -14.54 -38.85
C GLY B 58 -18.19 -13.40 -38.67
N LEU B 59 -18.68 -12.26 -38.19
CA LEU B 59 -17.78 -11.13 -37.99
C LEU B 59 -16.81 -11.37 -36.84
N ASP B 60 -17.24 -12.09 -35.81
CA ASP B 60 -16.31 -12.40 -34.73
C ASP B 60 -15.30 -13.46 -35.14
N MET B 61 -15.66 -14.31 -36.09
CA MET B 61 -14.70 -15.25 -36.64
C MET B 61 -13.86 -14.63 -37.75
N ALA B 62 -14.47 -13.79 -38.59
CA ALA B 62 -13.69 -13.04 -39.56
C ALA B 62 -12.75 -12.04 -38.91
N SER B 63 -12.98 -11.71 -37.64
CA SER B 63 -12.01 -10.94 -36.88
C SER B 63 -10.84 -11.77 -36.42
N LYS B 64 -11.01 -13.09 -36.30
CA LYS B 64 -9.87 -13.96 -36.06
C LYS B 64 -9.04 -14.12 -37.32
N ASN B 65 -9.69 -14.26 -38.47
CA ASN B 65 -8.96 -14.35 -39.74
C ASN B 65 -8.16 -13.09 -39.99
N ALA B 66 -8.74 -11.92 -39.72
CA ALA B 66 -8.00 -10.68 -39.89
C ALA B 66 -6.81 -10.61 -38.97
N GLN B 67 -6.91 -11.18 -37.77
CA GLN B 67 -5.78 -11.18 -36.86
C GLN B 67 -4.81 -12.32 -37.13
N ASP B 68 -5.27 -13.41 -37.72
CA ASP B 68 -4.35 -14.44 -38.19
C ASP B 68 -3.64 -14.04 -39.47
N GLY B 69 -4.09 -12.97 -40.12
CA GLY B 69 -3.37 -12.43 -41.26
C GLY B 69 -2.42 -11.35 -40.81
N ILE B 70 -2.75 -10.69 -39.71
CA ILE B 70 -1.82 -9.73 -39.12
C ILE B 70 -0.59 -10.44 -38.62
N SER B 71 -0.76 -11.65 -38.06
CA SER B 71 0.37 -12.43 -37.60
C SER B 71 1.19 -12.95 -38.77
N LEU B 72 0.53 -13.40 -39.84
CA LEU B 72 1.24 -13.88 -41.00
C LEU B 72 2.05 -12.78 -41.66
N ILE B 73 1.59 -11.54 -41.55
CA ILE B 73 2.27 -10.41 -42.17
C ILE B 73 3.37 -9.87 -41.29
N GLN B 74 3.17 -9.88 -39.97
CA GLN B 74 4.22 -9.48 -39.05
C GLN B 74 5.42 -10.41 -39.16
N THR B 75 5.17 -11.69 -39.39
CA THR B 75 6.27 -12.64 -39.55
C THR B 75 7.11 -12.31 -40.77
N SER B 76 6.46 -11.97 -41.89
CA SER B 76 7.20 -11.69 -43.11
C SER B 76 8.04 -10.43 -42.97
N GLU B 77 7.44 -9.33 -42.53
CA GLU B 77 8.20 -8.10 -42.40
C GLU B 77 9.19 -8.19 -41.26
N GLY B 78 8.90 -8.99 -40.24
CA GLY B 78 9.90 -9.26 -39.23
C GLY B 78 11.13 -9.94 -39.80
N ALA B 79 10.91 -10.82 -40.77
CA ALA B 79 12.03 -11.48 -41.43
C ALA B 79 12.79 -10.50 -42.32
N LEU B 80 12.07 -9.69 -43.15
CA LEU B 80 12.76 -8.71 -43.97
C LEU B 80 13.42 -7.62 -43.14
N ASN B 81 13.08 -7.51 -41.87
CA ASN B 81 13.81 -6.59 -41.01
C ASN B 81 15.28 -6.95 -40.96
N GLU B 82 15.62 -8.21 -41.12
CA GLU B 82 17.00 -8.65 -41.07
C GLU B 82 17.66 -8.68 -42.42
N THR B 83 16.92 -8.98 -43.48
CA THR B 83 17.47 -8.79 -44.80
C THR B 83 17.90 -7.35 -45.02
N HIS B 84 17.31 -6.41 -44.31
CA HIS B 84 17.82 -5.05 -44.39
C HIS B 84 19.16 -4.90 -43.72
N SER B 85 19.35 -5.55 -42.57
CA SER B 85 20.61 -5.39 -41.87
C SER B 85 21.74 -6.13 -42.56
N ILE B 86 21.40 -7.25 -43.13
CA ILE B 86 22.43 -7.96 -43.89
C ILE B 86 22.80 -7.20 -45.14
N LEU B 87 21.82 -6.66 -45.85
CA LEU B 87 22.12 -5.82 -47.01
C LEU B 87 22.84 -4.56 -46.62
N GLN B 88 22.61 -4.07 -45.40
CA GLN B 88 23.30 -2.86 -44.96
C GLN B 88 24.75 -3.14 -44.67
N ARG B 89 25.04 -4.24 -43.97
CA ARG B 89 26.41 -4.68 -43.78
C ARG B 89 27.06 -5.07 -45.09
N MET B 90 26.29 -5.69 -45.98
CA MET B 90 26.82 -6.09 -47.27
C MET B 90 27.23 -4.92 -48.12
N SER B 91 26.76 -3.72 -47.79
CA SER B 91 27.14 -2.53 -48.52
C SER B 91 28.40 -1.88 -47.98
N GLU B 92 28.74 -2.10 -46.71
CA GLU B 92 30.04 -1.68 -46.22
C GLU B 92 31.15 -2.53 -46.81
N LEU B 93 30.91 -3.82 -47.00
CA LEU B 93 31.90 -4.63 -47.70
C LEU B 93 31.77 -4.49 -49.20
N ALA B 94 31.56 -3.27 -49.67
CA ALA B 94 31.81 -2.90 -51.05
C ALA B 94 32.39 -1.50 -51.16
N THR B 95 32.26 -0.68 -50.13
CA THR B 95 32.99 0.57 -50.06
C THR B 95 34.39 0.35 -49.54
N GLN B 96 34.57 -0.71 -48.76
CA GLN B 96 35.91 -1.08 -48.32
C GLN B 96 36.65 -1.84 -49.40
N ALA B 97 35.95 -2.69 -50.15
CA ALA B 97 36.56 -3.44 -51.23
C ALA B 97 36.86 -2.59 -52.46
N ALA B 98 36.23 -1.43 -52.59
CA ALA B 98 36.49 -0.55 -53.72
C ALA B 98 37.75 0.27 -53.56
N ASN B 99 38.22 0.47 -52.32
CA ASN B 99 39.46 1.17 -52.10
C ASN B 99 40.62 0.36 -52.66
N ASP B 100 41.61 1.06 -53.24
CA ASP B 100 42.71 0.39 -53.92
C ASP B 100 43.93 0.22 -53.03
N THR B 101 43.82 0.52 -51.74
CA THR B 101 44.83 0.08 -50.81
C THR B 101 44.69 -1.39 -50.46
N ASN B 102 43.51 -1.97 -50.69
CA ASN B 102 43.32 -3.40 -50.57
C ASN B 102 44.08 -4.13 -51.67
N THR B 103 44.52 -5.33 -51.37
CA THR B 103 45.05 -6.24 -52.37
C THR B 103 44.04 -7.33 -52.65
N ASP B 104 44.30 -8.10 -53.71
CA ASP B 104 43.39 -9.20 -54.05
C ASP B 104 43.36 -10.24 -52.94
N SER B 105 44.45 -10.38 -52.19
CA SER B 105 44.44 -11.24 -51.01
C SER B 105 43.46 -10.75 -49.96
N ASP B 106 43.12 -9.46 -49.97
CA ASP B 106 42.20 -8.88 -49.00
C ASP B 106 40.82 -8.61 -49.57
N ARG B 107 40.72 -8.36 -50.87
CA ARG B 107 39.40 -8.33 -51.48
C ARG B 107 38.75 -9.70 -51.44
N SER B 108 39.51 -10.74 -51.81
CA SER B 108 39.02 -12.10 -51.65
C SER B 108 38.83 -12.44 -50.19
N GLU B 109 39.48 -11.69 -49.30
CA GLU B 109 39.27 -11.91 -47.89
C GLU B 109 37.91 -11.37 -47.47
N LEU B 110 37.53 -10.22 -48.02
CA LEU B 110 36.19 -9.67 -47.81
C LEU B 110 35.14 -10.53 -48.49
N GLN B 111 35.48 -11.16 -49.61
CA GLN B 111 34.50 -11.97 -50.32
C GLN B 111 34.03 -13.13 -49.46
N LYS B 112 34.82 -13.54 -48.47
CA LYS B 112 34.40 -14.62 -47.60
C LYS B 112 33.14 -14.23 -46.83
N GLU B 113 33.08 -13.01 -46.33
CA GLU B 113 31.87 -12.54 -45.67
C GLU B 113 30.79 -12.16 -46.67
N MET B 114 31.19 -11.71 -47.87
CA MET B 114 30.24 -11.48 -48.95
C MET B 114 29.41 -12.72 -49.22
N ASP B 115 30.07 -13.86 -49.39
CA ASP B 115 29.36 -15.10 -49.68
C ASP B 115 28.61 -15.63 -48.47
N GLN B 116 29.04 -15.26 -47.27
CA GLN B 116 28.34 -15.72 -46.08
C GLN B 116 27.13 -14.86 -45.74
N LEU B 117 27.18 -13.57 -46.06
CA LEU B 117 26.01 -12.73 -45.91
C LEU B 117 24.97 -13.05 -46.98
N ALA B 118 25.41 -13.20 -48.22
CA ALA B 118 24.49 -13.53 -49.30
C ALA B 118 23.86 -14.89 -49.12
N SER B 119 24.54 -15.81 -48.43
CA SER B 119 23.95 -17.11 -48.14
C SER B 119 22.99 -17.07 -46.97
N GLU B 120 23.02 -16.02 -46.17
CA GLU B 120 22.06 -15.85 -45.09
C GLU B 120 20.80 -15.14 -45.57
N VAL B 121 20.92 -14.23 -46.52
CA VAL B 121 19.75 -13.64 -47.17
C VAL B 121 18.90 -14.72 -47.81
N THR B 122 19.54 -15.70 -48.45
CA THR B 122 18.80 -16.80 -49.03
C THR B 122 18.17 -17.68 -47.97
N ARG B 123 18.84 -17.86 -46.83
CA ARG B 123 18.28 -18.69 -45.78
C ARG B 123 16.98 -18.10 -45.24
N ILE B 124 16.95 -16.79 -45.04
CA ILE B 124 15.75 -16.15 -44.49
C ILE B 124 14.57 -16.36 -45.43
N SER B 125 14.82 -16.31 -46.74
CA SER B 125 13.73 -16.50 -47.68
C SER B 125 13.17 -17.91 -47.62
N THR B 126 14.05 -18.90 -47.63
CA THR B 126 13.60 -20.29 -47.66
C THR B 126 13.24 -20.84 -46.29
N ASP B 127 13.60 -20.16 -45.20
CA ASP B 127 13.31 -20.66 -43.87
C ASP B 127 12.13 -19.96 -43.20
N THR B 128 11.89 -18.70 -43.53
CA THR B 128 10.78 -17.98 -42.93
C THR B 128 9.47 -18.68 -43.26
N GLU B 129 8.78 -19.16 -42.24
CA GLU B 129 7.64 -20.03 -42.45
C GLU B 129 6.61 -19.76 -41.36
N PHE B 130 5.46 -19.24 -41.74
CA PHE B 130 4.30 -19.16 -40.87
C PHE B 130 3.41 -20.35 -41.13
N ASN B 131 2.95 -20.99 -40.06
CA ASN B 131 2.15 -22.22 -40.16
C ASN B 131 3.06 -23.19 -40.89
N THR B 132 2.68 -23.69 -42.06
CA THR B 132 3.57 -24.46 -42.92
C THR B 132 3.73 -23.82 -44.29
N LYS B 133 3.70 -22.50 -44.33
CA LYS B 133 3.76 -21.74 -45.58
C LYS B 133 5.07 -20.97 -45.63
N LYS B 134 5.81 -21.16 -46.72
CA LYS B 134 7.02 -20.39 -46.95
C LYS B 134 6.61 -19.04 -47.52
N LEU B 135 6.87 -17.97 -46.78
CA LEU B 135 6.32 -16.67 -47.15
C LEU B 135 7.19 -15.97 -48.18
N LEU B 136 8.51 -15.95 -47.97
CA LEU B 136 9.40 -15.12 -48.75
C LEU B 136 10.07 -15.84 -49.91
N ASP B 137 9.64 -17.06 -50.24
CA ASP B 137 10.25 -17.80 -51.32
C ASP B 137 9.46 -17.69 -52.63
N GLY B 138 8.53 -16.76 -52.70
CA GLY B 138 7.78 -16.53 -53.91
C GLY B 138 6.60 -17.44 -54.14
N THR B 139 6.30 -18.33 -53.19
CA THR B 139 5.15 -19.21 -53.32
C THR B 139 3.91 -18.68 -52.61
N ALA B 140 4.06 -17.72 -51.71
CA ALA B 140 2.93 -17.13 -51.01
C ALA B 140 2.35 -16.02 -51.88
N GLN B 141 1.52 -16.42 -52.83
CA GLN B 141 0.86 -15.50 -53.74
C GLN B 141 -0.64 -15.72 -53.67
N ASN B 142 -1.40 -14.63 -53.85
CA ASN B 142 -2.85 -14.69 -53.86
C ASN B 142 -3.40 -15.15 -52.53
N LEU B 143 -2.70 -14.82 -51.45
CA LEU B 143 -3.17 -15.17 -50.11
C LEU B 143 -4.46 -14.41 -49.83
N THR B 144 -5.54 -15.15 -49.68
CA THR B 144 -6.87 -14.57 -49.52
C THR B 144 -7.29 -14.67 -48.06
N PHE B 145 -7.46 -13.53 -47.41
CA PHE B 145 -7.96 -13.47 -46.05
C PHE B 145 -9.46 -13.14 -46.11
N GLN B 146 -10.27 -14.00 -45.51
CA GLN B 146 -11.70 -13.76 -45.47
C GLN B 146 -11.97 -12.78 -44.33
N ILE B 147 -11.82 -11.49 -44.63
CA ILE B 147 -12.14 -10.45 -43.68
C ILE B 147 -13.59 -10.01 -43.92
N GLY B 148 -14.52 -10.76 -43.37
CA GLY B 148 -15.93 -10.53 -43.63
C GLY B 148 -16.68 -11.83 -43.53
N ALA B 149 -17.97 -11.71 -43.26
CA ALA B 149 -18.80 -12.88 -42.99
C ALA B 149 -19.46 -13.47 -44.23
N ASN B 150 -19.19 -12.92 -45.42
CA ASN B 150 -19.90 -13.33 -46.62
C ASN B 150 -18.90 -13.65 -47.72
N GLU B 151 -19.42 -14.00 -48.89
CA GLU B 151 -18.60 -14.18 -50.08
C GLU B 151 -17.93 -12.89 -50.51
N GLY B 152 -16.74 -13.03 -51.10
CA GLY B 152 -16.09 -11.91 -51.73
C GLY B 152 -15.66 -10.82 -50.80
N GLN B 153 -15.78 -11.02 -49.49
CA GLN B 153 -15.30 -10.06 -48.51
C GLN B 153 -13.89 -10.45 -48.07
N THR B 154 -13.01 -10.47 -49.07
CA THR B 154 -11.66 -10.97 -48.92
C THR B 154 -10.66 -9.88 -49.26
N MET B 155 -9.40 -10.15 -48.93
CA MET B 155 -8.29 -9.33 -49.33
C MET B 155 -7.17 -10.23 -49.83
N SER B 156 -6.60 -9.89 -50.98
CA SER B 156 -5.50 -10.67 -51.52
C SER B 156 -4.17 -10.10 -51.05
N LEU B 157 -3.11 -10.88 -51.27
CA LEU B 157 -1.76 -10.46 -50.89
C LEU B 157 -0.78 -11.34 -51.64
N SER B 158 0.33 -10.73 -52.07
CA SER B 158 1.35 -11.48 -52.80
C SER B 158 2.71 -10.96 -52.38
N ILE B 159 3.47 -11.79 -51.69
CA ILE B 159 4.82 -11.45 -51.28
C ILE B 159 5.78 -12.02 -52.31
N ASN B 160 6.65 -11.18 -52.84
CA ASN B 160 7.58 -11.61 -53.88
C ASN B 160 8.73 -12.39 -53.28
N LYS B 161 9.44 -13.09 -54.14
CA LYS B 161 10.63 -13.83 -53.71
C LYS B 161 11.72 -12.85 -53.32
N MET B 162 12.24 -13.00 -52.11
CA MET B 162 13.16 -12.03 -51.52
C MET B 162 14.44 -12.71 -51.07
N ASP B 163 15.01 -13.53 -51.94
CA ASP B 163 16.28 -14.18 -51.70
C ASP B 163 17.37 -13.46 -52.48
N SER B 164 18.62 -13.87 -52.25
CA SER B 164 19.75 -13.18 -52.86
C SER B 164 19.71 -13.27 -54.37
N GLU B 165 19.22 -14.39 -54.90
CA GLU B 165 19.11 -14.53 -56.35
C GLU B 165 18.15 -13.50 -56.92
N SER B 166 17.02 -13.27 -56.26
CA SER B 166 16.02 -12.34 -56.76
C SER B 166 16.49 -10.90 -56.62
N LEU B 167 17.11 -10.56 -55.48
CA LEU B 167 17.65 -9.22 -55.30
C LEU B 167 18.94 -9.00 -56.09
N LYS B 168 19.49 -10.04 -56.71
CA LYS B 168 20.69 -9.97 -57.53
C LYS B 168 21.94 -9.65 -56.71
N VAL B 169 21.91 -9.96 -55.41
CA VAL B 169 23.08 -9.80 -54.57
C VAL B 169 23.80 -11.13 -54.34
N GLY B 170 23.48 -12.14 -55.15
CA GLY B 170 24.11 -13.43 -54.97
C GLY B 170 23.66 -14.35 -56.08
N THR B 171 24.08 -15.61 -55.96
CA THR B 171 23.68 -16.63 -56.92
C THR B 171 23.80 -17.98 -56.23
N THR B 172 22.84 -18.86 -56.51
CA THR B 172 22.73 -20.14 -55.80
C THR B 172 22.99 -21.26 -56.79
N TYR B 173 24.11 -21.97 -56.58
CA TYR B 173 24.43 -23.16 -57.33
C TYR B 173 23.86 -24.37 -56.59
N THR B 174 23.34 -25.33 -57.34
CA THR B 174 22.90 -26.58 -56.76
C THR B 174 23.74 -27.71 -57.34
N ALA B 175 23.96 -28.74 -56.53
CA ALA B 175 24.83 -29.84 -56.90
C ALA B 175 24.06 -30.85 -57.75
N ASN B 176 24.65 -31.23 -58.86
CA ASN B 176 24.04 -32.23 -59.72
C ASN B 176 24.02 -33.59 -59.00
N ASP B 177 23.39 -34.57 -59.64
CA ASP B 177 23.14 -35.84 -58.98
C ASP B 177 24.42 -36.54 -58.57
N ASP B 178 25.42 -36.57 -59.45
CA ASP B 178 26.71 -37.15 -59.15
C ASP B 178 27.55 -36.23 -58.26
N GLY B 179 27.38 -34.91 -58.38
CA GLY B 179 28.17 -33.97 -57.62
C GLY B 179 29.42 -33.53 -58.36
N SER B 180 29.47 -33.83 -59.65
CA SER B 180 30.63 -33.43 -60.45
C SER B 180 30.63 -31.93 -60.71
N LYS B 181 29.46 -31.36 -61.00
CA LYS B 181 29.37 -29.97 -61.41
C LYS B 181 28.24 -29.29 -60.66
N LEU B 182 28.57 -28.20 -59.96
CA LEU B 182 27.54 -27.37 -59.35
C LEU B 182 26.78 -26.61 -60.43
N VAL B 183 25.45 -26.68 -60.35
CA VAL B 183 24.59 -26.11 -61.38
C VAL B 183 23.70 -25.08 -60.73
N THR B 184 23.69 -23.88 -61.31
CA THR B 184 22.73 -22.86 -60.88
C THR B 184 21.54 -22.85 -61.83
N ALA B 185 20.47 -22.21 -61.39
CA ALA B 185 19.38 -21.90 -62.31
C ALA B 185 19.90 -20.94 -63.38
N ASP B 186 19.40 -21.10 -64.61
CA ASP B 186 19.92 -20.56 -65.86
C ASP B 186 21.13 -21.41 -66.30
N GLY B 187 21.63 -22.30 -65.45
CA GLY B 187 22.63 -23.26 -65.89
C GLY B 187 24.03 -22.72 -66.08
N LYS B 188 24.67 -22.30 -65.01
CA LYS B 188 26.09 -21.97 -65.02
C LYS B 188 26.84 -23.09 -64.33
N GLU B 189 27.80 -23.68 -65.04
CA GLU B 189 28.45 -24.91 -64.59
C GLU B 189 29.62 -24.59 -63.68
N ALA B 190 29.91 -25.53 -62.78
CA ALA B 190 31.06 -25.40 -61.89
C ALA B 190 31.57 -26.81 -61.61
N THR B 191 32.56 -27.25 -62.39
CA THR B 191 33.04 -28.62 -62.31
C THR B 191 34.03 -28.80 -61.17
N LEU B 192 34.08 -30.03 -60.65
CA LEU B 192 34.94 -30.37 -59.53
C LEU B 192 36.37 -30.76 -59.94
N VAL B 193 37.31 -30.48 -59.03
CA VAL B 193 38.76 -30.67 -59.16
C VAL B 193 39.39 -30.18 -60.46
N THR B 194 39.07 -28.95 -60.85
CA THR B 194 39.50 -28.43 -62.12
C THR B 194 40.37 -27.18 -62.06
N LYS B 198 45.55 -28.10 -62.22
CA LYS B 198 44.86 -28.54 -61.01
C LYS B 198 44.61 -27.37 -60.08
N GLY B 199 45.69 -26.83 -59.52
CA GLY B 199 45.60 -25.69 -58.62
C GLY B 199 44.90 -26.06 -57.33
N PRO B 200 44.51 -25.04 -56.55
CA PRO B 200 43.74 -25.30 -55.34
C PRO B 200 42.44 -26.02 -55.67
N ASN B 201 42.03 -26.91 -54.76
CA ASN B 201 40.97 -27.87 -55.06
C ASN B 201 39.60 -27.29 -54.74
N GLY B 202 38.66 -27.47 -55.66
CA GLY B 202 37.30 -26.99 -55.48
C GLY B 202 36.53 -27.08 -56.78
N TYR B 203 35.32 -26.52 -56.74
CA TYR B 203 34.43 -26.50 -57.90
C TYR B 203 34.77 -25.29 -58.76
N TYR B 204 35.56 -25.52 -59.79
CA TYR B 204 35.97 -24.41 -60.63
C TYR B 204 34.92 -24.10 -61.69
N ASP B 205 35.00 -22.89 -62.23
CA ASP B 205 34.08 -22.34 -63.20
C ASP B 205 34.78 -22.30 -64.55
N ASP B 206 34.09 -21.85 -65.59
CA ASP B 206 34.64 -21.84 -66.94
C ASP B 206 35.72 -20.78 -67.12
N ALA B 207 36.08 -20.05 -66.07
CA ALA B 207 37.13 -19.05 -66.16
C ALA B 207 38.21 -19.22 -65.11
N ASP B 208 38.27 -20.41 -64.51
CA ASP B 208 39.31 -20.82 -63.56
C ASP B 208 39.06 -20.11 -62.23
N LYS B 209 38.06 -19.24 -62.18
CA LYS B 209 37.64 -18.63 -60.92
C LYS B 209 37.04 -19.71 -60.04
N LEU B 210 37.67 -19.97 -58.90
CA LEU B 210 37.10 -20.91 -57.94
C LEU B 210 35.74 -20.42 -57.48
N VAL B 211 34.77 -21.33 -57.47
CA VAL B 211 33.42 -21.05 -57.02
C VAL B 211 33.19 -21.57 -55.60
N TYR B 212 33.47 -22.83 -55.36
CA TYR B 212 33.35 -23.42 -54.04
C TYR B 212 34.67 -24.09 -53.66
N GLN B 213 35.01 -24.03 -52.38
CA GLN B 213 36.22 -24.64 -51.86
C GLN B 213 35.86 -25.96 -51.20
N ALA B 214 36.03 -27.05 -51.94
CA ALA B 214 35.81 -28.38 -51.39
C ALA B 214 36.67 -29.36 -52.15
N ASP B 215 37.22 -30.33 -51.43
CA ASP B 215 38.04 -31.37 -52.03
C ASP B 215 37.27 -32.65 -52.32
N SER B 216 36.28 -32.99 -51.50
CA SER B 216 35.39 -34.11 -51.80
C SER B 216 34.32 -33.64 -52.76
N ALA B 217 33.29 -34.47 -52.96
CA ALA B 217 32.18 -34.11 -53.84
C ALA B 217 30.97 -33.82 -52.98
N LEU B 218 30.30 -32.70 -53.26
CA LEU B 218 29.12 -32.34 -52.52
C LEU B 218 28.02 -33.37 -52.72
N ALA B 219 27.12 -33.45 -51.74
CA ALA B 219 26.02 -34.40 -51.81
C ALA B 219 25.01 -33.97 -52.87
N LYS B 220 23.91 -34.69 -52.99
CA LYS B 220 22.92 -34.45 -54.02
C LYS B 220 21.96 -33.37 -53.56
N ASP B 221 21.69 -32.41 -54.46
CA ASP B 221 20.81 -31.27 -54.16
C ASP B 221 21.28 -30.49 -52.94
N THR B 222 22.59 -30.25 -52.84
CA THR B 222 23.13 -29.33 -51.85
C THR B 222 23.35 -27.99 -52.51
N LYS B 223 22.70 -26.95 -52.00
CA LYS B 223 22.79 -25.62 -52.57
C LYS B 223 23.91 -24.85 -51.91
N VAL B 224 24.68 -24.11 -52.71
CA VAL B 224 25.65 -23.17 -52.20
C VAL B 224 25.31 -21.80 -52.77
N THR B 225 25.48 -20.77 -51.95
CA THR B 225 25.20 -19.41 -52.35
C THR B 225 26.50 -18.62 -52.39
N LYS B 226 26.72 -17.90 -53.48
CA LYS B 226 27.95 -17.17 -53.70
C LYS B 226 27.61 -15.70 -53.88
N GLY B 227 28.23 -14.85 -53.10
CA GLY B 227 27.90 -13.44 -53.12
C GLY B 227 28.26 -12.76 -54.42
N ILE B 228 27.79 -11.53 -54.57
CA ILE B 228 28.11 -10.77 -55.77
C ILE B 228 29.59 -10.45 -55.76
N ASP B 229 30.16 -10.36 -56.96
CA ASP B 229 31.61 -10.24 -57.12
C ASP B 229 32.09 -8.89 -56.65
N ILE B 230 32.91 -8.88 -55.60
CA ILE B 230 33.60 -7.68 -55.16
C ILE B 230 35.10 -7.86 -55.09
N SER B 231 35.60 -9.06 -55.35
CA SER B 231 37.00 -9.38 -55.13
C SER B 231 37.83 -9.39 -56.41
N SER B 232 37.19 -9.35 -57.58
CA SER B 232 37.95 -9.41 -58.82
C SER B 232 38.71 -8.13 -59.10
N SER B 233 38.20 -6.99 -58.66
CA SER B 233 38.81 -5.70 -58.96
C SER B 233 38.17 -4.65 -58.08
N ALA B 234 38.72 -3.43 -58.13
CA ALA B 234 38.07 -2.30 -57.50
C ALA B 234 36.89 -1.80 -58.31
N LYS B 235 36.96 -1.91 -59.64
CA LYS B 235 35.83 -1.55 -60.47
C LYS B 235 34.64 -2.45 -60.21
N ALA B 236 34.89 -3.76 -60.04
CA ALA B 236 33.80 -4.69 -59.76
C ALA B 236 33.15 -4.39 -58.41
N ALA B 237 33.95 -4.05 -57.41
CA ALA B 237 33.39 -3.74 -56.10
C ALA B 237 32.53 -2.48 -56.15
N SER B 238 32.96 -1.48 -56.91
CA SER B 238 32.13 -0.30 -57.11
C SER B 238 30.83 -0.66 -57.84
N SER B 239 30.92 -1.53 -58.84
CA SER B 239 29.72 -1.95 -59.55
C SER B 239 28.72 -2.61 -58.61
N ALA B 240 29.20 -3.45 -57.70
CA ALA B 240 28.34 -4.08 -56.74
C ALA B 240 27.68 -3.09 -55.79
N LEU B 241 28.20 -1.87 -55.70
CA LEU B 241 27.61 -0.90 -54.78
C LEU B 241 26.20 -0.51 -55.21
N THR B 242 25.99 -0.23 -56.49
CA THR B 242 24.66 0.08 -56.97
C THR B 242 23.74 -1.13 -56.89
N THR B 243 24.26 -2.32 -57.19
CA THR B 243 23.44 -3.51 -57.10
C THR B 243 22.96 -3.73 -55.68
N ILE B 244 23.82 -3.51 -54.70
CA ILE B 244 23.42 -3.68 -53.31
C ILE B 244 22.45 -2.58 -52.89
N LYS B 245 22.74 -1.33 -53.24
CA LYS B 245 21.88 -0.24 -52.81
C LYS B 245 20.52 -0.29 -53.50
N THR B 246 20.44 -0.93 -54.66
CA THR B 246 19.15 -1.15 -55.30
C THR B 246 18.39 -2.26 -54.59
N ALA B 247 19.09 -3.29 -54.14
CA ALA B 247 18.43 -4.37 -53.40
C ALA B 247 17.81 -3.85 -52.12
N ILE B 248 18.46 -2.89 -51.47
CA ILE B 248 17.86 -2.25 -50.30
C ILE B 248 16.60 -1.53 -50.70
N ASP B 249 16.52 -1.04 -51.93
CA ASP B 249 15.33 -0.33 -52.38
C ASP B 249 14.17 -1.29 -52.65
N THR B 250 14.45 -2.45 -53.23
CA THR B 250 13.39 -3.42 -53.49
C THR B 250 13.04 -4.25 -52.27
N VAL B 251 13.79 -4.11 -51.19
CA VAL B 251 13.36 -4.68 -49.91
C VAL B 251 12.50 -3.70 -49.15
N SER B 252 12.86 -2.42 -49.17
CA SER B 252 12.01 -1.40 -48.57
C SER B 252 10.65 -1.35 -49.25
N SER B 253 10.60 -1.58 -50.56
CA SER B 253 9.32 -1.62 -51.24
C SER B 253 8.47 -2.79 -50.74
N GLU B 254 9.10 -3.95 -50.54
CA GLU B 254 8.34 -5.10 -50.06
C GLU B 254 7.89 -4.91 -48.62
N ARG B 255 8.73 -4.31 -47.78
CA ARG B 255 8.38 -4.15 -46.38
C ARG B 255 7.16 -3.27 -46.19
N ALA B 256 7.04 -2.19 -46.95
CA ALA B 256 5.89 -1.31 -46.81
C ALA B 256 4.72 -1.71 -47.70
N LYS B 257 4.93 -2.63 -48.65
CA LYS B 257 3.78 -3.31 -49.22
C LYS B 257 3.13 -4.23 -48.22
N LEU B 258 3.87 -4.69 -47.22
CA LEU B 258 3.32 -5.49 -46.14
C LEU B 258 2.96 -4.68 -44.92
N GLY B 259 3.53 -3.49 -44.76
CA GLY B 259 3.14 -2.63 -43.68
C GLY B 259 1.86 -1.90 -44.03
N ALA B 260 1.62 -1.72 -45.32
CA ALA B 260 0.36 -1.12 -45.75
C ALA B 260 -0.80 -2.05 -45.53
N VAL B 261 -0.62 -3.34 -45.80
CA VAL B 261 -1.68 -4.31 -45.57
C VAL B 261 -1.96 -4.46 -44.08
N GLN B 262 -0.91 -4.42 -43.27
CA GLN B 262 -1.10 -4.58 -41.83
C GLN B 262 -1.83 -3.39 -41.24
N ASN B 263 -1.54 -2.18 -41.73
CA ASN B 263 -2.28 -1.01 -41.29
C ASN B 263 -3.75 -1.12 -41.66
N ARG B 264 -4.03 -1.60 -42.88
CA ARG B 264 -5.41 -1.80 -43.29
C ARG B 264 -6.11 -2.83 -42.42
N LEU B 265 -5.43 -3.93 -42.12
CA LEU B 265 -6.03 -4.98 -41.31
C LEU B 265 -6.27 -4.53 -39.88
N GLU B 266 -5.54 -3.52 -39.41
CA GLU B 266 -5.82 -2.98 -38.09
C GLU B 266 -7.10 -2.14 -38.09
N HIS B 267 -7.39 -1.46 -39.21
CA HIS B 267 -8.66 -0.76 -39.34
C HIS B 267 -9.80 -1.74 -39.57
N THR B 268 -9.56 -2.80 -40.31
CA THR B 268 -10.59 -3.81 -40.53
C THR B 268 -11.00 -4.48 -39.24
N ILE B 269 -10.10 -4.61 -38.28
CA ILE B 269 -10.44 -5.28 -37.02
C ILE B 269 -11.31 -4.39 -36.15
N ASN B 270 -11.00 -3.10 -36.06
CA ASN B 270 -11.85 -2.20 -35.29
C ASN B 270 -13.24 -2.10 -35.89
N ASN B 271 -13.34 -2.11 -37.21
CA ASN B 271 -14.65 -2.03 -37.85
C ASN B 271 -15.42 -3.34 -37.72
N LEU B 272 -14.73 -4.47 -37.77
CA LEU B 272 -15.40 -5.74 -37.54
C LEU B 272 -15.84 -5.88 -36.09
N GLY B 273 -15.01 -5.41 -35.15
CA GLY B 273 -15.41 -5.43 -33.76
C GLY B 273 -16.55 -4.50 -33.44
N THR B 274 -16.58 -3.33 -34.06
CA THR B 274 -17.70 -2.41 -33.85
C THR B 274 -18.98 -2.94 -34.45
N SER B 275 -18.90 -3.62 -35.59
CA SER B 275 -20.09 -4.17 -36.23
C SER B 275 -20.64 -5.39 -35.51
N SER B 276 -19.85 -6.03 -34.66
CA SER B 276 -20.41 -7.13 -33.86
C SER B 276 -21.18 -6.60 -32.67
N GLU B 277 -20.67 -5.56 -32.01
CA GLU B 277 -21.42 -4.95 -30.91
C GLU B 277 -22.74 -4.38 -31.40
N ASN B 278 -22.70 -3.66 -32.53
CA ASN B 278 -23.91 -3.05 -33.04
C ASN B 278 -24.93 -4.10 -33.49
N LEU B 279 -24.46 -5.26 -33.92
CA LEU B 279 -25.37 -6.33 -34.30
C LEU B 279 -25.73 -7.22 -33.13
N THR B 280 -24.82 -7.41 -32.18
CA THR B 280 -25.17 -8.15 -30.97
C THR B 280 -26.26 -7.43 -30.19
N SER B 281 -26.12 -6.11 -30.04
CA SER B 281 -27.17 -5.33 -29.39
C SER B 281 -28.45 -5.35 -30.21
N ALA B 282 -28.32 -5.30 -31.53
CA ALA B 282 -29.50 -5.35 -32.40
C ALA B 282 -30.23 -6.68 -32.26
N GLU B 283 -29.49 -7.78 -32.17
CA GLU B 283 -30.11 -9.09 -32.06
C GLU B 283 -30.67 -9.32 -30.67
N SER B 284 -30.05 -8.76 -29.64
CA SER B 284 -30.56 -8.94 -28.29
C SER B 284 -31.93 -8.30 -28.13
N ARG B 285 -32.14 -7.12 -28.72
CA ARG B 285 -33.44 -6.47 -28.63
C ARG B 285 -34.51 -7.31 -29.32
N ILE B 286 -34.17 -7.95 -30.43
CA ILE B 286 -35.14 -8.75 -31.14
C ILE B 286 -35.42 -10.05 -30.41
N ARG B 287 -34.38 -10.69 -29.87
CA ARG B 287 -34.47 -12.05 -29.39
C ARG B 287 -34.58 -12.15 -27.86
N ASP B 288 -33.71 -11.47 -27.13
CA ASP B 288 -33.70 -11.59 -25.68
C ASP B 288 -34.96 -10.98 -25.07
N VAL B 289 -35.35 -11.51 -23.93
CA VAL B 289 -36.55 -11.06 -23.24
C VAL B 289 -36.17 -9.97 -22.24
N ASP B 290 -37.12 -9.11 -21.92
CA ASP B 290 -36.96 -8.11 -20.88
C ASP B 290 -37.35 -8.74 -19.55
N MET B 291 -36.38 -8.93 -18.66
CA MET B 291 -36.65 -9.63 -17.41
C MET B 291 -37.70 -8.91 -16.59
N ALA B 292 -37.63 -7.59 -16.51
CA ALA B 292 -38.58 -6.84 -15.71
C ALA B 292 -39.98 -6.92 -16.29
N SER B 293 -40.12 -6.66 -17.59
CA SER B 293 -41.44 -6.65 -18.21
C SER B 293 -42.05 -8.03 -18.32
N GLU B 294 -41.27 -9.09 -18.12
CA GLU B 294 -41.75 -10.46 -18.22
C GLU B 294 -42.07 -11.06 -16.86
N MET B 295 -41.24 -10.78 -15.85
CA MET B 295 -41.55 -11.22 -14.50
C MET B 295 -42.83 -10.58 -14.01
N MET B 296 -43.02 -9.31 -14.31
CA MET B 296 -44.26 -8.63 -13.93
C MET B 296 -45.47 -9.22 -14.64
N GLU B 297 -45.29 -9.66 -15.88
CA GLU B 297 -46.40 -10.29 -16.59
C GLU B 297 -46.64 -11.70 -16.12
N TYR B 298 -45.58 -12.42 -15.75
CA TYR B 298 -45.74 -13.77 -15.23
C TYR B 298 -46.54 -13.76 -13.93
N THR B 299 -46.24 -12.81 -13.05
CA THR B 299 -46.96 -12.71 -11.79
C THR B 299 -48.43 -12.44 -12.00
N LYS B 300 -48.78 -11.66 -13.03
CA LYS B 300 -50.19 -11.36 -13.29
C LYS B 300 -50.96 -12.61 -13.62
N ASN B 301 -50.50 -13.37 -14.61
CA ASN B 301 -51.19 -14.62 -14.95
C ASN B 301 -51.08 -15.64 -13.84
N ASN B 302 -50.05 -15.55 -13.01
CA ASN B 302 -49.95 -16.44 -11.86
C ASN B 302 -50.98 -16.09 -10.79
N ILE B 303 -51.55 -14.89 -10.83
CA ILE B 303 -52.63 -14.53 -9.93
C ILE B 303 -53.99 -14.80 -10.55
N LEU B 304 -54.14 -14.49 -11.84
CA LEU B 304 -55.39 -14.75 -12.54
C LEU B 304 -55.77 -16.22 -12.51
N THR B 305 -54.80 -17.12 -12.44
CA THR B 305 -55.11 -18.53 -12.31
C THR B 305 -55.53 -18.90 -10.89
N GLN B 306 -55.01 -18.21 -9.88
CA GLN B 306 -55.47 -18.45 -8.51
C GLN B 306 -56.84 -17.84 -8.27
N ALA B 307 -57.14 -16.72 -8.91
CA ALA B 307 -58.49 -16.17 -8.83
C ALA B 307 -59.50 -17.13 -9.45
N SER B 308 -59.17 -17.72 -10.59
CA SER B 308 -60.05 -18.71 -11.18
C SER B 308 -60.07 -19.99 -10.35
N GLN B 309 -58.94 -20.35 -9.73
CA GLN B 309 -58.91 -21.49 -8.84
C GLN B 309 -59.82 -21.27 -7.64
N ALA B 310 -59.79 -20.07 -7.06
CA ALA B 310 -60.62 -19.79 -5.90
C ALA B 310 -62.10 -19.82 -6.25
N MET B 311 -62.49 -19.27 -7.39
CA MET B 311 -63.89 -19.24 -7.77
C MET B 311 -64.39 -20.59 -8.28
N LEU B 312 -63.50 -21.43 -8.79
CA LEU B 312 -63.91 -22.78 -9.20
C LEU B 312 -64.39 -23.59 -8.01
N ALA B 313 -63.72 -23.44 -6.87
CA ALA B 313 -64.14 -24.15 -5.66
C ALA B 313 -65.55 -23.75 -5.26
N GLN B 314 -65.85 -22.46 -5.31
CA GLN B 314 -67.19 -21.99 -4.96
C GLN B 314 -68.22 -22.39 -6.02
N ALA B 315 -67.79 -22.45 -7.28
CA ALA B 315 -68.70 -22.83 -8.35
C ALA B 315 -69.24 -24.25 -8.16
N ASN B 316 -68.44 -25.13 -7.57
CA ASN B 316 -68.88 -26.49 -7.30
C ASN B 316 -69.82 -26.56 -6.09
N GLN B 317 -69.69 -25.61 -5.16
CA GLN B 317 -70.51 -25.64 -3.97
C GLN B 317 -71.95 -25.23 -4.27
N GLN B 318 -72.14 -24.37 -5.27
CA GLN B 318 -73.47 -23.86 -5.58
C GLN B 318 -74.49 -24.95 -5.91
N PRO B 319 -74.20 -25.95 -6.73
CA PRO B 319 -75.19 -27.02 -6.97
C PRO B 319 -75.51 -27.84 -5.75
N GLN B 320 -74.68 -27.80 -4.72
CA GLN B 320 -74.88 -28.63 -3.53
C GLN B 320 -76.06 -28.18 -2.68
N GLN B 321 -76.64 -27.01 -2.96
CA GLN B 321 -77.70 -26.47 -2.12
C GLN B 321 -79.09 -26.97 -2.47
N VAL B 322 -79.25 -27.70 -3.59
CA VAL B 322 -80.56 -28.22 -3.93
C VAL B 322 -80.93 -29.44 -3.11
N LEU B 323 -79.95 -30.07 -2.45
CA LEU B 323 -80.25 -31.24 -1.64
C LEU B 323 -81.12 -30.89 -0.44
N GLN B 324 -80.86 -29.75 0.19
CA GLN B 324 -81.68 -29.31 1.30
C GLN B 324 -83.10 -28.99 0.87
N LEU B 325 -83.30 -28.64 -0.41
CA LEU B 325 -84.64 -28.42 -0.94
C LEU B 325 -85.31 -29.72 -1.34
N LEU B 326 -84.55 -30.71 -1.80
CA LEU B 326 -85.12 -31.96 -2.28
C LEU B 326 -85.67 -32.83 -1.16
N LYS B 327 -85.24 -32.61 0.09
CA LYS B 327 -85.74 -33.36 1.21
C LYS B 327 -86.95 -32.69 1.84
N MET C 1 -76.56 -50.15 -4.23
CA MET C 1 -75.58 -49.75 -3.22
C MET C 1 -75.13 -50.94 -2.39
N ARG C 2 -73.92 -51.42 -2.68
CA ARG C 2 -73.35 -52.53 -1.93
C ARG C 2 -72.46 -52.00 -0.83
N ILE C 3 -72.67 -52.50 0.39
CA ILE C 3 -72.06 -51.92 1.58
C ILE C 3 -70.87 -52.75 2.06
N ASN C 4 -70.95 -54.07 1.93
CA ASN C 4 -69.91 -54.95 2.47
C ASN C 4 -68.55 -54.74 1.83
N HIS C 5 -68.48 -54.06 0.69
CA HIS C 5 -67.21 -53.81 0.04
C HIS C 5 -67.26 -52.44 -0.62
N ASN C 6 -66.24 -51.63 -0.37
CA ASN C 6 -66.14 -50.29 -0.95
C ASN C 6 -65.02 -50.34 -1.97
N ILE C 7 -65.36 -50.72 -3.20
CA ILE C 7 -64.35 -50.85 -4.25
C ILE C 7 -63.76 -49.49 -4.60
N ALA C 8 -64.55 -48.43 -4.48
CA ALA C 8 -64.03 -47.09 -4.74
C ALA C 8 -62.93 -46.74 -3.76
N ALA C 9 -63.12 -47.05 -2.48
CA ALA C 9 -62.08 -46.79 -1.49
C ALA C 9 -60.95 -47.80 -1.56
N LEU C 10 -61.27 -49.06 -1.87
CA LEU C 10 -60.23 -50.07 -2.00
C LEU C 10 -59.32 -49.78 -3.19
N ASN C 11 -59.87 -49.25 -4.28
CA ASN C 11 -59.04 -48.86 -5.42
C ASN C 11 -58.18 -47.64 -5.08
N THR C 12 -58.75 -46.69 -4.34
CA THR C 12 -57.98 -45.50 -3.97
C THR C 12 -56.86 -45.84 -3.01
N SER C 13 -57.03 -46.88 -2.20
CA SER C 13 -55.96 -47.29 -1.28
C SER C 13 -54.72 -47.75 -2.04
N ARG C 14 -54.91 -48.49 -3.13
CA ARG C 14 -53.76 -48.97 -3.90
C ARG C 14 -53.01 -47.81 -4.52
N GLN C 15 -53.73 -46.82 -5.07
CA GLN C 15 -53.05 -45.64 -5.59
C GLN C 15 -52.42 -44.84 -4.47
N LEU C 16 -52.96 -44.92 -3.26
CA LEU C 16 -52.32 -44.28 -2.11
C LEU C 16 -51.00 -44.97 -1.78
N ASN C 17 -50.99 -46.30 -1.74
CA ASN C 17 -49.75 -47.03 -1.57
C ASN C 17 -49.10 -47.33 -2.90
N ALA C 18 -49.04 -46.33 -3.78
CA ALA C 18 -48.21 -46.38 -4.98
C ALA C 18 -47.54 -45.06 -5.29
N GLY C 19 -47.99 -43.96 -4.70
CA GLY C 19 -47.32 -42.69 -4.82
C GLY C 19 -46.49 -42.45 -3.59
N SER C 20 -46.90 -43.04 -2.48
CA SER C 20 -46.07 -43.03 -1.28
C SER C 20 -44.78 -43.81 -1.51
N ASN C 21 -44.88 -44.96 -2.15
CA ASN C 21 -43.67 -45.72 -2.47
C ASN C 21 -42.76 -44.94 -3.42
N ALA C 22 -43.34 -44.31 -4.43
CA ALA C 22 -42.55 -43.52 -5.36
C ALA C 22 -41.89 -42.33 -4.67
N ALA C 23 -42.62 -41.67 -3.78
CA ALA C 23 -42.04 -40.56 -3.04
C ALA C 23 -40.92 -41.03 -2.12
N SER C 24 -41.09 -42.19 -1.49
CA SER C 24 -40.04 -42.74 -0.65
C SER C 24 -38.80 -43.05 -1.48
N LYS C 25 -38.98 -43.63 -2.66
CA LYS C 25 -37.85 -43.91 -3.53
C LYS C 25 -37.19 -42.62 -3.99
N ASN C 26 -37.97 -41.58 -4.26
CA ASN C 26 -37.40 -40.31 -4.69
C ASN C 26 -36.63 -39.64 -3.57
N MET C 27 -37.09 -39.79 -2.33
CA MET C 27 -36.40 -39.16 -1.20
C MET C 27 -35.13 -39.90 -0.83
N GLU C 28 -35.03 -41.19 -1.14
CA GLU C 28 -33.76 -41.89 -0.96
C GLU C 28 -32.69 -41.27 -1.85
N LYS C 29 -33.03 -41.01 -3.11
CA LYS C 29 -32.07 -40.41 -4.03
C LYS C 29 -31.71 -38.99 -3.58
N LEU C 30 -32.70 -38.22 -3.14
CA LEU C 30 -32.45 -36.84 -2.77
C LEU C 30 -31.55 -36.75 -1.53
N SER C 31 -31.78 -37.62 -0.55
CA SER C 31 -30.96 -37.59 0.66
C SER C 31 -29.54 -38.06 0.37
N SER C 32 -29.40 -39.20 -0.30
CA SER C 32 -28.06 -39.74 -0.55
C SER C 32 -27.33 -39.01 -1.67
N GLY C 33 -28.06 -38.43 -2.62
CA GLY C 33 -27.43 -37.82 -3.77
C GLY C 33 -27.03 -38.78 -4.86
N LEU C 34 -27.48 -40.03 -4.79
CA LEU C 34 -27.09 -41.05 -5.76
C LEU C 34 -28.32 -41.60 -6.46
N ARG C 35 -28.23 -41.74 -7.78
CA ARG C 35 -29.30 -42.40 -8.53
C ARG C 35 -29.43 -43.86 -8.14
N ILE C 36 -28.32 -44.55 -8.01
CA ILE C 36 -28.30 -46.00 -7.80
C ILE C 36 -27.91 -46.23 -6.34
N ASN C 37 -28.91 -46.44 -5.49
CA ASN C 37 -28.68 -46.87 -4.12
C ASN C 37 -28.69 -48.38 -4.04
N ARG C 38 -29.81 -48.99 -4.43
CA ARG C 38 -29.90 -50.43 -4.57
C ARG C 38 -29.45 -50.85 -5.96
N ALA C 39 -29.23 -52.15 -6.13
CA ALA C 39 -28.85 -52.66 -7.44
C ALA C 39 -30.04 -52.75 -8.39
N GLY C 40 -31.26 -52.62 -7.89
CA GLY C 40 -32.43 -52.66 -8.74
C GLY C 40 -32.72 -51.39 -9.50
N ASP C 41 -32.07 -50.28 -9.13
CA ASP C 41 -32.25 -49.04 -9.86
C ASP C 41 -31.50 -49.06 -11.19
N ASP C 42 -30.32 -49.67 -11.22
CA ASP C 42 -29.60 -49.87 -12.47
C ASP C 42 -28.59 -50.99 -12.25
N ALA C 43 -28.85 -52.15 -12.86
CA ALA C 43 -27.91 -53.26 -12.74
C ALA C 43 -26.60 -52.94 -13.45
N ALA C 44 -26.68 -52.55 -14.72
CA ALA C 44 -25.48 -52.15 -15.45
C ALA C 44 -24.90 -50.86 -14.90
N GLY C 45 -25.75 -49.97 -14.39
CA GLY C 45 -25.24 -48.77 -13.74
C GLY C 45 -24.44 -49.11 -12.49
N LEU C 46 -24.93 -50.05 -11.70
CA LEU C 46 -24.18 -50.49 -10.53
C LEU C 46 -22.87 -51.15 -10.94
N ALA C 47 -22.91 -52.00 -11.96
CA ALA C 47 -21.70 -52.71 -12.37
C ALA C 47 -20.65 -51.73 -12.92
N ILE C 48 -21.06 -50.80 -13.78
CA ILE C 48 -20.12 -49.86 -14.37
C ILE C 48 -19.55 -48.93 -13.31
N SER C 49 -20.40 -48.50 -12.38
CA SER C 49 -19.96 -47.58 -11.35
C SER C 49 -18.83 -48.16 -10.52
N GLU C 50 -19.00 -49.40 -10.04
CA GLU C 50 -18.00 -50.01 -9.18
C GLU C 50 -16.67 -50.19 -9.90
N LYS C 51 -16.71 -50.61 -11.16
CA LYS C 51 -15.50 -50.64 -11.97
C LYS C 51 -14.89 -49.24 -12.03
N MET C 52 -15.74 -48.24 -12.25
CA MET C 52 -15.27 -46.87 -12.35
C MET C 52 -14.64 -46.39 -11.04
N ARG C 53 -15.33 -46.59 -9.92
CA ARG C 53 -14.80 -46.16 -8.63
C ARG C 53 -13.48 -46.84 -8.34
N SER C 54 -13.41 -48.15 -8.58
CA SER C 54 -12.18 -48.89 -8.40
C SER C 54 -11.05 -48.29 -9.21
N GLN C 55 -11.34 -47.91 -10.44
CA GLN C 55 -10.33 -47.31 -11.30
C GLN C 55 -9.97 -45.90 -10.83
N ILE C 56 -10.96 -45.11 -10.43
CA ILE C 56 -10.70 -43.74 -9.99
C ILE C 56 -9.86 -43.75 -8.72
N ARG C 57 -10.22 -44.57 -7.75
CA ARG C 57 -9.43 -44.66 -6.54
C ARG C 57 -8.09 -45.34 -6.78
N GLY C 58 -7.88 -45.93 -7.95
CA GLY C 58 -6.60 -46.48 -8.31
C GLY C 58 -5.71 -45.44 -8.97
N LEU C 59 -6.27 -44.64 -9.89
CA LEU C 59 -5.47 -43.62 -10.54
C LEU C 59 -5.09 -42.51 -9.59
N ASP C 60 -5.95 -42.18 -8.63
CA ASP C 60 -5.57 -41.15 -7.66
C ASP C 60 -4.55 -41.68 -6.66
N MET C 61 -4.53 -42.99 -6.43
CA MET C 61 -3.51 -43.58 -5.59
C MET C 61 -2.24 -43.88 -6.40
N ALA C 62 -2.38 -44.34 -7.64
CA ALA C 62 -1.23 -44.48 -8.51
C ALA C 62 -0.59 -43.15 -8.84
N SER C 63 -1.29 -42.05 -8.65
CA SER C 63 -0.68 -40.74 -8.75
C SER C 63 0.14 -40.39 -7.51
N LYS C 64 -0.16 -41.00 -6.37
CA LYS C 64 0.72 -40.87 -5.22
C LYS C 64 1.99 -41.68 -5.40
N ASN C 65 1.87 -42.89 -5.95
CA ASN C 65 3.05 -43.70 -6.22
C ASN C 65 3.97 -43.02 -7.22
N ALA C 66 3.40 -42.41 -8.26
CA ALA C 66 4.22 -41.68 -9.22
C ALA C 66 4.93 -40.53 -8.57
N GLN C 67 4.31 -39.88 -7.59
CA GLN C 67 4.95 -38.78 -6.90
C GLN C 67 5.87 -39.23 -5.79
N ASP C 68 5.63 -40.40 -5.21
CA ASP C 68 6.59 -40.98 -4.29
C ASP C 68 7.79 -41.57 -5.00
N GLY C 69 7.72 -41.71 -6.32
CA GLY C 69 8.87 -42.12 -7.09
C GLY C 69 9.62 -40.91 -7.59
N ILE C 70 8.91 -39.81 -7.78
CA ILE C 70 9.56 -38.56 -8.12
C ILE C 70 10.43 -38.09 -6.96
N SER C 71 9.96 -38.30 -5.73
CA SER C 71 10.76 -37.94 -4.56
C SER C 71 11.96 -38.88 -4.39
N LEU C 72 11.76 -40.17 -4.64
CA LEU C 72 12.87 -41.11 -4.53
C LEU C 72 13.95 -40.81 -5.57
N ILE C 73 13.55 -40.27 -6.71
CA ILE C 73 14.50 -39.99 -7.77
C ILE C 73 15.18 -38.63 -7.58
N GLN C 74 14.44 -37.65 -7.06
CA GLN C 74 15.05 -36.36 -6.74
C GLN C 74 16.12 -36.51 -5.68
N THR C 75 15.91 -37.42 -4.72
CA THR C 75 16.91 -37.65 -3.69
C THR C 75 18.20 -38.20 -4.29
N SER C 76 18.09 -39.13 -5.22
CA SER C 76 19.29 -39.73 -5.80
C SER C 76 20.08 -38.72 -6.61
N GLU C 77 19.41 -38.02 -7.53
CA GLU C 77 20.14 -37.05 -8.35
C GLU C 77 20.56 -35.85 -7.52
N GLY C 78 19.81 -35.52 -6.46
CA GLY C 78 20.28 -34.51 -5.53
C GLY C 78 21.58 -34.91 -4.89
N ALA C 79 21.75 -36.19 -4.58
CA ALA C 79 22.99 -36.68 -4.01
C ALA C 79 24.12 -36.65 -5.04
N LEU C 80 23.86 -37.16 -6.28
CA LEU C 80 24.88 -37.09 -7.30
C LEU C 80 25.20 -35.69 -7.73
N ASN C 81 24.38 -34.72 -7.37
CA ASN C 81 24.74 -33.33 -7.60
C ASN C 81 26.03 -32.97 -6.89
N GLU C 82 26.33 -33.62 -5.78
CA GLU C 82 27.53 -33.33 -5.03
C GLU C 82 28.69 -34.22 -5.41
N THR C 83 28.44 -35.46 -5.79
CA THR C 83 29.50 -36.24 -6.39
C THR C 83 30.07 -35.56 -7.60
N HIS C 84 29.31 -34.72 -8.27
CA HIS C 84 29.88 -33.94 -9.35
C HIS C 84 30.84 -32.89 -8.84
N SER C 85 30.49 -32.21 -7.74
CA SER C 85 31.35 -31.16 -7.25
C SER C 85 32.60 -31.70 -6.62
N ILE C 86 32.48 -32.84 -5.98
CA ILE C 86 33.67 -33.46 -5.42
C ILE C 86 34.58 -33.95 -6.53
N LEU C 87 34.02 -34.59 -7.55
CA LEU C 87 34.82 -35.01 -8.69
C LEU C 87 35.40 -33.81 -9.43
N GLN C 88 34.72 -32.67 -9.40
CA GLN C 88 35.22 -31.49 -10.07
C GLN C 88 36.42 -30.92 -9.33
N ARG C 89 36.32 -30.82 -8.01
CA ARG C 89 37.45 -30.41 -7.19
C ARG C 89 38.56 -31.45 -7.25
N MET C 90 38.18 -32.72 -7.29
CA MET C 90 39.17 -33.78 -7.35
C MET C 90 39.98 -33.74 -8.64
N SER C 91 39.50 -33.04 -9.65
CA SER C 91 40.22 -32.91 -10.90
C SER C 91 41.19 -31.73 -10.90
N GLU C 92 40.95 -30.71 -10.08
CA GLU C 92 41.96 -29.68 -9.89
C GLU C 92 43.15 -30.20 -9.12
N LEU C 93 42.93 -31.07 -8.15
CA LEU C 93 44.07 -31.71 -7.50
C LEU C 93 44.57 -32.90 -8.30
N ALA C 94 44.66 -32.74 -9.61
CA ALA C 94 45.49 -33.57 -10.46
C ALA C 94 46.15 -32.78 -11.56
N THR C 95 45.66 -31.59 -11.87
CA THR C 95 46.37 -30.67 -12.74
C THR C 95 47.41 -29.89 -11.96
N GLN C 96 47.19 -29.74 -10.66
CA GLN C 96 48.19 -29.13 -9.80
C GLN C 96 49.27 -30.13 -9.41
N ALA C 97 48.88 -31.38 -9.18
CA ALA C 97 49.84 -32.41 -8.84
C ALA C 97 50.67 -32.87 -10.02
N ALA C 98 50.23 -32.62 -11.25
CA ALA C 98 50.99 -33.00 -12.43
C ALA C 98 52.13 -32.04 -12.73
N ASN C 99 52.04 -30.81 -12.26
CA ASN C 99 53.13 -29.86 -12.46
C ASN C 99 54.36 -30.33 -11.70
N ASP C 100 55.53 -30.12 -12.29
CA ASP C 100 56.77 -30.63 -11.71
C ASP C 100 57.51 -29.59 -10.88
N THR C 101 56.89 -28.45 -10.61
CA THR C 101 57.40 -27.58 -9.55
C THR C 101 57.02 -28.09 -8.18
N ASN C 102 56.01 -28.95 -8.09
CA ASN C 102 55.71 -29.63 -6.83
C ASN C 102 56.80 -30.61 -6.48
N THR C 103 57.00 -30.83 -5.19
CA THR C 103 57.83 -31.90 -4.71
C THR C 103 56.97 -33.01 -4.14
N ASP C 104 57.58 -34.16 -3.87
CA ASP C 104 56.84 -35.27 -3.29
C ASP C 104 56.27 -34.90 -1.93
N SER C 105 56.94 -34.00 -1.21
CA SER C 105 56.39 -33.50 0.04
C SER C 105 55.10 -32.73 -0.18
N ASP C 106 54.87 -32.22 -1.39
CA ASP C 106 53.68 -31.46 -1.71
C ASP C 106 52.68 -32.23 -2.55
N ARG C 107 53.13 -33.19 -3.35
CA ARG C 107 52.20 -34.10 -3.99
C ARG C 107 51.51 -34.97 -2.94
N SER C 108 52.28 -35.51 -2.00
CA SER C 108 51.68 -36.24 -0.90
C SER C 108 50.87 -35.29 -0.01
N GLU C 109 51.14 -34.00 -0.11
CA GLU C 109 50.36 -33.03 0.63
C GLU C 109 48.98 -32.88 -0.01
N LEU C 110 48.95 -32.88 -1.34
CA LEU C 110 47.68 -32.89 -2.07
C LEU C 110 46.94 -34.20 -1.90
N GLN C 111 47.68 -35.30 -1.75
CA GLN C 111 47.04 -36.60 -1.59
C GLN C 111 46.17 -36.65 -0.33
N LYS C 112 46.45 -35.80 0.65
CA LYS C 112 45.63 -35.77 1.84
C LYS C 112 44.20 -35.38 1.52
N GLU C 113 44.02 -34.38 0.65
CA GLU C 113 42.67 -34.03 0.21
C GLU C 113 42.15 -35.00 -0.83
N MET C 114 43.03 -35.60 -1.62
CA MET C 114 42.63 -36.67 -2.53
C MET C 114 41.91 -37.78 -1.78
N ASP C 115 42.51 -38.27 -0.70
CA ASP C 115 41.90 -39.34 0.06
C ASP C 115 40.69 -38.88 0.84
N GLN C 116 40.59 -37.60 1.15
CA GLN C 116 39.44 -37.10 1.88
C GLN C 116 38.26 -36.80 0.97
N LEU C 117 38.53 -36.41 -0.27
CA LEU C 117 37.45 -36.26 -1.24
C LEU C 117 36.93 -37.61 -1.69
N ALA C 118 37.84 -38.54 -1.98
CA ALA C 118 37.43 -39.87 -2.39
C ALA C 118 36.68 -40.61 -1.29
N SER C 119 36.95 -40.30 -0.03
CA SER C 119 36.22 -40.89 1.07
C SER C 119 34.87 -40.26 1.29
N GLU C 120 34.62 -39.09 0.72
CA GLU C 120 33.32 -38.46 0.79
C GLU C 120 32.42 -38.91 -0.35
N VAL C 121 33.00 -39.19 -1.51
CA VAL C 121 32.23 -39.79 -2.61
C VAL C 121 31.66 -41.12 -2.16
N THR C 122 32.44 -41.92 -1.44
CA THR C 122 31.93 -43.17 -0.91
C THR C 122 30.86 -42.97 0.15
N ARG C 123 30.99 -41.92 0.96
CA ARG C 123 29.98 -41.67 1.99
C ARG C 123 28.63 -41.38 1.37
N ILE C 124 28.60 -40.57 0.31
CA ILE C 124 27.33 -40.22 -0.32
C ILE C 124 26.64 -41.46 -0.85
N SER C 125 27.41 -42.41 -1.39
CA SER C 125 26.80 -43.62 -1.91
C SER C 125 26.18 -44.46 -0.81
N THR C 126 26.90 -44.66 0.28
CA THR C 126 26.42 -45.52 1.35
C THR C 126 25.48 -44.82 2.32
N ASP C 127 25.41 -43.49 2.30
CA ASP C 127 24.56 -42.76 3.22
C ASP C 127 23.27 -42.28 2.60
N THR C 128 23.26 -42.00 1.30
CA THR C 128 22.04 -41.52 0.65
C THR C 128 20.96 -42.57 0.78
N GLU C 129 19.88 -42.22 1.46
CA GLU C 129 18.86 -43.19 1.82
C GLU C 129 17.50 -42.53 1.79
N PHE C 130 16.64 -42.96 0.88
CA PHE C 130 15.24 -42.60 0.88
C PHE C 130 14.47 -43.70 1.57
N ASN C 131 13.56 -43.31 2.46
CA ASN C 131 12.80 -44.26 3.28
C ASN C 131 13.86 -45.04 4.03
N THR C 132 13.97 -46.35 3.88
CA THR C 132 15.09 -47.12 4.40
C THR C 132 15.84 -47.85 3.31
N LYS C 133 15.92 -47.23 2.13
CA LYS C 133 16.54 -47.83 0.95
C LYS C 133 17.80 -47.07 0.60
N LYS C 134 18.91 -47.79 0.49
CA LYS C 134 20.16 -47.19 0.04
C LYS C 134 20.10 -47.12 -1.48
N LEU C 135 20.09 -45.91 -2.02
CA LEU C 135 19.85 -45.73 -3.45
C LEU C 135 21.11 -45.92 -4.27
N LEU C 136 22.22 -45.31 -3.86
CA LEU C 136 23.40 -45.23 -4.68
C LEU C 136 24.44 -46.29 -4.38
N ASP C 137 24.10 -47.30 -3.57
CA ASP C 137 25.07 -48.34 -3.24
C ASP C 137 24.90 -49.59 -4.10
N GLY C 138 24.14 -49.50 -5.18
CA GLY C 138 23.99 -50.61 -6.10
C GLY C 138 22.95 -51.64 -5.71
N THR C 139 22.22 -51.41 -4.61
CA THR C 139 21.18 -52.34 -4.20
C THR C 139 19.80 -51.92 -4.67
N ALA C 140 19.62 -50.67 -5.08
CA ALA C 140 18.33 -50.18 -5.58
C ALA C 140 18.24 -50.52 -7.06
N GLN C 141 17.86 -51.76 -7.33
CA GLN C 141 17.71 -52.25 -8.70
C GLN C 141 16.30 -52.80 -8.87
N ASN C 142 15.75 -52.66 -10.08
CA ASN C 142 14.44 -53.18 -10.41
C ASN C 142 13.35 -52.51 -9.58
N LEU C 143 13.57 -51.26 -9.22
CA LEU C 143 12.56 -50.52 -8.48
C LEU C 143 11.32 -50.33 -9.34
N THR C 144 10.22 -50.95 -8.92
CA THR C 144 8.99 -50.97 -9.69
C THR C 144 8.00 -49.99 -9.08
N PHE C 145 7.66 -48.95 -9.84
CA PHE C 145 6.63 -48.00 -9.44
C PHE C 145 5.33 -48.38 -10.12
N GLN C 146 4.29 -48.60 -9.34
CA GLN C 146 2.98 -48.92 -9.90
C GLN C 146 2.34 -47.61 -10.33
N ILE C 147 2.67 -47.16 -11.53
CA ILE C 147 2.05 -45.99 -12.11
C ILE C 147 0.88 -46.44 -12.96
N GLY C 148 -0.25 -46.70 -12.32
CA GLY C 148 -1.40 -47.24 -13.00
C GLY C 148 -2.21 -48.06 -12.03
N ALA C 149 -3.50 -48.22 -12.34
CA ALA C 149 -4.43 -48.85 -11.43
C ALA C 149 -4.55 -50.36 -11.62
N ASN C 150 -3.78 -50.95 -12.53
CA ASN C 150 -3.94 -52.35 -12.88
C ASN C 150 -2.60 -53.06 -12.82
N GLU C 151 -2.61 -54.35 -13.15
CA GLU C 151 -1.38 -55.12 -13.29
C GLU C 151 -0.51 -54.59 -14.42
N GLY C 152 0.80 -54.75 -14.26
CA GLY C 152 1.73 -54.48 -15.32
C GLY C 152 1.80 -53.04 -15.75
N GLN C 153 1.13 -52.14 -15.04
CA GLN C 153 1.22 -50.72 -15.33
C GLN C 153 2.30 -50.09 -14.45
N THR C 154 3.50 -50.62 -14.62
CA THR C 154 4.63 -50.30 -13.78
C THR C 154 5.75 -49.68 -14.62
N MET C 155 6.74 -49.15 -13.92
CA MET C 155 7.98 -48.69 -14.51
C MET C 155 9.14 -49.16 -13.65
N SER C 156 10.16 -49.73 -14.29
CA SER C 156 11.32 -50.19 -13.56
C SER C 156 12.38 -49.08 -13.50
N LEU C 157 13.37 -49.30 -12.65
CA LEU C 157 14.46 -48.34 -12.51
C LEU C 157 15.62 -49.05 -11.82
N SER C 158 16.84 -48.73 -12.24
CA SER C 158 18.02 -49.34 -11.64
C SER C 158 19.11 -48.29 -11.56
N ILE C 159 19.46 -47.90 -10.35
CA ILE C 159 20.54 -46.95 -10.12
C ILE C 159 21.80 -47.75 -9.82
N ASN C 160 22.87 -47.47 -10.56
CA ASN C 160 24.11 -48.21 -10.39
C ASN C 160 24.86 -47.73 -9.16
N LYS C 161 25.82 -48.53 -8.73
CA LYS C 161 26.67 -48.17 -7.61
C LYS C 161 27.56 -47.00 -8.00
N MET C 162 27.51 -45.92 -7.21
CA MET C 162 28.16 -44.67 -7.57
C MET C 162 29.09 -44.22 -6.47
N ASP C 163 29.91 -45.14 -5.97
CA ASP C 163 30.93 -44.84 -4.98
C ASP C 163 32.29 -44.75 -5.66
N SER C 164 33.30 -44.37 -4.88
CA SER C 164 34.63 -44.13 -5.45
C SER C 164 35.21 -45.40 -6.02
N GLU C 165 34.91 -46.55 -5.41
CA GLU C 165 35.40 -47.81 -5.94
C GLU C 165 34.84 -48.08 -7.32
N SER C 166 33.55 -47.81 -7.53
CA SER C 166 32.92 -48.08 -8.82
C SER C 166 33.38 -47.09 -9.87
N LEU C 167 33.50 -45.81 -9.52
CA LEU C 167 33.99 -44.82 -10.46
C LEU C 167 35.49 -44.92 -10.66
N LYS C 168 36.18 -45.75 -9.87
CA LYS C 168 37.63 -45.97 -9.99
C LYS C 168 38.43 -44.74 -9.58
N VAL C 169 37.86 -43.87 -8.77
CA VAL C 169 38.58 -42.71 -8.25
C VAL C 169 39.05 -42.96 -6.81
N GLY C 170 39.03 -44.21 -6.36
CA GLY C 170 39.45 -44.51 -5.01
C GLY C 170 39.43 -46.00 -4.80
N THR C 171 39.69 -46.38 -3.55
CA THR C 171 39.66 -47.79 -3.18
C THR C 171 39.39 -47.88 -1.70
N THR C 172 38.58 -48.85 -1.29
CA THR C 172 38.10 -48.96 0.08
C THR C 172 38.68 -50.22 0.71
N TYR C 173 39.55 -50.03 1.68
CA TYR C 173 40.07 -51.12 2.48
C TYR C 173 39.19 -51.31 3.71
N THR C 174 38.95 -52.56 4.08
CA THR C 174 38.24 -52.86 5.30
C THR C 174 39.16 -53.62 6.24
N ALA C 175 38.95 -53.40 7.54
CA ALA C 175 39.83 -53.96 8.55
C ALA C 175 39.42 -55.38 8.87
N ASN C 176 40.40 -56.29 8.87
CA ASN C 176 40.13 -57.67 9.22
C ASN C 176 39.73 -57.77 10.69
N ASP C 177 39.36 -58.98 11.10
CA ASP C 177 38.76 -59.16 12.42
C ASP C 177 39.72 -58.75 13.53
N ASP C 178 40.98 -59.14 13.44
CA ASP C 178 42.00 -58.76 14.40
C ASP C 178 42.45 -57.32 14.21
N GLY C 179 42.43 -56.82 12.96
CA GLY C 179 42.89 -55.47 12.68
C GLY C 179 44.35 -55.43 12.31
N SER C 180 44.92 -56.61 12.03
CA SER C 180 46.33 -56.67 11.63
C SER C 180 46.53 -56.13 10.23
N LYS C 181 45.64 -56.47 9.31
CA LYS C 181 45.81 -56.13 7.90
C LYS C 181 44.52 -55.57 7.34
N LEU C 182 44.60 -54.37 6.79
CA LEU C 182 43.48 -53.80 6.06
C LEU C 182 43.27 -54.54 4.76
N VAL C 183 42.04 -54.96 4.49
CA VAL C 183 41.71 -55.79 3.35
C VAL C 183 40.71 -55.04 2.49
N THR C 184 41.01 -54.91 1.21
CA THR C 184 40.04 -54.39 0.27
C THR C 184 39.35 -55.53 -0.47
N ALA C 185 38.23 -55.22 -1.11
CA ALA C 185 37.65 -56.16 -2.05
C ALA C 185 38.63 -56.37 -3.20
N ASP C 186 38.68 -57.60 -3.71
CA ASP C 186 39.69 -58.17 -4.59
C ASP C 186 40.92 -58.54 -3.73
N GLY C 187 40.97 -58.13 -2.47
CA GLY C 187 42.00 -58.63 -1.56
C GLY C 187 43.38 -58.06 -1.75
N LYS C 188 43.55 -56.77 -1.49
CA LYS C 188 44.86 -56.14 -1.42
C LYS C 188 45.19 -55.90 0.04
N GLU C 189 46.30 -56.45 0.51
CA GLU C 189 46.63 -56.48 1.92
C GLU C 189 47.33 -55.20 2.34
N ALA C 190 47.16 -54.85 3.61
CA ALA C 190 47.85 -53.70 4.19
C ALA C 190 48.10 -54.00 5.65
N THR C 191 49.30 -54.52 5.96
CA THR C 191 49.60 -54.97 7.30
C THR C 191 50.02 -53.81 8.20
N LEU C 192 49.78 -54.00 9.50
CA LEU C 192 50.07 -52.98 10.50
C LEU C 192 51.49 -53.03 11.03
N VAL C 193 52.00 -51.84 11.41
CA VAL C 193 53.35 -51.56 11.90
C VAL C 193 54.50 -52.16 11.09
N THR C 194 54.44 -51.97 9.78
CA THR C 194 55.41 -52.58 8.89
C THR C 194 56.25 -51.62 8.04
N LYS C 198 60.95 -50.49 10.12
CA LYS C 198 59.79 -49.98 10.84
C LYS C 198 59.26 -48.72 10.16
N GLY C 199 60.04 -47.64 10.22
CA GLY C 199 59.65 -46.40 9.60
C GLY C 199 58.46 -45.76 10.28
N PRO C 200 57.85 -44.76 9.63
CA PRO C 200 56.63 -44.18 10.18
C PRO C 200 55.55 -45.24 10.32
N ASN C 201 54.74 -45.08 11.37
CA ASN C 201 53.84 -46.14 11.80
C ASN C 201 52.50 -46.06 11.09
N GLY C 202 52.02 -47.19 10.61
CA GLY C 202 50.74 -47.26 9.92
C GLY C 202 50.58 -48.61 9.24
N TYR C 203 49.50 -48.70 8.45
CA TYR C 203 49.17 -49.92 7.72
C TYR C 203 49.92 -49.89 6.39
N TYR C 204 51.05 -50.58 6.35
CA TYR C 204 51.84 -50.56 5.13
C TYR C 204 51.34 -51.61 4.14
N ASP C 205 51.73 -51.40 2.88
CA ASP C 205 51.32 -52.22 1.76
C ASP C 205 52.53 -53.05 1.32
N ASP C 206 52.36 -53.89 0.31
CA ASP C 206 53.42 -54.78 -0.15
C ASP C 206 54.55 -54.06 -0.86
N ALA C 207 54.49 -52.73 -0.95
CA ALA C 207 55.54 -51.95 -1.59
C ALA C 207 56.07 -50.83 -0.70
N ASP C 208 55.81 -50.93 0.61
CA ASP C 208 56.32 -50.03 1.63
C ASP C 208 55.59 -48.68 1.52
N LYS C 209 54.72 -48.55 0.52
CA LYS C 209 53.86 -47.37 0.43
C LYS C 209 52.87 -47.40 1.59
N LEU C 210 52.95 -46.40 2.48
CA LEU C 210 51.98 -46.29 3.54
C LEU C 210 50.58 -46.13 2.97
N VAL C 211 49.64 -46.90 3.52
CA VAL C 211 48.24 -46.84 3.12
C VAL C 211 47.42 -46.03 4.11
N TYR C 212 47.49 -46.37 5.39
CA TYR C 212 46.80 -45.64 6.43
C TYR C 212 47.79 -45.25 7.51
N GLN C 213 47.56 -44.08 8.08
CA GLN C 213 48.41 -43.55 9.15
C GLN C 213 47.71 -43.80 10.48
N ALA C 214 48.11 -44.87 11.15
CA ALA C 214 47.60 -45.17 12.48
C ALA C 214 48.64 -45.98 13.24
N ASP C 215 48.76 -45.71 14.53
CA ASP C 215 49.69 -46.43 15.38
C ASP C 215 49.04 -47.56 16.16
N SER C 216 47.78 -47.39 16.56
CA SER C 216 47.02 -48.47 17.16
C SER C 216 46.47 -49.39 16.08
N ALA C 217 45.56 -50.28 16.44
CA ALA C 217 44.96 -51.18 15.46
C ALA C 217 43.52 -50.75 15.26
N LEU C 218 43.10 -50.64 14.01
CA LEU C 218 41.73 -50.26 13.70
C LEU C 218 40.76 -51.31 14.22
N ALA C 219 39.54 -50.86 14.49
CA ALA C 219 38.50 -51.75 15.00
C ALA C 219 38.06 -52.72 13.90
N LYS C 220 37.06 -53.54 14.20
CA LYS C 220 36.59 -54.57 13.29
C LYS C 220 35.61 -53.98 12.30
N ASP C 221 35.80 -54.31 11.01
CA ASP C 221 34.96 -53.80 9.92
C ASP C 221 34.93 -52.28 9.89
N THR C 222 36.09 -51.65 10.07
CA THR C 222 36.22 -50.22 9.83
C THR C 222 36.79 -50.02 8.44
N LYS C 223 36.05 -49.30 7.60
CA LYS C 223 36.46 -49.06 6.24
C LYS C 223 37.25 -47.77 6.14
N VAL C 224 38.32 -47.81 5.36
CA VAL C 224 39.06 -46.60 5.01
C VAL C 224 39.07 -46.50 3.49
N THR C 225 38.95 -45.27 3.00
CA THR C 225 38.96 -45.01 1.57
C THR C 225 40.20 -44.21 1.21
N LYS C 226 40.90 -44.66 0.18
CA LYS C 226 42.16 -44.07 -0.23
C LYS C 226 42.02 -43.60 -1.67
N GLY C 227 42.31 -42.33 -1.92
CA GLY C 227 42.10 -41.76 -3.22
C GLY C 227 43.02 -42.35 -4.28
N ILE C 228 42.73 -42.02 -5.53
CA ILE C 228 43.57 -42.50 -6.62
C ILE C 228 44.95 -41.85 -6.51
N ASP C 229 45.96 -42.57 -6.96
CA ASP C 229 47.35 -42.16 -6.75
C ASP C 229 47.68 -40.95 -7.60
N ILE C 230 47.99 -39.82 -6.95
CA ILE C 230 48.50 -38.64 -7.62
C ILE C 230 49.83 -38.19 -7.05
N SER C 231 50.31 -38.83 -5.98
CA SER C 231 51.47 -38.34 -5.26
C SER C 231 52.76 -39.10 -5.58
N SER C 232 52.66 -40.23 -6.28
CA SER C 232 53.86 -41.00 -6.56
C SER C 232 54.75 -40.34 -7.60
N SER C 233 54.18 -39.59 -8.53
CA SER C 233 54.94 -38.99 -9.61
C SER C 233 54.06 -37.97 -10.31
N ALA C 234 54.67 -37.24 -11.24
CA ALA C 234 53.89 -36.37 -12.12
C ALA C 234 53.18 -37.18 -13.20
N LYS C 235 53.80 -38.27 -13.66
CA LYS C 235 53.13 -39.14 -14.63
C LYS C 235 51.88 -39.77 -14.03
N ALA C 236 51.95 -40.20 -12.77
CA ALA C 236 50.79 -40.79 -12.13
C ALA C 236 49.66 -39.78 -11.98
N ALA C 237 49.99 -38.54 -11.63
CA ALA C 237 48.97 -37.51 -11.49
C ALA C 237 48.29 -37.23 -12.81
N SER C 238 49.06 -37.19 -13.91
CA SER C 238 48.45 -37.04 -15.22
C SER C 238 47.57 -38.23 -15.56
N SER C 239 48.00 -39.44 -15.21
CA SER C 239 47.19 -40.62 -15.47
C SER C 239 45.85 -40.53 -14.75
N ALA C 240 45.85 -40.05 -13.51
CA ALA C 240 44.62 -39.88 -12.76
C ALA C 240 43.70 -38.85 -13.39
N LEU C 241 44.21 -37.99 -14.27
CA LEU C 241 43.36 -36.98 -14.87
C LEU C 241 42.28 -37.58 -15.75
N THR C 242 42.65 -38.55 -16.61
CA THR C 242 41.64 -39.22 -17.43
C THR C 242 40.71 -40.06 -16.58
N THR C 243 41.22 -40.71 -15.54
CA THR C 243 40.36 -41.51 -14.68
C THR C 243 39.32 -40.64 -14.01
N ILE C 244 39.71 -39.45 -13.56
CA ILE C 244 38.76 -38.56 -12.91
C ILE C 244 37.77 -38.00 -13.92
N LYS C 245 38.26 -37.57 -15.09
CA LYS C 245 37.37 -36.97 -16.07
C LYS C 245 36.43 -38.00 -16.68
N THR C 246 36.80 -39.26 -16.64
CA THR C 246 35.88 -40.32 -17.06
C THR C 246 34.82 -40.55 -15.99
N ALA C 247 35.21 -40.47 -14.72
CA ALA C 247 34.23 -40.63 -13.65
C ALA C 247 33.17 -39.55 -13.71
N ILE C 248 33.55 -38.33 -14.08
CA ILE C 248 32.56 -37.28 -14.30
C ILE C 248 31.62 -37.66 -15.42
N ASP C 249 32.10 -38.44 -16.40
CA ASP C 249 31.25 -38.84 -17.50
C ASP C 249 30.25 -39.91 -17.09
N THR C 250 30.66 -40.87 -16.26
CA THR C 250 29.75 -41.90 -15.81
C THR C 250 28.88 -41.45 -14.65
N VAL C 251 29.10 -40.26 -14.12
CA VAL C 251 28.16 -39.67 -13.19
C VAL C 251 27.12 -38.86 -13.94
N SER C 252 27.55 -38.12 -14.97
CA SER C 252 26.59 -37.40 -15.80
C SER C 252 25.64 -38.37 -16.49
N SER C 253 26.12 -39.55 -16.87
CA SER C 253 25.23 -40.56 -17.45
C SER C 253 24.20 -41.02 -16.45
N GLU C 254 24.60 -41.22 -15.20
CA GLU C 254 23.64 -41.65 -14.19
C GLU C 254 22.65 -40.55 -13.85
N ARG C 255 23.10 -39.31 -13.79
CA ARG C 255 22.20 -38.23 -13.42
C ARG C 255 21.08 -38.04 -14.42
N ALA C 256 21.36 -38.15 -15.71
CA ALA C 256 20.32 -37.99 -16.70
C ALA C 256 19.59 -39.28 -17.04
N LYS C 257 20.11 -40.43 -16.60
CA LYS C 257 19.28 -41.62 -16.55
C LYS C 257 18.20 -41.48 -15.49
N LEU C 258 18.43 -40.65 -14.48
CA LEU C 258 17.43 -40.37 -13.46
C LEU C 258 16.65 -39.10 -13.74
N GLY C 259 17.18 -38.20 -14.55
CA GLY C 259 16.43 -37.03 -14.94
C GLY C 259 15.46 -37.37 -16.04
N ALA C 260 15.79 -38.40 -16.82
CA ALA C 260 14.87 -38.87 -17.86
C ALA C 260 13.65 -39.54 -17.24
N VAL C 261 13.85 -40.33 -16.20
CA VAL C 261 12.73 -40.99 -15.54
C VAL C 261 11.86 -39.96 -14.84
N GLN C 262 12.47 -38.93 -14.25
CA GLN C 262 11.68 -37.93 -13.54
C GLN C 262 10.86 -37.10 -14.51
N ASN C 263 11.40 -36.80 -15.69
CA ASN C 263 10.62 -36.12 -16.71
C ASN C 263 9.44 -36.96 -17.15
N ARG C 264 9.65 -38.26 -17.33
CA ARG C 264 8.55 -39.15 -17.69
C ARG C 264 7.50 -39.19 -16.61
N LEU C 265 7.93 -39.28 -15.35
CA LEU C 265 6.97 -39.34 -14.25
C LEU C 265 6.19 -38.06 -14.09
N GLU C 266 6.72 -36.93 -14.57
CA GLU C 266 5.95 -35.70 -14.55
C GLU C 266 4.85 -35.72 -15.61
N HIS C 267 5.09 -36.37 -16.74
CA HIS C 267 4.04 -36.54 -17.73
C HIS C 267 3.04 -37.59 -17.30
N THR C 268 3.49 -38.64 -16.62
CA THR C 268 2.59 -39.65 -16.11
C THR C 268 1.63 -39.09 -15.07
N ILE C 269 2.05 -38.08 -14.32
CA ILE C 269 1.18 -37.52 -13.30
C ILE C 269 0.08 -36.67 -13.91
N ASN C 270 0.41 -35.85 -14.91
CA ASN C 270 -0.63 -35.07 -15.58
C ASN C 270 -1.64 -35.96 -16.27
N ASN C 271 -1.18 -37.06 -16.87
CA ASN C 271 -2.10 -37.95 -17.54
C ASN C 271 -2.93 -38.76 -16.56
N LEU C 272 -2.36 -39.14 -15.42
CA LEU C 272 -3.16 -39.80 -14.40
C LEU C 272 -4.15 -38.85 -13.77
N GLY C 273 -3.77 -37.59 -13.56
CA GLY C 273 -4.70 -36.62 -13.05
C GLY C 273 -5.81 -36.28 -14.00
N THR C 274 -5.51 -36.20 -15.30
CA THR C 274 -6.54 -35.95 -16.29
C THR C 274 -7.49 -37.13 -16.41
N SER C 275 -6.99 -38.35 -16.30
CA SER C 275 -7.84 -39.52 -16.41
C SER C 275 -8.72 -39.74 -15.19
N SER C 276 -8.40 -39.12 -14.06
CA SER C 276 -9.30 -39.21 -12.91
C SER C 276 -10.48 -38.25 -13.07
N GLU C 277 -10.22 -37.02 -13.54
CA GLU C 277 -11.31 -36.09 -13.79
C GLU C 277 -12.26 -36.64 -14.84
N ASN C 278 -11.72 -37.18 -15.93
CA ASN C 278 -12.56 -37.68 -16.99
C ASN C 278 -13.36 -38.89 -16.54
N LEU C 279 -12.84 -39.67 -15.60
CA LEU C 279 -13.57 -40.79 -15.07
C LEU C 279 -14.45 -40.42 -13.90
N THR C 280 -14.04 -39.45 -13.09
CA THR C 280 -14.90 -38.97 -12.02
C THR C 280 -16.16 -38.35 -12.60
N SER C 281 -16.01 -37.53 -13.63
CA SER C 281 -17.18 -36.97 -14.30
C SER C 281 -18.01 -38.06 -14.96
N ALA C 282 -17.33 -39.06 -15.54
CA ALA C 282 -18.06 -40.16 -16.17
C ALA C 282 -18.86 -40.96 -15.15
N GLU C 283 -18.28 -41.19 -13.97
CA GLU C 283 -18.99 -41.95 -12.94
C GLU C 283 -20.09 -41.14 -12.29
N SER C 284 -19.91 -39.83 -12.18
CA SER C 284 -20.96 -39.00 -11.58
C SER C 284 -22.22 -39.00 -12.42
N ARG C 285 -22.08 -38.96 -13.74
CA ARG C 285 -23.26 -39.00 -14.60
C ARG C 285 -24.00 -40.32 -14.46
N ILE C 286 -23.28 -41.42 -14.29
CA ILE C 286 -23.92 -42.72 -14.15
C ILE C 286 -24.55 -42.87 -12.77
N ARG C 287 -23.87 -42.40 -11.73
CA ARG C 287 -24.24 -42.72 -10.36
C ARG C 287 -24.98 -41.59 -9.65
N ASP C 288 -24.45 -40.37 -9.71
CA ASP C 288 -25.05 -39.26 -8.97
C ASP C 288 -26.41 -38.89 -9.57
N VAL C 289 -27.27 -38.37 -8.73
CA VAL C 289 -28.63 -37.98 -9.13
C VAL C 289 -28.62 -36.52 -9.53
N ASP C 290 -29.57 -36.16 -10.39
CA ASP C 290 -29.77 -34.76 -10.76
C ASP C 290 -30.74 -34.15 -9.76
N MET C 291 -30.23 -33.19 -8.96
CA MET C 291 -31.04 -32.63 -7.89
C MET C 291 -32.29 -31.97 -8.42
N ALA C 292 -32.16 -31.22 -9.52
CA ALA C 292 -33.32 -30.52 -10.07
C ALA C 292 -34.35 -31.50 -10.61
N SER C 293 -33.92 -32.45 -11.44
CA SER C 293 -34.85 -33.38 -12.05
C SER C 293 -35.46 -34.36 -11.05
N GLU C 294 -34.90 -34.46 -9.85
CA GLU C 294 -35.39 -35.39 -8.84
C GLU C 294 -36.27 -34.70 -7.81
N MET C 295 -35.93 -33.48 -7.41
CA MET C 295 -36.79 -32.72 -6.52
C MET C 295 -38.13 -32.43 -7.20
N MET C 296 -38.09 -32.09 -8.48
CA MET C 296 -39.33 -31.86 -9.22
C MET C 296 -40.16 -33.13 -9.34
N GLU C 297 -39.52 -34.29 -9.42
CA GLU C 297 -40.27 -35.54 -9.49
C GLU C 297 -40.78 -35.94 -8.11
N TYR C 298 -40.01 -35.66 -7.07
CA TYR C 298 -40.47 -35.95 -5.71
C TYR C 298 -41.72 -35.17 -5.38
N THR C 299 -41.75 -33.90 -5.74
CA THR C 299 -42.93 -33.08 -5.47
C THR C 299 -44.17 -33.60 -6.18
N LYS C 300 -44.00 -34.15 -7.39
CA LYS C 300 -45.15 -34.67 -8.12
C LYS C 300 -45.79 -35.82 -7.37
N ASN C 301 -45.02 -36.85 -7.02
CA ASN C 301 -45.58 -37.96 -6.27
C ASN C 301 -46.01 -37.54 -4.88
N ASN C 302 -45.42 -36.49 -4.33
CA ASN C 302 -45.86 -35.97 -3.05
C ASN C 302 -47.21 -35.28 -3.16
N ILE C 303 -47.63 -34.91 -4.36
CA ILE C 303 -48.96 -34.36 -4.56
C ILE C 303 -49.96 -35.45 -4.94
N LEU C 304 -49.54 -36.38 -5.81
CA LEU C 304 -50.41 -37.47 -6.21
C LEU C 304 -50.86 -38.32 -5.02
N THR C 305 -50.07 -38.39 -3.96
CA THR C 305 -50.49 -39.09 -2.76
C THR C 305 -51.48 -38.27 -1.94
N GLN C 306 -51.39 -36.94 -1.97
CA GLN C 306 -52.38 -36.12 -1.30
C GLN C 306 -53.69 -36.07 -2.07
N ALA C 307 -53.62 -36.13 -3.40
CA ALA C 307 -54.84 -36.24 -4.18
C ALA C 307 -55.57 -37.54 -3.88
N SER C 308 -54.83 -38.64 -3.77
CA SER C 308 -55.45 -39.90 -3.40
C SER C 308 -55.90 -39.88 -1.94
N GLN C 309 -55.15 -39.19 -1.08
CA GLN C 309 -55.57 -39.02 0.31
C GLN C 309 -56.89 -38.27 0.39
N ALA C 310 -57.01 -37.19 -0.39
CA ALA C 310 -58.23 -36.39 -0.35
C ALA C 310 -59.43 -37.18 -0.85
N MET C 311 -59.27 -37.95 -1.91
CA MET C 311 -60.38 -38.70 -2.46
C MET C 311 -60.71 -39.95 -1.65
N LEU C 312 -59.74 -40.49 -0.90
CA LEU C 312 -60.04 -41.62 -0.03
C LEU C 312 -61.02 -41.22 1.06
N ALA C 313 -60.88 -40.00 1.59
CA ALA C 313 -61.80 -39.54 2.62
C ALA C 313 -63.22 -39.49 2.08
N GLN C 314 -63.40 -38.97 0.86
CA GLN C 314 -64.74 -38.91 0.27
C GLN C 314 -65.24 -40.30 -0.11
N ALA C 315 -64.33 -41.21 -0.49
CA ALA C 315 -64.75 -42.55 -0.85
C ALA C 315 -65.40 -43.27 0.32
N ASN C 316 -64.97 -42.97 1.54
CA ASN C 316 -65.59 -43.58 2.72
C ASN C 316 -66.93 -42.96 3.05
N GLN C 317 -67.14 -41.69 2.66
CA GLN C 317 -68.40 -41.02 2.99
C GLN C 317 -69.54 -41.53 2.13
N GLN C 318 -69.25 -41.98 0.92
CA GLN C 318 -70.30 -42.42 0.00
C GLN C 318 -71.14 -43.56 0.54
N PRO C 319 -70.60 -44.63 1.13
CA PRO C 319 -71.47 -45.67 1.68
C PRO C 319 -72.32 -45.21 2.85
N GLN C 320 -71.99 -44.08 3.47
CA GLN C 320 -72.73 -43.62 4.64
C GLN C 320 -74.12 -43.10 4.31
N GLN C 321 -74.46 -42.94 3.03
CA GLN C 321 -75.73 -42.34 2.64
C GLN C 321 -76.87 -43.34 2.57
N VAL C 322 -76.60 -44.64 2.69
CA VAL C 322 -77.69 -45.61 2.64
C VAL C 322 -78.44 -45.68 3.96
N LEU C 323 -77.87 -45.15 5.04
CA LEU C 323 -78.55 -45.17 6.33
C LEU C 323 -79.82 -44.33 6.30
N GLN C 324 -79.76 -43.16 5.66
CA GLN C 324 -80.96 -42.33 5.55
C GLN C 324 -82.04 -43.00 4.71
N LEU C 325 -81.67 -43.90 3.81
CA LEU C 325 -82.64 -44.66 3.05
C LEU C 325 -83.18 -45.86 3.83
N LEU C 326 -82.35 -46.45 4.68
CA LEU C 326 -82.76 -47.66 5.41
C LEU C 326 -83.78 -47.36 6.50
N LYS C 327 -83.88 -46.11 6.95
CA LYS C 327 -84.87 -45.76 7.98
C LYS C 327 -86.17 -45.31 7.33
N MET D 1 -75.36 -55.41 22.54
CA MET D 1 -74.87 -54.08 22.87
C MET D 1 -74.88 -53.85 24.37
N ARG D 2 -73.69 -53.92 24.98
CA ARG D 2 -73.55 -53.69 26.41
C ARG D 2 -73.17 -52.24 26.66
N ILE D 3 -73.90 -51.58 27.55
CA ILE D 3 -73.80 -50.14 27.72
C ILE D 3 -72.99 -49.77 28.95
N ASN D 4 -73.08 -50.56 30.03
CA ASN D 4 -72.43 -50.21 31.28
C ASN D 4 -70.91 -50.16 31.17
N HIS D 5 -70.33 -50.73 30.11
CA HIS D 5 -68.88 -50.70 29.94
C HIS D 5 -68.57 -50.56 28.46
N ASN D 6 -67.70 -49.63 28.13
CA ASN D 6 -67.27 -49.39 26.76
C ASN D 6 -65.83 -49.87 26.65
N ILE D 7 -65.66 -51.16 26.36
CA ILE D 7 -64.32 -51.73 26.28
C ILE D 7 -63.55 -51.15 25.12
N ALA D 8 -64.26 -50.77 24.04
CA ALA D 8 -63.58 -50.14 22.91
C ALA D 8 -62.96 -48.81 23.31
N ALA D 9 -63.69 -48.01 24.07
CA ALA D 9 -63.15 -46.74 24.54
C ALA D 9 -62.16 -46.93 25.68
N LEU D 10 -62.40 -47.91 26.55
CA LEU D 10 -61.46 -48.17 27.64
C LEU D 10 -60.12 -48.67 27.11
N ASN D 11 -60.13 -49.47 26.04
CA ASN D 11 -58.89 -49.91 25.44
C ASN D 11 -58.17 -48.76 24.75
N THR D 12 -58.92 -47.87 24.09
CA THR D 12 -58.31 -46.73 23.42
C THR D 12 -57.71 -45.76 24.42
N SER D 13 -58.27 -45.68 25.63
CA SER D 13 -57.71 -44.79 26.64
C SER D 13 -56.30 -45.22 27.03
N ARG D 14 -56.07 -46.53 27.17
CA ARG D 14 -54.74 -47.00 27.54
C ARG D 14 -53.72 -46.68 26.46
N GLN D 15 -54.08 -46.87 25.20
CA GLN D 15 -53.18 -46.47 24.12
C GLN D 15 -53.00 -44.96 24.07
N LEU D 16 -54.01 -44.21 24.52
CA LEU D 16 -53.86 -42.76 24.62
C LEU D 16 -52.85 -42.39 25.70
N ASN D 17 -52.96 -43.02 26.87
CA ASN D 17 -51.93 -42.83 27.90
C ASN D 17 -50.81 -43.84 27.76
N ALA D 18 -50.33 -44.03 26.54
CA ALA D 18 -49.09 -44.74 26.27
C ALA D 18 -48.26 -44.10 25.17
N GLY D 19 -48.84 -43.24 24.35
CA GLY D 19 -48.10 -42.49 23.37
C GLY D 19 -47.84 -41.10 23.90
N SER D 20 -48.72 -40.64 24.80
CA SER D 20 -48.46 -39.40 25.51
C SER D 20 -47.24 -39.53 26.41
N ASN D 21 -47.13 -40.66 27.12
CA ASN D 21 -45.97 -40.90 27.95
C ASN D 21 -44.70 -40.97 27.11
N ALA D 22 -44.76 -41.66 25.97
CA ALA D 22 -43.59 -41.75 25.10
C ALA D 22 -43.22 -40.39 24.53
N ALA D 23 -44.20 -39.59 24.16
CA ALA D 23 -43.91 -38.24 23.66
C ALA D 23 -43.31 -37.37 24.75
N SER D 24 -43.81 -37.50 25.98
CA SER D 24 -43.22 -36.75 27.09
C SER D 24 -41.78 -37.15 27.32
N LYS D 25 -41.49 -38.45 27.28
CA LYS D 25 -40.12 -38.90 27.42
C LYS D 25 -39.24 -38.42 26.29
N ASN D 26 -39.78 -38.38 25.07
CA ASN D 26 -39.00 -37.91 23.93
C ASN D 26 -38.72 -36.41 24.03
N MET D 27 -39.66 -35.66 24.58
CA MET D 27 -39.47 -34.22 24.69
C MET D 27 -38.51 -33.86 25.82
N GLU D 28 -38.38 -34.71 26.84
CA GLU D 28 -37.34 -34.49 27.83
C GLU D 28 -35.96 -34.54 27.20
N LYS D 29 -35.73 -35.54 26.35
CA LYS D 29 -34.44 -35.64 25.68
C LYS D 29 -34.20 -34.48 24.74
N LEU D 30 -35.24 -34.07 24.01
CA LEU D 30 -35.07 -32.99 23.04
C LEU D 30 -34.77 -31.67 23.72
N SER D 31 -35.45 -31.39 24.83
CA SER D 31 -35.21 -30.14 25.53
C SER D 31 -33.82 -30.12 26.18
N SER D 32 -33.49 -31.18 26.91
CA SER D 32 -32.21 -31.22 27.63
C SER D 32 -31.04 -31.50 26.70
N GLY D 33 -31.27 -32.22 25.62
CA GLY D 33 -30.18 -32.61 24.76
C GLY D 33 -29.42 -33.84 25.21
N LEU D 34 -29.93 -34.57 26.21
CA LEU D 34 -29.25 -35.72 26.78
C LEU D 34 -30.12 -36.96 26.64
N ARG D 35 -29.49 -38.06 26.22
CA ARG D 35 -30.19 -39.34 26.19
C ARG D 35 -30.58 -39.79 27.59
N ILE D 36 -29.66 -39.67 28.53
CA ILE D 36 -29.82 -40.20 29.87
C ILE D 36 -30.09 -39.03 30.80
N ASN D 37 -31.36 -38.78 31.08
CA ASN D 37 -31.75 -37.81 32.11
C ASN D 37 -31.90 -38.51 33.46
N ARG D 38 -32.79 -39.49 33.53
CA ARG D 38 -32.91 -40.35 34.69
C ARG D 38 -31.95 -41.52 34.57
N ALA D 39 -31.75 -42.23 35.68
CA ALA D 39 -30.91 -43.41 35.66
C ALA D 39 -31.59 -44.61 35.02
N GLY D 40 -32.90 -44.54 34.80
CA GLY D 40 -33.61 -45.64 34.17
C GLY D 40 -33.47 -45.70 32.67
N ASP D 41 -32.97 -44.64 32.04
CA ASP D 41 -32.74 -44.68 30.60
C ASP D 41 -31.52 -45.51 30.25
N ASP D 42 -30.47 -45.44 31.05
CA ASP D 42 -29.30 -46.30 30.88
C ASP D 42 -28.56 -46.36 32.21
N ALA D 43 -28.61 -47.51 32.89
CA ALA D 43 -27.88 -47.64 34.14
C ALA D 43 -26.38 -47.62 33.90
N ALA D 44 -25.91 -48.48 33.00
CA ALA D 44 -24.50 -48.47 32.66
C ALA D 44 -24.10 -47.19 31.93
N GLY D 45 -25.02 -46.62 31.15
CA GLY D 45 -24.75 -45.33 30.52
C GLY D 45 -24.57 -44.23 31.55
N LEU D 46 -25.41 -44.23 32.58
CA LEU D 46 -25.24 -43.26 33.66
C LEU D 46 -23.92 -43.48 34.39
N ALA D 47 -23.60 -44.74 34.69
CA ALA D 47 -22.36 -45.02 35.42
C ALA D 47 -21.13 -44.62 34.62
N ILE D 48 -21.08 -44.99 33.34
CA ILE D 48 -19.93 -44.69 32.51
C ILE D 48 -19.78 -43.18 32.32
N SER D 49 -20.91 -42.50 32.12
CA SER D 49 -20.88 -41.06 31.88
C SER D 49 -20.23 -40.32 33.03
N GLU D 50 -20.68 -40.60 34.25
CA GLU D 50 -20.16 -39.89 35.41
C GLU D 50 -18.67 -40.12 35.61
N LYS D 51 -18.20 -41.35 35.42
CA LYS D 51 -16.78 -41.60 35.41
C LYS D 51 -16.11 -40.76 34.33
N MET D 52 -16.72 -40.73 33.15
CA MET D 52 -16.16 -39.97 32.04
C MET D 52 -16.11 -38.47 32.35
N ARG D 53 -17.22 -37.90 32.82
CA ARG D 53 -17.24 -36.48 33.15
C ARG D 53 -16.20 -36.14 34.19
N SER D 54 -16.12 -36.96 35.24
CA SER D 54 -15.13 -36.78 36.29
C SER D 54 -13.73 -36.75 35.72
N GLN D 55 -13.46 -37.65 34.78
CA GLN D 55 -12.15 -37.70 34.15
C GLN D 55 -11.92 -36.52 33.23
N ILE D 56 -12.94 -36.13 32.46
CA ILE D 56 -12.79 -35.01 31.53
C ILE D 56 -12.56 -33.71 32.29
N ARG D 57 -13.35 -33.46 33.33
CA ARG D 57 -13.13 -32.27 34.13
C ARG D 57 -11.86 -32.36 34.97
N GLY D 58 -11.22 -33.52 35.03
CA GLY D 58 -9.94 -33.65 35.68
C GLY D 58 -8.80 -33.38 34.72
N LEU D 59 -8.87 -33.90 33.50
CA LEU D 59 -7.81 -33.65 32.54
C LEU D 59 -7.79 -32.21 32.08
N ASP D 60 -8.95 -31.56 31.99
CA ASP D 60 -8.94 -30.15 31.61
C ASP D 60 -8.47 -29.27 32.76
N MET D 61 -8.64 -29.73 34.00
CA MET D 61 -8.08 -29.02 35.14
C MET D 61 -6.63 -29.38 35.37
N ALA D 62 -6.26 -30.66 35.20
CA ALA D 62 -4.87 -31.04 35.25
C ALA D 62 -4.05 -30.45 34.12
N SER D 63 -4.71 -29.97 33.07
CA SER D 63 -4.02 -29.19 32.05
C SER D 63 -3.76 -27.76 32.49
N LYS D 64 -4.55 -27.25 33.43
CA LYS D 64 -4.22 -25.97 34.03
C LYS D 64 -3.05 -26.10 34.98
N ASN D 65 -3.01 -27.17 35.77
CA ASN D 65 -1.88 -27.40 36.66
C ASN D 65 -0.59 -27.55 35.88
N ALA D 66 -0.64 -28.28 34.77
CA ALA D 66 0.55 -28.42 33.94
C ALA D 66 1.01 -27.08 33.39
N GLN D 67 0.07 -26.19 33.09
CA GLN D 67 0.44 -24.88 32.59
C GLN D 67 0.78 -23.90 33.70
N ASP D 68 0.26 -24.10 34.90
CA ASP D 68 0.70 -23.33 36.05
C ASP D 68 2.06 -23.79 36.56
N GLY D 69 2.53 -24.95 36.11
CA GLY D 69 3.87 -25.39 36.43
C GLY D 69 4.83 -24.94 35.35
N ILE D 70 4.33 -24.78 34.14
CA ILE D 70 5.15 -24.20 33.08
C ILE D 70 5.49 -22.76 33.40
N SER D 71 4.54 -22.03 33.98
CA SER D 71 4.80 -20.66 34.38
C SER D 71 5.76 -20.59 35.56
N LEU D 72 5.59 -21.49 36.53
CA LEU D 72 6.50 -21.51 37.67
C LEU D 72 7.92 -21.83 37.25
N ILE D 73 8.08 -22.60 36.19
CA ILE D 73 9.40 -23.00 35.75
C ILE D 73 10.02 -21.95 34.83
N GLN D 74 9.20 -21.29 34.01
CA GLN D 74 9.70 -20.20 33.19
C GLN D 74 10.22 -19.06 34.05
N THR D 75 9.58 -18.82 35.19
CA THR D 75 10.03 -17.78 36.09
C THR D 75 11.41 -18.09 36.65
N SER D 76 11.65 -19.34 37.02
CA SER D 76 12.94 -19.71 37.60
C SER D 76 14.06 -19.60 36.58
N GLU D 77 13.88 -20.20 35.41
CA GLU D 77 14.93 -20.14 34.41
C GLU D 77 15.05 -18.74 33.83
N GLY D 78 13.95 -17.98 33.80
CA GLY D 78 14.07 -16.58 33.45
C GLY D 78 14.95 -15.82 34.41
N ALA D 79 14.89 -16.16 35.70
CA ALA D 79 15.76 -15.53 36.69
C ALA D 79 17.19 -15.97 36.51
N LEU D 80 17.45 -17.30 36.35
CA LEU D 80 18.81 -17.75 36.12
C LEU D 80 19.37 -17.28 34.80
N ASN D 81 18.53 -16.78 33.90
CA ASN D 81 19.05 -16.17 32.69
C ASN D 81 19.95 -15.00 33.02
N GLU D 82 19.70 -14.32 34.14
CA GLU D 82 20.51 -13.17 34.52
C GLU D 82 21.65 -13.54 35.42
N THR D 83 21.51 -14.55 36.26
CA THR D 83 22.68 -15.06 36.97
C THR D 83 23.74 -15.51 36.00
N HIS D 84 23.37 -15.89 34.79
CA HIS D 84 24.40 -16.17 33.80
C HIS D 84 25.12 -14.92 33.36
N SER D 85 24.40 -13.82 33.16
CA SER D 85 25.05 -12.62 32.67
C SER D 85 25.88 -11.97 33.75
N ILE D 86 25.43 -12.06 34.96
CA ILE D 86 26.23 -11.52 36.04
C ILE D 86 27.49 -12.35 36.23
N LEU D 87 27.36 -13.67 36.20
CA LEU D 87 28.54 -14.53 36.28
C LEU D 87 29.45 -14.34 35.09
N GLN D 88 28.89 -13.98 33.93
CA GLN D 88 29.71 -13.76 32.76
C GLN D 88 30.53 -12.49 32.88
N ARG D 89 29.88 -11.41 33.33
CA ARG D 89 30.60 -10.17 33.63
C ARG D 89 31.57 -10.37 34.78
N MET D 90 31.16 -11.16 35.77
CA MET D 90 32.01 -11.41 36.92
C MET D 90 33.27 -12.14 36.55
N SER D 91 33.31 -12.77 35.38
CA SER D 91 34.50 -13.47 34.91
C SER D 91 35.45 -12.57 34.14
N GLU D 92 34.96 -11.48 33.56
CA GLU D 92 35.85 -10.48 33.00
C GLU D 92 36.59 -9.73 34.09
N LEU D 93 35.93 -9.46 35.21
CA LEU D 93 36.64 -8.87 36.33
C LEU D 93 37.36 -9.93 37.15
N ALA D 94 37.99 -10.87 36.47
CA ALA D 94 39.05 -11.70 37.04
C ALA D 94 40.15 -11.97 36.05
N THR D 95 39.91 -11.79 34.76
CA THR D 95 40.98 -11.80 33.77
C THR D 95 41.65 -10.44 33.70
N GLN D 96 40.92 -9.38 34.07
CA GLN D 96 41.51 -8.06 34.17
C GLN D 96 42.27 -7.89 35.48
N ALA D 97 41.74 -8.46 36.56
CA ALA D 97 42.39 -8.38 37.86
C ALA D 97 43.61 -9.28 37.96
N ALA D 98 43.74 -10.28 37.09
CA ALA D 98 44.89 -11.17 37.12
C ALA D 98 46.11 -10.57 36.45
N ASN D 99 45.92 -9.60 35.57
CA ASN D 99 47.04 -8.92 34.94
C ASN D 99 47.82 -8.14 35.99
N ASP D 100 49.15 -8.12 35.86
CA ASP D 100 50.00 -7.50 36.87
C ASP D 100 50.39 -6.07 36.52
N THR D 101 49.79 -5.49 35.49
CA THR D 101 49.87 -4.05 35.32
C THR D 101 48.92 -3.32 36.25
N ASN D 102 47.92 -4.01 36.78
CA ASN D 102 47.07 -3.45 37.81
C ASN D 102 47.85 -3.29 39.10
N THR D 103 47.47 -2.30 39.89
CA THR D 103 47.97 -2.16 41.25
C THR D 103 46.87 -2.55 42.22
N ASP D 104 47.25 -2.69 43.49
CA ASP D 104 46.25 -3.02 44.50
C ASP D 104 45.20 -1.93 44.64
N SER D 105 45.57 -0.69 44.34
CA SER D 105 44.58 0.38 44.29
C SER D 105 43.54 0.15 43.21
N ASP D 106 43.88 -0.64 42.18
CA ASP D 106 42.98 -0.92 41.08
C ASP D 106 42.37 -2.30 41.13
N ARG D 107 43.06 -3.27 41.72
CA ARG D 107 42.41 -4.54 42.00
C ARG D 107 41.29 -4.36 43.02
N SER D 108 41.56 -3.64 44.10
CA SER D 108 40.52 -3.29 45.05
C SER D 108 39.48 -2.39 44.41
N GLU D 109 39.85 -1.73 43.31
CA GLU D 109 38.90 -0.92 42.58
C GLU D 109 37.92 -1.82 41.83
N LEU D 110 38.43 -2.90 41.24
CA LEU D 110 37.59 -3.90 40.61
C LEU D 110 36.76 -4.66 41.64
N GLN D 111 37.29 -4.85 42.84
CA GLN D 111 36.56 -5.57 43.86
C GLN D 111 35.26 -4.88 44.22
N LYS D 112 35.16 -3.57 43.97
CA LYS D 112 33.92 -2.87 44.25
C LYS D 112 32.78 -3.41 43.41
N GLU D 113 33.04 -3.67 42.13
CA GLU D 113 32.03 -4.30 41.28
C GLU D 113 31.92 -5.79 41.54
N MET D 114 33.01 -6.43 41.96
CA MET D 114 32.96 -7.81 42.38
C MET D 114 31.92 -8.02 43.48
N ASP D 115 31.99 -7.19 44.52
CA ASP D 115 31.05 -7.31 45.62
C ASP D 115 29.65 -6.86 45.25
N GLN D 116 29.52 -6.01 44.24
CA GLN D 116 28.20 -5.55 43.83
C GLN D 116 27.53 -6.54 42.88
N LEU D 117 28.31 -7.24 42.07
CA LEU D 117 27.75 -8.30 41.24
C LEU D 117 27.37 -9.51 42.08
N ALA D 118 28.25 -9.91 43.00
CA ALA D 118 27.96 -11.03 43.87
C ALA D 118 26.79 -10.76 44.79
N SER D 119 26.54 -9.51 45.12
CA SER D 119 25.38 -9.16 45.93
C SER D 119 24.10 -9.11 45.13
N GLU D 120 24.18 -9.07 43.80
CA GLU D 120 23.02 -9.13 42.94
C GLU D 120 22.64 -10.57 42.61
N VAL D 121 23.63 -11.45 42.51
CA VAL D 121 23.35 -12.87 42.36
C VAL D 121 22.56 -13.37 43.56
N THR D 122 22.92 -12.92 44.76
CA THR D 122 22.16 -13.30 45.95
C THR D 122 20.76 -12.71 45.94
N ARG D 123 20.60 -11.49 45.42
CA ARG D 123 19.28 -10.88 45.38
C ARG D 123 18.33 -11.68 44.52
N ILE D 124 18.79 -12.14 43.36
CA ILE D 124 17.92 -12.88 42.45
C ILE D 124 17.43 -14.16 43.12
N SER D 125 18.29 -14.80 43.91
CA SER D 125 17.88 -16.03 44.57
C SER D 125 16.81 -15.77 45.61
N THR D 126 17.00 -14.75 46.44
CA THR D 126 16.06 -14.48 47.53
C THR D 126 14.86 -13.67 47.09
N ASP D 127 14.89 -13.05 45.91
CA ASP D 127 13.78 -12.23 45.46
C ASP D 127 12.90 -12.91 44.43
N THR D 128 13.44 -13.82 43.64
CA THR D 128 12.64 -14.51 42.63
C THR D 128 11.53 -15.29 43.31
N GLU D 129 10.30 -14.92 43.02
CA GLU D 129 9.16 -15.46 43.75
C GLU D 129 7.98 -15.59 42.81
N PHE D 130 7.55 -16.83 42.58
CA PHE D 130 6.30 -17.11 41.90
C PHE D 130 5.23 -17.36 42.96
N ASN D 131 4.07 -16.75 42.77
CA ASN D 131 2.98 -16.82 43.74
C ASN D 131 3.59 -16.25 45.01
N THR D 132 3.66 -16.99 46.11
CA THR D 132 4.40 -16.59 47.28
C THR D 132 5.50 -17.58 47.65
N LYS D 133 6.10 -18.19 46.63
CA LYS D 133 7.10 -19.23 46.81
C LYS D 133 8.45 -18.70 46.32
N LYS D 134 9.46 -18.78 47.17
CA LYS D 134 10.82 -18.44 46.79
C LYS D 134 11.40 -19.64 46.06
N LEU D 135 11.70 -19.48 44.77
CA LEU D 135 12.08 -20.61 43.95
C LEU D 135 13.56 -20.95 44.09
N LEU D 136 14.42 -19.95 44.02
CA LEU D 136 15.86 -20.18 43.90
C LEU D 136 16.59 -20.11 45.22
N ASP D 137 15.89 -20.09 46.35
CA ASP D 137 16.55 -20.01 47.65
C ASP D 137 16.68 -21.37 48.32
N GLY D 138 16.45 -22.45 47.58
CA GLY D 138 16.62 -23.78 48.10
C GLY D 138 15.45 -24.32 48.89
N THR D 139 14.35 -23.58 48.98
CA THR D 139 13.16 -24.05 49.69
C THR D 139 12.13 -24.69 48.77
N ALA D 140 12.23 -24.45 47.46
CA ALA D 140 11.30 -25.04 46.50
C ALA D 140 11.81 -26.42 46.14
N GLN D 141 11.50 -27.38 46.99
CA GLN D 141 11.88 -28.77 46.79
C GLN D 141 10.64 -29.65 46.83
N ASN D 142 10.67 -30.73 46.04
CA ASN D 142 9.57 -31.69 46.01
C ASN D 142 8.29 -31.06 45.52
N LEU D 143 8.41 -30.06 44.64
CA LEU D 143 7.24 -29.44 44.05
C LEU D 143 6.49 -30.46 43.21
N THR D 144 5.28 -30.78 43.63
CA THR D 144 4.48 -31.82 43.01
C THR D 144 3.39 -31.18 42.16
N PHE D 145 3.46 -31.39 40.85
CA PHE D 145 2.42 -30.93 39.93
C PHE D 145 1.51 -32.10 39.63
N GLN D 146 0.21 -31.93 39.89
CA GLN D 146 -0.76 -32.97 39.59
C GLN D 146 -1.08 -32.87 38.10
N ILE D 147 -0.24 -33.50 37.29
CA ILE D 147 -0.49 -33.60 35.86
C ILE D 147 -1.24 -34.89 35.58
N GLY D 148 -2.53 -34.87 35.78
CA GLY D 148 -3.33 -36.07 35.67
C GLY D 148 -4.53 -35.97 36.59
N ALA D 149 -5.57 -36.73 36.25
CA ALA D 149 -6.84 -36.62 36.95
C ALA D 149 -6.96 -37.56 38.14
N ASN D 150 -5.93 -38.33 38.47
CA ASN D 150 -6.02 -39.36 39.49
C ASN D 150 -4.87 -39.21 40.48
N GLU D 151 -4.84 -40.13 41.44
CA GLU D 151 -3.71 -40.21 42.37
C GLU D 151 -2.42 -40.57 41.66
N GLY D 152 -1.31 -40.08 42.20
CA GLY D 152 -0.01 -40.49 41.75
C GLY D 152 0.34 -40.10 40.34
N GLN D 153 -0.51 -39.31 39.69
CA GLN D 153 -0.22 -38.81 38.35
C GLN D 153 0.45 -37.43 38.47
N THR D 154 1.57 -37.42 39.17
CA THR D 154 2.27 -36.21 39.53
C THR D 154 3.67 -36.22 38.94
N MET D 155 4.31 -35.06 39.03
CA MET D 155 5.71 -34.90 38.70
C MET D 155 6.38 -34.06 39.77
N SER D 156 7.52 -34.51 40.25
CA SER D 156 8.25 -33.76 41.26
C SER D 156 9.25 -32.83 40.60
N LEU D 157 9.80 -31.92 41.41
CA LEU D 157 10.79 -30.96 40.93
C LEU D 157 11.51 -30.38 42.14
N SER D 158 12.81 -30.15 41.99
CA SER D 158 13.58 -29.59 43.08
C SER D 158 14.61 -28.63 42.49
N ILE D 159 14.45 -27.36 42.76
CA ILE D 159 15.40 -26.34 42.32
C ILE D 159 16.37 -26.08 43.47
N ASN D 160 17.66 -26.18 43.18
CA ASN D 160 18.66 -26.00 44.21
C ASN D 160 18.86 -24.52 44.52
N LYS D 161 19.51 -24.27 45.66
CA LYS D 161 19.82 -22.90 46.03
C LYS D 161 20.88 -22.34 45.09
N MET D 162 20.58 -21.19 44.47
CA MET D 162 21.40 -20.64 43.41
C MET D 162 21.82 -19.22 43.73
N ASP D 163 22.30 -19.01 44.95
CA ASP D 163 22.83 -17.72 45.39
C ASP D 163 24.35 -17.77 45.36
N SER D 164 24.96 -16.62 45.63
CA SER D 164 26.41 -16.53 45.53
C SER D 164 27.11 -17.42 46.53
N GLU D 165 26.51 -17.59 47.71
CA GLU D 165 27.09 -18.49 48.70
C GLU D 165 27.13 -19.92 48.20
N SER D 166 26.07 -20.37 47.54
CA SER D 166 26.02 -21.75 47.06
C SER D 166 26.94 -21.95 45.87
N LEU D 167 26.97 -21.00 44.94
CA LEU D 167 27.89 -21.10 43.81
C LEU D 167 29.33 -20.81 44.19
N LYS D 168 29.57 -20.36 45.43
CA LYS D 168 30.90 -20.08 45.94
C LYS D 168 31.55 -18.88 45.25
N VAL D 169 30.75 -17.98 44.70
CA VAL D 169 31.26 -16.75 44.12
C VAL D 169 31.08 -15.57 45.07
N GLY D 170 30.80 -15.83 46.33
CA GLY D 170 30.58 -14.76 47.28
C GLY D 170 30.39 -15.34 48.66
N THR D 171 30.08 -14.44 49.60
CA THR D 171 29.80 -14.85 50.97
C THR D 171 28.94 -13.79 51.61
N THR D 172 27.97 -14.22 52.41
CA THR D 172 26.97 -13.33 52.97
C THR D 172 27.15 -13.26 54.48
N TYR D 173 27.55 -12.09 54.96
CA TYR D 173 27.61 -11.82 56.38
C TYR D 173 26.29 -11.23 56.84
N THR D 174 25.85 -11.63 58.02
CA THR D 174 24.66 -11.04 58.62
C THR D 174 25.06 -10.34 59.92
N ALA D 175 24.35 -9.27 60.23
CA ALA D 175 24.69 -8.45 61.37
C ALA D 175 24.09 -9.04 62.64
N ASN D 176 24.92 -9.15 63.68
CA ASN D 176 24.45 -9.66 64.95
C ASN D 176 23.46 -8.66 65.57
N ASP D 177 22.87 -9.06 66.70
CA ASP D 177 21.77 -8.28 67.27
C ASP D 177 22.20 -6.87 67.64
N ASP D 178 23.36 -6.72 68.26
CA ASP D 178 23.92 -5.42 68.60
C ASP D 178 24.50 -4.71 67.38
N GLY D 179 25.02 -5.46 66.42
CA GLY D 179 25.65 -4.87 65.24
C GLY D 179 27.14 -4.67 65.43
N SER D 180 27.70 -5.28 66.48
CA SER D 180 29.13 -5.16 66.72
C SER D 180 29.94 -5.95 65.71
N LYS D 181 29.49 -7.16 65.37
CA LYS D 181 30.24 -8.07 64.53
C LYS D 181 29.34 -8.66 63.47
N LEU D 182 29.72 -8.48 62.20
CA LEU D 182 29.03 -9.15 61.11
C LEU D 182 29.36 -10.63 61.14
N VAL D 183 28.31 -11.45 61.07
CA VAL D 183 28.44 -12.90 61.21
C VAL D 183 27.93 -13.55 59.94
N THR D 184 28.74 -14.42 59.35
CA THR D 184 28.29 -15.24 58.25
C THR D 184 27.89 -16.61 58.75
N ALA D 185 27.17 -17.35 57.91
CA ALA D 185 26.97 -18.76 58.18
C ALA D 185 28.32 -19.47 58.11
N ASP D 186 28.49 -20.48 58.98
CA ASP D 186 29.75 -21.12 59.36
C ASP D 186 30.48 -20.22 60.36
N GLY D 187 30.03 -18.98 60.56
CA GLY D 187 30.55 -18.17 61.64
C GLY D 187 31.93 -17.57 61.43
N LYS D 188 32.05 -16.66 60.46
CA LYS D 188 33.25 -15.86 60.30
C LYS D 188 32.96 -14.46 60.79
N GLU D 189 33.74 -14.00 61.76
CA GLU D 189 33.46 -12.76 62.47
C GLU D 189 33.99 -11.55 61.72
N ALA D 190 33.33 -10.43 61.92
CA ALA D 190 33.79 -9.16 61.35
C ALA D 190 33.40 -8.05 62.30
N THR D 191 34.32 -7.66 63.19
CA THR D 191 34.01 -6.71 64.25
C THR D 191 34.09 -5.27 63.74
N LEU D 192 33.32 -4.41 64.38
CA LEU D 192 33.24 -3.01 64.01
C LEU D 192 34.31 -2.13 64.64
N VAL D 193 34.68 -1.06 63.92
CA VAL D 193 35.72 -0.09 64.24
C VAL D 193 37.06 -0.66 64.69
N THR D 194 37.57 -1.63 63.95
CA THR D 194 38.78 -2.33 64.36
C THR D 194 39.95 -2.25 63.38
N LYS D 198 43.42 1.54 64.50
CA LYS D 198 42.11 2.00 64.07
C LYS D 198 42.00 1.90 62.55
N GLY D 199 42.75 2.73 61.84
CA GLY D 199 42.74 2.72 60.39
C GLY D 199 41.41 3.19 59.83
N PRO D 200 41.20 2.97 58.54
CA PRO D 200 39.89 3.29 57.95
C PRO D 200 38.78 2.52 58.65
N ASN D 201 37.63 3.17 58.76
CA ASN D 201 36.57 2.69 59.63
C ASN D 201 35.65 1.71 58.90
N GLY D 202 35.33 0.61 59.55
CA GLY D 202 34.46 -0.40 58.99
C GLY D 202 34.51 -1.67 59.81
N TYR D 203 33.85 -2.70 59.28
CA TYR D 203 33.77 -4.01 59.93
C TYR D 203 35.00 -4.82 59.53
N TYR D 204 36.01 -4.81 60.40
CA TYR D 204 37.23 -5.52 60.07
C TYR D 204 37.12 -6.99 60.42
N ASP D 205 38.01 -7.78 59.80
CA ASP D 205 38.05 -9.22 59.93
C ASP D 205 39.28 -9.58 60.77
N ASP D 206 39.49 -10.86 61.02
CA ASP D 206 40.59 -11.32 61.87
C ASP D 206 41.96 -11.16 61.23
N ALA D 207 42.01 -10.59 60.02
CA ALA D 207 43.28 -10.37 59.35
C ALA D 207 43.47 -8.93 58.90
N ASP D 208 42.68 -8.01 59.47
CA ASP D 208 42.78 -6.57 59.26
C ASP D 208 42.26 -6.24 57.87
N LYS D 209 41.88 -7.26 57.09
CA LYS D 209 41.22 -7.03 55.81
C LYS D 209 39.84 -6.45 56.08
N LEU D 210 39.61 -5.22 55.62
CA LEU D 210 38.29 -4.62 55.73
C LEU D 210 37.26 -5.47 54.99
N VAL D 211 36.14 -5.72 55.64
CA VAL D 211 35.04 -6.48 55.05
C VAL D 211 33.94 -5.56 54.57
N TYR D 212 33.45 -4.68 55.43
CA TYR D 212 32.44 -3.71 55.07
C TYR D 212 32.91 -2.31 55.44
N GLN D 213 32.54 -1.35 54.63
CA GLN D 213 32.90 0.05 54.84
C GLN D 213 31.70 0.76 55.45
N ALA D 214 31.71 0.90 56.78
CA ALA D 214 30.67 1.65 57.46
C ALA D 214 31.25 2.20 58.75
N ASP D 215 30.85 3.41 59.11
CA ASP D 215 31.29 4.04 60.33
C ASP D 215 30.30 3.90 61.47
N SER D 216 29.00 3.87 61.17
CA SER D 216 27.99 3.57 62.18
C SER D 216 27.89 2.07 62.36
N ALA D 217 26.86 1.61 63.07
CA ALA D 217 26.66 0.18 63.27
C ALA D 217 25.45 -0.24 62.43
N LEU D 218 25.61 -1.34 61.70
CA LEU D 218 24.52 -1.85 60.88
C LEU D 218 23.35 -2.27 61.75
N ALA D 219 22.15 -2.24 61.17
CA ALA D 219 20.95 -2.63 61.89
C ALA D 219 20.93 -4.13 62.14
N LYS D 220 19.85 -4.62 62.72
CA LYS D 220 19.75 -6.02 63.11
C LYS D 220 19.30 -6.85 61.91
N ASP D 221 19.99 -7.97 61.70
CA ASP D 221 19.71 -8.87 60.57
C ASP D 221 19.80 -8.16 59.23
N THR D 222 20.82 -7.32 59.07
CA THR D 222 21.12 -6.75 57.76
C THR D 222 22.23 -7.58 57.13
N LYS D 223 21.95 -8.15 55.96
CA LYS D 223 22.91 -8.99 55.28
C LYS D 223 23.76 -8.16 54.32
N VAL D 224 25.05 -8.46 54.29
CA VAL D 224 25.95 -7.89 53.29
C VAL D 224 26.59 -9.05 52.55
N THR D 225 26.76 -8.89 51.24
CA THR D 225 27.39 -9.90 50.41
C THR D 225 28.70 -9.37 49.89
N LYS D 226 29.74 -10.19 50.01
CA LYS D 226 31.10 -9.80 49.66
C LYS D 226 31.59 -10.78 48.59
N GLY D 227 32.05 -10.24 47.46
CA GLY D 227 32.44 -11.08 46.35
C GLY D 227 33.67 -11.91 46.66
N ILE D 228 33.95 -12.85 45.75
CA ILE D 228 35.13 -13.68 45.91
C ILE D 228 36.37 -12.82 45.76
N ASP D 229 37.44 -13.20 46.45
CA ASP D 229 38.64 -12.37 46.54
C ASP D 229 39.36 -12.35 45.21
N ILE D 230 39.44 -11.17 44.61
CA ILE D 230 40.27 -10.94 43.42
C ILE D 230 41.26 -9.81 43.62
N SER D 231 41.21 -9.12 44.75
CA SER D 231 42.00 -7.91 44.95
C SER D 231 43.24 -8.12 45.79
N SER D 232 43.39 -9.27 46.45
CA SER D 232 44.54 -9.48 47.31
C SER D 232 45.82 -9.69 46.52
N SER D 233 45.73 -10.26 45.32
CA SER D 233 46.92 -10.57 44.54
C SER D 233 46.48 -10.93 43.13
N ALA D 234 47.46 -11.10 42.24
CA ALA D 234 47.18 -11.63 40.92
C ALA D 234 46.93 -13.13 40.97
N LYS D 235 47.61 -13.84 41.88
CA LYS D 235 47.35 -15.27 42.04
C LYS D 235 45.92 -15.52 42.52
N ALA D 236 45.44 -14.70 43.45
CA ALA D 236 44.08 -14.86 43.94
C ALA D 236 43.06 -14.62 42.84
N ALA D 237 43.29 -13.60 42.00
CA ALA D 237 42.37 -13.33 40.91
C ALA D 237 42.33 -14.47 39.92
N SER D 238 43.48 -15.07 39.62
CA SER D 238 43.49 -16.26 38.77
C SER D 238 42.75 -17.41 39.42
N SER D 239 42.91 -17.59 40.74
CA SER D 239 42.20 -18.65 41.43
C SER D 239 40.70 -18.47 41.31
N ALA D 240 40.22 -17.24 41.44
CA ALA D 240 38.80 -16.97 41.29
C ALA D 240 38.29 -17.26 39.89
N LEU D 241 39.17 -17.38 38.90
CA LEU D 241 38.72 -17.64 37.54
C LEU D 241 38.08 -19.00 37.42
N THR D 242 38.70 -20.04 37.98
CA THR D 242 38.08 -21.36 37.95
C THR D 242 36.82 -21.42 38.80
N THR D 243 36.83 -20.74 39.94
CA THR D 243 35.63 -20.72 40.78
C THR D 243 34.46 -20.10 40.04
N ILE D 244 34.71 -19.01 39.30
CA ILE D 244 33.63 -18.38 38.57
C ILE D 244 33.20 -19.24 37.39
N LYS D 245 34.15 -19.79 36.65
CA LYS D 245 33.79 -20.58 35.47
C LYS D 245 33.12 -21.89 35.86
N THR D 246 33.36 -22.37 37.07
CA THR D 246 32.63 -23.53 37.57
C THR D 246 31.21 -23.14 37.95
N ALA D 247 31.03 -21.95 38.52
CA ALA D 247 29.70 -21.49 38.88
C ALA D 247 28.83 -21.36 37.63
N ILE D 248 29.41 -20.93 36.51
CA ILE D 248 28.67 -20.90 35.27
C ILE D 248 28.26 -22.31 34.86
N ASP D 249 29.05 -23.31 35.25
CA ASP D 249 28.71 -24.69 34.91
C ASP D 249 27.56 -25.21 35.75
N THR D 250 27.53 -24.89 37.04
CA THR D 250 26.45 -25.35 37.89
C THR D 250 25.21 -24.49 37.77
N VAL D 251 25.27 -23.39 37.03
CA VAL D 251 24.06 -22.67 36.67
C VAL D 251 23.47 -23.20 35.37
N SER D 252 24.33 -23.52 34.40
CA SER D 252 23.87 -24.16 33.18
C SER D 252 23.22 -25.50 33.48
N SER D 253 23.75 -26.23 34.47
CA SER D 253 23.12 -27.50 34.86
C SER D 253 21.73 -27.26 35.41
N GLU D 254 21.55 -26.22 36.23
CA GLU D 254 20.24 -25.96 36.80
C GLU D 254 19.27 -25.47 35.73
N ARG D 255 19.75 -24.65 34.79
CA ARG D 255 18.84 -24.11 33.78
C ARG D 255 18.26 -25.19 32.90
N ALA D 256 19.03 -26.19 32.51
CA ALA D 256 18.51 -27.25 31.68
C ALA D 256 17.91 -28.40 32.47
N LYS D 257 18.12 -28.45 33.78
CA LYS D 257 17.26 -29.28 34.62
C LYS D 257 15.86 -28.72 34.68
N LEU D 258 15.70 -27.41 34.45
CA LEU D 258 14.39 -26.78 34.39
C LEU D 258 13.89 -26.64 32.98
N GLY D 259 14.76 -26.67 31.98
CA GLY D 259 14.30 -26.65 30.60
C GLY D 259 13.87 -28.03 30.18
N ALA D 260 14.42 -29.05 30.83
CA ALA D 260 13.99 -30.41 30.54
C ALA D 260 12.59 -30.66 31.07
N VAL D 261 12.29 -30.15 32.26
CA VAL D 261 10.95 -30.31 32.82
C VAL D 261 9.94 -29.54 32.00
N GLN D 262 10.31 -28.35 31.53
CA GLN D 262 9.37 -27.55 30.75
C GLN D 262 9.08 -28.20 29.41
N ASN D 263 10.09 -28.81 28.79
CA ASN D 263 9.84 -29.54 27.55
C ASN D 263 8.90 -30.71 27.79
N ARG D 264 9.08 -31.43 28.90
CA ARG D 264 8.18 -32.52 29.22
C ARG D 264 6.77 -32.02 29.44
N LEU D 265 6.62 -30.92 30.18
CA LEU D 265 5.30 -30.38 30.46
C LEU D 265 4.60 -29.87 29.21
N GLU D 266 5.35 -29.52 28.17
CA GLU D 266 4.73 -29.15 26.91
C GLU D 266 4.17 -30.36 26.19
N HIS D 267 4.82 -31.52 26.33
CA HIS D 267 4.27 -32.76 25.78
C HIS D 267 3.10 -33.26 26.62
N THR D 268 3.18 -33.09 27.93
CA THR D 268 2.06 -33.48 28.80
C THR D 268 0.81 -32.69 28.51
N ILE D 269 0.93 -31.44 28.06
CA ILE D 269 -0.24 -30.63 27.79
C ILE D 269 -0.93 -31.07 26.51
N ASN D 270 -0.17 -31.36 25.45
CA ASN D 270 -0.78 -31.84 24.23
C ASN D 270 -1.46 -33.18 24.44
N ASN D 271 -0.87 -34.04 25.26
CA ASN D 271 -1.48 -35.34 25.51
C ASN D 271 -2.69 -35.23 26.41
N LEU D 272 -2.67 -34.32 27.37
CA LEU D 272 -3.86 -34.08 28.18
C LEU D 272 -4.97 -33.44 27.37
N GLY D 273 -4.61 -32.52 26.47
CA GLY D 273 -5.61 -31.93 25.60
C GLY D 273 -6.20 -32.91 24.61
N THR D 274 -5.39 -33.80 24.07
CA THR D 274 -5.89 -34.82 23.16
C THR D 274 -6.79 -35.82 23.87
N SER D 275 -6.46 -36.16 25.12
CA SER D 275 -7.26 -37.12 25.86
C SER D 275 -8.57 -36.53 26.35
N SER D 276 -8.72 -35.21 26.38
CA SER D 276 -10.01 -34.63 26.71
C SER D 276 -10.95 -34.67 25.51
N GLU D 277 -10.45 -34.36 24.31
CA GLU D 277 -11.27 -34.47 23.13
C GLU D 277 -11.73 -35.88 22.89
N ASN D 278 -10.83 -36.85 23.04
CA ASN D 278 -11.19 -38.24 22.80
C ASN D 278 -12.17 -38.74 23.83
N LEU D 279 -12.14 -38.18 25.04
CA LEU D 279 -13.10 -38.58 26.06
C LEU D 279 -14.36 -37.74 26.01
N THR D 280 -14.25 -36.46 25.63
CA THR D 280 -15.45 -35.66 25.44
C THR D 280 -16.31 -36.23 24.34
N SER D 281 -15.69 -36.61 23.21
CA SER D 281 -16.44 -37.25 22.14
C SER D 281 -16.99 -38.60 22.60
N ALA D 282 -16.21 -39.34 23.38
CA ALA D 282 -16.67 -40.62 23.88
C ALA D 282 -17.87 -40.47 24.79
N GLU D 283 -17.85 -39.45 25.65
CA GLU D 283 -18.97 -39.24 26.56
C GLU D 283 -20.19 -38.68 25.87
N SER D 284 -19.99 -37.88 24.82
CA SER D 284 -21.13 -37.33 24.10
C SER D 284 -21.93 -38.43 23.41
N ARG D 285 -21.25 -39.42 22.84
CA ARG D 285 -21.97 -40.53 22.21
C ARG D 285 -22.79 -41.30 23.21
N ILE D 286 -22.27 -41.48 24.43
CA ILE D 286 -22.99 -42.22 25.45
C ILE D 286 -24.15 -41.39 26.01
N ARG D 287 -23.94 -40.11 26.22
CA ARG D 287 -24.87 -39.28 26.99
C ARG D 287 -25.75 -38.40 26.12
N ASP D 288 -25.17 -37.67 25.17
CA ASP D 288 -25.96 -36.73 24.38
C ASP D 288 -26.91 -37.48 23.45
N VAL D 289 -28.01 -36.82 23.13
CA VAL D 289 -29.04 -37.40 22.28
C VAL D 289 -28.77 -36.99 20.84
N ASP D 290 -29.25 -37.82 19.92
CA ASP D 290 -29.20 -37.49 18.50
C ASP D 290 -30.45 -36.70 18.15
N MET D 291 -30.25 -35.42 17.79
CA MET D 291 -31.40 -34.55 17.57
C MET D 291 -32.27 -35.07 16.43
N ALA D 292 -31.66 -35.53 15.36
CA ALA D 292 -32.42 -36.01 14.21
C ALA D 292 -33.20 -37.26 14.55
N SER D 293 -32.53 -38.27 15.14
CA SER D 293 -33.19 -39.53 15.44
C SER D 293 -34.21 -39.41 16.55
N GLU D 294 -34.20 -38.32 17.31
CA GLU D 294 -35.13 -38.12 18.41
C GLU D 294 -36.31 -37.25 18.03
N MET D 295 -36.09 -36.21 17.24
CA MET D 295 -37.20 -35.40 16.73
C MET D 295 -38.11 -36.24 15.84
N MET D 296 -37.52 -37.10 15.02
CA MET D 296 -38.31 -37.99 14.18
C MET D 296 -39.10 -38.99 15.01
N GLU D 297 -38.56 -39.42 16.14
CA GLU D 297 -39.30 -40.34 17.00
C GLU D 297 -40.36 -39.61 17.81
N TYR D 298 -40.08 -38.36 18.21
CA TYR D 298 -41.07 -37.58 18.93
C TYR D 298 -42.30 -37.34 18.08
N THR D 299 -42.10 -37.01 16.81
CA THR D 299 -43.22 -36.78 15.91
C THR D 299 -44.08 -38.02 15.74
N LYS D 300 -43.46 -39.20 15.74
CA LYS D 300 -44.23 -40.42 15.58
C LYS D 300 -45.21 -40.62 16.74
N ASN D 301 -44.71 -40.58 17.97
CA ASN D 301 -45.61 -40.72 19.11
C ASN D 301 -46.56 -39.54 19.23
N ASN D 302 -46.17 -38.37 18.71
CA ASN D 302 -47.08 -37.25 18.70
C ASN D 302 -48.21 -37.43 17.70
N ILE D 303 -48.07 -38.36 16.76
CA ILE D 303 -49.16 -38.70 15.86
C ILE D 303 -49.97 -39.86 16.38
N LEU D 304 -49.30 -40.88 16.92
CA LEU D 304 -49.99 -42.03 17.47
C LEU D 304 -50.94 -41.65 18.59
N THR D 305 -50.67 -40.57 19.31
CA THR D 305 -51.60 -40.09 20.32
C THR D 305 -52.79 -39.36 19.71
N GLN D 306 -52.60 -38.69 18.57
CA GLN D 306 -53.72 -38.07 17.89
C GLN D 306 -54.59 -39.10 17.19
N ALA D 307 -53.98 -40.18 16.68
CA ALA D 307 -54.77 -41.27 16.13
C ALA D 307 -55.64 -41.91 17.19
N SER D 308 -55.09 -42.13 18.39
CA SER D 308 -55.88 -42.65 19.49
C SER D 308 -56.89 -41.63 19.96
N GLN D 309 -56.52 -40.34 19.93
CA GLN D 309 -57.47 -39.29 20.27
C GLN D 309 -58.65 -39.28 19.32
N ALA D 310 -58.38 -39.41 18.01
CA ALA D 310 -59.46 -39.38 17.02
C ALA D 310 -60.39 -40.58 17.18
N MET D 311 -59.84 -41.77 17.43
CA MET D 311 -60.68 -42.95 17.57
C MET D 311 -61.40 -43.02 18.90
N LEU D 312 -60.86 -42.37 19.94
CA LEU D 312 -61.55 -42.33 21.22
C LEU D 312 -62.87 -41.58 21.09
N ALA D 313 -62.89 -40.50 20.30
CA ALA D 313 -64.13 -39.75 20.09
C ALA D 313 -65.19 -40.63 19.45
N GLN D 314 -64.81 -41.42 18.45
CA GLN D 314 -65.77 -42.30 17.79
C GLN D 314 -66.16 -43.46 18.70
N ALA D 315 -65.24 -43.91 19.56
CA ALA D 315 -65.55 -45.01 20.46
C ALA D 315 -66.68 -44.65 21.41
N ASN D 316 -66.77 -43.38 21.79
CA ASN D 316 -67.86 -42.93 22.67
C ASN D 316 -69.18 -42.80 21.92
N GLN D 317 -69.13 -42.55 20.60
CA GLN D 317 -70.36 -42.37 19.84
C GLN D 317 -71.08 -43.70 19.61
N GLN D 318 -70.33 -44.80 19.56
CA GLN D 318 -70.93 -46.10 19.28
C GLN D 318 -72.01 -46.52 20.27
N PRO D 319 -71.81 -46.40 21.59
CA PRO D 319 -72.91 -46.76 22.51
C PRO D 319 -74.13 -45.87 22.39
N GLN D 320 -74.03 -44.70 21.76
CA GLN D 320 -75.15 -43.78 21.67
C GLN D 320 -76.24 -44.25 20.73
N GLN D 321 -76.00 -45.31 19.94
CA GLN D 321 -76.95 -45.74 18.94
C GLN D 321 -78.02 -46.67 19.47
N VAL D 322 -77.91 -47.14 20.72
CA VAL D 322 -78.94 -48.02 21.26
C VAL D 322 -80.18 -47.24 21.69
N LEU D 323 -80.08 -45.93 21.83
CA LEU D 323 -81.24 -45.13 22.24
C LEU D 323 -82.32 -45.14 21.17
N GLN D 324 -81.93 -45.07 19.90
CA GLN D 324 -82.90 -45.15 18.82
C GLN D 324 -83.58 -46.50 18.76
N LEU D 325 -82.93 -47.55 19.26
CA LEU D 325 -83.54 -48.86 19.33
C LEU D 325 -84.43 -49.01 20.56
N LEU D 326 -84.09 -48.34 21.67
CA LEU D 326 -84.83 -48.50 22.90
C LEU D 326 -86.19 -47.81 22.86
N LYS D 327 -86.39 -46.87 21.95
CA LYS D 327 -87.68 -46.19 21.82
C LYS D 327 -88.57 -46.92 20.83
N MET E 1 -85.73 -36.15 38.88
CA MET E 1 -85.34 -35.05 38.00
C MET E 1 -85.95 -33.74 38.44
N ARG E 2 -85.14 -32.90 39.06
CA ARG E 2 -85.59 -31.58 39.52
C ARG E 2 -85.24 -30.54 38.46
N ILE E 3 -86.24 -29.74 38.08
CA ILE E 3 -86.13 -28.86 36.94
C ILE E 3 -85.88 -27.41 37.36
N ASN E 4 -86.46 -26.98 38.48
CA ASN E 4 -86.36 -25.58 38.88
C ASN E 4 -84.94 -25.14 39.19
N HIS E 5 -84.01 -26.08 39.37
CA HIS E 5 -82.63 -25.72 39.65
C HIS E 5 -81.72 -26.73 38.97
N ASN E 6 -80.72 -26.25 38.25
CA ASN E 6 -79.75 -27.10 37.56
C ASN E 6 -78.43 -26.94 38.30
N ILE E 7 -78.24 -27.76 39.34
CA ILE E 7 -77.03 -27.65 40.15
C ILE E 7 -75.81 -28.05 39.33
N ALA E 8 -75.98 -28.96 38.37
CA ALA E 8 -74.86 -29.34 37.52
C ALA E 8 -74.37 -28.15 36.70
N ALA E 9 -75.29 -27.37 36.14
CA ALA E 9 -74.92 -26.18 35.38
C ALA E 9 -74.50 -25.05 36.29
N LEU E 10 -75.14 -24.91 37.45
CA LEU E 10 -74.76 -23.85 38.38
C LEU E 10 -73.36 -24.08 38.94
N ASN E 11 -72.99 -25.34 39.18
CA ASN E 11 -71.63 -25.62 39.62
C ASN E 11 -70.62 -25.36 38.50
N THR E 12 -70.97 -25.71 37.26
CA THR E 12 -70.06 -25.47 36.15
C THR E 12 -69.86 -23.99 35.89
N SER E 13 -70.87 -23.17 36.20
CA SER E 13 -70.73 -21.73 36.01
C SER E 13 -69.64 -21.17 36.90
N ARG E 14 -69.58 -21.62 38.16
CA ARG E 14 -68.56 -21.11 39.07
C ARG E 14 -67.15 -21.48 38.59
N GLN E 15 -66.97 -22.71 38.11
CA GLN E 15 -65.68 -23.08 37.54
C GLN E 15 -65.40 -22.31 36.26
N LEU E 16 -66.45 -21.91 35.55
CA LEU E 16 -66.26 -21.07 34.38
C LEU E 16 -65.77 -19.69 34.78
N ASN E 17 -66.40 -19.09 35.80
CA ASN E 17 -65.89 -17.84 36.34
C ASN E 17 -64.87 -18.08 37.44
N ALA E 18 -63.94 -19.00 37.21
CA ALA E 18 -62.75 -19.15 38.03
C ALA E 18 -61.50 -19.44 37.22
N GLY E 19 -61.63 -19.86 35.97
CA GLY E 19 -60.50 -20.02 35.08
C GLY E 19 -60.40 -18.82 34.18
N SER E 20 -61.54 -18.17 33.94
CA SER E 20 -61.51 -16.89 33.24
C SER E 20 -60.80 -15.84 34.06
N ASN E 21 -61.06 -15.79 35.37
CA ASN E 21 -60.36 -14.85 36.23
C ASN E 21 -58.87 -15.14 36.25
N ALA E 22 -58.49 -16.42 36.35
CA ALA E 22 -57.08 -16.77 36.35
C ALA E 22 -56.42 -16.43 35.03
N ALA E 23 -57.10 -16.66 33.91
CA ALA E 23 -56.55 -16.30 32.62
C ALA E 23 -56.40 -14.79 32.49
N SER E 24 -57.36 -14.03 33.00
CA SER E 24 -57.25 -12.57 32.97
C SER E 24 -56.06 -12.11 33.80
N LYS E 25 -55.87 -12.70 34.98
CA LYS E 25 -54.72 -12.35 35.79
C LYS E 25 -53.41 -12.73 35.11
N ASN E 26 -53.39 -13.86 34.41
CA ASN E 26 -52.18 -14.29 33.72
C ASN E 26 -51.88 -13.38 32.54
N MET E 27 -52.90 -12.87 31.87
CA MET E 27 -52.68 -11.99 30.72
C MET E 27 -52.26 -10.59 31.14
N GLU E 28 -52.62 -10.15 32.35
CA GLU E 28 -52.08 -8.91 32.86
C GLU E 28 -50.56 -8.98 32.99
N LYS E 29 -50.06 -10.08 33.54
CA LYS E 29 -48.62 -10.24 33.69
C LYS E 29 -47.95 -10.34 32.33
N LEU E 30 -48.56 -11.07 31.39
CA LEU E 30 -47.93 -11.26 30.10
C LEU E 30 -47.85 -9.96 29.31
N SER E 31 -48.90 -9.15 29.37
CA SER E 31 -48.90 -7.88 28.66
C SER E 31 -47.92 -6.90 29.28
N SER E 32 -47.97 -6.72 30.60
CA SER E 32 -47.12 -5.74 31.26
C SER E 32 -45.69 -6.24 31.42
N GLY E 33 -45.49 -7.54 31.51
CA GLY E 33 -44.18 -8.08 31.77
C GLY E 33 -43.76 -8.06 33.22
N LEU E 34 -44.68 -7.79 34.14
CA LEU E 34 -44.38 -7.67 35.56
C LEU E 34 -45.18 -8.69 36.36
N ARG E 35 -44.52 -9.37 37.29
CA ARG E 35 -45.22 -10.26 38.20
C ARG E 35 -46.18 -9.49 39.09
N ILE E 36 -45.73 -8.36 39.62
CA ILE E 36 -46.47 -7.61 40.62
C ILE E 36 -47.02 -6.37 39.93
N ASN E 37 -48.28 -6.45 39.51
CA ASN E 37 -48.99 -5.27 39.01
C ASN E 37 -49.73 -4.59 40.15
N ARG E 38 -50.63 -5.31 40.81
CA ARG E 38 -51.28 -4.85 42.02
C ARG E 38 -50.43 -5.20 43.22
N ALA E 39 -50.77 -4.61 44.36
CA ALA E 39 -50.06 -4.93 45.60
C ALA E 39 -50.50 -6.26 46.19
N GLY E 40 -51.59 -6.84 45.70
CA GLY E 40 -52.05 -8.13 46.19
C GLY E 40 -51.30 -9.31 45.64
N ASP E 41 -50.51 -9.13 44.58
CA ASP E 41 -49.71 -10.22 44.05
C ASP E 41 -48.50 -10.51 44.93
N ASP E 42 -47.88 -9.48 45.49
CA ASP E 42 -46.82 -9.66 46.48
C ASP E 42 -46.69 -8.38 47.27
N ALA E 43 -47.11 -8.41 48.54
CA ALA E 43 -46.97 -7.24 49.40
C ALA E 43 -45.50 -6.92 49.67
N ALA E 44 -44.75 -7.91 50.13
CA ALA E 44 -43.33 -7.72 50.34
C ALA E 44 -42.59 -7.54 49.03
N GLY E 45 -43.06 -8.18 47.96
CA GLY E 45 -42.47 -7.95 46.66
C GLY E 45 -42.66 -6.53 46.18
N LEU E 46 -43.85 -5.97 46.40
CA LEU E 46 -44.08 -4.57 46.07
C LEU E 46 -43.20 -3.66 46.91
N ALA E 47 -43.11 -3.94 48.22
CA ALA E 47 -42.32 -3.07 49.09
C ALA E 47 -40.84 -3.11 48.73
N ILE E 48 -40.30 -4.31 48.51
CA ILE E 48 -38.88 -4.44 48.19
C ILE E 48 -38.57 -3.80 46.85
N SER E 49 -39.47 -4.00 45.88
CA SER E 49 -39.25 -3.47 44.54
C SER E 49 -39.09 -1.96 44.55
N GLU E 50 -40.02 -1.26 45.21
CA GLU E 50 -39.98 0.19 45.22
C GLU E 50 -38.73 0.73 45.89
N LYS E 51 -38.30 0.12 46.99
CA LYS E 51 -37.02 0.46 47.58
C LYS E 51 -35.92 0.23 46.56
N MET E 52 -35.97 -0.90 45.87
CA MET E 52 -34.96 -1.22 44.87
C MET E 52 -34.94 -0.22 43.73
N ARG E 53 -36.11 0.08 43.15
CA ARG E 53 -36.17 1.03 42.05
C ARG E 53 -35.64 2.39 42.47
N SER E 54 -36.06 2.85 43.66
CA SER E 54 -35.59 4.11 44.20
C SER E 54 -34.08 4.13 44.29
N GLN E 55 -33.49 3.02 44.74
CA GLN E 55 -32.05 2.92 44.85
C GLN E 55 -31.38 2.84 43.49
N ILE E 56 -31.97 2.08 42.56
CA ILE E 56 -31.36 1.95 41.23
C ILE E 56 -31.38 3.27 40.49
N ARG E 57 -32.52 3.97 40.52
CA ARG E 57 -32.58 5.28 39.89
C ARG E 57 -31.77 6.32 40.65
N GLY E 58 -31.31 6.00 41.85
CA GLY E 58 -30.41 6.88 42.57
C GLY E 58 -28.97 6.64 42.22
N LEU E 59 -28.57 5.38 42.13
CA LEU E 59 -27.19 5.08 41.79
C LEU E 59 -26.87 5.43 40.33
N ASP E 60 -27.84 5.30 39.44
CA ASP E 60 -27.59 5.70 38.07
C ASP E 60 -27.58 7.21 37.91
N MET E 61 -28.27 7.91 38.79
CA MET E 61 -28.20 9.37 38.81
C MET E 61 -27.00 9.87 39.61
N ALA E 62 -26.69 9.21 40.73
CA ALA E 62 -25.46 9.52 41.45
C ALA E 62 -24.22 9.18 40.64
N SER E 63 -24.34 8.36 39.61
CA SER E 63 -23.25 8.15 38.68
C SER E 63 -23.11 9.30 37.71
N LYS E 64 -24.17 10.05 37.47
CA LYS E 64 -24.04 11.28 36.69
C LYS E 64 -23.39 12.37 37.52
N ASN E 65 -23.75 12.47 38.80
CA ASN E 65 -23.11 13.45 39.67
C ASN E 65 -21.62 13.18 39.80
N ALA E 66 -21.25 11.91 39.94
CA ALA E 66 -19.83 11.57 40.01
C ALA E 66 -19.11 11.95 38.74
N GLN E 67 -19.77 11.84 37.59
CA GLN E 67 -19.14 12.21 36.34
C GLN E 67 -19.23 13.70 36.05
N ASP E 68 -20.23 14.39 36.61
CA ASP E 68 -20.24 15.84 36.55
C ASP E 68 -19.26 16.47 37.52
N GLY E 69 -18.71 15.69 38.44
CA GLY E 69 -17.66 16.17 39.31
C GLY E 69 -16.31 15.86 38.70
N ILE E 70 -16.24 14.79 37.92
CA ILE E 70 -15.03 14.50 37.17
C ILE E 70 -14.76 15.58 36.15
N SER E 71 -15.82 16.11 35.53
CA SER E 71 -15.65 17.19 34.57
C SER E 71 -15.28 18.48 35.28
N LEU E 72 -15.89 18.77 36.43
CA LEU E 72 -15.55 19.97 37.17
C LEU E 72 -14.10 19.94 37.63
N ILE E 73 -13.56 18.76 37.88
CA ILE E 73 -12.20 18.64 38.38
C ILE E 73 -11.20 18.64 37.23
N GLN E 74 -11.55 18.04 36.10
CA GLN E 74 -10.69 18.08 34.93
C GLN E 74 -10.50 19.51 34.46
N THR E 75 -11.55 20.33 34.57
CA THR E 75 -11.44 21.73 34.17
C THR E 75 -10.43 22.47 35.03
N SER E 76 -10.45 22.24 36.35
CA SER E 76 -9.55 22.94 37.24
C SER E 76 -8.11 22.55 37.00
N GLU E 77 -7.82 21.25 36.98
CA GLU E 77 -6.44 20.83 36.75
C GLU E 77 -6.00 21.10 35.33
N GLY E 78 -6.94 21.09 34.38
CA GLY E 78 -6.60 21.54 33.04
C GLY E 78 -6.14 22.99 33.02
N ALA E 79 -6.76 23.82 33.85
CA ALA E 79 -6.34 25.22 33.95
C ALA E 79 -4.99 25.34 34.63
N LEU E 80 -4.78 24.62 35.78
CA LEU E 80 -3.48 24.66 36.43
C LEU E 80 -2.39 24.03 35.59
N ASN E 81 -2.75 23.28 34.57
CA ASN E 81 -1.73 22.79 33.65
C ASN E 81 -0.98 23.93 33.00
N GLU E 82 -1.62 25.08 32.84
CA GLU E 82 -0.98 26.22 32.22
C GLU E 82 -0.33 27.15 33.21
N THR E 83 -0.88 27.28 34.41
CA THR E 83 -0.16 27.97 35.46
C THR E 83 1.19 27.33 35.70
N HIS E 84 1.33 26.05 35.42
CA HIS E 84 2.66 25.45 35.50
C HIS E 84 3.58 25.96 34.42
N SER E 85 3.08 26.10 33.20
CA SER E 85 3.94 26.52 32.11
C SER E 85 4.31 27.98 32.22
N ILE E 86 3.38 28.77 32.72
CA ILE E 86 3.70 30.17 32.92
C ILE E 86 4.71 30.33 34.04
N LEU E 87 4.51 29.60 35.14
CA LEU E 87 5.49 29.62 36.21
C LEU E 87 6.82 29.07 35.78
N GLN E 88 6.82 28.13 34.82
CA GLN E 88 8.07 27.57 34.34
C GLN E 88 8.83 28.57 33.50
N ARG E 89 8.13 29.26 32.60
CA ARG E 89 8.74 30.34 31.84
C ARG E 89 9.12 31.49 32.75
N MET E 90 8.30 31.76 33.76
CA MET E 90 8.58 32.84 34.68
C MET E 90 9.83 32.60 35.49
N SER E 91 10.30 31.35 35.54
CA SER E 91 11.53 31.03 36.26
C SER E 91 12.77 31.18 35.39
N GLU E 92 12.64 31.08 34.07
CA GLU E 92 13.75 31.43 33.20
C GLU E 92 14.01 32.92 33.21
N LEU E 93 12.97 33.73 33.28
CA LEU E 93 13.19 35.16 33.44
C LEU E 93 13.44 35.52 34.89
N ALA E 94 14.23 34.73 35.58
CA ALA E 94 14.89 35.13 36.81
C ALA E 94 16.29 34.57 36.91
N THR E 95 16.62 33.54 36.14
CA THR E 95 18.00 33.10 35.99
C THR E 95 18.72 33.94 34.95
N GLN E 96 17.97 34.52 34.02
CA GLN E 96 18.56 35.44 33.07
C GLN E 96 18.70 36.83 33.68
N ALA E 97 17.74 37.24 34.49
CA ALA E 97 17.80 38.54 35.15
C ALA E 97 18.81 38.58 36.29
N ALA E 98 19.21 37.43 36.82
CA ALA E 98 20.20 37.39 37.89
C ALA E 98 21.62 37.56 37.40
N ASN E 99 21.89 37.26 36.13
CA ASN E 99 23.20 37.48 35.58
C ASN E 99 23.53 38.97 35.54
N ASP E 100 24.78 39.31 35.81
CA ASP E 100 25.17 40.71 35.92
C ASP E 100 25.76 41.26 34.64
N THR E 101 25.68 40.52 33.54
CA THR E 101 25.92 41.13 32.25
C THR E 101 24.72 41.93 31.76
N ASN E 102 23.55 41.67 32.34
CA ASN E 102 22.38 42.50 32.07
C ASN E 102 22.57 43.87 32.69
N THR E 103 21.97 44.88 32.07
CA THR E 103 21.87 46.20 32.66
C THR E 103 20.43 46.42 33.13
N ASP E 104 20.24 47.50 33.90
CA ASP E 104 18.89 47.81 34.36
C ASP E 104 17.96 48.11 33.20
N SER E 105 18.50 48.61 32.09
CA SER E 105 17.69 48.77 30.90
C SER E 105 17.19 47.44 30.36
N ASP E 106 17.87 46.35 30.68
CA ASP E 106 17.48 45.02 30.22
C ASP E 106 16.82 44.18 31.29
N ARG E 107 17.13 44.40 32.56
CA ARG E 107 16.34 43.78 33.62
C ARG E 107 14.93 44.31 33.60
N SER E 108 14.77 45.63 33.51
CA SER E 108 13.45 46.21 33.35
C SER E 108 12.84 45.80 32.02
N GLU E 109 13.67 45.37 31.08
CA GLU E 109 13.15 44.87 29.81
C GLU E 109 12.53 43.49 30.02
N LEU E 110 13.16 42.67 30.83
CA LEU E 110 12.60 41.37 31.22
C LEU E 110 11.38 41.55 32.09
N GLN E 111 11.34 42.60 32.91
CA GLN E 111 10.21 42.82 33.79
C GLN E 111 8.92 43.02 33.00
N LYS E 112 9.02 43.44 31.75
CA LYS E 112 7.83 43.59 30.93
C LYS E 112 7.11 42.26 30.75
N GLU E 113 7.85 41.19 30.50
CA GLU E 113 7.25 39.88 30.40
C GLU E 113 6.93 39.30 31.78
N MET E 114 7.72 39.69 32.79
CA MET E 114 7.40 39.32 34.17
C MET E 114 5.99 39.76 34.54
N ASP E 115 5.67 41.02 34.29
CA ASP E 115 4.36 41.54 34.62
C ASP E 115 3.28 41.00 33.71
N GLN E 116 3.63 40.57 32.51
CA GLN E 116 2.64 40.02 31.60
C GLN E 116 2.36 38.55 31.86
N LEU E 117 3.35 37.81 32.33
CA LEU E 117 3.11 36.43 32.74
C LEU E 117 2.35 36.40 34.06
N ALA E 118 2.74 37.22 35.02
CA ALA E 118 2.05 37.27 36.30
C ALA E 118 0.62 37.75 36.16
N SER E 119 0.33 38.55 35.14
CA SER E 119 -1.03 38.99 34.89
C SER E 119 -1.87 37.94 34.18
N GLU E 120 -1.23 36.93 33.59
CA GLU E 120 -1.94 35.82 32.98
C GLU E 120 -2.23 34.72 33.98
N VAL E 121 -1.34 34.52 34.96
CA VAL E 121 -1.64 33.61 36.06
C VAL E 121 -2.89 34.05 36.79
N THR E 122 -3.03 35.36 37.01
CA THR E 122 -4.23 35.88 37.65
C THR E 122 -5.45 35.70 36.78
N ARG E 123 -5.30 35.83 35.45
CA ARG E 123 -6.45 35.67 34.57
C ARG E 123 -7.01 34.26 34.65
N ILE E 124 -6.14 33.26 34.66
CA ILE E 124 -6.60 31.88 34.70
C ILE E 124 -7.40 31.61 35.96
N SER E 125 -6.99 32.21 37.08
CA SER E 125 -7.72 32.00 38.33
C SER E 125 -9.11 32.61 38.27
N THR E 126 -9.21 33.85 37.79
CA THR E 126 -10.49 34.53 37.78
C THR E 126 -11.35 34.19 36.57
N ASP E 127 -10.79 33.56 35.54
CA ASP E 127 -11.56 33.23 34.35
C ASP E 127 -11.99 31.78 34.27
N THR E 128 -11.21 30.87 34.86
CA THR E 128 -11.57 29.46 34.82
C THR E 128 -12.91 29.25 35.50
N GLU E 129 -13.89 28.79 34.73
CA GLU E 129 -15.25 28.74 35.22
C GLU E 129 -15.95 27.52 34.63
N PHE E 130 -16.32 26.58 35.49
CA PHE E 130 -17.18 25.49 35.12
C PHE E 130 -18.61 25.85 35.52
N ASN E 131 -19.54 25.61 34.60
CA ASN E 131 -20.95 25.99 34.81
C ASN E 131 -20.89 27.50 35.01
N THR E 132 -21.32 28.03 36.14
CA THR E 132 -21.11 29.43 36.49
C THR E 132 -20.32 29.59 37.78
N LYS E 133 -19.41 28.66 38.03
CA LYS E 133 -18.63 28.63 39.26
C LYS E 133 -17.18 28.94 38.95
N LYS E 134 -16.63 29.93 39.65
CA LYS E 134 -15.21 30.23 39.53
C LYS E 134 -14.45 29.26 40.41
N LEU E 135 -13.64 28.40 39.80
CA LEU E 135 -13.03 27.30 40.52
C LEU E 135 -11.76 27.74 41.26
N LEU E 136 -10.89 28.47 40.59
CA LEU E 136 -9.56 28.73 41.10
C LEU E 136 -9.42 30.07 41.80
N ASP E 137 -10.52 30.76 42.08
CA ASP E 137 -10.46 32.05 42.75
C ASP E 137 -10.71 31.94 44.24
N GLY E 138 -10.69 30.75 44.80
CA GLY E 138 -10.85 30.57 46.22
C GLY E 138 -12.27 30.54 46.72
N THR E 139 -13.25 30.62 45.83
CA THR E 139 -14.64 30.56 46.24
C THR E 139 -15.24 29.16 46.13
N ALA E 140 -14.60 28.26 45.39
CA ALA E 140 -15.08 26.89 45.24
C ALA E 140 -14.55 26.08 46.42
N GLN E 141 -15.25 26.19 47.54
CA GLN E 141 -14.91 25.47 48.75
C GLN E 141 -16.11 24.65 49.21
N ASN E 142 -15.83 23.49 49.81
CA ASN E 142 -16.88 22.63 50.35
C ASN E 142 -17.79 22.12 49.26
N LEU E 143 -17.25 21.94 48.05
CA LEU E 143 -18.04 21.40 46.96
C LEU E 143 -18.43 19.96 47.28
N THR E 144 -19.72 19.75 47.43
CA THR E 144 -20.26 18.46 47.86
C THR E 144 -20.85 17.74 46.65
N PHE E 145 -20.25 16.62 46.29
CA PHE E 145 -20.78 15.76 45.24
C PHE E 145 -21.58 14.63 45.89
N GLN E 146 -22.84 14.50 45.51
CA GLN E 146 -23.66 13.41 46.03
C GLN E 146 -23.34 12.16 45.23
N ILE E 147 -22.27 11.47 45.64
CA ILE E 147 -21.90 10.19 45.04
C ILE E 147 -22.56 9.08 45.86
N GLY E 148 -23.81 8.82 45.59
CA GLY E 148 -24.58 7.87 46.37
C GLY E 148 -26.04 8.26 46.37
N ALA E 149 -26.89 7.28 46.62
CA ALA E 149 -28.32 7.46 46.49
C ALA E 149 -28.99 7.92 47.78
N ASN E 150 -28.24 8.13 48.85
CA ASN E 150 -28.82 8.41 50.16
C ASN E 150 -28.18 9.66 50.76
N GLU E 151 -28.60 10.00 51.97
CA GLU E 151 -27.97 11.06 52.74
C GLU E 151 -26.53 10.75 53.08
N GLY E 152 -25.71 11.79 53.17
CA GLY E 152 -24.37 11.66 53.67
C GLY E 152 -23.45 10.83 52.81
N GLN E 153 -23.89 10.43 51.63
CA GLN E 153 -23.04 9.71 50.69
C GLN E 153 -22.41 10.70 49.72
N THR E 154 -21.66 11.63 50.31
CA THR E 154 -21.10 12.76 49.61
C THR E 154 -19.59 12.75 49.71
N MET E 155 -18.97 13.60 48.91
CA MET E 155 -17.54 13.89 48.99
C MET E 155 -17.34 15.39 48.89
N SER E 156 -16.53 15.92 49.79
CA SER E 156 -16.24 17.35 49.76
C SER E 156 -14.99 17.62 48.93
N LEU E 157 -14.77 18.90 48.63
CA LEU E 157 -13.61 19.31 47.85
C LEU E 157 -13.43 20.80 48.06
N SER E 158 -12.18 21.23 48.13
CA SER E 158 -11.88 22.65 48.32
C SER E 158 -10.64 22.99 47.50
N ILE E 159 -10.81 23.79 46.46
CA ILE E 159 -9.72 24.26 45.65
C ILE E 159 -9.29 25.62 46.16
N ASN E 160 -8.01 25.78 46.45
CA ASN E 160 -7.51 27.02 47.00
C ASN E 160 -7.37 28.07 45.91
N LYS E 161 -7.23 29.32 46.34
CA LYS E 161 -7.01 30.41 45.39
C LYS E 161 -5.62 30.27 44.78
N MET E 162 -5.57 30.25 43.45
CA MET E 162 -4.34 29.95 42.72
C MET E 162 -4.00 31.05 41.74
N ASP E 163 -4.06 32.29 42.21
CA ASP E 163 -3.68 33.45 41.41
C ASP E 163 -2.30 33.91 41.84
N SER E 164 -1.77 34.90 41.12
CA SER E 164 -0.41 35.35 41.36
C SER E 164 -0.25 35.94 42.76
N GLU E 165 -1.29 36.60 43.25
CA GLU E 165 -1.23 37.15 44.60
C GLU E 165 -1.08 36.05 45.64
N SER E 166 -1.81 34.94 45.47
CA SER E 166 -1.75 33.85 46.44
C SER E 166 -0.43 33.10 46.35
N LEU E 167 0.05 32.85 45.13
CA LEU E 167 1.34 32.19 44.96
C LEU E 167 2.51 33.12 45.25
N LYS E 168 2.25 34.42 45.46
CA LYS E 168 3.26 35.41 45.78
C LYS E 168 4.22 35.67 44.61
N VAL E 169 3.78 35.40 43.39
CA VAL E 169 4.56 35.71 42.21
C VAL E 169 4.08 37.00 41.55
N GLY E 170 3.29 37.79 42.24
CA GLY E 170 2.77 39.01 41.66
C GLY E 170 1.98 39.78 42.70
N THR E 171 1.36 40.86 42.26
CA THR E 171 0.52 41.67 43.13
C THR E 171 -0.47 42.42 42.25
N THR E 172 -1.70 42.53 42.73
CA THR E 172 -2.79 43.09 41.93
C THR E 172 -3.25 44.40 42.56
N TYR E 173 -3.01 45.49 41.86
CA TYR E 173 -3.52 46.80 42.26
C TYR E 173 -4.88 47.01 41.60
N THR E 174 -5.80 47.61 42.34
CA THR E 174 -7.08 48.00 41.78
C THR E 174 -7.21 49.52 41.83
N ALA E 175 -7.91 50.07 40.85
CA ALA E 175 -8.03 51.50 40.72
C ALA E 175 -9.14 52.03 41.63
N ASN E 176 -8.83 53.07 42.38
CA ASN E 176 -9.81 53.69 43.24
C ASN E 176 -10.90 54.35 42.38
N ASP E 177 -11.93 54.87 43.06
CA ASP E 177 -13.11 55.34 42.35
C ASP E 177 -12.78 56.49 41.39
N ASP E 178 -11.98 57.44 41.83
CA ASP E 178 -11.53 58.55 41.00
C ASP E 178 -10.46 58.12 40.01
N GLY E 179 -9.62 57.14 40.38
CA GLY E 179 -8.53 56.70 39.53
C GLY E 179 -7.24 57.45 39.82
N SER E 180 -7.21 58.17 40.94
CA SER E 180 -6.01 58.90 41.31
C SER E 180 -4.90 57.96 41.78
N LYS E 181 -5.25 56.95 42.55
CA LYS E 181 -4.27 56.07 43.18
C LYS E 181 -4.69 54.62 43.00
N LEU E 182 -3.81 53.83 42.40
CA LEU E 182 -4.02 52.38 42.34
C LEU E 182 -3.85 51.77 43.72
N VAL E 183 -4.81 50.96 44.13
CA VAL E 183 -4.85 50.41 45.48
C VAL E 183 -4.83 48.89 45.36
N THR E 184 -3.89 48.26 46.07
CA THR E 184 -3.91 46.82 46.19
C THR E 184 -4.57 46.41 47.49
N ALA E 185 -4.92 45.13 47.59
CA ALA E 185 -5.30 44.58 48.87
C ALA E 185 -4.10 44.62 49.80
N ASP E 186 -4.36 44.87 51.09
CA ASP E 186 -3.42 45.27 52.13
C ASP E 186 -3.11 46.77 51.96
N GLY E 187 -3.53 47.40 50.87
CA GLY E 187 -3.45 48.84 50.76
C GLY E 187 -2.08 49.42 50.51
N LYS E 188 -1.50 49.14 49.34
CA LYS E 188 -0.29 49.80 48.89
C LYS E 188 -0.68 50.80 47.81
N GLU E 189 -0.33 52.06 48.03
CA GLU E 189 -0.82 53.15 47.19
C GLU E 189 0.07 53.32 45.96
N ALA E 190 -0.54 53.82 44.90
CA ALA E 190 0.19 54.14 43.67
C ALA E 190 -0.49 55.34 43.02
N THR E 191 0.01 56.54 43.31
CA THR E 191 -0.64 57.76 42.86
C THR E 191 -0.28 58.08 41.41
N LEU E 192 -1.19 58.78 40.74
CA LEU E 192 -1.01 59.15 39.35
C LEU E 192 -0.25 60.45 39.13
N VAL E 193 0.46 60.52 38.00
CA VAL E 193 1.34 61.60 37.55
C VAL E 193 2.32 62.14 38.59
N THR E 194 3.04 61.23 39.25
CA THR E 194 3.92 61.60 40.35
C THR E 194 5.38 61.25 40.15
N LYS E 198 8.32 65.18 38.25
CA LYS E 198 7.34 64.63 37.33
C LYS E 198 7.85 63.32 36.74
N GLY E 199 8.89 63.42 35.91
CA GLY E 199 9.48 62.25 35.30
C GLY E 199 8.54 61.60 34.30
N PRO E 200 8.87 60.37 33.89
CA PRO E 200 7.95 59.62 33.02
C PRO E 200 6.60 59.43 33.70
N ASN E 201 5.54 59.46 32.88
CA ASN E 201 4.20 59.57 33.40
C ASN E 201 3.60 58.19 33.70
N GLY E 202 2.98 58.06 34.85
CA GLY E 202 2.35 56.83 35.26
C GLY E 202 1.96 56.87 36.72
N TYR E 203 1.51 55.71 37.22
CA TYR E 203 1.10 55.57 38.62
C TYR E 203 2.33 55.25 39.45
N TYR E 204 2.88 56.28 40.08
CA TYR E 204 4.08 56.07 40.86
C TYR E 204 3.74 55.59 42.26
N ASP E 205 4.74 54.99 42.91
CA ASP E 205 4.65 54.39 44.21
C ASP E 205 5.39 55.30 45.21
N ASP E 206 5.39 54.92 46.49
CA ASP E 206 6.00 55.75 47.53
C ASP E 206 7.52 55.76 47.46
N ALA E 207 8.11 55.09 46.48
CA ALA E 207 9.56 55.09 46.32
C ALA E 207 10.00 55.51 44.93
N ASP E 208 9.11 56.15 44.17
CA ASP E 208 9.39 56.74 42.86
C ASP E 208 9.50 55.61 41.84
N LYS E 209 9.43 54.36 42.30
CA LYS E 209 9.38 53.23 41.38
C LYS E 209 8.04 53.27 40.64
N LEU E 210 8.11 53.44 39.32
CA LEU E 210 6.90 53.38 38.50
C LEU E 210 6.23 52.03 38.66
N VAL E 211 4.92 52.06 38.86
CA VAL E 211 4.12 50.84 38.98
C VAL E 211 3.37 50.54 37.69
N TYR E 212 2.63 51.50 37.18
CA TYR E 212 1.92 51.37 35.92
C TYR E 212 2.29 52.51 35.00
N GLN E 213 2.37 52.21 33.70
CA GLN E 213 2.69 53.20 32.68
C GLN E 213 1.40 53.65 32.02
N ALA E 214 0.86 54.78 32.46
CA ALA E 214 -0.32 55.36 31.85
C ALA E 214 -0.29 56.86 32.08
N ASP E 215 -0.73 57.61 31.07
CA ASP E 215 -0.80 59.06 31.17
C ASP E 215 -2.19 59.57 31.53
N SER E 216 -3.24 58.89 31.08
CA SER E 216 -4.59 59.21 31.52
C SER E 216 -4.85 58.58 32.87
N ALA E 217 -6.11 58.57 33.30
CA ALA E 217 -6.47 57.95 34.57
C ALA E 217 -7.24 56.67 34.27
N LEU E 218 -6.87 55.58 34.94
CA LEU E 218 -7.54 54.33 34.74
C LEU E 218 -9.00 54.43 35.18
N ALA E 219 -9.84 53.58 34.61
CA ALA E 219 -11.25 53.56 34.93
C ALA E 219 -11.47 53.02 36.33
N LYS E 220 -12.72 52.87 36.74
CA LYS E 220 -13.07 52.46 38.09
C LYS E 220 -13.04 50.94 38.18
N ASP E 221 -12.41 50.44 39.24
CA ASP E 221 -12.25 49.00 39.47
C ASP E 221 -11.56 48.30 38.28
N THR E 222 -10.51 48.91 37.76
CA THR E 222 -9.66 48.27 36.78
C THR E 222 -8.44 47.72 37.51
N LYS E 223 -8.25 46.41 37.43
CA LYS E 223 -7.14 45.75 38.12
C LYS E 223 -5.93 45.67 37.21
N VAL E 224 -4.76 45.93 37.79
CA VAL E 224 -3.49 45.71 37.09
C VAL E 224 -2.67 44.75 37.95
N THR E 225 -1.97 43.84 37.29
CA THR E 225 -1.13 42.87 37.97
C THR E 225 0.33 43.15 37.64
N LYS E 226 1.16 43.20 38.66
CA LYS E 226 2.57 43.55 38.53
C LYS E 226 3.40 42.38 39.04
N GLY E 227 4.31 41.89 38.21
CA GLY E 227 5.07 40.71 38.57
C GLY E 227 6.00 40.95 39.73
N ILE E 228 6.58 39.86 40.23
CA ILE E 228 7.53 39.96 41.32
C ILE E 228 8.77 40.68 40.83
N ASP E 229 9.42 41.39 41.72
CA ASP E 229 10.52 42.28 41.35
C ASP E 229 11.75 41.47 40.95
N ILE E 230 12.15 41.59 39.69
CA ILE E 230 13.40 41.03 39.21
C ILE E 230 14.29 42.08 38.57
N SER E 231 13.83 43.31 38.43
CA SER E 231 14.54 44.33 37.68
C SER E 231 15.30 45.32 38.55
N SER E 232 15.08 45.32 39.86
CA SER E 232 15.76 46.28 40.71
C SER E 232 17.23 45.97 40.89
N SER E 233 17.62 44.71 40.84
CA SER E 233 18.99 44.31 41.09
C SER E 233 19.15 42.86 40.67
N ALA E 234 20.41 42.39 40.70
CA ALA E 234 20.66 40.96 40.51
C ALA E 234 20.32 40.18 41.78
N LYS E 235 20.51 40.78 42.95
CA LYS E 235 20.12 40.13 44.19
C LYS E 235 18.62 39.90 44.24
N ALA E 236 17.84 40.89 43.80
CA ALA E 236 16.39 40.76 43.81
C ALA E 236 15.93 39.66 42.86
N ALA E 237 16.57 39.57 41.68
CA ALA E 237 16.19 38.53 40.74
C ALA E 237 16.50 37.15 41.29
N SER E 238 17.62 36.99 41.99
CA SER E 238 17.91 35.72 42.65
C SER E 238 16.89 35.43 43.73
N SER E 239 16.49 36.45 44.48
CA SER E 239 15.48 36.24 45.53
C SER E 239 14.17 35.74 44.93
N ALA E 240 13.77 36.30 43.80
CA ALA E 240 12.57 35.84 43.13
C ALA E 240 12.66 34.40 42.65
N LEU E 241 13.87 33.85 42.56
CA LEU E 241 14.01 32.47 42.08
C LEU E 241 13.38 31.48 43.04
N THR E 242 13.64 31.62 44.34
CA THR E 242 13.02 30.74 45.31
C THR E 242 11.52 30.97 45.40
N THR E 243 11.09 32.24 45.30
CA THR E 243 9.66 32.51 45.34
C THR E 243 8.94 31.84 44.18
N ILE E 244 9.54 31.87 43.00
CA ILE E 244 8.91 31.24 41.85
C ILE E 244 8.95 29.73 41.98
N LYS E 245 10.09 29.17 42.38
CA LYS E 245 10.20 27.72 42.46
C LYS E 245 9.34 27.16 43.59
N THR E 246 9.02 27.97 44.59
CA THR E 246 8.08 27.55 45.62
C THR E 246 6.66 27.58 45.09
N ALA E 247 6.34 28.58 44.25
CA ALA E 247 5.01 28.64 43.65
C ALA E 247 4.75 27.43 42.79
N ILE E 248 5.76 26.93 42.09
CA ILE E 248 5.61 25.69 41.34
C ILE E 248 5.32 24.54 42.28
N ASP E 249 5.80 24.61 43.51
CA ASP E 249 5.56 23.54 44.47
C ASP E 249 4.13 23.57 44.99
N THR E 250 3.59 24.75 45.25
CA THR E 250 2.22 24.85 45.73
C THR E 250 1.20 24.77 44.62
N VAL E 251 1.64 24.75 43.37
CA VAL E 251 0.74 24.41 42.27
C VAL E 251 0.71 22.92 42.03
N SER E 252 1.87 22.26 42.11
CA SER E 252 1.91 20.82 42.02
C SER E 252 1.12 20.17 43.15
N SER E 253 1.13 20.77 44.34
CA SER E 253 0.33 20.26 45.43
C SER E 253 -1.16 20.35 45.11
N GLU E 254 -1.58 21.46 44.52
CA GLU E 254 -3.00 21.61 44.18
C GLU E 254 -3.40 20.69 43.05
N ARG E 255 -2.53 20.49 42.07
CA ARG E 255 -2.89 19.66 40.94
C ARG E 255 -3.13 18.21 41.34
N ALA E 256 -2.32 17.67 42.24
CA ALA E 256 -2.53 16.29 42.66
C ALA E 256 -3.47 16.16 43.85
N LYS E 257 -3.82 17.26 44.51
CA LYS E 257 -5.01 17.23 45.36
C LYS E 257 -6.27 17.10 44.54
N LEU E 258 -6.24 17.50 43.27
CA LEU E 258 -7.35 17.34 42.36
C LEU E 258 -7.23 16.10 41.50
N GLY E 259 -6.02 15.58 41.32
CA GLY E 259 -5.85 14.34 40.60
C GLY E 259 -6.16 13.16 41.49
N ALA E 260 -6.00 13.35 42.81
CA ALA E 260 -6.36 12.32 43.75
C ALA E 260 -7.87 12.15 43.83
N VAL E 261 -8.61 13.26 43.82
CA VAL E 261 -10.05 13.18 43.86
C VAL E 261 -10.59 12.57 42.57
N GLN E 262 -9.97 12.92 41.43
CA GLN E 262 -10.45 12.38 40.17
C GLN E 262 -10.21 10.87 40.08
N ASN E 263 -9.07 10.40 40.59
CA ASN E 263 -8.83 8.97 40.64
C ASN E 263 -9.85 8.27 41.51
N ARG E 264 -10.19 8.86 42.65
CA ARG E 264 -11.22 8.29 43.50
C ARG E 264 -12.57 8.24 42.80
N LEU E 265 -12.93 9.33 42.12
CA LEU E 265 -14.22 9.38 41.44
C LEU E 265 -14.29 8.40 40.28
N GLU E 266 -13.15 7.99 39.73
CA GLU E 266 -13.17 6.96 38.71
C GLU E 266 -13.46 5.59 39.31
N HIS E 267 -13.00 5.35 40.53
CA HIS E 267 -13.35 4.11 41.23
C HIS E 267 -14.79 4.14 41.71
N THR E 268 -15.26 5.31 42.15
CA THR E 268 -16.65 5.44 42.58
C THR E 268 -17.62 5.18 41.44
N ILE E 269 -17.24 5.48 40.21
CA ILE E 269 -18.14 5.28 39.08
C ILE E 269 -18.26 3.81 38.73
N ASN E 270 -17.15 3.07 38.73
CA ASN E 270 -17.22 1.64 38.47
C ASN E 270 -18.01 0.92 39.54
N ASN E 271 -17.88 1.34 40.79
CA ASN E 271 -18.62 0.69 41.86
C ASN E 271 -20.10 1.07 41.83
N LEU E 272 -20.41 2.31 41.46
CA LEU E 272 -21.81 2.68 41.31
C LEU E 272 -22.44 1.98 40.11
N GLY E 273 -21.69 1.82 39.03
CA GLY E 273 -22.20 1.10 37.88
C GLY E 273 -22.38 -0.38 38.15
N THR E 274 -21.47 -0.99 38.90
CA THR E 274 -21.63 -2.39 39.26
C THR E 274 -22.80 -2.61 40.21
N SER E 275 -23.04 -1.67 41.12
CA SER E 275 -24.14 -1.81 42.06
C SER E 275 -25.49 -1.57 41.42
N SER E 276 -25.55 -0.94 40.25
CA SER E 276 -26.82 -0.82 39.56
C SER E 276 -27.18 -2.10 38.84
N GLU E 277 -26.20 -2.74 38.20
CA GLU E 277 -26.46 -4.03 37.55
C GLU E 277 -26.88 -5.07 38.56
N ASN E 278 -26.18 -5.13 39.69
CA ASN E 278 -26.49 -6.13 40.70
C ASN E 278 -27.85 -5.87 41.32
N LEU E 279 -28.29 -4.63 41.38
CA LEU E 279 -29.61 -4.32 41.89
C LEU E 279 -30.68 -4.36 40.83
N THR E 280 -30.33 -4.00 39.58
CA THR E 280 -31.29 -4.14 38.49
C THR E 280 -31.66 -5.61 38.29
N SER E 281 -30.66 -6.48 38.31
CA SER E 281 -30.93 -7.91 38.21
C SER E 281 -31.70 -8.40 39.42
N ALA E 282 -31.37 -7.87 40.60
CA ALA E 282 -32.07 -8.27 41.81
C ALA E 282 -33.53 -7.86 41.75
N GLU E 283 -33.82 -6.66 41.25
CA GLU E 283 -35.18 -6.19 41.18
C GLU E 283 -35.97 -6.88 40.06
N SER E 284 -35.30 -7.25 38.97
CA SER E 284 -35.99 -7.93 37.90
C SER E 284 -36.51 -9.29 38.35
N ARG E 285 -35.73 -10.02 39.14
CA ARG E 285 -36.18 -11.32 39.64
C ARG E 285 -37.40 -11.16 40.54
N ILE E 286 -37.43 -10.11 41.34
CA ILE E 286 -38.57 -9.89 42.23
C ILE E 286 -39.79 -9.43 41.46
N ARG E 287 -39.61 -8.54 40.49
CA ARG E 287 -40.72 -7.83 39.87
C ARG E 287 -41.10 -8.37 38.51
N ASP E 288 -40.14 -8.58 37.61
CA ASP E 288 -40.45 -9.01 36.26
C ASP E 288 -40.98 -10.44 36.26
N VAL E 289 -41.81 -10.74 35.27
CA VAL E 289 -42.42 -12.05 35.14
C VAL E 289 -41.56 -12.92 34.24
N ASP E 290 -41.66 -14.22 34.43
CA ASP E 290 -41.00 -15.18 33.56
C ASP E 290 -41.94 -15.48 32.40
N MET E 291 -41.54 -15.08 31.20
CA MET E 291 -42.42 -15.20 30.04
C MET E 291 -42.77 -16.66 29.78
N ALA E 292 -41.80 -17.55 29.88
CA ALA E 292 -42.05 -18.96 29.60
C ALA E 292 -42.99 -19.57 30.63
N SER E 293 -42.69 -19.37 31.92
CA SER E 293 -43.48 -19.98 32.98
C SER E 293 -44.87 -19.35 33.10
N GLU E 294 -45.11 -18.21 32.47
CA GLU E 294 -46.39 -17.54 32.53
C GLU E 294 -47.25 -17.80 31.31
N MET E 295 -46.64 -17.85 30.12
CA MET E 295 -47.39 -18.22 28.93
C MET E 295 -47.90 -19.65 29.04
N MET E 296 -47.08 -20.54 29.58
CA MET E 296 -47.51 -21.92 29.78
C MET E 296 -48.64 -22.01 30.80
N GLU E 297 -48.65 -21.13 31.80
CA GLU E 297 -49.73 -21.15 32.77
C GLU E 297 -50.98 -20.49 32.21
N TYR E 298 -50.82 -19.46 31.38
CA TYR E 298 -51.96 -18.82 30.75
C TYR E 298 -52.71 -19.79 29.87
N THR E 299 -51.97 -20.59 29.08
CA THR E 299 -52.60 -21.56 28.20
C THR E 299 -53.39 -22.59 28.98
N LYS E 300 -52.91 -22.98 30.16
CA LYS E 300 -53.63 -23.97 30.97
C LYS E 300 -55.00 -23.47 31.36
N ASN E 301 -55.06 -22.29 32.00
CA ASN E 301 -56.36 -21.73 32.37
C ASN E 301 -57.19 -21.37 31.16
N ASN E 302 -56.55 -21.09 30.03
CA ASN E 302 -57.29 -20.83 28.80
C ASN E 302 -57.93 -22.10 28.26
N ILE E 303 -57.46 -23.27 28.69
CA ILE E 303 -58.10 -24.52 28.30
C ILE E 303 -59.13 -24.96 29.34
N LEU E 304 -58.80 -24.80 30.62
CA LEU E 304 -59.73 -25.16 31.67
C LEU E 304 -61.04 -24.39 31.57
N THR E 305 -61.02 -23.18 31.01
CA THR E 305 -62.25 -22.44 30.81
C THR E 305 -63.03 -22.96 29.60
N GLN E 306 -62.34 -23.48 28.58
CA GLN E 306 -63.04 -24.09 27.46
C GLN E 306 -63.60 -25.46 27.82
N ALA E 307 -62.91 -26.20 28.70
CA ALA E 307 -63.46 -27.45 29.20
C ALA E 307 -64.74 -27.20 29.99
N SER E 308 -64.75 -26.17 30.84
CA SER E 308 -65.96 -25.81 31.56
C SER E 308 -67.01 -25.25 30.61
N GLN E 309 -66.58 -24.52 29.58
CA GLN E 309 -67.52 -24.04 28.57
C GLN E 309 -68.18 -25.19 27.84
N ALA E 310 -67.40 -26.21 27.47
CA ALA E 310 -67.97 -27.34 26.75
C ALA E 310 -68.96 -28.11 27.60
N MET E 311 -68.65 -28.32 28.88
CA MET E 311 -69.53 -29.08 29.75
C MET E 311 -70.75 -28.27 30.20
N LEU E 312 -70.64 -26.95 30.22
CA LEU E 312 -71.81 -26.14 30.55
C LEU E 312 -72.91 -26.30 29.51
N ALA E 313 -72.52 -26.41 28.23
CA ALA E 313 -73.50 -26.61 27.18
C ALA E 313 -74.26 -27.92 27.38
N GLN E 314 -73.55 -28.98 27.74
CA GLN E 314 -74.20 -30.27 27.96
C GLN E 314 -75.02 -30.24 29.26
N ALA E 315 -74.57 -29.48 30.25
CA ALA E 315 -75.29 -29.40 31.51
C ALA E 315 -76.69 -28.83 31.32
N ASN E 316 -76.85 -27.93 30.35
CA ASN E 316 -78.16 -27.36 30.07
C ASN E 316 -79.05 -28.34 29.30
N GLN E 317 -78.44 -29.26 28.53
CA GLN E 317 -79.22 -30.18 27.73
C GLN E 317 -79.87 -31.26 28.60
N GLN E 318 -79.24 -31.60 29.72
CA GLN E 318 -79.75 -32.67 30.56
C GLN E 318 -81.16 -32.45 31.08
N PRO E 319 -81.54 -31.25 31.59
CA PRO E 319 -82.93 -31.06 32.01
C PRO E 319 -83.94 -31.14 30.88
N GLN E 320 -83.50 -31.01 29.63
CA GLN E 320 -84.42 -31.00 28.49
C GLN E 320 -85.05 -32.36 28.21
N GLN E 321 -84.58 -33.43 28.85
CA GLN E 321 -85.05 -34.77 28.55
C GLN E 321 -86.31 -35.16 29.31
N VAL E 322 -86.76 -34.35 30.28
CA VAL E 322 -87.97 -34.69 31.00
C VAL E 322 -89.23 -34.37 30.20
N LEU E 323 -89.10 -33.57 29.14
CA LEU E 323 -90.27 -33.23 28.33
C LEU E 323 -90.80 -34.46 27.61
N GLN E 324 -89.92 -35.31 27.10
CA GLN E 324 -90.36 -36.54 26.44
C GLN E 324 -91.04 -37.48 27.42
N LEU E 325 -90.72 -37.39 28.71
CA LEU E 325 -91.40 -38.18 29.72
C LEU E 325 -92.72 -37.56 30.15
N LEU E 326 -92.82 -36.24 30.13
CA LEU E 326 -94.02 -35.57 30.60
C LEU E 326 -95.20 -35.71 29.64
N LYS E 327 -94.94 -36.04 28.38
CA LYS E 327 -96.01 -36.24 27.41
C LYS E 327 -96.46 -37.69 27.38
N MET F 1 -100.68 -16.92 26.53
CA MET F 1 -99.88 -16.95 25.30
C MET F 1 -100.54 -16.15 24.20
N ARG F 2 -100.01 -14.96 23.94
CA ARG F 2 -100.51 -14.09 22.89
C ARG F 2 -99.70 -14.31 21.62
N ILE F 3 -100.39 -14.54 20.51
CA ILE F 3 -99.76 -14.99 19.28
C ILE F 3 -99.61 -13.84 18.28
N ASN F 4 -100.57 -12.93 18.24
CA ASN F 4 -100.56 -11.88 17.22
C ASN F 4 -99.37 -10.94 17.34
N HIS F 5 -98.66 -10.95 18.47
CA HIS F 5 -97.50 -10.10 18.64
C HIS F 5 -96.47 -10.84 19.46
N ASN F 6 -95.23 -10.86 18.98
CA ASN F 6 -94.12 -11.50 19.68
C ASN F 6 -93.21 -10.39 20.20
N ILE F 7 -93.53 -9.90 21.39
CA ILE F 7 -92.76 -8.80 21.97
C ILE F 7 -91.33 -9.24 22.28
N ALA F 8 -91.14 -10.52 22.61
CA ALA F 8 -89.80 -11.02 22.86
C ALA F 8 -88.95 -10.93 21.61
N ALA F 9 -89.50 -11.29 20.46
CA ALA F 9 -88.76 -11.19 19.20
C ALA F 9 -88.69 -9.75 18.70
N LEU F 10 -89.74 -8.97 18.92
CA LEU F 10 -89.73 -7.58 18.51
C LEU F 10 -88.70 -6.78 19.30
N ASN F 11 -88.54 -7.09 20.59
CA ASN F 11 -87.51 -6.43 21.38
C ASN F 11 -86.11 -6.86 20.94
N THR F 12 -85.94 -8.14 20.62
CA THR F 12 -84.63 -8.61 20.17
C THR F 12 -84.25 -8.01 18.82
N SER F 13 -85.23 -7.71 17.98
CA SER F 13 -84.93 -7.09 16.69
C SER F 13 -84.28 -5.72 16.87
N ARG F 14 -84.77 -4.93 17.82
CA ARG F 14 -84.19 -3.61 18.04
C ARG F 14 -82.75 -3.71 18.51
N GLN F 15 -82.46 -4.64 19.42
CA GLN F 15 -81.08 -4.85 19.82
C GLN F 15 -80.25 -5.41 18.68
N LEU F 16 -80.87 -6.13 17.76
CA LEU F 16 -80.16 -6.59 16.58
C LEU F 16 -79.80 -5.41 15.68
N ASN F 17 -80.74 -4.51 15.43
CA ASN F 17 -80.42 -3.29 14.71
C ASN F 17 -79.98 -2.19 15.66
N ALA F 18 -79.09 -2.52 16.60
CA ALA F 18 -78.36 -1.54 17.38
C ALA F 18 -76.92 -1.91 17.61
N GLY F 19 -76.54 -3.17 17.40
CA GLY F 19 -75.16 -3.59 17.47
C GLY F 19 -74.62 -3.69 16.06
N SER F 20 -75.50 -3.94 15.09
CA SER F 20 -75.11 -3.85 13.70
C SER F 20 -74.73 -2.43 13.31
N ASN F 21 -75.51 -1.46 13.78
CA ASN F 21 -75.17 -0.05 13.51
C ASN F 21 -73.84 0.32 14.17
N ALA F 22 -73.63 -0.12 15.40
CA ALA F 22 -72.38 0.18 16.08
C ALA F 22 -71.20 -0.49 15.38
N ALA F 23 -71.38 -1.74 14.93
CA ALA F 23 -70.30 -2.41 14.20
C ALA F 23 -70.01 -1.72 12.88
N SER F 24 -71.05 -1.25 12.18
CA SER F 24 -70.85 -0.51 10.95
C SER F 24 -70.08 0.78 11.21
N LYS F 25 -70.43 1.49 12.27
CA LYS F 25 -69.70 2.71 12.61
C LYS F 25 -68.27 2.40 12.99
N ASN F 26 -68.03 1.28 13.68
CA ASN F 26 -66.67 0.92 14.05
C ASN F 26 -65.84 0.53 12.84
N MET F 27 -66.47 -0.10 11.85
CA MET F 27 -65.73 -0.51 10.66
C MET F 27 -65.43 0.67 9.74
N GLU F 28 -66.23 1.73 9.79
CA GLU F 28 -65.87 2.94 9.07
C GLU F 28 -64.56 3.50 9.57
N LYS F 29 -64.41 3.57 10.89
CA LYS F 29 -63.17 4.08 11.47
C LYS F 29 -61.99 3.17 11.15
N LEU F 30 -62.20 1.86 11.22
CA LEU F 30 -61.11 0.92 10.98
C LEU F 30 -60.63 0.98 9.54
N SER F 31 -61.55 1.08 8.59
CA SER F 31 -61.17 1.13 7.19
C SER F 31 -60.48 2.44 6.85
N SER F 32 -61.06 3.57 7.26
CA SER F 32 -60.50 4.87 6.91
C SER F 32 -59.30 5.22 7.78
N GLY F 33 -59.24 4.72 9.00
CA GLY F 33 -58.19 5.09 9.91
C GLY F 33 -58.42 6.40 10.62
N LEU F 34 -59.61 6.98 10.55
CA LEU F 34 -59.92 8.27 11.15
C LEU F 34 -61.05 8.14 12.15
N ARG F 35 -60.88 8.77 13.31
CA ARG F 35 -61.95 8.83 14.29
C ARG F 35 -63.14 9.60 13.76
N ILE F 36 -62.88 10.74 13.13
CA ILE F 36 -63.92 11.66 12.72
C ILE F 36 -64.05 11.55 11.20
N ASN F 37 -65.03 10.76 10.76
CA ASN F 37 -65.39 10.70 9.35
C ASN F 37 -66.49 11.71 9.05
N ARG F 38 -67.62 11.58 9.73
CA ARG F 38 -68.68 12.56 9.67
C ARG F 38 -68.45 13.64 10.73
N ALA F 39 -69.18 14.73 10.61
CA ALA F 39 -69.07 15.80 11.59
C ALA F 39 -69.80 15.46 12.89
N GLY F 40 -70.63 14.43 12.89
CA GLY F 40 -71.33 14.04 14.10
C GLY F 40 -70.50 13.25 15.09
N ASP F 41 -69.33 12.76 14.68
CA ASP F 41 -68.45 12.05 15.60
C ASP F 41 -67.75 13.01 16.55
N ASP F 42 -67.36 14.19 16.05
CA ASP F 42 -66.80 15.23 16.90
C ASP F 42 -66.94 16.55 16.18
N ALA F 43 -67.84 17.42 16.64
CA ALA F 43 -68.00 18.73 16.03
C ALA F 43 -66.76 19.58 16.24
N ALA F 44 -66.33 19.72 17.50
CA ALA F 44 -65.11 20.45 17.78
C ALA F 44 -63.89 19.73 17.26
N GLY F 45 -63.92 18.40 17.24
CA GLY F 45 -62.82 17.66 16.63
C GLY F 45 -62.71 17.93 15.15
N LEU F 46 -63.84 17.99 14.46
CA LEU F 46 -63.83 18.34 13.04
C LEU F 46 -63.31 19.77 12.84
N ALA F 47 -63.79 20.70 13.66
CA ALA F 47 -63.37 22.09 13.49
C ALA F 47 -61.89 22.27 13.75
N ILE F 48 -61.38 21.69 14.83
CA ILE F 48 -59.97 21.83 15.18
C ILE F 48 -59.09 21.17 14.13
N SER F 49 -59.51 20.00 13.65
CA SER F 49 -58.73 19.26 12.67
C SER F 49 -58.49 20.07 11.41
N GLU F 50 -59.56 20.65 10.85
CA GLU F 50 -59.43 21.38 9.61
C GLU F 50 -58.54 22.60 9.75
N LYS F 51 -58.66 23.32 10.86
CA LYS F 51 -57.72 24.39 11.15
C LYS F 51 -56.31 23.83 11.19
N MET F 52 -56.14 22.69 11.87
CA MET F 52 -54.84 22.06 11.98
C MET F 52 -54.28 21.66 10.62
N ARG F 53 -55.07 20.95 9.82
CA ARG F 53 -54.61 20.52 8.50
C ARG F 53 -54.21 21.72 7.65
N SER F 54 -55.05 22.75 7.64
CA SER F 54 -54.77 23.96 6.92
C SER F 54 -53.44 24.55 7.33
N GLN F 55 -53.17 24.55 8.63
CA GLN F 55 -51.91 25.08 9.14
C GLN F 55 -50.74 24.16 8.80
N ILE F 56 -50.94 22.85 8.90
CA ILE F 56 -49.85 21.91 8.60
C ILE F 56 -49.48 21.97 7.13
N ARG F 57 -50.47 21.96 6.25
CA ARG F 57 -50.17 22.09 4.83
C ARG F 57 -49.70 23.48 4.47
N GLY F 58 -49.79 24.44 5.37
CA GLY F 58 -49.23 25.76 5.16
C GLY F 58 -47.78 25.82 5.58
N LEU F 59 -47.46 25.27 6.75
CA LEU F 59 -46.08 25.30 7.21
C LEU F 59 -45.17 24.41 6.36
N ASP F 60 -45.69 23.30 5.84
CA ASP F 60 -44.86 22.48 4.98
C ASP F 60 -44.69 23.12 3.61
N MET F 61 -45.64 23.94 3.18
CA MET F 61 -45.49 24.70 1.96
C MET F 61 -44.69 25.98 2.18
N ALA F 62 -44.92 26.66 3.31
CA ALA F 62 -44.09 27.80 3.66
C ALA F 62 -42.66 27.40 3.93
N SER F 63 -42.38 26.12 4.18
CA SER F 63 -41.02 25.64 4.24
C SER F 63 -40.41 25.47 2.86
N LYS F 64 -41.24 25.30 1.82
CA LYS F 64 -40.72 25.33 0.46
C LYS F 64 -40.39 26.76 0.05
N ASN F 65 -41.24 27.71 0.42
CA ASN F 65 -40.96 29.11 0.10
C ASN F 65 -39.68 29.57 0.79
N ALA F 66 -39.47 29.17 2.04
CA ALA F 66 -38.25 29.53 2.73
C ALA F 66 -37.04 28.94 2.04
N GLN F 67 -37.17 27.74 1.47
CA GLN F 67 -36.06 27.14 0.78
C GLN F 67 -35.92 27.62 -0.65
N ASP F 68 -37.01 28.07 -1.27
CA ASP F 68 -36.91 28.74 -2.55
C ASP F 68 -36.38 30.15 -2.43
N GLY F 69 -36.32 30.69 -1.22
CA GLY F 69 -35.69 31.97 -0.99
C GLY F 69 -34.23 31.79 -0.63
N ILE F 70 -33.91 30.64 -0.03
CA ILE F 70 -32.52 30.32 0.22
C ILE F 70 -31.79 30.11 -1.09
N SER F 71 -32.46 29.52 -2.08
CA SER F 71 -31.85 29.35 -3.39
C SER F 71 -31.70 30.67 -4.12
N LEU F 72 -32.71 31.54 -4.02
CA LEU F 72 -32.63 32.84 -4.65
C LEU F 72 -31.51 33.68 -4.06
N ILE F 73 -31.21 33.48 -2.78
CA ILE F 73 -30.18 34.26 -2.12
C ILE F 73 -28.81 33.68 -2.34
N GLN F 74 -28.69 32.35 -2.40
CA GLN F 74 -27.42 31.73 -2.72
C GLN F 74 -26.96 32.11 -4.12
N THR F 75 -27.90 32.26 -5.05
CA THR F 75 -27.54 32.67 -6.40
C THR F 75 -26.94 34.07 -6.41
N SER F 76 -27.53 34.99 -5.65
CA SER F 76 -27.04 36.37 -5.65
C SER F 76 -25.64 36.45 -5.04
N GLU F 77 -25.46 35.88 -3.84
CA GLU F 77 -24.14 35.96 -3.23
C GLU F 77 -23.13 35.09 -3.95
N GLY F 78 -23.59 34.03 -4.60
CA GLY F 78 -22.70 33.28 -5.47
C GLY F 78 -22.18 34.13 -6.61
N ALA F 79 -23.04 35.02 -7.14
CA ALA F 79 -22.61 35.92 -8.20
C ALA F 79 -21.65 36.98 -7.65
N LEU F 80 -21.99 37.61 -6.50
CA LEU F 80 -21.08 38.59 -5.93
C LEU F 80 -19.79 37.95 -5.45
N ASN F 81 -19.73 36.64 -5.33
CA ASN F 81 -18.46 36.00 -5.04
C ASN F 81 -17.44 36.30 -6.10
N GLU F 82 -17.87 36.53 -7.33
CA GLU F 82 -16.95 36.81 -8.43
C GLU F 82 -16.72 38.28 -8.63
N THR F 83 -17.71 39.12 -8.37
CA THR F 83 -17.43 40.54 -8.34
C THR F 83 -16.36 40.87 -7.32
N HIS F 84 -16.19 40.06 -6.30
CA HIS F 84 -15.08 40.26 -5.41
C HIS F 84 -13.75 39.95 -6.07
N SER F 85 -13.69 38.87 -6.84
CA SER F 85 -12.43 38.51 -7.46
C SER F 85 -12.06 39.44 -8.58
N ILE F 86 -13.05 39.91 -9.29
CA ILE F 86 -12.74 40.88 -10.34
C ILE F 86 -12.29 42.19 -9.73
N LEU F 87 -12.96 42.65 -8.67
CA LEU F 87 -12.53 43.85 -7.98
C LEU F 87 -11.17 43.66 -7.34
N GLN F 88 -10.83 42.43 -6.95
CA GLN F 88 -9.54 42.18 -6.33
C GLN F 88 -8.43 42.26 -7.38
N ARG F 89 -8.64 41.64 -8.54
CA ARG F 89 -7.71 41.77 -9.65
C ARG F 89 -7.67 43.21 -10.15
N MET F 90 -8.82 43.87 -10.16
CA MET F 90 -8.88 45.24 -10.63
C MET F 90 -8.09 46.19 -9.75
N SER F 91 -7.77 45.76 -8.53
CA SER F 91 -6.97 46.57 -7.62
C SER F 91 -5.48 46.37 -7.80
N GLU F 92 -5.05 45.22 -8.32
CA GLU F 92 -3.66 45.07 -8.71
C GLU F 92 -3.33 45.90 -9.93
N LEU F 93 -4.25 46.01 -10.87
CA LEU F 93 -4.02 46.93 -11.99
C LEU F 93 -4.39 48.35 -11.62
N ALA F 94 -4.00 48.76 -10.41
CA ALA F 94 -3.88 50.17 -10.07
C ALA F 94 -2.69 50.44 -9.18
N THR F 95 -2.14 49.42 -8.53
CA THR F 95 -0.85 49.54 -7.86
C THR F 95 0.28 49.37 -8.84
N GLN F 96 0.03 48.66 -9.94
CA GLN F 96 1.02 48.54 -11.00
C GLN F 96 0.99 49.77 -11.90
N ALA F 97 -0.20 50.32 -12.15
CA ALA F 97 -0.33 51.50 -12.98
C ALA F 97 0.11 52.77 -12.26
N ALA F 98 0.19 52.76 -10.94
CA ALA F 98 0.63 53.93 -10.19
C ALA F 98 2.14 54.09 -10.18
N ASN F 99 2.88 53.01 -10.40
CA ASN F 99 4.33 53.10 -10.49
C ASN F 99 4.72 53.92 -11.70
N ASP F 100 5.77 54.73 -11.56
CA ASP F 100 6.17 55.64 -12.62
C ASP F 100 7.27 55.09 -13.50
N THR F 101 7.62 53.82 -13.35
CA THR F 101 8.41 53.15 -14.36
C THR F 101 7.58 52.76 -15.57
N ASN F 102 6.25 52.70 -15.42
CA ASN F 102 5.36 52.52 -16.54
C ASN F 102 5.36 53.76 -17.42
N THR F 103 5.14 53.56 -18.71
CA THR F 103 4.88 54.66 -19.62
C THR F 103 3.41 54.67 -19.99
N ASP F 104 2.98 55.75 -20.64
CA ASP F 104 1.59 55.83 -21.07
C ASP F 104 1.24 54.75 -22.06
N SER F 105 2.22 54.28 -22.82
CA SER F 105 2.00 53.13 -23.70
C SER F 105 1.69 51.87 -22.91
N ASP F 106 2.09 51.81 -21.64
CA ASP F 106 1.85 50.66 -20.78
C ASP F 106 0.75 50.87 -19.77
N ARG F 107 0.51 52.11 -19.33
CA ARG F 107 -0.67 52.39 -18.55
C ARG F 107 -1.93 52.17 -19.38
N SER F 108 -1.93 52.70 -20.60
CA SER F 108 -3.04 52.42 -21.52
C SER F 108 -3.06 50.94 -21.89
N GLU F 109 -1.95 50.25 -21.70
CA GLU F 109 -1.92 48.82 -21.95
C GLU F 109 -2.66 48.10 -20.84
N LEU F 110 -2.47 48.55 -19.60
CA LEU F 110 -3.24 48.02 -18.47
C LEU F 110 -4.70 48.41 -18.56
N GLN F 111 -5.00 49.58 -19.13
CA GLN F 111 -6.38 50.02 -19.23
C GLN F 111 -7.21 49.06 -20.06
N LYS F 112 -6.57 48.29 -20.95
CA LYS F 112 -7.30 47.32 -21.74
C LYS F 112 -7.97 46.27 -20.85
N GLU F 113 -7.25 45.79 -19.84
CA GLU F 113 -7.86 44.86 -18.89
C GLU F 113 -8.74 45.58 -17.89
N MET F 114 -8.43 46.84 -17.59
CA MET F 114 -9.31 47.65 -16.76
C MET F 114 -10.71 47.70 -17.34
N ASP F 115 -10.82 48.02 -18.63
CA ASP F 115 -12.12 48.11 -19.27
C ASP F 115 -12.76 46.75 -19.47
N GLN F 116 -11.97 45.69 -19.53
CA GLN F 116 -12.52 44.36 -19.71
C GLN F 116 -12.98 43.75 -18.39
N LEU F 117 -12.32 44.09 -17.28
CA LEU F 117 -12.80 43.66 -15.98
C LEU F 117 -14.04 44.44 -15.59
N ALA F 118 -14.02 45.75 -15.78
CA ALA F 118 -15.18 46.57 -15.45
C ALA F 118 -16.40 46.22 -16.30
N SER F 119 -16.19 45.70 -17.51
CA SER F 119 -17.29 45.26 -18.34
C SER F 119 -17.81 43.90 -17.96
N GLU F 120 -17.06 43.14 -17.17
CA GLU F 120 -17.52 41.87 -16.65
C GLU F 120 -18.28 42.02 -15.34
N VAL F 121 -17.89 43.00 -14.52
CA VAL F 121 -18.67 43.34 -13.35
C VAL F 121 -20.08 43.74 -13.73
N THR F 122 -20.21 44.51 -14.81
CA THR F 122 -21.54 44.88 -15.29
C THR F 122 -22.30 43.68 -15.83
N ARG F 123 -21.60 42.75 -16.48
CA ARG F 123 -22.29 41.57 -17.01
C ARG F 123 -22.91 40.75 -15.90
N ILE F 124 -22.19 40.55 -14.80
CA ILE F 124 -22.71 39.74 -13.71
C ILE F 124 -23.98 40.36 -13.14
N SER F 125 -24.04 41.69 -13.07
CA SER F 125 -25.23 42.34 -12.55
C SER F 125 -26.43 42.13 -13.47
N THR F 126 -26.25 42.33 -14.77
CA THR F 126 -27.36 42.24 -15.70
C THR F 126 -27.66 40.81 -16.14
N ASP F 127 -26.77 39.86 -15.89
CA ASP F 127 -27.00 38.49 -16.32
C ASP F 127 -27.43 37.56 -15.19
N THR F 128 -27.03 37.84 -13.96
CA THR F 128 -27.44 36.99 -12.85
C THR F 128 -28.94 36.99 -12.72
N GLU F 129 -29.54 35.81 -12.90
CA GLU F 129 -31.00 35.73 -13.00
C GLU F 129 -31.45 34.43 -12.38
N PHE F 130 -32.20 34.53 -11.29
CA PHE F 130 -32.92 33.39 -10.73
C PHE F 130 -34.34 33.42 -11.24
N ASN F 131 -34.83 32.26 -11.67
CA ASN F 131 -36.16 32.14 -12.28
C ASN F 131 -36.10 33.08 -13.48
N THR F 132 -36.92 34.11 -13.57
CA THR F 132 -36.78 35.14 -14.58
C THR F 132 -36.61 36.53 -13.95
N LYS F 133 -35.93 36.57 -12.81
CA LYS F 133 -35.74 37.80 -12.05
C LYS F 133 -34.28 38.19 -12.08
N LYS F 134 -34.00 39.42 -12.49
CA LYS F 134 -32.64 39.94 -12.44
C LYS F 134 -32.39 40.42 -11.01
N LEU F 135 -31.45 39.76 -10.33
CA LEU F 135 -31.27 40.01 -8.91
C LEU F 135 -30.40 41.23 -8.64
N LEU F 136 -29.27 41.35 -9.34
CA LEU F 136 -28.26 42.34 -9.00
C LEU F 136 -28.35 43.61 -9.83
N ASP F 137 -29.42 43.81 -10.59
CA ASP F 137 -29.55 45.00 -11.40
C ASP F 137 -30.41 46.07 -10.74
N GLY F 138 -30.69 45.93 -9.45
CA GLY F 138 -31.44 46.93 -8.73
C GLY F 138 -32.94 46.84 -8.86
N THR F 139 -33.46 45.84 -9.56
CA THR F 139 -34.90 45.68 -9.69
C THR F 139 -35.48 44.70 -8.69
N ALA F 140 -34.65 43.86 -8.06
CA ALA F 140 -35.12 42.91 -7.06
C ALA F 140 -35.17 43.63 -5.72
N GLN F 141 -36.28 44.34 -5.51
CA GLN F 141 -36.51 45.07 -4.28
C GLN F 141 -37.84 44.64 -3.68
N ASN F 142 -37.92 44.64 -2.35
CA ASN F 142 -39.14 44.30 -1.64
C ASN F 142 -39.55 42.86 -1.91
N LEU F 143 -38.57 41.99 -2.13
CA LEU F 143 -38.86 40.58 -2.33
C LEU F 143 -39.45 40.00 -1.07
N THR F 144 -40.71 39.58 -1.13
CA THR F 144 -41.45 39.11 0.02
C THR F 144 -41.53 37.59 -0.03
N PHE F 145 -40.92 36.93 0.95
CA PHE F 145 -41.02 35.49 1.11
C PHE F 145 -42.07 35.19 2.15
N GLN F 146 -43.07 34.40 1.78
CA GLN F 146 -44.11 34.00 2.73
C GLN F 146 -43.56 32.85 3.55
N ILE F 147 -42.81 33.19 4.61
CA ILE F 147 -42.32 32.19 5.54
C ILE F 147 -43.31 32.08 6.69
N GLY F 148 -44.36 31.32 6.48
CA GLY F 148 -45.44 31.22 7.44
C GLY F 148 -46.73 30.93 6.72
N ALA F 149 -47.67 30.36 7.46
CA ALA F 149 -48.91 29.88 6.87
C ALA F 149 -50.03 30.92 6.87
N ASN F 150 -49.77 32.14 7.32
CA ASN F 150 -50.82 33.12 7.49
C ASN F 150 -50.41 34.44 6.84
N GLU F 151 -51.27 35.44 6.96
CA GLU F 151 -50.95 36.79 6.52
C GLU F 151 -49.80 37.39 7.32
N GLY F 152 -49.03 38.24 6.65
CA GLY F 152 -48.03 39.03 7.34
C GLY F 152 -46.89 38.23 7.92
N GLN F 153 -46.83 36.94 7.65
CA GLN F 153 -45.72 36.12 8.10
C GLN F 153 -44.67 36.04 6.99
N THR F 154 -44.19 37.22 6.62
CA THR F 154 -43.32 37.40 5.49
C THR F 154 -41.98 37.98 5.94
N MET F 155 -41.03 37.98 5.01
CA MET F 155 -39.76 38.64 5.16
C MET F 155 -39.43 39.38 3.89
N SER F 156 -39.03 40.63 4.00
CA SER F 156 -38.67 41.41 2.84
C SER F 156 -37.17 41.29 2.57
N LEU F 157 -36.77 41.76 1.40
CA LEU F 157 -35.37 41.73 1.00
C LEU F 157 -35.18 42.69 -0.16
N SER F 158 -34.05 43.38 -0.18
CA SER F 158 -33.76 44.34 -1.25
C SER F 158 -32.28 44.26 -1.57
N ILE F 159 -31.96 43.76 -2.75
CA ILE F 159 -30.58 43.71 -3.22
C ILE F 159 -30.32 44.94 -4.07
N ASN F 160 -29.27 45.68 -3.75
CA ASN F 160 -28.96 46.90 -4.46
C ASN F 160 -28.31 46.59 -5.80
N LYS F 161 -28.29 47.59 -6.67
CA LYS F 161 -27.62 47.46 -7.95
C LYS F 161 -26.12 47.35 -7.74
N MET F 162 -25.52 46.30 -8.28
CA MET F 162 -24.13 45.97 -8.01
C MET F 162 -23.34 45.84 -9.31
N ASP F 163 -23.51 46.81 -10.19
CA ASP F 163 -22.75 46.88 -11.43
C ASP F 163 -21.65 47.91 -11.30
N SER F 164 -20.81 47.99 -12.33
CA SER F 164 -19.63 48.86 -12.26
C SER F 164 -20.04 50.32 -12.13
N GLU F 165 -21.15 50.71 -12.76
CA GLU F 165 -21.62 52.08 -12.64
C GLU F 165 -21.98 52.41 -11.20
N SER F 166 -22.64 51.49 -10.50
CA SER F 166 -23.06 51.76 -9.14
C SER F 166 -21.87 51.74 -8.17
N LEU F 167 -20.95 50.79 -8.36
CA LEU F 167 -19.75 50.76 -7.53
C LEU F 167 -18.75 51.84 -7.91
N LYS F 168 -18.99 52.56 -9.00
CA LYS F 168 -18.14 53.66 -9.47
C LYS F 168 -16.78 53.16 -9.94
N VAL F 169 -16.69 51.91 -10.35
CA VAL F 169 -15.46 51.37 -10.92
C VAL F 169 -15.54 51.31 -12.45
N GLY F 170 -16.50 52.01 -13.04
CA GLY F 170 -16.65 51.98 -14.48
C GLY F 170 -17.75 52.93 -14.90
N THR F 171 -18.04 52.90 -16.19
CA THR F 171 -19.12 53.72 -16.73
C THR F 171 -19.60 53.07 -18.01
N THR F 172 -20.91 53.09 -18.23
CA THR F 172 -21.54 52.37 -19.33
C THR F 172 -22.13 53.37 -20.31
N TYR F 173 -21.55 53.44 -21.50
CA TYR F 173 -22.10 54.23 -22.59
C TYR F 173 -23.03 53.36 -23.40
N THR F 174 -24.14 53.94 -23.84
CA THR F 174 -25.04 53.26 -24.75
C THR F 174 -25.09 54.02 -26.07
N ALA F 175 -25.28 53.27 -27.15
CA ALA F 175 -25.24 53.84 -28.49
C ALA F 175 -26.58 54.45 -28.84
N ASN F 176 -26.55 55.68 -29.33
CA ASN F 176 -27.77 56.35 -29.76
C ASN F 176 -28.35 55.63 -30.98
N ASP F 177 -29.53 56.09 -31.40
CA ASP F 177 -30.27 55.37 -32.43
C ASP F 177 -29.51 55.28 -33.74
N ASP F 178 -28.90 56.37 -34.17
CA ASP F 178 -28.08 56.39 -35.37
C ASP F 178 -26.72 55.75 -35.14
N GLY F 179 -26.18 55.84 -33.93
CA GLY F 179 -24.87 55.30 -33.63
C GLY F 179 -23.77 56.32 -33.82
N SER F 180 -24.16 57.59 -33.94
CA SER F 180 -23.17 58.65 -34.11
C SER F 180 -22.43 58.92 -32.82
N LYS F 181 -23.13 58.93 -31.69
CA LYS F 181 -22.55 59.32 -30.41
C LYS F 181 -22.96 58.32 -29.34
N LEU F 182 -21.95 57.74 -28.68
CA LEU F 182 -22.21 56.90 -27.52
C LEU F 182 -22.67 57.77 -26.35
N VAL F 183 -23.78 57.38 -25.73
CA VAL F 183 -24.41 58.16 -24.68
C VAL F 183 -24.43 57.33 -23.41
N THR F 184 -23.92 57.89 -22.32
CA THR F 184 -24.07 57.26 -21.02
C THR F 184 -25.24 57.90 -20.27
N ALA F 185 -25.69 57.21 -19.22
CA ALA F 185 -26.60 57.84 -18.28
C ALA F 185 -25.89 59.02 -17.61
N ASP F 186 -26.65 60.08 -17.35
CA ASP F 186 -26.20 61.43 -17.00
C ASP F 186 -25.76 62.14 -18.29
N GLY F 187 -25.64 61.44 -19.41
CA GLY F 187 -25.43 62.09 -20.69
C GLY F 187 -24.04 62.63 -20.95
N LYS F 188 -23.06 61.75 -21.05
CA LYS F 188 -21.72 62.11 -21.51
C LYS F 188 -21.56 61.61 -22.93
N GLU F 189 -21.26 62.53 -23.84
CA GLU F 189 -21.27 62.24 -25.26
C GLU F 189 -19.95 61.63 -25.71
N ALA F 190 -20.03 60.83 -26.77
CA ALA F 190 -18.83 60.25 -27.38
C ALA F 190 -19.11 60.10 -28.86
N THR F 191 -18.69 61.08 -29.66
CA THR F 191 -19.02 61.11 -31.07
C THR F 191 -18.06 60.23 -31.88
N LEU F 192 -18.57 59.74 -33.01
CA LEU F 192 -17.81 58.86 -33.88
C LEU F 192 -16.95 59.59 -34.91
N VAL F 193 -15.82 58.95 -35.27
CA VAL F 193 -14.77 59.42 -36.17
C VAL F 193 -14.27 60.84 -35.93
N THR F 194 -13.95 61.15 -34.67
CA THR F 194 -13.59 62.51 -34.30
C THR F 194 -12.20 62.67 -33.70
N LYS F 198 -8.49 64.07 -37.16
CA LYS F 198 -9.03 62.74 -37.33
C LYS F 198 -8.41 61.79 -36.32
N GLY F 199 -7.12 61.50 -36.49
CA GLY F 199 -6.40 60.63 -35.59
C GLY F 199 -6.88 59.19 -35.69
N PRO F 200 -6.50 58.36 -34.72
CA PRO F 200 -7.01 56.99 -34.69
C PRO F 200 -8.53 56.99 -34.58
N ASN F 201 -9.15 56.00 -35.22
CA ASN F 201 -10.59 56.02 -35.46
C ASN F 201 -11.33 55.38 -34.29
N GLY F 202 -12.39 56.04 -33.83
CA GLY F 202 -13.21 55.54 -32.76
C GLY F 202 -14.16 56.61 -32.26
N TYR F 203 -14.85 56.29 -31.16
CA TYR F 203 -15.82 57.19 -30.54
C TYR F 203 -15.07 58.12 -29.59
N TYR F 204 -14.77 59.31 -30.08
CA TYR F 204 -14.01 60.23 -29.25
C TYR F 204 -14.94 61.01 -28.32
N ASP F 205 -14.33 61.56 -27.27
CA ASP F 205 -15.01 62.28 -26.20
C ASP F 205 -14.69 63.77 -26.37
N ASP F 206 -15.24 64.62 -25.51
CA ASP F 206 -15.06 66.06 -25.62
C ASP F 206 -13.66 66.52 -25.27
N ALA F 207 -12.75 65.59 -24.96
CA ALA F 207 -11.38 65.95 -24.64
C ALA F 207 -10.36 65.18 -25.49
N ASP F 208 -10.82 64.60 -26.60
CA ASP F 208 -9.99 63.94 -27.60
C ASP F 208 -9.53 62.59 -27.02
N LYS F 209 -9.87 62.32 -25.77
CA LYS F 209 -9.62 61.00 -25.20
C LYS F 209 -10.51 59.98 -25.91
N LEU F 210 -9.89 59.02 -26.59
CA LEU F 210 -10.65 57.95 -27.21
C LEU F 210 -11.41 57.17 -26.15
N VAL F 211 -12.69 56.91 -26.42
CA VAL F 211 -13.54 56.15 -25.52
C VAL F 211 -13.69 54.71 -26.01
N TYR F 212 -14.10 54.54 -27.25
CA TYR F 212 -14.23 53.22 -27.85
C TYR F 212 -13.43 53.17 -29.15
N GLN F 213 -12.85 52.01 -29.43
CA GLN F 213 -12.07 51.79 -30.64
C GLN F 213 -12.94 51.05 -31.64
N ALA F 214 -13.53 51.79 -32.56
CA ALA F 214 -14.31 51.19 -33.63
C ALA F 214 -14.28 52.13 -34.83
N ASP F 215 -14.22 51.55 -36.03
CA ASP F 215 -14.22 52.33 -37.25
C ASP F 215 -15.59 52.41 -37.90
N SER F 216 -16.41 51.37 -37.77
CA SER F 216 -17.79 51.42 -38.21
C SER F 216 -18.64 52.11 -37.15
N ALA F 217 -19.96 52.03 -37.28
CA ALA F 217 -20.85 52.62 -36.30
C ALA F 217 -21.51 51.50 -35.52
N LEU F 218 -21.52 51.61 -34.20
CA LEU F 218 -22.14 50.60 -33.36
C LEU F 218 -23.64 50.53 -33.64
N ALA F 219 -24.20 49.36 -33.37
CA ALA F 219 -25.63 49.15 -33.58
C ALA F 219 -26.44 49.93 -32.57
N LYS F 220 -27.75 49.77 -32.60
CA LYS F 220 -28.66 50.53 -31.74
C LYS F 220 -28.77 49.85 -30.38
N ASP F 221 -28.66 50.67 -29.32
CA ASP F 221 -28.70 50.19 -27.94
C ASP F 221 -27.65 49.13 -27.67
N THR F 222 -26.43 49.35 -28.16
CA THR F 222 -25.29 48.53 -27.79
C THR F 222 -24.53 49.25 -26.69
N LYS F 223 -24.40 48.60 -25.54
CA LYS F 223 -23.73 49.19 -24.39
C LYS F 223 -22.26 48.83 -24.40
N VAL F 224 -21.42 49.79 -24.07
CA VAL F 224 -20.00 49.56 -23.85
C VAL F 224 -19.68 50.03 -22.45
N THR F 225 -18.81 49.30 -21.76
CA THR F 225 -18.40 49.64 -20.41
C THR F 225 -16.92 49.99 -20.43
N LYS F 226 -16.58 51.12 -19.81
CA LYS F 226 -15.24 51.64 -19.80
C LYS F 226 -14.77 51.75 -18.36
N GLY F 227 -13.63 51.15 -18.06
CA GLY F 227 -13.16 51.09 -16.69
C GLY F 227 -12.78 52.46 -16.15
N ILE F 228 -12.54 52.50 -14.84
CA ILE F 228 -12.13 53.75 -14.22
C ILE F 228 -10.74 54.13 -14.72
N ASP F 229 -10.48 55.42 -14.80
CA ASP F 229 -9.27 55.92 -15.44
C ASP F 229 -8.04 55.60 -14.59
N ILE F 230 -7.15 54.78 -15.13
CA ILE F 230 -5.85 54.53 -14.53
C ILE F 230 -4.70 54.84 -15.48
N SER F 231 -4.99 55.20 -16.73
CA SER F 231 -3.97 55.32 -17.75
C SER F 231 -3.57 56.77 -18.04
N SER F 232 -4.32 57.74 -17.54
CA SER F 232 -4.00 59.13 -17.83
C SER F 232 -2.75 59.61 -17.10
N SER F 233 -2.46 59.07 -15.92
CA SER F 233 -1.34 59.52 -15.12
C SER F 233 -1.11 58.52 -14.00
N ALA F 234 -0.02 58.73 -13.27
CA ALA F 234 0.19 57.96 -12.04
C ALA F 234 -0.70 58.47 -10.90
N LYS F 235 -0.97 59.77 -10.88
CA LYS F 235 -1.89 60.31 -9.88
C LYS F 235 -3.28 59.75 -10.06
N ALA F 236 -3.74 59.63 -11.30
CA ALA F 236 -5.07 59.07 -11.56
C ALA F 236 -5.16 57.62 -11.14
N ALA F 237 -4.10 56.85 -11.39
CA ALA F 237 -4.11 55.44 -10.99
C ALA F 237 -4.16 55.30 -9.47
N SER F 238 -3.43 56.16 -8.75
CA SER F 238 -3.54 56.16 -7.30
C SER F 238 -4.93 56.54 -6.84
N SER F 239 -5.54 57.52 -7.51
CA SER F 239 -6.89 57.91 -7.14
C SER F 239 -7.87 56.76 -7.29
N ALA F 240 -7.73 55.99 -8.37
CA ALA F 240 -8.57 54.83 -8.57
C ALA F 240 -8.38 53.76 -7.50
N LEU F 241 -7.27 53.81 -6.75
CA LEU F 241 -7.04 52.79 -5.74
C LEU F 241 -8.08 52.86 -4.63
N THR F 242 -8.38 54.06 -4.12
CA THR F 242 -9.41 54.19 -3.10
C THR F 242 -10.78 53.89 -3.66
N THR F 243 -11.05 54.28 -4.90
CA THR F 243 -12.35 53.98 -5.50
C THR F 243 -12.56 52.48 -5.60
N ILE F 244 -11.52 51.74 -5.98
CA ILE F 244 -11.65 50.30 -6.08
C ILE F 244 -11.77 49.67 -4.70
N LYS F 245 -10.94 50.09 -3.76
CA LYS F 245 -10.97 49.47 -2.44
C LYS F 245 -12.25 49.82 -1.69
N THR F 246 -12.90 50.93 -2.05
CA THR F 246 -14.22 51.22 -1.49
C THR F 246 -15.28 50.34 -2.11
N ALA F 247 -15.16 50.06 -3.41
CA ALA F 247 -16.12 49.17 -4.06
C ALA F 247 -16.07 47.78 -3.45
N ILE F 248 -14.89 47.32 -3.06
CA ILE F 248 -14.80 46.05 -2.36
C ILE F 248 -15.52 46.12 -1.03
N ASP F 249 -15.59 47.32 -0.43
CA ASP F 249 -16.28 47.47 0.84
C ASP F 249 -17.80 47.43 0.66
N THR F 250 -18.32 48.05 -0.39
CA THR F 250 -19.76 48.04 -0.61
C THR F 250 -20.22 46.76 -1.29
N VAL F 251 -19.32 45.89 -1.69
CA VAL F 251 -19.69 44.54 -2.11
C VAL F 251 -19.71 43.60 -0.92
N SER F 252 -18.73 43.72 -0.02
CA SER F 252 -18.76 42.95 1.21
C SER F 252 -19.99 43.27 2.04
N SER F 253 -20.42 44.52 2.03
CA SER F 253 -21.65 44.88 2.74
C SER F 253 -22.85 44.18 2.14
N GLU F 254 -22.92 44.11 0.81
CA GLU F 254 -24.05 43.45 0.17
C GLU F 254 -24.01 41.95 0.39
N ARG F 255 -22.83 41.35 0.35
CA ARG F 255 -22.74 39.91 0.51
C ARG F 255 -23.22 39.43 1.86
N ALA F 256 -22.90 40.15 2.93
CA ALA F 256 -23.34 39.75 4.25
C ALA F 256 -24.70 40.32 4.63
N LYS F 257 -25.23 41.27 3.87
CA LYS F 257 -26.65 41.55 3.95
C LYS F 257 -27.46 40.40 3.39
N LEU F 258 -26.88 39.61 2.50
CA LEU F 258 -27.53 38.42 1.97
C LEU F 258 -27.13 37.16 2.70
N GLY F 259 -26.00 37.15 3.38
CA GLY F 259 -25.63 36.02 4.20
C GLY F 259 -26.36 36.06 5.52
N ALA F 260 -26.74 37.25 5.95
CA ALA F 260 -27.53 37.37 7.17
C ALA F 260 -28.95 36.85 6.96
N VAL F 261 -29.54 37.15 5.80
CA VAL F 261 -30.88 36.66 5.51
C VAL F 261 -30.86 35.15 5.35
N GLN F 262 -29.81 34.61 4.74
CA GLN F 262 -29.75 33.18 4.53
C GLN F 262 -29.59 32.43 5.85
N ASN F 263 -28.81 33.00 6.77
CA ASN F 263 -28.70 32.40 8.09
C ASN F 263 -30.04 32.41 8.81
N ARG F 264 -30.78 33.50 8.70
CA ARG F 264 -32.11 33.56 9.30
C ARG F 264 -33.03 32.53 8.68
N LEU F 265 -33.01 32.41 7.36
CA LEU F 265 -33.89 31.46 6.69
C LEU F 265 -33.54 30.02 7.02
N GLU F 266 -32.30 29.74 7.44
CA GLU F 266 -31.96 28.41 7.89
C GLU F 266 -32.56 28.11 9.25
N HIS F 267 -32.67 29.13 10.11
CA HIS F 267 -33.36 28.96 11.38
C HIS F 267 -34.87 28.89 11.19
N THR F 268 -35.41 29.66 10.24
CA THR F 268 -36.82 29.60 9.96
C THR F 268 -37.25 28.24 9.45
N ILE F 269 -36.38 27.53 8.75
CA ILE F 269 -36.74 26.23 8.22
C ILE F 269 -36.80 25.18 9.31
N ASN F 270 -35.83 25.17 10.23
CA ASN F 270 -35.88 24.23 11.34
C ASN F 270 -37.10 24.47 12.22
N ASN F 271 -37.47 25.73 12.42
CA ASN F 271 -38.62 26.02 13.25
C ASN F 271 -39.93 25.70 12.53
N LEU F 272 -39.98 25.91 11.22
CA LEU F 272 -41.17 25.50 10.47
C LEU F 272 -41.28 23.99 10.41
N GLY F 273 -40.16 23.29 10.26
CA GLY F 273 -40.19 21.84 10.27
C GLY F 273 -40.57 21.26 11.62
N THR F 274 -40.10 21.86 12.70
CA THR F 274 -40.47 21.40 14.03
C THR F 274 -41.94 21.67 14.32
N SER F 275 -42.48 22.79 13.84
CA SER F 275 -43.88 23.10 14.08
C SER F 275 -44.82 22.26 13.25
N SER F 276 -44.35 21.63 12.19
CA SER F 276 -45.21 20.70 11.46
C SER F 276 -45.32 19.37 12.18
N GLU F 277 -44.20 18.86 12.69
CA GLU F 277 -44.26 17.62 13.46
C GLU F 277 -45.12 17.77 14.70
N ASN F 278 -44.96 18.89 15.41
CA ASN F 278 -45.73 19.09 16.63
C ASN F 278 -47.21 19.27 16.32
N LEU F 279 -47.55 19.79 15.15
CA LEU F 279 -48.93 19.92 14.77
C LEU F 279 -49.46 18.68 14.07
N THR F 280 -48.62 17.98 13.31
CA THR F 280 -49.05 16.71 12.72
C THR F 280 -49.38 15.71 13.81
N SER F 281 -48.54 15.62 14.82
CA SER F 281 -48.84 14.74 15.95
C SER F 281 -50.07 15.22 16.70
N ALA F 282 -50.22 16.54 16.84
CA ALA F 282 -51.40 17.07 17.52
C ALA F 282 -52.67 16.75 16.75
N GLU F 283 -52.63 16.84 15.43
CA GLU F 283 -53.83 16.56 14.64
C GLU F 283 -54.11 15.07 14.55
N SER F 284 -53.08 14.24 14.58
CA SER F 284 -53.30 12.79 14.54
C SER F 284 -54.05 12.31 15.77
N ARG F 285 -53.71 12.84 16.94
CA ARG F 285 -54.42 12.46 18.16
C ARG F 285 -55.88 12.85 18.10
N ILE F 286 -56.18 14.00 17.52
CA ILE F 286 -57.57 14.44 17.43
C ILE F 286 -58.34 13.65 16.37
N ARG F 287 -57.70 13.37 15.24
CA ARG F 287 -58.40 12.87 14.07
C ARG F 287 -58.22 11.37 13.85
N ASP F 288 -56.99 10.87 13.91
CA ASP F 288 -56.74 9.47 13.61
C ASP F 288 -57.32 8.58 14.71
N VAL F 289 -57.67 7.37 14.34
CA VAL F 289 -58.26 6.41 15.25
C VAL F 289 -57.16 5.54 15.84
N ASP F 290 -57.42 5.01 17.04
CA ASP F 290 -56.52 4.06 17.66
C ASP F 290 -56.90 2.67 17.17
N MET F 291 -56.02 2.04 16.41
CA MET F 291 -56.35 0.75 15.80
C MET F 291 -56.66 -0.30 16.85
N ALA F 292 -55.86 -0.34 17.92
CA ALA F 292 -56.08 -1.34 18.96
C ALA F 292 -57.39 -1.12 19.68
N SER F 293 -57.64 0.10 20.14
CA SER F 293 -58.84 0.39 20.91
C SER F 293 -60.10 0.33 20.07
N GLU F 294 -59.98 0.32 18.75
CA GLU F 294 -61.14 0.28 17.86
C GLU F 294 -61.43 -1.12 17.34
N MET F 295 -60.39 -1.89 17.03
CA MET F 295 -60.59 -3.28 16.64
C MET F 295 -61.20 -4.08 17.79
N MET F 296 -60.73 -3.81 19.01
CA MET F 296 -61.30 -4.47 20.18
C MET F 296 -62.75 -4.08 20.40
N GLU F 297 -63.12 -2.85 20.08
CA GLU F 297 -64.50 -2.43 20.23
C GLU F 297 -65.36 -2.97 19.09
N TYR F 298 -64.80 -3.06 17.89
CA TYR F 298 -65.54 -3.63 16.77
C TYR F 298 -65.91 -5.08 17.04
N THR F 299 -64.96 -5.85 17.58
CA THR F 299 -65.23 -7.25 17.88
C THR F 299 -66.35 -7.40 18.91
N LYS F 300 -66.43 -6.48 19.87
CA LYS F 300 -67.47 -6.58 20.89
C LYS F 300 -68.85 -6.45 20.26
N ASN F 301 -69.10 -5.39 19.51
CA ASN F 301 -70.39 -5.24 18.85
C ASN F 301 -70.61 -6.31 17.80
N ASN F 302 -69.55 -6.86 17.23
CA ASN F 302 -69.69 -7.96 16.30
C ASN F 302 -70.12 -9.24 17.00
N ILE F 303 -69.95 -9.32 18.31
CA ILE F 303 -70.45 -10.47 19.08
C ILE F 303 -71.84 -10.20 19.63
N LEU F 304 -72.07 -8.98 20.12
CA LEU F 304 -73.39 -8.62 20.64
C LEU F 304 -74.47 -8.75 19.60
N THR F 305 -74.15 -8.59 18.31
CA THR F 305 -75.14 -8.81 17.27
C THR F 305 -75.37 -10.29 17.00
N GLN F 306 -74.36 -11.13 17.19
CA GLN F 306 -74.57 -12.57 17.06
C GLN F 306 -75.31 -13.14 18.26
N ALA F 307 -75.10 -12.58 19.44
CA ALA F 307 -75.89 -12.97 20.60
C ALA F 307 -77.36 -12.64 20.39
N SER F 308 -77.64 -11.46 19.86
CA SER F 308 -79.02 -11.11 19.54
C SER F 308 -79.55 -11.93 18.38
N GLN F 309 -78.68 -12.25 17.42
CA GLN F 309 -79.08 -13.13 16.33
C GLN F 309 -79.46 -14.51 16.85
N ALA F 310 -78.66 -15.06 17.77
CA ALA F 310 -78.95 -16.38 18.30
C ALA F 310 -80.25 -16.41 19.08
N MET F 311 -80.51 -15.39 19.88
CA MET F 311 -81.72 -15.36 20.67
C MET F 311 -82.96 -15.00 19.86
N LEU F 312 -82.79 -14.30 18.75
CA LEU F 312 -83.94 -14.01 17.89
C LEU F 312 -84.50 -15.30 17.30
N ALA F 313 -83.63 -16.24 16.95
CA ALA F 313 -84.10 -17.51 16.42
C ALA F 313 -84.96 -18.25 17.43
N GLN F 314 -84.52 -18.26 18.70
CA GLN F 314 -85.30 -18.92 19.74
C GLN F 314 -86.57 -18.15 20.06
N ALA F 315 -86.53 -16.82 19.95
CA ALA F 315 -87.71 -16.02 20.23
C ALA F 315 -88.85 -16.34 19.29
N ASN F 316 -88.54 -16.73 18.05
CA ASN F 316 -89.59 -17.12 17.10
C ASN F 316 -90.12 -18.51 17.39
N GLN F 317 -89.32 -19.38 18.01
CA GLN F 317 -89.76 -20.74 18.27
C GLN F 317 -90.77 -20.80 19.40
N GLN F 318 -90.69 -19.86 20.35
CA GLN F 318 -91.56 -19.88 21.50
C GLN F 318 -93.05 -19.82 21.16
N PRO F 319 -93.52 -18.96 20.25
CA PRO F 319 -94.95 -18.98 19.91
C PRO F 319 -95.40 -20.25 19.22
N GLN F 320 -94.47 -21.05 18.70
CA GLN F 320 -94.84 -22.26 17.96
C GLN F 320 -95.38 -23.36 18.86
N GLN F 321 -95.30 -23.23 20.17
CA GLN F 321 -95.68 -24.30 21.08
C GLN F 321 -97.17 -24.29 21.42
N VAL F 322 -97.92 -23.26 21.02
CA VAL F 322 -99.35 -23.25 21.31
C VAL F 322 -100.12 -24.16 20.38
N LEU F 323 -99.53 -24.57 19.26
CA LEU F 323 -100.22 -25.43 18.31
C LEU F 323 -100.50 -26.80 18.92
N GLN F 324 -99.53 -27.34 19.68
CA GLN F 324 -99.73 -28.62 20.35
C GLN F 324 -100.83 -28.54 21.41
N LEU F 325 -101.06 -27.35 21.96
CA LEU F 325 -102.15 -27.15 22.91
C LEU F 325 -103.49 -26.95 22.21
N LEU F 326 -103.48 -26.33 21.02
CA LEU F 326 -104.72 -26.02 20.33
C LEU F 326 -105.40 -27.25 19.75
N LYS F 327 -104.66 -28.34 19.56
CA LYS F 327 -105.24 -29.57 19.03
C LYS F 327 -105.73 -30.46 20.16
N MET G 1 -69.43 -14.72 32.19
CA MET G 1 -68.89 -14.17 30.96
C MET G 1 -69.62 -12.89 30.55
N ARG G 2 -68.98 -11.75 30.79
CA ARG G 2 -69.55 -10.47 30.43
C ARG G 2 -69.01 -10.04 29.08
N ILE G 3 -69.92 -9.67 28.17
CA ILE G 3 -69.57 -9.45 26.78
C ILE G 3 -69.45 -7.97 26.44
N ASN G 4 -70.28 -7.12 27.06
CA ASN G 4 -70.31 -5.71 26.71
C ASN G 4 -69.00 -5.00 27.00
N HIS G 5 -68.12 -5.58 27.80
CA HIS G 5 -66.84 -4.95 28.09
C HIS G 5 -65.78 -6.03 28.21
N ASN G 6 -64.66 -5.84 27.53
CA ASN G 6 -63.54 -6.77 27.55
C ASN G 6 -62.42 -6.10 28.34
N ILE G 7 -62.45 -6.26 29.66
CA ILE G 7 -61.45 -5.61 30.51
C ILE G 7 -60.07 -6.20 30.24
N ALA G 8 -59.99 -7.47 29.87
CA ALA G 8 -58.70 -8.06 29.54
C ALA G 8 -58.08 -7.38 28.34
N ALA G 9 -58.88 -7.10 27.30
CA ALA G 9 -58.36 -6.41 26.13
C ALA G 9 -58.19 -4.92 26.39
N LEU G 10 -59.09 -4.32 27.18
CA LEU G 10 -58.95 -2.91 27.50
C LEU G 10 -57.71 -2.64 28.34
N ASN G 11 -57.36 -3.55 29.23
CA ASN G 11 -56.12 -3.41 30.00
C ASN G 11 -54.90 -3.59 29.12
N THR G 12 -54.95 -4.55 28.18
CA THR G 12 -53.82 -4.76 27.29
C THR G 12 -53.62 -3.59 26.35
N SER G 13 -54.68 -2.88 26.01
CA SER G 13 -54.54 -1.71 25.14
C SER G 13 -53.69 -0.62 25.81
N ARG G 14 -53.89 -0.40 27.11
CA ARG G 14 -53.11 0.62 27.80
C ARG G 14 -51.64 0.26 27.83
N GLN G 15 -51.32 -1.00 28.10
CA GLN G 15 -49.92 -1.43 28.03
C GLN G 15 -49.39 -1.36 26.61
N LEU G 16 -50.26 -1.51 25.62
CA LEU G 16 -49.84 -1.33 24.24
C LEU G 16 -49.49 0.12 23.96
N ASN G 17 -50.34 1.05 24.40
CA ASN G 17 -49.99 2.47 24.32
C ASN G 17 -49.24 2.94 25.55
N ALA G 18 -48.25 2.16 25.99
CA ALA G 18 -47.28 2.59 26.97
C ALA G 18 -45.87 2.11 26.67
N GLY G 19 -45.70 1.12 25.80
CA GLY G 19 -44.41 0.69 25.35
C GLY G 19 -44.14 1.30 23.99
N SER G 20 -45.20 1.59 23.24
CA SER G 20 -45.06 2.34 22.01
C SER G 20 -44.57 3.76 22.29
N ASN G 21 -45.12 4.39 23.33
CA ASN G 21 -44.65 5.73 23.71
C ASN G 21 -43.19 5.69 24.14
N ALA G 22 -42.82 4.68 24.93
CA ALA G 22 -41.44 4.57 25.38
C ALA G 22 -40.50 4.31 24.21
N ALA G 23 -40.92 3.46 23.26
CA ALA G 23 -40.09 3.22 22.09
C ALA G 23 -39.95 4.47 21.23
N SER G 24 -41.03 5.25 21.10
CA SER G 24 -40.95 6.51 20.37
C SER G 24 -39.99 7.47 21.03
N LYS G 25 -40.05 7.57 22.36
CA LYS G 25 -39.12 8.43 23.07
C LYS G 25 -37.69 7.93 22.93
N ASN G 26 -37.48 6.62 22.93
CA ASN G 26 -36.14 6.09 22.77
C ASN G 26 -35.60 6.33 21.37
N MET G 27 -36.47 6.30 20.37
CA MET G 27 -36.02 6.52 19.00
C MET G 27 -35.73 7.98 18.72
N GLU G 28 -36.36 8.90 19.44
CA GLU G 28 -35.98 10.31 19.34
C GLU G 28 -34.54 10.51 19.75
N LYS G 29 -34.14 9.90 20.87
CA LYS G 29 -32.76 10.02 21.34
C LYS G 29 -31.79 9.36 20.37
N LEU G 30 -32.16 8.20 19.84
CA LEU G 30 -31.26 7.48 18.95
C LEU G 30 -31.04 8.23 17.65
N SER G 31 -32.10 8.81 17.09
CA SER G 31 -31.96 9.55 15.85
C SER G 31 -31.17 10.84 16.04
N SER G 32 -31.54 11.63 17.06
CA SER G 32 -30.87 12.91 17.28
C SER G 32 -29.50 12.75 17.91
N GLY G 33 -29.29 11.70 18.69
CA GLY G 33 -28.05 11.55 19.42
C GLY G 33 -27.98 12.33 20.71
N LEU G 34 -29.09 12.89 21.17
CA LEU G 34 -29.10 13.73 22.36
C LEU G 34 -30.05 13.13 23.41
N ARG G 35 -29.59 13.10 24.66
CA ARG G 35 -30.45 12.68 25.76
C ARG G 35 -31.60 13.65 25.94
N ILE G 36 -31.31 14.95 25.90
CA ILE G 36 -32.28 15.99 26.22
C ILE G 36 -32.69 16.64 24.91
N ASN G 37 -33.83 16.19 24.36
CA ASN G 37 -34.43 16.87 23.22
C ASN G 37 -35.43 17.92 23.70
N ARG G 38 -36.44 17.49 24.46
CA ARG G 38 -37.35 18.40 25.13
C ARG G 38 -36.79 18.80 26.48
N ALA G 39 -37.38 19.83 27.07
CA ALA G 39 -36.96 20.26 28.39
C ALA G 39 -37.48 19.34 29.49
N GLY G 40 -38.43 18.46 29.18
CA GLY G 40 -38.94 17.53 30.17
C GLY G 40 -38.07 16.33 30.45
N ASP G 41 -37.07 16.08 29.60
CA ASP G 41 -36.15 14.99 29.86
C ASP G 41 -35.16 15.33 30.96
N ASP G 42 -34.71 16.58 31.02
CA ASP G 42 -33.88 17.05 32.13
C ASP G 42 -33.97 18.56 32.18
N ALA G 43 -34.64 19.10 33.19
CA ALA G 43 -34.74 20.54 33.33
C ALA G 43 -33.38 21.15 33.66
N ALA G 44 -32.73 20.62 34.69
CA ALA G 44 -31.38 21.09 35.03
C ALA G 44 -30.38 20.69 33.96
N GLY G 45 -30.59 19.55 33.31
CA GLY G 45 -29.73 19.19 32.20
C GLY G 45 -29.85 20.16 31.04
N LEU G 46 -31.07 20.59 30.73
CA LEU G 46 -31.25 21.60 29.70
C LEU G 46 -30.61 22.91 30.10
N ALA G 47 -30.80 23.33 31.36
CA ALA G 47 -30.25 24.61 31.80
C ALA G 47 -28.72 24.60 31.78
N ILE G 48 -28.11 23.53 32.30
CA ILE G 48 -26.65 23.45 32.35
C ILE G 48 -26.07 23.38 30.95
N SER G 49 -26.72 22.62 30.07
CA SER G 49 -26.22 22.44 28.71
C SER G 49 -26.12 23.78 27.99
N GLU G 50 -27.17 24.57 28.01
CA GLU G 50 -27.19 25.84 27.30
C GLU G 50 -26.12 26.79 27.81
N LYS G 51 -25.95 26.87 29.13
CA LYS G 51 -24.83 27.62 29.68
C LYS G 51 -23.52 27.07 29.14
N MET G 52 -23.40 25.75 29.12
CA MET G 52 -22.18 25.12 28.62
C MET G 52 -21.93 25.43 27.16
N ARG G 53 -22.94 25.24 26.31
CA ARG G 53 -22.79 25.52 24.88
C ARG G 53 -22.40 26.96 24.65
N SER G 54 -23.08 27.88 25.34
CA SER G 54 -22.77 29.30 25.24
C SER G 54 -21.31 29.56 25.58
N GLN G 55 -20.83 28.90 26.63
CA GLN G 55 -19.44 29.06 27.04
C GLN G 55 -18.48 28.43 26.04
N ILE G 56 -18.82 27.24 25.54
CA ILE G 56 -17.94 26.54 24.60
C ILE G 56 -17.83 27.32 23.29
N ARG G 57 -18.97 27.79 22.76
CA ARG G 57 -18.91 28.60 21.55
C ARG G 57 -18.32 29.97 21.81
N GLY G 58 -18.12 30.35 23.07
CA GLY G 58 -17.44 31.58 23.39
C GLY G 58 -15.95 31.39 23.47
N LEU G 59 -15.50 30.32 24.12
CA LEU G 59 -14.06 30.07 24.23
C LEU G 59 -13.46 29.71 22.88
N ASP G 60 -14.20 29.02 22.02
CA ASP G 60 -13.65 28.73 20.71
C ASP G 60 -13.64 29.96 19.81
N MET G 61 -14.53 30.91 20.06
CA MET G 61 -14.50 32.17 19.35
C MET G 61 -13.52 33.15 19.99
N ALA G 62 -13.45 33.18 21.31
CA ALA G 62 -12.43 33.96 21.99
C ALA G 62 -11.03 33.45 21.72
N SER G 63 -10.90 32.22 21.24
CA SER G 63 -9.61 31.73 20.76
C SER G 63 -9.29 32.25 19.38
N LYS G 64 -10.30 32.65 18.60
CA LYS G 64 -10.03 33.34 17.35
C LYS G 64 -9.60 34.78 17.61
N ASN G 65 -10.23 35.44 18.57
CA ASN G 65 -9.83 36.80 18.92
C ASN G 65 -8.41 36.82 19.43
N ALA G 66 -8.03 35.84 20.27
CA ALA G 66 -6.67 35.78 20.76
C ALA G 66 -5.68 35.58 19.61
N GLN G 67 -6.08 34.83 18.59
CA GLN G 67 -5.19 34.63 17.46
C GLN G 67 -5.25 35.76 16.45
N ASP G 68 -6.36 36.48 16.39
CA ASP G 68 -6.40 37.70 15.59
C ASP G 68 -5.68 38.85 16.27
N GLY G 69 -5.33 38.71 17.54
CA GLY G 69 -4.52 39.69 18.22
C GLY G 69 -3.06 39.31 18.12
N ILE G 70 -2.79 38.01 18.00
CA ILE G 70 -1.43 37.56 17.74
C ILE G 70 -0.97 38.03 16.37
N SER G 71 -1.87 38.02 15.40
CA SER G 71 -1.53 38.52 14.07
C SER G 71 -1.34 40.02 14.07
N LEU G 72 -2.21 40.74 14.79
CA LEU G 72 -2.06 42.19 14.86
C LEU G 72 -0.77 42.60 15.52
N ILE G 73 -0.27 41.78 16.44
CA ILE G 73 0.95 42.09 17.16
C ILE G 73 2.19 41.66 16.38
N GLN G 74 2.10 40.55 15.67
CA GLN G 74 3.21 40.13 14.82
C GLN G 74 3.47 41.15 13.72
N THR G 75 2.40 41.77 13.21
CA THR G 75 2.57 42.79 12.19
C THR G 75 3.33 44.00 12.72
N SER G 76 3.02 44.42 13.93
CA SER G 76 3.68 45.60 14.49
C SER G 76 5.16 45.34 14.75
N GLU G 77 5.47 44.24 15.44
CA GLU G 77 6.87 43.96 15.72
C GLU G 77 7.62 43.55 14.46
N GLY G 78 6.92 42.96 13.49
CA GLY G 78 7.53 42.73 12.20
C GLY G 78 7.94 44.02 11.53
N ALA G 79 7.14 45.07 11.69
CA ALA G 79 7.49 46.37 11.15
C ALA G 79 8.65 47.00 11.90
N LEU G 80 8.62 46.97 13.27
CA LEU G 80 9.74 47.50 14.02
C LEU G 80 10.99 46.69 13.84
N ASN G 81 10.90 45.49 13.30
CA ASN G 81 12.10 44.76 12.95
C ASN G 81 12.95 45.52 11.97
N GLU G 82 12.34 46.35 11.13
CA GLU G 82 13.08 47.11 10.14
C GLU G 82 13.46 48.48 10.62
N THR G 83 12.65 49.11 11.47
CA THR G 83 13.11 50.32 12.12
C THR G 83 14.38 50.07 12.90
N HIS G 84 14.62 48.85 13.33
CA HIS G 84 15.90 48.55 13.96
C HIS G 84 17.03 48.57 12.95
N SER G 85 16.81 48.03 11.76
CA SER G 85 17.89 47.98 10.79
C SER G 85 18.17 49.34 10.21
N ILE G 86 17.14 50.13 10.05
CA ILE G 86 17.37 51.47 9.56
C ILE G 86 18.10 52.30 10.62
N LEU G 87 17.68 52.19 11.87
CA LEU G 87 18.40 52.87 12.95
C LEU G 87 19.81 52.36 13.09
N GLN G 88 20.05 51.09 12.76
CA GLN G 88 21.38 50.53 12.88
C GLN G 88 22.29 51.09 11.79
N ARG G 89 21.79 51.13 10.56
CA ARG G 89 22.53 51.78 9.48
C ARG G 89 22.67 53.27 9.73
N MET G 90 21.63 53.88 10.29
CA MET G 90 21.66 55.31 10.57
C MET G 90 22.71 55.66 11.61
N SER G 91 23.20 54.68 12.36
CA SER G 91 24.24 54.91 13.34
C SER G 91 25.64 54.79 12.77
N GLU G 92 25.81 54.04 11.68
CA GLU G 92 27.08 54.06 10.97
C GLU G 92 27.30 55.39 10.26
N LEU G 93 26.24 55.98 9.72
CA LEU G 93 26.39 57.32 9.17
C LEU G 93 26.29 58.37 10.26
N ALA G 94 26.93 58.13 11.39
CA ALA G 94 27.29 59.17 12.33
C ALA G 94 28.64 58.93 12.96
N THR G 95 29.17 57.70 12.89
CA THR G 95 30.54 57.43 13.24
C THR G 95 31.46 57.75 12.08
N GLN G 96 30.93 57.69 10.85
CA GLN G 96 31.69 58.10 9.68
C GLN G 96 31.66 59.61 9.52
N ALA G 97 30.53 60.24 9.83
CA ALA G 97 30.42 61.68 9.73
C ALA G 97 31.14 62.41 10.85
N ALA G 98 31.45 61.73 11.95
CA ALA G 98 32.15 62.36 13.05
C ALA G 98 33.65 62.46 12.81
N ASN G 99 34.20 61.62 11.94
CA ASN G 99 35.61 61.70 11.59
C ASN G 99 35.88 63.01 10.87
N ASP G 100 37.04 63.60 11.15
CA ASP G 100 37.36 64.93 10.61
C ASP G 100 38.21 64.85 9.35
N THR G 101 38.40 63.67 8.79
CA THR G 101 38.91 63.58 7.43
C THR G 101 37.82 63.87 6.40
N ASN G 102 36.56 63.77 6.80
CA ASN G 102 35.47 64.20 5.95
C ASN G 102 35.48 65.71 5.80
N THR G 103 35.00 66.19 4.67
CA THR G 103 34.73 67.60 4.47
C THR G 103 33.23 67.83 4.49
N ASP G 104 32.84 69.10 4.56
CA ASP G 104 31.42 69.42 4.55
C ASP G 104 30.76 68.99 3.25
N SER G 105 31.52 68.94 2.17
CA SER G 105 31.00 68.39 0.92
C SER G 105 30.66 66.91 1.05
N ASP G 106 31.28 66.21 2.01
CA ASP G 106 31.04 64.79 2.23
C ASP G 106 30.18 64.50 3.43
N ARG G 107 30.19 65.36 4.45
CA ARG G 107 29.21 65.24 5.51
C ARG G 107 27.81 65.50 4.97
N SER G 108 27.65 66.57 4.19
CA SER G 108 26.38 66.82 3.53
C SER G 108 26.09 65.73 2.51
N GLU G 109 27.12 65.00 2.08
CA GLU G 109 26.92 63.89 1.18
C GLU G 109 26.30 62.72 1.93
N LEU G 110 26.76 62.49 3.16
CA LEU G 110 26.15 61.50 4.04
C LEU G 110 24.75 61.90 4.47
N GLN G 111 24.51 63.20 4.61
CA GLN G 111 23.20 63.67 5.03
C GLN G 111 22.12 63.28 4.05
N LYS G 112 22.49 63.04 2.79
CA LYS G 112 21.50 62.62 1.81
C LYS G 112 20.88 61.29 2.21
N GLU G 113 21.69 60.35 2.67
CA GLU G 113 21.15 59.08 3.15
C GLU G 113 20.56 59.23 4.55
N MET G 114 21.08 60.15 5.34
CA MET G 114 20.48 60.47 6.64
C MET G 114 19.02 60.84 6.47
N ASP G 115 18.73 61.76 5.56
CA ASP G 115 17.35 62.19 5.35
C ASP G 115 16.51 61.13 4.65
N GLN G 116 17.13 60.22 3.92
CA GLN G 116 16.39 59.17 3.25
C GLN G 116 16.10 58.00 4.17
N LEU G 117 16.98 57.73 5.12
CA LEU G 117 16.69 56.72 6.13
C LEU G 117 15.65 57.22 7.12
N ALA G 118 15.80 58.46 7.58
CA ALA G 118 14.83 59.02 8.51
C ALA G 118 13.46 59.18 7.88
N SER G 119 13.38 59.34 6.57
CA SER G 119 12.10 59.41 5.89
C SER G 119 11.48 58.04 5.67
N GLU G 120 12.25 56.97 5.81
CA GLU G 120 11.73 55.62 5.73
C GLU G 120 11.24 55.12 7.09
N VAL G 121 11.89 55.55 8.16
CA VAL G 121 11.39 55.26 9.50
C VAL G 121 10.00 55.85 9.67
N THR G 122 9.78 57.06 9.17
CA THR G 122 8.45 57.65 9.23
C THR G 122 7.46 56.90 8.36
N ARG G 123 7.89 56.39 7.21
CA ARG G 123 6.98 55.66 6.33
C ARG G 123 6.46 54.41 7.01
N ILE G 124 7.32 53.67 7.70
CA ILE G 124 6.90 52.44 8.35
C ILE G 124 5.85 52.73 9.39
N SER G 125 5.98 53.84 10.11
CA SER G 125 5.00 54.17 11.13
C SER G 125 3.64 54.48 10.52
N THR G 126 3.61 55.30 9.47
CA THR G 126 2.35 55.71 8.89
C THR G 126 1.79 54.71 7.88
N ASP G 127 2.58 53.73 7.44
CA ASP G 127 2.10 52.77 6.47
C ASP G 127 1.75 51.42 7.07
N THR G 128 2.39 51.02 8.16
CA THR G 128 2.09 49.75 8.78
C THR G 128 0.65 49.72 9.21
N GLU G 129 -0.13 48.82 8.64
CA GLU G 129 -1.57 48.82 8.82
C GLU G 129 -2.08 47.39 8.82
N PHE G 130 -2.61 46.96 9.95
CA PHE G 130 -3.35 45.71 10.05
C PHE G 130 -4.83 46.03 9.93
N ASN G 131 -5.54 45.26 9.11
CA ASN G 131 -6.95 45.49 8.84
C ASN G 131 -6.98 46.90 8.25
N THR G 132 -7.66 47.86 8.86
CA THR G 132 -7.57 49.26 8.47
C THR G 132 -7.11 50.14 9.63
N LYS G 133 -6.24 49.59 10.47
CA LYS G 133 -5.76 50.26 11.66
C LYS G 133 -4.28 50.58 11.50
N LYS G 134 -3.93 51.84 11.68
CA LYS G 134 -2.53 52.24 11.70
C LYS G 134 -1.96 51.93 13.07
N LEU G 135 -1.01 51.00 13.13
CA LEU G 135 -0.55 50.50 14.42
C LEU G 135 0.51 51.40 15.04
N LEU G 136 1.50 51.82 14.25
CA LEU G 136 2.67 52.48 14.80
C LEU G 136 2.61 53.98 14.73
N ASP G 137 1.45 54.57 14.42
CA ASP G 137 1.33 56.02 14.34
C ASP G 137 0.76 56.63 15.60
N GLY G 138 0.69 55.87 16.69
CA GLY G 138 0.23 56.40 17.95
C GLY G 138 -1.27 56.43 18.13
N THR G 139 -2.04 55.92 17.16
CA THR G 139 -3.49 55.89 17.28
C THR G 139 -4.00 54.55 17.79
N ALA G 140 -3.19 53.50 17.74
CA ALA G 140 -3.59 52.18 18.23
C ALA G 140 -3.32 52.13 19.73
N GLN G 141 -4.26 52.68 20.49
CA GLN G 141 -4.18 52.69 21.94
C GLN G 141 -5.42 52.06 22.52
N ASN G 142 -5.26 51.39 23.67
CA ASN G 142 -6.37 50.78 24.38
C ASN G 142 -7.01 49.67 23.54
N LEU G 143 -6.22 49.01 22.72
CA LEU G 143 -6.71 47.90 21.93
C LEU G 143 -7.13 46.77 22.85
N THR G 144 -8.43 46.48 22.87
CA THR G 144 -9.02 45.50 23.78
C THR G 144 -9.31 44.22 23.03
N PHE G 145 -8.61 43.15 23.40
CA PHE G 145 -8.88 41.82 22.86
C PHE G 145 -9.75 41.06 23.83
N GLN G 146 -10.89 40.59 23.36
CA GLN G 146 -11.79 39.81 24.20
C GLN G 146 -11.26 38.39 24.22
N ILE G 147 -10.31 38.13 25.11
CA ILE G 147 -9.79 36.79 25.31
C ILE G 147 -10.57 36.14 26.45
N GLY G 148 -11.73 35.62 26.13
CA GLY G 148 -12.62 35.08 27.14
C GLY G 148 -14.05 35.22 26.68
N ALA G 149 -14.92 34.38 27.23
CA ALA G 149 -16.29 34.28 26.78
C ALA G 149 -17.24 35.22 27.51
N ASN G 150 -16.75 36.03 28.43
CA ASN G 150 -17.61 36.83 29.29
C ASN G 150 -17.15 38.29 29.28
N GLU G 151 -17.85 39.11 30.05
CA GLU G 151 -17.43 40.50 30.26
C GLU G 151 -16.09 40.58 30.97
N GLY G 152 -15.34 41.64 30.66
CA GLY G 152 -14.14 41.95 31.39
C GLY G 152 -13.03 40.95 31.26
N GLN G 153 -13.19 39.96 30.38
CA GLN G 153 -12.13 38.99 30.12
C GLN G 153 -11.32 39.45 28.91
N THR G 154 -10.76 40.64 29.06
CA THR G 154 -10.08 41.34 28.00
C THR G 154 -8.63 41.59 28.36
N MET G 155 -7.86 42.02 27.37
CA MET G 155 -6.51 42.49 27.55
C MET G 155 -6.32 43.76 26.74
N SER G 156 -5.74 44.78 27.37
CA SER G 156 -5.49 46.03 26.68
C SER G 156 -4.10 46.02 26.06
N LEU G 157 -3.85 46.99 25.20
CA LEU G 157 -2.56 47.14 24.55
C LEU G 157 -2.46 48.55 23.98
N SER G 158 -1.26 49.12 24.06
CA SER G 158 -1.05 50.47 23.54
C SER G 158 0.32 50.53 22.91
N ILE G 159 0.36 50.68 21.60
CA ILE G 159 1.62 50.83 20.88
C ILE G 159 1.88 52.32 20.68
N ASN G 160 3.06 52.77 21.09
CA ASN G 160 3.38 54.17 21.00
C ASN G 160 3.75 54.56 19.58
N LYS G 161 3.75 55.86 19.33
CA LYS G 161 4.15 56.37 18.02
C LYS G 161 5.65 56.13 17.82
N MET G 162 5.99 55.48 16.72
CA MET G 162 7.36 55.02 16.48
C MET G 162 7.87 55.54 15.15
N ASP G 163 7.69 56.82 14.91
CA ASP G 163 8.21 57.48 13.72
C ASP G 163 9.45 58.28 14.09
N SER G 164 10.09 58.85 13.08
CA SER G 164 11.37 59.54 13.30
C SER G 164 11.19 60.74 14.20
N GLU G 165 10.04 61.41 14.10
CA GLU G 165 9.78 62.56 14.97
C GLU G 165 9.74 62.14 16.43
N SER G 166 9.09 61.01 16.71
CA SER G 166 8.96 60.56 18.10
C SER G 166 10.29 60.03 18.64
N LEU G 167 11.03 59.28 17.83
CA LEU G 167 12.34 58.81 18.25
C LEU G 167 13.39 59.91 18.24
N LYS G 168 13.06 61.10 17.71
CA LYS G 168 13.96 62.24 17.65
C LYS G 168 15.13 62.02 16.71
N VAL G 169 14.98 61.14 15.74
CA VAL G 169 16.01 60.93 14.73
C VAL G 169 15.65 61.65 13.42
N GLY G 170 14.70 62.56 13.47
CA GLY G 170 14.30 63.26 12.26
C GLY G 170 13.27 64.32 12.61
N THR G 171 12.75 64.95 11.57
CA THR G 171 11.72 65.96 11.74
C THR G 171 10.93 66.06 10.45
N THR G 172 9.62 66.22 10.57
CA THR G 172 8.72 66.15 9.42
C THR G 172 8.10 67.53 9.21
N TYR G 173 8.46 68.16 8.10
CA TYR G 173 7.84 69.40 7.68
C TYR G 173 6.66 69.09 6.77
N THR G 174 5.59 69.84 6.92
CA THR G 174 4.45 69.73 6.02
C THR G 174 4.27 71.04 5.27
N ALA G 175 3.79 70.93 4.05
CA ALA G 175 3.67 72.09 3.18
C ALA G 175 2.37 72.84 3.48
N ASN G 176 2.49 74.16 3.63
CA ASN G 176 1.31 74.97 3.86
C ASN G 176 0.43 74.98 2.62
N ASP G 177 -0.73 75.62 2.73
CA ASP G 177 -1.74 75.52 1.68
C ASP G 177 -1.23 76.08 0.36
N ASP G 178 -0.57 77.23 0.38
CA ASP G 178 0.01 77.82 -0.80
C ASP G 178 1.30 77.11 -1.22
N GLY G 179 2.05 76.56 -0.26
CA GLY G 179 3.32 75.92 -0.56
C GLY G 179 4.48 76.88 -0.46
N SER G 180 4.25 78.04 0.12
CA SER G 180 5.32 79.02 0.28
C SER G 180 6.32 78.59 1.35
N LYS G 181 5.83 78.05 2.46
CA LYS G 181 6.67 77.74 3.60
C LYS G 181 6.34 76.34 4.11
N LEU G 182 7.35 75.49 4.18
CA LEU G 182 7.20 74.19 4.82
C LEU G 182 7.07 74.37 6.32
N VAL G 183 6.06 73.74 6.90
CA VAL G 183 5.73 73.92 8.32
C VAL G 183 5.82 72.56 8.99
N THR G 184 6.59 72.49 10.08
CA THR G 184 6.58 71.30 10.90
C THR G 184 5.66 71.49 12.10
N ALA G 185 5.33 70.39 12.76
CA ALA G 185 4.68 70.50 14.06
C ALA G 185 5.64 71.16 15.04
N ASP G 186 5.10 71.97 15.94
CA ASP G 186 5.76 72.95 16.78
C ASP G 186 6.06 74.20 15.94
N GLY G 187 5.89 74.14 14.63
CA GLY G 187 5.95 75.34 13.81
C GLY G 187 7.33 75.91 13.55
N LYS G 188 8.16 75.17 12.82
CA LYS G 188 9.43 75.68 12.31
C LYS G 188 9.27 75.95 10.83
N GLU G 189 9.52 77.19 10.43
CA GLU G 189 9.22 77.66 9.09
C GLU G 189 10.34 77.32 8.13
N ALA G 190 9.98 77.15 6.86
CA ALA G 190 10.96 76.93 5.81
C ALA G 190 10.41 77.55 4.53
N THR G 191 10.80 78.78 4.24
CA THR G 191 10.23 79.52 3.13
C THR G 191 10.91 79.15 1.82
N LEU G 192 10.15 79.30 0.73
CA LEU G 192 10.63 78.95 -0.60
C LEU G 192 11.38 80.07 -1.31
N VAL G 193 12.32 79.67 -2.17
CA VAL G 193 13.25 80.50 -2.94
C VAL G 193 13.96 81.60 -2.15
N THR G 194 14.53 81.23 -1.01
CA THR G 194 15.14 82.21 -0.12
C THR G 194 16.63 82.02 0.16
N LYS G 198 19.81 84.87 -2.91
CA LYS G 198 19.07 83.80 -3.57
C LYS G 198 19.74 82.45 -3.32
N GLY G 199 20.93 82.27 -3.88
CA GLY G 199 21.67 81.04 -3.70
C GLY G 199 20.99 79.86 -4.37
N PRO G 200 21.44 78.65 -4.04
CA PRO G 200 20.76 77.45 -4.56
C PRO G 200 19.30 77.45 -4.13
N ASN G 201 18.46 76.93 -5.02
CA ASN G 201 17.01 77.09 -4.89
C ASN G 201 16.41 75.97 -4.05
N GLY G 202 15.55 76.35 -3.11
CA GLY G 202 14.87 75.39 -2.25
C GLY G 202 14.17 76.10 -1.12
N TYR G 203 13.65 75.29 -0.19
CA TYR G 203 12.93 75.79 0.99
C TYR G 203 13.96 76.10 2.07
N TYR G 204 14.33 77.36 2.18
CA TYR G 204 15.33 77.73 3.16
C TYR G 204 14.69 77.95 4.53
N ASP G 205 15.54 77.90 5.55
CA ASP G 205 15.17 78.01 6.94
C ASP G 205 15.65 79.37 7.45
N ASP G 206 15.37 79.68 8.71
CA ASP G 206 15.71 80.98 9.28
C ASP G 206 17.21 81.16 9.49
N ALA G 207 18.02 80.18 9.10
CA ALA G 207 19.47 80.30 9.24
C ALA G 207 20.21 80.03 7.94
N ASP G 208 19.49 80.11 6.81
CA ASP G 208 20.03 80.00 5.46
C ASP G 208 20.41 78.54 5.20
N LYS G 209 20.26 77.68 6.20
CA LYS G 209 20.43 76.25 5.99
C LYS G 209 19.31 75.74 5.10
N LEU G 210 19.66 75.24 3.92
CA LEU G 210 18.67 74.64 3.05
C LEU G 210 18.02 73.46 3.74
N VAL G 211 16.69 73.39 3.66
CA VAL G 211 15.91 72.31 4.24
C VAL G 211 15.49 71.32 3.17
N TYR G 212 14.85 71.80 2.11
CA TYR G 212 14.45 70.96 1.00
C TYR G 212 14.98 71.54 -0.30
N GLN G 213 15.34 70.67 -1.22
CA GLN G 213 15.87 71.06 -2.52
C GLN G 213 14.74 70.94 -3.54
N ALA G 214 14.09 72.06 -3.84
CA ALA G 214 13.07 72.10 -4.86
C ALA G 214 13.01 73.51 -5.42
N ASP G 215 12.79 73.60 -6.73
CA ASP G 215 12.66 74.89 -7.40
C ASP G 215 11.22 75.32 -7.61
N SER G 216 10.31 74.37 -7.82
CA SER G 216 8.89 74.68 -7.87
C SER G 216 8.34 74.76 -6.45
N ALA G 217 7.02 74.79 -6.32
CA ALA G 217 6.41 74.83 -5.00
C ALA G 217 5.76 73.49 -4.74
N LEU G 218 6.00 72.93 -3.56
CA LEU G 218 5.40 71.65 -3.20
C LEU G 218 3.89 71.77 -3.14
N ALA G 219 3.23 70.63 -3.35
CA ALA G 219 1.77 70.59 -3.32
C ALA G 219 1.27 70.78 -1.91
N LYS G 220 -0.04 70.69 -1.72
CA LYS G 220 -0.68 70.95 -0.43
C LYS G 220 -0.63 69.69 0.42
N ASP G 221 -0.23 69.86 1.69
CA ASP G 221 -0.09 68.75 2.64
C ASP G 221 0.85 67.67 2.13
N THR G 222 1.98 68.08 1.55
CA THR G 222 3.06 67.15 1.21
C THR G 222 4.08 67.20 2.33
N LYS G 223 4.32 66.06 2.96
CA LYS G 223 5.26 65.99 4.07
C LYS G 223 6.65 65.64 3.57
N VAL G 224 7.65 66.29 4.12
CA VAL G 224 9.04 65.94 3.90
C VAL G 224 9.67 65.64 5.24
N THR G 225 10.53 64.64 5.27
CA THR G 225 11.23 64.25 6.49
C THR G 225 12.71 64.52 6.32
N LYS G 226 13.29 65.18 7.32
CA LYS G 226 14.69 65.59 7.29
C LYS G 226 15.40 64.96 8.46
N GLY G 227 16.49 64.26 8.18
CA GLY G 227 17.19 63.51 9.21
C GLY G 227 17.83 64.42 10.23
N ILE G 228 18.30 63.79 11.31
CA ILE G 228 18.98 64.55 12.35
C ILE G 228 20.30 65.09 11.79
N ASP G 229 20.71 66.24 12.31
CA ASP G 229 21.84 66.97 11.75
C ASP G 229 23.13 66.24 12.04
N ILE G 230 23.81 65.78 10.98
CA ILE G 230 25.16 65.23 11.09
C ILE G 230 26.14 65.94 10.18
N SER G 231 25.69 66.87 9.35
CA SER G 231 26.52 67.47 8.33
C SER G 231 27.04 68.85 8.69
N SER G 232 26.53 69.46 9.76
CA SER G 232 26.97 70.81 10.10
C SER G 232 28.39 70.82 10.68
N SER G 233 28.80 69.75 11.35
CA SER G 233 30.11 69.72 12.00
C SER G 233 30.39 68.29 12.42
N ALA G 234 31.60 68.07 12.91
CA ALA G 234 31.93 66.79 13.52
C ALA G 234 31.34 66.68 14.93
N LYS G 235 31.25 67.80 15.64
CA LYS G 235 30.61 67.79 16.95
C LYS G 235 29.13 67.43 16.84
N ALA G 236 28.45 67.96 15.82
CA ALA G 236 27.04 67.65 15.63
C ALA G 236 26.84 66.18 15.30
N ALA G 237 27.72 65.61 14.49
CA ALA G 237 27.60 64.20 14.15
C ALA G 237 27.80 63.32 15.38
N SER G 238 28.75 63.68 16.24
CA SER G 238 28.91 62.95 17.49
C SER G 238 27.69 63.09 18.38
N SER G 239 27.10 64.29 18.42
CA SER G 239 25.89 64.49 19.22
C SER G 239 24.76 63.58 18.74
N ALA G 240 24.61 63.45 17.43
CA ALA G 240 23.59 62.57 16.87
C ALA G 240 23.83 61.11 17.23
N LEU G 241 25.04 60.74 17.64
CA LEU G 241 25.32 59.35 17.97
C LEU G 241 24.52 58.89 19.17
N THR G 242 24.48 59.67 20.24
CA THR G 242 23.67 59.31 21.39
C THR G 242 22.19 59.36 21.07
N THR G 243 21.76 60.33 20.28
CA THR G 243 20.35 60.39 19.90
C THR G 243 19.92 59.16 19.14
N ILE G 244 20.78 58.68 18.23
CA ILE G 244 20.44 57.49 17.48
C ILE G 244 20.48 56.25 18.36
N LYS G 245 21.51 56.13 19.20
CA LYS G 245 21.64 54.94 20.02
C LYS G 245 20.56 54.89 21.10
N THR G 246 20.02 56.04 21.48
CA THR G 246 18.87 56.04 22.38
C THR G 246 17.61 55.62 21.66
N ALA G 247 17.46 56.03 20.39
CA ALA G 247 16.30 55.61 19.63
C ALA G 247 16.26 54.11 19.47
N ILE G 248 17.42 53.48 19.30
CA ILE G 248 17.47 52.01 19.27
C ILE G 248 17.00 51.45 20.60
N ASP G 249 17.21 52.18 21.69
CA ASP G 249 16.77 51.69 23.00
C ASP G 249 15.27 51.78 23.16
N THR G 250 14.65 52.86 22.68
CA THR G 250 13.20 52.99 22.80
C THR G 250 12.46 52.24 21.71
N VAL G 251 13.16 51.66 20.74
CA VAL G 251 12.55 50.72 19.83
C VAL G 251 12.61 49.31 20.39
N SER G 252 13.75 48.94 20.99
CA SER G 252 13.84 47.66 21.66
C SER G 252 12.83 47.55 22.80
N SER G 253 12.57 48.65 23.50
CA SER G 253 11.54 48.63 24.53
C SER G 253 10.17 48.36 23.95
N GLU G 254 9.85 48.98 22.81
CA GLU G 254 8.56 48.75 22.20
C GLU G 254 8.44 47.34 21.64
N ARG G 255 9.51 46.81 21.07
CA ARG G 255 9.43 45.48 20.48
C ARG G 255 9.14 44.40 21.50
N ALA G 256 9.73 44.49 22.68
CA ALA G 256 9.48 43.49 23.71
C ALA G 256 8.30 43.82 24.60
N LYS G 257 7.77 45.04 24.53
CA LYS G 257 6.44 45.28 25.05
C LYS G 257 5.39 44.59 24.20
N LEU G 258 5.69 44.32 22.93
CA LEU G 258 4.82 43.58 22.05
C LEU G 258 5.17 42.11 21.97
N GLY G 259 6.40 41.74 22.30
CA GLY G 259 6.75 40.35 22.36
C GLY G 259 6.28 39.73 23.66
N ALA G 260 6.14 40.56 24.69
CA ALA G 260 5.60 40.08 25.96
C ALA G 260 4.12 39.77 25.83
N VAL G 261 3.38 40.62 25.13
CA VAL G 261 1.95 40.37 24.93
C VAL G 261 1.74 39.15 24.06
N GLN G 262 2.58 38.96 23.05
CA GLN G 262 2.41 37.82 22.16
C GLN G 262 2.71 36.52 22.89
N ASN G 263 3.72 36.52 23.77
CA ASN G 263 3.97 35.34 24.59
C ASN G 263 2.80 35.02 25.49
N ARG G 264 2.19 36.05 26.09
CA ARG G 264 1.02 35.83 26.93
C ARG G 264 -0.13 35.27 26.10
N LEU G 265 -0.36 35.83 24.92
CA LEU G 265 -1.46 35.36 24.08
C LEU G 265 -1.25 33.94 23.59
N GLU G 266 0.00 33.46 23.55
CA GLU G 266 0.22 32.06 23.21
C GLU G 266 -0.15 31.15 24.35
N HIS G 267 0.02 31.59 25.59
CA HIS G 267 -0.45 30.83 26.74
C HIS G 267 -1.95 30.91 26.87
N THR G 268 -2.54 32.06 26.56
CA THR G 268 -3.98 32.19 26.61
C THR G 268 -4.68 31.28 25.61
N ILE G 269 -4.04 31.00 24.48
CA ILE G 269 -4.66 30.14 23.48
C ILE G 269 -4.67 28.68 23.90
N ASN G 270 -3.55 28.20 24.48
CA ASN G 270 -3.53 26.83 24.97
C ASN G 270 -4.53 26.63 26.10
N ASN G 271 -4.69 27.63 26.96
CA ASN G 271 -5.63 27.49 28.06
C ASN G 271 -7.07 27.61 27.58
N LEU G 272 -7.34 28.44 26.58
CA LEU G 272 -8.67 28.49 26.01
C LEU G 272 -9.00 27.23 25.25
N GLY G 273 -8.01 26.66 24.54
CA GLY G 273 -8.23 25.40 23.86
C GLY G 273 -8.44 24.24 24.79
N THR G 274 -7.71 24.21 25.91
CA THR G 274 -7.90 23.16 26.90
C THR G 274 -9.24 23.28 27.59
N SER G 275 -9.71 24.50 27.84
CA SER G 275 -10.98 24.69 28.50
C SER G 275 -12.17 24.40 27.60
N SER G 276 -11.98 24.36 26.29
CA SER G 276 -13.07 23.95 25.41
C SER G 276 -13.23 22.45 25.40
N GLU G 277 -12.11 21.71 25.35
CA GLU G 277 -12.19 20.26 25.41
C GLU G 277 -12.80 19.80 26.73
N ASN G 278 -12.37 20.40 27.83
CA ASN G 278 -12.88 19.98 29.14
C ASN G 278 -14.34 20.33 29.29
N LEU G 279 -14.81 21.37 28.61
CA LEU G 279 -16.22 21.72 28.66
C LEU G 279 -17.02 21.01 27.58
N THR G 280 -16.43 20.76 26.42
CA THR G 280 -17.11 19.97 25.41
C THR G 280 -17.38 18.56 25.91
N SER G 281 -16.38 17.95 26.55
CA SER G 281 -16.60 16.64 27.13
C SER G 281 -17.60 16.71 28.28
N ALA G 282 -17.56 17.79 29.07
CA ALA G 282 -18.51 17.94 30.16
C ALA G 282 -19.93 18.07 29.63
N GLU G 283 -20.11 18.82 28.55
CA GLU G 283 -21.45 19.00 28.00
C GLU G 283 -21.95 17.76 27.27
N SER G 284 -21.04 17.00 26.66
CA SER G 284 -21.46 15.77 25.98
C SER G 284 -22.03 14.76 26.96
N ARG G 285 -21.42 14.62 28.13
CA ARG G 285 -21.94 13.70 29.13
C ARG G 285 -23.33 14.11 29.59
N ILE G 286 -23.58 15.40 29.72
CA ILE G 286 -24.89 15.87 30.17
C ILE G 286 -25.92 15.73 29.06
N ARG G 287 -25.54 16.05 27.81
CA ARG G 287 -26.51 16.21 26.74
C ARG G 287 -26.56 15.01 25.79
N ASP G 288 -25.41 14.53 25.32
CA ASP G 288 -25.42 13.45 24.35
C ASP G 288 -25.89 12.15 24.97
N VAL G 289 -26.46 11.30 24.15
CA VAL G 289 -27.01 10.02 24.59
C VAL G 289 -25.94 8.95 24.43
N ASP G 290 -26.05 7.90 25.24
CA ASP G 290 -25.19 6.73 25.11
C ASP G 290 -25.84 5.78 24.12
N MET G 291 -25.18 5.59 22.97
CA MET G 291 -25.78 4.80 21.90
C MET G 291 -26.04 3.38 22.36
N ALA G 292 -25.07 2.78 23.06
CA ALA G 292 -25.23 1.40 23.50
C ALA G 292 -26.36 1.27 24.52
N SER G 293 -26.35 2.10 25.55
CA SER G 293 -27.35 1.99 26.61
C SER G 293 -28.74 2.39 26.14
N GLU G 294 -28.86 3.04 24.99
CA GLU G 294 -30.15 3.48 24.47
C GLU G 294 -30.71 2.54 23.41
N MET G 295 -29.85 1.99 22.55
CA MET G 295 -30.30 0.99 21.60
C MET G 295 -30.79 -0.25 22.33
N MET G 296 -30.08 -0.64 23.39
CA MET G 296 -30.52 -1.79 24.18
C MET G 296 -31.85 -1.52 24.87
N GLU G 297 -32.10 -0.28 25.28
CA GLU G 297 -33.37 0.03 25.91
C GLU G 297 -34.48 0.16 24.87
N TYR G 298 -34.15 0.67 23.68
CA TYR G 298 -35.15 0.75 22.62
C TYR G 298 -35.65 -0.62 22.23
N THR G 299 -34.74 -1.58 22.11
CA THR G 299 -35.14 -2.94 21.75
C THR G 299 -36.06 -3.55 22.79
N LYS G 300 -35.84 -3.25 24.07
CA LYS G 300 -36.69 -3.80 25.11
C LYS G 300 -38.14 -3.35 24.95
N ASN G 301 -38.36 -2.04 24.87
CA ASN G 301 -39.72 -1.56 24.68
C ASN G 301 -40.27 -1.95 23.32
N ASN G 302 -39.40 -2.17 22.34
CA ASN G 302 -39.86 -2.65 21.05
C ASN G 302 -40.31 -4.10 21.11
N ILE G 303 -39.93 -4.83 22.15
CA ILE G 303 -40.44 -6.18 22.35
C ILE G 303 -41.66 -6.19 23.25
N LEU G 304 -41.63 -5.39 24.32
CA LEU G 304 -42.77 -5.30 25.21
C LEU G 304 -44.04 -4.86 24.51
N THR G 305 -43.93 -4.09 23.43
CA THR G 305 -45.10 -3.73 22.65
C THR G 305 -45.57 -4.86 21.77
N GLN G 306 -44.67 -5.72 21.29
CA GLN G 306 -45.07 -6.90 20.53
C GLN G 306 -45.67 -7.96 21.44
N ALA G 307 -45.18 -8.07 22.67
CA ALA G 307 -45.80 -8.99 23.63
C ALA G 307 -47.22 -8.56 23.94
N SER G 308 -47.43 -7.25 24.12
CA SER G 308 -48.79 -6.75 24.33
C SER G 308 -49.62 -6.88 23.06
N GLN G 309 -48.99 -6.69 21.90
CA GLN G 309 -49.68 -6.90 20.63
C GLN G 309 -50.15 -8.35 20.49
N ALA G 310 -49.27 -9.29 20.83
CA ALA G 310 -49.63 -10.70 20.70
C ALA G 310 -50.76 -11.08 21.64
N MET G 311 -50.75 -10.59 22.87
CA MET G 311 -51.79 -10.94 23.82
C MET G 311 -53.08 -10.19 23.58
N LEU G 312 -53.03 -9.02 22.94
CA LEU G 312 -54.26 -8.32 22.60
C LEU G 312 -55.08 -9.12 21.60
N ALA G 313 -54.42 -9.79 20.65
CA ALA G 313 -55.15 -10.61 19.69
C ALA G 313 -55.89 -11.73 20.39
N GLN G 314 -55.24 -12.39 21.36
CA GLN G 314 -55.92 -13.46 22.09
C GLN G 314 -56.99 -12.92 23.01
N ALA G 315 -56.79 -11.72 23.55
CA ALA G 315 -57.79 -11.13 24.44
C ALA G 315 -59.11 -10.91 23.74
N ASN G 316 -59.08 -10.63 22.43
CA ASN G 316 -60.32 -10.47 21.68
C ASN G 316 -60.97 -11.81 21.35
N GLN G 317 -60.19 -12.88 21.29
CA GLN G 317 -60.75 -14.19 20.94
C GLN G 317 -61.54 -14.77 22.10
N GLN G 318 -61.18 -14.43 23.33
CA GLN G 318 -61.84 -15.01 24.50
C GLN G 318 -63.33 -14.74 24.56
N PRO G 319 -63.84 -13.53 24.32
CA PRO G 319 -65.30 -13.34 24.32
C PRO G 319 -66.02 -14.09 23.22
N GLN G 320 -65.32 -14.55 22.19
CA GLN G 320 -65.97 -15.22 21.06
C GLN G 320 -66.48 -16.61 21.40
N GLN G 321 -66.15 -17.14 22.57
CA GLN G 321 -66.50 -18.51 22.91
C GLN G 321 -67.88 -18.64 23.53
N VAL G 322 -68.55 -17.53 23.85
CA VAL G 322 -69.89 -17.63 24.42
C VAL G 322 -70.94 -17.93 23.35
N LEU G 323 -70.61 -17.74 22.07
CA LEU G 323 -71.57 -18.00 21.01
C LEU G 323 -71.91 -19.49 20.93
N GLN G 324 -70.90 -20.35 21.09
CA GLN G 324 -71.16 -21.79 21.09
C GLN G 324 -72.02 -22.22 22.26
N LEU G 325 -72.00 -21.46 23.36
CA LEU G 325 -72.86 -21.73 24.49
C LEU G 325 -74.26 -21.17 24.31
N LEU G 326 -74.38 -20.04 23.59
CA LEU G 326 -75.68 -19.40 23.43
C LEU G 326 -76.60 -20.15 22.49
N LYS G 327 -76.06 -21.03 21.63
CA LYS G 327 -76.89 -21.81 20.72
C LYS G 327 -77.27 -23.14 21.35
N MET H 1 -55.19 -37.92 30.09
CA MET H 1 -54.82 -36.55 29.79
C MET H 1 -55.17 -35.62 30.93
N ARG H 2 -54.16 -35.22 31.69
CA ARG H 2 -54.34 -34.30 32.81
C ARG H 2 -54.05 -32.88 32.34
N ILE H 3 -54.98 -31.98 32.62
CA ILE H 3 -54.97 -30.64 32.06
C ILE H 3 -54.46 -29.60 33.05
N ASN H 4 -54.77 -29.77 34.34
CA ASN H 4 -54.42 -28.77 35.34
C ASN H 4 -52.92 -28.57 35.49
N HIS H 5 -52.11 -29.50 34.99
CA HIS H 5 -50.66 -29.36 35.09
C HIS H 5 -50.02 -29.93 33.84
N ASN H 6 -49.13 -29.17 33.24
CA ASN H 6 -48.41 -29.59 32.03
C ASN H 6 -46.96 -29.86 32.44
N ILE H 7 -46.70 -31.08 32.90
CA ILE H 7 -45.37 -31.43 33.36
C ILE H 7 -44.37 -31.40 32.21
N ALA H 8 -44.82 -31.70 31.00
CA ALA H 8 -43.94 -31.62 29.84
C ALA H 8 -43.45 -30.20 29.61
N ALA H 9 -44.35 -29.22 29.72
CA ALA H 9 -43.95 -27.83 29.57
C ALA H 9 -43.24 -27.31 30.80
N LEU H 10 -43.64 -27.75 31.99
CA LEU H 10 -42.98 -27.32 33.20
C LEU H 10 -41.53 -27.82 33.26
N ASN H 11 -41.30 -29.04 32.77
CA ASN H 11 -39.93 -29.54 32.70
C ASN H 11 -39.11 -28.80 31.66
N THR H 12 -39.72 -28.46 30.52
CA THR H 12 -38.99 -27.73 29.49
C THR H 12 -38.65 -26.31 29.95
N SER H 13 -39.48 -25.73 30.82
CA SER H 13 -39.17 -24.39 31.33
C SER H 13 -37.88 -24.38 32.12
N ARG H 14 -37.65 -25.41 32.95
CA ARG H 14 -36.43 -25.45 33.74
C ARG H 14 -35.21 -25.56 32.85
N GLN H 15 -35.27 -26.40 31.82
CA GLN H 15 -34.16 -26.46 30.87
C GLN H 15 -34.02 -25.17 30.09
N LEU H 16 -35.11 -24.43 29.91
CA LEU H 16 -35.03 -23.12 29.28
C LEU H 16 -34.29 -22.13 30.19
N ASN H 17 -34.64 -22.12 31.48
CA ASN H 17 -33.88 -21.32 32.44
C ASN H 17 -32.73 -22.10 33.03
N ALA H 18 -31.98 -22.80 32.17
CA ALA H 18 -30.69 -23.37 32.54
C ALA H 18 -29.66 -23.26 31.45
N GLY H 19 -30.06 -22.99 30.21
CA GLY H 19 -29.14 -22.72 29.13
C GLY H 19 -29.05 -21.23 28.92
N SER H 20 -30.11 -20.52 29.28
CA SER H 20 -30.04 -19.06 29.29
C SER H 20 -29.07 -18.57 30.34
N ASN H 21 -29.09 -19.18 31.53
CA ASN H 21 -28.12 -18.82 32.56
C ASN H 21 -26.70 -19.12 32.12
N ALA H 22 -26.49 -20.28 31.49
CA ALA H 22 -25.16 -20.63 31.02
C ALA H 22 -24.69 -19.69 29.93
N ALA H 23 -25.59 -19.31 29.02
CA ALA H 23 -25.24 -18.37 27.97
C ALA H 23 -24.91 -16.99 28.55
N SER H 24 -25.66 -16.56 29.57
CA SER H 24 -25.37 -15.30 30.22
C SER H 24 -24.00 -15.34 30.88
N LYS H 25 -23.68 -16.44 31.55
CA LYS H 25 -22.36 -16.58 32.17
C LYS H 25 -21.27 -16.60 31.12
N ASN H 26 -21.51 -17.23 29.97
CA ASN H 26 -20.52 -17.28 28.91
C ASN H 26 -20.31 -15.91 28.29
N MET H 27 -21.37 -15.11 28.19
CA MET H 27 -21.23 -13.80 27.60
C MET H 27 -20.56 -12.80 28.53
N GLU H 28 -20.64 -13.01 29.84
CA GLU H 28 -19.86 -12.20 30.76
C GLU H 28 -18.38 -12.37 30.49
N LYS H 29 -17.92 -13.61 30.33
CA LYS H 29 -16.53 -13.86 30.05
C LYS H 29 -16.11 -13.28 28.71
N LEU H 30 -16.97 -13.43 27.71
CA LEU H 30 -16.62 -12.96 26.38
C LEU H 30 -16.50 -11.45 26.33
N SER H 31 -17.41 -10.75 26.99
CA SER H 31 -17.37 -9.29 26.99
C SER H 31 -16.18 -8.77 27.78
N SER H 32 -15.97 -9.28 29.00
CA SER H 32 -14.89 -8.79 29.85
C SER H 32 -13.54 -9.33 29.43
N GLY H 33 -13.49 -10.52 28.84
CA GLY H 33 -12.24 -11.14 28.50
C GLY H 33 -11.57 -11.86 29.65
N LEU H 34 -12.27 -12.06 30.76
CA LEU H 34 -11.71 -12.68 31.95
C LEU H 34 -12.48 -13.93 32.31
N ARG H 35 -11.76 -15.01 32.64
CA ARG H 35 -12.40 -16.22 33.13
C ARG H 35 -13.07 -15.97 34.46
N ILE H 36 -12.39 -15.27 35.37
CA ILE H 36 -12.84 -15.10 36.74
C ILE H 36 -13.34 -13.66 36.87
N ASN H 37 -14.65 -13.49 36.75
CA ASN H 37 -15.28 -12.21 37.06
C ASN H 37 -15.70 -12.17 38.52
N ARG H 38 -16.57 -13.09 38.92
CA ARG H 38 -16.92 -13.28 40.31
C ARG H 38 -15.93 -14.22 40.97
N ALA H 39 -15.97 -14.27 42.30
CA ALA H 39 -15.11 -15.17 43.03
C ALA H 39 -15.60 -16.61 43.00
N GLY H 40 -16.84 -16.84 42.54
CA GLY H 40 -17.36 -18.18 42.43
C GLY H 40 -16.89 -18.96 41.23
N ASP H 41 -16.28 -18.29 40.25
CA ASP H 41 -15.74 -18.99 39.10
C ASP H 41 -14.44 -19.71 39.44
N ASP H 42 -13.61 -19.12 40.28
CA ASP H 42 -12.42 -19.79 40.79
C ASP H 42 -11.99 -19.08 42.06
N ALA H 43 -12.16 -19.74 43.21
CA ALA H 43 -11.73 -19.15 44.46
C ALA H 43 -10.21 -19.06 44.52
N ALA H 44 -9.52 -20.16 44.27
CA ALA H 44 -8.06 -20.13 44.23
C ALA H 44 -7.56 -19.34 43.04
N GLY H 45 -8.30 -19.35 41.94
CA GLY H 45 -7.91 -18.52 40.80
C GLY H 45 -8.00 -17.04 41.13
N LEU H 46 -9.05 -16.64 41.85
CA LEU H 46 -9.15 -15.26 42.31
C LEU H 46 -8.01 -14.92 43.26
N ALA H 47 -7.73 -15.81 44.22
CA ALA H 47 -6.69 -15.51 45.20
C ALA H 47 -5.32 -15.41 44.55
N ILE H 48 -4.98 -16.35 43.66
CA ILE H 48 -3.68 -16.34 43.01
C ILE H 48 -3.53 -15.12 42.12
N SER H 49 -4.61 -14.78 41.40
CA SER H 49 -4.56 -13.66 40.47
C SER H 49 -4.21 -12.37 41.18
N GLU H 50 -4.90 -12.07 42.28
CA GLU H 50 -4.67 -10.81 42.99
C GLU H 50 -3.26 -10.71 43.53
N LYS H 51 -2.74 -11.80 44.08
CA LYS H 51 -1.34 -11.83 44.46
C LYS H 51 -0.47 -11.55 43.25
N MET H 52 -0.80 -12.18 42.13
CA MET H 52 -0.03 -12.00 40.90
C MET H 52 -0.07 -10.55 40.41
N ARG H 53 -1.28 -9.98 40.32
CA ARG H 53 -1.41 -8.60 39.87
C ARG H 53 -0.63 -7.65 40.77
N SER H 54 -0.77 -7.83 42.08
CA SER H 54 -0.05 -7.02 43.05
C SER H 54 1.44 -7.10 42.80
N GLN H 55 1.94 -8.30 42.52
CA GLN H 55 3.36 -8.48 42.25
C GLN H 55 3.75 -7.87 40.91
N ILE H 56 2.92 -8.05 39.88
CA ILE H 56 3.26 -7.52 38.56
C ILE H 56 3.27 -6.01 38.58
N ARG H 57 2.27 -5.38 39.19
CA ARG H 57 2.28 -3.93 39.30
C ARG H 57 3.32 -3.43 40.27
N GLY H 58 3.96 -4.33 41.03
CA GLY H 58 5.06 -3.95 41.87
C GLY H 58 6.38 -4.01 41.13
N LEU H 59 6.60 -5.08 40.36
CA LEU H 59 7.84 -5.19 39.61
C LEU H 59 7.93 -4.17 38.49
N ASP H 60 6.81 -3.81 37.89
CA ASP H 60 6.87 -2.79 36.86
C ASP H 60 7.04 -1.40 37.45
N MET H 61 6.62 -1.21 38.70
CA MET H 61 6.89 0.04 39.39
C MET H 61 8.26 0.03 40.04
N ALA H 62 8.68 -1.09 40.61
CA ALA H 62 10.04 -1.22 41.10
C ALA H 62 11.06 -1.15 39.98
N SER H 63 10.66 -1.34 38.74
CA SER H 63 11.53 -1.09 37.61
C SER H 63 11.65 0.39 37.31
N LYS H 64 10.67 1.20 37.70
CA LYS H 64 10.81 2.65 37.61
C LYS H 64 11.75 3.16 38.69
N ASN H 65 11.63 2.62 39.90
CA ASN H 65 12.54 3.01 40.98
C ASN H 65 13.98 2.67 40.63
N ALA H 66 14.21 1.49 40.05
CA ALA H 66 15.55 1.12 39.64
C ALA H 66 16.08 2.07 38.58
N GLN H 67 15.22 2.57 37.70
CA GLN H 67 15.66 3.50 36.68
C GLN H 67 15.71 4.94 37.18
N ASP H 68 14.94 5.27 38.20
CA ASP H 68 15.10 6.56 38.85
C ASP H 68 16.31 6.59 39.77
N GLY H 69 16.91 5.44 40.05
CA GLY H 69 18.15 5.40 40.78
C GLY H 69 19.32 5.40 39.83
N ILE H 70 19.10 4.87 38.63
CA ILE H 70 20.12 4.96 37.59
C ILE H 70 20.34 6.39 37.20
N SER H 71 19.27 7.19 37.15
CA SER H 71 19.39 8.60 36.84
C SER H 71 20.06 9.36 37.96
N LEU H 72 19.71 9.04 39.21
CA LEU H 72 20.33 9.71 40.34
C LEU H 72 21.82 9.42 40.41
N ILE H 73 22.23 8.25 39.94
CA ILE H 73 23.64 7.87 40.00
C ILE H 73 24.41 8.41 38.80
N GLN H 74 23.78 8.46 37.63
CA GLN H 74 24.42 9.07 36.47
C GLN H 74 24.71 10.54 36.71
N THR H 75 23.82 11.21 37.44
CA THR H 75 24.04 12.62 37.75
C THR H 75 25.27 12.81 38.63
N SER H 76 25.44 11.95 39.63
CA SER H 76 26.58 12.09 40.53
C SER H 76 27.90 11.83 39.81
N GLU H 77 28.01 10.71 39.10
CA GLU H 77 29.26 10.42 38.41
C GLU H 77 29.46 11.36 37.24
N GLY H 78 28.38 11.85 36.64
CA GLY H 78 28.53 12.90 35.64
C GLY H 78 29.17 14.15 36.23
N ALA H 79 28.82 14.48 37.47
CA ALA H 79 29.42 15.61 38.14
C ALA H 79 30.88 15.35 38.47
N LEU H 80 31.20 14.15 39.05
CA LEU H 80 32.58 13.84 39.35
C LEU H 80 33.41 13.67 38.08
N ASN H 81 32.78 13.54 36.93
CA ASN H 81 33.55 13.55 35.69
C ASN H 81 34.32 14.85 35.53
N GLU H 82 33.82 15.94 36.09
CA GLU H 82 34.48 17.22 35.98
C GLU H 82 35.41 17.51 37.13
N THR H 83 35.11 17.03 38.32
CA THR H 83 36.09 17.09 39.37
C THR H 83 37.36 16.37 38.98
N HIS H 84 37.28 15.41 38.09
CA HIS H 84 38.51 14.82 37.59
C HIS H 84 39.28 15.77 36.71
N SER H 85 38.59 16.52 35.85
CA SER H 85 39.30 17.40 34.95
C SER H 85 39.86 18.60 35.67
N ILE H 86 39.15 19.06 36.66
CA ILE H 86 39.68 20.17 37.44
C ILE H 86 40.88 19.72 38.25
N LEU H 87 40.80 18.54 38.88
CA LEU H 87 41.94 18.00 39.59
C LEU H 87 43.10 17.70 38.65
N GLN H 88 42.80 17.38 37.39
CA GLN H 88 43.86 17.09 36.44
C GLN H 88 44.59 18.36 36.05
N ARG H 89 43.84 19.42 35.76
CA ARG H 89 44.44 20.72 35.51
C ARG H 89 45.12 21.25 36.76
N MET H 90 44.53 21.01 37.92
CA MET H 90 45.11 21.47 39.17
C MET H 90 46.45 20.82 39.45
N SER H 91 46.75 19.71 38.80
CA SER H 91 48.03 19.04 38.97
C SER H 91 49.10 19.57 38.04
N GLU H 92 48.73 20.15 36.90
CA GLU H 92 49.71 20.86 36.08
C GLU H 92 50.16 22.14 36.76
N LEU H 93 49.26 22.83 37.44
CA LEU H 93 49.69 23.99 38.22
C LEU H 93 50.23 23.57 39.57
N ALA H 94 51.03 22.51 39.59
CA ALA H 94 51.94 22.23 40.68
C ALA H 94 53.25 21.66 40.19
N THR H 95 53.31 21.14 38.97
CA THR H 95 54.56 20.80 38.33
C THR H 95 55.19 22.03 37.71
N GLN H 96 54.37 23.01 37.35
CA GLN H 96 54.90 24.28 36.86
C GLN H 96 55.33 25.17 38.01
N ALA H 97 54.59 25.14 39.12
CA ALA H 97 54.94 25.93 40.29
C ALA H 97 56.13 25.37 41.05
N ALA H 98 56.47 24.10 40.86
CA ALA H 98 57.61 23.52 41.54
C ALA H 98 58.93 23.87 40.88
N ASN H 99 58.92 24.23 39.61
CA ASN H 99 60.14 24.67 38.94
C ASN H 99 60.64 25.95 39.57
N ASP H 100 61.97 26.09 39.69
CA ASP H 100 62.54 27.23 40.38
C ASP H 100 62.96 28.35 39.43
N THR H 101 62.60 28.25 38.15
CA THR H 101 62.68 29.42 37.29
C THR H 101 61.53 30.38 37.53
N ASN H 102 60.45 29.91 38.15
CA ASN H 102 59.38 30.79 38.58
C ASN H 102 59.85 31.66 39.73
N THR H 103 59.29 32.86 39.82
CA THR H 103 59.46 33.70 40.99
C THR H 103 58.18 33.70 41.80
N ASP H 104 58.27 34.26 43.01
CA ASP H 104 57.08 34.32 43.86
C ASP H 104 56.00 35.18 43.23
N SER H 105 56.39 36.16 42.41
CA SER H 105 55.42 36.93 41.65
C SER H 105 54.66 36.06 40.66
N ASP H 106 55.23 34.93 40.25
CA ASP H 106 54.60 34.01 39.31
C ASP H 106 54.03 32.77 39.94
N ARG H 107 54.59 32.32 41.07
CA ARG H 107 53.94 31.27 41.83
C ARG H 107 52.61 31.77 42.39
N SER H 108 52.62 32.98 42.98
CA SER H 108 51.38 33.59 43.41
C SER H 108 50.49 33.91 42.23
N GLU H 109 51.08 33.99 41.03
CA GLU H 109 50.29 34.20 39.85
C GLU H 109 49.53 32.93 39.48
N LEU H 110 50.20 31.78 39.64
CA LEU H 110 49.53 30.49 39.47
C LEU H 110 48.51 30.23 40.55
N GLN H 111 48.78 30.73 41.76
CA GLN H 111 47.85 30.52 42.86
C GLN H 111 46.48 31.10 42.58
N LYS H 112 46.41 32.10 41.69
CA LYS H 112 45.12 32.68 41.35
C LYS H 112 44.21 31.63 40.70
N GLU H 113 44.76 30.82 39.80
CA GLU H 113 43.98 29.74 39.23
C GLU H 113 43.84 28.56 40.18
N MET H 114 44.84 28.36 41.05
CA MET H 114 44.72 27.36 42.11
C MET H 114 43.48 27.59 42.94
N ASP H 115 43.28 28.82 43.42
CA ASP H 115 42.12 29.13 44.24
C ASP H 115 40.83 29.15 43.44
N GLN H 116 40.91 29.38 42.14
CA GLN H 116 39.71 29.39 41.32
C GLN H 116 39.29 27.99 40.90
N LEU H 117 40.25 27.08 40.71
CA LEU H 117 39.91 25.69 40.45
C LEU H 117 39.39 25.02 41.72
N ALA H 118 40.06 25.25 42.85
CA ALA H 118 39.61 24.66 44.10
C ALA H 118 38.26 25.18 44.53
N SER H 119 37.89 26.40 44.13
CA SER H 119 36.57 26.93 44.41
C SER H 119 35.50 26.40 43.48
N GLU H 120 35.89 25.81 42.36
CA GLU H 120 34.94 25.17 41.47
C GLU H 120 34.69 23.72 41.85
N VAL H 121 35.69 23.05 42.38
CA VAL H 121 35.49 21.71 42.94
C VAL H 121 34.46 21.76 44.06
N THR H 122 34.53 22.79 44.91
CA THR H 122 33.54 22.94 45.96
C THR H 122 32.17 23.25 45.39
N ARG H 123 32.10 24.03 44.31
CA ARG H 123 30.81 24.37 43.73
C ARG H 123 30.09 23.12 43.24
N ILE H 124 30.81 22.22 42.58
CA ILE H 124 30.19 21.02 42.04
C ILE H 124 29.60 20.18 43.16
N SER H 125 30.27 20.13 44.30
CA SER H 125 29.75 19.34 45.42
C SER H 125 28.46 19.94 45.96
N THR H 126 28.44 21.24 46.19
CA THR H 126 27.28 21.87 46.79
C THR H 126 26.18 22.21 45.79
N ASP H 127 26.45 22.16 44.49
CA ASP H 127 25.45 22.50 43.49
C ASP H 127 24.84 21.29 42.82
N THR H 128 25.58 20.19 42.70
CA THR H 128 25.04 18.99 42.06
C THR H 128 23.83 18.51 42.84
N GLU H 129 22.67 18.51 42.17
CA GLU H 129 21.41 18.26 42.86
C GLU H 129 20.48 17.52 41.93
N PHE H 130 20.16 16.28 42.29
CA PHE H 130 19.09 15.54 41.63
C PHE H 130 17.83 15.70 42.46
N ASN H 131 16.71 15.97 41.77
CA ASN H 131 15.43 16.24 42.43
C ASN H 131 15.72 17.44 43.32
N THR H 132 15.58 17.35 44.63
CA THR H 132 16.03 18.38 45.56
C THR H 132 17.04 17.85 46.56
N LYS H 133 17.86 16.91 46.12
CA LYS H 133 18.83 16.24 46.98
C LYS H 133 20.23 16.62 46.55
N LYS H 134 21.02 17.12 47.49
CA LYS H 134 22.43 17.40 47.23
C LYS H 134 23.20 16.09 47.34
N LEU H 135 23.76 15.64 46.22
CA LEU H 135 24.35 14.31 46.18
C LEU H 135 25.76 14.29 46.73
N LEU H 136 26.60 15.24 46.32
CA LEU H 136 28.02 15.17 46.59
C LEU H 136 28.46 15.98 47.80
N ASP H 137 27.52 16.46 48.62
CA ASP H 137 27.87 17.25 49.80
C ASP H 137 27.88 16.41 51.07
N GLY H 138 27.84 15.10 50.95
CA GLY H 138 27.92 14.24 52.11
C GLY H 138 26.61 14.00 52.83
N THR H 139 25.51 14.54 52.33
CA THR H 139 24.21 14.32 52.95
C THR H 139 23.43 13.18 52.32
N ALA H 140 23.80 12.75 51.11
CA ALA H 140 23.14 11.65 50.43
C ALA H 140 23.75 10.35 50.92
N GLN H 141 23.27 9.89 52.07
CA GLN H 141 23.73 8.66 52.68
C GLN H 141 22.54 7.75 52.94
N ASN H 142 22.76 6.44 52.84
CA ASN H 142 21.72 5.45 53.10
C ASN H 142 20.57 5.58 52.12
N LEU H 143 20.86 6.02 50.91
CA LEU H 143 19.83 6.11 49.88
C LEU H 143 19.31 4.73 49.54
N THR H 144 18.04 4.48 49.85
CA THR H 144 17.43 3.18 49.71
C THR H 144 16.55 3.17 48.47
N PHE H 145 16.91 2.36 47.49
CA PHE H 145 16.09 2.16 46.31
C PHE H 145 15.30 0.87 46.48
N GLN H 146 13.98 0.98 46.37
CA GLN H 146 13.12 -0.20 46.47
C GLN H 146 13.14 -0.89 45.12
N ILE H 147 14.16 -1.71 44.90
CA ILE H 147 14.23 -2.53 43.69
C ILE H 147 13.60 -3.88 43.99
N GLY H 148 12.30 -3.94 43.92
CA GLY H 148 11.57 -5.14 44.29
C GLY H 148 10.20 -4.76 44.79
N ALA H 149 9.28 -5.72 44.71
CA ALA H 149 7.88 -5.45 45.02
C ALA H 149 7.52 -5.69 46.47
N ASN H 150 8.47 -6.06 47.32
CA ASN H 150 8.18 -6.46 48.69
C ASN H 150 9.07 -5.69 49.66
N GLU H 151 8.92 -6.00 50.94
CA GLU H 151 9.81 -5.47 51.97
C GLU H 151 11.24 -5.95 51.79
N GLY H 152 12.18 -5.10 52.18
CA GLY H 152 13.57 -5.51 52.25
C GLY H 152 14.20 -5.82 50.93
N GLN H 153 13.51 -5.57 49.83
CA GLN H 153 14.08 -5.75 48.49
C GLN H 153 14.65 -4.42 48.02
N THR H 154 15.59 -3.93 48.81
CA THR H 154 16.18 -2.61 48.63
C THR H 154 17.67 -2.71 48.38
N MET H 155 18.24 -1.58 47.98
CA MET H 155 19.67 -1.42 47.87
C MET H 155 20.06 -0.08 48.46
N SER H 156 21.09 -0.08 49.31
CA SER H 156 21.54 1.15 49.90
C SER H 156 22.65 1.78 49.06
N LEU H 157 22.97 3.03 49.38
CA LEU H 157 24.02 3.74 48.67
C LEU H 157 24.43 4.94 49.51
N SER H 158 25.73 5.23 49.51
CA SER H 158 26.24 6.37 50.28
C SER H 158 27.34 7.03 49.48
N ILE H 159 27.09 8.24 49.03
CA ILE H 159 28.09 9.03 48.32
C ILE H 159 28.77 9.95 49.32
N ASN H 160 30.10 9.89 49.37
CA ASN H 160 30.84 10.69 50.32
C ASN H 160 30.93 12.13 49.86
N LYS H 161 31.29 13.01 50.81
CA LYS H 161 31.49 14.41 50.49
C LYS H 161 32.71 14.57 49.59
N MET H 162 32.53 15.21 48.45
CA MET H 162 33.56 15.28 47.41
C MET H 162 33.86 16.72 47.04
N ASP H 163 34.04 17.56 48.04
CA ASP H 163 34.43 18.95 47.85
C ASP H 163 35.91 19.11 48.14
N SER H 164 36.43 20.31 47.87
CA SER H 164 37.86 20.54 48.01
C SER H 164 38.34 20.35 49.44
N GLU H 165 37.50 20.70 50.41
CA GLU H 165 37.87 20.50 51.81
C GLU H 165 38.06 19.02 52.11
N SER H 166 37.18 18.16 51.60
CA SER H 166 37.26 16.74 51.88
C SER H 166 38.43 16.09 51.15
N LEU H 167 38.66 16.47 49.89
CA LEU H 167 39.79 15.96 49.14
C LEU H 167 41.11 16.59 49.58
N LYS H 168 41.06 17.60 50.44
CA LYS H 168 42.24 18.29 50.97
C LYS H 168 42.99 19.07 49.90
N VAL H 169 42.30 19.46 48.83
CA VAL H 169 42.90 20.30 47.81
C VAL H 169 42.49 21.76 47.97
N GLY H 170 41.93 22.12 49.13
CA GLY H 170 41.49 23.47 49.34
C GLY H 170 41.01 23.63 50.76
N THR H 171 40.47 24.82 51.04
CA THR H 171 39.91 25.10 52.35
C THR H 171 38.89 26.22 52.20
N THR H 172 37.79 26.11 52.92
CA THR H 172 36.66 27.01 52.76
C THR H 172 36.49 27.84 54.02
N TYR H 173 36.75 29.13 53.91
CA TYR H 173 36.49 30.08 54.98
C TYR H 173 35.08 30.63 54.83
N THR H 174 34.39 30.80 55.94
CA THR H 174 33.09 31.45 55.93
C THR H 174 33.18 32.74 56.74
N ALA H 175 32.39 33.72 56.33
CA ALA H 175 32.44 35.03 56.94
C ALA H 175 31.59 35.06 58.20
N ASN H 176 32.16 35.59 59.28
CA ASN H 176 31.42 35.72 60.52
C ASN H 176 30.31 36.74 60.35
N ASP H 177 29.49 36.88 61.40
CA ASP H 177 28.28 37.68 61.29
C ASP H 177 28.58 39.14 60.96
N ASP H 178 29.57 39.72 61.62
CA ASP H 178 29.99 41.08 61.35
C ASP H 178 30.81 41.18 60.06
N GLY H 179 31.57 40.13 59.72
CA GLY H 179 32.42 40.14 58.56
C GLY H 179 33.83 40.61 58.87
N SER H 180 34.15 40.67 60.16
CA SER H 180 35.49 41.09 60.57
C SER H 180 36.53 40.02 60.27
N LYS H 181 36.18 38.76 60.52
CA LYS H 181 37.14 37.66 60.40
C LYS H 181 36.52 36.50 59.64
N LEU H 182 37.16 36.09 58.55
CA LEU H 182 36.75 34.88 57.86
C LEU H 182 37.09 33.66 58.70
N VAL H 183 36.11 32.78 58.86
CA VAL H 183 36.23 31.63 59.74
C VAL H 183 36.04 30.37 58.91
N THR H 184 37.00 29.45 59.01
CA THR H 184 36.82 28.15 58.40
C THR H 184 36.35 27.15 59.46
N ALA H 185 35.85 26.01 59.00
CA ALA H 185 35.63 24.89 59.90
C ALA H 185 36.99 24.43 60.45
N ASP H 186 36.99 24.02 61.72
CA ASP H 186 38.14 23.82 62.59
C ASP H 186 38.61 25.19 63.11
N GLY H 187 38.09 26.29 62.57
CA GLY H 187 38.33 27.59 63.15
C GLY H 187 39.70 28.19 62.93
N LYS H 188 40.02 28.51 61.68
CA LYS H 188 41.21 29.28 61.34
C LYS H 188 40.77 30.69 60.99
N GLU H 189 41.31 31.66 61.70
CA GLU H 189 40.84 33.04 61.64
C GLU H 189 41.51 33.78 60.49
N ALA H 190 40.79 34.77 59.95
CA ALA H 190 41.33 35.63 58.92
C ALA H 190 40.70 37.01 59.09
N THR H 191 41.40 37.90 59.80
CA THR H 191 40.84 39.20 60.15
C THR H 191 40.99 40.18 59.01
N LEU H 192 40.07 41.15 58.97
CA LEU H 192 40.04 42.16 57.93
C LEU H 192 40.93 43.38 58.21
N VAL H 193 41.42 43.98 57.12
CA VAL H 193 42.34 45.13 57.08
C VAL H 193 43.56 45.04 58.00
N THR H 194 44.25 43.90 57.95
CA THR H 194 45.34 43.66 58.88
C THR H 194 46.70 43.41 58.22
N LYS H 198 49.75 47.69 57.87
CA LYS H 198 48.55 47.70 57.04
C LYS H 198 48.78 46.84 55.79
N GLY H 199 49.65 47.32 54.90
CA GLY H 199 49.97 46.60 53.69
C GLY H 199 48.79 46.55 52.74
N PRO H 200 48.86 45.69 51.72
CA PRO H 200 47.73 45.50 50.83
C PRO H 200 46.50 45.03 51.60
N ASN H 201 45.33 45.49 51.16
CA ASN H 201 44.11 45.37 51.94
C ASN H 201 43.41 44.04 51.66
N GLY H 202 43.00 43.37 52.72
CA GLY H 202 42.29 42.10 52.60
C GLY H 202 42.18 41.42 53.95
N TYR H 203 41.68 40.19 53.91
CA TYR H 203 41.50 39.37 55.11
C TYR H 203 42.81 38.64 55.40
N TYR H 204 43.59 39.21 56.31
CA TYR H 204 44.87 38.61 56.61
C TYR H 204 44.74 37.50 57.64
N ASP H 205 45.74 36.64 57.68
CA ASP H 205 45.79 35.46 58.51
C ASP H 205 46.81 35.73 59.63
N ASP H 206 47.00 34.77 60.53
CA ASP H 206 47.89 34.94 61.68
C ASP H 206 49.36 34.96 61.30
N ALA H 207 49.67 34.85 60.01
CA ALA H 207 51.05 34.89 59.56
C ALA H 207 51.30 35.93 58.48
N ASP H 208 50.38 36.90 58.35
CA ASP H 208 50.49 38.05 57.46
C ASP H 208 50.28 37.58 56.02
N LYS H 209 50.12 36.27 55.82
CA LYS H 209 49.75 35.75 54.51
C LYS H 209 48.33 36.19 54.19
N LEU H 210 48.18 37.00 53.14
CA LEU H 210 46.86 37.39 52.69
C LEU H 210 46.05 36.16 52.31
N VAL H 211 44.81 36.11 52.79
CA VAL H 211 43.89 35.02 52.48
C VAL H 211 42.89 35.43 51.40
N TYR H 212 42.20 36.54 51.60
CA TYR H 212 41.27 37.06 50.61
C TYR H 212 41.62 38.51 50.31
N GLN H 213 41.43 38.89 49.05
CA GLN H 213 41.69 40.25 48.60
C GLN H 213 40.37 41.00 48.53
N ALA H 214 40.07 41.77 49.57
CA ALA H 214 38.88 42.62 49.59
C ALA H 214 39.15 43.79 50.51
N ASP H 215 38.64 44.96 50.10
CA ASP H 215 38.79 46.16 50.91
C ASP H 215 37.57 46.46 51.76
N SER H 216 36.38 46.12 51.28
CA SER H 216 35.17 46.22 52.10
C SER H 216 35.07 44.99 53.00
N ALA H 217 33.92 44.81 53.64
CA ALA H 217 33.71 43.65 54.49
C ALA H 217 32.75 42.71 53.80
N LEU H 218 33.08 41.43 53.76
CA LEU H 218 32.22 40.46 53.12
C LEU H 218 30.89 40.36 53.87
N ALA H 219 29.86 39.93 53.15
CA ALA H 219 28.54 39.79 53.74
C ALA H 219 28.50 38.63 54.71
N LYS H 220 27.33 38.34 55.25
CA LYS H 220 27.18 37.31 56.27
C LYS H 220 27.02 35.95 55.61
N ASP H 221 27.77 34.96 56.13
CA ASP H 221 27.77 33.60 55.58
C ASP H 221 28.14 33.57 54.10
N THR H 222 29.15 34.34 53.72
CA THR H 222 29.73 34.24 52.39
C THR H 222 30.97 33.37 52.48
N LYS H 223 30.98 32.27 51.73
CA LYS H 223 32.08 31.33 51.76
C LYS H 223 33.09 31.69 50.69
N VAL H 224 34.37 31.60 51.04
CA VAL H 224 35.45 31.71 50.08
C VAL H 224 36.28 30.44 50.15
N THR H 225 36.73 29.97 49.00
CA THR H 225 37.54 28.77 48.93
C THR H 225 38.95 29.14 48.45
N LYS H 226 39.95 28.64 49.17
CA LYS H 226 41.33 28.97 48.91
C LYS H 226 42.07 27.69 48.60
N GLY H 227 42.76 27.65 47.46
CA GLY H 227 43.41 26.43 47.02
C GLY H 227 44.56 26.04 47.92
N ILE H 228 45.06 24.82 47.69
CA ILE H 228 46.19 24.34 48.47
C ILE H 228 47.42 25.18 48.10
N ASP H 229 48.31 25.34 49.08
CA ASP H 229 49.43 26.26 48.96
C ASP H 229 50.45 25.73 47.95
N ILE H 230 50.63 26.46 46.85
CA ILE H 230 51.69 26.18 45.90
C ILE H 230 52.59 27.38 45.67
N SER H 231 52.27 28.53 46.25
CA SER H 231 52.97 29.76 45.95
C SER H 231 53.99 30.18 46.99
N SER H 232 54.01 29.52 48.15
CA SER H 232 54.95 29.91 49.19
C SER H 232 56.38 29.52 48.87
N SER H 233 56.58 28.43 48.13
CA SER H 233 57.91 27.93 47.84
C SER H 233 57.80 26.88 46.75
N ALA H 234 58.97 26.43 46.28
CA ALA H 234 58.99 25.28 45.38
C ALA H 234 58.79 23.98 46.14
N LYS H 235 59.26 23.91 47.38
CA LYS H 235 59.00 22.73 48.21
C LYS H 235 57.52 22.56 48.47
N ALA H 236 56.82 23.65 48.75
CA ALA H 236 55.38 23.57 49.01
C ALA H 236 54.63 23.11 47.77
N ALA H 237 55.03 23.60 46.60
CA ALA H 237 54.36 23.18 45.37
C ALA H 237 54.57 21.69 45.11
N SER H 238 55.77 21.19 45.37
CA SER H 238 56.01 19.74 45.25
C SER H 238 55.16 18.97 46.26
N SER H 239 55.04 19.50 47.48
CA SER H 239 54.22 18.82 48.49
C SER H 239 52.77 18.71 48.02
N ALA H 240 52.24 19.77 47.42
CA ALA H 240 50.89 19.74 46.88
C ALA H 240 50.71 18.73 45.77
N LEU H 241 51.80 18.27 45.16
CA LEU H 241 51.68 17.31 44.06
C LEU H 241 51.10 15.99 44.54
N THR H 242 51.60 15.45 45.65
CA THR H 242 51.04 14.22 46.19
C THR H 242 49.63 14.43 46.70
N THR H 243 49.36 15.57 47.32
CA THR H 243 48.01 15.83 47.80
C THR H 243 47.01 15.85 46.65
N ILE H 244 47.40 16.45 45.53
CA ILE H 244 46.50 16.49 44.39
C ILE H 244 46.36 15.12 43.76
N LYS H 245 47.47 14.41 43.58
CA LYS H 245 47.40 13.10 42.93
C LYS H 245 46.69 12.08 43.80
N THR H 246 46.67 12.29 45.11
CA THR H 246 45.86 11.44 45.99
C THR H 246 44.39 11.77 45.86
N ALA H 247 44.07 13.05 45.70
CA ALA H 247 42.67 13.43 45.53
C ALA H 247 42.09 12.83 44.26
N ILE H 248 42.90 12.73 43.20
CA ILE H 248 42.46 12.03 42.00
C ILE H 248 42.19 10.57 42.30
N ASP H 249 42.89 10.00 43.28
CA ASP H 249 42.68 8.60 43.63
C ASP H 249 41.38 8.40 44.40
N THR H 250 41.05 9.31 45.32
CA THR H 250 39.82 9.20 46.06
C THR H 250 38.61 9.71 45.31
N VAL H 251 38.81 10.31 44.13
CA VAL H 251 37.70 10.59 43.25
C VAL H 251 37.44 9.41 42.33
N SER H 252 38.50 8.78 41.83
CA SER H 252 38.33 7.56 41.04
C SER H 252 37.67 6.46 41.85
N SER H 253 37.97 6.39 43.15
CA SER H 253 37.32 5.41 44.00
C SER H 253 35.82 5.69 44.11
N GLU H 254 35.45 6.96 44.24
CA GLU H 254 34.03 7.31 44.34
C GLU H 254 33.32 7.07 43.02
N ARG H 255 33.96 7.37 41.89
CA ARG H 255 33.31 7.23 40.61
C ARG H 255 32.95 5.78 40.31
N ALA H 256 33.82 4.83 40.63
CA ALA H 256 33.52 3.44 40.37
C ALA H 256 32.79 2.76 41.52
N LYS H 257 32.70 3.39 42.69
CA LYS H 257 31.71 2.97 43.65
C LYS H 257 30.31 3.30 43.17
N LEU H 258 30.17 4.29 42.29
CA LEU H 258 28.89 4.61 41.68
C LEU H 258 28.71 3.98 40.33
N GLY H 259 29.78 3.59 39.66
CA GLY H 259 29.65 2.87 38.41
C GLY H 259 29.36 1.41 38.67
N ALA H 260 29.77 0.92 39.83
CA ALA H 260 29.45 -0.45 40.22
C ALA H 260 27.98 -0.59 40.53
N VAL H 261 27.40 0.39 41.22
CA VAL H 261 25.97 0.34 41.53
C VAL H 261 25.15 0.47 40.27
N GLN H 262 25.59 1.32 39.33
CA GLN H 262 24.84 1.50 38.10
C GLN H 262 24.86 0.24 37.25
N ASN H 263 26.00 -0.45 37.21
CA ASN H 263 26.05 -1.73 36.50
C ASN H 263 25.11 -2.74 37.12
N ARG H 264 25.06 -2.79 38.46
CA ARG H 264 24.13 -3.70 39.13
C ARG H 264 22.70 -3.34 38.80
N LEU H 265 22.37 -2.05 38.84
CA LEU H 265 21.00 -1.64 38.56
C LEU H 265 20.59 -1.90 37.12
N GLU H 266 21.55 -2.01 36.21
CA GLU H 266 21.21 -2.39 34.84
C GLU H 266 20.85 -3.87 34.75
N HIS H 267 21.49 -4.71 35.58
CA HIS H 267 21.11 -6.11 35.65
C HIS H 267 19.79 -6.28 36.40
N THR H 268 19.56 -5.49 37.43
CA THR H 268 18.30 -5.54 38.15
C THR H 268 17.12 -5.18 37.28
N ILE H 269 17.31 -4.31 36.30
CA ILE H 269 16.21 -3.90 35.45
C ILE H 269 15.83 -5.00 34.46
N ASN H 270 16.82 -5.66 33.86
CA ASN H 270 16.52 -6.77 32.96
C ASN H 270 15.84 -7.90 33.69
N ASN H 271 16.24 -8.17 34.94
CA ASN H 271 15.63 -9.24 35.69
C ASN H 271 14.24 -8.87 36.17
N LEU H 272 14.03 -7.61 36.52
CA LEU H 272 12.67 -7.17 36.88
C LEU H 272 11.77 -7.16 35.67
N GLY H 273 12.28 -6.77 34.50
CA GLY H 273 11.49 -6.82 33.29
C GLY H 273 11.16 -8.22 32.85
N THR H 274 12.10 -9.15 33.00
CA THR H 274 11.83 -10.54 32.65
C THR H 274 10.83 -11.17 33.61
N SER H 275 10.88 -10.81 34.88
CA SER H 275 9.96 -11.38 35.85
C SER H 275 8.55 -10.81 35.73
N SER H 276 8.38 -9.68 35.06
CA SER H 276 7.02 -9.19 34.81
C SER H 276 6.39 -9.94 33.65
N GLU H 277 7.14 -10.20 32.58
CA GLU H 277 6.60 -10.98 31.48
C GLU H 277 6.23 -12.38 31.92
N ASN H 278 7.11 -13.01 32.70
CA ASN H 278 6.85 -14.37 33.14
C ASN H 278 5.66 -14.43 34.09
N LEU H 279 5.42 -13.37 34.83
CA LEU H 279 4.27 -13.33 35.71
C LEU H 279 3.02 -12.79 35.02
N THR H 280 3.19 -11.87 34.06
CA THR H 280 2.04 -11.43 33.28
C THR H 280 1.46 -12.59 32.48
N SER H 281 2.31 -13.37 31.85
CA SER H 281 1.84 -14.55 31.13
C SER H 281 1.25 -15.57 32.10
N ALA H 282 1.85 -15.71 33.28
CA ALA H 282 1.32 -16.64 34.27
C ALA H 282 -0.05 -16.21 34.74
N GLU H 283 -0.26 -14.92 34.95
CA GLU H 283 -1.55 -14.43 35.41
C GLU H 283 -2.60 -14.46 34.32
N SER H 284 -2.19 -14.26 33.07
CA SER H 284 -3.15 -14.30 31.97
C SER H 284 -3.76 -15.69 31.81
N ARG H 285 -2.94 -16.72 31.95
CA ARG H 285 -3.47 -18.08 31.86
C ARG H 285 -4.47 -18.37 32.96
N ILE H 286 -4.23 -17.85 34.16
CA ILE H 286 -5.15 -18.09 35.26
C ILE H 286 -6.42 -17.26 35.10
N ARG H 287 -6.29 -16.02 34.67
CA ARG H 287 -7.39 -15.06 34.73
C ARG H 287 -8.08 -14.84 33.39
N ASP H 288 -7.33 -14.60 32.33
CA ASP H 288 -7.93 -14.29 31.04
C ASP H 288 -8.64 -15.51 30.47
N VAL H 289 -9.66 -15.26 29.67
CA VAL H 289 -10.45 -16.31 29.06
C VAL H 289 -9.89 -16.63 27.69
N ASP H 290 -10.13 -17.86 27.24
CA ASP H 290 -9.76 -18.27 25.89
C ASP H 290 -10.91 -17.92 24.97
N MET H 291 -10.68 -16.98 24.06
CA MET H 291 -11.77 -16.49 23.21
C MET H 291 -12.35 -17.61 22.37
N ALA H 292 -11.50 -18.46 21.80
CA ALA H 292 -11.99 -19.53 20.94
C ALA H 292 -12.79 -20.55 21.74
N SER H 293 -12.24 -21.04 22.85
CA SER H 293 -12.91 -22.06 23.63
C SER H 293 -14.16 -21.55 24.33
N GLU H 294 -14.35 -20.24 24.40
CA GLU H 294 -15.51 -19.65 25.07
C GLU H 294 -16.60 -19.25 24.10
N MET H 295 -16.23 -18.72 22.93
CA MET H 295 -17.21 -18.41 21.91
C MET H 295 -17.87 -19.69 21.42
N MET H 296 -17.10 -20.76 21.26
CA MET H 296 -17.67 -22.05 20.87
C MET H 296 -18.60 -22.59 21.93
N GLU H 297 -18.31 -22.34 23.21
CA GLU H 297 -19.20 -22.82 24.26
C GLU H 297 -20.43 -21.93 24.38
N TYR H 298 -20.28 -20.63 24.13
CA TYR H 298 -21.42 -19.73 24.17
C TYR H 298 -22.44 -20.11 23.10
N THR H 299 -21.96 -20.42 21.90
CA THR H 299 -22.86 -20.81 20.82
C THR H 299 -23.63 -22.08 21.16
N LYS H 300 -23.00 -23.01 21.86
CA LYS H 300 -23.69 -24.25 22.22
C LYS H 300 -24.89 -23.98 23.11
N ASN H 301 -24.69 -23.27 24.23
CA ASN H 301 -25.81 -22.95 25.09
C ASN H 301 -26.78 -22.01 24.43
N ASN H 302 -26.32 -21.21 23.46
CA ASN H 302 -27.23 -20.36 22.71
C ASN H 302 -28.11 -21.17 21.77
N ILE H 303 -27.74 -22.41 21.47
CA ILE H 303 -28.59 -23.29 20.68
C ILE H 303 -29.47 -24.15 21.57
N LEU H 304 -28.90 -24.66 22.66
CA LEU H 304 -29.68 -25.48 23.59
C LEU H 304 -30.86 -24.73 24.17
N THR H 305 -30.79 -23.41 24.27
CA THR H 305 -31.92 -22.63 24.71
C THR H 305 -32.97 -22.46 23.61
N GLN H 306 -32.54 -22.42 22.35
CA GLN H 306 -33.51 -22.37 21.26
C GLN H 306 -34.17 -23.72 21.03
N ALA H 307 -33.44 -24.81 21.26
CA ALA H 307 -34.05 -26.13 21.21
C ALA H 307 -35.13 -26.28 22.28
N SER H 308 -34.84 -25.80 23.49
CA SER H 308 -35.85 -25.82 24.54
C SER H 308 -36.97 -24.83 24.23
N GLN H 309 -36.64 -23.71 23.62
CA GLN H 309 -37.66 -22.76 23.21
C GLN H 309 -38.60 -23.38 22.18
N ALA H 310 -38.04 -24.09 21.20
CA ALA H 310 -38.86 -24.70 20.17
C ALA H 310 -39.78 -25.77 20.74
N MET H 311 -39.27 -26.60 21.65
CA MET H 311 -40.08 -27.66 22.21
C MET H 311 -41.08 -27.16 23.25
N LEU H 312 -40.81 -26.02 23.88
CA LEU H 312 -41.78 -25.45 24.81
C LEU H 312 -43.05 -25.05 24.09
N ALA H 313 -42.92 -24.51 22.87
CA ALA H 313 -44.09 -24.14 22.10
C ALA H 313 -44.96 -25.35 21.81
N GLN H 314 -44.34 -26.47 21.43
CA GLN H 314 -45.11 -27.68 21.16
C GLN H 314 -45.68 -28.28 22.44
N ALA H 315 -44.96 -28.13 23.55
CA ALA H 315 -45.44 -28.67 24.82
C ALA H 315 -46.75 -28.04 25.24
N ASN H 316 -46.97 -26.78 24.89
CA ASN H 316 -48.23 -26.12 25.20
C ASN H 316 -49.35 -26.55 24.27
N GLN H 317 -49.01 -26.98 23.05
CA GLN H 317 -50.04 -27.36 22.09
C GLN H 317 -50.66 -28.71 22.45
N GLN H 318 -49.90 -29.58 23.09
CA GLN H 318 -50.38 -30.92 23.41
C GLN H 318 -51.63 -30.94 24.27
N PRO H 319 -51.76 -30.15 25.35
CA PRO H 319 -53.02 -30.16 26.10
C PRO H 319 -54.21 -29.63 25.34
N GLN H 320 -53.98 -28.92 24.23
CA GLN H 320 -55.09 -28.31 23.49
C GLN H 320 -55.92 -29.33 22.73
N GLN H 321 -55.49 -30.59 22.65
CA GLN H 321 -56.19 -31.59 21.85
C GLN H 321 -57.33 -32.28 22.58
N VAL H 322 -57.48 -32.05 23.89
CA VAL H 322 -58.59 -32.67 24.61
C VAL H 322 -59.91 -31.97 24.35
N LEU H 323 -59.87 -30.75 23.82
CA LEU H 323 -61.11 -30.01 23.55
C LEU H 323 -61.93 -30.70 22.47
N GLN H 324 -61.26 -31.21 21.42
CA GLN H 324 -61.96 -31.93 20.38
C GLN H 324 -62.58 -33.22 20.89
N LEU H 325 -62.03 -33.80 21.96
CA LEU H 325 -62.62 -34.97 22.59
C LEU H 325 -63.76 -34.61 23.54
N LEU H 326 -63.67 -33.45 24.19
CA LEU H 326 -64.67 -33.07 25.17
C LEU H 326 -66.01 -32.69 24.55
N LYS H 327 -66.02 -32.35 23.26
CA LYS H 327 -67.26 -32.00 22.58
C LYS H 327 -67.90 -33.24 21.96
N MET I 1 -50.51 -46.70 4.66
CA MET I 1 -49.80 -45.73 5.48
C MET I 1 -49.51 -46.28 6.86
N ARG I 2 -48.26 -46.67 7.09
CA ARG I 2 -47.84 -47.20 8.38
C ARG I 2 -47.22 -46.07 9.20
N ILE I 3 -47.70 -45.92 10.44
CA ILE I 3 -47.38 -44.76 11.26
C ILE I 3 -46.32 -45.09 12.31
N ASN I 4 -46.33 -46.30 12.85
CA ASN I 4 -45.42 -46.65 13.94
C ASN I 4 -43.96 -46.59 13.54
N HIS I 5 -43.65 -46.57 12.24
CA HIS I 5 -42.27 -46.49 11.80
C HIS I 5 -42.20 -45.64 10.54
N ASN I 6 -41.28 -44.68 10.51
CA ASN I 6 -41.08 -43.80 9.36
C ASN I 6 -39.76 -44.19 8.72
N ILE I 7 -39.81 -45.18 7.82
CA ILE I 7 -38.59 -45.67 7.19
C ILE I 7 -37.98 -44.60 6.32
N ALA I 8 -38.80 -43.73 5.73
CA ALA I 8 -38.27 -42.63 4.93
C ALA I 8 -37.42 -41.69 5.78
N ALA I 9 -37.88 -41.36 6.97
CA ALA I 9 -37.10 -40.51 7.86
C ALA I 9 -35.96 -41.26 8.52
N LEU I 10 -36.17 -42.54 8.84
CA LEU I 10 -35.10 -43.34 9.43
C LEU I 10 -33.95 -43.54 8.45
N ASN I 11 -34.26 -43.70 7.16
CA ASN I 11 -33.21 -43.81 6.16
C ASN I 11 -32.48 -42.49 5.98
N THR I 12 -33.21 -41.37 6.01
CA THR I 12 -32.59 -40.07 5.86
C THR I 12 -31.69 -39.74 7.04
N SER I 13 -32.01 -40.26 8.23
CA SER I 13 -31.17 -40.01 9.39
C SER I 13 -29.78 -40.61 9.21
N ARG I 14 -29.71 -41.83 8.64
CA ARG I 14 -28.41 -42.45 8.44
C ARG I 14 -27.55 -41.66 7.46
N GLN I 15 -28.16 -41.18 6.37
CA GLN I 15 -27.42 -40.32 5.46
C GLN I 15 -27.06 -38.99 6.10
N LEU I 16 -27.86 -38.54 7.07
CA LEU I 16 -27.51 -37.34 7.82
C LEU I 16 -26.29 -37.59 8.69
N ASN I 17 -26.26 -38.72 9.41
CA ASN I 17 -25.05 -39.10 10.14
C ASN I 17 -24.11 -39.92 9.29
N ALA I 18 -23.89 -39.49 8.05
CA ALA I 18 -22.82 -40.01 7.21
C ALA I 18 -22.13 -38.93 6.40
N GLY I 19 -22.73 -37.76 6.26
CA GLY I 19 -22.07 -36.63 5.63
C GLY I 19 -21.55 -35.70 6.69
N SER I 20 -22.19 -35.73 7.87
CA SER I 20 -21.64 -35.01 9.01
C SER I 20 -20.32 -35.62 9.45
N ASN I 21 -20.23 -36.95 9.47
CA ASN I 21 -18.97 -37.60 9.80
C ASN I 21 -17.90 -37.27 8.78
N ALA I 22 -18.24 -37.30 7.50
CA ALA I 22 -17.28 -36.97 6.46
C ALA I 22 -16.83 -35.52 6.55
N ALA I 23 -17.76 -34.60 6.84
CA ALA I 23 -17.39 -33.21 7.01
C ALA I 23 -16.49 -33.01 8.21
N SER I 24 -16.77 -33.72 9.30
CA SER I 24 -15.91 -33.64 10.48
C SER I 24 -14.51 -34.15 10.16
N LYS I 25 -14.42 -35.26 9.43
CA LYS I 25 -13.11 -35.77 9.04
C LYS I 25 -12.39 -34.79 8.12
N ASN I 26 -13.12 -34.13 7.22
CA ASN I 26 -12.51 -33.18 6.32
C ASN I 26 -12.03 -31.95 7.06
N MET I 27 -12.73 -31.54 8.10
CA MET I 27 -12.34 -30.35 8.85
C MET I 27 -11.16 -30.63 9.77
N GLU I 28 -10.97 -31.88 10.19
CA GLU I 28 -9.74 -32.21 10.91
C GLU I 28 -8.52 -31.98 10.05
N LYS I 29 -8.57 -32.42 8.79
CA LYS I 29 -7.45 -32.21 7.88
C LYS I 29 -7.24 -30.74 7.60
N LEU I 30 -8.32 -30.00 7.41
CA LEU I 30 -8.19 -28.59 7.06
C LEU I 30 -7.59 -27.78 8.22
N SER I 31 -8.02 -28.07 9.45
CA SER I 31 -7.49 -27.35 10.59
C SER I 31 -6.03 -27.69 10.85
N SER I 32 -5.71 -28.99 10.89
CA SER I 32 -4.35 -29.40 11.19
C SER I 32 -3.40 -29.22 10.02
N GLY I 33 -3.91 -29.30 8.79
CA GLY I 33 -3.06 -29.24 7.63
C GLY I 33 -2.40 -30.55 7.27
N LEU I 34 -2.81 -31.66 7.87
CA LEU I 34 -2.20 -32.95 7.65
C LEU I 34 -3.23 -33.95 7.12
N ARG I 35 -2.84 -34.71 6.10
CA ARG I 35 -3.70 -35.78 5.61
C ARG I 35 -3.88 -36.85 6.66
N ILE I 36 -2.80 -37.24 7.32
CA ILE I 36 -2.79 -38.36 8.23
C ILE I 36 -2.74 -37.81 9.64
N ASN I 37 -3.90 -37.71 10.29
CA ASN I 37 -3.97 -37.37 11.70
C ASN I 37 -3.96 -38.64 12.55
N ARG I 38 -4.95 -39.51 12.33
CA ARG I 38 -4.97 -40.83 12.92
C ARG I 38 -4.21 -41.80 12.03
N ALA I 39 -3.93 -42.98 12.59
CA ALA I 39 -3.25 -44.01 11.83
C ALA I 39 -4.18 -44.71 10.85
N GLY I 40 -5.49 -44.52 10.99
CA GLY I 40 -6.45 -45.13 10.08
C GLY I 40 -6.59 -44.44 8.75
N ASP I 41 -6.07 -43.22 8.61
CA ASP I 41 -6.10 -42.53 7.33
C ASP I 41 -5.08 -43.10 6.36
N ASP I 42 -3.90 -43.48 6.85
CA ASP I 42 -2.92 -44.17 6.03
C ASP I 42 -1.96 -44.90 6.97
N ALA I 43 -2.05 -46.23 7.00
CA ALA I 43 -1.14 -47.00 7.83
C ALA I 43 0.30 -46.90 7.31
N ALA I 44 0.49 -47.20 6.02
CA ALA I 44 1.80 -47.05 5.42
C ALA I 44 2.22 -45.60 5.34
N GLY I 45 1.26 -44.68 5.16
CA GLY I 45 1.59 -43.27 5.19
C GLY I 45 2.09 -42.83 6.55
N LEU I 46 1.46 -43.32 7.62
CA LEU I 46 1.94 -43.03 8.96
C LEU I 46 3.33 -43.62 9.18
N ALA I 47 3.54 -44.87 8.76
CA ALA I 47 4.83 -45.50 8.98
C ALA I 47 5.94 -44.79 8.21
N ILE I 48 5.71 -44.48 6.94
CA ILE I 48 6.73 -43.82 6.13
C ILE I 48 7.03 -42.44 6.65
N SER I 49 5.99 -41.71 7.07
CA SER I 49 6.16 -40.36 7.55
C SER I 49 7.10 -40.30 8.75
N GLU I 50 6.85 -41.14 9.75
CA GLU I 50 7.65 -41.11 10.96
C GLU I 50 9.11 -41.45 10.69
N LYS I 51 9.37 -42.43 9.83
CA LYS I 51 10.73 -42.69 9.38
C LYS I 51 11.29 -41.45 8.73
N MET I 52 10.50 -40.80 7.88
CA MET I 52 10.94 -39.60 7.19
C MET I 52 11.25 -38.47 8.15
N ARG I 53 10.32 -38.18 9.08
CA ARG I 53 10.54 -37.11 10.05
C ARG I 53 11.79 -37.37 10.87
N SER I 54 11.94 -38.60 11.35
CA SER I 54 13.11 -38.99 12.10
C SER I 54 14.39 -38.71 11.32
N GLN I 55 14.37 -39.04 10.03
CA GLN I 55 15.53 -38.80 9.19
C GLN I 55 15.74 -37.31 8.93
N ILE I 56 14.66 -36.57 8.69
CA ILE I 56 14.80 -35.14 8.41
C ILE I 56 15.32 -34.40 9.62
N ARG I 57 14.77 -34.69 10.81
CA ARG I 57 15.29 -34.06 12.02
C ARG I 57 16.66 -34.58 12.39
N GLY I 58 17.12 -35.65 11.74
CA GLY I 58 18.48 -36.12 11.95
C GLY I 58 19.46 -35.43 11.02
N LEU I 59 19.11 -35.27 9.76
CA LEU I 59 20.00 -34.59 8.82
C LEU I 59 20.13 -33.12 9.13
N ASP I 60 19.07 -32.48 9.62
CA ASP I 60 19.20 -31.09 9.98
C ASP I 60 19.97 -30.90 11.27
N MET I 61 19.97 -31.91 12.13
CA MET I 61 20.81 -31.87 13.32
C MET I 61 22.23 -32.35 13.03
N ALA I 62 22.37 -33.38 12.19
CA ALA I 62 23.70 -33.77 11.74
C ALA I 62 24.37 -32.70 10.88
N SER I 63 23.61 -31.76 10.36
CA SER I 63 24.19 -30.59 9.73
C SER I 63 24.72 -29.58 10.73
N LYS I 64 24.19 -29.59 11.95
CA LYS I 64 24.78 -28.78 13.02
C LYS I 64 26.08 -29.40 13.50
N ASN I 65 26.11 -30.73 13.64
CA ASN I 65 27.34 -31.41 14.03
C ASN I 65 28.44 -31.17 13.02
N ALA I 66 28.10 -31.24 11.73
CA ALA I 66 29.10 -30.98 10.70
C ALA I 66 29.61 -29.56 10.79
N GLN I 67 28.77 -28.61 11.16
CA GLN I 67 29.21 -27.24 11.29
C GLN I 67 29.87 -26.96 12.63
N ASP I 68 29.54 -27.72 13.67
CA ASP I 68 30.28 -27.64 14.92
C ASP I 68 31.63 -28.33 14.83
N GLY I 69 31.87 -29.12 13.78
CA GLY I 69 33.17 -29.69 13.55
C GLY I 69 33.98 -28.79 12.65
N ILE I 70 33.30 -28.02 11.80
CA ILE I 70 33.99 -27.02 11.00
C ILE I 70 34.56 -25.94 11.90
N SER I 71 33.83 -25.57 12.96
CA SER I 71 34.34 -24.59 13.89
C SER I 71 35.48 -25.16 14.72
N LEU I 72 35.39 -26.42 15.14
CA LEU I 72 36.46 -27.02 15.91
C LEU I 72 37.73 -27.12 15.08
N ILE I 73 37.60 -27.27 13.77
CA ILE I 73 38.76 -27.42 12.90
C ILE I 73 39.33 -26.08 12.50
N GLN I 74 38.48 -25.07 12.31
CA GLN I 74 38.96 -23.72 12.03
C GLN I 74 39.77 -23.19 13.20
N THR I 75 39.37 -23.53 14.42
CA THR I 75 40.12 -23.09 15.59
C THR I 75 41.53 -23.68 15.60
N SER I 76 41.66 -24.95 15.27
CA SER I 76 42.97 -25.60 15.30
C SER I 76 43.89 -25.01 14.24
N GLU I 77 43.43 -24.95 12.99
CA GLU I 77 44.29 -24.42 11.94
C GLU I 77 44.49 -22.92 12.10
N GLY I 78 43.52 -22.23 12.70
CA GLY I 78 43.74 -20.84 13.04
C GLY I 78 44.88 -20.68 14.04
N ALA I 79 45.00 -21.62 14.97
CA ALA I 79 46.11 -21.59 15.92
C ALA I 79 47.42 -21.92 15.24
N LEU I 80 47.46 -22.99 14.41
CA LEU I 80 48.70 -23.31 13.70
C LEU I 80 49.06 -22.25 12.68
N ASN I 81 48.15 -21.36 12.34
CA ASN I 81 48.53 -20.23 11.51
C ASN I 81 49.61 -19.40 12.15
N GLU I 82 49.66 -19.37 13.48
CA GLU I 82 50.66 -18.60 14.19
C GLU I 82 51.90 -19.38 14.51
N THR I 83 51.77 -20.68 14.77
CA THR I 83 52.96 -21.50 14.87
C THR I 83 53.78 -21.43 13.60
N HIS I 84 53.15 -21.14 12.48
CA HIS I 84 53.94 -20.91 11.27
C HIS I 84 54.73 -19.63 11.33
N SER I 85 54.13 -18.57 11.85
CA SER I 85 54.84 -17.30 11.89
C SER I 85 55.93 -17.30 12.92
N ILE I 86 55.69 -17.97 14.01
CA ILE I 86 56.74 -18.06 15.01
C ILE I 86 57.89 -18.91 14.49
N LEU I 87 57.58 -20.04 13.86
CA LEU I 87 58.63 -20.85 13.25
C LEU I 87 59.33 -20.11 12.14
N GLN I 88 58.63 -19.20 11.46
CA GLN I 88 59.25 -18.45 10.38
C GLN I 88 60.23 -17.43 10.92
N ARG I 89 59.83 -16.71 11.97
CA ARG I 89 60.74 -15.80 12.66
C ARG I 89 61.85 -16.57 13.33
N MET I 90 61.54 -17.74 13.88
CA MET I 90 62.54 -18.55 14.54
C MET I 90 63.61 -19.04 13.59
N SER I 91 63.36 -19.00 12.30
CA SER I 91 64.33 -19.41 11.30
C SER I 91 65.25 -18.26 10.88
N GLU I 92 64.81 -17.01 11.02
CA GLU I 92 65.72 -15.90 10.82
C GLU I 92 66.72 -15.81 11.96
N LEU I 93 66.31 -16.11 13.18
CA LEU I 93 67.29 -16.19 14.26
C LEU I 93 67.99 -17.52 14.27
N ALA I 94 68.37 -18.02 13.11
CA ALA I 94 69.38 -19.05 12.97
C ALA I 94 70.26 -18.82 11.75
N THR I 95 69.81 -18.01 10.79
CA THR I 95 70.68 -17.54 9.72
C THR I 95 71.50 -16.36 10.17
N GLN I 96 71.00 -15.61 11.15
CA GLN I 96 71.77 -14.53 11.75
C GLN I 96 72.74 -15.05 12.77
N ALA I 97 72.35 -16.08 13.53
CA ALA I 97 73.24 -16.67 14.52
C ALA I 97 74.32 -17.54 13.91
N ALA I 98 74.15 -17.97 12.67
CA ALA I 98 75.17 -18.77 12.00
C ALA I 98 76.32 -17.96 11.46
N ASN I 99 76.11 -16.66 11.21
CA ASN I 99 77.18 -15.81 10.76
C ASN I 99 78.23 -15.67 11.87
N ASP I 100 79.50 -15.62 11.48
CA ASP I 100 80.59 -15.61 12.44
C ASP I 100 81.09 -14.21 12.75
N THR I 101 80.41 -13.18 12.28
CA THR I 101 80.64 -11.84 12.82
C THR I 101 79.97 -11.65 14.17
N ASN I 102 79.01 -12.49 14.51
CA ASN I 102 78.43 -12.49 15.84
C ASN I 102 79.44 -13.03 16.84
N THR I 103 79.35 -12.55 18.07
CA THR I 103 80.09 -13.13 19.17
C THR I 103 79.14 -13.92 20.07
N ASP I 104 79.72 -14.69 20.98
CA ASP I 104 78.88 -15.46 21.90
C ASP I 104 78.03 -14.55 22.76
N SER I 105 78.49 -13.33 23.03
CA SER I 105 77.66 -12.36 23.73
C SER I 105 76.43 -11.99 22.92
N ASP I 106 76.47 -12.16 21.60
CA ASP I 106 75.35 -11.83 20.72
C ASP I 106 74.59 -13.04 20.23
N ARG I 107 75.24 -14.20 20.12
CA ARG I 107 74.49 -15.43 19.89
C ARG I 107 73.61 -15.74 21.08
N SER I 108 74.16 -15.66 22.28
CA SER I 108 73.34 -15.81 23.48
C SER I 108 72.35 -14.67 23.60
N GLU I 109 72.60 -13.57 22.91
CA GLU I 109 71.63 -12.49 22.90
C GLU I 109 70.44 -12.86 22.04
N LEU I 110 70.70 -13.52 20.91
CA LEU I 110 69.63 -14.04 20.07
C LEU I 110 68.90 -15.19 20.76
N GLN I 111 69.61 -15.96 21.57
CA GLN I 111 68.99 -17.09 22.25
C GLN I 111 67.87 -16.63 23.17
N LYS I 112 67.90 -15.38 23.61
CA LYS I 112 66.83 -14.88 24.46
C LYS I 112 65.50 -14.90 23.72
N GLU I 113 65.48 -14.49 22.46
CA GLU I 113 64.27 -14.58 21.67
C GLU I 113 64.01 -16.00 21.20
N MET I 114 65.06 -16.78 21.00
CA MET I 114 64.90 -18.20 20.70
C MET I 114 64.06 -18.89 21.76
N ASP I 115 64.42 -18.70 23.03
CA ASP I 115 63.69 -19.33 24.11
C ASP I 115 62.32 -18.72 24.31
N GLN I 116 62.12 -17.47 23.90
CA GLN I 116 60.82 -16.84 24.06
C GLN I 116 59.87 -17.20 22.94
N LEU I 117 60.39 -17.43 21.73
CA LEU I 117 59.55 -17.92 20.64
C LEU I 117 59.19 -19.38 20.86
N ALA I 118 60.16 -20.20 21.25
CA ALA I 118 59.88 -21.60 21.50
C ALA I 118 58.94 -21.80 22.67
N SER I 119 58.91 -20.87 23.62
CA SER I 119 57.97 -20.94 24.72
C SER I 119 56.58 -20.47 24.35
N GLU I 120 56.44 -19.77 23.23
CA GLU I 120 55.13 -19.38 22.72
C GLU I 120 54.53 -20.44 21.83
N VAL I 121 55.36 -21.16 21.10
CA VAL I 121 54.87 -22.33 20.35
C VAL I 121 54.24 -23.34 21.30
N THR I 122 54.86 -23.56 22.46
CA THR I 122 54.29 -24.45 23.43
C THR I 122 53.00 -23.90 24.03
N ARG I 123 52.92 -22.58 24.21
CA ARG I 123 51.70 -22.00 24.77
C ARG I 123 50.51 -22.24 23.85
N ILE I 124 50.70 -22.07 22.54
CA ILE I 124 49.59 -22.24 21.61
C ILE I 124 49.06 -23.66 21.67
N SER I 125 49.95 -24.64 21.84
CA SER I 125 49.52 -26.02 21.89
C SER I 125 48.68 -26.29 23.15
N THR I 126 49.16 -25.83 24.30
CA THR I 126 48.47 -26.11 25.55
C THR I 126 47.33 -25.16 25.84
N ASP I 127 47.23 -24.03 25.13
CA ASP I 127 46.17 -23.07 25.38
C ASP I 127 45.04 -23.13 24.38
N THR I 128 45.31 -23.52 23.14
CA THR I 128 44.26 -23.60 22.14
C THR I 128 43.20 -24.59 22.58
N GLU I 129 41.99 -24.09 22.78
CA GLU I 129 40.94 -24.88 23.40
C GLU I 129 39.60 -24.51 22.78
N PHE I 130 38.98 -25.45 22.09
CA PHE I 130 37.61 -25.32 21.65
C PHE I 130 36.72 -26.04 22.66
N ASN I 131 35.63 -25.39 23.04
CA ASN I 131 34.72 -25.91 24.07
C ASN I 131 35.62 -26.05 25.30
N THR I 132 35.79 -27.26 25.85
CA THR I 132 36.78 -27.51 26.89
C THR I 132 37.78 -28.57 26.47
N LYS I 133 38.10 -28.61 25.19
CA LYS I 133 38.98 -29.63 24.61
C LYS I 133 40.27 -28.97 24.16
N LYS I 134 41.40 -29.49 24.63
CA LYS I 134 42.70 -29.03 24.16
C LYS I 134 42.99 -29.72 22.84
N LEU I 135 43.07 -28.94 21.76
CA LEU I 135 43.14 -29.53 20.43
C LEU I 135 44.57 -29.93 20.06
N LEU I 136 45.53 -29.05 20.30
CA LEU I 136 46.87 -29.22 19.77
C LEU I 136 47.84 -29.84 20.76
N ASP I 137 47.36 -30.37 21.88
CA ASP I 137 48.24 -30.97 22.87
C ASP I 137 48.30 -32.49 22.75
N GLY I 138 47.80 -33.04 21.66
CA GLY I 138 47.89 -34.47 21.43
C GLY I 138 46.81 -35.30 22.09
N THR I 139 45.86 -34.67 22.77
CA THR I 139 44.77 -35.40 23.39
C THR I 139 43.51 -35.46 22.54
N ALA I 140 43.41 -34.61 21.52
CA ALA I 140 42.25 -34.61 20.63
C ALA I 140 42.50 -35.64 19.53
N GLN I 141 42.22 -36.89 19.86
CA GLN I 141 42.39 -38.00 18.94
C GLN I 141 41.07 -38.75 18.82
N ASN I 142 40.81 -39.30 17.63
CA ASN I 142 39.61 -40.09 17.38
C ASN I 142 38.35 -39.25 17.55
N LEU I 143 38.45 -37.97 17.26
CA LEU I 143 37.28 -37.09 17.32
C LEU I 143 36.26 -37.53 16.27
N THR I 144 35.12 -38.00 16.74
CA THR I 144 34.08 -38.56 15.88
C THR I 144 32.96 -37.55 15.71
N PHE I 145 32.77 -37.08 14.49
CA PHE I 145 31.66 -36.20 14.16
C PHE I 145 30.55 -37.05 13.54
N GLN I 146 29.36 -36.99 14.12
CA GLN I 146 28.23 -37.71 13.57
C GLN I 146 27.65 -36.88 12.44
N ILE I 147 28.25 -37.04 11.25
CA ILE I 147 27.74 -36.40 10.06
C ILE I 147 26.79 -37.36 9.36
N GLY I 148 25.57 -37.42 9.82
CA GLY I 148 24.61 -38.37 9.32
C GLY I 148 23.62 -38.72 10.41
N ALA I 149 22.45 -39.18 9.99
CA ALA I 149 21.34 -39.40 10.92
C ALA I 149 21.31 -40.80 11.50
N ASN I 150 22.27 -41.66 11.17
CA ASN I 150 22.22 -43.05 11.56
C ASN I 150 23.55 -43.45 12.22
N GLU I 151 23.63 -44.73 12.60
CA GLU I 151 24.88 -45.30 13.08
C GLU I 151 25.97 -45.29 12.02
N GLY I 152 27.21 -45.16 12.48
CA GLY I 152 28.35 -45.33 11.62
C GLY I 152 28.49 -44.29 10.53
N GLN I 153 27.65 -43.26 10.55
CA GLN I 153 27.76 -42.16 9.60
C GLN I 153 28.60 -41.04 10.22
N THR I 154 29.83 -41.41 10.55
CA THR I 154 30.74 -40.57 11.30
C THR I 154 32.00 -40.31 10.49
N MET I 155 32.79 -39.38 10.98
CA MET I 155 34.12 -39.09 10.47
C MET I 155 35.07 -38.93 11.65
N SER I 156 36.21 -39.59 11.58
CA SER I 156 37.20 -39.46 12.64
C SER I 156 38.18 -38.35 12.32
N LEU I 157 38.98 -37.98 13.32
CA LEU I 157 39.99 -36.95 13.15
C LEU I 157 40.98 -37.06 14.30
N SER I 158 42.24 -36.82 14.01
CA SER I 158 43.28 -36.90 15.03
C SER I 158 44.30 -35.82 14.76
N ILE I 159 44.36 -34.83 15.65
CA ILE I 159 45.34 -33.76 15.55
C ILE I 159 46.52 -34.12 16.44
N ASN I 160 47.72 -34.11 15.86
CA ASN I 160 48.90 -34.49 16.61
C ASN I 160 49.35 -33.37 17.53
N LYS I 161 50.21 -33.73 18.48
CA LYS I 161 50.77 -32.75 19.39
C LYS I 161 51.70 -31.82 18.63
N MET I 162 51.45 -30.51 18.73
CA MET I 162 52.14 -29.52 17.92
C MET I 162 52.79 -28.46 18.79
N ASP I 163 53.50 -28.90 19.82
CA ASP I 163 54.26 -28.02 20.68
C ASP I 163 55.74 -28.09 20.31
N SER I 164 56.53 -27.24 20.96
CA SER I 164 57.94 -27.14 20.59
C SER I 164 58.67 -28.44 20.86
N GLU I 165 58.28 -29.17 21.90
CA GLU I 165 58.91 -30.44 22.19
C GLU I 165 58.67 -31.44 21.06
N SER I 166 57.45 -31.47 20.51
CA SER I 166 57.14 -32.42 19.46
C SER I 166 57.80 -32.02 18.14
N LEU I 167 57.80 -30.74 17.82
CA LEU I 167 58.47 -30.27 16.61
C LEU I 167 59.98 -30.25 16.76
N LYS I 168 60.50 -30.49 17.96
CA LYS I 168 61.92 -30.54 18.24
C LYS I 168 62.60 -29.18 18.10
N VAL I 169 61.84 -28.11 18.24
CA VAL I 169 62.39 -26.76 18.23
C VAL I 169 62.53 -26.20 19.65
N GLY I 170 62.45 -27.06 20.65
CA GLY I 170 62.55 -26.60 22.02
C GLY I 170 62.53 -27.78 22.95
N THR I 171 62.51 -27.47 24.25
CA THR I 171 62.43 -28.50 25.26
C THR I 171 61.84 -27.89 26.52
N THR I 172 60.98 -28.63 27.21
CA THR I 172 60.21 -28.12 28.32
C THR I 172 60.66 -28.81 29.60
N TYR I 173 61.31 -28.05 30.49
CA TYR I 173 61.66 -28.53 31.81
C TYR I 173 60.53 -28.21 32.77
N THR I 174 60.24 -29.14 33.68
CA THR I 174 59.27 -28.90 34.73
C THR I 174 59.99 -28.95 36.07
N ALA I 175 59.49 -28.16 37.01
CA ALA I 175 60.13 -28.03 38.32
C ALA I 175 59.70 -29.16 39.23
N ASN I 176 60.68 -29.80 39.87
CA ASN I 176 60.37 -30.85 40.82
C ASN I 176 59.65 -30.28 42.03
N ASP I 177 59.22 -31.17 42.93
CA ASP I 177 58.36 -30.75 44.03
C ASP I 177 59.03 -29.73 44.93
N ASP I 178 60.29 -29.94 45.27
CA ASP I 178 61.06 -29.00 46.07
C ASP I 178 61.51 -27.79 45.25
N GLY I 179 61.75 -27.97 43.95
CA GLY I 179 62.23 -26.89 43.12
C GLY I 179 63.74 -26.85 43.04
N SER I 180 64.39 -27.91 43.50
CA SER I 180 65.84 -27.97 43.46
C SER I 180 66.35 -28.17 42.04
N LYS I 181 65.70 -29.04 41.27
CA LYS I 181 66.16 -29.41 39.95
C LYS I 181 65.02 -29.37 38.96
N LEU I 182 65.19 -28.60 37.89
CA LEU I 182 64.24 -28.62 36.79
C LEU I 182 64.35 -29.93 36.04
N VAL I 183 63.22 -30.57 35.80
CA VAL I 183 63.18 -31.90 35.20
C VAL I 183 62.37 -31.82 33.92
N THR I 184 62.95 -32.29 32.83
CA THR I 184 62.20 -32.43 31.60
C THR I 184 61.72 -33.87 31.44
N ALA I 185 60.77 -34.07 30.54
CA ALA I 185 60.44 -35.42 30.11
C ALA I 185 61.65 -36.04 29.43
N ASP I 186 61.84 -37.34 29.63
CA ASP I 186 63.05 -38.12 29.36
C ASP I 186 64.06 -37.86 30.50
N GLY I 187 63.81 -36.88 31.37
CA GLY I 187 64.62 -36.72 32.55
C GLY I 187 66.00 -36.14 32.37
N LYS I 188 66.08 -34.88 31.96
CA LYS I 188 67.32 -34.13 31.94
C LYS I 188 67.31 -33.15 33.10
N GLU I 189 68.31 -33.25 33.97
CA GLU I 189 68.30 -32.54 35.23
C GLU I 189 68.86 -31.13 35.06
N ALA I 190 68.40 -30.23 35.93
CA ALA I 190 68.91 -28.87 35.94
C ALA I 190 68.84 -28.38 37.39
N THR I 191 69.95 -28.50 38.12
CA THR I 191 69.97 -28.20 39.54
C THR I 191 70.13 -26.71 39.78
N LEU I 192 69.61 -26.26 40.91
CA LEU I 192 69.65 -24.86 41.30
C LEU I 192 70.93 -24.44 42.03
N VAL I 193 71.30 -23.17 41.84
CA VAL I 193 72.50 -22.51 42.36
C VAL I 193 73.81 -23.26 42.18
N THR I 194 74.05 -23.74 40.96
CA THR I 194 75.21 -24.59 40.70
C THR I 194 76.18 -24.05 39.66
N LYS I 198 80.28 -21.43 41.68
CA LYS I 198 78.98 -20.78 41.82
C LYS I 198 78.57 -20.11 40.51
N GLY I 199 79.30 -19.05 40.14
CA GLY I 199 79.03 -18.33 38.92
C GLY I 199 77.70 -17.61 38.96
N PRO I 200 77.23 -17.15 37.80
CA PRO I 200 75.90 -16.54 37.74
C PRO I 200 74.83 -17.53 38.21
N ASN I 201 73.81 -17.00 38.86
CA ASN I 201 72.87 -17.82 39.60
C ASN I 201 71.73 -18.28 38.72
N GLY I 202 71.39 -19.56 38.80
CA GLY I 202 70.30 -20.12 38.03
C GLY I 202 70.31 -21.63 38.10
N TYR I 203 69.45 -22.25 37.30
CA TYR I 203 69.32 -23.71 37.24
C TYR I 203 70.34 -24.23 36.24
N TYR I 204 71.47 -24.69 36.75
CA TYR I 204 72.53 -25.16 35.86
C TYR I 204 72.29 -26.61 35.48
N ASP I 205 72.93 -27.01 34.38
CA ASP I 205 72.81 -28.32 33.78
C ASP I 205 74.11 -29.08 34.04
N ASP I 206 74.18 -30.33 33.59
CA ASP I 206 75.35 -31.17 33.85
C ASP I 206 76.59 -30.74 33.09
N ALA I 207 76.50 -29.66 32.32
CA ALA I 207 77.65 -29.16 31.58
C ALA I 207 77.95 -27.69 31.86
N ASP I 208 77.40 -27.16 32.95
CA ASP I 208 77.66 -25.82 33.46
C ASP I 208 76.92 -24.82 32.55
N LYS I 209 76.30 -25.30 31.48
CA LYS I 209 75.46 -24.44 30.66
C LYS I 209 74.24 -24.04 31.46
N LEU I 210 74.09 -22.74 31.71
CA LEU I 210 72.90 -22.25 32.39
C LEU I 210 71.66 -22.58 31.57
N VAL I 211 70.64 -23.09 32.25
CA VAL I 211 69.37 -23.43 31.63
C VAL I 211 68.32 -22.37 31.91
N TYR I 212 68.11 -22.02 33.17
CA TYR I 212 67.19 -20.98 33.56
C TYR I 212 67.90 -19.98 34.44
N GLN I 213 67.53 -18.71 34.29
CA GLN I 213 68.10 -17.62 35.08
C GLN I 213 67.14 -17.28 36.20
N ALA I 214 67.39 -17.82 37.38
CA ALA I 214 66.61 -17.48 38.56
C ALA I 214 67.47 -17.68 39.79
N ASP I 215 67.30 -16.78 40.76
CA ASP I 215 68.03 -16.87 42.01
C ASP I 215 67.24 -17.54 43.12
N SER I 216 65.92 -17.37 43.15
CA SER I 216 65.08 -18.11 44.07
C SER I 216 64.81 -19.50 43.52
N ALA I 217 63.87 -20.23 44.12
CA ALA I 217 63.51 -21.56 43.64
C ALA I 217 62.14 -21.47 42.99
N LEU I 218 62.02 -22.06 41.81
CA LEU I 218 60.75 -22.06 41.11
C LEU I 218 59.71 -22.83 41.91
N ALA I 219 58.44 -22.49 41.69
CA ALA I 219 57.35 -23.15 42.37
C ALA I 219 57.17 -24.57 41.87
N LYS I 220 56.16 -25.27 42.35
CA LYS I 220 55.94 -26.66 42.04
C LYS I 220 55.18 -26.78 40.72
N ASP I 221 55.66 -27.66 39.85
CA ASP I 221 55.08 -27.87 38.51
C ASP I 221 55.02 -26.58 37.70
N THR I 222 56.09 -25.81 37.75
CA THR I 222 56.24 -24.66 36.85
C THR I 222 57.10 -25.10 35.67
N LYS I 223 56.54 -24.99 34.47
CA LYS I 223 57.25 -25.40 33.27
C LYS I 223 58.01 -24.23 32.67
N VAL I 224 59.23 -24.50 32.22
CA VAL I 224 60.00 -23.54 31.45
C VAL I 224 60.34 -24.18 30.12
N THR I 225 60.30 -23.39 29.06
CA THR I 225 60.62 -23.88 27.73
C THR I 225 61.89 -23.19 27.24
N LYS I 226 62.82 -23.99 26.73
CA LYS I 226 64.13 -23.51 26.31
C LYS I 226 64.29 -23.83 24.84
N GLY I 227 64.61 -22.82 24.04
CA GLY I 227 64.68 -23.00 22.61
C GLY I 227 65.82 -23.90 22.19
N ILE I 228 65.81 -24.27 20.91
CA ILE I 228 66.88 -25.10 20.38
C ILE I 228 68.18 -24.30 20.39
N ASP I 229 69.29 -25.01 20.56
CA ASP I 229 70.58 -24.37 20.78
C ASP I 229 71.06 -23.70 19.51
N ILE I 230 71.19 -22.38 19.55
CA ILE I 230 71.81 -21.62 18.47
C ILE I 230 72.96 -20.76 18.97
N SER I 231 73.21 -20.72 20.27
CA SER I 231 74.17 -19.80 20.84
C SER I 231 75.51 -20.43 21.19
N SER I 232 75.60 -21.76 21.16
CA SER I 232 76.86 -22.40 21.53
C SER I 232 77.94 -22.23 20.48
N SER I 233 77.57 -22.11 19.21
CA SER I 233 78.54 -22.03 18.13
C SER I 233 77.82 -21.61 16.86
N ALA I 234 78.59 -21.35 15.81
CA ALA I 234 78.01 -21.14 14.50
C ALA I 234 77.58 -22.45 13.86
N LYS I 235 78.31 -23.54 14.15
CA LYS I 235 77.91 -24.85 13.65
C LYS I 235 76.57 -25.26 14.25
N ALA I 236 76.36 -25.01 15.54
CA ALA I 236 75.11 -25.36 16.18
C ALA I 236 73.95 -24.57 15.59
N ALA I 237 74.16 -23.29 15.31
CA ALA I 237 73.11 -22.48 14.73
C ALA I 237 72.74 -22.97 13.34
N SER I 238 73.72 -23.38 12.54
CA SER I 238 73.43 -23.97 11.25
C SER I 238 72.67 -25.29 11.41
N SER I 239 73.04 -26.09 12.40
CA SER I 239 72.33 -27.35 12.63
C SER I 239 70.87 -27.08 12.95
N ALA I 240 70.58 -26.07 13.76
CA ALA I 240 69.21 -25.72 14.07
C ALA I 240 68.43 -25.26 12.85
N LEU I 241 69.10 -24.90 11.77
CA LEU I 241 68.38 -24.43 10.59
C LEU I 241 67.54 -25.53 9.96
N THR I 242 68.11 -26.73 9.80
CA THR I 242 67.34 -27.85 9.27
C THR I 242 66.25 -28.28 10.25
N THR I 243 66.55 -28.26 11.54
CA THR I 243 65.54 -28.64 12.52
C THR I 243 64.35 -27.70 12.45
N ILE I 244 64.59 -26.41 12.30
CA ILE I 244 63.50 -25.45 12.21
C ILE I 244 62.76 -25.60 10.90
N LYS I 245 63.48 -25.73 9.80
CA LYS I 245 62.82 -25.82 8.49
C LYS I 245 62.06 -27.12 8.34
N THR I 246 62.44 -28.16 9.08
CA THR I 246 61.66 -29.38 9.10
C THR I 246 60.40 -29.21 9.93
N ALA I 247 60.49 -28.46 11.03
CA ALA I 247 59.31 -28.21 11.84
C ALA I 247 58.26 -27.44 11.05
N ILE I 248 58.68 -26.53 10.18
CA ILE I 248 57.74 -25.87 9.29
C ILE I 248 57.09 -26.87 8.36
N ASP I 249 57.78 -27.95 8.02
CA ASP I 249 57.22 -28.96 7.14
C ASP I 249 56.18 -29.81 7.86
N THR I 250 56.42 -30.17 9.11
CA THR I 250 55.46 -30.96 9.85
C THR I 250 54.33 -30.13 10.43
N VAL I 251 54.41 -28.81 10.33
CA VAL I 251 53.26 -27.97 10.64
C VAL I 251 52.40 -27.77 9.41
N SER I 252 53.02 -27.58 8.25
CA SER I 252 52.27 -27.52 7.00
C SER I 252 51.51 -28.81 6.75
N SER I 253 52.09 -29.95 7.12
CA SER I 253 51.39 -31.21 6.98
C SER I 253 50.16 -31.26 7.87
N GLU I 254 50.27 -30.77 9.09
CA GLU I 254 49.13 -30.79 9.99
C GLU I 254 48.06 -29.80 9.54
N ARG I 255 48.47 -28.64 9.04
CA ARG I 255 47.48 -27.64 8.64
C ARG I 255 46.60 -28.12 7.50
N ALA I 256 47.16 -28.81 6.52
CA ALA I 256 46.36 -29.31 5.42
C ALA I 256 45.77 -30.68 5.66
N LYS I 257 46.20 -31.38 6.70
CA LYS I 257 45.40 -32.49 7.20
C LYS I 257 44.12 -32.01 7.83
N LEU I 258 44.09 -30.76 8.30
CA LEU I 258 42.89 -30.14 8.83
C LEU I 258 42.15 -29.31 7.82
N GLY I 259 42.83 -28.85 6.77
CA GLY I 259 42.15 -28.14 5.72
C GLY I 259 41.47 -29.11 4.78
N ALA I 260 41.98 -30.33 4.71
CA ALA I 260 41.33 -31.36 3.91
C ALA I 260 40.03 -31.81 4.55
N VAL I 261 40.01 -31.95 5.87
CA VAL I 261 38.79 -32.33 6.56
C VAL I 261 37.75 -31.22 6.46
N GLN I 262 38.19 -29.97 6.55
CA GLN I 262 37.25 -28.86 6.49
C GLN I 262 36.64 -28.74 5.10
N ASN I 263 37.42 -28.99 4.05
CA ASN I 263 36.87 -29.00 2.71
C ASN I 263 35.84 -30.11 2.55
N ARG I 264 36.12 -31.28 3.10
CA ARG I 264 35.16 -32.37 3.05
C ARG I 264 33.88 -32.02 3.79
N LEU I 265 34.01 -31.42 4.98
CA LEU I 265 32.85 -31.06 5.77
C LEU I 265 32.01 -29.98 5.10
N GLU I 266 32.61 -29.18 4.22
CA GLU I 266 31.83 -28.21 3.47
C GLU I 266 30.99 -28.89 2.39
N HIS I 267 31.50 -29.97 1.82
CA HIS I 267 30.71 -30.76 0.88
C HIS I 267 29.65 -31.58 1.60
N THR I 268 29.98 -32.09 2.79
CA THR I 268 29.00 -32.83 3.57
C THR I 268 27.82 -31.97 3.98
N ILE I 269 28.03 -30.68 4.17
CA ILE I 269 26.95 -29.81 4.60
C ILE I 269 25.98 -29.52 3.45
N ASN I 270 26.50 -29.26 2.25
CA ASN I 270 25.63 -29.06 1.10
C ASN I 270 24.83 -30.30 0.79
N ASN I 271 25.44 -31.48 0.94
CA ASN I 271 24.71 -32.71 0.65
C ASN I 271 23.70 -33.03 1.74
N LEU I 272 24.01 -32.72 3.00
CA LEU I 272 23.03 -32.90 4.05
C LEU I 272 21.89 -31.91 3.93
N GLY I 273 22.18 -30.66 3.52
CA GLY I 273 21.13 -29.70 3.30
C GLY I 273 20.26 -30.03 2.12
N THR I 274 20.85 -30.55 1.04
CA THR I 274 20.05 -30.97 -0.11
C THR I 274 19.18 -32.17 0.21
N SER I 275 19.67 -33.09 1.03
CA SER I 275 18.89 -34.28 1.38
C SER I 275 17.78 -33.98 2.35
N SER I 276 17.82 -32.85 3.05
CA SER I 276 16.69 -32.48 3.89
C SER I 276 15.56 -31.89 3.07
N GLU I 277 15.88 -31.04 2.09
CA GLU I 277 14.85 -30.51 1.21
C GLU I 277 14.17 -31.62 0.43
N ASN I 278 14.96 -32.54 -0.11
CA ASN I 278 14.38 -33.61 -0.90
C ASN I 278 13.53 -34.53 -0.06
N LEU I 279 13.85 -34.67 1.23
CA LEU I 279 13.05 -35.49 2.11
C LEU I 279 11.92 -34.70 2.76
N THR I 280 12.12 -33.41 3.01
CA THR I 280 11.03 -32.59 3.51
C THR I 280 9.91 -32.51 2.49
N SER I 281 10.26 -32.29 1.23
CA SER I 281 9.27 -32.29 0.17
C SER I 281 8.64 -33.67 0.02
N ALA I 282 9.44 -34.72 0.16
CA ALA I 282 8.91 -36.07 0.06
C ALA I 282 7.92 -36.37 1.18
N GLU I 283 8.22 -35.91 2.40
CA GLU I 283 7.33 -36.16 3.52
C GLU I 283 6.08 -35.29 3.46
N SER I 284 6.20 -34.09 2.91
CA SER I 284 5.03 -33.22 2.81
C SER I 284 3.99 -33.80 1.88
N ARG I 285 4.41 -34.39 0.77
CA ARG I 285 3.46 -35.01 -0.14
C ARG I 285 2.74 -36.18 0.51
N ILE I 286 3.44 -36.94 1.35
CA ILE I 286 2.81 -38.08 2.01
C ILE I 286 1.89 -37.62 3.13
N ARG I 287 2.30 -36.61 3.89
CA ARG I 287 1.64 -36.27 5.14
C ARG I 287 0.74 -35.04 5.03
N ASP I 288 1.23 -33.95 4.46
CA ASP I 288 0.46 -32.72 4.41
C ASP I 288 -0.73 -32.87 3.47
N VAL I 289 -1.79 -32.12 3.75
CA VAL I 289 -3.02 -32.17 2.97
C VAL I 289 -2.96 -31.11 1.90
N ASP I 290 -3.69 -31.34 0.82
CA ASP I 290 -3.85 -30.36 -0.24
C ASP I 290 -5.02 -29.46 0.12
N MET I 291 -4.74 -28.19 0.40
CA MET I 291 -5.77 -27.29 0.87
C MET I 291 -6.89 -27.15 -0.14
N ALA I 292 -6.55 -27.02 -1.42
CA ALA I 292 -7.56 -26.84 -2.45
C ALA I 292 -8.43 -28.09 -2.60
N SER I 293 -7.81 -29.26 -2.73
CA SER I 293 -8.55 -30.49 -2.94
C SER I 293 -9.33 -30.91 -1.71
N GLU I 294 -9.05 -30.34 -0.55
CA GLU I 294 -9.73 -30.70 0.68
C GLU I 294 -10.84 -29.73 1.04
N MET I 295 -10.63 -28.43 0.82
CA MET I 295 -11.69 -27.46 1.03
C MET I 295 -12.85 -27.71 0.07
N MET I 296 -12.53 -28.07 -1.18
CA MET I 296 -13.57 -28.39 -2.14
C MET I 296 -14.33 -29.65 -1.74
N GLU I 297 -13.65 -30.61 -1.11
CA GLU I 297 -14.34 -31.81 -0.67
C GLU I 297 -15.13 -31.56 0.60
N TYR I 298 -14.62 -30.69 1.48
CA TYR I 298 -15.36 -30.35 2.69
C TYR I 298 -16.69 -29.68 2.36
N THR I 299 -16.67 -28.77 1.38
CA THR I 299 -17.89 -28.08 0.99
C THR I 299 -18.92 -29.05 0.43
N LYS I 300 -18.48 -30.09 -0.27
CA LYS I 300 -19.43 -31.05 -0.83
C LYS I 300 -20.19 -31.77 0.27
N ASN I 301 -19.48 -32.37 1.23
CA ASN I 301 -20.17 -33.03 2.33
C ASN I 301 -20.92 -32.04 3.20
N ASN I 302 -20.49 -30.79 3.23
CA ASN I 302 -21.22 -29.78 3.97
C ASN I 302 -22.54 -29.42 3.29
N ILE I 303 -22.68 -29.75 2.01
CA ILE I 303 -23.95 -29.55 1.32
C ILE I 303 -24.81 -30.82 1.37
N LEU I 304 -24.18 -31.98 1.19
CA LEU I 304 -24.90 -33.24 1.25
C LEU I 304 -25.59 -33.43 2.60
N THR I 305 -25.05 -32.87 3.67
CA THR I 305 -25.72 -32.94 4.97
C THR I 305 -26.89 -31.97 5.06
N GLN I 306 -26.82 -30.83 4.38
CA GLN I 306 -27.95 -29.92 4.35
C GLN I 306 -29.06 -30.44 3.44
N ALA I 307 -28.71 -31.13 2.36
CA ALA I 307 -29.71 -31.78 1.54
C ALA I 307 -30.45 -32.85 2.31
N SER I 308 -29.73 -33.64 3.11
CA SER I 308 -30.38 -34.63 3.96
C SER I 308 -31.15 -33.95 5.08
N GLN I 309 -30.62 -32.83 5.59
CA GLN I 309 -31.36 -32.07 6.60
C GLN I 309 -32.67 -31.55 6.05
N ALA I 310 -32.65 -31.02 4.82
CA ALA I 310 -33.87 -30.48 4.23
C ALA I 310 -34.91 -31.56 4.00
N MET I 311 -34.48 -32.74 3.52
CA MET I 311 -35.43 -33.81 3.25
C MET I 311 -35.91 -34.52 4.50
N LEU I 312 -35.11 -34.49 5.58
CA LEU I 312 -35.56 -35.06 6.84
C LEU I 312 -36.78 -34.32 7.37
N ALA I 313 -36.79 -33.00 7.24
CA ALA I 313 -37.93 -32.22 7.68
C ALA I 313 -39.20 -32.62 6.95
N GLN I 314 -39.11 -32.81 5.63
CA GLN I 314 -40.27 -33.23 4.87
C GLN I 314 -40.65 -34.67 5.15
N ALA I 315 -39.66 -35.51 5.46
CA ALA I 315 -39.95 -36.91 5.77
C ALA I 315 -40.83 -37.05 7.01
N ASN I 316 -40.69 -36.13 7.96
CA ASN I 316 -41.53 -36.16 9.14
C ASN I 316 -42.93 -35.64 8.86
N GLN I 317 -43.08 -34.77 7.86
CA GLN I 317 -44.40 -34.20 7.57
C GLN I 317 -45.31 -35.21 6.90
N GLN I 318 -44.74 -36.15 6.16
CA GLN I 318 -45.54 -37.12 5.42
C GLN I 318 -46.47 -37.97 6.29
N PRO I 319 -46.05 -38.51 7.43
CA PRO I 319 -46.99 -39.26 8.28
C PRO I 319 -48.09 -38.41 8.87
N GLN I 320 -47.94 -37.08 8.88
CA GLN I 320 -48.93 -36.20 9.49
C GLN I 320 -50.22 -36.12 8.70
N GLN I 321 -50.27 -36.64 7.49
CA GLN I 321 -51.44 -36.50 6.63
C GLN I 321 -52.52 -37.54 6.86
N VAL I 322 -52.24 -38.56 7.67
CA VAL I 322 -53.26 -39.57 7.93
C VAL I 322 -54.28 -39.09 8.94
N LEU I 323 -53.99 -38.02 9.68
CA LEU I 323 -54.94 -37.50 10.66
C LEU I 323 -56.19 -36.95 9.98
N GLN I 324 -56.03 -36.26 8.86
CA GLN I 324 -57.18 -35.76 8.12
C GLN I 324 -58.03 -36.89 7.56
N LEU I 325 -57.44 -38.06 7.33
CA LEU I 325 -58.20 -39.22 6.90
C LEU I 325 -58.87 -39.94 8.06
N LEU I 326 -58.25 -39.93 9.24
CA LEU I 326 -58.77 -40.65 10.38
C LEU I 326 -60.02 -40.01 10.98
N LYS I 327 -60.25 -38.73 10.71
CA LYS I 327 -61.44 -38.05 11.20
C LYS I 327 -62.59 -38.15 10.21
N MET J 1 -55.74 -28.74 -15.23
CA MET J 1 -54.56 -28.92 -14.39
C MET J 1 -54.12 -30.38 -14.37
N ARG J 2 -53.06 -30.68 -15.10
CA ARG J 2 -52.51 -32.03 -15.15
C ARG J 2 -51.38 -32.15 -14.14
N ILE J 3 -51.44 -33.17 -13.30
CA ILE J 3 -50.56 -33.29 -12.15
C ILE J 3 -49.43 -34.28 -12.40
N ASN J 4 -49.70 -35.35 -13.14
CA ASN J 4 -48.71 -36.41 -13.32
C ASN J 4 -47.46 -35.93 -14.06
N HIS J 5 -47.50 -34.79 -14.72
CA HIS J 5 -46.34 -34.27 -15.43
C HIS J 5 -46.33 -32.76 -15.31
N ASN J 6 -45.19 -32.20 -14.93
CA ASN J 6 -45.01 -30.76 -14.80
C ASN J 6 -44.11 -30.32 -15.94
N ILE J 7 -44.72 -30.03 -17.10
CA ILE J 7 -43.93 -29.64 -18.26
C ILE J 7 -43.25 -28.31 -18.03
N ALA J 8 -43.85 -27.43 -17.24
CA ALA J 8 -43.21 -26.16 -16.93
C ALA J 8 -41.91 -26.36 -16.17
N ALA J 9 -41.91 -27.27 -15.19
CA ALA J 9 -40.69 -27.56 -14.45
C ALA J 9 -39.74 -28.44 -15.26
N LEU J 10 -40.27 -29.36 -16.06
CA LEU J 10 -39.41 -30.20 -16.88
C LEU J 10 -38.69 -29.37 -17.94
N ASN J 11 -39.35 -28.36 -18.50
CA ASN J 11 -38.70 -27.48 -19.45
C ASN J 11 -37.64 -26.61 -18.77
N THR J 12 -37.93 -26.14 -17.56
CA THR J 12 -36.97 -25.32 -16.84
C THR J 12 -35.74 -26.12 -16.44
N SER J 13 -35.90 -27.43 -16.21
CA SER J 13 -34.75 -28.26 -15.86
C SER J 13 -33.74 -28.30 -17.01
N ARG J 14 -34.21 -28.42 -18.25
CA ARG J 14 -33.31 -28.46 -19.38
C ARG J 14 -32.52 -27.17 -19.51
N GLN J 15 -33.19 -26.03 -19.35
CA GLN J 15 -32.47 -24.76 -19.35
C GLN J 15 -31.54 -24.64 -18.17
N LEU J 16 -31.87 -25.30 -17.06
CA LEU J 16 -30.95 -25.33 -15.92
C LEU J 16 -29.70 -26.13 -16.25
N ASN J 17 -29.87 -27.31 -16.86
CA ASN J 17 -28.71 -28.05 -17.35
C ASN J 17 -28.35 -27.66 -18.77
N ALA J 18 -28.32 -26.36 -19.04
CA ALA J 18 -27.74 -25.83 -20.26
C ALA J 18 -26.96 -24.55 -20.04
N GLY J 19 -27.15 -23.87 -18.91
CA GLY J 19 -26.35 -22.73 -18.55
C GLY J 19 -25.29 -23.16 -17.56
N SER J 20 -25.58 -24.23 -16.81
CA SER J 20 -24.55 -24.82 -15.97
C SER J 20 -23.43 -25.42 -16.82
N ASN J 21 -23.79 -26.10 -17.92
CA ASN J 21 -22.77 -26.63 -18.82
C ASN J 21 -21.95 -25.50 -19.44
N ALA J 22 -22.62 -24.43 -19.87
CA ALA J 22 -21.90 -23.31 -20.45
C ALA J 22 -20.99 -22.64 -19.44
N ALA J 23 -21.45 -22.49 -18.19
CA ALA J 23 -20.60 -21.91 -17.16
C ALA J 23 -19.42 -22.80 -16.85
N SER J 24 -19.63 -24.13 -16.84
CA SER J 24 -18.51 -25.05 -16.63
C SER J 24 -17.50 -24.93 -17.75
N LYS J 25 -17.96 -24.84 -18.99
CA LYS J 25 -17.04 -24.67 -20.11
C LYS J 25 -16.31 -23.34 -20.03
N ASN J 26 -16.99 -22.29 -19.58
CA ASN J 26 -16.34 -20.99 -19.46
C ASN J 26 -15.30 -20.99 -18.34
N MET J 27 -15.55 -21.74 -17.27
CA MET J 27 -14.60 -21.77 -16.17
C MET J 27 -13.38 -22.63 -16.48
N GLU J 28 -13.52 -23.59 -17.39
CA GLU J 28 -12.34 -24.31 -17.86
C GLU J 28 -11.36 -23.37 -18.54
N LYS J 29 -11.89 -22.50 -19.41
CA LYS J 29 -11.03 -21.54 -20.10
C LYS J 29 -10.41 -20.55 -19.14
N LEU J 30 -11.20 -20.08 -18.16
CA LEU J 30 -10.71 -19.08 -17.24
C LEU J 30 -9.61 -19.64 -16.35
N SER J 31 -9.77 -20.88 -15.88
CA SER J 31 -8.75 -21.47 -15.03
C SER J 31 -7.48 -21.78 -15.80
N SER J 32 -7.61 -22.42 -16.96
CA SER J 32 -6.43 -22.81 -17.73
C SER J 32 -5.81 -21.64 -18.48
N GLY J 33 -6.61 -20.65 -18.85
CA GLY J 33 -6.12 -19.56 -19.65
C GLY J 33 -6.06 -19.85 -21.13
N LEU J 34 -6.64 -20.95 -21.59
CA LEU J 34 -6.57 -21.36 -22.98
C LEU J 34 -7.98 -21.46 -23.57
N ARG J 35 -8.13 -20.93 -24.79
CA ARG J 35 -9.40 -21.09 -25.50
C ARG J 35 -9.66 -22.55 -25.84
N ILE J 36 -8.62 -23.24 -26.32
CA ILE J 36 -8.76 -24.59 -26.83
C ILE J 36 -8.16 -25.54 -25.80
N ASN J 37 -9.01 -26.12 -24.96
CA ASN J 37 -8.60 -27.18 -24.05
C ASN J 37 -8.79 -28.54 -24.72
N ARG J 38 -10.04 -28.84 -25.09
CA ARG J 38 -10.35 -30.01 -25.89
C ARG J 38 -10.20 -29.69 -27.37
N ALA J 39 -10.18 -30.73 -28.19
CA ALA J 39 -10.12 -30.53 -29.63
C ALA J 39 -11.45 -30.10 -30.22
N GLY J 40 -12.54 -30.20 -29.46
CA GLY J 40 -13.83 -29.78 -29.95
C GLY J 40 -14.08 -28.30 -29.90
N ASP J 41 -13.25 -27.54 -29.20
CA ASP J 41 -13.38 -26.10 -29.18
C ASP J 41 -12.89 -25.47 -30.48
N ASP J 42 -11.82 -26.00 -31.07
CA ASP J 42 -11.37 -25.57 -32.38
C ASP J 42 -10.50 -26.69 -32.96
N ALA J 43 -11.00 -27.38 -33.98
CA ALA J 43 -10.21 -28.42 -34.62
C ALA J 43 -9.02 -27.82 -35.35
N ALA J 44 -9.28 -26.85 -36.22
CA ALA J 44 -8.18 -26.17 -36.91
C ALA J 44 -7.35 -25.35 -35.95
N GLY J 45 -7.97 -24.81 -34.90
CA GLY J 45 -7.19 -24.11 -33.89
C GLY J 45 -6.25 -25.03 -33.16
N LEU J 46 -6.71 -26.24 -32.83
CA LEU J 46 -5.82 -27.23 -32.23
C LEU J 46 -4.71 -27.61 -33.18
N ALA J 47 -5.03 -27.85 -34.45
CA ALA J 47 -4.02 -28.28 -35.40
C ALA J 47 -2.96 -27.20 -35.62
N ILE J 48 -3.40 -25.95 -35.82
CA ILE J 48 -2.47 -24.86 -36.07
C ILE J 48 -1.60 -24.61 -34.85
N SER J 49 -2.20 -24.67 -33.66
CA SER J 49 -1.47 -24.40 -32.43
C SER J 49 -0.29 -25.36 -32.27
N GLU J 50 -0.53 -26.65 -32.42
CA GLU J 50 0.51 -27.64 -32.21
C GLU J 50 1.66 -27.47 -33.20
N LYS J 51 1.34 -27.20 -34.46
CA LYS J 51 2.37 -26.86 -35.42
C LYS J 51 3.14 -25.64 -34.93
N MET J 52 2.40 -24.63 -34.46
CA MET J 52 3.02 -23.41 -33.97
C MET J 52 3.93 -23.66 -32.77
N ARG J 53 3.43 -24.38 -31.76
CA ARG J 53 4.23 -24.67 -30.58
C ARG J 53 5.49 -25.43 -30.95
N SER J 54 5.34 -26.45 -31.80
CA SER J 54 6.48 -27.22 -32.28
C SER J 54 7.51 -26.32 -32.92
N GLN J 55 7.06 -25.36 -33.72
CA GLN J 55 7.96 -24.44 -34.37
C GLN J 55 8.59 -23.47 -33.39
N ILE J 56 7.79 -22.96 -32.44
CA ILE J 56 8.32 -22.01 -31.47
C ILE J 56 9.35 -22.65 -30.57
N ARG J 57 9.06 -23.85 -30.07
CA ARG J 57 10.05 -24.55 -29.27
C ARG J 57 11.22 -25.05 -30.09
N GLY J 58 11.13 -24.98 -31.42
CA GLY J 58 12.25 -25.31 -32.26
C GLY J 58 13.13 -24.11 -32.51
N LEU J 59 12.53 -22.95 -32.78
CA LEU J 59 13.33 -21.75 -33.02
C LEU J 59 14.01 -21.27 -31.76
N ASP J 60 13.39 -21.45 -30.60
CA ASP J 60 14.06 -21.05 -29.37
C ASP J 60 15.16 -22.03 -28.99
N MET J 61 15.05 -23.29 -29.44
CA MET J 61 16.13 -24.25 -29.24
C MET J 61 17.18 -24.13 -30.34
N ALA J 62 16.76 -23.90 -31.58
CA ALA J 62 17.71 -23.63 -32.64
C ALA J 62 18.45 -22.32 -32.43
N SER J 63 17.94 -21.44 -31.57
CA SER J 63 18.70 -20.27 -31.16
C SER J 63 19.76 -20.61 -30.13
N LYS J 64 19.59 -21.71 -29.39
CA LYS J 64 20.67 -22.18 -28.54
C LYS J 64 21.77 -22.82 -29.37
N ASN J 65 21.40 -23.60 -30.39
CA ASN J 65 22.39 -24.19 -31.27
C ASN J 65 23.20 -23.13 -31.98
N ALA J 66 22.54 -22.07 -32.44
CA ALA J 66 23.26 -20.99 -33.09
C ALA J 66 24.23 -20.32 -32.14
N GLN J 67 23.87 -20.24 -30.86
CA GLN J 67 24.77 -19.64 -29.88
C GLN J 67 25.81 -20.61 -29.36
N ASP J 68 25.52 -21.90 -29.38
CA ASP J 68 26.55 -22.90 -29.09
C ASP J 68 27.51 -23.09 -30.25
N GLY J 69 27.19 -22.55 -31.41
CA GLY J 69 28.12 -22.55 -32.52
C GLY J 69 28.93 -21.28 -32.52
N ILE J 70 28.34 -20.20 -31.99
CA ILE J 70 29.09 -18.97 -31.81
C ILE J 70 30.20 -19.16 -30.80
N SER J 71 29.94 -19.95 -29.75
CA SER J 71 30.97 -20.25 -28.77
C SER J 71 32.04 -21.16 -29.35
N LEU J 72 31.63 -22.16 -30.13
CA LEU J 72 32.61 -23.04 -30.74
C LEU J 72 33.51 -22.30 -31.70
N ILE J 73 33.00 -21.25 -32.33
CA ILE J 73 33.78 -20.50 -33.30
C ILE J 73 34.65 -19.45 -32.63
N GLN J 74 34.15 -18.84 -31.55
CA GLN J 74 34.97 -17.90 -30.80
C GLN J 74 36.18 -18.59 -30.20
N THR J 75 36.02 -19.84 -29.79
CA THR J 75 37.15 -20.58 -29.24
C THR J 75 38.23 -20.79 -30.28
N SER J 76 37.84 -21.14 -31.52
CA SER J 76 38.82 -21.39 -32.56
C SER J 76 39.58 -20.12 -32.93
N GLU J 77 38.86 -19.04 -33.22
CA GLU J 77 39.55 -17.82 -33.61
C GLU J 77 40.26 -17.21 -32.42
N GLY J 78 39.78 -17.43 -31.20
CA GLY J 78 40.53 -17.03 -30.04
C GLY J 78 41.86 -17.74 -29.95
N ALA J 79 41.90 -19.01 -30.35
CA ALA J 79 43.16 -19.74 -30.38
C ALA J 79 44.07 -19.23 -31.48
N LEU J 80 43.54 -19.04 -32.72
CA LEU J 80 44.36 -18.50 -33.79
C LEU J 80 44.79 -17.07 -33.53
N ASN J 81 44.17 -16.39 -32.58
CA ASN J 81 44.67 -15.09 -32.19
C ASN J 81 46.10 -15.16 -31.70
N GLU J 82 46.50 -16.29 -31.13
CA GLU J 82 47.85 -16.45 -30.61
C GLU J 82 48.79 -17.05 -31.62
N THR J 83 48.31 -17.93 -32.49
CA THR J 83 49.15 -18.34 -33.60
C THR J 83 49.57 -17.15 -34.43
N HIS J 84 48.82 -16.07 -34.43
CA HIS J 84 49.29 -14.88 -35.10
C HIS J 84 50.45 -14.25 -34.36
N SER J 85 50.40 -14.20 -33.04
CA SER J 85 51.46 -13.55 -32.30
C SER J 85 52.73 -14.38 -32.30
N ILE J 86 52.56 -15.67 -32.28
CA ILE J 86 53.74 -16.52 -32.36
C ILE J 86 54.37 -16.41 -33.74
N LEU J 87 53.55 -16.44 -34.79
CA LEU J 87 54.08 -16.25 -36.14
C LEU J 87 54.67 -14.87 -36.31
N GLN J 88 54.16 -13.88 -35.58
CA GLN J 88 54.70 -12.53 -35.70
C GLN J 88 56.07 -12.44 -35.06
N ARG J 89 56.21 -13.00 -33.86
CA ARG J 89 57.52 -13.09 -33.22
C ARG J 89 58.45 -13.98 -34.01
N MET J 90 57.91 -15.06 -34.58
CA MET J 90 58.73 -15.98 -35.36
C MET J 90 59.29 -15.33 -36.61
N SER J 91 58.73 -14.19 -37.02
CA SER J 91 59.23 -13.46 -38.18
C SER J 91 60.33 -12.47 -37.83
N GLU J 92 60.38 -12.01 -36.58
CA GLU J 92 61.52 -11.22 -36.15
C GLU J 92 62.77 -12.09 -36.01
N LEU J 93 62.61 -13.33 -35.56
CA LEU J 93 63.74 -14.25 -35.56
C LEU J 93 63.94 -14.87 -36.91
N ALA J 94 63.82 -14.09 -37.97
CA ALA J 94 64.37 -14.41 -39.27
C ALA J 94 64.92 -13.19 -39.98
N THR J 95 64.53 -11.98 -39.55
CA THR J 95 65.19 -10.78 -40.01
C THR J 95 66.45 -10.52 -39.20
N GLN J 96 66.50 -11.03 -37.96
CA GLN J 96 67.70 -10.96 -37.17
C GLN J 96 68.69 -12.04 -37.56
N ALA J 97 68.19 -13.23 -37.88
CA ALA J 97 69.05 -14.32 -38.30
C ALA J 97 69.59 -14.15 -39.71
N ALA J 98 68.98 -13.30 -40.52
CA ALA J 98 69.45 -13.07 -41.88
C ALA J 98 70.63 -12.11 -41.92
N ASN J 99 70.80 -11.28 -40.92
CA ASN J 99 71.96 -10.39 -40.85
C ASN J 99 73.22 -11.21 -40.71
N ASP J 100 74.29 -10.76 -41.36
CA ASP J 100 75.53 -11.52 -41.40
C ASP J 100 76.54 -11.06 -40.35
N THR J 101 76.14 -10.19 -39.44
CA THR J 101 76.92 -9.97 -38.24
C THR J 101 76.73 -11.09 -37.22
N ASN J 102 75.66 -11.85 -37.35
CA ASN J 102 75.49 -13.05 -36.54
C ASN J 102 76.48 -14.12 -36.97
N THR J 103 76.87 -14.95 -36.01
CA THR J 103 77.65 -16.15 -36.31
C THR J 103 76.75 -17.37 -36.17
N ASP J 104 77.25 -18.51 -36.63
CA ASP J 104 76.48 -19.74 -36.51
C ASP J 104 76.22 -20.09 -35.06
N SER J 105 77.12 -19.69 -34.16
CA SER J 105 76.87 -19.86 -32.74
C SER J 105 75.66 -19.06 -32.27
N ASP J 106 75.31 -18.00 -32.99
CA ASP J 106 74.18 -17.15 -32.64
C ASP J 106 72.96 -17.38 -33.51
N ARG J 107 73.13 -17.82 -34.75
CA ARG J 107 71.99 -18.27 -35.52
C ARG J 107 71.38 -19.52 -34.90
N SER J 108 72.23 -20.48 -34.54
CA SER J 108 71.75 -21.65 -33.81
C SER J 108 71.25 -21.26 -32.44
N GLU J 109 71.66 -20.09 -31.96
CA GLU J 109 71.15 -19.60 -30.68
C GLU J 109 69.72 -19.11 -30.86
N LEU J 110 69.45 -18.45 -31.98
CA LEU J 110 68.08 -18.06 -32.32
C LEU J 110 67.22 -19.27 -32.64
N GLN J 111 67.81 -20.31 -33.21
CA GLN J 111 67.04 -21.50 -33.56
C GLN J 111 66.42 -22.14 -32.34
N LYS J 112 66.98 -21.91 -31.15
CA LYS J 112 66.39 -22.45 -29.94
C LYS J 112 64.99 -21.92 -29.72
N GLU J 113 64.79 -20.62 -29.93
CA GLU J 113 63.45 -20.06 -29.83
C GLU J 113 62.62 -20.37 -31.08
N MET J 114 63.26 -20.52 -32.23
CA MET J 114 62.58 -20.97 -33.42
C MET J 114 61.85 -22.29 -33.17
N ASP J 115 62.58 -23.27 -32.63
CA ASP J 115 61.98 -24.56 -32.36
C ASP J 115 60.99 -24.53 -31.21
N GLN J 116 61.12 -23.57 -30.30
CA GLN J 116 60.19 -23.48 -29.19
C GLN J 116 58.92 -22.73 -29.57
N LEU J 117 59.01 -21.77 -30.48
CA LEU J 117 57.81 -21.13 -31.00
C LEU J 117 57.05 -22.07 -31.92
N ALA J 118 57.76 -22.75 -32.82
CA ALA J 118 57.10 -23.68 -33.72
C ALA J 118 56.48 -24.86 -32.98
N SER J 119 57.00 -25.21 -31.82
CA SER J 119 56.41 -26.27 -31.02
C SER J 119 55.21 -25.79 -30.21
N GLU J 120 55.03 -24.49 -30.08
CA GLU J 120 53.85 -23.93 -29.44
C GLU J 120 52.71 -23.74 -30.41
N VAL J 121 53.03 -23.41 -31.66
CA VAL J 121 52.02 -23.37 -32.71
C VAL J 121 51.36 -24.73 -32.85
N THR J 122 52.14 -25.79 -32.79
CA THR J 122 51.58 -27.14 -32.86
C THR J 122 50.75 -27.46 -31.62
N ARG J 123 51.15 -26.96 -30.45
CA ARG J 123 50.38 -27.24 -29.25
C ARG J 123 48.99 -26.64 -29.33
N ILE J 124 48.88 -25.42 -29.83
CA ILE J 124 47.58 -24.77 -29.91
C ILE J 124 46.65 -25.55 -30.81
N SER J 125 47.18 -26.12 -31.89
CA SER J 125 46.33 -26.90 -32.80
C SER J 125 45.81 -28.15 -32.12
N THR J 126 46.69 -28.89 -31.45
CA THR J 126 46.29 -30.16 -30.85
C THR J 126 45.64 -30.02 -29.49
N ASP J 127 45.74 -28.85 -28.86
CA ASP J 127 45.17 -28.66 -27.53
C ASP J 127 43.87 -27.90 -27.54
N THR J 128 43.66 -27.00 -28.50
CA THR J 128 42.42 -26.23 -28.56
C THR J 128 41.25 -27.18 -28.72
N GLU J 129 40.37 -27.19 -27.73
CA GLU J 129 39.31 -28.19 -27.67
C GLU J 129 38.06 -27.56 -27.08
N PHE J 130 37.01 -27.46 -27.88
CA PHE J 130 35.69 -27.11 -27.39
C PHE J 130 34.91 -28.38 -27.16
N ASN J 131 34.24 -28.48 -26.02
CA ASN J 131 33.51 -29.69 -25.63
C ASN J 131 34.59 -30.76 -25.59
N THR J 132 34.49 -31.82 -26.38
CA THR J 132 35.57 -32.79 -26.56
C THR J 132 36.02 -32.88 -28.01
N LYS J 133 35.96 -31.77 -28.72
CA LYS J 133 36.27 -31.72 -30.14
C LYS J 133 37.55 -30.91 -30.35
N LYS J 134 38.52 -31.50 -31.02
CA LYS J 134 39.73 -30.79 -31.40
C LYS J 134 39.42 -29.97 -32.64
N LEU J 135 39.47 -28.65 -32.51
CA LEU J 135 39.00 -27.77 -33.59
C LEU J 135 40.06 -27.56 -34.66
N LEU J 136 41.30 -27.27 -34.25
CA LEU J 136 42.32 -26.81 -35.17
C LEU J 136 43.24 -27.92 -35.65
N ASP J 137 42.93 -29.18 -35.38
CA ASP J 137 43.78 -30.28 -35.82
C ASP J 137 43.31 -30.92 -37.11
N GLY J 138 42.38 -30.28 -37.82
CA GLY J 138 41.93 -30.78 -39.09
C GLY J 138 40.85 -31.84 -39.03
N THR J 139 40.37 -32.18 -37.83
CA THR J 139 39.30 -33.16 -37.70
C THR J 139 37.92 -32.52 -37.60
N ALA J 140 37.84 -31.23 -37.30
CA ALA J 140 36.56 -30.53 -37.21
C ALA J 140 36.16 -30.08 -38.61
N GLN J 141 35.58 -31.00 -39.36
CA GLN J 141 35.12 -30.74 -40.71
C GLN J 141 33.65 -31.10 -40.82
N ASN J 142 32.92 -30.36 -41.65
CA ASN J 142 31.51 -30.60 -41.90
C ASN J 142 30.69 -30.42 -40.64
N LEU J 143 31.12 -29.52 -39.76
CA LEU J 143 30.36 -29.22 -38.55
C LEU J 143 29.03 -28.61 -38.93
N THR J 144 27.96 -29.31 -38.63
CA THR J 144 26.61 -28.92 -39.02
C THR J 144 25.89 -28.34 -37.81
N PHE J 145 25.56 -27.06 -37.88
CA PHE J 145 24.75 -26.41 -36.86
C PHE J 145 23.31 -26.36 -37.34
N GLN J 146 22.40 -26.92 -36.54
CA GLN J 146 20.98 -26.87 -36.89
C GLN J 146 20.46 -25.51 -36.48
N ILE J 147 20.63 -24.54 -37.36
CA ILE J 147 20.07 -23.20 -37.15
C ILE J 147 18.71 -23.15 -37.82
N GLY J 148 17.70 -23.65 -37.16
CA GLY J 148 16.38 -23.75 -37.74
C GLY J 148 15.65 -24.94 -37.14
N ALA J 149 14.33 -24.88 -37.21
CA ALA J 149 13.49 -25.86 -36.54
C ALA J 149 13.15 -27.07 -37.39
N ASN J 150 13.65 -27.15 -38.62
CA ASN J 150 13.25 -28.17 -39.55
C ASN J 150 14.48 -28.86 -40.15
N GLU J 151 14.23 -29.81 -41.04
CA GLU J 151 15.31 -30.44 -41.81
C GLU J 151 16.02 -29.44 -42.70
N GLY J 152 17.32 -29.69 -42.92
CA GLY J 152 18.07 -28.94 -43.90
C GLY J 152 18.25 -27.48 -43.59
N GLN J 153 17.84 -27.05 -42.40
CA GLN J 153 18.07 -25.66 -41.98
C GLN J 153 19.36 -25.59 -41.17
N THR J 154 20.43 -26.00 -41.83
CA THR J 154 21.73 -26.17 -41.21
C THR J 154 22.75 -25.26 -41.87
N MET J 155 23.90 -25.16 -41.23
CA MET J 155 25.07 -24.49 -41.79
C MET J 155 26.29 -25.37 -41.54
N SER J 156 27.09 -25.56 -42.57
CA SER J 156 28.30 -26.35 -42.43
C SER J 156 29.48 -25.45 -42.08
N LEU J 157 30.58 -26.09 -41.69
CA LEU J 157 31.80 -25.37 -41.35
C LEU J 157 32.96 -26.35 -41.36
N SER J 158 34.11 -25.90 -41.82
CA SER J 158 35.29 -26.76 -41.87
C SER J 158 36.50 -25.92 -41.53
N ILE J 159 37.11 -26.19 -40.40
CA ILE J 159 38.34 -25.52 -39.99
C ILE J 159 39.51 -26.38 -40.40
N ASN J 160 40.46 -25.80 -41.12
CA ASN J 160 41.59 -26.55 -41.60
C ASN J 160 42.61 -26.77 -40.49
N LYS J 161 43.52 -27.71 -40.72
CA LYS J 161 44.59 -27.98 -39.78
C LYS J 161 45.55 -26.79 -39.75
N MET J 162 45.77 -26.26 -38.56
CA MET J 162 46.52 -25.01 -38.39
C MET J 162 47.68 -25.20 -37.44
N ASP J 163 48.45 -26.26 -37.64
CA ASP J 163 49.66 -26.52 -36.89
C ASP J 163 50.88 -26.14 -37.71
N SER J 164 52.04 -26.22 -37.08
CA SER J 164 53.26 -25.78 -37.75
C SER J 164 53.57 -26.60 -38.98
N GLU J 165 53.24 -27.89 -38.95
CA GLU J 165 53.46 -28.73 -40.12
C GLU J 165 52.63 -28.25 -41.30
N SER J 166 51.36 -27.88 -41.05
CA SER J 166 50.50 -27.46 -42.13
C SER J 166 50.88 -26.09 -42.66
N LEU J 167 51.22 -25.16 -41.76
CA LEU J 167 51.67 -23.84 -42.19
C LEU J 167 53.09 -23.87 -42.74
N LYS J 168 53.79 -25.00 -42.63
CA LYS J 168 55.15 -25.17 -43.14
C LYS J 168 56.17 -24.32 -42.38
N VAL J 169 55.87 -23.96 -41.15
CA VAL J 169 56.82 -23.25 -40.30
C VAL J 169 57.50 -24.19 -39.31
N GLY J 170 57.40 -25.49 -39.53
CA GLY J 170 57.99 -26.44 -38.62
C GLY J 170 57.83 -27.84 -39.15
N THR J 171 58.25 -28.80 -38.34
CA THR J 171 58.09 -30.20 -38.70
C THR J 171 58.09 -31.01 -37.42
N THR J 172 57.25 -32.03 -37.37
CA THR J 172 57.01 -32.80 -36.16
C THR J 172 57.51 -34.21 -36.36
N TYR J 173 58.57 -34.57 -35.64
CA TYR J 173 59.07 -35.92 -35.60
C TYR J 173 58.40 -36.67 -34.46
N THR J 174 58.07 -37.94 -34.69
CA THR J 174 57.54 -38.80 -33.65
C THR J 174 58.52 -39.94 -33.41
N ALA J 175 58.57 -40.39 -32.17
CA ALA J 175 59.54 -41.41 -31.77
C ALA J 175 59.00 -42.79 -32.11
N ASN J 176 59.84 -43.60 -32.75
CA ASN J 176 59.46 -44.96 -33.07
C ASN J 176 59.32 -45.78 -31.78
N ASP J 177 58.86 -47.02 -31.94
CA ASP J 177 58.50 -47.82 -30.77
C ASP J 177 59.69 -48.05 -29.84
N ASP J 178 60.84 -48.37 -30.38
CA ASP J 178 62.06 -48.55 -29.61
C ASP J 178 62.66 -47.21 -29.18
N GLY J 179 62.48 -46.16 -29.97
CA GLY J 179 63.06 -44.86 -29.67
C GLY J 179 64.42 -44.68 -30.29
N SER J 180 64.77 -45.57 -31.22
CA SER J 180 66.07 -45.47 -31.88
C SER J 180 66.09 -44.30 -32.87
N LYS J 181 65.01 -44.11 -33.62
CA LYS J 181 64.98 -43.13 -34.69
C LYS J 181 63.69 -42.32 -34.60
N LEU J 182 63.82 -41.00 -34.51
CA LEU J 182 62.68 -40.12 -34.60
C LEU J 182 62.15 -40.11 -36.03
N VAL J 183 60.84 -40.30 -36.17
CA VAL J 183 60.21 -40.44 -37.48
C VAL J 183 59.17 -39.34 -37.62
N THR J 184 59.27 -38.59 -38.71
CA THR J 184 58.21 -37.65 -39.05
C THR J 184 57.26 -38.26 -40.06
N ALA J 185 56.10 -37.63 -40.21
CA ALA J 185 55.25 -37.97 -41.35
C ALA J 185 55.96 -37.59 -42.63
N ASP J 186 55.75 -38.41 -43.67
CA ASP J 186 56.52 -38.48 -44.92
C ASP J 186 57.81 -39.26 -44.64
N GLY J 187 58.14 -39.55 -43.38
CA GLY J 187 59.23 -40.45 -43.07
C GLY J 187 60.64 -39.90 -43.26
N LYS J 188 61.01 -38.92 -42.46
CA LYS J 188 62.38 -38.45 -42.38
C LYS J 188 63.00 -38.98 -41.09
N GLU J 189 64.09 -39.71 -41.22
CA GLU J 189 64.67 -40.45 -40.10
C GLU J 189 65.59 -39.56 -39.28
N ALA J 190 65.70 -39.89 -38.00
CA ALA J 190 66.62 -39.21 -37.11
C ALA J 190 67.09 -40.21 -36.06
N THR J 191 68.23 -40.84 -36.31
CA THR J 191 68.72 -41.92 -35.47
C THR J 191 69.44 -41.37 -34.23
N LEU J 192 69.40 -42.17 -33.17
CA LEU J 192 70.00 -41.80 -31.90
C LEU J 192 71.48 -42.14 -31.78
N VAL J 193 72.19 -41.32 -31.00
CA VAL J 193 73.64 -41.35 -30.75
C VAL J 193 74.53 -41.50 -31.97
N THR J 194 74.27 -40.67 -32.97
CA THR J 194 74.97 -40.78 -34.25
C THR J 194 75.77 -39.56 -34.68
N LYS J 198 80.87 -39.73 -33.39
CA LYS J 198 79.94 -39.62 -32.28
C LYS J 198 79.47 -38.18 -32.14
N GLY J 199 80.37 -37.29 -31.74
CA GLY J 199 80.05 -35.89 -31.58
C GLY J 199 79.10 -35.66 -30.44
N PRO J 200 78.52 -34.46 -30.37
CA PRO J 200 77.50 -34.19 -29.35
C PRO J 200 76.33 -35.15 -29.50
N ASN J 201 75.75 -35.51 -28.37
CA ASN J 201 74.81 -36.63 -28.32
C ASN J 201 73.39 -36.16 -28.59
N GLY J 202 72.69 -36.89 -29.44
CA GLY J 202 71.31 -36.58 -29.77
C GLY J 202 70.85 -37.39 -30.96
N TYR J 203 69.65 -37.06 -31.44
CA TYR J 203 69.03 -37.74 -32.58
C TYR J 203 69.53 -37.06 -33.85
N TYR J 204 70.54 -37.67 -34.47
CA TYR J 204 71.10 -37.06 -35.67
C TYR J 204 70.30 -37.47 -36.90
N ASP J 205 70.48 -36.67 -37.95
CA ASP J 205 69.77 -36.80 -39.21
C ASP J 205 70.77 -37.33 -40.25
N ASP J 206 70.31 -37.55 -41.48
CA ASP J 206 71.15 -38.12 -42.53
C ASP J 206 72.21 -37.16 -43.03
N ALA J 207 72.31 -35.97 -42.44
CA ALA J 207 73.31 -35.01 -42.84
C ALA J 207 74.15 -34.49 -41.67
N ASP J 208 74.11 -35.22 -40.55
CA ASP J 208 74.91 -34.97 -39.36
C ASP J 208 74.36 -33.73 -38.64
N LYS J 209 73.35 -33.09 -39.23
CA LYS J 209 72.65 -32.00 -38.54
C LYS J 209 71.88 -32.58 -37.36
N LEU J 210 72.25 -32.17 -36.15
CA LEU J 210 71.51 -32.58 -34.97
C LEU J 210 70.06 -32.13 -35.07
N VAL J 211 69.14 -33.03 -34.78
CA VAL J 211 67.72 -32.75 -34.78
C VAL J 211 67.19 -32.51 -33.37
N TYR J 212 67.44 -33.45 -32.48
CA TYR J 212 67.05 -33.33 -31.09
C TYR J 212 68.26 -33.55 -30.19
N GLN J 213 68.30 -32.82 -29.08
CA GLN J 213 69.38 -32.92 -28.12
C GLN J 213 68.91 -33.78 -26.96
N ALA J 214 69.27 -35.06 -26.99
CA ALA J 214 68.97 -35.97 -25.90
C ALA J 214 70.01 -37.07 -25.88
N ASP J 215 70.40 -37.49 -24.67
CA ASP J 215 71.36 -38.56 -24.52
C ASP J 215 70.71 -39.91 -24.24
N SER J 216 69.57 -39.93 -23.56
CA SER J 216 68.80 -41.15 -23.40
C SER J 216 67.95 -41.38 -24.64
N ALA J 217 67.01 -42.32 -24.56
CA ALA J 217 66.14 -42.59 -25.70
C ALA J 217 64.75 -42.08 -25.34
N LEU J 218 64.14 -41.35 -26.27
CA LEU J 218 62.80 -40.83 -26.04
C LEU J 218 61.80 -41.97 -25.88
N ALA J 219 60.71 -41.69 -25.17
CA ALA J 219 59.67 -42.68 -24.95
C ALA J 219 58.92 -42.96 -26.25
N LYS J 220 57.90 -43.80 -26.18
CA LYS J 220 57.15 -44.23 -27.35
C LYS J 220 56.08 -43.19 -27.68
N ASP J 221 56.00 -42.85 -28.97
CA ASP J 221 55.05 -41.83 -29.46
C ASP J 221 55.22 -40.50 -28.75
N THR J 222 56.46 -40.08 -28.55
CA THR J 222 56.73 -38.72 -28.08
C THR J 222 57.08 -37.86 -29.28
N LYS J 223 56.29 -36.81 -29.49
CA LYS J 223 56.49 -35.93 -30.64
C LYS J 223 57.41 -34.78 -30.26
N VAL J 224 58.31 -34.44 -31.18
CA VAL J 224 59.13 -33.25 -31.06
C VAL J 224 58.88 -32.39 -32.28
N THR J 225 58.83 -31.08 -32.09
CA THR J 225 58.63 -30.15 -33.18
C THR J 225 59.87 -29.31 -33.37
N LYS J 226 60.32 -29.21 -34.61
CA LYS J 226 61.56 -28.52 -34.95
C LYS J 226 61.22 -27.39 -35.90
N GLY J 227 61.63 -26.17 -35.58
CA GLY J 227 61.27 -25.02 -36.36
C GLY J 227 61.90 -25.03 -37.74
N ILE J 228 61.44 -24.11 -38.58
CA ILE J 228 62.00 -24.00 -39.92
C ILE J 228 63.44 -23.52 -39.81
N ASP J 229 64.27 -23.95 -40.77
CA ASP J 229 65.71 -23.73 -40.69
C ASP J 229 66.03 -22.27 -40.90
N ILE J 230 66.59 -21.63 -39.87
CA ILE J 230 67.14 -20.29 -39.98
C ILE J 230 68.60 -20.22 -39.56
N SER J 231 69.17 -21.31 -39.07
CA SER J 231 70.50 -21.29 -38.48
C SER J 231 71.58 -21.82 -39.41
N SER J 232 71.23 -22.45 -40.52
CA SER J 232 72.24 -23.00 -41.40
C SER J 232 73.01 -21.94 -42.16
N SER J 233 72.38 -20.80 -42.46
CA SER J 233 73.02 -19.75 -43.26
C SER J 233 72.17 -18.50 -43.17
N ALA J 234 72.69 -17.42 -43.72
CA ALA J 234 71.89 -16.21 -43.88
C ALA J 234 70.90 -16.35 -45.03
N LYS J 235 71.28 -17.08 -46.08
CA LYS J 235 70.35 -17.34 -47.17
C LYS J 235 69.15 -18.14 -46.70
N ALA J 236 69.38 -19.14 -45.85
CA ALA J 236 68.29 -19.95 -45.34
C ALA J 236 67.35 -19.13 -44.48
N ALA J 237 67.89 -18.23 -43.65
CA ALA J 237 67.06 -17.39 -42.82
C ALA J 237 66.20 -16.46 -43.65
N SER J 238 66.76 -15.91 -44.73
CA SER J 238 65.95 -15.10 -45.64
C SER J 238 64.88 -15.94 -46.31
N SER J 239 65.19 -17.17 -46.69
CA SER J 239 64.19 -18.04 -47.30
C SER J 239 63.04 -18.29 -46.35
N ALA J 240 63.33 -18.50 -45.07
CA ALA J 240 62.27 -18.69 -44.08
C ALA J 240 61.40 -17.46 -43.92
N LEU J 241 61.85 -16.29 -44.36
CA LEU J 241 61.05 -15.08 -44.20
C LEU J 241 59.77 -15.15 -45.01
N THR J 242 59.85 -15.57 -46.28
CA THR J 242 58.63 -15.71 -47.07
C THR J 242 57.75 -16.84 -46.56
N THR J 243 58.36 -17.93 -46.11
CA THR J 243 57.57 -19.03 -45.57
C THR J 243 56.78 -18.59 -44.34
N ILE J 244 57.41 -17.80 -43.47
CA ILE J 244 56.71 -17.31 -42.29
C ILE J 244 55.64 -16.30 -42.67
N LYS J 245 55.97 -15.37 -43.55
CA LYS J 245 55.00 -14.32 -43.89
C LYS J 245 53.84 -14.89 -44.70
N THR J 246 54.04 -16.02 -45.37
CA THR J 246 52.93 -16.69 -46.02
C THR J 246 52.06 -17.40 -45.01
N ALA J 247 52.66 -17.98 -43.97
CA ALA J 247 51.89 -18.63 -42.92
C ALA J 247 50.98 -17.64 -42.22
N ILE J 248 51.45 -16.40 -42.04
CA ILE J 248 50.59 -15.37 -41.48
C ILE J 248 49.42 -15.10 -42.41
N ASP J 249 49.61 -15.30 -43.72
CA ASP J 249 48.53 -15.08 -44.67
C ASP J 249 47.49 -16.18 -44.62
N THR J 250 47.92 -17.44 -44.47
CA THR J 250 46.96 -18.53 -44.39
C THR J 250 46.38 -18.70 -43.00
N VAL J 251 46.85 -17.94 -42.02
CA VAL J 251 46.18 -17.86 -40.73
C VAL J 251 45.13 -16.76 -40.75
N SER J 252 45.47 -15.62 -41.35
CA SER J 252 44.48 -14.56 -41.52
C SER J 252 43.30 -15.03 -42.35
N SER J 253 43.55 -15.88 -43.35
CA SER J 253 42.45 -16.43 -44.13
C SER J 253 41.55 -17.30 -43.28
N GLU J 254 42.13 -18.12 -42.41
CA GLU J 254 41.32 -18.98 -41.55
C GLU J 254 40.56 -18.17 -40.51
N ARG J 255 41.19 -17.13 -39.96
CA ARG J 255 40.51 -16.35 -38.93
C ARG J 255 39.27 -15.66 -39.44
N ALA J 256 39.29 -15.12 -40.64
CA ALA J 256 38.12 -14.45 -41.18
C ALA J 256 37.19 -15.39 -41.94
N LYS J 257 37.61 -16.61 -42.23
CA LYS J 257 36.66 -17.65 -42.58
C LYS J 257 35.81 -18.04 -41.38
N LEU J 258 36.32 -17.83 -40.18
CA LEU J 258 35.58 -18.07 -38.95
C LEU J 258 34.93 -16.81 -38.41
N GLY J 259 35.42 -15.64 -38.77
CA GLY J 259 34.77 -14.42 -38.37
C GLY J 259 33.58 -14.13 -39.26
N ALA J 260 33.63 -14.64 -40.49
CA ALA J 260 32.50 -14.51 -41.39
C ALA J 260 31.32 -15.36 -40.93
N VAL J 261 31.60 -16.57 -40.47
CA VAL J 261 30.54 -17.45 -39.97
C VAL J 261 29.95 -16.88 -38.69
N GLN J 262 30.78 -16.30 -37.84
CA GLN J 262 30.27 -15.76 -36.58
C GLN J 262 29.40 -14.54 -36.83
N ASN J 263 29.77 -13.70 -37.80
CA ASN J 263 28.91 -12.58 -38.16
C ASN J 263 27.57 -13.06 -38.69
N ARG J 264 27.57 -14.10 -39.51
CA ARG J 264 26.33 -14.67 -40.01
C ARG J 264 25.48 -15.21 -38.87
N LEU J 265 26.10 -15.94 -37.94
CA LEU J 265 25.37 -16.51 -36.83
C LEU J 265 24.80 -15.46 -35.90
N GLU J 266 25.37 -14.26 -35.88
CA GLU J 266 24.79 -13.18 -35.10
C GLU J 266 23.54 -12.64 -35.76
N HIS J 267 23.48 -12.65 -37.09
CA HIS J 267 22.26 -12.28 -37.79
C HIS J 267 21.21 -13.38 -37.70
N THR J 268 21.65 -14.63 -37.73
CA THR J 268 20.71 -15.74 -37.59
C THR J 268 20.04 -15.74 -36.24
N ILE J 269 20.71 -15.27 -35.20
CA ILE J 269 20.12 -15.26 -33.87
C ILE J 269 19.05 -14.20 -33.74
N ASN J 270 19.30 -12.99 -34.26
CA ASN J 270 18.28 -11.96 -34.22
C ASN J 270 17.05 -12.35 -35.02
N ASN J 271 17.25 -13.02 -36.15
CA ASN J 271 16.11 -13.44 -36.96
C ASN J 271 15.37 -14.60 -36.33
N LEU J 272 16.08 -15.52 -35.67
CA LEU J 272 15.40 -16.58 -34.96
C LEU J 272 14.66 -16.05 -33.74
N GLY J 273 15.25 -15.07 -33.05
CA GLY J 273 14.56 -14.46 -31.93
C GLY J 273 13.34 -13.66 -32.34
N THR J 274 13.42 -12.95 -33.46
CA THR J 274 12.27 -12.21 -33.96
C THR J 274 11.17 -13.14 -34.43
N SER J 275 11.52 -14.27 -35.02
CA SER J 275 10.51 -15.21 -35.49
C SER J 275 9.85 -15.99 -34.37
N SER J 276 10.44 -16.03 -33.18
CA SER J 276 9.75 -16.64 -32.06
C SER J 276 8.71 -15.71 -31.46
N GLU J 277 9.02 -14.42 -31.34
CA GLU J 277 8.04 -13.47 -30.86
C GLU J 277 6.86 -13.38 -31.80
N ASN J 278 7.12 -13.33 -33.10
CA ASN J 278 6.04 -13.20 -34.06
C ASN J 278 5.19 -14.46 -34.09
N LEU J 279 5.77 -15.61 -33.78
CA LEU J 279 4.98 -16.83 -33.72
C LEU J 279 4.39 -17.08 -32.34
N THR J 280 5.07 -16.65 -31.28
CA THR J 280 4.48 -16.74 -29.96
C THR J 280 3.23 -15.89 -29.87
N SER J 281 3.30 -14.67 -30.39
CA SER J 281 2.11 -13.82 -30.42
C SER J 281 1.05 -14.41 -31.34
N ALA J 282 1.46 -15.00 -32.45
CA ALA J 282 0.51 -15.62 -33.36
C ALA J 282 -0.20 -16.79 -32.70
N GLU J 283 0.54 -17.60 -31.94
CA GLU J 283 -0.06 -18.76 -31.29
C GLU J 283 -0.92 -18.36 -30.10
N SER J 284 -0.56 -17.27 -29.40
CA SER J 284 -1.35 -16.84 -28.27
C SER J 284 -2.74 -16.39 -28.71
N ARG J 285 -2.83 -15.69 -29.84
CA ARG J 285 -4.13 -15.27 -30.33
C ARG J 285 -5.01 -16.47 -30.68
N ILE J 286 -4.42 -17.51 -31.23
CA ILE J 286 -5.19 -18.70 -31.59
C ILE J 286 -5.58 -19.50 -30.36
N ARG J 287 -4.67 -19.63 -29.40
CA ARG J 287 -4.84 -20.58 -28.31
C ARG J 287 -5.27 -19.94 -27.00
N ASP J 288 -4.61 -18.86 -26.58
CA ASP J 288 -4.93 -18.26 -25.29
C ASP J 288 -6.30 -17.60 -25.32
N VAL J 289 -6.93 -17.54 -24.16
CA VAL J 289 -8.26 -16.99 -24.02
C VAL J 289 -8.14 -15.51 -23.65
N ASP J 290 -9.17 -14.74 -24.00
CA ASP J 290 -9.25 -13.35 -23.59
C ASP J 290 -9.92 -13.30 -22.24
N MET J 291 -9.17 -12.87 -21.22
CA MET J 291 -9.69 -12.91 -19.85
C MET J 291 -10.92 -12.04 -19.72
N ALA J 292 -10.89 -10.84 -20.31
CA ALA J 292 -12.03 -9.93 -20.19
C ALA J 292 -13.25 -10.49 -20.89
N SER J 293 -13.11 -10.90 -22.14
CA SER J 293 -14.25 -11.38 -22.90
C SER J 293 -14.79 -12.71 -22.41
N GLU J 294 -14.04 -13.42 -21.56
CA GLU J 294 -14.46 -14.71 -21.04
C GLU J 294 -15.06 -14.61 -19.64
N MET J 295 -14.49 -13.75 -18.79
CA MET J 295 -15.07 -13.52 -17.48
C MET J 295 -16.45 -12.90 -17.61
N MET J 296 -16.60 -11.97 -18.56
CA MET J 296 -17.91 -11.36 -18.80
C MET J 296 -18.91 -12.38 -19.32
N GLU J 297 -18.46 -13.36 -20.11
CA GLU J 297 -19.36 -14.38 -20.59
C GLU J 297 -19.67 -15.42 -19.51
N TYR J 298 -18.70 -15.70 -18.65
CA TYR J 298 -18.94 -16.64 -17.55
C TYR J 298 -20.00 -16.09 -16.60
N THR J 299 -19.94 -14.80 -16.30
CA THR J 299 -20.92 -14.20 -15.41
C THR J 299 -22.32 -14.26 -15.99
N LYS J 300 -22.44 -14.13 -17.32
CA LYS J 300 -23.76 -14.19 -17.94
C LYS J 300 -24.42 -15.55 -17.72
N ASN J 301 -23.72 -16.63 -18.08
CA ASN J 301 -24.29 -17.96 -17.86
C ASN J 301 -24.41 -18.28 -16.39
N ASN J 302 -23.59 -17.66 -15.55
CA ASN J 302 -23.73 -17.84 -14.11
C ASN J 302 -24.97 -17.15 -13.58
N ILE J 303 -25.56 -16.22 -14.32
CA ILE J 303 -26.82 -15.61 -13.94
C ILE J 303 -27.99 -16.33 -14.57
N LEU J 304 -27.87 -16.72 -15.83
CA LEU J 304 -28.93 -17.44 -16.52
C LEU J 304 -29.27 -18.75 -15.83
N THR J 305 -28.31 -19.37 -15.13
CA THR J 305 -28.60 -20.56 -14.35
C THR J 305 -29.31 -20.24 -13.05
N GLN J 306 -29.05 -19.08 -12.45
CA GLN J 306 -29.79 -18.67 -11.27
C GLN J 306 -31.20 -18.22 -11.62
N ALA J 307 -31.38 -17.60 -12.78
CA ALA J 307 -32.73 -17.27 -13.24
C ALA J 307 -33.56 -18.53 -13.45
N SER J 308 -32.95 -19.56 -14.05
CA SER J 308 -33.65 -20.82 -14.20
C SER J 308 -33.84 -21.52 -12.86
N GLN J 309 -32.86 -21.37 -11.97
CA GLN J 309 -33.00 -21.91 -10.61
C GLN J 309 -34.17 -21.26 -9.89
N ALA J 310 -34.30 -19.94 -9.99
CA ALA J 310 -35.37 -19.24 -9.32
C ALA J 310 -36.74 -19.64 -9.85
N MET J 311 -36.86 -19.78 -11.17
CA MET J 311 -38.16 -20.13 -11.75
C MET J 311 -38.49 -21.60 -11.58
N LEU J 312 -37.49 -22.46 -11.43
CA LEU J 312 -37.76 -23.87 -11.17
C LEU J 312 -38.47 -24.05 -9.84
N ALA J 313 -38.08 -23.27 -8.83
CA ALA J 313 -38.74 -23.35 -7.53
C ALA J 313 -40.21 -23.00 -7.65
N GLN J 314 -40.54 -21.95 -8.40
CA GLN J 314 -41.93 -21.57 -8.58
C GLN J 314 -42.67 -22.56 -9.46
N ALA J 315 -41.98 -23.17 -10.42
CA ALA J 315 -42.63 -24.15 -11.28
C ALA J 315 -43.14 -25.34 -10.50
N ASN J 316 -42.47 -25.70 -9.41
CA ASN J 316 -42.94 -26.80 -8.57
C ASN J 316 -44.11 -26.39 -7.69
N GLN J 317 -44.22 -25.10 -7.36
CA GLN J 317 -45.30 -24.65 -6.49
C GLN J 317 -46.64 -24.64 -7.22
N GLN J 318 -46.62 -24.42 -8.52
CA GLN J 318 -47.86 -24.32 -9.28
C GLN J 318 -48.75 -25.55 -9.20
N PRO J 319 -48.25 -26.79 -9.33
CA PRO J 319 -49.14 -27.94 -9.17
C PRO J 319 -49.70 -28.10 -7.77
N GLN J 320 -49.13 -27.45 -6.77
CA GLN J 320 -49.58 -27.61 -5.39
C GLN J 320 -50.93 -26.97 -5.12
N GLN J 321 -51.46 -26.18 -6.05
CA GLN J 321 -52.68 -25.43 -5.80
C GLN J 321 -53.95 -26.22 -6.11
N VAL J 322 -53.83 -27.42 -6.70
CA VAL J 322 -55.03 -28.21 -6.97
C VAL J 322 -55.54 -28.91 -5.71
N LEU J 323 -54.72 -29.00 -4.67
CA LEU J 323 -55.17 -29.66 -3.44
C LEU J 323 -56.29 -28.87 -2.76
N GLN J 324 -56.20 -27.55 -2.76
CA GLN J 324 -57.27 -26.73 -2.20
C GLN J 324 -58.56 -26.87 -2.98
N LEU J 325 -58.48 -27.21 -4.27
CA LEU J 325 -59.66 -27.47 -5.08
C LEU J 325 -60.20 -28.87 -4.88
N LEU J 326 -59.32 -29.84 -4.61
CA LEU J 326 -59.76 -31.23 -4.49
C LEU J 326 -60.52 -31.50 -3.20
N LYS J 327 -60.37 -30.64 -2.20
CA LYS J 327 -61.10 -30.82 -0.94
C LYS J 327 -62.43 -30.08 -0.98
N MET K 1 -59.67 -2.95 -7.18
CA MET K 1 -58.44 -3.68 -7.45
C MET K 1 -58.52 -4.40 -8.78
N ARG K 2 -57.85 -3.85 -9.79
CA ARG K 2 -57.81 -4.45 -11.12
C ARG K 2 -56.56 -5.30 -11.25
N ILE K 3 -56.74 -6.54 -11.69
CA ILE K 3 -55.68 -7.54 -11.66
C ILE K 3 -55.04 -7.74 -13.03
N ASN K 4 -55.84 -7.65 -14.10
CA ASN K 4 -55.33 -7.95 -15.44
C ASN K 4 -54.24 -6.99 -15.89
N HIS K 5 -54.07 -5.86 -15.22
CA HIS K 5 -53.03 -4.91 -15.60
C HIS K 5 -52.48 -4.26 -14.34
N ASN K 6 -51.17 -4.24 -14.21
CA ASN K 6 -50.49 -3.63 -13.07
C ASN K 6 -49.81 -2.35 -13.58
N ILE K 7 -50.57 -1.26 -13.59
CA ILE K 7 -50.04 0.00 -14.10
C ILE K 7 -48.91 0.51 -13.22
N ALA K 8 -48.96 0.22 -11.93
CA ALA K 8 -47.88 0.62 -11.03
C ALA K 8 -46.57 -0.05 -11.42
N ALA K 9 -46.62 -1.34 -11.73
CA ALA K 9 -45.42 -2.05 -12.16
C ALA K 9 -45.05 -1.73 -13.59
N LEU K 10 -46.05 -1.53 -14.45
CA LEU K 10 -45.77 -1.17 -15.83
C LEU K 10 -45.11 0.20 -15.93
N ASN K 11 -45.52 1.14 -15.08
CA ASN K 11 -44.88 2.45 -15.05
C ASN K 11 -43.45 2.35 -14.51
N THR K 12 -43.25 1.52 -13.49
CA THR K 12 -41.91 1.37 -12.92
C THR K 12 -40.96 0.70 -13.91
N SER K 13 -41.49 -0.15 -14.78
CA SER K 13 -40.64 -0.79 -15.78
C SER K 13 -40.02 0.23 -16.73
N ARG K 14 -40.81 1.23 -17.15
CA ARG K 14 -40.28 2.24 -18.06
C ARG K 14 -39.19 3.05 -17.40
N GLN K 15 -39.37 3.43 -16.13
CA GLN K 15 -38.30 4.12 -15.42
C GLN K 15 -37.11 3.21 -15.19
N LEU K 16 -37.33 1.89 -15.12
CA LEU K 16 -36.23 0.95 -15.04
C LEU K 16 -35.44 0.93 -16.33
N ASN K 17 -36.13 0.86 -17.47
CA ASN K 17 -35.46 0.99 -18.76
C ASN K 17 -35.37 2.43 -19.20
N ALA K 18 -34.99 3.32 -18.29
CA ALA K 18 -34.59 4.68 -18.62
C ALA K 18 -33.40 5.16 -17.83
N GLY K 19 -33.06 4.52 -16.72
CA GLY K 19 -31.86 4.82 -15.98
C GLY K 19 -30.79 3.82 -16.34
N SER K 20 -31.21 2.63 -16.76
CA SER K 20 -30.26 1.67 -17.31
C SER K 20 -29.66 2.18 -18.61
N ASN K 21 -30.50 2.77 -19.48
CA ASN K 21 -29.98 3.36 -20.71
C ASN K 21 -29.03 4.50 -20.42
N ALA K 22 -29.38 5.35 -19.46
CA ALA K 22 -28.51 6.48 -19.11
C ALA K 22 -27.19 5.98 -18.52
N ALA K 23 -27.25 4.95 -17.67
CA ALA K 23 -26.02 4.39 -17.12
C ALA K 23 -25.16 3.77 -18.20
N SER K 24 -25.78 3.09 -19.17
CA SER K 24 -25.03 2.51 -20.28
C SER K 24 -24.36 3.61 -21.09
N LYS K 25 -25.07 4.71 -21.35
CA LYS K 25 -24.47 5.82 -22.08
C LYS K 25 -23.34 6.45 -21.28
N ASN K 26 -23.49 6.54 -19.96
CA ASN K 26 -22.44 7.12 -19.13
C ASN K 26 -21.21 6.23 -19.10
N MET K 27 -21.41 4.91 -19.12
CA MET K 27 -20.27 4.00 -19.08
C MET K 27 -19.53 3.93 -20.40
N GLU K 28 -20.20 4.23 -21.51
CA GLU K 28 -19.50 4.35 -22.78
C GLU K 28 -18.48 5.48 -22.72
N LYS K 29 -18.89 6.63 -22.18
CA LYS K 29 -17.98 7.76 -22.06
C LYS K 29 -16.84 7.44 -21.11
N LEU K 30 -17.15 6.79 -19.99
CA LEU K 30 -16.12 6.52 -18.99
C LEU K 30 -15.08 5.54 -19.52
N SER K 31 -15.52 4.52 -20.24
CA SER K 31 -14.58 3.54 -20.78
C SER K 31 -13.72 4.14 -21.87
N SER K 32 -14.34 4.82 -22.85
CA SER K 32 -13.60 5.37 -23.97
C SER K 32 -12.85 6.64 -23.61
N GLY K 33 -13.34 7.39 -22.64
CA GLY K 33 -12.75 8.67 -22.31
C GLY K 33 -13.16 9.81 -23.21
N LEU K 34 -14.17 9.62 -24.04
CA LEU K 34 -14.61 10.62 -25.00
C LEU K 34 -16.07 11.00 -24.76
N ARG K 35 -16.35 12.30 -24.78
CA ARG K 35 -17.74 12.76 -24.69
C ARG K 35 -18.53 12.30 -25.90
N ILE K 36 -17.96 12.45 -27.09
CA ILE K 36 -18.66 12.20 -28.34
C ILE K 36 -18.15 10.89 -28.89
N ASN K 37 -18.90 9.82 -28.65
CA ASN K 37 -18.65 8.53 -29.29
C ASN K 37 -19.46 8.42 -30.58
N ARG K 38 -20.77 8.52 -30.47
CA ARG K 38 -21.64 8.60 -31.63
C ARG K 38 -21.80 10.05 -32.05
N ALA K 39 -22.34 10.24 -33.25
CA ALA K 39 -22.58 11.59 -33.74
C ALA K 39 -23.81 12.24 -33.09
N GLY K 40 -24.63 11.45 -32.39
CA GLY K 40 -25.79 12.00 -31.72
C GLY K 40 -25.51 12.69 -30.41
N ASP K 41 -24.31 12.51 -29.86
CA ASP K 41 -23.95 13.20 -28.63
C ASP K 41 -23.64 14.67 -28.89
N ASP K 42 -23.00 14.98 -30.01
CA ASP K 42 -22.79 16.36 -30.42
C ASP K 42 -22.52 16.37 -31.91
N ALA K 43 -23.47 16.87 -32.71
CA ALA K 43 -23.26 16.95 -34.15
C ALA K 43 -22.18 17.97 -34.48
N ALA K 44 -22.30 19.19 -33.96
CA ALA K 44 -21.27 20.19 -34.16
C ALA K 44 -19.99 19.81 -33.44
N GLY K 45 -20.10 19.14 -32.29
CA GLY K 45 -18.90 18.67 -31.62
C GLY K 45 -18.16 17.63 -32.44
N LEU K 46 -18.89 16.72 -33.09
CA LEU K 46 -18.27 15.77 -33.98
C LEU K 46 -17.63 16.47 -35.17
N ALA K 47 -18.33 17.43 -35.77
CA ALA K 47 -17.79 18.11 -36.94
C ALA K 47 -16.54 18.90 -36.60
N ILE K 48 -16.57 19.66 -35.50
CA ILE K 48 -15.43 20.49 -35.12
C ILE K 48 -14.24 19.61 -34.76
N SER K 49 -14.50 18.51 -34.06
CA SER K 49 -13.43 17.62 -33.61
C SER K 49 -12.64 17.09 -34.80
N GLU K 50 -13.33 16.55 -35.80
CA GLU K 50 -12.65 15.95 -36.94
C GLU K 50 -11.81 16.96 -37.70
N LYS K 51 -12.34 18.17 -37.89
CA LYS K 51 -11.53 19.24 -38.45
C LYS K 51 -10.31 19.47 -37.59
N MET K 52 -10.52 19.51 -36.27
CA MET K 52 -9.43 19.75 -35.34
C MET K 52 -8.38 18.63 -35.41
N ARG K 53 -8.81 17.38 -35.34
CA ARG K 53 -7.87 16.26 -35.40
C ARG K 53 -7.07 16.29 -36.69
N SER K 54 -7.76 16.51 -37.81
CA SER K 54 -7.12 16.61 -39.11
C SER K 54 -6.04 17.68 -39.10
N GLN K 55 -6.35 18.82 -38.47
CA GLN K 55 -5.38 19.91 -38.40
C GLN K 55 -4.24 19.58 -37.44
N ILE K 56 -4.55 18.95 -36.30
CA ILE K 56 -3.50 18.62 -35.34
C ILE K 56 -2.55 17.59 -35.92
N ARG K 57 -3.08 16.54 -36.53
CA ARG K 57 -2.21 15.55 -37.16
C ARG K 57 -1.53 16.10 -38.41
N GLY K 58 -1.93 17.27 -38.88
CA GLY K 58 -1.24 17.92 -39.96
C GLY K 58 -0.11 18.79 -39.47
N LEU K 59 -0.34 19.56 -38.41
CA LEU K 59 0.72 20.42 -37.88
C LEU K 59 1.83 19.61 -37.24
N ASP K 60 1.50 18.47 -36.63
CA ASP K 60 2.56 17.65 -36.07
C ASP K 60 3.33 16.91 -37.14
N MET K 61 2.70 16.67 -38.29
CA MET K 61 3.41 16.09 -39.43
C MET K 61 4.12 17.17 -40.24
N ALA K 62 3.49 18.32 -40.42
CA ALA K 62 4.18 19.44 -41.04
C ALA K 62 5.33 19.95 -40.21
N SER K 63 5.39 19.62 -38.93
CA SER K 63 6.57 19.88 -38.13
C SER K 63 7.68 18.90 -38.40
N LYS K 64 7.37 17.71 -38.89
CA LYS K 64 8.40 16.80 -39.36
C LYS K 64 8.97 17.27 -40.69
N ASN K 65 8.11 17.75 -41.59
CA ASN K 65 8.59 18.27 -42.86
C ASN K 65 9.49 19.47 -42.65
N ALA K 66 9.13 20.35 -41.73
CA ALA K 66 9.98 21.50 -41.43
C ALA K 66 11.32 21.06 -40.89
N GLN K 67 11.36 19.98 -40.12
CA GLN K 67 12.62 19.50 -39.60
C GLN K 67 13.37 18.62 -40.58
N ASP K 68 12.67 17.99 -41.52
CA ASP K 68 13.35 17.30 -42.61
C ASP K 68 13.87 18.28 -43.66
N GLY K 69 13.46 19.53 -43.59
CA GLY K 69 14.02 20.55 -44.45
C GLY K 69 15.17 21.24 -43.77
N ILE K 70 15.13 21.27 -42.44
CA ILE K 70 16.27 21.78 -41.68
C ILE K 70 17.46 20.87 -41.87
N SER K 71 17.24 19.56 -41.94
CA SER K 71 18.32 18.63 -42.18
C SER K 71 18.84 18.74 -43.61
N LEU K 72 17.95 18.90 -44.57
CA LEU K 72 18.37 19.05 -45.96
C LEU K 72 19.20 20.32 -46.15
N ILE K 73 18.92 21.34 -45.36
CA ILE K 73 19.63 22.61 -45.50
C ILE K 73 20.93 22.61 -44.72
N GLN K 74 20.97 21.95 -43.56
CA GLN K 74 22.21 21.81 -42.83
C GLN K 74 23.23 21.03 -43.63
N THR K 75 22.78 20.04 -44.40
CA THR K 75 23.70 19.28 -45.22
C THR K 75 24.35 20.14 -46.29
N SER K 76 23.55 21.01 -46.93
CA SER K 76 24.09 21.85 -47.99
C SER K 76 25.10 22.85 -47.45
N GLU K 77 24.74 23.60 -46.41
CA GLU K 77 25.67 24.58 -45.87
C GLU K 77 26.83 23.90 -45.17
N GLY K 78 26.62 22.71 -44.62
CA GLY K 78 27.74 21.94 -44.11
C GLY K 78 28.75 21.61 -45.20
N ALA K 79 28.25 21.32 -46.41
CA ALA K 79 29.14 21.06 -47.53
C ALA K 79 29.85 22.34 -47.97
N LEU K 80 29.11 23.47 -48.13
CA LEU K 80 29.76 24.71 -48.50
C LEU K 80 30.69 25.22 -47.42
N ASN K 81 30.60 24.70 -46.21
CA ASN K 81 31.58 25.04 -45.20
C ASN K 81 32.99 24.67 -45.65
N GLU K 82 33.12 23.65 -46.47
CA GLU K 82 34.42 23.20 -46.93
C GLU K 82 34.82 23.84 -48.25
N THR K 83 33.87 24.14 -49.12
CA THR K 83 34.20 24.94 -50.27
C THR K 83 34.77 26.28 -49.86
N HIS K 84 34.44 26.76 -48.67
CA HIS K 84 35.09 27.96 -48.19
C HIS K 84 36.55 27.72 -47.86
N SER K 85 36.86 26.59 -47.23
CA SER K 85 38.23 26.34 -46.84
C SER K 85 39.10 26.01 -48.03
N ILE K 86 38.53 25.34 -48.98
CA ILE K 86 39.31 25.07 -50.19
C ILE K 86 39.55 26.35 -50.96
N LEU K 87 38.54 27.19 -51.09
CA LEU K 87 38.72 28.49 -51.73
C LEU K 87 39.67 29.37 -50.95
N GLN K 88 39.73 29.19 -49.63
CA GLN K 88 40.62 30.00 -48.82
C GLN K 88 42.07 29.58 -49.03
N ARG K 89 42.32 28.27 -49.04
CA ARG K 89 43.64 27.76 -49.38
C ARG K 89 43.98 28.06 -50.82
N MET K 90 42.99 27.99 -51.70
CA MET K 90 43.22 28.26 -53.12
C MET K 90 43.64 29.70 -53.35
N SER K 91 43.39 30.58 -52.39
CA SER K 91 43.79 31.97 -52.51
C SER K 91 45.20 32.23 -52.03
N GLU K 92 45.73 31.39 -51.14
CA GLU K 92 47.14 31.48 -50.79
C GLU K 92 48.01 31.01 -51.96
N LEU K 93 47.57 29.99 -52.69
CA LEU K 93 48.31 29.62 -53.89
C LEU K 93 47.92 30.49 -55.06
N ALA K 94 47.79 31.79 -54.83
CA ALA K 94 47.85 32.80 -55.87
C ALA K 94 48.57 34.04 -55.42
N THR K 95 48.74 34.25 -54.12
CA THR K 95 49.63 35.28 -53.61
C THR K 95 51.05 34.79 -53.59
N GLN K 96 51.24 33.47 -53.49
CA GLN K 96 52.57 32.90 -53.58
C GLN K 96 53.00 32.76 -55.03
N ALA K 97 52.07 32.43 -55.91
CA ALA K 97 52.38 32.30 -57.33
C ALA K 97 52.56 33.63 -58.02
N ALA K 98 52.08 34.73 -57.44
CA ALA K 98 52.24 36.04 -58.02
C ALA K 98 53.62 36.63 -57.77
N ASN K 99 54.30 36.19 -56.73
CA ASN K 99 55.66 36.65 -56.47
C ASN K 99 56.58 36.20 -57.60
N ASP K 100 57.53 37.05 -57.96
CA ASP K 100 58.39 36.79 -59.10
C ASP K 100 59.73 36.18 -58.70
N THR K 101 59.89 35.79 -57.45
CA THR K 101 60.99 34.91 -57.08
C THR K 101 60.70 33.46 -57.47
N ASN K 102 59.44 33.12 -57.69
CA ASN K 102 59.09 31.82 -58.24
C ASN K 102 59.55 31.72 -59.68
N THR K 103 59.87 30.52 -60.11
CA THR K 103 60.09 30.22 -61.52
C THR K 103 58.91 29.44 -62.06
N ASP K 104 58.87 29.30 -63.38
CA ASP K 104 57.79 28.54 -64.00
C ASP K 104 57.81 27.09 -63.56
N SER K 105 58.99 26.57 -63.22
CA SER K 105 59.08 25.24 -62.64
C SER K 105 58.38 25.16 -61.30
N ASP K 106 58.21 26.27 -60.61
CA ASP K 106 57.56 26.32 -59.31
C ASP K 106 56.15 26.88 -59.35
N ARG K 107 55.84 27.75 -60.31
CA ARG K 107 54.45 28.13 -60.52
C ARG K 107 53.65 26.93 -61.02
N SER K 108 54.19 26.19 -61.99
CA SER K 108 53.56 24.95 -62.41
C SER K 108 53.59 23.92 -61.29
N GLU K 109 54.47 24.11 -60.32
CA GLU K 109 54.50 23.22 -59.18
C GLU K 109 53.32 23.51 -58.26
N LEU K 110 53.00 24.80 -58.10
CA LEU K 110 51.80 25.20 -57.36
C LEU K 110 50.54 24.82 -58.11
N GLN K 111 50.59 24.83 -59.44
CA GLN K 111 49.41 24.50 -60.23
C GLN K 111 48.94 23.08 -59.96
N LYS K 112 49.84 22.21 -59.49
CA LYS K 112 49.44 20.85 -59.17
C LYS K 112 48.39 20.84 -58.06
N GLU K 113 48.59 21.65 -57.03
CA GLU K 113 47.58 21.75 -55.98
C GLU K 113 46.41 22.62 -56.41
N MET K 114 46.65 23.59 -57.29
CA MET K 114 45.56 24.35 -57.89
C MET K 114 44.54 23.44 -58.54
N ASP K 115 45.01 22.52 -59.38
CA ASP K 115 44.10 21.61 -60.06
C ASP K 115 43.51 20.57 -59.13
N GLN K 116 44.19 20.27 -58.03
CA GLN K 116 43.67 19.30 -57.08
C GLN K 116 42.66 19.90 -56.13
N LEU K 117 42.82 21.18 -55.79
CA LEU K 117 41.81 21.86 -54.99
C LEU K 117 40.57 22.15 -55.82
N ALA K 118 40.76 22.63 -57.04
CA ALA K 118 39.62 22.90 -57.92
C ALA K 118 38.86 21.65 -58.28
N SER K 119 39.51 20.49 -58.29
CA SER K 119 38.83 19.24 -58.54
C SER K 119 38.11 18.71 -57.32
N GLU K 120 38.42 19.23 -56.14
CA GLU K 120 37.69 18.86 -54.93
C GLU K 120 36.46 19.74 -54.72
N VAL K 121 36.54 21.00 -55.13
CA VAL K 121 35.37 21.86 -55.12
C VAL K 121 34.28 21.26 -56.00
N THR K 122 34.66 20.73 -57.15
CA THR K 122 33.68 20.08 -58.03
C THR K 122 33.14 18.80 -57.40
N ARG K 123 33.98 18.06 -56.67
CA ARG K 123 33.50 16.83 -56.06
C ARG K 123 32.41 17.11 -55.04
N ILE K 124 32.59 18.15 -54.23
CA ILE K 124 31.61 18.46 -53.19
C ILE K 124 30.27 18.78 -53.82
N SER K 125 30.28 19.47 -54.96
CA SER K 125 29.02 19.81 -55.62
C SER K 125 28.31 18.56 -56.13
N THR K 126 29.02 17.68 -56.80
CA THR K 126 28.40 16.51 -57.40
C THR K 126 28.21 15.35 -56.43
N ASP K 127 28.85 15.39 -55.26
CA ASP K 127 28.74 14.30 -54.31
C ASP K 127 27.81 14.60 -53.15
N THR K 128 27.67 15.87 -52.76
CA THR K 128 26.79 16.21 -51.65
C THR K 128 25.37 15.82 -51.99
N GLU K 129 24.82 14.89 -51.21
CA GLU K 129 23.54 14.28 -51.54
C GLU K 129 22.77 13.99 -50.27
N PHE K 130 21.65 14.67 -50.09
CA PHE K 130 20.69 14.33 -49.06
C PHE K 130 19.62 13.46 -49.66
N ASN K 131 19.27 12.38 -48.96
CA ASN K 131 18.31 11.39 -49.46
C ASN K 131 18.94 10.89 -50.76
N THR K 132 18.30 11.05 -51.90
CA THR K 132 18.92 10.79 -53.20
C THR K 132 18.91 12.03 -54.08
N LYS K 133 19.05 13.19 -53.48
CA LYS K 133 18.99 14.47 -54.18
C LYS K 133 20.35 15.12 -54.15
N LYS K 134 20.86 15.48 -55.32
CA LYS K 134 22.10 16.24 -55.41
C LYS K 134 21.78 17.71 -55.15
N LEU K 135 22.29 18.25 -54.05
CA LEU K 135 21.87 19.58 -53.63
C LEU K 135 22.63 20.68 -54.36
N LEU K 136 23.96 20.55 -54.45
CA LEU K 136 24.79 21.65 -54.91
C LEU K 136 25.14 21.57 -56.39
N ASP K 137 24.51 20.71 -57.15
CA ASP K 137 24.81 20.58 -58.57
C ASP K 137 23.83 21.35 -59.44
N GLY K 138 23.01 22.22 -58.85
CA GLY K 138 22.11 23.04 -59.61
C GLY K 138 20.80 22.39 -59.98
N THR K 139 20.56 21.16 -59.54
CA THR K 139 19.30 20.49 -59.83
C THR K 139 18.29 20.63 -58.70
N ALA K 140 18.72 21.01 -57.50
CA ALA K 140 17.82 21.20 -56.38
C ALA K 140 17.25 22.61 -56.45
N GLN K 141 16.20 22.76 -57.26
CA GLN K 141 15.53 24.03 -57.44
C GLN K 141 14.05 23.84 -57.16
N ASN K 142 13.42 24.89 -56.62
CA ASN K 142 11.99 24.88 -56.35
C ASN K 142 11.63 23.83 -55.32
N LEU K 143 12.56 23.56 -54.40
CA LEU K 143 12.28 22.60 -53.33
C LEU K 143 11.18 23.15 -52.44
N THR K 144 10.04 22.46 -52.43
CA THR K 144 8.86 22.92 -51.72
C THR K 144 8.70 22.11 -50.45
N PHE K 145 8.80 22.78 -49.31
CA PHE K 145 8.54 22.17 -48.01
C PHE K 145 7.13 22.51 -47.58
N GLN K 146 6.34 21.49 -47.31
CA GLN K 146 4.97 21.71 -46.84
C GLN K 146 5.05 22.00 -45.34
N ILE K 147 5.31 23.27 -45.01
CA ILE K 147 5.29 23.71 -43.62
C ILE K 147 3.91 24.23 -43.30
N GLY K 148 2.99 23.33 -43.00
CA GLY K 148 1.61 23.71 -42.78
C GLY K 148 0.71 22.55 -43.17
N ALA K 149 -0.49 22.55 -42.61
CA ALA K 149 -1.39 21.44 -42.75
C ALA K 149 -2.33 21.55 -43.95
N ASN K 150 -2.21 22.61 -44.74
CA ASN K 150 -3.16 22.88 -45.81
C ASN K 150 -2.43 23.13 -47.12
N GLU K 151 -3.19 23.42 -48.17
CA GLU K 151 -2.63 23.84 -49.44
C GLU K 151 -1.88 25.16 -49.33
N GLY K 152 -0.85 25.30 -50.16
CA GLY K 152 -0.17 26.57 -50.29
C GLY K 152 0.56 27.03 -49.06
N GLN K 153 0.64 26.20 -48.03
CA GLN K 153 1.41 26.53 -46.84
C GLN K 153 2.81 25.95 -46.96
N THR K 154 3.48 26.39 -48.02
CA THR K 154 4.76 25.86 -48.43
C THR K 154 5.83 26.96 -48.41
N MET K 155 7.07 26.52 -48.53
CA MET K 155 8.20 27.40 -48.72
C MET K 155 9.08 26.84 -49.82
N SER K 156 9.49 27.69 -50.76
CA SER K 156 10.35 27.25 -51.83
C SER K 156 11.82 27.48 -51.45
N LEU K 157 12.70 26.89 -52.25
CA LEU K 157 14.13 27.03 -52.03
C LEU K 157 14.85 26.63 -53.30
N SER K 158 15.93 27.33 -53.61
CA SER K 158 16.71 27.02 -54.82
C SER K 158 18.18 27.22 -54.51
N ILE K 159 18.92 26.14 -54.48
CA ILE K 159 20.36 26.20 -54.28
C ILE K 159 21.04 26.20 -55.64
N ASN K 160 21.90 27.18 -55.87
CA ASN K 160 22.56 27.30 -57.16
C ASN K 160 23.69 26.29 -57.28
N LYS K 161 24.15 26.08 -58.51
CA LYS K 161 25.28 25.21 -58.77
C LYS K 161 26.55 25.83 -58.20
N MET K 162 27.24 25.08 -57.35
CA MET K 162 28.37 25.60 -56.59
C MET K 162 29.61 24.76 -56.81
N ASP K 163 29.90 24.47 -58.07
CA ASP K 163 31.10 23.76 -58.46
C ASP K 163 32.12 24.74 -59.01
N SER K 164 33.32 24.24 -59.30
CA SER K 164 34.41 25.11 -59.72
C SER K 164 34.09 25.78 -61.05
N GLU K 165 33.38 25.09 -61.93
CA GLU K 165 32.99 25.71 -63.19
C GLU K 165 32.09 26.90 -62.97
N SER K 166 31.14 26.79 -62.05
CA SER K 166 30.19 27.89 -61.81
C SER K 166 30.87 29.05 -61.10
N LEU K 167 31.72 28.76 -60.11
CA LEU K 167 32.45 29.81 -59.42
C LEU K 167 33.60 30.37 -60.26
N LYS K 168 33.88 29.76 -61.41
CA LYS K 168 34.92 30.20 -62.34
C LYS K 168 36.32 30.03 -61.75
N VAL K 169 36.49 29.11 -60.81
CA VAL K 169 37.80 28.81 -60.26
C VAL K 169 38.36 27.52 -60.88
N GLY K 170 37.79 27.06 -61.97
CA GLY K 170 38.26 25.84 -62.60
C GLY K 170 37.49 25.60 -63.88
N THR K 171 37.77 24.44 -64.48
CA THR K 171 37.08 24.05 -65.69
C THR K 171 37.13 22.53 -65.79
N THR K 172 36.04 21.93 -66.24
CA THR K 172 35.88 20.48 -66.24
C THR K 172 35.82 19.98 -67.68
N TYR K 173 36.85 19.25 -68.08
CA TYR K 173 36.86 18.58 -69.36
C TYR K 173 36.29 17.18 -69.19
N THR K 174 35.52 16.74 -70.17
CA THR K 174 35.03 15.37 -70.20
C THR K 174 35.60 14.66 -71.42
N ALA K 175 35.81 13.37 -71.27
CA ALA K 175 36.45 12.58 -72.31
C ALA K 175 35.43 12.15 -73.35
N ASN K 176 35.75 12.36 -74.62
CA ASN K 176 34.87 11.93 -75.69
C ASN K 176 34.80 10.41 -75.72
N ASP K 177 33.94 9.89 -76.60
CA ASP K 177 33.65 8.46 -76.60
C ASP K 177 34.88 7.62 -76.87
N ASP K 178 35.69 8.01 -77.85
CA ASP K 178 36.93 7.33 -78.16
C ASP K 178 38.03 7.66 -77.14
N GLY K 179 38.02 8.86 -76.57
CA GLY K 179 39.04 9.28 -75.65
C GLY K 179 40.18 9.99 -76.34
N SER K 180 39.97 10.38 -77.59
CA SER K 180 41.01 11.10 -78.33
C SER K 180 41.16 12.52 -77.82
N LYS K 181 40.05 13.19 -77.54
CA LYS K 181 40.06 14.61 -77.20
C LYS K 181 39.18 14.85 -75.98
N LEU K 182 39.77 15.42 -74.94
CA LEU K 182 39.00 15.87 -73.79
C LEU K 182 38.16 17.08 -74.17
N VAL K 183 36.87 17.02 -73.85
CA VAL K 183 35.91 18.04 -74.26
C VAL K 183 35.30 18.65 -73.01
N THR K 184 35.35 19.97 -72.92
CA THR K 184 34.63 20.66 -71.86
C THR K 184 33.29 21.18 -72.40
N ALA K 185 32.41 21.54 -71.47
CA ALA K 185 31.23 22.29 -71.87
C ALA K 185 31.67 23.64 -72.42
N ASP K 186 30.95 24.13 -73.44
CA ASP K 186 31.29 25.20 -74.35
C ASP K 186 32.28 24.67 -75.40
N GLY K 187 32.81 23.47 -75.22
CA GLY K 187 33.58 22.82 -76.27
C GLY K 187 34.98 23.34 -76.49
N LYS K 188 35.86 23.16 -75.51
CA LYS K 188 37.28 23.42 -75.67
C LYS K 188 37.99 22.08 -75.80
N GLU K 189 38.71 21.89 -76.90
CA GLU K 189 39.27 20.60 -77.25
C GLU K 189 40.61 20.39 -76.57
N ALA K 190 40.93 19.12 -76.32
CA ALA K 190 42.23 18.75 -75.77
C ALA K 190 42.60 17.38 -76.32
N THR K 191 43.36 17.37 -77.41
CA THR K 191 43.66 16.13 -78.11
C THR K 191 44.81 15.37 -77.45
N LEU K 192 44.79 14.06 -77.61
CA LEU K 192 45.78 13.18 -77.02
C LEU K 192 47.04 13.00 -77.87
N VAL K 193 48.17 12.77 -77.16
CA VAL K 193 49.53 12.63 -77.69
C VAL K 193 49.98 13.68 -78.69
N THR K 194 49.75 14.94 -78.35
CA THR K 194 50.03 16.03 -79.29
C THR K 194 51.05 17.07 -78.81
N LYS K 198 55.95 16.20 -80.53
CA LYS K 198 55.43 15.23 -79.57
C LYS K 198 55.51 15.80 -78.15
N GLY K 199 56.73 15.95 -77.65
CA GLY K 199 56.94 16.49 -76.32
C GLY K 199 56.46 15.56 -75.24
N PRO K 200 56.34 16.05 -74.02
CA PRO K 200 55.78 15.24 -72.94
C PRO K 200 54.36 14.81 -73.29
N ASN K 201 53.99 13.61 -72.85
CA ASN K 201 52.79 12.95 -73.34
C ASN K 201 51.58 13.33 -72.49
N GLY K 202 50.49 13.66 -73.15
CA GLY K 202 49.25 14.01 -72.47
C GLY K 202 48.25 14.61 -73.44
N TYR K 203 47.15 15.11 -72.88
CA TYR K 203 46.08 15.72 -73.66
C TYR K 203 46.42 17.19 -73.87
N TYR K 204 46.98 17.49 -75.03
CA TYR K 204 47.37 18.86 -75.30
C TYR K 204 46.20 19.67 -75.81
N ASP K 205 46.35 21.00 -75.70
CA ASP K 205 45.34 21.97 -76.06
C ASP K 205 45.80 22.67 -77.33
N ASP K 206 45.00 23.60 -77.86
CA ASP K 206 45.30 24.27 -79.11
C ASP K 206 46.46 25.25 -79.00
N ALA K 207 47.09 25.35 -77.83
CA ALA K 207 48.23 26.24 -77.65
C ALA K 207 49.45 25.53 -77.08
N ASP K 208 49.46 24.19 -77.16
CA ASP K 208 50.58 23.34 -76.78
C ASP K 208 50.67 23.30 -75.25
N LYS K 209 49.82 24.06 -74.57
CA LYS K 209 49.72 23.97 -73.12
C LYS K 209 49.14 22.60 -72.76
N LEU K 210 49.92 21.79 -72.05
CA LEU K 210 49.42 20.51 -71.58
C LEU K 210 48.23 20.73 -70.66
N VAL K 211 47.18 19.96 -70.87
CA VAL K 211 45.97 20.02 -70.04
C VAL K 211 45.94 18.88 -69.04
N TYR K 212 46.08 17.65 -69.52
CA TYR K 212 46.12 16.48 -68.66
C TYR K 212 47.38 15.68 -68.96
N GLN K 213 47.95 15.09 -67.91
CA GLN K 213 49.15 14.27 -68.02
C GLN K 213 48.73 12.80 -68.02
N ALA K 214 48.63 12.22 -69.21
CA ALA K 214 48.33 10.80 -69.35
C ALA K 214 48.92 10.31 -70.66
N ASP K 215 49.44 9.09 -70.63
CA ASP K 215 50.00 8.48 -71.82
C ASP K 215 49.04 7.53 -72.52
N SER K 216 48.17 6.86 -71.77
CA SER K 216 47.11 6.06 -72.36
C SER K 216 45.94 6.96 -72.72
N ALA K 217 44.80 6.38 -73.06
CA ALA K 217 43.61 7.16 -73.40
C ALA K 217 42.62 7.02 -72.25
N LEU K 218 42.07 8.14 -71.81
CA LEU K 218 41.08 8.11 -70.74
C LEU K 218 39.84 7.35 -71.18
N ALA K 219 39.14 6.81 -70.20
CA ALA K 219 37.91 6.05 -70.47
C ALA K 219 36.81 6.99 -70.93
N LYS K 220 35.62 6.44 -71.14
CA LYS K 220 34.49 7.19 -71.68
C LYS K 220 33.78 7.93 -70.55
N ASP K 221 33.49 9.21 -70.79
CA ASP K 221 32.84 10.07 -69.80
C ASP K 221 33.62 10.13 -68.49
N THR K 222 34.94 10.25 -68.58
CA THR K 222 35.76 10.54 -67.41
C THR K 222 36.04 12.03 -67.38
N LYS K 223 35.63 12.68 -66.29
CA LYS K 223 35.80 14.11 -66.16
C LYS K 223 37.11 14.42 -65.47
N VAL K 224 37.80 15.44 -65.96
CA VAL K 224 38.97 15.99 -65.29
C VAL K 224 38.72 17.46 -65.04
N THR K 225 39.16 17.94 -63.88
CA THR K 225 39.00 19.32 -63.50
C THR K 225 40.36 19.99 -63.43
N LYS K 226 40.48 21.15 -64.07
CA LYS K 226 41.74 21.86 -64.17
C LYS K 226 41.56 23.23 -63.54
N GLY K 227 42.43 23.57 -62.59
CA GLY K 227 42.27 24.80 -61.85
C GLY K 227 42.49 26.03 -62.72
N ILE K 228 42.16 27.19 -62.14
CA ILE K 228 42.36 28.43 -62.86
C ILE K 228 43.86 28.67 -63.03
N ASP K 229 44.21 29.34 -64.13
CA ASP K 229 45.61 29.47 -64.53
C ASP K 229 46.34 30.41 -63.57
N ILE K 230 47.33 29.87 -62.85
CA ILE K 230 48.23 30.67 -62.05
C ILE K 230 49.69 30.44 -62.42
N SER K 231 49.97 29.51 -63.32
CA SER K 231 51.34 29.09 -63.61
C SER K 231 51.91 29.70 -64.88
N SER K 232 51.09 30.33 -65.71
CA SER K 232 51.61 30.88 -66.96
C SER K 232 52.46 32.12 -66.74
N SER K 233 52.19 32.90 -65.70
CA SER K 233 52.90 34.14 -65.47
C SER K 233 52.57 34.63 -64.07
N ALA K 234 53.26 35.69 -63.66
CA ALA K 234 52.89 36.37 -62.42
C ALA K 234 51.65 37.24 -62.61
N LYS K 235 51.48 37.81 -63.80
CA LYS K 235 50.27 38.57 -64.09
C LYS K 235 49.04 37.68 -64.04
N ALA K 236 49.14 36.47 -64.58
CA ALA K 236 48.00 35.55 -64.55
C ALA K 236 47.65 35.15 -63.13
N ALA K 237 48.65 34.92 -62.29
CA ALA K 237 48.39 34.55 -60.91
C ALA K 237 47.70 35.69 -60.16
N SER K 238 48.11 36.93 -60.41
CA SER K 238 47.42 38.07 -59.82
C SER K 238 45.99 38.15 -60.33
N SER K 239 45.78 37.89 -61.62
CA SER K 239 44.42 37.92 -62.17
C SER K 239 43.53 36.91 -61.47
N ALA K 240 44.05 35.71 -61.21
CA ALA K 240 43.30 34.70 -60.50
C ALA K 240 42.95 35.10 -59.08
N LEU K 241 43.63 36.11 -58.53
CA LEU K 241 43.35 36.50 -57.16
C LEU K 241 41.95 37.08 -57.02
N THR K 242 41.56 37.98 -57.92
CA THR K 242 40.20 38.52 -57.87
C THR K 242 39.17 37.46 -58.21
N THR K 243 39.47 36.57 -59.14
CA THR K 243 38.53 35.50 -59.46
C THR K 243 38.28 34.61 -58.25
N ILE K 244 39.33 34.29 -57.50
CA ILE K 244 39.16 33.46 -56.32
C ILE K 244 38.43 34.22 -55.22
N LYS K 245 38.82 35.48 -54.99
CA LYS K 245 38.19 36.23 -53.90
C LYS K 245 36.75 36.56 -54.21
N THR K 246 36.38 36.59 -55.49
CA THR K 246 34.97 36.75 -55.85
C THR K 246 34.21 35.45 -55.62
N ALA K 247 34.84 34.32 -55.89
CA ALA K 247 34.19 33.04 -55.64
C ALA K 247 33.88 32.86 -54.17
N ILE K 248 34.76 33.35 -53.30
CA ILE K 248 34.46 33.33 -51.87
C ILE K 248 33.24 34.20 -51.57
N ASP K 249 33.02 35.24 -52.37
CA ASP K 249 31.88 36.10 -52.15
C ASP K 249 30.57 35.44 -52.57
N THR K 250 30.58 34.72 -53.70
CA THR K 250 29.37 34.03 -54.15
C THR K 250 29.15 32.71 -53.44
N VAL K 251 30.08 32.27 -52.62
CA VAL K 251 29.83 31.15 -51.72
C VAL K 251 29.24 31.65 -50.41
N SER K 252 29.76 32.76 -49.89
CA SER K 252 29.17 33.36 -48.71
C SER K 252 27.73 33.79 -48.94
N SER K 253 27.42 34.24 -50.16
CA SER K 253 26.04 34.56 -50.48
C SER K 253 25.16 33.34 -50.44
N GLU K 254 25.65 32.21 -50.96
CA GLU K 254 24.84 31.00 -50.95
C GLU K 254 24.69 30.46 -49.54
N ARG K 255 25.74 30.53 -48.72
CA ARG K 255 25.65 29.98 -47.38
C ARG K 255 24.62 30.68 -46.53
N ALA K 256 24.51 32.00 -46.62
CA ALA K 256 23.53 32.71 -45.83
C ALA K 256 22.18 32.83 -46.51
N LYS K 257 22.09 32.51 -47.81
CA LYS K 257 20.78 32.25 -48.38
C LYS K 257 20.20 30.97 -47.82
N LEU K 258 21.05 30.05 -47.35
CA LEU K 258 20.60 28.82 -46.71
C LEU K 258 20.57 28.93 -45.20
N GLY K 259 21.31 29.86 -44.62
CA GLY K 259 21.23 30.08 -43.20
C GLY K 259 20.02 30.92 -42.86
N ALA K 260 19.57 31.73 -43.82
CA ALA K 260 18.36 32.50 -43.62
C ALA K 260 17.13 31.60 -43.62
N VAL K 261 17.09 30.62 -44.52
CA VAL K 261 15.97 29.69 -44.56
C VAL K 261 15.95 28.83 -43.31
N GLN K 262 17.12 28.42 -42.83
CA GLN K 262 17.17 27.58 -41.64
C GLN K 262 16.71 28.33 -40.41
N ASN K 263 17.07 29.61 -40.31
CA ASN K 263 16.57 30.42 -39.20
C ASN K 263 15.06 30.55 -39.25
N ARG K 264 14.51 30.75 -40.45
CA ARG K 264 13.06 30.82 -40.60
C ARG K 264 12.41 29.51 -40.20
N LEU K 265 12.98 28.40 -40.63
CA LEU K 265 12.40 27.10 -40.32
C LEU K 265 12.48 26.77 -38.83
N GLU K 266 13.40 27.40 -38.10
CA GLU K 266 13.43 27.22 -36.66
C GLU K 266 12.30 27.97 -35.99
N HIS K 267 11.91 29.12 -36.54
CA HIS K 267 10.74 29.82 -36.03
C HIS K 267 9.46 29.14 -36.45
N THR K 268 9.41 28.58 -37.66
CA THR K 268 8.25 27.84 -38.09
C THR K 268 7.98 26.62 -37.23
N ILE K 269 9.02 26.00 -36.68
CA ILE K 269 8.82 24.81 -35.87
C ILE K 269 8.24 25.16 -34.50
N ASN K 270 8.73 26.22 -33.87
CA ASN K 270 8.16 26.64 -32.60
C ASN K 270 6.70 27.05 -32.75
N ASN K 271 6.37 27.71 -33.86
CA ASN K 271 5.00 28.13 -34.06
C ASN K 271 4.09 26.97 -34.42
N LEU K 272 4.61 25.99 -35.17
CA LEU K 272 3.82 24.79 -35.43
C LEU K 272 3.64 23.96 -34.17
N GLY K 273 4.67 23.88 -33.34
CA GLY K 273 4.54 23.17 -32.07
C GLY K 273 3.60 23.84 -31.11
N THR K 274 3.61 25.17 -31.06
CA THR K 274 2.68 25.89 -30.19
C THR K 274 1.25 25.76 -30.68
N SER K 275 1.04 25.74 -31.99
CA SER K 275 -0.31 25.62 -32.53
C SER K 275 -0.87 24.22 -32.40
N SER K 276 -0.04 23.21 -32.16
CA SER K 276 -0.58 21.88 -31.89
C SER K 276 -1.07 21.77 -30.46
N GLU K 277 -0.31 22.32 -29.50
CA GLU K 277 -0.76 22.32 -28.11
C GLU K 277 -2.06 23.10 -27.96
N ASN K 278 -2.13 24.27 -28.58
CA ASN K 278 -3.32 25.09 -28.45
C ASN K 278 -4.52 24.43 -29.11
N LEU K 279 -4.30 23.63 -30.15
CA LEU K 279 -5.39 22.92 -30.78
C LEU K 279 -5.66 21.58 -30.13
N THR K 280 -4.63 20.90 -29.62
CA THR K 280 -4.85 19.67 -28.88
C THR K 280 -5.68 19.94 -27.64
N SER K 281 -5.35 21.00 -26.90
CA SER K 281 -6.15 21.37 -25.74
C SER K 281 -7.55 21.81 -26.17
N ALA K 282 -7.65 22.50 -27.30
CA ALA K 282 -8.97 22.91 -27.79
C ALA K 282 -9.83 21.72 -28.16
N GLU K 283 -9.23 20.71 -28.78
CA GLU K 283 -9.99 19.53 -29.18
C GLU K 283 -10.32 18.65 -27.99
N SER K 284 -9.45 18.61 -26.98
CA SER K 284 -9.73 17.79 -25.81
C SER K 284 -10.96 18.30 -25.06
N ARG K 285 -11.11 19.62 -24.94
CA ARG K 285 -12.28 20.17 -24.27
C ARG K 285 -13.55 19.82 -25.03
N ILE K 286 -13.51 19.81 -26.35
CA ILE K 286 -14.69 19.49 -27.13
C ILE K 286 -15.00 18.00 -27.08
N ARG K 287 -13.97 17.17 -27.15
CA ARG K 287 -14.15 15.74 -27.39
C ARG K 287 -14.00 14.89 -26.12
N ASP K 288 -12.94 15.10 -25.36
CA ASP K 288 -12.68 14.27 -24.19
C ASP K 288 -13.73 14.53 -23.11
N VAL K 289 -13.97 13.52 -22.30
CA VAL K 289 -14.96 13.59 -21.23
C VAL K 289 -14.27 14.01 -19.95
N ASP K 290 -15.03 14.62 -19.06
CA ASP K 290 -14.55 14.96 -17.73
C ASP K 290 -14.79 13.76 -16.82
N MET K 291 -13.70 13.14 -16.37
CA MET K 291 -13.83 11.91 -15.59
C MET K 291 -14.63 12.14 -14.32
N ALA K 292 -14.35 13.25 -13.62
CA ALA K 292 -15.05 13.52 -12.37
C ALA K 292 -16.53 13.78 -12.60
N SER K 293 -16.86 14.66 -13.53
CA SER K 293 -18.25 15.01 -13.77
C SER K 293 -19.05 13.89 -14.40
N GLU K 294 -18.39 12.85 -14.91
CA GLU K 294 -19.06 11.73 -15.55
C GLU K 294 -19.21 10.53 -14.63
N MET K 295 -18.19 10.25 -13.81
CA MET K 295 -18.30 9.20 -12.81
C MET K 295 -19.38 9.54 -11.80
N MET K 296 -19.45 10.80 -11.40
CA MET K 296 -20.50 11.23 -10.48
C MET K 296 -21.89 11.11 -11.11
N GLU K 297 -22.00 11.33 -12.41
CA GLU K 297 -23.29 11.19 -13.07
C GLU K 297 -23.63 9.72 -13.30
N TYR K 298 -22.62 8.89 -13.57
CA TYR K 298 -22.86 7.46 -13.74
C TYR K 298 -23.40 6.85 -12.47
N THR K 299 -22.83 7.23 -11.33
CA THR K 299 -23.29 6.70 -10.05
C THR K 299 -24.74 7.08 -9.77
N LYS K 300 -25.15 8.28 -10.18
CA LYS K 300 -26.53 8.69 -9.95
C LYS K 300 -27.51 7.80 -10.67
N ASN K 301 -27.34 7.62 -11.98
CA ASN K 301 -28.23 6.73 -12.72
C ASN K 301 -28.06 5.29 -12.29
N ASN K 302 -26.91 4.92 -11.77
CA ASN K 302 -26.72 3.58 -11.24
C ASN K 302 -27.48 3.37 -9.95
N ILE K 303 -27.89 4.45 -9.28
CA ILE K 303 -28.73 4.34 -8.10
C ILE K 303 -30.21 4.45 -8.47
N LEU K 304 -30.54 5.36 -9.38
CA LEU K 304 -31.93 5.52 -9.81
C LEU K 304 -32.48 4.25 -10.41
N THR K 305 -31.65 3.41 -11.01
CA THR K 305 -32.10 2.12 -11.51
C THR K 305 -32.31 1.11 -10.39
N GLN K 306 -31.54 1.18 -9.32
CA GLN K 306 -31.76 0.31 -8.18
C GLN K 306 -32.98 0.74 -7.38
N ALA K 307 -33.24 2.05 -7.31
CA ALA K 307 -34.47 2.52 -6.68
C ALA K 307 -35.69 2.02 -7.44
N SER K 308 -35.64 2.07 -8.77
CA SER K 308 -36.74 1.53 -9.56
C SER K 308 -36.79 0.01 -9.47
N GLN K 309 -35.62 -0.62 -9.37
CA GLN K 309 -35.58 -2.07 -9.16
C GLN K 309 -36.24 -2.46 -7.84
N ALA K 310 -35.94 -1.71 -6.78
CA ALA K 310 -36.50 -2.02 -5.47
C ALA K 310 -38.01 -1.85 -5.46
N MET K 311 -38.52 -0.79 -6.09
CA MET K 311 -39.95 -0.54 -6.08
C MET K 311 -40.70 -1.43 -7.06
N LEU K 312 -40.04 -1.93 -8.10
CA LEU K 312 -40.69 -2.88 -9.00
C LEU K 312 -41.05 -4.16 -8.28
N ALA K 313 -40.18 -4.62 -7.38
CA ALA K 313 -40.46 -5.82 -6.61
C ALA K 313 -41.72 -5.64 -5.77
N GLN K 314 -41.85 -4.49 -5.12
CA GLN K 314 -43.03 -4.24 -4.31
C GLN K 314 -44.27 -4.02 -5.16
N ALA K 315 -44.09 -3.46 -6.36
CA ALA K 315 -45.23 -3.23 -7.25
C ALA K 315 -45.89 -4.54 -7.66
N ASN K 316 -45.12 -5.62 -7.76
CA ASN K 316 -45.70 -6.92 -8.08
C ASN K 316 -46.39 -7.55 -6.89
N GLN K 317 -45.98 -7.20 -5.67
CA GLN K 317 -46.58 -7.81 -4.49
C GLN K 317 -47.97 -7.26 -4.23
N GLN K 318 -48.23 -6.02 -4.62
CA GLN K 318 -49.51 -5.39 -4.35
C GLN K 318 -50.71 -6.13 -4.93
N PRO K 319 -50.70 -6.60 -6.19
CA PRO K 319 -51.85 -7.37 -6.68
C PRO K 319 -52.06 -8.69 -5.97
N GLN K 320 -51.05 -9.20 -5.26
CA GLN K 320 -51.16 -10.51 -4.61
C GLN K 320 -52.09 -10.50 -3.42
N GLN K 321 -52.56 -9.35 -2.96
CA GLN K 321 -53.37 -9.26 -1.75
C GLN K 321 -54.85 -9.48 -1.99
N VAL K 322 -55.29 -9.56 -3.24
CA VAL K 322 -56.71 -9.80 -3.50
C VAL K 322 -57.08 -11.25 -3.31
N LEU K 323 -56.10 -12.15 -3.27
CA LEU K 323 -56.40 -13.57 -3.09
C LEU K 323 -57.00 -13.84 -1.72
N GLN K 324 -56.47 -13.17 -0.69
CA GLN K 324 -57.02 -13.32 0.65
C GLN K 324 -58.45 -12.80 0.75
N LEU K 325 -58.81 -11.86 -0.11
CA LEU K 325 -60.18 -11.36 -0.17
C LEU K 325 -61.09 -12.27 -0.98
N LEU K 326 -60.54 -12.92 -2.02
CA LEU K 326 -61.36 -13.74 -2.90
C LEU K 326 -61.81 -15.03 -2.25
N LYS K 327 -61.13 -15.48 -1.20
CA LYS K 327 -61.52 -16.69 -0.50
C LYS K 327 -62.50 -16.38 0.64
N MET L 1 -129.84 -25.65 17.29
CA MET L 1 -128.80 -26.18 16.40
C MET L 1 -129.22 -26.10 14.94
N ARG L 2 -128.68 -25.13 14.23
CA ARG L 2 -128.96 -24.95 12.82
C ARG L 2 -127.88 -25.64 11.99
N ILE L 3 -128.31 -26.47 11.05
CA ILE L 3 -127.41 -27.37 10.33
C ILE L 3 -127.08 -26.84 8.95
N ASN L 4 -128.03 -26.20 8.28
CA ASN L 4 -127.82 -25.78 6.89
C ASN L 4 -126.71 -24.75 6.75
N HIS L 5 -126.27 -24.13 7.82
CA HIS L 5 -125.20 -23.15 7.74
C HIS L 5 -124.34 -23.25 9.00
N ASN L 6 -123.03 -23.33 8.82
CA ASN L 6 -122.09 -23.42 9.92
C ASN L 6 -121.34 -22.09 9.98
N ILE L 7 -121.92 -21.12 10.69
CA ILE L 7 -121.34 -19.79 10.77
C ILE L 7 -120.00 -19.84 11.50
N ALA L 8 -119.86 -20.75 12.45
CA ALA L 8 -118.59 -20.90 13.16
C ALA L 8 -117.48 -21.30 12.20
N ALA L 9 -117.76 -22.25 11.31
CA ALA L 9 -116.77 -22.67 10.32
C ALA L 9 -116.62 -21.65 9.20
N LEU L 10 -117.72 -21.02 8.80
CA LEU L 10 -117.64 -20.00 7.76
C LEU L 10 -116.84 -18.79 8.21
N ASN L 11 -116.96 -18.43 9.48
CA ASN L 11 -116.14 -17.33 10.01
C ASN L 11 -114.68 -17.73 10.10
N THR L 12 -114.40 -18.98 10.50
CA THR L 12 -113.02 -19.43 10.59
C THR L 12 -112.36 -19.52 9.22
N SER L 13 -113.15 -19.78 8.17
CA SER L 13 -112.58 -19.83 6.83
C SER L 13 -112.03 -18.48 6.41
N ARG L 14 -112.73 -17.39 6.73
CA ARG L 14 -112.25 -16.07 6.36
C ARG L 14 -110.94 -15.74 7.06
N GLN L 15 -110.84 -16.07 8.35
CA GLN L 15 -109.58 -15.87 9.04
C GLN L 15 -108.50 -16.80 8.50
N LEU L 16 -108.88 -17.95 7.97
CA LEU L 16 -107.92 -18.82 7.33
C LEU L 16 -107.39 -18.20 6.04
N ASN L 17 -108.29 -17.65 5.21
CA ASN L 17 -107.86 -16.89 4.05
C ASN L 17 -107.66 -15.43 4.38
N ALA L 18 -106.99 -15.15 5.49
CA ALA L 18 -106.47 -13.83 5.80
C ALA L 18 -105.10 -13.86 6.44
N GLY L 19 -104.66 -14.99 6.96
CA GLY L 19 -103.31 -15.14 7.47
C GLY L 19 -102.48 -15.84 6.42
N SER L 20 -103.12 -16.63 5.57
CA SER L 20 -102.43 -17.18 4.41
C SER L 20 -102.02 -16.09 3.44
N ASN L 21 -102.91 -15.12 3.21
CA ASN L 21 -102.55 -14.00 2.34
C ASN L 21 -101.41 -13.19 2.94
N ALA L 22 -101.46 -12.94 4.25
CA ALA L 22 -100.40 -12.19 4.90
C ALA L 22 -99.07 -12.95 4.85
N ALA L 23 -99.11 -14.26 5.06
CA ALA L 23 -97.90 -15.06 4.97
C ALA L 23 -97.34 -15.06 3.56
N SER L 24 -98.21 -15.12 2.55
CA SER L 24 -97.76 -15.06 1.17
C SER L 24 -97.10 -13.72 0.88
N LYS L 25 -97.70 -12.63 1.36
CA LYS L 25 -97.09 -11.32 1.18
C LYS L 25 -95.75 -11.22 1.90
N ASN L 26 -95.65 -11.81 3.08
CA ASN L 26 -94.41 -11.77 3.83
C ASN L 26 -93.32 -12.59 3.14
N MET L 27 -93.70 -13.69 2.50
CA MET L 27 -92.71 -14.53 1.82
C MET L 27 -92.24 -13.92 0.51
N GLU L 28 -93.06 -13.07 -0.12
CA GLU L 28 -92.58 -12.33 -1.27
C GLU L 28 -91.43 -11.43 -0.89
N LYS L 29 -91.56 -10.70 0.22
CA LYS L 29 -90.51 -9.82 0.67
C LYS L 29 -89.26 -10.61 1.06
N LEU L 30 -89.45 -11.75 1.75
CA LEU L 30 -88.31 -12.52 2.21
C LEU L 30 -87.53 -13.11 1.05
N SER L 31 -88.22 -13.60 0.02
CA SER L 31 -87.54 -14.18 -1.12
C SER L 31 -86.82 -13.11 -1.94
N SER L 32 -87.51 -12.02 -2.27
CA SER L 32 -86.92 -10.99 -3.10
C SER L 32 -85.95 -10.11 -2.33
N GLY L 33 -86.15 -9.95 -1.03
CA GLY L 33 -85.34 -9.04 -0.27
C GLY L 33 -85.74 -7.58 -0.36
N LEU L 34 -86.91 -7.29 -0.91
CA LEU L 34 -87.37 -5.93 -1.12
C LEU L 34 -88.69 -5.70 -0.39
N ARG L 35 -88.79 -4.57 0.30
CA ARG L 35 -90.06 -4.19 0.92
C ARG L 35 -91.12 -3.93 -0.14
N ILE L 36 -90.76 -3.21 -1.19
CA ILE L 36 -91.70 -2.76 -2.19
C ILE L 36 -91.49 -3.61 -3.43
N ASN L 37 -92.32 -4.63 -3.59
CA ASN L 37 -92.37 -5.41 -4.82
C ASN L 37 -93.40 -4.82 -5.77
N ARG L 38 -94.65 -4.76 -5.34
CA ARG L 38 -95.71 -4.07 -6.07
C ARG L 38 -95.73 -2.61 -5.66
N ALA L 39 -96.45 -1.81 -6.44
CA ALA L 39 -96.59 -0.39 -6.12
C ALA L 39 -97.57 -0.15 -4.98
N GLY L 40 -98.36 -1.16 -4.61
CA GLY L 40 -99.29 -1.00 -3.51
C GLY L 40 -98.69 -1.10 -2.14
N ASP L 41 -97.44 -1.57 -2.03
CA ASP L 41 -96.77 -1.62 -0.74
C ASP L 41 -96.31 -0.23 -0.30
N ASP L 42 -95.84 0.59 -1.23
CA ASP L 42 -95.53 1.98 -0.93
C ASP L 42 -95.54 2.75 -2.24
N ALA L 43 -96.54 3.61 -2.43
CA ALA L 43 -96.59 4.42 -3.63
C ALA L 43 -95.45 5.43 -3.66
N ALA L 44 -95.31 6.21 -2.58
CA ALA L 44 -94.20 7.15 -2.50
C ALA L 44 -92.88 6.42 -2.37
N GLY L 45 -92.86 5.26 -1.73
CA GLY L 45 -91.64 4.48 -1.67
C GLY L 45 -91.21 4.00 -3.04
N LEU L 46 -92.17 3.57 -3.86
CA LEU L 46 -91.86 3.19 -5.24
C LEU L 46 -91.35 4.40 -6.02
N ALA L 47 -92.01 5.54 -5.88
CA ALA L 47 -91.61 6.72 -6.65
C ALA L 47 -90.22 7.19 -6.25
N ILE L 48 -89.95 7.27 -4.95
CA ILE L 48 -88.65 7.75 -4.49
C ILE L 48 -87.55 6.79 -4.89
N SER L 49 -87.83 5.49 -4.78
CA SER L 49 -86.83 4.48 -5.10
C SER L 49 -86.34 4.61 -6.54
N GLU L 50 -87.27 4.69 -7.48
CA GLU L 50 -86.90 4.75 -8.89
C GLU L 50 -86.09 5.99 -9.21
N LYS L 51 -86.46 7.13 -8.66
CA LYS L 51 -85.63 8.32 -8.78
C LYS L 51 -84.26 8.04 -8.20
N MET L 52 -84.22 7.40 -7.04
CA MET L 52 -82.94 7.10 -6.40
C MET L 52 -82.09 6.16 -7.25
N ARG L 53 -82.68 5.05 -7.72
CA ARG L 53 -81.92 4.10 -8.54
C ARG L 53 -81.38 4.78 -9.79
N SER L 54 -82.23 5.56 -10.46
CA SER L 54 -81.82 6.30 -11.63
C SER L 54 -80.63 7.18 -11.34
N GLN L 55 -80.65 7.84 -10.18
CA GLN L 55 -79.55 8.71 -9.79
C GLN L 55 -78.31 7.90 -9.43
N ILE L 56 -78.49 6.79 -8.71
CA ILE L 56 -77.34 5.98 -8.31
C ILE L 56 -76.65 5.38 -9.51
N ARG L 57 -77.43 4.80 -10.44
CA ARG L 57 -76.83 4.27 -11.64
C ARG L 57 -76.32 5.37 -12.56
N GLY L 58 -76.64 6.62 -12.30
CA GLY L 58 -76.07 7.72 -13.04
C GLY L 58 -74.76 8.18 -12.45
N LEU L 59 -74.69 8.30 -11.12
CA LEU L 59 -73.45 8.73 -10.51
C LEU L 59 -72.35 7.68 -10.62
N ASP L 60 -72.72 6.41 -10.60
CA ASP L 60 -71.70 5.38 -10.78
C ASP L 60 -71.25 5.29 -12.22
N MET L 61 -72.10 5.68 -13.16
CA MET L 61 -71.70 5.77 -14.56
C MET L 61 -71.01 7.08 -14.86
N ALA L 62 -71.49 8.18 -14.29
CA ALA L 62 -70.79 9.45 -14.41
C ALA L 62 -69.44 9.42 -13.73
N SER L 63 -69.20 8.47 -12.83
CA SER L 63 -67.87 8.26 -12.30
C SER L 63 -66.97 7.53 -13.27
N LYS L 64 -67.53 6.77 -14.21
CA LYS L 64 -66.74 6.21 -15.28
C LYS L 64 -66.36 7.28 -16.29
N ASN L 65 -67.30 8.18 -16.62
CA ASN L 65 -66.99 9.28 -17.53
C ASN L 65 -65.90 10.17 -16.95
N ALA L 66 -65.97 10.46 -15.65
CA ALA L 66 -64.93 11.26 -15.03
C ALA L 66 -63.59 10.57 -15.10
N GLN L 67 -63.56 9.25 -15.00
CA GLN L 67 -62.30 8.53 -15.10
C GLN L 67 -61.87 8.28 -16.53
N ASP L 68 -62.81 8.23 -17.47
CA ASP L 68 -62.44 8.20 -18.88
C ASP L 68 -62.00 9.56 -19.39
N GLY L 69 -62.21 10.62 -18.62
CA GLY L 69 -61.68 11.91 -18.95
C GLY L 69 -60.34 12.12 -18.29
N ILE L 70 -60.13 11.46 -17.16
CA ILE L 70 -58.82 11.48 -16.53
C ILE L 70 -57.81 10.77 -17.42
N SER L 71 -58.22 9.70 -18.07
CA SER L 71 -57.33 8.99 -18.98
C SER L 71 -57.08 9.81 -20.24
N LEU L 72 -58.10 10.47 -20.77
CA LEU L 72 -57.92 11.30 -21.95
C LEU L 72 -56.98 12.46 -21.67
N ILE L 73 -56.97 12.94 -20.43
CA ILE L 73 -56.13 14.08 -20.08
C ILE L 73 -54.71 13.64 -19.72
N GLN L 74 -54.56 12.49 -19.09
CA GLN L 74 -53.24 11.95 -18.83
C GLN L 74 -52.49 11.67 -20.12
N THR L 75 -53.21 11.24 -21.15
CA THR L 75 -52.57 10.98 -22.43
C THR L 75 -52.02 12.27 -23.04
N SER L 76 -52.78 13.36 -22.96
CA SER L 76 -52.33 14.61 -23.56
C SER L 76 -51.12 15.16 -22.83
N GLU L 77 -51.18 15.27 -21.51
CA GLU L 77 -50.04 15.81 -20.79
C GLU L 77 -48.87 14.83 -20.80
N GLY L 78 -49.15 13.54 -20.88
CA GLY L 78 -48.07 12.60 -21.10
C GLY L 78 -47.33 12.85 -22.40
N ALA L 79 -48.07 13.24 -23.44
CA ALA L 79 -47.45 13.57 -24.71
C ALA L 79 -46.66 14.87 -24.61
N LEU L 80 -47.26 15.94 -24.00
CA LEU L 80 -46.52 17.18 -23.84
C LEU L 80 -45.34 17.04 -22.89
N ASN L 81 -45.29 15.96 -22.13
CA ASN L 81 -44.09 15.71 -21.34
C ASN L 81 -42.86 15.60 -22.20
N GLU L 82 -43.03 15.14 -23.44
CA GLU L 82 -41.91 14.98 -24.35
C GLU L 82 -41.67 16.18 -25.21
N THR L 83 -42.71 16.91 -25.59
CA THR L 83 -42.49 18.18 -26.22
C THR L 83 -41.67 19.10 -25.33
N HIS L 84 -41.71 18.91 -24.03
CA HIS L 84 -40.82 19.67 -23.18
C HIS L 84 -39.38 19.25 -23.35
N SER L 85 -39.12 17.96 -23.46
CA SER L 85 -37.75 17.50 -23.57
C SER L 85 -37.16 17.83 -24.93
N ILE L 86 -37.98 17.75 -25.93
CA ILE L 86 -37.49 18.13 -27.25
C ILE L 86 -37.20 19.62 -27.31
N LEU L 87 -38.11 20.43 -26.77
CA LEU L 87 -37.87 21.86 -26.70
C LEU L 87 -36.67 22.19 -25.82
N GLN L 88 -36.41 21.36 -24.82
CA GLN L 88 -35.26 21.61 -23.94
C GLN L 88 -33.97 21.32 -24.67
N ARG L 89 -33.90 20.20 -25.38
CA ARG L 89 -32.75 19.91 -26.21
C ARG L 89 -32.64 20.90 -27.35
N MET L 90 -33.77 21.32 -27.91
CA MET L 90 -33.77 22.27 -29.00
C MET L 90 -33.21 23.62 -28.57
N SER L 91 -33.15 23.89 -27.28
CA SER L 91 -32.60 25.13 -26.78
C SER L 91 -31.09 25.06 -26.55
N GLU L 92 -30.54 23.87 -26.35
CA GLU L 92 -29.09 23.74 -26.35
C GLU L 92 -28.52 23.91 -27.74
N LEU L 93 -29.22 23.43 -28.77
CA LEU L 93 -28.77 23.71 -30.12
C LEU L 93 -29.24 25.08 -30.58
N ALA L 94 -29.14 26.07 -29.71
CA ALA L 94 -29.14 27.47 -30.10
C ALA L 94 -28.18 28.29 -29.26
N THR L 95 -27.75 27.79 -28.11
CA THR L 95 -26.66 28.39 -27.37
C THR L 95 -25.32 27.92 -27.92
N GLN L 96 -25.32 26.74 -28.53
CA GLN L 96 -24.11 26.25 -29.20
C GLN L 96 -23.98 26.88 -30.58
N ALA L 97 -25.09 27.07 -31.28
CA ALA L 97 -25.07 27.69 -32.60
C ALA L 97 -24.83 29.19 -32.55
N ALA L 98 -25.05 29.82 -31.41
CA ALA L 98 -24.81 31.26 -31.28
C ALA L 98 -23.35 31.60 -31.08
N ASN L 99 -22.55 30.66 -30.59
CA ASN L 99 -21.12 30.89 -30.45
C ASN L 99 -20.49 31.06 -31.83
N ASP L 100 -19.51 31.97 -31.93
CA ASP L 100 -18.91 32.30 -33.21
C ASP L 100 -17.63 31.53 -33.48
N THR L 101 -17.30 30.56 -32.65
CA THR L 101 -16.29 29.59 -33.05
C THR L 101 -16.82 28.56 -34.02
N ASN L 102 -18.14 28.41 -34.09
CA ASN L 102 -18.76 27.58 -35.12
C ASN L 102 -18.60 28.24 -36.48
N THR L 103 -18.53 27.41 -37.51
CA THR L 103 -18.61 27.89 -38.89
C THR L 103 -19.96 27.52 -39.46
N ASP L 104 -20.26 28.10 -40.62
CA ASP L 104 -21.54 27.78 -41.27
C ASP L 104 -21.63 26.31 -41.63
N SER L 105 -20.49 25.67 -41.88
CA SER L 105 -20.49 24.22 -42.08
C SER L 105 -20.94 23.48 -40.84
N ASP L 106 -20.81 24.09 -39.66
CA ASP L 106 -21.21 23.47 -38.40
C ASP L 106 -22.51 24.00 -37.85
N ARG L 107 -22.87 25.25 -38.14
CA ARG L 107 -24.21 25.72 -37.83
C ARG L 107 -25.24 24.96 -38.64
N SER L 108 -24.99 24.82 -39.94
CA SER L 108 -25.86 23.99 -40.77
C SER L 108 -25.76 22.54 -40.36
N GLU L 109 -24.70 22.18 -39.66
CA GLU L 109 -24.59 20.82 -39.15
C GLU L 109 -25.53 20.63 -37.96
N LEU L 110 -25.63 21.65 -37.11
CA LEU L 110 -26.60 21.64 -36.03
C LEU L 110 -28.02 21.74 -36.55
N GLN L 111 -28.22 22.44 -37.67
CA GLN L 111 -29.56 22.58 -38.23
C GLN L 111 -30.15 21.24 -38.60
N LYS L 112 -29.32 20.23 -38.85
CA LYS L 112 -29.84 18.92 -39.17
C LYS L 112 -30.66 18.35 -38.01
N GLU L 113 -30.17 18.51 -36.79
CA GLU L 113 -30.94 18.09 -35.63
C GLU L 113 -32.05 19.08 -35.29
N MET L 114 -31.84 20.36 -35.60
CA MET L 114 -32.90 21.34 -35.47
C MET L 114 -34.14 20.92 -36.24
N ASP L 115 -33.97 20.56 -37.51
CA ASP L 115 -35.10 20.16 -38.33
C ASP L 115 -35.64 18.80 -37.93
N GLN L 116 -34.83 17.96 -37.31
CA GLN L 116 -35.30 16.65 -36.89
C GLN L 116 -36.02 16.69 -35.55
N LEU L 117 -35.63 17.61 -34.67
CA LEU L 117 -36.37 17.81 -33.43
C LEU L 117 -37.69 18.51 -33.70
N ALA L 118 -37.66 19.55 -34.54
CA ALA L 118 -38.89 20.26 -34.86
C ALA L 118 -39.87 19.40 -35.62
N SER L 119 -39.39 18.40 -36.35
CA SER L 119 -40.27 17.47 -37.04
C SER L 119 -40.83 16.40 -36.12
N GLU L 120 -40.25 16.23 -34.94
CA GLU L 120 -40.78 15.31 -33.94
C GLU L 120 -41.81 15.98 -33.05
N VAL L 121 -41.64 17.27 -32.78
CA VAL L 121 -42.66 18.03 -32.07
C VAL L 121 -43.97 18.00 -32.87
N THR L 122 -43.88 18.13 -34.18
CA THR L 122 -45.08 18.04 -35.01
C THR L 122 -45.67 16.65 -35.01
N ARG L 123 -44.82 15.61 -34.96
CA ARG L 123 -45.34 14.26 -34.95
C ARG L 123 -46.18 13.99 -33.71
N ILE L 124 -45.71 14.46 -32.55
CA ILE L 124 -46.44 14.21 -31.30
C ILE L 124 -47.82 14.85 -31.37
N SER L 125 -47.92 16.03 -31.98
CA SER L 125 -49.22 16.68 -32.07
C SER L 125 -50.18 15.90 -32.96
N THR L 126 -49.72 15.48 -34.13
CA THR L 126 -50.59 14.80 -35.07
C THR L 126 -50.76 13.31 -34.78
N ASP L 127 -49.92 12.72 -33.94
CA ASP L 127 -50.01 11.30 -33.66
C ASP L 127 -50.66 10.98 -32.32
N THR L 128 -50.55 11.87 -31.33
CA THR L 128 -51.16 11.62 -30.04
C THR L 128 -52.66 11.48 -30.20
N GLU L 129 -53.18 10.30 -29.87
CA GLU L 129 -54.56 9.99 -30.17
C GLU L 129 -55.12 9.10 -29.08
N PHE L 130 -56.09 9.61 -28.34
CA PHE L 130 -56.88 8.81 -27.42
C PHE L 130 -58.16 8.39 -28.12
N ASN L 131 -58.52 7.12 -27.99
CA ASN L 131 -59.67 6.55 -28.68
C ASN L 131 -59.37 6.78 -30.16
N THR L 132 -60.18 7.53 -30.90
CA THR L 132 -59.85 7.96 -32.24
C THR L 132 -59.85 9.47 -32.38
N LYS L 133 -59.45 10.16 -31.31
CA LYS L 133 -59.46 11.61 -31.25
C LYS L 133 -58.03 12.12 -31.21
N LYS L 134 -57.70 13.02 -32.12
CA LYS L 134 -56.41 13.69 -32.10
C LYS L 134 -56.48 14.83 -31.08
N LEU L 135 -55.70 14.71 -30.01
CA LEU L 135 -55.84 15.63 -28.90
C LEU L 135 -55.08 16.93 -29.13
N LEU L 136 -53.83 16.85 -29.57
CA LEU L 136 -52.95 17.99 -29.60
C LEU L 136 -52.88 18.69 -30.96
N ASP L 137 -53.76 18.35 -31.88
CA ASP L 137 -53.75 18.97 -33.20
C ASP L 137 -54.76 20.11 -33.33
N GLY L 138 -55.31 20.57 -32.21
CA GLY L 138 -56.22 21.69 -32.23
C GLY L 138 -57.66 21.35 -32.56
N THR L 139 -57.98 20.08 -32.75
CA THR L 139 -59.35 19.69 -33.04
C THR L 139 -60.12 19.24 -31.80
N ALA L 140 -59.43 18.94 -30.71
CA ALA L 140 -60.07 18.54 -29.46
C ALA L 140 -60.44 19.79 -28.69
N GLN L 141 -61.58 20.37 -29.07
CA GLN L 141 -62.10 21.56 -28.44
C GLN L 141 -63.52 21.30 -27.95
N ASN L 142 -63.88 21.94 -26.84
CA ASN L 142 -65.23 21.82 -26.28
C ASN L 142 -65.53 20.39 -25.86
N LEU L 143 -64.50 19.66 -25.44
CA LEU L 143 -64.70 18.30 -24.95
C LEU L 143 -65.54 18.34 -23.69
N THR L 144 -66.73 17.78 -23.76
CA THR L 144 -67.71 17.83 -22.68
C THR L 144 -67.74 16.49 -21.98
N PHE L 145 -67.34 16.46 -20.71
CA PHE L 145 -67.43 15.28 -19.88
C PHE L 145 -68.68 15.38 -19.02
N GLN L 146 -69.55 14.39 -19.12
CA GLN L 146 -70.76 14.37 -18.31
C GLN L 146 -70.38 13.84 -16.93
N ILE L 147 -69.88 14.74 -16.08
CA ILE L 147 -69.58 14.40 -14.71
C ILE L 147 -70.81 14.72 -13.86
N GLY L 148 -71.76 13.82 -13.84
CA GLY L 148 -73.02 14.06 -13.17
C GLY L 148 -74.12 13.30 -13.85
N ALA L 149 -75.18 13.03 -13.12
CA ALA L 149 -76.25 12.17 -13.58
C ALA L 149 -77.37 12.92 -14.31
N ASN L 150 -77.25 14.22 -14.49
CA ASN L 150 -78.33 15.03 -15.02
C ASN L 150 -77.82 15.90 -16.16
N GLU L 151 -78.72 16.71 -16.71
CA GLU L 151 -78.34 17.71 -17.70
C GLU L 151 -77.41 18.76 -17.12
N GLY L 152 -76.54 19.29 -17.97
CA GLY L 152 -75.73 20.43 -17.61
C GLY L 152 -74.73 20.17 -16.51
N GLN L 153 -74.57 18.93 -16.08
CA GLN L 153 -73.57 18.58 -15.09
C GLN L 153 -72.31 18.11 -15.81
N THR L 154 -71.77 19.02 -16.63
CA THR L 154 -70.68 18.74 -17.53
C THR L 154 -69.49 19.63 -17.20
N MET L 155 -68.36 19.30 -17.82
CA MET L 155 -67.18 20.13 -17.79
C MET L 155 -66.59 20.19 -19.19
N SER L 156 -66.26 21.39 -19.64
CA SER L 156 -65.66 21.56 -20.95
C SER L 156 -64.15 21.51 -20.86
N LEU L 157 -63.51 21.40 -22.01
CA LEU L 157 -62.06 21.36 -22.08
C LEU L 157 -61.65 21.66 -23.52
N SER L 158 -60.55 22.40 -23.68
CA SER L 158 -60.07 22.75 -25.00
C SER L 158 -58.55 22.72 -24.97
N ILE L 159 -57.96 21.77 -25.67
CA ILE L 159 -56.52 21.67 -25.80
C ILE L 159 -56.11 22.36 -27.09
N ASN L 160 -55.18 23.29 -27.00
CA ASN L 160 -54.75 24.05 -28.17
C ASN L 160 -53.81 23.21 -29.02
N LYS L 161 -53.62 23.67 -30.26
CA LYS L 161 -52.69 23.02 -31.17
C LYS L 161 -51.27 23.23 -30.67
N MET L 162 -50.53 22.13 -30.49
CA MET L 162 -49.22 22.16 -29.84
C MET L 162 -48.17 21.53 -30.74
N ASP L 163 -48.16 21.92 -32.01
CA ASP L 163 -47.16 21.47 -32.96
C ASP L 163 -46.14 22.58 -33.16
N SER L 164 -45.09 22.27 -33.93
CA SER L 164 -43.99 23.21 -34.10
C SER L 164 -44.45 24.47 -34.79
N GLU L 165 -45.40 24.37 -35.71
CA GLU L 165 -45.92 25.55 -36.38
C GLU L 165 -46.60 26.48 -35.39
N SER L 166 -47.37 25.93 -34.46
CA SER L 166 -48.09 26.77 -33.50
C SER L 166 -47.14 27.37 -32.47
N LEU L 167 -46.18 26.60 -31.98
CA LEU L 167 -45.19 27.12 -31.06
C LEU L 167 -44.15 28.01 -31.74
N LYS L 168 -44.16 28.07 -33.07
CA LYS L 168 -43.26 28.90 -33.86
C LYS L 168 -41.81 28.42 -33.77
N VAL L 169 -41.60 27.15 -33.47
CA VAL L 169 -40.28 26.57 -33.48
C VAL L 169 -40.01 25.78 -34.75
N GLY L 170 -40.84 25.96 -35.77
CA GLY L 170 -40.67 25.22 -37.01
C GLY L 170 -41.67 25.70 -38.03
N THR L 171 -41.68 25.01 -39.17
CA THR L 171 -42.63 25.32 -40.23
C THR L 171 -42.81 24.08 -41.07
N THR L 172 -44.04 23.82 -41.49
CA THR L 172 -44.38 22.58 -42.18
C THR L 172 -44.77 22.89 -43.61
N TYR L 173 -43.95 22.46 -44.55
CA TYR L 173 -44.26 22.54 -45.97
C TYR L 173 -44.98 21.27 -46.39
N THR L 174 -45.97 21.42 -47.26
CA THR L 174 -46.64 20.27 -47.85
C THR L 174 -46.40 20.28 -49.35
N ALA L 175 -46.34 19.09 -49.92
CA ALA L 175 -46.02 18.94 -51.33
C ALA L 175 -47.27 19.13 -52.18
N ASN L 176 -47.16 19.96 -53.21
CA ASN L 176 -48.27 20.17 -54.12
C ASN L 176 -48.55 18.88 -54.89
N ASP L 177 -49.62 18.92 -55.70
CA ASP L 177 -50.11 17.70 -56.34
C ASP L 177 -49.07 17.09 -57.26
N ASP L 178 -48.41 17.91 -58.07
CA ASP L 178 -47.35 17.45 -58.95
C ASP L 178 -46.05 17.19 -58.19
N GLY L 179 -45.79 17.92 -57.11
CA GLY L 179 -44.57 17.77 -56.36
C GLY L 179 -43.48 18.72 -56.84
N SER L 180 -43.86 19.70 -57.65
CA SER L 180 -42.89 20.67 -58.14
C SER L 180 -42.45 21.63 -57.05
N LYS L 181 -43.40 22.08 -56.22
CA LYS L 181 -43.12 23.11 -55.23
C LYS L 181 -43.72 22.71 -53.89
N LEU L 182 -42.88 22.66 -52.87
CA LEU L 182 -43.36 22.46 -51.50
C LEU L 182 -44.09 23.71 -51.03
N VAL L 183 -45.29 23.53 -50.50
CA VAL L 183 -46.15 24.64 -50.12
C VAL L 183 -46.44 24.52 -48.63
N THR L 184 -46.19 25.60 -47.91
CA THR L 184 -46.61 25.67 -46.51
C THR L 184 -47.93 26.41 -46.40
N ALA L 185 -48.57 26.28 -45.24
CA ALA L 185 -49.69 27.16 -44.93
C ALA L 185 -49.17 28.59 -44.82
N ASP L 186 -50.00 29.54 -45.26
CA ASP L 186 -49.67 30.93 -45.56
C ASP L 186 -48.97 30.98 -46.94
N GLY L 187 -48.60 29.85 -47.51
CA GLY L 187 -48.13 29.82 -48.88
C GLY L 187 -46.74 30.35 -49.13
N LYS L 188 -45.73 29.66 -48.59
CA LYS L 188 -44.34 29.94 -48.93
C LYS L 188 -43.85 28.83 -49.86
N GLU L 189 -43.37 29.22 -51.03
CA GLU L 189 -43.08 28.29 -52.10
C GLU L 189 -41.67 27.72 -51.95
N ALA L 190 -41.49 26.50 -52.45
CA ALA L 190 -40.18 25.87 -52.47
C ALA L 190 -40.12 24.98 -53.70
N THR L 191 -39.57 25.51 -54.79
CA THR L 191 -39.57 24.80 -56.05
C THR L 191 -38.44 23.78 -56.13
N LEU L 192 -38.67 22.74 -56.93
CA LEU L 192 -37.72 21.66 -57.10
C LEU L 192 -36.66 21.91 -58.18
N VAL L 193 -35.48 21.33 -57.96
CA VAL L 193 -34.27 21.44 -58.78
C VAL L 193 -33.87 22.85 -59.20
N THR L 194 -33.85 23.77 -58.23
CA THR L 194 -33.60 25.17 -58.53
C THR L 194 -32.39 25.78 -57.86
N LYS L 198 -28.05 25.82 -60.83
CA LYS L 198 -28.51 24.51 -60.40
C LYS L 198 -28.09 24.24 -58.96
N GLY L 199 -26.78 24.09 -58.73
CA GLY L 199 -26.26 23.86 -57.41
C GLY L 199 -26.68 22.51 -56.86
N PRO L 200 -26.49 22.30 -55.55
CA PRO L 200 -26.96 21.07 -54.93
C PRO L 200 -28.47 20.92 -55.11
N ASN L 201 -28.91 19.68 -55.27
CA ASN L 201 -30.26 19.39 -55.72
C ASN L 201 -31.22 19.30 -54.56
N GLY L 202 -32.37 19.95 -54.69
CA GLY L 202 -33.40 19.93 -53.67
C GLY L 202 -34.46 20.97 -53.95
N TYR L 203 -35.37 21.14 -52.98
CA TYR L 203 -36.47 22.09 -53.08
C TYR L 203 -35.97 23.45 -52.61
N TYR L 204 -35.60 24.29 -53.56
CA TYR L 204 -35.07 25.59 -53.19
C TYR L 204 -36.19 26.59 -52.95
N ASP L 205 -35.85 27.65 -52.22
CA ASP L 205 -36.75 28.69 -51.81
C ASP L 205 -36.45 29.94 -52.63
N ASP L 206 -37.20 31.02 -52.42
CA ASP L 206 -37.03 32.25 -53.20
C ASP L 206 -35.76 33.00 -52.88
N ALA L 207 -34.92 32.46 -52.00
CA ALA L 207 -33.66 33.10 -51.66
C ALA L 207 -32.46 32.17 -51.82
N ASP L 208 -32.65 31.07 -52.56
CA ASP L 208 -31.59 30.12 -52.92
C ASP L 208 -31.24 29.29 -51.68
N LYS L 209 -31.84 29.61 -50.54
CA LYS L 209 -31.69 28.78 -49.35
C LYS L 209 -32.38 27.44 -49.60
N LEU L 210 -31.59 26.37 -49.59
CA LEU L 210 -32.18 25.03 -49.71
C LEU L 210 -33.13 24.78 -48.56
N VAL L 211 -34.30 24.25 -48.89
CA VAL L 211 -35.31 23.91 -47.90
C VAL L 211 -35.33 22.41 -47.62
N TYR L 212 -35.44 21.60 -48.66
CA TYR L 212 -35.41 20.16 -48.53
C TYR L 212 -34.35 19.60 -49.47
N GLN L 213 -33.68 18.54 -49.01
CA GLN L 213 -32.65 17.86 -49.79
C GLN L 213 -33.25 16.62 -50.42
N ALA L 214 -33.66 16.73 -51.69
CA ALA L 214 -34.16 15.60 -52.43
C ALA L 214 -33.90 15.84 -53.91
N ASP L 215 -33.55 14.77 -54.62
CA ASP L 215 -33.32 14.85 -56.05
C ASP L 215 -34.51 14.42 -56.88
N SER L 216 -35.31 13.48 -56.40
CA SER L 216 -36.56 13.13 -57.04
C SER L 216 -37.63 14.13 -56.64
N ALA L 217 -38.89 13.82 -56.95
CA ALA L 217 -40.00 14.69 -56.57
C ALA L 217 -40.78 14.00 -55.46
N LEU L 218 -41.08 14.74 -54.41
CA LEU L 218 -41.84 14.19 -53.30
C LEU L 218 -43.24 13.80 -53.76
N ALA L 219 -43.83 12.85 -53.04
CA ALA L 219 -45.16 12.37 -53.38
C ALA L 219 -46.20 13.43 -53.05
N LYS L 220 -47.47 13.11 -53.23
CA LYS L 220 -48.55 14.05 -53.05
C LYS L 220 -48.95 14.12 -51.58
N ASP L 221 -49.10 15.34 -51.06
CA ASP L 221 -49.43 15.58 -49.66
C ASP L 221 -48.43 14.94 -48.71
N THR L 222 -47.14 15.05 -49.02
CA THR L 222 -46.08 14.67 -48.10
C THR L 222 -45.61 15.93 -47.39
N LYS L 223 -45.72 15.94 -46.07
CA LYS L 223 -45.32 17.09 -45.27
C LYS L 223 -43.88 16.97 -44.83
N VAL L 224 -43.15 18.08 -44.90
CA VAL L 224 -41.82 18.17 -44.34
C VAL L 224 -41.82 19.30 -43.33
N THR L 225 -41.11 19.10 -42.23
CA THR L 225 -41.01 20.10 -41.18
C THR L 225 -39.57 20.60 -41.10
N LYS L 226 -39.41 21.91 -41.08
CA LYS L 226 -38.10 22.55 -41.10
C LYS L 226 -37.97 23.40 -39.84
N GLY L 227 -36.91 23.18 -39.08
CA GLY L 227 -36.77 23.85 -37.82
C GLY L 227 -36.54 25.34 -37.97
N ILE L 228 -36.59 26.05 -36.84
CA ILE L 228 -36.36 27.48 -36.86
C ILE L 228 -34.91 27.74 -37.24
N ASP L 229 -34.67 28.86 -37.90
CA ASP L 229 -33.36 29.16 -38.48
C ASP L 229 -32.34 29.44 -37.38
N ILE L 230 -31.33 28.59 -37.28
CA ILE L 230 -30.19 28.83 -36.41
C ILE L 230 -28.87 28.79 -37.16
N SER L 231 -28.89 28.45 -38.45
CA SER L 231 -27.67 28.22 -39.20
C SER L 231 -27.26 29.37 -40.09
N SER L 232 -28.12 30.36 -40.29
CA SER L 232 -27.77 31.47 -41.18
C SER L 232 -26.73 32.40 -40.57
N SER L 233 -26.70 32.53 -39.26
CA SER L 233 -25.79 33.45 -38.60
C SER L 233 -25.79 33.16 -37.11
N ALA L 234 -24.89 33.84 -36.39
CA ALA L 234 -24.94 33.80 -34.94
C ALA L 234 -26.05 34.66 -34.38
N LYS L 235 -26.37 35.77 -35.06
CA LYS L 235 -27.48 36.60 -34.65
C LYS L 235 -28.80 35.84 -34.76
N ALA L 236 -28.97 35.08 -35.84
CA ALA L 236 -30.19 34.31 -36.02
C ALA L 236 -30.34 33.24 -34.95
N ALA L 237 -29.23 32.58 -34.59
CA ALA L 237 -29.30 31.56 -33.55
C ALA L 237 -29.68 32.17 -32.21
N SER L 238 -29.14 33.34 -31.89
CA SER L 238 -29.55 34.04 -30.67
C SER L 238 -31.03 34.41 -30.73
N SER L 239 -31.50 34.85 -31.89
CA SER L 239 -32.92 35.20 -32.02
C SER L 239 -33.81 33.99 -31.75
N ALA L 240 -33.41 32.82 -32.25
CA ALA L 240 -34.16 31.60 -31.98
C ALA L 240 -34.18 31.22 -30.51
N LEU L 241 -33.27 31.77 -29.71
CA LEU L 241 -33.24 31.41 -28.30
C LEU L 241 -34.50 31.88 -27.57
N THR L 242 -34.93 33.12 -27.79
CA THR L 242 -36.15 33.59 -27.18
C THR L 242 -37.37 32.88 -27.74
N THR L 243 -37.36 32.59 -29.05
CA THR L 243 -38.50 31.87 -29.63
C THR L 243 -38.64 30.49 -29.00
N ILE L 244 -37.53 29.80 -28.77
CA ILE L 244 -37.59 28.48 -28.16
C ILE L 244 -37.99 28.59 -26.70
N LYS L 245 -37.40 29.52 -25.96
CA LYS L 245 -37.71 29.63 -24.55
C LYS L 245 -39.13 30.11 -24.31
N THR L 246 -39.72 30.80 -25.27
CA THR L 246 -41.12 31.16 -25.18
C THR L 246 -42.01 29.95 -25.45
N ALA L 247 -41.59 29.10 -26.39
CA ALA L 247 -42.36 27.89 -26.68
C ALA L 247 -42.42 26.99 -25.46
N ILE L 248 -41.34 26.93 -24.68
CA ILE L 248 -41.37 26.19 -23.44
C ILE L 248 -42.37 26.81 -22.47
N ASP L 249 -42.60 28.11 -22.58
CA ASP L 249 -43.56 28.77 -21.71
C ASP L 249 -44.99 28.45 -22.09
N THR L 250 -45.29 28.41 -23.39
CA THR L 250 -46.63 28.10 -23.84
C THR L 250 -46.92 26.60 -23.85
N VAL L 251 -45.91 25.78 -23.59
CA VAL L 251 -46.16 24.36 -23.34
C VAL L 251 -46.41 24.12 -21.86
N SER L 252 -45.66 24.79 -20.99
CA SER L 252 -45.94 24.71 -19.57
C SER L 252 -47.32 25.23 -19.24
N SER L 253 -47.79 26.25 -19.95
CA SER L 253 -49.14 26.74 -19.75
C SER L 253 -50.17 25.69 -20.12
N GLU L 254 -49.94 24.98 -21.23
CA GLU L 254 -50.89 23.95 -21.63
C GLU L 254 -50.85 22.76 -20.69
N ARG L 255 -49.68 22.38 -20.21
CA ARG L 255 -49.58 21.22 -19.35
C ARG L 255 -50.34 21.39 -18.05
N ALA L 256 -50.28 22.58 -17.45
CA ALA L 256 -51.00 22.80 -16.20
C ALA L 256 -52.42 23.29 -16.41
N LYS L 257 -52.79 23.69 -17.62
CA LYS L 257 -54.20 23.79 -17.95
C LYS L 257 -54.84 22.42 -18.00
N LEU L 258 -54.06 21.37 -18.24
CA LEU L 258 -54.54 20.01 -18.22
C LEU L 258 -54.29 19.32 -16.89
N GLY L 259 -53.33 19.79 -16.12
CA GLY L 259 -53.12 19.25 -14.79
C GLY L 259 -54.12 19.82 -13.82
N ALA L 260 -54.61 21.01 -14.11
CA ALA L 260 -55.66 21.61 -13.28
C ALA L 260 -56.97 20.87 -13.46
N VAL L 261 -57.31 20.49 -14.69
CA VAL L 261 -58.54 19.74 -14.92
C VAL L 261 -58.45 18.36 -14.31
N GLN L 262 -57.28 17.74 -14.38
CA GLN L 262 -57.13 16.40 -13.82
C GLN L 262 -57.25 16.42 -12.30
N ASN L 263 -56.70 17.45 -11.66
CA ASN L 263 -56.86 17.59 -10.21
C ASN L 263 -58.33 17.77 -9.86
N ARG L 264 -59.06 18.57 -10.63
CA ARG L 264 -60.48 18.74 -10.38
C ARG L 264 -61.23 17.42 -10.56
N LEU L 265 -60.92 16.68 -11.61
CA LEU L 265 -61.60 15.42 -11.86
C LEU L 265 -61.29 14.38 -10.80
N GLU L 266 -60.18 14.51 -10.09
CA GLU L 266 -59.91 13.61 -8.98
C GLU L 266 -60.79 13.94 -7.78
N HIS L 267 -61.11 15.21 -7.58
CA HIS L 267 -62.05 15.59 -6.55
C HIS L 267 -63.48 15.24 -6.94
N THR L 268 -63.82 15.38 -8.22
CA THR L 268 -65.13 15.00 -8.69
C THR L 268 -65.40 13.52 -8.51
N ILE L 269 -64.38 12.68 -8.60
CA ILE L 269 -64.58 11.25 -8.46
C ILE L 269 -64.85 10.86 -7.02
N ASN L 270 -64.11 11.43 -6.07
CA ASN L 270 -64.38 11.15 -4.67
C ASN L 270 -65.76 11.62 -4.26
N ASN L 271 -66.21 12.76 -4.77
CA ASN L 271 -67.52 13.26 -4.42
C ASN L 271 -68.63 12.46 -5.10
N LEU L 272 -68.40 12.00 -6.33
CA LEU L 272 -69.37 11.14 -6.97
C LEU L 272 -69.43 9.77 -6.29
N GLY L 273 -68.29 9.25 -5.86
CA GLY L 273 -68.29 8.00 -5.14
C GLY L 273 -68.93 8.10 -3.78
N THR L 274 -68.73 9.20 -3.07
CA THR L 274 -69.37 9.39 -1.78
C THR L 274 -70.88 9.57 -1.93
N SER L 275 -71.33 10.24 -2.98
CA SER L 275 -72.75 10.44 -3.20
C SER L 275 -73.47 9.19 -3.65
N SER L 276 -72.75 8.19 -4.14
CA SER L 276 -73.41 6.92 -4.46
C SER L 276 -73.64 6.10 -3.20
N GLU L 277 -72.65 6.05 -2.30
CA GLU L 277 -72.85 5.35 -1.04
C GLU L 277 -73.97 5.97 -0.23
N ASN L 278 -73.99 7.29 -0.15
CA ASN L 278 -75.01 7.95 0.64
C ASN L 278 -76.40 7.76 0.04
N LEU L 279 -76.48 7.60 -1.28
CA LEU L 279 -77.75 7.35 -1.92
C LEU L 279 -78.08 5.88 -1.98
N THR L 280 -77.07 5.01 -2.12
CA THR L 280 -77.32 3.58 -2.07
C THR L 280 -77.87 3.18 -0.71
N SER L 281 -77.27 3.71 0.35
CA SER L 281 -77.79 3.45 1.69
C SER L 281 -79.16 4.06 1.87
N ALA L 282 -79.38 5.25 1.31
CA ALA L 282 -80.68 5.89 1.40
C ALA L 282 -81.75 5.08 0.69
N GLU L 283 -81.42 4.52 -0.47
CA GLU L 283 -82.40 3.74 -1.22
C GLU L 283 -82.63 2.38 -0.59
N SER L 284 -81.61 1.80 0.03
CA SER L 284 -81.78 0.50 0.67
C SER L 284 -82.77 0.58 1.83
N ARG L 285 -82.71 1.65 2.62
CA ARG L 285 -83.65 1.81 3.72
C ARG L 285 -85.08 1.92 3.20
N ILE L 286 -85.27 2.60 2.08
CA ILE L 286 -86.61 2.77 1.54
C ILE L 286 -87.10 1.47 0.91
N ARG L 287 -86.23 0.76 0.20
CA ARG L 287 -86.65 -0.33 -0.67
C ARG L 287 -86.39 -1.71 -0.06
N ASP L 288 -85.18 -1.96 0.44
CA ASP L 288 -84.84 -3.28 0.95
C ASP L 288 -85.62 -3.59 2.22
N VAL L 289 -85.86 -4.87 2.44
CA VAL L 289 -86.61 -5.33 3.59
C VAL L 289 -85.64 -5.65 4.72
N ASP L 290 -86.14 -5.57 5.95
CA ASP L 290 -85.37 -5.98 7.11
C ASP L 290 -85.61 -7.47 7.33
N MET L 291 -84.56 -8.27 7.16
CA MET L 291 -84.72 -9.71 7.22
C MET L 291 -85.22 -10.15 8.58
N ALA L 292 -84.68 -9.57 9.65
CA ALA L 292 -85.09 -9.97 11.00
C ALA L 292 -86.54 -9.60 11.26
N SER L 293 -86.91 -8.35 11.00
CA SER L 293 -88.26 -7.89 11.30
C SER L 293 -89.31 -8.52 10.38
N GLU L 294 -88.90 -9.15 9.30
CA GLU L 294 -89.83 -9.76 8.36
C GLU L 294 -89.96 -11.26 8.56
N MET L 295 -88.85 -11.94 8.87
CA MET L 295 -88.93 -13.36 9.20
C MET L 295 -89.75 -13.57 10.47
N MET L 296 -89.58 -12.69 11.45
CA MET L 296 -90.37 -12.77 12.68
C MET L 296 -91.85 -12.52 12.41
N GLU L 297 -92.16 -11.65 11.44
CA GLU L 297 -93.56 -11.41 11.12
C GLU L 297 -94.14 -12.53 10.27
N TYR L 298 -93.32 -13.12 9.40
CA TYR L 298 -93.78 -14.24 8.60
C TYR L 298 -94.16 -15.43 9.48
N THR L 299 -93.34 -15.71 10.50
CA THR L 299 -93.63 -16.81 11.41
C THR L 299 -94.93 -16.58 12.16
N LYS L 300 -95.25 -15.34 12.51
CA LYS L 300 -96.49 -15.07 13.22
C LYS L 300 -97.70 -15.44 12.39
N ASN L 301 -97.79 -14.91 11.17
CA ASN L 301 -98.92 -15.27 10.31
C ASN L 301 -98.88 -16.74 9.91
N ASN L 302 -97.70 -17.35 9.91
CA ASN L 302 -97.62 -18.77 9.63
C ASN L 302 -98.15 -19.60 10.79
N ILE L 303 -98.28 -19.02 11.98
CA ILE L 303 -98.90 -19.70 13.10
C ILE L 303 -100.38 -19.39 13.19
N LEU L 304 -100.75 -18.12 12.96
CA LEU L 304 -102.14 -17.73 12.99
C LEU L 304 -102.98 -18.49 11.97
N THR L 305 -102.38 -18.93 10.87
CA THR L 305 -103.10 -19.76 9.91
C THR L 305 -103.24 -21.19 10.39
N GLN L 306 -102.28 -21.70 11.14
CA GLN L 306 -102.42 -23.04 11.72
C GLN L 306 -103.39 -23.04 12.88
N ALA L 307 -103.46 -21.96 13.65
CA ALA L 307 -104.47 -21.85 14.69
C ALA L 307 -105.87 -21.86 14.08
N SER L 308 -106.06 -21.13 12.99
CA SER L 308 -107.35 -21.16 12.30
C SER L 308 -107.58 -22.50 11.64
N GLN L 309 -106.52 -23.13 11.14
CA GLN L 309 -106.64 -24.47 10.58
C GLN L 309 -107.09 -25.46 11.63
N ALA L 310 -106.50 -25.38 12.83
CA ALA L 310 -106.86 -26.31 13.89
C ALA L 310 -108.30 -26.13 14.34
N MET L 311 -108.77 -24.89 14.46
CA MET L 311 -110.12 -24.65 14.91
C MET L 311 -111.15 -24.89 13.82
N LEU L 312 -110.77 -24.79 12.55
CA LEU L 312 -111.70 -25.12 11.47
C LEU L 312 -112.09 -26.59 11.52
N ALA L 313 -111.14 -27.46 11.85
CA ALA L 313 -111.45 -28.88 11.95
C ALA L 313 -112.49 -29.14 13.03
N GLN L 314 -112.34 -28.48 14.19
CA GLN L 314 -113.31 -28.66 15.26
C GLN L 314 -114.64 -27.99 14.92
N ALA L 315 -114.61 -26.90 14.16
CA ALA L 315 -115.84 -26.22 13.80
C ALA L 315 -116.74 -27.11 12.95
N ASN L 316 -116.16 -28.00 12.15
CA ASN L 316 -116.96 -28.92 11.36
C ASN L 316 -117.51 -30.07 12.20
N GLN L 317 -116.84 -30.41 13.31
CA GLN L 317 -117.28 -31.52 14.13
C GLN L 317 -118.52 -31.15 14.94
N GLN L 318 -118.67 -29.88 15.28
CA GLN L 318 -119.78 -29.46 16.12
C GLN L 318 -121.16 -29.76 15.53
N PRO L 319 -121.44 -29.51 14.25
CA PRO L 319 -122.76 -29.89 13.72
C PRO L 319 -123.01 -31.39 13.69
N GLN L 320 -121.97 -32.20 13.80
CA GLN L 320 -122.13 -33.65 13.72
C GLN L 320 -122.83 -34.26 14.94
N GLN L 321 -123.04 -33.48 16.00
CA GLN L 321 -123.59 -34.02 17.23
C GLN L 321 -125.12 -34.05 17.26
N VAL L 322 -125.79 -33.45 16.28
CA VAL L 322 -127.23 -33.49 16.27
C VAL L 322 -127.77 -34.83 15.78
N LEU L 323 -126.93 -35.64 15.14
CA LEU L 323 -127.38 -36.94 14.66
C LEU L 323 -127.75 -37.87 15.81
N GLN L 324 -126.96 -37.84 16.89
CA GLN L 324 -127.27 -38.65 18.05
C GLN L 324 -128.56 -38.21 18.72
N LEU L 325 -128.95 -36.94 18.55
CA LEU L 325 -130.23 -36.47 19.06
C LEU L 325 -131.38 -36.79 18.13
N LEU L 326 -131.14 -36.83 16.82
CA LEU L 326 -132.20 -37.06 15.86
C LEU L 326 -132.70 -38.50 15.86
N LYS L 327 -131.91 -39.44 16.37
CA LYS L 327 -132.33 -40.83 16.44
C LYS L 327 -133.03 -41.13 17.76
N MET M 1 -131.05 -43.67 -3.21
CA MET M 1 -129.77 -44.28 -2.87
C MET M 1 -129.55 -45.55 -3.66
N ARG M 2 -128.69 -45.47 -4.68
CA ARG M 2 -128.35 -46.61 -5.51
C ARG M 2 -127.08 -47.25 -4.99
N ILE M 3 -127.13 -48.56 -4.79
CA ILE M 3 -126.07 -49.29 -4.08
C ILE M 3 -125.15 -50.02 -5.04
N ASN M 4 -125.70 -50.56 -6.13
CA ASN M 4 -124.91 -51.39 -7.04
C ASN M 4 -123.77 -50.63 -7.70
N HIS M 5 -123.78 -49.31 -7.67
CA HIS M 5 -122.70 -48.53 -8.26
C HIS M 5 -122.47 -47.30 -7.42
N ASN M 6 -121.21 -47.04 -7.09
CA ASN M 6 -120.81 -45.88 -6.29
C ASN M 6 -120.07 -44.93 -7.24
N ILE M 7 -120.84 -44.08 -7.91
CA ILE M 7 -120.24 -43.16 -8.88
C ILE M 7 -119.34 -42.15 -8.18
N ALA M 8 -119.66 -41.80 -6.95
CA ALA M 8 -118.81 -40.88 -6.19
C ALA M 8 -117.44 -41.49 -5.96
N ALA M 9 -117.38 -42.77 -5.60
CA ALA M 9 -116.10 -43.43 -5.40
C ALA M 9 -115.43 -43.79 -6.72
N LEU M 10 -116.22 -44.15 -7.73
CA LEU M 10 -115.66 -44.46 -9.04
C LEU M 10 -115.04 -43.23 -9.68
N ASN M 11 -115.65 -42.05 -9.48
CA ASN M 11 -115.06 -40.82 -9.99
C ASN M 11 -113.78 -40.46 -9.23
N THR M 12 -113.79 -40.67 -7.91
CA THR M 12 -112.59 -40.36 -7.12
C THR M 12 -111.44 -41.30 -7.46
N SER M 13 -111.74 -42.52 -7.90
CA SER M 13 -110.67 -43.44 -8.28
C SER M 13 -109.90 -42.92 -9.48
N ARG M 14 -110.60 -42.35 -10.47
CA ARG M 14 -109.92 -41.83 -11.65
C ARG M 14 -109.01 -40.68 -11.29
N GLN M 15 -109.47 -39.77 -10.43
CA GLN M 15 -108.60 -38.70 -9.97
C GLN M 15 -107.46 -39.24 -9.12
N LEU M 16 -107.67 -40.37 -8.45
CA LEU M 16 -106.58 -41.00 -7.73
C LEU M 16 -105.53 -41.54 -8.69
N ASN M 17 -105.96 -42.22 -9.74
CA ASN M 17 -105.03 -42.65 -10.79
C ASN M 17 -104.89 -41.59 -11.86
N ALA M 18 -104.73 -40.33 -11.45
CA ALA M 18 -104.31 -39.25 -12.33
C ALA M 18 -103.33 -38.30 -11.68
N GLY M 19 -103.22 -38.30 -10.36
CA GLY M 19 -102.22 -37.52 -9.67
C GLY M 19 -101.07 -38.43 -9.30
N SER M 20 -101.35 -39.72 -9.15
CA SER M 20 -100.28 -40.69 -8.98
C SER M 20 -99.43 -40.79 -10.24
N ASN M 21 -100.07 -40.80 -11.40
CA ASN M 21 -99.32 -40.80 -12.66
C ASN M 21 -98.48 -39.55 -12.81
N ALA M 22 -99.06 -38.39 -12.48
CA ALA M 22 -98.31 -37.15 -12.57
C ALA M 22 -97.14 -37.12 -11.59
N ALA M 23 -97.35 -37.62 -10.38
CA ALA M 23 -96.26 -37.69 -9.41
C ALA M 23 -95.16 -38.64 -9.87
N SER M 24 -95.55 -39.76 -10.47
CA SER M 24 -94.56 -40.69 -11.01
C SER M 24 -93.76 -40.04 -12.11
N LYS M 25 -94.42 -39.31 -13.01
CA LYS M 25 -93.71 -38.61 -14.07
C LYS M 25 -92.80 -37.53 -13.50
N ASN M 26 -93.23 -36.85 -12.45
CA ASN M 26 -92.40 -35.81 -11.85
C ASN M 26 -91.19 -36.41 -11.15
N MET M 27 -91.34 -37.59 -10.57
CA MET M 27 -90.21 -38.22 -9.88
C MET M 27 -89.21 -38.82 -10.85
N GLU M 28 -89.63 -39.18 -12.06
CA GLU M 28 -88.67 -39.58 -13.08
C GLU M 28 -87.72 -38.43 -13.39
N LYS M 29 -88.27 -37.23 -13.58
CA LYS M 29 -87.43 -36.08 -13.87
C LYS M 29 -86.51 -35.74 -12.71
N LEU M 30 -87.04 -35.83 -11.49
CA LEU M 30 -86.25 -35.46 -10.32
C LEU M 30 -85.09 -36.42 -10.10
N SER M 31 -85.33 -37.72 -10.29
CA SER M 31 -84.27 -38.70 -10.10
C SER M 31 -83.22 -38.59 -11.19
N SER M 32 -83.63 -38.54 -12.46
CA SER M 32 -82.68 -38.50 -13.56
C SER M 32 -82.07 -37.13 -13.75
N GLY M 33 -82.77 -36.07 -13.37
CA GLY M 33 -82.29 -34.73 -13.62
C GLY M 33 -82.54 -34.22 -15.02
N LEU M 34 -83.35 -34.91 -15.82
CA LEU M 34 -83.59 -34.55 -17.20
C LEU M 34 -85.07 -34.29 -17.43
N ARG M 35 -85.38 -33.21 -18.14
CA ARG M 35 -86.76 -32.95 -18.53
C ARG M 35 -87.26 -34.01 -19.48
N ILE M 36 -86.45 -34.38 -20.46
CA ILE M 36 -86.86 -35.27 -21.53
C ILE M 36 -86.21 -36.62 -21.28
N ASN M 37 -86.98 -37.53 -20.67
CA ASN M 37 -86.55 -38.92 -20.54
C ASN M 37 -87.05 -39.73 -21.72
N ARG M 38 -88.37 -39.77 -21.91
CA ARG M 38 -88.97 -40.36 -23.08
C ARG M 38 -89.07 -39.32 -24.19
N ALA M 39 -89.34 -39.79 -25.41
CA ALA M 39 -89.51 -38.87 -26.53
C ALA M 39 -90.86 -38.16 -26.50
N GLY M 40 -91.80 -38.62 -25.67
CA GLY M 40 -93.09 -37.98 -25.57
C GLY M 40 -93.12 -36.71 -24.75
N ASP M 41 -92.06 -36.46 -23.97
CA ASP M 41 -91.99 -35.22 -23.21
C ASP M 41 -91.68 -34.03 -24.09
N ASP M 42 -90.81 -34.22 -25.08
CA ASP M 42 -90.55 -33.17 -26.08
C ASP M 42 -89.96 -33.85 -27.30
N ALA M 43 -90.74 -33.90 -28.39
CA ALA M 43 -90.23 -34.49 -29.63
C ALA M 43 -89.12 -33.63 -30.22
N ALA M 44 -89.39 -32.33 -30.40
CA ALA M 44 -88.36 -31.43 -30.88
C ALA M 44 -87.26 -31.24 -29.86
N GLY M 45 -87.59 -31.31 -28.57
CA GLY M 45 -86.56 -31.25 -27.55
C GLY M 45 -85.63 -32.44 -27.61
N LEU M 46 -86.18 -33.63 -27.85
CA LEU M 46 -85.35 -34.81 -28.03
C LEU M 46 -84.49 -34.68 -29.27
N ALA M 47 -85.07 -34.21 -30.38
CA ALA M 47 -84.32 -34.11 -31.62
C ALA M 47 -83.18 -33.10 -31.50
N ILE M 48 -83.47 -31.92 -30.95
CA ILE M 48 -82.46 -30.87 -30.82
C ILE M 48 -81.35 -31.32 -29.88
N SER M 49 -81.73 -31.97 -28.78
CA SER M 49 -80.76 -32.39 -27.79
C SER M 49 -79.72 -33.33 -28.39
N GLU M 50 -80.16 -34.35 -29.10
CA GLU M 50 -79.24 -35.33 -29.66
C GLU M 50 -78.28 -34.70 -30.66
N LYS M 51 -78.79 -33.81 -31.52
CA LYS M 51 -77.91 -33.04 -32.38
C LYS M 51 -76.91 -32.27 -31.54
N MET M 52 -77.40 -31.64 -30.48
CA MET M 52 -76.54 -30.85 -29.59
C MET M 52 -75.47 -31.72 -28.93
N ARG M 53 -75.87 -32.83 -28.32
CA ARG M 53 -74.91 -33.71 -27.66
C ARG M 53 -73.86 -34.20 -28.64
N SER M 54 -74.31 -34.63 -29.82
CA SER M 54 -73.39 -35.07 -30.87
C SER M 54 -72.37 -34.00 -31.19
N GLN M 55 -72.83 -32.75 -31.28
CA GLN M 55 -71.93 -31.65 -31.57
C GLN M 55 -71.02 -31.34 -30.40
N ILE M 56 -71.55 -31.38 -29.17
CA ILE M 56 -70.73 -31.08 -28.00
C ILE M 56 -69.65 -32.12 -27.82
N ARG M 57 -70.00 -33.39 -27.93
CA ARG M 57 -68.99 -34.44 -27.82
C ARG M 57 -68.08 -34.47 -29.03
N GLY M 58 -68.39 -33.72 -30.08
CA GLY M 58 -67.50 -33.59 -31.22
C GLY M 58 -66.52 -32.45 -31.02
N LEU M 59 -67.00 -31.30 -30.53
CA LEU M 59 -66.10 -30.18 -30.32
C LEU M 59 -65.14 -30.43 -29.18
N ASP M 60 -65.56 -31.17 -28.16
CA ASP M 60 -64.62 -31.49 -27.08
C ASP M 60 -63.62 -32.54 -27.51
N MET M 61 -63.97 -33.39 -28.47
CA MET M 61 -63.03 -34.33 -29.04
C MET M 61 -62.19 -33.69 -30.14
N ALA M 62 -62.79 -32.84 -30.97
CA ALA M 62 -62.02 -32.08 -31.93
C ALA M 62 -61.08 -31.10 -31.27
N SER M 63 -61.29 -30.77 -30.00
CA SER M 63 -60.33 -30.01 -29.25
C SER M 63 -59.15 -30.85 -28.79
N LYS M 64 -59.33 -32.17 -28.69
CA LYS M 64 -58.19 -33.05 -28.45
C LYS M 64 -57.36 -33.19 -29.72
N ASN M 65 -58.02 -33.32 -30.88
CA ASN M 65 -57.29 -33.40 -32.14
C ASN M 65 -56.49 -32.14 -32.38
N ALA M 66 -57.07 -30.98 -32.10
CA ALA M 66 -56.33 -29.73 -32.26
C ALA M 66 -55.12 -29.69 -31.34
N GLN M 67 -55.23 -30.25 -30.16
CA GLN M 67 -54.09 -30.27 -29.25
C GLN M 67 -53.12 -31.41 -29.53
N ASP M 68 -53.59 -32.49 -30.13
CA ASP M 68 -52.68 -33.51 -30.61
C ASP M 68 -51.97 -33.09 -31.88
N GLY M 69 -52.42 -32.02 -32.54
CA GLY M 69 -51.72 -31.48 -33.67
C GLY M 69 -50.75 -30.40 -33.21
N ILE M 70 -51.08 -29.75 -32.10
CA ILE M 70 -50.15 -28.80 -31.51
C ILE M 70 -48.91 -29.52 -31.01
N SER M 71 -49.09 -30.73 -30.47
CA SER M 71 -47.95 -31.52 -30.02
C SER M 71 -47.14 -32.02 -31.21
N LEU M 72 -47.80 -32.47 -32.27
CA LEU M 72 -47.09 -32.93 -33.45
C LEU M 72 -46.29 -31.83 -34.09
N ILE M 73 -46.75 -30.59 -33.97
CA ILE M 73 -46.07 -29.46 -34.58
C ILE M 73 -44.95 -28.93 -33.69
N GLN M 74 -45.16 -28.95 -32.37
CA GLN M 74 -44.10 -28.55 -31.46
C GLN M 74 -42.90 -29.48 -31.58
N THR M 75 -43.15 -30.77 -31.83
CA THR M 75 -42.06 -31.71 -31.99
C THR M 75 -41.22 -31.38 -33.23
N SER M 76 -41.88 -31.02 -34.33
CA SER M 76 -41.14 -30.74 -35.55
C SER M 76 -40.30 -29.47 -35.41
N GLU M 77 -40.91 -28.38 -34.95
CA GLU M 77 -40.13 -27.15 -34.81
C GLU M 77 -39.13 -27.25 -33.67
N GLY M 78 -39.43 -28.06 -32.66
CA GLY M 78 -38.42 -28.34 -31.66
C GLY M 78 -37.21 -29.02 -32.24
N ALA M 79 -37.41 -29.91 -33.22
CA ALA M 79 -36.30 -30.55 -33.90
C ALA M 79 -35.54 -29.56 -34.77
N LEU M 80 -36.26 -28.75 -35.59
CA LEU M 80 -35.58 -27.76 -36.41
C LEU M 80 -34.92 -26.68 -35.57
N ASN M 81 -35.25 -26.58 -34.30
CA ASN M 81 -34.52 -25.67 -33.43
C ASN M 81 -33.05 -26.03 -33.38
N GLU M 82 -32.71 -27.29 -33.57
CA GLU M 82 -31.33 -27.72 -33.52
C GLU M 82 -30.68 -27.74 -34.88
N THR M 83 -31.43 -28.03 -35.93
CA THR M 83 -30.87 -27.83 -37.25
C THR M 83 -30.44 -26.40 -37.46
N HIS M 84 -31.03 -25.46 -36.74
CA HIS M 84 -30.52 -24.11 -36.81
C HIS M 84 -29.18 -23.96 -36.14
N SER M 85 -28.97 -24.61 -35.00
CA SER M 85 -27.71 -24.46 -34.30
C SER M 85 -26.60 -25.20 -35.01
N ILE M 86 -26.93 -26.32 -35.59
CA ILE M 86 -25.90 -27.02 -36.35
C ILE M 86 -25.54 -26.24 -37.60
N LEU M 87 -26.52 -25.69 -38.30
CA LEU M 87 -26.24 -24.86 -39.46
C LEU M 87 -25.50 -23.59 -39.05
N GLN M 88 -25.72 -23.11 -37.83
CA GLN M 88 -25.05 -21.91 -37.38
C GLN M 88 -23.58 -22.20 -37.10
N ARG M 89 -23.30 -23.30 -36.42
CA ARG M 89 -21.92 -23.74 -36.22
C ARG M 89 -21.28 -24.12 -37.54
N MET M 90 -22.06 -24.73 -38.44
CA MET M 90 -21.54 -25.14 -39.73
C MET M 90 -21.12 -23.94 -40.58
N SER M 91 -21.59 -22.75 -40.23
CA SER M 91 -21.21 -21.54 -40.95
C SER M 91 -19.94 -20.91 -40.41
N GLU M 92 -19.60 -21.15 -39.15
CA GLU M 92 -18.29 -20.73 -38.65
C GLU M 92 -17.19 -21.58 -39.25
N LEU M 93 -17.43 -22.86 -39.46
CA LEU M 93 -16.44 -23.67 -40.17
C LEU M 93 -16.59 -23.51 -41.66
N ALA M 94 -16.80 -22.30 -42.12
CA ALA M 94 -16.54 -21.91 -43.51
C ALA M 94 -15.97 -20.51 -43.60
N THR M 95 -16.09 -19.69 -42.56
CA THR M 95 -15.36 -18.44 -42.48
C THR M 95 -13.96 -18.68 -41.97
N GLN M 96 -13.77 -19.74 -41.20
CA GLN M 96 -12.43 -20.12 -40.78
C GLN M 96 -11.70 -20.87 -41.87
N ALA M 97 -12.40 -21.71 -42.62
CA ALA M 97 -11.80 -22.45 -43.71
C ALA M 97 -11.50 -21.58 -44.92
N ALA M 98 -12.13 -20.43 -45.04
CA ALA M 98 -11.89 -19.54 -46.17
C ALA M 98 -10.62 -18.73 -46.00
N ASN M 99 -10.15 -18.54 -44.77
CA ASN M 99 -8.89 -17.83 -44.54
C ASN M 99 -7.74 -18.64 -45.12
N ASP M 100 -6.76 -17.95 -45.69
CA ASP M 100 -5.66 -18.61 -46.38
C ASP M 100 -4.43 -18.78 -45.50
N THR M 101 -4.53 -18.50 -44.21
CA THR M 101 -3.51 -18.96 -43.28
C THR M 101 -3.67 -20.43 -42.95
N ASN M 102 -4.85 -21.00 -43.19
CA ASN M 102 -5.04 -22.43 -43.08
C ASN M 102 -4.28 -23.15 -44.19
N THR M 103 -3.84 -24.36 -43.90
CA THR M 103 -3.32 -25.25 -44.92
C THR M 103 -4.33 -26.35 -45.20
N ASP M 104 -4.08 -27.11 -46.27
CA ASP M 104 -4.98 -28.19 -46.61
C ASP M 104 -5.01 -29.24 -45.50
N SER M 105 -3.92 -29.39 -44.76
CA SER M 105 -3.93 -30.26 -43.60
C SER M 105 -4.90 -29.79 -42.54
N ASP M 106 -5.24 -28.50 -42.53
CA ASP M 106 -6.16 -27.93 -41.56
C ASP M 106 -7.54 -27.64 -42.11
N ARG M 107 -7.66 -27.38 -43.41
CA ARG M 107 -8.97 -27.34 -44.03
C ARG M 107 -9.62 -28.71 -43.98
N SER M 108 -8.86 -29.74 -44.36
CA SER M 108 -9.35 -31.11 -44.23
C SER M 108 -9.54 -31.47 -42.76
N GLU M 109 -8.89 -30.73 -41.87
CA GLU M 109 -9.09 -30.95 -40.45
C GLU M 109 -10.45 -30.42 -40.03
N LEU M 110 -10.83 -29.26 -40.57
CA LEU M 110 -12.17 -28.71 -40.35
C LEU M 110 -13.23 -29.56 -41.02
N GLN M 111 -12.89 -30.18 -42.15
CA GLN M 111 -13.86 -31.00 -42.87
C GLN M 111 -14.34 -32.17 -42.02
N LYS M 112 -13.54 -32.58 -41.04
CA LYS M 112 -13.98 -33.67 -40.17
C LYS M 112 -15.23 -33.29 -39.40
N GLU M 113 -15.28 -32.06 -38.88
CA GLU M 113 -16.49 -31.60 -38.21
C GLU M 113 -17.56 -31.21 -39.22
N MET M 114 -17.17 -30.75 -40.40
CA MET M 114 -18.12 -30.50 -41.47
C MET M 114 -18.95 -31.74 -41.76
N ASP M 115 -18.29 -32.88 -41.95
CA ASP M 115 -19.01 -34.11 -42.23
C ASP M 115 -19.76 -34.65 -41.03
N GLN M 116 -19.33 -34.31 -39.83
CA GLN M 116 -20.01 -34.77 -38.64
C GLN M 116 -21.22 -33.91 -38.29
N LEU M 117 -21.17 -32.62 -38.60
CA LEU M 117 -22.34 -31.77 -38.43
C LEU M 117 -23.38 -32.08 -39.50
N ALA M 118 -22.95 -32.23 -40.75
CA ALA M 118 -23.87 -32.54 -41.83
C ALA M 118 -24.51 -33.91 -41.65
N SER M 119 -23.84 -34.82 -40.97
CA SER M 119 -24.41 -36.13 -40.69
C SER M 119 -25.37 -36.11 -39.51
N GLU M 120 -25.35 -35.06 -38.71
CA GLU M 120 -26.30 -34.89 -37.63
C GLU M 120 -27.56 -34.19 -38.10
N VAL M 121 -27.43 -33.27 -39.05
CA VAL M 121 -28.60 -32.67 -39.67
C VAL M 121 -29.46 -33.74 -40.32
N THR M 122 -28.83 -34.71 -40.98
CA THR M 122 -29.58 -35.81 -41.56
C THR M 122 -30.20 -36.70 -40.50
N ARG M 123 -29.52 -36.90 -39.38
CA ARG M 123 -30.09 -37.73 -38.32
C ARG M 123 -31.38 -37.14 -37.79
N ILE M 124 -31.41 -35.83 -37.57
CA ILE M 124 -32.60 -35.20 -37.02
C ILE M 124 -33.78 -35.38 -37.94
N SER M 125 -33.55 -35.33 -39.25
CA SER M 125 -34.64 -35.50 -40.21
C SER M 125 -35.20 -36.91 -40.16
N THR M 126 -34.32 -37.92 -40.16
CA THR M 126 -34.78 -39.30 -40.20
C THR M 126 -35.14 -39.86 -38.84
N ASP M 127 -34.76 -39.20 -37.75
CA ASP M 127 -35.05 -39.71 -36.42
C ASP M 127 -36.22 -39.01 -35.74
N THR M 128 -36.46 -37.75 -36.06
CA THR M 128 -37.58 -37.04 -35.45
C THR M 128 -38.88 -37.73 -35.78
N GLU M 129 -39.56 -38.23 -34.76
CA GLU M 129 -40.72 -39.08 -34.97
C GLU M 129 -41.74 -38.82 -33.87
N PHE M 130 -42.89 -38.29 -34.26
CA PHE M 130 -44.04 -38.22 -33.37
C PHE M 130 -44.93 -39.42 -33.65
N ASN M 131 -45.39 -40.06 -32.57
CA ASN M 131 -46.19 -41.28 -32.68
C ASN M 131 -45.29 -42.25 -33.43
N THR M 132 -45.67 -42.74 -34.60
CA THR M 132 -44.79 -43.49 -35.47
C THR M 132 -44.63 -42.85 -36.84
N LYS M 133 -44.66 -41.52 -36.86
CA LYS M 133 -44.60 -40.76 -38.10
C LYS M 133 -43.30 -39.99 -38.16
N LYS M 134 -42.56 -40.17 -39.24
CA LYS M 134 -41.35 -39.39 -39.48
C LYS M 134 -41.77 -38.04 -40.03
N LEU M 135 -41.51 -36.98 -39.28
CA LEU M 135 -42.04 -35.67 -39.64
C LEU M 135 -41.17 -34.97 -40.66
N LEU M 136 -39.85 -34.95 -40.46
CA LEU M 136 -38.97 -34.11 -41.24
C LEU M 136 -38.31 -34.83 -42.40
N ASP M 137 -38.75 -36.03 -42.74
CA ASP M 137 -38.13 -36.77 -43.84
C ASP M 137 -38.92 -36.65 -45.13
N GLY M 138 -39.87 -35.72 -45.19
CA GLY M 138 -40.61 -35.47 -46.40
C GLY M 138 -41.79 -36.38 -46.64
N THR M 139 -42.10 -37.27 -45.69
CA THR M 139 -43.25 -38.15 -45.83
C THR M 139 -44.48 -37.63 -45.12
N ALA M 140 -44.33 -36.67 -44.20
CA ALA M 140 -45.46 -36.09 -43.48
C ALA M 140 -46.04 -34.97 -44.34
N GLN M 141 -46.87 -35.36 -45.29
CA GLN M 141 -47.52 -34.43 -46.20
C GLN M 141 -49.03 -34.65 -46.13
N ASN M 142 -49.79 -33.56 -46.29
CA ASN M 142 -51.24 -33.61 -46.30
C ASN M 142 -51.78 -34.09 -44.96
N LEU M 143 -51.07 -33.78 -43.88
CA LEU M 143 -51.55 -34.13 -42.56
C LEU M 143 -52.83 -33.37 -42.25
N THR M 144 -53.92 -34.11 -42.10
CA THR M 144 -55.24 -33.53 -41.94
C THR M 144 -55.66 -33.65 -40.48
N PHE M 145 -55.82 -32.50 -39.82
CA PHE M 145 -56.33 -32.46 -38.45
C PHE M 145 -57.81 -32.14 -38.50
N GLN M 146 -58.62 -33.00 -37.91
CA GLN M 146 -60.06 -32.76 -37.85
C GLN M 146 -60.31 -31.78 -36.72
N ILE M 147 -60.17 -30.50 -36.99
CA ILE M 147 -60.49 -29.46 -36.03
C ILE M 147 -61.92 -29.02 -36.27
N GLY M 148 -62.86 -29.77 -35.73
CA GLY M 148 -64.26 -29.53 -35.96
C GLY M 148 -65.03 -30.83 -35.89
N ALA M 149 -66.32 -30.72 -35.61
CA ALA M 149 -67.15 -31.89 -35.35
C ALA M 149 -67.80 -32.46 -36.58
N ASN M 150 -67.54 -31.91 -37.77
CA ASN M 150 -68.25 -32.30 -38.97
C ASN M 150 -67.26 -32.61 -40.08
N GLU M 151 -67.78 -32.95 -41.25
CA GLU M 151 -66.97 -33.12 -42.44
C GLU M 151 -66.30 -31.82 -42.87
N GLY M 152 -65.12 -31.96 -43.46
CA GLY M 152 -64.46 -30.83 -44.09
C GLY M 152 -64.02 -29.75 -43.13
N GLN M 153 -64.14 -29.97 -41.83
CA GLN M 153 -63.66 -29.01 -40.85
C GLN M 153 -62.25 -29.41 -40.43
N THR M 154 -61.38 -29.44 -41.43
CA THR M 154 -60.03 -29.93 -41.28
C THR M 154 -59.03 -28.83 -41.62
N MET M 155 -57.76 -29.12 -41.30
CA MET M 155 -56.65 -28.29 -41.70
C MET M 155 -55.53 -29.19 -42.20
N SER M 156 -54.96 -28.84 -43.34
CA SER M 156 -53.87 -29.62 -43.90
C SER M 156 -52.53 -29.06 -43.43
N LEU M 157 -51.48 -29.84 -43.66
CA LEU M 157 -50.14 -29.42 -43.29
C LEU M 157 -49.15 -30.29 -44.06
N SER M 158 -48.04 -29.69 -44.47
CA SER M 158 -47.02 -30.42 -45.21
C SER M 158 -45.66 -29.91 -44.79
N ILE M 159 -44.90 -30.75 -44.11
CA ILE M 159 -43.55 -30.41 -43.71
C ILE M 159 -42.59 -30.98 -44.75
N ASN M 160 -41.72 -30.13 -45.28
CA ASN M 160 -40.82 -30.55 -46.33
C ASN M 160 -39.65 -31.34 -45.73
N LYS M 161 -38.94 -32.04 -46.61
CA LYS M 161 -37.76 -32.78 -46.19
C LYS M 161 -36.66 -31.81 -45.79
N MET M 162 -36.14 -31.96 -44.58
CA MET M 162 -35.22 -31.00 -43.99
C MET M 162 -33.94 -31.68 -43.55
N ASP M 163 -33.38 -32.51 -44.43
CA ASP M 163 -32.10 -33.15 -44.20
C ASP M 163 -31.01 -32.43 -44.97
N SER M 164 -29.77 -32.85 -44.76
CA SER M 164 -28.63 -32.15 -45.36
C SER M 164 -28.68 -32.23 -46.88
N GLU M 165 -29.18 -33.35 -47.42
CA GLU M 165 -29.29 -33.46 -48.86
C GLU M 165 -30.25 -32.43 -49.43
N SER M 166 -31.37 -32.21 -48.75
CA SER M 166 -32.37 -31.27 -49.24
C SER M 166 -31.90 -29.83 -49.09
N LEU M 167 -31.28 -29.51 -47.95
CA LEU M 167 -30.73 -28.17 -47.76
C LEU M 167 -29.46 -27.94 -48.55
N LYS M 168 -28.91 -28.98 -49.17
CA LYS M 168 -27.70 -28.90 -50.00
C LYS M 168 -26.46 -28.59 -49.18
N VAL M 169 -26.47 -28.92 -47.89
CA VAL M 169 -25.30 -28.75 -47.05
C VAL M 169 -24.59 -30.09 -46.84
N GLY M 170 -24.90 -31.09 -47.65
CA GLY M 170 -24.28 -32.39 -47.49
C GLY M 170 -24.74 -33.30 -48.61
N THR M 171 -24.31 -34.56 -48.51
CA THR M 171 -24.71 -35.57 -49.47
C THR M 171 -24.60 -36.93 -48.80
N THR M 172 -25.56 -37.80 -49.08
CA THR M 172 -25.68 -39.08 -48.39
C THR M 172 -25.41 -40.21 -49.38
N TYR M 173 -24.30 -40.91 -49.19
CA TYR M 173 -24.00 -42.10 -49.95
C TYR M 173 -24.54 -43.31 -49.22
N THR M 174 -25.08 -44.25 -49.97
CA THR M 174 -25.52 -45.51 -49.41
C THR M 174 -24.68 -46.65 -49.99
N ALA M 175 -24.47 -47.68 -49.19
CA ALA M 175 -23.60 -48.78 -49.59
C ALA M 175 -24.36 -49.78 -50.43
N ASN M 176 -23.78 -50.15 -51.57
CA ASN M 176 -24.40 -51.15 -52.42
C ASN M 176 -24.41 -52.50 -51.72
N ASP M 177 -25.05 -53.48 -52.37
CA ASP M 177 -25.30 -54.76 -51.71
C ASP M 177 -24.02 -55.46 -51.31
N ASP M 178 -23.03 -55.48 -52.20
CA ASP M 178 -21.73 -56.07 -51.91
C ASP M 178 -20.89 -55.15 -51.02
N GLY M 179 -21.06 -53.83 -51.13
CA GLY M 179 -20.27 -52.90 -50.36
C GLY M 179 -19.03 -52.46 -51.10
N SER M 180 -18.97 -52.75 -52.39
CA SER M 180 -17.83 -52.34 -53.19
C SER M 180 -17.81 -50.85 -53.44
N LYS M 181 -18.98 -50.27 -53.72
CA LYS M 181 -19.07 -48.87 -54.12
C LYS M 181 -20.20 -48.19 -53.35
N LEU M 182 -19.87 -47.11 -52.64
CA LEU M 182 -20.88 -46.28 -52.02
C LEU M 182 -21.66 -45.52 -53.09
N VAL M 183 -22.98 -45.58 -53.01
CA VAL M 183 -23.85 -45.01 -54.03
C VAL M 183 -24.73 -43.97 -53.37
N THR M 184 -24.74 -42.77 -53.93
CA THR M 184 -25.69 -41.77 -53.50
C THR M 184 -26.89 -41.73 -54.44
N ALA M 185 -27.97 -41.10 -53.99
CA ALA M 185 -29.05 -40.78 -54.90
C ALA M 185 -28.54 -39.81 -55.96
N ASP M 186 -29.04 -39.96 -57.18
CA ASP M 186 -28.53 -39.41 -58.43
C ASP M 186 -27.32 -40.26 -58.89
N GLY M 187 -26.81 -41.15 -58.05
CA GLY M 187 -25.82 -42.11 -58.50
C GLY M 187 -24.42 -41.58 -58.71
N LYS M 188 -23.77 -41.16 -57.62
CA LYS M 188 -22.35 -40.83 -57.64
C LYS M 188 -21.60 -41.97 -56.96
N GLU M 189 -20.65 -42.56 -57.67
CA GLU M 189 -19.99 -43.78 -57.25
C GLU M 189 -18.82 -43.47 -56.32
N ALA M 190 -18.53 -44.41 -55.44
CA ALA M 190 -17.38 -44.31 -54.57
C ALA M 190 -16.86 -45.71 -54.30
N THR M 191 -15.88 -46.14 -55.08
CA THR M 191 -15.40 -47.52 -55.02
C THR M 191 -14.41 -47.71 -53.88
N LEU M 192 -14.35 -48.94 -53.38
CA LEU M 192 -13.49 -49.29 -52.27
C LEU M 192 -12.08 -49.69 -52.67
N VAL M 193 -11.12 -49.41 -51.77
CA VAL M 193 -9.68 -49.61 -51.91
C VAL M 193 -9.05 -49.11 -53.20
N THR M 194 -9.37 -47.88 -53.58
CA THR M 194 -8.94 -47.34 -54.86
C THR M 194 -8.07 -46.08 -54.78
N LYS M 198 -2.89 -47.02 -54.97
CA LYS M 198 -3.58 -47.48 -53.77
C LYS M 198 -3.82 -46.31 -52.82
N GLY M 199 -2.74 -45.77 -52.25
CA GLY M 199 -2.83 -44.65 -51.34
C GLY M 199 -3.51 -45.02 -50.05
N PRO M 200 -3.90 -44.02 -49.26
CA PRO M 200 -4.68 -44.29 -48.04
C PRO M 200 -5.97 -45.00 -48.39
N ASN M 201 -6.38 -45.89 -47.49
CA ASN M 201 -7.44 -46.85 -47.79
C ASN M 201 -8.81 -46.27 -47.46
N GLY M 202 -9.75 -46.43 -48.38
CA GLY M 202 -11.11 -45.97 -48.18
C GLY M 202 -11.89 -46.04 -49.48
N TYR M 203 -13.10 -45.48 -49.44
CA TYR M 203 -13.99 -45.45 -50.59
C TYR M 203 -13.65 -44.22 -51.43
N TYR M 204 -12.86 -44.45 -52.48
CA TYR M 204 -12.46 -43.32 -53.31
C TYR M 204 -13.52 -43.01 -54.35
N ASP M 205 -13.43 -41.79 -54.88
CA ASP M 205 -14.36 -41.24 -55.83
C ASP M 205 -13.65 -41.18 -57.20
N ASP M 206 -14.35 -40.72 -58.23
CA ASP M 206 -13.80 -40.70 -59.59
C ASP M 206 -12.72 -39.64 -59.77
N ALA M 207 -12.37 -38.91 -58.71
CA ALA M 207 -11.32 -37.91 -58.79
C ALA M 207 -10.23 -38.10 -57.75
N ASP M 208 -10.16 -39.30 -57.15
CA ASP M 208 -9.13 -39.72 -56.22
C ASP M 208 -9.37 -39.02 -54.88
N LYS M 209 -10.37 -38.14 -54.82
CA LYS M 209 -10.77 -37.55 -53.55
C LYS M 209 -11.38 -38.64 -52.68
N LEU M 210 -10.75 -38.91 -51.53
CA LEU M 210 -11.31 -39.86 -50.59
C LEU M 210 -12.67 -39.38 -50.12
N VAL M 211 -13.64 -40.29 -50.11
CA VAL M 211 -15.00 -40.00 -49.65
C VAL M 211 -15.21 -40.52 -48.24
N TYR M 212 -14.93 -41.79 -48.02
CA TYR M 212 -15.05 -42.40 -46.70
C TYR M 212 -13.73 -43.08 -46.33
N GLN M 213 -13.40 -43.02 -45.05
CA GLN M 213 -12.18 -43.63 -44.54
C GLN M 213 -12.55 -44.96 -43.89
N ALA M 214 -12.37 -46.05 -44.64
CA ALA M 214 -12.60 -47.38 -44.10
C ALA M 214 -11.73 -48.36 -44.88
N ASP M 215 -11.19 -49.34 -44.17
CA ASP M 215 -10.37 -50.38 -44.78
C ASP M 215 -11.14 -51.65 -45.08
N SER M 216 -12.12 -51.99 -44.26
CA SER M 216 -13.02 -53.10 -44.56
C SER M 216 -14.10 -52.64 -45.52
N ALA M 217 -15.13 -53.45 -45.72
CA ALA M 217 -16.23 -53.08 -46.60
C ALA M 217 -17.44 -52.79 -45.73
N LEU M 218 -18.11 -51.68 -46.00
CA LEU M 218 -19.30 -51.33 -45.24
C LEU M 218 -20.40 -52.35 -45.46
N ALA M 219 -21.29 -52.44 -44.47
CA ALA M 219 -22.40 -53.40 -44.55
C ALA M 219 -23.40 -52.95 -45.59
N LYS M 220 -24.50 -53.67 -45.72
CA LYS M 220 -25.51 -53.42 -46.74
C LYS M 220 -26.46 -52.33 -46.27
N ASP M 221 -26.73 -51.37 -47.15
CA ASP M 221 -27.60 -50.23 -46.84
C ASP M 221 -27.13 -49.45 -45.62
N THR M 222 -25.82 -49.22 -45.53
CA THR M 222 -25.28 -48.31 -44.52
C THR M 222 -25.05 -46.96 -45.18
N LYS M 223 -25.70 -45.94 -44.65
CA LYS M 223 -25.61 -44.60 -45.20
C LYS M 223 -24.48 -43.83 -44.53
N VAL M 224 -23.73 -43.09 -45.34
CA VAL M 224 -22.74 -42.15 -44.83
C VAL M 224 -23.09 -40.78 -45.37
N THR M 225 -22.92 -39.76 -44.54
CA THR M 225 -23.19 -38.39 -44.94
C THR M 225 -21.88 -37.61 -44.97
N LYS M 226 -21.67 -36.88 -46.05
CA LYS M 226 -20.44 -36.15 -46.27
C LYS M 226 -20.78 -34.68 -46.44
N GLY M 227 -20.15 -33.83 -45.65
CA GLY M 227 -20.49 -32.42 -45.65
C GLY M 227 -20.13 -31.73 -46.95
N ILE M 228 -20.60 -30.50 -47.09
CA ILE M 228 -20.29 -29.73 -48.28
C ILE M 228 -18.79 -29.41 -48.29
N ASP M 229 -18.23 -29.31 -49.48
CA ASP M 229 -16.78 -29.19 -49.65
C ASP M 229 -16.31 -27.84 -49.16
N ILE M 230 -15.47 -27.84 -48.11
CA ILE M 230 -14.78 -26.64 -47.66
C ILE M 230 -13.28 -26.83 -47.60
N SER M 231 -12.78 -28.03 -47.87
CA SER M 231 -11.38 -28.35 -47.67
C SER M 231 -10.56 -28.36 -48.95
N SER M 232 -11.20 -28.30 -50.11
CA SER M 232 -10.45 -28.36 -51.36
C SER M 232 -9.69 -27.07 -51.63
N SER M 233 -10.19 -25.93 -51.17
CA SER M 233 -9.58 -24.64 -51.47
C SER M 233 -10.22 -23.59 -50.57
N ALA M 234 -9.66 -22.39 -50.62
CA ALA M 234 -10.30 -21.26 -49.96
C ALA M 234 -11.50 -20.75 -50.78
N LYS M 235 -11.42 -20.84 -52.10
CA LYS M 235 -12.57 -20.48 -52.93
C LYS M 235 -13.76 -21.38 -52.66
N ALA M 236 -13.52 -22.68 -52.51
CA ALA M 236 -14.60 -23.62 -52.23
C ALA M 236 -15.24 -23.33 -50.89
N ALA M 237 -14.44 -23.01 -49.88
CA ALA M 237 -14.99 -22.69 -48.56
C ALA M 237 -15.85 -21.44 -48.61
N SER M 238 -15.42 -20.43 -49.36
CA SER M 238 -16.26 -19.25 -49.54
C SER M 238 -17.54 -19.60 -50.27
N SER M 239 -17.46 -20.47 -51.28
CA SER M 239 -18.67 -20.87 -51.99
C SER M 239 -19.67 -21.54 -51.05
N ALA M 240 -19.18 -22.39 -50.15
CA ALA M 240 -20.05 -23.03 -49.19
C ALA M 240 -20.70 -22.05 -48.23
N LEU M 241 -20.17 -20.83 -48.12
CA LEU M 241 -20.76 -19.86 -47.21
C LEU M 241 -22.17 -19.47 -47.62
N THR M 242 -22.38 -19.17 -48.91
CA THR M 242 -23.73 -18.86 -49.37
C THR M 242 -24.64 -20.06 -49.30
N THR M 243 -24.12 -21.25 -49.61
CA THR M 243 -24.94 -22.45 -49.53
C THR M 243 -25.43 -22.68 -48.10
N ILE M 244 -24.55 -22.46 -47.12
CA ILE M 244 -24.95 -22.65 -45.73
C ILE M 244 -25.92 -21.57 -45.30
N LYS M 245 -25.63 -20.31 -45.64
CA LYS M 245 -26.49 -19.22 -45.20
C LYS M 245 -27.84 -19.26 -45.89
N THR M 246 -27.92 -19.89 -47.05
CA THR M 246 -29.22 -20.11 -47.68
C THR M 246 -29.98 -21.22 -46.99
N ALA M 247 -29.27 -22.26 -46.54
CA ALA M 247 -29.93 -23.33 -45.82
C ALA M 247 -30.55 -22.83 -44.53
N ILE M 248 -29.89 -21.88 -43.87
CA ILE M 248 -30.49 -21.25 -42.69
C ILE M 248 -31.77 -20.52 -43.08
N ASP M 249 -31.84 -20.02 -44.31
CA ASP M 249 -33.03 -19.30 -44.75
C ASP M 249 -34.19 -20.26 -45.01
N THR M 250 -33.93 -21.41 -45.62
CA THR M 250 -34.98 -22.38 -45.88
C THR M 250 -35.33 -23.21 -44.67
N VAL M 251 -34.58 -23.09 -43.57
CA VAL M 251 -34.99 -23.67 -42.31
C VAL M 251 -35.86 -22.70 -41.53
N SER M 252 -35.49 -21.41 -41.55
CA SER M 252 -36.33 -20.40 -40.93
C SER M 252 -37.70 -20.34 -41.60
N SER M 253 -37.75 -20.55 -42.92
CA SER M 253 -39.05 -20.60 -43.60
C SER M 253 -39.88 -21.76 -43.11
N GLU M 254 -39.27 -22.93 -42.92
CA GLU M 254 -40.02 -24.07 -42.45
C GLU M 254 -40.46 -23.90 -41.00
N ARG M 255 -39.61 -23.31 -40.16
CA ARG M 255 -39.97 -23.17 -38.76
C ARG M 255 -41.18 -22.28 -38.55
N ALA M 256 -41.30 -21.19 -39.30
CA ALA M 256 -42.45 -20.32 -39.16
C ALA M 256 -43.62 -20.71 -40.03
N LYS M 257 -43.43 -21.62 -40.99
CA LYS M 257 -44.57 -22.29 -41.57
C LYS M 257 -45.22 -23.22 -40.58
N LEU M 258 -44.47 -23.68 -39.58
CA LEU M 258 -45.01 -24.51 -38.51
C LEU M 258 -45.38 -23.69 -37.27
N GLY M 259 -44.80 -22.52 -37.11
CA GLY M 259 -45.19 -21.66 -36.02
C GLY M 259 -46.46 -20.93 -36.34
N ALA M 260 -46.72 -20.73 -37.65
CA ALA M 260 -47.97 -20.12 -38.06
C ALA M 260 -49.14 -21.07 -37.84
N VAL M 261 -48.95 -22.35 -38.13
CA VAL M 261 -50.02 -23.32 -37.91
C VAL M 261 -50.29 -23.48 -36.42
N GLN M 262 -49.24 -23.45 -35.61
CA GLN M 262 -49.43 -23.62 -34.17
C GLN M 262 -50.15 -22.44 -33.57
N ASN M 263 -49.86 -21.22 -34.05
CA ASN M 263 -50.60 -20.06 -33.59
C ASN M 263 -52.07 -20.17 -33.96
N ARG M 264 -52.36 -20.63 -35.17
CA ARG M 264 -53.74 -20.83 -35.59
C ARG M 264 -54.43 -21.86 -34.72
N LEU M 265 -53.75 -22.97 -34.44
CA LEU M 265 -54.35 -24.02 -33.63
C LEU M 265 -54.58 -23.59 -32.20
N GLU M 266 -53.85 -22.58 -31.72
CA GLU M 266 -54.13 -22.05 -30.40
C GLU M 266 -55.41 -21.21 -30.39
N HIS M 267 -55.70 -20.53 -31.49
CA HIS M 267 -56.97 -19.83 -31.62
C HIS M 267 -58.11 -20.78 -31.85
N THR M 268 -57.88 -21.86 -32.61
CA THR M 268 -58.91 -22.85 -32.83
C THR M 268 -59.32 -23.54 -31.54
N ILE M 269 -58.41 -23.68 -30.59
CA ILE M 269 -58.74 -24.35 -29.34
C ILE M 269 -59.61 -23.48 -28.45
N ASN M 270 -59.30 -22.18 -28.35
CA ASN M 270 -60.14 -21.30 -27.56
C ASN M 270 -61.54 -21.19 -28.15
N ASN M 271 -61.65 -21.19 -29.48
CA ASN M 271 -62.95 -21.09 -30.10
C ASN M 271 -63.73 -22.39 -29.99
N LEU M 272 -63.04 -23.53 -30.06
CA LEU M 272 -63.72 -24.81 -29.83
C LEU M 272 -64.14 -24.96 -28.38
N GLY M 273 -63.31 -24.50 -27.45
CA GLY M 273 -63.70 -24.53 -26.05
C GLY M 273 -64.84 -23.61 -25.72
N THR M 274 -64.87 -22.43 -26.32
CA THR M 274 -65.98 -21.50 -26.10
C THR M 274 -67.27 -22.04 -26.71
N SER M 275 -67.20 -22.71 -27.86
CA SER M 275 -68.39 -23.23 -28.48
C SER M 275 -68.94 -24.46 -27.79
N SER M 276 -68.16 -25.12 -26.94
CA SER M 276 -68.70 -26.22 -26.16
C SER M 276 -69.48 -25.70 -24.96
N GLU M 277 -68.96 -24.67 -24.28
CA GLU M 277 -69.70 -24.07 -23.18
C GLU M 277 -71.02 -23.48 -23.66
N ASN M 278 -70.98 -22.77 -24.77
CA ASN M 278 -72.20 -22.15 -25.28
C ASN M 278 -73.21 -23.19 -25.73
N LEU M 279 -72.75 -24.35 -26.18
CA LEU M 279 -73.66 -25.40 -26.56
C LEU M 279 -74.03 -26.31 -25.40
N THR M 280 -73.12 -26.51 -24.45
CA THR M 280 -73.46 -27.26 -23.25
C THR M 280 -74.54 -26.55 -22.47
N SER M 281 -74.40 -25.23 -22.30
CA SER M 281 -75.45 -24.46 -21.64
C SER M 281 -76.73 -24.47 -22.45
N ALA M 282 -76.61 -24.41 -23.78
CA ALA M 282 -77.80 -24.45 -24.62
C ALA M 282 -78.53 -25.77 -24.50
N GLU M 283 -77.78 -26.87 -24.44
CA GLU M 283 -78.41 -28.18 -24.33
C GLU M 283 -78.97 -28.44 -22.95
N SER M 284 -78.33 -27.87 -21.91
CA SER M 284 -78.83 -28.07 -20.55
C SER M 284 -80.21 -27.43 -20.39
N ARG M 285 -80.41 -26.24 -20.96
CA ARG M 285 -81.71 -25.60 -20.86
C ARG M 285 -82.79 -26.41 -21.56
N ILE M 286 -82.46 -27.05 -22.68
CA ILE M 286 -83.44 -27.85 -23.39
C ILE M 286 -83.71 -29.16 -22.67
N ARG M 287 -82.66 -29.80 -22.13
CA ARG M 287 -82.75 -31.16 -21.66
C ARG M 287 -82.86 -31.28 -20.15
N ASP M 288 -81.99 -30.60 -19.41
CA ASP M 288 -81.98 -30.74 -17.97
C ASP M 288 -83.23 -30.13 -17.35
N VAL M 289 -83.62 -30.66 -16.21
CA VAL M 289 -84.82 -30.22 -15.50
C VAL M 289 -84.42 -29.15 -14.49
N ASP M 290 -85.38 -28.30 -14.17
CA ASP M 290 -85.20 -27.31 -13.11
C ASP M 290 -85.61 -27.94 -11.80
N MET M 291 -84.62 -28.14 -10.90
CA MET M 291 -84.89 -28.86 -9.67
C MET M 291 -85.94 -28.16 -8.83
N ALA M 292 -85.85 -26.82 -8.74
CA ALA M 292 -86.81 -26.08 -7.93
C ALA M 292 -88.21 -26.16 -8.50
N SER M 293 -88.36 -25.87 -9.79
CA SER M 293 -89.67 -25.86 -10.41
C SER M 293 -90.29 -27.25 -10.53
N GLU M 294 -89.50 -28.30 -10.35
CA GLU M 294 -90.00 -29.66 -10.46
C GLU M 294 -90.30 -30.28 -9.10
N MET M 295 -89.48 -30.01 -8.10
CA MET M 295 -89.77 -30.47 -6.75
C MET M 295 -91.06 -29.84 -6.24
N MET M 296 -91.25 -28.55 -6.53
CA MET M 296 -92.48 -27.88 -6.14
C MET M 296 -93.69 -28.46 -6.85
N GLU M 297 -93.53 -28.90 -8.10
CA GLU M 297 -94.64 -29.50 -8.81
C GLU M 297 -94.88 -30.93 -8.35
N TYR M 298 -93.81 -31.65 -8.00
CA TYR M 298 -93.98 -33.01 -7.49
C TYR M 298 -94.77 -33.01 -6.19
N THR M 299 -94.46 -32.06 -5.30
CA THR M 299 -95.18 -31.98 -4.03
C THR M 299 -96.66 -31.70 -4.23
N LYS M 300 -97.00 -30.90 -5.25
CA LYS M 300 -98.41 -30.60 -5.50
C LYS M 300 -99.19 -31.85 -5.85
N ASN M 301 -98.74 -32.62 -6.84
CA ASN M 301 -99.43 -33.85 -7.20
C ASN M 301 -99.31 -34.88 -6.09
N ASN M 302 -98.29 -34.80 -5.26
CA ASN M 302 -98.18 -35.69 -4.12
C ASN M 302 -99.20 -35.35 -3.04
N ILE M 303 -99.77 -34.16 -3.08
CA ILE M 303 -100.84 -33.81 -2.17
C ILE M 303 -102.21 -34.07 -2.79
N LEU M 304 -102.36 -33.75 -4.06
CA LEU M 304 -103.62 -33.99 -4.76
C LEU M 304 -104.01 -35.46 -4.75
N THR M 305 -103.04 -36.37 -4.69
CA THR M 305 -103.35 -37.78 -4.57
C THR M 305 -103.76 -38.17 -3.16
N GLN M 306 -103.24 -37.48 -2.14
CA GLN M 306 -103.68 -37.73 -0.78
C GLN M 306 -105.05 -37.13 -0.53
N ALA M 307 -105.36 -36.00 -1.15
CA ALA M 307 -106.70 -35.44 -1.06
C ALA M 307 -107.72 -36.40 -1.68
N SER M 308 -107.39 -36.98 -2.83
CA SER M 308 -108.27 -37.97 -3.43
C SER M 308 -108.30 -39.25 -2.61
N GLN M 309 -107.16 -39.61 -2.01
CA GLN M 309 -107.13 -40.76 -1.11
C GLN M 309 -108.05 -40.56 0.08
N ALA M 310 -108.00 -39.36 0.67
CA ALA M 310 -108.83 -39.09 1.85
C ALA M 310 -110.31 -39.12 1.50
N MET M 311 -110.70 -38.56 0.37
CA MET M 311 -112.11 -38.52 0.00
C MET M 311 -112.60 -39.86 -0.53
N LEU M 312 -111.71 -40.71 -1.06
CA LEU M 312 -112.14 -42.04 -1.48
C LEU M 312 -112.61 -42.86 -0.29
N ALA M 313 -111.94 -42.72 0.85
CA ALA M 313 -112.36 -43.45 2.05
C ALA M 313 -113.76 -43.04 2.46
N GLN M 314 -114.06 -41.75 2.43
CA GLN M 314 -115.41 -41.30 2.79
C GLN M 314 -116.43 -41.68 1.73
N ALA M 315 -116.01 -41.73 0.46
CA ALA M 315 -116.93 -42.10 -0.60
C ALA M 315 -117.46 -43.51 -0.42
N ASN M 316 -116.66 -44.40 0.15
CA ASN M 316 -117.11 -45.76 0.41
C ASN M 316 -118.04 -45.84 1.62
N GLN M 317 -117.90 -44.90 2.57
CA GLN M 317 -118.73 -44.94 3.76
C GLN M 317 -120.16 -44.52 3.47
N GLN M 318 -120.36 -43.66 2.48
CA GLN M 318 -121.69 -43.15 2.18
C GLN M 318 -122.71 -44.22 1.84
N PRO M 319 -122.41 -45.23 1.00
CA PRO M 319 -123.41 -46.28 0.75
C PRO M 319 -123.73 -47.12 1.97
N GLN M 320 -122.89 -47.09 3.00
CA GLN M 320 -123.10 -47.94 4.18
C GLN M 320 -124.27 -47.49 5.03
N GLN M 321 -124.86 -46.32 4.78
CA GLN M 321 -125.90 -45.78 5.63
C GLN M 321 -127.29 -46.27 5.27
N VAL M 322 -127.45 -46.99 4.16
CA VAL M 322 -128.77 -47.51 3.81
C VAL M 322 -129.14 -48.73 4.62
N LEU M 323 -128.17 -49.37 5.27
CA LEU M 323 -128.46 -50.55 6.07
C LEU M 323 -129.33 -50.21 7.27
N GLN M 324 -129.05 -49.08 7.92
CA GLN M 324 -129.89 -48.64 9.04
C GLN M 324 -131.31 -48.33 8.61
N LEU M 325 -131.51 -47.96 7.35
CA LEU M 325 -132.84 -47.73 6.81
C LEU M 325 -133.53 -49.02 6.41
N LEU M 326 -132.75 -50.01 5.94
CA LEU M 326 -133.35 -51.25 5.44
C LEU M 326 -133.88 -52.13 6.56
N LYS M 327 -133.44 -51.91 7.80
CA LYS M 327 -133.95 -52.70 8.92
C LYS M 327 -135.15 -52.02 9.56
N MET N 1 -124.81 -69.45 3.28
CA MET N 1 -123.83 -69.06 4.30
C MET N 1 -123.37 -70.25 5.11
N ARG N 2 -122.17 -70.73 4.82
CA ARG N 2 -121.59 -71.85 5.54
C ARG N 2 -120.69 -71.33 6.65
N ILE N 3 -120.91 -71.84 7.86
CA ILE N 3 -120.29 -71.28 9.05
C ILE N 3 -119.11 -72.12 9.53
N ASN N 4 -119.18 -73.44 9.38
CA ASN N 4 -118.15 -74.31 9.91
C ASN N 4 -116.78 -74.10 9.27
N HIS N 5 -116.71 -73.41 8.14
CA HIS N 5 -115.44 -73.15 7.48
C HIS N 5 -115.50 -71.77 6.84
N ASN N 6 -114.48 -70.96 7.09
CA ASN N 6 -114.37 -69.63 6.52
C ASN N 6 -113.25 -69.67 5.49
N ILE N 7 -113.61 -70.04 4.25
CA ILE N 7 -112.60 -70.16 3.21
C ILE N 7 -112.02 -68.80 2.87
N ALA N 8 -112.80 -67.73 3.00
CA ALA N 8 -112.29 -66.40 2.76
C ALA N 8 -111.17 -66.05 3.74
N ALA N 9 -111.36 -66.37 5.01
CA ALA N 9 -110.32 -66.13 6.00
C ALA N 9 -109.19 -67.15 5.91
N LEU N 10 -109.51 -68.40 5.59
CA LEU N 10 -108.47 -69.41 5.45
C LEU N 10 -107.56 -69.10 4.27
N ASN N 11 -108.11 -68.57 3.17
CA ASN N 11 -107.29 -68.17 2.05
C ASN N 11 -106.44 -66.96 2.39
N THR N 12 -106.99 -66.00 3.13
CA THR N 12 -106.22 -64.83 3.51
C THR N 12 -105.09 -65.18 4.47
N SER N 13 -105.26 -66.23 5.27
CA SER N 13 -104.19 -66.64 6.18
C SER N 13 -102.96 -67.09 5.41
N ARG N 14 -103.16 -67.84 4.32
CA ARG N 14 -102.02 -68.30 3.54
C ARG N 14 -101.25 -67.14 2.92
N GLN N 15 -101.98 -66.15 2.39
CA GLN N 15 -101.31 -64.96 1.88
C GLN N 15 -100.65 -64.16 3.00
N LEU N 16 -101.20 -64.26 4.21
CA LEU N 16 -100.55 -63.63 5.35
C LEU N 16 -99.23 -64.33 5.69
N ASN N 17 -99.24 -65.66 5.71
CA ASN N 17 -97.98 -66.39 5.87
C ASN N 17 -97.33 -66.68 4.53
N ALA N 18 -97.28 -65.67 3.66
CA ALA N 18 -96.47 -65.71 2.46
C ALA N 18 -95.78 -64.39 2.16
N GLY N 19 -96.23 -63.28 2.76
CA GLY N 19 -95.56 -62.01 2.65
C GLY N 19 -94.73 -61.78 3.88
N SER N 20 -95.14 -62.40 4.99
CA SER N 20 -94.30 -62.39 6.19
C SER N 20 -93.01 -63.17 5.95
N ASN N 21 -93.11 -64.32 5.29
CA ASN N 21 -91.91 -65.08 4.96
C ASN N 21 -91.01 -64.30 4.02
N ALA N 22 -91.58 -63.65 3.01
CA ALA N 22 -90.79 -62.86 2.08
C ALA N 22 -90.14 -61.68 2.78
N ALA N 23 -90.86 -61.02 3.68
CA ALA N 23 -90.27 -59.91 4.43
C ALA N 23 -89.15 -60.40 5.34
N SER N 24 -89.33 -61.56 5.96
CA SER N 24 -88.26 -62.12 6.79
C SER N 24 -87.03 -62.42 5.96
N LYS N 25 -87.22 -62.99 4.77
CA LYS N 25 -86.08 -63.25 3.89
C LYS N 25 -85.42 -61.97 3.44
N ASN N 26 -86.21 -60.93 3.19
CA ASN N 26 -85.64 -59.65 2.77
C ASN N 26 -84.86 -58.99 3.89
N MET N 27 -85.31 -59.17 5.13
CA MET N 27 -84.63 -58.55 6.26
C MET N 27 -83.35 -59.29 6.62
N GLU N 28 -83.26 -60.58 6.30
CA GLU N 28 -81.98 -61.28 6.46
C GLU N 28 -80.92 -60.64 5.58
N LYS N 29 -81.26 -60.38 4.32
CA LYS N 29 -80.30 -59.77 3.41
C LYS N 29 -79.93 -58.36 3.86
N LEU N 30 -80.92 -57.60 4.31
CA LEU N 30 -80.67 -56.21 4.71
C LEU N 30 -79.77 -56.14 5.93
N SER N 31 -80.00 -57.02 6.91
CA SER N 31 -79.18 -57.00 8.12
C SER N 31 -77.75 -57.47 7.82
N SER N 32 -77.62 -58.59 7.13
CA SER N 32 -76.29 -59.14 6.87
C SER N 32 -75.56 -58.40 5.76
N GLY N 33 -76.29 -57.82 4.82
CA GLY N 33 -75.66 -57.19 3.68
C GLY N 33 -75.26 -58.14 2.58
N LEU N 34 -75.71 -59.39 2.62
CA LEU N 34 -75.34 -60.41 1.64
C LEU N 34 -76.57 -60.95 0.95
N ARG N 35 -76.48 -61.08 -0.38
CA ARG N 35 -77.55 -61.72 -1.13
C ARG N 35 -77.69 -63.19 -0.74
N ILE N 36 -76.57 -63.89 -0.64
CA ILE N 36 -76.55 -65.32 -0.43
C ILE N 36 -76.17 -65.57 1.02
N ASN N 37 -77.16 -65.79 1.87
CA ASN N 37 -76.93 -66.24 3.24
C ASN N 37 -76.95 -67.76 3.31
N ARG N 38 -78.06 -68.36 2.92
CA ARG N 38 -78.16 -69.79 2.76
C ARG N 38 -77.71 -70.20 1.36
N ALA N 39 -77.49 -71.49 1.18
CA ALA N 39 -77.13 -71.99 -0.14
C ALA N 39 -78.30 -72.07 -1.08
N GLY N 40 -79.53 -71.94 -0.58
CA GLY N 40 -80.70 -71.97 -1.43
C GLY N 40 -80.99 -70.69 -2.17
N ASP N 41 -80.35 -69.59 -1.79
CA ASP N 41 -80.52 -68.34 -2.51
C ASP N 41 -79.78 -68.35 -3.84
N ASP N 42 -78.59 -68.96 -3.89
CA ASP N 42 -77.88 -69.15 -5.14
C ASP N 42 -76.87 -70.28 -4.94
N ALA N 43 -77.13 -71.43 -5.55
CA ALA N 43 -76.19 -72.54 -5.45
C ALA N 43 -74.89 -72.22 -6.16
N ALA N 44 -74.98 -71.82 -7.42
CA ALA N 44 -73.79 -71.42 -8.16
C ALA N 44 -73.19 -70.13 -7.59
N GLY N 45 -74.04 -69.24 -7.07
CA GLY N 45 -73.52 -68.06 -6.41
C GLY N 45 -72.72 -68.40 -5.17
N LEU N 46 -73.22 -69.34 -4.38
CA LEU N 46 -72.45 -69.80 -3.22
C LEU N 46 -71.15 -70.45 -3.65
N ALA N 47 -71.18 -71.31 -4.67
CA ALA N 47 -69.98 -72.00 -5.10
C ALA N 47 -68.94 -71.02 -5.63
N ILE N 48 -69.35 -70.09 -6.48
CA ILE N 48 -68.42 -69.14 -7.08
C ILE N 48 -67.83 -68.23 -6.01
N SER N 49 -68.67 -67.80 -5.07
CA SER N 49 -68.23 -66.88 -4.03
C SER N 49 -67.09 -67.49 -3.21
N GLU N 50 -67.27 -68.71 -2.74
CA GLU N 50 -66.27 -69.34 -1.89
C GLU N 50 -64.95 -69.52 -2.62
N LYS N 51 -64.99 -69.93 -3.89
CA LYS N 51 -63.78 -69.94 -4.70
C LYS N 51 -63.17 -68.56 -4.75
N MET N 52 -64.02 -67.55 -4.97
CA MET N 52 -63.55 -66.18 -5.04
C MET N 52 -62.91 -65.71 -3.73
N ARG N 53 -63.61 -65.92 -2.61
CA ARG N 53 -63.07 -65.51 -1.32
C ARG N 53 -61.74 -66.18 -1.04
N SER N 54 -61.67 -67.49 -1.29
CA SER N 54 -60.44 -68.25 -1.12
C SER N 54 -59.31 -67.63 -1.93
N GLN N 55 -59.61 -67.24 -3.16
CA GLN N 55 -58.61 -66.63 -4.02
C GLN N 55 -58.23 -65.23 -3.54
N ILE N 56 -59.23 -64.44 -3.12
CA ILE N 56 -58.95 -63.08 -2.67
C ILE N 56 -58.11 -63.09 -1.40
N ARG N 57 -58.48 -63.93 -0.43
CA ARG N 57 -57.67 -64.03 0.77
C ARG N 57 -56.34 -64.71 0.51
N GLY N 58 -56.14 -65.29 -0.67
CA GLY N 58 -54.85 -65.84 -1.03
C GLY N 58 -53.97 -64.79 -1.68
N LEU N 59 -54.53 -63.99 -2.59
CA LEU N 59 -53.73 -62.96 -3.24
C LEU N 59 -53.35 -61.85 -2.28
N ASP N 60 -54.20 -61.54 -1.31
CA ASP N 60 -53.83 -60.52 -0.34
C ASP N 60 -52.81 -61.06 0.66
N MET N 61 -52.79 -62.36 0.88
CA MET N 61 -51.75 -62.97 1.70
C MET N 61 -50.50 -63.26 0.89
N ALA N 62 -50.64 -63.70 -0.36
CA ALA N 62 -49.49 -63.84 -1.23
C ALA N 62 -48.85 -62.51 -1.56
N SER N 63 -49.55 -61.40 -1.35
CA SER N 63 -48.93 -60.09 -1.43
C SER N 63 -48.10 -59.76 -0.21
N LYS N 64 -48.40 -60.39 0.93
CA LYS N 64 -47.51 -60.27 2.09
C LYS N 64 -46.24 -61.08 1.89
N ASN N 65 -46.37 -62.29 1.33
CA ASN N 65 -45.20 -63.10 1.05
C ASN N 65 -44.28 -62.40 0.06
N ALA N 66 -44.86 -61.79 -0.98
CA ALA N 66 -44.04 -61.06 -1.94
C ALA N 66 -43.32 -59.90 -1.27
N GLN N 67 -43.95 -59.26 -0.30
CA GLN N 67 -43.30 -58.16 0.40
C GLN N 67 -42.38 -58.63 1.51
N ASP N 68 -42.61 -59.81 2.08
CA ASP N 68 -41.65 -60.40 2.99
C ASP N 68 -40.45 -60.98 2.27
N GLY N 69 -40.52 -61.12 0.95
CA GLY N 69 -39.38 -61.52 0.16
C GLY N 69 -38.63 -60.30 -0.33
N ILE N 70 -39.34 -59.19 -0.50
CA ILE N 70 -38.68 -57.94 -0.82
C ILE N 70 -37.80 -57.49 0.33
N SER N 71 -38.27 -57.71 1.57
CA SER N 71 -37.47 -57.36 2.73
C SER N 71 -36.28 -58.29 2.88
N LEU N 72 -36.48 -59.59 2.63
CA LEU N 72 -35.37 -60.54 2.71
C LEU N 72 -34.30 -60.23 1.68
N ILE N 73 -34.69 -59.67 0.54
CA ILE N 73 -33.74 -59.38 -0.51
C ILE N 73 -33.07 -58.03 -0.31
N GLN N 74 -33.80 -57.05 0.22
CA GLN N 74 -33.19 -55.77 0.55
C GLN N 74 -32.11 -55.93 1.61
N THR N 75 -32.32 -56.85 2.55
CA THR N 75 -31.33 -57.10 3.58
C THR N 75 -30.04 -57.64 2.98
N SER N 76 -30.14 -58.56 2.02
CA SER N 76 -28.95 -59.16 1.44
C SER N 76 -28.16 -58.14 0.63
N GLU N 77 -28.83 -57.43 -0.27
CA GLU N 77 -28.11 -56.45 -1.08
C GLU N 77 -27.69 -55.26 -0.24
N GLY N 78 -28.43 -54.94 0.82
CA GLY N 78 -27.95 -53.94 1.75
C GLY N 78 -26.64 -54.35 2.40
N ALA N 79 -26.49 -55.64 2.68
CA ALA N 79 -25.23 -56.13 3.25
C ALA N 79 -24.12 -56.09 2.22
N LEU N 80 -24.39 -56.58 0.97
CA LEU N 80 -23.36 -56.52 -0.06
C LEU N 80 -23.04 -55.09 -0.47
N ASN N 81 -23.86 -54.12 -0.10
CA ASN N 81 -23.49 -52.74 -0.32
C ASN N 81 -22.20 -52.40 0.38
N GLU N 82 -21.91 -53.05 1.50
CA GLU N 82 -20.70 -52.78 2.24
C GLU N 82 -19.54 -53.66 1.84
N THR N 83 -19.80 -54.89 1.45
CA THR N 83 -18.73 -55.67 0.86
C THR N 83 -18.17 -54.98 -0.37
N HIS N 84 -18.94 -54.14 -1.02
CA HIS N 84 -18.37 -53.34 -2.10
C HIS N 84 -17.41 -52.30 -1.57
N SER N 85 -17.74 -51.64 -0.48
CA SER N 85 -16.88 -50.58 0.02
C SER N 85 -15.62 -51.15 0.64
N ILE N 86 -15.75 -52.28 1.27
CA ILE N 86 -14.56 -52.91 1.82
C ILE N 86 -13.65 -53.39 0.71
N LEU N 87 -14.23 -54.01 -0.31
CA LEU N 87 -13.43 -54.42 -1.46
C LEU N 87 -12.85 -53.22 -2.19
N GLN N 88 -13.53 -52.09 -2.15
CA GLN N 88 -13.02 -50.90 -2.81
C GLN N 88 -11.82 -50.33 -2.07
N ARG N 89 -11.92 -50.25 -0.74
CA ARG N 89 -10.78 -49.85 0.06
C ARG N 89 -9.67 -50.88 0.00
N MET N 90 -10.05 -52.16 -0.06
CA MET N 90 -9.06 -53.22 -0.13
C MET N 90 -8.27 -53.17 -1.41
N SER N 91 -8.75 -52.46 -2.42
CA SER N 91 -8.03 -52.31 -3.67
C SER N 91 -7.06 -51.14 -3.67
N GLU N 92 -7.29 -50.13 -2.83
CA GLU N 92 -6.29 -49.10 -2.64
C GLU N 92 -5.09 -49.64 -1.89
N LEU N 93 -5.30 -50.51 -0.92
CA LEU N 93 -4.17 -51.16 -0.28
C LEU N 93 -3.67 -52.33 -1.09
N ALA N 94 -3.58 -52.16 -2.40
CA ALA N 94 -2.76 -52.99 -3.26
C ALA N 94 -2.10 -52.19 -4.36
N THR N 95 -2.60 -50.99 -4.66
CA THR N 95 -1.89 -50.07 -5.52
C THR N 95 -0.84 -49.30 -4.73
N GLN N 96 -1.05 -49.15 -3.42
CA GLN N 96 -0.04 -48.56 -2.57
C GLN N 96 1.03 -49.56 -2.20
N ALA N 97 0.65 -50.81 -1.98
CA ALA N 97 1.60 -51.86 -1.64
C ALA N 97 2.43 -52.30 -2.84
N ALA N 98 1.97 -52.04 -4.06
CA ALA N 98 2.73 -52.41 -5.24
C ALA N 98 3.87 -51.45 -5.54
N ASN N 99 3.79 -50.22 -5.06
CA ASN N 99 4.89 -49.27 -5.25
C ASN N 99 6.12 -49.75 -4.50
N ASP N 100 7.29 -49.54 -5.09
CA ASP N 100 8.53 -50.06 -4.53
C ASP N 100 9.27 -49.03 -3.68
N THR N 101 8.66 -47.89 -3.41
CA THR N 101 9.17 -47.03 -2.34
C THR N 101 8.79 -47.55 -0.97
N ASN N 102 7.79 -48.41 -0.89
CA ASN N 102 7.48 -49.09 0.35
C ASN N 102 8.57 -50.10 0.69
N THR N 103 8.76 -50.31 1.99
CA THR N 103 9.62 -51.40 2.45
C THR N 103 8.74 -52.51 3.01
N ASP N 104 9.36 -53.65 3.28
CA ASP N 104 8.62 -54.77 3.85
C ASP N 104 8.06 -54.42 5.22
N SER N 105 8.73 -53.52 5.94
CA SER N 105 8.19 -53.03 7.20
C SER N 105 6.89 -52.27 6.99
N ASP N 106 6.67 -51.73 5.79
CA ASP N 106 5.47 -50.97 5.47
C ASP N 106 4.47 -51.74 4.63
N ARG N 107 4.91 -52.68 3.82
CA ARG N 107 3.97 -53.60 3.18
C ARG N 107 3.29 -54.46 4.22
N SER N 108 4.06 -55.02 5.15
CA SER N 108 3.47 -55.75 6.25
C SER N 108 2.67 -54.83 7.15
N GLU N 109 2.94 -53.53 7.06
CA GLU N 109 2.16 -52.56 7.81
C GLU N 109 0.78 -52.41 7.18
N LEU N 110 0.73 -52.39 5.85
CA LEU N 110 -0.54 -52.39 5.12
C LEU N 110 -1.28 -53.70 5.30
N GLN N 111 -0.55 -54.80 5.42
CA GLN N 111 -1.18 -56.11 5.57
C GLN N 111 -2.04 -56.17 6.83
N LYS N 112 -1.76 -55.32 7.81
CA LYS N 112 -2.57 -55.30 9.02
C LYS N 112 -4.00 -54.91 8.70
N GLU N 113 -4.19 -53.90 7.84
CA GLU N 113 -5.53 -53.55 7.41
C GLU N 113 -6.07 -54.51 6.37
N MET N 114 -5.19 -55.11 5.57
CA MET N 114 -5.59 -56.16 4.65
C MET N 114 -6.32 -57.28 5.38
N ASP N 115 -5.71 -57.78 6.46
CA ASP N 115 -6.31 -58.86 7.22
C ASP N 115 -7.52 -58.41 8.01
N GLN N 116 -7.62 -57.12 8.34
CA GLN N 116 -8.77 -56.63 9.08
C GLN N 116 -9.95 -56.33 8.17
N LEU N 117 -9.69 -55.91 6.93
CA LEU N 117 -10.76 -55.75 5.97
C LEU N 117 -11.29 -57.11 5.50
N ALA N 118 -10.38 -58.03 5.20
CA ALA N 118 -10.80 -59.36 4.77
C ALA N 118 -11.54 -60.11 5.87
N SER N 119 -11.26 -59.80 7.13
CA SER N 119 -11.99 -60.41 8.23
C SER N 119 -13.34 -59.78 8.47
N GLU N 120 -13.59 -58.60 7.91
CA GLU N 120 -14.90 -57.97 7.98
C GLU N 120 -15.80 -58.40 6.85
N VAL N 121 -15.23 -58.67 5.67
CA VAL N 121 -15.99 -59.26 4.59
C VAL N 121 -16.57 -60.60 5.02
N THR N 122 -15.78 -61.39 5.74
CA THR N 122 -16.29 -62.66 6.25
C THR N 122 -17.36 -62.46 7.31
N ARG N 123 -17.23 -61.43 8.13
CA ARG N 123 -18.23 -61.19 9.16
C ARG N 123 -19.58 -60.89 8.55
N ILE N 124 -19.62 -60.07 7.51
CA ILE N 124 -20.89 -59.71 6.89
C ILE N 124 -21.59 -60.94 6.34
N SER N 125 -20.83 -61.89 5.80
CA SER N 125 -21.43 -63.09 5.25
C SER N 125 -22.05 -63.94 6.36
N THR N 126 -21.32 -64.15 7.45
CA THR N 126 -21.80 -65.03 8.51
C THR N 126 -22.73 -64.33 9.49
N ASP N 127 -22.80 -63.00 9.48
CA ASP N 127 -23.65 -62.28 10.41
C ASP N 127 -24.94 -61.79 9.80
N THR N 128 -24.96 -61.49 8.50
CA THR N 128 -26.17 -61.02 7.87
C THR N 128 -27.26 -62.06 7.98
N GLU N 129 -28.33 -61.71 8.68
CA GLU N 129 -29.36 -62.68 9.03
C GLU N 129 -30.72 -62.01 9.01
N PHE N 130 -31.57 -62.45 8.10
CA PHE N 130 -32.97 -62.08 8.11
C PHE N 130 -33.76 -63.19 8.79
N ASN N 131 -34.65 -62.80 9.70
CA ASN N 131 -35.41 -63.76 10.50
C ASN N 131 -34.35 -64.54 11.24
N THR N 132 -34.24 -65.86 11.08
CA THR N 132 -33.13 -66.63 11.58
C THR N 132 -32.37 -67.36 10.48
N LYS N 133 -32.30 -66.73 9.31
CA LYS N 133 -31.69 -67.32 8.13
C LYS N 133 -30.42 -66.55 7.78
N LYS N 134 -29.31 -67.27 7.66
CA LYS N 134 -28.07 -66.67 7.20
C LYS N 134 -28.13 -66.59 5.68
N LEU N 135 -28.14 -65.36 5.15
CA LEU N 135 -28.39 -65.18 3.73
C LEU N 135 -27.13 -65.36 2.91
N LEU N 136 -26.03 -64.76 3.32
CA LEU N 136 -24.84 -64.67 2.49
C LEU N 136 -23.80 -65.74 2.78
N ASP N 137 -24.13 -66.76 3.58
CA ASP N 137 -23.18 -67.80 3.90
C ASP N 137 -23.35 -69.04 3.02
N GLY N 138 -24.12 -68.94 1.94
CA GLY N 138 -24.26 -70.04 1.03
C GLY N 138 -25.30 -71.06 1.41
N THR N 139 -26.03 -70.86 2.51
CA THR N 139 -27.07 -71.78 2.92
C THR N 139 -28.46 -71.36 2.45
N ALA N 140 -28.63 -70.10 2.06
CA ALA N 140 -29.92 -69.61 1.56
C ALA N 140 -30.02 -69.93 0.08
N GLN N 141 -30.40 -71.17 -0.20
CA GLN N 141 -30.57 -71.64 -1.56
C GLN N 141 -31.98 -72.19 -1.74
N ASN N 142 -32.52 -72.03 -2.95
CA ASN N 142 -33.85 -72.56 -3.28
C ASN N 142 -34.92 -71.90 -2.44
N LEU N 143 -34.71 -70.64 -2.06
CA LEU N 143 -35.71 -69.91 -1.31
C LEU N 143 -36.95 -69.71 -2.16
N THR N 144 -38.05 -70.32 -1.75
CA THR N 144 -39.28 -70.34 -2.51
C THR N 144 -40.27 -69.36 -1.89
N PHE N 145 -40.61 -68.32 -2.64
CA PHE N 145 -41.64 -67.37 -2.23
C PHE N 145 -42.94 -67.75 -2.91
N GLN N 146 -43.99 -67.97 -2.12
CA GLN N 146 -45.29 -68.28 -2.68
C GLN N 146 -45.93 -66.96 -3.10
N ILE N 147 -45.60 -66.51 -4.30
CA ILE N 147 -46.22 -65.32 -4.87
C ILE N 147 -47.41 -65.77 -5.71
N GLY N 148 -48.52 -66.02 -5.07
CA GLY N 148 -49.68 -66.56 -5.76
C GLY N 148 -50.50 -67.39 -4.78
N ALA N 149 -51.77 -67.54 -5.10
CA ALA N 149 -52.71 -68.18 -4.19
C ALA N 149 -52.83 -69.68 -4.40
N ASN N 150 -52.07 -70.27 -5.30
CA ASN N 150 -52.23 -71.67 -5.67
C ASN N 150 -50.88 -72.38 -5.63
N GLU N 151 -50.91 -73.67 -5.96
CA GLU N 151 -49.69 -74.43 -6.12
C GLU N 151 -48.82 -73.91 -7.25
N GLY N 152 -47.51 -74.06 -7.09
CA GLY N 152 -46.58 -73.79 -8.15
C GLY N 152 -46.50 -72.34 -8.57
N GLN N 153 -47.17 -71.45 -7.85
CA GLN N 153 -47.08 -70.02 -8.13
C GLN N 153 -45.99 -69.40 -7.25
N THR N 154 -44.79 -69.93 -7.43
CA THR N 154 -43.65 -69.62 -6.59
C THR N 154 -42.54 -69.01 -7.42
N MET N 155 -41.55 -68.47 -6.72
CA MET N 155 -40.31 -68.00 -7.32
C MET N 155 -39.15 -68.49 -6.46
N SER N 156 -38.14 -69.05 -7.11
CA SER N 156 -36.97 -69.51 -6.38
C SER N 156 -35.92 -68.42 -6.33
N LEU N 157 -34.91 -68.64 -5.48
CA LEU N 157 -33.81 -67.69 -5.33
C LEU N 157 -32.66 -68.40 -4.66
N SER N 158 -31.44 -68.08 -5.08
CA SER N 158 -30.26 -68.71 -4.49
C SER N 158 -29.17 -67.65 -4.40
N ILE N 159 -28.81 -67.27 -3.18
CA ILE N 159 -27.72 -66.34 -2.95
C ILE N 159 -26.46 -67.14 -2.67
N ASN N 160 -25.40 -66.85 -3.41
CA ASN N 160 -24.17 -67.59 -3.25
C ASN N 160 -23.41 -67.13 -2.02
N LYS N 161 -22.44 -67.94 -1.60
CA LYS N 161 -21.60 -67.59 -0.48
C LYS N 161 -20.71 -66.42 -0.86
N MET N 162 -20.75 -65.34 -0.07
CA MET N 162 -20.09 -64.09 -0.41
C MET N 162 -19.15 -63.65 0.70
N ASP N 163 -18.33 -64.58 1.18
CA ASP N 163 -17.31 -64.29 2.16
C ASP N 163 -15.95 -64.20 1.48
N SER N 164 -14.95 -63.82 2.26
CA SER N 164 -13.63 -63.58 1.70
C SER N 164 -13.04 -64.85 1.10
N GLU N 165 -13.33 -66.00 1.70
CA GLU N 165 -12.84 -67.27 1.16
C GLU N 165 -13.41 -67.52 -0.23
N SER N 166 -14.71 -67.24 -0.42
CA SER N 166 -15.34 -67.50 -1.71
C SER N 166 -14.89 -66.49 -2.76
N LEU N 167 -14.77 -65.22 -2.39
CA LEU N 167 -14.27 -64.22 -3.32
C LEU N 167 -12.77 -64.31 -3.53
N LYS N 168 -12.08 -65.16 -2.77
CA LYS N 168 -10.64 -65.38 -2.86
C LYS N 168 -9.83 -64.16 -2.47
N VAL N 169 -10.40 -63.28 -1.64
CA VAL N 169 -9.67 -62.14 -1.11
C VAL N 169 -9.20 -62.40 0.32
N GLY N 170 -9.21 -63.65 0.76
CA GLY N 170 -8.81 -63.96 2.11
C GLY N 170 -8.81 -65.46 2.31
N THR N 171 -8.55 -65.86 3.54
CA THR N 171 -8.59 -67.27 3.91
C THR N 171 -8.85 -67.38 5.40
N THR N 172 -9.66 -68.35 5.78
CA THR N 172 -10.13 -68.47 7.16
C THR N 172 -9.55 -69.73 7.77
N TYR N 173 -8.67 -69.55 8.74
CA TYR N 173 -8.15 -70.66 9.54
C TYR N 173 -9.03 -70.85 10.75
N THR N 174 -9.26 -72.11 11.12
CA THR N 174 -9.99 -72.42 12.34
C THR N 174 -9.05 -73.18 13.27
N ALA N 175 -9.25 -72.98 14.57
CA ALA N 175 -8.38 -73.55 15.58
C ALA N 175 -8.79 -74.99 15.88
N ASN N 176 -7.81 -75.88 15.87
CA ASN N 176 -8.08 -77.27 16.20
C ASN N 176 -8.47 -77.38 17.68
N ASP N 177 -8.86 -78.60 18.07
CA ASP N 177 -9.44 -78.79 19.39
C ASP N 177 -8.48 -78.39 20.52
N ASP N 178 -7.22 -78.79 20.40
CA ASP N 178 -6.19 -78.41 21.37
C ASP N 178 -5.74 -76.96 21.19
N GLY N 179 -5.77 -76.46 19.96
CA GLY N 179 -5.30 -75.11 19.67
C GLY N 179 -3.84 -75.07 19.30
N SER N 180 -3.27 -76.24 19.00
CA SER N 180 -1.87 -76.29 18.61
C SER N 180 -1.67 -75.74 17.20
N LYS N 181 -2.56 -76.07 16.28
CA LYS N 181 -2.40 -75.73 14.88
C LYS N 181 -3.69 -75.15 14.34
N LEU N 182 -3.61 -73.95 13.78
CA LEU N 182 -4.75 -73.37 13.07
C LEU N 182 -4.95 -74.10 11.76
N VAL N 183 -6.18 -74.51 11.51
CA VAL N 183 -6.52 -75.33 10.35
C VAL N 183 -7.52 -74.58 9.50
N THR N 184 -7.23 -74.43 8.22
CA THR N 184 -8.20 -73.90 7.29
C THR N 184 -8.90 -75.04 6.55
N ALA N 185 -10.01 -74.71 5.91
CA ALA N 185 -10.59 -75.65 4.96
C ALA N 185 -9.63 -75.85 3.80
N ASP N 186 -9.59 -77.07 3.28
CA ASP N 186 -8.57 -77.64 2.40
C ASP N 186 -7.34 -78.02 3.24
N GLY N 187 -7.29 -77.62 4.51
CA GLY N 187 -6.26 -78.13 5.40
C GLY N 187 -4.88 -77.56 5.22
N LYS N 188 -4.70 -76.28 5.49
CA LYS N 188 -3.39 -75.65 5.56
C LYS N 188 -3.05 -75.41 7.03
N GLU N 189 -1.94 -75.98 7.48
CA GLU N 189 -1.61 -76.02 8.89
C GLU N 189 -0.90 -74.74 9.32
N ALA N 190 -1.07 -74.40 10.60
CA ALA N 190 -0.38 -73.26 11.18
C ALA N 190 -0.11 -73.58 12.64
N THR N 191 1.07 -74.10 12.93
CA THR N 191 1.39 -74.57 14.27
C THR N 191 1.81 -73.42 15.18
N LEU N 192 1.57 -73.62 16.48
CA LEU N 192 1.87 -72.61 17.48
C LEU N 192 3.30 -72.66 18.01
N VAL N 193 3.80 -71.48 18.41
CA VAL N 193 5.16 -71.22 18.90
C VAL N 193 6.30 -71.80 18.08
N THR N 194 6.25 -71.59 16.76
CA THR N 194 7.21 -72.21 15.85
C THR N 194 8.04 -71.23 15.02
N LYS N 198 12.75 -70.13 17.10
CA LYS N 198 11.60 -69.61 17.83
C LYS N 198 11.07 -68.36 17.17
N GLY N 199 11.85 -67.28 17.23
CA GLY N 199 11.47 -66.03 16.61
C GLY N 199 10.28 -65.40 17.30
N PRO N 200 9.67 -64.40 16.68
CA PRO N 200 8.44 -63.81 17.23
C PRO N 200 7.36 -64.87 17.38
N ASN N 201 6.56 -64.73 18.42
CA ASN N 201 5.66 -65.79 18.85
C ASN N 201 4.32 -65.69 18.14
N GLY N 202 3.83 -66.83 17.64
CA GLY N 202 2.56 -66.89 16.97
C GLY N 202 2.39 -68.22 16.26
N TYR N 203 1.30 -68.31 15.49
CA TYR N 203 0.97 -69.52 14.74
C TYR N 203 1.71 -69.48 13.42
N TYR N 204 2.84 -70.17 13.36
CA TYR N 204 3.63 -70.13 12.14
C TYR N 204 3.13 -71.17 11.14
N ASP N 205 3.50 -70.97 9.88
CA ASP N 205 3.09 -71.76 8.75
C ASP N 205 4.30 -72.59 8.31
N ASP N 206 4.13 -73.42 7.29
CA ASP N 206 5.19 -74.31 6.82
C ASP N 206 6.31 -73.58 6.10
N ALA N 207 6.25 -72.25 6.03
CA ALA N 207 7.29 -71.47 5.39
C ALA N 207 7.84 -70.36 6.28
N ASP N 208 7.57 -70.46 7.59
CA ASP N 208 8.10 -69.57 8.63
C ASP N 208 7.36 -68.23 8.53
N LYS N 209 6.49 -68.09 7.54
CA LYS N 209 5.64 -66.90 7.47
C LYS N 209 4.65 -66.95 8.62
N LEU N 210 4.73 -65.96 9.52
CA LEU N 210 3.77 -65.85 10.59
C LEU N 210 2.36 -65.69 10.03
N VAL N 211 1.42 -66.45 10.58
CA VAL N 211 0.03 -66.39 10.17
C VAL N 211 -0.79 -65.59 11.17
N TYR N 212 -0.71 -65.95 12.45
CA TYR N 212 -1.40 -65.23 13.51
C TYR N 212 -0.40 -64.84 14.59
N GLN N 213 -0.63 -63.67 15.18
CA GLN N 213 0.22 -63.17 16.24
C GLN N 213 -0.47 -63.42 17.58
N ALA N 214 -0.08 -64.51 18.24
CA ALA N 214 -0.58 -64.81 19.56
C ALA N 214 0.46 -65.63 20.30
N ASP N 215 0.59 -65.37 21.60
CA ASP N 215 1.52 -66.11 22.44
C ASP N 215 0.86 -67.23 23.21
N SER N 216 -0.39 -67.07 23.62
CA SER N 216 -1.15 -68.16 24.21
C SER N 216 -1.70 -69.06 23.11
N ALA N 217 -2.61 -69.96 23.47
CA ALA N 217 -3.22 -70.85 22.49
C ALA N 217 -4.66 -70.41 22.30
N LEU N 218 -5.07 -70.29 21.05
CA LEU N 218 -6.45 -69.90 20.75
C LEU N 218 -7.42 -70.95 21.27
N ALA N 219 -8.65 -70.51 21.54
CA ALA N 219 -9.68 -71.40 22.04
C ALA N 219 -10.13 -72.35 20.95
N LYS N 220 -11.13 -73.18 21.24
CA LYS N 220 -11.59 -74.21 20.32
C LYS N 220 -12.58 -73.60 19.33
N ASP N 221 -12.41 -73.92 18.06
CA ASP N 221 -13.24 -73.40 16.98
C ASP N 221 -13.27 -71.87 16.95
N THR N 222 -12.11 -71.25 17.13
CA THR N 222 -11.98 -69.82 16.91
C THR N 222 -11.41 -69.60 15.52
N LYS N 223 -12.16 -68.88 14.69
CA LYS N 223 -11.75 -68.63 13.32
C LYS N 223 -10.95 -67.34 13.24
N VAL N 224 -9.89 -67.36 12.44
CA VAL N 224 -9.14 -66.16 12.11
C VAL N 224 -9.14 -66.03 10.59
N THR N 225 -9.27 -64.81 10.10
CA THR N 225 -9.26 -64.54 8.67
C THR N 225 -8.02 -63.74 8.33
N LYS N 226 -7.33 -64.17 7.29
CA LYS N 226 -6.06 -63.58 6.88
C LYS N 226 -6.21 -63.10 5.44
N GLY N 227 -5.91 -61.83 5.21
CA GLY N 227 -6.13 -61.25 3.90
C GLY N 227 -5.21 -61.83 2.85
N ILE N 228 -5.51 -61.48 1.59
CA ILE N 228 -4.68 -61.94 0.50
C ILE N 228 -3.30 -61.30 0.61
N ASP N 229 -2.28 -62.02 0.15
CA ASP N 229 -0.90 -61.62 0.36
C ASP N 229 -0.58 -60.40 -0.49
N ILE N 230 -0.26 -59.28 0.18
CA ILE N 230 0.25 -58.09 -0.49
C ILE N 230 1.59 -57.64 0.09
N SER N 231 2.06 -58.29 1.15
CA SER N 231 3.24 -57.81 1.88
C SER N 231 4.51 -58.58 1.54
N SER N 232 4.41 -59.70 0.83
CA SER N 232 5.62 -60.47 0.54
C SER N 232 6.50 -59.81 -0.50
N SER N 233 5.92 -59.04 -1.42
CA SER N 233 6.68 -58.44 -2.50
C SER N 233 5.81 -57.41 -3.20
N ALA N 234 6.41 -56.66 -4.12
CA ALA N 234 5.63 -55.79 -4.98
C ALA N 234 4.92 -56.58 -6.07
N LYS N 235 5.52 -57.67 -6.54
CA LYS N 235 4.86 -58.53 -7.50
C LYS N 235 3.61 -59.15 -6.92
N ALA N 236 3.68 -59.59 -5.66
CA ALA N 236 2.53 -60.20 -5.02
C ALA N 236 1.40 -59.19 -4.86
N ALA N 237 1.73 -57.95 -4.49
CA ALA N 237 0.71 -56.93 -4.34
C ALA N 237 0.03 -56.63 -5.66
N SER N 238 0.79 -56.59 -6.75
CA SER N 238 0.18 -56.42 -8.07
C SER N 238 -0.70 -57.60 -8.41
N SER N 239 -0.28 -58.82 -8.07
CA SER N 239 -1.10 -60.00 -8.34
C SER N 239 -2.43 -59.91 -7.62
N ALA N 240 -2.41 -59.44 -6.37
CA ALA N 240 -3.65 -59.27 -5.61
C ALA N 240 -4.57 -58.23 -6.23
N LEU N 241 -4.07 -57.37 -7.11
CA LEU N 241 -4.91 -56.34 -7.70
C LEU N 241 -6.00 -56.95 -8.58
N THR N 242 -5.63 -57.91 -9.44
CA THR N 242 -6.64 -58.56 -10.27
C THR N 242 -7.58 -59.42 -9.42
N THR N 243 -7.05 -60.07 -8.40
CA THR N 243 -7.91 -60.88 -7.53
C THR N 243 -8.95 -60.01 -6.85
N ILE N 244 -8.55 -58.83 -6.39
CA ILE N 244 -9.51 -57.95 -5.74
C ILE N 244 -10.49 -57.37 -6.75
N LYS N 245 -10.01 -56.93 -7.90
CA LYS N 245 -10.90 -56.32 -8.87
C LYS N 245 -11.85 -57.34 -9.49
N THR N 246 -11.49 -58.62 -9.47
CA THR N 246 -12.41 -59.66 -9.88
C THR N 246 -13.46 -59.90 -8.82
N ALA N 247 -13.07 -59.84 -7.55
CA ALA N 247 -14.03 -60.00 -6.47
C ALA N 247 -15.10 -58.92 -6.52
N ILE N 248 -14.72 -57.69 -6.88
CA ILE N 248 -15.70 -56.64 -7.08
C ILE N 248 -16.65 -57.01 -8.21
N ASP N 249 -16.17 -57.77 -9.18
CA ASP N 249 -17.03 -58.17 -10.30
C ASP N 249 -18.03 -59.23 -9.89
N THR N 250 -17.62 -60.20 -9.08
CA THR N 250 -18.53 -61.24 -8.63
C THR N 250 -19.40 -60.80 -7.48
N VAL N 251 -19.16 -59.62 -6.92
CA VAL N 251 -20.11 -59.03 -5.98
C VAL N 251 -21.15 -58.21 -6.72
N SER N 252 -20.72 -57.46 -7.73
CA SER N 252 -21.68 -56.75 -8.57
C SER N 252 -22.64 -57.70 -9.27
N SER N 253 -22.16 -58.88 -9.65
CA SER N 253 -23.05 -59.88 -10.25
C SER N 253 -24.08 -60.35 -9.24
N GLU N 254 -23.69 -60.56 -7.99
CA GLU N 254 -24.64 -61.01 -6.98
C GLU N 254 -25.63 -59.91 -6.63
N ARG N 255 -25.17 -58.66 -6.56
CA ARG N 255 -26.06 -57.58 -6.17
C ARG N 255 -27.19 -57.37 -7.17
N ALA N 256 -26.91 -57.48 -8.46
CA ALA N 256 -27.97 -57.31 -9.45
C ALA N 256 -28.69 -58.60 -9.79
N LYS N 257 -28.17 -59.75 -9.37
CA LYS N 257 -29.02 -60.94 -9.32
C LYS N 257 -30.08 -60.82 -8.27
N LEU N 258 -29.85 -59.99 -7.25
CA LEU N 258 -30.83 -59.71 -6.22
C LEU N 258 -31.62 -58.46 -6.48
N GLY N 259 -31.09 -57.53 -7.28
CA GLY N 259 -31.85 -56.36 -7.66
C GLY N 259 -32.82 -56.69 -8.76
N ALA N 260 -32.49 -57.72 -9.55
CA ALA N 260 -33.41 -58.17 -10.59
C ALA N 260 -34.63 -58.84 -9.98
N VAL N 261 -34.42 -59.65 -8.94
CA VAL N 261 -35.55 -60.30 -8.28
C VAL N 261 -36.41 -59.29 -7.58
N GLN N 262 -35.80 -58.27 -6.97
CA GLN N 262 -36.58 -57.26 -6.26
C GLN N 262 -37.41 -56.43 -7.22
N ASN N 263 -36.87 -56.11 -8.40
CA ASN N 263 -37.66 -55.42 -9.40
C ASN N 263 -38.84 -56.26 -9.85
N ARG N 264 -38.63 -57.56 -10.04
CA ARG N 264 -39.73 -58.44 -10.40
C ARG N 264 -40.79 -58.49 -9.31
N LEU N 265 -40.36 -58.60 -8.06
CA LEU N 265 -41.30 -58.66 -6.96
C LEU N 265 -42.08 -57.38 -6.78
N GLU N 266 -41.56 -56.25 -7.25
CA GLU N 266 -42.32 -55.01 -7.22
C GLU N 266 -43.42 -55.02 -8.27
N HIS N 267 -43.19 -55.66 -9.41
CA HIS N 267 -44.24 -55.82 -10.41
C HIS N 267 -45.25 -56.88 -9.96
N THR N 268 -44.78 -57.93 -9.31
CA THR N 268 -45.70 -58.95 -8.80
C THR N 268 -46.65 -58.39 -7.76
N ILE N 269 -46.23 -57.40 -6.99
CA ILE N 269 -47.09 -56.84 -5.96
C ILE N 269 -48.19 -55.98 -6.57
N ASN N 270 -47.87 -55.16 -7.55
CA ASN N 270 -48.89 -54.36 -8.21
C ASN N 270 -49.91 -55.26 -8.92
N ASN N 271 -49.46 -56.35 -9.51
CA ASN N 271 -50.38 -57.24 -10.20
C ASN N 271 -51.21 -58.04 -9.23
N LEU N 272 -50.64 -58.44 -8.09
CA LEU N 272 -51.43 -59.11 -7.07
C LEU N 272 -52.42 -58.17 -6.42
N GLY N 273 -52.03 -56.90 -6.21
CA GLY N 273 -52.96 -55.93 -5.68
C GLY N 273 -54.08 -55.59 -6.63
N THR N 274 -53.77 -55.50 -7.93
CA THR N 274 -54.82 -55.24 -8.91
C THR N 274 -55.77 -56.40 -9.05
N SER N 275 -55.28 -57.64 -8.94
CA SER N 275 -56.13 -58.80 -9.06
C SER N 275 -56.99 -59.03 -7.83
N SER N 276 -56.67 -58.42 -6.70
CA SER N 276 -57.57 -58.51 -5.55
C SER N 276 -58.74 -57.55 -5.69
N GLU N 277 -58.49 -56.33 -6.16
CA GLU N 277 -59.58 -55.39 -6.40
C GLU N 277 -60.53 -55.92 -7.45
N ASN N 278 -59.99 -56.46 -8.54
CA ASN N 278 -60.85 -56.95 -9.61
C ASN N 278 -61.64 -58.16 -9.17
N LEU N 279 -61.11 -58.94 -8.23
CA LEU N 279 -61.85 -60.08 -7.71
C LEU N 279 -62.73 -59.72 -6.53
N THR N 280 -62.30 -58.75 -5.71
CA THR N 280 -63.16 -58.28 -4.64
C THR N 280 -64.43 -57.65 -5.20
N SER N 281 -64.27 -56.83 -6.23
CA SER N 281 -65.45 -56.26 -6.88
C SER N 281 -66.27 -57.34 -7.56
N ALA N 282 -65.62 -58.34 -8.15
CA ALA N 282 -66.34 -59.42 -8.78
C ALA N 282 -67.14 -60.23 -7.77
N GLU N 283 -66.56 -60.47 -6.60
CA GLU N 283 -67.26 -61.24 -5.58
C GLU N 283 -68.36 -60.44 -4.91
N SER N 284 -68.18 -59.13 -4.79
CA SER N 284 -69.22 -58.30 -4.17
C SER N 284 -70.48 -58.30 -5.01
N ARG N 285 -70.35 -58.24 -6.34
CA ARG N 285 -71.54 -58.28 -7.18
C ARG N 285 -72.28 -59.60 -7.05
N ILE N 286 -71.55 -60.70 -6.89
CA ILE N 286 -72.19 -62.00 -6.76
C ILE N 286 -72.82 -62.16 -5.39
N ARG N 287 -72.13 -61.70 -4.34
CA ARG N 287 -72.51 -62.03 -2.98
C ARG N 287 -73.24 -60.91 -2.25
N ASP N 288 -72.71 -59.69 -2.31
CA ASP N 288 -73.31 -58.60 -1.56
C ASP N 288 -74.66 -58.21 -2.14
N VAL N 289 -75.52 -57.69 -1.30
CA VAL N 289 -76.87 -57.30 -1.69
C VAL N 289 -76.87 -55.83 -2.08
N ASP N 290 -77.82 -55.46 -2.92
CA ASP N 290 -78.02 -54.06 -3.28
C ASP N 290 -78.98 -53.46 -2.27
N MET N 291 -78.47 -52.51 -1.47
CA MET N 291 -79.27 -51.96 -0.38
C MET N 291 -80.53 -51.29 -0.90
N ALA N 292 -80.40 -50.53 -1.99
CA ALA N 292 -81.56 -49.82 -2.54
C ALA N 292 -82.59 -50.79 -3.08
N SER N 293 -82.17 -51.74 -3.92
CA SER N 293 -83.11 -52.66 -4.53
C SER N 293 -83.71 -53.65 -3.55
N GLU N 294 -83.14 -53.76 -2.35
CA GLU N 294 -83.63 -54.69 -1.34
C GLU N 294 -84.51 -54.02 -0.31
N MET N 295 -84.16 -52.80 0.10
CA MET N 295 -85.02 -52.05 1.00
C MET N 295 -86.36 -51.75 0.34
N MET N 296 -86.32 -51.41 -0.95
CA MET N 296 -87.56 -51.16 -1.68
C MET N 296 -88.40 -52.43 -1.80
N GLU N 297 -87.76 -53.59 -1.90
CA GLU N 297 -88.52 -54.83 -1.98
C GLU N 297 -89.02 -55.26 -0.61
N TYR N 298 -88.25 -54.97 0.45
CA TYR N 298 -88.70 -55.30 1.80
C TYR N 298 -89.95 -54.51 2.14
N THR N 299 -89.99 -53.23 1.79
CA THR N 299 -91.16 -52.41 2.08
C THR N 299 -92.40 -52.92 1.36
N LYS N 300 -92.23 -53.45 0.15
CA LYS N 300 -93.39 -53.97 -0.58
C LYS N 300 -94.04 -55.14 0.16
N ASN N 301 -93.25 -56.16 0.50
CA ASN N 301 -93.82 -57.28 1.25
C ASN N 301 -94.25 -56.88 2.64
N ASN N 302 -93.65 -55.82 3.20
CA ASN N 302 -94.09 -55.32 4.48
C ASN N 302 -95.43 -54.62 4.38
N ILE N 303 -95.86 -54.25 3.19
CA ILE N 303 -97.20 -53.69 3.00
C ILE N 303 -98.19 -54.78 2.60
N LEU N 304 -97.78 -55.70 1.74
CA LEU N 304 -98.65 -56.79 1.33
C LEU N 304 -99.10 -57.64 2.50
N THR N 305 -98.29 -57.72 3.56
CA THR N 305 -98.72 -58.43 4.76
C THR N 305 -99.70 -57.62 5.59
N GLN N 306 -99.61 -56.29 5.58
CA GLN N 306 -100.59 -55.47 6.26
C GLN N 306 -101.91 -55.42 5.49
N ALA N 307 -101.84 -55.47 4.16
CA ALA N 307 -103.08 -55.57 3.37
C ALA N 307 -103.80 -56.87 3.67
N SER N 308 -103.07 -57.97 3.76
CA SER N 308 -103.67 -59.24 4.14
C SER N 308 -104.12 -59.23 5.59
N GLN N 309 -103.37 -58.54 6.45
CA GLN N 309 -103.78 -58.39 7.84
C GLN N 309 -105.10 -57.63 7.94
N ALA N 310 -105.23 -56.55 7.18
CA ALA N 310 -106.45 -55.75 7.23
C ALA N 310 -107.65 -56.53 6.73
N MET N 311 -107.49 -57.29 5.65
CA MET N 311 -108.61 -58.05 5.10
C MET N 311 -108.93 -59.29 5.90
N LEU N 312 -107.97 -59.84 6.64
CA LEU N 312 -108.25 -60.98 7.49
C LEU N 312 -109.23 -60.58 8.60
N ALA N 313 -109.08 -59.38 9.14
CA ALA N 313 -110.01 -58.92 10.17
C ALA N 313 -111.43 -58.85 9.64
N GLN N 314 -111.60 -58.34 8.43
CA GLN N 314 -112.95 -58.27 7.84
C GLN N 314 -113.45 -59.65 7.46
N ALA N 315 -112.55 -60.55 7.06
CA ALA N 315 -112.97 -61.89 6.69
C ALA N 315 -113.62 -62.62 7.86
N ASN N 316 -113.19 -62.34 9.08
CA ASN N 316 -113.80 -62.96 10.25
C ASN N 316 -115.14 -62.33 10.60
N GLN N 317 -115.35 -61.07 10.23
CA GLN N 317 -116.60 -60.39 10.56
C GLN N 317 -117.76 -60.89 9.70
N GLN N 318 -117.46 -61.33 8.48
CA GLN N 318 -118.51 -61.76 7.56
C GLN N 318 -119.36 -62.91 8.09
N PRO N 319 -118.82 -63.98 8.67
CA PRO N 319 -119.69 -65.03 9.21
C PRO N 319 -120.54 -64.57 10.39
N GLN N 320 -120.21 -63.46 11.02
CA GLN N 320 -120.94 -62.99 12.20
C GLN N 320 -122.33 -62.48 11.88
N GLN N 321 -122.67 -62.30 10.61
CA GLN N 321 -123.94 -61.69 10.23
C GLN N 321 -125.09 -62.69 10.15
N VAL N 322 -124.81 -64.00 10.25
CA VAL N 322 -125.90 -64.97 10.21
C VAL N 322 -126.65 -65.04 11.52
N LEU N 323 -126.08 -64.52 12.60
CA LEU N 323 -126.76 -64.56 13.90
C LEU N 323 -128.02 -63.72 13.89
N GLN N 324 -127.97 -62.54 13.25
CA GLN N 324 -129.16 -61.71 13.15
C GLN N 324 -130.25 -62.36 12.32
N LEU N 325 -129.88 -63.26 11.41
CA LEU N 325 -130.85 -64.01 10.63
C LEU N 325 -131.39 -65.22 11.40
N LEU N 326 -130.56 -65.82 12.26
CA LEU N 326 -130.97 -67.02 12.97
C LEU N 326 -131.99 -66.75 14.07
N LYS N 327 -132.08 -65.51 14.53
CA LYS N 327 -133.06 -65.15 15.55
C LYS N 327 -134.37 -64.70 14.93
N MET O 1 -123.51 -74.96 30.00
CA MET O 1 -123.02 -73.63 30.34
C MET O 1 -123.02 -73.42 31.85
N ARG O 2 -121.84 -73.49 32.45
CA ARG O 2 -121.69 -73.28 33.88
C ARG O 2 -121.30 -71.83 34.14
N ILE O 3 -122.03 -71.18 35.04
CA ILE O 3 -121.93 -69.75 35.23
C ILE O 3 -121.11 -69.39 36.46
N ASN O 4 -121.20 -70.19 37.52
CA ASN O 4 -120.54 -69.85 38.77
C ASN O 4 -119.03 -69.81 38.66
N HIS O 5 -118.45 -70.36 37.60
CA HIS O 5 -117.01 -70.33 37.43
C HIS O 5 -116.69 -70.18 35.94
N ASN O 6 -115.82 -69.24 35.61
CA ASN O 6 -115.40 -68.99 34.24
C ASN O 6 -113.96 -69.47 34.12
N ILE O 7 -113.79 -70.76 33.82
CA ILE O 7 -112.45 -71.32 33.73
C ILE O 7 -111.69 -70.73 32.57
N ALA O 8 -112.40 -70.35 31.49
CA ALA O 8 -111.73 -69.72 30.37
C ALA O 8 -111.10 -68.39 30.78
N ALA O 9 -111.82 -67.59 31.55
CA ALA O 9 -111.27 -66.33 32.03
C ALA O 9 -110.28 -66.53 33.17
N LEU O 10 -110.52 -67.52 34.03
CA LEU O 10 -109.59 -67.78 35.11
C LEU O 10 -108.24 -68.29 34.58
N ASN O 11 -108.27 -69.08 33.50
CA ASN O 11 -107.02 -69.51 32.88
C ASN O 11 -106.31 -68.36 32.20
N THR O 12 -107.06 -67.47 31.55
CA THR O 12 -106.45 -66.31 30.89
C THR O 12 -105.84 -65.35 31.90
N SER O 13 -106.39 -65.29 33.11
CA SER O 13 -105.83 -64.41 34.13
C SER O 13 -104.41 -64.84 34.51
N ARG O 14 -104.19 -66.15 34.64
CA ARG O 14 -102.86 -66.63 35.01
C ARG O 14 -101.84 -66.29 33.93
N GLN O 15 -102.21 -66.47 32.66
CA GLN O 15 -101.31 -66.07 31.58
C GLN O 15 -101.14 -64.55 31.54
N LEU O 16 -102.13 -63.81 32.00
CA LEU O 16 -101.98 -62.36 32.11
C LEU O 16 -100.97 -62.01 33.20
N ASN O 17 -101.07 -62.64 34.37
CA ASN O 17 -100.05 -62.48 35.39
C ASN O 17 -98.93 -63.48 35.23
N ALA O 18 -98.45 -63.66 34.00
CA ALA O 18 -97.21 -64.37 33.73
C ALA O 18 -96.39 -63.73 32.64
N GLY O 19 -96.97 -62.85 31.82
CA GLY O 19 -96.22 -62.09 30.85
C GLY O 19 -95.97 -60.70 31.39
N SER O 20 -96.84 -60.25 32.30
CA SER O 20 -96.57 -59.01 33.01
C SER O 20 -95.36 -59.17 33.92
N ASN O 21 -95.24 -60.30 34.61
CA ASN O 21 -94.07 -60.54 35.44
C ASN O 21 -92.81 -60.61 34.59
N ALA O 22 -92.87 -61.29 33.44
CA ALA O 22 -91.71 -61.38 32.56
C ALA O 22 -91.34 -60.01 32.01
N ALA O 23 -92.32 -59.20 31.64
CA ALA O 23 -92.04 -57.86 31.16
C ALA O 23 -91.43 -56.99 32.26
N SER O 24 -91.92 -57.13 33.48
CA SER O 24 -91.34 -56.40 34.60
C SER O 24 -89.88 -56.80 34.83
N LYS O 25 -89.61 -58.11 34.77
CA LYS O 25 -88.23 -58.57 34.91
C LYS O 25 -87.35 -58.06 33.77
N ASN O 26 -87.89 -58.01 32.55
CA ASN O 26 -87.12 -57.53 31.42
C ASN O 26 -86.85 -56.04 31.53
N MET O 27 -87.77 -55.28 32.09
CA MET O 27 -87.58 -53.84 32.21
C MET O 27 -86.62 -53.49 33.34
N GLU O 28 -86.49 -54.36 34.35
CA GLU O 28 -85.45 -54.16 35.35
C GLU O 28 -84.06 -54.20 34.70
N LYS O 29 -83.84 -55.18 33.84
CA LYS O 29 -82.55 -55.29 33.16
C LYS O 29 -82.32 -54.11 32.24
N LEU O 30 -83.36 -53.70 31.52
CA LEU O 30 -83.20 -52.62 30.55
C LEU O 30 -82.89 -51.30 31.24
N SER O 31 -83.55 -51.02 32.36
CA SER O 31 -83.31 -49.78 33.09
C SER O 31 -81.93 -49.77 33.73
N SER O 32 -81.58 -50.83 34.44
CA SER O 32 -80.31 -50.88 35.15
C SER O 32 -79.13 -51.16 34.22
N GLY O 33 -79.37 -51.87 33.13
CA GLY O 33 -78.29 -52.26 32.26
C GLY O 33 -77.53 -53.49 32.70
N LEU O 34 -78.04 -54.22 33.69
CA LEU O 34 -77.36 -55.38 34.25
C LEU O 34 -78.22 -56.61 34.10
N ARG O 35 -77.61 -57.72 33.67
CA ARG O 35 -78.30 -59.00 33.63
C ARG O 35 -78.68 -59.45 35.03
N ILE O 36 -77.76 -59.35 35.97
CA ILE O 36 -77.93 -59.89 37.30
C ILE O 36 -78.18 -58.72 38.24
N ASN O 37 -79.45 -58.48 38.53
CA ASN O 37 -79.84 -57.52 39.57
C ASN O 37 -79.98 -58.23 40.91
N ARG O 38 -80.87 -59.21 40.97
CA ARG O 38 -80.99 -60.09 42.13
C ARG O 38 -80.03 -61.25 41.99
N ALA O 39 -79.84 -61.98 43.09
CA ALA O 39 -78.99 -63.15 43.06
C ALA O 39 -79.67 -64.35 42.41
N GLY O 40 -80.99 -64.28 42.20
CA GLY O 40 -81.71 -65.36 41.56
C GLY O 40 -81.58 -65.42 40.06
N ASP O 41 -81.07 -64.35 39.44
CA ASP O 41 -80.84 -64.37 38.00
C ASP O 41 -79.62 -65.20 37.63
N ASP O 42 -78.57 -65.14 38.43
CA ASP O 42 -77.42 -66.01 38.25
C ASP O 42 -76.67 -66.07 39.57
N ALA O 43 -76.72 -67.23 40.25
CA ALA O 43 -75.98 -67.39 41.49
C ALA O 43 -74.47 -67.36 41.24
N ALA O 44 -74.01 -68.20 40.33
CA ALA O 44 -72.60 -68.19 39.98
C ALA O 44 -72.22 -66.91 39.26
N GLY O 45 -73.13 -66.33 38.50
CA GLY O 45 -72.85 -65.04 37.88
C GLY O 45 -72.67 -63.94 38.91
N LEU O 46 -73.51 -63.95 39.95
CA LEU O 46 -73.33 -63.00 41.04
C LEU O 46 -72.01 -63.22 41.75
N ALA O 47 -71.68 -64.48 42.05
CA ALA O 47 -70.45 -64.76 42.77
C ALA O 47 -69.22 -64.37 41.97
N ILE O 48 -69.18 -64.73 40.69
CA ILE O 48 -68.02 -64.42 39.85
C ILE O 48 -67.89 -62.92 39.67
N SER O 49 -69.01 -62.23 39.49
CA SER O 49 -68.98 -60.79 39.26
C SER O 49 -68.32 -60.06 40.43
N GLU O 50 -68.76 -60.35 41.64
CA GLU O 50 -68.23 -59.65 42.81
C GLU O 50 -66.75 -59.88 42.99
N LYS O 51 -66.29 -61.11 42.79
CA LYS O 51 -64.85 -61.37 42.78
C LYS O 51 -64.20 -60.52 41.70
N MET O 52 -64.80 -60.47 40.52
CA MET O 52 -64.25 -59.70 39.42
C MET O 52 -64.19 -58.21 39.75
N ARG O 53 -65.31 -57.64 40.22
CA ARG O 53 -65.32 -56.22 40.56
C ARG O 53 -64.27 -55.90 41.61
N SER O 54 -64.20 -56.73 42.65
CA SER O 54 -63.21 -56.55 43.70
C SER O 54 -61.80 -56.52 43.11
N GLN O 55 -61.53 -57.41 42.17
CA GLN O 55 -60.23 -57.46 41.53
C GLN O 55 -60.01 -56.26 40.62
N ILE O 56 -61.03 -55.87 39.86
CA ILE O 56 -60.87 -54.73 38.95
C ILE O 56 -60.64 -53.45 39.71
N ARG O 57 -61.43 -53.21 40.76
CA ARG O 57 -61.20 -52.02 41.57
C ARG O 57 -59.93 -52.12 42.40
N GLY O 58 -59.31 -53.29 42.44
CA GLY O 58 -58.01 -53.43 43.08
C GLY O 58 -56.87 -53.14 42.14
N LEU O 59 -56.96 -53.66 40.91
CA LEU O 59 -55.90 -53.41 39.95
C LEU O 59 -55.86 -51.96 39.50
N ASP O 60 -57.03 -51.30 39.42
CA ASP O 60 -57.02 -49.89 39.05
C ASP O 60 -56.54 -49.03 40.20
N MET O 61 -56.70 -49.50 41.44
CA MET O 61 -56.14 -48.79 42.58
C MET O 61 -54.69 -49.17 42.81
N ALA O 62 -54.34 -50.43 42.63
CA ALA O 62 -52.93 -50.82 42.67
C ALA O 62 -52.13 -50.21 41.53
N SER O 63 -52.78 -49.73 40.49
CA SER O 63 -52.10 -48.95 39.48
C SER O 63 -51.83 -47.52 39.94
N LYS O 64 -52.62 -47.01 40.89
CA LYS O 64 -52.29 -45.74 41.50
C LYS O 64 -51.11 -45.88 42.45
N ASN O 65 -51.08 -46.96 43.22
CA ASN O 65 -49.94 -47.20 44.10
C ASN O 65 -48.65 -47.35 43.31
N ALA O 66 -48.70 -48.06 42.19
CA ALA O 66 -47.51 -48.20 41.36
C ALA O 66 -47.07 -46.85 40.82
N GLN O 67 -48.00 -45.96 40.54
CA GLN O 67 -47.62 -44.64 40.05
C GLN O 67 -47.28 -43.68 41.16
N ASP O 68 -47.81 -43.88 42.36
CA ASP O 68 -47.35 -43.13 43.52
C ASP O 68 -46.00 -43.60 44.02
N GLY O 69 -45.52 -44.75 43.55
CA GLY O 69 -44.18 -45.20 43.87
C GLY O 69 -43.22 -44.73 42.79
N ILE O 70 -43.73 -44.56 41.57
CA ILE O 70 -42.91 -43.97 40.53
C ILE O 70 -42.58 -42.54 40.86
N SER O 71 -43.51 -41.81 41.46
CA SER O 71 -43.25 -40.44 41.87
C SER O 71 -42.30 -40.39 43.04
N LEU O 72 -42.45 -41.30 44.00
CA LEU O 72 -41.55 -41.33 45.14
C LEU O 72 -40.13 -41.65 44.71
N ILE O 73 -39.97 -42.42 43.64
CA ILE O 73 -38.65 -42.81 43.18
C ILE O 73 -38.04 -41.75 42.28
N GLN O 74 -38.86 -41.08 41.47
CA GLN O 74 -38.36 -39.98 40.65
C GLN O 74 -37.84 -38.86 41.52
N THR O 75 -38.48 -38.63 42.67
CA THR O 75 -38.01 -37.59 43.57
C THR O 75 -36.63 -37.91 44.12
N SER O 76 -36.39 -39.17 44.49
CA SER O 76 -35.10 -39.54 45.06
C SER O 76 -33.99 -39.43 44.04
N GLU O 77 -34.17 -40.02 42.85
CA GLU O 77 -33.12 -39.94 41.85
C GLU O 77 -33.00 -38.54 41.29
N GLY O 78 -34.09 -37.78 41.27
CA GLY O 78 -33.99 -36.37 40.94
C GLY O 78 -33.09 -35.62 41.90
N ALA O 79 -33.16 -35.97 43.19
CA ALA O 79 -32.29 -35.36 44.17
C ALA O 79 -30.85 -35.79 43.98
N LEU O 80 -30.59 -37.13 43.81
CA LEU O 80 -29.24 -37.58 43.58
C LEU O 80 -28.68 -37.10 42.25
N ASN O 81 -29.52 -36.59 41.36
CA ASN O 81 -29.00 -35.96 40.16
C ASN O 81 -28.10 -34.80 40.50
N GLU O 82 -28.34 -34.13 41.62
CA GLU O 82 -27.54 -32.99 42.02
C GLU O 82 -26.38 -33.36 42.90
N THR O 83 -26.53 -34.38 43.74
CA THR O 83 -25.37 -34.89 44.43
C THR O 83 -24.30 -35.34 43.45
N HIS O 84 -24.67 -35.70 42.25
CA HIS O 84 -23.65 -35.98 41.25
C HIS O 84 -22.93 -34.73 40.81
N SER O 85 -23.65 -33.63 40.63
CA SER O 85 -23.01 -32.42 40.15
C SER O 85 -22.16 -31.78 41.22
N ILE O 86 -22.61 -31.89 42.45
CA ILE O 86 -21.80 -31.36 43.53
C ILE O 86 -20.54 -32.19 43.71
N LEU O 87 -20.67 -33.52 43.66
CA LEU O 87 -19.50 -34.37 43.72
C LEU O 87 -18.59 -34.18 42.53
N GLN O 88 -19.16 -33.79 41.39
CA GLN O 88 -18.34 -33.57 40.20
C GLN O 88 -17.53 -32.30 40.34
N ARG O 89 -18.16 -31.22 40.80
CA ARG O 89 -17.44 -30.00 41.11
C ARG O 89 -16.48 -30.20 42.26
N MET O 90 -16.87 -31.00 43.24
CA MET O 90 -16.02 -31.26 44.39
C MET O 90 -14.76 -32.00 44.00
N SER O 91 -14.74 -32.62 42.83
CA SER O 91 -13.55 -33.32 42.34
C SER O 91 -12.60 -32.41 41.59
N GLU O 92 -13.09 -31.31 41.01
CA GLU O 92 -12.19 -30.31 40.46
C GLU O 92 -11.45 -29.57 41.55
N LEU O 93 -12.11 -29.30 42.68
CA LEU O 93 -11.39 -28.73 43.81
C LEU O 93 -10.66 -29.80 44.60
N ALA O 94 -10.04 -30.73 43.92
CA ALA O 94 -8.99 -31.56 44.47
C ALA O 94 -7.88 -31.83 43.48
N THR O 95 -8.13 -31.63 42.19
CA THR O 95 -7.07 -31.63 41.21
C THR O 95 -6.39 -30.27 41.15
N GLN O 96 -7.11 -29.23 41.52
CA GLN O 96 -6.53 -27.91 41.63
C GLN O 96 -5.77 -27.76 42.93
N ALA O 97 -6.29 -28.33 44.02
CA ALA O 97 -5.63 -28.26 45.31
C ALA O 97 -4.41 -29.16 45.40
N ALA O 98 -4.29 -30.16 44.53
CA ALA O 98 -3.14 -31.04 44.53
C ALA O 98 -1.92 -30.44 43.87
N ASN O 99 -2.11 -29.46 42.99
CA ASN O 99 -0.98 -28.79 42.38
C ASN O 99 -0.21 -28.01 43.43
N ASP O 100 1.12 -27.99 43.29
CA ASP O 100 1.97 -27.38 44.31
C ASP O 100 2.36 -25.96 43.97
N THR O 101 1.76 -25.35 42.94
CA THR O 101 1.85 -23.92 42.78
C THR O 101 0.90 -23.20 43.73
N ASN O 102 -0.11 -23.89 44.25
CA ASN O 102 -0.95 -23.34 45.29
C ASN O 102 -0.16 -23.19 46.59
N THR O 103 -0.53 -22.20 47.38
CA THR O 103 -0.02 -22.09 48.74
C THR O 103 -1.13 -22.47 49.72
N ASP O 104 -0.74 -22.63 50.99
CA ASP O 104 -1.74 -22.98 51.99
C ASP O 104 -2.79 -21.89 52.14
N SER O 105 -2.42 -20.64 51.85
CA SER O 105 -3.40 -19.57 51.82
C SER O 105 -4.44 -19.78 50.73
N ASP O 106 -4.11 -20.55 49.70
CA ASP O 106 -5.02 -20.83 48.60
C ASP O 106 -5.64 -22.21 48.64
N ARG O 107 -4.94 -23.19 49.23
CA ARG O 107 -5.59 -24.47 49.49
C ARG O 107 -6.71 -24.30 50.52
N SER O 108 -6.42 -23.57 51.60
CA SER O 108 -7.47 -23.24 52.56
C SER O 108 -8.50 -22.32 51.92
N GLU O 109 -8.14 -21.66 50.83
CA GLU O 109 -9.10 -20.85 50.12
C GLU O 109 -10.08 -21.73 49.36
N LEU O 110 -9.57 -22.80 48.76
CA LEU O 110 -10.41 -23.80 48.13
C LEU O 110 -11.24 -24.56 49.14
N GLN O 111 -10.70 -24.76 50.35
CA GLN O 111 -11.43 -25.50 51.37
C GLN O 111 -12.73 -24.80 51.73
N LYS O 112 -12.82 -23.50 51.50
CA LYS O 112 -14.07 -22.80 51.79
C LYS O 112 -15.21 -23.33 50.94
N GLU O 113 -14.96 -23.59 49.66
CA GLU O 113 -15.97 -24.20 48.82
C GLU O 113 -16.09 -25.69 49.06
N MET O 114 -15.00 -26.33 49.46
CA MET O 114 -15.05 -27.73 49.88
C MET O 114 -16.08 -27.93 50.97
N ASP O 115 -16.01 -27.12 52.02
CA ASP O 115 -16.95 -27.25 53.13
C ASP O 115 -18.34 -26.79 52.76
N GLN O 116 -18.47 -25.93 51.76
CA GLN O 116 -19.79 -25.47 51.35
C GLN O 116 -20.47 -26.44 50.40
N LEU O 117 -19.70 -27.14 49.58
CA LEU O 117 -20.27 -28.19 48.75
C LEU O 117 -20.63 -29.41 49.58
N ALA O 118 -19.75 -29.81 50.49
CA ALA O 118 -20.04 -30.94 51.35
C ALA O 118 -21.20 -30.68 52.29
N SER O 119 -21.46 -29.43 52.62
CA SER O 119 -22.61 -29.09 53.44
C SER O 119 -23.90 -29.04 52.64
N GLU O 120 -23.81 -28.98 51.32
CA GLU O 120 -24.99 -29.03 50.47
C GLU O 120 -25.37 -30.46 50.13
N VAL O 121 -24.37 -31.35 50.00
CA VAL O 121 -24.66 -32.77 49.85
C VAL O 121 -25.45 -33.28 51.04
N THR O 122 -25.09 -32.84 52.24
CA THR O 122 -25.83 -33.23 53.43
C THR O 122 -27.23 -32.63 53.43
N ARG O 123 -27.39 -31.41 52.92
CA ARG O 123 -28.71 -30.80 52.90
C ARG O 123 -29.67 -31.59 52.03
N ILE O 124 -29.22 -32.03 50.86
CA ILE O 124 -30.09 -32.77 49.96
C ILE O 124 -30.58 -34.05 50.62
N SER O 125 -29.72 -34.71 51.39
CA SER O 125 -30.13 -35.94 52.04
C SER O 125 -31.20 -35.68 53.10
N THR O 126 -30.99 -34.68 53.94
CA THR O 126 -31.93 -34.41 55.02
C THR O 126 -33.13 -33.60 54.60
N ASP O 127 -33.11 -32.96 53.42
CA ASP O 127 -34.22 -32.13 52.98
C ASP O 127 -35.10 -32.81 51.95
N THR O 128 -34.56 -33.71 51.15
CA THR O 128 -35.37 -34.38 50.13
C THR O 128 -36.48 -35.18 50.81
N GLU O 129 -37.72 -34.80 50.53
CA GLU O 129 -38.85 -35.34 51.27
C GLU O 129 -40.03 -35.47 50.33
N PHE O 130 -40.46 -36.70 50.08
CA PHE O 130 -41.72 -36.97 49.41
C PHE O 130 -42.78 -37.23 50.46
N ASN O 131 -43.95 -36.62 50.29
CA ASN O 131 -45.03 -36.71 51.26
C ASN O 131 -44.43 -36.14 52.54
N THR O 132 -44.34 -36.89 53.63
CA THR O 132 -43.59 -36.50 54.80
C THR O 132 -42.50 -37.50 55.15
N LYS O 133 -41.91 -38.10 54.13
CA LYS O 133 -40.90 -39.14 54.28
C LYS O 133 -39.56 -38.62 53.80
N LYS O 134 -38.55 -38.70 54.66
CA LYS O 134 -37.19 -38.36 54.26
C LYS O 134 -36.60 -39.55 53.53
N LEU O 135 -36.31 -39.37 52.24
CA LEU O 135 -35.95 -40.50 51.40
C LEU O 135 -34.47 -40.85 51.54
N LEU O 136 -33.59 -39.85 51.47
CA LEU O 136 -32.17 -40.07 51.35
C LEU O 136 -31.41 -40.02 52.67
N ASP O 137 -32.11 -40.00 53.80
CA ASP O 137 -31.45 -39.95 55.09
C ASP O 137 -31.32 -41.32 55.74
N GLY O 138 -31.56 -42.39 54.99
CA GLY O 138 -31.39 -43.72 55.51
C GLY O 138 -32.56 -44.27 56.29
N THR O 139 -33.65 -43.52 56.39
CA THR O 139 -34.83 -44.00 57.10
C THR O 139 -35.87 -44.63 56.18
N ALA O 140 -35.79 -44.37 54.88
CA ALA O 140 -36.71 -44.95 53.91
C ALA O 140 -36.20 -46.33 53.52
N GLN O 141 -36.52 -47.30 54.38
CA GLN O 141 -36.13 -48.69 54.16
C GLN O 141 -37.38 -49.56 54.20
N ASN O 142 -37.35 -50.63 53.40
CA ASN O 142 -38.45 -51.60 53.37
C ASN O 142 -39.74 -50.95 52.88
N LEU O 143 -39.62 -49.95 52.01
CA LEU O 143 -40.79 -49.32 51.44
C LEU O 143 -41.55 -50.33 50.59
N THR O 144 -42.76 -50.65 51.01
CA THR O 144 -43.56 -51.70 50.38
C THR O 144 -44.65 -51.04 49.55
N PHE O 145 -44.58 -51.23 48.23
CA PHE O 145 -45.62 -50.77 47.32
C PHE O 145 -46.55 -51.94 47.02
N GLN O 146 -47.83 -51.76 47.27
CA GLN O 146 -48.81 -52.79 46.97
C GLN O 146 -49.14 -52.69 45.49
N ILE O 147 -48.30 -53.31 44.67
CA ILE O 147 -48.56 -53.38 43.23
C ILE O 147 -49.31 -54.68 42.95
N GLY O 148 -50.60 -54.66 43.15
CA GLY O 148 -51.41 -55.86 43.03
C GLY O 148 -52.60 -55.77 43.95
N ALA O 149 -53.64 -56.52 43.62
CA ALA O 149 -54.91 -56.42 44.32
C ALA O 149 -55.02 -57.37 45.51
N ASN O 150 -53.99 -58.14 45.82
CA ASN O 150 -54.09 -59.18 46.82
C ASN O 150 -52.94 -59.04 47.81
N GLU O 151 -52.89 -59.97 48.77
CA GLU O 151 -51.77 -60.06 49.69
C GLU O 151 -50.48 -60.42 48.98
N GLY O 152 -49.37 -59.93 49.51
CA GLY O 152 -48.06 -60.35 49.06
C GLY O 152 -47.73 -59.95 47.65
N GLN O 153 -48.57 -59.14 47.01
CA GLN O 153 -48.28 -58.63 45.68
C GLN O 153 -47.63 -57.26 45.80
N THR O 154 -46.49 -57.25 46.50
CA THR O 154 -45.79 -56.04 46.88
C THR O 154 -44.39 -56.05 46.28
N MET O 155 -43.75 -54.89 46.38
CA MET O 155 -42.34 -54.73 46.03
C MET O 155 -41.67 -53.90 47.12
N SER O 156 -40.53 -54.36 47.59
CA SER O 156 -39.80 -53.62 48.60
C SER O 156 -38.80 -52.68 47.95
N LEU O 157 -38.25 -51.78 48.76
CA LEU O 157 -37.26 -50.82 48.29
C LEU O 157 -36.53 -50.25 49.49
N SER O 158 -35.24 -50.02 49.35
CA SER O 158 -34.45 -49.48 50.45
C SER O 158 -33.42 -48.52 49.85
N ILE O 159 -33.58 -47.24 50.14
CA ILE O 159 -32.64 -46.23 49.71
C ILE O 159 -31.66 -45.97 50.85
N ASN O 160 -30.37 -46.07 50.56
CA ASN O 160 -29.36 -45.91 51.58
C ASN O 160 -29.16 -44.44 51.91
N LYS O 161 -28.52 -44.18 53.04
CA LYS O 161 -28.19 -42.82 53.43
C LYS O 161 -27.14 -42.25 52.48
N MET O 162 -27.43 -41.11 51.89
CA MET O 162 -26.61 -40.54 50.82
C MET O 162 -26.20 -39.11 51.16
N ASP O 163 -25.71 -38.92 52.38
CA ASP O 163 -25.18 -37.65 52.82
C ASP O 163 -23.66 -37.70 52.80
N SER O 164 -23.04 -36.55 53.07
CA SER O 164 -21.59 -36.45 52.96
C SER O 164 -20.90 -37.37 53.95
N GLU O 165 -21.49 -37.55 55.13
CA GLU O 165 -20.90 -38.45 56.12
C GLU O 165 -20.86 -39.88 55.60
N SER O 166 -21.94 -40.31 54.94
CA SER O 166 -21.99 -41.69 54.44
C SER O 166 -21.08 -41.89 53.25
N LEU O 167 -21.04 -40.92 52.33
CA LEU O 167 -20.13 -41.01 51.19
C LEU O 167 -18.69 -40.72 51.58
N LYS O 168 -18.44 -40.29 52.81
CA LYS O 168 -17.10 -40.02 53.33
C LYS O 168 -16.45 -38.82 52.65
N VAL O 169 -17.26 -37.90 52.11
CA VAL O 169 -16.74 -36.68 51.53
C VAL O 169 -16.92 -35.50 52.49
N GLY O 170 -17.20 -35.78 53.75
CA GLY O 170 -17.41 -34.71 54.72
C GLY O 170 -17.59 -35.30 56.09
N THR O 171 -17.91 -34.42 57.03
CA THR O 171 -18.17 -34.84 58.41
C THR O 171 -19.04 -33.78 59.07
N THR O 172 -20.00 -34.22 59.86
CA THR O 172 -21.01 -33.34 60.43
C THR O 172 -20.82 -33.27 61.94
N TYR O 173 -20.42 -32.11 62.43
CA TYR O 173 -20.34 -31.86 63.86
C TYR O 173 -21.66 -31.27 64.32
N THR O 174 -22.11 -31.68 65.50
CA THR O 174 -23.28 -31.10 66.12
C THR O 174 -22.87 -30.41 67.42
N ALA O 175 -23.58 -29.34 67.74
CA ALA O 175 -23.24 -28.53 68.90
C ALA O 175 -23.83 -29.14 70.15
N ASN O 176 -23.01 -29.26 71.19
CA ASN O 176 -23.47 -29.77 72.46
C ASN O 176 -24.46 -28.78 73.08
N ASP O 177 -25.04 -29.18 74.22
CA ASP O 177 -26.13 -28.41 74.80
C ASP O 177 -25.70 -27.00 75.18
N ASP O 178 -24.54 -26.86 75.80
CA ASP O 178 -23.98 -25.56 76.16
C ASP O 178 -23.41 -24.84 74.94
N GLY O 179 -22.88 -25.58 73.96
CA GLY O 179 -22.26 -24.99 72.80
C GLY O 179 -20.77 -24.79 72.98
N SER O 180 -20.21 -25.41 74.01
CA SER O 180 -18.77 -25.30 74.26
C SER O 180 -17.97 -26.07 73.24
N LYS O 181 -18.42 -27.28 72.89
CA LYS O 181 -17.67 -28.18 72.03
C LYS O 181 -18.58 -28.76 70.97
N LEU O 182 -18.20 -28.58 69.71
CA LEU O 182 -18.89 -29.24 68.61
C LEU O 182 -18.59 -30.72 68.62
N VAL O 183 -19.62 -31.54 68.55
CA VAL O 183 -19.50 -32.98 68.68
C VAL O 183 -20.01 -33.62 67.40
N THR O 184 -19.20 -34.49 66.80
CA THR O 184 -19.66 -35.29 65.69
C THR O 184 -20.06 -36.67 66.18
N ALA O 185 -20.79 -37.39 65.34
CA ALA O 185 -20.99 -38.82 65.59
C ALA O 185 -19.64 -39.53 65.51
N ASP O 186 -19.47 -40.53 66.37
CA ASP O 186 -18.20 -41.19 66.73
C ASP O 186 -17.47 -40.29 67.75
N GLY O 187 -17.92 -39.06 67.96
CA GLY O 187 -17.40 -38.25 69.05
C GLY O 187 -16.02 -37.65 68.83
N LYS O 188 -15.90 -36.75 67.88
CA LYS O 188 -14.69 -35.94 67.71
C LYS O 188 -14.98 -34.54 68.23
N GLU O 189 -14.19 -34.09 69.19
CA GLU O 189 -14.48 -32.87 69.92
C GLU O 189 -13.94 -31.65 69.17
N ALA O 190 -14.60 -30.52 69.39
CA ALA O 190 -14.14 -29.25 68.83
C ALA O 190 -14.53 -28.15 69.79
N THR O 191 -13.60 -27.77 70.68
CA THR O 191 -13.90 -26.84 71.74
C THR O 191 -13.83 -25.39 71.26
N LEU O 192 -14.60 -24.53 71.91
CA LEU O 192 -14.68 -23.13 71.55
C LEU O 192 -13.60 -22.25 72.19
N VAL O 193 -13.23 -21.18 71.47
CA VAL O 193 -12.19 -20.21 71.79
C VAL O 193 -10.85 -20.78 72.23
N THR O 194 -10.34 -21.75 71.49
CA THR O 194 -9.13 -22.46 71.88
C THR O 194 -7.97 -22.37 70.90
N LYS O 198 -4.48 -18.59 72.05
CA LYS O 198 -5.79 -18.14 71.62
C LYS O 198 -5.92 -18.22 70.11
N GLY O 199 -5.16 -17.38 69.40
CA GLY O 199 -5.18 -17.37 67.96
C GLY O 199 -6.50 -16.90 67.40
N PRO O 200 -6.73 -17.11 66.11
CA PRO O 200 -8.03 -16.78 65.52
C PRO O 200 -9.15 -17.55 66.22
N ASN O 201 -10.30 -16.91 66.33
CA ASN O 201 -11.36 -17.39 67.22
C ASN O 201 -12.28 -18.36 66.48
N GLY O 202 -12.59 -19.48 67.12
CA GLY O 202 -13.46 -20.47 66.54
C GLY O 202 -13.42 -21.76 67.36
N TYR O 203 -14.09 -22.78 66.83
CA TYR O 203 -14.15 -24.09 67.47
C TYR O 203 -12.93 -24.89 67.05
N TYR O 204 -11.92 -24.90 67.91
CA TYR O 204 -10.70 -25.60 67.57
C TYR O 204 -10.81 -27.08 67.91
N ASP O 205 -9.93 -27.87 67.29
CA ASP O 205 -9.88 -29.30 67.38
C ASP O 205 -8.66 -29.67 68.23
N ASP O 206 -8.45 -30.96 68.46
CA ASP O 206 -7.34 -31.42 69.30
C ASP O 206 -5.98 -31.26 68.65
N ALA O 207 -5.93 -30.68 67.45
CA ALA O 207 -4.66 -30.46 66.78
C ALA O 207 -4.46 -29.02 66.34
N ASP O 208 -5.25 -28.10 66.92
CA ASP O 208 -5.15 -26.66 66.73
C ASP O 208 -5.69 -26.31 65.34
N LYS O 209 -6.06 -27.33 64.56
CA LYS O 209 -6.73 -27.07 63.28
C LYS O 209 -8.11 -26.49 63.56
N LEU O 210 -8.34 -25.26 63.11
CA LEU O 210 -9.66 -24.67 63.23
C LEU O 210 -10.68 -25.50 62.49
N VAL O 211 -11.81 -25.76 63.14
CA VAL O 211 -12.90 -26.52 62.55
C VAL O 211 -14.02 -25.59 62.08
N TYR O 212 -14.50 -24.72 62.96
CA TYR O 212 -15.52 -23.74 62.61
C TYR O 212 -15.04 -22.35 62.99
N GLN O 213 -15.40 -21.37 62.18
CA GLN O 213 -15.04 -19.98 62.42
C GLN O 213 -16.23 -19.27 63.03
N ALA O 214 -16.22 -19.15 64.36
CA ALA O 214 -17.25 -18.40 65.06
C ALA O 214 -16.67 -17.87 66.35
N ASP O 215 -17.07 -16.65 66.71
CA ASP O 215 -16.62 -16.04 67.95
C ASP O 215 -17.62 -16.19 69.09
N SER O 216 -18.91 -16.21 68.80
CA SER O 216 -19.92 -16.52 69.80
C SER O 216 -20.02 -18.03 69.97
N ALA O 217 -21.05 -18.49 70.67
CA ALA O 217 -21.26 -19.92 70.86
C ALA O 217 -22.46 -20.34 70.03
N LEU O 218 -22.31 -21.43 69.27
CA LEU O 218 -23.40 -21.91 68.46
C LEU O 218 -24.57 -22.35 69.34
N ALA O 219 -25.76 -22.32 68.75
CA ALA O 219 -26.97 -22.70 69.47
C ALA O 219 -26.99 -24.20 69.72
N LYS O 220 -28.06 -24.70 70.29
CA LYS O 220 -28.17 -26.11 70.67
C LYS O 220 -28.63 -26.93 69.47
N ASP O 221 -27.95 -28.06 69.24
CA ASP O 221 -28.23 -28.95 68.11
C ASP O 221 -28.14 -28.21 66.77
N THR O 222 -27.13 -27.37 66.61
CA THR O 222 -26.82 -26.79 65.31
C THR O 222 -25.72 -27.61 64.67
N LYS O 223 -26.00 -28.17 63.50
CA LYS O 223 -25.04 -29.01 62.80
C LYS O 223 -24.21 -28.18 61.85
N VAL O 224 -22.91 -28.47 61.80
CA VAL O 224 -22.01 -27.89 60.81
C VAL O 224 -21.37 -29.05 60.06
N THR O 225 -21.21 -28.87 58.76
CA THR O 225 -20.60 -29.87 57.90
C THR O 225 -19.27 -29.35 57.38
N LYS O 226 -18.23 -30.16 57.50
CA LYS O 226 -16.88 -29.78 57.13
C LYS O 226 -16.39 -30.74 56.06
N GLY O 227 -15.94 -30.20 54.94
CA GLY O 227 -15.55 -31.03 53.82
C GLY O 227 -14.33 -31.86 54.11
N ILE O 228 -14.04 -32.80 53.19
CA ILE O 228 -12.87 -33.63 53.34
C ILE O 228 -11.63 -32.77 53.19
N ASP O 229 -10.56 -33.16 53.88
CA ASP O 229 -9.37 -32.33 53.97
C ASP O 229 -8.64 -32.29 52.63
N ILE O 230 -8.56 -31.10 52.04
CA ILE O 230 -7.74 -30.87 50.86
C ILE O 230 -6.74 -29.75 51.06
N SER O 231 -6.78 -29.06 52.20
CA SER O 231 -5.99 -27.85 52.40
C SER O 231 -4.74 -28.08 53.24
N SER O 232 -4.61 -29.23 53.89
CA SER O 232 -3.45 -29.45 54.74
C SER O 232 -2.17 -29.67 53.95
N SER O 233 -2.26 -30.21 52.75
CA SER O 233 -1.08 -30.53 51.95
C SER O 233 -1.53 -30.86 50.53
N ALA O 234 -0.55 -31.04 49.65
CA ALA O 234 -0.84 -31.56 48.32
C ALA O 234 -1.09 -33.05 48.36
N LYS O 235 -0.41 -33.77 49.25
CA LYS O 235 -0.66 -35.19 49.41
C LYS O 235 -2.09 -35.44 49.88
N ALA O 236 -2.57 -34.63 50.82
CA ALA O 236 -3.93 -34.79 51.32
C ALA O 236 -4.96 -34.54 50.23
N ALA O 237 -4.72 -33.53 49.40
CA ALA O 237 -5.64 -33.23 48.32
C ALA O 237 -5.70 -34.38 47.31
N SER O 238 -4.55 -34.98 47.01
CA SER O 238 -4.54 -36.15 46.14
C SER O 238 -5.28 -37.31 46.79
N SER O 239 -5.11 -37.49 48.10
CA SER O 239 -5.82 -38.57 48.78
C SER O 239 -7.32 -38.38 48.68
N ALA O 240 -7.81 -37.15 48.81
CA ALA O 240 -9.22 -36.87 48.67
C ALA O 240 -9.74 -37.16 47.27
N LEU O 241 -8.85 -37.26 46.28
CA LEU O 241 -9.31 -37.51 44.92
C LEU O 241 -9.97 -38.88 44.79
N THR O 242 -9.35 -39.92 45.34
CA THR O 242 -9.96 -41.24 45.29
C THR O 242 -11.22 -41.29 46.15
N THR O 243 -11.20 -40.62 47.29
CA THR O 243 -12.39 -40.61 48.13
C THR O 243 -13.57 -39.99 47.41
N ILE O 244 -13.33 -38.90 46.69
CA ILE O 244 -14.40 -38.25 45.95
C ILE O 244 -14.84 -39.09 44.78
N LYS O 245 -13.89 -39.64 44.02
CA LYS O 245 -14.26 -40.42 42.84
C LYS O 245 -14.93 -41.73 43.22
N THR O 246 -14.69 -42.22 44.42
CA THR O 246 -15.42 -43.38 44.91
C THR O 246 -16.84 -43.00 45.31
N ALA O 247 -17.01 -41.81 45.89
CA ALA O 247 -18.34 -41.36 46.25
C ALA O 247 -19.22 -41.22 45.02
N ILE O 248 -18.64 -40.78 43.91
CA ILE O 248 -19.39 -40.74 42.65
C ILE O 248 -19.80 -42.13 42.24
N ASP O 249 -19.01 -43.15 42.61
CA ASP O 249 -19.35 -44.52 42.25
C ASP O 249 -20.50 -45.05 43.09
N THR O 250 -20.51 -44.74 44.39
CA THR O 250 -21.60 -45.20 45.24
C THR O 250 -22.85 -44.34 45.13
N VAL O 251 -22.78 -43.24 44.40
CA VAL O 251 -23.99 -42.50 44.06
C VAL O 251 -24.58 -43.03 42.76
N SER O 252 -23.72 -43.34 41.78
CA SER O 252 -24.20 -43.97 40.56
C SER O 252 -24.84 -45.31 40.84
N SER O 253 -24.32 -46.06 41.83
CA SER O 253 -24.94 -47.32 42.20
C SER O 253 -26.33 -47.09 42.77
N GLU O 254 -26.50 -46.06 43.60
CA GLU O 254 -27.82 -45.79 44.16
C GLU O 254 -28.79 -45.28 43.11
N ARG O 255 -28.32 -44.47 42.17
CA ARG O 255 -29.21 -43.91 41.18
C ARG O 255 -29.82 -44.98 40.28
N ALA O 256 -29.03 -45.97 39.89
CA ALA O 256 -29.57 -47.04 39.05
C ALA O 256 -30.17 -48.19 39.83
N LYS O 257 -29.94 -48.25 41.14
CA LYS O 257 -30.80 -49.08 41.97
C LYS O 257 -32.21 -48.53 42.04
N LEU O 258 -32.36 -47.22 41.83
CA LEU O 258 -33.66 -46.58 41.77
C LEU O 258 -34.19 -46.44 40.36
N GLY O 259 -33.32 -46.44 39.37
CA GLY O 259 -33.77 -46.42 37.99
C GLY O 259 -34.21 -47.79 37.55
N ALA O 260 -33.66 -48.82 38.19
CA ALA O 260 -34.10 -50.18 37.90
C ALA O 260 -35.49 -50.42 38.43
N VAL O 261 -35.79 -49.94 39.63
CA VAL O 261 -37.12 -50.10 40.18
C VAL O 261 -38.15 -49.31 39.38
N GLN O 262 -37.76 -48.12 38.92
CA GLN O 262 -38.70 -47.31 38.15
C GLN O 262 -39.01 -47.94 36.80
N ASN O 263 -38.01 -48.55 36.17
CA ASN O 263 -38.25 -49.27 34.92
C ASN O 263 -39.20 -50.44 35.15
N ARG O 264 -39.01 -51.16 36.25
CA ARG O 264 -39.91 -52.27 36.57
C ARG O 264 -41.33 -51.76 36.81
N LEU O 265 -41.47 -50.66 37.55
CA LEU O 265 -42.79 -50.13 37.84
C LEU O 265 -43.49 -49.60 36.60
N GLU O 266 -42.74 -49.26 35.56
CA GLU O 266 -43.37 -48.86 34.31
C GLU O 266 -43.93 -50.07 33.58
N HIS O 267 -43.28 -51.23 33.71
CA HIS O 267 -43.84 -52.46 33.15
C HIS O 267 -45.00 -52.97 33.98
N THR O 268 -44.92 -52.81 35.30
CA THR O 268 -46.03 -53.21 36.16
C THR O 268 -47.29 -52.41 35.88
N ILE O 269 -47.16 -51.17 35.46
CA ILE O 269 -48.33 -50.34 35.19
C ILE O 269 -49.03 -50.76 33.91
N ASN O 270 -48.27 -51.04 32.86
CA ASN O 270 -48.88 -51.53 31.62
C ASN O 270 -49.56 -52.86 31.83
N ASN O 271 -48.97 -53.73 32.63
CA ASN O 271 -49.59 -55.03 32.87
C ASN O 271 -50.80 -54.93 33.77
N LEU O 272 -50.78 -54.02 34.75
CA LEU O 272 -51.96 -53.80 35.57
C LEU O 272 -53.07 -53.14 34.77
N GLY O 273 -52.72 -52.22 33.87
CA GLY O 273 -53.72 -51.62 33.02
C GLY O 273 -54.32 -52.58 32.02
N THR O 274 -53.51 -53.48 31.46
CA THR O 274 -54.02 -54.48 30.55
C THR O 274 -54.91 -55.49 31.26
N SER O 275 -54.58 -55.85 32.49
CA SER O 275 -55.38 -56.80 33.24
C SER O 275 -56.69 -56.23 33.73
N SER O 276 -56.83 -54.90 33.78
CA SER O 276 -58.12 -54.33 34.11
C SER O 276 -59.06 -54.35 32.92
N GLU O 277 -58.56 -54.03 31.73
CA GLU O 277 -59.39 -54.12 30.54
C GLU O 277 -59.86 -55.55 30.30
N ASN O 278 -58.95 -56.50 30.43
CA ASN O 278 -59.31 -57.89 30.17
C ASN O 278 -60.30 -58.40 31.21
N LEU O 279 -60.26 -57.86 32.42
CA LEU O 279 -61.21 -58.26 33.44
C LEU O 279 -62.47 -57.42 33.41
N THR O 280 -62.36 -56.14 33.03
CA THR O 280 -63.56 -55.32 32.85
C THR O 280 -64.44 -55.89 31.74
N SER O 281 -63.82 -56.25 30.63
CA SER O 281 -64.57 -56.88 29.56
C SER O 281 -65.11 -58.23 29.99
N ALA O 282 -64.33 -58.99 30.77
CA ALA O 282 -64.79 -60.27 31.25
C ALA O 282 -66.00 -60.12 32.17
N GLU O 283 -65.98 -59.12 33.04
CA GLU O 283 -67.08 -58.91 33.96
C GLU O 283 -68.30 -58.34 33.26
N SER O 284 -68.11 -57.54 32.23
CA SER O 284 -69.25 -56.97 31.52
C SER O 284 -70.05 -58.07 30.83
N ARG O 285 -69.38 -59.06 30.24
CA ARG O 285 -70.10 -60.15 29.60
C ARG O 285 -70.92 -60.94 30.61
N ILE O 286 -70.39 -61.12 31.81
CA ILE O 286 -71.11 -61.88 32.83
C ILE O 286 -72.27 -61.06 33.39
N ARG O 287 -72.05 -59.77 33.63
CA ARG O 287 -72.98 -58.95 34.40
C ARG O 287 -73.87 -58.06 33.55
N ASP O 288 -73.29 -57.33 32.61
CA ASP O 288 -74.07 -56.38 31.82
C ASP O 288 -75.03 -57.10 30.89
N VAL O 289 -76.14 -56.45 30.59
CA VAL O 289 -77.17 -57.02 29.74
C VAL O 289 -76.91 -56.61 28.30
N ASP O 290 -77.39 -57.41 27.36
CA ASP O 290 -77.33 -57.08 25.95
C ASP O 290 -78.58 -56.28 25.61
N MET O 291 -78.40 -55.00 25.27
CA MET O 291 -79.53 -54.12 25.05
C MET O 291 -80.41 -54.63 23.92
N ALA O 292 -79.81 -55.08 22.84
CA ALA O 292 -80.57 -55.55 21.68
C ALA O 292 -81.36 -56.81 22.03
N SER O 293 -80.69 -57.81 22.59
CA SER O 293 -81.34 -59.08 22.88
C SER O 293 -82.36 -58.97 24.01
N GLU O 294 -82.35 -57.88 24.77
CA GLU O 294 -83.28 -57.70 25.88
C GLU O 294 -84.46 -56.81 25.51
N MET O 295 -84.23 -55.77 24.72
CA MET O 295 -85.34 -54.96 24.24
C MET O 295 -86.25 -55.79 23.34
N MET O 296 -85.67 -56.64 22.50
CA MET O 296 -86.48 -57.51 21.66
C MET O 296 -87.27 -58.51 22.49
N GLU O 297 -86.71 -58.96 23.61
CA GLU O 297 -87.45 -59.90 24.47
C GLU O 297 -88.50 -59.17 25.29
N TYR O 298 -88.23 -57.93 25.70
CA TYR O 298 -89.21 -57.15 26.43
C TYR O 298 -90.45 -56.90 25.58
N THR O 299 -90.24 -56.56 24.31
CA THR O 299 -91.37 -56.31 23.42
C THR O 299 -92.23 -57.55 23.25
N LYS O 300 -91.62 -58.74 23.23
CA LYS O 300 -92.40 -59.96 23.06
C LYS O 300 -93.36 -60.16 24.22
N ASN O 301 -92.86 -60.13 25.45
CA ASN O 301 -93.75 -60.27 26.60
C ASN O 301 -94.70 -59.10 26.73
N ASN O 302 -94.31 -57.93 26.21
CA ASN O 302 -95.22 -56.79 26.22
C ASN O 302 -96.36 -56.98 25.23
N ILE O 303 -96.22 -57.89 24.28
CA ILE O 303 -97.31 -58.22 23.37
C ILE O 303 -98.13 -59.39 23.88
N LEU O 304 -97.45 -60.41 24.41
CA LEU O 304 -98.14 -61.57 24.96
C LEU O 304 -99.09 -61.19 26.09
N THR O 305 -98.81 -60.12 26.82
CA THR O 305 -99.74 -59.65 27.83
C THR O 305 -100.93 -58.91 27.24
N GLN O 306 -100.74 -58.24 26.11
CA GLN O 306 -101.87 -57.60 25.43
C GLN O 306 -102.74 -58.64 24.72
N ALA O 307 -102.14 -59.70 24.21
CA ALA O 307 -102.93 -60.79 23.63
C ALA O 307 -103.79 -61.44 24.70
N SER O 308 -103.24 -61.67 25.89
CA SER O 308 -104.03 -62.20 26.99
C SER O 308 -105.03 -61.18 27.48
N GLN O 309 -104.66 -59.89 27.46
CA GLN O 309 -105.62 -58.84 27.81
C GLN O 309 -106.79 -58.82 26.86
N ALA O 310 -106.53 -58.94 25.56
CA ALA O 310 -107.60 -58.91 24.58
C ALA O 310 -108.54 -60.10 24.72
N MET O 311 -107.99 -61.29 24.97
CA MET O 311 -108.83 -62.47 25.08
C MET O 311 -109.54 -62.56 26.42
N LEU O 312 -109.00 -61.91 27.47
CA LEU O 312 -109.70 -61.88 28.75
C LEU O 312 -111.02 -61.13 28.63
N ALA O 313 -111.03 -60.05 27.86
CA ALA O 313 -112.26 -59.30 27.66
C ALA O 313 -113.33 -60.17 27.01
N GLN O 314 -112.95 -60.94 25.99
CA GLN O 314 -113.91 -61.82 25.34
C GLN O 314 -114.31 -62.99 26.24
N ALA O 315 -113.39 -63.45 27.08
CA ALA O 315 -113.70 -64.55 27.98
C ALA O 315 -114.82 -64.20 28.94
N ASN O 316 -114.92 -62.93 29.33
CA ASN O 316 -115.99 -62.50 30.21
C ASN O 316 -117.32 -62.36 29.47
N GLN O 317 -117.27 -62.10 28.16
CA GLN O 317 -118.50 -61.91 27.40
C GLN O 317 -119.22 -63.23 27.17
N GLN O 318 -118.48 -64.33 27.10
CA GLN O 318 -119.08 -65.63 26.80
C GLN O 318 -120.15 -66.06 27.80
N PRO O 319 -119.96 -65.94 29.13
CA PRO O 319 -121.05 -66.31 30.04
C PRO O 319 -122.28 -65.43 29.93
N GLN O 320 -122.16 -64.25 29.32
CA GLN O 320 -123.28 -63.32 29.24
C GLN O 320 -124.38 -63.79 28.29
N GLN O 321 -124.15 -64.84 27.51
CA GLN O 321 -125.11 -65.25 26.50
C GLN O 321 -126.18 -66.19 27.03
N VAL O 322 -126.05 -66.67 28.26
CA VAL O 322 -127.08 -67.55 28.80
C VAL O 322 -128.33 -66.78 29.25
N LEU O 323 -128.22 -65.45 29.40
CA LEU O 323 -129.37 -64.67 29.82
C LEU O 323 -130.46 -64.67 28.75
N GLN O 324 -130.08 -64.58 27.48
CA GLN O 324 -131.05 -64.65 26.40
C GLN O 324 -131.73 -66.01 26.34
N LEU O 325 -131.08 -67.05 26.81
CA LEU O 325 -131.70 -68.37 26.89
C LEU O 325 -132.58 -68.53 28.11
N LEU O 326 -132.23 -67.87 29.22
CA LEU O 326 -132.97 -68.03 30.46
C LEU O 326 -134.33 -67.35 30.43
N LYS O 327 -134.53 -66.40 29.52
CA LYS O 327 -135.81 -65.72 29.41
C LYS O 327 -136.72 -66.43 28.41
N MET P 1 -133.80 -55.84 46.56
CA MET P 1 -133.40 -54.74 45.69
C MET P 1 -134.02 -53.43 46.15
N ARG P 2 -133.20 -52.58 46.77
CA ARG P 2 -133.64 -51.29 47.25
C ARG P 2 -133.30 -50.23 46.20
N ILE P 3 -134.30 -49.42 45.84
CA ILE P 3 -134.19 -48.53 44.70
C ILE P 3 -133.93 -47.09 45.12
N ASN P 4 -134.51 -46.66 46.25
CA ASN P 4 -134.40 -45.27 46.67
C ASN P 4 -132.98 -44.84 46.98
N HIS P 5 -132.05 -45.77 47.14
CA HIS P 5 -130.67 -45.42 47.41
C HIS P 5 -129.77 -46.44 46.73
N ASN P 6 -128.78 -45.95 46.00
CA ASN P 6 -127.81 -46.78 45.31
C ASN P 6 -126.47 -46.64 46.04
N ILE P 7 -126.29 -47.47 47.08
CA ILE P 7 -125.08 -47.37 47.88
C ILE P 7 -123.85 -47.76 47.06
N ALA P 8 -124.02 -48.66 46.09
CA ALA P 8 -122.91 -49.03 45.22
C ALA P 8 -122.43 -47.84 44.42
N ALA P 9 -123.35 -47.05 43.87
CA ALA P 9 -122.97 -45.86 43.12
C ALA P 9 -122.55 -44.73 44.04
N LEU P 10 -123.19 -44.60 45.20
CA LEU P 10 -122.82 -43.56 46.14
C LEU P 10 -121.41 -43.80 46.69
N ASN P 11 -121.04 -45.04 46.91
CA ASN P 11 -119.68 -45.35 47.34
C ASN P 11 -118.66 -45.08 46.24
N THR P 12 -119.02 -45.41 44.99
CA THR P 12 -118.11 -45.17 43.87
C THR P 12 -117.91 -43.68 43.63
N SER P 13 -118.92 -42.86 43.95
CA SER P 13 -118.78 -41.42 43.77
C SER P 13 -117.69 -40.86 44.67
N ARG P 14 -117.62 -41.33 45.91
CA ARG P 14 -116.59 -40.83 46.83
C ARG P 14 -115.20 -41.20 46.34
N GLN P 15 -115.01 -42.43 45.86
CA GLN P 15 -113.72 -42.79 45.28
C GLN P 15 -113.46 -42.02 44.00
N LEU P 16 -114.50 -41.60 43.29
CA LEU P 16 -114.32 -40.74 42.13
C LEU P 16 -113.83 -39.37 42.54
N ASN P 17 -114.44 -38.78 43.57
CA ASN P 17 -113.93 -37.53 44.12
C ASN P 17 -112.91 -37.79 45.22
N ALA P 18 -111.98 -38.71 44.96
CA ALA P 18 -110.78 -38.86 45.79
C ALA P 18 -109.54 -39.15 44.97
N GLY P 19 -109.68 -39.56 43.71
CA GLY P 19 -108.55 -39.72 42.83
C GLY P 19 -108.46 -38.51 41.93
N SER P 20 -109.59 -37.85 41.70
CA SER P 20 -109.57 -36.57 41.01
C SER P 20 -108.85 -35.51 41.84
N ASN P 21 -109.11 -35.49 43.15
CA ASN P 21 -108.40 -34.56 44.02
C ASN P 21 -106.90 -34.85 44.04
N ALA P 22 -106.54 -36.13 44.12
CA ALA P 22 -105.13 -36.49 44.11
C ALA P 22 -104.46 -36.13 42.79
N ALA P 23 -105.16 -36.35 41.67
CA ALA P 23 -104.60 -35.98 40.38
C ALA P 23 -104.45 -34.46 40.26
N SER P 24 -105.41 -33.71 40.78
CA SER P 24 -105.30 -32.26 40.78
C SER P 24 -104.10 -31.80 41.60
N LYS P 25 -103.91 -32.40 42.77
CA LYS P 25 -102.75 -32.06 43.58
C LYS P 25 -101.46 -32.43 42.89
N ASN P 26 -101.44 -33.56 42.18
CA ASN P 26 -100.23 -33.98 41.48
C ASN P 26 -99.93 -33.06 40.31
N MET P 27 -100.96 -32.54 39.65
CA MET P 27 -100.73 -31.66 38.52
C MET P 27 -100.31 -30.26 38.94
N GLU P 28 -100.66 -29.84 40.15
CA GLU P 28 -100.12 -28.59 40.68
C GLU P 28 -98.61 -28.67 40.79
N LYS P 29 -98.10 -29.77 41.34
CA LYS P 29 -96.67 -29.95 41.48
C LYS P 29 -95.99 -30.03 40.12
N LEU P 30 -96.60 -30.74 39.18
CA LEU P 30 -95.99 -30.93 37.87
C LEU P 30 -95.91 -29.62 37.11
N SER P 31 -96.96 -28.80 37.18
CA SER P 31 -96.95 -27.53 36.47
C SER P 31 -95.97 -26.55 37.10
N SER P 32 -96.02 -26.39 38.41
CA SER P 32 -95.16 -25.42 39.08
C SER P 32 -93.74 -25.92 39.23
N GLY P 33 -93.53 -27.23 39.32
CA GLY P 33 -92.22 -27.76 39.57
C GLY P 33 -91.80 -27.77 41.01
N LEU P 34 -92.72 -27.50 41.94
CA LEU P 34 -92.40 -27.40 43.35
C LEU P 34 -93.21 -28.42 44.14
N ARG P 35 -92.54 -29.11 45.07
CA ARG P 35 -93.24 -30.01 45.98
C ARG P 35 -94.19 -29.24 46.88
N ILE P 36 -93.74 -28.12 47.42
CA ILE P 36 -94.48 -27.38 48.42
C ILE P 36 -95.03 -26.13 47.74
N ASN P 37 -96.29 -26.20 47.33
CA ASN P 37 -97.00 -25.02 46.85
C ASN P 37 -97.73 -24.34 48.01
N ARG P 38 -98.64 -25.07 48.65
CA ARG P 38 -99.28 -24.61 49.87
C ARG P 38 -98.43 -24.99 51.07
N ALA P 39 -98.76 -24.41 52.21
CA ALA P 39 -98.05 -24.73 53.45
C ALA P 39 -98.48 -26.07 54.02
N GLY P 40 -99.58 -26.65 53.54
CA GLY P 40 -100.03 -27.94 54.01
C GLY P 40 -99.29 -29.13 53.45
N ASP P 41 -98.51 -28.92 52.39
CA ASP P 41 -97.71 -30.01 51.85
C ASP P 41 -96.50 -30.32 52.72
N ASP P 42 -95.88 -29.29 53.29
CA ASP P 42 -94.81 -29.48 54.26
C ASP P 42 -94.68 -28.21 55.07
N ALA P 43 -95.08 -28.26 56.34
CA ALA P 43 -94.95 -27.09 57.21
C ALA P 43 -93.48 -26.78 57.47
N ALA P 44 -92.72 -27.78 57.93
CA ALA P 44 -91.30 -27.58 58.14
C ALA P 44 -90.57 -27.40 56.81
N GLY P 45 -91.05 -28.03 55.75
CA GLY P 45 -90.46 -27.79 54.44
C GLY P 45 -90.65 -26.36 53.98
N LEU P 46 -91.83 -25.80 54.21
CA LEU P 46 -92.07 -24.40 53.90
C LEU P 46 -91.18 -23.49 54.74
N ALA P 47 -91.08 -23.78 56.05
CA ALA P 47 -90.29 -22.93 56.92
C ALA P 47 -88.81 -22.97 56.55
N ILE P 48 -88.27 -24.16 56.32
CA ILE P 48 -86.85 -24.30 56.00
C ILE P 48 -86.55 -23.64 54.66
N SER P 49 -87.45 -23.83 53.69
CA SER P 49 -87.24 -23.29 52.35
C SER P 49 -87.08 -21.78 52.39
N GLU P 50 -87.99 -21.09 53.05
CA GLU P 50 -87.97 -19.63 53.08
C GLU P 50 -86.70 -19.10 53.74
N LYS P 51 -86.28 -19.73 54.84
CA LYS P 51 -85.00 -19.39 55.43
C LYS P 51 -83.89 -19.61 54.40
N MET P 52 -83.95 -20.74 53.69
CA MET P 52 -82.95 -21.06 52.70
C MET P 52 -82.93 -20.04 51.57
N ARG P 53 -84.10 -19.73 50.99
CA ARG P 53 -84.16 -18.76 49.90
C ARG P 53 -83.62 -17.41 50.34
N SER P 54 -84.04 -16.97 51.52
CA SER P 54 -83.56 -15.71 52.08
C SER P 54 -82.05 -15.70 52.16
N GLN P 55 -81.48 -16.81 52.60
CA GLN P 55 -80.02 -16.91 52.71
C GLN P 55 -79.36 -16.98 51.34
N ILE P 56 -79.95 -17.72 50.40
CA ILE P 56 -79.36 -17.85 49.07
C ILE P 56 -79.38 -16.52 48.35
N ARG P 57 -80.51 -15.82 48.38
CA ARG P 57 -80.56 -14.50 47.77
C ARG P 57 -79.77 -13.47 48.54
N GLY P 58 -79.29 -13.80 49.73
CA GLY P 58 -78.40 -12.93 50.46
C GLY P 58 -76.96 -13.17 50.09
N LEU P 59 -76.55 -14.44 49.99
CA LEU P 59 -75.17 -14.73 49.63
C LEU P 59 -74.86 -14.36 48.19
N ASP P 60 -75.84 -14.49 47.30
CA ASP P 60 -75.59 -14.08 45.92
C ASP P 60 -75.58 -12.57 45.79
N MET P 61 -76.27 -11.86 46.68
CA MET P 61 -76.19 -10.41 46.70
C MET P 61 -74.98 -9.93 47.51
N ALA P 62 -74.67 -10.59 48.61
CA ALA P 62 -73.45 -10.28 49.33
C ALA P 62 -72.21 -10.62 48.53
N SER P 63 -72.33 -11.43 47.49
CA SER P 63 -71.24 -11.63 46.55
C SER P 63 -71.10 -10.48 45.58
N LYS P 64 -72.17 -9.71 45.35
CA LYS P 64 -72.04 -8.48 44.59
C LYS P 64 -71.38 -7.40 45.42
N ASN P 65 -71.73 -7.31 46.71
CA ASN P 65 -71.09 -6.34 47.59
C ASN P 65 -69.61 -6.62 47.71
N ALA P 66 -69.23 -7.89 47.83
CA ALA P 66 -67.81 -8.23 47.90
C ALA P 66 -67.09 -7.85 46.63
N GLN P 67 -67.76 -7.94 45.48
CA GLN P 67 -67.13 -7.55 44.23
C GLN P 67 -67.22 -6.06 43.96
N ASP P 68 -68.21 -5.38 44.52
CA ASP P 68 -68.23 -3.93 44.47
C ASP P 68 -67.24 -3.32 45.45
N GLY P 69 -66.70 -4.10 46.36
CA GLY P 69 -65.64 -3.62 47.23
C GLY P 69 -64.29 -3.94 46.62
N ILE P 70 -64.23 -4.99 45.82
CA ILE P 70 -63.01 -5.28 45.07
C ILE P 70 -62.75 -4.19 44.06
N SER P 71 -63.81 -3.66 43.44
CA SER P 71 -63.66 -2.56 42.50
C SER P 71 -63.27 -1.28 43.21
N LEU P 72 -63.87 -1.01 44.37
CA LEU P 72 -63.52 0.18 45.12
C LEU P 72 -62.07 0.16 45.57
N ILE P 73 -61.54 -1.03 45.82
CA ILE P 73 -60.17 -1.16 46.30
C ILE P 73 -59.18 -1.16 45.15
N GLN P 74 -59.55 -1.74 44.02
CA GLN P 74 -58.68 -1.69 42.85
C GLN P 74 -58.49 -0.26 42.38
N THR P 75 -59.54 0.57 42.51
CA THR P 75 -59.42 1.97 42.12
C THR P 75 -58.41 2.70 42.99
N SER P 76 -58.44 2.44 44.30
CA SER P 76 -57.53 3.15 45.20
C SER P 76 -56.08 2.75 44.94
N GLU P 77 -55.79 1.45 44.90
CA GLU P 77 -54.42 1.03 44.68
C GLU P 77 -53.98 1.31 43.26
N GLY P 78 -54.92 1.32 42.31
CA GLY P 78 -54.59 1.79 40.97
C GLY P 78 -54.14 3.23 40.97
N ALA P 79 -54.75 4.06 41.81
CA ALA P 79 -54.33 5.44 41.92
C ALA P 79 -52.97 5.56 42.60
N LEU P 80 -52.76 4.84 43.73
CA LEU P 80 -51.46 4.88 44.38
C LEU P 80 -50.38 4.24 43.53
N ASN P 81 -50.73 3.50 42.50
CA ASN P 81 -49.72 3.03 41.58
C ASN P 81 -48.98 4.17 40.94
N GLU P 82 -49.61 5.32 40.79
CA GLU P 82 -48.97 6.47 40.18
C GLU P 82 -48.32 7.38 41.18
N THR P 83 -48.86 7.50 42.37
CA THR P 83 -48.13 8.18 43.42
C THR P 83 -46.78 7.53 43.66
N HIS P 84 -46.64 6.25 43.36
CA HIS P 84 -45.33 5.65 43.44
C HIS P 84 -44.40 6.17 42.35
N SER P 85 -44.91 6.32 41.13
CA SER P 85 -44.05 6.75 40.05
C SER P 85 -43.69 8.22 40.18
N ILE P 86 -44.61 8.99 40.67
CA ILE P 86 -44.28 10.40 40.89
C ILE P 86 -43.28 10.54 42.02
N LEU P 87 -43.46 9.80 43.11
CA LEU P 87 -42.49 9.82 44.18
C LEU P 87 -41.14 9.26 43.72
N GLN P 88 -41.16 8.34 42.76
CA GLN P 88 -39.91 7.78 42.28
C GLN P 88 -39.15 8.79 41.44
N ARG P 89 -39.84 9.48 40.55
CA ARG P 89 -39.24 10.58 39.80
C ARG P 89 -38.85 11.71 40.72
N MET P 90 -39.67 11.98 41.73
CA MET P 90 -39.40 13.05 42.67
C MET P 90 -38.13 12.79 43.47
N SER P 91 -37.67 11.55 43.50
CA SER P 91 -36.44 11.21 44.20
C SER P 91 -35.20 11.36 43.34
N GLU P 92 -35.34 11.29 42.02
CA GLU P 92 -34.22 11.64 41.15
C GLU P 92 -33.96 13.13 41.17
N LEU P 93 -35.01 13.95 41.25
CA LEU P 93 -34.78 15.38 41.43
C LEU P 93 -34.53 15.72 42.87
N ALA P 94 -33.74 14.91 43.56
CA ALA P 94 -33.07 15.30 44.78
C ALA P 94 -31.67 14.74 44.88
N THR P 95 -31.34 13.71 44.09
CA THR P 95 -29.97 13.28 43.93
C THR P 95 -29.25 14.13 42.91
N GLN P 96 -30.00 14.71 41.98
CA GLN P 96 -29.42 15.65 41.04
C GLN P 96 -29.26 17.03 41.66
N ALA P 97 -30.22 17.43 42.48
CA ALA P 97 -30.15 18.72 43.16
C ALA P 97 -29.14 18.75 44.29
N ALA P 98 -28.74 17.59 44.80
CA ALA P 98 -27.76 17.55 45.87
C ALA P 98 -26.33 17.71 45.37
N ASN P 99 -26.08 17.43 44.11
CA ASN P 99 -24.75 17.65 43.54
C ASN P 99 -24.44 19.14 43.53
N ASP P 100 -23.18 19.48 43.79
CA ASP P 100 -22.79 20.87 43.93
C ASP P 100 -22.20 21.44 42.64
N THR P 101 -22.27 20.71 41.54
CA THR P 101 -22.05 21.33 40.24
C THR P 101 -23.24 22.13 39.77
N ASN P 102 -24.42 21.87 40.34
CA ASN P 102 -25.58 22.70 40.09
C ASN P 102 -25.39 24.07 40.73
N THR P 103 -25.99 25.09 40.11
CA THR P 103 -26.10 26.39 40.72
C THR P 103 -27.52 26.62 41.20
N ASP P 104 -27.72 27.69 41.97
CA ASP P 104 -29.05 28.00 42.45
C ASP P 104 -29.99 28.31 41.30
N SER P 105 -29.46 28.82 40.19
CA SER P 105 -30.27 29.00 38.99
C SER P 105 -30.77 27.67 38.44
N ASP P 106 -30.10 26.57 38.76
CA ASP P 106 -30.48 25.25 38.28
C ASP P 106 -31.15 24.39 39.34
N ARG P 107 -30.83 24.61 40.62
CA ARG P 107 -31.61 23.98 41.67
C ARG P 107 -33.03 24.51 41.67
N SER P 108 -33.18 25.84 41.59
CA SER P 108 -34.51 26.42 41.44
C SER P 108 -35.12 26.02 40.11
N GLU P 109 -34.30 25.59 39.16
CA GLU P 109 -34.82 25.11 37.89
C GLU P 109 -35.44 23.74 38.08
N LEU P 110 -34.80 22.89 38.89
CA LEU P 110 -35.38 21.61 39.26
C LEU P 110 -36.60 21.77 40.14
N GLN P 111 -36.62 22.82 40.97
CA GLN P 111 -37.75 23.03 41.86
C GLN P 111 -39.05 23.23 41.09
N LYS P 112 -38.94 23.66 39.83
CA LYS P 112 -40.15 23.83 39.02
C LYS P 112 -40.87 22.50 38.83
N GLU P 113 -40.12 21.44 38.55
CA GLU P 113 -40.73 20.12 38.46
C GLU P 113 -41.03 19.54 39.83
N MET P 114 -40.25 19.91 40.84
CA MET P 114 -40.56 19.53 42.22
C MET P 114 -41.96 19.96 42.60
N ASP P 115 -42.28 21.23 42.36
CA ASP P 115 -43.60 21.75 42.71
C ASP P 115 -44.69 21.21 41.79
N GLN P 116 -44.34 20.80 40.58
CA GLN P 116 -45.33 20.26 39.67
C GLN P 116 -45.61 18.79 39.93
N LEU P 117 -44.62 18.04 40.38
CA LEU P 117 -44.86 16.67 40.79
C LEU P 117 -45.62 16.61 42.10
N ALA P 118 -45.22 17.43 43.06
CA ALA P 118 -45.91 17.46 44.34
C ALA P 118 -47.33 17.95 44.21
N SER P 119 -47.64 18.76 43.21
CA SER P 119 -49.00 19.20 42.97
C SER P 119 -49.83 18.16 42.25
N GLU P 120 -49.20 17.16 41.65
CA GLU P 120 -49.91 16.05 41.04
C GLU P 120 -50.21 14.94 42.03
N VAL P 121 -49.32 14.74 43.00
CA VAL P 121 -49.60 13.82 44.09
C VAL P 121 -50.85 14.26 44.83
N THR P 122 -50.99 15.56 45.06
CA THR P 122 -52.19 16.06 45.71
C THR P 122 -53.42 15.91 44.84
N ARG P 123 -53.26 16.05 43.52
CA ARG P 123 -54.42 15.90 42.64
C ARG P 123 -54.98 14.49 42.71
N ILE P 124 -54.10 13.49 42.70
CA ILE P 124 -54.57 12.11 42.74
C ILE P 124 -55.37 11.83 43.99
N SER P 125 -54.95 12.41 45.12
CA SER P 125 -55.68 12.19 46.36
C SER P 125 -57.07 12.80 46.31
N THR P 126 -57.17 14.05 45.85
CA THR P 126 -58.45 14.73 45.85
C THR P 126 -59.32 14.40 44.64
N ASP P 127 -58.77 13.78 43.61
CA ASP P 127 -59.54 13.47 42.42
C ASP P 127 -59.96 12.02 42.33
N THR P 128 -59.18 11.10 42.90
CA THR P 128 -59.55 9.69 42.85
C THR P 128 -60.88 9.48 43.53
N GLU P 129 -61.86 9.02 42.77
CA GLU P 129 -63.24 8.97 43.25
C GLU P 129 -63.93 7.76 42.65
N PHE P 130 -64.29 6.81 43.51
CA PHE P 130 -65.17 5.72 43.13
C PHE P 130 -66.58 6.09 43.53
N ASN P 131 -67.53 5.86 42.62
CA ASN P 131 -68.93 6.24 42.83
C ASN P 131 -68.87 7.75 43.05
N THR P 132 -69.29 8.27 44.19
CA THR P 132 -69.08 9.67 44.55
C THR P 132 -68.30 9.81 45.85
N LYS P 133 -67.37 8.88 46.08
CA LYS P 133 -66.59 8.83 47.31
C LYS P 133 -65.14 9.14 46.99
N LYS P 134 -64.58 10.12 47.69
CA LYS P 134 -63.16 10.42 47.58
C LYS P 134 -62.41 9.44 48.45
N LEU P 135 -61.60 8.59 47.81
CA LEU P 135 -60.98 7.49 48.54
C LEU P 135 -59.72 7.91 49.26
N LEU P 136 -58.84 8.64 48.60
CA LEU P 136 -57.50 8.90 49.11
C LEU P 136 -57.37 10.24 49.82
N ASP P 137 -58.48 10.92 50.11
CA ASP P 137 -58.40 12.20 50.79
C ASP P 137 -58.64 12.09 52.30
N GLY P 138 -58.63 10.88 52.84
CA GLY P 138 -58.77 10.69 54.26
C GLY P 138 -60.19 10.66 54.76
N THR P 139 -61.18 10.75 53.88
CA THR P 139 -62.58 10.68 54.29
C THR P 139 -63.17 9.29 54.17
N ALA P 140 -62.54 8.40 53.41
CA ALA P 140 -63.01 7.04 53.26
C ALA P 140 -62.49 6.21 54.43
N GLN P 141 -63.19 6.30 55.55
CA GLN P 141 -62.83 5.57 56.76
C GLN P 141 -64.03 4.75 57.21
N ASN P 142 -63.76 3.59 57.80
CA ASN P 142 -64.80 2.72 58.34
C ASN P 142 -65.72 2.22 57.24
N LEU P 143 -65.18 2.06 56.03
CA LEU P 143 -65.97 1.52 54.93
C LEU P 143 -66.37 0.09 55.23
N THR P 144 -67.67 -0.13 55.39
CA THR P 144 -68.20 -1.42 55.81
C THR P 144 -68.79 -2.12 54.61
N PHE P 145 -68.21 -3.25 54.23
CA PHE P 145 -68.75 -4.10 53.17
C PHE P 145 -69.53 -5.23 53.80
N GLN P 146 -70.79 -5.36 53.43
CA GLN P 146 -71.62 -6.45 53.95
C GLN P 146 -71.29 -7.69 53.13
N ILE P 147 -70.24 -8.39 53.54
CA ILE P 147 -69.88 -9.66 52.92
C ILE P 147 -70.52 -10.77 53.72
N GLY P 148 -71.79 -11.03 53.46
CA GLY P 148 -72.54 -11.99 54.24
C GLY P 148 -74.00 -11.60 54.25
N ALA P 149 -74.85 -12.58 54.49
CA ALA P 149 -76.28 -12.39 54.37
C ALA P 149 -76.95 -11.96 55.67
N ASN P 150 -76.19 -11.74 56.74
CA ASN P 150 -76.76 -11.48 58.05
C ASN P 150 -76.12 -10.24 58.66
N GLU P 151 -76.54 -9.91 59.87
CA GLU P 151 -75.90 -8.85 60.64
C GLU P 151 -74.45 -9.18 60.98
N GLY P 152 -73.64 -8.12 61.07
CA GLY P 152 -72.29 -8.27 61.57
C GLY P 152 -71.38 -9.10 60.70
N GLN P 153 -71.83 -9.48 59.51
CA GLN P 153 -70.98 -10.20 58.58
C GLN P 153 -70.35 -9.20 57.61
N THR P 154 -69.61 -8.27 58.21
CA THR P 154 -69.05 -7.13 57.51
C THR P 154 -67.53 -7.15 57.61
N MET P 155 -66.91 -6.28 56.81
CA MET P 155 -65.49 -6.01 56.89
C MET P 155 -65.29 -4.51 56.81
N SER P 156 -64.46 -3.98 57.70
CA SER P 156 -64.17 -2.56 57.69
C SER P 156 -62.93 -2.28 56.85
N LEU P 157 -62.72 -1.01 56.56
CA LEU P 157 -61.56 -0.58 55.80
C LEU P 157 -61.37 0.91 56.01
N SER P 158 -60.11 1.34 56.07
CA SER P 158 -59.81 2.76 56.27
C SER P 158 -58.57 3.10 55.46
N ILE P 159 -58.76 3.90 54.43
CA ILE P 159 -57.65 4.38 53.61
C ILE P 159 -57.23 5.74 54.14
N ASN P 160 -55.94 5.89 54.43
CA ASN P 160 -55.44 7.13 54.99
C ASN P 160 -55.30 8.19 53.91
N LYS P 161 -55.16 9.43 54.34
CA LYS P 161 -54.94 10.53 53.41
C LYS P 161 -53.56 10.40 52.78
N MET P 162 -53.51 10.40 51.46
CA MET P 162 -52.29 10.10 50.72
C MET P 162 -51.96 11.20 49.75
N ASP P 163 -52.01 12.45 50.23
CA ASP P 163 -51.62 13.60 49.45
C ASP P 163 -50.24 14.07 49.88
N SER P 164 -49.71 15.06 49.15
CA SER P 164 -48.34 15.51 49.40
C SER P 164 -48.19 16.08 50.80
N GLU P 165 -49.23 16.74 51.30
CA GLU P 165 -49.16 17.27 52.66
C GLU P 165 -49.00 16.16 53.69
N SER P 166 -49.73 15.06 53.51
CA SER P 166 -49.67 13.96 54.47
C SER P 166 -48.36 13.21 54.36
N LEU P 167 -47.87 12.97 53.14
CA LEU P 167 -46.59 12.31 52.96
C LEU P 167 -45.41 13.23 53.26
N LYS P 168 -45.68 14.52 53.48
CA LYS P 168 -44.66 15.52 53.80
C LYS P 168 -43.72 15.78 52.64
N VAL P 169 -44.16 15.53 51.42
CA VAL P 169 -43.37 15.84 50.23
C VAL P 169 -43.86 17.14 49.58
N GLY P 170 -44.65 17.93 50.29
CA GLY P 170 -45.17 19.16 49.73
C GLY P 170 -45.95 19.91 50.78
N THR P 171 -46.56 21.01 50.34
CA THR P 171 -47.40 21.80 51.22
C THR P 171 -48.39 22.57 50.37
N THR P 172 -49.62 22.68 50.84
CA THR P 172 -50.72 23.24 50.06
C THR P 172 -51.17 24.54 50.70
N TYR P 173 -50.93 25.64 50.01
CA TYR P 173 -51.45 26.94 50.42
C TYR P 173 -52.80 27.17 49.77
N THR P 174 -53.71 27.76 50.51
CA THR P 174 -55.00 28.15 49.96
C THR P 174 -55.13 29.67 50.04
N ALA P 175 -55.84 30.23 49.06
CA ALA P 175 -55.95 31.68 48.95
C ALA P 175 -57.05 32.19 49.86
N ASN P 176 -56.73 33.22 50.63
CA ASN P 176 -57.72 33.84 51.49
C ASN P 176 -58.81 34.51 50.65
N ASP P 177 -59.83 35.01 51.33
CA ASP P 177 -61.02 35.51 50.63
C ASP P 177 -60.69 36.66 49.69
N ASP P 178 -59.88 37.61 50.13
CA ASP P 178 -59.44 38.72 49.30
C ASP P 178 -58.36 38.29 48.31
N GLY P 179 -57.53 37.32 48.67
CA GLY P 179 -56.45 36.88 47.81
C GLY P 179 -55.16 37.63 48.10
N SER P 180 -55.12 38.32 49.23
CA SER P 180 -53.91 39.06 49.60
C SER P 180 -52.81 38.12 50.05
N LYS P 181 -53.16 37.09 50.82
CA LYS P 181 -52.17 36.21 51.43
C LYS P 181 -52.60 34.76 51.24
N LEU P 182 -51.71 33.96 50.64
CA LEU P 182 -51.93 32.53 50.56
C LEU P 182 -51.75 31.91 51.93
N VAL P 183 -52.72 31.09 52.34
CA VAL P 183 -52.75 30.52 53.68
C VAL P 183 -52.73 29.01 53.56
N THR P 184 -51.80 28.38 54.25
CA THR P 184 -51.81 26.93 54.35
C THR P 184 -52.46 26.51 55.66
N ALA P 185 -52.83 25.23 55.73
CA ALA P 185 -53.20 24.66 57.02
C ALA P 185 -51.98 24.69 57.94
N ASP P 186 -52.25 24.94 59.23
CA ASP P 186 -51.31 25.32 60.27
C ASP P 186 -51.00 26.82 60.13
N GLY P 187 -51.41 27.46 59.04
CA GLY P 187 -51.34 28.90 58.94
C GLY P 187 -49.96 29.49 58.69
N LYS P 188 -49.40 29.21 57.52
CA LYS P 188 -48.18 29.88 57.06
C LYS P 188 -48.57 30.88 56.00
N GLU P 189 -48.22 32.14 56.22
CA GLU P 189 -48.70 33.24 55.40
C GLU P 189 -47.83 33.43 54.18
N ALA P 190 -48.44 33.94 53.12
CA ALA P 190 -47.71 34.27 51.90
C ALA P 190 -48.39 35.48 51.26
N THR P 191 -47.89 36.67 51.55
CA THR P 191 -48.54 37.89 51.11
C THR P 191 -48.18 38.24 49.67
N LEU P 192 -49.09 38.94 49.01
CA LEU P 192 -48.92 39.32 47.62
C LEU P 192 -48.16 40.63 47.41
N VAL P 193 -47.45 40.71 46.28
CA VAL P 193 -46.58 41.79 45.85
C VAL P 193 -45.58 42.31 46.87
N THR P 194 -44.87 41.39 47.52
CA THR P 194 -43.99 41.75 48.61
C THR P 194 -42.52 41.40 48.42
N LYS P 198 -39.58 45.35 46.54
CA LYS P 198 -40.58 44.81 45.63
C LYS P 198 -40.06 43.50 45.02
N GLY P 199 -39.04 43.60 44.18
CA GLY P 199 -38.45 42.44 43.55
C GLY P 199 -39.38 41.80 42.56
N PRO P 200 -39.07 40.58 42.13
CA PRO P 200 -39.99 39.83 41.26
C PRO P 200 -41.33 39.65 41.94
N ASN P 201 -42.39 39.68 41.13
CA ASN P 201 -43.74 39.79 41.65
C ASN P 201 -44.33 38.42 41.94
N GLY P 202 -44.95 38.27 43.10
CA GLY P 202 -45.58 37.03 43.49
C GLY P 202 -45.96 37.06 44.97
N TYR P 203 -46.41 35.90 45.45
CA TYR P 203 -46.82 35.74 46.85
C TYR P 203 -45.58 35.42 47.67
N TYR P 204 -45.03 36.44 48.31
CA TYR P 204 -43.83 36.22 49.09
C TYR P 204 -44.16 35.72 50.49
N ASP P 205 -43.16 35.12 51.12
CA ASP P 205 -43.25 34.50 52.43
C ASP P 205 -42.51 35.40 53.42
N ASP P 206 -42.50 35.02 54.70
CA ASP P 206 -41.89 35.83 55.74
C ASP P 206 -40.37 35.84 55.67
N ALA P 207 -39.78 35.19 54.67
CA ALA P 207 -38.33 35.17 54.51
C ALA P 207 -37.89 35.60 53.13
N ASP P 208 -38.78 36.26 52.38
CA ASP P 208 -38.51 36.86 51.07
C ASP P 208 -38.40 35.74 50.04
N LYS P 209 -38.48 34.48 50.48
CA LYS P 209 -38.54 33.36 49.56
C LYS P 209 -39.87 33.41 48.81
N LEU P 210 -39.82 33.60 47.50
CA LEU P 210 -41.02 33.56 46.69
C LEU P 210 -41.69 32.20 46.82
N VAL P 211 -43.01 32.22 47.04
CA VAL P 211 -43.81 31.01 47.15
C VAL P 211 -44.55 30.72 45.87
N TYR P 212 -45.30 31.70 45.36
CA TYR P 212 -46.02 31.57 44.10
C TYR P 212 -45.65 32.72 43.19
N GLN P 213 -45.59 32.44 41.89
CA GLN P 213 -45.26 33.44 40.89
C GLN P 213 -46.55 33.89 40.23
N ALA P 214 -47.08 35.01 40.69
CA ALA P 214 -48.27 35.60 40.08
C ALA P 214 -48.23 37.10 40.33
N ASP P 215 -48.68 37.86 39.33
CA ASP P 215 -48.74 39.31 39.45
C ASP P 215 -50.12 39.82 39.81
N SER P 216 -51.18 39.15 39.36
CA SER P 216 -52.53 39.46 39.80
C SER P 216 -52.79 38.81 41.15
N ALA P 217 -54.04 38.80 41.58
CA ALA P 217 -54.40 38.18 42.85
C ALA P 217 -55.17 36.90 42.54
N LEU P 218 -54.80 35.81 43.20
CA LEU P 218 -55.49 34.54 43.00
C LEU P 218 -56.94 34.65 43.45
N ALA P 219 -57.77 33.81 42.86
CA ALA P 219 -59.19 33.79 43.19
C ALA P 219 -59.40 33.23 44.59
N LYS P 220 -60.65 33.09 45.00
CA LYS P 220 -60.99 32.66 46.34
C LYS P 220 -60.96 31.13 46.42
N ASP P 221 -60.33 30.62 47.47
CA ASP P 221 -60.17 29.18 47.68
C ASP P 221 -59.49 28.50 46.50
N THR P 222 -58.45 29.12 45.97
CA THR P 222 -57.59 28.47 44.98
C THR P 222 -56.38 27.91 45.71
N LYS P 223 -56.18 26.61 45.60
CA LYS P 223 -55.09 25.95 46.28
C LYS P 223 -53.87 25.87 45.37
N VAL P 224 -52.70 26.12 45.94
CA VAL P 224 -51.44 25.90 45.25
C VAL P 224 -50.61 24.94 46.08
N THR P 225 -49.91 24.04 45.42
CA THR P 225 -49.07 23.06 46.08
C THR P 225 -47.61 23.35 45.74
N LYS P 226 -46.77 23.38 46.77
CA LYS P 226 -45.38 23.72 46.63
C LYS P 226 -44.55 22.55 47.13
N GLY P 227 -43.64 22.07 46.29
CA GLY P 227 -42.88 20.89 46.63
C GLY P 227 -41.93 21.11 47.80
N ILE P 228 -41.36 20.00 48.29
CA ILE P 228 -40.41 20.10 49.38
C ILE P 228 -39.16 20.82 48.88
N ASP P 229 -38.50 21.53 49.79
CA ASP P 229 -37.40 22.42 49.42
C ASP P 229 -36.18 21.61 49.01
N ILE P 230 -35.79 21.74 47.75
CA ILE P 230 -34.54 21.18 47.24
C ILE P 230 -33.65 22.23 46.62
N SER P 231 -34.11 23.47 46.50
CA SER P 231 -33.40 24.49 45.75
C SER P 231 -32.63 25.47 46.62
N SER P 232 -32.85 25.47 47.94
CA SER P 232 -32.17 26.42 48.80
C SER P 232 -30.69 26.10 48.97
N SER P 233 -30.31 24.84 48.90
CA SER P 233 -28.93 24.43 49.13
C SER P 233 -28.77 22.98 48.71
N ALA P 234 -27.53 22.52 48.72
CA ALA P 234 -27.28 21.10 48.53
C ALA P 234 -27.61 20.30 49.78
N LYS P 235 -27.41 20.88 50.96
CA LYS P 235 -27.81 20.21 52.19
C LYS P 235 -29.31 20.00 52.24
N ALA P 236 -30.08 21.00 51.82
CA ALA P 236 -31.54 20.86 51.84
C ALA P 236 -32.00 19.78 50.88
N ALA P 237 -31.37 19.70 49.70
CA ALA P 237 -31.74 18.66 48.74
C ALA P 237 -31.44 17.27 49.29
N SER P 238 -30.31 17.11 49.97
CA SER P 238 -30.03 15.83 50.62
C SER P 238 -31.04 15.53 51.71
N SER P 239 -31.44 16.55 52.47
CA SER P 239 -32.44 16.33 53.52
C SER P 239 -33.75 15.84 52.92
N ALA P 240 -34.16 16.40 51.78
CA ALA P 240 -35.37 15.95 51.12
C ALA P 240 -35.27 14.52 50.63
N LEU P 241 -34.07 13.97 50.53
CA LEU P 241 -33.93 12.60 50.04
C LEU P 241 -34.56 11.60 50.99
N THR P 242 -34.29 11.72 52.29
CA THR P 242 -34.92 10.83 53.26
C THR P 242 -36.41 11.07 53.35
N THR P 243 -36.85 12.33 53.27
CA THR P 243 -38.27 12.61 53.31
C THR P 243 -39.00 11.95 52.15
N ILE P 244 -38.40 12.00 50.96
CA ILE P 244 -39.03 11.37 49.80
C ILE P 244 -39.00 9.86 49.93
N LYS P 245 -37.86 9.30 50.33
CA LYS P 245 -37.75 7.85 50.40
C LYS P 245 -38.59 7.27 51.51
N THR P 246 -38.91 8.08 52.53
CA THR P 246 -39.86 7.64 53.55
C THR P 246 -41.28 7.69 53.03
N ALA P 247 -41.60 8.68 52.20
CA ALA P 247 -42.93 8.76 51.62
C ALA P 247 -43.20 7.55 50.74
N ILE P 248 -42.18 7.06 50.02
CA ILE P 248 -42.35 5.84 49.26
C ILE P 248 -42.64 4.67 50.19
N ASP P 249 -42.14 4.73 51.42
CA ASP P 249 -42.38 3.65 52.37
C ASP P 249 -43.82 3.68 52.90
N THR P 250 -44.36 4.86 53.17
CA THR P 250 -45.72 4.96 53.67
C THR P 250 -46.74 4.89 52.55
N VAL P 251 -46.32 4.87 51.29
CA VAL P 251 -47.22 4.56 50.20
C VAL P 251 -47.24 3.07 49.95
N SER P 252 -46.09 2.41 50.01
CA SER P 252 -46.05 0.96 49.91
C SER P 252 -46.84 0.30 51.03
N SER P 253 -46.82 0.90 52.23
CA SER P 253 -47.62 0.37 53.33
C SER P 253 -49.11 0.48 53.01
N GLU P 254 -49.53 1.59 52.43
CA GLU P 254 -50.94 1.74 52.10
C GLU P 254 -51.35 0.82 50.97
N ARG P 255 -50.49 0.64 49.97
CA ARG P 255 -50.86 -0.19 48.84
C ARG P 255 -51.10 -1.63 49.22
N ALA P 256 -50.30 -2.18 50.12
CA ALA P 256 -50.49 -3.56 50.53
C ALA P 256 -51.43 -3.70 51.72
N LYS P 257 -51.79 -2.61 52.39
CA LYS P 257 -52.96 -2.64 53.24
C LYS P 257 -54.23 -2.77 52.42
N LEU P 258 -54.20 -2.34 51.16
CA LEU P 258 -55.32 -2.51 50.25
C LEU P 258 -55.19 -3.74 49.38
N GLY P 259 -53.99 -4.26 49.19
CA GLY P 259 -53.82 -5.49 48.46
C GLY P 259 -54.13 -6.67 49.34
N ALA P 260 -53.96 -6.50 50.66
CA ALA P 260 -54.33 -7.55 51.59
C ALA P 260 -55.84 -7.71 51.68
N VAL P 261 -56.57 -6.60 51.68
CA VAL P 261 -58.03 -6.68 51.72
C VAL P 261 -58.56 -7.27 50.43
N GLN P 262 -57.95 -6.92 49.30
CA GLN P 262 -58.43 -7.45 48.03
C GLN P 262 -58.19 -8.94 47.92
N ASN P 263 -57.05 -9.42 48.43
CA ASN P 263 -56.81 -10.86 48.46
C ASN P 263 -57.84 -11.56 49.32
N ARG P 264 -58.18 -10.98 50.47
CA ARG P 264 -59.20 -11.57 51.33
C ARG P 264 -60.54 -11.60 50.63
N LEU P 265 -60.90 -10.51 49.96
CA LEU P 265 -62.19 -10.44 49.28
C LEU P 265 -62.27 -11.41 48.11
N GLU P 266 -61.14 -11.82 47.56
CA GLU P 266 -61.16 -12.84 46.52
C GLU P 266 -61.45 -14.22 47.11
N HIS P 267 -60.99 -14.47 48.33
CA HIS P 267 -61.34 -15.71 49.02
C HIS P 267 -62.78 -15.68 49.51
N THR P 268 -63.25 -14.52 49.96
CA THR P 268 -64.63 -14.39 50.39
C THR P 268 -65.61 -14.64 49.26
N ILE P 269 -65.23 -14.32 48.03
CA ILE P 269 -66.14 -14.51 46.90
C ILE P 269 -66.26 -15.98 46.54
N ASN P 270 -65.15 -16.72 46.52
CA ASN P 270 -65.22 -18.15 46.24
C ASN P 270 -66.02 -18.88 47.32
N ASN P 271 -65.88 -18.47 48.58
CA ASN P 271 -66.61 -19.12 49.64
C ASN P 271 -68.08 -18.75 49.63
N LEU P 272 -68.40 -17.51 49.26
CA LEU P 272 -69.81 -17.14 49.11
C LEU P 272 -70.43 -17.82 47.92
N GLY P 273 -69.69 -17.97 46.82
CA GLY P 273 -70.20 -18.68 45.68
C GLY P 273 -70.40 -20.16 45.93
N THR P 274 -69.48 -20.78 46.67
CA THR P 274 -69.63 -22.18 47.02
C THR P 274 -70.80 -22.40 47.97
N SER P 275 -71.04 -21.48 48.89
CA SER P 275 -72.13 -21.63 49.83
C SER P 275 -73.49 -21.38 49.20
N SER P 276 -73.55 -20.74 48.04
CA SER P 276 -74.83 -20.60 47.36
C SER P 276 -75.19 -21.89 46.62
N GLU P 277 -74.21 -22.52 45.97
CA GLU P 277 -74.48 -23.79 45.32
C GLU P 277 -74.89 -24.85 46.31
N ASN P 278 -74.18 -24.92 47.44
CA ASN P 278 -74.50 -25.93 48.44
C ASN P 278 -75.86 -25.68 49.07
N LEU P 279 -76.29 -24.43 49.13
CA LEU P 279 -77.60 -24.12 49.67
C LEU P 279 -78.68 -24.15 48.60
N THR P 280 -78.35 -23.78 47.37
CA THR P 280 -79.30 -23.91 46.28
C THR P 280 -79.67 -25.38 46.06
N SER P 281 -78.68 -26.25 46.06
CA SER P 281 -78.96 -27.68 45.95
C SER P 281 -79.71 -28.18 47.17
N ALA P 282 -79.37 -27.67 48.35
CA ALA P 282 -80.08 -28.07 49.56
C ALA P 282 -81.55 -27.65 49.51
N GLU P 283 -81.82 -26.45 49.01
CA GLU P 283 -83.20 -25.98 48.95
C GLU P 283 -83.97 -26.65 47.84
N SER P 284 -83.32 -27.02 46.74
CA SER P 284 -84.01 -27.69 45.66
C SER P 284 -84.53 -29.06 46.10
N ARG P 285 -83.74 -29.80 46.88
CA ARG P 285 -84.20 -31.09 47.37
C ARG P 285 -85.41 -30.94 48.27
N ILE P 286 -85.44 -29.89 49.08
CA ILE P 286 -86.58 -29.70 49.99
C ILE P 286 -87.81 -29.22 49.22
N ARG P 287 -87.62 -28.32 48.26
CA ARG P 287 -88.73 -27.59 47.65
C ARG P 287 -89.12 -28.13 46.28
N ASP P 288 -88.16 -28.33 45.38
CA ASP P 288 -88.48 -28.75 44.03
C ASP P 288 -89.02 -30.18 44.01
N VAL P 289 -89.84 -30.46 43.03
CA VAL P 289 -90.46 -31.77 42.89
C VAL P 289 -89.61 -32.63 41.98
N ASP P 290 -89.71 -33.94 42.16
CA ASP P 290 -89.05 -34.90 41.27
C ASP P 290 -89.99 -35.18 40.12
N MET P 291 -89.59 -34.76 38.91
CA MET P 291 -90.48 -34.88 37.77
C MET P 291 -90.85 -36.33 37.48
N ALA P 292 -89.86 -37.23 37.57
CA ALA P 292 -90.12 -38.63 37.28
C ALA P 292 -91.05 -39.24 38.32
N SER P 293 -90.75 -39.06 39.60
CA SER P 293 -91.54 -39.67 40.65
C SER P 293 -92.93 -39.05 40.78
N GLU P 294 -93.16 -37.90 40.16
CA GLU P 294 -94.45 -37.23 40.24
C GLU P 294 -95.31 -37.48 39.03
N MET P 295 -94.71 -37.52 37.84
CA MET P 295 -95.46 -37.87 36.63
C MET P 295 -95.97 -39.29 36.73
N MET P 296 -95.15 -40.20 37.27
CA MET P 296 -95.59 -41.58 37.46
C MET P 296 -96.71 -41.68 38.47
N GLU P 297 -96.72 -40.82 39.48
CA GLU P 297 -97.80 -40.84 40.46
C GLU P 297 -99.05 -40.17 39.91
N TYR P 298 -98.88 -39.13 39.09
CA TYR P 298 -100.03 -38.49 38.48
C TYR P 298 -100.78 -39.45 37.57
N THR P 299 -100.05 -40.23 36.78
CA THR P 299 -100.69 -41.20 35.89
C THR P 299 -101.48 -42.24 36.67
N LYS P 300 -100.99 -42.64 37.85
CA LYS P 300 -101.70 -43.64 38.64
C LYS P 300 -103.07 -43.13 39.05
N ASN P 301 -103.13 -41.96 39.70
CA ASN P 301 -104.43 -41.41 40.08
C ASN P 301 -105.25 -41.03 38.87
N ASN P 302 -104.63 -40.74 37.75
CA ASN P 302 -105.37 -40.47 36.52
C ASN P 302 -106.00 -41.74 35.97
N ILE P 303 -105.54 -42.90 36.38
CA ILE P 303 -106.17 -44.16 35.99
C ILE P 303 -107.21 -44.60 37.02
N LEU P 304 -106.87 -44.45 38.30
CA LEU P 304 -107.81 -44.82 39.36
C LEU P 304 -109.12 -44.05 39.28
N THR P 305 -109.09 -42.84 38.73
CA THR P 305 -110.32 -42.09 38.52
C THR P 305 -111.11 -42.60 37.32
N GLN P 306 -110.42 -43.11 36.29
CA GLN P 306 -111.13 -43.72 35.18
C GLN P 306 -111.69 -45.08 35.53
N ALA P 307 -111.00 -45.83 36.39
CA ALA P 307 -111.55 -47.07 36.89
C ALA P 307 -112.82 -46.84 37.68
N SER P 308 -112.82 -45.81 38.53
CA SER P 308 -114.03 -45.46 39.26
C SER P 308 -115.09 -44.89 38.33
N GLN P 309 -114.66 -44.15 37.30
CA GLN P 309 -115.59 -43.66 36.30
C GLN P 309 -116.27 -44.81 35.56
N ALA P 310 -115.49 -45.82 35.18
CA ALA P 310 -116.05 -46.95 34.46
C ALA P 310 -117.05 -47.72 35.30
N MET P 311 -116.73 -47.94 36.58
CA MET P 311 -117.62 -48.71 37.44
C MET P 311 -118.82 -47.91 37.90
N LEU P 312 -118.72 -46.58 37.94
CA LEU P 312 -119.89 -45.77 38.28
C LEU P 312 -120.98 -45.93 37.23
N ALA P 313 -120.61 -46.01 35.96
CA ALA P 313 -121.59 -46.21 34.91
C ALA P 313 -122.35 -47.51 35.10
N GLN P 314 -121.63 -48.59 35.44
CA GLN P 314 -122.29 -49.87 35.66
C GLN P 314 -123.10 -49.86 36.95
N ALA P 315 -122.65 -49.11 37.96
CA ALA P 315 -123.37 -49.04 39.23
C ALA P 315 -124.76 -48.46 39.04
N ASN P 316 -124.93 -47.55 38.08
CA ASN P 316 -126.25 -46.99 37.81
C ASN P 316 -127.13 -47.96 37.02
N GLN P 317 -126.53 -48.86 36.25
CA GLN P 317 -127.32 -49.78 35.45
C GLN P 317 -127.96 -50.86 36.30
N GLN P 318 -127.33 -51.21 37.42
CA GLN P 318 -127.84 -52.30 38.25
C GLN P 318 -129.25 -52.06 38.78
N PRO P 319 -129.62 -50.88 39.30
CA PRO P 319 -131.01 -50.69 39.73
C PRO P 319 -132.02 -50.75 38.60
N GLN P 320 -131.59 -50.61 37.35
CA GLN P 320 -132.52 -50.60 36.22
C GLN P 320 -133.14 -51.95 35.93
N GLN P 321 -132.67 -53.02 36.56
CA GLN P 321 -133.15 -54.36 36.24
C GLN P 321 -134.40 -54.76 37.01
N VAL P 322 -134.85 -53.96 37.98
CA VAL P 322 -136.06 -54.30 38.71
C VAL P 322 -137.31 -53.97 37.92
N LEU P 323 -137.20 -53.17 36.86
CA LEU P 323 -138.36 -52.82 36.06
C LEU P 323 -138.91 -54.04 35.33
N GLN P 324 -138.02 -54.88 34.81
CA GLN P 324 -138.47 -56.10 34.15
C GLN P 324 -139.16 -57.06 35.11
N LEU P 325 -138.83 -56.98 36.40
CA LEU P 325 -139.50 -57.78 37.41
C LEU P 325 -140.82 -57.17 37.85
N LEU P 326 -140.92 -55.83 37.84
CA LEU P 326 -142.11 -55.16 38.32
C LEU P 326 -143.29 -55.30 37.37
N LYS P 327 -143.04 -55.62 36.10
CA LYS P 327 -144.11 -55.80 35.13
C LYS P 327 -144.56 -57.25 35.09
N MET Q 1 -148.75 -36.47 34.46
CA MET Q 1 -147.97 -36.50 33.23
C MET Q 1 -148.63 -35.68 32.13
N ARG Q 2 -148.09 -34.48 31.89
CA ARG Q 2 -148.60 -33.61 30.84
C ARG Q 2 -147.80 -33.81 29.57
N ILE Q 3 -148.49 -34.03 28.47
CA ILE Q 3 -147.86 -34.47 27.22
C ILE Q 3 -147.72 -33.33 26.23
N ASN Q 4 -148.68 -32.40 26.20
CA ASN Q 4 -148.67 -31.34 25.20
C ASN Q 4 -147.47 -30.41 25.32
N HIS Q 5 -146.76 -30.43 26.44
CA HIS Q 5 -145.60 -29.57 26.62
C HIS Q 5 -144.56 -30.33 27.43
N ASN Q 6 -143.33 -30.34 26.95
CA ASN Q 6 -142.21 -30.99 27.63
C ASN Q 6 -141.30 -29.90 28.16
N ILE Q 7 -141.62 -29.41 29.37
CA ILE Q 7 -140.84 -28.32 29.94
C ILE Q 7 -139.42 -28.76 30.24
N ALA Q 8 -139.23 -30.04 30.56
CA ALA Q 8 -137.88 -30.55 30.80
C ALA Q 8 -137.03 -30.45 29.54
N ALA Q 9 -137.60 -30.81 28.39
CA ALA Q 9 -136.85 -30.69 27.14
C ALA Q 9 -136.79 -29.25 26.65
N LEU Q 10 -137.84 -28.47 26.88
CA LEU Q 10 -137.82 -27.07 26.48
C LEU Q 10 -136.79 -26.28 27.28
N ASN Q 11 -136.62 -26.60 28.56
CA ASN Q 11 -135.59 -25.95 29.36
C ASN Q 11 -134.20 -26.38 28.91
N THR Q 12 -134.02 -27.65 28.57
CA THR Q 12 -132.73 -28.13 28.11
C THR Q 12 -132.35 -27.52 26.77
N SER Q 13 -133.33 -27.20 25.94
CA SER Q 13 -133.04 -26.57 24.65
C SER Q 13 -132.38 -25.21 24.84
N ARG Q 14 -132.87 -24.42 25.80
CA ARG Q 14 -132.29 -23.10 26.03
C ARG Q 14 -130.84 -23.21 26.50
N GLN Q 15 -130.56 -24.15 27.40
CA GLN Q 15 -129.16 -24.36 27.79
C GLN Q 15 -128.34 -24.91 26.65
N LEU Q 16 -128.97 -25.63 25.72
CA LEU Q 16 -128.27 -26.07 24.52
C LEU Q 16 -127.90 -24.89 23.63
N ASN Q 17 -128.85 -23.99 23.41
CA ASN Q 17 -128.53 -22.75 22.70
C ASN Q 17 -128.07 -21.66 23.65
N ALA Q 18 -127.19 -22.00 24.58
CA ALA Q 18 -126.46 -21.03 25.37
C ALA Q 18 -125.00 -21.41 25.59
N GLY Q 19 -124.63 -22.67 25.37
CA GLY Q 19 -123.25 -23.09 25.42
C GLY Q 19 -122.71 -23.18 24.01
N SER Q 20 -123.61 -23.42 23.05
CA SER Q 20 -123.22 -23.32 21.65
C SER Q 20 -122.84 -21.89 21.29
N ASN Q 21 -123.62 -20.92 21.75
CA ASN Q 21 -123.27 -19.53 21.51
C ASN Q 21 -121.95 -19.16 22.15
N ALA Q 22 -121.73 -19.60 23.39
CA ALA Q 22 -120.47 -19.32 24.06
C ALA Q 22 -119.30 -19.99 23.35
N ALA Q 23 -119.48 -21.22 22.89
CA ALA Q 23 -118.41 -21.88 22.15
C ALA Q 23 -118.13 -21.18 20.83
N SER Q 24 -119.17 -20.71 20.15
CA SER Q 24 -118.96 -19.95 18.92
C SER Q 24 -118.19 -18.68 19.18
N LYS Q 25 -118.54 -17.96 20.26
CA LYS Q 25 -117.80 -16.76 20.62
C LYS Q 25 -116.37 -17.07 20.98
N ASN Q 26 -116.13 -18.19 21.65
CA ASN Q 26 -114.77 -18.56 22.02
C ASN Q 26 -113.95 -18.94 20.81
N MET Q 27 -114.58 -19.56 19.80
CA MET Q 27 -113.85 -19.96 18.61
C MET Q 27 -113.55 -18.78 17.70
N GLU Q 28 -114.34 -17.71 17.76
CA GLU Q 28 -113.99 -16.49 17.05
C GLU Q 28 -112.67 -15.94 17.56
N LYS Q 29 -112.51 -15.88 18.88
CA LYS Q 29 -111.27 -15.38 19.45
C LYS Q 29 -110.10 -16.29 19.12
N LEU Q 30 -110.31 -17.60 19.17
CA LEU Q 30 -109.22 -18.54 18.93
C LEU Q 30 -108.75 -18.47 17.49
N SER Q 31 -109.67 -18.36 16.54
CA SER Q 31 -109.29 -18.29 15.13
C SER Q 31 -108.60 -16.98 14.82
N SER Q 32 -109.19 -15.86 15.23
CA SER Q 32 -108.63 -14.56 14.90
C SER Q 32 -107.42 -14.21 15.76
N GLY Q 33 -107.36 -14.73 16.98
CA GLY Q 33 -106.30 -14.36 17.89
C GLY Q 33 -106.52 -13.06 18.62
N LEU Q 34 -107.72 -12.49 18.55
CA LEU Q 34 -108.02 -11.20 19.15
C LEU Q 34 -109.15 -11.34 20.16
N ARG Q 35 -108.96 -10.71 21.33
CA ARG Q 35 -110.04 -10.67 22.32
C ARG Q 35 -111.23 -9.88 21.80
N ILE Q 36 -110.96 -8.74 21.18
CA ILE Q 36 -112.01 -7.81 20.77
C ILE Q 36 -112.15 -7.92 19.26
N ASN Q 37 -113.12 -8.70 18.82
CA ASN Q 37 -113.50 -8.74 17.41
C ASN Q 37 -114.59 -7.72 17.12
N ARG Q 38 -115.73 -7.87 17.79
CA ARG Q 38 -116.79 -6.88 17.76
C ARG Q 38 -116.53 -5.81 18.83
N ALA Q 39 -117.27 -4.71 18.72
CA ALA Q 39 -117.16 -3.66 19.72
C ALA Q 39 -117.88 -4.00 21.01
N GLY Q 40 -118.71 -5.04 21.01
CA GLY Q 40 -119.40 -5.44 22.21
C GLY Q 40 -118.58 -6.24 23.19
N ASP Q 41 -117.42 -6.73 22.77
CA ASP Q 41 -116.54 -7.44 23.68
C ASP Q 41 -115.82 -6.50 24.63
N ASP Q 42 -115.42 -5.32 24.15
CA ASP Q 42 -114.86 -4.28 25.02
C ASP Q 42 -115.01 -2.95 24.29
N ALA Q 43 -115.90 -2.09 24.78
CA ALA Q 43 -116.06 -0.77 24.17
C ALA Q 43 -114.82 0.08 24.39
N ALA Q 44 -114.39 0.19 25.65
CA ALA Q 44 -113.16 0.93 25.94
C ALA Q 44 -111.94 0.21 25.39
N GLY Q 45 -111.98 -1.12 25.36
CA GLY Q 45 -110.89 -1.85 24.75
C GLY Q 45 -110.78 -1.57 23.26
N LEU Q 46 -111.92 -1.51 22.58
CA LEU Q 46 -111.90 -1.14 21.17
C LEU Q 46 -111.39 0.28 20.98
N ALA Q 47 -111.86 1.22 21.80
CA ALA Q 47 -111.45 2.61 21.65
C ALA Q 47 -109.95 2.78 21.90
N ILE Q 48 -109.44 2.19 22.98
CA ILE Q 48 -108.03 2.33 23.33
C ILE Q 48 -107.16 1.67 22.26
N SER Q 49 -107.58 0.51 21.77
CA SER Q 49 -106.80 -0.22 20.79
C SER Q 49 -106.57 0.61 19.54
N GLU Q 50 -107.64 1.18 18.98
CA GLU Q 50 -107.53 1.93 17.75
C GLU Q 50 -106.62 3.15 17.90
N LYS Q 51 -106.74 3.86 19.01
CA LYS Q 51 -105.79 4.92 19.31
C LYS Q 51 -104.38 4.35 19.34
N MET Q 52 -104.21 3.21 20.01
CA MET Q 52 -102.91 2.58 20.11
C MET Q 52 -102.36 2.19 18.74
N ARG Q 53 -103.15 1.49 17.93
CA ARG Q 53 -102.70 1.07 16.61
C ARG Q 53 -102.31 2.27 15.77
N SER Q 54 -103.15 3.31 15.79
CA SER Q 54 -102.86 4.54 15.06
C SER Q 54 -101.52 5.11 15.48
N GLN Q 55 -101.25 5.10 16.78
CA GLN Q 55 -99.99 5.61 17.29
C GLN Q 55 -98.82 4.71 16.92
N ILE Q 56 -99.02 3.39 17.01
CA ILE Q 56 -97.94 2.45 16.71
C ILE Q 56 -97.57 2.53 15.24
N ARG Q 57 -98.57 2.53 14.36
CA ARG Q 57 -98.28 2.67 12.93
C ARG Q 57 -97.80 4.07 12.58
N GLY Q 58 -97.88 5.02 13.50
CA GLY Q 58 -97.32 6.33 13.29
C GLY Q 58 -95.88 6.40 13.71
N LEU Q 59 -95.55 5.82 14.87
CA LEU Q 59 -94.16 5.85 15.33
C LEU Q 59 -93.27 4.97 14.47
N ASP Q 60 -93.79 3.87 13.94
CA ASP Q 60 -92.96 3.05 13.07
C ASP Q 60 -92.81 3.69 11.70
N MET Q 61 -93.76 4.54 11.30
CA MET Q 61 -93.60 5.30 10.07
C MET Q 61 -92.80 6.58 10.31
N ALA Q 62 -93.02 7.25 11.43
CA ALA Q 62 -92.19 8.39 11.80
C ALA Q 62 -90.75 7.98 12.06
N SER Q 63 -90.49 6.70 12.29
CA SER Q 63 -89.12 6.21 12.35
C SER Q 63 -88.51 6.05 10.97
N LYS Q 64 -89.35 5.90 9.93
CA LYS Q 64 -88.83 5.94 8.57
C LYS Q 64 -88.50 7.36 8.16
N ASN Q 65 -89.35 8.32 8.54
CA ASN Q 65 -89.07 9.72 8.24
C ASN Q 65 -87.79 10.17 8.92
N ALA Q 66 -87.59 9.76 10.17
CA ALA Q 66 -86.35 10.11 10.86
C ALA Q 66 -85.14 9.52 10.16
N GLN Q 67 -85.28 8.33 9.59
CA GLN Q 67 -84.16 7.74 8.87
C GLN Q 67 -84.04 8.23 7.45
N ASP Q 68 -85.12 8.69 6.84
CA ASP Q 68 -85.02 9.37 5.56
C ASP Q 68 -84.49 10.78 5.70
N GLY Q 69 -84.44 11.31 6.92
CA GLY Q 69 -83.80 12.59 7.15
C GLY Q 69 -82.35 12.40 7.50
N ILE Q 70 -82.03 11.24 8.09
CA ILE Q 70 -80.63 10.91 8.33
C ILE Q 70 -79.90 10.72 7.02
N SER Q 71 -80.57 10.14 6.03
CA SER Q 71 -79.97 9.98 4.71
C SER Q 71 -79.82 11.32 4.01
N LEU Q 72 -80.84 12.17 4.12
CA LEU Q 72 -80.75 13.49 3.49
C LEU Q 72 -79.64 14.32 4.08
N ILE Q 73 -79.32 14.10 5.36
CA ILE Q 73 -78.30 14.88 6.02
C ILE Q 73 -76.91 14.29 5.78
N GLN Q 74 -76.81 12.97 5.72
CA GLN Q 74 -75.54 12.35 5.39
C GLN Q 74 -75.08 12.75 3.99
N THR Q 75 -76.02 12.90 3.07
CA THR Q 75 -75.67 13.32 1.72
C THR Q 75 -75.08 14.72 1.72
N SER Q 76 -75.65 15.64 2.50
CA SER Q 76 -75.16 17.01 2.50
C SER Q 76 -73.76 17.09 3.11
N GLU Q 77 -73.58 16.51 4.30
CA GLU Q 77 -72.26 16.58 4.92
C GLU Q 77 -71.26 15.72 4.17
N GLY Q 78 -71.71 14.65 3.52
CA GLY Q 78 -70.82 13.92 2.63
C GLY Q 78 -70.32 14.78 1.50
N ALA Q 79 -71.17 15.66 0.99
CA ALA Q 79 -70.74 16.59 -0.06
C ALA Q 79 -69.79 17.63 0.48
N LEU Q 80 -70.11 18.26 1.64
CA LEU Q 80 -69.19 19.23 2.23
C LEU Q 80 -67.90 18.59 2.70
N ASN Q 81 -67.84 17.27 2.80
CA ASN Q 81 -66.58 16.62 3.08
C ASN Q 81 -65.56 16.93 2.01
N GLU Q 82 -65.99 17.18 0.79
CA GLU Q 82 -65.09 17.47 -0.31
C GLU Q 82 -64.85 18.94 -0.50
N THR Q 83 -65.84 19.78 -0.23
CA THR Q 83 -65.56 21.20 -0.19
C THR Q 83 -64.49 21.51 0.83
N HIS Q 84 -64.32 20.68 1.84
CA HIS Q 84 -63.19 20.89 2.74
C HIS Q 84 -61.87 20.57 2.07
N SER Q 85 -61.81 19.52 1.28
CA SER Q 85 -60.55 19.14 0.66
C SER Q 85 -60.18 20.09 -0.45
N ILE Q 86 -61.17 20.57 -1.15
CA ILE Q 86 -60.88 21.54 -2.19
C ILE Q 86 -60.42 22.85 -1.57
N LEU Q 87 -61.09 23.29 -0.51
CA LEU Q 87 -60.65 24.49 0.18
C LEU Q 87 -59.29 24.30 0.82
N GLN Q 88 -58.96 23.07 1.20
CA GLN Q 88 -57.66 22.80 1.81
C GLN Q 88 -56.55 22.89 0.76
N ARG Q 89 -56.78 22.29 -0.40
CA ARG Q 89 -55.83 22.43 -1.51
C ARG Q 89 -55.79 23.87 -2.00
N MET Q 90 -56.95 24.54 -2.01
CA MET Q 90 -57.01 25.91 -2.46
C MET Q 90 -56.22 26.84 -1.57
N SER Q 91 -55.88 26.41 -0.36
CA SER Q 91 -55.08 27.21 0.55
C SER Q 91 -53.59 27.01 0.36
N GLU Q 92 -53.17 25.86 -0.17
CA GLU Q 92 -51.77 25.71 -0.56
C GLU Q 92 -51.44 26.55 -1.77
N LEU Q 93 -52.37 26.67 -2.72
CA LEU Q 93 -52.16 27.60 -3.81
C LEU Q 93 -52.51 29.02 -3.43
N ALA Q 94 -52.12 29.43 -2.23
CA ALA Q 94 -52.00 30.82 -1.88
C ALA Q 94 -50.80 31.08 -0.98
N THR Q 95 -50.25 30.05 -0.35
CA THR Q 95 -48.97 30.17 0.32
C THR Q 95 -47.84 30.01 -0.67
N GLN Q 96 -48.09 29.31 -1.77
CA GLN Q 96 -47.10 29.20 -2.83
C GLN Q 96 -47.13 30.44 -3.72
N ALA Q 97 -48.32 30.98 -3.97
CA ALA Q 97 -48.45 32.18 -4.78
C ALA Q 97 -48.01 33.44 -4.06
N ALA Q 98 -47.93 33.42 -2.73
CA ALA Q 98 -47.49 34.57 -1.98
C ALA Q 98 -45.98 34.73 -1.97
N ASN Q 99 -45.24 33.66 -2.20
CA ASN Q 99 -43.79 33.76 -2.29
C ASN Q 99 -43.40 34.59 -3.50
N ASP Q 100 -42.35 35.38 -3.36
CA ASP Q 100 -41.95 36.31 -4.40
C ASP Q 100 -40.85 35.76 -5.30
N THR Q 101 -40.50 34.48 -5.16
CA THR Q 101 -39.72 33.83 -6.19
C THR Q 101 -40.56 33.45 -7.40
N ASN Q 102 -41.88 33.39 -7.23
CA ASN Q 102 -42.77 33.22 -8.37
C ASN Q 102 -42.78 34.47 -9.22
N THR Q 103 -43.00 34.28 -10.51
CA THR Q 103 -43.26 35.38 -11.42
C THR Q 103 -44.74 35.41 -11.78
N ASP Q 104 -45.17 36.50 -12.42
CA ASP Q 104 -46.56 36.58 -12.83
C ASP Q 104 -46.91 35.50 -13.83
N SER Q 105 -45.94 35.04 -14.61
CA SER Q 105 -46.16 33.90 -15.50
C SER Q 105 -46.49 32.64 -14.71
N ASP Q 106 -46.07 32.57 -13.44
CA ASP Q 106 -46.31 31.40 -12.61
C ASP Q 106 -47.41 31.62 -11.58
N ARG Q 107 -47.63 32.84 -11.14
CA ARG Q 107 -48.82 33.12 -10.35
C ARG Q 107 -50.07 32.91 -11.17
N SER Q 108 -50.08 33.45 -12.39
CA SER Q 108 -51.19 33.17 -13.30
C SER Q 108 -51.22 31.71 -13.69
N GLU Q 109 -50.11 31.01 -13.51
CA GLU Q 109 -50.09 29.59 -13.78
C GLU Q 109 -50.82 28.85 -12.66
N LEU Q 110 -50.63 29.30 -11.43
CA LEU Q 110 -51.39 28.76 -10.29
C LEU Q 110 -52.85 29.14 -10.37
N GLN Q 111 -53.15 30.31 -10.93
CA GLN Q 111 -54.54 30.76 -11.02
C GLN Q 111 -55.37 29.82 -11.87
N LYS Q 112 -54.74 29.06 -12.76
CA LYS Q 112 -55.48 28.09 -13.55
C LYS Q 112 -56.13 27.04 -12.68
N GLU Q 113 -55.41 26.54 -11.68
CA GLU Q 113 -56.02 25.61 -10.74
C GLU Q 113 -56.89 26.32 -9.72
N MET Q 114 -56.58 27.56 -9.41
CA MET Q 114 -57.45 28.38 -8.56
C MET Q 114 -58.86 28.44 -9.15
N ASP Q 115 -58.97 28.77 -10.43
CA ASP Q 115 -60.27 28.86 -11.06
C ASP Q 115 -60.92 27.50 -11.28
N GLN Q 116 -60.13 26.44 -11.34
CA GLN Q 116 -60.69 25.12 -11.53
C GLN Q 116 -61.14 24.50 -10.22
N LEU Q 117 -60.47 24.82 -9.12
CA LEU Q 117 -60.95 24.39 -7.81
C LEU Q 117 -62.18 25.16 -7.40
N ALA Q 118 -62.17 26.48 -7.59
CA ALA Q 118 -63.33 27.28 -7.24
C ALA Q 118 -64.54 26.95 -8.09
N SER Q 119 -64.34 26.45 -9.30
CA SER Q 119 -65.44 26.02 -10.14
C SER Q 119 -65.97 24.65 -9.77
N GLU Q 120 -65.22 23.89 -8.98
CA GLU Q 120 -65.68 22.61 -8.49
C GLU Q 120 -66.43 22.75 -7.17
N VAL Q 121 -66.03 23.71 -6.35
CA VAL Q 121 -66.80 24.05 -5.15
C VAL Q 121 -68.22 24.45 -5.54
N THR Q 122 -68.36 25.23 -6.61
CA THR Q 122 -69.68 25.61 -7.08
C THR Q 122 -70.45 24.42 -7.63
N ARG Q 123 -69.76 23.49 -8.28
CA ARG Q 123 -70.44 22.32 -8.82
C ARG Q 123 -71.07 21.49 -7.72
N ILE Q 124 -70.35 21.28 -6.62
CA ILE Q 124 -70.87 20.46 -5.53
C ILE Q 124 -72.13 21.07 -4.96
N SER Q 125 -72.18 22.40 -4.88
CA SER Q 125 -73.37 23.05 -4.34
C SER Q 125 -74.57 22.85 -5.26
N THR Q 126 -74.39 23.06 -6.56
CA THR Q 126 -75.51 22.98 -7.48
C THR Q 126 -75.82 21.56 -7.94
N ASP Q 127 -74.92 20.60 -7.70
CA ASP Q 127 -75.15 19.24 -8.14
C ASP Q 127 -75.59 18.30 -7.03
N THR Q 128 -75.19 18.57 -5.79
CA THR Q 128 -75.58 17.70 -4.69
C THR Q 128 -77.09 17.70 -4.55
N GLU Q 129 -77.69 16.54 -4.74
CA GLU Q 129 -79.15 16.45 -4.84
C GLU Q 129 -79.61 15.14 -4.23
N PHE Q 130 -80.35 15.23 -3.14
CA PHE Q 130 -81.06 14.10 -2.58
C PHE Q 130 -82.49 14.13 -3.08
N ASN Q 131 -82.98 12.97 -3.53
CA ASN Q 131 -84.32 12.88 -4.13
C ASN Q 131 -84.25 13.81 -5.32
N THR Q 132 -85.08 14.84 -5.40
CA THR Q 132 -84.95 15.89 -6.39
C THR Q 132 -84.76 17.27 -5.76
N LYS Q 133 -84.08 17.30 -4.62
CA LYS Q 133 -83.89 18.51 -3.85
C LYS Q 133 -82.42 18.91 -3.88
N LYS Q 134 -82.14 20.14 -4.28
CA LYS Q 134 -80.78 20.67 -4.23
C LYS Q 134 -80.52 21.12 -2.81
N LEU Q 135 -79.58 20.46 -2.12
CA LEU Q 135 -79.39 20.70 -0.71
C LEU Q 135 -78.52 21.91 -0.43
N LEU Q 136 -77.40 22.03 -1.13
CA LEU Q 136 -76.39 23.02 -0.79
C LEU Q 136 -76.48 24.29 -1.60
N ASP Q 137 -77.55 24.51 -2.35
CA ASP Q 137 -77.69 25.70 -3.16
C ASP Q 137 -78.53 26.77 -2.48
N GLY Q 138 -78.82 26.62 -1.20
CA GLY Q 138 -79.55 27.61 -0.46
C GLY Q 138 -81.05 27.53 -0.58
N THR Q 139 -81.58 26.54 -1.29
CA THR Q 139 -83.02 26.37 -1.42
C THR Q 139 -83.61 25.39 -0.42
N ALA Q 140 -82.77 24.55 0.19
CA ALA Q 140 -83.23 23.58 1.19
C ALA Q 140 -83.29 24.28 2.54
N GLN Q 141 -84.38 25.00 2.76
CA GLN Q 141 -84.62 25.72 4.00
C GLN Q 141 -85.94 25.29 4.59
N ASN Q 142 -86.02 25.28 5.92
CA ASN Q 142 -87.23 24.92 6.64
C ASN Q 142 -87.65 23.49 6.36
N LEU Q 143 -86.68 22.62 6.12
CA LEU Q 143 -86.96 21.22 5.91
C LEU Q 143 -87.55 20.62 7.18
N THR Q 144 -88.80 20.20 7.11
CA THR Q 144 -89.55 19.72 8.25
C THR Q 144 -89.63 18.20 8.20
N PHE Q 145 -89.01 17.53 9.17
CA PHE Q 145 -89.11 16.09 9.30
C PHE Q 145 -90.16 15.78 10.36
N GLN Q 146 -91.17 14.99 9.98
CA GLN Q 146 -92.20 14.60 10.93
C GLN Q 146 -91.64 13.44 11.74
N ILE Q 147 -90.90 13.76 12.79
CA ILE Q 147 -90.40 12.76 13.72
C ILE Q 147 -91.40 12.63 14.87
N GLY Q 148 -92.45 11.88 14.65
CA GLY Q 148 -93.51 11.77 15.61
C GLY Q 148 -94.82 11.49 14.90
N ALA Q 149 -95.76 10.91 15.63
CA ALA Q 149 -97.00 10.43 15.05
C ALA Q 149 -98.11 11.47 15.05
N ASN Q 150 -97.86 12.69 15.53
CA ASN Q 150 -98.89 13.69 15.71
C ASN Q 150 -98.48 15.00 15.06
N GLU Q 151 -99.35 16.00 15.20
CA GLU Q 151 -99.02 17.35 14.77
C GLU Q 151 -97.88 17.94 15.57
N GLY Q 152 -97.10 18.81 14.91
CA GLY Q 152 -96.09 19.58 15.60
C GLY Q 152 -94.96 18.78 16.17
N GLN Q 153 -94.89 17.49 15.89
CA GLN Q 153 -93.79 16.65 16.32
C GLN Q 153 -92.74 16.59 15.21
N THR Q 154 -92.26 17.77 14.85
CA THR Q 154 -91.39 17.96 13.71
C THR Q 154 -90.05 18.53 14.16
N MET Q 155 -89.12 18.54 13.23
CA MET Q 155 -87.83 19.20 13.39
C MET Q 155 -87.51 19.95 12.12
N SER Q 156 -87.10 21.20 12.25
CA SER Q 156 -86.75 22.00 11.09
C SER Q 156 -85.25 21.88 10.81
N LEU Q 157 -84.85 22.35 9.64
CA LEU Q 157 -83.46 22.32 9.23
C LEU Q 157 -83.27 23.30 8.09
N SER Q 158 -82.13 23.99 8.07
CA SER Q 158 -81.86 24.94 7.00
C SER Q 158 -80.38 24.87 6.68
N ILE Q 159 -80.06 24.39 5.49
CA ILE Q 159 -78.68 24.33 5.02
C ILE Q 159 -78.43 25.57 4.17
N ASN Q 160 -77.37 26.30 4.51
CA ASN Q 160 -77.07 27.53 3.80
C ASN Q 160 -76.41 27.24 2.46
N LYS Q 161 -76.39 28.25 1.60
CA LYS Q 161 -75.75 28.13 0.31
C LYS Q 161 -74.23 28.02 0.51
N MET Q 162 -73.64 26.96 -0.04
CA MET Q 162 -72.24 26.63 0.22
C MET Q 162 -71.46 26.51 -1.07
N ASP Q 163 -71.63 27.49 -1.95
CA ASP Q 163 -70.88 27.57 -3.20
C ASP Q 163 -69.77 28.61 -3.06
N SER Q 164 -68.94 28.70 -4.08
CA SER Q 164 -67.76 29.56 -4.01
C SER Q 164 -68.16 31.02 -3.88
N GLU Q 165 -69.28 31.41 -4.49
CA GLU Q 165 -69.75 32.78 -4.35
C GLU Q 165 -70.09 33.10 -2.91
N SER Q 166 -70.76 32.17 -2.22
CA SER Q 166 -71.17 32.42 -0.85
C SER Q 166 -69.98 32.40 0.10
N LEU Q 167 -69.06 31.45 -0.09
CA LEU Q 167 -67.86 31.41 0.74
C LEU Q 167 -66.86 32.50 0.36
N LYS Q 168 -67.10 33.23 -0.72
CA LYS Q 168 -66.25 34.32 -1.18
C LYS Q 168 -64.89 33.84 -1.67
N VAL Q 169 -64.80 32.58 -2.09
CA VAL Q 169 -63.58 32.05 -2.67
C VAL Q 169 -63.66 32.01 -4.20
N GLY Q 170 -64.63 32.71 -4.78
CA GLY Q 170 -64.78 32.70 -6.22
C GLY Q 170 -65.88 33.65 -6.62
N THR Q 171 -66.18 33.64 -7.91
CA THR Q 171 -67.26 34.46 -8.44
C THR Q 171 -67.74 33.82 -9.72
N THR Q 172 -69.06 33.85 -9.93
CA THR Q 172 -69.69 33.14 -11.04
C THR Q 172 -70.28 34.15 -12.01
N TYR Q 173 -69.71 34.23 -13.20
CA TYR Q 173 -70.25 35.03 -14.27
C TYR Q 173 -71.20 34.18 -15.10
N THR Q 174 -72.30 34.76 -15.53
CA THR Q 174 -73.21 34.09 -16.44
C THR Q 174 -73.26 34.85 -17.76
N ALA Q 175 -73.46 34.12 -18.83
CA ALA Q 175 -73.42 34.71 -20.17
C ALA Q 175 -74.77 35.32 -20.51
N ASN Q 176 -74.73 36.56 -20.99
CA ASN Q 176 -75.95 37.23 -21.41
C ASN Q 176 -76.54 36.53 -22.64
N ASP Q 177 -77.72 36.98 -23.04
CA ASP Q 177 -78.48 36.28 -24.07
C ASP Q 177 -77.71 36.20 -25.39
N ASP Q 178 -77.10 37.29 -25.81
CA ASP Q 178 -76.28 37.33 -27.02
C ASP Q 178 -74.92 36.68 -26.80
N GLY Q 179 -74.38 36.75 -25.58
CA GLY Q 179 -73.06 36.21 -25.30
C GLY Q 179 -71.97 37.24 -25.48
N SER Q 180 -72.36 38.51 -25.59
CA SER Q 180 -71.37 39.57 -25.75
C SER Q 180 -70.62 39.82 -24.46
N LYS Q 181 -71.32 39.83 -23.34
CA LYS Q 181 -70.73 40.20 -22.06
C LYS Q 181 -71.13 39.18 -20.99
N LEU Q 182 -70.14 38.60 -20.34
CA LEU Q 182 -70.39 37.76 -19.18
C LEU Q 182 -70.84 38.61 -18.01
N VAL Q 183 -71.94 38.21 -17.39
CA VAL Q 183 -72.56 38.99 -16.32
C VAL Q 183 -72.59 38.14 -15.06
N THR Q 184 -72.07 38.70 -13.97
CA THR Q 184 -72.23 38.06 -12.68
C THR Q 184 -73.39 38.68 -11.92
N ALA Q 185 -73.83 37.98 -10.87
CA ALA Q 185 -74.74 38.61 -9.93
C ALA Q 185 -74.03 39.77 -9.25
N ASP Q 186 -74.77 40.84 -8.97
CA ASP Q 186 -74.33 42.18 -8.62
C ASP Q 186 -73.89 42.91 -9.89
N GLY Q 187 -73.78 42.21 -11.02
CA GLY Q 187 -73.57 42.87 -12.29
C GLY Q 187 -72.18 43.42 -12.55
N LYS Q 188 -71.20 42.54 -12.67
CA LYS Q 188 -69.87 42.90 -13.13
C LYS Q 188 -69.71 42.41 -14.56
N GLU Q 189 -69.41 43.33 -15.46
CA GLU Q 189 -69.43 43.07 -16.88
C GLU Q 189 -68.11 42.46 -17.34
N ALA Q 190 -68.19 41.67 -18.41
CA ALA Q 190 -67.00 41.09 -19.03
C ALA Q 190 -67.28 40.95 -20.52
N THR Q 191 -66.87 41.95 -21.30
CA THR Q 191 -67.21 41.98 -22.71
C THR Q 191 -66.25 41.12 -23.53
N LEU Q 192 -66.76 40.64 -24.66
CA LEU Q 192 -66.00 39.77 -25.54
C LEU Q 192 -65.14 40.50 -26.56
N VAL Q 193 -64.03 39.87 -26.94
CA VAL Q 193 -62.97 40.34 -27.84
C VAL Q 193 -62.47 41.75 -27.58
N THR Q 194 -62.16 42.06 -26.34
CA THR Q 194 -61.78 43.42 -25.95
C THR Q 194 -60.39 43.57 -25.35
N LYS Q 198 -56.70 44.99 -28.81
CA LYS Q 198 -57.24 43.65 -28.99
C LYS Q 198 -56.61 42.70 -27.99
N GLY Q 199 -55.32 42.42 -28.17
CA GLY Q 199 -54.61 41.53 -27.28
C GLY Q 199 -55.09 40.10 -27.39
N PRO Q 200 -54.70 39.26 -26.44
CA PRO Q 200 -55.22 37.89 -26.41
C PRO Q 200 -56.73 37.89 -26.30
N ASN Q 201 -57.35 36.91 -26.95
CA ASN Q 201 -58.79 36.92 -27.17
C ASN Q 201 -59.53 36.28 -26.01
N GLY Q 202 -60.58 36.93 -25.55
CA GLY Q 202 -61.40 36.43 -24.46
C GLY Q 202 -62.36 37.49 -23.96
N TYR Q 203 -63.04 37.16 -22.86
CA TYR Q 203 -64.01 38.06 -22.23
C TYR Q 203 -63.24 38.97 -21.28
N TYR Q 204 -62.94 40.18 -21.75
CA TYR Q 204 -62.19 41.10 -20.91
C TYR Q 204 -63.11 41.85 -19.97
N ASP Q 205 -62.50 42.40 -18.92
CA ASP Q 205 -63.17 43.10 -17.86
C ASP Q 205 -62.84 44.60 -18.00
N ASP Q 206 -63.39 45.44 -17.13
CA ASP Q 206 -63.21 46.88 -17.22
C ASP Q 206 -61.80 47.33 -16.87
N ALA Q 207 -60.90 46.40 -16.58
CA ALA Q 207 -59.53 46.75 -16.26
C ALA Q 207 -58.52 46.00 -17.12
N ASP Q 208 -58.98 45.43 -18.23
CA ASP Q 208 -58.15 44.77 -19.25
C ASP Q 208 -57.69 43.42 -18.69
N LYS Q 209 -58.03 43.13 -17.43
CA LYS Q 209 -57.77 41.80 -16.87
C LYS Q 209 -58.67 40.80 -17.59
N LEU Q 210 -58.06 39.85 -18.28
CA LEU Q 210 -58.82 38.78 -18.91
C LEU Q 210 -59.57 37.99 -17.85
N VAL Q 211 -60.85 37.73 -18.12
CA VAL Q 211 -61.71 36.97 -17.23
C VAL Q 211 -61.86 35.53 -17.73
N TYR Q 212 -62.27 35.37 -18.98
CA TYR Q 212 -62.41 34.06 -19.59
C TYR Q 212 -61.62 34.02 -20.88
N GLN Q 213 -61.04 32.86 -21.17
CA GLN Q 213 -60.27 32.65 -22.39
C GLN Q 213 -61.14 31.92 -23.39
N ALA Q 214 -61.74 32.67 -24.31
CA ALA Q 214 -62.52 32.09 -25.39
C ALA Q 214 -62.50 33.04 -26.58
N ASP Q 215 -62.43 32.47 -27.77
CA ASP Q 215 -62.44 33.26 -28.99
C ASP Q 215 -63.81 33.35 -29.63
N SER Q 216 -64.63 32.30 -29.51
CA SER Q 216 -66.01 32.36 -29.95
C SER Q 216 -66.86 33.04 -28.88
N ALA Q 217 -68.18 32.97 -29.00
CA ALA Q 217 -69.07 33.56 -28.01
C ALA Q 217 -69.72 32.42 -27.24
N LEU Q 218 -69.72 32.53 -25.91
CA LEU Q 218 -70.35 31.51 -25.09
C LEU Q 218 -71.84 31.44 -25.37
N ALA Q 219 -72.42 30.27 -25.10
CA ALA Q 219 -73.84 30.06 -25.31
C ALA Q 219 -74.64 30.83 -24.28
N LYS Q 220 -75.96 30.67 -24.30
CA LYS Q 220 -76.86 31.42 -23.45
C LYS Q 220 -76.96 30.75 -22.09
N ASP Q 221 -76.85 31.55 -21.03
CA ASP Q 221 -76.89 31.05 -19.64
C ASP Q 221 -75.83 29.99 -19.39
N THR Q 222 -74.62 30.21 -19.89
CA THR Q 222 -73.48 29.39 -19.52
C THR Q 222 -72.71 30.09 -18.42
N LYS Q 223 -72.59 29.43 -17.28
CA LYS Q 223 -71.91 30.01 -16.13
C LYS Q 223 -70.43 29.64 -16.15
N VAL Q 224 -69.59 30.62 -15.81
CA VAL Q 224 -68.17 30.37 -15.59
C VAL Q 224 -67.84 30.83 -14.19
N THR Q 225 -66.98 30.08 -13.52
CA THR Q 225 -66.55 30.41 -12.17
C THR Q 225 -65.08 30.76 -12.18
N LYS Q 226 -64.74 31.88 -11.55
CA LYS Q 226 -63.39 32.41 -11.54
C LYS Q 226 -62.92 32.50 -10.11
N GLY Q 227 -61.78 31.90 -9.81
CA GLY Q 227 -61.30 31.82 -8.45
C GLY Q 227 -60.91 33.18 -7.89
N ILE Q 228 -60.67 33.22 -6.58
CA ILE Q 228 -60.26 34.46 -5.95
C ILE Q 228 -58.87 34.82 -6.46
N ASP Q 229 -58.60 36.13 -6.52
CA ASP Q 229 -57.40 36.64 -7.16
C ASP Q 229 -56.18 36.30 -6.33
N ILE Q 230 -55.28 35.50 -6.89
CA ILE Q 230 -53.97 35.23 -6.28
C ILE Q 230 -52.83 35.54 -7.24
N SER Q 231 -53.14 35.91 -8.48
CA SER Q 231 -52.10 36.06 -9.51
C SER Q 231 -51.71 37.49 -9.78
N SER Q 232 -52.45 38.47 -9.27
CA SER Q 232 -52.13 39.86 -9.55
C SER Q 232 -50.88 40.32 -8.82
N SER Q 233 -50.59 39.77 -7.65
CA SER Q 233 -49.46 40.22 -6.84
C SER Q 233 -49.23 39.21 -5.74
N ALA Q 234 -48.15 39.41 -4.99
CA ALA Q 234 -47.92 38.63 -3.78
C ALA Q 234 -48.80 39.12 -2.64
N LYS Q 235 -49.07 40.42 -2.60
CA LYS Q 235 -49.98 40.96 -1.59
C LYS Q 235 -51.39 40.39 -1.77
N ALA Q 236 -51.85 40.28 -3.02
CA ALA Q 236 -53.17 39.74 -3.27
C ALA Q 236 -53.26 38.28 -2.86
N ALA Q 237 -52.22 37.51 -3.13
CA ALA Q 237 -52.22 36.11 -2.74
C ALA Q 237 -52.27 35.96 -1.23
N SER Q 238 -51.53 36.80 -0.51
CA SER Q 238 -51.63 36.78 0.95
C SER Q 238 -53.02 37.16 1.42
N SER Q 239 -53.64 38.15 0.77
CA SER Q 239 -54.98 38.55 1.14
C SER Q 239 -55.96 37.39 0.98
N ALA Q 240 -55.83 36.63 -0.10
CA ALA Q 240 -56.68 35.47 -0.31
C ALA Q 240 -56.48 34.40 0.74
N LEU Q 241 -55.38 34.43 1.49
CA LEU Q 241 -55.14 33.41 2.50
C LEU Q 241 -56.17 33.47 3.61
N THR Q 242 -56.46 34.67 4.13
CA THR Q 242 -57.49 34.79 5.15
C THR Q 242 -58.87 34.50 4.60
N THR Q 243 -59.14 34.90 3.36
CA THR Q 243 -60.44 34.61 2.77
C THR Q 243 -60.66 33.11 2.65
N ILE Q 244 -59.61 32.37 2.26
CA ILE Q 244 -59.75 30.93 2.15
C ILE Q 244 -59.87 30.28 3.51
N LYS Q 245 -59.03 30.70 4.46
CA LYS Q 245 -59.06 30.07 5.78
C LYS Q 245 -60.34 30.40 6.54
N THR Q 246 -61.00 31.51 6.19
CA THR Q 246 -62.30 31.80 6.76
C THR Q 246 -63.37 30.93 6.13
N ALA Q 247 -63.26 30.66 4.83
CA ALA Q 247 -64.21 29.78 4.17
C ALA Q 247 -64.17 28.39 4.77
N ILE Q 248 -62.98 27.92 5.14
CA ILE Q 248 -62.89 26.64 5.85
C ILE Q 248 -63.62 26.71 7.18
N ASP Q 249 -63.67 27.89 7.78
CA ASP Q 249 -64.37 28.03 9.06
C ASP Q 249 -65.87 28.00 8.89
N THR Q 250 -66.40 28.63 7.84
CA THR Q 250 -67.84 28.62 7.62
C THR Q 250 -68.31 27.35 6.94
N VAL Q 251 -67.40 26.48 6.52
CA VAL Q 251 -67.78 25.14 6.10
C VAL Q 251 -67.81 24.18 7.27
N SER Q 252 -66.82 24.31 8.17
CA SER Q 252 -66.84 23.52 9.39
C SER Q 252 -68.06 23.83 10.24
N SER Q 253 -68.50 25.09 10.24
CA SER Q 253 -69.73 25.43 10.96
C SER Q 253 -70.93 24.75 10.35
N GLU Q 254 -71.01 24.69 9.02
CA GLU Q 254 -72.15 24.03 8.39
C GLU Q 254 -72.11 22.53 8.59
N ARG Q 255 -70.91 21.93 8.55
CA ARG Q 255 -70.83 20.49 8.68
C ARG Q 255 -71.30 20.00 10.03
N ALA Q 256 -70.98 20.71 11.11
CA ALA Q 256 -71.42 20.29 12.42
C ALA Q 256 -72.78 20.86 12.81
N LYS Q 257 -73.30 21.82 12.06
CA LYS Q 257 -74.73 22.11 12.15
C LYS Q 257 -75.55 20.97 11.59
N LEU Q 258 -74.98 20.18 10.68
CA LEU Q 258 -75.62 18.99 10.14
C LEU Q 258 -75.22 17.73 10.86
N GLY Q 259 -74.08 17.72 11.54
CA GLY Q 259 -73.71 16.57 12.34
C GLY Q 259 -74.43 16.59 13.67
N ALA Q 260 -74.81 17.78 14.12
CA ALA Q 260 -75.60 17.90 15.33
C ALA Q 260 -77.02 17.38 15.12
N VAL Q 261 -77.61 17.69 13.98
CA VAL Q 261 -78.95 17.20 13.69
C VAL Q 261 -78.94 15.69 13.50
N GLN Q 262 -77.90 15.16 12.87
CA GLN Q 262 -77.84 13.72 12.66
C GLN Q 262 -77.67 12.97 13.97
N ASN Q 263 -76.88 13.53 14.90
CA ASN Q 263 -76.77 12.92 16.21
C ASN Q 263 -78.11 12.92 16.94
N ARG Q 264 -78.85 14.02 16.84
CA ARG Q 264 -80.17 14.08 17.44
C ARG Q 264 -81.10 13.05 16.82
N LEU Q 265 -81.09 12.94 15.50
CA LEU Q 265 -81.97 12.00 14.82
C LEU Q 265 -81.62 10.55 15.14
N GLU Q 266 -80.39 10.27 15.55
CA GLU Q 266 -80.05 8.93 15.99
C GLU Q 266 -80.64 8.63 17.35
N HIS Q 267 -80.75 9.63 18.21
CA HIS Q 267 -81.44 9.45 19.49
C HIS Q 267 -82.94 9.38 19.31
N THR Q 268 -83.47 10.17 18.37
CA THR Q 268 -84.90 10.12 18.09
C THR Q 268 -85.33 8.76 17.56
N ILE Q 269 -84.46 8.05 16.85
CA ILE Q 269 -84.82 6.75 16.31
C ILE Q 269 -84.89 5.69 17.39
N ASN Q 270 -83.92 5.68 18.31
CA ASN Q 270 -83.96 4.73 19.40
C ASN Q 270 -85.17 4.96 20.29
N ASN Q 271 -85.54 6.22 20.52
CA ASN Q 271 -86.70 6.50 21.35
C ASN Q 271 -87.99 6.19 20.64
N LEU Q 272 -88.06 6.41 19.33
CA LEU Q 272 -89.24 6.02 18.57
C LEU Q 272 -89.37 4.50 18.49
N GLY Q 273 -88.24 3.80 18.33
CA GLY Q 273 -88.27 2.36 18.34
C GLY Q 273 -88.65 1.77 19.68
N THR Q 274 -88.17 2.36 20.77
CA THR Q 274 -88.54 1.88 22.09
C THR Q 274 -90.00 2.15 22.39
N SER Q 275 -90.54 3.27 21.93
CA SER Q 275 -91.94 3.59 22.17
C SER Q 275 -92.89 2.76 21.34
N SER Q 276 -92.43 2.12 20.27
CA SER Q 276 -93.29 1.22 19.53
C SER Q 276 -93.40 -0.13 20.23
N GLU Q 277 -92.29 -0.65 20.75
CA GLU Q 277 -92.34 -1.90 21.51
C GLU Q 277 -93.19 -1.75 22.74
N ASN Q 278 -93.03 -0.65 23.47
CA ASN Q 278 -93.80 -0.46 24.69
C ASN Q 278 -95.27 -0.27 24.39
N LEU Q 279 -95.61 0.26 23.23
CA LEU Q 279 -97.01 0.39 22.85
C LEU Q 279 -97.54 -0.83 22.14
N THR Q 280 -96.70 -1.52 21.38
CA THR Q 280 -97.13 -2.78 20.77
C THR Q 280 -97.46 -3.80 21.84
N SER Q 281 -96.61 -3.90 22.87
CA SER Q 281 -96.91 -4.80 23.98
C SER Q 281 -98.14 -4.32 24.74
N ALA Q 282 -98.30 -3.01 24.89
CA ALA Q 282 -99.46 -2.47 25.57
C ALA Q 282 -100.74 -2.78 24.82
N GLU Q 283 -100.70 -2.67 23.50
CA GLU Q 283 -101.89 -2.95 22.70
C GLU Q 283 -102.19 -4.44 22.61
N SER Q 284 -101.15 -5.27 22.63
CA SER Q 284 -101.39 -6.72 22.57
C SER Q 284 -102.13 -7.20 23.79
N ARG Q 285 -101.78 -6.69 24.98
CA ARG Q 285 -102.49 -7.09 26.19
C ARG Q 285 -103.95 -6.69 26.14
N ILE Q 286 -104.25 -5.53 25.57
CA ILE Q 286 -105.63 -5.09 25.49
C ILE Q 286 -106.40 -5.87 24.43
N ARG Q 287 -105.77 -6.14 23.29
CA ARG Q 287 -106.49 -6.63 22.12
C ARG Q 287 -106.30 -8.13 21.89
N ASP Q 288 -105.07 -8.62 21.92
CA ASP Q 288 -104.83 -10.03 21.62
C ASP Q 288 -105.40 -10.92 22.71
N VAL Q 289 -105.76 -12.13 22.33
CA VAL Q 289 -106.35 -13.10 23.24
C VAL Q 289 -105.25 -13.97 23.82
N ASP Q 290 -105.50 -14.51 25.00
CA ASP Q 290 -104.60 -15.48 25.62
C ASP Q 290 -104.99 -16.86 25.12
N MET Q 291 -104.10 -17.49 24.35
CA MET Q 291 -104.44 -18.76 23.72
C MET Q 291 -104.75 -19.82 24.77
N ALA Q 292 -103.95 -19.87 25.83
CA ALA Q 292 -104.16 -20.89 26.86
C ALA Q 292 -105.47 -20.67 27.60
N SER Q 293 -105.71 -19.45 28.07
CA SER Q 293 -106.91 -19.17 28.84
C SER Q 293 -108.18 -19.22 28.01
N GLU Q 294 -108.07 -19.22 26.68
CA GLU Q 294 -109.22 -19.25 25.80
C GLU Q 294 -109.52 -20.64 25.26
N MET Q 295 -108.48 -21.42 24.95
CA MET Q 295 -108.68 -22.80 24.54
C MET Q 295 -109.29 -23.60 25.70
N MET Q 296 -108.81 -23.35 26.91
CA MET Q 296 -109.38 -24.03 28.08
C MET Q 296 -110.83 -23.63 28.31
N GLU Q 297 -111.20 -22.39 28.00
CA GLU Q 297 -112.58 -21.98 28.15
C GLU Q 297 -113.45 -22.50 27.01
N TYR Q 298 -112.88 -22.59 25.81
CA TYR Q 298 -113.63 -23.14 24.69
C TYR Q 298 -114.00 -24.59 24.94
N THR Q 299 -113.07 -25.38 25.47
CA THR Q 299 -113.34 -26.77 25.76
C THR Q 299 -114.44 -26.93 26.79
N LYS Q 300 -114.51 -26.02 27.77
CA LYS Q 300 -115.55 -26.12 28.79
C LYS Q 300 -116.94 -26.00 28.17
N ASN Q 301 -117.18 -24.92 27.42
CA ASN Q 301 -118.48 -24.76 26.77
C ASN Q 301 -118.71 -25.82 25.72
N ASN Q 302 -117.64 -26.37 25.14
CA ASN Q 302 -117.80 -27.46 24.20
C ASN Q 302 -118.22 -28.75 24.88
N ILE Q 303 -118.06 -28.84 26.19
CA ILE Q 303 -118.56 -29.99 26.94
C ILE Q 303 -119.94 -29.72 27.50
N LEU Q 304 -120.17 -28.51 28.01
CA LEU Q 304 -121.47 -28.16 28.54
C LEU Q 304 -122.57 -28.27 27.50
N THR Q 305 -122.25 -28.11 26.22
CA THR Q 305 -123.23 -28.31 25.18
C THR Q 305 -123.47 -29.79 24.89
N GLN Q 306 -122.46 -30.63 25.08
CA GLN Q 306 -122.67 -32.07 24.93
C GLN Q 306 -123.42 -32.65 26.12
N ALA Q 307 -123.20 -32.09 27.32
CA ALA Q 307 -123.99 -32.51 28.47
C ALA Q 307 -125.45 -32.17 28.27
N SER Q 308 -125.75 -30.98 27.74
CA SER Q 308 -127.12 -30.62 27.45
C SER Q 308 -127.65 -31.44 26.28
N GLN Q 309 -126.78 -31.75 25.31
CA GLN Q 309 -127.19 -32.62 24.21
C GLN Q 309 -127.57 -34.00 24.71
N ALA Q 310 -126.78 -34.56 25.63
CA ALA Q 310 -127.06 -35.89 26.15
C ALA Q 310 -128.36 -35.92 26.94
N MET Q 311 -128.61 -34.90 27.75
CA MET Q 311 -129.83 -34.88 28.55
C MET Q 311 -131.06 -34.52 27.74
N LEU Q 312 -130.90 -33.80 26.63
CA LEU Q 312 -132.04 -33.51 25.78
C LEU Q 312 -132.61 -34.78 25.18
N ALA Q 313 -131.74 -35.73 24.82
CA ALA Q 313 -132.22 -36.99 24.27
C ALA Q 313 -133.07 -37.74 25.29
N GLN Q 314 -132.63 -37.76 26.55
CA GLN Q 314 -133.41 -38.44 27.58
C GLN Q 314 -134.68 -37.66 27.92
N ALA Q 315 -134.63 -36.33 27.82
CA ALA Q 315 -135.81 -35.53 28.11
C ALA Q 315 -136.97 -35.85 27.17
N ASN Q 316 -136.66 -36.21 25.93
CA ASN Q 316 -137.70 -36.59 24.99
C ASN Q 316 -138.24 -37.99 25.26
N GLN Q 317 -137.43 -38.87 25.87
CA GLN Q 317 -137.87 -40.23 26.12
C GLN Q 317 -138.88 -40.30 27.26
N GLN Q 318 -138.79 -39.37 28.20
CA GLN Q 318 -139.67 -39.40 29.37
C GLN Q 318 -141.15 -39.32 29.03
N PRO Q 319 -141.63 -38.45 28.13
CA PRO Q 319 -143.06 -38.47 27.79
C PRO Q 319 -143.51 -39.74 27.09
N GLN Q 320 -142.60 -40.53 26.56
CA GLN Q 320 -142.96 -41.74 25.81
C GLN Q 320 -143.50 -42.85 26.70
N GLN Q 321 -143.41 -42.72 28.02
CA GLN Q 321 -143.79 -43.80 28.92
C GLN Q 321 -145.27 -43.80 29.27
N VAL Q 322 -146.02 -42.77 28.88
CA VAL Q 322 -147.45 -42.75 29.18
C VAL Q 322 -148.23 -43.65 28.23
N LEU Q 323 -147.64 -44.05 27.11
CA LEU Q 323 -148.35 -44.91 26.16
C LEU Q 323 -148.62 -46.28 26.76
N GLN Q 324 -147.66 -46.83 27.50
CA GLN Q 324 -147.86 -48.12 28.16
C GLN Q 324 -148.94 -48.03 29.22
N LEU Q 325 -149.18 -46.86 29.79
CA LEU Q 325 -150.26 -46.66 30.73
C LEU Q 325 -151.60 -46.45 30.05
N LEU Q 326 -151.59 -45.82 28.87
CA LEU Q 326 -152.84 -45.51 28.19
C LEU Q 326 -153.52 -46.72 27.59
N LYS Q 327 -152.78 -47.81 27.39
CA LYS Q 327 -153.37 -49.04 26.86
C LYS Q 327 -153.85 -49.94 27.98
N MET R 1 -117.49 -34.37 40.02
CA MET R 1 -116.94 -33.81 38.79
C MET R 1 -117.67 -32.53 38.40
N ARG R 2 -117.03 -31.40 38.65
CA ARG R 2 -117.61 -30.10 38.30
C ARG R 2 -117.07 -29.66 36.95
N ILE R 3 -117.97 -29.28 36.06
CA ILE R 3 -117.63 -29.05 34.66
C ILE R 3 -117.52 -27.57 34.34
N ASN R 4 -118.35 -26.73 34.97
CA ASN R 4 -118.38 -25.31 34.62
C ASN R 4 -117.06 -24.59 34.92
N HIS R 5 -116.18 -25.19 35.70
CA HIS R 5 -114.89 -24.57 36.00
C HIS R 5 -113.84 -25.66 36.10
N ASN R 6 -112.72 -25.45 35.42
CA ASN R 6 -111.60 -26.39 35.44
C ASN R 6 -110.47 -25.73 36.22
N ILE R 7 -110.50 -25.90 37.54
CA ILE R 7 -109.50 -25.26 38.39
C ILE R 7 -108.12 -25.84 38.11
N ALA R 8 -108.05 -27.11 37.73
CA ALA R 8 -106.76 -27.70 37.39
C ALA R 8 -106.14 -27.01 36.19
N ALA R 9 -106.94 -26.73 35.16
CA ALA R 9 -106.43 -26.02 33.99
C ALA R 9 -106.25 -24.53 34.27
N LEU R 10 -107.14 -23.95 35.07
CA LEU R 10 -107.00 -22.53 35.40
C LEU R 10 -105.75 -22.27 36.23
N ASN R 11 -105.40 -23.19 37.12
CA ASN R 11 -104.17 -23.06 37.89
C ASN R 11 -102.95 -23.23 37.00
N THR R 12 -103.01 -24.18 36.05
CA THR R 12 -101.88 -24.39 35.16
C THR R 12 -101.67 -23.21 34.22
N SER R 13 -102.74 -22.49 33.89
CA SER R 13 -102.59 -21.31 33.04
C SER R 13 -101.74 -20.24 33.71
N ARG R 14 -101.95 -20.03 35.01
CA ARG R 14 -101.16 -19.02 35.71
C ARG R 14 -99.68 -19.38 35.74
N GLN R 15 -99.37 -20.65 35.99
CA GLN R 15 -97.98 -21.07 35.91
C GLN R 15 -97.44 -20.99 34.49
N LEU R 16 -98.32 -21.13 33.50
CA LEU R 16 -97.90 -20.93 32.12
C LEU R 16 -97.55 -19.48 31.86
N ASN R 17 -98.40 -18.55 32.31
CA ASN R 17 -98.04 -17.13 32.23
C ASN R 17 -97.29 -16.68 33.47
N ALA R 18 -96.30 -17.47 33.89
CA ALA R 18 -95.32 -17.05 34.88
C ALA R 18 -93.93 -17.53 34.56
N GLY R 19 -93.77 -18.51 33.69
CA GLY R 19 -92.46 -18.93 33.22
C GLY R 19 -92.19 -18.32 31.87
N SER R 20 -93.27 -18.02 31.13
CA SER R 20 -93.12 -17.25 29.91
C SER R 20 -92.64 -15.84 30.20
N ASN R 21 -93.18 -15.21 31.25
CA ASN R 21 -92.71 -13.88 31.64
C ASN R 21 -91.25 -13.93 32.07
N ALA R 22 -90.88 -14.93 32.84
CA ALA R 22 -89.49 -15.06 33.28
C ALA R 22 -88.57 -15.31 32.10
N ALA R 23 -88.98 -16.14 31.15
CA ALA R 23 -88.17 -16.38 29.97
C ALA R 23 -88.02 -15.12 29.13
N SER R 24 -89.10 -14.34 29.01
CA SER R 24 -89.02 -13.08 28.29
C SER R 24 -88.05 -12.12 28.96
N LYS R 25 -88.11 -12.04 30.29
CA LYS R 25 -87.17 -11.18 31.01
C LYS R 25 -85.74 -11.67 30.85
N ASN R 26 -85.54 -12.99 30.83
CA ASN R 26 -84.20 -13.53 30.67
C ASN R 26 -83.66 -13.27 29.27
N MET R 27 -84.53 -13.29 28.27
CA MET R 27 -84.09 -13.06 26.90
C MET R 27 -83.80 -11.59 26.63
N GLU R 28 -84.43 -10.68 27.37
CA GLU R 28 -84.04 -9.27 27.28
C GLU R 28 -82.59 -9.08 27.69
N LYS R 29 -82.20 -9.70 28.80
CA LYS R 29 -80.82 -9.58 29.25
C LYS R 29 -79.87 -10.23 28.28
N LEU R 30 -80.23 -11.40 27.74
CA LEU R 30 -79.34 -12.10 26.84
C LEU R 30 -79.11 -11.34 25.55
N SER R 31 -80.18 -10.75 25.00
CA SER R 31 -80.05 -10.00 23.76
C SER R 31 -79.25 -8.71 23.97
N SER R 32 -79.61 -7.94 24.99
CA SER R 32 -78.94 -6.66 25.22
C SER R 32 -77.57 -6.82 25.85
N GLY R 33 -77.36 -7.88 26.62
CA GLY R 33 -76.11 -8.05 27.33
C GLY R 33 -76.03 -7.27 28.62
N LEU R 34 -77.14 -6.72 29.12
CA LEU R 34 -77.16 -5.90 30.31
C LEU R 34 -78.09 -6.49 31.35
N ARG R 35 -77.63 -6.55 32.60
CA ARG R 35 -78.49 -6.96 33.70
C ARG R 35 -79.64 -6.00 33.89
N ILE R 36 -79.35 -4.70 33.87
CA ILE R 36 -80.31 -3.66 34.20
C ILE R 36 -80.73 -3.00 32.89
N ASN R 37 -81.86 -3.43 32.36
CA ASN R 37 -82.48 -2.75 31.22
C ASN R 37 -83.47 -1.70 31.72
N ARG R 38 -84.47 -2.13 32.47
CA ARG R 38 -85.38 -1.23 33.15
C ARG R 38 -84.81 -0.85 34.50
N ALA R 39 -85.40 0.18 35.11
CA ALA R 39 -84.98 0.58 36.44
C ALA R 39 -85.49 -0.34 37.52
N GLY R 40 -86.44 -1.22 37.21
CA GLY R 40 -86.96 -2.15 38.19
C GLY R 40 -86.08 -3.35 38.45
N ASP R 41 -85.09 -3.59 37.60
CA ASP R 41 -84.16 -4.69 37.84
C ASP R 41 -83.17 -4.36 38.95
N ASP R 42 -82.72 -3.11 39.01
CA ASP R 42 -81.88 -2.66 40.13
C ASP R 42 -81.97 -1.14 40.18
N ALA R 43 -82.65 -0.62 41.21
CA ALA R 43 -82.73 0.83 41.37
C ALA R 43 -81.37 1.42 41.69
N ALA R 44 -80.72 0.89 42.72
CA ALA R 44 -79.38 1.34 43.06
C ALA R 44 -78.38 0.96 41.98
N GLY R 45 -78.59 -0.17 41.31
CA GLY R 45 -77.73 -0.53 40.19
C GLY R 45 -77.85 0.45 39.05
N LEU R 46 -79.07 0.88 38.75
CA LEU R 46 -79.26 1.91 37.73
C LEU R 46 -78.61 3.22 38.14
N ALA R 47 -78.80 3.62 39.40
CA ALA R 47 -78.24 4.89 39.85
C ALA R 47 -76.71 4.88 39.82
N ILE R 48 -76.10 3.81 40.33
CA ILE R 48 -74.65 3.73 40.38
C ILE R 48 -74.08 3.67 38.97
N SER R 49 -74.73 2.91 38.09
CA SER R 49 -74.23 2.76 36.73
C SER R 49 -74.12 4.10 36.02
N GLU R 50 -75.19 4.90 36.06
CA GLU R 50 -75.20 6.17 35.35
C GLU R 50 -74.13 7.11 35.87
N LYS R 51 -73.95 7.18 37.18
CA LYS R 51 -72.83 7.92 37.74
C LYS R 51 -71.52 7.39 37.19
N MET R 52 -71.40 6.06 37.16
CA MET R 52 -70.19 5.43 36.65
C MET R 52 -69.94 5.75 35.19
N ARG R 53 -70.96 5.56 34.34
CA ARG R 53 -70.81 5.86 32.92
C ARG R 53 -70.41 7.31 32.70
N SER R 54 -71.09 8.22 33.39
CA SER R 54 -70.79 9.64 33.30
C SER R 54 -69.32 9.89 33.65
N GLN R 55 -68.83 9.23 34.68
CA GLN R 55 -67.45 9.39 35.09
C GLN R 55 -66.49 8.76 34.08
N ILE R 56 -66.83 7.57 33.57
CA ILE R 56 -65.96 6.89 32.63
C ILE R 56 -65.85 7.68 31.33
N ARG R 57 -66.99 8.15 30.80
CA ARG R 57 -66.93 8.97 29.60
C ARG R 57 -66.34 10.34 29.87
N GLY R 58 -66.15 10.70 31.13
CA GLY R 58 -65.46 11.94 31.46
C GLY R 58 -63.96 11.74 31.54
N LEU R 59 -63.51 10.66 32.17
CA LEU R 59 -62.08 10.41 32.26
C LEU R 59 -61.47 10.07 30.92
N ASP R 60 -62.22 9.38 30.05
CA ASP R 60 -61.68 9.10 28.73
C ASP R 60 -61.68 10.33 27.85
N MET R 61 -62.57 11.29 28.12
CA MET R 61 -62.53 12.56 27.42
C MET R 61 -61.55 13.52 28.06
N ALA R 62 -61.47 13.55 29.38
CA ALA R 62 -60.45 14.33 30.06
C ALA R 62 -59.05 13.81 29.77
N SER R 63 -58.92 12.57 29.29
CA SER R 63 -57.64 12.10 28.80
C SER R 63 -57.32 12.64 27.42
N LYS R 64 -58.33 13.03 26.65
CA LYS R 64 -58.06 13.74 25.41
C LYS R 64 -57.62 15.17 25.68
N ASN R 65 -58.27 15.82 26.64
CA ASN R 65 -57.86 17.17 27.01
C ASN R 65 -56.43 17.20 27.53
N ALA R 66 -56.06 16.21 28.34
CA ALA R 66 -54.69 16.14 28.82
C ALA R 66 -53.72 15.95 27.69
N GLN R 67 -54.11 15.21 26.65
CA GLN R 67 -53.23 15.02 25.51
C GLN R 67 -53.29 16.16 24.52
N ASP R 68 -54.39 16.89 24.45
CA ASP R 68 -54.44 18.12 23.67
C ASP R 68 -53.72 19.25 24.37
N GLY R 69 -53.36 19.10 25.64
CA GLY R 69 -52.54 20.08 26.31
C GLY R 69 -51.08 19.70 26.20
N ILE R 70 -50.82 18.40 26.07
CA ILE R 70 -49.46 17.95 25.81
C ILE R 70 -49.01 18.43 24.44
N SER R 71 -49.91 18.44 23.47
CA SER R 71 -49.57 18.93 22.14
C SER R 71 -49.38 20.44 22.16
N LEU R 72 -50.24 21.16 22.89
CA LEU R 72 -50.10 22.61 22.97
C LEU R 72 -48.79 23.00 23.64
N ILE R 73 -48.29 22.17 24.55
CA ILE R 73 -47.07 22.48 25.25
C ILE R 73 -45.85 22.05 24.47
N GLN R 74 -45.93 20.94 23.75
CA GLN R 74 -44.83 20.53 22.89
C GLN R 74 -44.58 21.56 21.80
N THR R 75 -45.64 22.19 21.30
CA THR R 75 -45.48 23.22 20.28
C THR R 75 -44.71 24.41 20.83
N SER R 76 -45.01 24.84 22.05
CA SER R 76 -44.35 26.00 22.61
C SER R 76 -42.87 25.73 22.87
N GLU R 77 -42.56 24.63 23.54
CA GLU R 77 -41.16 24.35 23.81
C GLU R 77 -40.42 23.95 22.54
N GLY R 78 -41.12 23.36 21.58
CA GLY R 78 -40.52 23.15 20.28
C GLY R 78 -40.10 24.45 19.63
N ALA R 79 -40.91 25.50 19.80
CA ALA R 79 -40.55 26.81 19.26
C ALA R 79 -39.39 27.42 20.02
N LEU R 80 -39.42 27.38 21.39
CA LEU R 80 -38.29 27.91 22.14
C LEU R 80 -37.03 27.09 21.95
N ASN R 81 -37.13 25.89 21.39
CA ASN R 81 -35.93 25.16 21.03
C ASN R 81 -35.08 25.94 20.06
N GLU R 82 -35.70 26.77 19.22
CA GLU R 82 -34.98 27.55 18.24
C GLU R 82 -34.58 28.91 18.73
N THR R 83 -35.38 29.53 19.59
CA THR R 83 -34.92 30.73 20.26
C THR R 83 -33.65 30.46 21.03
N HIS R 84 -33.41 29.24 21.45
CA HIS R 84 -32.13 28.94 22.05
C HIS R 84 -31.00 28.97 21.05
N SER R 85 -31.22 28.44 19.85
CA SER R 85 -30.15 28.40 18.88
C SER R 85 -29.87 29.77 18.31
N ILE R 86 -30.89 30.56 18.16
CA ILE R 86 -30.66 31.91 17.69
C ILE R 86 -29.93 32.72 18.75
N LEU R 87 -30.34 32.59 20.00
CA LEU R 87 -29.63 33.27 21.08
C LEU R 87 -28.21 32.74 21.22
N GLN R 88 -27.99 31.48 20.88
CA GLN R 88 -26.65 30.92 20.97
C GLN R 88 -25.74 31.49 19.90
N ARG R 89 -26.24 31.55 18.66
CA ARG R 89 -25.50 32.21 17.59
C ARG R 89 -25.37 33.69 17.85
N MET R 90 -26.40 34.30 18.43
CA MET R 90 -26.36 35.73 18.72
C MET R 90 -25.31 36.07 19.75
N SER R 91 -24.82 35.08 20.50
CA SER R 91 -23.78 35.30 21.48
C SER R 91 -22.38 35.17 20.89
N GLU R 92 -22.22 34.44 19.79
CA GLU R 92 -20.95 34.46 19.09
C GLU R 92 -20.74 35.79 18.39
N LEU R 93 -21.80 36.39 17.86
CA LEU R 93 -21.65 37.73 17.32
C LEU R 93 -21.73 38.78 18.41
N ALA R 94 -21.09 38.53 19.54
CA ALA R 94 -20.72 39.56 20.50
C ALA R 94 -19.37 39.30 21.11
N THR R 95 -18.85 38.08 21.03
CA THR R 95 -17.47 37.82 21.37
C THR R 95 -16.56 38.14 20.20
N GLN R 96 -17.09 38.08 18.99
CA GLN R 96 -16.33 38.51 17.82
C GLN R 96 -16.37 40.02 17.67
N ALA R 97 -17.50 40.65 17.99
CA ALA R 97 -17.60 42.09 17.91
C ALA R 97 -16.88 42.81 19.03
N ALA R 98 -16.57 42.12 20.13
CA ALA R 98 -15.85 42.74 21.22
C ALA R 98 -14.36 42.83 20.97
N ASN R 99 -13.82 42.00 20.10
CA ASN R 99 -12.41 42.08 19.75
C ASN R 99 -12.13 43.40 19.04
N ASP R 100 -10.97 44.00 19.32
CA ASP R 100 -10.65 45.32 18.79
C ASP R 100 -9.81 45.25 17.53
N THR R 101 -9.61 44.07 16.96
CA THR R 101 -9.12 44.00 15.59
C THR R 101 -10.21 44.30 14.57
N ASN R 102 -11.47 44.19 14.97
CA ASN R 102 -12.56 44.64 14.12
C ASN R 102 -12.56 46.15 13.99
N THR R 103 -13.04 46.64 12.87
CA THR R 103 -13.30 48.05 12.69
C THR R 103 -14.81 48.29 12.72
N ASP R 104 -15.19 49.56 12.80
CA ASP R 104 -16.61 49.88 12.79
C ASP R 104 -17.28 49.46 11.49
N SER R 105 -16.52 49.42 10.40
CA SER R 105 -17.06 48.88 9.16
C SER R 105 -17.39 47.41 9.28
N ASP R 106 -16.77 46.70 10.23
CA ASP R 106 -17.00 45.28 10.42
C ASP R 106 -17.86 44.98 11.63
N ARG R 107 -17.85 45.82 12.66
CA ARG R 107 -18.83 45.69 13.72
C ARG R 107 -20.23 45.96 13.19
N SER R 108 -20.39 47.04 12.43
CA SER R 108 -21.66 47.29 11.77
C SER R 108 -21.95 46.22 10.73
N GLU R 109 -20.92 45.49 10.31
CA GLU R 109 -21.14 44.39 9.39
C GLU R 109 -21.76 43.20 10.14
N LEU R 110 -21.30 42.97 11.36
CA LEU R 110 -21.89 41.96 12.23
C LEU R 110 -23.29 42.37 12.67
N GLN R 111 -23.53 43.68 12.82
CA GLN R 111 -24.83 44.14 13.26
C GLN R 111 -25.92 43.76 12.27
N LYS R 112 -25.56 43.53 11.01
CA LYS R 112 -26.55 43.12 10.03
C LYS R 112 -27.17 41.79 10.41
N GLU R 113 -26.36 40.84 10.86
CA GLU R 113 -26.90 39.57 11.34
C GLU R 113 -27.49 39.70 12.74
N MET R 114 -26.96 40.62 13.54
CA MET R 114 -27.56 40.92 14.83
C MET R 114 -29.03 41.29 14.68
N ASP R 115 -29.32 42.23 13.78
CA ASP R 115 -30.68 42.66 13.58
C ASP R 115 -31.53 41.61 12.87
N GLN R 116 -30.91 40.71 12.13
CA GLN R 116 -31.67 39.67 11.46
C GLN R 116 -31.96 38.49 12.36
N LEU R 117 -31.07 38.20 13.32
CA LEU R 117 -31.36 37.18 14.31
C LEU R 117 -32.39 37.67 15.31
N ALA R 118 -32.24 38.91 15.77
CA ALA R 118 -33.20 39.47 16.72
C ALA R 118 -34.57 39.63 16.10
N SER R 119 -34.66 39.81 14.79
CA SER R 119 -35.94 39.87 14.12
C SER R 119 -36.57 38.51 13.88
N GLU R 120 -35.79 37.44 14.01
CA GLU R 120 -36.33 36.09 13.92
C GLU R 120 -36.80 35.58 15.26
N VAL R 121 -36.14 36.00 16.35
CA VAL R 121 -36.64 35.71 17.68
C VAL R 121 -38.03 36.29 17.87
N THR R 122 -38.26 37.50 17.37
CA THR R 122 -39.58 38.10 17.44
C THR R 122 -40.58 37.36 16.57
N ARG R 123 -40.15 36.86 15.42
CA ARG R 123 -41.07 36.14 14.54
C ARG R 123 -41.59 34.88 15.21
N ILE R 124 -40.72 34.14 15.88
CA ILE R 124 -41.14 32.89 16.53
C ILE R 124 -42.19 33.17 17.58
N SER R 125 -42.06 34.28 18.30
CA SER R 125 -43.03 34.61 19.34
C SER R 125 -44.40 34.92 18.72
N THR R 126 -44.42 35.75 17.68
CA THR R 126 -45.69 36.18 17.10
C THR R 126 -46.25 35.18 16.10
N ASP R 127 -45.46 34.21 15.65
CA ASP R 127 -45.94 33.25 14.66
C ASP R 127 -46.29 31.90 15.25
N THR R 128 -45.65 31.50 16.34
CA THR R 128 -45.95 30.21 16.95
C THR R 128 -47.41 30.18 17.39
N GLU R 129 -48.17 29.29 16.80
CA GLU R 129 -49.61 29.29 16.99
C GLU R 129 -50.13 27.86 16.98
N PHE R 130 -50.65 27.42 18.12
CA PHE R 130 -51.39 26.17 18.19
C PHE R 130 -52.88 26.49 18.09
N ASN R 131 -53.58 25.73 17.27
CA ASN R 131 -55.00 25.97 17.00
C ASN R 131 -55.03 27.38 16.42
N THR R 132 -55.72 28.33 17.05
CA THR R 132 -55.63 29.74 16.68
C THR R 132 -55.14 30.60 17.84
N LYS R 133 -54.27 30.04 18.67
CA LYS R 133 -53.80 30.71 19.87
C LYS R 133 -52.31 31.02 19.71
N LYS R 134 -51.95 32.28 19.90
CA LYS R 134 -50.55 32.68 19.91
C LYS R 134 -49.98 32.35 21.27
N LEU R 135 -49.03 31.43 21.33
CA LEU R 135 -48.57 30.90 22.60
C LEU R 135 -47.51 31.80 23.23
N LEU R 136 -46.53 32.22 22.45
CA LEU R 136 -45.34 32.87 22.99
C LEU R 136 -45.40 34.39 22.94
N ASP R 137 -46.56 34.97 22.64
CA ASP R 137 -46.68 36.42 22.57
C ASP R 137 -47.25 37.03 23.84
N GLY R 138 -47.32 36.26 24.92
CA GLY R 138 -47.77 36.78 26.19
C GLY R 138 -49.27 36.81 26.37
N THR R 139 -50.04 36.31 25.40
CA THR R 139 -51.48 36.27 25.53
C THR R 139 -52.01 34.93 26.03
N ALA R 140 -51.19 33.88 25.97
CA ALA R 140 -51.60 32.56 26.45
C ALA R 140 -51.32 32.49 27.94
N GLN R 141 -52.25 33.03 28.71
CA GLN R 141 -52.17 33.04 30.16
C GLN R 141 -53.41 32.39 30.75
N ASN R 142 -53.24 31.72 31.89
CA ASN R 142 -54.36 31.10 32.59
C ASN R 142 -55.01 30.01 31.75
N LEU R 143 -54.21 29.35 30.92
CA LEU R 143 -54.72 28.25 30.12
C LEU R 143 -55.14 27.11 31.04
N THR R 144 -56.42 26.82 31.04
CA THR R 144 -57.01 25.84 31.95
C THR R 144 -57.30 24.56 31.19
N PHE R 145 -56.61 23.48 31.55
CA PHE R 145 -56.88 22.17 30.99
C PHE R 145 -57.75 21.40 31.97
N GLN R 146 -58.90 20.94 31.49
CA GLN R 146 -59.79 20.14 32.32
C GLN R 146 -59.26 18.72 32.33
N ILE R 147 -58.30 18.45 33.21
CA ILE R 147 -57.79 17.11 33.40
C ILE R 147 -58.57 16.46 34.54
N GLY R 148 -59.73 15.93 34.22
CA GLY R 148 -60.61 15.39 35.23
C GLY R 148 -62.05 15.54 34.77
N ALA R 149 -62.91 14.69 35.31
CA ALA R 149 -64.29 14.60 34.87
C ALA R 149 -65.23 15.53 35.61
N ASN R 150 -64.74 16.33 36.54
CA ASN R 150 -65.59 17.14 37.41
C ASN R 150 -65.13 18.58 37.40
N GLU R 151 -65.83 19.40 38.19
CA GLU R 151 -65.41 20.78 38.42
C GLU R 151 -64.07 20.86 39.12
N GLY R 152 -63.32 21.92 38.81
CA GLY R 152 -62.12 22.22 39.55
C GLY R 152 -61.00 21.21 39.40
N GLN R 153 -61.17 20.23 38.53
CA GLN R 153 -60.12 19.27 38.24
C GLN R 153 -59.30 19.74 37.04
N THR R 154 -58.74 20.93 37.20
CA THR R 154 -58.07 21.64 36.14
C THR R 154 -56.61 21.88 36.50
N MET R 155 -55.86 22.32 35.50
CA MET R 155 -54.49 22.78 35.68
C MET R 155 -54.30 24.06 34.89
N SER R 156 -53.73 25.07 35.52
CA SER R 156 -53.47 26.32 34.84
C SER R 156 -52.09 26.32 34.22
N LEU R 157 -51.84 27.31 33.37
CA LEU R 157 -50.55 27.45 32.70
C LEU R 157 -50.44 28.87 32.16
N SER R 158 -49.26 29.44 32.23
CA SER R 158 -49.04 30.79 31.73
C SER R 158 -47.67 30.85 31.09
N ILE R 159 -47.63 31.03 29.79
CA ILE R 159 -46.38 31.18 29.05
C ILE R 159 -46.12 32.67 28.88
N ASN R 160 -44.93 33.11 29.28
CA ASN R 160 -44.60 34.51 29.22
C ASN R 160 -44.24 34.91 27.79
N LYS R 161 -44.24 36.22 27.55
CA LYS R 161 -43.85 36.74 26.25
C LYS R 161 -42.36 36.51 26.04
N MET R 162 -42.02 35.86 24.93
CA MET R 162 -40.65 35.39 24.68
C MET R 162 -40.14 35.92 23.35
N ASP R 163 -40.33 37.22 23.13
CA ASP R 163 -39.80 37.89 21.95
C ASP R 163 -38.56 38.68 22.32
N SER R 164 -37.91 39.25 21.31
CA SER R 164 -36.65 39.94 21.53
C SER R 164 -36.83 41.13 22.44
N GLU R 165 -37.97 41.81 22.34
CA GLU R 165 -38.22 42.94 23.23
C GLU R 165 -38.27 42.51 24.68
N SER R 166 -38.91 41.38 24.97
CA SER R 166 -39.03 40.92 26.35
C SER R 166 -37.71 40.40 26.87
N LEU R 167 -36.97 39.65 26.06
CA LEU R 167 -35.65 39.17 26.47
C LEU R 167 -34.60 40.27 26.46
N LYS R 168 -34.93 41.45 25.95
CA LYS R 168 -34.05 42.61 25.89
C LYS R 168 -32.87 42.39 24.95
N VAL R 169 -33.02 41.51 23.96
CA VAL R 169 -32.00 41.31 22.94
C VAL R 169 -32.36 42.04 21.66
N GLY R 170 -33.31 42.96 21.71
CA GLY R 170 -33.72 43.67 20.52
C GLY R 170 -34.73 44.73 20.88
N THR R 171 -35.26 45.38 19.84
CA THR R 171 -36.30 46.37 20.03
C THR R 171 -37.09 46.49 18.74
N THR R 172 -38.40 46.65 18.87
CA THR R 172 -39.30 46.60 17.72
C THR R 172 -39.93 47.97 17.52
N TYR R 173 -39.56 48.62 16.43
CA TYR R 173 -40.18 49.87 16.02
C TYR R 173 -41.36 49.56 15.11
N THR R 174 -42.44 50.31 15.27
CA THR R 174 -43.58 50.21 14.38
C THR R 174 -43.75 51.53 13.64
N ALA R 175 -44.24 51.44 12.41
CA ALA R 175 -44.37 52.61 11.56
C ALA R 175 -45.65 53.35 11.86
N ASN R 176 -45.54 54.67 12.04
CA ASN R 176 -46.71 55.48 12.28
C ASN R 176 -47.60 55.50 11.04
N ASP R 177 -48.77 56.14 11.16
CA ASP R 177 -49.77 56.06 10.12
C ASP R 177 -49.27 56.62 8.80
N ASP R 178 -48.61 57.77 8.83
CA ASP R 178 -48.02 58.38 7.64
C ASP R 178 -46.73 57.67 7.22
N GLY R 179 -45.99 57.12 8.17
CA GLY R 179 -44.72 56.47 7.86
C GLY R 179 -43.55 57.42 7.96
N SER R 180 -43.78 58.59 8.57
CA SER R 180 -42.71 59.57 8.72
C SER R 180 -41.71 59.12 9.77
N LYS R 181 -42.19 58.57 10.89
CA LYS R 181 -41.35 58.24 12.03
C LYS R 181 -41.68 56.84 12.53
N LEU R 182 -40.67 55.98 12.57
CA LEU R 182 -40.83 54.67 13.20
C LEU R 182 -40.95 54.84 14.71
N VAL R 183 -41.95 54.21 15.29
CA VAL R 183 -42.27 54.38 16.70
C VAL R 183 -42.18 53.01 17.37
N THR R 184 -41.42 52.93 18.44
CA THR R 184 -41.42 51.74 19.26
C THR R 184 -42.34 51.92 20.46
N ALA R 185 -42.67 50.81 21.11
CA ALA R 185 -43.31 50.91 22.42
C ALA R 185 -42.34 51.55 23.39
N ASP R 186 -42.89 52.35 24.31
CA ASP R 186 -42.21 53.33 25.16
C ASP R 186 -41.92 54.59 24.33
N GLY R 187 -42.10 54.54 23.01
CA GLY R 187 -42.04 55.75 22.22
C GLY R 187 -40.66 56.31 21.96
N LYS R 188 -39.83 55.58 21.20
CA LYS R 188 -38.57 56.10 20.71
C LYS R 188 -38.73 56.39 19.22
N GLU R 189 -38.47 57.63 18.83
CA GLU R 189 -38.79 58.10 17.50
C GLU R 189 -37.66 57.78 16.53
N ALA R 190 -38.04 57.62 15.26
CA ALA R 190 -37.06 57.41 14.20
C ALA R 190 -37.61 58.03 12.93
N THR R 191 -37.22 59.27 12.66
CA THR R 191 -37.79 60.03 11.55
C THR R 191 -37.12 59.67 10.23
N LEU R 192 -37.88 59.82 9.15
CA LEU R 192 -37.42 59.48 7.82
C LEU R 192 -36.66 60.62 7.12
N VAL R 193 -35.72 60.22 6.25
CA VAL R 193 -34.79 61.06 5.49
C VAL R 193 -34.07 62.15 6.28
N THR R 194 -33.50 61.77 7.41
CA THR R 194 -32.89 62.74 8.31
C THR R 194 -31.41 62.53 8.59
N LYS R 198 -28.23 65.42 5.53
CA LYS R 198 -28.97 64.35 4.85
C LYS R 198 -28.30 63.00 5.10
N GLY R 199 -27.11 62.82 4.53
CA GLY R 199 -26.37 61.60 4.69
C GLY R 199 -27.05 60.42 4.02
N PRO R 200 -26.61 59.20 4.33
CA PRO R 200 -27.29 58.02 3.81
C PRO R 200 -28.76 58.00 4.23
N ASN R 201 -29.61 57.49 3.35
CA ASN R 201 -31.04 57.66 3.49
C ASN R 201 -31.64 56.54 4.32
N GLY R 202 -32.51 56.90 5.26
CA GLY R 202 -33.17 55.94 6.11
C GLY R 202 -33.88 56.63 7.27
N TYR R 203 -34.39 55.82 8.18
CA TYR R 203 -35.10 56.31 9.36
C TYR R 203 -34.08 56.60 10.45
N TYR R 204 -33.71 57.87 10.57
CA TYR R 204 -32.69 58.22 11.55
C TYR R 204 -33.32 58.44 12.92
N ASP R 205 -32.48 58.37 13.94
CA ASP R 205 -32.84 58.47 15.33
C ASP R 205 -32.36 59.82 15.85
N ASP R 206 -32.62 60.12 17.12
CA ASP R 206 -32.28 61.42 17.70
C ASP R 206 -30.78 61.60 17.90
N ALA R 207 -29.97 60.62 17.50
CA ALA R 207 -28.53 60.73 17.64
C ALA R 207 -27.79 60.48 16.33
N ASP R 208 -28.51 60.56 15.21
CA ASP R 208 -27.98 60.47 13.85
C ASP R 208 -27.61 59.00 13.57
N LYS R 209 -27.76 58.13 14.56
CA LYS R 209 -27.57 56.70 14.34
C LYS R 209 -28.71 56.22 13.45
N LEU R 210 -28.36 55.72 12.26
CA LEU R 210 -29.36 55.12 11.39
C LEU R 210 -30.02 53.94 12.07
N VAL R 211 -31.34 53.89 12.00
CA VAL R 211 -32.11 52.79 12.58
C VAL R 211 -32.55 51.81 11.49
N TYR R 212 -33.19 52.30 10.45
CA TYR R 212 -33.59 51.48 9.32
C TYR R 212 -33.07 52.07 8.03
N GLN R 213 -32.70 51.20 7.10
CA GLN R 213 -32.19 51.61 5.80
C GLN R 213 -33.32 51.50 4.79
N ALA R 214 -33.97 52.62 4.50
CA ALA R 214 -34.99 52.68 3.48
C ALA R 214 -35.06 54.09 2.93
N ASP R 215 -35.28 54.20 1.62
CA ASP R 215 -35.40 55.49 0.97
C ASP R 215 -36.85 55.92 0.77
N SER R 216 -37.76 54.97 0.54
CA SER R 216 -39.18 55.29 0.52
C SER R 216 -39.72 55.36 1.93
N ALA R 217 -41.04 55.39 2.08
CA ALA R 217 -41.66 55.42 3.40
C ALA R 217 -42.31 54.08 3.65
N LEU R 218 -42.07 53.50 4.82
CA LEU R 218 -42.65 52.23 5.17
C LEU R 218 -44.17 52.34 5.23
N ALA R 219 -44.83 51.21 5.02
CA ALA R 219 -46.29 51.17 5.05
C ALA R 219 -46.80 51.35 6.47
N LYS R 220 -48.10 51.26 6.66
CA LYS R 220 -48.73 51.50 7.95
C LYS R 220 -48.67 50.24 8.80
N ASP R 221 -48.28 50.39 10.06
CA ASP R 221 -48.13 49.28 11.00
C ASP R 221 -47.19 48.20 10.47
N THR R 222 -46.06 48.62 9.89
CA THR R 222 -45.00 47.69 9.55
C THR R 222 -43.96 47.73 10.66
N LYS R 223 -43.72 46.58 11.28
CA LYS R 223 -42.78 46.49 12.39
C LYS R 223 -41.39 46.15 11.86
N VAL R 224 -40.39 46.80 12.43
CA VAL R 224 -38.99 46.44 12.19
C VAL R 224 -38.36 46.13 13.53
N THR R 225 -37.50 45.12 13.55
CA THR R 225 -36.80 44.72 14.77
C THR R 225 -35.32 44.99 14.59
N LYS R 226 -34.74 45.64 15.60
CA LYS R 226 -33.34 46.06 15.55
C LYS R 226 -32.62 45.40 16.72
N GLY R 227 -31.53 44.69 16.43
CA GLY R 227 -30.83 43.95 17.45
C GLY R 227 -30.18 44.84 18.48
N ILE R 228 -29.71 44.20 19.55
CA ILE R 228 -29.03 44.95 20.60
C ILE R 228 -27.72 45.50 20.04
N ASP R 229 -27.30 46.63 20.57
CA ASP R 229 -26.17 47.37 20.01
C ASP R 229 -24.87 46.63 20.29
N ILE R 230 -24.21 46.19 19.22
CA ILE R 230 -22.86 45.63 19.32
C ILE R 230 -21.88 46.34 18.40
N SER R 231 -22.34 47.29 17.60
CA SER R 231 -21.50 47.90 16.58
C SER R 231 -20.97 49.27 16.95
N SER R 232 -21.48 49.88 18.03
CA SER R 232 -21.03 51.21 18.38
C SER R 232 -19.62 51.22 18.95
N SER R 233 -19.20 50.15 19.61
CA SER R 233 -17.90 50.11 20.26
C SER R 233 -17.61 48.67 20.66
N ALA R 234 -16.39 48.44 21.14
CA ALA R 234 -16.06 47.17 21.75
C ALA R 234 -16.65 47.04 23.15
N LYS R 235 -16.74 48.15 23.88
CA LYS R 235 -17.38 48.14 25.18
C LYS R 235 -18.85 47.77 25.07
N ALA R 236 -19.54 48.31 24.07
CA ALA R 236 -20.95 48.01 23.88
C ALA R 236 -21.15 46.55 23.54
N ALA R 237 -20.28 45.98 22.71
CA ALA R 237 -20.40 44.57 22.36
C ALA R 237 -20.20 43.68 23.58
N SER R 238 -19.25 44.03 24.44
CA SER R 238 -19.08 43.29 25.68
C SER R 238 -20.31 43.43 26.57
N SER R 239 -20.89 44.62 26.63
CA SER R 239 -22.10 44.81 27.43
C SER R 239 -23.22 43.92 26.95
N ALA R 240 -23.38 43.79 25.64
CA ALA R 240 -24.40 42.92 25.08
C ALA R 240 -24.16 41.45 25.42
N LEU R 241 -22.95 41.08 25.83
CA LEU R 241 -22.68 39.69 26.14
C LEU R 241 -23.48 39.21 27.33
N THR R 242 -23.50 40.00 28.42
CA THR R 242 -24.31 39.62 29.57
C THR R 242 -25.80 39.67 29.26
N THR R 243 -26.22 40.65 28.47
CA THR R 243 -27.63 40.73 28.10
C THR R 243 -28.07 39.49 27.33
N ILE R 244 -27.22 39.02 26.42
CA ILE R 244 -27.57 37.84 25.65
C ILE R 244 -27.52 36.60 26.52
N LYS R 245 -26.48 36.46 27.35
CA LYS R 245 -26.36 35.26 28.16
C LYS R 245 -27.42 35.20 29.25
N THR R 246 -27.97 36.35 29.63
CA THR R 246 -29.11 36.35 30.54
C THR R 246 -30.38 35.93 29.82
N ALA R 247 -30.54 36.35 28.56
CA ALA R 247 -31.70 35.94 27.79
C ALA R 247 -31.74 34.44 27.62
N ILE R 248 -30.57 33.81 27.44
CA ILE R 248 -30.52 32.35 27.40
C ILE R 248 -30.99 31.77 28.73
N ASP R 249 -30.78 32.50 29.82
CA ASP R 249 -31.21 31.99 31.12
C ASP R 249 -32.73 32.09 31.30
N THR R 250 -33.34 33.17 30.83
CA THR R 250 -34.78 33.31 30.95
C THR R 250 -35.54 32.56 29.86
N VAL R 251 -34.83 31.99 28.89
CA VAL R 251 -35.46 31.06 27.97
C VAL R 251 -35.39 29.64 28.51
N SER R 252 -34.26 29.27 29.11
CA SER R 252 -34.16 27.97 29.76
C SER R 252 -35.17 27.86 30.91
N SER R 253 -35.44 28.96 31.61
CA SER R 253 -36.44 28.93 32.66
C SER R 253 -37.83 28.67 32.07
N GLU R 254 -38.14 29.29 30.94
CA GLU R 254 -39.45 29.07 30.33
C GLU R 254 -39.57 27.66 29.76
N ARG R 255 -38.49 27.14 29.18
CA ARG R 255 -38.58 25.81 28.57
C ARG R 255 -38.86 24.74 29.59
N ALA R 256 -38.26 24.80 30.77
CA ALA R 256 -38.52 23.79 31.79
C ALA R 256 -39.70 24.12 32.69
N LYS R 257 -40.21 25.35 32.63
CA LYS R 257 -41.55 25.58 33.16
C LYS R 257 -42.60 24.90 32.31
N LEU R 258 -42.30 24.65 31.04
CA LEU R 258 -43.18 23.92 30.15
C LEU R 258 -42.84 22.45 30.06
N GLY R 259 -41.60 22.06 30.37
CA GLY R 259 -41.26 20.66 30.42
C GLY R 259 -41.73 20.04 31.72
N ALA R 260 -41.86 20.86 32.76
CA ALA R 260 -42.40 20.37 34.01
C ALA R 260 -43.88 20.07 33.90
N VAL R 261 -44.62 20.93 33.21
CA VAL R 261 -46.04 20.68 33.01
C VAL R 261 -46.27 19.46 32.13
N GLN R 262 -45.43 19.29 31.11
CA GLN R 262 -45.60 18.15 30.22
C GLN R 262 -45.29 16.85 30.93
N ASN R 263 -44.30 16.83 31.81
CA ASN R 263 -44.03 15.64 32.61
C ASN R 263 -45.20 15.32 33.52
N ARG R 264 -45.80 16.34 34.13
CA ARG R 264 -46.97 16.12 34.96
C ARG R 264 -48.14 15.57 34.14
N LEU R 265 -48.37 16.14 32.96
CA LEU R 265 -49.46 15.68 32.13
C LEU R 265 -49.26 14.26 31.62
N GLU R 266 -48.03 13.79 31.56
CA GLU R 266 -47.79 12.39 31.21
C GLU R 266 -48.16 11.46 32.35
N HIS R 267 -47.98 11.90 33.60
CA HIS R 267 -48.45 11.12 34.73
C HIS R 267 -49.96 11.20 34.87
N THR R 268 -50.54 12.36 34.58
CA THR R 268 -52.00 12.49 34.63
C THR R 268 -52.68 11.59 33.62
N ILE R 269 -52.05 11.31 32.49
CA ILE R 269 -52.67 10.47 31.48
C ILE R 269 -52.68 9.01 31.89
N ASN R 270 -51.58 8.52 32.46
CA ASN R 270 -51.55 7.14 32.94
C ASN R 270 -52.55 6.94 34.07
N ASN R 271 -52.70 7.93 34.95
CA ASN R 271 -53.64 7.78 36.04
C ASN R 271 -55.07 7.91 35.57
N LEU R 272 -55.34 8.75 34.59
CA LEU R 272 -56.68 8.81 34.01
C LEU R 272 -57.01 7.55 33.24
N GLY R 273 -56.04 6.99 32.53
CA GLY R 273 -56.26 5.74 31.84
C GLY R 273 -56.46 4.57 32.77
N THR R 274 -55.72 4.53 33.87
CA THR R 274 -55.92 3.46 34.84
C THR R 274 -57.26 3.57 35.55
N SER R 275 -57.72 4.79 35.81
CA SER R 275 -59.00 4.97 36.48
C SER R 275 -60.18 4.71 35.58
N SER R 276 -60.00 4.68 34.27
CA SER R 276 -61.09 4.28 33.40
C SER R 276 -61.24 2.77 33.36
N GLU R 277 -60.14 2.04 33.31
CA GLU R 277 -60.22 0.58 33.36
C GLU R 277 -60.82 0.11 34.66
N ASN R 278 -60.38 0.70 35.77
CA ASN R 278 -60.89 0.28 37.07
C ASN R 278 -62.35 0.62 37.23
N LEU R 279 -62.82 1.67 36.57
CA LEU R 279 -64.23 2.02 36.63
C LEU R 279 -65.04 1.32 35.55
N THR R 280 -64.44 1.08 34.38
CA THR R 280 -65.13 0.30 33.36
C THR R 280 -65.41 -1.11 33.86
N SER R 281 -64.40 -1.73 34.48
CA SER R 281 -64.62 -3.05 35.06
C SER R 281 -65.62 -2.98 36.21
N ALA R 282 -65.57 -1.92 37.00
CA ALA R 282 -66.52 -1.77 38.09
C ALA R 282 -67.94 -1.63 37.58
N GLU R 283 -68.13 -0.87 36.50
CA GLU R 283 -69.46 -0.69 35.96
C GLU R 283 -69.97 -1.92 35.22
N SER R 284 -69.07 -2.68 34.61
CA SER R 284 -69.49 -3.89 33.91
C SER R 284 -70.05 -4.91 34.88
N ARG R 285 -69.45 -5.06 36.06
CA ARG R 285 -69.97 -6.00 37.05
C ARG R 285 -71.35 -5.59 37.52
N ILE R 286 -71.60 -4.29 37.65
CA ILE R 286 -72.90 -3.82 38.11
C ILE R 286 -73.94 -3.96 37.01
N ARG R 287 -73.57 -3.64 35.77
CA ARG R 287 -74.53 -3.46 34.69
C ARG R 287 -74.60 -4.65 33.74
N ASP R 288 -73.44 -5.13 33.26
CA ASP R 288 -73.45 -6.20 32.27
C ASP R 288 -73.93 -7.50 32.89
N VAL R 289 -74.51 -8.35 32.06
CA VAL R 289 -75.05 -9.62 32.49
C VAL R 289 -73.98 -10.69 32.32
N ASP R 290 -74.09 -11.76 33.11
CA ASP R 290 -73.23 -12.92 32.97
C ASP R 290 -73.88 -13.86 31.97
N MET R 291 -73.24 -14.03 30.82
CA MET R 291 -73.84 -14.82 29.74
C MET R 291 -74.10 -16.25 30.19
N ALA R 292 -73.14 -16.86 30.89
CA ALA R 292 -73.29 -18.23 31.32
C ALA R 292 -74.42 -18.39 32.33
N SER R 293 -74.40 -17.56 33.38
CA SER R 293 -75.41 -17.67 34.43
C SER R 293 -76.79 -17.26 33.97
N GLU R 294 -76.91 -16.60 32.83
CA GLU R 294 -78.20 -16.16 32.32
C GLU R 294 -78.76 -17.09 31.27
N MET R 295 -77.92 -17.62 30.39
CA MET R 295 -78.37 -18.62 29.43
C MET R 295 -78.86 -19.87 30.14
N MET R 296 -78.15 -20.28 31.20
CA MET R 296 -78.58 -21.43 31.98
C MET R 296 -79.90 -21.16 32.68
N GLU R 297 -80.15 -19.92 33.10
CA GLU R 297 -81.42 -19.61 33.73
C GLU R 297 -82.53 -19.47 32.71
N TYR R 298 -82.21 -18.96 31.52
CA TYR R 298 -83.21 -18.86 30.47
C TYR R 298 -83.72 -20.23 30.06
N THR R 299 -82.81 -21.20 29.93
CA THR R 299 -83.21 -22.54 29.55
C THR R 299 -84.13 -23.17 30.60
N LYS R 300 -83.91 -22.87 31.88
CA LYS R 300 -84.76 -23.45 32.91
C LYS R 300 -86.20 -22.99 32.77
N ASN R 301 -86.42 -21.67 32.70
CA ASN R 301 -87.78 -21.18 32.51
C ASN R 301 -88.34 -21.56 31.15
N ASN R 302 -87.47 -21.78 30.17
CA ASN R 302 -87.93 -22.25 28.88
C ASN R 302 -88.40 -23.69 28.92
N ILE R 303 -88.01 -24.43 29.96
CA ILE R 303 -88.52 -25.79 30.15
C ILE R 303 -89.73 -25.80 31.06
N LEU R 304 -89.70 -25.00 32.12
CA LEU R 304 -90.83 -24.92 33.04
C LEU R 304 -92.11 -24.47 32.33
N THR R 305 -91.99 -23.70 31.27
CA THR R 305 -93.17 -23.33 30.48
C THR R 305 -93.65 -24.46 29.60
N GLN R 306 -92.74 -25.31 29.11
CA GLN R 306 -93.16 -26.48 28.35
C GLN R 306 -93.76 -27.56 29.24
N ALA R 307 -93.25 -27.68 30.46
CA ALA R 307 -93.88 -28.59 31.42
C ALA R 307 -95.30 -28.16 31.74
N SER R 308 -95.51 -26.87 31.94
CA SER R 308 -96.86 -26.36 32.15
C SER R 308 -97.69 -26.47 30.88
N GLN R 309 -97.06 -26.28 29.72
CA GLN R 309 -97.76 -26.47 28.45
C GLN R 309 -98.23 -27.91 28.31
N ALA R 310 -97.37 -28.87 28.63
CA ALA R 310 -97.73 -30.28 28.49
C ALA R 310 -98.86 -30.67 29.42
N MET R 311 -98.83 -30.17 30.67
CA MET R 311 -99.87 -30.54 31.62
C MET R 311 -101.17 -29.79 31.39
N LEU R 312 -101.11 -28.61 30.76
CA LEU R 312 -102.33 -27.90 30.43
C LEU R 312 -103.17 -28.69 29.43
N ALA R 313 -102.51 -29.34 28.47
CA ALA R 313 -103.24 -30.17 27.50
C ALA R 313 -103.99 -31.29 28.20
N GLN R 314 -103.34 -31.96 29.15
CA GLN R 314 -104.00 -33.04 29.88
C GLN R 314 -105.07 -32.50 30.81
N ALA R 315 -104.87 -31.30 31.36
CA ALA R 315 -105.87 -30.72 32.25
C ALA R 315 -107.20 -30.50 31.56
N ASN R 316 -107.16 -30.21 30.26
CA ASN R 316 -108.40 -30.03 29.50
C ASN R 316 -109.06 -31.37 29.18
N GLN R 317 -108.28 -32.45 29.09
CA GLN R 317 -108.85 -33.75 28.74
C GLN R 317 -109.64 -34.34 29.90
N GLN R 318 -109.26 -34.02 31.13
CA GLN R 318 -109.92 -34.60 32.29
C GLN R 318 -111.42 -34.34 32.37
N PRO R 319 -111.93 -33.11 32.13
CA PRO R 319 -113.39 -32.92 32.15
C PRO R 319 -114.11 -33.67 31.05
N GLN R 320 -113.42 -34.11 30.01
CA GLN R 320 -114.06 -34.76 28.88
C GLN R 320 -114.58 -36.16 29.20
N GLN R 321 -114.24 -36.71 30.36
CA GLN R 321 -114.59 -38.08 30.69
C GLN R 321 -115.97 -38.21 31.31
N VAL R 322 -116.64 -37.11 31.64
CA VAL R 322 -117.98 -37.21 32.22
C VAL R 322 -119.03 -37.50 31.15
N LEU R 323 -118.70 -37.29 29.88
CA LEU R 323 -119.67 -37.55 28.82
C LEU R 323 -120.01 -39.03 28.72
N GLN R 324 -119.01 -39.89 28.87
CA GLN R 324 -119.26 -41.33 28.86
C GLN R 324 -120.12 -41.77 30.03
N LEU R 325 -120.09 -41.02 31.13
CA LEU R 325 -120.95 -41.31 32.26
C LEU R 325 -122.35 -40.74 32.08
N LEU R 326 -122.48 -39.61 31.39
CA LEU R 326 -123.77 -38.96 31.23
C LEU R 326 -124.70 -39.71 30.29
N LYS R 327 -124.17 -40.57 29.43
CA LYS R 327 -124.99 -41.34 28.52
C LYS R 327 -125.39 -42.68 29.14
N MET S 1 -103.29 -57.58 37.64
CA MET S 1 -102.91 -56.20 37.35
C MET S 1 -103.26 -55.28 38.51
N ARG S 2 -102.25 -54.89 39.26
CA ARG S 2 -102.42 -53.98 40.38
C ARG S 2 -102.14 -52.56 39.93
N ILE S 3 -103.07 -51.65 40.23
CA ILE S 3 -103.05 -50.31 39.67
C ILE S 3 -102.54 -49.29 40.68
N ASN S 4 -102.84 -49.47 41.96
CA ASN S 4 -102.48 -48.47 42.97
C ASN S 4 -100.98 -48.29 43.12
N HIS S 5 -100.17 -49.21 42.61
CA HIS S 5 -98.72 -49.07 42.71
C HIS S 5 -98.10 -49.63 41.44
N ASN S 6 -97.20 -48.86 40.84
CA ASN S 6 -96.48 -49.27 39.64
C ASN S 6 -95.04 -49.55 40.04
N ILE S 7 -94.78 -50.78 40.48
CA ILE S 7 -93.44 -51.13 40.93
C ILE S 7 -92.45 -51.10 39.78
N ALA S 8 -92.90 -51.38 38.56
CA ALA S 8 -92.02 -51.30 37.40
C ALA S 8 -91.54 -49.88 37.20
N ALA S 9 -92.44 -48.90 37.31
CA ALA S 9 -92.03 -47.50 37.16
C ALA S 9 -91.31 -46.99 38.40
N LEU S 10 -91.72 -47.44 39.58
CA LEU S 10 -91.05 -47.02 40.81
C LEU S 10 -89.61 -47.54 40.85
N ASN S 11 -89.37 -48.74 40.34
CA ASN S 11 -88.01 -49.25 40.27
C ASN S 11 -87.18 -48.49 39.24
N THR S 12 -87.79 -48.15 38.10
CA THR S 12 -87.07 -47.40 37.08
C THR S 12 -86.74 -46.00 37.54
N SER S 13 -87.55 -45.42 38.42
CA SER S 13 -87.25 -44.09 38.94
C SER S 13 -85.95 -44.09 39.74
N ARG S 14 -85.72 -45.12 40.54
CA ARG S 14 -84.49 -45.17 41.33
C ARG S 14 -83.27 -45.27 40.44
N GLN S 15 -83.34 -46.10 39.40
CA GLN S 15 -82.23 -46.16 38.45
C GLN S 15 -82.09 -44.86 37.68
N LEU S 16 -83.20 -44.12 37.51
CA LEU S 16 -83.10 -42.80 36.89
C LEU S 16 -82.37 -41.83 37.80
N ASN S 17 -82.70 -41.82 39.10
CA ASN S 17 -81.95 -41.02 40.05
C ASN S 17 -80.79 -41.81 40.63
N ALA S 18 -80.05 -42.51 39.78
CA ALA S 18 -78.77 -43.09 40.13
C ALA S 18 -77.73 -42.96 39.04
N GLY S 19 -78.14 -42.68 37.80
CA GLY S 19 -77.22 -42.41 36.72
C GLY S 19 -77.12 -40.91 36.52
N SER S 20 -78.19 -40.20 36.89
CA SER S 20 -78.12 -38.75 36.93
C SER S 20 -77.13 -38.26 37.98
N ASN S 21 -77.15 -38.89 39.16
CA ASN S 21 -76.18 -38.54 40.19
C ASN S 21 -74.76 -38.83 39.73
N ALA S 22 -74.55 -39.99 39.10
CA ALA S 22 -73.22 -40.34 38.62
C ALA S 22 -72.76 -39.38 37.53
N ALA S 23 -73.67 -39.01 36.63
CA ALA S 23 -73.31 -38.04 35.59
C ALA S 23 -72.98 -36.68 36.19
N SER S 24 -73.74 -36.26 37.21
CA SER S 24 -73.43 -35.00 37.87
C SER S 24 -72.06 -35.05 38.53
N LYS S 25 -71.74 -36.16 39.19
CA LYS S 25 -70.42 -36.31 39.79
C LYS S 25 -69.33 -36.31 38.73
N ASN S 26 -69.59 -36.94 37.59
CA ASN S 26 -68.59 -36.98 36.52
C ASN S 26 -68.38 -35.61 35.91
N MET S 27 -69.43 -34.80 35.83
CA MET S 27 -69.30 -33.47 35.24
C MET S 27 -68.63 -32.49 36.19
N GLU S 28 -68.70 -32.72 37.50
CA GLU S 28 -67.92 -31.91 38.42
C GLU S 28 -66.43 -32.08 38.15
N LYS S 29 -65.99 -33.32 37.97
CA LYS S 29 -64.58 -33.58 37.69
C LYS S 29 -64.17 -32.99 36.35
N LEU S 30 -65.03 -33.12 35.34
CA LEU S 30 -64.69 -32.64 34.01
C LEU S 30 -64.57 -31.13 33.98
N SER S 31 -65.48 -30.43 34.65
CA SER S 31 -65.43 -28.97 34.68
C SER S 31 -64.23 -28.47 35.46
N SER S 32 -64.04 -28.99 36.68
CA SER S 32 -62.95 -28.51 37.52
C SER S 32 -61.59 -29.04 37.09
N GLY S 33 -61.55 -30.22 36.48
CA GLY S 33 -60.30 -30.84 36.15
C GLY S 33 -59.63 -31.58 37.28
N LEU S 34 -60.33 -31.79 38.40
CA LEU S 34 -59.75 -32.42 39.57
C LEU S 34 -60.54 -33.68 39.93
N ARG S 35 -59.81 -34.76 40.24
CA ARG S 35 -60.45 -35.97 40.72
C ARG S 35 -61.13 -35.73 42.06
N ILE S 36 -60.43 -35.05 42.96
CA ILE S 36 -60.88 -34.88 44.34
C ILE S 36 -61.38 -33.45 44.48
N ASN S 37 -62.69 -33.27 44.39
CA ASN S 37 -63.31 -31.99 44.70
C ASN S 37 -63.73 -31.96 46.16
N ARG S 38 -64.59 -32.89 46.56
CA ARG S 38 -64.95 -33.09 47.94
C ARG S 38 -63.95 -34.04 48.60
N ALA S 39 -63.99 -34.09 49.93
CA ALA S 39 -63.13 -35.01 50.65
C ALA S 39 -63.62 -36.45 50.59
N GLY S 40 -64.85 -36.67 50.14
CA GLY S 40 -65.38 -38.01 50.03
C GLY S 40 -64.91 -38.78 48.81
N ASP S 41 -64.31 -38.10 47.84
CA ASP S 41 -63.77 -38.80 46.68
C ASP S 41 -62.48 -39.52 47.00
N ASP S 42 -61.63 -38.94 47.85
CA ASP S 42 -60.44 -39.62 48.34
C ASP S 42 -60.00 -38.92 49.62
N ALA S 43 -60.17 -39.59 50.76
CA ALA S 43 -59.73 -39.02 52.02
C ALA S 43 -58.22 -38.91 52.08
N ALA S 44 -57.53 -40.02 51.81
CA ALA S 44 -56.08 -40.00 51.77
C ALA S 44 -55.57 -39.20 50.59
N GLY S 45 -56.32 -39.19 49.48
CA GLY S 45 -55.94 -38.35 48.36
C GLY S 45 -56.03 -36.87 48.70
N LEU S 46 -57.07 -36.48 49.42
CA LEU S 46 -57.16 -35.10 49.89
C LEU S 46 -56.03 -34.77 50.85
N ALA S 47 -55.74 -35.66 51.79
CA ALA S 47 -54.70 -35.39 52.77
C ALA S 47 -53.33 -35.27 52.11
N ILE S 48 -53.00 -36.20 51.22
CA ILE S 48 -51.69 -36.19 50.57
C ILE S 48 -51.55 -34.97 49.68
N SER S 49 -52.62 -34.62 48.98
CA SER S 49 -52.58 -33.49 48.06
C SER S 49 -52.22 -32.21 48.78
N GLU S 50 -52.91 -31.91 49.88
CA GLU S 50 -52.68 -30.67 50.60
C GLU S 50 -51.26 -30.58 51.13
N LYS S 51 -50.74 -31.67 51.68
CA LYS S 51 -49.33 -31.71 52.06
C LYS S 51 -48.47 -31.41 50.83
N MET S 52 -48.80 -32.04 49.71
CA MET S 52 -48.04 -31.84 48.48
C MET S 52 -48.09 -30.39 48.02
N ARG S 53 -49.29 -29.81 47.93
CA ARG S 53 -49.43 -28.43 47.48
C ARG S 53 -48.65 -27.49 48.40
N SER S 54 -48.79 -27.68 49.70
CA SER S 54 -48.05 -26.88 50.67
C SER S 54 -46.55 -26.96 50.42
N GLN S 55 -46.06 -28.15 50.13
CA GLN S 55 -44.64 -28.34 49.85
C GLN S 55 -44.25 -27.72 48.51
N ILE S 56 -45.09 -27.89 47.49
CA ILE S 56 -44.77 -27.34 46.17
C ILE S 56 -44.74 -25.83 46.21
N ARG S 57 -45.74 -25.21 46.82
CA ARG S 57 -45.74 -23.77 46.94
C ARG S 57 -44.68 -23.27 47.92
N GLY S 58 -44.05 -24.17 48.67
CA GLY S 58 -42.94 -23.81 49.51
C GLY S 58 -41.62 -23.87 48.77
N LEU S 59 -41.41 -24.92 47.98
CA LEU S 59 -40.16 -25.04 47.23
C LEU S 59 -40.08 -24.01 46.13
N ASP S 60 -41.21 -23.64 45.52
CA ASP S 60 -41.15 -22.61 44.50
C ASP S 60 -40.96 -21.23 45.11
N MET S 61 -41.38 -21.04 46.36
CA MET S 61 -41.12 -19.80 47.06
C MET S 61 -39.73 -19.82 47.71
N ALA S 62 -39.32 -20.95 48.26
CA ALA S 62 -37.96 -21.07 48.75
C ALA S 62 -36.93 -21.00 47.63
N SER S 63 -37.35 -21.18 46.38
CA SER S 63 -36.48 -20.92 45.25
C SER S 63 -36.36 -19.43 44.97
N LYS S 64 -37.35 -18.63 45.37
CA LYS S 64 -37.19 -17.19 45.29
C LYS S 64 -36.25 -16.68 46.37
N ASN S 65 -36.36 -17.23 47.58
CA ASN S 65 -35.45 -16.85 48.65
C ASN S 65 -34.01 -17.20 48.30
N ALA S 66 -33.80 -18.37 47.71
CA ALA S 66 -32.44 -18.73 47.29
C ALA S 66 -31.92 -17.78 46.23
N GLN S 67 -32.79 -17.28 45.36
CA GLN S 67 -32.35 -16.33 44.36
C GLN S 67 -32.29 -14.90 44.87
N ASP S 68 -33.06 -14.56 45.89
CA ASP S 68 -32.90 -13.29 46.55
C ASP S 68 -31.68 -13.26 47.47
N GLY S 69 -31.08 -14.42 47.74
CA GLY S 69 -29.84 -14.47 48.47
C GLY S 69 -28.68 -14.47 47.51
N ILE S 70 -28.90 -14.98 46.30
CA ILE S 70 -27.89 -14.89 45.27
C ILE S 70 -27.66 -13.44 44.88
N SER S 71 -28.74 -12.65 44.84
CA SER S 71 -28.60 -11.24 44.54
C SER S 71 -27.93 -10.48 45.67
N LEU S 72 -28.28 -10.81 46.92
CA LEU S 72 -27.65 -10.16 48.06
C LEU S 72 -26.17 -10.46 48.11
N ILE S 73 -25.75 -11.62 47.63
CA ILE S 73 -24.36 -12.01 47.67
C ILE S 73 -23.58 -11.46 46.49
N GLN S 74 -24.22 -11.39 45.31
CA GLN S 74 -23.57 -10.78 44.16
C GLN S 74 -23.29 -9.31 44.42
N THR S 75 -24.17 -8.63 45.15
CA THR S 75 -23.95 -7.22 45.47
C THR S 75 -22.72 -7.06 46.34
N SER S 76 -22.54 -7.93 47.34
CA SER S 76 -21.40 -7.79 48.24
C SER S 76 -20.08 -8.05 47.52
N GLU S 77 -19.99 -9.16 46.80
CA GLU S 77 -18.73 -9.44 46.10
C GLU S 77 -18.53 -8.50 44.93
N GLY S 78 -19.61 -7.99 44.34
CA GLY S 78 -19.46 -6.94 43.35
C GLY S 78 -18.84 -5.69 43.95
N ALA S 79 -19.17 -5.38 45.20
CA ALA S 79 -18.56 -4.24 45.87
C ALA S 79 -17.10 -4.51 46.20
N LEU S 80 -16.78 -5.72 46.77
CA LEU S 80 -15.40 -6.04 47.05
C LEU S 80 -14.58 -6.20 45.79
N ASN S 81 -15.21 -6.31 44.63
CA ASN S 81 -14.45 -6.29 43.40
C ASN S 81 -13.68 -5.00 43.25
N GLU S 82 -14.17 -3.92 43.81
CA GLU S 82 -13.50 -2.63 43.71
C GLU S 82 -12.57 -2.36 44.85
N THR S 83 -12.88 -2.84 46.05
CA THR S 83 -11.89 -2.78 47.10
C THR S 83 -10.62 -3.51 46.70
N HIS S 84 -10.70 -4.46 45.80
CA HIS S 84 -9.48 -5.06 45.28
C HIS S 84 -8.71 -4.10 44.41
N SER S 85 -9.39 -3.34 43.56
CA SER S 85 -8.69 -2.44 42.66
C SER S 85 -8.13 -1.25 43.39
N ILE S 86 -8.84 -0.80 44.40
CA ILE S 86 -8.30 0.30 45.19
C ILE S 86 -7.09 -0.17 45.98
N LEU S 87 -7.18 -1.34 46.59
CA LEU S 87 -6.03 -1.90 47.30
C LEU S 87 -4.89 -2.19 46.35
N GLN S 88 -5.18 -2.51 45.10
CA GLN S 88 -4.13 -2.78 44.13
C GLN S 88 -3.40 -1.50 43.75
N ARG S 89 -4.16 -0.44 43.48
CA ARG S 89 -3.54 0.87 43.24
C ARG S 89 -2.86 1.39 44.48
N MET S 90 -3.45 1.12 45.65
CA MET S 90 -2.86 1.57 46.90
C MET S 90 -1.53 0.92 47.17
N SER S 91 -1.22 -0.18 46.51
CA SER S 91 0.05 -0.86 46.66
C SER S 91 1.13 -0.32 45.73
N GLU S 92 0.75 0.28 44.61
CA GLU S 92 1.73 0.99 43.79
C GLU S 92 2.18 2.27 44.47
N LEU S 93 1.29 2.95 45.16
CA LEU S 93 1.72 4.09 45.96
C LEU S 93 2.27 3.66 47.30
N ALA S 94 3.06 2.60 47.30
CA ALA S 94 3.98 2.30 48.39
C ALA S 94 5.29 1.74 47.89
N THR S 95 5.32 1.24 46.66
CA THR S 95 6.58 0.90 46.02
C THR S 95 7.22 2.12 45.40
N GLN S 96 6.40 3.12 45.06
CA GLN S 96 6.92 4.39 44.59
C GLN S 96 7.36 5.27 45.74
N ALA S 97 6.63 5.23 46.85
CA ALA S 97 6.98 6.01 48.02
C ALA S 97 8.17 5.44 48.77
N ALA S 98 8.51 4.17 48.57
CA ALA S 98 9.64 3.57 49.24
C ALA S 98 10.97 3.92 48.58
N ASN S 99 10.96 4.31 47.31
CA ASN S 99 12.18 4.75 46.65
C ASN S 99 12.68 6.03 47.29
N ASP S 100 14.00 6.16 47.40
CA ASP S 100 14.59 7.30 48.10
C ASP S 100 15.01 8.41 47.16
N THR S 101 14.64 8.33 45.88
CA THR S 101 14.72 9.51 45.04
C THR S 101 13.57 10.47 45.29
N ASN S 102 12.49 9.99 45.90
CA ASN S 102 11.42 10.87 46.35
C ASN S 102 11.90 11.73 47.50
N THR S 103 11.34 12.93 47.60
CA THR S 103 11.52 13.76 48.78
C THR S 103 10.24 13.76 49.60
N ASP S 104 10.33 14.30 50.81
CA ASP S 104 9.15 14.37 51.66
C ASP S 104 8.07 15.23 51.05
N SER S 105 8.46 16.22 50.23
CA SER S 105 7.48 16.99 49.49
C SER S 105 6.71 16.13 48.49
N ASP S 106 7.29 15.00 48.08
CA ASP S 106 6.65 14.11 47.12
C ASP S 106 6.08 12.85 47.75
N ARG S 107 6.64 12.39 48.86
CA ARG S 107 5.99 11.34 49.62
C ARG S 107 4.67 11.84 50.20
N SER S 108 4.69 13.03 50.79
CA SER S 108 3.44 13.64 51.23
C SER S 108 2.55 13.98 50.06
N GLU S 109 3.14 14.06 48.87
CA GLU S 109 2.34 14.29 47.67
C GLU S 109 1.58 13.02 47.31
N LEU S 110 2.24 11.87 47.44
CA LEU S 110 1.58 10.59 47.26
C LEU S 110 0.57 10.32 48.36
N GLN S 111 0.83 10.81 49.56
CA GLN S 111 -0.10 10.58 50.68
C GLN S 111 -1.46 11.18 50.40
N LYS S 112 -1.53 12.17 49.52
CA LYS S 112 -2.83 12.76 49.18
C LYS S 112 -3.73 11.72 48.54
N GLU S 113 -3.19 10.92 47.63
CA GLU S 113 -3.99 9.84 47.04
C GLU S 113 -4.11 8.66 47.99
N MET S 114 -3.12 8.45 48.85
CA MET S 114 -3.23 7.44 49.90
C MET S 114 -4.47 7.67 50.74
N ASP S 115 -4.66 8.89 51.23
CA ASP S 115 -5.82 9.20 52.05
C ASP S 115 -7.11 9.22 51.26
N GLN S 116 -7.04 9.46 49.96
CA GLN S 116 -8.24 9.48 49.15
C GLN S 116 -8.66 8.08 48.72
N LEU S 117 -7.70 7.18 48.52
CA LEU S 117 -8.04 5.79 48.25
C LEU S 117 -8.56 5.11 49.50
N ALA S 118 -7.89 5.33 50.63
CA ALA S 118 -8.33 4.73 51.88
C ALA S 118 -9.69 5.25 52.32
N SER S 119 -10.05 6.46 51.93
CA SER S 119 -11.36 7.00 52.23
C SER S 119 -12.44 6.48 51.30
N GLU S 120 -12.07 5.90 50.17
CA GLU S 120 -13.01 5.27 49.27
C GLU S 120 -13.27 3.82 49.64
N VAL S 121 -12.26 3.13 50.17
CA VAL S 121 -12.46 1.79 50.71
C VAL S 121 -13.48 1.83 51.83
N THR S 122 -13.41 2.85 52.69
CA THR S 122 -14.40 3.00 53.75
C THR S 122 -15.78 3.32 53.19
N ARG S 123 -15.85 4.10 52.11
CA ARG S 123 -17.15 4.45 51.55
C ARG S 123 -17.86 3.21 51.05
N ILE S 124 -17.14 2.32 50.37
CA ILE S 124 -17.77 1.12 49.82
C ILE S 124 -18.36 0.27 50.94
N SER S 125 -17.68 0.21 52.08
CA SER S 125 -18.20 -0.60 53.19
C SER S 125 -19.48 0.00 53.74
N THR S 126 -19.50 1.30 53.98
CA THR S 126 -20.66 1.93 54.59
C THR S 126 -21.76 2.27 53.60
N ASP S 127 -21.49 2.24 52.29
CA ASP S 127 -22.50 2.59 51.31
C ASP S 127 -23.11 1.39 50.63
N THR S 128 -22.38 0.29 50.49
CA THR S 128 -22.92 -0.90 49.85
C THR S 128 -24.13 -1.39 50.62
N GLU S 129 -25.28 -1.38 49.96
CA GLU S 129 -26.54 -1.64 50.65
C GLU S 129 -27.49 -2.37 49.72
N PHE S 130 -27.82 -3.60 50.06
CA PHE S 130 -28.88 -4.34 49.40
C PHE S 130 -30.14 -4.19 50.23
N ASN S 131 -31.25 -3.90 49.56
CA ASN S 131 -32.53 -3.64 50.23
C ASN S 131 -32.24 -2.44 51.13
N THR S 132 -32.38 -2.55 52.44
CA THR S 132 -31.93 -1.53 53.38
C THR S 132 -30.91 -2.08 54.36
N LYS S 133 -30.09 -3.02 53.92
CA LYS S 133 -29.11 -3.69 54.76
C LYS S 133 -27.72 -3.30 54.32
N LYS S 134 -26.92 -2.82 55.27
CA LYS S 134 -25.52 -2.54 55.01
C LYS S 134 -24.75 -3.85 55.10
N LEU S 135 -24.19 -4.28 53.98
CA LEU S 135 -23.61 -5.62 53.92
C LEU S 135 -22.19 -5.65 54.46
N LEU S 136 -21.35 -4.70 54.06
CA LEU S 136 -19.93 -4.77 54.32
C LEU S 136 -19.49 -3.98 55.55
N ASP S 137 -20.43 -3.51 56.37
CA ASP S 137 -20.07 -2.73 57.55
C ASP S 137 -20.05 -3.57 58.81
N GLY S 138 -20.10 -4.89 58.69
CA GLY S 138 -20.01 -5.76 59.84
C GLY S 138 -21.31 -6.00 60.55
N THR S 139 -22.43 -5.46 60.07
CA THR S 139 -23.72 -5.68 60.69
C THR S 139 -24.50 -6.81 60.05
N ALA S 140 -24.14 -7.22 58.84
CA ALA S 140 -24.81 -8.33 58.16
C ALA S 140 -24.20 -9.63 58.62
N GLN S 141 -24.67 -10.10 59.77
CA GLN S 141 -24.20 -11.33 60.36
C GLN S 141 -25.40 -12.24 60.62
N ASN S 142 -25.18 -13.55 60.51
CA ASN S 142 -26.21 -14.54 60.77
C ASN S 142 -27.37 -14.40 59.79
N LEU S 143 -27.09 -13.96 58.57
CA LEU S 143 -28.12 -13.84 57.56
C LEU S 143 -28.65 -15.23 57.22
N THR S 144 -29.91 -15.47 57.52
CA THR S 144 -30.53 -16.78 57.38
C THR S 144 -31.42 -16.78 56.13
N PHE S 145 -31.05 -17.58 55.15
CA PHE S 145 -31.88 -17.77 53.96
C PHE S 145 -32.67 -19.04 54.13
N GLN S 146 -33.99 -18.93 54.02
CA GLN S 146 -34.85 -20.11 54.11
C GLN S 146 -34.84 -20.79 52.75
N ILE S 147 -33.83 -21.62 52.53
CA ILE S 147 -33.75 -22.42 51.31
C ILE S 147 -34.38 -23.77 51.60
N GLY S 148 -35.70 -23.83 51.53
CA GLY S 148 -36.43 -25.03 51.89
C GLY S 148 -37.80 -24.67 52.40
N ALA S 149 -38.72 -25.61 52.32
CA ALA S 149 -40.11 -25.35 52.63
C ALA S 149 -40.46 -25.60 54.09
N ASN S 150 -39.51 -25.97 54.92
CA ASN S 150 -39.80 -26.38 56.29
C ASN S 150 -38.90 -25.63 57.26
N GLU S 151 -39.06 -25.95 58.55
CA GLU S 151 -38.15 -25.43 59.57
C GLU S 151 -36.73 -25.92 59.38
N GLY S 152 -35.77 -25.08 59.79
CA GLY S 152 -34.39 -25.49 59.84
C GLY S 152 -33.76 -25.78 58.51
N GLN S 153 -34.46 -25.52 57.41
CA GLN S 153 -33.90 -25.69 56.08
C GLN S 153 -33.32 -24.36 55.61
N THR S 154 -32.38 -23.87 56.40
CA THR S 154 -31.80 -22.55 56.23
C THR S 154 -30.31 -22.65 55.98
N MET S 155 -29.73 -21.52 55.59
CA MET S 155 -28.30 -21.36 55.47
C MET S 155 -27.91 -20.03 56.08
N SER S 156 -26.88 -20.04 56.91
CA SER S 156 -26.41 -18.80 57.53
C SER S 156 -25.31 -18.18 56.69
N LEU S 157 -24.99 -16.93 57.01
CA LEU S 157 -23.94 -16.21 56.31
C LEU S 157 -23.52 -15.03 57.17
N SER S 158 -22.22 -14.73 57.16
CA SER S 158 -21.71 -13.61 57.95
C SER S 158 -20.60 -12.94 57.15
N ILE S 159 -20.86 -11.72 56.70
CA ILE S 159 -19.86 -10.93 56.00
C ILE S 159 -19.18 -10.02 57.00
N ASN S 160 -17.85 -10.08 57.04
CA ASN S 160 -17.10 -9.30 58.01
C ASN S 160 -17.01 -7.84 57.57
N LYS S 161 -16.64 -6.98 58.51
CA LYS S 161 -16.44 -5.58 58.20
C LYS S 161 -15.22 -5.41 57.30
N MET S 162 -15.41 -4.75 56.16
CA MET S 162 -14.39 -4.68 55.13
C MET S 162 -14.10 -3.23 54.77
N ASP S 163 -13.90 -2.40 55.78
CA ASP S 163 -13.51 -1.02 55.60
C ASP S 163 -12.02 -0.87 55.88
N SER S 164 -11.51 0.34 55.63
CA SER S 164 -10.07 0.57 55.75
C SER S 164 -9.60 0.37 57.18
N GLU S 165 -10.44 0.71 58.16
CA GLU S 165 -10.06 0.48 59.55
C GLU S 165 -9.87 -0.99 59.84
N SER S 166 -10.76 -1.84 59.33
CA SER S 166 -10.66 -3.27 59.60
C SER S 166 -9.50 -3.90 58.85
N LEU S 167 -9.29 -3.52 57.60
CA LEU S 167 -8.15 -4.02 56.85
C LEU S 167 -6.84 -3.40 57.28
N LYS S 168 -6.88 -2.39 58.14
CA LYS S 168 -5.70 -1.72 58.68
C LYS S 168 -4.95 -0.93 57.62
N VAL S 169 -5.63 -0.52 56.56
CA VAL S 169 -5.03 0.33 55.54
C VAL S 169 -5.45 1.78 55.72
N GLY S 170 -5.99 2.13 56.87
CA GLY S 170 -6.43 3.49 57.10
C GLY S 170 -6.92 3.64 58.53
N THR S 171 -7.44 4.81 58.82
CA THR S 171 -8.01 5.08 60.13
C THR S 171 -9.02 6.20 59.99
N THR S 172 -10.12 6.09 60.72
CA THR S 172 -11.25 6.99 60.57
C THR S 172 -11.41 7.81 61.84
N TYR S 173 -11.15 9.11 61.74
CA TYR S 173 -11.41 10.04 62.82
C TYR S 173 -12.81 10.59 62.68
N THR S 174 -13.50 10.76 63.80
CA THR S 174 -14.80 11.41 63.80
C THR S 174 -14.71 12.68 64.63
N ALA S 175 -15.50 13.67 64.22
CA ALA S 175 -15.44 14.99 64.85
C ALA S 175 -16.29 15.00 66.11
N ASN S 176 -15.71 15.52 67.19
CA ASN S 176 -16.44 15.64 68.44
C ASN S 176 -17.55 16.66 68.28
N ASP S 177 -18.36 16.79 69.34
CA ASP S 177 -19.59 17.60 69.24
C ASP S 177 -19.28 19.05 68.92
N ASP S 178 -18.29 19.64 69.58
CA ASP S 178 -17.86 21.00 69.32
C ASP S 178 -17.04 21.10 68.04
N GLY S 179 -16.30 20.05 67.68
CA GLY S 179 -15.44 20.08 66.51
C GLY S 179 -14.04 20.54 66.83
N SER S 180 -13.71 20.59 68.12
CA SER S 180 -12.38 21.00 68.52
C SER S 180 -11.34 19.94 68.20
N LYS S 181 -11.68 18.67 68.44
CA LYS S 181 -10.73 17.57 68.31
C LYS S 181 -11.36 16.42 67.55
N LEU S 182 -10.72 16.02 66.46
CA LEU S 182 -11.12 14.82 65.74
C LEU S 182 -10.79 13.60 66.57
N VAL S 183 -11.77 12.71 66.73
CA VAL S 183 -11.64 11.55 67.61
C VAL S 183 -11.84 10.30 66.76
N THR S 184 -10.89 9.38 66.84
CA THR S 184 -11.08 8.08 66.23
C THR S 184 -11.53 7.07 67.27
N ALA S 185 -12.04 5.93 66.80
CA ALA S 185 -12.25 4.81 67.70
C ALA S 185 -10.91 4.35 68.24
N ASP S 186 -10.89 3.92 69.50
CA ASP S 186 -9.74 3.71 70.36
C ASP S 186 -9.27 5.07 70.90
N GLY S 187 -9.79 6.17 70.37
CA GLY S 187 -9.54 7.47 70.97
C GLY S 187 -8.16 8.07 70.73
N LYS S 188 -7.85 8.40 69.50
CA LYS S 188 -6.66 9.17 69.16
C LYS S 188 -7.10 10.59 68.83
N GLU S 189 -6.55 11.56 69.55
CA GLU S 189 -7.02 12.93 69.50
C GLU S 189 -6.37 13.69 68.35
N ALA S 190 -7.08 14.67 67.83
CA ALA S 190 -6.54 15.56 66.80
C ALA S 190 -7.16 16.93 66.98
N THR S 191 -6.46 17.80 67.70
CA THR S 191 -7.03 19.10 68.06
C THR S 191 -6.87 20.10 66.93
N LEU S 192 -7.79 21.07 66.91
CA LEU S 192 -7.82 22.10 65.88
C LEU S 192 -6.94 23.30 66.17
N VAL S 193 -6.45 23.91 65.09
CA VAL S 193 -5.52 25.06 65.05
C VAL S 193 -4.31 24.96 65.96
N THR S 194 -3.62 23.83 65.91
CA THR S 194 -2.51 23.57 66.82
C THR S 194 -1.16 23.33 66.16
N LYS S 198 1.89 27.61 65.83
CA LYS S 198 0.69 27.62 65.00
C LYS S 198 0.91 26.78 63.74
N GLY S 199 1.77 27.26 62.86
CA GLY S 199 2.08 26.56 61.64
C GLY S 199 0.90 26.52 60.69
N PRO S 200 0.98 25.67 59.67
CA PRO S 200 -0.17 25.49 58.77
C PRO S 200 -1.38 25.02 59.55
N ASN S 201 -2.55 25.48 59.12
CA ASN S 201 -3.77 25.35 59.91
C ASN S 201 -4.47 24.03 59.61
N GLY S 202 -4.88 23.34 60.67
CA GLY S 202 -5.60 22.08 60.53
C GLY S 202 -5.70 21.39 61.88
N TYR S 203 -6.20 20.15 61.83
CA TYR S 203 -6.39 19.32 63.02
C TYR S 203 -5.07 18.60 63.30
N TYR S 204 -4.28 19.15 64.22
CA TYR S 204 -3.00 18.54 64.51
C TYR S 204 -3.15 17.42 65.52
N ASP S 205 -2.13 16.56 65.55
CA ASP S 205 -2.07 15.37 66.37
C ASP S 205 -1.05 15.63 67.48
N ASP S 206 -0.87 14.66 68.38
CA ASP S 206 0.03 14.82 69.53
C ASP S 206 1.50 14.84 69.14
N ALA S 207 1.80 14.75 67.84
CA ALA S 207 3.19 14.78 67.39
C ALA S 207 3.43 15.84 66.33
N ASP S 208 2.51 16.81 66.21
CA ASP S 208 2.62 17.97 65.34
C ASP S 208 2.40 17.51 63.88
N LYS S 209 2.24 16.21 63.68
CA LYS S 209 1.86 15.70 62.36
C LYS S 209 0.44 16.15 62.05
N LEU S 210 0.29 16.96 61.01
CA LEU S 210 -1.04 17.36 60.56
C LEU S 210 -1.85 16.14 60.17
N VAL S 211 -3.09 16.08 60.65
CA VAL S 211 -4.01 15.00 60.34
C VAL S 211 -5.00 15.41 59.27
N TYR S 212 -5.69 16.52 59.49
CA TYR S 212 -6.63 17.06 58.51
C TYR S 212 -6.28 18.51 58.21
N GLN S 213 -6.49 18.91 56.97
CA GLN S 213 -6.22 20.27 56.52
C GLN S 213 -7.54 21.02 56.46
N ALA S 214 -7.82 21.78 57.52
CA ALA S 214 -9.01 22.63 57.55
C ALA S 214 -8.73 23.79 58.47
N ASP S 215 -9.25 24.97 58.08
CA ASP S 215 -9.10 26.16 58.89
C ASP S 215 -10.31 26.46 59.76
N SER S 216 -11.52 26.12 59.29
CA SER S 216 -12.71 26.21 60.11
C SER S 216 -12.81 24.98 61.00
N ALA S 217 -13.96 24.78 61.63
CA ALA S 217 -14.16 23.62 62.48
C ALA S 217 -15.13 22.69 61.77
N LEU S 218 -14.79 21.41 61.72
CA LEU S 218 -15.67 20.44 61.09
C LEU S 218 -16.99 20.34 61.84
N ALA S 219 -18.03 19.92 61.12
CA ALA S 219 -19.35 19.78 61.70
C ALA S 219 -19.38 18.60 62.66
N LYS S 220 -20.55 18.31 63.22
CA LYS S 220 -20.70 17.27 64.23
C LYS S 220 -20.85 15.91 63.55
N ASP S 221 -20.11 14.93 64.05
CA ASP S 221 -20.11 13.57 63.50
C ASP S 221 -19.75 13.56 62.02
N THR S 222 -18.74 14.33 61.63
CA THR S 222 -18.17 14.24 60.30
C THR S 222 -16.93 13.37 60.38
N LYS S 223 -16.93 12.28 59.62
CA LYS S 223 -15.82 11.33 59.63
C LYS S 223 -14.82 11.70 58.56
N VAL S 224 -13.54 11.60 58.91
CA VAL S 224 -12.46 11.73 57.94
C VAL S 224 -11.64 10.46 58.00
N THR S 225 -11.19 9.98 56.85
CA THR S 225 -10.37 8.79 56.76
C THR S 225 -8.98 9.16 56.29
N LYS S 226 -7.98 8.66 56.98
CA LYS S 226 -6.59 8.99 56.72
C LYS S 226 -5.85 7.70 56.39
N GLY S 227 -5.17 7.68 55.26
CA GLY S 227 -4.52 6.47 54.81
C GLY S 227 -3.37 6.06 55.69
N ILE S 228 -2.87 4.84 55.45
CA ILE S 228 -1.73 4.35 56.22
C ILE S 228 -0.50 5.19 55.87
N ASP S 229 0.39 5.33 56.84
CA ASP S 229 1.51 6.25 56.71
C ASP S 229 2.51 5.73 55.70
N ILE S 230 2.70 6.47 54.61
CA ILE S 230 3.76 6.21 53.64
C ILE S 230 4.65 7.41 53.42
N SER S 231 4.34 8.55 54.02
CA SER S 231 5.04 9.79 53.72
C SER S 231 6.06 10.19 54.77
N SER S 232 6.09 9.52 55.93
CA SER S 232 7.03 9.91 56.97
C SER S 232 8.45 9.50 56.64
N SER S 233 8.65 8.43 55.88
CA SER S 233 9.99 7.93 55.58
C SER S 233 9.87 6.89 54.48
N ALA S 234 11.03 6.44 54.00
CA ALA S 234 11.06 5.30 53.09
C ALA S 234 10.84 3.99 53.84
N LYS S 235 11.32 3.91 55.08
CA LYS S 235 11.07 2.73 55.89
C LYS S 235 9.59 2.54 56.16
N ALA S 236 8.88 3.64 56.46
CA ALA S 236 7.46 3.56 56.72
C ALA S 236 6.70 3.11 55.48
N ALA S 237 7.09 3.60 54.31
CA ALA S 237 6.42 3.21 53.08
C ALA S 237 6.62 1.72 52.80
N SER S 238 7.83 1.21 53.06
CA SER S 238 8.05 -0.22 52.93
C SER S 238 7.22 -1.00 53.93
N SER S 239 7.10 -0.50 55.15
CA SER S 239 6.28 -1.18 56.15
C SER S 239 4.83 -1.28 55.69
N ALA S 240 4.30 -0.21 55.10
CA ALA S 240 2.94 -0.24 54.58
C ALA S 240 2.76 -1.23 53.46
N LEU S 241 3.84 -1.69 52.83
CA LEU S 241 3.71 -2.63 51.73
C LEU S 241 3.14 -3.97 52.19
N THR S 242 3.65 -4.52 53.29
CA THR S 242 3.09 -5.75 53.83
C THR S 242 1.69 -5.55 54.35
N THR S 243 1.41 -4.41 54.97
CA THR S 243 0.07 -4.15 55.46
C THR S 243 -0.94 -4.12 54.33
N ILE S 244 -0.56 -3.50 53.20
CA ILE S 244 -1.46 -3.45 52.06
C ILE S 244 -1.61 -4.82 51.42
N LYS S 245 -0.50 -5.53 51.24
CA LYS S 245 -0.57 -6.83 50.57
C LYS S 245 -1.28 -7.86 51.44
N THR S 246 -1.29 -7.66 52.75
CA THR S 246 -2.09 -8.52 53.62
C THR S 246 -3.57 -8.19 53.50
N ALA S 247 -3.89 -6.90 53.35
CA ALA S 247 -5.28 -6.52 53.18
C ALA S 247 -5.87 -7.12 51.92
N ILE S 248 -5.06 -7.20 50.85
CA ILE S 248 -5.52 -7.88 49.65
C ILE S 248 -5.79 -9.35 49.94
N ASP S 249 -5.08 -9.93 50.90
CA ASP S 249 -5.30 -11.33 51.24
C ASP S 249 -6.59 -11.54 52.01
N THR S 250 -6.91 -10.63 52.94
CA THR S 250 -8.14 -10.76 53.70
C THR S 250 -9.35 -10.24 52.95
N VAL S 251 -9.15 -9.64 51.79
CA VAL S 251 -10.27 -9.33 50.90
C VAL S 251 -10.54 -10.51 49.96
N SER S 252 -9.48 -11.13 49.45
CA SER S 252 -9.65 -12.34 48.66
C SER S 252 -10.31 -13.45 49.47
N SER S 253 -10.00 -13.54 50.76
CA SER S 253 -10.67 -14.52 51.61
C SER S 253 -12.15 -14.23 51.72
N GLU S 254 -12.53 -12.96 51.86
CA GLU S 254 -13.95 -12.63 51.97
C GLU S 254 -14.66 -12.84 50.66
N ARG S 255 -14.02 -12.53 49.53
CA ARG S 255 -14.69 -12.67 48.24
C ARG S 255 -15.04 -14.11 47.93
N ALA S 256 -14.17 -15.06 48.25
CA ALA S 256 -14.47 -16.45 47.97
C ALA S 256 -15.20 -17.13 49.11
N LYS S 257 -15.28 -16.52 50.29
CA LYS S 257 -16.27 -16.95 51.26
C LYS S 257 -17.68 -16.62 50.78
N LEU S 258 -17.81 -15.62 49.91
CA LEU S 258 -19.09 -15.28 49.31
C LEU S 258 -19.28 -15.91 47.95
N GLY S 259 -18.21 -16.29 47.27
CA GLY S 259 -18.34 -17.00 46.02
C GLY S 259 -18.64 -18.45 46.27
N ALA S 260 -18.22 -18.96 47.42
CA ALA S 260 -18.55 -20.33 47.79
C ALA S 260 -20.03 -20.48 48.11
N VAL S 261 -20.60 -19.50 48.81
CA VAL S 261 -22.02 -19.55 49.13
C VAL S 261 -22.85 -19.40 47.87
N GLN S 262 -22.41 -18.55 46.95
CA GLN S 262 -23.17 -18.36 45.72
C GLN S 262 -23.15 -19.60 44.85
N ASN S 263 -22.01 -20.30 44.80
CA ASN S 263 -21.97 -21.57 44.08
C ASN S 263 -22.90 -22.59 44.70
N ARG S 264 -22.95 -22.65 46.03
CA ARG S 264 -23.87 -23.55 46.69
C ARG S 264 -25.31 -23.20 46.38
N LEU S 265 -25.64 -21.91 46.42
CA LEU S 265 -27.01 -21.48 46.17
C LEU S 265 -27.42 -21.73 44.72
N GLU S 266 -26.47 -21.84 43.80
CA GLU S 266 -26.82 -22.21 42.44
C GLU S 266 -27.17 -23.68 42.34
N HIS S 267 -26.54 -24.53 43.14
CA HIS S 267 -26.93 -25.93 43.21
C HIS S 267 -28.24 -26.11 43.95
N THR S 268 -28.46 -25.33 45.00
CA THR S 268 -29.71 -25.39 45.72
C THR S 268 -30.90 -25.02 44.87
N ILE S 269 -30.71 -24.13 43.89
CA ILE S 269 -31.82 -23.72 43.04
C ILE S 269 -32.19 -24.80 42.04
N ASN S 270 -31.20 -25.46 41.44
CA ASN S 270 -31.52 -26.56 40.53
C ASN S 270 -32.20 -27.71 41.26
N ASN S 271 -31.79 -27.98 42.49
CA ASN S 271 -32.40 -29.06 43.24
C ASN S 271 -33.79 -28.69 43.73
N LEU S 272 -34.01 -27.43 44.09
CA LEU S 272 -35.35 -26.99 44.45
C LEU S 272 -36.27 -26.98 43.25
N GLY S 273 -35.75 -26.57 42.09
CA GLY S 273 -36.55 -26.60 40.88
C GLY S 273 -36.88 -28.00 40.43
N THR S 274 -35.94 -28.94 40.56
CA THR S 274 -36.21 -30.32 40.20
C THR S 274 -37.21 -30.96 41.16
N SER S 275 -37.15 -30.62 42.43
CA SER S 275 -38.08 -31.19 43.40
C SER S 275 -39.48 -30.61 43.29
N SER S 276 -39.66 -29.48 42.63
CA SER S 276 -41.01 -29.00 42.39
C SER S 276 -41.66 -29.73 41.23
N GLU S 277 -40.92 -29.97 40.16
CA GLU S 277 -41.45 -30.74 39.04
C GLU S 277 -41.81 -32.15 39.47
N ASN S 278 -40.94 -32.79 40.24
CA ASN S 278 -41.21 -34.16 40.67
C ASN S 278 -42.38 -34.22 41.63
N LEU S 279 -42.62 -33.15 42.37
CA LEU S 279 -43.78 -33.12 43.26
C LEU S 279 -45.01 -32.59 42.58
N THR S 280 -44.86 -31.66 41.64
CA THR S 280 -46.01 -31.21 40.86
C THR S 280 -46.59 -32.35 40.05
N SER S 281 -45.74 -33.13 39.40
CA SER S 281 -46.22 -34.30 38.68
C SER S 281 -46.80 -35.33 39.65
N ALA S 282 -46.20 -35.48 40.82
CA ALA S 282 -46.73 -36.41 41.81
C ALA S 282 -48.11 -36.00 42.29
N GLU S 283 -48.30 -34.70 42.51
CA GLU S 283 -49.60 -34.22 42.99
C GLU S 283 -50.65 -34.23 41.89
N SER S 284 -50.24 -34.02 40.64
CA SER S 284 -51.21 -34.04 39.55
C SER S 284 -51.81 -35.43 39.37
N ARG S 285 -50.99 -36.48 39.50
CA ARG S 285 -51.52 -37.83 39.40
C ARG S 285 -52.54 -38.13 40.50
N ILE S 286 -52.29 -37.63 41.70
CA ILE S 286 -53.20 -37.87 42.81
C ILE S 286 -54.47 -37.05 42.67
N ARG S 287 -54.34 -35.79 42.23
CA ARG S 287 -55.44 -34.84 42.31
C ARG S 287 -56.13 -34.60 40.98
N ASP S 288 -55.38 -34.35 39.92
CA ASP S 288 -55.99 -34.03 38.63
C ASP S 288 -56.70 -35.24 38.05
N VAL S 289 -57.72 -34.97 37.26
CA VAL S 289 -58.53 -36.02 36.64
C VAL S 289 -57.95 -36.34 35.27
N ASP S 290 -58.20 -37.56 34.80
CA ASP S 290 -57.84 -37.96 33.46
C ASP S 290 -59.00 -37.60 32.54
N MET S 291 -58.77 -36.64 31.64
CA MET S 291 -59.86 -36.15 30.80
C MET S 291 -60.45 -37.25 29.95
N ALA S 292 -59.60 -38.10 29.36
CA ALA S 292 -60.09 -39.16 28.50
C ALA S 292 -60.89 -40.19 29.29
N SER S 293 -60.34 -40.68 30.39
CA SER S 293 -61.01 -41.71 31.17
C SER S 293 -62.25 -41.21 31.88
N GLU S 294 -62.44 -39.90 31.97
CA GLU S 294 -63.59 -39.32 32.64
C GLU S 294 -64.69 -38.91 31.67
N MET S 295 -64.32 -38.36 30.51
CA MET S 295 -65.31 -38.05 29.49
C MET S 295 -65.99 -39.32 28.99
N MET S 296 -65.20 -40.39 28.82
CA MET S 296 -65.77 -41.67 28.42
C MET S 296 -66.70 -42.23 29.48
N GLU S 297 -66.41 -42.00 30.76
CA GLU S 297 -67.30 -42.47 31.81
C GLU S 297 -68.52 -41.58 31.95
N TYR S 298 -68.37 -40.28 31.71
CA TYR S 298 -69.52 -39.38 31.76
C TYR S 298 -70.54 -39.74 30.69
N THR S 299 -70.06 -40.05 29.49
CA THR S 299 -70.97 -40.43 28.41
C THR S 299 -71.74 -41.70 28.73
N LYS S 300 -71.11 -42.64 29.44
CA LYS S 300 -71.79 -43.88 29.77
C LYS S 300 -73.00 -43.62 30.67
N ASN S 301 -72.78 -42.92 31.80
CA ASN S 301 -73.91 -42.60 32.67
C ASN S 301 -74.88 -41.65 32.02
N ASN S 302 -74.43 -40.85 31.05
CA ASN S 302 -75.33 -39.99 30.32
C ASN S 302 -76.22 -40.78 29.38
N ILE S 303 -75.84 -42.02 29.06
CA ILE S 303 -76.70 -42.89 28.26
C ILE S 303 -77.58 -43.76 29.15
N LEU S 304 -77.01 -44.28 30.23
CA LEU S 304 -77.78 -45.11 31.16
C LEU S 304 -78.97 -44.37 31.74
N THR S 305 -78.88 -43.05 31.86
CA THR S 305 -80.03 -42.27 32.32
C THR S 305 -81.06 -42.08 31.23
N GLN S 306 -80.66 -42.03 29.96
CA GLN S 306 -81.61 -41.98 28.87
C GLN S 306 -82.28 -43.32 28.64
N ALA S 307 -81.55 -44.41 28.85
CA ALA S 307 -82.16 -45.73 28.79
C ALA S 307 -83.23 -45.89 29.86
N SER S 308 -82.94 -45.42 31.07
CA SER S 308 -83.95 -45.45 32.12
C SER S 308 -85.08 -44.46 31.84
N GLN S 309 -84.74 -43.32 31.24
CA GLN S 309 -85.76 -42.37 30.84
C GLN S 309 -86.71 -42.98 29.81
N ALA S 310 -86.14 -43.68 28.81
CA ALA S 310 -86.97 -44.29 27.78
C ALA S 310 -87.89 -45.36 28.34
N MET S 311 -87.39 -46.19 29.25
CA MET S 311 -88.20 -47.26 29.80
C MET S 311 -89.19 -46.77 30.85
N LEU S 312 -88.91 -45.63 31.49
CA LEU S 312 -89.88 -45.08 32.43
C LEU S 312 -91.15 -44.67 31.71
N ALA S 313 -91.02 -44.12 30.51
CA ALA S 313 -92.20 -43.73 29.73
C ALA S 313 -93.07 -44.94 29.44
N GLN S 314 -92.45 -46.06 29.04
CA GLN S 314 -93.24 -47.26 28.76
C GLN S 314 -93.78 -47.88 30.04
N ALA S 315 -93.06 -47.74 31.16
CA ALA S 315 -93.54 -48.30 32.41
C ALA S 315 -94.85 -47.67 32.84
N ASN S 316 -95.07 -46.39 32.51
CA ASN S 316 -96.33 -45.74 32.84
C ASN S 316 -97.45 -46.16 31.90
N GLN S 317 -97.12 -46.57 30.68
CA GLN S 317 -98.16 -46.95 29.72
C GLN S 317 -98.77 -48.29 30.07
N GLN S 318 -98.01 -49.17 30.70
CA GLN S 318 -98.50 -50.52 31.00
C GLN S 318 -99.74 -50.54 31.87
N PRO S 319 -99.86 -49.76 32.96
CA PRO S 319 -101.12 -49.78 33.72
C PRO S 319 -102.31 -49.24 32.96
N GLN S 320 -102.09 -48.51 31.86
CA GLN S 320 -103.19 -47.91 31.13
C GLN S 320 -104.03 -48.91 30.37
N GLN S 321 -103.61 -50.17 30.27
CA GLN S 321 -104.30 -51.16 29.47
C GLN S 321 -105.44 -51.85 30.20
N VAL S 322 -105.59 -51.64 31.51
CA VAL S 322 -106.69 -52.27 32.23
C VAL S 322 -108.01 -51.56 31.98
N LEU S 323 -107.98 -50.33 31.45
CA LEU S 323 -109.21 -49.60 31.20
C LEU S 323 -110.04 -50.28 30.11
N GLN S 324 -109.38 -50.77 29.06
CA GLN S 324 -110.09 -51.49 28.01
C GLN S 324 -110.71 -52.77 28.52
N LEU S 325 -110.16 -53.36 29.58
CA LEU S 325 -110.74 -54.54 30.20
C LEU S 325 -111.87 -54.19 31.15
N LEU S 326 -111.79 -53.03 31.81
CA LEU S 326 -112.79 -52.67 32.80
C LEU S 326 -114.11 -52.27 32.19
N LYS S 327 -114.13 -51.92 30.91
CA LYS S 327 -115.38 -51.57 30.23
C LYS S 327 -116.02 -52.80 29.59
N MET T 1 -98.72 -66.12 12.10
CA MET T 1 -98.00 -65.16 12.93
C MET T 1 -97.70 -65.72 14.31
N ARG T 2 -96.46 -66.12 14.52
CA ARG T 2 -96.03 -66.65 15.81
C ARG T 2 -95.42 -65.54 16.64
N ILE T 3 -95.88 -65.40 17.88
CA ILE T 3 -95.57 -64.25 18.71
C ILE T 3 -94.49 -64.58 19.75
N ASN T 4 -94.50 -65.81 20.28
CA ASN T 4 -93.59 -66.16 21.36
C ASN T 4 -92.13 -66.11 20.95
N HIS T 5 -91.83 -66.06 19.66
CA HIS T 5 -90.45 -65.98 19.21
C HIS T 5 -90.38 -65.13 17.96
N ASN T 6 -89.47 -64.16 17.95
CA ASN T 6 -89.28 -63.28 16.80
C ASN T 6 -87.95 -63.67 16.16
N ILE T 7 -88.02 -64.64 15.24
CA ILE T 7 -86.80 -65.13 14.60
C ILE T 7 -86.18 -64.05 13.73
N ALA T 8 -87.00 -63.17 13.16
CA ALA T 8 -86.47 -62.07 12.37
C ALA T 8 -85.61 -61.14 13.22
N ALA T 9 -86.07 -60.82 14.42
CA ALA T 9 -85.29 -59.97 15.32
C ALA T 9 -84.15 -60.74 15.96
N LEU T 10 -84.36 -62.02 16.27
CA LEU T 10 -83.28 -62.82 16.85
C LEU T 10 -82.15 -63.02 15.86
N ASN T 11 -82.46 -63.17 14.57
CA ASN T 11 -81.41 -63.27 13.57
C ASN T 11 -80.68 -61.95 13.40
N THR T 12 -81.42 -60.83 13.44
CA THR T 12 -80.78 -59.52 13.30
C THR T 12 -79.88 -59.21 14.49
N SER T 13 -80.20 -59.74 15.66
CA SER T 13 -79.35 -59.50 16.83
C SER T 13 -77.97 -60.10 16.64
N ARG T 14 -77.89 -61.31 16.05
CA ARG T 14 -76.59 -61.94 15.84
C ARG T 14 -75.75 -61.13 14.87
N GLN T 15 -76.36 -60.64 13.79
CA GLN T 15 -75.62 -59.78 12.87
C GLN T 15 -75.26 -58.46 13.53
N LEU T 16 -76.05 -58.01 14.50
CA LEU T 16 -75.70 -56.83 15.26
C LEU T 16 -74.47 -57.08 16.13
N ASN T 17 -74.44 -58.22 16.83
CA ASN T 17 -73.24 -58.61 17.56
C ASN T 17 -72.31 -59.43 16.69
N ALA T 18 -72.08 -58.98 15.46
CA ALA T 18 -71.01 -59.49 14.61
C ALA T 18 -70.32 -58.41 13.82
N GLY T 19 -70.92 -57.23 13.68
CA GLY T 19 -70.26 -56.09 13.05
C GLY T 19 -69.74 -55.18 14.13
N SER T 20 -70.37 -55.22 15.30
CA SER T 20 -69.81 -54.51 16.45
C SER T 20 -68.49 -55.13 16.88
N ASN T 21 -68.41 -56.45 16.89
CA ASN T 21 -67.15 -57.11 17.22
C ASN T 21 -66.07 -56.78 16.19
N ALA T 22 -66.44 -56.79 14.91
CA ALA T 22 -65.47 -56.46 13.87
C ALA T 22 -65.02 -55.00 13.97
N ALA T 23 -65.94 -54.09 14.27
CA ALA T 23 -65.57 -52.70 14.45
C ALA T 23 -64.66 -52.51 15.66
N SER T 24 -64.94 -53.23 16.74
CA SER T 24 -64.08 -53.17 17.92
C SER T 24 -62.68 -53.67 17.58
N LYS T 25 -62.59 -54.78 16.85
CA LYS T 25 -61.28 -55.28 16.44
C LYS T 25 -60.56 -54.30 15.53
N ASN T 26 -61.31 -53.64 14.64
CA ASN T 26 -60.68 -52.67 13.75
C ASN T 26 -60.20 -51.45 14.50
N MET T 27 -60.92 -51.04 15.55
CA MET T 27 -60.51 -49.87 16.30
C MET T 27 -59.32 -50.15 17.22
N GLU T 28 -59.13 -51.40 17.62
CA GLU T 28 -57.91 -51.77 18.34
C GLU T 28 -56.69 -51.51 17.47
N LYS T 29 -56.74 -51.94 16.22
CA LYS T 29 -55.63 -51.73 15.31
C LYS T 29 -55.41 -50.25 15.04
N LEU T 30 -56.49 -49.50 14.85
CA LEU T 30 -56.36 -48.09 14.52
C LEU T 30 -55.76 -47.31 15.68
N SER T 31 -56.18 -47.60 16.91
CA SER T 31 -55.65 -46.89 18.07
C SER T 31 -54.19 -47.24 18.31
N SER T 32 -53.86 -48.53 18.33
CA SER T 32 -52.50 -48.96 18.62
C SER T 32 -51.57 -48.76 17.44
N GLY T 33 -52.08 -48.82 16.23
CA GLY T 33 -51.23 -48.76 15.06
C GLY T 33 -50.57 -50.06 14.68
N LEU T 34 -50.98 -51.18 15.27
CA LEU T 34 -50.38 -52.48 15.03
C LEU T 34 -51.41 -53.45 14.50
N ARG T 35 -51.03 -54.20 13.47
CA ARG T 35 -51.89 -55.28 12.97
C ARG T 35 -52.07 -56.36 14.01
N ILE T 36 -50.99 -56.75 14.67
CA ILE T 36 -50.98 -57.90 15.57
C ILE T 36 -50.91 -57.35 16.99
N ASN T 37 -52.07 -57.24 17.64
CA ASN T 37 -52.13 -56.93 19.06
C ASN T 37 -52.13 -58.21 19.88
N ARG T 38 -53.11 -59.06 19.67
CA ARG T 38 -53.14 -60.39 20.24
C ARG T 38 -52.39 -61.37 19.35
N ALA T 39 -52.10 -62.54 19.89
CA ALA T 39 -51.43 -63.57 19.11
C ALA T 39 -52.37 -64.26 18.14
N GLY T 40 -53.68 -64.06 18.28
CA GLY T 40 -54.63 -64.67 17.37
C GLY T 40 -54.78 -63.96 16.04
N ASP T 41 -54.26 -62.74 15.92
CA ASP T 41 -54.30 -62.04 14.64
C ASP T 41 -53.28 -62.61 13.66
N ASP T 42 -52.10 -62.99 14.14
CA ASP T 42 -51.12 -63.68 13.31
C ASP T 42 -50.16 -64.41 14.24
N ALA T 43 -50.25 -65.74 14.26
CA ALA T 43 -49.33 -66.53 15.08
C ALA T 43 -47.91 -66.42 14.55
N ALA T 44 -47.71 -66.71 13.27
CA ALA T 44 -46.40 -66.55 12.66
C ALA T 44 -45.99 -65.10 12.59
N GLY T 45 -46.95 -64.18 12.42
CA GLY T 45 -46.61 -62.77 12.47
C GLY T 45 -46.10 -62.35 13.83
N LEU T 46 -46.74 -62.84 14.89
CA LEU T 46 -46.25 -62.57 16.23
C LEU T 46 -44.86 -63.16 16.44
N ALA T 47 -44.65 -64.40 16.01
CA ALA T 47 -43.36 -65.04 16.22
C ALA T 47 -42.25 -64.33 15.46
N ILE T 48 -42.49 -64.00 14.19
CA ILE T 48 -41.47 -63.34 13.38
C ILE T 48 -41.17 -61.96 13.92
N SER T 49 -42.21 -61.24 14.34
CA SER T 49 -42.03 -59.89 14.83
C SER T 49 -41.09 -59.85 16.03
N GLU T 50 -41.33 -60.70 17.02
CA GLU T 50 -40.52 -60.68 18.23
C GLU T 50 -39.07 -61.02 17.95
N LYS T 51 -38.83 -61.99 17.08
CA LYS T 51 -37.46 -62.25 16.63
C LYS T 51 -36.90 -60.99 15.99
N MET T 52 -37.70 -60.34 15.14
CA MET T 52 -37.25 -59.14 14.46
C MET T 52 -36.93 -58.01 15.45
N ARG T 53 -37.86 -57.73 16.37
CA ARG T 53 -37.63 -56.67 17.35
C ARG T 53 -36.37 -56.94 18.16
N SER T 54 -36.23 -58.18 18.62
CA SER T 54 -35.05 -58.58 19.38
C SER T 54 -33.79 -58.30 18.59
N GLN T 55 -33.80 -58.60 17.29
CA GLN T 55 -32.65 -58.36 16.45
C GLN T 55 -32.44 -56.87 16.20
N ILE T 56 -33.52 -56.12 15.98
CA ILE T 56 -33.38 -54.69 15.71
C ILE T 56 -32.86 -53.97 16.93
N ARG T 57 -33.40 -54.26 18.11
CA ARG T 57 -32.88 -53.64 19.32
C ARG T 57 -31.51 -54.18 19.69
N GLY T 58 -31.04 -55.23 19.03
CA GLY T 58 -29.69 -55.71 19.23
C GLY T 58 -28.71 -55.00 18.31
N LEU T 59 -29.07 -54.85 17.04
CA LEU T 59 -28.17 -54.17 16.11
C LEU T 59 -28.03 -52.69 16.43
N ASP T 60 -29.09 -52.06 16.93
CA ASP T 60 -28.96 -50.66 17.30
C ASP T 60 -28.18 -50.49 18.59
N MET T 61 -28.18 -51.51 19.44
CA MET T 61 -27.34 -51.48 20.63
C MET T 61 -25.93 -51.96 20.33
N ALA T 62 -25.78 -52.98 19.48
CA ALA T 62 -24.47 -53.37 19.02
C ALA T 62 -23.80 -52.30 18.18
N SER T 63 -24.55 -51.34 17.67
CA SER T 63 -23.97 -50.17 17.04
C SER T 63 -23.45 -49.17 18.06
N LYS T 64 -23.97 -49.19 19.27
CA LYS T 64 -23.37 -48.40 20.35
C LYS T 64 -22.07 -49.03 20.82
N ASN T 65 -22.04 -50.35 20.94
CA ASN T 65 -20.81 -51.03 21.33
C ASN T 65 -19.72 -50.79 20.31
N ALA T 66 -20.05 -50.85 19.02
CA ALA T 66 -19.06 -50.58 17.98
C ALA T 66 -18.54 -49.16 18.09
N GLN T 67 -19.38 -48.21 18.48
CA GLN T 67 -18.93 -46.85 18.62
C GLN T 67 -18.27 -46.57 19.96
N ASP T 68 -18.60 -47.35 20.99
CA ASP T 68 -17.85 -47.28 22.23
C ASP T 68 -16.51 -47.97 22.12
N GLY T 69 -16.28 -48.74 21.08
CA GLY T 69 -14.98 -49.32 20.83
C GLY T 69 -14.17 -48.41 19.94
N ILE T 70 -14.85 -47.64 19.10
CA ILE T 70 -14.17 -46.63 18.30
C ILE T 70 -13.59 -45.55 19.22
N SER T 71 -14.31 -45.20 20.27
CA SER T 71 -13.81 -44.23 21.23
C SER T 71 -12.65 -44.80 22.04
N LEU T 72 -12.75 -46.06 22.45
CA LEU T 72 -11.67 -46.68 23.20
C LEU T 72 -10.40 -46.78 22.37
N ILE T 73 -10.55 -46.91 21.06
CA ILE T 73 -9.39 -47.05 20.19
C ILE T 73 -8.82 -45.70 19.80
N GLN T 74 -9.67 -44.69 19.61
CA GLN T 74 -9.19 -43.35 19.34
C GLN T 74 -8.37 -42.82 20.51
N THR T 75 -8.76 -43.18 21.74
CA THR T 75 -8.01 -42.75 22.90
C THR T 75 -6.60 -43.33 22.91
N SER T 76 -6.48 -44.62 22.57
CA SER T 76 -5.17 -45.25 22.59
C SER T 76 -4.25 -44.67 21.53
N GLU T 77 -4.71 -44.59 20.28
CA GLU T 77 -3.85 -44.05 19.24
C GLU T 77 -3.65 -42.55 19.41
N GLY T 78 -4.62 -41.86 20.01
CA GLY T 78 -4.39 -40.48 20.38
C GLY T 78 -3.25 -40.33 21.36
N ALA T 79 -3.13 -41.29 22.29
CA ALA T 79 -2.03 -41.26 23.23
C ALA T 79 -0.71 -41.59 22.54
N LEU T 80 -0.67 -42.65 21.70
CA LEU T 80 0.55 -42.97 20.98
C LEU T 80 0.92 -41.89 19.97
N ASN T 81 0.01 -41.00 19.65
CA ASN T 81 0.39 -39.86 18.83
C ASN T 81 1.48 -39.05 19.47
N GLU T 82 1.53 -39.03 20.80
CA GLU T 82 2.54 -38.26 21.50
C GLU T 82 3.77 -39.05 21.83
N THR T 83 3.65 -40.35 22.07
CA THR T 83 4.83 -41.17 22.16
C THR T 83 5.64 -41.10 20.89
N HIS T 84 5.01 -40.79 19.76
CA HIS T 84 5.79 -40.56 18.55
C HIS T 84 6.59 -39.28 18.63
N SER T 85 5.99 -38.22 19.16
CA SER T 85 6.70 -36.94 19.20
C SER T 85 7.80 -36.95 20.24
N ILE T 86 7.56 -37.64 21.32
CA ILE T 86 8.62 -37.74 22.31
C ILE T 86 9.76 -38.59 21.79
N LEU T 87 9.45 -39.71 21.14
CA LEU T 87 10.49 -40.51 20.52
C LEU T 87 11.19 -39.77 19.40
N GLN T 88 10.49 -38.86 18.75
CA GLN T 88 11.11 -38.09 17.67
C GLN T 88 12.09 -37.08 18.23
N ARG T 89 11.70 -36.37 19.28
CA ARG T 89 12.61 -35.47 19.97
C ARG T 89 13.73 -36.25 20.64
N MET T 90 13.42 -37.42 21.17
CA MET T 90 14.41 -38.25 21.83
C MET T 90 15.48 -38.72 20.86
N SER T 91 15.21 -38.66 19.56
CA SER T 91 16.19 -39.06 18.56
C SER T 91 17.10 -37.92 18.15
N GLU T 92 16.67 -36.67 18.30
CA GLU T 92 17.58 -35.55 18.11
C GLU T 92 18.59 -35.47 19.24
N LEU T 93 18.18 -35.79 20.46
CA LEU T 93 19.16 -35.88 21.53
C LEU T 93 19.87 -37.22 21.53
N ALA T 94 20.23 -37.70 20.36
CA ALA T 94 21.25 -38.72 20.21
C ALA T 94 22.11 -38.49 19.00
N THR T 95 21.68 -37.67 18.05
CA THR T 95 22.53 -37.20 16.98
C THR T 95 23.36 -36.01 17.43
N GLN T 96 22.85 -35.28 18.43
CA GLN T 96 23.63 -34.21 19.02
C GLN T 96 24.62 -34.74 20.04
N ALA T 97 24.22 -35.77 20.79
CA ALA T 97 25.11 -36.37 21.78
C ALA T 97 26.19 -37.23 21.15
N ALA T 98 26.02 -37.66 19.90
CA ALA T 98 27.03 -38.46 19.22
C ALA T 98 28.18 -37.63 18.68
N ASN T 99 27.96 -36.34 18.45
CA ASN T 99 29.05 -35.47 18.01
C ASN T 99 30.09 -35.36 19.11
N ASP T 100 31.36 -35.30 18.71
CA ASP T 100 32.45 -35.31 19.68
C ASP T 100 32.96 -33.91 20.00
N THR T 101 32.27 -32.87 19.54
CA THR T 101 32.51 -31.54 20.09
C THR T 101 31.86 -31.36 21.45
N ASN T 102 30.88 -32.20 21.78
CA ASN T 102 30.32 -32.22 23.11
C ASN T 102 31.34 -32.76 24.10
N THR T 103 31.25 -32.29 25.34
CA THR T 103 31.99 -32.88 26.43
C THR T 103 31.04 -33.68 27.31
N ASP T 104 31.62 -34.46 28.23
CA ASP T 104 30.79 -35.24 29.14
C ASP T 104 29.93 -34.34 30.02
N SER T 105 30.40 -33.13 30.30
CA SER T 105 29.58 -32.15 31.00
C SER T 105 28.35 -31.77 30.20
N ASP T 106 28.37 -31.93 28.88
CA ASP T 106 27.26 -31.59 28.02
C ASP T 106 26.49 -32.80 27.52
N ARG T 107 27.13 -33.96 27.40
CA ARG T 107 26.39 -35.18 27.15
C ARG T 107 25.50 -35.51 28.34
N SER T 108 26.07 -35.43 29.55
CA SER T 108 25.26 -35.60 30.75
C SER T 108 24.26 -34.47 30.87
N GLU T 109 24.51 -33.36 30.19
CA GLU T 109 23.55 -32.26 30.20
C GLU T 109 22.35 -32.63 29.33
N LEU T 110 22.60 -33.28 28.20
CA LEU T 110 21.52 -33.79 27.37
C LEU T 110 20.80 -34.95 28.04
N GLN T 111 21.52 -35.73 28.85
CA GLN T 111 20.89 -36.86 29.51
C GLN T 111 19.77 -36.41 30.45
N LYS T 112 19.82 -35.16 30.90
CA LYS T 112 18.75 -34.66 31.76
C LYS T 112 17.41 -34.68 31.03
N GLU T 113 17.39 -34.25 29.77
CA GLU T 113 16.18 -34.33 28.97
C GLU T 113 15.91 -35.75 28.49
N MET T 114 16.97 -36.54 28.28
CA MET T 114 16.80 -37.95 27.97
C MET T 114 15.97 -38.65 29.02
N ASP T 115 16.32 -38.47 30.30
CA ASP T 115 15.59 -39.12 31.37
C ASP T 115 14.22 -38.50 31.59
N GLN T 116 14.03 -37.25 31.19
CA GLN T 116 12.74 -36.62 31.36
C GLN T 116 11.78 -36.96 30.23
N LEU T 117 12.30 -37.18 29.02
CA LEU T 117 11.45 -37.66 27.93
C LEU T 117 11.08 -39.12 28.15
N ALA T 118 12.06 -39.95 28.52
CA ALA T 118 11.78 -41.34 28.76
C ALA T 118 10.84 -41.56 29.93
N SER T 119 10.81 -40.64 30.89
CA SER T 119 9.87 -40.72 31.99
C SER T 119 8.49 -40.24 31.63
N GLU T 120 8.35 -39.53 30.52
CA GLU T 120 7.04 -39.13 30.02
C GLU T 120 6.42 -40.18 29.12
N VAL T 121 7.24 -40.91 28.37
CA VAL T 121 6.76 -42.05 27.61
C VAL T 121 6.13 -43.07 28.56
N THR T 122 6.76 -43.30 29.71
CA THR T 122 6.18 -44.21 30.69
C THR T 122 4.90 -43.67 31.28
N ARG T 123 4.82 -42.35 31.49
CA ARG T 123 3.60 -41.77 32.05
C ARG T 123 2.41 -42.00 31.14
N ILE T 124 2.60 -41.81 29.84
CA ILE T 124 1.49 -41.97 28.90
C ILE T 124 0.96 -43.39 28.95
N SER T 125 1.85 -44.37 29.10
CA SER T 125 1.40 -45.76 29.15
C SER T 125 0.58 -46.03 30.40
N THR T 126 1.06 -45.58 31.56
CA THR T 126 0.37 -45.88 32.81
C THR T 126 -0.78 -44.92 33.11
N ASP T 127 -0.88 -43.79 32.41
CA ASP T 127 -1.93 -42.83 32.68
C ASP T 127 -3.06 -42.88 31.68
N THR T 128 -2.79 -43.26 30.44
CA THR T 128 -3.85 -43.33 29.44
C THR T 128 -4.91 -44.32 29.88
N GLU T 129 -6.12 -43.82 30.09
CA GLU T 129 -7.17 -44.62 30.69
C GLU T 129 -8.50 -44.24 30.10
N PHE T 130 -9.12 -45.17 29.39
CA PHE T 130 -10.51 -45.04 28.96
C PHE T 130 -11.39 -45.77 29.96
N ASN T 131 -12.48 -45.11 30.36
CA ASN T 131 -13.38 -45.64 31.39
C ASN T 131 -12.48 -45.81 32.61
N THR T 132 -12.30 -47.01 33.15
CA THR T 132 -11.31 -47.28 34.18
C THR T 132 -10.32 -48.34 33.75
N LYS T 133 -10.00 -48.36 32.46
CA LYS T 133 -9.12 -49.37 31.88
C LYS T 133 -7.84 -48.72 31.42
N LYS T 134 -6.71 -49.24 31.88
CA LYS T 134 -5.41 -48.78 31.41
C LYS T 134 -5.12 -49.46 30.08
N LEU T 135 -5.05 -48.67 29.01
CA LEU T 135 -4.98 -49.24 27.68
C LEU T 135 -3.57 -49.63 27.30
N LEU T 136 -2.59 -48.77 27.54
CA LEU T 136 -1.26 -48.93 27.01
C LEU T 136 -0.28 -49.56 27.98
N ASP T 137 -0.75 -50.10 29.11
CA ASP T 137 0.13 -50.72 30.09
C ASP T 137 0.19 -52.23 29.95
N GLY T 138 -0.31 -52.78 28.85
CA GLY T 138 -0.24 -54.20 28.60
C GLY T 138 -1.31 -55.03 29.26
N THR T 139 -2.26 -54.40 29.96
CA THR T 139 -3.36 -55.14 30.58
C THR T 139 -4.61 -55.20 29.72
N ALA T 140 -4.72 -54.33 28.72
CA ALA T 140 -5.87 -54.32 27.83
C ALA T 140 -5.63 -55.34 26.72
N GLN T 141 -5.91 -56.60 27.04
CA GLN T 141 -5.75 -57.70 26.10
C GLN T 141 -7.08 -58.44 25.98
N ASN T 142 -7.35 -58.98 24.79
CA ASN T 142 -8.54 -59.76 24.53
C ASN T 142 -9.80 -58.93 24.72
N LEU T 143 -9.70 -57.63 24.43
CA LEU T 143 -10.86 -56.77 24.51
C LEU T 143 -11.89 -57.19 23.47
N THR T 144 -13.04 -57.66 23.93
CA THR T 144 -14.06 -58.22 23.08
C THR T 144 -15.19 -57.20 22.92
N PHE T 145 -15.39 -56.72 21.71
CA PHE T 145 -16.50 -55.84 21.39
C PHE T 145 -17.61 -56.67 20.77
N GLN T 146 -18.79 -56.61 21.35
CA GLN T 146 -19.94 -57.33 20.80
C GLN T 146 -20.50 -56.50 19.67
N ILE T 147 -19.92 -56.64 18.48
CA ILE T 147 -20.44 -55.99 17.29
C ILE T 147 -21.38 -56.94 16.59
N GLY T 148 -22.61 -56.99 17.06
CA GLY T 148 -23.58 -57.95 16.56
C GLY T 148 -24.56 -58.30 17.65
N ALA T 149 -25.73 -58.76 17.23
CA ALA T 149 -26.83 -58.98 18.15
C ALA T 149 -26.86 -60.40 18.72
N ASN T 150 -25.90 -61.25 18.39
CA ASN T 150 -25.95 -62.65 18.76
C ASN T 150 -24.63 -63.06 19.41
N GLU T 151 -24.54 -64.34 19.77
CA GLU T 151 -23.29 -64.91 20.25
C GLU T 151 -22.21 -64.89 19.18
N GLY T 152 -20.96 -64.77 19.64
CA GLY T 152 -19.83 -64.93 18.77
C GLY T 152 -19.70 -63.88 17.69
N GLN T 153 -20.53 -62.85 17.72
CA GLN T 153 -20.42 -61.74 16.78
C GLN T 153 -19.57 -60.64 17.41
N THR T 154 -18.34 -61.02 17.74
CA THR T 154 -17.44 -60.18 18.49
C THR T 154 -16.17 -59.92 17.68
N MET T 155 -15.38 -58.97 18.18
CA MET T 155 -14.06 -58.70 17.66
C MET T 155 -13.10 -58.55 18.84
N SER T 156 -11.96 -59.21 18.76
CA SER T 156 -10.97 -59.09 19.81
C SER T 156 -9.98 -57.98 19.49
N LEU T 157 -9.19 -57.62 20.50
CA LEU T 157 -8.18 -56.59 20.34
C LEU T 157 -7.19 -56.71 21.48
N SER T 158 -5.91 -56.47 21.18
CA SER T 158 -4.87 -56.56 22.21
C SER T 158 -3.85 -55.47 21.94
N ILE T 159 -3.80 -54.50 22.84
CA ILE T 159 -2.81 -53.44 22.75
C ILE T 159 -1.63 -53.81 23.63
N ASN T 160 -0.43 -53.78 23.05
CA ASN T 160 0.76 -54.18 23.78
C ASN T 160 1.20 -53.07 24.73
N LYS T 161 2.07 -53.43 25.65
CA LYS T 161 2.64 -52.46 26.58
C LYS T 161 3.57 -51.52 25.82
N MET T 162 3.32 -50.22 25.93
CA MET T 162 4.00 -49.22 25.13
C MET T 162 4.66 -48.17 26.00
N ASP T 163 5.38 -48.62 27.02
CA ASP T 163 6.14 -47.76 27.90
C ASP T 163 7.61 -47.83 27.53
N SER T 164 8.42 -46.97 28.17
CA SER T 164 9.83 -46.87 27.81
C SER T 164 10.56 -48.18 28.05
N GLU T 165 10.17 -48.91 29.10
CA GLU T 165 10.79 -50.20 29.37
C GLU T 165 10.55 -51.18 28.22
N SER T 166 9.33 -51.20 27.69
CA SER T 166 9.01 -52.14 26.63
C SER T 166 9.66 -51.74 25.31
N LEU T 167 9.66 -50.45 24.99
CA LEU T 167 10.33 -49.98 23.79
C LEU T 167 11.85 -49.96 23.93
N LYS T 168 12.36 -50.21 25.13
CA LYS T 168 13.80 -50.26 25.41
C LYS T 168 14.46 -48.90 25.27
N VAL T 169 13.70 -47.83 25.42
CA VAL T 169 14.26 -46.48 25.43
C VAL T 169 14.42 -45.94 26.85
N GLY T 170 14.33 -46.80 27.84
CA GLY T 170 14.44 -46.36 29.22
C GLY T 170 14.42 -47.55 30.14
N THR T 171 14.41 -47.25 31.43
CA THR T 171 14.33 -48.29 32.45
C THR T 171 13.75 -47.69 33.71
N THR T 172 12.89 -48.43 34.39
CA THR T 172 12.13 -47.93 35.52
C THR T 172 12.58 -48.64 36.78
N TYR T 173 13.22 -47.90 37.67
CA TYR T 173 13.57 -48.38 38.99
C TYR T 173 12.45 -48.07 39.96
N THR T 174 12.17 -49.00 40.85
CA THR T 174 11.21 -48.77 41.91
C THR T 174 11.93 -48.84 43.26
N ALA T 175 11.44 -48.06 44.21
CA ALA T 175 12.08 -47.94 45.51
C ALA T 175 11.65 -49.08 46.42
N ASN T 176 12.62 -49.73 47.04
CA ASN T 176 12.32 -50.80 47.98
C ASN T 176 11.61 -50.22 49.21
N ASP T 177 11.19 -51.12 50.09
CA ASP T 177 10.33 -50.72 51.20
C ASP T 177 11.01 -49.70 52.11
N ASP T 178 12.27 -49.92 52.45
CA ASP T 178 13.04 -48.99 53.25
C ASP T 178 13.48 -47.77 52.44
N GLY T 179 13.72 -47.94 51.14
CA GLY T 179 14.20 -46.86 50.31
C GLY T 179 15.72 -46.81 50.23
N SER T 180 16.36 -47.88 50.68
CA SER T 180 17.82 -47.94 50.63
C SER T 180 18.31 -48.13 49.20
N LYS T 181 17.65 -48.98 48.44
CA LYS T 181 18.12 -49.35 47.10
C LYS T 181 16.96 -49.30 46.13
N LEU T 182 17.14 -48.51 45.06
CA LEU T 182 16.18 -48.51 43.97
C LEU T 182 16.29 -49.83 43.19
N VAL T 183 15.15 -50.47 42.96
CA VAL T 183 15.11 -51.78 42.35
C VAL T 183 14.29 -51.69 41.07
N THR T 184 14.87 -52.15 39.97
CA THR T 184 14.12 -52.29 38.74
C THR T 184 13.63 -53.71 38.57
N ALA T 185 12.67 -53.90 37.66
CA ALA T 185 12.34 -55.26 37.24
C ALA T 185 13.55 -55.86 36.54
N ASP T 186 13.74 -57.17 36.73
CA ASP T 186 14.95 -57.95 36.45
C ASP T 186 15.96 -57.70 37.58
N GLY T 187 15.72 -56.72 38.46
CA GLY T 187 16.53 -56.58 39.65
C GLY T 187 17.91 -56.00 39.46
N LYS T 188 17.98 -54.73 39.06
CA LYS T 188 19.24 -53.99 39.04
C LYS T 188 19.22 -53.02 40.22
N GLU T 189 20.22 -53.13 41.08
CA GLU T 189 20.24 -52.43 42.35
C GLU T 189 20.80 -51.02 42.19
N ALA T 190 20.34 -50.13 43.06
CA ALA T 190 20.85 -48.77 43.10
C ALA T 190 20.79 -48.29 44.54
N THR T 191 21.90 -48.43 45.26
CA THR T 191 21.92 -48.14 46.68
C THR T 191 22.09 -46.65 46.95
N LEU T 192 21.57 -46.20 48.09
CA LEU T 192 21.62 -44.81 48.48
C LEU T 192 22.90 -44.40 49.21
N VAL T 193 23.27 -43.13 49.04
CA VAL T 193 24.48 -42.47 49.55
C VAL T 193 25.78 -43.22 49.36
N THR T 194 26.02 -43.70 48.14
CA THR T 194 27.17 -44.54 47.87
C THR T 194 28.15 -44.00 46.83
N LYS T 198 32.25 -41.40 48.86
CA LYS T 198 30.95 -40.76 49.01
C LYS T 198 30.55 -40.07 47.70
N GLY T 199 31.26 -39.01 47.35
CA GLY T 199 31.00 -38.28 46.13
C GLY T 199 29.67 -37.56 46.18
N PRO T 200 29.19 -37.09 45.03
CA PRO T 200 27.86 -36.47 44.98
C PRO T 200 26.80 -37.46 45.44
N ASN T 201 25.78 -36.93 46.11
CA ASN T 201 24.83 -37.76 46.85
C ASN T 201 23.68 -38.21 45.95
N GLY T 202 23.35 -39.49 46.03
CA GLY T 202 22.26 -40.05 45.26
C GLY T 202 22.28 -41.56 45.32
N TYR T 203 21.40 -42.16 44.51
CA TYR T 203 21.28 -43.62 44.44
C TYR T 203 22.29 -44.14 43.43
N TYR T 204 23.42 -44.60 43.94
CA TYR T 204 24.46 -45.07 43.04
C TYR T 204 24.23 -46.51 42.63
N ASP T 205 24.87 -46.91 41.54
CA ASP T 205 24.73 -48.20 40.92
C ASP T 205 26.03 -48.97 41.18
N ASP T 206 26.12 -50.22 40.72
CA ASP T 206 27.27 -51.07 40.96
C ASP T 206 28.51 -50.63 40.19
N ALA T 207 28.43 -49.54 39.44
CA ALA T 207 29.58 -49.03 38.70
C ALA T 207 29.87 -47.57 38.99
N ASP T 208 29.33 -47.05 40.09
CA ASP T 208 29.58 -45.70 40.61
C ASP T 208 28.86 -44.70 39.70
N LYS T 209 28.23 -45.17 38.64
CA LYS T 209 27.37 -44.30 37.82
C LYS T 209 26.16 -43.91 38.64
N LEU T 210 26.02 -42.62 38.91
CA LEU T 210 24.83 -42.12 39.59
C LEU T 210 23.59 -42.45 38.78
N VAL T 211 22.58 -42.96 39.45
CA VAL T 211 21.31 -43.29 38.83
C VAL T 211 20.26 -42.23 39.12
N TYR T 212 20.05 -41.90 40.39
CA TYR T 212 19.13 -40.85 40.79
C TYR T 212 19.85 -39.86 41.68
N GLN T 213 19.48 -38.59 41.55
CA GLN T 213 20.06 -37.51 42.34
C GLN T 213 19.09 -37.17 43.46
N ALA T 214 19.35 -37.72 44.65
CA ALA T 214 18.57 -37.41 45.83
C ALA T 214 19.44 -37.61 47.05
N ASP T 215 19.27 -36.73 48.04
CA ASP T 215 20.01 -36.83 49.29
C ASP T 215 19.23 -37.51 50.39
N SER T 216 17.91 -37.34 50.42
CA SER T 216 17.06 -38.08 51.34
C SER T 216 16.80 -39.47 50.77
N ALA T 217 15.86 -40.20 51.38
CA ALA T 217 15.50 -41.52 50.89
C ALA T 217 14.13 -41.43 50.24
N LEU T 218 13.99 -42.01 49.05
CA LEU T 218 12.72 -41.99 48.36
C LEU T 218 11.67 -42.78 49.15
N ALA T 219 10.42 -42.43 48.94
CA ALA T 219 9.32 -43.09 49.62
C ALA T 219 9.15 -44.51 49.11
N LYS T 220 8.13 -45.21 49.60
CA LYS T 220 7.91 -46.60 49.26
C LYS T 220 7.14 -46.70 47.94
N ASP T 221 7.62 -47.58 47.05
CA ASP T 221 7.03 -47.78 45.73
C ASP T 221 6.96 -46.48 44.94
N THR T 222 8.04 -45.70 44.98
CA THR T 222 8.19 -44.56 44.09
C THR T 222 9.04 -44.97 42.91
N LYS T 223 8.48 -44.86 41.71
CA LYS T 223 9.18 -45.27 40.50
C LYS T 223 9.94 -44.09 39.91
N VAL T 224 11.16 -44.35 39.45
CA VAL T 224 11.92 -43.39 38.69
C VAL T 224 12.27 -44.02 37.35
N THR T 225 12.22 -43.22 36.29
CA THR T 225 12.54 -43.69 34.96
C THR T 225 13.81 -43.00 34.48
N LYS T 226 14.73 -43.79 33.95
CA LYS T 226 16.03 -43.31 33.53
C LYS T 226 16.20 -43.62 32.05
N GLY T 227 16.50 -42.60 31.27
CA GLY T 227 16.57 -42.77 29.83
C GLY T 227 17.71 -43.67 29.40
N ILE T 228 17.71 -44.02 28.11
CA ILE T 228 18.77 -44.85 27.57
C ILE T 228 20.07 -44.06 27.59
N ASP T 229 21.18 -44.77 27.75
CA ASP T 229 22.47 -44.13 27.97
C ASP T 229 22.95 -43.44 26.70
N ILE T 230 23.08 -42.12 26.75
CA ILE T 230 23.69 -41.35 25.68
C ILE T 230 24.85 -40.50 26.18
N SER T 231 25.10 -40.48 27.48
CA SER T 231 26.07 -39.56 28.07
C SER T 231 27.40 -40.20 28.40
N SER T 232 27.50 -41.53 28.35
CA SER T 232 28.76 -42.18 28.72
C SER T 232 29.83 -41.99 27.66
N SER T 233 29.46 -41.87 26.39
CA SER T 233 30.42 -41.76 25.31
C SER T 233 29.69 -41.34 24.05
N ALA T 234 30.47 -41.07 23.00
CA ALA T 234 29.88 -40.85 21.69
C ALA T 234 29.45 -42.16 21.04
N LYS T 235 30.18 -43.25 21.32
CA LYS T 235 29.77 -44.55 20.81
C LYS T 235 28.43 -44.97 21.40
N ALA T 236 28.23 -44.72 22.70
CA ALA T 236 26.97 -45.08 23.34
C ALA T 236 25.81 -44.29 22.76
N ALA T 237 26.03 -42.99 22.50
CA ALA T 237 24.97 -42.18 21.92
C ALA T 237 24.59 -42.67 20.54
N SER T 238 25.58 -43.06 19.73
CA SER T 238 25.28 -43.64 18.43
C SER T 238 24.52 -44.95 18.58
N SER T 239 24.89 -45.77 19.57
CA SER T 239 24.18 -47.02 19.79
C SER T 239 22.72 -46.77 20.11
N ALA T 240 22.44 -45.77 20.93
CA ALA T 240 21.07 -45.41 21.25
C ALA T 240 20.28 -44.94 20.04
N LEU T 241 20.95 -44.57 18.96
CA LEU T 241 20.23 -44.08 17.79
C LEU T 241 19.39 -45.18 17.15
N THR T 242 19.95 -46.38 16.98
CA THR T 242 19.18 -47.48 16.44
C THR T 242 18.10 -47.93 17.41
N THR T 243 18.39 -47.92 18.71
CA THR T 243 17.38 -48.31 19.68
C THR T 243 16.19 -47.36 19.63
N ILE T 244 16.44 -46.07 19.49
CA ILE T 244 15.35 -45.11 19.42
C ILE T 244 14.60 -45.26 18.11
N LYS T 245 15.33 -45.37 17.00
CA LYS T 245 14.66 -45.44 15.70
C LYS T 245 13.90 -46.75 15.54
N THR T 246 14.28 -47.79 16.27
CA THR T 246 13.50 -49.01 16.28
C THR T 246 12.24 -48.85 17.11
N ALA T 247 12.33 -48.11 18.22
CA ALA T 247 11.15 -47.86 19.03
C ALA T 247 10.10 -47.09 18.25
N ILE T 248 10.53 -46.17 17.39
CA ILE T 248 9.58 -45.49 16.52
C ILE T 248 8.92 -46.49 15.58
N ASP T 249 9.62 -47.56 15.23
CA ASP T 249 9.05 -48.56 14.34
C ASP T 249 8.01 -49.42 15.05
N THR T 250 8.25 -49.80 16.30
CA THR T 250 7.29 -50.60 17.04
C THR T 250 6.17 -49.76 17.63
N VAL T 251 6.25 -48.44 17.54
CA VAL T 251 5.11 -47.60 17.86
C VAL T 251 4.24 -47.39 16.64
N SER T 252 4.85 -47.19 15.48
CA SER T 252 4.09 -47.11 14.23
C SER T 252 3.34 -48.41 13.97
N SER T 253 3.92 -49.55 14.33
CA SER T 253 3.22 -50.81 14.18
C SER T 253 1.99 -50.87 15.07
N GLU T 254 2.11 -50.38 16.30
CA GLU T 254 0.96 -50.40 17.21
C GLU T 254 -0.11 -49.41 16.77
N ARG T 255 0.29 -48.24 16.27
CA ARG T 255 -0.69 -47.25 15.88
C ARG T 255 -1.57 -47.71 14.75
N ALA T 256 -1.02 -48.40 13.76
CA ALA T 256 -1.82 -48.88 12.65
C ALA T 256 -2.41 -50.25 12.89
N LYS T 257 -1.98 -50.97 13.92
CA LYS T 257 -2.77 -52.08 14.41
C LYS T 257 -4.06 -51.60 15.04
N LEU T 258 -4.08 -50.35 15.53
CA LEU T 258 -5.28 -49.75 16.08
C LEU T 258 -6.02 -48.89 15.07
N GLY T 259 -5.34 -48.43 14.03
CA GLY T 259 -6.02 -47.71 12.98
C GLY T 259 -6.71 -48.66 12.04
N ALA T 260 -6.20 -49.89 11.95
CA ALA T 260 -6.85 -50.91 11.15
C ALA T 260 -8.16 -51.35 11.78
N VAL T 261 -8.17 -51.52 13.10
CA VAL T 261 -9.40 -51.91 13.80
C VAL T 261 -10.43 -50.80 13.71
N GLN T 262 -9.99 -49.55 13.82
CA GLN T 262 -10.93 -48.43 13.76
C GLN T 262 -11.55 -48.30 12.38
N ASN T 263 -10.76 -48.53 11.33
CA ASN T 263 -11.33 -48.53 9.98
C ASN T 263 -12.35 -49.64 9.82
N ARG T 264 -12.06 -50.82 10.36
CA ARG T 264 -13.03 -51.91 10.30
C ARG T 264 -14.31 -51.55 11.05
N LEU T 265 -14.17 -50.97 12.24
CA LEU T 265 -15.34 -50.61 13.04
C LEU T 265 -16.16 -49.53 12.39
N GLU T 266 -15.57 -48.72 11.51
CA GLU T 266 -16.36 -47.74 10.78
C GLU T 266 -17.20 -48.41 9.70
N HIS T 267 -16.70 -49.49 9.11
CA HIS T 267 -17.49 -50.26 8.16
C HIS T 267 -18.55 -51.09 8.89
N THR T 268 -18.22 -51.61 10.06
CA THR T 268 -19.20 -52.35 10.84
C THR T 268 -20.37 -51.50 11.26
N ILE T 269 -20.16 -50.21 11.48
CA ILE T 269 -21.25 -49.34 11.90
C ILE T 269 -22.20 -49.04 10.77
N ASN T 270 -21.68 -48.78 9.56
CA ASN T 270 -22.57 -48.55 8.42
C ASN T 270 -23.37 -49.80 8.10
N ASN T 271 -22.77 -50.98 8.24
CA ASN T 271 -23.49 -52.20 7.94
C ASN T 271 -24.50 -52.53 9.03
N LEU T 272 -24.18 -52.24 10.28
CA LEU T 272 -25.16 -52.42 11.35
C LEU T 272 -26.30 -51.42 11.23
N GLY T 273 -26.00 -50.19 10.84
CA GLY T 273 -27.05 -49.21 10.63
C GLY T 273 -27.94 -49.53 9.45
N THR T 274 -27.36 -50.04 8.37
CA THR T 274 -28.16 -50.44 7.21
C THR T 274 -29.03 -51.65 7.53
N SER T 275 -28.53 -52.59 8.33
CA SER T 275 -29.31 -53.77 8.67
C SER T 275 -30.42 -53.48 9.66
N SER T 276 -30.37 -52.35 10.36
CA SER T 276 -31.50 -52.00 11.21
C SER T 276 -32.64 -51.39 10.40
N GLU T 277 -32.31 -50.53 9.42
CA GLU T 277 -33.35 -49.99 8.55
C GLU T 277 -34.03 -51.09 7.76
N ASN T 278 -33.25 -52.01 7.21
CA ASN T 278 -33.83 -53.08 6.41
C ASN T 278 -34.68 -54.01 7.26
N LEU T 279 -34.35 -54.15 8.54
CA LEU T 279 -35.15 -54.98 9.42
C LEU T 279 -36.28 -54.20 10.07
N THR T 280 -36.08 -52.91 10.36
CA THR T 280 -37.16 -52.09 10.85
C THR T 280 -38.29 -51.99 9.84
N SER T 281 -37.93 -51.78 8.58
CA SER T 281 -38.95 -51.76 7.52
C SER T 281 -39.57 -53.14 7.37
N ALA T 282 -38.77 -54.19 7.49
CA ALA T 282 -39.31 -55.55 7.38
C ALA T 282 -40.28 -55.84 8.50
N GLU T 283 -39.98 -55.40 9.71
CA GLU T 283 -40.87 -55.66 10.84
C GLU T 283 -42.11 -54.79 10.79
N SER T 284 -42.00 -53.57 10.27
CA SER T 284 -43.16 -52.70 10.17
C SER T 284 -44.22 -53.28 9.24
N ARG T 285 -43.79 -53.86 8.12
CA ARG T 285 -44.75 -54.47 7.20
C ARG T 285 -45.47 -55.63 7.85
N ILE T 286 -44.77 -56.41 8.67
CA ILE T 286 -45.40 -57.56 9.33
C ILE T 286 -46.31 -57.10 10.45
N ARG T 287 -45.89 -56.10 11.23
CA ARG T 287 -46.55 -55.76 12.48
C ARG T 287 -47.45 -54.54 12.39
N ASP T 288 -46.96 -53.44 11.82
CA ASP T 288 -47.73 -52.22 11.79
C ASP T 288 -48.93 -52.36 10.86
N VAL T 289 -49.98 -51.60 11.15
CA VAL T 289 -51.21 -51.65 10.38
C VAL T 289 -51.16 -50.57 9.30
N ASP T 290 -51.90 -50.80 8.23
CA ASP T 290 -52.06 -49.80 7.18
C ASP T 290 -53.22 -48.90 7.56
N MET T 291 -52.94 -47.63 7.84
CA MET T 291 -53.97 -46.74 8.33
C MET T 291 -55.09 -46.59 7.32
N ALA T 292 -54.75 -46.45 6.04
CA ALA T 292 -55.78 -46.26 5.01
C ALA T 292 -56.64 -47.49 4.87
N SER T 293 -56.02 -48.66 4.71
CA SER T 293 -56.77 -49.90 4.50
C SER T 293 -57.55 -50.33 5.73
N GLU T 294 -57.26 -49.77 6.90
CA GLU T 294 -57.94 -50.14 8.13
C GLU T 294 -59.05 -49.17 8.49
N MET T 295 -58.83 -47.88 8.28
CA MET T 295 -59.89 -46.90 8.51
C MET T 295 -61.04 -47.15 7.56
N MET T 296 -60.73 -47.49 6.30
CA MET T 296 -61.79 -47.80 5.34
C MET T 296 -62.54 -49.06 5.73
N GLU T 297 -61.87 -50.03 6.35
CA GLU T 297 -62.55 -51.24 6.79
C GLU T 297 -63.34 -50.99 8.06
N TYR T 298 -62.83 -50.13 8.94
CA TYR T 298 -63.56 -49.80 10.16
C TYR T 298 -64.88 -49.12 9.84
N THR T 299 -64.86 -48.20 8.87
CA THR T 299 -66.09 -47.51 8.48
C THR T 299 -67.13 -48.48 7.92
N LYS T 300 -66.69 -49.50 7.21
CA LYS T 300 -67.63 -50.46 6.65
C LYS T 300 -68.39 -51.19 7.74
N ASN T 301 -67.69 -51.80 8.69
CA ASN T 301 -68.37 -52.47 9.78
C ASN T 301 -69.11 -51.49 10.67
N ASN T 302 -68.67 -50.24 10.72
CA ASN T 302 -69.41 -49.23 11.47
C ASN T 302 -70.72 -48.86 10.80
N ILE T 303 -70.87 -49.18 9.50
CA ILE T 303 -72.14 -48.98 8.83
C ILE T 303 -73.00 -50.24 8.87
N LEU T 304 -72.38 -51.40 8.68
CA LEU T 304 -73.11 -52.66 8.73
C LEU T 304 -73.78 -52.88 10.08
N THR T 305 -73.24 -52.31 11.15
CA THR T 305 -73.90 -52.40 12.44
C THR T 305 -75.07 -51.43 12.56
N GLN T 306 -75.00 -50.28 11.89
CA GLN T 306 -76.14 -49.38 11.86
C GLN T 306 -77.25 -49.88 10.96
N ALA T 307 -76.90 -50.57 9.87
CA ALA T 307 -77.91 -51.20 9.04
C ALA T 307 -78.66 -52.27 9.82
N SER T 308 -77.93 -53.08 10.59
CA SER T 308 -78.58 -54.07 11.44
C SER T 308 -79.33 -53.41 12.58
N GLN T 309 -78.81 -52.29 13.09
CA GLN T 309 -79.53 -51.54 14.11
C GLN T 309 -80.86 -51.01 13.58
N ALA T 310 -80.84 -50.47 12.35
CA ALA T 310 -82.06 -49.92 11.77
C ALA T 310 -83.10 -51.00 11.52
N MET T 311 -82.68 -52.17 11.04
CA MET T 311 -83.63 -53.22 10.75
C MET T 311 -84.10 -53.95 12.01
N LEU T 312 -83.30 -53.93 13.08
CA LEU T 312 -83.75 -54.53 14.33
C LEU T 312 -84.96 -53.79 14.89
N ALA T 313 -84.97 -52.46 14.75
CA ALA T 313 -86.11 -51.67 15.22
C ALA T 313 -87.38 -52.08 14.49
N GLN T 314 -87.29 -52.25 13.17
CA GLN T 314 -88.46 -52.66 12.40
C GLN T 314 -88.84 -54.10 12.69
N ALA T 315 -87.85 -54.95 12.98
CA ALA T 315 -88.15 -56.36 13.26
C ALA T 315 -89.01 -56.50 14.50
N ASN T 316 -88.88 -55.59 15.47
CA ASN T 316 -89.72 -55.64 16.66
C ASN T 316 -91.12 -55.11 16.38
N GLN T 317 -91.27 -54.23 15.39
CA GLN T 317 -92.57 -53.65 15.11
C GLN T 317 -93.50 -54.66 14.43
N GLN T 318 -92.93 -55.59 13.68
CA GLN T 318 -93.74 -56.55 12.93
C GLN T 318 -94.66 -57.40 13.80
N PRO T 319 -94.23 -57.96 14.94
CA PRO T 319 -95.17 -58.72 15.78
C PRO T 319 -96.27 -57.86 16.39
N GLN T 320 -96.12 -56.54 16.41
CA GLN T 320 -97.10 -55.67 17.03
C GLN T 320 -98.40 -55.57 16.25
N GLN T 321 -98.45 -56.08 15.03
CA GLN T 321 -99.62 -55.93 14.17
C GLN T 321 -100.70 -56.98 14.40
N VAL T 322 -100.43 -58.01 15.20
CA VAL T 322 -101.45 -59.02 15.46
C VAL T 322 -102.47 -58.54 16.48
N LEU T 323 -102.17 -57.48 17.22
CA LEU T 323 -103.11 -56.97 18.21
C LEU T 323 -104.37 -56.42 17.55
N GLN T 324 -104.20 -55.71 16.43
CA GLN T 324 -105.35 -55.20 15.69
C GLN T 324 -106.21 -56.32 15.13
N LEU T 325 -105.63 -57.49 14.88
CA LEU T 325 -106.39 -58.65 14.45
C LEU T 325 -107.06 -59.38 15.60
N LEU T 326 -106.43 -59.37 16.79
CA LEU T 326 -106.95 -60.11 17.92
C LEU T 326 -108.19 -59.47 18.52
N LYS T 327 -108.42 -58.19 18.26
CA LYS T 327 -109.61 -57.51 18.77
C LYS T 327 -110.76 -57.61 17.78
N MET U 1 -104.00 -47.95 -7.59
CA MET U 1 -102.82 -48.14 -6.75
C MET U 1 -102.38 -49.60 -6.74
N ARG U 2 -101.32 -49.90 -7.49
CA ARG U 2 -100.78 -51.25 -7.55
C ARG U 2 -99.64 -51.37 -6.55
N ILE U 3 -99.70 -52.42 -5.72
CA ILE U 3 -98.81 -52.54 -4.58
C ILE U 3 -97.69 -53.53 -4.84
N ASN U 4 -97.96 -54.61 -5.59
CA ASN U 4 -96.97 -55.65 -5.78
C ASN U 4 -95.73 -55.18 -6.52
N HIS U 5 -95.78 -54.02 -7.17
CA HIS U 5 -94.62 -53.51 -7.87
C HIS U 5 -94.60 -51.99 -7.74
N ASN U 6 -93.45 -51.44 -7.36
CA ASN U 6 -93.27 -50.00 -7.23
C ASN U 6 -92.37 -49.55 -8.36
N ILE U 7 -92.98 -49.24 -9.51
CA ILE U 7 -92.20 -48.85 -10.68
C ILE U 7 -91.52 -47.52 -10.44
N ALA U 8 -92.12 -46.64 -9.64
CA ALA U 8 -91.48 -45.38 -9.31
C ALA U 8 -90.17 -45.59 -8.57
N ALA U 9 -90.17 -46.51 -7.60
CA ALA U 9 -88.95 -46.81 -6.86
C ALA U 9 -88.00 -47.67 -7.68
N LEU U 10 -88.53 -48.59 -8.49
CA LEU U 10 -87.68 -49.42 -9.32
C LEU U 10 -86.96 -48.59 -10.38
N ASN U 11 -87.62 -47.57 -10.92
CA ASN U 11 -86.97 -46.68 -11.87
C ASN U 11 -85.92 -45.83 -11.18
N THR U 12 -86.20 -45.36 -9.97
CA THR U 12 -85.23 -44.55 -9.24
C THR U 12 -84.00 -45.36 -8.85
N SER U 13 -84.16 -46.66 -8.63
CA SER U 13 -83.01 -47.51 -8.30
C SER U 13 -82.00 -47.54 -9.44
N ARG U 14 -82.49 -47.63 -10.68
CA ARG U 14 -81.58 -47.68 -11.82
C ARG U 14 -80.79 -46.38 -11.94
N GLN U 15 -81.46 -45.24 -11.76
CA GLN U 15 -80.74 -43.97 -11.77
C GLN U 15 -79.80 -43.86 -10.58
N LEU U 16 -80.12 -44.54 -9.48
CA LEU U 16 -79.21 -44.57 -8.34
C LEU U 16 -77.96 -45.37 -8.69
N ASN U 17 -78.13 -46.54 -9.31
CA ASN U 17 -76.98 -47.30 -9.81
C ASN U 17 -76.62 -46.88 -11.23
N ALA U 18 -76.60 -45.59 -11.49
CA ALA U 18 -76.01 -45.04 -12.71
C ALA U 18 -75.23 -43.77 -12.47
N GLY U 19 -75.42 -43.09 -11.33
CA GLY U 19 -74.61 -41.95 -10.96
C GLY U 19 -73.55 -42.39 -9.98
N SER U 20 -73.84 -43.47 -9.25
CA SER U 20 -72.80 -44.08 -8.42
C SER U 20 -71.70 -44.67 -9.28
N ASN U 21 -72.05 -45.34 -10.38
CA ASN U 21 -71.05 -45.86 -11.29
C ASN U 21 -70.23 -44.74 -11.90
N ALA U 22 -70.88 -43.65 -12.31
CA ALA U 22 -70.17 -42.52 -12.89
C ALA U 22 -69.25 -41.87 -11.87
N ALA U 23 -69.71 -41.74 -10.63
CA ALA U 23 -68.87 -41.16 -9.59
C ALA U 23 -67.67 -42.07 -9.29
N SER U 24 -67.88 -43.38 -9.30
CA SER U 24 -66.77 -44.31 -9.10
C SER U 24 -65.76 -44.18 -10.23
N LYS U 25 -66.23 -44.09 -11.46
CA LYS U 25 -65.32 -43.90 -12.59
C LYS U 25 -64.58 -42.57 -12.49
N ASN U 26 -65.25 -41.53 -12.03
CA ASN U 26 -64.61 -40.23 -11.89
C ASN U 26 -63.57 -40.24 -10.79
N MET U 27 -63.80 -41.00 -9.73
CA MET U 27 -62.85 -41.04 -8.62
C MET U 27 -61.64 -41.89 -8.96
N GLU U 28 -61.77 -42.86 -9.87
CA GLU U 28 -60.60 -43.58 -10.35
C GLU U 28 -59.63 -42.61 -11.03
N LYS U 29 -60.15 -41.75 -11.89
CA LYS U 29 -59.29 -40.78 -12.57
C LYS U 29 -58.68 -39.81 -11.60
N LEU U 30 -59.46 -39.35 -10.62
CA LEU U 30 -58.97 -38.35 -9.68
C LEU U 30 -57.86 -38.91 -8.80
N SER U 31 -58.02 -40.16 -8.35
CA SER U 31 -57.01 -40.77 -7.50
C SER U 31 -55.73 -41.06 -8.29
N SER U 32 -55.86 -41.70 -9.45
CA SER U 32 -54.69 -42.07 -10.22
C SER U 32 -54.08 -40.89 -10.97
N GLY U 33 -54.88 -39.91 -11.32
CA GLY U 33 -54.39 -38.81 -12.12
C GLY U 33 -54.32 -39.09 -13.60
N LEU U 34 -54.91 -40.18 -14.07
CA LEU U 34 -54.86 -40.58 -15.47
C LEU U 34 -56.26 -40.67 -16.05
N ARG U 35 -56.43 -40.13 -17.26
CA ARG U 35 -57.68 -40.28 -17.97
C ARG U 35 -57.94 -41.74 -18.32
N ILE U 36 -56.92 -42.43 -18.81
CA ILE U 36 -57.06 -43.77 -19.33
C ILE U 36 -56.45 -44.72 -18.32
N ASN U 37 -57.30 -45.30 -17.48
CA ASN U 37 -56.89 -46.39 -16.58
C ASN U 37 -57.10 -47.73 -17.26
N ARG U 38 -58.33 -48.03 -17.63
CA ARG U 38 -58.65 -49.19 -18.44
C ARG U 38 -58.51 -48.85 -19.92
N ALA U 39 -58.50 -49.89 -20.74
CA ALA U 39 -58.44 -49.68 -22.18
C ALA U 39 -59.77 -49.24 -22.76
N GLY U 40 -60.86 -49.35 -22.01
CA GLY U 40 -62.16 -48.92 -22.48
C GLY U 40 -62.40 -47.44 -22.42
N ASP U 41 -61.55 -46.69 -21.72
CA ASP U 41 -61.69 -45.24 -21.69
C ASP U 41 -61.20 -44.61 -22.98
N ASP U 42 -60.14 -45.13 -23.57
CA ASP U 42 -59.69 -44.70 -24.89
C ASP U 42 -58.82 -45.80 -25.48
N ALA U 43 -59.34 -46.48 -26.50
CA ALA U 43 -58.55 -47.53 -27.15
C ALA U 43 -57.36 -46.92 -27.88
N ALA U 44 -57.62 -45.93 -28.75
CA ALA U 44 -56.53 -45.25 -29.43
C ALA U 44 -55.69 -44.44 -28.46
N GLY U 45 -56.30 -43.90 -27.40
CA GLY U 45 -55.51 -43.22 -26.40
C GLY U 45 -54.57 -44.15 -25.68
N LEU U 46 -55.03 -45.36 -25.35
CA LEU U 46 -54.14 -46.36 -24.76
C LEU U 46 -53.03 -46.74 -25.73
N ALA U 47 -53.37 -46.96 -26.99
CA ALA U 47 -52.35 -47.38 -27.95
C ALA U 47 -51.31 -46.30 -28.17
N ILE U 48 -51.74 -45.06 -28.35
CA ILE U 48 -50.81 -43.96 -28.60
C ILE U 48 -49.93 -43.72 -27.38
N SER U 49 -50.53 -43.80 -26.19
CA SER U 49 -49.78 -43.54 -24.96
C SER U 49 -48.61 -44.49 -24.81
N GLU U 50 -48.86 -45.79 -24.97
CA GLU U 50 -47.81 -46.78 -24.78
C GLU U 50 -46.67 -46.61 -25.76
N LYS U 51 -47.00 -46.32 -27.03
CA LYS U 51 -45.96 -45.97 -27.99
C LYS U 51 -45.19 -44.75 -27.49
N MET U 52 -45.92 -43.75 -27.01
CA MET U 52 -45.30 -42.54 -26.51
C MET U 52 -44.39 -42.80 -25.32
N ARG U 53 -44.90 -43.52 -24.31
CA ARG U 53 -44.08 -43.83 -23.13
C ARG U 53 -42.83 -44.59 -23.52
N SER U 54 -42.98 -45.60 -24.37
CA SER U 54 -41.85 -46.37 -24.87
C SER U 54 -40.81 -45.47 -25.50
N GLN U 55 -41.27 -44.49 -26.30
CA GLN U 55 -40.36 -43.57 -26.94
C GLN U 55 -39.73 -42.60 -25.95
N ILE U 56 -40.53 -42.11 -24.99
CA ILE U 56 -39.99 -41.16 -24.01
C ILE U 56 -38.95 -41.83 -23.13
N ARG U 57 -39.25 -43.02 -22.63
CA ARG U 57 -38.26 -43.73 -21.83
C ARG U 57 -37.09 -44.23 -22.68
N GLY U 58 -37.19 -44.15 -24.00
CA GLY U 58 -36.07 -44.47 -24.86
C GLY U 58 -35.19 -43.26 -25.09
N LEU U 59 -35.80 -42.10 -25.36
CA LEU U 59 -34.99 -40.91 -25.58
C LEU U 59 -34.30 -40.43 -24.32
N ASP U 60 -34.92 -40.62 -23.15
CA ASP U 60 -34.24 -40.24 -21.93
C ASP U 60 -33.14 -41.23 -21.57
N MET U 61 -33.26 -42.48 -22.01
CA MET U 61 -32.18 -43.43 -21.84
C MET U 61 -31.14 -43.32 -22.94
N ALA U 62 -31.56 -43.07 -24.18
CA ALA U 62 -30.61 -42.78 -25.24
C ALA U 62 -29.87 -41.48 -25.02
N SER U 63 -30.37 -40.61 -24.15
CA SER U 63 -29.62 -39.45 -23.73
C SER U 63 -28.54 -39.80 -22.71
N LYS U 64 -28.71 -40.91 -21.98
CA LYS U 64 -27.62 -41.39 -21.13
C LYS U 64 -26.54 -42.03 -21.97
N ASN U 65 -26.92 -42.80 -23.00
CA ASN U 65 -25.93 -43.38 -23.89
C ASN U 65 -25.11 -42.31 -24.60
N ALA U 66 -25.78 -41.25 -25.05
CA ALA U 66 -25.05 -40.16 -25.69
C ALA U 66 -24.09 -39.50 -24.72
N GLN U 67 -24.43 -39.43 -23.45
CA GLN U 67 -23.54 -38.84 -22.47
C GLN U 67 -22.50 -39.83 -21.95
N ASP U 68 -22.79 -41.12 -22.00
CA ASP U 68 -21.77 -42.11 -21.72
C ASP U 68 -20.80 -42.28 -22.88
N GLY U 69 -21.12 -41.74 -24.04
CA GLY U 69 -20.19 -41.72 -25.15
C GLY U 69 -19.39 -40.45 -25.14
N ILE U 70 -19.97 -39.38 -24.60
CA ILE U 70 -19.22 -38.15 -24.41
C ILE U 70 -18.11 -38.36 -23.40
N SER U 71 -18.36 -39.16 -22.36
CA SER U 71 -17.33 -39.47 -21.39
C SER U 71 -16.27 -40.38 -21.98
N LEU U 72 -16.68 -41.36 -22.76
CA LEU U 72 -15.71 -42.26 -23.39
C LEU U 72 -14.80 -41.50 -24.35
N ILE U 73 -15.31 -40.44 -24.96
CA ILE U 73 -14.54 -39.68 -25.93
C ILE U 73 -13.67 -38.64 -25.25
N GLN U 74 -14.16 -38.03 -24.17
CA GLN U 74 -13.34 -37.11 -23.41
C GLN U 74 -12.13 -37.80 -22.82
N THR U 75 -12.29 -39.06 -22.42
CA THR U 75 -11.16 -39.81 -21.89
C THR U 75 -10.08 -40.01 -22.94
N SER U 76 -10.47 -40.34 -24.17
CA SER U 76 -9.49 -40.59 -25.22
C SER U 76 -8.73 -39.32 -25.58
N GLU U 77 -9.45 -38.24 -25.86
CA GLU U 77 -8.76 -37.01 -26.23
C GLU U 77 -8.04 -36.40 -25.04
N GLY U 78 -8.54 -36.64 -23.82
CA GLY U 78 -7.78 -36.25 -22.66
C GLY U 78 -6.44 -36.96 -22.59
N ALA U 79 -6.40 -38.23 -23.01
CA ALA U 79 -5.14 -38.96 -23.04
C ALA U 79 -4.24 -38.45 -24.14
N LEU U 80 -4.78 -38.24 -25.37
CA LEU U 80 -3.95 -37.69 -26.44
C LEU U 80 -3.52 -36.27 -26.17
N ASN U 81 -4.14 -35.60 -25.21
CA ASN U 81 -3.63 -34.30 -24.81
C ASN U 81 -2.20 -34.38 -24.32
N GLU U 82 -1.81 -35.51 -23.77
CA GLU U 82 -0.46 -35.68 -23.26
C GLU U 82 0.48 -36.27 -24.28
N THR U 83 0.00 -37.14 -25.15
CA THR U 83 0.82 -37.54 -26.27
C THR U 83 1.26 -36.35 -27.09
N HIS U 84 0.50 -35.27 -27.07
CA HIS U 84 0.97 -34.06 -27.72
C HIS U 84 2.13 -33.44 -27.00
N SER U 85 2.10 -33.41 -25.67
CA SER U 85 3.16 -32.77 -24.93
C SER U 85 4.43 -33.60 -24.94
N ILE U 86 4.26 -34.89 -24.93
CA ILE U 86 5.44 -35.73 -25.03
C ILE U 86 6.06 -35.62 -26.41
N LEU U 87 5.24 -35.63 -27.45
CA LEU U 87 5.76 -35.43 -28.80
C LEU U 87 6.35 -34.05 -28.97
N GLN U 88 5.85 -33.07 -28.23
CA GLN U 88 6.38 -31.72 -28.33
C GLN U 88 7.76 -31.63 -27.69
N ARG U 89 7.90 -32.21 -26.50
CA ARG U 89 9.22 -32.30 -25.87
C ARG U 89 10.14 -33.20 -26.67
N MET U 90 9.60 -34.26 -27.25
CA MET U 90 10.41 -35.17 -28.04
C MET U 90 10.97 -34.51 -29.29
N SER U 91 10.41 -33.37 -29.69
CA SER U 91 10.91 -32.64 -30.84
C SER U 91 12.01 -31.65 -30.49
N GLU U 92 12.07 -31.20 -29.24
CA GLU U 92 13.21 -30.42 -28.79
C GLU U 92 14.45 -31.30 -28.67
N LEU U 93 14.29 -32.54 -28.23
CA LEU U 93 15.43 -33.45 -28.25
C LEU U 93 15.62 -34.06 -29.61
N ALA U 94 15.49 -33.27 -30.65
CA ALA U 94 16.04 -33.57 -31.97
C ALA U 94 16.59 -32.35 -32.65
N THR U 95 16.21 -31.15 -32.22
CA THR U 95 16.87 -29.94 -32.66
C THR U 95 18.13 -29.69 -31.85
N GLN U 96 18.17 -30.21 -30.63
CA GLN U 96 19.39 -30.14 -29.84
C GLN U 96 20.36 -31.23 -30.24
N ALA U 97 19.86 -32.41 -30.58
CA ALA U 97 20.71 -33.51 -31.01
C ALA U 97 21.25 -33.32 -32.42
N ALA U 98 20.64 -32.47 -33.22
CA ALA U 98 21.12 -32.22 -34.57
C ALA U 98 22.29 -31.26 -34.62
N ASN U 99 22.47 -30.43 -33.60
CA ASN U 99 23.62 -29.55 -33.54
C ASN U 99 24.89 -30.37 -33.41
N ASP U 100 25.96 -29.92 -34.06
CA ASP U 100 27.20 -30.69 -34.10
C ASP U 100 28.20 -30.24 -33.05
N THR U 101 27.81 -29.37 -32.14
CA THR U 101 28.61 -29.17 -30.93
C THR U 101 28.42 -30.30 -29.94
N ASN U 102 27.33 -31.07 -30.06
CA ASN U 102 27.16 -32.27 -29.26
C ASN U 102 28.17 -33.34 -29.70
N THR U 103 28.56 -34.18 -28.75
CA THR U 103 29.32 -35.36 -29.08
C THR U 103 28.42 -36.59 -28.94
N ASP U 104 28.93 -37.73 -29.41
CA ASP U 104 28.14 -38.96 -29.30
C ASP U 104 27.90 -39.32 -27.85
N SER U 105 28.80 -38.93 -26.95
CA SER U 105 28.55 -39.12 -25.53
C SER U 105 27.36 -38.32 -25.05
N ASP U 106 27.00 -37.25 -25.76
CA ASP U 106 25.87 -36.41 -25.40
C ASP U 106 24.64 -36.62 -26.25
N ARG U 107 24.81 -37.05 -27.51
CA ARG U 107 23.66 -37.49 -28.28
C ARG U 107 23.06 -38.74 -27.67
N SER U 108 23.90 -39.71 -27.33
CA SER U 108 23.42 -40.89 -26.61
C SER U 108 22.93 -40.50 -25.22
N GLU U 109 23.35 -39.33 -24.73
CA GLU U 109 22.84 -38.86 -23.45
C GLU U 109 21.41 -38.38 -23.61
N LEU U 110 21.13 -37.70 -24.73
CA LEU U 110 19.77 -37.30 -25.06
C LEU U 110 18.91 -38.50 -25.39
N GLN U 111 19.50 -39.55 -25.97
CA GLN U 111 18.73 -40.73 -26.33
C GLN U 111 18.11 -41.38 -25.11
N LYS U 112 18.67 -41.16 -23.93
CA LYS U 112 18.09 -41.72 -22.72
C LYS U 112 16.69 -41.18 -22.49
N GLU U 113 16.49 -39.88 -22.69
CA GLU U 113 15.15 -39.32 -22.58
C GLU U 113 14.31 -39.61 -23.81
N MET U 114 14.95 -39.75 -24.97
CA MET U 114 14.26 -40.20 -26.17
C MET U 114 13.54 -41.51 -25.93
N ASP U 115 14.25 -42.50 -25.39
CA ASP U 115 13.66 -43.80 -25.14
C ASP U 115 12.68 -43.77 -23.98
N GLN U 116 12.81 -42.82 -23.07
CA GLN U 116 11.88 -42.73 -21.95
C GLN U 116 10.61 -41.99 -22.32
N LEU U 117 10.70 -41.02 -23.22
CA LEU U 117 9.49 -40.37 -23.72
C LEU U 117 8.73 -41.30 -24.65
N ALA U 118 9.43 -41.97 -25.56
CA ALA U 118 8.78 -42.90 -26.47
C ALA U 118 8.16 -44.07 -25.74
N SER U 119 8.69 -44.44 -24.59
CA SER U 119 8.10 -45.50 -23.79
C SER U 119 6.89 -45.04 -22.98
N GLU U 120 6.72 -43.73 -22.84
CA GLU U 120 5.54 -43.19 -22.18
C GLU U 120 4.40 -42.98 -23.15
N VAL U 121 4.72 -42.64 -24.40
CA VAL U 121 3.69 -42.58 -25.45
C VAL U 121 3.03 -43.94 -25.59
N THR U 122 3.81 -45.01 -25.55
CA THR U 122 3.25 -46.35 -25.62
C THR U 122 2.43 -46.68 -24.39
N ARG U 123 2.83 -46.20 -23.21
CA ARG U 123 2.07 -46.48 -22.01
C ARG U 123 0.68 -45.89 -22.08
N ILE U 124 0.57 -44.65 -22.56
CA ILE U 124 -0.73 -43.99 -22.64
C ILE U 124 -1.67 -44.77 -23.54
N SER U 125 -1.15 -45.34 -24.62
CA SER U 125 -1.99 -46.09 -25.54
C SER U 125 -2.52 -47.37 -24.87
N THR U 126 -1.63 -48.12 -24.22
CA THR U 126 -2.03 -49.39 -23.63
C THR U 126 -2.67 -49.25 -22.26
N ASP U 127 -2.57 -48.09 -21.61
CA ASP U 127 -3.13 -47.92 -20.28
C ASP U 127 -4.44 -47.14 -20.28
N THR U 128 -4.65 -46.25 -21.24
CA THR U 128 -5.88 -45.47 -21.28
C THR U 128 -7.07 -46.41 -21.44
N GLU U 129 -7.93 -46.43 -20.45
CA GLU U 129 -9.00 -47.42 -20.40
C GLU U 129 -10.24 -46.80 -19.79
N PHE U 130 -11.29 -46.70 -20.59
CA PHE U 130 -12.61 -46.35 -20.09
C PHE U 130 -13.40 -47.64 -19.88
N ASN U 131 -14.06 -47.73 -18.73
CA ASN U 131 -14.79 -48.93 -18.35
C ASN U 131 -13.72 -50.02 -18.32
N THR U 132 -13.82 -51.07 -19.12
CA THR U 132 -12.74 -52.03 -19.31
C THR U 132 -12.30 -52.12 -20.77
N LYS U 133 -12.35 -50.99 -21.47
CA LYS U 133 -12.05 -50.93 -22.89
C LYS U 133 -10.77 -50.12 -23.09
N LYS U 134 -9.80 -50.71 -23.78
CA LYS U 134 -8.60 -50.00 -24.15
C LYS U 134 -8.91 -49.16 -25.39
N LEU U 135 -8.85 -47.84 -25.24
CA LEU U 135 -9.33 -46.97 -26.30
C LEU U 135 -8.26 -46.74 -27.37
N LEU U 136 -7.04 -46.45 -26.97
CA LEU U 136 -6.01 -45.98 -27.89
C LEU U 136 -5.09 -47.09 -28.38
N ASP U 137 -5.41 -48.35 -28.14
CA ASP U 137 -4.56 -49.44 -28.58
C ASP U 137 -5.04 -50.08 -29.87
N GLY U 138 -5.96 -49.43 -30.57
CA GLY U 138 -6.43 -49.93 -31.85
C GLY U 138 -7.50 -50.98 -31.79
N THR U 139 -7.99 -51.32 -30.60
CA THR U 139 -9.06 -52.29 -30.47
C THR U 139 -10.44 -51.67 -30.36
N ALA U 140 -10.51 -50.38 -30.05
CA ALA U 140 -11.79 -49.67 -29.95
C ALA U 140 -12.19 -49.21 -31.35
N GLN U 141 -12.78 -50.13 -32.09
CA GLN U 141 -13.24 -49.86 -33.45
C GLN U 141 -14.72 -50.20 -33.55
N ASN U 142 -15.44 -49.45 -34.38
CA ASN U 142 -16.86 -49.70 -34.62
C ASN U 142 -17.68 -49.52 -33.35
N LEU U 143 -17.23 -48.63 -32.47
CA LEU U 143 -17.98 -48.34 -31.26
C LEU U 143 -19.32 -47.72 -31.61
N THR U 144 -20.39 -48.43 -31.32
CA THR U 144 -21.74 -48.03 -31.70
C THR U 144 -22.46 -47.46 -30.49
N PHE U 145 -22.79 -46.18 -30.54
CA PHE U 145 -23.59 -45.55 -29.51
C PHE U 145 -25.03 -45.49 -29.98
N GLN U 146 -25.94 -46.05 -29.20
CA GLN U 146 -27.35 -46.00 -29.53
C GLN U 146 -27.89 -44.64 -29.11
N ILE U 147 -27.71 -43.66 -29.98
CA ILE U 147 -28.26 -42.32 -29.75
C ILE U 147 -29.63 -42.26 -30.43
N GLY U 148 -30.64 -42.77 -29.75
CA GLY U 148 -31.96 -42.87 -30.33
C GLY U 148 -32.69 -44.05 -29.75
N ALA U 149 -34.01 -44.00 -29.81
CA ALA U 149 -34.85 -44.97 -29.14
C ALA U 149 -35.19 -46.17 -30.01
N ASN U 150 -34.69 -46.25 -31.23
CA ASN U 150 -35.11 -47.27 -32.18
C ASN U 150 -33.87 -47.95 -32.78
N GLU U 151 -34.13 -48.88 -33.69
CA GLU U 151 -33.06 -49.51 -34.46
C GLU U 151 -32.34 -48.51 -35.34
N GLY U 152 -31.05 -48.76 -35.57
CA GLY U 152 -30.31 -48.00 -36.55
C GLY U 152 -30.12 -46.55 -36.22
N GLN U 153 -30.52 -46.11 -35.03
CA GLN U 153 -30.30 -44.74 -34.60
C GLN U 153 -29.00 -44.67 -33.79
N THR U 154 -27.93 -45.08 -34.46
CA THR U 154 -26.62 -45.25 -33.85
C THR U 154 -25.61 -44.33 -34.51
N MET U 155 -24.45 -44.26 -33.87
CA MET U 155 -23.28 -43.58 -34.42
C MET U 155 -22.06 -44.45 -34.19
N SER U 156 -21.27 -44.65 -35.22
CA SER U 156 -20.05 -45.44 -35.10
C SER U 156 -18.87 -44.55 -34.74
N LEU U 157 -17.77 -45.18 -34.36
CA LEU U 157 -16.55 -44.47 -34.01
C LEU U 157 -15.40 -45.45 -34.04
N SER U 158 -14.25 -45.00 -34.50
CA SER U 158 -13.07 -45.86 -34.57
C SER U 158 -11.85 -45.02 -34.22
N ILE U 159 -11.24 -45.31 -33.09
CA ILE U 159 -10.01 -44.64 -32.68
C ILE U 159 -8.85 -45.51 -33.10
N ASN U 160 -7.90 -44.92 -33.82
CA ASN U 160 -6.77 -45.67 -34.32
C ASN U 160 -5.74 -45.90 -33.22
N LYS U 161 -4.84 -46.83 -33.47
CA LYS U 161 -3.77 -47.11 -32.52
C LYS U 161 -2.81 -45.93 -32.48
N MET U 162 -2.57 -45.40 -31.29
CA MET U 162 -1.82 -44.16 -31.11
C MET U 162 -0.65 -44.36 -30.16
N ASP U 163 0.11 -45.42 -30.39
CA ASP U 163 1.31 -45.69 -29.63
C ASP U 163 2.53 -45.30 -30.47
N SER U 164 3.71 -45.40 -29.84
CA SER U 164 4.93 -44.95 -30.50
C SER U 164 5.22 -45.76 -31.75
N GLU U 165 4.89 -47.05 -31.72
CA GLU U 165 5.10 -47.88 -32.91
C GLU U 165 4.26 -47.39 -34.08
N SER U 166 3.01 -47.02 -33.82
CA SER U 166 2.13 -46.58 -34.90
C SER U 166 2.51 -45.21 -35.41
N LEU U 167 2.86 -44.29 -34.51
CA LEU U 167 3.32 -42.97 -34.92
C LEU U 167 4.73 -42.98 -35.48
N LYS U 168 5.43 -44.12 -35.38
CA LYS U 168 6.79 -44.29 -35.89
C LYS U 168 7.81 -43.45 -35.14
N VAL U 169 7.52 -43.10 -33.90
CA VAL U 169 8.47 -42.40 -33.05
C VAL U 169 9.15 -43.34 -32.07
N GLY U 170 9.05 -44.64 -32.30
CA GLY U 170 9.65 -45.60 -31.40
C GLY U 170 9.48 -46.99 -31.95
N THR U 171 9.89 -47.97 -31.15
CA THR U 171 9.74 -49.36 -31.52
C THR U 171 9.73 -50.19 -30.25
N THR U 172 8.89 -51.21 -30.21
CA THR U 172 8.66 -51.99 -29.00
C THR U 172 9.16 -53.41 -29.21
N TYR U 173 10.22 -53.77 -28.50
CA TYR U 173 10.72 -55.12 -28.48
C TYR U 173 10.05 -55.88 -27.34
N THR U 174 9.72 -57.14 -27.59
CA THR U 174 9.20 -58.01 -26.55
C THR U 174 10.18 -59.16 -26.33
N ALA U 175 10.23 -59.62 -25.09
CA ALA U 175 11.19 -60.64 -24.70
C ALA U 175 10.65 -62.02 -25.05
N ASN U 176 11.49 -62.82 -25.70
CA ASN U 176 11.11 -64.19 -26.03
C ASN U 176 10.96 -65.01 -24.75
N ASP U 177 10.51 -66.25 -24.91
CA ASP U 177 10.15 -67.07 -23.76
C ASP U 177 11.33 -67.31 -22.83
N ASP U 178 12.49 -67.62 -23.39
CA ASP U 178 13.71 -67.80 -22.62
C ASP U 178 14.31 -66.47 -22.18
N GLY U 179 14.14 -65.41 -22.96
CA GLY U 179 14.71 -64.12 -22.65
C GLY U 179 16.08 -63.93 -23.27
N SER U 180 16.43 -64.81 -24.21
CA SER U 180 17.72 -64.71 -24.88
C SER U 180 17.74 -63.53 -25.85
N LYS U 181 16.66 -63.33 -26.59
CA LYS U 181 16.61 -62.34 -27.66
C LYS U 181 15.33 -61.53 -27.56
N LEU U 182 15.47 -60.21 -27.45
CA LEU U 182 14.32 -59.33 -27.53
C LEU U 182 13.78 -59.30 -28.96
N VAL U 183 12.48 -59.49 -29.10
CA VAL U 183 11.85 -59.62 -30.40
C VAL U 183 10.81 -58.51 -30.54
N THR U 184 10.89 -57.76 -31.61
CA THR U 184 9.85 -56.81 -31.94
C THR U 184 8.89 -57.41 -32.95
N ALA U 185 7.73 -56.78 -33.10
CA ALA U 185 6.87 -57.10 -34.23
C ALA U 185 7.58 -56.72 -35.52
N ASP U 186 7.37 -57.52 -36.56
CA ASP U 186 8.13 -57.59 -37.81
C ASP U 186 9.43 -58.37 -37.54
N GLY U 187 9.76 -58.66 -36.29
CA GLY U 187 10.85 -59.58 -36.00
C GLY U 187 12.25 -59.04 -36.18
N LYS U 188 12.64 -58.05 -35.37
CA LYS U 188 14.01 -57.59 -35.30
C LYS U 188 14.62 -58.12 -34.02
N GLU U 189 15.72 -58.86 -34.15
CA GLU U 189 16.29 -59.62 -33.04
C GLU U 189 17.22 -58.74 -32.22
N ALA U 190 17.32 -59.08 -30.94
CA ALA U 190 18.25 -58.40 -30.05
C ALA U 190 18.74 -59.41 -29.01
N THR U 191 19.87 -60.03 -29.27
CA THR U 191 20.36 -61.12 -28.45
C THR U 191 21.08 -60.60 -27.21
N LEU U 192 21.05 -61.41 -26.14
CA LEU U 192 21.65 -61.04 -24.88
C LEU U 192 23.14 -61.39 -24.77
N VAL U 193 23.85 -60.59 -23.98
CA VAL U 193 25.29 -60.62 -23.73
C VAL U 193 26.18 -60.75 -24.96
N THR U 194 25.92 -59.91 -25.96
CA THR U 194 26.62 -60.02 -27.23
C THR U 194 27.41 -58.79 -27.65
N LYS U 198 32.52 -58.99 -26.39
CA LYS U 198 31.60 -58.88 -25.27
C LYS U 198 31.12 -57.44 -25.11
N GLY U 199 32.04 -56.56 -24.72
CA GLY U 199 31.72 -55.16 -24.54
C GLY U 199 30.77 -54.94 -23.39
N PRO U 200 30.20 -53.73 -23.30
CA PRO U 200 29.17 -53.47 -22.29
C PRO U 200 28.00 -54.43 -22.44
N ASN U 201 27.42 -54.82 -21.30
CA ASN U 201 26.49 -55.92 -21.26
C ASN U 201 25.06 -55.45 -21.52
N GLY U 202 24.35 -56.17 -22.38
CA GLY U 202 22.98 -55.85 -22.70
C GLY U 202 22.51 -56.65 -23.90
N TYR U 203 21.30 -56.32 -24.36
CA TYR U 203 20.69 -56.98 -25.51
C TYR U 203 21.18 -56.30 -26.78
N TYR U 204 22.18 -56.90 -27.40
CA TYR U 204 22.75 -56.28 -28.60
C TYR U 204 21.94 -56.66 -29.83
N ASP U 205 22.11 -55.87 -30.88
CA ASP U 205 21.41 -55.98 -32.14
C ASP U 205 22.40 -56.50 -33.18
N ASP U 206 21.93 -56.71 -34.41
CA ASP U 206 22.77 -57.28 -35.47
C ASP U 206 23.84 -56.30 -35.97
N ALA U 207 23.93 -55.12 -35.37
CA ALA U 207 24.94 -54.15 -35.76
C ALA U 207 25.78 -53.65 -34.59
N ASP U 208 25.74 -54.39 -33.48
CA ASP U 208 26.56 -54.15 -32.28
C ASP U 208 25.99 -52.92 -31.56
N LYS U 209 24.98 -52.27 -32.13
CA LYS U 209 24.29 -51.19 -31.44
C LYS U 209 23.53 -51.78 -30.26
N LEU U 210 23.91 -51.38 -29.04
CA LEU U 210 23.16 -51.81 -27.87
C LEU U 210 21.72 -51.34 -27.96
N VAL U 211 20.80 -52.25 -27.66
CA VAL U 211 19.38 -51.96 -27.67
C VAL U 211 18.85 -51.75 -26.25
N TYR U 212 19.10 -52.69 -25.36
CA TYR U 212 18.73 -52.59 -23.97
C TYR U 212 19.93 -52.81 -23.08
N GLN U 213 19.98 -52.09 -21.97
CA GLN U 213 21.06 -52.21 -21.00
C GLN U 213 20.60 -53.08 -19.85
N ALA U 214 20.95 -54.35 -19.90
CA ALA U 214 20.66 -55.28 -18.81
C ALA U 214 21.69 -56.38 -18.81
N ASP U 215 22.09 -56.80 -17.61
CA ASP U 215 23.05 -57.89 -17.46
C ASP U 215 22.39 -59.23 -17.21
N SER U 216 21.26 -59.26 -16.51
CA SER U 216 20.48 -60.48 -16.36
C SER U 216 19.64 -60.70 -17.61
N ALA U 217 18.70 -61.64 -17.54
CA ALA U 217 17.80 -61.89 -18.67
C ALA U 217 16.43 -61.39 -18.30
N LEU U 218 15.81 -60.65 -19.21
CA LEU U 218 14.48 -60.13 -18.98
C LEU U 218 13.48 -61.26 -18.83
N ALA U 219 12.39 -60.99 -18.12
CA ALA U 219 11.36 -61.98 -17.90
C ALA U 219 10.59 -62.25 -19.19
N LYS U 220 9.57 -63.09 -19.12
CA LYS U 220 8.82 -63.50 -20.29
C LYS U 220 7.75 -62.46 -20.62
N ASP U 221 7.66 -62.10 -21.90
CA ASP U 221 6.71 -61.09 -22.38
C ASP U 221 6.89 -59.75 -21.65
N THR U 222 8.13 -59.34 -21.46
CA THR U 222 8.41 -57.99 -20.97
C THR U 222 8.74 -57.12 -22.17
N LYS U 223 7.97 -56.06 -22.37
CA LYS U 223 8.16 -55.17 -23.49
C LYS U 223 9.09 -54.02 -23.12
N VAL U 224 9.98 -53.68 -24.03
CA VAL U 224 10.80 -52.49 -23.91
C VAL U 224 10.55 -51.63 -25.13
N THR U 225 10.51 -50.32 -24.92
CA THR U 225 10.29 -49.37 -26.00
C THR U 225 11.55 -48.53 -26.18
N LYS U 226 11.98 -48.41 -27.43
CA LYS U 226 13.22 -47.72 -27.77
C LYS U 226 12.88 -46.59 -28.71
N GLY U 227 13.30 -45.37 -28.37
CA GLY U 227 12.93 -44.21 -29.14
C GLY U 227 13.55 -44.21 -30.52
N ILE U 228 13.10 -43.28 -31.35
CA ILE U 228 13.65 -43.15 -32.69
C ILE U 228 15.10 -42.69 -32.59
N ASP U 229 15.91 -43.11 -33.55
CA ASP U 229 17.35 -42.90 -33.48
C ASP U 229 17.68 -41.43 -33.67
N ILE U 230 18.25 -40.81 -32.65
CA ILE U 230 18.79 -39.46 -32.74
C ILE U 230 20.25 -39.39 -32.33
N SER U 231 20.83 -40.50 -31.85
CA SER U 231 22.15 -40.47 -31.27
C SER U 231 23.24 -40.99 -32.20
N SER U 232 22.87 -41.61 -33.32
CA SER U 232 23.89 -42.17 -34.20
C SER U 232 24.66 -41.09 -34.96
N SER U 233 24.03 -39.96 -35.24
CA SER U 233 24.66 -38.90 -36.03
C SER U 233 23.81 -37.66 -35.93
N ALA U 234 24.34 -36.56 -36.48
CA ALA U 234 23.54 -35.35 -36.62
C ALA U 234 22.55 -35.47 -37.77
N LYS U 235 22.91 -36.19 -38.82
CA LYS U 235 21.98 -36.43 -39.91
C LYS U 235 20.78 -37.24 -39.44
N ALA U 236 21.02 -38.25 -38.60
CA ALA U 236 19.92 -39.06 -38.10
C ALA U 236 18.99 -38.25 -37.23
N ALA U 237 19.54 -37.36 -36.40
CA ALA U 237 18.71 -36.53 -35.55
C ALA U 237 17.85 -35.59 -36.37
N SER U 238 18.40 -35.03 -37.45
CA SER U 238 17.60 -34.22 -38.35
C SER U 238 16.51 -35.04 -39.02
N SER U 239 16.83 -36.28 -39.41
CA SER U 239 15.83 -37.14 -40.02
C SER U 239 14.67 -37.39 -39.08
N ALA U 240 14.97 -37.62 -37.80
CA ALA U 240 13.92 -37.81 -36.81
C ALA U 240 13.05 -36.58 -36.63
N LEU U 241 13.50 -35.41 -37.07
CA LEU U 241 12.70 -34.20 -36.88
C LEU U 241 11.41 -34.26 -37.69
N THR U 242 11.48 -34.66 -38.95
CA THR U 242 10.27 -34.79 -39.75
C THR U 242 9.39 -35.93 -39.25
N THR U 243 10.01 -37.03 -38.81
CA THR U 243 9.21 -38.12 -38.27
C THR U 243 8.43 -37.69 -37.05
N ILE U 244 9.05 -36.91 -36.17
CA ILE U 244 8.35 -36.45 -34.98
C ILE U 244 7.29 -35.42 -35.34
N LYS U 245 7.62 -34.48 -36.22
CA LYS U 245 6.66 -33.44 -36.55
C LYS U 245 5.49 -33.99 -37.36
N THR U 246 5.68 -35.11 -38.04
CA THR U 246 4.57 -35.79 -38.69
C THR U 246 3.70 -36.51 -37.68
N ALA U 247 4.31 -37.09 -36.65
CA ALA U 247 3.54 -37.75 -35.60
C ALA U 247 2.64 -36.76 -34.88
N ILE U 248 3.11 -35.53 -34.69
CA ILE U 248 2.25 -34.49 -34.13
C ILE U 248 1.07 -34.22 -35.06
N ASP U 249 1.27 -34.41 -36.36
CA ASP U 249 0.18 -34.17 -37.30
C ASP U 249 -0.87 -35.27 -37.26
N THR U 250 -0.44 -36.53 -37.13
CA THR U 250 -1.39 -37.63 -37.05
C THR U 250 -1.98 -37.80 -35.66
N VAL U 251 -1.49 -37.06 -34.68
CA VAL U 251 -2.17 -37.00 -33.39
C VAL U 251 -3.21 -35.89 -33.39
N SER U 252 -2.88 -34.75 -33.98
CA SER U 252 -3.86 -33.68 -34.14
C SER U 252 -5.05 -34.15 -34.97
N SER U 253 -4.80 -34.98 -35.98
CA SER U 253 -5.90 -35.52 -36.76
C SER U 253 -6.80 -36.40 -35.91
N GLU U 254 -6.21 -37.22 -35.04
CA GLU U 254 -7.03 -38.09 -34.19
C GLU U 254 -7.78 -37.29 -33.15
N ARG U 255 -7.15 -36.26 -32.59
CA ARG U 255 -7.82 -35.48 -31.55
C ARG U 255 -9.07 -34.79 -32.04
N ALA U 256 -9.04 -34.24 -33.25
CA ALA U 256 -10.22 -33.57 -33.77
C ALA U 256 -11.16 -34.50 -34.53
N LYS U 257 -10.73 -35.71 -34.83
CA LYS U 257 -11.70 -36.74 -35.19
C LYS U 257 -12.53 -37.14 -33.99
N LEU U 258 -12.02 -36.94 -32.78
CA LEU U 258 -12.75 -37.20 -31.57
C LEU U 258 -13.41 -35.95 -31.00
N GLY U 259 -12.92 -34.77 -31.36
CA GLY U 259 -13.56 -33.55 -30.95
C GLY U 259 -14.75 -33.26 -31.83
N ALA U 260 -14.71 -33.76 -33.06
CA ALA U 260 -15.85 -33.61 -33.96
C ALA U 260 -17.01 -34.46 -33.50
N VAL U 261 -16.74 -35.69 -33.05
CA VAL U 261 -17.80 -36.56 -32.57
C VAL U 261 -18.39 -36.00 -31.28
N GLN U 262 -17.55 -35.43 -30.42
CA GLN U 262 -18.05 -34.90 -29.16
C GLN U 262 -18.93 -33.69 -29.39
N ASN U 263 -18.56 -32.84 -30.35
CA ASN U 263 -19.41 -31.70 -30.69
C ASN U 263 -20.75 -32.18 -31.22
N ARG U 264 -20.76 -33.21 -32.05
CA ARG U 264 -22.01 -33.77 -32.55
C ARG U 264 -22.85 -34.33 -31.41
N LEU U 265 -22.23 -35.06 -30.50
CA LEU U 265 -22.96 -35.64 -29.39
C LEU U 265 -23.52 -34.60 -28.45
N GLU U 266 -22.94 -33.40 -28.41
CA GLU U 266 -23.52 -32.33 -27.62
C GLU U 266 -24.78 -31.78 -28.27
N HIS U 267 -24.84 -31.78 -29.60
CA HIS U 267 -26.06 -31.39 -30.29
C HIS U 267 -27.11 -32.49 -30.21
N THR U 268 -26.67 -33.75 -30.27
CA THR U 268 -27.61 -34.86 -30.12
C THR U 268 -28.28 -34.87 -28.76
N ILE U 269 -27.61 -34.40 -27.73
CA ILE U 269 -28.18 -34.42 -26.39
C ILE U 269 -29.26 -33.35 -26.25
N ASN U 270 -29.01 -32.14 -26.76
CA ASN U 270 -30.03 -31.10 -26.71
C ASN U 270 -31.25 -31.50 -27.51
N ASN U 271 -31.06 -32.15 -28.65
CA ASN U 271 -32.21 -32.55 -29.46
C ASN U 271 -32.94 -33.72 -28.84
N LEU U 272 -32.24 -34.65 -28.19
CA LEU U 272 -32.91 -35.72 -27.48
C LEU U 272 -33.65 -35.20 -26.25
N GLY U 273 -33.06 -34.23 -25.55
CA GLY U 273 -33.74 -33.62 -24.43
C GLY U 273 -34.96 -32.82 -24.82
N THR U 274 -34.88 -32.10 -25.95
CA THR U 274 -36.04 -31.36 -26.42
C THR U 274 -37.15 -32.28 -26.89
N SER U 275 -36.81 -33.40 -27.50
CA SER U 275 -37.82 -34.33 -27.99
C SER U 275 -38.47 -35.13 -26.87
N SER U 276 -37.87 -35.17 -25.68
CA SER U 276 -38.55 -35.80 -24.55
C SER U 276 -39.59 -34.87 -23.96
N GLU U 277 -39.27 -33.58 -23.81
CA GLU U 277 -40.26 -32.63 -23.32
C GLU U 277 -41.45 -32.54 -24.26
N ASN U 278 -41.18 -32.46 -25.56
CA ASN U 278 -42.27 -32.34 -26.52
C ASN U 278 -43.12 -33.59 -26.56
N LEU U 279 -42.55 -34.75 -26.25
CA LEU U 279 -43.33 -35.97 -26.20
C LEU U 279 -43.92 -36.22 -24.83
N THR U 280 -43.23 -35.81 -23.77
CA THR U 280 -43.82 -35.91 -22.43
C THR U 280 -45.07 -35.06 -22.34
N SER U 281 -45.00 -33.83 -22.84
CA SER U 281 -46.18 -32.98 -22.86
C SER U 281 -47.25 -33.55 -23.78
N ALA U 282 -46.84 -34.14 -24.90
CA ALA U 282 -47.80 -34.75 -25.81
C ALA U 282 -48.50 -35.93 -25.16
N GLU U 283 -47.77 -36.75 -24.41
CA GLU U 283 -48.37 -37.90 -23.77
C GLU U 283 -49.22 -37.51 -22.57
N SER U 284 -48.85 -36.44 -21.87
CA SER U 284 -49.64 -36.01 -20.73
C SER U 284 -51.03 -35.56 -21.16
N ARG U 285 -51.13 -34.85 -22.28
CA ARG U 285 -52.44 -34.42 -22.76
C ARG U 285 -53.31 -35.62 -23.11
N ILE U 286 -52.72 -36.66 -23.68
CA ILE U 286 -53.49 -37.83 -24.05
C ILE U 286 -53.88 -38.64 -22.82
N ARG U 287 -52.97 -38.79 -21.87
CA ARG U 287 -53.13 -39.75 -20.79
C ARG U 287 -53.57 -39.12 -19.47
N ASP U 288 -52.91 -38.05 -19.04
CA ASP U 288 -53.21 -37.46 -17.75
C ASP U 288 -54.58 -36.80 -17.77
N VAL U 289 -55.21 -36.75 -16.60
CA VAL U 289 -56.54 -36.19 -16.45
C VAL U 289 -56.42 -34.72 -16.08
N ASP U 290 -57.43 -33.95 -16.41
CA ASP U 290 -57.52 -32.56 -16.00
C ASP U 290 -58.19 -32.51 -14.63
N MET U 291 -57.44 -32.11 -13.61
CA MET U 291 -57.94 -32.15 -12.24
C MET U 291 -59.17 -31.29 -12.09
N ALA U 292 -59.15 -30.09 -12.67
CA ALA U 292 -60.27 -29.16 -12.54
C ALA U 292 -61.51 -29.72 -13.23
N SER U 293 -61.38 -30.12 -14.49
CA SER U 293 -62.52 -30.59 -15.27
C SER U 293 -63.06 -31.92 -14.77
N GLU U 294 -62.30 -32.64 -13.93
CA GLU U 294 -62.72 -33.93 -13.42
C GLU U 294 -63.31 -33.85 -12.03
N MET U 295 -62.74 -33.00 -11.17
CA MET U 295 -63.32 -32.78 -9.85
C MET U 295 -64.70 -32.15 -9.97
N MET U 296 -64.86 -31.21 -10.90
CA MET U 296 -66.15 -30.60 -11.14
C MET U 296 -67.16 -31.62 -11.67
N GLU U 297 -66.71 -32.58 -12.46
CA GLU U 297 -67.62 -33.61 -12.96
C GLU U 297 -67.92 -34.65 -11.89
N TYR U 298 -66.96 -34.95 -11.03
CA TYR U 298 -67.19 -35.89 -9.94
C TYR U 298 -68.25 -35.35 -8.99
N THR U 299 -68.18 -34.07 -8.66
CA THR U 299 -69.16 -33.47 -7.77
C THR U 299 -70.56 -33.53 -8.35
N LYS U 300 -70.69 -33.38 -9.67
CA LYS U 300 -72.01 -33.44 -10.29
C LYS U 300 -72.66 -34.80 -10.08
N ASN U 301 -71.97 -35.87 -10.45
CA ASN U 301 -72.54 -37.20 -10.24
C ASN U 301 -72.66 -37.54 -8.77
N ASN U 302 -71.83 -36.92 -7.92
CA ASN U 302 -71.97 -37.12 -6.49
C ASN U 302 -73.22 -36.44 -5.94
N ILE U 303 -73.79 -35.49 -6.69
CA ILE U 303 -75.05 -34.88 -6.29
C ILE U 303 -76.24 -35.61 -6.92
N LEU U 304 -76.11 -35.97 -8.20
CA LEU U 304 -77.17 -36.69 -8.87
C LEU U 304 -77.51 -38.00 -8.19
N THR U 305 -76.55 -38.63 -7.51
CA THR U 305 -76.85 -39.82 -6.74
C THR U 305 -77.56 -39.52 -5.43
N GLN U 306 -77.29 -38.37 -4.83
CA GLN U 306 -78.02 -37.96 -3.63
C GLN U 306 -79.43 -37.51 -3.96
N ALA U 307 -79.62 -36.89 -5.13
CA ALA U 307 -80.96 -36.55 -5.58
C ALA U 307 -81.79 -37.80 -5.80
N SER U 308 -81.20 -38.83 -6.42
CA SER U 308 -81.90 -40.08 -6.58
C SER U 308 -82.07 -40.79 -5.24
N GLN U 309 -81.09 -40.65 -4.34
CA GLN U 309 -81.23 -41.20 -3.00
C GLN U 309 -82.40 -40.57 -2.26
N ALA U 310 -82.52 -39.24 -2.36
CA ALA U 310 -83.60 -38.54 -1.67
C ALA U 310 -84.96 -38.93 -2.20
N MET U 311 -85.09 -39.07 -3.52
CA MET U 311 -86.38 -39.41 -4.09
C MET U 311 -86.72 -40.88 -3.94
N LEU U 312 -85.72 -41.75 -3.80
CA LEU U 312 -86.00 -43.16 -3.55
C LEU U 312 -86.71 -43.34 -2.22
N ALA U 313 -86.31 -42.58 -1.21
CA ALA U 313 -86.96 -42.67 0.09
C ALA U 313 -88.44 -42.31 -0.02
N GLN U 314 -88.76 -41.25 -0.76
CA GLN U 314 -90.15 -40.87 -0.93
C GLN U 314 -90.90 -41.85 -1.81
N ALA U 315 -90.21 -42.45 -2.78
CA ALA U 315 -90.86 -43.43 -3.65
C ALA U 315 -91.39 -44.62 -2.87
N ASN U 316 -90.70 -45.00 -1.80
CA ASN U 316 -91.17 -46.10 -0.96
C ASN U 316 -92.34 -45.70 -0.08
N GLN U 317 -92.44 -44.42 0.26
CA GLN U 317 -93.52 -43.97 1.15
C GLN U 317 -94.86 -43.95 0.43
N GLN U 318 -94.85 -43.72 -0.88
CA GLN U 318 -96.09 -43.60 -1.64
C GLN U 318 -96.99 -44.84 -1.56
N PRO U 319 -96.49 -46.07 -1.69
CA PRO U 319 -97.38 -47.23 -1.56
C PRO U 319 -97.94 -47.40 -0.15
N GLN U 320 -97.35 -46.76 0.85
CA GLN U 320 -97.79 -46.93 2.24
C GLN U 320 -99.14 -46.28 2.51
N GLN U 321 -99.68 -45.49 1.60
CA GLN U 321 -100.91 -44.75 1.85
C GLN U 321 -102.17 -45.54 1.55
N VAL U 322 -102.05 -46.72 0.95
CA VAL U 322 -103.25 -47.51 0.68
C VAL U 322 -103.77 -48.22 1.92
N LEU U 323 -102.94 -48.32 2.97
CA LEU U 323 -103.38 -48.98 4.19
C LEU U 323 -104.50 -48.21 4.87
N GLN U 324 -104.41 -46.88 4.89
CA GLN U 324 -105.47 -46.07 5.46
C GLN U 324 -106.77 -46.20 4.68
N LEU U 325 -106.69 -46.53 3.40
CA LEU U 325 -107.89 -46.77 2.59
C LEU U 325 -108.42 -48.18 2.78
N LEU U 326 -107.55 -49.16 3.03
CA LEU U 326 -107.98 -50.54 3.14
C LEU U 326 -108.73 -50.83 4.43
N LYS U 327 -108.59 -49.98 5.45
CA LYS U 327 -109.30 -50.16 6.70
C LYS U 327 -110.64 -49.43 6.67
N MET V 1 -107.86 -22.23 0.73
CA MET V 1 -106.63 -22.98 0.44
C MET V 1 -106.72 -23.68 -0.90
N ARG V 2 -106.05 -23.11 -1.90
CA ARG V 2 -106.01 -23.70 -3.24
C ARG V 2 -104.77 -24.55 -3.39
N ILE V 3 -104.95 -25.79 -3.84
CA ILE V 3 -103.89 -26.79 -3.82
C ILE V 3 -103.27 -26.98 -5.19
N ASN V 4 -104.06 -26.87 -6.26
CA ASN V 4 -103.56 -27.17 -7.59
C ASN V 4 -102.47 -26.21 -8.04
N HIS V 5 -102.29 -25.07 -7.38
CA HIS V 5 -101.25 -24.13 -7.74
C HIS V 5 -100.71 -23.49 -6.48
N ASN V 6 -99.38 -23.47 -6.35
CA ASN V 6 -98.70 -22.87 -5.21
C ASN V 6 -98.03 -21.60 -5.71
N ILE V 7 -98.78 -20.50 -5.70
CA ILE V 7 -98.25 -19.24 -6.21
C ILE V 7 -97.12 -18.74 -5.33
N ALA V 8 -97.16 -19.03 -4.03
CA ALA V 8 -96.08 -18.64 -3.14
C ALA V 8 -94.78 -19.32 -3.53
N ALA V 9 -94.83 -20.62 -3.86
CA ALA V 9 -93.63 -21.31 -4.30
C ALA V 9 -93.26 -20.98 -5.74
N LEU V 10 -94.27 -20.77 -6.59
CA LEU V 10 -93.98 -20.40 -7.97
C LEU V 10 -93.33 -19.03 -8.06
N ASN V 11 -93.73 -18.10 -7.19
CA ASN V 11 -93.09 -16.79 -7.16
C ASN V 11 -91.66 -16.89 -6.62
N THR V 12 -91.46 -17.73 -5.60
CA THR V 12 -90.12 -17.89 -5.04
C THR V 12 -89.18 -18.55 -6.04
N SER V 13 -89.70 -19.39 -6.93
CA SER V 13 -88.85 -20.03 -7.93
C SER V 13 -88.24 -18.99 -8.87
N ARG V 14 -89.04 -18.00 -9.28
CA ARG V 14 -88.50 -16.97 -10.18
C ARG V 14 -87.40 -16.17 -9.52
N GLN V 15 -87.57 -15.80 -8.24
CA GLN V 15 -86.51 -15.13 -7.53
C GLN V 15 -85.31 -16.04 -7.32
N LEU V 16 -85.55 -17.35 -7.26
CA LEU V 16 -84.44 -18.29 -7.19
C LEU V 16 -83.66 -18.31 -8.50
N ASN V 17 -84.36 -18.36 -9.62
CA ASN V 17 -83.69 -18.22 -10.92
C ASN V 17 -83.60 -16.77 -11.35
N ALA V 18 -83.20 -15.91 -10.42
CA ALA V 18 -82.82 -14.54 -10.75
C ALA V 18 -81.62 -14.06 -9.94
N GLY V 19 -81.27 -14.73 -8.85
CA GLY V 19 -80.07 -14.43 -8.11
C GLY V 19 -79.00 -15.42 -8.48
N SER V 20 -79.43 -16.61 -8.92
CA SER V 20 -78.48 -17.57 -9.48
C SER V 20 -77.89 -17.04 -10.78
N ASN V 21 -78.72 -16.44 -11.63
CA ASN V 21 -78.21 -15.84 -12.86
C ASN V 21 -77.26 -14.70 -12.56
N ALA V 22 -77.60 -13.86 -11.60
CA ALA V 22 -76.73 -12.75 -11.24
C ALA V 22 -75.42 -13.25 -10.65
N ALA V 23 -75.47 -14.28 -9.82
CA ALA V 23 -74.23 -14.85 -9.27
C ALA V 23 -73.38 -15.47 -10.37
N SER V 24 -74.01 -16.14 -11.34
CA SER V 24 -73.26 -16.70 -12.45
C SER V 24 -72.59 -15.59 -13.26
N LYS V 25 -73.30 -14.50 -13.52
CA LYS V 25 -72.70 -13.38 -14.23
C LYS V 25 -71.57 -12.76 -13.42
N ASN V 26 -71.71 -12.68 -12.11
CA ASN V 26 -70.66 -12.11 -11.28
C ASN V 26 -69.43 -13.00 -11.25
N MET V 27 -69.63 -14.32 -11.29
CA MET V 27 -68.50 -15.24 -11.25
C MET V 27 -67.76 -15.29 -12.59
N GLU V 28 -68.44 -14.98 -13.69
CA GLU V 28 -67.73 -14.85 -14.97
C GLU V 28 -66.71 -13.72 -14.89
N LYS V 29 -67.12 -12.58 -14.35
CA LYS V 29 -66.20 -11.45 -14.22
C LYS V 29 -65.06 -11.78 -13.27
N LEU V 30 -65.37 -12.44 -12.16
CA LEU V 30 -64.34 -12.73 -11.17
C LEU V 30 -63.30 -13.70 -11.70
N SER V 31 -63.75 -14.72 -12.44
CA SER V 31 -62.81 -15.70 -12.99
C SER V 31 -61.95 -15.07 -14.09
N SER V 32 -62.58 -14.39 -15.04
CA SER V 32 -61.85 -13.83 -16.16
C SER V 32 -61.09 -12.57 -15.80
N GLY V 33 -61.58 -11.82 -14.81
CA GLY V 33 -60.98 -10.54 -14.48
C GLY V 33 -61.39 -9.40 -15.37
N LEU V 34 -62.42 -9.58 -16.20
CA LEU V 34 -62.85 -8.56 -17.14
C LEU V 34 -64.31 -8.19 -16.89
N ARG V 35 -64.58 -6.89 -16.90
CA ARG V 35 -65.96 -6.43 -16.80
C ARG V 35 -66.78 -6.87 -18.01
N ILE V 36 -66.20 -6.71 -19.20
CA ILE V 36 -66.91 -6.94 -20.44
C ILE V 36 -66.41 -8.26 -21.02
N ASN V 37 -67.16 -9.32 -20.78
CA ASN V 37 -66.91 -10.61 -21.44
C ASN V 37 -67.72 -10.71 -22.72
N ARG V 38 -69.04 -10.61 -22.61
CA ARG V 38 -69.92 -10.52 -23.76
C ARG V 38 -70.06 -9.06 -24.17
N ALA V 39 -70.61 -8.85 -25.36
CA ALA V 39 -70.86 -7.50 -25.84
C ALA V 39 -72.07 -6.86 -25.18
N GLY V 40 -72.89 -7.65 -24.50
CA GLY V 40 -74.05 -7.11 -23.81
C GLY V 40 -73.76 -6.43 -22.49
N ASP V 41 -72.57 -6.62 -21.94
CA ASP V 41 -72.21 -5.94 -20.71
C ASP V 41 -71.89 -4.47 -20.96
N ASP V 42 -71.25 -4.15 -22.08
CA ASP V 42 -71.04 -2.76 -22.48
C ASP V 42 -70.77 -2.74 -23.98
N ALA V 43 -71.72 -2.23 -24.75
CA ALA V 43 -71.52 -2.13 -26.19
C ALA V 43 -70.44 -1.12 -26.52
N ALA V 44 -70.57 0.10 -25.98
CA ALA V 44 -69.52 1.10 -26.19
C ALA V 44 -68.24 0.72 -25.47
N GLY V 45 -68.35 0.03 -24.34
CA GLY V 45 -67.15 -0.45 -23.68
C GLY V 45 -66.41 -1.48 -24.51
N LEU V 46 -67.16 -2.38 -25.15
CA LEU V 46 -66.53 -3.33 -26.07
C LEU V 46 -65.89 -2.61 -27.24
N ALA V 47 -66.59 -1.65 -27.83
CA ALA V 47 -66.07 -0.96 -29.00
C ALA V 47 -64.80 -0.17 -28.66
N ILE V 48 -64.83 0.58 -27.55
CA ILE V 48 -63.68 1.40 -27.17
C ILE V 48 -62.50 0.51 -26.82
N SER V 49 -62.76 -0.59 -26.12
CA SER V 49 -61.69 -1.48 -25.70
C SER V 49 -60.90 -2.01 -26.88
N GLU V 50 -61.59 -2.53 -27.89
CA GLU V 50 -60.93 -3.12 -29.04
C GLU V 50 -60.08 -2.10 -29.80
N LYS V 51 -60.61 -0.89 -29.98
CA LYS V 51 -59.81 0.18 -30.53
C LYS V 51 -58.58 0.40 -29.66
N MET V 52 -58.79 0.44 -28.35
CA MET V 52 -57.69 0.65 -27.42
C MET V 52 -56.64 -0.45 -27.50
N ARG V 53 -57.07 -1.72 -27.44
CA ARG V 53 -56.14 -2.84 -27.51
C ARG V 53 -55.35 -2.80 -28.81
N SER V 54 -56.05 -2.56 -29.92
CA SER V 54 -55.39 -2.45 -31.22
C SER V 54 -54.32 -1.39 -31.20
N GLN V 55 -54.62 -0.25 -30.57
CA GLN V 55 -53.66 0.83 -30.49
C GLN V 55 -52.51 0.49 -29.54
N ILE V 56 -52.82 -0.14 -28.41
CA ILE V 56 -51.77 -0.48 -27.45
C ILE V 56 -50.82 -1.51 -28.03
N ARG V 57 -51.36 -2.55 -28.66
CA ARG V 57 -50.49 -3.54 -29.30
C ARG V 57 -49.81 -2.97 -30.54
N GLY V 58 -50.21 -1.79 -31.00
CA GLY V 58 -49.52 -1.14 -32.09
C GLY V 58 -48.39 -0.28 -31.60
N LEU V 59 -48.61 0.49 -30.52
CA LEU V 59 -47.55 1.33 -29.99
C LEU V 59 -46.44 0.51 -29.37
N ASP V 60 -46.77 -0.63 -28.76
CA ASP V 60 -45.70 -1.46 -28.20
C ASP V 60 -44.95 -2.19 -29.29
N MET V 61 -45.58 -2.43 -30.44
CA MET V 61 -44.87 -2.98 -31.58
C MET V 61 -44.17 -1.91 -32.39
N ALA V 62 -44.79 -0.74 -32.56
CA ALA V 62 -44.11 0.39 -33.17
C ALA V 62 -42.95 0.88 -32.34
N SER V 63 -42.89 0.53 -31.06
CA SER V 63 -41.71 0.79 -30.27
C SER V 63 -40.59 -0.19 -30.55
N LYS V 64 -40.92 -1.38 -31.05
CA LYS V 64 -39.88 -2.28 -31.53
C LYS V 64 -39.31 -1.81 -32.87
N ASN V 65 -40.17 -1.32 -33.75
CA ASN V 65 -39.70 -0.78 -35.02
C ASN V 65 -38.80 0.42 -34.80
N ALA V 66 -39.17 1.29 -33.86
CA ALA V 66 -38.32 2.44 -33.56
C ALA V 66 -36.96 1.99 -33.04
N GLN V 67 -36.93 0.89 -32.28
CA GLN V 67 -35.67 0.40 -31.76
C GLN V 67 -34.92 -0.47 -32.76
N ASP V 68 -35.62 -1.09 -33.70
CA ASP V 68 -34.95 -1.75 -34.80
C ASP V 68 -34.43 -0.77 -35.83
N GLY V 69 -34.84 0.49 -35.77
CA GLY V 69 -34.29 1.51 -36.61
C GLY V 69 -33.13 2.18 -35.92
N ILE V 70 -33.16 2.20 -34.59
CA ILE V 70 -32.02 2.70 -33.83
C ILE V 70 -30.82 1.80 -34.04
N SER V 71 -31.06 0.49 -34.12
CA SER V 71 -29.97 -0.44 -34.37
C SER V 71 -29.45 -0.31 -35.80
N LEU V 72 -30.36 -0.15 -36.76
CA LEU V 72 -29.93 0.02 -38.15
C LEU V 72 -29.11 1.28 -38.32
N ILE V 73 -29.38 2.30 -37.53
CA ILE V 73 -28.68 3.57 -37.66
C ILE V 73 -27.36 3.56 -36.88
N GLN V 74 -27.33 2.88 -35.74
CA GLN V 74 -26.08 2.74 -35.01
C GLN V 74 -25.06 1.97 -35.82
N THR V 75 -25.51 0.98 -36.59
CA THR V 75 -24.61 0.22 -37.43
C THR V 75 -23.97 1.10 -38.49
N SER V 76 -24.75 1.98 -39.12
CA SER V 76 -24.21 2.83 -40.18
C SER V 76 -23.20 3.82 -39.63
N GLU V 77 -23.56 4.55 -38.57
CA GLU V 77 -22.63 5.52 -38.04
C GLU V 77 -21.47 4.84 -37.34
N GLY V 78 -21.67 3.64 -36.80
CA GLY V 78 -20.55 2.87 -36.31
C GLY V 78 -19.56 2.55 -37.41
N ALA V 79 -20.06 2.28 -38.61
CA ALA V 79 -19.17 2.03 -39.74
C ALA V 79 -18.46 3.30 -40.18
N LEU V 80 -19.20 4.44 -40.32
CA LEU V 80 -18.54 5.68 -40.68
C LEU V 80 -17.61 6.18 -39.60
N ASN V 81 -17.69 5.64 -38.39
CA ASN V 81 -16.71 5.97 -37.38
C ASN V 81 -15.32 5.61 -37.84
N GLU V 82 -15.19 4.59 -38.67
CA GLU V 82 -13.88 4.16 -39.15
C GLU V 82 -13.49 4.80 -40.45
N THR V 83 -14.44 5.10 -41.32
CA THR V 83 -14.11 5.92 -42.47
C THR V 83 -13.54 7.26 -42.04
N HIS V 84 -13.87 7.72 -40.85
CA HIS V 84 -13.20 8.92 -40.36
C HIS V 84 -11.76 8.67 -40.03
N SER V 85 -11.44 7.53 -39.42
CA SER V 85 -10.06 7.28 -39.03
C SER V 85 -9.20 6.96 -40.23
N ILE V 86 -9.78 6.31 -41.19
CA ILE V 86 -9.01 6.04 -42.40
C ILE V 86 -8.76 7.33 -43.15
N LEU V 87 -9.79 8.18 -43.27
CA LEU V 87 -9.59 9.47 -43.91
C LEU V 87 -8.64 10.35 -43.12
N GLN V 88 -8.58 10.16 -41.80
CA GLN V 88 -7.68 10.96 -40.99
C GLN V 88 -6.23 10.53 -41.21
N ARG V 89 -5.99 9.22 -41.23
CA ARG V 89 -4.66 8.71 -41.58
C ARG V 89 -4.32 9.03 -43.02
N MET V 90 -5.32 8.97 -43.90
CA MET V 90 -5.10 9.26 -45.31
C MET V 90 -4.68 10.69 -45.53
N SER V 91 -4.92 11.57 -44.58
CA SER V 91 -4.52 12.97 -44.68
C SER V 91 -3.10 13.22 -44.19
N GLU V 92 -2.58 12.37 -43.31
CA GLU V 92 -1.17 12.44 -42.98
C GLU V 92 -0.30 11.98 -44.14
N LEU V 93 -0.74 10.98 -44.88
CA LEU V 93 -0.02 10.61 -46.09
C LEU V 93 -0.40 11.50 -47.26
N ALA V 94 -0.53 12.79 -47.01
CA ALA V 94 -0.47 13.81 -48.04
C ALA V 94 0.26 15.05 -47.58
N THR V 95 0.42 15.24 -46.28
CA THR V 95 1.31 16.27 -45.77
C THR V 95 2.74 15.78 -45.75
N GLN V 96 2.93 14.46 -45.66
CA GLN V 96 4.26 13.88 -45.77
C GLN V 96 4.69 13.76 -47.22
N ALA V 97 3.75 13.44 -48.10
CA ALA V 97 4.05 13.32 -49.53
C ALA V 97 4.24 14.66 -50.20
N ALA V 98 3.75 15.75 -49.61
CA ALA V 98 3.91 17.07 -50.18
C ALA V 98 5.29 17.66 -49.92
N ASN V 99 5.99 17.19 -48.90
CA ASN V 99 7.34 17.66 -48.64
C ASN V 99 8.26 17.21 -49.77
N ASP V 100 9.20 18.08 -50.13
CA ASP V 100 10.06 17.81 -51.28
C ASP V 100 11.40 17.19 -50.89
N THR V 101 11.57 16.80 -49.64
CA THR V 101 12.66 15.92 -49.29
C THR V 101 12.38 14.48 -49.68
N ASN V 102 11.12 14.14 -49.90
CA ASN V 102 10.76 12.85 -50.46
C ASN V 102 11.20 12.75 -51.91
N THR V 103 11.53 11.55 -52.35
CA THR V 103 11.74 11.28 -53.76
C THR V 103 10.55 10.50 -54.31
N ASP V 104 10.51 10.38 -55.64
CA ASP V 104 9.43 9.62 -56.25
C ASP V 104 9.45 8.16 -55.82
N SER V 105 10.63 7.64 -55.49
CA SER V 105 10.72 6.30 -54.93
C SER V 105 10.01 6.20 -53.58
N ASP V 106 9.86 7.32 -52.89
CA ASP V 106 9.22 7.36 -51.58
C ASP V 106 7.81 7.91 -51.62
N ARG V 107 7.49 8.80 -52.56
CA ARG V 107 6.11 9.17 -52.77
C ARG V 107 5.30 7.98 -53.27
N SER V 108 5.84 7.26 -54.25
CA SER V 108 5.20 6.02 -54.67
C SER V 108 5.23 4.99 -53.57
N GLU V 109 6.12 5.16 -52.60
CA GLU V 109 6.15 4.26 -51.46
C GLU V 109 4.98 4.54 -50.55
N LEU V 110 4.65 5.83 -50.37
CA LEU V 110 3.47 6.22 -49.62
C LEU V 110 2.20 5.85 -50.37
N GLN V 111 2.24 5.88 -51.70
CA GLN V 111 1.06 5.55 -52.48
C GLN V 111 0.59 4.13 -52.22
N LYS V 112 1.48 3.26 -51.77
CA LYS V 112 1.08 1.90 -51.46
C LYS V 112 0.05 1.87 -50.36
N GLU V 113 0.25 2.67 -49.31
CA GLU V 113 -0.76 2.77 -48.26
C GLU V 113 -1.93 3.65 -48.68
N MET V 114 -1.69 4.61 -49.55
CA MET V 114 -2.78 5.39 -50.14
C MET V 114 -3.80 4.48 -50.79
N ASP V 115 -3.34 3.57 -51.65
CA ASP V 115 -4.26 2.67 -52.33
C ASP V 115 -4.84 1.62 -51.40
N GLN V 116 -4.17 1.31 -50.31
CA GLN V 116 -4.69 0.33 -49.38
C GLN V 116 -5.69 0.93 -48.40
N LEU V 117 -5.52 2.21 -48.05
CA LEU V 117 -6.52 2.88 -47.24
C LEU V 117 -7.77 3.17 -48.07
N ALA V 118 -7.58 3.67 -49.29
CA ALA V 118 -8.73 3.95 -50.15
C ALA V 118 -9.49 2.70 -50.52
N SER V 119 -8.84 1.55 -50.55
CA SER V 119 -9.52 0.30 -50.81
C SER V 119 -10.24 -0.25 -49.60
N GLU V 120 -9.93 0.25 -48.41
CA GLU V 120 -10.65 -0.12 -47.20
C GLU V 120 -11.87 0.76 -46.97
N VAL V 121 -11.79 2.02 -47.37
CA VAL V 121 -12.97 2.89 -47.35
C VAL V 121 -14.06 2.31 -48.23
N THR V 122 -13.69 1.78 -49.40
CA THR V 122 -14.66 1.14 -50.26
C THR V 122 -15.21 -0.14 -49.65
N ARG V 123 -14.37 -0.89 -48.94
CA ARG V 123 -14.85 -2.13 -48.33
C ARG V 123 -15.93 -1.86 -47.30
N ILE V 124 -15.75 -0.83 -46.47
CA ILE V 124 -16.73 -0.53 -45.44
C ILE V 124 -18.08 -0.19 -46.06
N SER V 125 -18.06 0.50 -47.20
CA SER V 125 -19.32 0.86 -47.84
C SER V 125 -20.04 -0.38 -48.36
N THR V 126 -19.33 -1.26 -49.05
CA THR V 126 -19.95 -2.43 -49.65
C THR V 126 -20.14 -3.59 -48.69
N ASP V 127 -19.49 -3.57 -47.52
CA ASP V 127 -19.61 -4.66 -46.58
C ASP V 127 -20.53 -4.37 -45.42
N THR V 128 -20.67 -3.11 -45.01
CA THR V 128 -21.54 -2.78 -43.91
C THR V 128 -22.96 -3.17 -44.24
N GLU V 129 -23.51 -4.10 -43.46
CA GLU V 129 -24.79 -4.70 -43.80
C GLU V 129 -25.56 -5.00 -42.52
N PHE V 130 -26.68 -4.34 -42.34
CA PHE V 130 -27.63 -4.68 -41.30
C PHE V 130 -28.71 -5.55 -41.91
N ASN V 131 -29.05 -6.64 -41.22
CA ASN V 131 -30.01 -7.61 -41.72
C ASN V 131 -29.39 -8.10 -43.03
N THR V 132 -30.04 -7.93 -44.17
CA THR V 132 -29.44 -8.17 -45.47
C THR V 132 -29.43 -6.94 -46.35
N LYS V 133 -29.29 -5.77 -45.73
CA LYS V 133 -29.35 -4.49 -46.41
C LYS V 133 -27.99 -3.83 -46.38
N LYS V 134 -27.48 -3.47 -47.55
CA LYS V 134 -26.25 -2.71 -47.64
C LYS V 134 -26.57 -1.24 -47.36
N LEU V 135 -26.05 -0.71 -46.27
CA LEU V 135 -26.46 0.61 -45.83
C LEU V 135 -25.70 1.72 -46.54
N LEU V 136 -24.39 1.59 -46.65
CA LEU V 136 -23.54 2.69 -47.09
C LEU V 136 -23.20 2.63 -48.57
N ASP V 137 -23.84 1.76 -49.35
CA ASP V 137 -23.55 1.66 -50.77
C ASP V 137 -24.52 2.44 -51.64
N GLY V 138 -25.33 3.30 -51.03
CA GLY V 138 -26.24 4.14 -51.78
C GLY V 138 -27.55 3.49 -52.15
N THR V 139 -27.80 2.25 -51.72
CA THR V 139 -29.06 1.59 -52.00
C THR V 139 -30.07 1.72 -50.88
N ALA V 140 -29.63 2.09 -49.67
CA ALA V 140 -30.53 2.26 -48.54
C ALA V 140 -31.10 3.67 -48.60
N GLN V 141 -32.13 3.83 -49.41
CA GLN V 141 -32.82 5.10 -49.58
C GLN V 141 -34.29 4.92 -49.29
N ASN V 142 -34.92 5.97 -48.74
CA ASN V 142 -36.35 5.95 -48.45
C ASN V 142 -36.71 4.89 -47.43
N LEU V 143 -35.78 4.60 -46.52
CA LEU V 143 -36.04 3.65 -45.46
C LEU V 143 -37.15 4.18 -44.56
N THR V 144 -38.28 3.50 -44.55
CA THR V 144 -39.47 3.95 -43.84
C THR V 144 -39.63 3.14 -42.57
N PHE V 145 -39.51 3.79 -41.42
CA PHE V 145 -39.76 3.17 -40.14
C PHE V 145 -41.17 3.52 -39.69
N GLN V 146 -41.98 2.49 -39.43
CA GLN V 146 -43.33 2.71 -38.94
C GLN V 146 -43.25 2.98 -37.46
N ILE V 147 -42.99 4.24 -37.11
CA ILE V 147 -43.00 4.67 -35.72
C ILE V 147 -44.39 5.19 -35.38
N GLY V 148 -45.30 4.29 -35.09
CA GLY V 148 -46.68 4.67 -34.87
C GLY V 148 -47.58 3.52 -35.26
N ALA V 149 -48.78 3.52 -34.69
CA ALA V 149 -49.69 2.39 -34.84
C ALA V 149 -50.62 2.53 -36.03
N ASN V 150 -50.51 3.58 -36.82
CA ASN V 150 -51.46 3.87 -37.88
C ASN V 150 -50.73 4.13 -39.19
N GLU V 151 -51.51 4.44 -40.22
CA GLU V 151 -50.94 4.87 -41.50
C GLU V 151 -50.19 6.18 -41.38
N GLY V 152 -49.16 6.33 -42.20
CA GLY V 152 -48.48 7.60 -42.34
C GLY V 152 -47.74 8.05 -41.11
N GLN V 153 -47.66 7.21 -40.09
CA GLN V 153 -46.89 7.53 -38.89
C GLN V 153 -45.48 6.95 -39.03
N THR V 154 -44.82 7.40 -40.08
CA THR V 154 -43.54 6.87 -40.50
C THR V 154 -42.48 7.96 -40.47
N MET V 155 -41.24 7.53 -40.61
CA MET V 155 -40.10 8.41 -40.80
C MET V 155 -39.22 7.86 -41.90
N SER V 156 -38.82 8.71 -42.83
CA SER V 156 -37.96 8.29 -43.91
C SER V 156 -36.50 8.50 -43.54
N LEU V 157 -35.62 7.92 -44.34
CA LEU V 157 -34.19 8.06 -44.13
C LEU V 157 -33.47 7.66 -45.40
N SER V 158 -32.39 8.37 -45.72
CA SER V 158 -31.63 8.07 -46.92
C SER V 158 -30.16 8.28 -46.62
N ILE V 159 -29.40 7.19 -46.61
CA ILE V 159 -27.96 7.24 -46.41
C ILE V 159 -27.29 7.25 -47.77
N ASN V 160 -26.43 8.24 -48.00
CA ASN V 160 -25.78 8.36 -49.29
C ASN V 160 -24.64 7.36 -49.42
N LYS V 161 -24.19 7.16 -50.66
CA LYS V 161 -23.07 6.28 -50.91
C LYS V 161 -21.80 6.90 -50.35
N MET V 162 -21.10 6.13 -49.51
CA MET V 162 -19.97 6.65 -48.75
C MET V 162 -18.73 5.82 -48.99
N ASP V 163 -18.45 5.53 -50.26
CA ASP V 163 -17.24 4.82 -50.66
C ASP V 163 -16.22 5.81 -51.20
N SER V 164 -15.03 5.30 -51.49
CA SER V 164 -13.94 6.18 -51.92
C SER V 164 -14.26 6.87 -53.23
N GLU V 165 -14.99 6.18 -54.12
CA GLU V 165 -15.37 6.81 -55.37
C GLU V 165 -16.27 8.01 -55.15
N SER V 166 -17.23 7.89 -54.21
CA SER V 166 -18.15 8.99 -53.96
C SER V 166 -17.48 10.14 -53.23
N LEU V 167 -16.63 9.84 -52.26
CA LEU V 167 -15.89 10.88 -51.56
C LEU V 167 -14.75 11.44 -52.40
N LYS V 168 -14.47 10.84 -53.56
CA LYS V 168 -13.43 11.28 -54.48
C LYS V 168 -12.03 11.12 -53.91
N VAL V 169 -11.86 10.19 -52.98
CA VAL V 169 -10.54 9.88 -52.44
C VAL V 169 -9.98 8.60 -53.06
N GLY V 170 -10.57 8.15 -54.17
CA GLY V 170 -10.10 6.93 -54.79
C GLY V 170 -10.87 6.70 -56.08
N THR V 171 -10.60 5.56 -56.69
CA THR V 171 -11.31 5.18 -57.91
C THR V 171 -11.24 3.66 -58.02
N THR V 172 -12.35 3.06 -58.47
CA THR V 172 -12.50 1.62 -58.48
C THR V 172 -12.57 1.13 -59.92
N TYR V 173 -11.54 0.40 -60.33
CA TYR V 173 -11.54 -0.26 -61.63
C TYR V 173 -12.10 -1.65 -61.47
N THR V 174 -12.88 -2.09 -62.45
CA THR V 174 -13.37 -3.46 -62.48
C THR V 174 -12.81 -4.16 -63.71
N ALA V 175 -12.59 -5.46 -63.58
CA ALA V 175 -11.96 -6.23 -64.63
C ALA V 175 -13.00 -6.65 -65.67
N ASN V 176 -12.67 -6.43 -66.94
CA ASN V 176 -13.56 -6.84 -68.00
C ASN V 176 -13.63 -8.37 -68.06
N ASP V 177 -14.49 -8.87 -68.95
CA ASP V 177 -14.80 -10.31 -68.95
C ASP V 177 -13.56 -11.14 -69.24
N ASP V 178 -12.75 -10.74 -70.21
CA ASP V 178 -11.51 -11.43 -70.53
C ASP V 178 -10.41 -11.10 -69.52
N GLY V 179 -10.43 -9.91 -68.94
CA GLY V 179 -9.39 -9.50 -68.01
C GLY V 179 -8.25 -8.78 -68.69
N SER V 180 -8.47 -8.38 -69.95
CA SER V 180 -7.44 -7.67 -70.68
C SER V 180 -7.28 -6.25 -70.17
N LYS V 181 -8.39 -5.57 -69.87
CA LYS V 181 -8.38 -4.16 -69.51
C LYS V 181 -9.24 -3.93 -68.29
N LEU V 182 -8.65 -3.35 -67.24
CA LEU V 182 -9.42 -2.92 -66.09
C LEU V 182 -10.26 -1.71 -66.46
N VAL V 183 -11.54 -1.78 -66.13
CA VAL V 183 -12.50 -0.75 -66.53
C VAL V 183 -13.11 -0.15 -65.27
N THR V 184 -13.06 1.17 -65.16
CA THR V 184 -13.79 1.85 -64.10
C THR V 184 -15.12 2.37 -64.62
N ALA V 185 -15.99 2.73 -63.69
CA ALA V 185 -17.17 3.49 -64.08
C ALA V 185 -16.74 4.85 -64.61
N ASP V 186 -17.45 5.33 -65.63
CA ASP V 186 -17.11 6.43 -66.53
C ASP V 186 -16.13 5.90 -67.59
N GLY V 187 -15.60 4.68 -67.42
CA GLY V 187 -14.84 4.06 -68.48
C GLY V 187 -13.44 4.58 -68.71
N LYS V 188 -12.55 4.38 -67.73
CA LYS V 188 -11.13 4.64 -67.89
C LYS V 188 -10.42 3.31 -68.04
N GLU V 189 -9.71 3.13 -69.13
CA GLU V 189 -9.15 1.83 -69.51
C GLU V 189 -7.81 1.61 -68.83
N ALA V 190 -7.49 0.34 -68.60
CA ALA V 190 -6.19 -0.03 -68.05
C ALA V 190 -5.83 -1.40 -68.62
N THR V 191 -5.06 -1.40 -69.72
CA THR V 191 -4.78 -2.64 -70.43
C THR V 191 -3.62 -3.40 -69.77
N LEU V 192 -3.64 -4.72 -69.96
CA LEU V 192 -2.65 -5.60 -69.38
C LEU V 192 -1.39 -5.77 -70.22
N VAL V 193 -0.27 -6.01 -69.53
CA VAL V 193 1.09 -6.15 -70.06
C VAL V 193 1.53 -5.08 -71.05
N THR V 194 1.32 -3.82 -70.70
CA THR V 194 1.59 -2.72 -71.62
C THR V 194 2.61 -1.70 -71.15
N LYS V 198 7.50 -2.55 -72.89
CA LYS V 198 6.99 -3.54 -71.94
C LYS V 198 7.08 -2.98 -70.51
N GLY V 199 8.30 -2.83 -70.02
CA GLY V 199 8.52 -2.31 -68.69
C GLY V 199 8.03 -3.27 -67.62
N PRO V 200 7.93 -2.78 -66.39
CA PRO V 200 7.35 -3.59 -65.31
C PRO V 200 5.94 -4.02 -65.66
N ASN V 201 5.58 -5.22 -65.23
CA ASN V 201 4.37 -5.87 -65.73
C ASN V 201 3.17 -5.50 -64.86
N GLY V 202 2.07 -5.16 -65.51
CA GLY V 202 0.84 -4.82 -64.83
C GLY V 202 -0.16 -4.20 -65.79
N TYR V 203 -1.26 -3.71 -65.22
CA TYR V 203 -2.35 -3.09 -65.98
C TYR V 203 -1.99 -1.62 -66.19
N TYR V 204 -1.44 -1.31 -67.35
CA TYR V 204 -1.04 0.06 -67.60
C TYR V 204 -2.22 0.88 -68.10
N ASP V 205 -2.07 2.21 -67.98
CA ASP V 205 -3.07 3.18 -68.32
C ASP V 205 -2.62 3.90 -69.60
N ASP V 206 -3.42 4.82 -70.10
CA ASP V 206 -3.13 5.52 -71.36
C ASP V 206 -1.96 6.49 -71.24
N ALA V 207 -1.33 6.58 -70.06
CA ALA V 207 -0.19 7.46 -69.89
C ALA V 207 1.03 6.75 -69.32
N ASP V 208 1.04 5.42 -69.42
CA ASP V 208 2.16 4.56 -69.06
C ASP V 208 2.26 4.50 -67.52
N LYS V 209 1.40 5.26 -66.83
CA LYS V 209 1.32 5.14 -65.38
C LYS V 209 0.74 3.78 -65.04
N LEU V 210 1.52 2.95 -64.34
CA LEU V 210 1.02 1.67 -63.87
C LEU V 210 -0.16 1.90 -62.94
N VAL V 211 -1.23 1.12 -63.16
CA VAL V 211 -2.43 1.18 -62.33
C VAL V 211 -2.46 0.02 -61.35
N TYR V 212 -2.32 -1.20 -61.83
CA TYR V 212 -2.27 -2.38 -60.97
C TYR V 212 -1.02 -3.17 -61.29
N GLN V 213 -0.45 -3.78 -60.26
CA GLN V 213 0.75 -4.59 -60.38
C GLN V 213 0.33 -6.06 -60.39
N ALA V 214 0.22 -6.64 -61.58
CA ALA V 214 -0.08 -8.05 -61.73
C ALA V 214 0.51 -8.53 -63.05
N ASP V 215 1.02 -9.75 -63.04
CA ASP V 215 1.58 -10.36 -64.24
C ASP V 215 0.61 -11.29 -64.94
N SER V 216 -0.26 -11.98 -64.19
CA SER V 216 -1.32 -12.76 -64.78
C SER V 216 -2.49 -11.85 -65.14
N ALA V 217 -3.63 -12.44 -65.48
CA ALA V 217 -4.81 -11.64 -65.79
C ALA V 217 -5.80 -11.80 -64.66
N LEU V 218 -6.35 -10.68 -64.19
CA LEU V 218 -7.33 -10.72 -63.12
C LEU V 218 -8.58 -11.48 -63.56
N ALA V 219 -9.29 -12.02 -62.58
CA ALA V 219 -10.50 -12.78 -62.86
C ALA V 219 -11.61 -11.84 -63.31
N LYS V 220 -12.80 -12.37 -63.52
CA LYS V 220 -13.93 -11.62 -64.05
C LYS V 220 -14.63 -10.89 -62.91
N ASP V 221 -14.93 -9.60 -63.13
CA ASP V 221 -15.57 -8.75 -62.14
C ASP V 221 -14.79 -8.71 -60.82
N THR V 222 -13.47 -8.59 -60.92
CA THR V 222 -12.65 -8.32 -59.75
C THR V 222 -12.36 -6.82 -59.70
N LYS V 223 -12.77 -6.19 -58.62
CA LYS V 223 -12.59 -4.75 -58.46
C LYS V 223 -11.28 -4.45 -57.77
N VAL V 224 -10.59 -3.43 -58.26
CA VAL V 224 -9.41 -2.90 -57.58
C VAL V 224 -9.67 -1.43 -57.31
N THR V 225 -9.22 -0.96 -56.16
CA THR V 225 -9.37 0.43 -55.77
C THR V 225 -8.01 1.08 -55.69
N LYS V 226 -7.90 2.26 -56.32
CA LYS V 226 -6.63 2.97 -56.42
C LYS V 226 -6.81 4.33 -55.78
N GLY V 227 -5.94 4.66 -54.83
CA GLY V 227 -6.08 5.89 -54.08
C GLY V 227 -5.87 7.11 -54.93
N ILE V 228 -6.19 8.26 -54.35
CA ILE V 228 -5.99 9.52 -55.05
C ILE V 228 -4.50 9.76 -55.23
N ASP V 229 -4.15 10.44 -56.32
CA ASP V 229 -2.75 10.58 -56.72
C ASP V 229 -2.02 11.50 -55.76
N ILE V 230 -1.04 10.95 -55.06
CA ILE V 230 -0.11 11.74 -54.24
C ILE V 230 1.34 11.51 -54.62
N SER V 231 1.62 10.59 -55.54
CA SER V 231 2.98 10.18 -55.82
C SER V 231 3.54 10.79 -57.09
N SER V 232 2.73 11.43 -57.91
CA SER V 232 3.23 12.00 -59.15
C SER V 232 4.09 13.23 -58.94
N SER V 233 3.82 14.00 -57.88
CA SER V 233 4.55 15.24 -57.65
C SER V 233 4.22 15.72 -56.24
N ALA V 234 4.91 16.77 -55.82
CA ALA V 234 4.55 17.44 -54.58
C ALA V 234 3.31 18.31 -54.76
N LYS V 235 3.14 18.89 -55.94
CA LYS V 235 1.93 19.65 -56.21
C LYS V 235 0.69 18.77 -56.16
N ALA V 236 0.78 17.56 -56.72
CA ALA V 236 -0.35 16.65 -56.70
C ALA V 236 -0.70 16.24 -55.28
N ALA V 237 0.31 15.99 -54.44
CA ALA V 237 0.05 15.61 -53.06
C ALA V 237 -0.64 16.75 -52.31
N SER V 238 -0.22 17.99 -52.54
CA SER V 238 -0.92 19.12 -51.94
C SER V 238 -2.34 19.22 -52.45
N SER V 239 -2.57 18.96 -53.74
CA SER V 239 -3.92 19.00 -54.27
C SER V 239 -4.81 17.98 -53.58
N ALA V 240 -4.28 16.79 -53.34
CA ALA V 240 -5.04 15.76 -52.64
C ALA V 240 -5.38 16.15 -51.21
N LEU V 241 -4.69 17.14 -50.64
CA LEU V 241 -4.97 17.54 -49.27
C LEU V 241 -6.36 18.12 -49.13
N THR V 242 -6.76 19.03 -50.02
CA THR V 242 -8.12 19.57 -49.97
C THR V 242 -9.15 18.51 -50.29
N THR V 243 -8.85 17.62 -51.24
CA THR V 243 -9.80 16.56 -51.57
C THR V 243 -10.05 15.66 -50.37
N ILE V 244 -8.99 15.34 -49.62
CA ILE V 244 -9.16 14.49 -48.46
C ILE V 244 -9.89 15.24 -47.34
N LYS V 245 -9.50 16.50 -47.10
CA LYS V 245 -10.12 17.23 -46.00
C LYS V 245 -11.57 17.58 -46.31
N THR V 246 -11.95 17.63 -47.58
CA THR V 246 -13.34 17.78 -47.94
C THR V 246 -14.10 16.49 -47.72
N ALA V 247 -13.48 15.36 -48.00
CA ALA V 247 -14.13 14.07 -47.76
C ALA V 247 -14.44 13.89 -46.29
N ILE V 248 -13.55 14.36 -45.41
CA ILE V 248 -13.84 14.33 -43.98
C ILE V 248 -15.06 15.19 -43.67
N ASP V 249 -15.28 16.24 -44.46
CA ASP V 249 -16.43 17.11 -44.23
C ASP V 249 -17.73 16.45 -44.66
N THR V 250 -17.73 15.73 -45.78
CA THR V 250 -18.94 15.06 -46.24
C THR V 250 -19.16 13.74 -45.54
N VAL V 251 -18.23 13.29 -44.73
CA VAL V 251 -18.49 12.16 -43.84
C VAL V 251 -19.07 12.64 -42.52
N SER V 252 -18.53 13.74 -42.00
CA SER V 252 -19.12 14.34 -40.79
C SER V 252 -20.55 14.75 -41.03
N SER V 253 -20.87 15.23 -42.24
CA SER V 253 -22.26 15.57 -42.55
C SER V 253 -23.14 14.33 -42.52
N GLU V 254 -22.67 13.22 -43.05
CA GLU V 254 -23.47 11.99 -43.04
C GLU V 254 -23.62 11.44 -41.63
N ARG V 255 -22.56 11.52 -40.83
CA ARG V 255 -22.64 10.95 -39.49
C ARG V 255 -23.67 11.65 -38.63
N ALA V 256 -23.77 12.96 -38.71
CA ALA V 256 -24.75 13.67 -37.91
C ALA V 256 -26.11 13.80 -38.58
N LYS V 257 -26.21 13.50 -39.87
CA LYS V 257 -27.51 13.23 -40.45
C LYS V 257 -28.10 11.94 -39.91
N LEU V 258 -27.25 11.02 -39.45
CA LEU V 258 -27.69 9.79 -38.81
C LEU V 258 -27.72 9.89 -37.31
N GLY V 259 -26.97 10.81 -36.72
CA GLY V 259 -27.06 11.02 -35.29
C GLY V 259 -28.26 11.84 -34.94
N ALA V 260 -28.70 12.67 -35.89
CA ALA V 260 -29.92 13.44 -35.68
C ALA V 260 -31.15 12.54 -35.69
N VAL V 261 -31.18 11.57 -36.60
CA VAL V 261 -32.31 10.65 -36.64
C VAL V 261 -32.33 9.77 -35.39
N GLN V 262 -31.16 9.36 -34.92
CA GLN V 262 -31.11 8.50 -33.75
C GLN V 262 -31.55 9.25 -32.50
N ASN V 263 -31.19 10.53 -32.39
CA ASN V 263 -31.69 11.33 -31.28
C ASN V 263 -33.20 11.46 -31.33
N ARG V 264 -33.76 11.67 -32.51
CA ARG V 264 -35.20 11.75 -32.65
C ARG V 264 -35.85 10.43 -32.26
N LEU V 265 -35.30 9.31 -32.71
CA LEU V 265 -35.87 8.01 -32.41
C LEU V 265 -35.78 7.68 -30.92
N GLU V 266 -34.86 8.29 -30.20
CA GLU V 266 -34.83 8.10 -28.76
C GLU V 266 -35.95 8.85 -28.06
N HIS V 267 -36.35 10.00 -28.60
CA HIS V 267 -37.51 10.70 -28.09
C HIS V 267 -38.80 10.02 -28.50
N THR V 268 -38.84 9.47 -29.72
CA THR V 268 -40.02 8.73 -30.16
C THR V 268 -40.29 7.51 -29.31
N ILE V 269 -39.24 6.89 -28.76
CA ILE V 269 -39.44 5.70 -27.96
C ILE V 269 -40.02 6.03 -26.60
N ASN V 270 -39.52 7.08 -25.96
CA ASN V 270 -40.08 7.49 -24.67
C ASN V 270 -41.54 7.91 -24.82
N ASN V 271 -41.88 8.58 -25.91
CA ASN V 271 -43.25 9.00 -26.11
C ASN V 271 -44.15 7.84 -26.48
N LEU V 272 -43.65 6.87 -27.23
CA LEU V 272 -44.44 5.68 -27.51
C LEU V 272 -44.61 4.83 -26.26
N GLY V 273 -43.57 4.74 -25.43
CA GLY V 273 -43.70 4.02 -24.17
C GLY V 273 -44.64 4.68 -23.19
N THR V 274 -44.62 6.01 -23.13
CA THR V 274 -45.55 6.72 -22.26
C THR V 274 -46.98 6.60 -22.74
N SER V 275 -47.20 6.60 -24.05
CA SER V 275 -48.55 6.49 -24.58
C SER V 275 -49.12 5.08 -24.47
N SER V 276 -48.29 4.07 -24.23
CA SER V 276 -48.82 2.74 -23.98
C SER V 276 -49.31 2.61 -22.54
N GLU V 277 -48.55 3.15 -21.59
CA GLU V 277 -49.00 3.13 -20.20
C GLU V 277 -50.28 3.91 -20.03
N ASN V 278 -50.36 5.10 -20.64
CA ASN V 278 -51.56 5.92 -20.49
C ASN V 278 -52.75 5.27 -21.16
N LEU V 279 -52.53 4.48 -22.20
CA LEU V 279 -53.64 3.77 -22.84
C LEU V 279 -53.90 2.42 -22.21
N THR V 280 -52.87 1.75 -21.70
CA THR V 280 -53.09 0.50 -20.97
C THR V 280 -53.91 0.77 -19.73
N SER V 281 -53.57 1.82 -18.98
CA SER V 281 -54.37 2.18 -17.82
C SER V 281 -55.77 2.61 -18.23
N ALA V 282 -55.88 3.32 -19.35
CA ALA V 282 -57.19 3.74 -19.84
C ALA V 282 -58.05 2.55 -20.20
N GLU V 283 -57.46 1.55 -20.85
CA GLU V 283 -58.23 0.38 -21.25
C GLU V 283 -58.56 -0.52 -20.07
N SER V 284 -57.69 -0.58 -19.07
CA SER V 284 -57.97 -1.40 -17.90
C SER V 284 -59.18 -0.89 -17.15
N ARG V 285 -59.33 0.43 -17.01
CA ARG V 285 -60.50 0.97 -16.33
C ARG V 285 -61.79 0.63 -17.08
N ILE V 286 -61.74 0.63 -18.41
CA ILE V 286 -62.92 0.32 -19.20
C ILE V 286 -63.23 -1.17 -19.15
N ARG V 287 -62.20 -2.00 -19.24
CA ARG V 287 -62.39 -3.43 -19.48
C ARG V 287 -62.23 -4.28 -18.23
N ASP V 288 -61.16 -4.08 -17.46
CA ASP V 288 -60.92 -4.93 -16.31
C ASP V 288 -61.95 -4.68 -15.22
N VAL V 289 -62.19 -5.70 -14.42
CA VAL V 289 -63.18 -5.64 -13.35
C VAL V 289 -62.48 -5.23 -12.07
N ASP V 290 -63.24 -4.63 -11.16
CA ASP V 290 -62.74 -4.29 -9.82
C ASP V 290 -62.99 -5.50 -8.93
N MET V 291 -61.90 -6.13 -8.48
CA MET V 291 -62.03 -7.37 -7.73
C MET V 291 -62.82 -7.15 -6.44
N ALA V 292 -62.55 -6.05 -5.74
CA ALA V 292 -63.23 -5.79 -4.48
C ALA V 292 -64.71 -5.53 -4.71
N SER V 293 -65.04 -4.63 -5.63
CA SER V 293 -66.44 -4.28 -5.87
C SER V 293 -67.24 -5.40 -6.49
N GLU V 294 -66.58 -6.43 -7.02
CA GLU V 294 -67.26 -7.54 -7.66
C GLU V 294 -67.40 -8.75 -6.75
N MET V 295 -66.38 -9.04 -5.94
CA MET V 295 -66.49 -10.10 -4.96
C MET V 295 -67.57 -9.77 -3.94
N MET V 296 -67.63 -8.51 -3.52
CA MET V 296 -68.68 -8.08 -2.59
C MET V 296 -70.07 -8.20 -3.21
N GLU V 297 -70.18 -7.97 -4.52
CA GLU V 297 -71.47 -8.10 -5.17
C GLU V 297 -71.82 -9.56 -5.42
N TYR V 298 -70.81 -10.39 -5.70
CA TYR V 298 -71.06 -11.81 -5.89
C TYR V 298 -71.59 -12.45 -4.61
N THR V 299 -71.02 -12.08 -3.47
CA THR V 299 -71.48 -12.62 -2.19
C THR V 299 -72.92 -12.24 -1.91
N LYS V 300 -73.33 -11.03 -2.31
CA LYS V 300 -74.71 -10.62 -2.06
C LYS V 300 -75.70 -11.51 -2.80
N ASN V 301 -75.53 -11.67 -4.11
CA ASN V 301 -76.43 -12.55 -4.85
C ASN V 301 -76.27 -14.01 -4.44
N ASN V 302 -75.10 -14.38 -3.92
CA ASN V 302 -74.92 -15.72 -3.41
C ASN V 302 -75.67 -15.94 -2.11
N ILE V 303 -76.08 -14.87 -1.43
CA ILE V 303 -76.92 -14.99 -0.24
C ILE V 303 -78.39 -14.88 -0.60
N LEU V 304 -78.73 -13.95 -1.50
CA LEU V 304 -80.11 -13.78 -1.93
C LEU V 304 -80.68 -15.05 -2.55
N THR V 305 -79.83 -15.89 -3.15
CA THR V 305 -80.31 -17.17 -3.67
C THR V 305 -80.51 -18.19 -2.56
N GLN V 306 -79.73 -18.12 -1.49
CA GLN V 306 -79.95 -19.01 -0.35
C GLN V 306 -81.16 -18.58 0.45
N ALA V 307 -81.42 -17.28 0.54
CA ALA V 307 -82.65 -16.82 1.17
C ALA V 307 -83.87 -17.30 0.42
N SER V 308 -83.83 -17.23 -0.92
CA SER V 308 -84.93 -17.77 -1.71
C SER V 308 -84.98 -19.29 -1.62
N GLN V 309 -83.81 -19.93 -1.53
CA GLN V 309 -83.77 -21.37 -1.34
C GLN V 309 -84.43 -21.77 -0.03
N ALA V 310 -84.13 -21.04 1.05
CA ALA V 310 -84.69 -21.37 2.35
C ALA V 310 -86.19 -21.18 2.36
N MET V 311 -86.70 -20.12 1.75
CA MET V 311 -88.14 -19.87 1.76
C MET V 311 -88.89 -20.76 0.79
N LEU V 312 -88.24 -21.24 -0.26
CA LEU V 312 -88.89 -22.17 -1.17
C LEU V 312 -89.24 -23.47 -0.45
N ALA V 313 -88.37 -23.93 0.43
CA ALA V 313 -88.66 -25.15 1.19
C ALA V 313 -89.91 -24.98 2.05
N GLN V 314 -90.03 -23.83 2.70
CA GLN V 314 -91.22 -23.59 3.52
C GLN V 314 -92.45 -23.35 2.67
N ALA V 315 -92.28 -22.77 1.48
CA ALA V 315 -93.42 -22.54 0.60
C ALA V 315 -94.09 -23.84 0.18
N ASN V 316 -93.31 -24.92 0.07
CA ASN V 316 -93.89 -26.22 -0.28
C ASN V 316 -94.59 -26.86 0.92
N GLN V 317 -94.17 -26.53 2.14
CA GLN V 317 -94.77 -27.14 3.32
C GLN V 317 -96.17 -26.59 3.59
N GLN V 318 -96.41 -25.35 3.20
CA GLN V 318 -97.70 -24.72 3.49
C GLN V 318 -98.89 -25.45 2.90
N PRO V 319 -98.89 -25.91 1.64
CA PRO V 319 -100.04 -26.67 1.15
C PRO V 319 -100.25 -28.00 1.84
N GLN V 320 -99.25 -28.52 2.55
CA GLN V 320 -99.35 -29.82 3.18
C GLN V 320 -100.29 -29.83 4.39
N GLN V 321 -100.74 -28.69 4.85
CA GLN V 321 -101.54 -28.60 6.07
C GLN V 321 -103.03 -28.83 5.83
N VAL V 322 -103.47 -28.89 4.58
CA VAL V 322 -104.89 -29.13 4.32
C VAL V 322 -105.27 -30.58 4.50
N LEU V 323 -104.29 -31.48 4.53
CA LEU V 323 -104.59 -32.91 4.70
C LEU V 323 -105.18 -33.18 6.07
N GLN V 324 -104.65 -32.53 7.11
CA GLN V 324 -105.20 -32.69 8.45
C GLN V 324 -106.62 -32.17 8.55
N LEU V 325 -106.98 -31.21 7.70
CA LEU V 325 -108.35 -30.71 7.65
C LEU V 325 -109.27 -31.61 6.82
N LEU V 326 -108.72 -32.25 5.79
CA LEU V 326 -109.55 -33.07 4.90
C LEU V 326 -109.99 -34.37 5.54
N LYS V 327 -109.32 -34.82 6.59
CA LYS V 327 -109.71 -36.04 7.28
C LYS V 327 -110.68 -35.74 8.42
N MET W 1 -33.59 13.16 1.37
CA MET W 1 -32.53 12.64 0.51
C MET W 1 -32.95 12.69 -0.95
N ARG W 2 -32.39 13.65 -1.68
CA ARG W 2 -32.67 13.80 -3.11
C ARG W 2 -31.59 13.09 -3.90
N ILE W 3 -32.00 12.24 -4.83
CA ILE W 3 -31.09 11.34 -5.52
C ILE W 3 -30.75 11.83 -6.92
N ASN W 4 -31.70 12.46 -7.62
CA ASN W 4 -31.48 12.86 -8.99
C ASN W 4 -30.37 13.88 -9.16
N HIS W 5 -29.94 14.53 -8.09
CA HIS W 5 -28.86 15.51 -8.18
C HIS W 5 -28.03 15.43 -6.91
N ASN W 6 -26.72 15.35 -7.08
CA ASN W 6 -25.78 15.30 -5.97
C ASN W 6 -25.04 16.63 -5.93
N ILE W 7 -25.63 17.61 -5.25
CA ILE W 7 -25.04 18.93 -5.19
C ILE W 7 -23.72 18.91 -4.45
N ALA W 8 -23.57 18.01 -3.48
CA ALA W 8 -22.31 17.89 -2.76
C ALA W 8 -21.19 17.46 -3.70
N ALA W 9 -21.47 16.49 -4.57
CA ALA W 9 -20.46 16.06 -5.55
C ALA W 9 -20.31 17.06 -6.69
N LEU W 10 -21.42 17.69 -7.11
CA LEU W 10 -21.33 18.68 -8.17
C LEU W 10 -20.53 19.90 -7.72
N ASN W 11 -20.66 20.30 -6.47
CA ASN W 11 -19.85 21.39 -5.95
C ASN W 11 -18.38 21.01 -5.85
N THR W 12 -18.11 19.77 -5.43
CA THR W 12 -16.73 19.32 -5.32
C THR W 12 -16.06 19.20 -6.68
N SER W 13 -16.84 18.93 -7.73
CA SER W 13 -16.27 18.85 -9.07
C SER W 13 -15.70 20.19 -9.51
N ARG W 14 -16.41 21.28 -9.21
CA ARG W 14 -15.93 22.60 -9.60
C ARG W 14 -14.64 22.95 -8.90
N GLN W 15 -14.54 22.65 -7.60
CA GLN W 15 -13.28 22.86 -6.90
C GLN W 15 -12.20 21.93 -7.41
N LEU W 16 -12.58 20.76 -7.93
CA LEU W 16 -11.61 19.88 -8.55
C LEU W 16 -11.08 20.48 -9.84
N ASN W 17 -11.97 21.01 -10.68
CA ASN W 17 -11.52 21.75 -11.87
C ASN W 17 -11.32 23.21 -11.56
N ALA W 18 -10.67 23.52 -10.45
CA ALA W 18 -10.17 24.85 -10.15
C ALA W 18 -8.80 24.84 -9.50
N GLY W 19 -8.35 23.72 -8.96
CA GLY W 19 -7.01 23.57 -8.44
C GLY W 19 -6.16 22.87 -9.47
N SER W 20 -6.80 22.05 -10.31
CA SER W 20 -6.10 21.48 -11.45
C SER W 20 -5.68 22.56 -12.43
N ASN W 21 -6.57 23.52 -12.70
CA ASN W 21 -6.21 24.63 -13.58
C ASN W 21 -5.07 25.45 -12.98
N ALA W 22 -5.14 25.72 -11.68
CA ALA W 22 -4.08 26.49 -11.04
C ALA W 22 -2.77 25.74 -11.06
N ALA W 23 -2.80 24.42 -10.84
CA ALA W 23 -1.57 23.63 -10.90
C ALA W 23 -1.01 23.60 -12.30
N SER W 24 -1.88 23.52 -13.32
CA SER W 24 -1.41 23.56 -14.69
C SER W 24 -0.75 24.89 -15.01
N LYS W 25 -1.35 26.00 -14.55
CA LYS W 25 -0.75 27.30 -14.75
C LYS W 25 0.57 27.42 -14.03
N ASN W 26 0.67 26.84 -12.83
CA ASN W 26 1.92 26.91 -12.07
C ASN W 26 3.01 26.08 -12.74
N MET W 27 2.64 24.97 -13.36
CA MET W 27 3.63 24.12 -14.00
C MET W 27 4.11 24.70 -15.33
N GLU W 28 3.30 25.54 -15.98
CA GLU W 28 3.78 26.25 -17.15
C GLU W 28 4.93 27.17 -16.78
N LYS W 29 4.78 27.91 -15.68
CA LYS W 29 5.84 28.81 -15.23
C LYS W 29 7.08 28.03 -14.83
N LEU W 30 6.89 26.92 -14.12
CA LEU W 30 8.03 26.15 -13.63
C LEU W 30 8.82 25.54 -14.78
N SER W 31 8.14 25.02 -15.80
CA SER W 31 8.83 24.43 -16.93
C SER W 31 9.55 25.48 -17.75
N SER W 32 8.85 26.56 -18.11
CA SER W 32 9.45 27.58 -18.96
C SER W 32 10.42 28.47 -18.20
N GLY W 33 10.21 28.66 -16.91
CA GLY W 33 11.01 29.59 -16.15
C GLY W 33 10.60 31.03 -16.27
N LEU W 34 9.43 31.31 -16.85
CA LEU W 34 8.98 32.67 -17.07
C LEU W 34 7.64 32.91 -16.36
N ARG W 35 7.54 34.06 -15.70
CA ARG W 35 6.27 34.44 -15.10
C ARG W 35 5.22 34.68 -16.17
N ILE W 36 5.58 35.38 -17.23
CA ILE W 36 4.64 35.82 -18.25
C ILE W 36 4.85 34.94 -19.47
N ASN W 37 4.03 33.90 -19.62
CA ASN W 37 4.00 33.11 -20.84
C ASN W 37 2.97 33.68 -21.81
N ARG W 38 1.72 33.74 -21.38
CA ARG W 38 0.66 34.41 -22.12
C ARG W 38 0.64 35.89 -21.76
N ALA W 39 -0.08 36.67 -22.55
CA ALA W 39 -0.23 38.08 -22.26
C ALA W 39 -1.21 38.34 -21.14
N GLY W 40 -2.00 37.34 -20.74
CA GLY W 40 -2.94 37.52 -19.66
C GLY W 40 -2.35 37.45 -18.27
N ASP W 41 -1.11 36.98 -18.16
CA ASP W 41 -0.45 36.96 -16.86
C ASP W 41 0.01 38.34 -16.43
N ASP W 42 0.47 39.16 -17.38
CA ASP W 42 0.79 40.56 -17.10
C ASP W 42 0.79 41.30 -18.44
N ALA W 43 -0.21 42.15 -18.65
CA ALA W 43 -0.26 42.95 -19.87
C ALA W 43 0.88 43.96 -19.89
N ALA W 44 1.01 44.76 -18.85
CA ALA W 44 2.11 45.71 -18.76
C ALA W 44 3.44 44.99 -18.61
N GLY W 45 3.45 43.83 -17.94
CA GLY W 45 4.67 43.05 -17.87
C GLY W 45 5.11 42.55 -19.23
N LEU W 46 4.16 42.10 -20.05
CA LEU W 46 4.49 41.70 -21.41
C LEU W 46 5.00 42.90 -22.21
N ALA W 47 4.33 44.04 -22.10
CA ALA W 47 4.73 45.20 -22.88
C ALA W 47 6.13 45.68 -22.49
N ILE W 48 6.39 45.79 -21.19
CA ILE W 48 7.68 46.29 -20.71
C ILE W 48 8.79 45.32 -21.09
N SER W 49 8.51 44.02 -20.96
CA SER W 49 9.52 43.01 -21.25
C SER W 49 10.01 43.11 -22.69
N GLU W 50 9.09 43.17 -23.65
CA GLU W 50 9.47 43.20 -25.05
C GLU W 50 10.29 44.44 -25.39
N LYS W 51 9.90 45.59 -24.86
CA LYS W 51 10.72 46.78 -25.00
C LYS W 51 12.10 46.52 -24.41
N MET W 52 12.14 45.90 -23.23
CA MET W 52 13.40 45.60 -22.57
C MET W 52 14.26 44.66 -23.40
N ARG W 53 13.69 43.54 -23.85
CA ARG W 53 14.44 42.57 -24.64
C ARG W 53 14.99 43.23 -25.90
N SER W 54 14.14 44.00 -26.59
CA SER W 54 14.57 44.72 -27.79
C SER W 54 15.76 45.60 -27.50
N GLN W 55 15.72 46.29 -26.35
CA GLN W 55 16.82 47.17 -25.98
C GLN W 55 18.06 46.37 -25.58
N ILE W 56 17.88 45.27 -24.85
CA ILE W 56 19.02 44.48 -24.41
C ILE W 56 19.71 43.85 -25.61
N ARG W 57 18.96 43.26 -26.52
CA ARG W 57 19.56 42.70 -27.72
C ARG W 57 20.07 43.78 -28.65
N GLY W 58 19.76 45.03 -28.41
CA GLY W 58 20.31 46.13 -29.17
C GLY W 58 21.63 46.60 -28.59
N LEU W 59 21.69 46.75 -27.26
CA LEU W 59 22.93 47.20 -26.64
C LEU W 59 24.02 46.15 -26.72
N ASP W 60 23.66 44.86 -26.68
CA ASP W 60 24.69 43.85 -26.83
C ASP W 60 25.14 43.72 -28.28
N MET W 61 24.29 44.10 -29.23
CA MET W 61 24.71 44.16 -30.61
C MET W 61 25.40 45.47 -30.95
N ALA W 62 24.91 46.58 -30.40
CA ALA W 62 25.61 47.84 -30.53
C ALA W 62 26.95 47.84 -29.84
N SER W 63 27.19 46.91 -28.93
CA SER W 63 28.52 46.71 -28.38
C SER W 63 29.43 45.96 -29.33
N LYS W 64 28.87 45.18 -30.26
CA LYS W 64 29.68 44.61 -31.32
C LYS W 64 30.06 45.66 -32.34
N ASN W 65 29.13 46.55 -32.69
CA ASN W 65 29.43 47.63 -33.62
C ASN W 65 30.51 48.53 -33.06
N ALA W 66 30.43 48.84 -31.76
CA ALA W 66 31.46 49.67 -31.14
C ALA W 66 32.82 48.98 -31.19
N GLN W 67 32.84 47.67 -31.07
CA GLN W 67 34.11 46.94 -31.14
C GLN W 67 34.55 46.66 -32.56
N ASP W 68 33.62 46.59 -33.51
CA ASP W 68 33.99 46.54 -34.91
C ASP W 68 34.44 47.89 -35.44
N GLY W 69 34.22 48.96 -34.69
CA GLY W 69 34.74 50.25 -35.06
C GLY W 69 36.08 50.47 -34.38
N ILE W 70 36.29 49.84 -33.24
CA ILE W 70 37.59 49.87 -32.60
C ILE W 70 38.61 49.16 -33.46
N SER W 71 38.20 48.06 -34.11
CA SER W 71 39.10 47.34 -35.00
C SER W 71 39.37 48.14 -36.26
N LEU W 72 38.33 48.78 -36.81
CA LEU W 72 38.53 49.60 -38.00
C LEU W 72 39.46 50.76 -37.74
N ILE W 73 39.47 51.26 -36.52
CA ILE W 73 40.30 52.41 -36.17
C ILE W 73 41.71 51.99 -35.81
N GLN W 74 41.86 50.84 -35.15
CA GLN W 74 43.19 50.33 -34.86
C GLN W 74 43.95 50.02 -36.14
N THR W 75 43.24 49.55 -37.17
CA THR W 75 43.89 49.28 -38.45
C THR W 75 44.44 50.56 -39.08
N SER W 76 43.67 51.64 -39.02
CA SER W 76 44.12 52.89 -39.64
C SER W 76 45.33 53.46 -38.91
N GLU W 77 45.25 53.59 -37.59
CA GLU W 77 46.39 54.15 -36.87
C GLU W 77 47.55 53.18 -36.85
N GLY W 78 47.29 51.88 -36.92
CA GLY W 78 48.37 50.94 -37.10
C GLY W 78 49.11 51.17 -38.40
N ALA W 79 48.38 51.53 -39.45
CA ALA W 79 49.02 51.85 -40.73
C ALA W 79 49.81 53.15 -40.65
N LEU W 80 49.20 54.23 -40.07
CA LEU W 80 49.93 55.47 -39.93
C LEU W 80 51.09 55.36 -38.96
N ASN W 81 51.16 54.29 -38.18
CA ASN W 81 52.34 54.06 -37.37
C ASN W 81 53.57 53.93 -38.23
N GLU W 82 53.43 53.45 -39.46
CA GLU W 82 54.55 53.27 -40.35
C GLU W 82 54.79 54.46 -41.24
N THR W 83 53.74 55.18 -41.63
CA THR W 83 53.98 56.45 -42.29
C THR W 83 54.77 57.39 -41.42
N HIS W 84 54.74 57.21 -40.12
CA HIS W 84 55.61 57.99 -39.27
C HIS W 84 57.06 57.57 -39.41
N SER W 85 57.33 56.28 -39.50
CA SER W 85 58.70 55.83 -39.59
C SER W 85 59.30 56.12 -40.94
N ILE W 86 58.48 56.04 -41.96
CA ILE W 86 58.98 56.38 -43.28
C ILE W 86 59.26 57.88 -43.36
N LEU W 87 58.35 58.70 -42.85
CA LEU W 87 58.59 60.13 -42.81
C LEU W 87 59.77 60.47 -41.92
N GLN W 88 60.03 59.66 -40.90
CA GLN W 88 61.16 59.93 -40.03
C GLN W 88 62.48 59.64 -40.73
N ARG W 89 62.55 58.50 -41.42
CA ARG W 89 63.71 58.20 -42.25
C ARG W 89 63.83 59.16 -43.40
N MET W 90 62.70 59.57 -43.97
CA MET W 90 62.71 60.51 -45.08
C MET W 90 63.25 61.86 -44.67
N SER W 91 63.30 62.15 -43.39
CA SER W 91 63.85 63.41 -42.91
C SER W 91 65.36 63.35 -42.67
N GLU W 92 65.91 62.17 -42.44
CA GLU W 92 67.37 62.03 -42.43
C GLU W 92 67.94 62.19 -43.81
N LEU W 93 67.25 61.69 -44.83
CA LEU W 93 67.70 61.94 -46.20
C LEU W 93 67.24 63.29 -46.68
N ALA W 94 67.33 64.30 -45.83
CA ALA W 94 67.33 65.69 -46.25
C ALA W 94 68.28 66.53 -45.42
N THR W 95 68.69 66.05 -44.24
CA THR W 95 69.78 66.66 -43.51
C THR W 95 71.12 66.19 -44.05
N GLN W 96 71.14 65.01 -44.64
CA GLN W 96 72.35 64.52 -45.28
C GLN W 96 72.50 65.12 -46.67
N ALA W 97 71.39 65.28 -47.39
CA ALA W 97 71.42 65.88 -48.71
C ALA W 97 71.65 67.37 -48.69
N ALA W 98 71.43 68.03 -47.57
CA ALA W 98 71.65 69.46 -47.47
C ALA W 98 73.11 69.81 -47.26
N ASN W 99 73.92 68.89 -46.75
CA ASN W 99 75.34 69.13 -46.61
C ASN W 99 75.98 69.28 -47.98
N ASP W 100 76.95 70.18 -48.08
CA ASP W 100 77.56 70.50 -49.36
C ASP W 100 78.85 69.73 -49.61
N THR W 101 79.18 68.76 -48.77
CA THR W 101 80.20 67.79 -49.13
C THR W 101 79.66 66.75 -50.09
N ASN W 102 78.35 66.59 -50.17
CA ASN W 102 77.75 65.74 -51.19
C ASN W 102 77.91 66.37 -52.55
N THR W 103 78.00 65.52 -53.57
CA THR W 103 77.92 65.97 -54.95
C THR W 103 76.58 65.60 -55.54
N ASP W 104 76.28 66.14 -56.72
CA ASP W 104 75.02 65.82 -57.37
C ASP W 104 74.93 64.34 -57.70
N SER W 105 76.07 63.69 -57.92
CA SER W 105 76.08 62.24 -58.10
C SER W 105 75.62 61.52 -56.84
N ASP W 106 75.73 62.15 -55.67
CA ASP W 106 75.33 61.56 -54.41
C ASP W 106 74.03 62.10 -53.87
N ARG W 107 73.67 63.34 -54.20
CA ARG W 107 72.33 63.81 -53.89
C ARG W 107 71.30 63.04 -54.71
N SER W 108 71.56 62.87 -56.00
CA SER W 108 70.71 62.02 -56.82
C SER W 108 70.80 60.57 -56.38
N GLU W 109 71.86 60.23 -55.66
CA GLU W 109 71.97 58.89 -55.13
C GLU W 109 71.02 58.71 -53.95
N LEU W 110 70.91 59.75 -53.11
CA LEU W 110 69.92 59.76 -52.04
C LEU W 110 68.50 59.84 -52.58
N GLN W 111 68.31 60.51 -53.71
CA GLN W 111 66.99 60.65 -54.28
C GLN W 111 66.39 59.30 -54.63
N LYS W 112 67.23 58.29 -54.86
CA LYS W 112 66.72 56.96 -55.16
C LYS W 112 65.90 56.41 -53.99
N GLU W 113 66.38 56.60 -52.77
CA GLU W 113 65.60 56.20 -51.60
C GLU W 113 64.49 57.19 -51.30
N MET W 114 64.69 58.46 -51.63
CA MET W 114 63.63 59.46 -51.53
C MET W 114 62.40 59.01 -52.30
N ASP W 115 62.58 58.63 -53.56
CA ASP W 115 61.45 58.20 -54.38
C ASP W 115 60.91 56.85 -53.96
N GLN W 116 61.72 56.03 -53.31
CA GLN W 116 61.26 54.72 -52.87
C GLN W 116 60.52 54.80 -51.55
N LEU W 117 60.91 55.73 -50.68
CA LEU W 117 60.16 55.94 -49.45
C LEU W 117 58.84 56.64 -49.75
N ALA W 118 58.86 57.66 -50.60
CA ALA W 118 57.64 58.37 -50.94
C ALA W 118 56.66 57.48 -51.69
N SER W 119 57.15 56.47 -52.40
CA SER W 119 56.28 55.53 -53.07
C SER W 119 55.72 54.47 -52.14
N GLU W 120 56.29 54.32 -50.95
CA GLU W 120 55.75 53.42 -49.95
C GLU W 120 54.71 54.10 -49.07
N VAL W 121 54.88 55.40 -48.83
CA VAL W 121 53.85 56.18 -48.15
C VAL W 121 52.55 56.12 -48.94
N THR W 122 52.65 56.23 -50.26
CA THR W 122 51.46 56.13 -51.09
C THR W 122 50.87 54.72 -51.07
N ARG W 123 51.71 53.70 -50.99
CA ARG W 123 51.20 52.34 -50.96
C ARG W 123 50.36 52.10 -49.72
N ILE W 124 50.82 52.58 -48.58
CA ILE W 124 50.08 52.36 -47.34
C ILE W 124 48.70 52.99 -47.42
N SER W 125 48.60 54.15 -48.05
CA SER W 125 47.30 54.81 -48.16
C SER W 125 46.35 54.01 -49.05
N THR W 126 46.82 53.55 -50.20
CA THR W 126 45.95 52.86 -51.13
C THR W 126 45.79 51.38 -50.82
N ASP W 127 46.62 50.81 -49.96
CA ASP W 127 46.54 49.39 -49.65
C ASP W 127 45.88 49.10 -48.31
N THR W 128 45.97 50.00 -47.35
CA THR W 128 45.35 49.78 -46.06
C THR W 128 43.86 49.64 -46.22
N GLU W 129 43.34 48.46 -45.88
CA GLU W 129 41.95 48.13 -46.18
C GLU W 129 41.39 47.26 -45.07
N PHE W 130 40.41 47.79 -44.35
CA PHE W 130 39.62 47.01 -43.43
C PHE W 130 38.35 46.58 -44.13
N ASN W 131 38.00 45.30 -43.97
CA ASN W 131 36.85 44.71 -44.67
C ASN W 131 37.16 44.91 -46.15
N THR W 132 36.36 45.64 -46.90
CA THR W 132 36.68 46.04 -48.26
C THR W 132 36.69 47.56 -48.42
N LYS W 133 37.08 48.27 -47.35
CA LYS W 133 37.07 49.72 -47.32
C LYS W 133 38.49 50.24 -47.28
N LYS W 134 38.83 51.13 -48.21
CA LYS W 134 40.12 51.79 -48.19
C LYS W 134 40.03 52.94 -47.19
N LEU W 135 40.81 52.85 -46.12
CA LEU W 135 40.66 53.80 -45.02
C LEU W 135 41.41 55.09 -45.28
N LEU W 136 42.66 55.01 -45.71
CA LEU W 136 43.54 56.15 -45.75
C LEU W 136 43.61 56.82 -47.11
N ASP W 137 42.74 56.46 -48.04
CA ASP W 137 42.76 57.06 -49.38
C ASP W 137 41.76 58.19 -49.52
N GLY W 138 41.18 58.67 -48.43
CA GLY W 138 40.28 59.79 -48.48
C GLY W 138 38.85 59.44 -48.82
N THR W 139 38.52 58.16 -48.98
CA THR W 139 37.16 57.75 -49.27
C THR W 139 36.39 57.34 -48.03
N ALA W 140 37.08 57.05 -46.93
CA ALA W 140 36.41 56.67 -45.67
C ALA W 140 36.03 57.95 -44.93
N GLN W 141 34.90 58.51 -45.33
CA GLN W 141 34.38 59.72 -44.72
C GLN W 141 32.95 59.46 -44.25
N ASN W 142 32.57 60.12 -43.14
CA ASN W 142 31.23 60.01 -42.60
C ASN W 142 30.93 58.58 -42.15
N LEU W 143 31.94 57.86 -41.71
CA LEU W 143 31.75 56.52 -41.20
C LEU W 143 30.90 56.57 -39.94
N THR W 144 29.71 56.00 -40.01
CA THR W 144 28.74 56.07 -38.94
C THR W 144 28.70 54.74 -38.21
N PHE W 145 29.09 54.74 -36.94
CA PHE W 145 28.99 53.57 -36.08
C PHE W 145 27.74 53.70 -35.24
N GLN W 146 26.86 52.69 -35.33
CA GLN W 146 25.65 52.69 -34.52
C GLN W 146 26.03 52.19 -33.13
N ILE W 147 26.51 53.10 -32.30
CA ILE W 147 26.80 52.79 -30.91
C ILE W 147 25.58 53.13 -30.08
N GLY W 148 24.61 52.23 -30.06
CA GLY W 148 23.35 52.47 -29.40
C GLY W 148 22.26 51.69 -30.07
N ALA W 149 21.19 51.44 -29.34
CA ALA W 149 20.13 50.56 -29.81
C ALA W 149 19.03 51.28 -30.55
N ASN W 150 19.14 52.60 -30.74
CA ASN W 150 18.06 53.39 -31.31
C ASN W 150 18.58 54.24 -32.46
N GLU W 151 17.67 55.04 -33.04
CA GLU W 151 18.06 56.02 -34.04
C GLU W 151 18.99 57.09 -33.48
N GLY W 152 19.87 57.60 -34.33
CA GLY W 152 20.66 58.75 -33.99
C GLY W 152 21.66 58.52 -32.87
N GLN W 153 21.81 57.28 -32.42
CA GLN W 153 22.82 56.95 -31.42
C GLN W 153 24.09 56.47 -32.11
N THR W 154 24.60 57.37 -32.95
CA THR W 154 25.72 57.07 -33.83
C THR W 154 26.89 57.98 -33.51
N MET W 155 28.03 57.64 -34.11
CA MET W 155 29.22 58.47 -34.08
C MET W 155 29.81 58.51 -35.49
N SER W 156 30.15 59.70 -35.95
CA SER W 156 30.74 59.84 -37.27
C SER W 156 32.27 59.81 -37.16
N LEU W 157 32.91 59.67 -38.31
CA LEU W 157 34.36 59.65 -38.37
C LEU W 157 34.79 59.91 -39.80
N SER W 158 35.88 60.66 -39.96
CA SER W 158 36.37 60.97 -41.30
C SER W 158 37.89 60.95 -41.26
N ILE W 159 38.49 59.99 -41.93
CA ILE W 159 39.93 59.90 -42.05
C ILE W 159 40.35 60.55 -43.35
N ASN W 160 41.28 61.49 -43.26
CA ASN W 160 41.71 62.22 -44.44
C ASN W 160 42.66 61.39 -45.28
N LYS W 161 42.86 61.81 -46.52
CA LYS W 161 43.80 61.15 -47.40
C LYS W 161 45.22 61.37 -46.90
N MET W 162 45.96 60.28 -46.70
CA MET W 162 47.25 60.33 -46.04
C MET W 162 48.31 59.68 -46.92
N ASP W 163 48.33 60.05 -48.19
CA ASP W 163 49.35 59.59 -49.13
C ASP W 163 50.37 60.70 -49.34
N SER W 164 51.42 60.37 -50.09
CA SER W 164 52.52 61.31 -50.27
C SER W 164 52.07 62.57 -50.99
N GLU W 165 51.11 62.43 -51.92
CA GLU W 165 50.59 63.60 -52.62
C GLU W 165 49.92 64.55 -51.65
N SER W 166 49.14 64.01 -50.71
CA SER W 166 48.41 64.87 -49.78
C SER W 166 49.35 65.49 -48.75
N LEU W 167 50.30 64.73 -48.25
CA LEU W 167 51.29 65.27 -47.32
C LEU W 167 52.32 66.15 -48.01
N LYS W 168 52.32 66.19 -49.35
CA LYS W 168 53.23 67.01 -50.14
C LYS W 168 54.67 66.54 -50.04
N VAL W 169 54.89 65.27 -49.71
CA VAL W 169 56.22 64.69 -49.69
C VAL W 169 56.49 63.88 -50.95
N GLY W 170 55.67 64.04 -51.98
CA GLY W 170 55.86 63.28 -53.20
C GLY W 170 54.86 63.73 -54.23
N THR W 171 54.87 63.03 -55.36
CA THR W 171 53.92 63.31 -56.43
C THR W 171 53.76 62.05 -57.26
N THR W 172 52.53 61.78 -57.68
CA THR W 172 52.19 60.53 -58.35
C THR W 172 51.82 60.81 -59.79
N TYR W 173 52.65 60.36 -60.72
CA TYR W 173 52.35 60.41 -62.13
C TYR W 173 51.64 59.13 -62.55
N THR W 174 50.65 59.26 -63.41
CA THR W 174 50.00 58.10 -63.98
C THR W 174 50.23 58.08 -65.48
N ALA W 175 50.30 56.88 -66.03
CA ALA W 175 50.64 56.71 -67.44
C ALA W 175 49.39 56.87 -68.29
N ASN W 176 49.51 57.68 -69.34
CA ASN W 176 48.41 57.87 -70.26
C ASN W 176 48.14 56.57 -71.02
N ASP W 177 47.07 56.58 -71.82
CA ASP W 177 46.59 55.35 -72.45
C ASP W 177 47.64 54.73 -73.36
N ASP W 178 48.30 55.53 -74.17
CA ASP W 178 49.38 55.07 -75.04
C ASP W 178 50.67 54.82 -74.27
N GLY W 179 50.90 55.58 -73.20
CA GLY W 179 52.14 55.44 -72.43
C GLY W 179 53.22 56.37 -72.91
N SER W 180 52.84 57.34 -73.75
CA SER W 180 53.81 58.30 -74.26
C SER W 180 54.24 59.29 -73.18
N LYS W 181 53.29 59.76 -72.37
CA LYS W 181 53.56 60.81 -71.39
C LYS W 181 52.95 60.43 -70.06
N LEU W 182 53.78 60.40 -69.02
CA LEU W 182 53.29 60.23 -67.66
C LEU W 182 52.56 61.48 -67.22
N VAL W 183 51.35 61.31 -66.69
CA VAL W 183 50.48 62.42 -66.33
C VAL W 183 50.18 62.34 -64.85
N THR W 184 50.42 63.43 -64.14
CA THR W 184 50.00 63.52 -62.76
C THR W 184 48.66 64.27 -62.67
N ALA W 185 48.01 64.14 -61.52
CA ALA W 185 46.90 65.03 -61.23
C ALA W 185 47.40 66.47 -61.13
N ASP W 186 46.58 67.41 -61.61
CA ASP W 186 46.90 68.78 -61.93
C ASP W 186 47.61 68.82 -63.30
N GLY W 187 48.00 67.67 -63.85
CA GLY W 187 48.47 67.63 -65.22
C GLY W 187 49.87 68.15 -65.46
N LYS W 188 50.88 67.48 -64.91
CA LYS W 188 52.28 67.75 -65.23
C LYS W 188 52.77 66.63 -66.14
N GLU W 189 53.25 67.00 -67.33
CA GLU W 189 53.56 66.04 -68.37
C GLU W 189 54.96 65.49 -68.18
N ALA W 190 55.15 64.26 -68.67
CA ALA W 190 56.47 63.62 -68.66
C ALA W 190 56.55 62.71 -69.88
N THR W 191 57.10 63.22 -70.97
CA THR W 191 57.10 62.49 -72.23
C THR W 191 58.24 61.48 -72.28
N LEU W 192 58.02 60.41 -73.06
CA LEU W 192 58.98 59.33 -73.19
C LEU W 192 60.03 59.57 -74.27
N VAL W 193 61.23 59.00 -74.03
CA VAL W 193 62.44 59.10 -74.84
C VAL W 193 62.83 60.50 -75.29
N THR W 194 62.84 61.43 -74.34
CA THR W 194 63.09 62.83 -74.66
C THR W 194 64.30 63.47 -73.98
N LYS W 198 68.67 63.45 -76.93
CA LYS W 198 68.20 62.14 -76.47
C LYS W 198 68.61 61.92 -75.02
N GLY W 199 69.91 61.77 -74.79
CA GLY W 199 70.42 61.57 -73.46
C GLY W 199 70.01 60.23 -72.88
N PRO W 200 70.19 60.05 -71.58
CA PRO W 200 69.71 58.82 -70.92
C PRO W 200 68.22 58.66 -71.13
N ASN W 201 67.78 57.42 -71.26
CA ASN W 201 66.43 57.12 -71.72
C ASN W 201 65.46 57.05 -70.55
N GLY W 202 64.31 57.69 -70.72
CA GLY W 202 63.28 57.69 -69.69
C GLY W 202 62.21 58.72 -70.01
N TYR W 203 61.30 58.90 -69.05
CA TYR W 203 60.19 59.85 -69.18
C TYR W 203 60.69 61.22 -68.73
N TYR W 204 61.06 62.04 -69.69
CA TYR W 204 61.58 63.35 -69.34
C TYR W 204 60.45 64.35 -69.12
N ASP W 205 60.79 65.43 -68.42
CA ASP W 205 59.88 66.47 -68.03
C ASP W 205 60.19 67.71 -68.88
N ASP W 206 59.44 68.79 -68.69
CA ASP W 206 59.59 70.00 -69.50
C ASP W 206 60.87 70.76 -69.18
N ALA W 207 61.70 70.24 -68.29
CA ALA W 207 62.97 70.89 -67.95
C ALA W 207 64.16 69.96 -68.07
N ASP W 208 63.99 68.85 -68.80
CA ASP W 208 65.04 67.89 -69.13
C ASP W 208 65.39 67.09 -67.87
N LYS W 209 64.78 67.43 -66.74
CA LYS W 209 64.93 66.62 -65.54
C LYS W 209 64.24 65.28 -65.76
N LEU W 210 65.02 64.20 -65.73
CA LEU W 210 64.45 62.87 -65.83
C LEU W 210 63.49 62.63 -64.68
N VAL W 211 62.32 62.09 -65.00
CA VAL W 211 61.30 61.77 -64.01
C VAL W 211 61.29 60.28 -63.71
N TYR W 212 61.19 59.45 -64.73
CA TYR W 212 61.23 58.01 -64.59
C TYR W 212 62.30 57.43 -65.49
N GLN W 213 62.95 56.38 -65.02
CA GLN W 213 64.00 55.70 -65.78
C GLN W 213 63.40 54.44 -66.39
N ALA W 214 63.01 54.53 -67.66
CA ALA W 214 62.51 53.38 -68.39
C ALA W 214 62.79 53.60 -69.87
N ASP W 215 63.14 52.50 -70.55
CA ASP W 215 63.39 52.56 -71.98
C ASP W 215 62.21 52.12 -72.82
N SER W 216 61.40 51.17 -72.32
CA SER W 216 60.16 50.81 -72.97
C SER W 216 59.07 51.81 -72.58
N ALA W 217 57.82 51.50 -72.90
CA ALA W 217 56.72 52.37 -72.55
C ALA W 217 55.93 51.71 -71.44
N LEU W 218 55.61 52.47 -70.39
CA LEU W 218 54.84 51.93 -69.28
C LEU W 218 53.45 51.53 -69.75
N ALA W 219 52.86 50.58 -69.02
CA ALA W 219 51.53 50.09 -69.36
C ALA W 219 50.49 51.17 -69.05
N LYS W 220 49.23 50.83 -69.23
CA LYS W 220 48.13 51.77 -69.08
C LYS W 220 47.73 51.87 -67.61
N ASP W 221 47.57 53.10 -67.13
CA ASP W 221 47.23 53.38 -65.73
C ASP W 221 48.23 52.74 -64.76
N THR W 222 49.51 52.86 -65.08
CA THR W 222 50.55 52.51 -64.12
C THR W 222 51.03 53.77 -63.43
N LYS W 223 50.91 53.81 -62.12
CA LYS W 223 51.29 54.97 -61.34
C LYS W 223 52.73 54.86 -60.89
N VAL W 224 53.45 55.97 -60.97
CA VAL W 224 54.78 56.08 -60.40
C VAL W 224 54.77 57.23 -59.41
N THR W 225 55.47 57.05 -58.30
CA THR W 225 55.57 58.08 -57.27
C THR W 225 57.00 58.58 -57.19
N LYS W 226 57.15 59.90 -57.19
CA LYS W 226 58.46 60.53 -57.22
C LYS W 226 58.57 61.40 -55.98
N GLY W 227 59.63 61.20 -55.21
CA GLY W 227 59.78 61.91 -53.94
C GLY W 227 60.00 63.39 -54.14
N ILE W 228 59.93 64.11 -53.02
CA ILE W 228 60.15 65.55 -53.07
C ILE W 228 61.62 65.81 -53.43
N ASP W 229 61.85 66.92 -54.11
CA ASP W 229 63.17 67.20 -54.69
C ASP W 229 64.17 67.51 -53.59
N ILE W 230 65.19 66.67 -53.46
CA ILE W 230 66.33 66.93 -52.59
C ILE W 230 67.65 66.87 -53.33
N SER W 231 67.64 66.52 -54.62
CA SER W 231 68.87 66.26 -55.34
C SER W 231 69.28 67.41 -56.26
N SER W 232 68.42 68.39 -56.48
CA SER W 232 68.76 69.48 -57.38
C SER W 232 69.80 70.42 -56.79
N SER W 233 69.82 70.58 -55.48
CA SER W 233 70.73 71.53 -54.83
C SER W 233 70.71 71.26 -53.34
N ALA W 234 71.60 71.95 -52.63
CA ALA W 234 71.55 71.94 -51.17
C ALA W 234 70.42 72.81 -50.64
N LYS W 235 70.12 73.90 -51.35
CA LYS W 235 68.98 74.74 -50.95
C LYS W 235 67.67 73.97 -51.07
N ALA W 236 67.51 73.19 -52.13
CA ALA W 236 66.30 72.41 -52.30
C ALA W 236 66.15 71.37 -51.21
N ALA W 237 67.25 70.71 -50.83
CA ALA W 237 67.19 69.71 -49.78
C ALA W 237 66.80 70.35 -48.45
N SER W 238 67.32 71.54 -48.16
CA SER W 238 66.89 72.25 -46.95
C SER W 238 65.42 72.61 -47.03
N SER W 239 64.95 73.03 -48.19
CA SER W 239 63.54 73.37 -48.34
C SER W 239 62.66 72.16 -48.06
N ALA W 240 63.06 70.99 -48.53
CA ALA W 240 62.31 69.77 -48.25
C ALA W 240 62.28 69.42 -46.77
N LEU W 241 63.18 69.99 -45.97
CA LEU W 241 63.20 69.66 -44.55
C LEU W 241 61.94 70.14 -43.84
N THR W 242 61.51 71.37 -44.10
CA THR W 242 60.26 71.85 -43.50
C THR W 242 59.06 71.12 -44.06
N THR W 243 59.07 70.80 -45.35
CA THR W 243 57.96 70.06 -45.93
C THR W 243 57.81 68.70 -45.28
N ILE W 244 58.93 68.02 -45.03
CA ILE W 244 58.86 66.72 -44.39
C ILE W 244 58.44 66.84 -42.94
N LYS W 245 59.02 67.80 -42.22
CA LYS W 245 58.70 67.93 -40.80
C LYS W 245 57.28 68.41 -40.58
N THR W 246 56.69 69.09 -41.57
CA THR W 246 55.29 69.44 -41.49
C THR W 246 54.42 68.23 -41.75
N ALA W 247 54.83 67.36 -42.67
CA ALA W 247 54.08 66.14 -42.93
C ALA W 247 54.01 65.26 -41.69
N ILE W 248 55.09 65.22 -40.92
CA ILE W 248 55.05 64.51 -39.65
C ILE W 248 54.03 65.13 -38.71
N ASP W 249 53.81 66.44 -38.84
CA ASP W 249 52.83 67.11 -37.99
C ASP W 249 51.41 66.78 -38.38
N THR W 250 51.12 66.72 -39.68
CA THR W 250 49.78 66.38 -40.13
C THR W 250 49.51 64.89 -40.11
N VAL W 251 50.51 64.07 -39.83
CA VAL W 251 50.27 62.67 -39.56
C VAL W 251 49.99 62.44 -38.08
N SER W 252 50.74 63.14 -37.22
CA SER W 252 50.46 63.08 -35.79
C SER W 252 49.07 63.61 -35.48
N SER W 253 48.61 64.61 -36.22
CA SER W 253 47.24 65.10 -36.04
C SER W 253 46.23 64.03 -36.39
N GLU W 254 46.46 63.30 -37.49
CA GLU W 254 45.52 62.26 -37.89
C GLU W 254 45.56 61.10 -36.92
N ARG W 255 46.73 60.73 -36.42
CA ARG W 255 46.82 59.58 -35.53
C ARG W 255 46.05 59.79 -34.24
N ALA W 256 46.10 60.98 -33.66
CA ALA W 256 45.38 61.23 -32.43
C ALA W 256 43.96 61.71 -32.65
N LYS W 257 43.60 62.08 -33.88
CA LYS W 257 42.19 62.16 -34.21
C LYS W 257 41.55 60.80 -34.24
N LEU W 258 42.34 59.75 -34.46
CA LEU W 258 41.85 58.38 -34.41
C LEU W 258 42.11 57.72 -33.07
N GLY W 259 43.06 58.21 -32.30
CA GLY W 259 43.26 57.70 -30.97
C GLY W 259 42.25 58.28 -30.01
N ALA W 260 41.75 59.47 -30.33
CA ALA W 260 40.70 60.07 -29.53
C ALA W 260 39.38 59.32 -29.69
N VAL W 261 39.06 58.93 -30.92
CA VAL W 261 37.84 58.17 -31.15
C VAL W 261 37.92 56.80 -30.51
N GLN W 262 39.10 56.18 -30.55
CA GLN W 262 39.23 54.85 -29.97
C GLN W 262 39.12 54.90 -28.46
N ASN W 263 39.66 55.95 -27.83
CA ASN W 263 39.47 56.11 -26.39
C ASN W 263 38.01 56.29 -26.05
N ARG W 264 37.28 57.08 -26.84
CA ARG W 264 35.85 57.25 -26.61
C ARG W 264 35.11 55.93 -26.76
N LEU W 265 35.44 55.16 -27.80
CA LEU W 265 34.76 53.89 -28.03
C LEU W 265 35.06 52.88 -26.94
N GLU W 266 36.17 53.02 -26.23
CA GLU W 266 36.43 52.14 -25.10
C GLU W 266 35.55 52.49 -23.91
N HIS W 267 35.22 53.77 -23.74
CA HIS W 267 34.26 54.16 -22.71
C HIS W 267 32.84 53.80 -23.12
N THR W 268 32.52 53.91 -24.41
CA THR W 268 31.20 53.52 -24.88
C THR W 268 30.93 52.05 -24.68
N ILE W 269 31.96 51.22 -24.74
CA ILE W 269 31.76 49.78 -24.58
C ILE W 269 31.48 49.42 -23.12
N ASN W 270 32.22 50.01 -22.19
CA ASN W 270 31.94 49.75 -20.77
C ASN W 270 30.54 50.22 -20.38
N ASN W 271 30.11 51.35 -20.93
CA ASN W 271 28.79 51.86 -20.60
C ASN W 271 27.69 51.05 -21.26
N LEU W 272 27.93 50.57 -22.48
CA LEU W 272 26.96 49.68 -23.12
C LEU W 272 26.91 48.34 -22.41
N GLY W 273 28.05 47.82 -21.97
CA GLY W 273 28.05 46.58 -21.22
C GLY W 273 27.39 46.70 -19.86
N THR W 274 27.59 47.82 -19.18
CA THR W 274 26.93 48.04 -17.90
C THR W 274 25.43 48.21 -18.06
N SER W 275 24.99 48.85 -19.13
CA SER W 275 23.56 49.05 -19.35
C SER W 275 22.85 47.78 -19.79
N SER W 276 23.56 46.77 -20.26
CA SER W 276 22.92 45.51 -20.55
C SER W 276 22.68 44.70 -19.28
N GLU W 277 23.65 44.68 -18.38
CA GLU W 277 23.47 43.99 -17.11
C GLU W 277 22.34 44.63 -16.31
N ASN W 278 22.30 45.95 -16.26
CA ASN W 278 21.28 46.63 -15.49
C ASN W 278 19.90 46.42 -16.10
N LEU W 279 19.83 46.23 -17.42
CA LEU W 279 18.55 45.97 -18.06
C LEU W 279 18.24 44.48 -18.10
N THR W 280 19.24 43.62 -18.21
CA THR W 280 19.00 42.19 -18.13
C THR W 280 18.44 41.83 -16.77
N SER W 281 19.04 42.37 -15.71
CA SER W 281 18.51 42.13 -14.37
C SER W 281 17.13 42.75 -14.22
N ALA W 282 16.91 43.93 -14.81
CA ALA W 282 15.60 44.56 -14.74
C ALA W 282 14.54 43.72 -15.43
N GLU W 283 14.88 43.16 -16.59
CA GLU W 283 13.91 42.35 -17.33
C GLU W 283 13.68 41.00 -16.67
N SER W 284 14.71 40.44 -16.03
CA SER W 284 14.52 39.16 -15.37
C SER W 284 13.53 39.25 -14.22
N ARG W 285 13.59 40.34 -13.45
CA ARG W 285 12.63 40.52 -12.37
C ARG W 285 11.21 40.62 -12.88
N ILE W 286 11.02 41.27 -14.03
CA ILE W 286 9.68 41.42 -14.58
C ILE W 286 9.20 40.11 -15.19
N ARG W 287 10.08 39.39 -15.89
CA ARG W 287 9.67 38.28 -16.73
C ARG W 287 9.94 36.92 -16.09
N ASP W 288 11.14 36.69 -15.58
CA ASP W 288 11.48 35.38 -15.05
C ASP W 288 10.69 35.08 -13.78
N VAL W 289 10.46 33.81 -13.53
CA VAL W 289 9.69 33.36 -12.38
C VAL W 289 10.66 33.07 -11.23
N ASP W 290 10.14 33.17 -10.01
CA ASP W 290 10.90 32.79 -8.83
C ASP W 290 10.67 31.30 -8.59
N MET W 291 11.73 30.51 -8.74
CA MET W 291 11.58 29.06 -8.65
C MET W 291 11.06 28.64 -7.28
N ALA W 292 11.59 29.25 -6.22
CA ALA W 292 11.17 28.88 -4.87
C ALA W 292 9.72 29.25 -4.63
N SER W 293 9.35 30.49 -4.91
CA SER W 293 8.00 30.95 -4.64
C SER W 293 6.96 30.31 -5.54
N GLU W 294 7.37 29.65 -6.62
CA GLU W 294 6.46 29.02 -7.55
C GLU W 294 6.33 27.52 -7.31
N MET W 295 7.42 26.85 -6.99
CA MET W 295 7.35 25.44 -6.63
C MET W 295 6.52 25.25 -5.36
N MET W 296 6.69 26.15 -4.40
CA MET W 296 5.89 26.09 -3.18
C MET W 296 4.41 26.33 -3.46
N GLU W 297 4.10 27.18 -4.44
CA GLU W 297 2.71 27.41 -4.78
C GLU W 297 2.14 26.27 -5.62
N TYR W 298 2.97 25.66 -6.47
CA TYR W 298 2.51 24.52 -7.25
C TYR W 298 2.13 23.36 -6.34
N THR W 299 2.94 23.10 -5.32
CA THR W 299 2.64 22.01 -4.39
C THR W 299 1.33 22.25 -3.66
N LYS W 300 1.02 23.50 -3.34
CA LYS W 300 -0.23 23.79 -2.63
C LYS W 300 -1.44 23.39 -3.47
N ASN W 301 -1.53 23.89 -4.70
CA ASN W 301 -2.64 23.51 -5.56
C ASN W 301 -2.60 22.04 -5.93
N ASN W 302 -1.42 21.44 -5.92
CA ASN W 302 -1.33 20.01 -6.16
C ASN W 302 -1.86 19.20 -4.99
N ILE W 303 -1.99 19.81 -3.82
CA ILE W 303 -2.63 19.14 -2.69
C ILE W 303 -4.11 19.46 -2.62
N LEU W 304 -4.48 20.72 -2.88
CA LEU W 304 -5.88 21.10 -2.87
C LEU W 304 -6.71 20.32 -3.87
N THR W 305 -6.10 19.86 -4.96
CA THR W 305 -6.81 19.01 -5.91
C THR W 305 -6.94 17.59 -5.41
N GLN W 306 -5.98 17.09 -4.62
CA GLN W 306 -6.12 15.77 -4.03
C GLN W 306 -7.11 15.78 -2.88
N ALA W 307 -7.18 16.88 -2.14
CA ALA W 307 -8.20 17.01 -1.11
C ALA W 307 -9.60 16.98 -1.71
N SER W 308 -9.78 17.70 -2.82
CA SER W 308 -11.06 17.65 -3.53
C SER W 308 -11.29 16.29 -4.17
N GLN W 309 -10.21 15.65 -4.64
CA GLN W 309 -10.33 14.30 -5.17
C GLN W 309 -10.79 13.33 -4.10
N ALA W 310 -10.22 13.43 -2.90
CA ALA W 310 -10.57 12.52 -1.83
C ALA W 310 -12.02 12.71 -1.40
N MET W 311 -12.48 13.95 -1.31
CA MET W 311 -13.86 14.20 -0.87
C MET W 311 -14.87 13.93 -1.96
N LEU W 312 -14.48 14.00 -3.23
CA LEU W 312 -15.40 13.66 -4.31
C LEU W 312 -15.78 12.19 -4.24
N ALA W 313 -14.83 11.32 -3.89
CA ALA W 313 -15.14 9.90 -3.75
C ALA W 313 -16.18 9.67 -2.68
N GLN W 314 -16.04 10.34 -1.54
CA GLN W 314 -17.03 10.18 -0.47
C GLN W 314 -18.36 10.84 -0.83
N ALA W 315 -18.32 11.92 -1.60
CA ALA W 315 -19.55 12.59 -2.00
C ALA W 315 -20.44 11.68 -2.83
N ASN W 316 -19.85 10.77 -3.60
CA ASN W 316 -20.64 9.83 -4.38
C ASN W 316 -21.20 8.71 -3.53
N GLN W 317 -20.53 8.39 -2.41
CA GLN W 317 -20.99 7.28 -1.57
C GLN W 317 -22.23 7.66 -0.78
N GLN W 318 -22.38 8.94 -0.47
CA GLN W 318 -23.51 9.38 0.37
C GLN W 318 -24.87 9.06 -0.23
N PRO W 319 -25.14 9.28 -1.53
CA PRO W 319 -26.46 8.90 -2.06
C PRO W 319 -26.70 7.40 -2.06
N GLN W 320 -25.66 6.58 -1.92
CA GLN W 320 -25.83 5.13 -1.97
C GLN W 320 -26.53 4.56 -0.76
N GLN W 321 -26.75 5.34 0.29
CA GLN W 321 -27.31 4.83 1.54
C GLN W 321 -28.83 4.80 1.55
N VAL W 322 -29.49 5.38 0.55
CA VAL W 322 -30.95 5.33 0.52
C VAL W 322 -31.47 3.98 0.06
N LEU W 323 -30.63 3.15 -0.55
CA LEU W 323 -31.07 1.85 -1.02
C LEU W 323 -31.44 0.94 0.15
N GLN W 324 -30.66 0.99 1.23
CA GLN W 324 -30.98 0.20 2.42
C GLN W 324 -32.29 0.65 3.06
N LEU W 325 -32.67 1.91 2.87
CA LEU W 325 -33.95 2.40 3.35
C LEU W 325 -35.10 2.05 2.43
N LEU W 326 -34.83 1.98 1.12
CA LEU W 326 -35.90 1.73 0.15
C LEU W 326 -36.39 0.29 0.17
N LYS W 327 -35.60 -0.63 0.71
CA LYS W 327 -36.03 -2.02 0.80
C LYS W 327 -36.73 -2.29 2.12
N MET X 1 -34.58 -5.23 -18.78
CA MET X 1 -33.30 -5.84 -18.41
C MET X 1 -33.06 -7.13 -19.19
N ARG X 2 -32.20 -7.05 -20.20
CA ARG X 2 -31.85 -8.21 -21.00
C ARG X 2 -30.58 -8.84 -20.45
N ILE X 3 -30.62 -10.15 -20.23
CA ILE X 3 -29.57 -10.85 -19.50
C ILE X 3 -28.65 -11.61 -20.44
N ASN X 4 -29.19 -12.17 -21.53
CA ASN X 4 -28.39 -13.01 -22.41
C ASN X 4 -27.25 -12.27 -23.08
N HIS X 5 -27.25 -10.94 -23.07
CA HIS X 5 -26.17 -10.17 -23.68
C HIS X 5 -25.95 -8.92 -22.86
N ASN X 6 -24.69 -8.65 -22.51
CA ASN X 6 -24.30 -7.47 -21.75
C ASN X 6 -23.56 -6.55 -22.70
N ILE X 7 -24.32 -5.70 -23.40
CA ILE X 7 -23.72 -4.81 -24.38
C ILE X 7 -22.83 -3.78 -23.69
N ALA X 8 -23.17 -3.40 -22.46
CA ALA X 8 -22.33 -2.47 -21.72
C ALA X 8 -20.95 -3.06 -21.47
N ALA X 9 -20.89 -4.34 -21.08
CA ALA X 9 -19.61 -4.99 -20.86
C ALA X 9 -18.94 -5.36 -22.16
N LEU X 10 -19.72 -5.76 -23.18
CA LEU X 10 -19.14 -6.09 -24.47
C LEU X 10 -18.51 -4.87 -25.13
N ASN X 11 -19.13 -3.70 -24.97
CA ASN X 11 -18.54 -2.47 -25.49
C ASN X 11 -17.28 -2.09 -24.73
N THR X 12 -17.28 -2.27 -23.41
CA THR X 12 -16.11 -1.95 -22.61
C THR X 12 -14.94 -2.88 -22.92
N SER X 13 -15.23 -4.12 -23.33
CA SER X 13 -14.16 -5.04 -23.69
C SER X 13 -13.38 -4.54 -24.90
N ARG X 14 -14.08 -4.00 -25.90
CA ARG X 14 -13.39 -3.50 -27.08
C ARG X 14 -12.48 -2.33 -26.74
N GLN X 15 -12.96 -1.41 -25.91
CA GLN X 15 -12.09 -0.33 -25.46
C GLN X 15 -10.95 -0.84 -24.60
N LEU X 16 -11.16 -1.96 -23.91
CA LEU X 16 -10.08 -2.57 -23.16
C LEU X 16 -9.02 -3.13 -24.10
N ASN X 17 -9.45 -3.84 -25.15
CA ASN X 17 -8.50 -4.28 -26.17
C ASN X 17 -8.35 -3.23 -27.27
N ALA X 18 -8.20 -1.97 -26.88
CA ALA X 18 -7.78 -0.91 -27.78
C ALA X 18 -6.82 0.06 -27.14
N GLY X 19 -6.71 0.08 -25.81
CA GLY X 19 -5.71 0.87 -25.13
C GLY X 19 -4.56 -0.02 -24.73
N SER X 20 -4.85 -1.30 -24.56
CA SER X 20 -3.77 -2.28 -24.37
C SER X 20 -2.92 -2.40 -25.62
N ASN X 21 -3.55 -2.42 -26.79
CA ASN X 21 -2.79 -2.46 -28.04
C ASN X 21 -1.95 -1.20 -28.20
N ALA X 22 -2.52 -0.04 -27.89
CA ALA X 22 -1.78 1.21 -28.01
C ALA X 22 -0.63 1.25 -27.02
N ALA X 23 -0.84 0.77 -25.79
CA ALA X 23 0.24 0.73 -24.82
C ALA X 23 1.34 -0.22 -25.25
N SER X 24 0.97 -1.36 -25.84
CA SER X 24 1.97 -2.30 -26.36
C SER X 24 2.78 -1.66 -27.46
N LYS X 25 2.11 -0.96 -28.38
CA LYS X 25 2.84 -0.27 -29.45
C LYS X 25 3.74 0.82 -28.89
N ASN X 26 3.29 1.53 -27.85
CA ASN X 26 4.11 2.57 -27.27
C ASN X 26 5.33 2.00 -26.55
N MET X 27 5.18 0.82 -25.95
CA MET X 27 6.29 0.21 -25.24
C MET X 27 7.31 -0.40 -26.18
N GLU X 28 6.90 -0.79 -27.40
CA GLU X 28 7.87 -1.20 -28.40
C GLU X 28 8.82 -0.07 -28.73
N LYS X 29 8.27 1.14 -28.94
CA LYS X 29 9.11 2.29 -29.25
C LYS X 29 10.00 2.64 -28.07
N LEU X 30 9.48 2.59 -26.86
CA LEU X 30 10.26 2.98 -25.70
C LEU X 30 11.41 2.02 -25.46
N SER X 31 11.17 0.71 -25.62
CA SER X 31 12.23 -0.26 -25.41
C SER X 31 13.31 -0.16 -26.49
N SER X 32 12.89 -0.14 -27.75
CA SER X 32 13.85 -0.11 -28.86
C SER X 32 14.47 1.25 -29.06
N GLY X 33 13.75 2.32 -28.72
CA GLY X 33 14.23 3.65 -28.98
C GLY X 33 14.00 4.13 -30.39
N LEU X 34 13.20 3.43 -31.19
CA LEU X 34 12.96 3.76 -32.58
C LEU X 34 11.48 4.01 -32.82
N ARG X 35 11.18 5.08 -33.55
CA ARG X 35 9.81 5.34 -33.96
C ARG X 35 9.30 4.25 -34.89
N ILE X 36 10.12 3.85 -35.86
CA ILE X 36 9.73 2.95 -36.92
C ILE X 36 10.37 1.60 -36.63
N ASN X 37 9.62 0.70 -36.01
CA ASN X 37 10.04 -0.68 -35.85
C ASN X 37 9.55 -1.52 -37.03
N ARG X 38 8.23 -1.56 -37.22
CA ARG X 38 7.64 -2.17 -38.39
C ARG X 38 7.56 -1.15 -39.52
N ALA X 39 7.29 -1.65 -40.73
CA ALA X 39 7.12 -0.76 -41.86
C ALA X 39 5.78 -0.06 -41.87
N GLY X 40 4.84 -0.50 -41.03
CA GLY X 40 3.54 0.14 -40.95
C GLY X 40 3.50 1.42 -40.14
N ASP X 41 4.55 1.69 -39.37
CA ASP X 41 4.61 2.94 -38.63
C ASP X 41 4.93 4.12 -39.53
N ASP X 42 5.81 3.92 -40.52
CA ASP X 42 6.07 4.94 -41.53
C ASP X 42 6.67 4.25 -42.75
N ALA X 43 5.90 4.17 -43.83
CA ALA X 43 6.43 3.56 -45.05
C ALA X 43 7.53 4.42 -45.64
N ALA X 44 7.25 5.70 -45.85
CA ALA X 44 8.28 6.61 -46.35
C ALA X 44 9.38 6.81 -45.32
N GLY X 45 9.04 6.78 -44.04
CA GLY X 45 10.07 6.85 -43.01
C GLY X 45 11.00 5.66 -43.05
N LEU X 46 10.45 4.47 -43.25
CA LEU X 46 11.29 3.28 -43.42
C LEU X 46 12.16 3.40 -44.65
N ALA X 47 11.58 3.83 -45.76
CA ALA X 47 12.35 3.92 -47.00
C ALA X 47 13.47 4.94 -46.90
N ILE X 48 13.17 6.12 -46.37
CA ILE X 48 14.19 7.17 -46.26
C ILE X 48 15.28 6.76 -45.29
N SER X 49 14.90 6.12 -44.19
CA SER X 49 15.87 5.72 -43.18
C SER X 49 16.92 4.79 -43.76
N GLU X 50 16.48 3.74 -44.45
CA GLU X 50 17.41 2.76 -44.98
C GLU X 50 18.37 3.37 -45.99
N LYS X 51 17.88 4.24 -46.86
CA LYS X 51 18.76 5.00 -47.74
C LYS X 51 19.75 5.79 -46.90
N MET X 52 19.26 6.44 -45.85
CA MET X 52 20.11 7.24 -44.98
C MET X 52 21.17 6.40 -44.30
N ARG X 53 20.76 5.28 -43.67
CA ARG X 53 21.72 4.42 -42.98
C ARG X 53 22.78 3.92 -43.94
N SER X 54 22.35 3.46 -45.12
CA SER X 54 23.27 3.00 -46.15
C SER X 54 24.30 4.08 -46.48
N GLN X 55 23.83 5.32 -46.61
CA GLN X 55 24.72 6.42 -46.92
C GLN X 55 25.63 6.76 -45.74
N ILE X 56 25.08 6.74 -44.52
CA ILE X 56 25.90 7.07 -43.35
C ILE X 56 26.98 6.03 -43.13
N ARG X 57 26.63 4.75 -43.22
CA ARG X 57 27.65 3.71 -43.09
C ARG X 57 28.58 3.66 -44.29
N GLY X 58 28.25 4.38 -45.36
CA GLY X 58 29.16 4.51 -46.48
C GLY X 58 30.14 5.64 -46.31
N LEU X 59 29.65 6.80 -45.84
CA LEU X 59 30.55 7.93 -45.64
C LEU X 59 31.50 7.70 -44.49
N ASP X 60 31.07 6.98 -43.46
CA ASP X 60 32.00 6.70 -42.37
C ASP X 60 33.01 5.63 -42.76
N MET X 61 32.66 4.77 -43.72
CA MET X 61 33.62 3.82 -44.26
C MET X 61 34.46 4.44 -45.36
N ALA X 62 33.86 5.26 -46.21
CA ALA X 62 34.64 6.01 -47.18
C ALA X 62 35.57 7.02 -46.53
N SER X 63 35.34 7.36 -45.27
CA SER X 63 36.30 8.15 -44.52
C SER X 63 37.49 7.31 -44.05
N LYS X 64 37.31 6.00 -43.92
CA LYS X 64 38.45 5.13 -43.67
C LYS X 64 39.29 4.96 -44.92
N ASN X 65 38.63 4.81 -46.07
CA ASN X 65 39.37 4.70 -47.32
C ASN X 65 40.18 5.97 -47.60
N ALA X 66 39.59 7.13 -47.34
CA ALA X 66 40.32 8.37 -47.51
C ALA X 66 41.52 8.45 -46.59
N GLN X 67 41.41 7.89 -45.39
CA GLN X 67 42.53 7.90 -44.47
C GLN X 67 43.51 6.77 -44.72
N ASP X 68 43.06 5.67 -45.31
CA ASP X 68 43.98 4.63 -45.76
C ASP X 68 44.69 5.03 -47.05
N GLY X 69 44.24 6.08 -47.71
CA GLY X 69 44.96 6.61 -48.85
C GLY X 69 45.91 7.70 -48.41
N ILE X 70 45.57 8.37 -47.31
CA ILE X 70 46.50 9.34 -46.73
C ILE X 70 47.73 8.62 -46.21
N SER X 71 47.56 7.44 -45.65
CA SER X 71 48.70 6.65 -45.18
C SER X 71 49.52 6.13 -46.35
N LEU X 72 48.86 5.66 -47.41
CA LEU X 72 49.58 5.18 -48.57
C LEU X 72 50.39 6.28 -49.22
N ILE X 73 49.92 7.52 -49.13
CA ILE X 73 50.61 8.63 -49.76
C ILE X 73 51.71 9.19 -48.87
N GLN X 74 51.50 9.19 -47.56
CA GLN X 74 52.54 9.60 -46.64
C GLN X 74 53.75 8.68 -46.74
N THR X 75 53.50 7.38 -46.96
CA THR X 75 54.60 6.44 -47.10
C THR X 75 55.44 6.76 -48.33
N SER X 76 54.80 7.09 -49.45
CA SER X 76 55.54 7.36 -50.67
C SER X 76 56.38 8.62 -50.54
N GLU X 77 55.77 9.72 -50.11
CA GLU X 77 56.53 10.95 -50.00
C GLU X 77 57.52 10.88 -48.84
N GLY X 78 57.22 10.09 -47.82
CA GLY X 78 58.22 9.82 -46.79
C GLY X 78 59.45 9.15 -47.36
N ALA X 79 59.25 8.24 -48.33
CA ALA X 79 60.38 7.58 -48.98
C ALA X 79 61.13 8.56 -49.86
N LEU X 80 60.41 9.36 -50.71
CA LEU X 80 61.10 10.34 -51.54
C LEU X 80 61.75 11.43 -50.72
N ASN X 81 61.40 11.55 -49.45
CA ASN X 81 62.13 12.48 -48.59
C ASN X 81 63.60 12.14 -48.53
N GLU X 82 63.94 10.86 -48.68
CA GLU X 82 65.33 10.43 -48.62
C GLU X 82 65.99 10.39 -49.97
N THR X 83 65.26 10.08 -51.02
CA THR X 83 65.82 10.25 -52.34
C THR X 83 66.24 11.69 -52.57
N HIS X 84 65.65 12.64 -51.88
CA HIS X 84 66.15 14.00 -51.96
C HIS X 84 67.49 14.15 -51.29
N SER X 85 67.69 13.53 -50.14
CA SER X 85 68.95 13.70 -49.43
C SER X 85 70.07 12.95 -50.12
N ILE X 86 69.74 11.82 -50.68
CA ILE X 86 70.77 11.10 -51.42
C ILE X 86 71.15 11.86 -52.68
N LEU X 87 70.16 12.38 -53.40
CA LEU X 87 70.46 13.20 -54.56
C LEU X 87 71.19 14.48 -54.18
N GLN X 88 70.95 14.98 -52.97
CA GLN X 88 71.63 16.20 -52.53
C GLN X 88 73.09 15.92 -52.24
N ARG X 89 73.37 14.82 -51.54
CA ARG X 89 74.75 14.40 -51.32
C ARG X 89 75.40 14.00 -52.63
N MET X 90 74.63 13.36 -53.52
CA MET X 90 75.16 12.94 -54.80
C MET X 90 75.58 14.11 -55.66
N SER X 91 75.11 15.32 -55.35
CA SER X 91 75.49 16.50 -56.09
C SER X 91 76.75 17.16 -55.55
N GLU X 92 77.09 16.95 -54.28
CA GLU X 92 78.38 17.37 -53.78
C GLU X 92 79.49 16.51 -54.36
N LEU X 93 79.26 15.23 -54.54
CA LEU X 93 80.25 14.41 -55.23
C LEU X 93 80.12 14.53 -56.73
N ALA X 94 79.91 15.75 -57.21
CA ALA X 94 80.18 16.11 -58.60
C ALA X 94 80.75 17.51 -58.72
N THR X 95 80.61 18.34 -57.69
CA THR X 95 81.33 19.59 -57.63
C THR X 95 82.74 19.38 -57.11
N GLN X 96 82.93 18.32 -56.32
CA GLN X 96 84.26 17.96 -55.87
C GLN X 96 85.00 17.19 -56.95
N ALA X 97 84.30 16.33 -57.69
CA ALA X 97 84.93 15.57 -58.76
C ALA X 97 85.23 16.42 -59.99
N ALA X 98 84.59 17.56 -60.13
CA ALA X 98 84.85 18.44 -61.27
C ALA X 98 86.12 19.26 -61.11
N ASN X 99 86.57 19.47 -59.88
CA ASN X 99 87.82 20.18 -59.65
C ASN X 99 88.98 19.37 -60.21
N ASP X 100 89.97 20.05 -60.78
CA ASP X 100 91.07 19.38 -61.45
C ASP X 100 92.30 19.23 -60.56
N THR X 101 92.18 19.54 -59.27
CA THR X 101 93.20 19.10 -58.33
C THR X 101 93.04 17.64 -57.97
N ASN X 102 91.87 17.06 -58.21
CA ASN X 102 91.69 15.63 -58.06
C ASN X 102 92.44 14.89 -59.15
N THR X 103 92.89 13.68 -58.84
CA THR X 103 93.43 12.78 -59.84
C THR X 103 92.41 11.67 -60.11
N ASP X 104 92.68 10.90 -61.16
CA ASP X 104 91.78 9.80 -61.49
C ASP X 104 91.74 8.77 -60.37
N SER X 105 92.83 8.65 -59.61
CA SER X 105 92.81 7.79 -58.44
C SER X 105 91.83 8.29 -57.38
N ASP X 106 91.49 9.57 -57.41
CA ASP X 106 90.57 10.16 -56.45
C ASP X 106 89.19 10.43 -57.03
N ARG X 107 89.08 10.67 -58.33
CA ARG X 107 87.76 10.69 -58.95
C ARG X 107 87.13 9.31 -58.90
N SER X 108 87.88 8.27 -59.24
CA SER X 108 87.39 6.92 -59.09
C SER X 108 87.20 6.58 -57.62
N GLU X 109 87.84 7.34 -56.73
CA GLU X 109 87.63 7.14 -55.31
C GLU X 109 86.27 7.68 -54.90
N LEU X 110 85.89 8.83 -55.48
CA LEU X 110 84.55 9.38 -55.28
C LEU X 110 83.50 8.51 -55.95
N GLN X 111 83.84 7.88 -57.06
CA GLN X 111 82.87 7.04 -57.76
C GLN X 111 82.40 5.89 -56.90
N LYS X 112 83.19 5.49 -55.91
CA LYS X 112 82.76 4.42 -55.02
C LYS X 112 81.50 4.82 -54.27
N GLU X 113 81.44 6.05 -53.77
CA GLU X 113 80.22 6.52 -53.13
C GLU X 113 79.15 6.89 -54.14
N MET X 114 79.55 7.32 -55.33
CA MET X 114 78.61 7.55 -56.41
C MET X 114 77.78 6.29 -56.68
N ASP X 115 78.44 5.15 -56.85
CA ASP X 115 77.74 3.92 -57.12
C ASP X 115 76.98 3.41 -55.91
N GLN X 116 77.40 3.78 -54.71
CA GLN X 116 76.70 3.33 -53.51
C GLN X 116 75.49 4.19 -53.19
N LEU X 117 75.54 5.47 -53.52
CA LEU X 117 74.36 6.31 -53.38
C LEU X 117 73.33 5.99 -54.45
N ALA X 118 73.77 5.82 -55.69
CA ALA X 118 72.85 5.49 -56.77
C ALA X 118 72.23 4.12 -56.57
N SER X 119 72.90 3.21 -55.88
CA SER X 119 72.33 1.91 -55.57
C SER X 119 71.35 1.96 -54.41
N GLU X 120 71.37 3.03 -53.63
CA GLU X 120 70.41 3.20 -52.55
C GLU X 120 69.15 3.91 -53.04
N VAL X 121 69.29 4.81 -54.01
CA VAL X 121 68.12 5.39 -54.65
C VAL X 121 67.27 4.30 -55.28
N THR X 122 67.91 3.32 -55.92
CA THR X 122 67.17 2.20 -56.49
C THR X 122 66.54 1.33 -55.42
N ARG X 123 67.20 1.16 -54.29
CA ARG X 123 66.64 0.35 -53.22
C ARG X 123 65.33 0.94 -52.70
N ILE X 124 65.30 2.26 -52.50
CA ILE X 124 64.11 2.89 -51.97
C ILE X 124 62.93 2.68 -52.92
N SER X 125 63.17 2.72 -54.22
CA SER X 125 62.10 2.52 -55.17
C SER X 125 61.55 1.10 -55.10
N THR X 126 62.42 0.11 -55.08
CA THR X 126 61.97 -1.28 -55.11
C THR X 126 61.60 -1.81 -53.73
N ASP X 127 61.97 -1.12 -52.66
CA ASP X 127 61.67 -1.61 -51.32
C ASP X 127 60.50 -0.91 -50.66
N THR X 128 60.24 0.35 -51.00
CA THR X 128 59.12 1.08 -50.41
C THR X 128 57.82 0.36 -50.74
N GLU X 129 57.14 -0.10 -49.72
CA GLU X 129 55.99 -0.97 -49.91
C GLU X 129 54.96 -0.70 -48.83
N PHE X 130 53.81 -0.19 -49.23
CA PHE X 130 52.65 -0.09 -48.36
C PHE X 130 51.76 -1.30 -48.62
N ASN X 131 51.30 -1.93 -47.54
CA ASN X 131 50.50 -3.15 -47.63
C ASN X 131 51.42 -4.13 -48.36
N THR X 132 51.03 -4.64 -49.53
CA THR X 132 51.93 -5.42 -50.37
C THR X 132 52.10 -4.79 -51.75
N LYS X 133 52.07 -3.46 -51.80
CA LYS X 133 52.13 -2.73 -53.04
C LYS X 133 53.44 -1.95 -53.11
N LYS X 134 54.19 -2.16 -54.19
CA LYS X 134 55.40 -1.38 -54.43
C LYS X 134 54.98 -0.04 -55.01
N LEU X 135 55.23 1.04 -54.28
CA LEU X 135 54.70 2.34 -54.67
C LEU X 135 55.57 3.03 -55.70
N LEU X 136 56.87 3.05 -55.48
CA LEU X 136 57.77 3.89 -56.26
C LEU X 136 58.44 3.15 -57.41
N ASP X 137 58.02 1.92 -57.73
CA ASP X 137 58.63 1.17 -58.80
C ASP X 137 57.85 1.27 -60.11
N GLY X 138 56.91 2.20 -60.20
CA GLY X 138 56.18 2.41 -61.43
C GLY X 138 55.00 1.50 -61.64
N THR X 139 54.69 0.62 -60.69
CA THR X 139 53.54 -0.26 -60.81
C THR X 139 52.30 0.27 -60.12
N ALA X 140 52.45 1.24 -59.23
CA ALA X 140 51.30 1.84 -58.53
C ALA X 140 50.73 2.94 -59.41
N GLN X 141 49.90 2.53 -60.36
CA GLN X 141 49.25 3.43 -61.28
C GLN X 141 47.75 3.22 -61.22
N ASN X 142 46.99 4.30 -61.42
CA ASN X 142 45.53 4.24 -61.44
C ASN X 142 44.98 3.79 -60.09
N LEU X 143 45.68 4.13 -59.01
CA LEU X 143 45.20 3.79 -57.68
C LEU X 143 43.91 4.55 -57.40
N THR X 144 42.82 3.82 -57.25
CA THR X 144 41.49 4.39 -57.10
C THR X 144 41.08 4.30 -55.65
N PHE X 145 40.91 5.46 -55.01
CA PHE X 145 40.39 5.53 -53.65
C PHE X 145 38.91 5.84 -53.72
N GLN X 146 38.08 5.00 -53.12
CA GLN X 146 36.65 5.24 -53.08
C GLN X 146 36.39 6.23 -51.95
N ILE X 147 36.53 7.51 -52.27
CA ILE X 147 36.20 8.56 -51.32
C ILE X 147 34.76 8.99 -51.57
N GLY X 148 33.82 8.25 -51.03
CA GLY X 148 32.42 8.48 -51.29
C GLY X 148 31.66 7.18 -51.18
N ALA X 149 30.37 7.29 -50.92
CA ALA X 149 29.54 6.13 -50.64
C ALA X 149 28.90 5.53 -51.87
N ASN X 150 29.16 6.06 -53.07
CA ASN X 150 28.46 5.63 -54.27
C ASN X 150 29.47 5.32 -55.36
N GLU X 151 28.94 4.95 -56.53
CA GLU X 151 29.77 4.75 -57.71
C GLU X 151 30.45 6.04 -58.15
N GLY X 152 31.63 5.91 -58.74
CA GLY X 152 32.29 7.01 -59.37
C GLY X 152 32.72 8.12 -58.45
N GLN X 153 32.59 7.92 -57.14
CA GLN X 153 33.05 8.90 -56.17
C GLN X 153 34.47 8.53 -55.73
N THR X 154 35.35 8.48 -56.72
CA THR X 154 36.70 7.99 -56.56
C THR X 154 37.70 9.08 -56.90
N MET X 155 38.95 8.81 -56.58
CA MET X 155 40.08 9.64 -56.98
C MET X 155 41.20 8.73 -57.46
N SER X 156 41.77 9.06 -58.60
CA SER X 156 42.88 8.27 -59.13
C SER X 156 44.20 8.85 -58.66
N LEU X 157 45.27 8.07 -58.88
CA LEU X 157 46.60 8.49 -58.50
C LEU X 157 47.61 7.61 -59.23
N SER X 158 48.71 8.22 -59.66
CA SER X 158 49.73 7.46 -60.38
C SER X 158 51.09 7.99 -59.95
N ILE X 159 51.85 7.17 -59.26
CA ILE X 159 53.20 7.51 -58.85
C ILE X 159 54.16 6.94 -59.88
N ASN X 160 55.04 7.78 -60.41
CA ASN X 160 55.96 7.34 -61.44
C ASN X 160 57.12 6.56 -60.83
N LYS X 161 57.84 5.85 -61.68
CA LYS X 161 59.01 5.11 -61.24
C LYS X 161 60.10 6.10 -60.84
N MET X 162 60.61 5.97 -59.63
CA MET X 162 61.53 6.94 -59.05
C MET X 162 62.81 6.28 -58.59
N ASP X 163 63.38 5.44 -59.45
CA ASP X 163 64.66 4.81 -59.19
C ASP X 163 65.75 5.52 -59.98
N SER X 164 67.00 5.10 -59.75
CA SER X 164 68.13 5.78 -60.35
C SER X 164 68.09 5.68 -61.87
N GLU X 165 67.61 4.56 -62.39
CA GLU X 165 67.51 4.40 -63.83
C GLU X 165 66.54 5.43 -64.43
N SER X 166 65.41 5.66 -63.76
CA SER X 166 64.43 6.59 -64.28
C SER X 166 64.89 8.03 -64.14
N LEU X 167 65.50 8.38 -63.01
CA LEU X 167 66.04 9.72 -62.84
C LEU X 167 67.32 9.94 -63.63
N LYS X 168 67.88 8.89 -64.23
CA LYS X 168 69.08 8.95 -65.05
C LYS X 168 70.33 9.28 -64.22
N VAL X 169 70.30 8.99 -62.93
CA VAL X 169 71.47 9.17 -62.08
C VAL X 169 72.18 7.84 -61.85
N GLY X 170 71.88 6.82 -62.64
CA GLY X 170 72.50 5.52 -62.45
C GLY X 170 72.06 4.59 -63.55
N THR X 171 72.48 3.34 -63.42
CA THR X 171 72.09 2.31 -64.36
C THR X 171 72.19 0.96 -63.67
N THR X 172 71.24 0.08 -63.94
CA THR X 172 71.13 -1.18 -63.22
C THR X 172 71.40 -2.32 -64.19
N TYR X 173 72.52 -3.01 -63.97
CA TYR X 173 72.84 -4.23 -64.70
C TYR X 173 72.29 -5.42 -63.96
N THR X 174 71.76 -6.39 -64.70
CA THR X 174 71.32 -7.64 -64.11
C THR X 174 72.16 -8.78 -64.68
N ALA X 175 72.38 -9.80 -63.85
CA ALA X 175 73.25 -10.90 -64.21
C ALA X 175 72.49 -11.92 -65.05
N ASN X 176 73.09 -12.31 -66.17
CA ASN X 176 72.48 -13.32 -67.02
C ASN X 176 72.46 -14.67 -66.28
N ASP X 177 71.83 -15.66 -66.91
CA ASP X 177 71.57 -16.93 -66.24
C ASP X 177 72.86 -17.62 -65.82
N ASP X 178 73.85 -17.65 -66.69
CA ASP X 178 75.16 -18.22 -66.38
C ASP X 178 75.99 -17.29 -65.50
N GLY X 179 75.81 -15.98 -65.63
CA GLY X 179 76.61 -15.03 -64.88
C GLY X 179 77.85 -14.59 -65.61
N SER X 180 77.91 -14.90 -66.91
CA SER X 180 79.06 -14.51 -67.71
C SER X 180 79.07 -13.02 -67.98
N LYS X 181 77.91 -12.45 -68.28
CA LYS X 181 77.80 -11.06 -68.71
C LYS X 181 76.68 -10.38 -67.96
N LEU X 182 77.00 -9.29 -67.28
CA LEU X 182 75.97 -8.44 -66.68
C LEU X 182 75.21 -7.71 -67.77
N VAL X 183 73.89 -7.77 -67.69
CA VAL X 183 73.02 -7.22 -68.73
C VAL X 183 72.13 -6.17 -68.10
N THR X 184 72.12 -4.98 -68.68
CA THR X 184 71.16 -3.97 -68.27
C THR X 184 69.97 -3.97 -69.23
N ALA X 185 68.89 -3.31 -68.79
CA ALA X 185 67.82 -3.02 -69.73
C ALA X 185 68.33 -2.06 -70.80
N ASP X 186 67.84 -2.25 -72.03
CA ASP X 186 68.36 -1.71 -73.28
C ASP X 186 69.57 -2.57 -73.71
N GLY X 187 70.07 -3.44 -72.85
CA GLY X 187 71.07 -4.41 -73.28
C GLY X 187 72.47 -3.88 -73.47
N LYS X 188 73.12 -3.44 -72.39
CA LYS X 188 74.53 -3.10 -72.41
C LYS X 188 75.29 -4.22 -71.70
N GLU X 189 76.24 -4.82 -72.41
CA GLU X 189 76.89 -6.03 -71.95
C GLU X 189 78.06 -5.70 -71.02
N ALA X 190 78.34 -6.63 -70.11
CA ALA X 190 79.49 -6.51 -69.22
C ALA X 190 80.01 -7.90 -68.93
N THR X 191 81.00 -8.35 -69.70
CA THR X 191 81.48 -9.72 -69.61
C THR X 191 82.47 -9.88 -68.46
N LEU X 192 82.52 -11.11 -67.93
CA LEU X 192 83.37 -11.43 -66.81
C LEU X 192 84.80 -11.83 -67.20
N VAL X 193 85.74 -11.53 -66.29
CA VAL X 193 87.19 -11.73 -66.41
C VAL X 193 87.82 -11.26 -67.71
N THR X 194 87.50 -10.03 -68.12
CA THR X 194 87.95 -9.51 -69.40
C THR X 194 88.80 -8.26 -69.35
N LYS X 198 93.99 -9.18 -69.47
CA LYS X 198 93.29 -9.61 -68.26
C LYS X 198 93.04 -8.43 -67.34
N GLY X 199 94.12 -7.88 -66.78
CA GLY X 199 94.02 -6.74 -65.89
C GLY X 199 93.32 -7.08 -64.59
N PRO X 200 92.93 -6.06 -63.83
CA PRO X 200 92.15 -6.31 -62.62
C PRO X 200 90.85 -7.05 -62.95
N ASN X 201 90.44 -7.91 -62.05
CA ASN X 201 89.39 -8.88 -62.33
C ASN X 201 88.02 -8.30 -62.02
N GLY X 202 87.08 -8.50 -62.95
CA GLY X 202 85.72 -8.01 -62.77
C GLY X 202 84.95 -8.11 -64.07
N TYR X 203 83.74 -7.56 -64.05
CA TYR X 203 82.85 -7.56 -65.21
C TYR X 203 83.19 -6.35 -66.08
N TYR X 204 83.99 -6.59 -67.11
CA TYR X 204 84.41 -5.48 -67.95
C TYR X 204 83.35 -5.19 -69.02
N ASP X 205 83.43 -3.99 -69.57
CA ASP X 205 82.52 -3.45 -70.54
C ASP X 205 83.23 -3.42 -71.90
N ASP X 206 82.54 -2.98 -72.94
CA ASP X 206 83.10 -2.97 -74.29
C ASP X 206 84.18 -1.91 -74.48
N ALA X 207 84.53 -1.18 -73.44
CA ALA X 207 85.57 -0.17 -73.53
C ALA X 207 86.65 -0.34 -72.47
N ASP X 208 86.72 -1.52 -71.86
CA ASP X 208 87.75 -1.92 -70.91
C ASP X 208 87.48 -1.20 -69.58
N LYS X 209 86.48 -0.33 -69.55
CA LYS X 209 86.07 0.29 -68.29
C LYS X 209 85.46 -0.78 -67.40
N LEU X 210 86.08 -1.03 -66.26
CA LEU X 210 85.52 -1.96 -65.30
C LEU X 210 84.14 -1.47 -64.85
N VAL X 211 83.19 -2.39 -64.82
CA VAL X 211 81.83 -2.09 -64.38
C VAL X 211 81.60 -2.59 -62.96
N TYR X 212 81.88 -3.86 -62.71
CA TYR X 212 81.76 -4.44 -61.39
C TYR X 212 83.08 -5.11 -61.00
N GLN X 213 83.40 -5.03 -59.72
CA GLN X 213 84.61 -5.63 -59.18
C GLN X 213 84.25 -6.94 -58.51
N ALA X 214 84.42 -8.05 -59.24
CA ALA X 214 84.21 -9.36 -58.68
C ALA X 214 85.08 -10.36 -59.42
N ASP X 215 85.62 -11.32 -58.68
CA ASP X 215 86.44 -12.36 -59.28
C ASP X 215 85.67 -13.65 -59.56
N SER X 216 84.69 -13.98 -58.74
CA SER X 216 83.81 -15.10 -59.03
C SER X 216 82.73 -14.66 -60.00
N ALA X 217 81.70 -15.48 -60.20
CA ALA X 217 80.60 -15.13 -61.09
C ALA X 217 79.38 -14.83 -60.23
N LEU X 218 78.72 -13.71 -60.53
CA LEU X 218 77.53 -13.35 -59.79
C LEU X 218 76.43 -14.38 -59.99
N ALA X 219 75.53 -14.46 -59.02
CA ALA X 219 74.43 -15.41 -59.09
C ALA X 219 73.42 -14.99 -60.14
N LYS X 220 72.32 -15.72 -60.27
CA LYS X 220 71.33 -15.49 -61.30
C LYS X 220 70.37 -14.39 -60.85
N ASP X 221 70.10 -13.45 -61.76
CA ASP X 221 69.23 -12.30 -61.48
C ASP X 221 69.69 -11.50 -60.26
N THR X 222 71.00 -11.27 -60.17
CA THR X 222 71.52 -10.34 -59.18
C THR X 222 71.75 -9.01 -59.86
N LYS X 223 71.10 -7.97 -59.35
CA LYS X 223 71.20 -6.65 -59.93
C LYS X 223 72.32 -5.86 -59.27
N VAL X 224 73.07 -5.13 -60.08
CA VAL X 224 74.05 -4.18 -59.58
C VAL X 224 73.70 -2.81 -60.16
N THR X 225 73.86 -1.79 -59.35
CA THR X 225 73.58 -0.42 -59.77
C THR X 225 74.89 0.36 -59.80
N LYS X 226 75.11 1.07 -60.90
CA LYS X 226 76.35 1.80 -61.12
C LYS X 226 76.00 3.27 -61.32
N GLY X 227 76.62 4.14 -60.54
CA GLY X 227 76.28 5.54 -60.57
C GLY X 227 76.65 6.21 -61.88
N ILE X 228 76.17 7.44 -62.05
CA ILE X 228 76.50 8.19 -63.25
C ILE X 228 77.98 8.50 -63.25
N ASP X 229 78.55 8.59 -64.44
CA ASP X 229 80.00 8.70 -64.60
C ASP X 229 80.48 10.07 -64.14
N ILE X 230 81.29 10.09 -63.08
CA ILE X 230 81.98 11.29 -62.64
C ILE X 230 83.49 11.12 -62.57
N SER X 231 83.98 9.90 -62.81
CA SER X 231 85.38 9.60 -62.60
C SER X 231 86.22 9.57 -63.86
N SER X 232 85.58 9.59 -65.04
CA SER X 232 86.35 9.53 -66.27
C SER X 232 87.11 10.81 -66.57
N SER X 233 86.59 11.96 -66.14
CA SER X 233 87.20 13.24 -66.46
C SER X 233 86.56 14.31 -65.59
N ALA X 234 87.11 15.51 -65.65
CA ALA X 234 86.45 16.65 -65.03
C ALA X 234 85.28 17.14 -65.85
N LYS X 235 85.35 17.01 -67.17
CA LYS X 235 84.23 17.37 -68.02
C LYS X 235 83.03 16.47 -67.74
N ALA X 236 83.28 15.17 -67.56
CA ALA X 236 82.19 14.24 -67.28
C ALA X 236 81.54 14.55 -65.94
N ALA X 237 82.34 14.90 -64.94
CA ALA X 237 81.78 15.22 -63.63
C ALA X 237 80.91 16.48 -63.70
N SER X 238 81.34 17.47 -64.47
CA SER X 238 80.50 18.65 -64.68
C SER X 238 79.21 18.29 -65.41
N SER X 239 79.30 17.40 -66.40
CA SER X 239 78.11 16.98 -67.12
C SER X 239 77.11 16.32 -66.18
N ALA X 240 77.60 15.49 -65.26
CA ALA X 240 76.72 14.86 -64.28
C ALA X 240 76.06 15.86 -63.36
N LEU X 241 76.57 17.09 -63.27
CA LEU X 241 75.98 18.07 -62.37
C LEU X 241 74.57 18.44 -62.80
N THR X 242 74.37 18.72 -64.09
CA THR X 242 73.03 19.02 -64.57
C THR X 242 72.12 17.81 -64.49
N THR X 243 72.65 16.63 -64.77
CA THR X 243 71.83 15.42 -64.67
C THR X 243 71.33 15.22 -63.24
N ILE X 244 72.19 15.45 -62.26
CA ILE X 244 71.78 15.29 -60.88
C ILE X 244 70.81 16.39 -60.47
N LYS X 245 71.10 17.63 -60.84
CA LYS X 245 70.24 18.73 -60.42
C LYS X 245 68.88 18.67 -61.12
N THR X 246 68.81 18.03 -62.28
CA THR X 246 67.52 17.79 -62.91
C THR X 246 66.76 16.68 -62.20
N ALA X 247 67.46 15.66 -61.74
CA ALA X 247 66.80 14.59 -60.99
C ALA X 247 66.18 15.13 -59.71
N ILE X 248 66.83 16.09 -59.06
CA ILE X 248 66.22 16.73 -57.91
C ILE X 248 64.95 17.46 -58.31
N ASP X 249 64.88 17.94 -59.56
CA ASP X 249 63.69 18.63 -60.02
C ASP X 249 62.54 17.67 -60.27
N THR X 250 62.81 16.51 -60.85
CA THR X 250 61.76 15.54 -61.11
C THR X 250 61.41 14.72 -59.88
N VAL X 251 62.15 14.87 -58.79
CA VAL X 251 61.72 14.30 -57.51
C VAL X 251 60.85 15.30 -56.76
N SER X 252 61.21 16.58 -56.80
CA SER X 252 60.36 17.60 -56.21
C SER X 252 59.00 17.65 -56.88
N SER X 253 58.96 17.41 -58.20
CA SER X 253 57.67 17.35 -58.89
C SER X 253 56.83 16.18 -58.39
N GLU X 254 57.45 15.03 -58.16
CA GLU X 254 56.69 13.88 -57.68
C GLU X 254 56.24 14.09 -56.23
N ARG X 255 57.09 14.69 -55.41
CA ARG X 255 56.72 14.87 -54.01
C ARG X 255 55.50 15.74 -53.83
N ALA X 256 55.39 16.82 -54.61
CA ALA X 256 54.23 17.69 -54.48
C ALA X 256 53.06 17.28 -55.36
N LYS X 257 53.28 16.36 -56.30
CA LYS X 257 52.13 15.67 -56.88
C LYS X 257 51.47 14.76 -55.87
N LEU X 258 52.22 14.31 -54.85
CA LEU X 258 51.68 13.52 -53.77
C LEU X 258 51.30 14.34 -52.56
N GLY X 259 51.88 15.53 -52.41
CA GLY X 259 51.46 16.41 -51.34
C GLY X 259 50.19 17.13 -51.70
N ALA X 260 49.95 17.30 -52.99
CA ALA X 260 48.70 17.90 -53.43
C ALA X 260 47.53 16.96 -53.20
N VAL X 261 47.72 15.66 -53.47
CA VAL X 261 46.66 14.70 -53.23
C VAL X 261 46.39 14.57 -51.75
N GLN X 262 47.43 14.61 -50.92
CA GLN X 262 47.22 14.47 -49.49
C GLN X 262 46.49 15.66 -48.91
N ASN X 263 46.78 16.87 -49.41
CA ASN X 263 46.04 18.04 -48.99
C ASN X 263 44.57 17.92 -49.37
N ARG X 264 44.29 17.43 -50.58
CA ARG X 264 42.91 17.23 -50.99
C ARG X 264 42.21 16.21 -50.11
N LEU X 265 42.90 15.10 -49.81
CA LEU X 265 42.30 14.06 -48.98
C LEU X 265 42.05 14.52 -47.56
N GLU X 266 42.77 15.54 -47.09
CA GLU X 266 42.48 16.10 -45.78
C GLU X 266 41.21 16.92 -45.80
N HIS X 267 40.92 17.59 -46.92
CA HIS X 267 39.66 18.29 -47.07
C HIS X 267 38.51 17.32 -47.29
N THR X 268 38.76 16.24 -48.02
CA THR X 268 37.73 15.23 -48.23
C THR X 268 37.31 14.57 -46.94
N ILE X 269 38.21 14.45 -45.98
CA ILE X 269 37.88 13.80 -44.72
C ILE X 269 36.99 14.69 -43.85
N ASN X 270 37.30 15.98 -43.77
CA ASN X 270 36.44 16.89 -43.01
C ASN X 270 35.06 16.97 -43.62
N ASN X 271 34.96 16.96 -44.94
CA ASN X 271 33.65 17.03 -45.58
C ASN X 271 32.89 15.73 -45.44
N LEU X 272 33.57 14.59 -45.49
CA LEU X 272 32.91 13.32 -45.24
C LEU X 272 32.47 13.20 -43.79
N GLY X 273 33.28 13.68 -42.86
CA GLY X 273 32.90 13.68 -41.46
C GLY X 273 31.75 14.60 -41.16
N THR X 274 31.72 15.77 -41.79
CA THR X 274 30.59 16.69 -41.59
C THR X 274 29.31 16.14 -42.19
N SER X 275 29.39 15.46 -43.33
CA SER X 275 28.21 14.90 -43.96
C SER X 275 27.66 13.68 -43.24
N SER X 276 28.45 13.05 -42.38
CA SER X 276 27.90 11.97 -41.58
C SER X 276 27.11 12.51 -40.40
N GLU X 277 27.61 13.55 -39.73
CA GLU X 277 26.86 14.16 -38.65
C GLU X 277 25.55 14.74 -39.15
N ASN X 278 25.59 15.43 -40.28
CA ASN X 278 24.37 16.04 -40.81
C ASN X 278 23.37 14.99 -41.25
N LEU X 279 23.84 13.83 -41.66
CA LEU X 279 22.93 12.75 -42.03
C LEU X 279 22.56 11.88 -40.85
N THR X 280 23.47 11.69 -39.89
CA THR X 280 23.12 10.96 -38.68
C THR X 280 22.02 11.69 -37.93
N SER X 281 22.15 13.01 -37.79
CA SER X 281 21.11 13.79 -37.15
C SER X 281 19.83 13.77 -37.97
N ALA X 282 19.96 13.79 -39.29
CA ALA X 282 18.79 13.74 -40.15
C ALA X 282 18.06 12.41 -40.01
N GLU X 283 18.81 11.32 -39.91
CA GLU X 283 18.18 10.01 -39.79
C GLU X 283 17.61 9.78 -38.40
N SER X 284 18.23 10.36 -37.37
CA SER X 284 17.72 10.20 -36.02
C SER X 284 16.35 10.83 -35.87
N ARG X 285 16.14 12.01 -36.47
CA ARG X 285 14.84 12.65 -36.40
C ARG X 285 13.77 11.81 -37.08
N ILE X 286 14.12 11.16 -38.18
CA ILE X 286 13.14 10.34 -38.89
C ILE X 286 12.87 9.04 -38.15
N ARG X 287 13.91 8.43 -37.59
CA ARG X 287 13.82 7.06 -37.09
C ARG X 287 13.70 6.98 -35.58
N ASP X 288 14.57 7.68 -34.85
CA ASP X 288 14.57 7.56 -33.40
C ASP X 288 13.31 8.17 -32.81
N VAL X 289 12.92 7.67 -31.66
CA VAL X 289 11.71 8.11 -30.97
C VAL X 289 12.10 9.20 -29.99
N ASP X 290 11.13 10.07 -29.67
CA ASP X 290 11.30 11.08 -28.64
C ASP X 290 10.89 10.46 -27.31
N MET X 291 11.86 10.29 -26.41
CA MET X 291 11.60 9.59 -25.17
C MET X 291 10.53 10.32 -24.35
N ALA X 292 10.60 11.64 -24.28
CA ALA X 292 9.65 12.40 -23.49
C ALA X 292 8.25 12.30 -24.08
N SER X 293 8.11 12.56 -25.38
CA SER X 293 6.80 12.56 -26.00
C SER X 293 6.20 11.18 -26.10
N GLU X 294 6.98 10.12 -25.89
CA GLU X 294 6.49 8.76 -25.98
C GLU X 294 6.18 8.16 -24.62
N MET X 295 7.00 8.45 -23.61
CA MET X 295 6.68 8.01 -22.25
C MET X 295 5.40 8.66 -21.76
N MET X 296 5.20 9.95 -22.08
CA MET X 296 3.97 10.62 -21.72
C MET X 296 2.77 10.02 -22.43
N GLU X 297 2.94 9.56 -23.67
CA GLU X 297 1.84 8.94 -24.37
C GLU X 297 1.60 7.52 -23.89
N TYR X 298 2.66 6.81 -23.51
CA TYR X 298 2.50 5.46 -22.97
C TYR X 298 1.70 5.48 -21.68
N THR X 299 1.99 6.45 -20.81
CA THR X 299 1.26 6.55 -19.55
C THR X 299 -0.22 6.82 -19.78
N LYS X 300 -0.56 7.59 -20.81
CA LYS X 300 -1.96 7.89 -21.07
C LYS X 300 -2.73 6.62 -21.40
N ASN X 301 -2.26 5.85 -22.38
CA ASN X 301 -2.95 4.60 -22.70
C ASN X 301 -2.85 3.59 -21.58
N ASN X 302 -1.82 3.69 -20.74
CA ASN X 302 -1.73 2.82 -19.59
C ASN X 302 -2.75 3.18 -18.53
N ILE X 303 -3.33 4.38 -18.59
CA ILE X 303 -4.42 4.75 -17.69
C ILE X 303 -5.76 4.46 -18.32
N LEU X 304 -5.92 4.75 -19.61
CA LEU X 304 -7.17 4.50 -20.30
C LEU X 304 -7.55 3.03 -20.27
N THR X 305 -6.57 2.13 -20.19
CA THR X 305 -6.88 0.71 -20.04
C THR X 305 -7.31 0.35 -18.62
N GLN X 306 -6.79 1.06 -17.62
CA GLN X 306 -7.24 0.84 -16.25
C GLN X 306 -8.62 1.43 -16.02
N ALA X 307 -8.92 2.56 -16.68
CA ALA X 307 -10.28 3.10 -16.61
C ALA X 307 -11.28 2.14 -17.21
N SER X 308 -10.95 1.54 -18.35
CA SER X 308 -11.81 0.54 -18.94
C SER X 308 -11.84 -0.74 -18.09
N GLN X 309 -10.71 -1.08 -17.47
CA GLN X 309 -10.68 -2.21 -16.56
C GLN X 309 -11.61 -1.99 -15.38
N ALA X 310 -11.58 -0.79 -14.80
CA ALA X 310 -12.42 -0.49 -13.64
C ALA X 310 -13.90 -0.53 -13.99
N MET X 311 -14.26 0.01 -15.15
CA MET X 311 -15.67 0.02 -15.53
C MET X 311 -16.17 -1.32 -16.03
N LEU X 312 -15.28 -2.17 -16.54
CA LEU X 312 -15.68 -3.51 -16.93
C LEU X 312 -16.17 -4.32 -15.73
N ALA X 313 -15.51 -4.15 -14.59
CA ALA X 313 -15.92 -4.86 -13.38
C ALA X 313 -17.34 -4.45 -12.99
N GLN X 314 -17.64 -3.16 -13.04
CA GLN X 314 -18.99 -2.70 -12.71
C GLN X 314 -19.99 -3.11 -13.76
N ALA X 315 -19.57 -3.17 -15.03
CA ALA X 315 -20.48 -3.57 -16.09
C ALA X 315 -21.01 -4.99 -15.89
N ASN X 316 -20.21 -5.86 -15.29
CA ASN X 316 -20.66 -7.22 -15.01
C ASN X 316 -21.59 -7.27 -13.81
N GLN X 317 -21.47 -6.31 -12.88
CA GLN X 317 -22.30 -6.34 -11.68
C GLN X 317 -23.74 -5.92 -11.99
N GLN X 318 -23.92 -5.09 -13.01
CA GLN X 318 -25.26 -4.58 -13.33
C GLN X 318 -26.28 -5.67 -13.66
N PRO X 319 -25.98 -6.69 -14.48
CA PRO X 319 -26.97 -7.75 -14.71
C PRO X 319 -27.29 -8.57 -13.47
N GLN X 320 -26.46 -8.52 -12.44
CA GLN X 320 -26.67 -9.33 -11.25
C GLN X 320 -27.85 -8.88 -10.41
N GLN X 321 -28.44 -7.71 -10.70
CA GLN X 321 -29.49 -7.16 -9.87
C GLN X 321 -30.88 -7.66 -10.22
N VAL X 322 -31.03 -8.40 -11.32
CA VAL X 322 -32.34 -8.93 -11.67
C VAL X 322 -32.71 -10.14 -10.84
N LEU X 323 -31.74 -10.76 -10.17
CA LEU X 323 -32.04 -11.94 -9.35
C LEU X 323 -32.91 -11.57 -8.16
N GLN X 324 -32.66 -10.42 -7.54
CA GLN X 324 -33.49 -9.97 -6.43
C GLN X 324 -34.91 -9.66 -6.88
N LEU X 325 -35.10 -9.32 -8.15
CA LEU X 325 -36.43 -9.11 -8.69
C LEU X 325 -37.11 -10.41 -9.09
N LEU X 326 -36.34 -11.41 -9.52
CA LEU X 326 -36.91 -12.66 -10.00
C LEU X 326 -37.46 -13.52 -8.86
N LYS X 327 -37.03 -13.29 -7.64
CA LYS X 327 -37.54 -14.04 -6.49
C LYS X 327 -38.75 -13.35 -5.88
N MET Y 1 -28.30 -30.86 -11.74
CA MET Y 1 -27.34 -30.44 -10.73
C MET Y 1 -26.88 -31.62 -9.89
N ARG Y 2 -25.68 -32.11 -10.16
CA ARG Y 2 -25.10 -33.22 -9.42
C ARG Y 2 -24.21 -32.67 -8.30
N ILE Y 3 -24.43 -33.15 -7.09
CA ILE Y 3 -23.83 -32.58 -5.90
C ILE Y 3 -22.65 -33.39 -5.41
N ASN Y 4 -22.72 -34.72 -5.53
CA ASN Y 4 -21.68 -35.59 -4.96
C ASN Y 4 -20.32 -35.38 -5.60
N HIS Y 5 -20.25 -34.71 -6.75
CA HIS Y 5 -18.97 -34.45 -7.40
C HIS Y 5 -19.02 -33.09 -8.07
N ASN Y 6 -18.00 -32.28 -7.83
CA ASN Y 6 -17.90 -30.96 -8.43
C ASN Y 6 -16.77 -31.00 -9.45
N ILE Y 7 -17.11 -31.40 -10.67
CA ILE Y 7 -16.10 -31.53 -11.71
C ILE Y 7 -15.51 -30.18 -12.07
N ALA Y 8 -16.31 -29.12 -11.96
CA ALA Y 8 -15.79 -27.79 -12.23
C ALA Y 8 -14.68 -27.42 -11.25
N ALA Y 9 -14.87 -27.72 -9.96
CA ALA Y 9 -13.84 -27.45 -8.97
C ALA Y 9 -12.72 -28.46 -9.04
N LEU Y 10 -13.03 -29.72 -9.33
CA LEU Y 10 -11.98 -30.73 -9.46
C LEU Y 10 -11.07 -30.45 -10.64
N ASN Y 11 -11.62 -29.94 -11.74
CA ASN Y 11 -10.78 -29.55 -12.87
C ASN Y 11 -9.94 -28.34 -12.55
N THR Y 12 -10.50 -27.37 -11.82
CA THR Y 12 -9.74 -26.18 -11.46
C THR Y 12 -8.61 -26.51 -10.49
N SER Y 13 -8.79 -27.55 -9.67
CA SER Y 13 -7.72 -27.94 -8.74
C SER Y 13 -6.49 -28.40 -9.49
N ARG Y 14 -6.67 -29.16 -10.57
CA ARG Y 14 -5.52 -29.64 -11.33
C ARG Y 14 -4.76 -28.49 -11.97
N GLN Y 15 -5.48 -27.51 -12.52
CA GLN Y 15 -4.81 -26.33 -13.06
C GLN Y 15 -4.17 -25.52 -11.94
N LEU Y 16 -4.72 -25.58 -10.73
CA LEU Y 16 -4.08 -24.93 -9.59
C LEU Y 16 -2.77 -25.61 -9.24
N ASN Y 17 -2.76 -26.95 -9.19
CA ASN Y 17 -1.52 -27.67 -9.01
C ASN Y 17 -0.86 -27.99 -10.33
N ALA Y 18 -0.80 -27.00 -11.23
CA ALA Y 18 0.03 -27.05 -12.42
C ALA Y 18 0.71 -25.74 -12.73
N GLY Y 19 0.25 -24.63 -12.17
CA GLY Y 19 0.92 -23.36 -12.30
C GLY Y 19 1.74 -23.10 -11.06
N SER Y 20 1.33 -23.69 -9.94
CA SER Y 20 2.16 -23.66 -8.75
C SER Y 20 3.44 -24.43 -8.95
N ASN Y 21 3.36 -25.61 -9.60
CA ASN Y 21 4.56 -26.37 -9.90
C ASN Y 21 5.47 -25.59 -10.85
N ALA Y 22 4.89 -24.97 -11.87
CA ALA Y 22 5.70 -24.19 -12.81
C ALA Y 22 6.35 -23.00 -12.12
N ALA Y 23 5.61 -22.32 -11.24
CA ALA Y 23 6.18 -21.20 -10.50
C ALA Y 23 7.30 -21.66 -9.58
N SER Y 24 7.13 -22.81 -8.94
CA SER Y 24 8.18 -23.36 -8.09
C SER Y 24 9.43 -23.67 -8.91
N LYS Y 25 9.25 -24.27 -10.09
CA LYS Y 25 10.39 -24.55 -10.96
C LYS Y 25 11.06 -23.26 -11.43
N ASN Y 26 10.27 -22.23 -11.70
CA ASN Y 26 10.83 -20.97 -12.14
C ASN Y 26 11.59 -20.27 -11.03
N MET Y 27 11.14 -20.42 -9.79
CA MET Y 27 11.82 -19.79 -8.67
C MET Y 27 13.10 -20.51 -8.28
N GLU Y 28 13.20 -21.81 -8.57
CA GLU Y 28 14.46 -22.50 -8.39
C GLU Y 28 15.53 -21.89 -9.27
N LYS Y 29 15.21 -21.64 -10.54
CA LYS Y 29 16.17 -21.05 -11.45
C LYS Y 29 16.52 -19.63 -11.03
N LEU Y 30 15.53 -18.86 -10.60
CA LEU Y 30 15.78 -17.47 -10.23
C LEU Y 30 16.66 -17.36 -9.01
N SER Y 31 16.44 -18.22 -8.01
CA SER Y 31 17.25 -18.19 -6.80
C SER Y 31 18.67 -18.65 -7.07
N SER Y 32 18.83 -19.79 -7.74
CA SER Y 32 20.16 -20.35 -7.98
C SER Y 32 20.89 -19.63 -9.10
N GLY Y 33 20.16 -19.06 -10.05
CA GLY Y 33 20.79 -18.45 -11.20
C GLY Y 33 21.21 -19.42 -12.29
N LEU Y 34 20.76 -20.66 -12.22
CA LEU Y 34 21.15 -21.70 -13.17
C LEU Y 34 19.93 -22.27 -13.86
N ARG Y 35 20.01 -22.42 -15.19
CA ARG Y 35 18.95 -23.09 -15.94
C ARG Y 35 18.82 -24.53 -15.52
N ILE Y 36 19.94 -25.23 -15.39
CA ILE Y 36 19.96 -26.66 -15.16
C ILE Y 36 20.34 -26.88 -13.70
N ASN Y 37 19.34 -27.09 -12.86
CA ASN Y 37 19.57 -27.50 -11.48
C ASN Y 37 19.55 -29.03 -11.38
N ARG Y 38 18.44 -29.64 -11.76
CA ARG Y 38 18.35 -31.08 -11.90
C ARG Y 38 18.81 -31.50 -13.28
N ALA Y 39 19.03 -32.81 -13.44
CA ALA Y 39 19.41 -33.32 -14.74
C ALA Y 39 18.23 -33.43 -15.69
N GLY Y 40 17.01 -33.29 -15.21
CA GLY Y 40 15.84 -33.34 -16.06
C GLY Y 40 15.55 -32.08 -16.82
N ASP Y 41 16.20 -30.96 -16.47
CA ASP Y 41 16.03 -29.73 -17.21
C ASP Y 41 16.78 -29.76 -18.54
N ASP Y 42 17.97 -30.37 -18.56
CA ASP Y 42 18.68 -30.58 -19.81
C ASP Y 42 19.68 -31.70 -19.57
N ALA Y 43 19.44 -32.87 -20.17
CA ALA Y 43 20.38 -33.98 -20.03
C ALA Y 43 21.69 -33.66 -20.74
N ALA Y 44 21.61 -33.28 -22.01
CA ALA Y 44 22.81 -32.90 -22.74
C ALA Y 44 23.39 -31.60 -22.19
N GLY Y 45 22.54 -30.69 -21.70
CA GLY Y 45 23.06 -29.50 -21.07
C GLY Y 45 23.84 -29.80 -19.81
N LEU Y 46 23.35 -30.75 -19.01
CA LEU Y 46 24.09 -31.18 -17.84
C LEU Y 46 25.41 -31.83 -18.24
N ALA Y 47 25.38 -32.71 -19.24
CA ALA Y 47 26.59 -33.40 -19.65
C ALA Y 47 27.63 -32.44 -20.20
N ILE Y 48 27.22 -31.52 -21.07
CA ILE Y 48 28.16 -30.58 -21.68
C ILE Y 48 28.73 -29.65 -20.61
N SER Y 49 27.88 -29.20 -19.69
CA SER Y 49 28.31 -28.27 -18.66
C SER Y 49 29.45 -28.84 -17.83
N GLU Y 50 29.27 -30.07 -17.33
CA GLU Y 50 30.28 -30.67 -16.46
C GLU Y 50 31.60 -30.86 -17.18
N LYS Y 51 31.56 -31.30 -18.44
CA LYS Y 51 32.78 -31.33 -19.23
C LYS Y 51 33.38 -29.93 -19.30
N MET Y 52 32.55 -28.93 -19.55
CA MET Y 52 33.01 -27.56 -19.66
C MET Y 52 33.63 -27.07 -18.35
N ARG Y 53 32.93 -27.25 -17.23
CA ARG Y 53 33.45 -26.81 -15.94
C ARG Y 53 34.79 -27.48 -15.64
N SER Y 54 34.86 -28.79 -15.86
CA SER Y 54 36.09 -29.55 -15.67
C SER Y 54 37.22 -28.95 -16.48
N GLN Y 55 36.93 -28.57 -17.72
CA GLN Y 55 37.94 -27.98 -18.58
C GLN Y 55 38.30 -26.58 -18.13
N ILE Y 56 37.30 -25.78 -17.73
CA ILE Y 56 37.57 -24.40 -17.31
C ILE Y 56 38.40 -24.39 -16.03
N ARG Y 57 38.03 -25.21 -15.06
CA ARG Y 57 38.83 -25.28 -13.84
C ARG Y 57 40.17 -25.96 -14.07
N GLY Y 58 40.37 -26.57 -15.23
CA GLY Y 58 41.67 -27.11 -15.59
C GLY Y 58 42.55 -26.08 -16.25
N LEU Y 59 41.99 -25.30 -17.18
CA LEU Y 59 42.79 -24.29 -17.84
C LEU Y 59 43.17 -23.16 -16.90
N ASP Y 60 42.31 -22.82 -15.94
CA ASP Y 60 42.68 -21.79 -14.99
C ASP Y 60 43.69 -22.30 -13.97
N MET Y 61 43.71 -23.60 -13.73
CA MET Y 61 44.75 -24.19 -12.89
C MET Y 61 46.00 -24.49 -13.68
N ALA Y 62 45.86 -24.96 -14.92
CA ALA Y 62 47.03 -25.11 -15.78
C ALA Y 62 47.67 -23.78 -16.13
N SER Y 63 46.96 -22.67 -15.94
CA SER Y 63 47.57 -21.37 -16.06
C SER Y 63 48.38 -21.01 -14.83
N LYS Y 64 48.09 -21.61 -13.68
CA LYS Y 64 48.96 -21.47 -12.52
C LYS Y 64 50.23 -22.28 -12.69
N ASN Y 65 50.11 -23.49 -13.23
CA ASN Y 65 51.29 -24.30 -13.48
C ASN Y 65 52.22 -23.63 -14.48
N ALA Y 66 51.65 -23.04 -15.54
CA ALA Y 66 52.48 -22.32 -16.50
C ALA Y 66 53.18 -21.15 -15.85
N GLN Y 67 52.55 -20.50 -14.89
CA GLN Y 67 53.19 -19.38 -14.21
C GLN Y 67 54.10 -19.82 -13.09
N ASP Y 68 53.86 -20.99 -12.50
CA ASP Y 68 54.82 -21.57 -11.57
C ASP Y 68 56.03 -22.15 -12.27
N GLY Y 69 55.97 -22.31 -13.59
CA GLY Y 69 57.12 -22.73 -14.36
C GLY Y 69 57.87 -21.52 -14.86
N ILE Y 70 57.16 -20.42 -15.06
CA ILE Y 70 57.82 -19.16 -15.40
C ILE Y 70 58.67 -18.69 -14.25
N SER Y 71 58.21 -18.89 -13.02
CA SER Y 71 59.00 -18.52 -11.85
C SER Y 71 60.19 -19.45 -11.68
N LEU Y 72 60.00 -20.74 -11.91
CA LEU Y 72 61.10 -21.68 -11.79
C LEU Y 72 62.18 -21.39 -12.82
N ILE Y 73 61.80 -20.86 -13.96
CA ILE Y 73 62.76 -20.59 -15.03
C ILE Y 73 63.42 -19.24 -14.84
N GLN Y 74 62.69 -18.24 -14.34
CA GLN Y 74 63.28 -16.95 -14.03
C GLN Y 74 64.35 -17.09 -12.95
N THR Y 75 64.14 -17.99 -12.00
CA THR Y 75 65.13 -18.22 -10.96
C THR Y 75 66.43 -18.76 -11.54
N SER Y 76 66.33 -19.71 -12.48
CA SER Y 76 67.53 -20.31 -13.04
C SER Y 76 68.31 -19.30 -13.86
N GLU Y 77 67.66 -18.61 -14.79
CA GLU Y 77 68.38 -17.65 -15.61
C GLU Y 77 68.80 -16.44 -14.79
N GLY Y 78 68.04 -16.10 -13.75
CA GLY Y 78 68.51 -15.08 -12.83
C GLY Y 78 69.82 -15.47 -12.16
N ALA Y 79 69.98 -16.76 -11.84
CA ALA Y 79 71.22 -17.24 -11.26
C ALA Y 79 72.34 -17.21 -12.29
N LEU Y 80 72.09 -17.73 -13.53
CA LEU Y 80 73.12 -17.68 -14.55
C LEU Y 80 73.45 -16.27 -14.99
N ASN Y 81 72.61 -15.29 -14.63
CA ASN Y 81 72.98 -13.91 -14.88
C ASN Y 81 74.27 -13.55 -14.17
N GLU Y 82 74.55 -14.19 -13.05
CA GLU Y 82 75.76 -13.89 -12.29
C GLU Y 82 76.91 -14.77 -12.66
N THR Y 83 76.67 -16.02 -13.04
CA THR Y 83 77.74 -16.81 -13.62
C THR Y 83 78.31 -16.13 -14.84
N HIS Y 84 77.55 -15.31 -15.52
CA HIS Y 84 78.13 -14.53 -16.61
C HIS Y 84 79.08 -13.47 -16.10
N SER Y 85 78.73 -12.80 -15.02
CA SER Y 85 79.58 -11.73 -14.54
C SER Y 85 80.84 -12.27 -13.89
N ILE Y 86 80.70 -13.40 -13.24
CA ILE Y 86 81.90 -14.00 -12.67
C ILE Y 86 82.81 -14.51 -13.76
N LEU Y 87 82.26 -15.16 -14.78
CA LEU Y 87 83.07 -15.58 -15.92
C LEU Y 87 83.64 -14.40 -16.67
N GLN Y 88 82.96 -13.27 -16.65
CA GLN Y 88 83.48 -12.08 -17.33
C GLN Y 88 84.66 -11.50 -16.58
N ARG Y 89 84.55 -11.38 -15.27
CA ARG Y 89 85.68 -10.97 -14.45
C ARG Y 89 86.79 -12.01 -14.50
N MET Y 90 86.43 -13.28 -14.52
CA MET Y 90 87.41 -14.34 -14.57
C MET Y 90 88.22 -14.32 -15.85
N SER Y 91 87.74 -13.62 -16.87
CA SER Y 91 88.47 -13.50 -18.12
C SER Y 91 89.43 -12.33 -18.14
N GLU Y 92 89.19 -11.30 -17.32
CA GLU Y 92 90.19 -10.26 -17.15
C GLU Y 92 91.39 -10.78 -16.37
N LEU Y 93 91.17 -11.64 -15.38
CA LEU Y 93 92.30 -12.27 -14.72
C LEU Y 93 92.82 -13.46 -15.51
N ALA Y 94 92.91 -13.31 -16.81
CA ALA Y 94 93.74 -14.16 -17.65
C ALA Y 94 94.40 -13.38 -18.77
N THR Y 95 93.91 -12.18 -19.09
CA THR Y 95 94.62 -11.27 -19.96
C THR Y 95 95.66 -10.49 -19.19
N GLN Y 96 95.43 -10.32 -17.89
CA GLN Y 96 96.43 -9.70 -17.03
C GLN Y 96 97.50 -10.69 -16.63
N ALA Y 97 97.12 -11.94 -16.39
CA ALA Y 97 98.08 -12.98 -16.03
C ALA Y 97 98.92 -13.44 -17.21
N ALA Y 98 98.48 -13.19 -18.43
CA ALA Y 98 99.24 -13.59 -19.61
C ALA Y 98 100.38 -12.63 -19.92
N ASN Y 99 100.29 -11.39 -19.46
CA ASN Y 99 101.38 -10.45 -19.65
C ASN Y 99 102.61 -10.91 -18.89
N ASP Y 100 103.79 -10.70 -19.48
CA ASP Y 100 105.02 -11.21 -18.89
C ASP Y 100 105.75 -10.17 -18.06
N THR Y 101 105.13 -9.01 -17.82
CA THR Y 101 105.63 -8.13 -16.76
C THR Y 101 105.25 -8.62 -15.38
N ASN Y 102 104.25 -9.49 -15.29
CA ASN Y 102 103.93 -10.15 -14.03
C ASN Y 102 105.03 -11.14 -13.67
N THR Y 103 105.22 -11.34 -12.37
CA THR Y 103 106.07 -12.41 -11.88
C THR Y 103 105.19 -13.51 -11.30
N ASP Y 104 105.81 -14.65 -11.01
CA ASP Y 104 105.06 -15.76 -10.43
C ASP Y 104 104.49 -15.39 -9.07
N SER Y 105 105.15 -14.48 -8.35
CA SER Y 105 104.60 -13.96 -7.12
C SER Y 105 103.31 -13.20 -7.35
N ASP Y 106 103.09 -12.70 -8.57
CA ASP Y 106 101.88 -11.94 -8.89
C ASP Y 106 100.89 -12.73 -9.73
N ARG Y 107 101.36 -13.69 -10.52
CA ARG Y 107 100.42 -14.61 -11.16
C ARG Y 107 99.72 -15.46 -10.11
N SER Y 108 100.49 -16.00 -9.16
CA SER Y 108 99.89 -16.71 -8.04
C SER Y 108 99.09 -15.76 -7.17
N GLU Y 109 99.36 -14.47 -7.29
CA GLU Y 109 98.56 -13.50 -6.56
C GLU Y 109 97.19 -13.36 -7.20
N LEU Y 110 97.16 -13.37 -8.53
CA LEU Y 110 95.89 -13.38 -9.27
C LEU Y 110 95.15 -14.69 -9.07
N GLN Y 111 95.89 -15.79 -8.92
CA GLN Y 111 95.26 -17.10 -8.75
C GLN Y 111 94.39 -17.13 -7.50
N LYS Y 112 94.67 -16.27 -6.53
CA LYS Y 112 93.84 -16.23 -5.33
C LYS Y 112 92.41 -15.84 -5.68
N GLU Y 113 92.22 -14.86 -6.55
CA GLU Y 113 90.89 -14.51 -6.99
C GLU Y 113 90.35 -15.49 -8.03
N MET Y 114 91.25 -16.10 -8.80
CA MET Y 114 90.85 -17.18 -9.71
C MET Y 114 90.13 -18.28 -8.95
N ASP Y 115 90.73 -18.76 -7.87
CA ASP Y 115 90.11 -19.82 -7.10
C ASP Y 115 88.91 -19.36 -6.33
N GLN Y 116 88.80 -18.07 -6.03
CA GLN Y 116 87.65 -17.57 -5.31
C GLN Y 116 86.47 -17.29 -6.22
N LEU Y 117 86.74 -16.91 -7.46
CA LEU Y 117 85.66 -16.77 -8.45
C LEU Y 117 85.15 -18.12 -8.88
N ALA Y 118 86.06 -19.06 -9.15
CA ALA Y 118 85.65 -20.39 -9.57
C ALA Y 118 84.91 -21.12 -8.46
N SER Y 119 85.17 -20.79 -7.20
CA SER Y 119 84.45 -21.38 -6.09
C SER Y 119 83.08 -20.74 -5.88
N GLU Y 120 82.84 -19.57 -6.47
CA GLU Y 120 81.53 -18.95 -6.41
C GLU Y 120 80.64 -19.41 -7.55
N VAL Y 121 81.21 -19.70 -8.70
CA VAL Y 121 80.46 -20.31 -9.79
C VAL Y 121 79.88 -21.64 -9.34
N THR Y 122 80.67 -22.43 -8.60
CA THR Y 122 80.17 -23.68 -8.07
C THR Y 122 79.08 -23.47 -7.03
N ARG Y 123 79.21 -22.41 -6.22
CA ARG Y 123 78.20 -22.16 -5.19
C ARG Y 123 76.84 -21.88 -5.82
N ILE Y 124 76.82 -21.07 -6.88
CA ILE Y 124 75.55 -20.73 -7.53
C ILE Y 124 74.86 -21.98 -8.05
N SER Y 125 75.63 -22.93 -8.57
CA SER Y 125 75.02 -24.15 -9.09
C SER Y 125 74.40 -24.98 -7.98
N THR Y 126 75.14 -25.17 -6.88
CA THR Y 126 74.65 -26.02 -5.81
C THR Y 126 73.70 -25.30 -4.85
N ASP Y 127 73.63 -23.98 -4.89
CA ASP Y 127 72.77 -23.24 -3.97
C ASP Y 127 71.48 -22.76 -4.60
N THR Y 128 71.48 -22.50 -5.90
CA THR Y 128 70.27 -22.03 -6.56
C THR Y 128 69.18 -23.09 -6.43
N GLU Y 129 68.09 -22.72 -5.76
CA GLU Y 129 67.07 -23.69 -5.39
C GLU Y 129 65.72 -23.03 -5.43
N PHE Y 130 64.87 -23.48 -6.34
CA PHE Y 130 63.46 -23.12 -6.34
C PHE Y 130 62.68 -24.22 -5.64
N ASN Y 131 61.77 -23.82 -4.76
CA ASN Y 131 61.01 -24.76 -3.94
C ASN Y 131 62.07 -25.53 -3.17
N THR Y 132 62.18 -26.83 -3.32
CA THR Y 132 63.30 -27.60 -2.78
C THR Y 132 64.06 -28.35 -3.87
N LYS Y 133 64.14 -27.74 -5.05
CA LYS Y 133 64.76 -28.35 -6.21
C LYS Y 133 66.02 -27.59 -6.57
N LYS Y 134 67.13 -28.30 -6.67
CA LYS Y 134 68.38 -27.71 -7.13
C LYS Y 134 68.35 -27.66 -8.64
N LEU Y 135 68.32 -26.45 -9.20
CA LEU Y 135 68.09 -26.29 -10.63
C LEU Y 135 69.36 -26.49 -11.45
N LEU Y 136 70.46 -25.87 -11.03
CA LEU Y 136 71.65 -25.79 -11.85
C LEU Y 136 72.69 -26.85 -11.53
N ASP Y 137 72.35 -27.85 -10.73
CA ASP Y 137 73.31 -28.89 -10.37
C ASP Y 137 73.15 -30.15 -11.22
N GLY Y 138 72.39 -30.06 -12.31
CA GLY Y 138 72.25 -31.18 -13.21
C GLY Y 138 71.21 -32.20 -12.81
N THR Y 139 70.48 -31.97 -11.73
CA THR Y 139 69.42 -32.89 -11.31
C THR Y 139 68.05 -32.48 -11.79
N ALA Y 140 67.87 -31.23 -12.21
CA ALA Y 140 66.59 -30.76 -12.72
C ALA Y 140 66.51 -31.11 -14.20
N GLN Y 141 66.13 -32.36 -14.46
CA GLN Y 141 65.97 -32.85 -15.82
C GLN Y 141 64.57 -33.41 -15.99
N ASN Y 142 64.04 -33.28 -17.20
CA ASN Y 142 62.72 -33.81 -17.54
C ASN Y 142 61.63 -33.14 -16.72
N LEU Y 143 61.84 -31.88 -16.36
CA LEU Y 143 60.82 -31.13 -15.64
C LEU Y 143 59.59 -30.96 -16.50
N THR Y 144 58.49 -31.56 -16.08
CA THR Y 144 57.27 -31.60 -16.86
C THR Y 144 56.27 -30.61 -16.27
N PHE Y 145 55.93 -29.58 -17.04
CA PHE Y 145 54.89 -28.64 -16.65
C PHE Y 145 53.60 -29.02 -17.34
N GLN Y 146 52.56 -29.24 -16.55
CA GLN Y 146 51.24 -29.56 -17.12
C GLN Y 146 50.60 -28.26 -17.56
N ILE Y 147 50.95 -27.82 -18.76
CA ILE Y 147 50.32 -26.65 -19.36
C ILE Y 147 49.15 -27.12 -20.20
N GLY Y 148 48.03 -27.35 -19.58
CA GLY Y 148 46.87 -27.91 -20.25
C GLY Y 148 46.06 -28.73 -19.27
N ALA Y 149 44.79 -28.89 -19.59
CA ALA Y 149 43.84 -29.51 -18.69
C ALA Y 149 43.73 -31.02 -18.85
N ASN Y 150 44.50 -31.63 -19.76
CA ASN Y 150 44.34 -33.03 -20.10
C ASN Y 150 45.69 -33.74 -20.02
N GLU Y 151 45.67 -35.03 -20.34
CA GLU Y 151 46.90 -35.80 -20.47
C GLU Y 151 47.78 -35.28 -21.60
N GLY Y 152 49.09 -35.43 -21.42
CA GLY Y 152 50.02 -35.17 -22.48
C GLY Y 152 50.09 -33.74 -22.93
N GLN Y 153 49.42 -32.83 -22.23
CA GLN Y 153 49.51 -31.41 -22.54
C GLN Y 153 50.58 -30.78 -21.66
N THR Y 154 51.79 -31.30 -21.82
CA THR Y 154 52.93 -30.96 -20.98
C THR Y 154 54.04 -30.37 -21.82
N MET Y 155 55.03 -29.82 -21.11
CA MET Y 155 56.26 -29.37 -21.71
C MET Y 155 57.43 -29.82 -20.84
N SER Y 156 58.44 -30.40 -21.47
CA SER Y 156 59.60 -30.85 -20.73
C SER Y 156 60.66 -29.74 -20.68
N LEU Y 157 61.66 -29.94 -19.83
CA LEU Y 157 62.74 -29.00 -19.69
C LEU Y 157 63.89 -29.69 -18.99
N SER Y 158 65.12 -29.37 -19.40
CA SER Y 158 66.30 -29.97 -18.80
C SER Y 158 67.39 -28.92 -18.73
N ILE Y 159 67.72 -28.51 -17.51
CA ILE Y 159 68.80 -27.57 -17.29
C ILE Y 159 70.07 -28.36 -16.98
N ASN Y 160 71.14 -28.08 -17.71
CA ASN Y 160 72.38 -28.82 -17.53
C ASN Y 160 73.12 -28.33 -16.30
N LYS Y 161 74.08 -29.13 -15.86
CA LYS Y 161 74.92 -28.75 -14.73
C LYS Y 161 75.82 -27.59 -15.14
N MET Y 162 75.76 -26.50 -14.37
CA MET Y 162 76.42 -25.25 -14.73
C MET Y 162 77.35 -24.79 -13.62
N ASP Y 163 78.17 -25.70 -13.12
CA ASP Y 163 79.17 -25.39 -12.13
C ASP Y 163 80.54 -25.31 -12.81
N SER Y 164 81.55 -24.91 -12.02
CA SER Y 164 82.87 -24.68 -12.58
C SER Y 164 83.46 -25.96 -13.14
N GLU Y 165 83.17 -27.10 -12.52
CA GLU Y 165 83.66 -28.37 -13.04
C GLU Y 165 83.10 -28.65 -14.43
N SER Y 166 81.81 -28.38 -14.63
CA SER Y 166 81.19 -28.67 -15.91
C SER Y 166 81.64 -27.69 -16.99
N LEU Y 167 81.76 -26.40 -16.65
CA LEU Y 167 82.26 -25.42 -17.59
C LEU Y 167 83.77 -25.51 -17.79
N LYS Y 168 84.45 -26.34 -16.99
CA LYS Y 168 85.89 -26.55 -17.09
C LYS Y 168 86.70 -25.32 -16.70
N VAL Y 169 86.12 -24.43 -15.90
CA VAL Y 169 86.83 -23.29 -15.38
C VAL Y 169 87.30 -23.51 -13.95
N GLY Y 170 87.29 -24.76 -13.49
CA GLY Y 170 87.69 -25.04 -12.12
C GLY Y 170 87.68 -26.53 -11.90
N THR Y 171 87.93 -26.91 -10.65
CA THR Y 171 87.90 -28.31 -10.27
C THR Y 171 87.62 -28.39 -8.78
N THR Y 172 86.81 -29.35 -8.37
CA THR Y 172 86.33 -29.45 -7.00
C THR Y 172 86.91 -30.70 -6.36
N TYR Y 173 87.78 -30.51 -5.38
CA TYR Y 173 88.30 -31.58 -4.56
C TYR Y 173 87.40 -31.76 -3.35
N THR Y 174 87.17 -33.01 -2.96
CA THR Y 174 86.45 -33.30 -1.75
C THR Y 174 87.38 -34.04 -0.79
N ALA Y 175 87.16 -33.81 0.50
CA ALA Y 175 88.03 -34.37 1.53
C ALA Y 175 87.62 -35.79 1.85
N ASN Y 176 88.60 -36.69 1.87
CA ASN Y 176 88.33 -38.07 2.22
C ASN Y 176 87.93 -38.16 3.70
N ASP Y 177 87.56 -39.37 4.12
CA ASP Y 177 86.96 -39.53 5.44
C ASP Y 177 87.91 -39.11 6.56
N ASP Y 178 89.17 -39.50 6.47
CA ASP Y 178 90.18 -39.11 7.43
C ASP Y 178 90.63 -37.66 7.22
N GLY Y 179 90.62 -37.17 5.98
CA GLY Y 179 91.08 -35.84 5.68
C GLY Y 179 92.54 -35.80 5.31
N SER Y 180 93.13 -36.97 5.05
CA SER Y 180 94.53 -37.03 4.67
C SER Y 180 94.75 -36.51 3.26
N LYS Y 181 93.85 -36.86 2.33
CA LYS Y 181 94.03 -36.54 0.92
C LYS Y 181 92.74 -35.98 0.35
N LEU Y 182 92.81 -34.77 -0.22
CA LEU Y 182 91.69 -34.22 -0.95
C LEU Y 182 91.49 -34.98 -2.25
N VAL Y 183 90.26 -35.39 -2.50
CA VAL Y 183 89.94 -36.24 -3.65
C VAL Y 183 88.94 -35.51 -4.52
N THR Y 184 89.25 -35.39 -5.80
CA THR Y 184 88.28 -34.87 -6.75
C THR Y 184 87.59 -36.02 -7.47
N ALA Y 185 86.48 -35.72 -8.12
CA ALA Y 185 85.90 -36.68 -9.05
C ALA Y 185 86.88 -36.89 -10.21
N ASP Y 186 86.93 -38.13 -10.71
CA ASP Y 186 87.96 -38.70 -11.57
C ASP Y 186 89.18 -39.07 -10.71
N GLY Y 187 89.23 -38.65 -9.45
CA GLY Y 187 90.25 -39.13 -8.53
C GLY Y 187 91.63 -38.56 -8.72
N LYS Y 188 91.79 -37.27 -8.47
CA LYS Y 188 93.11 -36.64 -8.40
C LYS Y 188 93.43 -36.39 -6.93
N GLU Y 189 94.55 -36.92 -6.47
CA GLU Y 189 94.87 -36.94 -5.06
C GLU Y 189 95.56 -35.65 -4.65
N ALA Y 190 95.38 -35.29 -3.37
CA ALA Y 190 96.07 -34.14 -2.81
C ALA Y 190 96.32 -34.42 -1.34
N THR Y 191 97.51 -34.93 -1.03
CA THR Y 191 97.82 -35.37 0.33
C THR Y 191 98.22 -34.21 1.21
N LEU Y 192 97.97 -34.38 2.51
CA LEU Y 192 98.26 -33.35 3.50
C LEU Y 192 99.69 -33.39 4.04
N VAL Y 193 100.19 -32.20 4.42
CA VAL Y 193 101.54 -31.92 4.91
C VAL Y 193 102.69 -32.51 4.10
N THR Y 194 102.65 -32.34 2.79
CA THR Y 194 103.61 -32.96 1.91
C THR Y 194 104.45 -32.01 1.06
N LYS Y 198 109.14 -30.84 3.15
CA LYS Y 198 107.99 -30.32 3.86
C LYS Y 198 107.45 -29.08 3.17
N GLY Y 199 108.23 -27.99 3.21
CA GLY Y 199 107.85 -26.76 2.57
C GLY Y 199 106.65 -26.12 3.25
N PRO Y 200 106.04 -25.13 2.60
CA PRO Y 200 104.82 -24.54 3.13
C PRO Y 200 103.73 -25.60 3.28
N ASN Y 201 102.92 -25.44 4.32
CA ASN Y 201 102.02 -26.50 4.76
C ASN Y 201 100.69 -26.42 4.04
N GLY Y 202 100.21 -27.56 3.56
CA GLY Y 202 98.93 -27.64 2.88
C GLY Y 202 98.77 -28.99 2.20
N TYR Y 203 97.70 -29.10 1.42
CA TYR Y 203 97.38 -30.32 0.68
C TYR Y 203 98.13 -30.30 -0.63
N TYR Y 204 99.26 -30.98 -0.66
CA TYR Y 204 100.05 -30.98 -1.88
C TYR Y 204 99.56 -32.03 -2.86
N ASP Y 205 99.95 -31.85 -4.12
CA ASP Y 205 99.55 -32.68 -5.23
C ASP Y 205 100.76 -33.51 -5.66
N ASP Y 206 100.60 -34.36 -6.66
CA ASP Y 206 101.66 -35.25 -7.11
C ASP Y 206 102.79 -34.53 -7.83
N ALA Y 207 102.72 -33.20 -7.92
CA ALA Y 207 103.78 -32.43 -8.56
C ALA Y 207 104.30 -31.31 -7.70
N ASP Y 208 104.03 -31.39 -6.38
CA ASP Y 208 104.55 -30.47 -5.36
C ASP Y 208 103.81 -29.13 -5.49
N LYS Y 209 102.94 -29.00 -6.50
CA LYS Y 209 102.08 -27.83 -6.60
C LYS Y 209 101.09 -27.86 -5.44
N LEU Y 210 101.17 -26.85 -4.58
CA LEU Y 210 100.19 -26.72 -3.50
C LEU Y 210 98.79 -26.57 -4.09
N VAL Y 211 97.86 -27.33 -3.53
CA VAL Y 211 96.47 -27.28 -3.95
C VAL Y 211 95.63 -26.47 -2.96
N TYR Y 212 95.70 -26.80 -1.68
CA TYR Y 212 95.00 -26.06 -0.64
C TYR Y 212 95.99 -25.66 0.43
N GLN Y 213 95.76 -24.48 1.00
CA GLN Y 213 96.60 -23.94 2.06
C GLN Y 213 95.90 -24.18 3.39
N ALA Y 214 96.29 -25.24 4.08
CA ALA Y 214 95.77 -25.53 5.41
C ALA Y 214 96.81 -26.33 6.16
N ASP Y 215 96.93 -26.04 7.46
CA ASP Y 215 97.85 -26.76 8.32
C ASP Y 215 97.20 -27.87 9.11
N SER Y 216 95.94 -27.70 9.50
CA SER Y 216 95.18 -28.78 10.12
C SER Y 216 94.64 -29.71 9.03
N ALA Y 217 93.74 -30.61 9.40
CA ALA Y 217 93.13 -31.51 8.43
C ALA Y 217 91.69 -31.08 8.22
N LEU Y 218 91.28 -30.99 6.96
CA LEU Y 218 89.91 -30.61 6.65
C LEU Y 218 88.94 -31.65 7.18
N ALA Y 219 87.71 -31.21 7.43
CA ALA Y 219 86.68 -32.10 7.94
C ALA Y 219 86.24 -33.07 6.86
N LYS Y 220 85.24 -33.89 7.16
CA LYS Y 220 84.79 -34.94 6.26
C LYS Y 220 83.80 -34.36 5.25
N ASP Y 221 83.99 -34.70 3.98
CA ASP Y 221 83.16 -34.21 2.88
C ASP Y 221 83.12 -32.68 2.83
N THR Y 222 84.28 -32.05 3.01
CA THR Y 222 84.42 -30.62 2.76
C THR Y 222 84.99 -30.43 1.37
N LYS Y 223 84.25 -29.72 0.52
CA LYS Y 223 84.66 -29.50 -0.85
C LYS Y 223 85.46 -28.21 -0.95
N VAL Y 224 86.53 -28.24 -1.73
CA VAL Y 224 87.28 -27.04 -2.10
C VAL Y 224 87.29 -26.95 -3.61
N THR Y 225 87.17 -25.73 -4.12
CA THR Y 225 87.18 -25.49 -5.55
C THR Y 225 88.42 -24.68 -5.91
N LYS Y 226 89.13 -25.15 -6.93
CA LYS Y 226 90.38 -24.56 -7.34
C LYS Y 226 90.25 -24.10 -8.78
N GLY Y 227 90.54 -22.83 -9.04
CA GLY Y 227 90.33 -22.28 -10.36
C GLY Y 227 91.26 -22.88 -11.39
N ILE Y 228 90.98 -22.55 -12.65
CA ILE Y 228 91.82 -23.04 -13.74
C ILE Y 228 93.19 -22.39 -13.63
N ASP Y 229 94.21 -23.12 -14.07
CA ASP Y 229 95.59 -22.70 -13.86
C ASP Y 229 95.93 -21.49 -14.72
N ILE Y 230 96.23 -20.37 -14.08
CA ILE Y 230 96.75 -19.20 -14.76
C ILE Y 230 98.07 -18.73 -14.18
N SER Y 231 98.55 -19.35 -13.11
CA SER Y 231 99.71 -18.87 -12.38
C SER Y 231 100.99 -19.62 -12.69
N SER Y 232 100.90 -20.76 -13.39
CA SER Y 232 102.11 -21.53 -13.65
C SER Y 232 103.00 -20.88 -14.70
N SER Y 233 102.43 -20.14 -15.63
CA SER Y 233 103.20 -19.55 -16.72
C SER Y 233 102.31 -18.54 -17.43
N ALA Y 234 102.93 -17.81 -18.37
CA ALA Y 234 102.15 -16.96 -19.26
C ALA Y 234 101.45 -17.76 -20.34
N LYS Y 235 102.06 -18.86 -20.78
CA LYS Y 235 101.41 -19.74 -21.74
C LYS Y 235 100.16 -20.37 -21.14
N ALA Y 236 100.22 -20.79 -19.88
CA ALA Y 236 99.06 -21.38 -19.24
C ALA Y 236 97.93 -20.37 -19.10
N ALA Y 237 98.26 -19.12 -18.76
CA ALA Y 237 97.22 -18.10 -18.63
C ALA Y 237 96.55 -17.83 -19.96
N SER Y 238 97.33 -17.80 -21.05
CA SER Y 238 96.73 -17.66 -22.38
C SER Y 238 95.84 -18.85 -22.71
N SER Y 239 96.28 -20.07 -22.34
CA SER Y 239 95.46 -21.24 -22.59
C SER Y 239 94.12 -21.14 -21.88
N ALA Y 240 94.12 -20.66 -20.64
CA ALA Y 240 92.89 -20.48 -19.90
C ALA Y 240 91.96 -19.47 -20.54
N LEU Y 241 92.48 -18.61 -21.43
CA LEU Y 241 91.63 -17.60 -22.05
C LEU Y 241 90.56 -18.23 -22.93
N THR Y 242 90.92 -19.19 -23.77
CA THR Y 242 89.93 -19.87 -24.59
C THR Y 242 88.99 -20.71 -23.73
N THR Y 243 89.51 -21.34 -22.68
CA THR Y 243 88.64 -22.13 -21.82
C THR Y 243 87.60 -21.26 -21.15
N ILE Y 244 87.98 -20.07 -20.72
CA ILE Y 244 87.02 -19.17 -20.08
C ILE Y 244 86.05 -18.63 -21.11
N LYS Y 245 86.54 -18.20 -22.27
CA LYS Y 245 85.65 -17.61 -23.26
C LYS Y 245 84.71 -18.64 -23.87
N THR Y 246 85.08 -19.93 -23.82
CA THR Y 246 84.17 -20.98 -24.22
C THR Y 246 83.10 -21.21 -23.16
N ALA Y 247 83.48 -21.11 -21.89
CA ALA Y 247 82.50 -21.26 -20.82
C ALA Y 247 81.43 -20.18 -20.89
N ILE Y 248 81.82 -18.96 -21.28
CA ILE Y 248 80.83 -17.92 -21.50
C ILE Y 248 79.90 -18.30 -22.63
N ASP Y 249 80.38 -19.10 -23.60
CA ASP Y 249 79.54 -19.51 -24.71
C ASP Y 249 78.53 -20.58 -24.29
N THR Y 250 78.94 -21.53 -23.45
CA THR Y 250 78.04 -22.56 -22.99
C THR Y 250 77.15 -22.10 -21.84
N VAL Y 251 77.38 -20.90 -21.32
CA VAL Y 251 76.43 -20.30 -20.40
C VAL Y 251 75.39 -19.49 -21.16
N SER Y 252 75.81 -18.76 -22.18
CA SER Y 252 74.86 -18.07 -23.05
C SER Y 252 73.92 -19.05 -23.72
N SER Y 253 74.40 -20.23 -24.08
CA SER Y 253 73.53 -21.24 -24.66
C SER Y 253 72.48 -21.69 -23.66
N GLU Y 254 72.87 -21.88 -22.40
CA GLU Y 254 71.91 -22.30 -21.40
C GLU Y 254 70.92 -21.21 -21.07
N ARG Y 255 71.37 -19.95 -21.02
CA ARG Y 255 70.47 -18.87 -20.66
C ARG Y 255 69.35 -18.69 -21.67
N ALA Y 256 69.64 -18.81 -22.96
CA ALA Y 256 68.59 -18.67 -23.96
C ALA Y 256 67.88 -19.97 -24.29
N LYS Y 257 68.39 -21.11 -23.83
CA LYS Y 257 67.55 -22.29 -23.78
C LYS Y 257 66.48 -22.15 -22.72
N LEU Y 258 66.70 -21.31 -21.71
CA LEU Y 258 65.71 -21.02 -20.70
C LEU Y 258 64.92 -19.77 -20.99
N GLY Y 259 65.45 -18.86 -21.81
CA GLY Y 259 64.70 -17.70 -22.21
C GLY Y 259 63.74 -18.05 -23.32
N ALA Y 260 64.07 -19.09 -24.09
CA ALA Y 260 63.15 -19.57 -25.12
C ALA Y 260 61.94 -20.23 -24.51
N VAL Y 261 62.13 -21.02 -23.45
CA VAL Y 261 61.02 -21.67 -22.79
C VAL Y 261 60.13 -20.63 -22.10
N GLN Y 262 60.73 -19.60 -21.52
CA GLN Y 262 59.96 -18.59 -20.84
C GLN Y 262 59.12 -17.78 -21.82
N ASN Y 263 59.68 -17.48 -22.99
CA ASN Y 263 58.89 -16.81 -24.02
C ASN Y 263 57.72 -17.66 -24.47
N ARG Y 264 57.94 -18.96 -24.62
CA ARG Y 264 56.85 -19.85 -24.99
C ARG Y 264 55.78 -19.88 -23.90
N LEU Y 265 56.20 -19.96 -22.64
CA LEU Y 265 55.24 -20.02 -21.55
C LEU Y 265 54.46 -18.73 -21.39
N GLU Y 266 54.99 -17.61 -21.88
CA GLU Y 266 54.22 -16.38 -21.88
C GLU Y 266 53.12 -16.41 -22.94
N HIS Y 267 53.37 -17.07 -24.06
CA HIS Y 267 52.33 -17.26 -25.06
C HIS Y 267 51.32 -18.30 -24.62
N THR Y 268 51.78 -19.34 -23.93
CA THR Y 268 50.87 -20.35 -23.41
C THR Y 268 49.91 -19.78 -22.39
N ILE Y 269 50.31 -18.77 -21.65
CA ILE Y 269 49.44 -18.20 -20.62
C ILE Y 269 48.35 -17.36 -21.25
N ASN Y 270 48.67 -16.55 -22.26
CA ASN Y 270 47.64 -15.77 -22.94
C ASN Y 270 46.64 -16.67 -23.63
N ASN Y 271 47.10 -17.78 -24.21
CA ASN Y 271 46.19 -18.68 -24.88
C ASN Y 271 45.35 -19.48 -23.90
N LEU Y 272 45.92 -19.84 -22.75
CA LEU Y 272 45.13 -20.50 -21.72
C LEU Y 272 44.12 -19.54 -21.11
N GLY Y 273 44.50 -18.28 -20.91
CA GLY Y 273 43.56 -17.30 -20.40
C GLY Y 273 42.45 -16.98 -21.38
N THR Y 274 42.76 -16.91 -22.67
CA THR Y 274 41.73 -16.67 -23.67
C THR Y 274 40.78 -17.85 -23.79
N SER Y 275 41.29 -19.08 -23.65
CA SER Y 275 40.43 -20.24 -23.76
C SER Y 275 39.56 -20.45 -22.54
N SER Y 276 39.87 -19.82 -21.41
CA SER Y 276 38.96 -19.89 -20.27
C SER Y 276 37.80 -18.94 -20.44
N GLU Y 277 38.05 -17.73 -20.92
CA GLU Y 277 36.95 -16.79 -21.19
C GLU Y 277 36.01 -17.35 -22.23
N ASN Y 278 36.56 -17.90 -23.31
CA ASN Y 278 35.71 -18.41 -24.37
C ASN Y 278 34.91 -19.63 -23.92
N LEU Y 279 35.44 -20.38 -22.97
CA LEU Y 279 34.71 -21.52 -22.43
C LEU Y 279 33.82 -21.12 -21.26
N THR Y 280 34.24 -20.15 -20.46
CA THR Y 280 33.37 -19.65 -19.40
C THR Y 280 32.10 -19.04 -19.98
N SER Y 281 32.25 -18.24 -21.03
CA SER Y 281 31.09 -17.69 -21.71
C SER Y 281 30.27 -18.79 -22.37
N ALA Y 282 30.94 -19.78 -22.93
CA ALA Y 282 30.23 -20.89 -23.55
C ALA Y 282 29.42 -21.67 -22.53
N GLU Y 283 29.99 -21.90 -21.35
CA GLU Y 283 29.29 -22.65 -20.31
C GLU Y 283 28.18 -21.84 -19.67
N SER Y 284 28.35 -20.52 -19.57
CA SER Y 284 27.31 -19.69 -18.98
C SER Y 284 26.04 -19.71 -19.83
N ARG Y 285 26.19 -19.68 -21.15
CA ARG Y 285 25.01 -19.73 -22.01
C ARG Y 285 24.27 -21.05 -21.85
N ILE Y 286 25.00 -22.14 -21.67
CA ILE Y 286 24.37 -23.44 -21.52
C ILE Y 286 23.73 -23.58 -20.15
N ARG Y 287 24.39 -23.09 -19.11
CA ARG Y 287 24.02 -23.41 -17.74
C ARG Y 287 23.28 -22.27 -17.04
N ASP Y 288 23.80 -21.05 -17.11
CA ASP Y 288 23.19 -19.94 -16.40
C ASP Y 288 21.84 -19.58 -16.99
N VAL Y 289 20.97 -19.05 -16.16
CA VAL Y 289 19.63 -18.66 -16.57
C VAL Y 289 19.63 -17.21 -16.99
N ASP Y 290 18.69 -16.85 -17.85
CA ASP Y 290 18.48 -15.46 -18.24
C ASP Y 290 17.52 -14.83 -17.24
N MET Y 291 18.01 -13.88 -16.46
CA MET Y 291 17.20 -13.31 -15.39
C MET Y 291 15.95 -12.66 -15.94
N ALA Y 292 16.08 -11.92 -17.04
CA ALA Y 292 14.93 -11.22 -17.61
C ALA Y 292 13.89 -12.21 -18.14
N SER Y 293 14.33 -13.17 -18.95
CA SER Y 293 13.39 -14.10 -19.56
C SER Y 293 12.79 -15.08 -18.55
N GLU Y 294 13.36 -15.17 -17.35
CA GLU Y 294 12.86 -16.08 -16.33
C GLU Y 294 11.96 -15.38 -15.32
N MET Y 295 12.31 -14.15 -14.93
CA MET Y 295 11.44 -13.39 -14.04
C MET Y 295 10.11 -13.11 -14.72
N MET Y 296 10.15 -12.78 -16.02
CA MET Y 296 8.92 -12.56 -16.76
C MET Y 296 8.09 -13.83 -16.87
N GLU Y 297 8.73 -14.99 -16.95
CA GLU Y 297 7.98 -16.24 -17.00
C GLU Y 297 7.47 -16.64 -15.63
N TYR Y 298 8.23 -16.34 -14.57
CA TYR Y 298 7.77 -16.62 -13.23
C TYR Y 298 6.51 -15.84 -12.90
N THR Y 299 6.47 -14.56 -13.28
CA THR Y 299 5.30 -13.74 -13.01
C THR Y 299 4.07 -14.28 -13.73
N LYS Y 300 4.24 -14.83 -14.93
CA LYS Y 300 3.09 -15.36 -15.66
C LYS Y 300 2.44 -16.51 -14.90
N ASN Y 301 3.23 -17.53 -14.54
CA ASN Y 301 2.67 -18.64 -13.77
C ASN Y 301 2.22 -18.21 -12.39
N ASN Y 302 2.81 -17.14 -11.86
CA ASN Y 302 2.36 -16.62 -10.58
C ASN Y 302 1.01 -15.94 -10.70
N ILE Y 303 0.59 -15.58 -11.91
CA ILE Y 303 -0.74 -15.03 -12.13
C ILE Y 303 -1.73 -16.12 -12.49
N LEU Y 304 -1.31 -17.06 -13.34
CA LEU Y 304 -2.16 -18.17 -13.74
C LEU Y 304 -2.62 -18.99 -12.55
N THR Y 305 -1.83 -19.05 -11.49
CA THR Y 305 -2.26 -19.73 -10.28
C THR Y 305 -3.26 -18.92 -9.47
N GLN Y 306 -3.16 -17.59 -9.51
CA GLN Y 306 -4.16 -16.76 -8.86
C GLN Y 306 -5.47 -16.72 -9.63
N ALA Y 307 -5.40 -16.80 -10.96
CA ALA Y 307 -6.61 -16.92 -11.75
C ALA Y 307 -7.34 -18.21 -11.43
N SER Y 308 -6.60 -19.32 -11.32
CA SER Y 308 -7.21 -20.58 -10.92
C SER Y 308 -7.67 -20.54 -9.47
N GLN Y 309 -6.93 -19.83 -8.62
CA GLN Y 309 -7.36 -19.66 -7.23
C GLN Y 309 -8.67 -18.90 -7.17
N ALA Y 310 -8.80 -17.83 -7.95
CA ALA Y 310 -10.02 -17.04 -7.93
C ALA Y 310 -11.22 -17.82 -8.42
N MET Y 311 -11.05 -18.62 -9.47
CA MET Y 311 -12.16 -19.38 -10.02
C MET Y 311 -12.49 -20.61 -9.20
N LEU Y 312 -11.52 -21.14 -8.44
CA LEU Y 312 -11.82 -22.26 -7.56
C LEU Y 312 -12.80 -21.86 -6.47
N ALA Y 313 -12.67 -20.64 -5.95
CA ALA Y 313 -13.59 -20.15 -4.94
C ALA Y 313 -15.02 -20.11 -5.48
N GLN Y 314 -15.18 -19.62 -6.71
CA GLN Y 314 -16.51 -19.56 -7.31
C GLN Y 314 -17.02 -20.95 -7.67
N ALA Y 315 -16.11 -21.86 -8.04
CA ALA Y 315 -16.52 -23.21 -8.39
C ALA Y 315 -17.18 -23.93 -7.22
N ASN Y 316 -16.75 -23.61 -5.99
CA ASN Y 316 -17.37 -24.21 -4.82
C ASN Y 316 -18.72 -23.58 -4.49
N GLN Y 317 -18.93 -22.32 -4.89
CA GLN Y 317 -20.18 -21.65 -4.58
C GLN Y 317 -21.33 -22.17 -5.43
N GLN Y 318 -21.02 -22.63 -6.64
CA GLN Y 318 -22.07 -23.07 -7.56
C GLN Y 318 -22.93 -24.22 -7.02
N PRO Y 319 -22.38 -25.28 -6.41
CA PRO Y 319 -23.26 -26.32 -5.86
C PRO Y 319 -24.11 -25.84 -4.70
N GLN Y 320 -23.78 -24.71 -4.09
CA GLN Y 320 -24.52 -24.23 -2.92
C GLN Y 320 -25.92 -23.73 -3.27
N GLN Y 321 -26.25 -23.58 -4.55
CA GLN Y 321 -27.52 -22.98 -4.94
C GLN Y 321 -28.66 -23.98 -5.01
N VAL Y 322 -28.39 -25.28 -4.88
CA VAL Y 322 -29.47 -26.25 -4.92
C VAL Y 322 -30.23 -26.31 -3.60
N LEU Y 323 -29.67 -25.76 -2.53
CA LEU Y 323 -30.36 -25.78 -1.24
C LEU Y 323 -31.62 -24.94 -1.28
N GLN Y 324 -31.57 -23.78 -1.93
CA GLN Y 324 -32.75 -22.95 -2.07
C GLN Y 324 -33.83 -23.62 -2.89
N LEU Y 325 -33.46 -24.53 -3.78
CA LEU Y 325 -34.43 -25.31 -4.54
C LEU Y 325 -34.96 -26.50 -3.76
N LEU Y 326 -34.15 -27.08 -2.88
CA LEU Y 326 -34.55 -28.28 -2.16
C LEU Y 326 -35.58 -27.98 -1.06
N LYS Y 327 -35.68 -26.73 -0.64
CA LYS Y 327 -36.66 -26.36 0.38
C LYS Y 327 -37.98 -25.92 -0.27
N MET Z 1 -27.21 -35.86 15.08
CA MET Z 1 -26.71 -34.52 15.40
C MET Z 1 -26.73 -34.29 16.91
N ARG Z 2 -25.56 -34.34 17.52
CA ARG Z 2 -25.41 -34.10 18.95
C ARG Z 2 -25.04 -32.65 19.18
N ILE Z 3 -25.78 -31.98 20.06
CA ILE Z 3 -25.68 -30.53 20.22
C ILE Z 3 -24.86 -30.15 21.46
N ASN Z 4 -24.96 -30.94 22.52
CA ASN Z 4 -24.31 -30.56 23.78
C ASN Z 4 -22.80 -30.52 23.68
N HIS Z 5 -22.21 -31.10 22.63
CA HIS Z 5 -20.77 -31.07 22.47
C HIS Z 5 -20.45 -30.94 20.99
N ASN Z 6 -19.58 -30.01 20.65
CA ASN Z 6 -19.14 -29.79 19.27
C ASN Z 6 -17.69 -30.26 19.17
N ILE Z 7 -17.53 -31.56 18.90
CA ILE Z 7 -16.19 -32.12 18.84
C ILE Z 7 -15.41 -31.54 17.65
N ALA Z 8 -16.11 -31.19 16.58
CA ALA Z 8 -15.44 -30.57 15.44
C ALA Z 8 -14.82 -29.24 15.83
N ALA Z 9 -15.55 -28.42 16.59
CA ALA Z 9 -15.01 -27.15 17.05
C ALA Z 9 -14.02 -27.33 18.19
N LEU Z 10 -14.27 -28.30 19.07
CA LEU Z 10 -13.34 -28.54 20.16
C LEU Z 10 -12.00 -29.05 19.65
N ASN Z 11 -12.00 -29.86 18.60
CA ASN Z 11 -10.75 -30.31 17.99
C ASN Z 11 -10.03 -29.15 17.29
N THR Z 12 -10.79 -28.28 16.63
CA THR Z 12 -10.17 -27.15 15.95
C THR Z 12 -9.57 -26.16 16.94
N SER Z 13 -10.14 -26.07 18.14
CA SER Z 13 -9.59 -25.18 19.15
C SER Z 13 -8.18 -25.59 19.55
N ARG Z 14 -7.94 -26.90 19.70
CA ARG Z 14 -6.62 -27.36 20.09
C ARG Z 14 -5.60 -27.05 19.01
N GLN Z 15 -5.95 -27.25 17.74
CA GLN Z 15 -5.04 -26.87 16.66
C GLN Z 15 -4.87 -25.36 16.60
N LEU Z 16 -5.88 -24.61 17.05
CA LEU Z 16 -5.73 -23.16 17.13
C LEU Z 16 -4.73 -22.78 18.21
N ASN Z 17 -4.83 -23.39 19.38
CA ASN Z 17 -3.82 -23.19 20.42
C ASN Z 17 -2.69 -24.20 20.29
N ALA Z 18 -2.21 -24.40 19.06
CA ALA Z 18 -0.96 -25.11 18.81
C ALA Z 18 -0.13 -24.49 17.71
N GLY Z 19 -0.71 -23.63 16.88
CA GLY Z 19 0.03 -22.89 15.90
C GLY Z 19 0.28 -21.49 16.41
N SER Z 20 -0.60 -21.02 17.30
CA SER Z 20 -0.34 -19.77 18.00
C SER Z 20 0.87 -19.90 18.92
N ASN Z 21 0.98 -21.02 19.63
CA ASN Z 21 2.15 -21.25 20.46
C ASN Z 21 3.42 -21.33 19.63
N ALA Z 22 3.36 -22.02 18.51
CA ALA Z 22 4.52 -22.12 17.63
C ALA Z 22 4.91 -20.77 17.06
N ALA Z 23 3.91 -19.96 16.66
CA ALA Z 23 4.21 -18.63 16.15
C ALA Z 23 4.81 -17.75 17.25
N SER Z 24 4.31 -17.86 18.48
CA SER Z 24 4.88 -17.11 19.57
C SER Z 24 6.33 -17.51 19.82
N LYS Z 25 6.61 -18.80 19.79
CA LYS Z 25 7.99 -19.26 19.94
C LYS Z 25 8.87 -18.78 18.81
N ASN Z 26 8.33 -18.75 17.58
CA ASN Z 26 9.12 -18.29 16.45
C ASN Z 26 9.39 -16.80 16.53
N MET Z 27 8.45 -16.03 17.07
CA MET Z 27 8.65 -14.59 17.17
C MET Z 27 9.60 -14.22 18.30
N GLU Z 28 9.73 -15.06 19.32
CA GLU Z 28 10.75 -14.83 20.33
C GLU Z 28 12.14 -14.88 19.69
N LYS Z 29 12.38 -15.89 18.85
CA LYS Z 29 13.67 -16.00 18.19
C LYS Z 29 13.91 -14.85 17.24
N LEU Z 30 12.88 -14.45 16.51
CA LEU Z 30 13.04 -13.38 15.52
C LEU Z 30 13.34 -12.05 16.19
N SER Z 31 12.67 -11.75 17.29
CA SER Z 31 12.90 -10.49 17.99
C SER Z 31 14.28 -10.47 18.64
N SER Z 32 14.62 -11.52 19.38
CA SER Z 32 15.88 -11.55 20.10
C SER Z 32 17.07 -11.84 19.20
N GLY Z 33 16.85 -12.57 18.11
CA GLY Z 33 17.93 -12.98 17.25
C GLY Z 33 18.69 -14.20 17.73
N LEU Z 34 18.17 -14.91 18.73
CA LEU Z 34 18.86 -16.05 19.31
C LEU Z 34 17.99 -17.30 19.18
N ARG Z 35 18.62 -18.41 18.77
CA ARG Z 35 17.93 -19.68 18.75
C ARG Z 35 17.54 -20.12 20.15
N ILE Z 36 18.45 -19.98 21.10
CA ILE Z 36 18.28 -20.51 22.45
C ILE Z 36 18.01 -19.32 23.36
N ASN Z 37 16.73 -19.08 23.64
CA ASN Z 37 16.35 -18.11 24.65
C ASN Z 37 16.19 -18.79 26.00
N ARG Z 38 15.30 -19.76 26.08
CA ARG Z 38 15.18 -20.62 27.25
C ARG Z 38 16.14 -21.79 27.14
N ALA Z 39 16.32 -22.48 28.26
CA ALA Z 39 17.18 -23.66 28.26
C ALA Z 39 16.50 -24.87 27.63
N GLY Z 40 15.19 -24.81 27.40
CA GLY Z 40 14.49 -25.91 26.78
C GLY Z 40 14.63 -25.99 25.28
N ASP Z 41 15.13 -24.94 24.64
CA ASP Z 41 15.37 -24.98 23.21
C ASP Z 41 16.59 -25.81 22.87
N ASP Z 42 17.64 -25.74 23.68
CA ASP Z 42 18.80 -26.60 23.52
C ASP Z 42 19.54 -26.64 24.85
N ALA Z 43 19.49 -27.78 25.53
CA ALA Z 43 20.21 -27.91 26.80
C ALA Z 43 21.71 -27.89 26.56
N ALA Z 44 22.20 -28.75 25.66
CA ALA Z 44 23.61 -28.74 25.32
C ALA Z 44 24.00 -27.46 24.59
N GLY Z 45 23.08 -26.90 23.80
CA GLY Z 45 23.36 -25.63 23.16
C GLY Z 45 23.53 -24.52 24.18
N LEU Z 46 22.69 -24.50 25.21
CA LEU Z 46 22.85 -23.53 26.28
C LEU Z 46 24.16 -23.73 27.01
N ALA Z 47 24.50 -24.98 27.32
CA ALA Z 47 25.72 -25.26 28.07
C ALA Z 47 26.96 -24.87 27.27
N ILE Z 48 27.01 -25.25 26.00
CA ILE Z 48 28.18 -24.96 25.16
C ILE Z 48 28.31 -23.45 24.95
N SER Z 49 27.18 -22.77 24.75
CA SER Z 49 27.21 -21.34 24.49
C SER Z 49 27.85 -20.58 25.64
N GLU Z 50 27.41 -20.85 26.87
CA GLU Z 50 27.92 -20.13 28.03
C GLU Z 50 29.41 -20.35 28.22
N LYS Z 51 29.87 -21.59 28.05
CA LYS Z 51 31.31 -21.84 28.05
C LYS Z 51 31.97 -21.00 26.97
N MET Z 52 31.37 -20.99 25.78
CA MET Z 52 31.92 -20.23 24.67
C MET Z 52 31.98 -18.74 24.96
N ARG Z 53 30.87 -18.16 25.43
CA ARG Z 53 30.85 -16.73 25.74
C ARG Z 53 31.88 -16.39 26.79
N SER Z 54 31.95 -17.20 27.84
CA SER Z 54 32.94 -17.00 28.89
C SER Z 54 34.34 -16.97 28.32
N GLN Z 55 34.62 -17.89 27.39
CA GLN Z 55 35.94 -17.95 26.76
C GLN Z 55 36.16 -16.77 25.83
N ILE Z 56 35.14 -16.38 25.06
CA ILE Z 56 35.30 -15.27 24.12
C ILE Z 56 35.52 -13.97 24.87
N ARG Z 57 34.73 -13.71 25.91
CA ARG Z 57 34.94 -12.51 26.70
C ARG Z 57 36.21 -12.59 27.53
N GLY Z 58 36.84 -13.75 27.61
CA GLY Z 58 38.12 -13.88 28.26
C GLY Z 58 39.26 -13.60 27.31
N LEU Z 59 39.20 -14.15 26.09
CA LEU Z 59 40.27 -13.91 25.14
C LEU Z 59 40.29 -12.46 24.66
N ASP Z 60 39.13 -11.82 24.56
CA ASP Z 60 39.14 -10.41 24.17
C ASP Z 60 39.61 -9.52 25.31
N MET Z 61 39.44 -9.97 26.55
CA MET Z 61 39.98 -9.24 27.68
C MET Z 61 41.44 -9.60 27.93
N ALA Z 62 41.80 -10.87 27.77
CA ALA Z 62 43.20 -11.26 27.83
C ALA Z 62 44.01 -10.67 26.69
N SER Z 63 43.37 -10.20 25.64
CA SER Z 63 44.05 -9.44 24.61
C SER Z 63 44.31 -8.01 25.04
N LYS Z 64 43.52 -7.48 25.99
CA LYS Z 64 43.84 -6.20 26.58
C LYS Z 64 45.01 -6.31 27.53
N ASN Z 65 45.05 -7.38 28.32
CA ASN Z 65 46.17 -7.60 29.22
C ASN Z 65 47.46 -7.76 28.44
N ALA Z 66 47.43 -8.49 27.33
CA ALA Z 66 48.62 -8.64 26.51
C ALA Z 66 49.08 -7.31 25.96
N GLN Z 67 48.14 -6.42 25.64
CA GLN Z 67 48.52 -5.12 25.13
C GLN Z 67 48.85 -4.12 26.23
N ASP Z 68 48.31 -4.31 27.43
CA ASP Z 68 48.76 -3.54 28.58
C ASP Z 68 50.10 -3.99 29.09
N GLY Z 69 50.58 -5.14 28.66
CA GLY Z 69 51.92 -5.59 28.99
C GLY Z 69 52.90 -5.13 27.92
N ILE Z 70 52.40 -4.99 26.70
CA ILE Z 70 53.22 -4.43 25.64
C ILE Z 70 53.55 -2.98 25.94
N SER Z 71 52.59 -2.24 26.51
CA SER Z 71 52.85 -0.87 26.90
C SER Z 71 53.81 -0.79 28.09
N LEU Z 72 53.65 -1.68 29.06
CA LEU Z 72 54.54 -1.68 30.21
C LEU Z 72 55.97 -2.00 29.80
N ILE Z 73 56.13 -2.79 28.74
CA ILE Z 73 57.46 -3.19 28.30
C ILE Z 73 58.07 -2.14 27.38
N GLN Z 74 57.25 -1.50 26.55
CA GLN Z 74 57.76 -0.41 25.72
C GLN Z 74 58.27 0.73 26.57
N THR Z 75 57.62 0.99 27.71
CA THR Z 75 58.08 2.04 28.60
C THR Z 75 59.46 1.73 29.16
N SER Z 76 59.69 0.48 29.56
CA SER Z 76 60.97 0.12 30.14
C SER Z 76 62.10 0.23 29.13
N GLU Z 77 61.92 -0.40 27.96
CA GLU Z 77 62.99 -0.33 26.96
C GLU Z 77 63.11 1.06 26.36
N GLY Z 78 62.01 1.82 26.34
CA GLY Z 78 62.12 3.21 25.96
C GLY Z 78 63.00 3.99 26.92
N ALA Z 79 62.93 3.66 28.21
CA ALA Z 79 63.79 4.30 29.20
C ALA Z 79 65.24 3.87 29.03
N LEU Z 80 65.49 2.53 28.88
CA LEU Z 80 66.85 2.08 28.67
C LEU Z 80 67.41 2.54 27.34
N ASN Z 81 66.58 3.01 26.43
CA ASN Z 81 67.10 3.63 25.22
C ASN Z 81 68.00 4.80 25.55
N GLU Z 82 67.76 5.48 26.65
CA GLU Z 82 68.55 6.63 27.03
C GLU Z 82 69.70 6.29 27.94
N THR Z 83 69.55 5.28 28.79
CA THR Z 83 70.70 4.79 29.50
C THR Z 83 71.78 4.33 28.54
N HIS Z 84 71.42 3.94 27.33
CA HIS Z 84 72.44 3.65 26.35
C HIS Z 84 73.17 4.89 25.90
N SER Z 85 72.45 5.98 25.69
CA SER Z 85 73.10 7.18 25.19
C SER Z 85 73.93 7.84 26.26
N ILE Z 86 73.46 7.77 27.48
CA ILE Z 86 74.27 8.32 28.56
C ILE Z 86 75.53 7.49 28.76
N LEU Z 87 75.40 6.17 28.73
CA LEU Z 87 76.57 5.31 28.83
C LEU Z 87 77.49 5.49 27.63
N GLN Z 88 76.94 5.85 26.48
CA GLN Z 88 77.76 6.05 25.30
C GLN Z 88 78.57 7.33 25.43
N ARG Z 89 77.93 8.41 25.86
CA ARG Z 89 78.64 9.64 26.14
C ARG Z 89 79.60 9.47 27.31
N MET Z 90 79.19 8.68 28.31
CA MET Z 90 80.04 8.45 29.46
C MET Z 90 81.31 7.70 29.10
N SER Z 91 81.34 7.06 27.93
CA SER Z 91 82.53 6.37 27.48
C SER Z 91 83.49 7.26 26.71
N GLU Z 92 83.00 8.34 26.11
CA GLU Z 92 83.90 9.34 25.53
C GLU Z 92 84.63 10.10 26.64
N LEU Z 93 83.96 10.39 27.75
CA LEU Z 93 84.67 10.98 28.86
C LEU Z 93 85.38 9.93 29.69
N ALA Z 94 86.02 8.98 29.02
CA ALA Z 94 87.07 8.17 29.61
C ALA Z 94 88.19 7.89 28.63
N THR Z 95 87.95 8.06 27.33
CA THR Z 95 89.02 8.04 26.35
C THR Z 95 89.68 9.40 26.27
N GLN Z 96 88.96 10.45 26.63
CA GLN Z 96 89.55 11.78 26.71
C GLN Z 96 90.29 11.96 28.02
N ALA Z 97 89.76 11.41 29.11
CA ALA Z 97 90.42 11.49 30.40
C ALA Z 97 91.64 10.60 30.52
N ALA Z 98 91.76 9.59 29.67
CA ALA Z 98 92.91 8.71 29.70
C ALA Z 98 94.13 9.31 29.04
N ASN Z 99 93.95 10.26 28.14
CA ASN Z 99 95.08 10.94 27.51
C ASN Z 99 95.85 11.73 28.56
N ASP Z 100 97.17 11.75 28.43
CA ASP Z 100 98.01 12.39 29.44
C ASP Z 100 98.41 13.81 29.08
N THR Z 101 97.82 14.37 28.03
CA THR Z 101 97.89 15.81 27.85
C THR Z 101 96.93 16.55 28.78
N ASN Z 102 95.93 15.87 29.30
CA ASN Z 102 95.08 16.44 30.33
C ASN Z 102 95.86 16.61 31.62
N THR Z 103 95.48 17.61 32.39
CA THR Z 103 95.97 17.76 33.76
C THR Z 103 94.87 17.39 34.74
N ASP Z 104 95.23 17.25 36.00
CA ASP Z 104 94.24 16.92 37.01
C ASP Z 104 93.19 18.01 37.14
N SER Z 105 93.55 19.25 36.82
CA SER Z 105 92.57 20.32 36.76
C SER Z 105 91.53 20.08 35.67
N ASP Z 106 91.87 19.29 34.65
CA ASP Z 106 90.98 18.99 33.55
C ASP Z 106 90.37 17.61 33.61
N ARG Z 107 91.05 16.64 34.23
CA ARG Z 107 90.41 15.38 34.52
C ARG Z 107 89.29 15.56 35.53
N SER Z 108 89.56 16.31 36.60
CA SER Z 108 88.50 16.65 37.54
C SER Z 108 87.47 17.55 36.88
N GLU Z 109 87.84 18.19 35.77
CA GLU Z 109 86.88 19.00 35.04
C GLU Z 109 85.92 18.09 34.29
N LEU Z 110 86.44 17.01 33.72
CA LEU Z 110 85.60 15.99 33.10
C LEU Z 110 84.76 15.25 34.12
N GLN Z 111 85.30 15.07 35.33
CA GLN Z 111 84.57 14.36 36.36
C GLN Z 111 83.25 15.05 36.70
N LYS Z 112 83.16 16.36 36.44
CA LYS Z 112 81.91 17.05 36.71
C LYS Z 112 80.78 16.50 35.87
N GLU Z 113 81.04 16.23 34.59
CA GLU Z 113 80.03 15.59 33.75
C GLU Z 113 79.92 14.11 34.02
N MET Z 114 81.02 13.48 34.45
CA MET Z 114 80.96 12.09 34.89
C MET Z 114 79.92 11.90 35.98
N ASP Z 115 79.98 12.74 37.01
CA ASP Z 115 79.03 12.63 38.11
C ASP Z 115 77.64 13.07 37.73
N GLN Z 116 77.51 13.92 36.71
CA GLN Z 116 76.20 14.36 36.29
C GLN Z 116 75.53 13.37 35.35
N LEU Z 117 76.32 12.65 34.55
CA LEU Z 117 75.75 11.59 33.72
C LEU Z 117 75.38 10.39 34.58
N ALA Z 118 76.26 10.01 35.51
CA ALA Z 118 75.97 8.89 36.39
C ALA Z 118 74.79 9.15 37.30
N SER Z 119 74.53 10.42 37.61
CA SER Z 119 73.37 10.77 38.41
C SER Z 119 72.09 10.81 37.61
N GLU Z 120 72.18 10.84 36.29
CA GLU Z 120 71.02 10.76 35.42
C GLU Z 120 70.64 9.32 35.11
N VAL Z 121 71.64 8.44 35.01
CA VAL Z 121 71.36 7.02 34.88
C VAL Z 121 70.56 6.53 36.08
N THR Z 122 70.92 6.99 37.28
CA THR Z 122 70.15 6.62 38.46
C THR Z 122 68.76 7.21 38.44
N ARG Z 123 68.61 8.43 37.91
CA ARG Z 123 67.28 9.03 37.87
C ARG Z 123 66.33 8.22 37.00
N ILE Z 124 66.80 7.76 35.85
CA ILE Z 124 65.94 7.01 34.95
C ILE Z 124 65.45 5.74 35.62
N SER Z 125 66.30 5.09 36.42
CA SER Z 125 65.89 3.87 37.10
C SER Z 125 64.81 4.15 38.13
N THR Z 126 65.00 5.17 38.96
CA THR Z 126 64.05 5.45 40.02
C THR Z 126 62.85 6.26 39.58
N ASP Z 127 62.89 6.86 38.40
CA ASP Z 127 61.77 7.68 37.94
C ASP Z 127 60.89 6.99 36.90
N THR Z 128 61.45 6.07 36.11
CA THR Z 128 60.65 5.37 35.12
C THR Z 128 59.55 4.60 35.80
N GLU Z 129 58.31 4.96 35.50
CA GLU Z 129 57.16 4.43 36.23
C GLU Z 129 55.99 4.27 35.30
N PHE Z 130 55.57 3.05 35.07
CA PHE Z 130 54.32 2.75 34.39
C PHE Z 130 53.25 2.51 35.44
N ASN Z 131 52.09 3.12 35.24
CA ASN Z 131 50.99 3.05 36.21
C ASN Z 131 51.59 3.64 37.48
N THR Z 132 51.67 2.91 38.58
CA THR Z 132 52.41 3.33 39.77
C THR Z 132 53.50 2.34 40.14
N LYS Z 133 54.10 1.72 39.13
CA LYS Z 133 55.11 0.69 39.32
C LYS Z 133 56.45 1.20 38.83
N LYS Z 134 57.45 1.14 39.70
CA LYS Z 134 58.82 1.48 39.31
C LYS Z 134 59.41 0.27 38.60
N LEU Z 135 59.71 0.42 37.31
CA LEU Z 135 60.09 -0.72 36.50
C LEU Z 135 61.57 -1.05 36.64
N LEU Z 136 62.44 -0.05 36.57
CA LEU Z 136 63.87 -0.28 36.45
C LEU Z 136 64.60 -0.20 37.78
N ASP Z 137 63.90 -0.17 38.91
CA ASP Z 137 64.55 -0.08 40.20
C ASP Z 137 64.68 -1.44 40.89
N GLY Z 138 64.45 -2.52 40.16
CA GLY Z 138 64.62 -3.84 40.70
C GLY Z 138 63.45 -4.38 41.49
N THR Z 139 62.34 -3.64 41.57
CA THR Z 139 61.16 -4.11 42.28
C THR Z 139 60.14 -4.75 41.35
N ALA Z 140 60.23 -4.52 40.04
CA ALA Z 140 59.31 -5.12 39.08
C ALA Z 140 59.82 -6.51 38.73
N GLN Z 141 59.51 -7.47 39.59
CA GLN Z 141 59.91 -8.85 39.41
C GLN Z 141 58.67 -9.73 39.46
N ASN Z 142 58.69 -10.82 38.68
CA ASN Z 142 57.60 -11.78 38.66
C ASN Z 142 56.32 -11.15 38.15
N LEU Z 143 56.43 -10.17 37.26
CA LEU Z 143 55.27 -9.56 36.67
C LEU Z 143 54.53 -10.58 35.83
N THR Z 144 53.31 -10.90 36.25
CA THR Z 144 52.52 -11.95 35.63
C THR Z 144 51.43 -11.32 34.77
N PHE Z 145 51.50 -11.53 33.46
CA PHE Z 145 50.47 -11.09 32.55
C PHE Z 145 49.56 -12.27 32.25
N GLN Z 146 48.27 -12.09 32.50
CA GLN Z 146 47.30 -13.14 32.20
C GLN Z 146 46.98 -13.06 30.71
N ILE Z 147 47.82 -13.70 29.91
CA ILE Z 147 47.58 -13.80 28.48
C ILE Z 147 46.84 -15.10 28.22
N GLY Z 148 45.53 -15.09 28.41
CA GLY Z 148 44.74 -16.29 28.30
C GLY Z 148 43.54 -16.17 29.22
N ALA Z 149 42.50 -16.94 28.89
CA ALA Z 149 41.24 -16.83 29.58
C ALA Z 149 41.10 -17.75 30.78
N ASN Z 150 42.14 -18.51 31.11
CA ASN Z 150 42.04 -19.53 32.14
C ASN Z 150 43.18 -19.38 33.13
N GLU Z 151 43.22 -20.29 34.11
CA GLU Z 151 44.34 -20.36 35.04
C GLU Z 151 45.64 -20.72 34.34
N GLY Z 152 46.75 -20.22 34.88
CA GLY Z 152 48.05 -20.64 34.44
C GLY Z 152 48.39 -20.26 33.02
N GLN Z 153 47.56 -19.48 32.36
CA GLN Z 153 47.85 -18.98 31.03
C GLN Z 153 48.50 -17.61 31.13
N THR Z 154 49.62 -17.59 31.83
CA THR Z 154 50.33 -16.38 32.19
C THR Z 154 51.73 -16.39 31.60
N MET Z 155 52.37 -15.22 31.69
CA MET Z 155 53.77 -15.07 31.35
C MET Z 155 54.43 -14.21 32.43
N SER Z 156 55.58 -14.66 32.92
CA SER Z 156 56.30 -13.91 33.92
C SER Z 156 57.30 -12.97 33.25
N LEU Z 157 57.84 -12.06 34.05
CA LEU Z 157 58.83 -11.10 33.57
C LEU Z 157 59.54 -10.51 34.77
N SER Z 158 60.84 -10.27 34.63
CA SER Z 158 61.62 -9.70 35.73
C SER Z 158 62.65 -8.75 35.13
N ILE Z 159 62.48 -7.48 35.39
CA ILE Z 159 63.43 -6.46 34.94
C ILE Z 159 64.39 -6.19 36.09
N ASN Z 160 65.69 -6.29 35.81
CA ASN Z 160 66.68 -6.10 36.83
C ASN Z 160 66.88 -4.62 37.13
N LYS Z 161 67.52 -4.34 38.26
CA LYS Z 161 67.84 -2.97 38.63
C LYS Z 161 68.89 -2.42 37.68
N MET Z 162 68.60 -1.29 37.06
CA MET Z 162 69.42 -0.74 35.99
C MET Z 162 69.83 0.69 36.30
N ASP Z 163 70.31 0.91 37.53
CA ASP Z 163 70.84 2.19 37.94
C ASP Z 163 72.36 2.15 37.94
N SER Z 164 72.97 3.31 38.19
CA SER Z 164 74.43 3.40 38.09
C SER Z 164 75.11 2.52 39.10
N GLU Z 165 74.51 2.35 40.28
CA GLU Z 165 75.10 1.47 41.29
C GLU Z 165 75.14 0.03 40.80
N SER Z 166 74.07 -0.42 40.14
CA SER Z 166 74.02 -1.80 39.67
C SER Z 166 74.95 -2.02 38.48
N LEU Z 167 74.98 -1.08 37.55
CA LEU Z 167 75.90 -1.18 36.42
C LEU Z 167 77.34 -0.89 36.80
N LYS Z 168 77.58 -0.44 38.04
CA LYS Z 168 78.92 -0.14 38.56
C LYS Z 168 79.56 1.05 37.86
N VAL Z 169 78.76 1.94 37.30
CA VAL Z 169 79.27 3.17 36.70
C VAL Z 169 79.08 4.36 37.64
N GLY Z 170 78.80 4.11 38.91
CA GLY Z 170 78.58 5.19 39.83
C GLY Z 170 78.38 4.63 41.23
N THR Z 171 78.07 5.53 42.15
CA THR Z 171 77.79 5.14 43.52
C THR Z 171 76.92 6.20 44.16
N THR Z 172 75.95 5.77 44.96
CA THR Z 172 74.94 6.67 45.50
C THR Z 172 75.11 6.76 47.01
N TYR Z 173 75.51 7.92 47.49
CA TYR Z 173 75.57 8.21 48.91
C TYR Z 173 74.24 8.81 49.35
N THR Z 174 73.79 8.42 50.53
CA THR Z 174 72.61 9.01 51.12
C THR Z 174 73.00 9.72 52.41
N ALA Z 175 72.28 10.80 52.71
CA ALA Z 175 72.62 11.63 53.85
C ALA Z 175 72.02 11.05 55.12
N ASN Z 176 72.84 10.94 56.16
CA ASN Z 176 72.36 10.46 57.44
C ASN Z 176 71.37 11.46 58.04
N ASP Z 177 70.79 11.07 59.17
CA ASP Z 177 69.69 11.85 59.73
C ASP Z 177 70.11 13.27 60.09
N ASP Z 178 71.27 13.42 60.71
CA ASP Z 178 71.81 14.73 61.04
C ASP Z 178 72.40 15.43 59.82
N GLY Z 179 72.93 14.66 58.87
CA GLY Z 179 73.56 15.25 57.70
C GLY Z 179 75.04 15.46 57.89
N SER Z 180 75.60 14.85 58.93
CA SER Z 180 77.04 14.98 59.18
C SER Z 180 77.85 14.18 58.19
N LYS Z 181 77.40 12.97 57.86
CA LYS Z 181 78.17 12.05 57.02
C LYS Z 181 77.26 11.45 55.96
N LEU Z 182 77.65 11.61 54.70
CA LEU Z 182 76.97 10.94 53.61
C LEU Z 182 77.29 9.45 53.66
N VAL Z 183 76.24 8.63 53.59
CA VAL Z 183 76.37 7.18 53.75
C VAL Z 183 75.87 6.52 52.49
N THR Z 184 76.70 5.66 51.90
CA THR Z 184 76.25 4.83 50.81
C THR Z 184 75.85 3.45 51.32
N ALA Z 185 75.12 2.70 50.49
CA ALA Z 185 74.93 1.28 50.77
C ALA Z 185 76.29 0.58 50.71
N ASP Z 186 76.46 -0.41 51.59
CA ASP Z 186 77.70 -1.05 51.97
C ASP Z 186 78.43 -0.14 52.98
N GLY Z 187 77.98 1.10 53.16
CA GLY Z 187 78.49 1.92 54.24
C GLY Z 187 79.87 2.52 54.03
N LYS Z 188 80.00 3.42 53.06
CA LYS Z 188 81.20 4.22 52.88
C LYS Z 188 80.90 5.63 53.36
N GLU Z 189 81.68 6.10 54.32
CA GLU Z 189 81.39 7.34 55.03
C GLU Z 189 81.93 8.54 54.27
N ALA Z 190 81.27 9.68 54.45
CA ALA Z 190 81.72 10.94 53.87
C ALA Z 190 81.32 12.06 54.81
N THR Z 191 82.24 12.45 55.70
CA THR Z 191 81.94 13.41 56.74
C THR Z 191 82.00 14.84 56.22
N LEU Z 192 81.23 15.71 56.85
CA LEU Z 192 81.15 17.11 56.46
C LEU Z 192 82.21 18.00 57.10
N VAL Z 193 82.59 19.06 56.37
CA VAL Z 193 83.63 20.04 56.67
C VAL Z 193 84.97 19.48 57.15
N THR Z 194 85.48 18.50 56.41
CA THR Z 194 86.68 17.80 56.82
C THR Z 194 87.86 17.88 55.86
N LYS Z 198 91.33 21.68 56.96
CA LYS Z 198 90.01 22.13 56.52
C LYS Z 198 89.90 22.01 54.99
N GLY Z 199 90.65 22.84 54.29
CA GLY Z 199 90.65 22.82 52.84
C GLY Z 199 89.34 23.28 52.27
N PRO Z 200 89.12 23.04 50.97
CA PRO Z 200 87.81 23.36 50.37
C PRO Z 200 86.70 22.60 51.07
N ASN Z 201 85.55 23.24 51.17
CA ASN Z 201 84.48 22.77 52.05
C ASN Z 201 83.57 21.79 51.32
N GLY Z 202 83.26 20.68 51.99
CA GLY Z 202 82.39 19.66 51.43
C GLY Z 202 82.43 18.41 52.26
N TYR Z 203 81.77 17.37 51.75
CA TYR Z 203 81.71 16.06 52.41
C TYR Z 203 82.94 15.26 52.01
N TYR Z 204 83.94 15.28 52.89
CA TYR Z 204 85.16 14.57 52.57
C TYR Z 204 85.05 13.10 52.94
N ASP Z 205 85.94 12.30 52.33
CA ASP Z 205 85.99 10.87 52.47
C ASP Z 205 87.21 10.52 53.31
N ASP Z 206 87.42 9.23 53.58
CA ASP Z 206 88.52 8.79 54.45
C ASP Z 206 89.89 8.95 53.80
N ALA Z 207 89.95 9.50 52.59
CA ALA Z 207 91.23 9.72 51.92
C ALA Z 207 91.41 11.15 51.45
N ASP Z 208 90.62 12.08 52.02
CA ASP Z 208 90.72 13.51 51.80
C ASP Z 208 90.19 13.83 50.39
N LYS Z 209 89.83 12.81 49.63
CA LYS Z 209 89.17 13.02 48.34
C LYS Z 209 87.78 13.61 48.60
N LEU Z 210 87.56 14.82 48.13
CA LEU Z 210 86.24 15.43 48.23
C LEU Z 210 85.22 14.57 47.48
N VAL Z 211 84.08 14.33 48.13
CA VAL Z 211 83.00 13.55 47.56
C VAL Z 211 81.89 14.47 47.06
N TYR Z 212 81.40 15.35 47.91
CA TYR Z 212 80.38 16.32 47.53
C TYR Z 212 80.85 17.72 47.90
N GLN Z 213 80.48 18.68 47.06
CA GLN Z 213 80.85 20.08 47.28
C GLN Z 213 79.64 20.80 47.87
N ALA Z 214 79.64 20.95 49.19
CA ALA Z 214 78.60 21.70 49.87
C ALA Z 214 79.18 22.26 51.16
N ASP Z 215 78.76 23.48 51.49
CA ASP Z 215 79.20 24.12 52.72
C ASP Z 215 78.21 23.98 53.86
N SER Z 216 76.91 23.96 53.55
CA SER Z 216 75.90 23.66 54.55
C SER Z 216 75.80 22.16 54.75
N ALA Z 217 74.77 21.71 55.45
CA ALA Z 217 74.56 20.28 55.67
C ALA Z 217 73.37 19.85 54.83
N LEU Z 218 73.53 18.75 54.10
CA LEU Z 218 72.44 18.23 53.29
C LEU Z 218 71.27 17.81 54.16
N ALA Z 219 70.08 17.83 53.57
CA ALA Z 219 68.87 17.45 54.29
C ALA Z 219 68.86 15.95 54.56
N LYS Z 220 67.78 15.46 55.14
CA LYS Z 220 67.67 14.07 55.54
C LYS Z 220 67.23 13.23 54.35
N ASP Z 221 67.91 12.10 54.16
CA ASP Z 221 67.64 11.19 53.03
C ASP Z 221 67.73 11.89 51.68
N THR Z 222 68.75 12.73 51.52
CA THR Z 222 69.07 13.29 50.21
C THR Z 222 70.18 12.45 49.59
N LYS Z 223 69.91 11.88 48.43
CA LYS Z 223 70.87 11.02 47.76
C LYS Z 223 71.71 11.85 46.80
N VAL Z 224 73.00 11.56 46.77
CA VAL Z 224 73.90 12.11 45.77
C VAL Z 224 74.55 10.95 45.04
N THR Z 225 74.73 11.11 43.73
CA THR Z 225 75.36 10.08 42.91
C THR Z 225 76.69 10.60 42.39
N LYS Z 226 77.72 9.79 42.53
CA LYS Z 226 79.07 10.17 42.17
C LYS Z 226 79.57 9.19 41.12
N GLY Z 227 80.03 9.71 39.99
CA GLY Z 227 80.43 8.86 38.89
C GLY Z 227 81.66 8.04 39.20
N ILE Z 228 81.94 7.09 38.31
CA ILE Z 228 83.13 6.26 38.48
C ILE Z 228 84.37 7.13 38.31
N ASP Z 229 85.43 6.75 39.03
CA ASP Z 229 86.63 7.59 39.12
C ASP Z 229 87.36 7.60 37.79
N ILE Z 230 87.45 8.78 37.16
CA ILE Z 230 88.27 9.00 35.99
C ILE Z 230 89.27 10.12 36.17
N SER Z 231 89.21 10.83 37.30
CA SER Z 231 90.00 12.04 37.48
C SER Z 231 91.23 11.84 38.35
N SER Z 232 91.37 10.69 39.01
CA SER Z 232 92.52 10.49 39.87
C SER Z 232 93.81 10.27 39.09
N SER Z 233 93.73 9.69 37.90
CA SER Z 233 94.92 9.38 37.12
C SER Z 233 94.48 9.02 35.72
N ALA Z 234 95.46 8.83 34.84
CA ALA Z 234 95.19 8.28 33.52
C ALA Z 234 94.94 6.78 33.57
N LYS Z 235 95.62 6.09 34.49
CA LYS Z 235 95.36 4.66 34.67
C LYS Z 235 93.94 4.42 35.14
N ALA Z 236 93.45 5.25 36.06
CA ALA Z 236 92.08 5.08 36.56
C ALA Z 236 91.07 5.32 35.45
N ALA Z 237 91.31 6.31 34.60
CA ALA Z 237 90.39 6.58 33.51
C ALA Z 237 90.35 5.43 32.53
N SER Z 238 91.51 4.82 32.23
CA SER Z 238 91.52 3.63 31.40
C SER Z 238 90.78 2.48 32.05
N SER Z 239 90.94 2.33 33.37
CA SER Z 239 90.23 1.26 34.08
C SER Z 239 88.72 1.44 33.95
N ALA Z 240 88.24 2.67 34.06
CA ALA Z 240 86.82 2.94 33.90
C ALA Z 240 86.32 2.63 32.51
N LEU Z 241 87.21 2.51 31.52
CA LEU Z 241 86.76 2.24 30.17
C LEU Z 241 86.12 0.87 30.05
N THR Z 242 86.73 -0.17 30.62
CA THR Z 242 86.12 -1.50 30.60
C THR Z 242 84.86 -1.53 31.45
N THR Z 243 84.86 -0.85 32.59
CA THR Z 243 83.66 -0.82 33.42
C THR Z 243 82.49 -0.21 32.68
N ILE Z 244 82.74 0.87 31.92
CA ILE Z 244 81.67 1.50 31.17
C ILE Z 244 81.24 0.62 30.01
N LYS Z 245 82.19 0.06 29.27
CA LYS Z 245 81.84 -0.73 28.11
C LYS Z 245 81.18 -2.04 28.50
N THR Z 246 81.41 -2.51 29.72
CA THR Z 246 80.67 -3.67 30.22
C THR Z 246 79.26 -3.28 30.60
N ALA Z 247 79.08 -2.08 31.16
CA ALA Z 247 77.74 -1.63 31.50
C ALA Z 247 76.87 -1.50 30.26
N ILE Z 248 77.45 -1.08 29.14
CA ILE Z 248 76.72 -1.07 27.88
C ILE Z 248 76.31 -2.48 27.49
N ASP Z 249 77.10 -3.48 27.88
CA ASP Z 249 76.76 -4.85 27.55
C ASP Z 249 75.61 -5.37 28.40
N THR Z 250 75.58 -5.04 29.68
CA THR Z 250 74.49 -5.50 30.54
C THR Z 250 73.25 -4.64 30.40
N VAL Z 251 73.31 -3.55 29.65
CA VAL Z 251 72.11 -2.82 29.28
C VAL Z 251 71.53 -3.37 27.99
N SER Z 252 72.40 -3.70 27.03
CA SER Z 252 71.93 -4.36 25.81
C SER Z 252 71.29 -5.70 26.12
N SER Z 253 71.81 -6.42 27.11
CA SER Z 253 71.18 -7.67 27.51
C SER Z 253 69.79 -7.44 28.07
N GLU Z 254 69.62 -6.40 28.87
CA GLU Z 254 68.30 -6.12 29.42
C GLU Z 254 67.33 -5.64 28.35
N ARG Z 255 67.80 -4.83 27.40
CA ARG Z 255 66.90 -4.30 26.39
C ARG Z 255 66.32 -5.39 25.52
N ALA Z 256 67.10 -6.39 25.14
CA ALA Z 256 66.58 -7.46 24.32
C ALA Z 256 65.99 -8.61 25.12
N LYS Z 257 66.19 -8.65 26.43
CA LYS Z 257 65.33 -9.47 27.27
C LYS Z 257 63.93 -8.90 27.32
N LEU Z 258 63.77 -7.61 27.08
CA LEU Z 258 62.46 -6.98 27.01
C LEU Z 258 61.95 -6.86 25.58
N GLY Z 259 62.83 -6.88 24.60
CA GLY Z 259 62.39 -6.88 23.22
C GLY Z 259 61.95 -8.26 22.80
N ALA Z 260 62.50 -9.28 23.46
CA ALA Z 260 62.07 -10.65 23.19
C ALA Z 260 60.67 -10.89 23.72
N VAL Z 261 60.36 -10.37 24.91
CA VAL Z 261 59.02 -10.54 25.45
C VAL Z 261 58.01 -9.76 24.63
N GLN Z 262 58.38 -8.58 24.14
CA GLN Z 262 57.45 -7.79 23.36
C GLN Z 262 57.16 -8.45 22.02
N ASN Z 263 58.17 -9.06 21.41
CA ASN Z 263 57.93 -9.81 20.17
C ASN Z 263 56.99 -10.98 20.42
N ARG Z 264 57.17 -11.69 21.54
CA ARG Z 264 56.27 -12.77 21.87
C ARG Z 264 54.85 -12.27 22.08
N LEU Z 265 54.71 -11.16 22.80
CA LEU Z 265 53.38 -10.63 23.07
C LEU Z 265 52.69 -10.13 21.81
N GLU Z 266 53.45 -9.79 20.78
CA GLU Z 266 52.82 -9.44 19.51
C GLU Z 266 52.27 -10.66 18.79
N HIS Z 267 52.91 -11.81 18.95
CA HIS Z 267 52.37 -13.05 18.42
C HIS Z 267 51.21 -13.54 19.25
N THR Z 268 51.27 -13.36 20.57
CA THR Z 268 50.17 -13.74 21.43
C THR Z 268 48.91 -12.96 21.12
N ILE Z 269 49.04 -11.73 20.68
CA ILE Z 269 47.86 -10.92 20.39
C ILE Z 269 47.18 -11.36 19.11
N ASN Z 270 47.95 -11.66 18.06
CA ASN Z 270 47.34 -12.16 16.83
C ASN Z 270 46.65 -13.49 17.06
N ASN Z 271 47.24 -14.36 17.88
CA ASN Z 271 46.64 -15.65 18.14
C ASN Z 271 45.41 -15.53 19.04
N LEU Z 272 45.43 -14.60 19.99
CA LEU Z 272 44.24 -14.37 20.80
C LEU Z 272 43.14 -13.73 19.98
N GLY Z 273 43.49 -12.82 19.07
CA GLY Z 273 42.49 -12.24 18.19
C GLY Z 273 41.90 -13.23 17.21
N THR Z 274 42.72 -14.12 16.67
CA THR Z 274 42.22 -15.15 15.77
C THR Z 274 41.33 -16.15 16.49
N SER Z 275 41.65 -16.48 17.75
CA SER Z 275 40.85 -17.43 18.50
C SER Z 275 39.53 -16.84 18.97
N SER Z 276 39.38 -15.52 18.99
CA SER Z 276 38.09 -14.94 19.30
C SER Z 276 37.16 -14.99 18.11
N GLU Z 277 37.67 -14.69 16.91
CA GLU Z 277 36.85 -14.81 15.72
C GLU Z 277 36.39 -16.24 15.50
N ASN Z 278 37.30 -17.19 15.66
CA ASN Z 278 36.95 -18.59 15.43
C ASN Z 278 35.95 -19.08 16.46
N LEU Z 279 35.98 -18.52 17.66
CA LEU Z 279 35.02 -18.90 18.68
C LEU Z 279 33.75 -18.06 18.61
N THR Z 280 33.86 -16.79 18.22
CA THR Z 280 32.66 -15.99 18.02
C THR Z 280 31.80 -16.57 16.92
N SER Z 281 32.43 -16.96 15.81
CA SER Z 281 31.68 -17.61 14.74
C SER Z 281 31.14 -18.96 15.21
N ALA Z 282 31.92 -19.68 16.00
CA ALA Z 282 31.46 -20.98 16.51
C ALA Z 282 30.24 -20.80 17.41
N GLU Z 283 30.26 -19.78 18.26
CA GLU Z 283 29.14 -19.56 19.18
C GLU Z 283 27.93 -19.01 18.46
N SER Z 284 28.13 -18.21 17.41
CA SER Z 284 27.00 -17.68 16.67
C SER Z 284 26.19 -18.79 16.00
N ARG Z 285 26.88 -19.78 15.44
CA ARG Z 285 26.17 -20.89 14.82
C ARG Z 285 25.34 -21.66 15.83
N ILE Z 286 25.85 -21.82 17.04
CA ILE Z 286 25.13 -22.56 18.07
C ILE Z 286 23.97 -21.74 18.61
N ARG Z 287 24.18 -20.44 18.81
CA ARG Z 287 23.24 -19.61 19.57
C ARG Z 287 22.36 -18.74 18.70
N ASP Z 288 22.95 -18.02 17.74
CA ASP Z 288 22.17 -17.08 16.94
C ASP Z 288 21.21 -17.84 16.01
N VAL Z 289 20.11 -17.19 15.68
CA VAL Z 289 19.08 -17.78 14.83
C VAL Z 289 19.36 -17.39 13.39
N ASP Z 290 18.88 -18.23 12.47
CA ASP Z 290 18.95 -17.91 11.05
C ASP Z 290 17.70 -17.12 10.69
N MET Z 291 17.89 -15.85 10.32
CA MET Z 291 16.75 -14.98 10.08
C MET Z 291 15.87 -15.51 8.95
N ALA Z 292 16.50 -15.98 7.87
CA ALA Z 292 15.73 -16.48 6.73
C ALA Z 292 14.96 -17.73 7.09
N SER Z 293 15.62 -18.71 7.68
CA SER Z 293 14.97 -19.98 7.99
C SER Z 293 13.95 -19.86 9.10
N GLU Z 294 13.95 -18.76 9.84
CA GLU Z 294 13.01 -18.55 10.95
C GLU Z 294 11.83 -17.69 10.56
N MET Z 295 12.05 -16.65 9.74
CA MET Z 295 10.95 -15.85 9.23
C MET Z 295 10.04 -16.70 8.35
N MET Z 296 10.64 -17.57 7.54
CA MET Z 296 9.85 -18.46 6.70
C MET Z 296 9.05 -19.45 7.54
N GLU Z 297 9.59 -19.88 8.68
CA GLU Z 297 8.85 -20.79 9.54
C GLU Z 297 7.79 -20.05 10.34
N TYR Z 298 8.07 -18.81 10.72
CA TYR Z 298 7.07 -18.02 11.44
C TYR Z 298 5.84 -17.78 10.58
N THR Z 299 6.05 -17.46 9.30
CA THR Z 299 4.92 -17.24 8.40
C THR Z 299 4.07 -18.49 8.24
N LYS Z 300 4.69 -19.66 8.25
CA LYS Z 300 3.92 -20.89 8.10
C LYS Z 300 2.94 -21.08 9.26
N ASN Z 301 3.43 -21.03 10.48
CA ASN Z 301 2.53 -21.15 11.62
C ASN Z 301 1.59 -19.97 11.74
N ASN Z 302 1.97 -18.82 11.20
CA ASN Z 302 1.07 -17.68 11.17
C ASN Z 302 -0.07 -17.89 10.18
N ILE Z 303 0.08 -18.82 9.25
CA ILE Z 303 -1.00 -19.16 8.33
C ILE Z 303 -1.82 -20.33 8.86
N LEU Z 304 -1.14 -21.34 9.43
CA LEU Z 304 -1.84 -22.49 9.99
C LEU Z 304 -2.80 -22.10 11.09
N THR Z 305 -2.53 -21.01 11.80
CA THR Z 305 -3.47 -20.53 12.80
C THR Z 305 -4.64 -19.80 12.19
N GLN Z 306 -4.46 -19.15 11.05
CA GLN Z 306 -5.58 -18.53 10.35
C GLN Z 306 -6.44 -19.57 9.65
N ALA Z 307 -5.83 -20.65 9.16
CA ALA Z 307 -6.61 -21.75 8.61
C ALA Z 307 -7.49 -22.38 9.68
N SER Z 308 -6.93 -22.59 10.87
CA SER Z 308 -7.74 -23.10 11.98
C SER Z 308 -8.75 -22.07 12.45
N GLN Z 309 -8.38 -20.79 12.40
CA GLN Z 309 -9.34 -19.73 12.72
C GLN Z 309 -10.51 -19.73 11.77
N ALA Z 310 -10.23 -19.88 10.46
CA ALA Z 310 -11.30 -19.87 9.48
C ALA Z 310 -12.23 -21.05 9.64
N MET Z 311 -11.69 -22.24 9.91
CA MET Z 311 -12.52 -23.42 10.04
C MET Z 311 -13.24 -23.47 11.38
N LEU Z 312 -12.71 -22.82 12.42
CA LEU Z 312 -13.42 -22.77 13.68
C LEU Z 312 -14.74 -22.02 13.54
N ALA Z 313 -14.75 -20.95 12.75
CA ALA Z 313 -15.98 -20.21 12.53
C ALA Z 313 -17.04 -21.09 11.89
N GLN Z 314 -16.65 -21.89 10.89
CA GLN Z 314 -17.62 -22.78 10.25
C GLN Z 314 -18.01 -23.93 11.16
N ALA Z 315 -17.09 -24.37 12.02
CA ALA Z 315 -17.41 -25.46 12.94
C ALA Z 315 -18.53 -25.09 13.88
N ASN Z 316 -18.64 -23.82 14.25
CA ASN Z 316 -19.73 -23.37 15.12
C ASN Z 316 -21.04 -23.25 14.36
N GLN Z 317 -20.99 -23.02 13.05
CA GLN Z 317 -22.22 -22.85 12.28
C GLN Z 317 -22.92 -24.17 12.06
N GLN Z 318 -22.18 -25.27 12.02
CA GLN Z 318 -22.78 -26.58 11.74
C GLN Z 318 -23.85 -26.99 12.75
N PRO Z 319 -23.67 -26.85 14.07
CA PRO Z 319 -24.77 -27.21 14.98
C PRO Z 319 -26.00 -26.32 14.84
N GLN Z 320 -25.88 -25.16 14.20
CA GLN Z 320 -27.01 -24.24 14.11
C GLN Z 320 -28.09 -24.72 13.15
N GLN Z 321 -27.86 -25.78 12.39
CA GLN Z 321 -28.80 -26.23 11.38
C GLN Z 321 -29.88 -27.16 11.92
N VAL Z 322 -29.77 -27.61 13.16
CA VAL Z 322 -30.80 -28.48 13.72
C VAL Z 322 -32.03 -27.71 14.13
N LEU Z 323 -31.94 -26.39 14.27
CA LEU Z 323 -33.09 -25.60 14.65
C LEU Z 323 -34.17 -25.63 13.59
N GLN Z 324 -33.77 -25.56 12.31
CA GLN Z 324 -34.75 -25.65 11.23
C GLN Z 324 -35.43 -27.00 11.18
N LEU Z 325 -34.78 -28.05 11.69
CA LEU Z 325 -35.39 -29.36 11.78
C LEU Z 325 -36.28 -29.50 13.01
N LEU Z 326 -35.93 -28.81 14.10
CA LEU Z 326 -36.69 -28.96 15.34
C LEU Z 326 -38.04 -28.28 15.28
N LYS Z 327 -38.24 -27.34 14.37
CA LYS Z 327 -39.53 -26.67 14.22
C LYS Z 327 -40.42 -27.40 13.23
N MET AA 1 -37.67 -16.46 31.19
CA MET AA 1 -37.28 -15.37 30.30
C MET AA 1 -37.90 -14.05 30.73
N ARG AA 2 -37.08 -13.20 31.35
CA ARG AA 2 -37.53 -11.88 31.79
C ARG AA 2 -37.19 -10.85 30.73
N ILE AA 3 -38.19 -10.06 30.34
CA ILE AA 3 -38.07 -9.18 29.18
C ILE AA 3 -37.83 -7.74 29.59
N ASN AA 4 -38.42 -7.30 30.70
CA ASN AA 4 -38.32 -5.89 31.10
C ASN AA 4 -36.89 -5.45 31.40
N HIS AA 5 -35.96 -6.38 31.60
CA HIS AA 5 -34.58 -6.01 31.87
C HIS AA 5 -33.67 -7.04 31.21
N ASN AA 6 -32.68 -6.56 30.48
CA ASN AA 6 -31.70 -7.41 29.81
C ASN AA 6 -30.38 -7.25 30.55
N ILE AA 7 -30.19 -8.05 31.60
CA ILE AA 7 -28.99 -7.93 32.41
C ILE AA 7 -27.76 -8.34 31.61
N ALA AA 8 -27.92 -9.25 30.67
CA ALA AA 8 -26.81 -9.64 29.81
C ALA AA 8 -26.31 -8.46 28.99
N ALA AA 9 -27.24 -7.69 28.41
CA ALA AA 9 -26.86 -6.51 27.65
C ALA AA 9 -26.45 -5.36 28.54
N LEU AA 10 -27.10 -5.21 29.70
CA LEU AA 10 -26.72 -4.15 30.63
C LEU AA 10 -25.33 -4.36 31.19
N ASN AA 11 -24.95 -5.62 31.43
CA ASN AA 11 -23.59 -5.91 31.88
C ASN AA 11 -22.58 -5.66 30.78
N THR AA 12 -22.92 -6.01 29.54
CA THR AA 12 -22.01 -5.78 28.42
C THR AA 12 -21.82 -4.30 28.15
N SER AA 13 -22.82 -3.48 28.44
CA SER AA 13 -22.68 -2.05 28.24
C SER AA 13 -21.59 -1.46 29.14
N ARG AA 14 -21.54 -1.92 30.39
CA ARG AA 14 -20.52 -1.39 31.30
C ARG AA 14 -19.12 -1.76 30.83
N GLN AA 15 -18.93 -3.00 30.38
CA GLN AA 15 -17.64 -3.37 29.82
C GLN AA 15 -17.36 -2.62 28.52
N LEU AA 16 -18.40 -2.22 27.80
CA LEU AA 16 -18.21 -1.39 26.62
C LEU AA 16 -17.72 0.00 27.02
N ASN AA 17 -18.35 0.60 28.02
CA ASN AA 17 -17.84 1.86 28.56
C ASN AA 17 -16.83 1.64 29.66
N ALA AA 18 -15.90 0.72 29.44
CA ALA AA 18 -14.71 0.57 30.28
C ALA AA 18 -13.45 0.28 29.47
N GLY AA 19 -13.59 -0.16 28.23
CA GLY AA 19 -12.45 -0.33 27.34
C GLY AA 19 -12.35 0.87 26.42
N SER AA 20 -13.49 1.51 26.17
CA SER AA 20 -13.46 2.78 25.46
C SER AA 20 -12.75 3.85 26.28
N ASN AA 21 -13.02 3.90 27.58
CA ASN AA 21 -12.33 4.85 28.44
C ASN AA 21 -10.83 4.56 28.48
N ALA AA 22 -10.46 3.29 28.57
CA ALA AA 22 -9.04 2.94 28.60
C ALA AA 22 -8.38 3.27 27.27
N ALA AA 23 -9.06 3.02 26.15
CA ALA AA 23 -8.49 3.38 24.85
C ALA AA 23 -8.35 4.89 24.72
N SER AA 24 -9.32 5.65 25.22
CA SER AA 24 -9.20 7.10 25.17
C SER AA 24 -8.02 7.58 26.00
N LYS AA 25 -7.83 7.00 27.18
CA LYS AA 25 -6.68 7.37 28.00
C LYS AA 25 -5.37 6.98 27.32
N ASN AA 26 -5.35 5.84 26.64
CA ASN AA 26 -4.13 5.42 25.95
C ASN AA 26 -3.82 6.31 24.77
N MET AA 27 -4.85 6.81 24.08
CA MET AA 27 -4.63 7.67 22.94
C MET AA 27 -4.21 9.08 23.34
N GLU AA 28 -4.58 9.52 24.55
CA GLU AA 28 -4.03 10.78 25.05
C GLU AA 28 -2.52 10.71 25.18
N LYS AA 29 -2.03 9.62 25.75
CA LYS AA 29 -0.58 9.45 25.90
C LYS AA 29 0.11 9.35 24.55
N LEU AA 30 -0.50 8.61 23.62
CA LEU AA 30 0.13 8.41 22.32
C LEU AA 30 0.21 9.70 21.53
N SER AA 31 -0.85 10.51 21.58
CA SER AA 31 -0.85 11.77 20.84
C SER AA 31 0.14 12.77 21.47
N SER AA 32 0.07 12.95 22.78
CA SER AA 32 0.92 13.93 23.44
C SER AA 32 2.35 13.45 23.60
N GLY AA 33 2.55 12.14 23.71
CA GLY AA 33 3.87 11.61 23.97
C GLY AA 33 4.28 11.65 25.43
N LEU AA 34 3.36 11.92 26.34
CA LEU AA 34 3.65 12.05 27.76
C LEU AA 34 2.84 11.04 28.56
N ARG AA 35 3.51 10.37 29.51
CA ARG AA 35 2.81 9.48 30.43
C ARG AA 35 1.84 10.26 31.30
N ILE AA 36 2.29 11.39 31.83
CA ILE AA 36 1.54 12.17 32.82
C ILE AA 36 0.99 13.39 32.11
N ASN AA 37 -0.27 13.31 31.68
CA ASN AA 37 -0.98 14.48 31.18
C ASN AA 37 -1.73 15.17 32.30
N ARG AA 38 -2.63 14.46 32.96
CA ARG AA 38 -3.28 14.93 34.16
C ARG AA 38 -2.44 14.58 35.38
N ALA AA 39 -2.77 15.19 36.50
CA ALA AA 39 -2.08 14.89 37.75
C ALA AA 39 -2.51 13.56 38.35
N GLY AA 40 -3.60 12.98 37.86
CA GLY AA 40 -4.05 11.70 38.37
C GLY AA 40 -3.31 10.50 37.83
N ASP AA 41 -2.52 10.67 36.77
CA ASP AA 41 -1.71 9.58 36.26
C ASP AA 41 -0.51 9.30 37.15
N ASP AA 42 0.11 10.34 37.70
CA ASP AA 42 1.18 10.16 38.69
C ASP AA 42 1.29 11.46 39.48
N ALA AA 43 0.88 11.43 40.74
CA ALA AA 43 1.01 12.61 41.58
C ALA AA 43 2.47 12.93 41.85
N ALA AA 44 3.22 11.95 42.34
CA ALA AA 44 4.65 12.15 42.54
C ALA AA 44 5.39 12.32 41.23
N GLY AA 45 4.92 11.67 40.17
CA GLY AA 45 5.52 11.88 38.86
C GLY AA 45 5.32 13.30 38.38
N LEU AA 46 4.13 13.86 38.59
CA LEU AA 46 3.90 15.25 38.25
C LEU AA 46 4.78 16.17 39.09
N ALA AA 47 4.87 15.91 40.39
CA ALA AA 47 5.65 16.78 41.26
C ALA AA 47 7.13 16.74 40.89
N ILE AA 48 7.68 15.55 40.69
CA ILE AA 48 9.10 15.41 40.38
C ILE AA 48 9.41 16.04 39.04
N SER AA 49 8.52 15.83 38.06
CA SER AA 49 8.74 16.35 36.72
C SER AA 49 8.89 17.86 36.72
N GLU AA 50 7.97 18.57 37.37
CA GLU AA 50 7.99 20.02 37.36
C GLU AA 50 9.25 20.56 38.03
N LYS AA 51 9.66 19.96 39.14
CA LYS AA 51 10.95 20.31 39.73
C LYS AA 51 12.06 20.08 38.72
N MET AA 52 12.01 18.94 38.04
CA MET AA 52 13.02 18.61 37.05
C MET AA 52 13.04 19.60 35.90
N ARG AA 53 11.88 19.89 35.31
CA ARG AA 53 11.82 20.83 34.20
C ARG AA 53 12.35 22.19 34.62
N SER AA 54 11.92 22.66 35.79
CA SER AA 54 12.39 23.93 36.33
C SER AA 54 13.91 23.96 36.42
N GLN AA 55 14.48 22.84 36.88
CA GLN AA 55 15.93 22.75 37.00
C GLN AA 55 16.60 22.66 35.64
N ILE AA 56 16.03 21.89 34.72
CA ILE AA 56 16.63 21.75 33.39
C ILE AA 56 16.60 23.07 32.64
N ARG AA 57 15.47 23.76 32.65
CA ARG AA 57 15.42 25.06 32.02
C ARG AA 57 16.21 26.11 32.77
N GLY AA 58 16.68 25.81 33.97
CA GLY AA 58 17.56 26.70 34.70
C GLY AA 58 19.01 26.45 34.35
N LEU AA 59 19.42 25.19 34.27
CA LEU AA 59 20.81 24.89 33.93
C LEU AA 59 21.12 25.23 32.48
N ASP AA 60 20.15 25.09 31.58
CA ASP AA 60 20.40 25.47 30.20
C ASP AA 60 20.41 26.98 30.03
N MET AA 61 19.72 27.70 30.91
CA MET AA 61 19.79 29.16 30.91
C MET AA 61 20.98 29.65 31.71
N ALA AA 62 21.30 29.01 32.83
CA ALA AA 62 22.52 29.34 33.55
C ALA AA 62 23.76 28.99 32.77
N SER AA 63 23.64 28.15 31.74
CA SER AA 63 24.75 27.94 30.82
C SER AA 63 24.89 29.08 29.83
N LYS AA 64 23.82 29.83 29.57
CA LYS AA 64 23.95 31.05 28.79
C LYS AA 64 24.61 32.15 29.61
N ASN AA 65 24.24 32.26 30.89
CA ASN AA 65 24.87 33.25 31.75
C ASN AA 65 26.36 32.97 31.89
N ALA AA 66 26.74 31.70 32.04
CA ALA AA 66 28.15 31.38 32.13
C ALA AA 66 28.88 31.74 30.85
N GLN AA 67 28.22 31.62 29.70
CA GLN AA 67 28.85 31.99 28.44
C GLN AA 67 28.76 33.47 28.15
N ASP AA 68 27.77 34.16 28.69
CA ASP AA 68 27.75 35.61 28.61
C ASP AA 68 28.73 36.25 29.59
N GLY AA 69 29.27 35.47 30.52
CA GLY AA 69 30.32 35.97 31.38
C GLY AA 69 31.67 35.65 30.80
N ILE AA 70 31.74 34.59 30.01
CA ILE AA 70 32.96 34.28 29.28
C ILE AA 70 33.23 35.36 28.24
N SER AA 71 32.17 35.87 27.61
CA SER AA 71 32.34 36.95 26.65
C SER AA 71 32.72 38.26 27.34
N LEU AA 72 32.10 38.54 28.48
CA LEU AA 72 32.44 39.76 29.21
C LEU AA 72 33.88 39.73 29.68
N ILE AA 73 34.42 38.56 29.95
CA ILE AA 73 35.78 38.44 30.45
C ILE AA 73 36.79 38.43 29.31
N GLN AA 74 36.43 37.81 28.18
CA GLN AA 74 37.31 37.85 27.02
C GLN AA 74 37.50 39.27 26.53
N THR AA 75 36.45 40.10 26.63
CA THR AA 75 36.55 41.49 26.22
C THR AA 75 37.55 42.24 27.08
N SER AA 76 37.53 42.02 28.40
CA SER AA 76 38.43 42.73 29.28
C SER AA 76 39.88 42.34 29.05
N GLU AA 77 40.16 41.04 29.04
CA GLU AA 77 41.54 40.63 28.83
C GLU AA 77 41.98 40.88 27.40
N GLY AA 78 41.05 40.86 26.45
CA GLY AA 78 41.40 41.30 25.11
C GLY AA 78 41.85 42.74 25.08
N ALA AA 79 41.23 43.59 25.90
CA ALA AA 79 41.65 44.98 25.99
C ALA AA 79 42.99 45.11 26.67
N LEU AA 80 43.20 44.42 27.83
CA LEU AA 80 44.50 44.47 28.48
C LEU AA 80 45.59 43.82 27.65
N ASN AA 81 45.24 43.06 26.64
CA ASN AA 81 46.25 42.56 25.72
C ASN AA 81 47.01 43.70 25.08
N GLU AA 82 46.37 44.84 24.90
CA GLU AA 82 47.01 45.98 24.26
C GLU AA 82 47.65 46.92 25.26
N THR AA 83 47.10 47.05 26.45
CA THR AA 83 47.83 47.76 27.48
C THR AA 83 49.16 47.12 27.75
N HIS AA 84 49.31 45.84 27.47
CA HIS AA 84 50.63 45.25 27.57
C HIS AA 84 51.56 45.73 26.48
N SER AA 85 51.07 45.87 25.26
CA SER AA 85 51.94 46.29 24.18
C SER AA 85 52.29 47.75 24.28
N ILE AA 86 51.36 48.53 24.75
CA ILE AA 86 51.67 49.94 24.94
C ILE AA 86 52.68 50.11 26.06
N LEU AA 87 52.48 49.39 27.17
CA LEU AA 87 53.46 49.43 28.26
C LEU AA 87 54.80 48.86 27.83
N GLN AA 88 54.79 47.93 26.89
CA GLN AA 88 56.05 47.35 26.41
C GLN AA 88 56.82 48.36 25.56
N ARG AA 89 56.12 49.03 24.65
CA ARG AA 89 56.73 50.12 23.88
C ARG AA 89 57.11 51.27 24.79
N MET AA 90 56.27 51.55 25.79
CA MET AA 90 56.55 52.65 26.71
C MET AA 90 57.80 52.40 27.52
N SER AA 91 58.28 51.16 27.59
CA SER AA 91 59.50 50.85 28.30
C SER AA 91 60.74 50.99 27.44
N GLU AA 92 60.62 50.88 26.12
CA GLU AA 92 61.73 51.22 25.25
C GLU AA 92 61.99 52.71 25.25
N LEU AA 93 60.95 53.53 25.30
CA LEU AA 93 61.16 54.96 25.46
C LEU AA 93 61.40 55.34 26.90
N ALA AA 94 62.19 54.54 27.60
CA ALA AA 94 62.85 54.96 28.83
C ALA AA 94 64.25 54.40 28.94
N THR AA 95 64.58 53.36 28.17
CA THR AA 95 65.96 52.92 28.04
C THR AA 95 66.69 53.76 27.01
N GLN AA 96 65.95 54.32 26.06
CA GLN AA 96 66.53 55.25 25.10
C GLN AA 96 66.68 56.63 25.70
N ALA AA 97 65.71 57.05 26.51
CA ALA AA 97 65.77 58.36 27.16
C ALA AA 97 66.77 58.41 28.29
N ALA AA 98 67.17 57.27 28.83
CA ALA AA 98 68.14 57.24 29.91
C ALA AA 98 69.57 57.40 29.43
N ASN AA 99 69.84 57.09 28.16
CA ASN AA 99 71.17 57.31 27.60
C ASN AA 99 71.48 58.80 27.56
N ASP AA 100 72.73 59.14 27.84
CA ASP AA 100 73.12 60.54 27.93
C ASP AA 100 73.72 61.09 26.65
N THR AA 101 73.65 60.34 25.56
CA THR AA 101 73.89 60.93 24.25
C THR AA 101 72.69 61.71 23.76
N ASN AA 102 71.52 61.47 24.33
CA ASN AA 102 70.35 62.29 24.05
C ASN AA 102 70.53 63.67 24.66
N THR AA 103 69.93 64.67 24.02
CA THR AA 103 69.82 65.99 24.60
C THR AA 103 68.39 66.22 25.07
N ASP AA 104 68.19 67.30 25.82
CA ASP AA 104 66.85 67.62 26.28
C ASP AA 104 65.91 67.91 25.11
N SER AA 105 66.45 68.39 24.00
CA SER AA 105 65.65 68.55 22.80
C SER AA 105 65.15 67.21 22.27
N ASP AA 106 65.83 66.12 22.60
CA ASP AA 106 65.46 64.78 22.16
C ASP AA 106 64.79 63.95 23.23
N ARG AA 107 65.09 64.19 24.50
CA ARG AA 107 64.30 63.57 25.56
C ARG AA 107 62.88 64.10 25.54
N SER AA 108 62.73 65.43 25.42
CA SER AA 108 61.40 66.01 25.25
C SER AA 108 60.80 65.58 23.92
N GLU AA 109 61.64 65.14 23.00
CA GLU AA 109 61.13 64.63 21.74
C GLU AA 109 60.51 63.25 21.95
N LEU AA 110 61.13 62.43 22.78
CA LEU AA 110 60.57 61.15 23.16
C LEU AA 110 59.34 61.32 24.04
N GLN AA 111 59.30 62.39 24.84
CA GLN AA 111 58.16 62.61 25.72
C GLN AA 111 56.88 62.80 24.93
N LYS AA 112 56.99 63.20 23.66
CA LYS AA 112 55.79 63.35 22.85
C LYS AA 112 55.08 62.02 22.67
N GLU AA 113 55.83 60.95 22.43
CA GLU AA 113 55.22 59.63 22.36
C GLU AA 113 54.91 59.07 23.73
N MET AA 114 55.68 59.46 24.74
CA MET AA 114 55.37 59.11 26.12
C MET AA 114 53.95 59.55 26.48
N ASP AA 115 53.63 60.81 26.21
CA ASP AA 115 52.32 61.33 26.54
C ASP AA 115 51.24 60.77 25.63
N GLN AA 116 51.59 60.33 24.43
CA GLN AA 116 50.60 59.78 23.52
C GLN AA 116 50.33 58.31 23.81
N LEU AA 117 51.32 57.57 24.28
CA LEU AA 117 51.09 56.21 24.71
C LEU AA 117 50.32 56.17 26.02
N ALA AA 118 50.71 57.02 26.97
CA ALA AA 118 50.00 57.07 28.25
C ALA AA 118 48.58 57.54 28.10
N SER AA 119 48.28 58.34 27.07
CA SER AA 119 46.93 58.77 26.81
C SER AA 119 46.11 57.71 26.10
N GLU AA 120 46.74 56.70 25.53
CA GLU AA 120 46.03 55.58 24.93
C GLU AA 120 45.73 54.49 25.94
N VAL AA 121 46.62 54.30 26.91
CA VAL AA 121 46.33 53.40 28.03
C VAL AA 121 45.08 53.85 28.76
N THR AA 122 44.93 55.16 28.96
CA THR AA 122 43.72 55.68 29.60
C THR AA 122 42.50 55.50 28.71
N ARG AA 123 42.66 55.62 27.39
CA ARG AA 123 41.52 55.44 26.51
C ARG AA 123 40.95 54.04 26.59
N ILE AA 124 41.83 53.03 26.62
CA ILE AA 124 41.37 51.65 26.67
C ILE AA 124 40.57 51.39 27.93
N SER AA 125 40.98 52.01 29.05
CA SER AA 125 40.24 51.80 30.29
C SER AA 125 38.85 52.42 30.21
N THR AA 126 38.74 53.65 29.73
CA THR AA 126 37.46 54.34 29.70
C THR AA 126 36.61 53.97 28.50
N ASP AA 127 37.17 53.33 27.48
CA ASP AA 127 36.40 53.00 26.28
C ASP AA 127 35.99 51.54 26.23
N THR AA 128 36.76 50.64 26.82
CA THR AA 128 36.41 49.22 26.79
C THR AA 128 35.07 49.03 27.46
N GLU AA 129 34.09 48.55 26.71
CA GLU AA 129 32.72 48.50 27.18
C GLU AA 129 32.03 47.27 26.60
N PHE AA 130 31.66 46.34 27.47
CA PHE AA 130 30.79 45.25 27.11
C PHE AA 130 29.38 45.61 27.49
N ASN AA 131 28.44 45.36 26.58
CA ASN AA 131 27.04 45.75 26.77
C ASN AA 131 27.09 47.26 26.96
N THR AA 132 26.65 47.80 28.08
CA THR AA 132 26.86 49.20 28.42
C THR AA 132 27.64 49.37 29.72
N LYS AA 133 28.56 48.45 29.97
CA LYS AA 133 29.33 48.43 31.21
C LYS AA 133 30.78 48.75 30.91
N LYS AA 134 31.33 49.74 31.59
CA LYS AA 134 32.75 50.04 31.48
C LYS AA 134 33.50 49.07 32.37
N LEU AA 135 34.32 48.21 31.77
CA LEU AA 135 34.93 47.12 32.51
C LEU AA 135 36.19 47.56 33.25
N LEU AA 136 37.06 48.29 32.57
CA LEU AA 136 38.40 48.56 33.08
C LEU AA 136 38.52 49.91 33.77
N ASP AA 137 37.42 50.60 34.04
CA ASP AA 137 37.48 51.89 34.70
C ASP AA 137 37.23 51.81 36.19
N GLY AA 138 37.25 50.61 36.76
CA GLY AA 138 37.09 50.45 38.19
C GLY AA 138 35.67 50.42 38.68
N THR AA 139 34.68 50.49 37.79
CA THR AA 139 33.28 50.43 38.19
C THR AA 139 32.69 49.04 38.09
N ALA AA 140 33.34 48.13 37.35
CA ALA AA 140 32.86 46.75 37.23
C ALA AA 140 33.38 45.95 38.41
N GLN AA 141 32.68 46.07 39.53
CA GLN AA 141 33.01 45.37 40.75
C GLN AA 141 31.82 44.55 41.21
N ASN AA 142 32.09 43.40 41.83
CA ASN AA 142 31.05 42.53 42.37
C ASN AA 142 30.13 42.02 41.27
N LEU AA 143 30.68 41.83 40.08
CA LEU AA 143 29.90 41.27 38.98
C LEU AA 143 29.51 39.84 39.32
N THR AA 144 28.22 39.61 39.47
CA THR AA 144 27.68 38.34 39.90
C THR AA 144 27.10 37.61 38.71
N PHE AA 145 27.70 36.47 38.36
CA PHE AA 145 27.17 35.61 37.31
C PHE AA 145 26.39 34.49 37.96
N GLN AA 146 25.12 34.35 37.58
CA GLN AA 146 24.30 33.27 38.11
C GLN AA 146 24.63 32.01 37.32
N ILE AA 147 25.69 31.33 37.75
CA ILE AA 147 26.05 30.05 37.16
C ILE AA 147 25.40 28.94 37.98
N GLY AA 148 24.15 28.68 37.72
CA GLY AA 148 23.39 27.73 38.50
C GLY AA 148 21.92 28.12 38.49
N ALA AA 149 21.07 27.13 38.74
CA ALA AA 149 19.64 27.32 38.62
C ALA AA 149 18.97 27.78 39.89
N ASN AA 150 19.71 28.01 40.97
CA ASN AA 150 19.14 28.30 42.26
C ASN AA 150 19.78 29.55 42.86
N GLU AA 151 19.34 29.90 44.06
CA GLU AA 151 19.97 30.98 44.82
C GLU AA 151 21.41 30.66 45.17
N GLY AA 152 22.22 31.71 45.25
CA GLY AA 152 23.56 31.59 45.76
C GLY AA 152 24.49 30.76 44.91
N GLN AA 153 24.05 30.34 43.74
CA GLN AA 153 24.90 29.60 42.81
C GLN AA 153 25.55 30.59 41.83
N THR AA 154 26.28 31.52 42.42
CA THR AA 154 26.84 32.66 41.70
C THR AA 154 28.36 32.65 41.81
N MET AA 155 28.97 33.50 41.00
CA MET AA 155 30.40 33.78 41.09
C MET AA 155 30.61 35.28 40.98
N SER AA 156 31.41 35.83 41.88
CA SER AA 156 31.70 37.25 41.83
C SER AA 156 32.94 37.51 41.00
N LEU AA 157 33.16 38.79 40.69
CA LEU AA 157 34.32 39.20 39.92
C LEU AA 157 34.51 40.70 40.10
N SER AA 158 35.77 41.13 40.18
CA SER AA 158 36.05 42.55 40.35
C SER AA 158 37.29 42.88 39.54
N ILE AA 159 37.12 43.67 38.49
CA ILE AA 159 38.23 44.13 37.68
C ILE AA 159 38.65 45.50 38.17
N ASN AA 160 39.93 45.66 38.47
CA ASN AA 160 40.42 46.91 39.01
C ASN AA 160 40.58 47.95 37.91
N LYS AA 161 40.70 49.21 38.33
CA LYS AA 161 40.92 50.28 37.38
C LYS AA 161 42.31 50.14 36.77
N MET AA 162 42.37 50.12 35.43
CA MET AA 162 43.60 49.80 34.72
C MET AA 162 43.94 50.90 33.72
N ASP AA 163 43.88 52.14 34.18
CA ASP AA 163 44.27 53.29 33.38
C ASP AA 163 45.65 53.76 33.81
N SER AA 164 46.17 54.74 33.08
CA SER AA 164 47.53 55.20 33.32
C SER AA 164 47.68 55.79 34.71
N GLU AA 165 46.64 56.46 35.19
CA GLU AA 165 46.69 57.03 36.54
C GLU AA 165 46.85 55.93 37.58
N SER AA 166 46.12 54.82 37.43
CA SER AA 166 46.18 53.75 38.41
C SER AA 166 47.50 53.00 38.32
N LEU AA 167 47.98 52.73 37.12
CA LEU AA 167 49.28 52.07 36.95
C LEU AA 167 50.44 53.00 37.24
N LYS AA 168 50.18 54.30 37.44
CA LYS AA 168 51.18 55.31 37.75
C LYS AA 168 52.14 55.56 36.59
N VAL AA 169 51.71 55.28 35.36
CA VAL AA 169 52.50 55.58 34.18
C VAL AA 169 52.02 56.86 33.50
N GLY AA 170 51.22 57.65 34.19
CA GLY AA 170 50.70 58.86 33.60
C GLY AA 170 49.91 59.64 34.62
N THR AA 171 49.30 60.73 34.16
CA THR AA 171 48.44 61.53 35.02
C THR AA 171 47.45 62.28 34.15
N THR AA 172 46.22 62.39 34.61
CA THR AA 172 45.14 62.94 33.81
C THR AA 172 44.67 64.25 34.43
N TYR AA 173 44.92 65.34 33.71
CA TYR AA 173 44.40 66.64 34.09
C TYR AA 173 43.05 66.85 33.43
N THR AA 174 42.13 67.46 34.16
CA THR AA 174 40.84 67.84 33.59
C THR AA 174 40.71 69.35 33.63
N ALA AA 175 40.01 69.90 32.64
CA ALA AA 175 39.89 71.34 32.50
C ALA AA 175 38.78 71.86 33.39
N ASN AA 176 39.09 72.92 34.13
CA ASN AA 176 38.09 73.54 34.98
C ASN AA 176 37.02 74.19 34.12
N ASP AA 177 35.97 74.71 34.79
CA ASP AA 177 34.79 75.18 34.06
C ASP AA 177 35.12 76.31 33.10
N ASP AA 178 35.93 77.27 33.53
CA ASP AA 178 36.37 78.38 32.69
C ASP AA 178 37.46 77.93 31.72
N GLY AA 179 38.29 76.96 32.10
CA GLY AA 179 39.38 76.53 31.25
C GLY AA 179 40.67 77.27 31.54
N SER AA 180 40.70 77.99 32.66
CA SER AA 180 41.89 78.74 33.02
C SER AA 180 43.00 77.81 33.50
N LYS AA 181 42.65 76.80 34.29
CA LYS AA 181 43.63 75.93 34.92
C LYS AA 181 43.22 74.47 34.75
N LEU AA 182 44.10 73.67 34.17
CA LEU AA 182 43.90 72.24 34.12
C LEU AA 182 44.07 71.64 35.51
N VAL AA 183 43.10 70.83 35.92
CA VAL AA 183 43.05 70.29 37.27
C VAL AA 183 43.08 68.77 37.17
N THR AA 184 44.01 68.16 37.89
CA THR AA 184 44.00 66.71 38.02
C THR AA 184 43.34 66.30 39.33
N ALA AA 185 42.98 65.03 39.43
CA ALA AA 185 42.60 64.49 40.72
C ALA AA 185 43.80 64.54 41.66
N ASP AA 186 43.53 64.80 42.94
CA ASP AA 186 44.46 65.21 43.99
C ASP AA 186 44.77 66.71 43.80
N GLY AA 187 44.35 67.33 42.70
CA GLY AA 187 44.43 68.77 42.58
C GLY AA 187 45.81 69.35 42.32
N LYS AA 188 46.39 69.06 41.17
CA LYS AA 188 47.59 69.72 40.71
C LYS AA 188 47.22 70.70 39.62
N GLU AA 189 47.56 71.97 39.82
CA GLU AA 189 47.08 73.05 38.97
C GLU AA 189 47.96 73.22 37.75
N ALA AA 190 47.37 73.71 36.68
CA ALA AA 190 48.10 74.01 35.46
C ALA AA 190 47.42 75.20 34.79
N THR AA 191 47.90 76.40 35.07
CA THR AA 191 47.25 77.61 34.60
C THR AA 191 47.63 77.94 33.16
N LEU AA 192 46.73 78.62 32.47
CA LEU AA 192 46.90 78.98 31.07
C LEU AA 192 47.66 80.28 30.85
N VAL AA 193 48.37 80.34 29.72
CA VAL AA 193 49.26 81.42 29.27
C VAL AA 193 50.23 81.96 30.30
N THR AA 194 50.94 81.06 30.97
CA THR AA 194 51.82 81.44 32.07
C THR AA 194 53.30 81.09 31.88
N LYS AA 198 56.23 85.01 29.96
CA LYS AA 198 55.25 84.44 29.04
C LYS AA 198 55.77 83.13 28.46
N GLY AA 199 56.80 83.23 27.63
CA GLY AA 199 57.40 82.05 27.03
C GLY AA 199 56.47 81.38 26.04
N PRO AA 200 56.80 80.16 25.64
CA PRO AA 200 55.89 79.40 24.78
C PRO AA 200 54.53 79.22 25.45
N ASN AA 201 53.49 79.23 24.64
CA ASN AA 201 52.13 79.34 25.14
C ASN AA 201 51.54 77.98 25.45
N GLY AA 202 50.90 77.86 26.60
CA GLY AA 202 50.28 76.61 27.02
C GLY AA 202 49.90 76.67 28.48
N TYR AA 203 49.45 75.52 28.99
CA TYR AA 203 49.02 75.39 30.38
C TYR AA 203 50.25 75.08 31.23
N TYR AA 204 50.80 76.12 31.85
CA TYR AA 204 52.00 75.92 32.64
C TYR AA 204 51.65 75.44 34.05
N ASP AA 205 52.66 74.86 34.69
CA ASP AA 205 52.55 74.27 36.01
C ASP AA 205 53.29 75.18 37.00
N ASP AA 206 53.28 74.83 38.28
CA ASP AA 206 53.89 75.67 39.32
C ASP AA 206 55.41 75.68 39.26
N ALA AA 207 56.00 75.01 38.27
CA ALA AA 207 57.44 75.00 38.13
C ALA AA 207 57.91 75.41 36.73
N ASP AA 208 57.02 76.04 35.97
CA ASP AA 208 57.29 76.62 34.66
C ASP AA 208 57.41 75.47 33.64
N LYS AA 209 57.33 74.22 34.12
CA LYS AA 209 57.28 73.09 33.20
C LYS AA 209 55.96 73.13 32.45
N LEU AA 210 56.03 73.27 31.13
CA LEU AA 210 54.83 73.22 30.32
C LEU AA 210 54.15 71.86 30.47
N VAL AA 211 52.84 71.88 30.68
CA VAL AA 211 52.05 70.67 30.81
C VAL AA 211 51.31 70.36 29.52
N TYR AA 212 50.57 71.32 29.00
CA TYR AA 212 49.86 71.16 27.74
C TYR AA 212 50.23 72.31 26.80
N GLN AA 213 50.31 71.99 25.51
CA GLN AA 213 50.63 72.97 24.49
C GLN AA 213 49.35 73.40 23.81
N ALA AA 214 48.80 74.54 24.24
CA ALA AA 214 47.63 75.11 23.61
C ALA AA 214 47.65 76.62 23.83
N ASP AA 215 47.22 77.35 22.82
CA ASP AA 215 47.15 78.81 22.90
C ASP AA 215 45.76 79.32 23.25
N SER AA 216 44.71 78.63 22.81
CA SER AA 216 43.36 78.95 23.23
C SER AA 216 43.09 78.33 24.59
N ALA AA 217 41.83 78.32 25.01
CA ALA AA 217 41.47 77.72 26.29
C ALA AA 217 40.71 76.44 26.00
N LEU AA 218 41.07 75.37 26.68
CA LEU AA 218 40.39 74.10 26.49
C LEU AA 218 38.94 74.20 26.93
N ALA AA 219 38.10 73.34 26.35
CA ALA AA 219 36.68 73.33 26.68
C ALA AA 219 36.47 72.80 28.08
N LYS AA 220 35.21 72.65 28.48
CA LYS AA 220 34.85 72.25 29.83
C LYS AA 220 34.90 70.73 29.94
N ASP AA 221 35.53 70.24 31.00
CA ASP AA 221 35.69 68.80 31.25
C ASP AA 221 36.38 68.10 30.08
N THR AA 222 37.42 68.72 29.54
CA THR AA 222 38.28 68.05 28.58
C THR AA 222 39.50 67.51 29.32
N LYS AA 223 39.69 66.20 29.25
CA LYS AA 223 40.79 65.56 29.95
C LYS AA 223 42.01 65.47 29.05
N VAL AA 224 43.18 65.74 29.62
CA VAL AA 224 44.45 65.51 28.95
C VAL AA 224 45.26 64.57 29.81
N THR AA 225 45.97 63.66 29.16
CA THR AA 225 46.82 62.69 29.85
C THR AA 225 48.27 62.96 29.52
N LYS AA 226 49.10 63.03 30.55
CA LYS AA 226 50.51 63.37 30.41
C LYS AA 226 51.33 62.21 30.94
N GLY AA 227 52.25 61.71 30.13
CA GLY AA 227 53.01 60.54 30.50
C GLY AA 227 53.95 60.79 31.66
N ILE AA 228 54.52 59.70 32.17
CA ILE AA 228 55.46 59.82 33.26
C ILE AA 228 56.71 60.53 32.77
N ASP AA 229 57.36 61.27 33.67
CA ASP AA 229 58.45 62.15 33.29
C ASP AA 229 59.68 61.33 32.89
N ILE AA 230 60.08 61.44 31.64
CA ILE AA 230 61.35 60.88 31.16
C ILE AA 230 62.24 61.92 30.52
N SER AA 231 61.76 63.15 30.38
CA SER AA 231 62.49 64.17 29.62
C SER AA 231 63.23 65.17 30.48
N SER AA 232 63.01 65.18 31.79
CA SER AA 232 63.68 66.16 32.63
C SER AA 232 65.16 65.84 32.82
N SER AA 233 65.54 64.57 32.78
CA SER AA 233 66.92 64.18 33.03
C SER AA 233 67.09 62.73 32.63
N ALA AA 234 68.33 62.26 32.66
CA ALA AA 234 68.60 60.84 32.50
C ALA AA 234 68.25 60.06 33.76
N LYS AA 235 68.43 60.67 34.93
CA LYS AA 235 68.04 60.03 36.18
C LYS AA 235 66.53 59.81 36.23
N ALA AA 236 65.76 60.80 35.78
CA ALA AA 236 64.31 60.66 35.78
C ALA AA 236 63.87 59.55 34.83
N ALA AA 237 64.50 59.44 33.67
CA ALA AA 237 64.14 58.40 32.73
C ALA AA 237 64.44 57.02 33.30
N SER AA 238 65.56 56.88 33.99
CA SER AA 238 65.84 55.61 34.67
C SER AA 238 64.82 55.33 35.76
N SER AA 239 64.41 56.35 36.51
CA SER AA 239 63.40 56.15 37.54
C SER AA 239 62.11 55.65 36.94
N ALA AA 240 61.70 56.19 35.80
CA ALA AA 240 60.50 55.72 35.13
C ALA AA 240 60.60 54.28 34.66
N LEU AA 241 61.81 53.72 34.58
CA LEU AA 241 61.95 52.35 34.12
C LEU AA 241 61.31 51.37 35.09
N THR AA 242 61.58 51.51 36.39
CA THR AA 242 60.95 50.64 37.38
C THR AA 242 59.45 50.88 37.45
N THR AA 243 59.02 52.13 37.33
CA THR AA 243 57.59 52.42 37.36
C THR AA 243 56.88 51.73 36.21
N ILE AA 244 57.47 51.75 35.02
CA ILE AA 244 56.86 51.11 33.88
C ILE AA 244 56.90 49.60 34.02
N LYS AA 245 58.04 49.05 34.44
CA LYS AA 245 58.15 47.59 34.54
C LYS AA 245 57.29 47.04 35.67
N THR AA 246 56.96 47.86 36.66
CA THR AA 246 56.02 47.45 37.68
C THR AA 246 54.60 47.47 37.15
N ALA AA 247 54.27 48.46 36.30
CA ALA AA 247 52.96 48.51 35.70
C ALA AA 247 52.69 47.29 34.85
N ILE AA 248 53.72 46.79 34.15
CA ILE AA 248 53.57 45.55 33.42
C ILE AA 248 53.27 44.40 34.36
N ASP AA 249 53.76 44.48 35.59
CA ASP AA 249 53.50 43.43 36.56
C ASP AA 249 52.08 43.47 37.08
N THR AA 250 51.53 44.64 37.33
CA THR AA 250 50.16 44.75 37.81
C THR AA 250 49.15 44.66 36.68
N VAL AA 251 49.58 44.62 35.43
CA VAL AA 251 48.69 44.27 34.34
C VAL AA 251 48.67 42.77 34.12
N SER AA 252 49.84 42.12 34.21
CA SER AA 252 49.88 40.67 34.13
C SER AA 252 49.08 40.04 35.25
N SER AA 253 49.09 40.66 36.44
CA SER AA 253 48.27 40.14 37.53
C SER AA 253 46.80 40.24 37.21
N GLU AA 254 46.36 41.34 36.61
CA GLU AA 254 44.95 41.48 36.27
C GLU AA 254 44.55 40.55 35.15
N ARG AA 255 45.44 40.34 34.16
CA ARG AA 255 45.08 39.49 33.04
C ARG AA 255 44.84 38.06 33.45
N ALA AA 256 45.64 37.52 34.36
CA ALA AA 256 45.44 36.15 34.80
C ALA AA 256 44.48 36.03 35.98
N LYS AA 257 44.13 37.13 36.63
CA LYS AA 257 42.95 37.11 37.48
C LYS AA 257 41.68 36.97 36.65
N LEU AA 258 41.72 37.36 35.39
CA LEU AA 258 40.61 37.18 34.47
C LEU AA 258 40.74 35.93 33.62
N GLY AA 259 41.95 35.42 33.44
CA GLY AA 259 42.12 34.17 32.74
C GLY AA 259 41.81 33.01 33.64
N ALA AA 260 41.98 33.21 34.95
CA ALA AA 260 41.60 32.18 35.91
C ALA AA 260 40.10 32.01 35.99
N VAL AA 261 39.37 33.11 35.96
CA VAL AA 261 37.91 33.04 35.99
C VAL AA 261 37.39 32.42 34.71
N GLN AA 262 38.00 32.74 33.58
CA GLN AA 262 37.53 32.20 32.31
C GLN AA 262 37.78 30.70 32.23
N ASN AA 263 38.92 30.24 32.76
CA ASN AA 263 39.16 28.80 32.82
C ASN AA 263 38.13 28.10 33.70
N ARG AA 264 37.78 28.71 34.83
CA ARG AA 264 36.75 28.14 35.69
C ARG AA 264 35.41 28.08 34.97
N LEU AA 265 35.04 29.17 34.28
CA LEU AA 265 33.77 29.21 33.60
C LEU AA 265 33.70 28.21 32.44
N GLU AA 266 34.83 27.80 31.90
CA GLU AA 266 34.82 26.76 30.89
C GLU AA 266 34.54 25.40 31.50
N HIS AA 267 34.98 25.16 32.74
CA HIS AA 267 34.63 23.94 33.43
C HIS AA 267 33.19 23.97 33.92
N THR AA 268 32.72 25.14 34.35
CA THR AA 268 31.33 25.27 34.75
C THR AA 268 30.36 25.00 33.63
N ILE AA 269 30.75 25.29 32.39
CA ILE AA 269 29.86 25.08 31.26
C ILE AA 269 29.73 23.60 30.93
N ASN AA 270 30.85 22.87 30.94
CA ASN AA 270 30.79 21.44 30.68
C ASN AA 270 29.98 20.73 31.76
N ASN AA 271 30.12 21.16 33.01
CA ASN AA 271 29.37 20.52 34.08
C ASN AA 271 27.90 20.89 34.05
N LEU AA 272 27.57 22.12 33.67
CA LEU AA 272 26.18 22.49 33.50
C LEU AA 272 25.55 21.78 32.31
N GLY AA 273 26.32 21.62 31.22
CA GLY AA 273 25.81 20.88 30.08
C GLY AA 273 25.63 19.40 30.36
N THR AA 274 26.53 18.81 31.13
CA THR AA 274 26.38 17.41 31.50
C THR AA 274 25.21 17.20 32.44
N SER AA 275 24.96 18.13 33.34
CA SER AA 275 23.86 18.01 34.28
C SER AA 275 22.51 18.25 33.64
N SER AA 276 22.45 18.86 32.46
CA SER AA 276 21.18 18.97 31.76
C SER AA 276 20.83 17.68 31.05
N GLU AA 277 21.80 17.04 30.41
CA GLU AA 277 21.55 15.74 29.79
C GLU AA 277 21.13 14.71 30.81
N ASN AA 278 21.83 14.66 31.94
CA ASN AA 278 21.51 13.67 32.96
C ASN AA 278 20.15 13.93 33.57
N LEU AA 279 19.72 15.18 33.61
CA LEU AA 279 18.39 15.49 34.13
C LEU AA 279 17.32 15.43 33.05
N THR AA 280 17.67 15.79 31.80
CA THR AA 280 16.72 15.63 30.72
C THR AA 280 16.36 14.16 30.52
N SER AA 281 17.36 13.29 30.55
CA SER AA 281 17.09 11.86 30.47
C SER AA 281 16.32 11.38 31.68
N ALA AA 282 16.64 11.92 32.86
CA ALA AA 282 15.93 11.53 34.07
C ALA AA 282 14.47 11.95 34.01
N GLU AA 283 14.20 13.14 33.49
CA GLU AA 283 12.82 13.61 33.40
C GLU AA 283 12.04 12.90 32.29
N SER AA 284 12.71 12.52 31.21
CA SER AA 284 12.03 11.82 30.14
C SER AA 284 11.51 10.47 30.60
N ARG AA 285 12.29 9.74 31.40
CA ARG AA 285 11.83 8.46 31.90
C ARG AA 285 10.62 8.61 32.79
N ILE AA 286 10.57 9.69 33.59
CA ILE AA 286 9.44 9.90 34.48
C ILE AA 286 8.22 10.35 33.70
N ARG AA 287 8.40 11.23 32.72
CA ARG AA 287 7.29 11.94 32.08
C ARG AA 287 6.92 11.38 30.73
N ASP AA 288 7.89 11.18 29.84
CA ASP AA 288 7.58 10.72 28.50
C ASP AA 288 7.05 9.29 28.51
N VAL AA 289 6.23 8.99 27.52
CA VAL AA 289 5.61 7.67 27.40
C VAL AA 289 6.48 6.80 26.50
N ASP AA 290 6.38 5.49 26.71
CA ASP AA 290 7.05 4.52 25.85
C ASP AA 290 6.12 4.21 24.69
N MET AA 291 6.52 4.61 23.48
CA MET AA 291 5.65 4.47 22.33
C MET AA 291 5.29 3.02 22.07
N ALA AA 292 6.27 2.12 22.18
CA ALA AA 292 6.02 0.71 21.92
C ALA AA 292 5.08 0.12 22.96
N SER AA 293 5.38 0.32 24.24
CA SER AA 293 4.57 -0.27 25.30
C SER AA 293 3.19 0.34 25.41
N GLU AA 294 2.96 1.49 24.77
CA GLU AA 294 1.67 2.16 24.82
C GLU AA 294 0.81 1.88 23.60
N MET AA 295 1.42 1.82 22.42
CA MET AA 295 0.68 1.44 21.22
C MET AA 295 0.17 0.01 21.34
N MET AA 296 0.99 -0.88 21.89
CA MET AA 296 0.56 -2.25 22.11
C MET AA 296 -0.57 -2.33 23.12
N GLU AA 297 -0.58 -1.46 24.12
CA GLU AA 297 -1.67 -1.46 25.08
C GLU AA 297 -2.92 -0.80 24.52
N TYR AA 298 -2.75 0.22 23.68
CA TYR AA 298 -3.90 0.85 23.04
C TYR AA 298 -4.64 -0.14 22.15
N THR AA 299 -3.90 -0.94 21.38
CA THR AA 299 -4.53 -1.91 20.51
C THR AA 299 -5.32 -2.95 21.29
N LYS AA 300 -4.84 -3.32 22.49
CA LYS AA 300 -5.55 -4.31 23.29
C LYS AA 300 -6.94 -3.79 23.68
N ASN AA 301 -7.00 -2.61 24.30
CA ASN AA 301 -8.30 -2.06 24.66
C ASN AA 301 -9.12 -1.71 23.45
N ASN AA 302 -8.48 -1.44 22.32
CA ASN AA 302 -9.22 -1.19 21.08
C ASN AA 302 -9.84 -2.46 20.55
N ILE AA 303 -9.38 -3.63 20.99
CA ILE AA 303 -10.01 -4.89 20.62
C ILE AA 303 -11.04 -5.31 21.65
N LEU AA 304 -10.73 -5.14 22.93
CA LEU AA 304 -11.66 -5.49 23.99
C LEU AA 304 -12.97 -4.73 23.88
N THR AA 305 -12.95 -3.53 23.31
CA THR AA 305 -14.19 -2.79 23.08
C THR AA 305 -14.96 -3.32 21.88
N GLN AA 306 -14.26 -3.85 20.87
CA GLN AA 306 -14.95 -4.48 19.75
C GLN AA 306 -15.52 -5.84 20.13
N ALA AA 307 -14.83 -6.56 21.01
CA ALA AA 307 -15.38 -7.81 21.52
C ALA AA 307 -16.66 -7.56 22.30
N SER AA 308 -16.67 -6.52 23.14
CA SER AA 308 -17.88 -6.15 23.85
C SER AA 308 -18.93 -5.61 22.89
N GLN AA 309 -18.50 -4.88 21.85
CA GLN AA 309 -19.43 -4.41 20.84
C GLN AA 309 -20.10 -5.57 20.13
N ALA AA 310 -19.32 -6.60 19.76
CA ALA AA 310 -19.87 -7.74 19.05
C ALA AA 310 -20.87 -8.51 19.91
N MET AA 311 -20.55 -8.70 21.20
CA MET AA 311 -21.45 -9.45 22.06
C MET AA 311 -22.67 -8.65 22.50
N LEU AA 312 -22.57 -7.32 22.50
CA LEU AA 312 -23.73 -6.50 22.82
C LEU AA 312 -24.82 -6.68 21.78
N ALA AA 313 -24.43 -6.79 20.50
CA ALA AA 313 -25.41 -7.02 19.45
C ALA AA 313 -26.17 -8.32 19.67
N GLN AA 314 -25.46 -9.38 20.03
CA GLN AA 314 -26.11 -10.66 20.28
C GLN AA 314 -26.92 -10.63 21.56
N ALA AA 315 -26.48 -9.85 22.55
CA ALA AA 315 -27.22 -9.76 23.80
C ALA AA 315 -28.61 -9.20 23.60
N ASN AA 316 -28.77 -8.30 22.63
CA ASN AA 316 -30.09 -7.75 22.33
C ASN AA 316 -30.96 -8.73 21.56
N GLN AA 317 -30.35 -9.65 20.81
CA GLN AA 317 -31.13 -10.59 20.02
C GLN AA 317 -31.78 -11.66 20.89
N GLN AA 318 -31.15 -11.99 22.01
CA GLN AA 318 -31.66 -13.06 22.86
C GLN AA 318 -33.07 -12.81 23.38
N PRO AA 319 -33.45 -11.63 23.86
CA PRO AA 319 -34.85 -11.43 24.29
C PRO AA 319 -35.85 -11.51 23.15
N GLN AA 320 -35.41 -11.41 21.90
CA GLN AA 320 -36.33 -11.40 20.76
C GLN AA 320 -36.95 -12.77 20.49
N GLN AA 321 -36.49 -13.83 21.14
CA GLN AA 321 -36.95 -15.17 20.85
C GLN AA 321 -38.21 -15.56 21.61
N VAL AA 322 -38.66 -14.75 22.58
CA VAL AA 322 -39.88 -15.07 23.30
C VAL AA 322 -41.13 -14.77 22.48
N LEU AA 323 -41.01 -13.98 21.42
CA LEU AA 323 -42.17 -13.66 20.60
C LEU AA 323 -42.71 -14.89 19.89
N GLN AA 324 -41.82 -15.74 19.39
CA GLN AA 324 -42.25 -16.98 18.75
C GLN AA 324 -42.94 -17.91 19.72
N LEU AA 325 -42.62 -17.81 21.02
CA LEU AA 325 -43.30 -18.59 22.03
C LEU AA 325 -44.63 -17.97 22.45
N LEU AA 326 -44.72 -16.64 22.42
CA LEU AA 326 -45.94 -15.96 22.88
C LEU AA 326 -47.10 -16.13 21.92
N LYS AA 327 -46.83 -16.46 20.66
CA LYS AA 327 -47.90 -16.67 19.68
C LYS AA 327 -48.35 -18.12 19.66
N MET BA 1 -52.59 2.63 18.60
CA MET BA 1 -51.80 2.58 17.38
C MET BA 1 -52.45 3.38 16.26
N ARG BA 2 -51.91 4.57 16.00
CA ARG BA 2 -52.43 5.42 14.94
C ARG BA 2 -51.60 5.20 13.68
N ILE BA 3 -52.29 4.95 12.57
CA ILE BA 3 -51.66 4.50 11.34
C ILE BA 3 -51.50 5.63 10.32
N ASN BA 4 -52.47 6.54 10.28
CA ASN BA 4 -52.45 7.58 9.24
C ASN BA 4 -51.27 8.52 9.37
N HIS BA 5 -50.56 8.52 10.50
CA HIS BA 5 -49.40 9.38 10.66
C HIS BA 5 -48.36 8.65 11.49
N ASN BA 6 -47.13 8.64 11.02
CA ASN BA 6 -46.02 8.00 11.72
C ASN BA 6 -45.12 9.11 12.24
N ILE BA 7 -45.44 9.62 13.43
CA ILE BA 7 -44.67 10.72 14.00
C ILE BA 7 -43.25 10.29 14.32
N ALA BA 8 -43.06 9.01 14.66
CA ALA BA 8 -41.72 8.51 14.92
C ALA BA 8 -40.85 8.59 13.67
N ALA BA 9 -41.41 8.21 12.51
CA ALA BA 9 -40.66 8.30 11.27
C ALA BA 9 -40.59 9.74 10.76
N LEU BA 10 -41.65 10.53 10.96
CA LEU BA 10 -41.62 11.91 10.53
C LEU BA 10 -40.60 12.72 11.32
N ASN BA 11 -40.45 12.42 12.61
CA ASN BA 11 -39.42 13.09 13.40
C ASN BA 11 -38.02 12.66 12.98
N THR BA 12 -37.84 11.38 12.66
CA THR BA 12 -36.54 10.90 12.22
C THR BA 12 -36.15 11.48 10.87
N SER BA 13 -37.13 11.79 10.02
CA SER BA 13 -36.83 12.39 8.74
C SER BA 13 -36.19 13.76 8.90
N ARG BA 14 -36.68 14.56 9.84
CA ARG BA 14 -36.10 15.89 10.04
C ARG BA 14 -34.65 15.79 10.52
N GLN BA 15 -34.38 14.87 11.44
CA GLN BA 15 -33.00 14.67 11.86
C GLN BA 15 -32.15 14.10 10.72
N LEU BA 16 -32.78 13.36 9.81
CA LEU BA 16 -32.06 12.90 8.63
C LEU BA 16 -31.69 14.06 7.72
N ASN BA 17 -32.64 14.97 7.46
CA ASN BA 17 -32.33 16.19 6.73
C ASN BA 17 -31.87 17.30 7.67
N ALA BA 18 -31.00 16.97 8.61
CA ALA BA 18 -30.27 17.96 9.40
C ALA BA 18 -28.83 17.58 9.64
N GLY BA 19 -28.45 16.33 9.44
CA GLY BA 19 -27.06 15.92 9.51
C GLY BA 19 -26.51 15.80 8.11
N SER BA 20 -27.40 15.54 7.14
CA SER BA 20 -27.00 15.61 5.75
C SER BA 20 -26.63 17.03 5.35
N ASN BA 21 -27.41 18.02 5.79
CA ASN BA 21 -27.07 19.40 5.53
C ASN BA 21 -25.75 19.79 6.17
N ALA BA 22 -25.54 19.36 7.42
CA ALA BA 22 -24.28 19.67 8.10
C ALA BA 22 -23.10 19.00 7.41
N ALA BA 23 -23.27 17.75 6.97
CA ALA BA 23 -22.20 17.07 6.25
C ALA BA 23 -21.91 17.75 4.92
N SER BA 24 -22.95 18.21 4.23
CA SER BA 24 -22.74 18.94 2.98
C SER BA 24 -21.97 20.23 3.23
N LYS BA 25 -22.33 20.96 4.29
CA LYS BA 25 -21.60 22.17 4.62
C LYS BA 25 -20.15 21.86 5.00
N ASN BA 26 -19.92 20.76 5.70
CA ASN BA 26 -18.57 20.40 6.09
C ASN BA 26 -17.74 20.00 4.88
N MET BA 27 -18.35 19.37 3.89
CA MET BA 27 -17.62 18.94 2.71
C MET BA 27 -17.31 20.11 1.78
N GLU BA 28 -18.11 21.17 1.82
CA GLU BA 28 -17.76 22.37 1.08
C GLU BA 28 -16.44 22.94 1.59
N LYS BA 29 -16.29 23.03 2.91
CA LYS BA 29 -15.06 23.54 3.48
C LYS BA 29 -13.89 22.64 3.17
N LEU BA 30 -14.10 21.32 3.26
CA LEU BA 30 -13.00 20.39 3.05
C LEU BA 30 -12.52 20.42 1.60
N SER BA 31 -13.44 20.52 0.64
CA SER BA 31 -13.05 20.56 -0.76
C SER BA 31 -12.35 21.86 -1.10
N SER BA 32 -12.95 23.00 -0.72
CA SER BA 32 -12.38 24.29 -1.06
C SER BA 32 -11.19 24.66 -0.20
N GLY BA 33 -11.13 24.16 1.03
CA GLY BA 33 -10.08 24.55 1.94
C GLY BA 33 -10.31 25.87 2.64
N LEU BA 34 -11.51 26.43 2.55
CA LEU BA 34 -11.82 27.73 3.14
C LEU BA 34 -12.95 27.60 4.14
N ARG BA 35 -12.79 28.25 5.29
CA ARG BA 35 -13.87 28.32 6.27
C ARG BA 35 -15.05 29.09 5.72
N ILE BA 36 -14.79 30.22 5.09
CA ILE BA 36 -15.83 31.14 4.66
C ILE BA 36 -15.95 31.00 3.14
N ASN BA 37 -16.93 30.21 2.71
CA ASN BA 37 -17.29 30.14 1.29
C ASN BA 37 -18.39 31.15 0.98
N ARG BA 38 -19.53 31.02 1.65
CA ARG BA 38 -20.59 32.00 1.59
C ARG BA 38 -20.35 33.09 2.63
N ALA BA 39 -21.09 34.18 2.50
CA ALA BA 39 -20.99 35.26 3.48
C ALA BA 39 -21.72 34.93 4.77
N GLY BA 40 -22.54 33.89 4.79
CA GLY BA 40 -23.25 33.51 5.99
C GLY BA 40 -22.43 32.73 6.99
N ASP BA 41 -21.26 32.24 6.59
CA ASP BA 41 -20.38 31.55 7.52
C ASP BA 41 -19.67 32.52 8.46
N ASP BA 42 -19.28 33.69 7.95
CA ASP BA 42 -18.74 34.74 8.81
C ASP BA 42 -18.87 36.05 8.05
N ALA BA 43 -19.77 36.92 8.52
CA ALA BA 43 -19.93 38.22 7.88
C ALA BA 43 -18.69 39.09 8.10
N ALA BA 44 -18.27 39.23 9.35
CA ALA BA 44 -17.06 39.97 9.64
C ALA BA 44 -15.83 39.24 9.12
N GLY BA 45 -15.85 37.91 9.11
CA GLY BA 45 -14.75 37.18 8.52
C GLY BA 45 -14.64 37.43 7.03
N LEU BA 46 -15.77 37.48 6.33
CA LEU BA 46 -15.74 37.82 4.91
C LEU BA 46 -15.24 39.24 4.71
N ALA BA 47 -15.72 40.18 5.51
CA ALA BA 47 -15.31 41.57 5.34
C ALA BA 47 -13.82 41.75 5.59
N ILE BA 48 -13.32 41.18 6.68
CA ILE BA 48 -11.91 41.33 7.04
C ILE BA 48 -11.03 40.66 6.00
N SER BA 49 -11.45 39.49 5.53
CA SER BA 49 -10.65 38.74 4.56
C SER BA 49 -10.41 39.55 3.29
N GLU BA 50 -11.47 40.10 2.72
CA GLU BA 50 -11.35 40.84 1.47
C GLU BA 50 -10.46 42.05 1.61
N LYS BA 51 -10.58 42.79 2.71
CA LYS BA 51 -9.64 43.86 2.99
C LYS BA 51 -8.23 43.29 3.05
N MET BA 52 -8.06 42.17 3.73
CA MET BA 52 -6.75 41.54 3.86
C MET BA 52 -6.19 41.13 2.51
N ARG BA 53 -6.99 40.41 1.70
CA ARG BA 53 -6.52 39.97 0.39
C ARG BA 53 -6.12 41.16 -0.46
N SER BA 54 -6.96 42.18 -0.48
CA SER BA 54 -6.68 43.40 -1.23
C SER BA 54 -5.34 43.99 -0.81
N GLN BA 55 -5.08 44.00 0.49
CA GLN BA 55 -3.83 44.53 1.00
C GLN BA 55 -2.66 43.61 0.66
N ILE BA 56 -2.85 42.30 0.78
CA ILE BA 56 -1.76 41.37 0.50
C ILE BA 56 -1.38 41.42 -0.97
N ARG BA 57 -2.37 41.40 -1.85
CA ARG BA 57 -2.07 41.51 -3.27
C ARG BA 57 -1.59 42.90 -3.66
N GLY BA 58 -1.69 43.87 -2.75
CA GLY BA 58 -1.13 45.18 -2.99
C GLY BA 58 0.32 45.26 -2.55
N LEU BA 59 0.63 44.71 -1.38
CA LEU BA 59 2.01 44.74 -0.91
C LEU BA 59 2.92 43.85 -1.75
N ASP BA 60 2.40 42.74 -2.26
CA ASP BA 60 3.24 41.91 -3.11
C ASP BA 60 3.41 42.53 -4.49
N MET BA 61 2.46 43.36 -4.92
CA MET BA 61 2.63 44.11 -6.16
C MET BA 61 3.41 45.39 -5.94
N ALA BA 62 3.18 46.07 -4.83
CA ALA BA 62 4.01 47.22 -4.48
C ALA BA 62 5.45 46.83 -4.19
N SER BA 63 5.71 45.55 -3.93
CA SER BA 63 7.07 45.07 -3.86
C SER BA 63 7.70 44.89 -5.24
N LYS BA 64 6.88 44.70 -6.27
CA LYS BA 64 7.40 44.72 -7.63
C LYS BA 64 7.72 46.14 -8.07
N ASN BA 65 6.87 47.10 -7.71
CA ASN BA 65 7.15 48.49 -8.03
C ASN BA 65 8.43 48.97 -7.35
N ALA BA 66 8.62 48.58 -6.09
CA ALA BA 66 9.85 48.95 -5.41
C ALA BA 66 11.06 48.35 -6.08
N GLN BA 67 10.94 47.15 -6.63
CA GLN BA 67 12.06 46.53 -7.32
C GLN BA 67 12.19 47.01 -8.76
N ASP BA 68 11.11 47.45 -9.39
CA ASP BA 68 11.21 48.11 -10.68
C ASP BA 68 11.74 49.52 -10.56
N GLY BA 69 11.80 50.07 -9.35
CA GLY BA 69 12.42 51.36 -9.14
C GLY BA 69 13.87 51.18 -8.78
N ILE BA 70 14.19 50.03 -8.16
CA ILE BA 70 15.59 49.71 -7.90
C ILE BA 70 16.32 49.50 -9.20
N SER BA 71 15.67 48.90 -10.18
CA SER BA 71 16.29 48.72 -11.50
C SER BA 71 16.42 50.04 -12.23
N LEU BA 72 15.41 50.89 -12.14
CA LEU BA 72 15.49 52.19 -12.80
C LEU BA 72 16.61 53.04 -12.21
N ILE BA 73 16.91 52.85 -10.92
CA ILE BA 73 17.92 53.65 -10.27
C ILE BA 73 19.31 53.06 -10.48
N GLN BA 74 19.42 51.73 -10.52
CA GLN BA 74 20.69 51.10 -10.83
C GLN BA 74 21.16 51.48 -12.23
N THR BA 75 20.22 51.62 -13.16
CA THR BA 75 20.59 52.02 -14.52
C THR BA 75 21.18 53.42 -14.54
N SER BA 76 20.60 54.35 -13.79
CA SER BA 76 21.09 55.72 -13.80
C SER BA 76 22.47 55.81 -13.19
N GLU BA 77 22.66 55.26 -11.99
CA GLU BA 77 23.97 55.35 -11.36
C GLU BA 77 24.98 54.47 -12.08
N GLY BA 78 24.53 53.39 -12.71
CA GLY BA 78 25.42 52.64 -13.58
C GLY BA 78 25.95 53.48 -14.73
N ALA BA 79 25.09 54.36 -15.27
CA ALA BA 79 25.53 55.26 -16.33
C ALA BA 79 26.47 56.32 -15.79
N LEU BA 80 26.13 56.97 -14.65
CA LEU BA 80 27.05 57.94 -14.07
C LEU BA 80 28.34 57.33 -13.59
N ASN BA 81 28.39 56.01 -13.45
CA ASN BA 81 29.67 55.37 -13.16
C ASN BA 81 30.69 55.67 -14.22
N GLU BA 82 30.26 55.88 -15.45
CA GLU BA 82 31.17 56.16 -16.54
C GLU BA 82 31.41 57.62 -16.77
N THR BA 83 30.42 58.46 -16.51
CA THR BA 83 30.69 59.88 -16.50
C THR BA 83 31.76 60.22 -15.48
N HIS BA 84 31.92 59.42 -14.45
CA HIS BA 84 33.05 59.64 -13.55
C HIS BA 84 34.37 59.32 -14.21
N SER BA 85 34.43 58.24 -14.98
CA SER BA 85 35.70 57.87 -15.57
C SER BA 85 36.08 58.79 -16.70
N ILE BA 86 35.08 59.25 -17.42
CA ILE BA 86 35.39 60.21 -18.48
C ILE BA 86 35.84 61.53 -17.88
N LEU BA 87 35.16 61.99 -16.84
CA LEU BA 87 35.59 63.21 -16.16
C LEU BA 87 36.95 63.02 -15.51
N GLN BA 88 37.28 61.80 -15.10
CA GLN BA 88 38.58 61.55 -14.48
C GLN BA 88 39.68 61.63 -15.51
N ARG BA 89 39.48 61.00 -16.66
CA ARG BA 89 40.42 61.12 -17.77
C ARG BA 89 40.46 62.54 -18.29
N MET BA 90 39.31 63.21 -18.32
CA MET BA 90 39.25 64.58 -18.80
C MET BA 90 40.03 65.53 -17.91
N SER BA 91 40.36 65.13 -16.70
CA SER BA 91 41.14 65.94 -15.80
C SER BA 91 42.65 65.74 -15.97
N GLU BA 92 43.06 64.59 -16.48
CA GLU BA 92 44.47 64.42 -16.85
C GLU BA 92 44.79 65.25 -18.08
N LEU BA 93 43.87 65.35 -19.03
CA LEU BA 93 44.11 66.25 -20.15
C LEU BA 93 43.75 67.68 -19.80
N ALA BA 94 44.12 68.11 -18.60
CA ALA BA 94 44.23 69.52 -18.27
C ALA BA 94 45.42 69.79 -17.37
N THR BA 95 45.97 68.79 -16.71
CA THR BA 95 47.25 68.91 -16.04
C THR BA 95 48.40 68.74 -17.02
N GLN BA 96 48.16 68.01 -18.11
CA GLN BA 96 49.14 67.90 -19.16
C GLN BA 96 49.11 69.11 -20.06
N ALA BA 97 47.93 69.64 -20.34
CA ALA BA 97 47.79 70.83 -21.17
C ALA BA 97 48.23 72.10 -20.47
N ALA BA 98 48.30 72.11 -19.14
CA ALA BA 98 48.74 73.28 -18.41
C ALA BA 98 50.25 73.44 -18.39
N ASN BA 99 51.00 72.36 -18.60
CA ASN BA 99 52.44 72.46 -18.68
C ASN BA 99 52.84 73.27 -19.90
N ASP BA 100 53.89 74.07 -19.77
CA ASP BA 100 54.29 74.99 -20.83
C ASP BA 100 55.40 74.42 -21.70
N THR BA 101 55.74 73.15 -21.54
CA THR BA 101 56.55 72.47 -22.55
C THR BA 101 55.71 72.07 -23.75
N ASN BA 102 54.39 72.01 -23.59
CA ASN BA 102 53.50 71.81 -24.73
C ASN BA 102 53.50 73.04 -25.62
N THR BA 103 53.28 72.84 -26.90
CA THR BA 103 53.03 73.93 -27.83
C THR BA 103 51.56 73.93 -28.20
N ASP BA 104 51.13 75.01 -28.87
CA ASP BA 104 49.74 75.08 -29.29
C ASP BA 104 49.39 73.98 -30.28
N SER BA 105 50.39 73.51 -31.04
CA SER BA 105 50.16 72.36 -31.90
C SER BA 105 49.85 71.10 -31.10
N ASP BA 106 50.25 71.06 -29.83
CA ASP BA 106 50.01 69.91 -28.97
C ASP BA 106 48.90 70.13 -27.95
N ARG BA 107 48.67 71.37 -27.54
CA ARG BA 107 47.47 71.66 -26.75
C ARG BA 107 46.22 71.43 -27.59
N SER BA 108 46.22 71.94 -28.82
CA SER BA 108 45.12 71.65 -29.74
C SER BA 108 45.10 70.18 -30.10
N GLU BA 109 46.22 69.49 -29.90
CA GLU BA 109 46.24 68.06 -30.12
C GLU BA 109 45.50 67.34 -29.01
N LEU BA 110 45.68 67.81 -27.77
CA LEU BA 110 44.92 67.30 -26.64
C LEU BA 110 43.46 67.67 -26.74
N GLN BA 111 43.16 68.83 -27.32
CA GLN BA 111 41.77 69.27 -27.43
C GLN BA 111 40.95 68.31 -28.27
N LYS BA 112 41.60 67.53 -29.14
CA LYS BA 112 40.86 66.55 -29.92
C LYS BA 112 40.20 65.51 -29.03
N GLU BA 113 40.91 65.03 -28.01
CA GLU BA 113 40.31 64.12 -27.06
C GLU BA 113 39.41 64.84 -26.06
N MET BA 114 39.72 66.10 -25.77
CA MET BA 114 38.84 66.92 -24.95
C MET BA 114 37.44 66.96 -25.54
N ASP BA 115 37.34 67.27 -26.83
CA ASP BA 115 36.03 67.35 -27.48
C ASP BA 115 35.41 66.00 -27.67
N GLN BA 116 36.20 64.93 -27.72
CA GLN BA 116 35.64 63.60 -27.88
C GLN BA 116 35.18 63.00 -26.56
N LEU BA 117 35.84 63.35 -25.46
CA LEU BA 117 35.35 62.94 -24.15
C LEU BA 117 34.11 63.71 -23.76
N ALA BA 118 34.12 65.03 -23.98
CA ALA BA 118 32.96 65.84 -23.65
C ALA BA 118 31.76 65.49 -24.50
N SER BA 119 31.97 64.96 -25.70
CA SER BA 119 30.87 64.52 -26.54
C SER BA 119 30.35 63.15 -26.15
N GLU BA 120 31.10 62.40 -25.34
CA GLU BA 120 30.63 61.13 -24.82
C GLU BA 120 29.87 61.30 -23.52
N VAL BA 121 30.25 62.28 -22.70
CA VAL BA 121 29.47 62.63 -21.53
C VAL BA 121 28.06 63.03 -21.93
N THR BA 122 27.93 63.79 -23.02
CA THR BA 122 26.62 64.15 -23.50
C THR BA 122 25.86 62.95 -24.03
N ARG BA 123 26.55 62.00 -24.67
CA ARG BA 123 25.87 60.83 -25.20
C ARG BA 123 25.24 60.01 -24.08
N ILE BA 124 25.96 59.83 -22.98
CA ILE BA 124 25.43 59.02 -21.87
C ILE BA 124 24.16 59.64 -21.33
N SER BA 125 24.10 60.98 -21.27
CA SER BA 125 22.91 61.62 -20.75
C SER BA 125 21.71 61.40 -21.67
N THR BA 126 21.91 61.60 -22.97
CA THR BA 126 20.80 61.49 -23.90
C THR BA 126 20.50 60.07 -24.33
N ASP BA 127 21.39 59.11 -24.08
CA ASP BA 127 21.17 57.74 -24.49
C ASP BA 127 20.73 56.83 -23.37
N THR BA 128 21.12 57.11 -22.13
CA THR BA 128 20.72 56.27 -21.01
C THR BA 128 19.20 56.27 -20.89
N GLU BA 129 18.60 55.10 -21.06
CA GLU BA 129 17.16 55.00 -21.17
C GLU BA 129 16.70 53.70 -20.53
N PHE BA 130 15.94 53.82 -19.45
CA PHE BA 130 15.23 52.69 -18.87
C PHE BA 130 13.80 52.71 -19.40
N ASN BA 131 13.32 51.55 -19.82
CA ASN BA 131 11.99 51.42 -20.43
C ASN BA 131 12.06 52.33 -21.64
N THR BA 132 11.23 53.37 -21.73
CA THR BA 132 11.38 54.39 -22.75
C THR BA 132 11.54 55.78 -22.15
N LYS BA 133 12.22 55.84 -21.00
CA LYS BA 133 12.41 57.07 -20.25
C LYS BA 133 13.87 57.46 -20.28
N LYS BA 134 14.14 58.69 -20.70
CA LYS BA 134 15.50 59.22 -20.64
C LYS BA 134 15.75 59.71 -19.23
N LEU BA 135 16.69 59.07 -18.54
CA LEU BA 135 16.86 59.33 -17.11
C LEU BA 135 17.72 60.55 -16.86
N LEU BA 136 18.86 60.66 -17.55
CA LEU BA 136 19.87 61.65 -17.22
C LEU BA 136 19.79 62.91 -18.05
N ASP BA 137 18.71 63.11 -18.82
CA ASP BA 137 18.58 64.29 -19.65
C ASP BA 137 17.71 65.37 -19.00
N GLY BA 138 17.43 65.24 -17.71
CA GLY BA 138 16.68 66.25 -17.00
C GLY BA 138 15.18 66.15 -17.14
N THR BA 139 14.66 65.15 -17.84
CA THR BA 139 13.23 64.98 -17.97
C THR BA 139 12.64 64.01 -16.96
N ALA BA 140 13.47 63.18 -16.32
CA ALA BA 140 13.00 62.25 -15.31
C ALA BA 140 12.94 62.97 -13.98
N GLN BA 141 11.84 63.68 -13.77
CA GLN BA 141 11.59 64.43 -12.55
C GLN BA 141 10.26 63.99 -11.96
N ASN BA 142 10.18 64.01 -10.63
CA ASN BA 142 8.95 63.68 -9.92
C ASN BA 142 8.54 62.23 -10.18
N LEU BA 143 9.53 61.36 -10.38
CA LEU BA 143 9.24 59.95 -10.57
C LEU BA 143 8.65 59.37 -9.30
N THR BA 144 7.40 58.95 -9.37
CA THR BA 144 6.65 58.49 -8.21
C THR BA 144 6.57 56.98 -8.24
N PHE BA 145 7.18 56.33 -7.27
CA PHE BA 145 7.08 54.88 -7.10
C PHE BA 145 6.02 54.59 -6.05
N GLN BA 146 5.03 53.80 -6.41
CA GLN BA 146 3.99 53.41 -5.47
C GLN BA 146 4.54 52.26 -4.63
N ILE BA 147 5.28 52.62 -3.58
CA ILE BA 147 5.77 51.64 -2.63
C ILE BA 147 4.77 51.53 -1.49
N GLY BA 148 3.72 50.76 -1.70
CA GLY BA 148 2.64 50.67 -0.74
C GLY BA 148 1.35 50.37 -1.46
N ALA BA 149 0.40 49.81 -0.72
CA ALA BA 149 -0.83 49.32 -1.31
C ALA BA 149 -1.95 50.35 -1.33
N ASN BA 150 -1.70 51.58 -0.88
CA ASN BA 150 -2.75 52.57 -0.71
C ASN BA 150 -2.33 53.87 -1.38
N GLU BA 151 -3.20 54.87 -1.28
CA GLU BA 151 -2.88 56.22 -1.73
C GLU BA 151 -1.73 56.83 -0.93
N GLY BA 152 -0.96 57.68 -1.59
CA GLY BA 152 0.04 58.47 -0.93
C GLY BA 152 1.17 57.69 -0.32
N GLN BA 153 1.24 56.39 -0.58
CA GLN BA 153 2.35 55.57 -0.12
C GLN BA 153 3.40 55.49 -1.23
N THR BA 154 3.89 56.67 -1.60
CA THR BA 154 4.77 56.84 -2.74
C THR BA 154 6.10 57.42 -2.29
N MET BA 155 7.05 57.40 -3.22
CA MET BA 155 8.32 58.08 -3.06
C MET BA 155 8.65 58.81 -4.36
N SER BA 156 9.05 60.06 -4.24
CA SER BA 156 9.42 60.83 -5.40
C SER BA 156 10.91 60.71 -5.67
N LEU BA 157 11.32 61.17 -6.85
CA LEU BA 157 12.73 61.13 -7.24
C LEU BA 157 12.91 62.08 -8.41
N SER BA 158 14.04 62.77 -8.43
CA SER BA 158 14.33 63.72 -9.51
C SER BA 158 15.82 63.64 -9.81
N ILE BA 159 16.15 63.14 -10.99
CA ILE BA 159 17.52 63.08 -11.46
C ILE BA 159 17.77 64.30 -12.32
N ASN BA 160 18.83 65.04 -12.00
CA ASN BA 160 19.13 66.26 -12.72
C ASN BA 160 19.80 65.94 -14.06
N LYS BA 161 19.82 66.93 -14.93
CA LYS BA 161 20.49 66.79 -16.22
C LYS BA 161 21.99 66.68 -16.00
N MET BA 162 22.60 65.62 -16.53
CA MET BA 162 23.99 65.31 -16.25
C MET BA 162 24.78 65.16 -17.54
N ASP BA 163 24.62 66.12 -18.44
CA ASP BA 163 25.37 66.18 -19.68
C ASP BA 163 26.48 67.22 -19.55
N SER BA 164 27.33 67.29 -20.57
CA SER BA 164 28.49 68.16 -20.50
C SER BA 164 28.08 69.62 -20.39
N GLU BA 165 26.98 70.00 -21.03
CA GLU BA 165 26.51 71.38 -20.93
C GLU BA 165 26.14 71.72 -19.49
N SER BA 166 25.48 70.80 -18.79
CA SER BA 166 25.05 71.08 -17.42
C SER BA 166 26.23 71.08 -16.46
N LEU BA 167 27.16 70.13 -16.62
CA LEU BA 167 28.36 70.11 -15.80
C LEU BA 167 29.36 71.19 -16.17
N LYS BA 168 29.12 71.90 -17.28
CA LYS BA 168 29.97 72.98 -17.75
C LYS BA 168 31.34 72.49 -18.22
N VAL BA 169 31.44 71.23 -18.62
CA VAL BA 169 32.66 70.70 -19.18
C VAL BA 169 32.59 70.62 -20.70
N GLY BA 170 31.63 71.31 -21.30
CA GLY BA 170 31.48 71.26 -22.75
C GLY BA 170 30.39 72.20 -23.18
N THR BA 171 30.09 72.16 -24.47
CA THR BA 171 29.02 72.98 -25.02
C THR BA 171 28.54 72.31 -26.30
N THR BA 172 27.23 72.34 -26.51
CA THR BA 172 26.61 71.60 -27.62
C THR BA 172 26.02 72.59 -28.60
N TYR BA 173 26.60 72.65 -29.79
CA TYR BA 173 26.07 73.43 -30.89
C TYR BA 173 25.13 72.55 -31.70
N THR BA 174 24.02 73.13 -32.16
CA THR BA 174 23.12 72.44 -33.06
C THR BA 174 23.09 73.18 -34.39
N ALA BA 175 22.90 72.42 -35.46
CA ALA BA 175 22.94 72.98 -36.80
C ALA BA 175 21.60 73.59 -37.16
N ASN BA 176 21.64 74.82 -37.67
CA ASN BA 176 20.43 75.47 -38.11
C ASN BA 176 19.84 74.74 -39.32
N ASP BA 177 18.66 75.19 -39.75
CA ASP BA 177 17.92 74.46 -40.78
C ASP BA 177 18.69 74.36 -42.08
N ASP BA 178 19.31 75.44 -42.52
CA ASP BA 178 20.12 75.45 -43.72
C ASP BA 178 21.49 74.82 -43.47
N GLY BA 179 22.02 74.92 -42.27
CA GLY BA 179 23.33 74.39 -41.95
C GLY BA 179 24.44 75.41 -42.14
N SER BA 180 24.05 76.68 -42.29
CA SER BA 180 25.03 77.74 -42.46
C SER BA 180 25.77 78.02 -41.17
N LYS BA 181 25.06 78.04 -40.05
CA LYS BA 181 25.63 78.45 -38.77
C LYS BA 181 25.23 77.45 -37.69
N LEU BA 182 26.22 76.88 -37.02
CA LEU BA 182 25.96 76.05 -35.85
C LEU BA 182 25.49 76.93 -34.69
N VAL BA 183 24.39 76.54 -34.07
CA VAL BA 183 23.77 77.34 -33.03
C VAL BA 183 23.73 76.52 -31.75
N THR BA 184 24.23 77.09 -30.67
CA THR BA 184 24.08 76.48 -29.36
C THR BA 184 22.90 77.11 -28.62
N ALA BA 185 22.46 76.44 -27.57
CA ALA BA 185 21.54 77.08 -26.64
C ALA BA 185 22.24 78.25 -25.98
N ASP BA 186 21.48 79.32 -25.72
CA ASP BA 186 21.93 80.67 -25.40
C ASP BA 186 22.37 81.37 -26.69
N GLY BA 187 22.50 80.65 -27.80
CA GLY BA 187 22.71 81.30 -29.09
C GLY BA 187 24.09 81.84 -29.34
N LYS BA 188 25.08 80.96 -29.44
CA LYS BA 188 26.42 81.32 -29.89
C LYS BA 188 26.59 80.80 -31.31
N GLU BA 189 26.90 81.71 -32.23
CA GLU BA 189 26.89 81.41 -33.64
C GLU BA 189 28.21 80.81 -34.09
N ALA BA 190 28.14 79.99 -35.14
CA ALA BA 190 29.34 79.40 -35.73
C ALA BA 190 29.07 79.24 -37.22
N THR BA 191 29.48 80.21 -38.02
CA THR BA 191 29.16 80.23 -39.43
C THR BA 191 30.12 79.35 -40.23
N LEU BA 192 29.62 78.84 -41.35
CA LEU BA 192 30.39 77.96 -42.21
C LEU BA 192 31.26 78.68 -43.23
N VAL BA 193 32.38 78.04 -43.60
CA VAL BA 193 33.43 78.50 -44.50
C VAL BA 193 33.93 79.92 -44.27
N THR BA 194 34.24 80.25 -43.02
CA THR BA 194 34.61 81.61 -42.65
C THR BA 194 35.99 81.78 -42.05
N LYS BA 198 39.71 83.15 -45.51
CA LYS BA 198 39.17 81.81 -45.66
C LYS BA 198 39.79 80.86 -44.64
N GLY BA 199 41.09 80.59 -44.81
CA GLY BA 199 41.80 79.72 -43.90
C GLY BA 199 41.32 78.29 -43.99
N PRO BA 200 41.70 77.46 -43.00
CA PRO BA 200 41.19 76.09 -42.96
C PRO BA 200 39.67 76.09 -42.86
N ASN BA 201 39.06 75.10 -43.49
CA ASN BA 201 37.63 75.12 -43.73
C ASN BA 201 36.87 74.48 -42.56
N GLY BA 202 35.81 75.14 -42.13
CA GLY BA 202 34.99 74.66 -41.04
C GLY BA 202 34.03 75.72 -40.56
N TYR BA 203 33.34 75.41 -39.46
CA TYR BA 203 32.37 76.32 -38.85
C TYR BA 203 33.11 77.26 -37.91
N TYR BA 204 33.41 78.45 -38.40
CA TYR BA 204 34.16 79.38 -37.58
C TYR BA 204 33.24 80.16 -36.66
N ASP BA 205 33.83 80.73 -35.62
CA ASP BA 205 33.16 81.45 -34.57
C ASP BA 205 33.48 82.94 -34.74
N ASP BA 206 32.92 83.79 -33.89
CA ASP BA 206 33.10 85.24 -34.01
C ASP BA 206 34.49 85.70 -33.66
N ALA BA 207 35.40 84.78 -33.34
CA ALA BA 207 36.77 85.14 -33.03
C ALA BA 207 37.79 84.37 -33.85
N ASP BA 208 37.34 83.78 -34.96
CA ASP BA 208 38.18 83.11 -35.95
C ASP BA 208 38.64 81.76 -35.36
N LYS BA 209 38.29 81.50 -34.11
CA LYS BA 209 38.54 80.18 -33.53
C LYS BA 209 37.66 79.16 -34.21
N LEU BA 210 38.28 78.20 -34.89
CA LEU BA 210 37.52 77.12 -35.50
C LEU BA 210 36.76 76.35 -34.44
N VAL BA 211 35.49 76.09 -34.71
CA VAL BA 211 34.63 75.33 -33.81
C VAL BA 211 34.47 73.89 -34.29
N TYR BA 212 34.08 73.70 -35.53
CA TYR BA 212 33.95 72.37 -36.12
C TYR BA 212 34.75 72.32 -37.41
N GLN BA 213 35.34 71.16 -37.67
CA GLN BA 213 36.13 70.93 -38.87
C GLN BA 213 35.27 70.18 -39.87
N ALA BA 214 34.67 70.91 -40.81
CA ALA BA 214 33.91 70.29 -41.88
C ALA BA 214 33.93 71.22 -43.08
N ASP BA 215 34.01 70.63 -44.28
CA ASP BA 215 34.00 71.39 -45.51
C ASP BA 215 32.63 71.47 -46.15
N SER BA 216 31.82 70.42 -46.03
CA SER BA 216 30.43 70.47 -46.47
C SER BA 216 29.59 71.16 -45.42
N ALA BA 217 28.27 71.09 -45.56
CA ALA BA 217 27.36 71.69 -44.59
C ALA BA 217 26.71 70.56 -43.79
N LEU BA 218 26.69 70.71 -42.48
CA LEU BA 218 26.08 69.70 -41.64
C LEU BA 218 24.58 69.62 -41.92
N ALA BA 219 24.01 68.45 -41.63
CA ALA BA 219 22.59 68.23 -41.85
C ALA BA 219 21.76 69.03 -40.84
N LYS BA 220 20.45 68.86 -40.87
CA LYS BA 220 19.54 69.63 -40.04
C LYS BA 220 19.43 68.97 -38.66
N ASP BA 221 19.53 69.79 -37.62
CA ASP BA 221 19.48 69.32 -36.24
C ASP BA 221 20.54 68.27 -35.95
N THR BA 222 21.76 68.49 -36.44
CA THR BA 222 22.90 67.67 -36.06
C THR BA 222 23.65 68.41 -34.95
N LYS BA 223 23.78 67.76 -33.80
CA LYS BA 223 24.45 68.37 -32.65
C LYS BA 223 25.92 68.00 -32.65
N VAL BA 224 26.76 68.98 -32.33
CA VAL BA 224 28.18 68.75 -32.11
C VAL BA 224 28.50 69.24 -30.71
N THR BA 225 29.35 68.51 -30.01
CA THR BA 225 29.76 68.86 -28.66
C THR BA 225 31.24 69.22 -28.67
N LYS BA 226 31.57 70.35 -28.06
CA LYS BA 226 32.92 70.88 -28.06
C LYS BA 226 33.38 71.00 -26.62
N GLY BA 227 34.52 70.41 -26.30
CA GLY BA 227 34.98 70.36 -24.93
C GLY BA 227 35.36 71.73 -24.40
N ILE BA 228 35.59 71.79 -23.10
CA ILE BA 228 36.00 73.05 -22.48
C ILE BA 228 37.39 73.42 -22.99
N ASP BA 229 37.65 74.71 -23.06
CA ASP BA 229 38.86 75.21 -23.71
C ASP BA 229 40.08 74.90 -22.86
N ILE BA 230 40.98 74.07 -23.39
CA ILE BA 230 42.28 73.83 -22.79
C ILE BA 230 43.43 74.13 -23.73
N SER BA 231 43.14 74.47 -24.98
CA SER BA 231 44.17 74.59 -26.00
C SER BA 231 44.57 76.04 -26.30
N SER BA 232 43.81 77.02 -25.81
CA SER BA 232 44.14 78.40 -26.11
C SER BA 232 45.38 78.89 -25.39
N SER BA 233 45.67 78.35 -24.20
CA SER BA 233 46.79 78.82 -23.39
C SER BA 233 47.01 77.83 -22.26
N ALA BA 234 48.09 78.05 -21.53
CA ALA BA 234 48.30 77.29 -20.30
C ALA BA 234 47.42 77.81 -19.17
N LYS BA 235 47.14 79.11 -19.15
CA LYS BA 235 46.22 79.66 -18.17
C LYS BA 235 44.82 79.09 -18.35
N ALA BA 236 44.37 78.96 -19.59
CA ALA BA 236 43.05 78.41 -19.85
C ALA BA 236 42.95 76.96 -19.40
N ALA BA 237 44.01 76.18 -19.65
CA ALA BA 237 44.00 74.78 -19.24
C ALA BA 237 43.94 74.65 -17.73
N SER BA 238 44.67 75.52 -17.00
CA SER BA 238 44.57 75.53 -15.55
C SER BA 238 43.17 75.92 -15.10
N SER BA 239 42.56 76.89 -15.78
CA SER BA 239 41.20 77.29 -15.42
C SER BA 239 40.23 76.12 -15.57
N ALA BA 240 40.37 75.34 -16.63
CA ALA BA 240 39.54 74.17 -16.84
C ALA BA 240 39.73 73.13 -15.76
N LEU BA 241 40.82 73.18 -15.00
CA LEU BA 241 41.05 72.18 -13.98
C LEU BA 241 40.01 72.25 -12.87
N THR BA 242 39.71 73.45 -12.37
CA THR BA 242 38.68 73.60 -11.36
C THR BA 242 37.30 73.28 -11.92
N THR BA 243 37.05 73.67 -13.17
CA THR BA 243 35.76 73.36 -13.76
C THR BA 243 35.54 71.86 -13.85
N ILE BA 244 36.58 71.12 -14.22
CA ILE BA 244 36.45 69.67 -14.32
C ILE BA 244 36.33 69.06 -12.93
N LYS BA 245 37.15 69.50 -11.98
CA LYS BA 245 37.12 68.89 -10.66
C LYS BA 245 35.83 69.24 -9.92
N THR BA 246 35.18 70.34 -10.29
CA THR BA 246 33.87 70.63 -9.73
C THR BA 246 32.80 69.75 -10.36
N ALA BA 247 32.93 69.45 -11.64
CA ALA BA 247 31.98 68.55 -12.29
C ALA BA 247 32.02 67.18 -11.68
N ILE BA 248 33.20 66.71 -11.28
CA ILE BA 248 33.30 65.45 -10.56
C ILE BA 248 32.56 65.54 -9.23
N ASP BA 249 32.49 66.73 -8.65
CA ASP BA 249 31.79 66.91 -7.38
C ASP BA 249 30.28 66.86 -7.56
N THR BA 250 29.77 67.47 -8.62
CA THR BA 250 28.33 67.45 -8.86
C THR BA 250 27.86 66.16 -9.51
N VAL BA 251 28.78 65.29 -9.91
CA VAL BA 251 28.40 63.94 -10.31
C VAL BA 251 28.38 63.01 -9.11
N SER BA 252 29.36 63.14 -8.21
CA SER BA 252 29.33 62.38 -6.98
C SER BA 252 28.10 62.70 -6.15
N SER BA 253 27.65 63.96 -6.17
CA SER BA 253 26.43 64.32 -5.47
C SER BA 253 25.22 63.62 -6.08
N GLU BA 254 25.16 63.54 -7.40
CA GLU BA 254 24.03 62.87 -8.04
C GLU BA 254 24.08 61.36 -7.81
N ARG BA 255 25.27 60.77 -7.83
CA ARG BA 255 25.36 59.32 -7.66
C ARG BA 255 24.87 58.86 -6.31
N ALA BA 256 25.19 59.60 -5.25
CA ALA BA 256 24.73 59.20 -3.93
C ALA BA 256 23.37 59.77 -3.55
N LYS BA 257 22.85 60.72 -4.33
CA LYS BA 257 21.42 61.00 -4.26
C LYS BA 257 20.61 59.85 -4.80
N LEU BA 258 21.20 59.04 -5.69
CA LEU BA 258 20.56 57.85 -6.21
C LEU BA 258 20.95 56.59 -5.46
N GLY BA 259 22.08 56.60 -4.77
CA GLY BA 259 22.45 55.47 -3.95
C GLY BA 259 21.72 55.51 -2.63
N ALA BA 260 21.33 56.72 -2.21
CA ALA BA 260 20.54 56.84 -1.00
C ALA BA 260 19.13 56.33 -1.21
N VAL BA 261 18.54 56.61 -2.37
CA VAL BA 261 17.21 56.12 -2.67
C VAL BA 261 17.22 54.61 -2.81
N GLN BA 262 18.26 54.06 -3.42
CA GLN BA 262 18.34 52.62 -3.61
C GLN BA 262 18.49 51.90 -2.28
N ASN BA 263 19.27 52.46 -1.35
CA ASN BA 263 19.38 51.88 -0.03
C ASN BA 263 18.04 51.89 0.69
N ARG BA 264 17.29 52.99 0.55
CA ARG BA 264 15.97 53.06 1.15
C ARG BA 264 15.04 52.02 0.54
N LEU BA 265 15.07 51.87 -0.77
CA LEU BA 265 14.19 50.92 -1.44
C LEU BA 265 14.55 49.48 -1.10
N GLU BA 266 15.77 49.22 -0.67
CA GLU BA 266 16.12 47.88 -0.21
C GLU BA 266 15.51 47.60 1.16
N HIS BA 267 15.40 48.63 2.01
CA HIS BA 267 14.70 48.47 3.27
C HIS BA 267 13.20 48.39 3.07
N THR BA 268 12.67 49.15 2.12
CA THR BA 268 11.25 49.09 1.84
C THR BA 268 10.82 47.73 1.33
N ILE BA 269 11.70 47.01 0.65
CA ILE BA 269 11.34 45.70 0.13
C ILE BA 269 11.28 44.66 1.23
N ASN BA 270 12.24 44.67 2.15
CA ASN BA 270 12.19 43.73 3.26
C ASN BA 270 10.97 43.99 4.13
N ASN BA 271 10.60 45.24 4.33
CA ASN BA 271 9.44 45.54 5.15
C ASN BA 271 8.14 45.21 4.44
N LEU BA 272 8.09 45.40 3.12
CA LEU BA 272 6.91 44.99 2.36
C LEU BA 272 6.80 43.48 2.31
N GLY BA 273 7.92 42.77 2.18
CA GLY BA 273 7.89 41.32 2.21
C GLY BA 273 7.51 40.76 3.55
N THR BA 274 7.98 41.38 4.64
CA THR BA 274 7.59 40.92 5.97
C THR BA 274 6.12 41.19 6.25
N SER BA 275 5.59 42.30 5.76
CA SER BA 275 4.18 42.62 5.99
C SER BA 275 3.24 41.77 5.16
N SER BA 276 3.73 41.12 4.11
CA SER BA 276 2.87 40.20 3.38
C SER BA 276 2.76 38.86 4.11
N GLU BA 277 3.87 38.36 4.65
CA GLU BA 277 3.82 37.13 5.43
C GLU BA 277 2.94 37.30 6.65
N ASN BA 278 3.10 38.42 7.35
CA ASN BA 278 2.33 38.63 8.57
C ASN BA 278 0.85 38.80 8.26
N LEU BA 279 0.52 39.31 7.07
CA LEU BA 279 -0.87 39.43 6.69
C LEU BA 279 -1.39 38.19 5.99
N THR BA 280 -0.54 37.48 5.26
CA THR BA 280 -0.96 36.22 4.67
C THR BA 280 -1.31 35.22 5.76
N SER BA 281 -0.46 35.13 6.79
CA SER BA 281 -0.76 34.26 7.92
C SER BA 281 -2.00 34.75 8.66
N ALA BA 282 -2.16 36.06 8.79
CA ALA BA 282 -3.33 36.61 9.46
C ALA BA 282 -4.61 36.28 8.68
N GLU BA 283 -4.57 36.36 7.36
CA GLU BA 283 -5.75 36.07 6.56
C GLU BA 283 -6.03 34.57 6.50
N SER BA 284 -5.01 33.74 6.54
CA SER BA 284 -5.22 32.30 6.51
C SER BA 284 -5.97 31.83 7.75
N ARG BA 285 -5.64 32.38 8.92
CA ARG BA 285 -6.35 31.99 10.13
C ARG BA 285 -7.82 32.38 10.06
N ILE BA 286 -8.11 33.53 9.47
CA ILE BA 286 -9.50 33.98 9.37
C ILE BA 286 -10.26 33.16 8.31
N ARG BA 287 -9.63 32.88 7.18
CA ARG BA 287 -10.32 32.36 6.02
C ARG BA 287 -10.14 30.86 5.82
N ASP BA 288 -8.91 30.37 5.88
CA ASP BA 288 -8.65 28.96 5.60
C ASP BA 288 -9.23 28.09 6.71
N VAL BA 289 -9.59 26.87 6.34
CA VAL BA 289 -10.18 25.91 7.26
C VAL BA 289 -9.08 25.06 7.87
N ASP BA 290 -9.33 24.54 9.06
CA ASP BA 290 -8.44 23.60 9.70
C ASP BA 290 -8.82 22.20 9.23
N MET BA 291 -7.93 21.55 8.47
CA MET BA 291 -8.26 20.27 7.87
C MET BA 291 -8.56 19.23 8.93
N ALA BA 292 -7.78 19.20 10.00
CA ALA BA 292 -7.98 18.20 11.06
C ALA BA 292 -9.31 18.43 11.77
N SER BA 293 -9.56 19.66 12.22
CA SER BA 293 -10.77 19.95 12.98
C SER BA 293 -12.03 19.88 12.13
N GLU BA 294 -11.90 19.85 10.82
CA GLU BA 294 -13.05 19.80 9.92
C GLU BA 294 -13.33 18.40 9.42
N MET BA 295 -12.29 17.63 9.12
CA MET BA 295 -12.50 16.24 8.75
C MET BA 295 -13.10 15.45 9.90
N MET BA 296 -12.64 15.73 11.12
CA MET BA 296 -13.22 15.08 12.29
C MET BA 296 -14.67 15.47 12.50
N GLU BA 297 -15.03 16.71 12.16
CA GLU BA 297 -16.42 17.11 12.30
C GLU BA 297 -17.27 16.57 11.17
N TYR BA 298 -16.71 16.46 9.97
CA TYR BA 298 -17.44 15.88 8.85
C TYR BA 298 -17.81 14.43 9.13
N THR BA 299 -16.87 13.67 9.68
CA THR BA 299 -17.14 12.27 10.00
C THR BA 299 -18.25 12.13 11.03
N LYS BA 300 -18.34 13.06 11.98
CA LYS BA 300 -19.38 12.97 12.99
C LYS BA 300 -20.76 13.09 12.36
N ASN BA 301 -21.00 14.14 11.58
CA ASN BA 301 -22.30 14.29 10.92
C ASN BA 301 -22.52 13.21 9.88
N ASN BA 302 -21.44 12.65 9.34
CA ASN BA 302 -21.59 11.53 8.41
C ASN BA 302 -22.01 10.26 9.12
N ILE BA 303 -21.86 10.20 10.44
CA ILE BA 303 -22.35 9.06 11.20
C ILE BA 303 -23.75 9.33 11.74
N LEU BA 304 -23.98 10.55 12.23
CA LEU BA 304 -25.29 10.92 12.74
C LEU BA 304 -26.38 10.78 11.69
N THR BA 305 -26.04 10.92 10.42
CA THR BA 305 -27.03 10.70 9.36
C THR BA 305 -27.26 9.20 9.11
N GLN BA 306 -26.25 8.37 9.31
CA GLN BA 306 -26.45 6.93 9.19
C GLN BA 306 -27.21 6.37 10.39
N ALA BA 307 -27.00 6.95 11.58
CA ALA BA 307 -27.79 6.55 12.74
C ALA BA 307 -29.26 6.89 12.52
N SER BA 308 -29.55 8.06 11.97
CA SER BA 308 -30.93 8.41 11.65
C SER BA 308 -31.44 7.57 10.49
N GLN BA 309 -30.57 7.24 9.53
CA GLN BA 309 -30.97 6.35 8.45
C GLN BA 309 -31.34 4.98 8.98
N ALA BA 310 -30.55 4.45 9.91
CA ALA BA 310 -30.84 3.13 10.45
C ALA BA 310 -32.14 3.10 11.22
N MET BA 311 -32.41 4.14 12.02
CA MET BA 311 -33.63 4.16 12.81
C MET BA 311 -34.86 4.51 11.99
N LEU BA 312 -34.69 5.21 10.87
CA LEU BA 312 -35.83 5.48 9.99
C LEU BA 312 -36.39 4.19 9.42
N ALA BA 313 -35.52 3.24 9.07
CA ALA BA 313 -35.98 1.97 8.55
C ALA BA 313 -36.84 1.24 9.58
N GLN BA 314 -36.41 1.24 10.85
CA GLN BA 314 -37.19 0.58 11.89
C GLN BA 314 -38.46 1.36 12.20
N ALA BA 315 -38.43 2.68 12.07
CA ALA BA 315 -39.60 3.49 12.34
C ALA BA 315 -40.75 3.16 11.40
N ASN BA 316 -40.44 2.75 10.17
CA ASN BA 316 -41.47 2.36 9.22
C ASN BA 316 -42.00 0.97 9.51
N GLN BA 317 -41.19 0.11 10.15
CA GLN BA 317 -41.63 -1.26 10.42
C GLN BA 317 -42.65 -1.31 11.55
N GLN BA 318 -42.57 -0.35 12.48
CA GLN BA 318 -43.46 -0.37 13.64
C GLN BA 318 -44.95 -0.31 13.29
N PRO BA 319 -45.42 0.54 12.37
CA PRO BA 319 -46.85 0.51 12.02
C PRO BA 319 -47.29 -0.77 11.34
N GLN BA 320 -46.36 -1.57 10.83
CA GLN BA 320 -46.71 -2.78 10.11
C GLN BA 320 -47.26 -3.88 11.01
N GLN BA 321 -47.18 -3.73 12.32
CA GLN BA 321 -47.57 -4.79 13.25
C GLN BA 321 -49.06 -4.79 13.58
N VAL BA 322 -49.80 -3.76 13.16
CA VAL BA 322 -51.23 -3.75 13.45
C VAL BA 322 -52.01 -4.67 12.52
N LEU BA 323 -51.40 -5.09 11.40
CA LEU BA 323 -52.10 -5.96 10.47
C LEU BA 323 -52.37 -7.33 11.09
N GLN BA 324 -51.41 -7.86 11.85
CA GLN BA 324 -51.62 -9.12 12.53
C GLN BA 324 -52.71 -9.03 13.59
N LEU BA 325 -52.94 -7.85 14.13
CA LEU BA 325 -54.04 -7.64 15.07
C LEU BA 325 -55.37 -7.44 14.37
N LEU BA 326 -55.37 -6.84 13.18
CA LEU BA 326 -56.61 -6.53 12.48
C LEU BA 326 -57.28 -7.77 11.90
N LYS BA 327 -56.54 -8.86 11.72
CA LYS BA 327 -57.11 -10.10 11.21
C LYS BA 327 -57.61 -10.98 12.35
N MET CA 1 -21.38 4.93 24.36
CA MET CA 1 -20.82 5.48 23.13
C MET CA 1 -21.55 6.75 22.71
N ARG CA 2 -20.93 7.89 22.94
CA ARG CA 2 -21.50 9.17 22.57
C ARG CA 2 -20.96 9.59 21.21
N ILE CA 3 -21.85 9.94 20.30
CA ILE CA 3 -21.51 10.15 18.90
C ILE CA 3 -21.39 11.63 18.55
N ASN CA 4 -22.22 12.47 19.16
CA ASN CA 4 -22.25 13.89 18.79
C ASN CA 4 -20.95 14.61 19.09
N HIS CA 5 -20.06 14.03 19.89
CA HIS CA 5 -18.79 14.67 20.18
C HIS CA 5 -17.72 13.58 20.32
N ASN CA 6 -16.60 13.78 19.63
CA ASN CA 6 -15.48 12.84 19.68
C ASN CA 6 -14.36 13.53 20.45
N ILE CA 7 -14.40 13.38 21.78
CA ILE CA 7 -13.41 14.03 22.63
C ILE CA 7 -12.02 13.45 22.37
N ALA CA 8 -11.94 12.18 22.01
CA ALA CA 8 -10.65 11.58 21.69
C ALA CA 8 -10.02 12.26 20.49
N ALA CA 9 -10.81 12.52 19.44
CA ALA CA 9 -10.29 13.20 18.27
C ALA CA 9 -10.13 14.69 18.51
N LEU CA 10 -11.02 15.30 19.29
CA LEU CA 10 -10.90 16.72 19.60
C LEU CA 10 -9.66 16.99 20.43
N ASN CA 11 -9.31 16.09 21.35
CA ASN CA 11 -8.07 16.24 22.11
C ASN CA 11 -6.85 16.06 21.24
N THR CA 12 -6.90 15.09 20.31
CA THR CA 12 -5.77 14.87 19.43
C THR CA 12 -5.55 16.04 18.48
N SER CA 13 -6.62 16.75 18.13
CA SER CA 13 -6.47 17.91 17.25
C SER CA 13 -5.64 18.99 17.91
N ARG CA 14 -5.84 19.22 19.21
CA ARG CA 14 -5.07 20.26 19.89
C ARG CA 14 -3.59 19.89 19.93
N GLN CA 15 -3.27 18.64 20.21
CA GLN CA 15 -1.88 18.21 20.15
C GLN CA 15 -1.34 18.27 18.74
N LEU CA 16 -2.20 18.11 17.74
CA LEU CA 16 -1.77 18.28 16.35
C LEU CA 16 -1.42 19.73 16.07
N ASN CA 17 -2.27 20.66 16.51
CA ASN CA 17 -1.93 22.08 16.40
C ASN CA 17 -1.19 22.56 17.63
N ALA CA 18 -0.20 21.78 18.08
CA ALA CA 18 0.78 22.23 19.06
C ALA CA 18 2.17 21.75 18.77
N GLY CA 19 2.34 20.75 17.91
CA GLY CA 19 3.65 20.32 17.47
C GLY CA 19 3.92 20.91 16.10
N SER CA 20 2.86 21.19 15.36
CA SER CA 20 3.00 21.94 14.12
C SER CA 20 3.49 23.35 14.39
N ASN CA 21 2.93 24.00 15.41
CA ASN CA 21 3.40 25.34 15.77
C ASN CA 21 4.86 25.30 16.22
N ALA CA 22 5.23 24.31 17.03
CA ALA CA 22 6.60 24.20 17.47
C ALA CA 22 7.55 23.93 16.30
N ALA CA 23 7.14 23.08 15.37
CA ALA CA 23 7.97 22.82 14.20
C ALA CA 23 8.11 24.07 13.33
N SER CA 24 7.04 24.84 13.20
CA SER CA 24 7.11 26.09 12.45
C SER CA 24 8.08 27.06 13.11
N LYS CA 25 8.01 27.17 14.44
CA LYS CA 25 8.94 28.03 15.15
C LYS CA 25 10.37 27.55 15.01
N ASN CA 26 10.58 26.24 15.01
CA ASN CA 26 11.92 25.70 14.88
C ASN CA 26 12.46 25.93 13.47
N MET CA 27 11.60 25.89 12.46
CA MET CA 27 12.06 26.10 11.10
C MET CA 27 12.35 27.56 10.80
N GLU CA 28 11.71 28.49 11.52
CA GLU CA 28 12.08 29.89 11.40
C GLU CA 28 13.53 30.09 11.82
N LYS CA 29 13.92 29.50 12.94
CA LYS CA 29 15.29 29.62 13.41
C LYS CA 29 16.26 28.96 12.45
N LEU CA 30 15.90 27.79 11.93
CA LEU CA 30 16.81 27.06 11.06
C LEU CA 30 17.03 27.80 9.75
N SER CA 31 15.98 28.38 9.19
CA SER CA 31 16.11 29.11 7.93
C SER CA 31 16.90 30.40 8.13
N SER CA 32 16.54 31.20 9.12
CA SER CA 32 17.20 32.48 9.33
C SER CA 32 18.56 32.33 9.98
N GLY CA 33 18.77 31.29 10.77
CA GLY CA 33 20.01 31.14 11.50
C GLY CA 33 20.09 31.94 12.78
N LEU CA 34 18.97 32.50 13.24
CA LEU CA 34 18.94 33.34 14.42
C LEU CA 34 18.00 32.77 15.46
N ARG CA 35 18.45 32.74 16.72
CA ARG CA 35 17.58 32.33 17.82
C ARG CA 35 16.43 33.31 17.99
N ILE CA 36 16.72 34.60 17.94
CA ILE CA 36 15.75 35.63 18.24
C ILE CA 36 15.34 36.28 16.92
N ASN CA 37 14.22 35.83 16.38
CA ASN CA 37 13.60 36.49 15.23
C ASN CA 37 12.61 37.55 15.70
N ARG CA 38 11.60 37.12 16.45
CA ARG CA 38 10.68 38.03 17.10
C ARG CA 38 11.23 38.45 18.46
N ALA CA 39 10.64 39.48 19.04
CA ALA CA 39 11.05 39.92 20.36
C ALA CA 39 10.53 39.01 21.46
N GLY CA 40 9.58 38.12 21.15
CA GLY CA 40 9.07 37.20 22.15
C GLY CA 40 9.94 36.02 22.44
N ASP CA 41 10.95 35.76 21.60
CA ASP CA 41 11.88 34.67 21.86
C ASP CA 41 12.86 35.02 22.98
N ASP CA 42 13.31 36.28 23.02
CA ASP CA 42 14.12 36.75 24.13
C ASP CA 42 14.03 38.27 24.16
N ALA CA 43 13.35 38.81 25.17
CA ALA CA 43 13.25 40.26 25.30
C ALA CA 43 14.61 40.86 25.62
N ALA CA 44 15.27 40.35 26.67
CA ALA CA 44 16.60 40.83 27.01
C ALA CA 44 17.61 40.43 25.95
N GLY CA 45 17.40 39.27 25.30
CA GLY CA 45 18.28 38.91 24.19
C GLY CA 45 18.16 39.86 23.03
N LEU CA 46 16.94 40.28 22.72
CA LEU CA 46 16.75 41.29 21.67
C LEU CA 46 17.40 42.60 22.06
N ALA CA 47 17.20 43.03 23.31
CA ALA CA 47 17.76 44.31 23.74
C ALA CA 47 19.27 44.30 23.73
N ILE CA 48 19.88 43.25 24.27
CA ILE CA 48 21.34 43.17 24.32
C ILE CA 48 21.93 43.09 22.93
N SER CA 49 21.28 42.31 22.05
CA SER CA 49 21.78 42.13 20.69
C SER CA 49 21.89 43.45 19.96
N GLU CA 50 20.83 44.25 19.97
CA GLU CA 50 20.83 45.51 19.24
C GLU CA 50 21.88 46.47 19.75
N LYS CA 51 22.05 46.56 21.07
CA LYS CA 51 23.16 47.32 21.62
C LYS CA 51 24.47 46.77 21.08
N MET CA 52 24.60 45.45 21.08
CA MET CA 52 25.83 44.81 20.60
C MET CA 52 26.08 45.11 19.13
N ARG CA 53 25.07 44.90 18.27
CA ARG CA 53 25.24 45.17 16.85
C ARG CA 53 25.63 46.61 16.60
N SER CA 54 24.94 47.54 17.28
CA SER CA 54 25.24 48.95 17.17
C SER CA 54 26.69 49.22 17.51
N GLN CA 55 27.19 48.58 18.56
CA GLN CA 55 28.57 48.75 18.97
C GLN CA 55 29.53 48.09 18.00
N ILE CA 56 29.19 46.90 17.50
CA ILE CA 56 30.08 46.21 16.57
C ILE CA 56 30.19 46.97 15.27
N ARG CA 57 29.07 47.42 14.72
CA ARG CA 57 29.13 48.22 13.51
C ARG CA 57 29.70 49.60 13.75
N GLY CA 58 29.90 49.99 15.01
CA GLY CA 58 30.57 51.23 15.32
C GLY CA 58 32.07 51.05 15.41
N LEU CA 59 32.51 49.98 16.07
CA LEU CA 59 33.95 49.73 16.18
C LEU CA 59 34.57 49.37 14.85
N ASP CA 60 33.83 48.67 13.99
CA ASP CA 60 34.38 48.36 12.68
C ASP CA 60 34.39 49.57 11.77
N MET CA 61 33.50 50.53 12.01
CA MET CA 61 33.53 51.79 11.29
C MET CA 61 34.50 52.78 11.92
N ALA CA 62 34.57 52.81 13.24
CA ALA CA 62 35.59 53.61 13.91
C ALA CA 62 36.99 53.09 13.65
N SER CA 63 37.13 51.85 13.19
CA SER CA 63 38.41 51.37 12.72
C SER CA 63 38.74 51.88 11.33
N LYS CA 64 37.74 52.26 10.54
CA LYS CA 64 38.01 52.94 9.28
C LYS CA 64 38.44 54.37 9.54
N ASN CA 65 37.79 55.05 10.49
CA ASN CA 65 38.19 56.41 10.83
C ASN CA 65 39.61 56.45 11.35
N ALA CA 66 39.99 55.48 12.19
CA ALA CA 66 41.35 55.42 12.69
C ALA CA 66 42.34 55.21 11.55
N GLN CA 67 41.96 54.46 10.53
CA GLN CA 67 42.84 54.24 9.41
C GLN CA 67 42.78 55.36 8.38
N ASP CA 68 41.67 56.08 8.31
CA ASP CA 68 41.64 57.29 7.51
C ASP CA 68 42.35 58.45 8.17
N GLY CA 69 42.70 58.32 9.45
CA GLY CA 69 43.52 59.31 10.11
C GLY CA 69 44.97 58.93 10.02
N ILE CA 70 45.24 57.63 9.92
CA ILE CA 70 46.61 57.18 9.68
C ILE CA 70 47.07 57.63 8.31
N SER CA 71 46.17 57.62 7.32
CA SER CA 71 46.51 58.10 5.99
C SER CA 71 46.69 59.60 5.98
N LEU CA 72 45.83 60.34 6.69
CA LEU CA 72 45.97 61.79 6.75
C LEU CA 72 47.27 62.19 7.41
N ILE CA 73 47.76 61.38 8.33
CA ILE CA 73 48.98 61.71 9.06
C ILE CA 73 50.21 61.27 8.28
N GLN CA 74 50.14 60.15 7.59
CA GLN CA 74 51.25 59.73 6.74
C GLN CA 74 51.50 60.73 5.64
N THR CA 75 50.44 61.35 5.12
CA THR CA 75 50.61 62.36 4.08
C THR CA 75 51.37 63.57 4.61
N SER CA 76 51.05 64.01 5.82
CA SER CA 76 51.71 65.19 6.36
C SER CA 76 53.18 64.93 6.63
N GLU CA 77 53.51 63.85 7.34
CA GLU CA 77 54.90 63.57 7.62
C GLU CA 77 55.65 63.15 6.37
N GLY CA 78 54.95 62.55 5.40
CA GLY CA 78 55.57 62.31 4.12
C GLY CA 78 55.99 63.60 3.44
N ALA CA 79 55.18 64.64 3.59
CA ALA CA 79 55.52 65.94 3.03
C ALA CA 79 56.69 66.57 3.79
N LEU CA 80 56.65 66.57 5.15
CA LEU CA 80 57.76 67.10 5.90
C LEU CA 80 59.02 66.29 5.73
N ASN CA 81 58.93 65.08 5.20
CA ASN CA 81 60.14 64.35 4.87
C ASN CA 81 61.00 65.12 3.88
N GLU CA 82 60.38 65.92 3.03
CA GLU CA 82 61.12 66.68 2.04
C GLU CA 82 61.50 68.06 2.51
N THR CA 83 60.69 68.69 3.35
CA THR CA 83 61.14 69.90 3.99
C THR CA 83 62.41 69.66 4.78
N HIS CA 84 62.65 68.44 5.23
CA HIS CA 84 63.93 68.15 5.85
C HIS CA 84 65.06 68.17 4.85
N SER CA 85 64.85 67.62 3.66
CA SER CA 85 65.92 67.56 2.69
C SER CA 85 66.22 68.92 2.10
N ILE CA 86 65.18 69.70 1.93
CA ILE CA 86 65.42 71.05 1.44
C ILE CA 86 66.13 71.88 2.48
N LEU CA 87 65.72 71.77 3.74
CA LEU CA 87 66.42 72.47 4.81
C LEU CA 87 67.84 71.96 4.97
N GLN CA 88 68.07 70.69 4.65
CA GLN CA 88 69.41 70.13 4.77
C GLN CA 88 70.32 70.68 3.69
N ARG CA 89 69.83 70.73 2.45
CA ARG CA 89 70.57 71.36 1.37
C ARG CA 89 70.70 72.85 1.61
N MET CA 90 69.67 73.47 2.16
CA MET CA 90 69.69 74.89 2.42
C MET CA 90 70.74 75.26 3.46
N SER CA 91 71.22 74.29 4.23
CA SER CA 91 72.26 74.53 5.21
C SER CA 91 73.66 74.40 4.65
N GLU CA 92 73.84 73.64 3.56
CA GLU CA 92 75.11 73.66 2.85
C GLU CA 92 75.33 74.97 2.13
N LEU CA 93 74.27 75.56 1.58
CA LEU CA 93 74.42 76.89 1.02
C LEU CA 93 74.32 77.96 2.10
N ALA CA 94 74.95 77.73 3.23
CA ALA CA 94 75.30 78.77 4.17
C ALA CA 94 76.66 78.54 4.81
N THR CA 95 77.18 77.32 4.74
CA THR CA 95 78.57 77.06 5.10
C THR CA 95 79.49 77.37 3.94
N GLN CA 96 78.95 77.29 2.72
CA GLN CA 96 79.72 77.69 1.55
C GLN CA 96 79.69 79.20 1.37
N ALA CA 97 78.56 79.83 1.66
CA ALA CA 97 78.44 81.27 1.55
C ALA CA 97 79.16 82.01 2.67
N ALA CA 98 79.46 81.35 3.78
CA ALA CA 98 80.17 81.99 4.88
C ALA CA 98 81.67 82.08 4.64
N ASN CA 99 82.21 81.24 3.78
CA ASN CA 99 83.62 81.32 3.44
C ASN CA 99 83.90 82.62 2.71
N ASP CA 100 85.06 83.23 2.98
CA ASP CA 100 85.37 84.53 2.43
C ASP CA 100 86.23 84.45 1.18
N THR CA 101 86.43 83.26 0.63
CA THR CA 101 86.93 83.16 -0.73
C THR CA 101 85.86 83.43 -1.76
N ASN CA 102 84.59 83.34 -1.37
CA ASN CA 102 83.50 83.75 -2.24
C ASN CA 102 83.51 85.27 -2.39
N THR CA 103 83.04 85.74 -3.54
CA THR CA 103 82.76 87.15 -3.73
C THR CA 103 81.26 87.38 -3.73
N ASP CA 104 80.88 88.65 -3.68
CA ASP CA 104 79.45 88.97 -3.69
C ASP CA 104 78.79 88.51 -4.99
N SER CA 105 79.56 88.46 -6.08
CA SER CA 105 79.04 87.89 -7.31
C SER CA 105 78.71 86.42 -7.16
N ASP CA 106 79.32 85.73 -6.20
CA ASP CA 106 79.09 84.31 -5.97
C ASP CA 106 78.22 84.03 -4.77
N ARG CA 107 78.22 84.90 -3.77
CA ARG CA 107 77.24 84.79 -2.70
C ARG CA 107 75.84 85.04 -3.25
N SER CA 108 75.69 86.10 -4.04
CA SER CA 108 74.42 86.34 -4.72
C SER CA 108 74.14 85.24 -5.73
N GLU CA 109 75.18 84.51 -6.13
CA GLU CA 109 74.96 83.39 -7.03
C GLU CA 109 74.35 82.22 -6.26
N LEU CA 110 74.81 82.01 -5.03
CA LEU CA 110 74.19 81.02 -4.15
C LEU CA 110 72.79 81.43 -3.73
N GLN CA 111 72.56 82.74 -3.60
CA GLN CA 111 71.25 83.21 -3.19
C GLN CA 111 70.16 82.80 -4.17
N LYS CA 112 70.54 82.55 -5.42
CA LYS CA 112 69.56 82.12 -6.41
C LYS CA 112 68.93 80.79 -6.00
N GLU CA 113 69.74 79.85 -5.53
CA GLU CA 113 69.20 78.60 -5.03
C GLU CA 113 68.60 78.75 -3.64
N MET CA 114 69.13 79.68 -2.85
CA MET CA 114 68.51 80.01 -1.57
C MET CA 114 67.05 80.38 -1.74
N ASP CA 115 66.76 81.29 -2.67
CA ASP CA 115 65.39 81.72 -2.89
C ASP CA 115 64.55 80.65 -3.57
N GLN CA 116 65.19 79.74 -4.29
CA GLN CA 116 64.44 78.68 -4.96
C GLN CA 116 64.14 77.52 -4.02
N LEU CA 117 65.03 77.25 -3.06
CA LEU CA 117 64.73 76.25 -2.05
C LEU CA 117 63.69 76.76 -1.07
N ALA CA 118 63.84 78.01 -0.62
CA ALA CA 118 62.87 78.58 0.30
C ALA CA 118 61.50 78.72 -0.33
N SER CA 119 61.42 78.87 -1.65
CA SER CA 119 60.14 78.93 -2.33
C SER CA 119 59.53 77.56 -2.54
N GLU CA 120 60.31 76.49 -2.39
CA GLU CA 120 59.78 75.14 -2.45
C GLU CA 120 59.28 74.65 -1.10
N VAL CA 121 59.93 75.09 -0.02
CA VAL CA 121 59.42 74.82 1.32
C VAL CA 121 58.03 75.40 1.47
N THR CA 122 57.81 76.61 0.95
CA THR CA 122 56.48 77.20 1.00
C THR CA 122 55.49 76.44 0.14
N ARG CA 123 55.94 75.93 -1.01
CA ARG CA 123 55.02 75.18 -1.87
C ARG CA 123 54.50 73.94 -1.18
N ILE CA 124 55.37 73.21 -0.49
CA ILE CA 124 54.95 71.98 0.17
C ILE CA 124 53.88 72.27 1.21
N SER CA 125 54.01 73.40 1.91
CA SER CA 125 53.02 73.74 2.93
C SER CA 125 51.67 74.04 2.31
N THR CA 126 51.64 74.85 1.25
CA THR CA 126 50.38 75.25 0.66
C THR CA 126 49.83 74.23 -0.33
N ASP CA 127 50.62 73.26 -0.76
CA ASP CA 127 50.15 72.28 -1.74
C ASP CA 127 49.80 70.94 -1.13
N THR CA 128 50.44 70.56 -0.02
CA THR CA 128 50.14 69.28 0.61
C THR CA 128 48.69 69.26 1.04
N GLU CA 129 47.92 68.34 0.47
CA GLU CA 129 46.47 68.35 0.65
C GLU CA 129 45.97 66.93 0.65
N PHE CA 130 45.44 66.51 1.79
CA PHE CA 130 44.69 65.26 1.89
C PHE CA 130 43.22 65.57 1.77
N ASN CA 131 42.51 64.78 0.96
CA ASN CA 131 41.10 65.01 0.68
C ASN CA 131 41.07 66.41 0.08
N THR CA 132 40.38 67.37 0.67
CA THR CA 132 40.47 68.78 0.27
C THR CA 132 40.93 69.66 1.42
N LYS CA 133 41.80 69.13 2.27
CA LYS CA 133 42.27 69.82 3.46
C LYS CA 133 43.75 70.13 3.31
N LYS CA 134 44.10 71.40 3.48
CA LYS CA 134 45.50 71.80 3.48
C LYS CA 134 46.07 71.50 4.86
N LEU CA 135 47.01 70.57 4.93
CA LEU CA 135 47.47 70.08 6.23
C LEU CA 135 48.53 70.99 6.85
N LEU CA 136 49.52 71.40 6.06
CA LEU CA 136 50.69 72.07 6.61
C LEU CA 136 50.63 73.58 6.53
N ASP CA 137 49.47 74.16 6.21
CA ASP CA 137 49.35 75.61 6.10
C ASP CA 137 48.77 76.23 7.36
N GLY CA 138 48.70 75.48 8.45
CA GLY CA 138 48.22 76.02 9.71
C GLY CA 138 46.73 76.05 9.88
N THR CA 139 45.97 75.54 8.91
CA THR CA 139 44.51 75.49 9.03
C THR CA 139 44.00 74.16 9.55
N ALA CA 140 44.81 73.11 9.51
CA ALA CA 140 44.42 71.81 10.01
C ALA CA 140 44.68 71.76 11.52
N GLN CA 141 43.73 72.31 12.26
CA GLN CA 141 43.82 72.35 13.71
C GLN CA 141 42.56 71.71 14.30
N ASN CA 142 42.72 71.06 15.45
CA ASN CA 142 41.61 70.45 16.16
C ASN CA 142 40.97 69.34 15.34
N LEU CA 143 41.78 68.66 14.53
CA LEU CA 143 41.28 67.55 13.75
C LEU CA 143 40.86 66.42 14.68
N THR CA 144 39.56 66.12 14.68
CA THR CA 144 38.98 65.17 15.62
C THR CA 144 38.70 63.88 14.87
N PHE CA 145 39.38 62.81 15.26
CA PHE CA 145 39.12 61.48 14.72
C PHE CA 145 38.24 60.72 15.70
N GLN CA 146 37.10 60.25 15.22
CA GLN CA 146 36.21 59.47 16.08
C GLN CA 146 36.74 58.04 16.11
N ILE CA 147 37.70 57.81 17.01
CA ILE CA 147 38.21 56.46 17.22
C ILE CA 147 37.43 55.84 18.36
N GLY CA 148 36.27 55.31 18.04
CA GLY CA 148 35.37 54.77 19.05
C GLY CA 148 33.94 54.91 18.58
N ALA CA 149 33.09 54.07 19.14
CA ALA CA 149 31.71 53.97 18.68
C ALA CA 149 30.75 54.90 19.40
N ASN CA 150 31.24 55.74 20.32
CA ASN CA 150 30.37 56.54 21.17
C ASN CA 150 30.83 57.99 21.14
N GLU CA 151 30.14 58.82 21.90
CA GLU CA 151 30.55 60.21 22.11
C GLU CA 151 31.89 60.30 22.82
N GLY CA 152 32.63 61.36 22.50
CA GLY CA 152 33.83 61.68 23.23
C GLY CA 152 34.93 60.68 23.11
N GLN CA 153 34.79 59.67 22.25
CA GLN CA 153 35.85 58.71 22.00
C GLN CA 153 36.66 59.16 20.79
N THR CA 154 37.22 60.36 20.94
CA THR CA 154 37.91 61.05 19.86
C THR CA 154 39.36 61.30 20.24
N MET CA 155 40.12 61.72 19.23
CA MET CA 155 41.47 62.19 19.41
C MET CA 155 41.66 63.46 18.60
N SER CA 156 42.24 64.48 19.22
CA SER CA 156 42.49 65.72 18.51
C SER CA 156 43.89 65.71 17.90
N LEU CA 157 44.13 66.68 17.03
CA LEU CA 157 45.42 66.82 16.39
C LEU CA 157 45.53 68.22 15.81
N SER CA 158 46.72 68.79 15.88
CA SER CA 158 46.93 70.15 15.35
C SER CA 158 48.31 70.20 14.73
N ILE CA 159 48.36 70.33 13.42
CA ILE CA 159 49.61 70.49 12.69
C ILE CA 159 49.87 71.97 12.49
N ASN CA 160 51.05 72.42 12.90
CA ASN CA 160 51.38 73.83 12.80
C ASN CA 160 51.74 74.20 11.37
N LYS CA 161 51.74 75.50 11.10
CA LYS CA 161 52.15 76.00 9.80
C LYS CA 161 53.64 75.77 9.61
N MET CA 162 54.00 75.10 8.51
CA MET CA 162 55.37 74.64 8.28
C MET CA 162 55.89 75.14 6.94
N ASP CA 163 55.69 76.42 6.70
CA ASP CA 163 56.22 77.08 5.50
C ASP CA 163 57.46 77.88 5.88
N SER CA 164 58.12 78.44 4.85
CA SER CA 164 59.38 79.12 5.07
C SER CA 164 59.19 80.34 5.95
N GLU CA 165 58.05 81.02 5.84
CA GLU CA 165 57.79 82.17 6.70
C GLU CA 165 57.73 81.76 8.17
N SER CA 166 57.09 80.63 8.46
CA SER CA 166 56.95 80.20 9.85
C SER CA 166 58.27 79.68 10.41
N LEU CA 167 59.03 78.92 9.60
CA LEU CA 167 60.33 78.45 10.04
C LEU CA 167 61.39 79.56 10.01
N LYS CA 168 61.05 80.73 9.47
CA LYS CA 168 61.94 81.89 9.40
C LYS CA 168 63.12 81.66 8.47
N VAL CA 169 62.98 80.76 7.51
CA VAL CA 169 64.01 80.54 6.51
C VAL CA 169 63.66 81.25 5.19
N GLY CA 170 62.70 82.16 5.23
CA GLY CA 170 62.30 82.85 4.01
C GLY CA 170 61.28 83.91 4.34
N THR CA 171 60.76 84.53 3.30
CA THR CA 171 59.72 85.54 3.45
C THR CA 171 58.94 85.62 2.16
N THR CA 172 57.63 85.77 2.27
CA THR CA 172 56.73 85.70 1.12
C THR CA 172 56.11 87.08 0.89
N TYR CA 173 56.47 87.70 -0.22
CA TYR CA 173 55.86 88.94 -0.66
C TYR CA 173 54.68 88.60 -1.57
N THR CA 174 53.61 89.36 -1.43
CA THR CA 174 52.47 89.24 -2.33
C THR CA 174 52.30 90.55 -3.09
N ALA CA 175 51.83 90.43 -4.32
CA ALA CA 175 51.70 91.58 -5.20
C ALA CA 175 50.41 92.33 -4.91
N ASN CA 176 50.51 93.64 -4.76
CA ASN CA 176 49.33 94.46 -4.55
C ASN CA 176 48.46 94.45 -5.80
N ASP CA 177 47.30 95.09 -5.69
CA ASP CA 177 46.30 94.98 -6.75
C ASP CA 177 46.80 95.53 -8.07
N ASP CA 178 47.46 96.68 -8.06
CA ASP CA 178 48.05 97.26 -9.25
C ASP CA 178 49.34 96.56 -9.65
N GLY CA 179 50.09 96.02 -8.69
CA GLY CA 179 51.36 95.37 -8.97
C GLY CA 179 52.52 96.33 -8.88
N SER CA 180 52.29 97.51 -8.30
CA SER CA 180 53.36 98.48 -8.16
C SER CA 180 54.34 98.06 -7.08
N LYS CA 181 53.85 97.53 -5.97
CA LYS CA 181 54.70 97.23 -4.82
C LYS CA 181 54.37 95.84 -4.30
N LEU CA 182 55.38 94.99 -4.22
CA LEU CA 182 55.22 93.69 -3.57
C LEU CA 182 55.09 93.89 -2.07
N VAL CA 183 54.07 93.26 -1.48
CA VAL CA 183 53.75 93.45 -0.07
C VAL CA 183 53.83 92.11 0.62
N THR CA 184 54.59 92.05 1.70
CA THR CA 184 54.59 90.86 2.55
C THR CA 184 53.66 91.07 3.73
N ALA CA 185 53.32 89.97 4.40
CA ALA CA 185 52.67 90.09 5.69
C ALA CA 185 53.64 90.76 6.67
N ASP CA 186 53.08 91.58 7.57
CA ASP CA 186 53.75 92.57 8.41
C ASP CA 186 54.05 93.82 7.55
N GLY CA 187 53.88 93.74 6.23
CA GLY CA 187 53.94 94.94 5.41
C GLY CA 187 55.32 95.50 5.15
N LYS CA 188 56.15 94.76 4.43
CA LYS CA 188 57.42 95.26 3.93
C LYS CA 188 57.26 95.52 2.44
N GLU CA 189 57.53 96.76 2.03
CA GLU CA 189 57.22 97.21 0.68
C GLU CA 189 58.35 96.86 -0.27
N ALA CA 190 57.99 96.69 -1.54
CA ALA CA 190 58.97 96.45 -2.59
C ALA CA 190 58.43 97.05 -3.88
N THR CA 191 58.82 98.29 -4.17
CA THR CA 191 58.26 99.02 -5.30
C THR CA 191 58.93 98.63 -6.60
N LEU CA 192 58.18 98.77 -7.69
CA LEU CA 192 58.66 98.40 -9.02
C LEU CA 192 59.43 99.52 -9.73
N VAL CA 193 60.37 99.11 -10.58
CA VAL CA 193 61.30 99.94 -11.36
C VAL CA 193 62.01 101.04 -10.58
N THR CA 194 62.57 100.69 -9.43
CA THR CA 194 63.17 101.68 -8.55
C THR CA 194 64.65 101.49 -8.26
N LYS CA 198 67.85 104.31 -11.34
CA LYS CA 198 67.11 103.25 -12.01
C LYS CA 198 67.78 101.90 -11.73
N GLY CA 199 68.98 101.71 -12.29
CA GLY CA 199 69.72 100.49 -12.09
C GLY CA 199 69.05 99.30 -12.75
N PRO CA 200 69.49 98.09 -12.41
CA PRO CA 200 68.82 96.89 -12.92
C PRO CA 200 67.35 96.88 -12.50
N ASN CA 201 66.51 96.35 -13.39
CA ASN CA 201 65.07 96.52 -13.26
C ASN CA 201 64.46 95.41 -12.42
N GLY CA 202 63.60 95.79 -11.49
CA GLY CA 202 62.92 94.84 -10.62
C GLY CA 202 62.21 95.55 -9.49
N TYR CA 203 61.69 94.75 -8.55
CA TYR CA 203 60.97 95.27 -7.40
C TYR CA 203 61.99 95.58 -6.31
N TYR CA 204 62.35 96.86 -6.21
CA TYR CA 204 63.35 97.23 -5.23
C TYR CA 204 62.71 97.47 -3.86
N ASP CA 205 63.56 97.42 -2.84
CA ASP CA 205 63.18 97.54 -1.45
C ASP CA 205 63.65 98.91 -0.96
N ASP CA 206 63.37 99.24 0.30
CA ASP CA 206 63.71 100.54 0.86
C ASP CA 206 65.20 100.73 1.08
N ALA CA 207 66.02 99.75 0.70
CA ALA CA 207 67.47 99.86 0.84
C ALA CA 207 68.21 99.59 -0.45
N ASP CA 208 67.49 99.65 -1.58
CA ASP CA 208 68.04 99.53 -2.94
C ASP CA 208 68.42 98.07 -3.18
N LYS CA 209 68.27 97.22 -2.17
CA LYS CA 209 68.45 95.78 -2.36
C LYS CA 209 67.33 95.27 -3.25
N LEU CA 210 67.68 94.76 -4.43
CA LEU CA 210 66.70 94.14 -5.30
C LEU CA 210 66.05 92.97 -4.59
N VAL CA 211 64.72 92.91 -4.68
CA VAL CA 211 63.94 91.82 -4.09
C VAL CA 211 63.52 90.82 -5.16
N TYR CA 212 62.89 91.29 -6.22
CA TYR CA 212 62.49 90.44 -7.32
C TYR CA 212 63.03 91.01 -8.63
N GLN CA 213 63.40 90.13 -9.54
CA GLN CA 213 63.92 90.51 -10.84
C GLN CA 213 62.81 90.38 -11.86
N ALA CA 214 62.16 91.50 -12.18
CA ALA CA 214 61.13 91.52 -13.21
C ALA CA 214 61.07 92.93 -13.79
N ASP CA 215 60.86 93.00 -15.09
CA ASP CA 215 60.73 94.28 -15.77
C ASP CA 215 59.29 94.71 -15.99
N SER CA 216 58.38 93.76 -16.20
CA SER CA 216 56.96 94.05 -16.25
C SER CA 216 56.41 94.16 -14.84
N ALA CA 217 55.09 94.19 -14.70
CA ALA CA 217 54.46 94.24 -13.39
C ALA CA 217 53.82 92.90 -13.12
N LEU CA 218 54.05 92.36 -11.93
CA LEU CA 218 53.46 91.08 -11.57
C LEU CA 218 51.95 91.19 -11.52
N ALA CA 219 51.29 90.05 -11.71
CA ALA CA 219 49.84 90.01 -11.69
C ALA CA 219 49.32 90.21 -10.27
N LYS CA 220 48.01 90.12 -10.09
CA LYS CA 220 47.38 90.39 -8.82
C LYS CA 220 47.42 89.13 -7.94
N ASP CA 221 47.81 89.32 -6.68
CA ASP CA 221 47.95 88.22 -5.72
C ASP CA 221 48.89 87.14 -6.23
N THR CA 222 50.02 87.54 -6.80
CA THR CA 222 51.10 86.62 -7.12
C THR CA 222 52.13 86.68 -6.00
N LYS CA 223 52.37 85.55 -5.36
CA LYS CA 223 53.29 85.48 -4.24
C LYS CA 223 54.69 85.13 -4.74
N VAL CA 224 55.69 85.79 -4.18
CA VAL CA 224 57.08 85.44 -4.41
C VAL CA 224 57.71 85.16 -3.05
N THR CA 225 58.58 84.15 -3.01
CA THR CA 225 59.26 83.77 -1.78
C THR CA 225 60.75 84.06 -1.95
N LYS CA 226 61.33 84.72 -0.95
CA LYS CA 226 62.71 85.14 -0.99
C LYS CA 226 63.42 84.51 0.19
N GLY CA 227 64.52 83.80 -0.08
CA GLY CA 227 65.20 83.08 0.97
C GLY CA 227 65.85 83.99 1.98
N ILE CA 228 66.31 83.38 3.08
CA ILE CA 228 66.99 84.14 4.11
C ILE CA 228 68.31 84.68 3.55
N ASP CA 229 68.72 85.84 4.05
CA ASP CA 229 69.85 86.57 3.48
C ASP CA 229 71.15 85.84 3.79
N ILE CA 230 71.83 85.37 2.74
CA ILE CA 230 73.17 84.81 2.85
C ILE CA 230 74.15 85.52 1.95
N SER CA 231 73.70 86.45 1.11
CA SER CA 231 74.54 87.04 0.08
C SER CA 231 75.06 88.43 0.44
N SER CA 232 74.54 89.05 1.50
CA SER CA 232 74.99 90.39 1.83
C SER CA 232 76.39 90.42 2.41
N SER CA 233 76.81 89.36 3.10
CA SER CA 233 78.11 89.33 3.75
C SER CA 233 78.39 87.91 4.19
N ALA CA 234 79.61 87.69 4.68
CA ALA CA 234 79.93 86.42 5.31
C ALA CA 234 79.35 86.32 6.71
N LYS CA 235 79.24 87.45 7.41
CA LYS CA 235 78.59 87.45 8.72
C LYS CA 235 77.13 87.08 8.60
N ALA CA 236 76.45 87.61 7.58
CA ALA CA 236 75.03 87.29 7.39
C ALA CA 236 74.83 85.82 7.08
N ALA CA 237 75.72 85.24 6.27
CA ALA CA 237 75.60 83.83 5.94
C ALA CA 237 75.80 82.95 7.18
N SER CA 238 76.74 83.33 8.04
CA SER CA 238 76.91 82.61 9.29
C SER CA 238 75.67 82.76 10.18
N SER CA 239 75.08 83.96 10.20
CA SER CA 239 73.87 84.16 11.00
C SER CA 239 72.75 83.25 10.52
N ALA CA 240 72.59 83.11 9.21
CA ALA CA 240 71.59 82.21 8.67
C ALA CA 240 71.82 80.76 9.03
N LEU CA 241 73.04 80.40 9.45
CA LEU CA 241 73.32 79.02 9.80
C LEU CA 241 72.51 78.55 11.00
N THR CA 242 72.46 79.36 12.06
CA THR CA 242 71.65 79.00 13.22
C THR CA 242 70.17 79.05 12.89
N THR CA 243 69.74 80.00 12.08
CA THR CA 243 68.33 80.06 11.70
C THR CA 243 67.91 78.82 10.95
N ILE CA 244 68.77 78.34 10.05
CA ILE CA 244 68.44 77.13 9.30
C ILE CA 244 68.49 75.91 10.20
N LYS CA 245 69.52 75.79 11.03
CA LYS CA 245 69.63 74.61 11.88
C LYS CA 245 68.56 74.57 12.95
N THR CA 246 68.00 75.73 13.31
CA THR CA 246 66.86 75.74 14.21
C THR CA 246 65.59 75.31 13.49
N ALA CA 247 65.45 75.69 12.23
CA ALA CA 247 64.29 75.27 11.45
C ALA CA 247 64.25 73.76 11.30
N ILE CA 248 65.42 73.14 11.16
CA ILE CA 248 65.47 71.67 11.15
C ILE CA 248 65.01 71.12 12.47
N ASP CA 249 65.19 71.86 13.56
CA ASP CA 249 64.76 71.39 14.86
C ASP CA 249 63.25 71.48 15.02
N THR CA 250 62.63 72.55 14.54
CA THR CA 250 61.19 72.69 14.64
C THR CA 250 60.45 71.91 13.56
N VAL CA 251 61.17 71.34 12.60
CA VAL CA 251 60.54 70.38 11.69
C VAL CA 251 60.62 68.97 12.26
N SER CA 252 61.74 68.62 12.88
CA SER CA 252 61.83 67.33 13.56
C SER CA 252 60.82 67.24 14.69
N SER CA 253 60.55 68.34 15.37
CA SER CA 253 59.53 68.34 16.41
C SER CA 253 58.15 68.06 15.83
N GLU CA 254 57.85 68.66 14.68
CA GLU CA 254 56.55 68.42 14.07
C GLU CA 254 56.43 67.00 13.52
N ARG CA 255 57.51 66.47 12.95
CA ARG CA 255 57.44 65.14 12.37
C ARG CA 255 57.14 64.08 13.41
N ALA CA 256 57.73 64.17 14.59
CA ALA CA 256 57.48 63.18 15.63
C ALA CA 256 56.29 63.52 16.51
N LYS CA 257 55.76 64.74 16.43
CA LYS CA 257 54.43 64.98 16.94
C LYS CA 257 53.39 64.28 16.10
N LEU CA 258 53.70 64.00 14.83
CA LEU CA 258 52.82 63.25 13.95
C LEU CA 258 53.17 61.78 13.89
N GLY CA 259 54.40 61.42 14.23
CA GLY CA 259 54.76 60.02 14.30
C GLY CA 259 54.28 59.41 15.60
N ALA CA 260 54.14 60.25 16.62
CA ALA CA 260 53.60 59.78 17.89
C ALA CA 260 52.11 59.47 17.76
N VAL CA 261 51.37 60.31 17.05
CA VAL CA 261 49.95 60.07 16.85
C VAL CA 261 49.74 58.84 15.99
N GLN CA 262 50.59 58.63 14.99
CA GLN CA 262 50.43 57.49 14.12
C GLN CA 262 50.72 56.19 14.86
N ASN CA 263 51.72 56.20 15.74
CA ASN CA 263 51.98 55.02 16.57
C ASN CA 263 50.80 54.72 17.47
N ARG CA 264 50.20 55.75 18.05
CA ARG CA 264 49.02 55.55 18.88
C ARG CA 264 47.87 54.97 18.07
N LEU CA 265 47.65 55.51 16.87
CA LEU CA 265 46.55 55.04 16.03
C LEU CA 265 46.76 53.61 15.56
N GLU CA 266 48.01 53.14 15.52
CA GLU CA 266 48.24 51.74 15.19
C GLU CA 266 47.86 50.83 16.35
N HIS CA 267 48.03 51.30 17.59
CA HIS CA 267 47.56 50.54 18.74
C HIS CA 267 46.05 50.61 18.87
N THR CA 268 45.46 51.77 18.54
CA THR CA 268 44.01 51.90 18.58
C THR CA 268 43.33 50.97 17.58
N ILE CA 269 43.97 50.67 16.47
CA ILE CA 269 43.35 49.81 15.47
C ILE CA 269 43.36 48.36 15.91
N ASN CA 270 44.46 47.89 16.49
CA ASN CA 270 44.48 46.51 16.99
C ASN CA 270 43.49 46.33 18.13
N ASN CA 271 43.32 47.33 18.98
CA ASN CA 271 42.37 47.20 20.07
C ASN CA 271 40.93 47.32 19.59
N LEU CA 272 40.68 48.14 18.58
CA LEU CA 272 39.35 48.19 18.00
C LEU CA 272 39.02 46.91 17.24
N GLY CA 273 40.00 46.33 16.55
CA GLY CA 273 39.79 45.07 15.89
C GLY CA 273 39.58 43.92 16.83
N THR CA 274 40.31 43.89 17.94
CA THR CA 274 40.11 42.85 18.94
C THR CA 274 38.77 42.97 19.63
N SER CA 275 38.30 44.20 19.87
CA SER CA 275 37.02 44.39 20.53
C SER CA 275 35.84 44.10 19.62
N SER CA 276 36.04 44.05 18.30
CA SER CA 276 34.95 43.64 17.43
C SER CA 276 34.80 42.12 17.42
N GLU CA 277 35.91 41.39 17.39
CA GLU CA 277 35.84 39.93 17.47
C GLU CA 277 35.22 39.49 18.79
N ASN CA 278 35.65 40.09 19.88
CA ASN CA 278 35.14 39.70 21.19
C ASN CA 278 33.66 40.03 21.33
N LEU CA 279 33.20 41.07 20.65
CA LEU CA 279 31.79 41.42 20.68
C LEU CA 279 30.99 40.70 19.61
N THR CA 280 31.60 40.43 18.46
CA THR CA 280 30.92 39.64 17.44
C THR CA 280 30.64 38.24 17.96
N SER CA 281 31.64 37.63 18.60
CA SER CA 281 31.42 36.32 19.21
C SER CA 281 30.42 36.40 20.35
N ALA CA 282 30.46 37.48 21.13
CA ALA CA 282 29.50 37.65 22.21
C ALA CA 282 28.09 37.78 21.68
N GLU CA 283 27.90 38.51 20.59
CA GLU CA 283 26.57 38.69 20.02
C GLU CA 283 26.08 37.44 19.32
N SER CA 284 26.99 36.66 18.72
CA SER CA 284 26.57 35.45 18.04
C SER CA 284 26.00 34.43 19.03
N ARG CA 285 26.60 34.32 20.21
CA ARG CA 285 26.08 33.39 21.21
C ARG CA 285 24.69 33.80 21.66
N ILE CA 286 24.44 35.11 21.78
CA ILE CA 286 23.12 35.58 22.21
C ILE CA 286 22.11 35.42 21.11
N ARG CA 287 22.48 35.72 19.86
CA ARG CA 287 21.53 35.87 18.78
C ARG CA 287 21.47 34.66 17.85
N ASP CA 288 22.62 34.18 17.39
CA ASP CA 288 22.63 33.09 16.42
C ASP CA 288 22.15 31.79 17.05
N VAL CA 289 21.58 30.93 16.24
CA VAL CA 289 21.04 29.66 16.69
C VAL CA 289 22.11 28.59 16.55
N ASP CA 290 22.00 27.55 17.36
CA ASP CA 290 22.86 26.39 17.26
C ASP CA 290 22.23 25.42 16.26
N MET CA 291 22.87 25.23 15.12
CA MET CA 291 22.28 24.43 14.06
C MET CA 291 22.02 23.00 14.52
N ALA CA 292 22.98 22.41 15.24
CA ALA CA 292 22.83 21.04 15.70
C ALA CA 292 21.70 20.91 16.71
N SER CA 293 21.70 21.76 17.73
CA SER CA 293 20.70 21.66 18.78
C SER CA 293 19.30 22.06 18.31
N GLU CA 294 19.19 22.69 17.14
CA GLU CA 294 17.91 23.12 16.62
C GLU CA 294 17.35 22.16 15.57
N MET CA 295 18.22 21.62 14.72
CA MET CA 295 17.77 20.60 13.78
C MET CA 295 17.29 19.36 14.51
N MET CA 296 17.98 18.98 15.57
CA MET CA 296 17.55 17.84 16.38
C MET CA 296 16.21 18.11 17.06
N GLU CA 297 15.96 19.36 17.46
CA GLU CA 297 14.68 19.69 18.08
C GLU CA 297 13.58 19.80 17.04
N TYR CA 298 13.91 20.29 15.85
CA TYR CA 298 12.91 20.37 14.78
C TYR CA 298 12.42 18.98 14.40
N THR CA 299 13.33 18.02 14.29
CA THR CA 299 12.94 16.66 13.94
C THR CA 299 12.02 16.06 14.99
N LYS CA 300 12.23 16.38 16.27
CA LYS CA 300 11.38 15.83 17.31
C LYS CA 300 9.93 16.28 17.13
N ASN CA 301 9.70 17.59 17.04
CA ASN CA 301 8.34 18.07 16.84
C ASN CA 301 7.80 17.67 15.48
N ASN CA 302 8.68 17.43 14.51
CA ASN CA 302 8.22 16.94 13.22
C ASN CA 302 7.76 15.49 13.29
N ILE CA 303 8.15 14.77 14.35
CA ILE CA 303 7.65 13.42 14.56
C ILE CA 303 6.42 13.42 15.45
N LEU CA 304 6.44 14.24 16.50
CA LEU CA 304 5.30 14.33 17.40
C LEU CA 304 4.03 14.76 16.69
N THR CA 305 4.15 15.52 15.60
CA THR CA 305 2.98 15.87 14.81
C THR CA 305 2.51 14.72 13.94
N GLN CA 306 3.42 13.86 13.48
CA GLN CA 306 3.01 12.68 12.73
C GLN CA 306 2.41 11.62 13.63
N ALA CA 307 2.91 11.52 14.88
CA ALA CA 307 2.28 10.63 15.84
C ALA CA 307 0.85 11.06 16.13
N SER CA 308 0.64 12.35 16.30
CA SER CA 308 -0.72 12.85 16.50
C SER CA 308 -1.55 12.72 15.23
N GLN CA 309 -0.90 12.88 14.08
CA GLN CA 309 -1.60 12.67 12.81
C GLN CA 309 -2.06 11.23 12.68
N ALA CA 310 -1.19 10.28 13.03
CA ALA CA 310 -1.54 8.87 12.91
C ALA CA 310 -2.68 8.50 13.85
N MET CA 311 -2.66 9.00 15.08
CA MET CA 311 -3.70 8.66 16.04
C MET CA 311 -5.01 9.40 15.77
N LEU CA 312 -4.95 10.56 15.12
CA LEU CA 312 -6.18 11.26 14.76
C LEU CA 312 -7.00 10.45 13.78
N ALA CA 313 -6.33 9.78 12.84
CA ALA CA 313 -7.05 8.95 11.88
C ALA CA 313 -7.80 7.83 12.59
N GLN CA 314 -7.15 7.18 13.56
CA GLN CA 314 -7.82 6.12 14.30
C GLN CA 314 -8.90 6.66 15.22
N ALA CA 315 -8.71 7.88 15.74
CA ALA CA 315 -9.71 8.47 16.63
C ALA CA 315 -11.03 8.67 15.91
N ASN CA 316 -11.00 8.94 14.61
CA ASN CA 316 -12.23 9.09 13.84
C ASN CA 316 -12.88 7.75 13.53
N GLN CA 317 -12.10 6.67 13.47
CA GLN CA 317 -12.65 5.37 13.14
C GLN CA 317 -13.46 4.80 14.30
N GLN CA 318 -13.09 5.14 15.53
CA GLN CA 318 -13.74 4.58 16.70
C GLN CA 318 -15.25 4.84 16.76
N PRO CA 319 -15.76 6.06 16.50
CA PRO CA 319 -17.22 6.24 16.50
C PRO CA 319 -17.93 5.48 15.41
N GLN CA 320 -17.23 5.02 14.37
CA GLN CA 320 -17.86 4.34 13.25
C GLN CA 320 -18.38 2.95 13.60
N GLN CA 321 -18.04 2.42 14.78
CA GLN CA 321 -18.40 1.06 15.14
C GLN CA 321 -19.79 0.93 15.74
N VAL CA 322 -20.47 2.04 16.06
CA VAL CA 322 -21.81 1.94 16.61
C VAL CA 322 -22.85 1.63 15.55
N LEU CA 323 -22.50 1.82 14.28
CA LEU CA 323 -23.47 1.54 13.21
C LEU CA 323 -23.81 0.06 13.14
N GLN CA 324 -22.80 -0.80 13.31
CA GLN CA 324 -23.04 -2.24 13.33
C GLN CA 324 -23.91 -2.66 14.50
N LEU CA 325 -23.90 -1.90 15.59
CA LEU CA 325 -24.77 -2.16 16.73
C LEU CA 325 -26.17 -1.61 16.52
N LEU CA 326 -26.29 -0.49 15.80
CA LEU CA 326 -27.58 0.16 15.63
C LEU CA 326 -28.50 -0.60 14.68
N LYS CA 327 -27.95 -1.48 13.84
CA LYS CA 327 -28.77 -2.28 12.94
C LYS CA 327 -29.17 -3.61 13.58
N MET DA 1 -7.09 -18.27 22.54
CA MET DA 1 -6.73 -16.90 22.23
C MET DA 1 -7.08 -15.95 23.36
N ARG DA 2 -6.07 -15.55 24.12
CA ARG DA 2 -6.26 -14.62 25.22
C ARG DA 2 -5.97 -13.21 24.75
N ILE DA 3 -6.91 -12.29 25.02
CA ILE DA 3 -6.90 -10.96 24.44
C ILE DA 3 -6.38 -9.92 25.43
N ASN DA 4 -6.70 -10.08 26.71
CA ASN DA 4 -6.36 -9.06 27.70
C ASN DA 4 -4.86 -8.87 27.86
N HIS DA 5 -4.04 -9.79 27.38
CA HIS DA 5 -2.59 -9.65 27.48
C HIS DA 5 -1.95 -10.23 26.23
N ASN DA 6 -1.05 -9.47 25.63
CA ASN DA 6 -0.33 -9.90 24.43
C ASN DA 6 1.11 -10.17 24.85
N ILE DA 7 1.37 -11.39 25.32
CA ILE DA 7 2.71 -11.73 25.79
C ILE DA 7 3.71 -11.71 24.65
N ALA DA 8 3.26 -12.03 23.43
CA ALA DA 8 4.15 -11.96 22.28
C ALA DA 8 4.64 -10.53 22.03
N ALA DA 9 3.74 -9.56 22.13
CA ALA DA 9 4.13 -8.17 21.96
C ALA DA 9 4.84 -7.63 23.19
N LEU DA 10 4.43 -8.06 24.39
CA LEU DA 10 5.10 -7.61 25.60
C LEU DA 10 6.53 -8.12 25.66
N ASN DA 11 6.77 -9.34 25.19
CA ASN DA 11 8.15 -9.85 25.13
C ASN DA 11 8.97 -9.10 24.09
N THR DA 12 8.37 -8.78 22.95
CA THR DA 12 9.09 -8.06 21.91
C THR DA 12 9.43 -6.64 22.35
N SER DA 13 8.61 -6.04 23.22
CA SER DA 13 8.90 -4.71 23.71
C SER DA 13 10.19 -4.68 24.51
N ARG DA 14 10.41 -5.70 25.35
CA ARG DA 14 11.63 -5.73 26.14
C ARG DA 14 12.87 -5.85 25.26
N GLN DA 15 12.81 -6.70 24.24
CA GLN DA 15 13.92 -6.77 23.30
C GLN DA 15 14.06 -5.48 22.51
N LEU DA 16 12.96 -4.75 22.31
CA LEU DA 16 13.05 -3.44 21.68
C LEU DA 16 13.78 -2.45 22.57
N ASN DA 17 13.43 -2.42 23.86
CA ASN DA 17 14.18 -1.60 24.81
C ASN DA 17 15.34 -2.38 25.41
N ALA DA 18 16.08 -3.09 24.57
CA ALA DA 18 17.37 -3.65 24.95
C ALA DA 18 18.41 -3.55 23.85
N GLY DA 19 18.01 -3.30 22.61
CA GLY DA 19 18.94 -3.04 21.54
C GLY DA 19 19.03 -1.55 21.31
N SER DA 20 17.96 -0.83 21.66
CA SER DA 20 18.03 0.63 21.66
C SER DA 20 19.00 1.13 22.71
N ASN DA 21 18.98 0.53 23.91
CA ASN DA 21 19.94 0.90 24.94
C ASN DA 21 21.36 0.60 24.50
N ALA DA 22 21.58 -0.56 23.89
CA ALA DA 22 22.91 -0.92 23.42
C ALA DA 22 23.37 0.01 22.32
N ALA DA 23 22.48 0.38 21.41
CA ALA DA 23 22.84 1.32 20.35
C ALA DA 23 23.16 2.69 20.92
N SER DA 24 22.40 3.12 21.93
CA SER DA 24 22.70 4.40 22.57
C SER DA 24 24.06 4.37 23.24
N LYS DA 25 24.38 3.27 23.93
CA LYS DA 25 25.69 3.15 24.53
C LYS DA 25 26.80 3.12 23.49
N ASN DA 26 26.55 2.47 22.35
CA ASN DA 26 27.55 2.42 21.30
C ASN DA 26 27.77 3.78 20.66
N MET DA 27 26.71 4.58 20.55
CA MET DA 27 26.83 5.89 19.95
C MET DA 27 27.50 6.89 20.87
N GLU DA 28 27.42 6.69 22.19
CA GLU DA 28 28.19 7.51 23.11
C GLU DA 28 29.69 7.35 22.85
N LYS DA 29 30.13 6.10 22.70
CA LYS DA 29 31.54 5.85 22.43
C LYS DA 29 31.95 6.41 21.08
N LEU DA 30 31.10 6.25 20.07
CA LEU DA 30 31.45 6.71 18.73
C LEU DA 30 31.57 8.23 18.67
N SER DA 31 30.65 8.93 19.33
CA SER DA 31 30.69 10.39 19.32
C SER DA 31 31.88 10.92 20.11
N SER DA 32 32.08 10.42 21.33
CA SER DA 32 33.16 10.92 22.17
C SER DA 32 34.52 10.38 21.76
N GLY DA 33 34.56 9.19 21.18
CA GLY DA 33 35.82 8.57 20.86
C GLY DA 33 36.49 7.86 22.02
N LEU DA 34 35.79 7.66 23.13
CA LEU DA 34 36.34 7.06 24.33
C LEU DA 34 35.57 5.81 24.70
N ARG DA 35 36.29 4.74 25.04
CA ARG DA 35 35.66 3.54 25.54
C ARG DA 35 34.97 3.79 26.87
N ILE DA 36 35.65 4.49 27.76
CA ILE DA 36 35.20 4.69 29.13
C ILE DA 36 34.70 6.12 29.25
N ASN DA 37 33.39 6.29 29.13
CA ASN DA 37 32.75 7.57 29.42
C ASN DA 37 32.32 7.63 30.88
N ARG DA 38 31.46 6.71 31.28
CA ARG DA 38 31.10 6.53 32.67
C ARG DA 38 32.09 5.60 33.36
N ALA DA 39 32.03 5.57 34.68
CA ALA DA 39 32.90 4.67 35.42
C ALA DA 39 32.42 3.23 35.39
N GLY DA 40 31.18 3.00 34.94
CA GLY DA 40 30.66 1.65 34.85
C GLY DA 40 31.13 0.86 33.65
N ASP DA 41 31.74 1.53 32.67
CA ASP DA 41 32.29 0.81 31.52
C ASP DA 41 33.59 0.10 31.87
N ASP DA 42 34.43 0.70 32.72
CA ASP DA 42 35.62 0.03 33.23
C ASP DA 42 36.04 0.75 34.49
N ALA DA 43 35.86 0.11 35.65
CA ALA DA 43 36.29 0.70 36.91
C ALA DA 43 37.81 0.81 36.96
N ALA DA 44 38.50 -0.31 36.74
CA ALA DA 44 39.95 -0.27 36.70
C ALA DA 44 40.45 0.51 35.50
N GLY DA 45 39.73 0.49 34.38
CA GLY DA 45 40.11 1.32 33.25
C GLY DA 45 40.02 2.79 33.57
N LEU DA 46 38.97 3.20 34.28
CA LEU DA 46 38.87 4.58 34.71
C LEU DA 46 39.99 4.94 35.68
N ALA DA 47 40.28 4.05 36.64
CA ALA DA 47 41.31 4.36 37.62
C ALA DA 47 42.68 4.47 36.97
N ILE DA 48 43.02 3.52 36.11
CA ILE DA 48 44.34 3.52 35.46
C ILE DA 48 44.48 4.73 34.55
N SER DA 49 43.41 5.06 33.83
CA SER DA 49 43.45 6.17 32.89
C SER DA 49 43.81 7.48 33.59
N GLU DA 50 43.11 7.78 34.68
CA GLU DA 50 43.33 9.04 35.37
C GLU DA 50 44.74 9.16 35.92
N LYS DA 51 45.27 8.07 36.48
CA LYS DA 51 46.67 8.04 36.88
C LYS DA 51 47.54 8.32 35.66
N MET DA 52 47.22 7.67 34.54
CA MET DA 52 47.99 7.85 33.32
C MET DA 52 47.94 9.29 32.82
N ARG DA 53 46.73 9.86 32.71
CA ARG DA 53 46.60 11.24 32.25
C ARG DA 53 47.37 12.19 33.14
N SER DA 54 47.23 12.02 34.45
CA SER DA 54 47.95 12.84 35.42
C SER DA 54 49.45 12.77 35.17
N GLN DA 55 49.95 11.57 34.90
CA GLN DA 55 51.37 11.39 34.64
C GLN DA 55 51.76 11.97 33.30
N ILE DA 56 50.93 11.79 32.27
CA ILE DA 56 51.27 12.31 30.95
C ILE DA 56 51.29 13.82 30.95
N ARG DA 57 50.28 14.45 31.55
CA ARG DA 57 50.29 15.89 31.65
C ARG DA 57 51.33 16.41 32.61
N GLY DA 58 51.95 15.53 33.38
CA GLY DA 58 53.06 15.92 34.23
C GLY DA 58 54.39 15.84 33.50
N LEU DA 59 54.60 14.77 32.74
CA LEU DA 59 55.86 14.65 32.00
C LEU DA 59 55.95 15.66 30.87
N ASP DA 60 54.82 16.01 30.25
CA ASP DA 60 54.88 17.02 29.21
C ASP DA 60 55.05 18.42 29.79
N MET DA 61 54.63 18.62 31.04
CA MET DA 61 54.89 19.87 31.72
C MET DA 61 56.26 19.88 32.38
N ALA DA 62 56.68 18.75 32.95
CA ALA DA 62 58.04 18.64 33.46
C ALA DA 62 59.07 18.70 32.34
N SER DA 63 58.67 18.49 31.10
CA SER DA 63 59.54 18.75 29.97
C SER DA 63 59.66 20.23 29.65
N LYS DA 64 58.67 21.03 30.03
CA LYS DA 64 58.82 22.47 29.93
C LYS DA 64 59.76 23.00 31.01
N ASN DA 65 59.63 22.47 32.23
CA ASN DA 65 60.53 22.87 33.30
C ASN DA 65 61.98 22.53 32.96
N ALA DA 66 62.20 21.35 32.39
CA ALA DA 66 63.55 20.98 31.99
C ALA DA 66 64.08 21.91 30.92
N GLN DA 67 63.22 22.40 30.04
CA GLN DA 67 63.66 23.33 29.01
C GLN DA 67 63.72 24.76 29.50
N ASP DA 68 62.93 25.11 30.51
CA ASP DA 68 63.10 26.42 31.15
C ASP DA 68 64.30 26.45 32.07
N GLY DA 69 64.90 25.30 32.37
CA GLY DA 69 66.14 25.27 33.11
C GLY DA 69 67.31 25.26 32.15
N ILE DA 70 67.10 24.72 30.96
CA ILE DA 70 68.12 24.80 29.93
C ILE DA 70 68.34 26.24 29.52
N SER DA 71 67.27 27.02 29.45
CA SER DA 71 67.40 28.44 29.12
C SER DA 71 68.05 29.21 30.25
N LEU DA 72 67.70 28.90 31.50
CA LEU DA 72 68.31 29.58 32.63
C LEU DA 72 69.80 29.29 32.70
N ILE DA 73 70.23 28.12 32.24
CA ILE DA 73 71.62 27.73 32.31
C ILE DA 73 72.39 28.27 31.12
N GLN DA 74 71.78 28.31 29.94
CA GLN DA 74 72.42 28.90 28.78
C GLN DA 74 72.70 30.38 29.01
N THR DA 75 71.81 31.06 29.72
CA THR DA 75 72.03 32.47 30.02
C THR DA 75 73.25 32.67 30.90
N SER DA 76 73.43 31.82 31.91
CA SER DA 76 74.56 31.97 32.82
C SER DA 76 75.88 31.70 32.11
N GLU DA 77 75.99 30.58 31.41
CA GLU DA 77 77.24 30.29 30.73
C GLU DA 77 77.45 31.21 29.54
N GLY DA 78 76.37 31.70 28.94
CA GLY DA 78 76.53 32.74 27.93
C GLY DA 78 77.15 34.00 28.51
N ALA DA 79 76.80 34.33 29.74
CA ALA DA 79 77.41 35.49 30.40
C ALA DA 79 78.86 35.22 30.75
N LEU DA 80 79.18 34.03 31.34
CA LEU DA 80 80.57 33.72 31.63
C LEU DA 80 81.40 33.53 30.39
N ASN DA 81 80.77 33.40 29.23
CA ASN DA 81 81.54 33.41 28.00
C ASN DA 81 82.32 34.68 27.82
N GLU DA 82 81.81 35.79 28.37
CA GLU DA 82 82.47 37.07 28.24
C GLU DA 82 83.39 37.37 29.39
N THR DA 83 83.08 36.91 30.59
CA THR DA 83 84.06 36.98 31.65
C THR DA 83 85.34 36.26 31.28
N HIS DA 84 85.26 35.29 30.39
CA HIS DA 84 86.49 34.69 29.90
C HIS DA 84 87.27 35.63 29.01
N SER DA 85 86.58 36.37 28.15
CA SER DA 85 87.29 37.25 27.24
C SER DA 85 87.85 38.46 27.95
N ILE DA 86 87.14 38.93 28.93
CA ILE DA 86 87.66 40.04 29.71
C ILE DA 86 88.87 39.60 30.52
N LEU DA 87 88.77 38.43 31.15
CA LEU DA 87 89.92 37.90 31.88
C LEU DA 87 91.07 37.59 30.95
N GLN DA 88 90.78 37.25 29.70
CA GLN DA 88 91.85 36.96 28.74
C GLN DA 88 92.58 38.23 28.34
N ARG DA 89 91.82 39.29 28.05
CA ARG DA 89 92.43 40.59 27.78
C ARG DA 89 93.10 41.13 29.03
N MET DA 90 92.51 40.89 30.20
CA MET DA 90 93.08 41.36 31.44
C MET DA 90 94.42 40.72 31.73
N SER DA 91 94.73 39.61 31.09
CA SER DA 91 96.00 38.94 31.27
C SER DA 91 97.09 39.46 30.35
N GLU DA 92 96.71 40.03 29.20
CA GLU DA 92 97.69 40.73 28.38
C GLU DA 92 98.13 42.03 29.04
N LEU DA 93 97.23 42.72 29.71
CA LEU DA 93 97.66 43.88 30.48
C LEU DA 93 98.20 43.48 31.84
N ALA DA 94 99.00 42.42 31.87
CA ALA DA 94 99.91 42.15 32.97
C ALA DA 94 101.22 41.57 32.49
N THR DA 95 101.27 41.05 31.27
CA THR DA 95 102.53 40.70 30.64
C THR DA 95 103.17 41.92 30.00
N GLN DA 96 102.36 42.91 29.63
CA GLN DA 96 102.87 44.17 29.14
C GLN DA 96 103.30 45.07 30.29
N ALA DA 97 102.55 45.05 31.39
CA ALA DA 97 102.91 45.86 32.55
C ALA DA 97 104.09 45.31 33.32
N ALA DA 98 104.42 44.04 33.14
CA ALA DA 98 105.57 43.45 33.83
C ALA DA 98 106.89 43.80 33.19
N ASN DA 99 106.89 44.16 31.90
CA ASN DA 99 108.11 44.59 31.25
C ASN DA 99 108.61 45.88 31.86
N ASP DA 100 109.92 46.02 31.98
CA ASP DA 100 110.51 47.17 32.66
C ASP DA 100 110.92 48.27 31.70
N THR DA 101 110.57 48.16 30.42
CA THR DA 101 110.65 49.33 29.55
C THR DA 101 109.49 50.29 29.78
N ASN DA 102 108.42 49.82 30.39
CA ASN DA 102 107.33 50.70 30.82
C ASN DA 102 107.80 51.58 31.97
N THR DA 103 107.23 52.78 32.03
CA THR DA 103 107.41 53.63 33.20
C THR DA 103 106.12 53.64 34.01
N ASP DA 104 106.21 54.21 35.22
CA ASP DA 104 105.01 54.28 36.05
C ASP DA 104 103.94 55.14 35.41
N SER DA 105 104.33 56.11 34.58
CA SER DA 105 103.35 56.86 33.81
C SER DA 105 102.60 55.98 32.83
N ASP DA 106 103.18 54.85 32.44
CA ASP DA 106 102.55 53.93 31.49
C ASP DA 106 101.99 52.69 32.15
N ARG DA 107 102.54 52.25 33.28
CA ARG DA 107 101.88 51.21 34.05
C ARG DA 107 100.56 51.72 34.59
N SER DA 108 100.56 52.92 35.17
CA SER DA 108 99.31 53.54 35.60
C SER DA 108 98.43 53.85 34.40
N GLU DA 109 99.03 53.91 33.21
CA GLU DA 109 98.23 54.11 32.01
C GLU DA 109 97.48 52.83 31.66
N LEU DA 110 98.14 51.69 31.83
CA LEU DA 110 97.50 50.40 31.67
C LEU DA 110 96.47 50.15 32.76
N GLN DA 111 96.72 50.66 33.96
CA GLN DA 111 95.79 50.45 35.06
C GLN DA 111 94.43 51.04 34.76
N LYS DA 112 94.36 52.02 33.86
CA LYS DA 112 93.06 52.59 33.50
C LYS DA 112 92.17 51.55 32.87
N GLU DA 113 92.71 50.71 31.98
CA GLU DA 113 91.94 49.62 31.42
C GLU DA 113 91.80 48.46 32.39
N MET DA 114 92.79 48.27 33.26
CA MET DA 114 92.68 47.29 34.32
C MET DA 114 91.42 47.52 35.15
N ASP DA 115 91.22 48.76 35.61
CA ASP DA 115 90.07 49.08 36.42
C ASP DA 115 88.78 49.08 35.62
N GLN DA 116 88.86 49.30 34.31
CA GLN DA 116 87.66 49.29 33.49
C GLN DA 116 87.25 47.89 33.08
N LEU DA 117 88.20 46.98 32.92
CA LEU DA 117 87.86 45.59 32.67
C LEU DA 117 87.34 44.93 33.93
N ALA DA 118 88.00 45.17 35.06
CA ALA DA 118 87.55 44.59 36.31
C ALA DA 118 86.20 45.12 36.74
N SER DA 119 85.84 46.33 36.31
CA SER DA 119 84.52 46.87 36.60
C SER DA 119 83.45 46.33 35.67
N GLU DA 120 83.84 45.72 34.56
CA GLU DA 120 82.89 45.08 33.66
C GLU DA 120 82.65 43.62 34.06
N VAL DA 121 83.66 42.96 34.60
CA VAL DA 121 83.44 41.63 35.17
C VAL DA 121 82.41 41.69 36.29
N THR DA 122 82.48 42.72 37.12
CA THR DA 122 81.49 42.88 38.16
C THR DA 122 80.11 43.20 37.59
N ARG DA 123 80.05 43.95 36.50
CA ARG DA 123 78.75 44.28 35.92
C ARG DA 123 78.04 43.03 35.43
N ILE DA 124 78.77 42.12 34.78
CA ILE DA 124 78.15 40.91 34.25
C ILE DA 124 77.55 40.09 35.39
N SER DA 125 78.22 40.05 36.53
CA SER DA 125 77.71 39.27 37.65
C SER DA 125 76.41 39.87 38.19
N THR DA 126 76.39 41.19 38.40
CA THR DA 126 75.22 41.82 38.98
C THR DA 126 74.13 42.13 37.97
N ASP DA 127 74.41 42.08 36.68
CA ASP DA 127 73.41 42.41 35.67
C ASP DA 127 72.80 41.18 35.01
N THR DA 128 73.54 40.09 34.91
CA THR DA 128 73.01 38.89 34.28
C THR DA 128 71.79 38.40 35.05
N GLU DA 129 70.64 38.40 34.39
CA GLU DA 129 69.38 38.16 35.07
C GLU DA 129 68.45 37.40 34.14
N PHE DA 130 68.12 36.17 34.51
CA PHE DA 130 67.06 35.42 33.86
C PHE DA 130 65.79 35.58 34.67
N ASN DA 131 64.69 35.86 33.99
CA ASN DA 131 63.41 36.13 34.64
C ASN DA 131 63.68 37.33 35.52
N THR DA 132 63.53 37.25 36.83
CA THR DA 132 63.98 38.29 37.74
C THR DA 132 64.99 37.77 38.76
N LYS DA 133 65.81 36.83 38.33
CA LYS DA 133 66.78 36.17 39.20
C LYS DA 133 68.19 36.55 38.77
N LYS DA 134 68.97 37.06 39.71
CA LYS DA 134 70.37 37.34 39.45
C LYS DA 134 71.15 36.03 39.58
N LEU DA 135 71.72 35.58 38.47
CA LEU DA 135 72.31 34.25 38.43
C LEU DA 135 73.72 34.23 38.99
N LEU DA 136 74.55 35.17 38.58
CA LEU DA 136 75.98 35.12 38.85
C LEU DA 136 76.40 35.93 40.07
N ASP DA 137 75.46 36.42 40.86
CA ASP DA 137 75.80 37.21 42.03
C ASP DA 137 75.81 36.40 43.32
N GLY DA 138 75.78 35.08 43.22
CA GLY DA 138 75.85 34.23 44.38
C GLY DA 138 74.54 34.00 45.10
N THR DA 139 73.44 34.53 44.59
CA THR DA 139 72.14 34.31 45.21
C THR DA 139 71.36 33.17 44.58
N ALA DA 140 71.74 32.73 43.38
CA ALA DA 140 71.07 31.62 42.71
C ALA DA 140 71.69 30.33 43.21
N GLN DA 141 71.21 29.88 44.37
CA GLN DA 141 71.67 28.65 44.99
C GLN DA 141 70.47 27.75 45.25
N ASN DA 142 70.70 26.44 45.15
CA ASN DA 142 69.66 25.45 45.43
C ASN DA 142 68.51 25.57 44.45
N LEU DA 143 68.80 25.99 43.22
CA LEU DA 143 67.78 26.08 42.20
C LEU DA 143 67.27 24.68 41.87
N THR DA 144 66.01 24.44 42.18
CA THR DA 144 65.39 23.13 42.05
C THR DA 144 64.51 23.12 40.81
N PHE DA 145 64.88 22.30 39.83
CA PHE DA 145 64.07 22.08 38.65
C PHE DA 145 63.28 20.80 38.83
N GLN DA 146 61.96 20.90 38.71
CA GLN DA 146 61.11 19.72 38.82
C GLN DA 146 61.13 19.02 37.48
N ILE DA 147 62.14 18.19 37.27
CA ILE DA 147 62.23 17.36 36.08
C ILE DA 147 61.59 16.01 36.38
N GLY DA 148 60.29 15.95 36.31
CA GLY DA 148 59.56 14.75 36.67
C GLY DA 148 58.19 15.13 37.18
N ALA DA 149 57.27 14.18 37.10
CA ALA DA 149 55.87 14.44 37.39
C ALA DA 149 55.50 14.22 38.85
N ASN DA 150 56.45 13.86 39.71
CA ASN DA 150 56.15 13.48 41.09
C ASN DA 150 57.05 14.25 42.04
N GLU DA 151 56.88 13.96 43.34
CA GLU DA 151 57.77 14.50 44.36
C GLU DA 151 59.20 14.01 44.18
N GLY DA 152 60.14 14.86 44.58
CA GLY DA 152 61.53 14.46 44.66
C GLY DA 152 62.17 14.14 43.34
N GLN DA 153 61.47 14.38 42.23
CA GLN DA 153 62.05 14.18 40.91
C GLN DA 153 62.63 15.52 40.41
N THR DA 154 63.57 16.01 41.20
CA THR DA 154 64.14 17.34 41.02
C THR DA 154 65.64 17.24 40.77
N MET DA 155 66.21 18.36 40.37
CA MET DA 155 67.65 18.52 40.25
C MET DA 155 68.03 19.87 40.84
N SER DA 156 69.05 19.88 41.69
CA SER DA 156 69.51 21.12 42.28
C SER DA 156 70.61 21.74 41.43
N LEU DA 157 70.93 22.99 41.73
CA LEU DA 157 71.99 23.70 41.02
C LEU DA 157 72.40 24.90 41.86
N SER DA 158 73.68 25.20 41.86
CA SER DA 158 74.19 26.34 42.63
C SER DA 158 75.30 27.00 41.83
N ILE DA 159 75.05 28.21 41.36
CA ILE DA 159 76.05 28.99 40.65
C ILE DA 159 76.72 29.91 41.64
N ASN DA 160 78.04 29.87 41.69
CA ASN DA 160 78.78 30.67 42.64
C ASN DA 160 78.88 32.11 42.17
N LYS DA 161 79.24 33.00 43.10
CA LYS DA 161 79.43 34.39 42.77
C LYS DA 161 80.65 34.54 41.88
N MET DA 162 80.47 35.18 40.73
CA MET DA 162 81.51 35.24 39.70
C MET DA 162 81.80 36.67 39.31
N ASP DA 163 81.99 37.52 40.31
CA ASP DA 163 82.38 38.91 40.10
C ASP DA 163 83.86 39.07 40.39
N SER DA 164 84.37 40.28 40.13
CA SER DA 164 85.80 40.50 40.26
C SER DA 164 86.27 40.33 41.70
N GLU DA 165 85.42 40.69 42.66
CA GLU DA 165 85.79 40.50 44.05
C GLU DA 165 85.98 39.03 44.38
N SER DA 166 85.10 38.17 43.87
CA SER DA 166 85.20 36.75 44.16
C SER DA 166 86.37 36.10 43.44
N LEU DA 167 86.59 36.46 42.18
CA LEU DA 167 87.74 35.94 41.45
C LEU DA 167 89.04 36.57 41.88
N LYS DA 168 88.99 37.61 42.74
CA LYS DA 168 90.16 38.29 43.26
C LYS DA 168 90.93 39.06 42.19
N VAL DA 169 90.25 39.45 41.11
CA VAL DA 169 90.85 40.28 40.09
C VAL DA 169 90.43 41.73 40.23
N GLY DA 170 89.87 42.10 41.37
CA GLY DA 170 89.42 43.47 41.57
C GLY DA 170 88.93 43.64 42.99
N THR DA 171 88.39 44.82 43.25
CA THR DA 171 87.82 45.12 44.57
C THR DA 171 86.80 46.22 44.40
N THR DA 172 85.69 46.13 45.11
CA THR DA 172 84.56 47.02 44.93
C THR DA 172 84.39 47.86 46.19
N TYR DA 173 84.65 49.16 46.06
CA TYR DA 173 84.38 50.11 47.13
C TYR DA 173 82.98 50.65 46.96
N THR DA 174 82.28 50.84 48.08
CA THR DA 174 80.98 51.48 48.06
C THR DA 174 81.06 52.78 48.86
N ALA DA 175 80.27 53.76 48.43
CA ALA DA 175 80.32 55.08 49.03
C ALA DA 175 79.46 55.12 50.29
N ASN DA 176 80.04 55.66 51.36
CA ASN DA 176 79.30 55.80 52.59
C ASN DA 176 78.17 56.82 52.42
N ASP DA 177 77.35 56.97 53.46
CA ASP DA 177 76.14 57.76 53.34
C ASP DA 177 76.43 59.21 52.99
N ASP DA 178 77.42 59.81 53.65
CA ASP DA 178 77.85 61.17 53.36
C ASP DA 178 78.67 61.24 52.09
N GLY DA 179 79.42 60.20 51.76
CA GLY DA 179 80.28 60.21 50.59
C GLY DA 179 81.69 60.68 50.91
N SER DA 180 82.01 60.75 52.20
CA SER DA 180 83.34 61.18 52.61
C SER DA 180 84.38 60.10 52.32
N LYS DA 181 84.05 58.84 52.58
CA LYS DA 181 85.00 57.75 52.48
C LYS DA 181 84.38 56.59 51.73
N LEU DA 182 85.04 56.16 50.66
CA LEU DA 182 84.63 54.95 49.96
C LEU DA 182 84.96 53.73 50.82
N VAL DA 183 83.98 52.85 50.98
CA VAL DA 183 84.12 51.71 51.88
C VAL DA 183 83.93 50.45 51.06
N THR DA 184 84.87 49.53 51.16
CA THR DA 184 84.70 48.21 50.58
C THR DA 184 84.23 47.22 51.64
N ALA DA 185 83.74 46.08 51.18
CA ALA DA 185 83.51 44.98 52.10
C ALA DA 185 84.87 44.52 52.66
N ASP DA 186 84.86 44.12 53.93
CA ASP DA 186 86.02 43.93 54.81
C ASP DA 186 86.48 45.30 55.32
N GLY DA 187 85.96 46.40 54.77
CA GLY DA 187 86.20 47.71 55.34
C GLY DA 187 87.57 48.30 55.10
N LYS DA 188 87.90 48.62 53.86
CA LYS DA 188 89.08 49.38 53.52
C LYS DA 188 88.64 50.79 53.16
N GLU DA 189 89.18 51.77 53.87
CA GLU DA 189 88.70 53.14 53.77
C GLU DA 189 89.38 53.88 52.62
N ALA DA 190 88.66 54.86 52.08
CA ALA DA 190 89.20 55.71 51.03
C ALA DA 190 88.57 57.09 51.20
N THR DA 191 89.26 57.99 51.90
CA THR DA 191 88.70 59.28 52.23
C THR DA 191 88.85 60.26 51.08
N LEU DA 192 87.93 61.22 51.03
CA LEU DA 192 87.90 62.23 49.98
C LEU DA 192 88.78 63.45 50.25
N VAL DA 193 89.29 64.05 49.17
CA VAL DA 193 90.20 65.19 49.11
C VAL DA 193 91.41 65.11 50.03
N THR DA 194 92.11 63.98 50.01
CA THR DA 194 93.21 63.75 50.94
C THR DA 194 94.56 63.49 50.28
N LYS DA 198 97.60 67.78 49.91
CA LYS DA 198 96.41 67.77 49.06
C LYS DA 198 96.64 66.91 47.82
N GLY DA 199 97.52 67.37 46.93
CA GLY DA 199 97.84 66.64 45.73
C GLY DA 199 96.66 66.59 44.78
N PRO DA 200 96.76 65.71 43.77
CA PRO DA 200 95.61 65.52 42.87
C PRO DA 200 94.38 65.06 43.65
N ASN DA 201 93.22 65.50 43.19
CA ASN DA 201 92.01 65.38 43.98
C ASN DA 201 91.30 64.05 43.71
N GLY DA 202 90.88 63.39 44.78
CA GLY DA 202 90.18 62.12 44.66
C GLY DA 202 90.06 61.45 46.01
N TYR DA 203 89.56 60.21 45.98
CA TYR DA 203 89.38 59.42 47.19
C TYR DA 203 90.69 58.69 47.49
N TYR DA 204 91.47 59.27 48.41
CA TYR DA 204 92.75 58.67 48.71
C TYR DA 204 92.61 57.57 49.75
N ASP DA 205 93.62 56.71 49.80
CA ASP DA 205 93.68 55.55 50.66
C ASP DA 205 94.69 55.82 51.76
N ASP DA 206 94.86 54.88 52.69
CA ASP DA 206 95.75 55.06 53.83
C ASP DA 206 97.23 55.07 53.45
N ALA DA 207 97.54 54.96 52.17
CA ALA DA 207 98.92 54.99 51.72
C ALA DA 207 99.18 56.03 50.64
N ASP DA 208 98.25 56.98 50.49
CA ASP DA 208 98.37 58.13 49.60
C ASP DA 208 98.15 57.64 48.15
N LYS DA 209 98.00 56.33 47.97
CA LYS DA 209 97.64 55.80 46.66
C LYS DA 209 96.23 56.24 46.33
N LEU DA 210 96.08 57.03 45.28
CA LEU DA 210 94.75 57.41 44.82
C LEU DA 210 93.94 56.18 44.44
N VAL DA 211 92.71 56.13 44.91
CA VAL DA 211 91.79 55.04 44.61
C VAL DA 211 90.79 55.43 43.53
N TYR DA 212 90.10 56.55 43.72
CA TYR DA 212 89.18 57.06 42.73
C TYR DA 212 89.52 58.50 42.40
N GLN DA 213 89.33 58.88 41.14
CA GLN DA 213 89.59 60.23 40.67
C GLN DA 213 88.27 60.98 40.60
N ALA DA 214 87.97 61.76 41.63
CA ALA DA 214 86.79 62.60 41.63
C ALA DA 214 87.05 63.78 42.54
N ASP DA 215 86.54 64.95 42.12
CA ASP DA 215 86.68 66.17 42.91
C ASP DA 215 85.45 66.47 43.76
N SER DA 216 84.26 66.13 43.28
CA SER DA 216 83.05 66.22 44.09
C SER DA 216 82.96 65.01 45.00
N ALA DA 217 81.80 64.82 45.63
CA ALA DA 217 81.59 63.67 46.51
C ALA DA 217 80.62 62.73 45.81
N LEU DA 218 80.97 61.44 45.78
CA LEU DA 218 80.11 60.46 45.17
C LEU DA 218 78.78 60.38 45.91
N ALA DA 219 77.75 59.94 45.18
CA ALA DA 219 76.42 59.80 45.76
C ALA DA 219 76.38 58.65 46.74
N LYS DA 220 75.21 58.35 47.29
CA LYS DA 220 75.06 57.34 48.32
C LYS DA 220 74.91 55.97 47.68
N ASP DA 221 75.65 54.99 48.20
CA ASP DA 221 75.66 53.63 47.67
C ASP DA 221 76.04 53.58 46.19
N THR DA 222 77.04 54.36 45.80
CA THR DA 222 77.63 54.24 44.47
C THR DA 222 78.87 53.37 44.58
N LYS DA 223 78.88 52.27 43.84
CA LYS DA 223 79.99 51.33 43.88
C LYS DA 223 81.01 51.68 42.81
N VAL DA 224 82.28 51.59 43.17
CA VAL DA 224 83.37 51.70 42.21
C VAL DA 224 84.19 50.43 42.30
N THR DA 225 84.65 49.95 41.16
CA THR DA 225 85.46 48.74 41.09
C THR DA 225 86.86 49.12 40.63
N LYS DA 226 87.87 48.62 41.35
CA LYS DA 226 89.26 48.96 41.09
C LYS DA 226 90.01 47.67 40.80
N GLY DA 227 90.69 47.62 39.66
CA GLY DA 227 91.35 46.41 39.24
C GLY DA 227 92.49 46.01 40.14
N ILE DA 228 93.00 44.80 39.92
CA ILE DA 228 94.13 44.33 40.70
C ILE DA 228 95.35 45.16 40.35
N ASP DA 229 96.24 45.33 41.33
CA ASP DA 229 97.36 46.25 41.20
C ASP DA 229 98.37 45.72 40.20
N ILE DA 230 98.56 46.43 39.09
CA ILE DA 230 99.63 46.15 38.14
C ILE DA 230 100.52 47.35 37.91
N SER DA 231 100.20 48.50 38.49
CA SER DA 231 100.89 49.74 38.16
C SER DA 231 101.92 50.15 39.21
N SER DA 232 101.93 49.51 40.38
CA SER DA 232 102.87 49.92 41.41
C SER DA 232 104.30 49.52 41.10
N SER DA 233 104.50 48.43 40.38
CA SER DA 233 105.84 47.93 40.09
C SER DA 233 105.73 46.87 39.02
N ALA DA 234 106.90 46.42 38.55
CA ALA DA 234 106.93 45.26 37.67
C ALA DA 234 106.72 43.97 38.44
N LYS DA 235 107.19 43.90 39.69
CA LYS DA 235 106.94 42.74 40.52
C LYS DA 235 105.45 42.56 40.78
N ALA DA 236 104.75 43.66 41.04
CA ALA DA 236 103.32 43.58 41.30
C ALA DA 236 102.57 43.10 40.06
N ALA DA 237 102.96 43.57 38.88
CA ALA DA 237 102.31 43.15 37.65
C ALA DA 237 102.52 41.66 37.41
N SER DA 238 103.72 41.15 37.69
CA SER DA 238 103.96 39.72 37.59
C SER DA 238 103.10 38.95 38.59
N SER DA 239 102.98 39.48 39.81
CA SER DA 239 102.15 38.82 40.81
C SER DA 239 100.72 38.71 40.34
N ALA DA 240 100.19 39.76 39.72
CA ALA DA 240 98.83 39.73 39.20
C ALA DA 240 98.67 38.70 38.08
N LEU DA 241 99.75 38.24 37.48
CA LEU DA 241 99.63 37.27 36.40
C LEU DA 241 99.05 35.95 36.88
N THR DA 242 99.56 35.43 38.00
CA THR DA 242 99.00 34.19 38.54
C THR DA 242 97.58 34.40 39.06
N THR DA 243 97.31 35.55 39.66
CA THR DA 243 95.96 35.82 40.13
C THR DA 243 94.97 35.82 38.98
N ILE DA 244 95.34 36.42 37.85
CA ILE DA 244 94.45 36.45 36.71
C ILE DA 244 94.32 35.06 36.09
N LYS DA 245 95.43 34.35 35.93
CA LYS DA 245 95.37 33.05 35.30
C LYS DA 245 94.66 32.02 36.16
N THR DA 246 94.62 32.25 37.47
CA THR DA 246 93.83 31.40 38.35
C THR DA 246 92.35 31.73 38.23
N ALA DA 247 92.02 33.01 38.06
CA ALA DA 247 90.63 33.39 37.86
C ALA DA 247 90.06 32.77 36.59
N ILE DA 248 90.88 32.66 35.55
CA ILE DA 248 90.44 31.96 34.35
C ILE DA 248 90.16 30.49 34.67
N ASP DA 249 90.86 29.93 35.65
CA ASP DA 249 90.65 28.54 36.01
C ASP DA 249 89.35 28.35 36.78
N THR DA 250 89.03 29.27 37.69
CA THR DA 250 87.78 29.16 38.44
C THR DA 250 86.58 29.65 37.66
N VAL DA 251 86.78 30.24 36.49
CA VAL DA 251 85.67 30.51 35.59
C VAL DA 251 85.42 29.32 34.68
N SER DA 252 86.48 28.68 34.19
CA SER DA 252 86.31 27.46 33.42
C SER DA 252 85.65 26.37 34.24
N SER DA 253 85.95 26.31 35.53
CA SER DA 253 85.29 25.34 36.40
C SER DA 253 83.80 25.62 36.50
N GLU DA 254 83.42 26.89 36.60
CA GLU DA 254 82.00 27.23 36.69
C GLU DA 254 81.29 26.98 35.38
N ARG DA 255 81.95 27.28 34.25
CA ARG DA 255 81.29 27.11 32.97
C ARG DA 255 80.93 25.67 32.68
N ALA DA 256 81.82 24.73 33.02
CA ALA DA 256 81.51 23.33 32.78
C ALA DA 256 80.78 22.66 33.92
N LYS DA 257 80.69 23.30 35.08
CA LYS DA 257 79.68 22.89 36.05
C LYS DA 257 78.29 23.21 35.55
N LEU DA 258 78.15 24.19 34.67
CA LEU DA 258 76.89 24.52 34.05
C LEU DA 258 76.70 23.86 32.69
N GLY DA 259 77.78 23.47 32.04
CA GLY DA 259 77.65 22.74 30.80
C GLY DA 259 77.36 21.28 31.07
N ALA DA 260 77.77 20.80 32.24
CA ALA DA 260 77.45 19.43 32.63
C ALA DA 260 75.98 19.29 32.94
N VAL DA 261 75.39 20.27 33.63
CA VAL DA 261 73.97 20.24 33.93
C VAL DA 261 73.15 20.35 32.66
N GLN DA 262 73.60 21.18 31.72
CA GLN DA 262 72.84 21.35 30.48
C GLN DA 262 72.88 20.09 29.64
N ASN DA 263 74.01 19.40 29.62
CA ASN DA 263 74.07 18.12 28.92
C ASN DA 263 73.13 17.11 29.55
N ARG DA 264 73.07 17.08 30.88
CA ARG DA 264 72.15 16.17 31.56
C ARG DA 264 70.70 16.52 31.22
N LEU DA 265 70.37 17.81 31.24
CA LEU DA 265 69.00 18.22 30.96
C LEU DA 265 68.60 17.95 29.52
N GLU DA 266 69.56 17.82 28.61
CA GLU DA 266 69.23 17.42 27.26
C GLU DA 266 68.88 15.95 27.17
N HIS DA 267 69.51 15.12 28.00
CA HIS DA 267 69.13 13.72 28.09
C HIS DA 267 67.81 13.55 28.83
N THR DA 268 67.58 14.36 29.86
CA THR DA 268 66.32 14.29 30.58
C THR DA 268 65.14 14.66 29.70
N ILE DA 269 65.33 15.52 28.71
CA ILE DA 269 64.24 15.91 27.85
C ILE DA 269 63.86 14.81 26.88
N ASN DA 270 64.85 14.14 26.28
CA ASN DA 270 64.55 13.02 25.39
C ASN DA 270 63.87 11.90 26.14
N ASN DA 271 64.28 11.64 27.38
CA ASN DA 271 63.66 10.57 28.14
C ASN DA 271 62.27 10.95 28.62
N LEU DA 272 62.04 12.22 28.95
CA LEU DA 272 60.70 12.65 29.29
C LEU DA 272 59.79 12.65 28.08
N GLY DA 273 60.31 13.03 26.92
CA GLY DA 273 59.52 12.97 25.70
C GLY DA 273 59.20 11.56 25.27
N THR DA 274 60.15 10.64 25.43
CA THR DA 274 59.87 9.24 25.10
C THR DA 274 58.87 8.62 26.05
N SER DA 275 58.92 8.99 27.33
CA SER DA 275 57.99 8.43 28.30
C SER DA 275 56.58 9.00 28.17
N SER DA 276 56.41 10.12 27.49
CA SER DA 276 55.06 10.60 27.22
C SER DA 276 54.42 9.84 26.07
N GLU DA 277 55.17 9.58 25.01
CA GLU DA 277 54.64 8.79 23.91
C GLU DA 277 54.28 7.38 24.36
N ASN DA 278 55.16 6.76 25.14
CA ASN DA 278 54.90 5.40 25.60
C ASN DA 278 53.71 5.36 26.54
N LEU DA 279 53.45 6.43 27.28
CA LEU DA 279 52.30 6.48 28.15
C LEU DA 279 51.06 7.00 27.46
N THR DA 280 51.23 7.91 26.49
CA THR DA 280 50.08 8.34 25.70
C THR DA 280 49.50 7.19 24.91
N SER DA 281 50.37 6.39 24.29
CA SER DA 281 49.90 5.20 23.58
C SER DA 281 49.31 4.20 24.55
N ALA DA 282 49.90 4.06 25.74
CA ALA DA 282 49.37 3.14 26.74
C ALA DA 282 47.99 3.57 27.20
N GLU DA 283 47.78 4.87 27.40
CA GLU DA 283 46.49 5.36 27.85
C GLU DA 283 45.45 5.32 26.75
N SER DA 284 45.86 5.51 25.50
CA SER DA 284 44.90 5.46 24.40
C SER DA 284 44.31 4.07 24.25
N ARG DA 285 45.11 3.03 24.40
CA ARG DA 285 44.59 1.67 24.32
C ARG DA 285 43.58 1.39 25.42
N ILE DA 286 43.82 1.92 26.62
CA ILE DA 286 42.90 1.70 27.72
C ILE DA 286 41.63 2.51 27.55
N ARG DA 287 41.75 3.75 27.10
CA ARG DA 287 40.65 4.71 27.15
C ARG DA 287 39.96 4.91 25.80
N ASP DA 288 40.72 5.15 24.74
CA ASP DA 288 40.12 5.45 23.45
C ASP DA 288 39.43 4.22 22.88
N VAL DA 289 38.41 4.47 22.07
CA VAL DA 289 37.61 3.41 21.48
C VAL DA 289 38.19 3.06 20.12
N ASP DA 290 37.96 1.84 19.67
CA ASP DA 290 38.33 1.42 18.33
C ASP DA 290 37.17 1.75 17.40
N MET DA 291 37.40 2.69 16.49
CA MET DA 291 36.32 3.17 15.63
C MET DA 291 35.74 2.04 14.79
N ALA DA 292 36.60 1.18 14.24
CA ALA DA 292 36.13 0.10 13.39
C ALA DA 292 35.31 -0.91 14.19
N SER DA 293 35.85 -1.38 15.30
CA SER DA 293 35.18 -2.40 16.09
C SER DA 293 33.94 -1.88 16.78
N GLU DA 294 33.75 -0.57 16.85
CA GLU DA 294 32.59 0.02 17.50
C GLU DA 294 31.50 0.41 16.52
N MET DA 295 31.88 0.93 15.35
CA MET DA 295 30.88 1.22 14.31
C MET DA 295 30.23 -0.06 13.85
N MET DA 296 31.00 -1.13 13.70
CA MET DA 296 30.45 -2.42 13.31
C MET DA 296 29.51 -2.96 14.38
N GLU DA 297 29.79 -2.70 15.65
CA GLU DA 297 28.90 -3.16 16.71
C GLU DA 297 27.67 -2.28 16.82
N TYR DA 298 27.82 -0.98 16.55
CA TYR DA 298 26.67 -0.08 16.58
C TYR DA 298 25.66 -0.47 15.51
N THR DA 299 26.14 -0.80 14.31
CA THR DA 299 25.24 -1.20 13.24
C THR DA 299 24.48 -2.46 13.58
N LYS DA 300 25.10 -3.39 14.30
CA LYS DA 300 24.42 -4.63 14.66
C LYS DA 300 23.21 -4.34 15.54
N ASN DA 301 23.42 -3.63 16.66
CA ASN DA 301 22.29 -3.30 17.52
C ASN DA 301 21.31 -2.37 16.84
N ASN DA 302 21.77 -1.58 15.87
CA ASN DA 302 20.87 -0.74 15.11
C ASN DA 302 19.99 -1.56 14.16
N ILE DA 303 20.37 -2.79 13.87
CA ILE DA 303 19.52 -3.68 13.09
C ILE DA 303 18.65 -4.54 13.98
N LEU DA 304 19.20 -5.04 15.09
CA LEU DA 304 18.43 -5.85 16.02
C LEU DA 304 17.24 -5.10 16.58
N THR DA 305 17.31 -3.77 16.68
CA THR DA 305 16.16 -2.99 17.10
C THR DA 305 15.13 -2.83 16.00
N GLN DA 306 15.56 -2.80 14.74
CA GLN DA 306 14.60 -2.77 13.64
C GLN DA 306 13.94 -4.12 13.43
N ALA DA 307 14.68 -5.21 13.67
CA ALA DA 307 14.06 -6.53 13.63
C ALA DA 307 12.99 -6.67 14.69
N SER DA 308 13.26 -6.18 15.91
CA SER DA 308 12.25 -6.19 16.95
C SER DA 308 11.13 -5.21 16.63
N GLN DA 309 11.47 -4.08 16.01
CA GLN DA 309 10.44 -3.14 15.58
C GLN DA 309 9.51 -3.77 14.56
N ALA DA 310 10.07 -4.50 13.58
CA ALA DA 310 9.25 -5.12 12.56
C ALA DA 310 8.33 -6.18 13.13
N MET DA 311 8.84 -6.99 14.05
CA MET DA 311 8.02 -8.06 14.62
C MET DA 311 7.02 -7.55 15.65
N LEU DA 312 7.30 -6.41 16.28
CA LEU DA 312 6.32 -5.82 17.20
C LEU DA 312 5.06 -5.43 16.46
N ALA DA 313 5.19 -4.90 15.24
CA ALA DA 313 4.02 -4.55 14.46
C ALA DA 313 3.14 -5.76 14.18
N GLN DA 314 3.77 -6.88 13.82
CA GLN DA 314 3.00 -8.10 13.54
C GLN DA 314 2.45 -8.69 14.83
N ALA DA 315 3.16 -8.52 15.95
CA ALA DA 315 2.67 -9.06 17.22
C ALA DA 315 1.35 -8.42 17.62
N ASN DA 316 1.14 -7.16 17.26
CA ASN DA 316 -0.13 -6.50 17.57
C ASN DA 316 -1.24 -6.94 16.63
N GLN DA 317 -0.90 -7.37 15.42
CA GLN DA 317 -1.93 -7.77 14.46
C GLN DA 317 -2.55 -9.12 14.84
N GLN DA 318 -1.78 -9.98 15.49
CA GLN DA 318 -2.27 -11.32 15.81
C GLN DA 318 -3.53 -11.33 16.67
N PRO DA 319 -3.65 -10.53 17.73
CA PRO DA 319 -4.92 -10.55 18.50
C PRO DA 319 -6.11 -10.02 17.71
N GLN DA 320 -5.88 -9.32 16.61
CA GLN DA 320 -6.97 -8.72 15.85
C GLN DA 320 -7.81 -9.75 15.09
N GLN DA 321 -7.38 -11.01 15.04
CA GLN DA 321 -8.07 -12.02 14.24
C GLN DA 321 -9.20 -12.70 14.98
N VAL DA 322 -9.37 -12.45 16.28
CA VAL DA 322 -10.47 -13.07 17.00
C VAL DA 322 -11.79 -12.38 16.73
N LEU DA 323 -11.76 -11.15 16.19
CA LEU DA 323 -13.00 -10.44 15.91
C LEU DA 323 -13.81 -11.12 14.82
N GLN DA 324 -13.14 -11.65 13.79
CA GLN DA 324 -13.84 -12.39 12.74
C GLN DA 324 -14.46 -13.67 13.27
N LEU DA 325 -13.91 -14.23 14.35
CA LEU DA 325 -14.49 -15.39 14.99
C LEU DA 325 -15.63 -15.04 15.92
N LEU DA 326 -15.56 -13.87 16.56
CA LEU DA 326 -16.57 -13.48 17.54
C LEU DA 326 -17.90 -13.10 16.91
N LYS DA 327 -17.91 -12.78 15.62
CA LYS DA 327 -19.15 -12.44 14.93
C LYS DA 327 -19.78 -13.68 14.31
N MET EA 1 -2.30 -27.28 -2.79
CA MET EA 1 -1.60 -26.30 -1.97
C MET EA 1 -1.31 -26.84 -0.58
N ARG EA 2 -0.06 -27.23 -0.35
CA ARG EA 2 0.37 -27.74 0.95
C ARG EA 2 0.96 -26.61 1.76
N ILE EA 3 0.49 -26.45 2.99
CA ILE EA 3 0.80 -25.28 3.81
C ILE EA 3 1.86 -25.59 4.86
N ASN EA 4 1.85 -26.80 5.41
CA ASN EA 4 2.76 -27.12 6.51
C ASN EA 4 4.22 -27.07 6.11
N HIS EA 5 4.54 -27.06 4.82
CA HIS EA 5 5.92 -26.99 4.38
C HIS EA 5 5.98 -26.16 3.12
N ASN EA 6 6.90 -25.20 3.08
CA ASN EA 6 7.10 -24.33 1.93
C ASN EA 6 8.43 -24.72 1.30
N ILE EA 7 8.38 -25.71 0.41
CA ILE EA 7 9.60 -26.21 -0.22
C ILE EA 7 10.22 -25.14 -1.10
N ALA EA 8 9.40 -24.28 -1.69
CA ALA EA 8 9.94 -23.19 -2.50
C ALA EA 8 10.78 -22.24 -1.67
N ALA EA 9 10.31 -21.90 -0.47
CA ALA EA 9 11.08 -21.04 0.41
C ALA EA 9 12.23 -21.79 1.07
N LEU EA 10 12.01 -23.06 1.41
CA LEU EA 10 13.08 -23.85 2.02
C LEU EA 10 14.23 -24.06 1.04
N ASN EA 11 13.94 -24.23 -0.24
CA ASN EA 11 14.99 -24.36 -1.25
C ASN EA 11 15.71 -23.03 -1.44
N THR EA 12 14.98 -21.92 -1.42
CA THR EA 12 15.61 -20.61 -1.58
C THR EA 12 16.50 -20.27 -0.39
N SER EA 13 16.17 -20.77 0.80
CA SER EA 13 17.01 -20.52 1.96
C SER EA 13 18.40 -21.12 1.78
N ARG EA 14 18.49 -22.33 1.24
CA ARG EA 14 19.79 -22.96 1.04
C ARG EA 14 20.63 -22.18 0.06
N GLN EA 15 20.04 -21.71 -1.04
CA GLN EA 15 20.78 -20.86 -1.96
C GLN EA 15 21.13 -19.53 -1.33
N LEU EA 16 20.32 -19.06 -0.37
CA LEU EA 16 20.67 -17.86 0.37
C LEU EA 16 21.89 -18.10 1.25
N ASN EA 17 21.91 -19.22 1.98
CA ASN EA 17 23.12 -19.59 2.72
C ASN EA 17 24.06 -20.42 1.88
N ALA EA 18 24.29 -20.00 0.64
CA ALA EA 18 25.36 -20.52 -0.19
C ALA EA 18 26.07 -19.45 -1.00
N GLY EA 19 25.47 -18.27 -1.17
CA GLY EA 19 26.11 -17.16 -1.81
C GLY EA 19 26.63 -16.22 -0.74
N SER EA 20 25.99 -16.23 0.43
CA SER EA 20 26.53 -15.51 1.56
C SER EA 20 27.86 -16.11 2.01
N ASN EA 21 27.95 -17.44 2.05
CA ASN EA 21 29.21 -18.08 2.39
C ASN EA 21 30.29 -17.76 1.37
N ALA EA 22 29.93 -17.80 0.09
CA ALA EA 22 30.91 -17.48 -0.95
C ALA EA 22 31.35 -16.03 -0.86
N ALA EA 23 30.42 -15.12 -0.60
CA ALA EA 23 30.80 -13.72 -0.45
C ALA EA 23 31.68 -13.51 0.77
N SER EA 24 31.40 -14.21 1.87
CA SER EA 24 32.26 -14.12 3.05
C SER EA 24 33.66 -14.63 2.74
N LYS EA 25 33.76 -15.74 2.01
CA LYS EA 25 35.07 -16.25 1.64
C LYS EA 25 35.79 -15.29 0.71
N ASN EA 26 35.06 -14.64 -0.20
CA ASN EA 26 35.68 -13.69 -1.11
C ASN EA 26 36.16 -12.45 -0.37
N MET EA 27 35.43 -12.02 0.66
CA MET EA 27 35.83 -10.84 1.40
C MET EA 27 37.01 -11.10 2.32
N GLU EA 28 37.21 -12.34 2.75
CA GLU EA 28 38.42 -12.68 3.49
C GLU EA 28 39.65 -12.44 2.62
N LYS EA 29 39.60 -12.89 1.38
CA LYS EA 29 40.73 -12.70 0.48
C LYS EA 29 40.94 -11.22 0.18
N LEU EA 30 39.86 -10.48 -0.03
CA LEU EA 30 39.99 -9.08 -0.39
C LEU EA 30 40.57 -8.26 0.76
N SER EA 31 40.15 -8.54 1.99
CA SER EA 31 40.66 -7.81 3.13
C SER EA 31 42.12 -8.15 3.39
N SER EA 32 42.45 -9.44 3.44
CA SER EA 32 43.81 -9.85 3.76
C SER EA 32 44.76 -9.68 2.59
N GLY EA 33 44.26 -9.77 1.37
CA GLY EA 33 45.11 -9.72 0.20
C GLY EA 33 45.77 -11.03 -0.15
N LEU EA 34 45.36 -12.13 0.46
CA LEU EA 34 45.97 -13.44 0.26
C LEU EA 34 44.95 -14.43 -0.26
N ARG EA 35 45.35 -15.20 -1.28
CA ARG EA 35 44.49 -16.28 -1.77
C ARG EA 35 44.30 -17.34 -0.70
N ILE EA 36 45.39 -17.73 -0.04
CA ILE EA 36 45.39 -18.85 0.90
C ILE EA 36 45.44 -18.27 2.30
N ASN EA 37 44.28 -18.17 2.94
CA ASN EA 37 44.21 -17.81 4.35
C ASN EA 37 44.21 -19.07 5.20
N ARG EA 38 43.22 -19.94 4.99
CA ARG EA 38 43.19 -21.27 5.60
C ARG EA 38 43.96 -22.25 4.72
N ALA EA 39 44.25 -23.41 5.30
CA ALA EA 39 44.92 -24.45 4.54
C ALA EA 39 44.00 -25.17 3.57
N GLY EA 40 42.68 -24.96 3.70
CA GLY EA 40 41.75 -25.59 2.79
C GLY EA 40 41.61 -24.91 1.45
N ASP EA 41 42.12 -23.69 1.31
CA ASP EA 41 42.09 -23.03 0.01
C ASP EA 41 43.11 -23.60 -0.95
N ASP EA 42 44.29 -23.97 -0.45
CA ASP EA 42 45.29 -24.68 -1.26
C ASP EA 42 46.24 -25.39 -0.31
N ALA EA 43 46.16 -26.72 -0.26
CA ALA EA 43 47.07 -27.48 0.58
C ALA EA 43 48.50 -27.38 0.06
N ALA EA 44 48.69 -27.69 -1.22
CA ALA EA 44 50.02 -27.55 -1.82
C ALA EA 44 50.43 -26.09 -1.91
N GLY EA 45 49.47 -25.18 -2.10
CA GLY EA 45 49.79 -23.77 -2.08
C GLY EA 45 50.28 -23.31 -0.73
N LEU EA 46 49.64 -23.79 0.34
CA LEU EA 46 50.13 -23.49 1.68
C LEU EA 46 51.51 -24.07 1.91
N ALA EA 47 51.73 -25.32 1.50
CA ALA EA 47 53.02 -25.96 1.73
C ALA EA 47 54.14 -25.25 0.97
N ILE EA 48 53.91 -24.94 -0.30
CA ILE EA 48 54.93 -24.30 -1.13
C ILE EA 48 55.23 -22.91 -0.60
N SER EA 49 54.18 -22.18 -0.20
CA SER EA 49 54.35 -20.82 0.26
C SER EA 49 55.28 -20.76 1.47
N GLU EA 50 55.04 -21.59 2.47
CA GLU EA 50 55.83 -21.56 3.69
C GLU EA 50 57.29 -21.88 3.42
N LYS EA 51 57.55 -22.88 2.57
CA LYS EA 51 58.91 -23.13 2.14
C LYS EA 51 59.48 -21.89 1.47
N MET EA 52 58.69 -21.26 0.61
CA MET EA 52 59.13 -20.07 -0.09
C MET EA 52 59.43 -18.92 0.87
N ARG EA 53 58.50 -18.62 1.78
CA ARG EA 53 58.71 -17.55 2.74
C ARG EA 53 59.96 -17.79 3.57
N SER EA 54 60.11 -19.03 4.06
CA SER EA 54 61.29 -19.40 4.83
C SER EA 54 62.56 -19.13 4.05
N GLN EA 55 62.54 -19.46 2.76
CA GLN EA 55 63.70 -19.24 1.92
C GLN EA 55 63.92 -17.75 1.65
N ILE EA 56 62.84 -17.01 1.40
CA ILE EA 56 62.97 -15.59 1.11
C ILE EA 56 63.49 -14.84 2.32
N ARG EA 57 62.93 -15.11 3.50
CA ARG EA 57 63.44 -14.47 4.70
C ARG EA 57 64.82 -14.99 5.09
N GLY EA 58 65.30 -16.06 4.46
CA GLY EA 58 66.64 -16.52 4.67
C GLY EA 58 67.63 -15.84 3.75
N LEU EA 59 67.28 -15.70 2.47
CA LEU EA 59 68.18 -15.04 1.54
C LEU EA 59 68.30 -13.55 1.83
N ASP EA 60 67.24 -12.91 2.31
CA ASP EA 60 67.36 -11.50 2.65
C ASP EA 60 68.13 -11.31 3.94
N MET EA 61 68.13 -12.32 4.82
CA MET EA 61 68.96 -12.26 6.01
C MET EA 61 70.39 -12.74 5.73
N ALA EA 62 70.54 -13.77 4.90
CA ALA EA 62 71.86 -14.17 4.46
C ALA EA 62 72.53 -13.12 3.60
N SER EA 63 71.77 -12.17 3.06
CA SER EA 63 72.36 -11.00 2.42
C SER EA 63 72.88 -9.99 3.42
N LYS EA 64 72.34 -9.99 4.64
CA LYS EA 64 72.93 -9.17 5.70
C LYS EA 64 74.23 -9.78 6.19
N ASN EA 65 74.26 -11.10 6.34
CA ASN EA 65 75.49 -11.78 6.75
C ASN EA 65 76.59 -11.56 5.73
N ALA EA 66 76.26 -11.64 4.44
CA ALA EA 66 77.25 -11.39 3.41
C ALA EA 66 77.78 -9.96 3.48
N GLN EA 67 76.92 -9.01 3.86
CA GLN EA 67 77.38 -7.63 3.97
C GLN EA 67 78.02 -7.34 5.31
N ASP EA 68 77.69 -8.09 6.35
CA ASP EA 68 78.43 -7.99 7.61
C ASP EA 68 79.78 -8.69 7.53
N GLY EA 69 80.02 -9.48 6.49
CA GLY EA 69 81.32 -10.06 6.26
C GLY EA 69 82.13 -9.16 5.36
N ILE EA 70 81.45 -8.41 4.50
CA ILE EA 70 82.14 -7.41 3.69
C ILE EA 70 82.71 -6.32 4.58
N SER EA 71 81.98 -5.95 5.63
CA SER EA 71 82.48 -4.95 6.57
C SER EA 71 83.63 -5.50 7.40
N LEU EA 72 83.52 -6.76 7.84
CA LEU EA 72 84.60 -7.36 8.61
C LEU EA 72 85.87 -7.48 7.79
N ILE EA 73 85.74 -7.63 6.48
CA ILE EA 73 86.90 -7.78 5.62
C ILE EA 73 87.48 -6.44 5.21
N GLN EA 74 86.62 -5.45 5.00
CA GLN EA 74 87.11 -4.10 4.71
C GLN EA 74 87.92 -3.55 5.87
N THR EA 75 87.51 -3.88 7.10
CA THR EA 75 88.26 -3.42 8.27
C THR EA 75 89.66 -4.01 8.30
N SER EA 76 89.79 -5.29 7.97
CA SER EA 76 91.11 -5.93 8.01
C SER EA 76 92.03 -5.36 6.95
N GLU EA 77 91.58 -5.31 5.70
CA GLU EA 77 92.44 -4.78 4.65
C GLU EA 77 92.63 -3.29 4.80
N GLY EA 78 91.67 -2.59 5.37
CA GLY EA 78 91.89 -1.20 5.72
C GLY EA 78 93.01 -1.03 6.71
N ALA EA 79 93.13 -1.95 7.65
CA ALA EA 79 94.23 -1.91 8.61
C ALA EA 79 95.56 -2.24 7.94
N LEU EA 80 95.60 -3.33 7.12
CA LEU EA 80 96.83 -3.65 6.41
C LEU EA 80 97.20 -2.60 5.39
N ASN EA 81 96.29 -1.71 5.04
CA ASN EA 81 96.67 -0.59 4.19
C ASN EA 81 97.75 0.24 4.84
N GLU EA 82 97.80 0.29 6.16
CA GLU EA 82 98.80 1.08 6.86
C GLU EA 82 100.03 0.28 7.20
N THR EA 83 99.90 -1.00 7.48
CA THR EA 83 101.09 -1.82 7.58
C THR EA 83 101.91 -1.77 6.32
N HIS EA 84 101.30 -1.48 5.19
CA HIS EA 84 102.08 -1.28 3.99
C HIS EA 84 102.87 0.01 4.04
N SER EA 85 102.27 1.08 4.54
CA SER EA 85 102.97 2.36 4.57
C SER EA 85 104.06 2.36 5.61
N ILE EA 86 103.82 1.70 6.71
CA ILE EA 86 104.87 1.61 7.71
C ILE EA 86 106.02 0.77 7.21
N LEU EA 87 105.71 -0.36 6.58
CA LEU EA 87 106.76 -1.18 5.99
C LEU EA 87 107.47 -0.46 4.86
N GLN EA 88 106.77 0.44 4.17
CA GLN EA 88 107.39 1.19 3.09
C GLN EA 88 108.37 2.22 3.63
N ARG EA 89 107.96 2.95 4.67
CA ARG EA 89 108.88 3.87 5.35
C ARG EA 89 109.99 3.10 6.03
N MET EA 90 109.67 1.93 6.59
CA MET EA 90 110.67 1.13 7.27
C MET EA 90 111.74 0.64 6.33
N SER EA 91 111.49 0.66 5.03
CA SER EA 91 112.48 0.26 4.04
C SER EA 91 113.39 1.39 3.61
N GLU EA 92 112.95 2.64 3.73
CA GLU EA 92 113.86 3.76 3.53
C GLU EA 92 114.87 3.86 4.67
N LEU EA 93 114.45 3.57 5.89
CA LEU EA 93 115.41 3.50 6.98
C LEU EA 93 116.12 2.17 7.01
N ALA EA 94 116.50 1.66 5.84
CA ALA EA 94 117.52 0.63 5.72
C ALA EA 94 118.40 0.85 4.51
N THR EA 95 117.96 1.65 3.54
CA THR EA 95 118.82 2.10 2.47
C THR EA 95 119.64 3.30 2.92
N GLN EA 96 119.13 4.06 3.88
CA GLN EA 96 119.89 5.15 4.46
C GLN EA 96 120.88 4.63 5.50
N ALA EA 97 120.48 3.61 6.26
CA ALA EA 97 121.36 3.04 7.27
C ALA EA 97 122.45 2.17 6.67
N ALA EA 98 122.29 1.72 5.42
CA ALA EA 98 123.30 0.91 4.78
C ALA EA 98 124.46 1.72 4.23
N ASN EA 99 124.24 3.01 3.97
CA ASN EA 99 125.33 3.87 3.53
C ASN EA 99 126.36 4.02 4.63
N ASP EA 100 127.64 4.06 4.24
CA ASP EA 100 128.72 4.09 5.21
C ASP EA 100 129.22 5.49 5.51
N THR EA 101 128.53 6.52 5.03
CA THR EA 101 128.76 7.86 5.55
C THR EA 101 128.09 8.06 6.90
N ASN EA 102 127.12 7.23 7.24
CA ASN EA 102 126.55 7.23 8.57
C ASN EA 102 127.55 6.71 9.58
N THR EA 103 127.46 7.20 10.80
CA THR EA 103 128.19 6.63 11.91
C THR EA 103 127.25 5.85 12.81
N ASP EA 104 127.81 5.09 13.74
CA ASP EA 104 126.98 4.32 14.65
C ASP EA 104 126.11 5.24 15.51
N SER EA 105 126.58 6.46 15.76
CA SER EA 105 125.75 7.44 16.45
C SER EA 105 124.51 7.80 15.64
N ASP EA 106 124.56 7.61 14.32
CA ASP EA 106 123.45 7.94 13.44
C ASP EA 106 122.69 6.72 12.95
N ARG EA 107 123.34 5.56 12.86
CA ARG EA 107 122.59 4.34 12.63
C ARG EA 107 121.70 4.02 13.82
N SER EA 108 122.26 4.13 15.03
CA SER EA 108 121.44 3.98 16.23
C SER EA 108 120.43 5.11 16.33
N GLU EA 109 120.69 6.20 15.62
CA GLU EA 109 119.72 7.30 15.60
C GLU EA 109 118.53 6.92 14.74
N LEU EA 110 118.79 6.24 13.62
CA LEU EA 110 117.73 5.71 12.78
C LEU EA 110 117.00 4.57 13.47
N GLN EA 111 117.71 3.79 14.29
CA GLN EA 111 117.08 2.68 14.99
C GLN EA 111 115.96 3.14 15.89
N LYS EA 112 115.99 4.40 16.33
CA LYS EA 112 114.91 4.91 17.17
C LYS EA 112 113.59 4.88 16.43
N GLU EA 113 113.58 5.28 15.15
CA GLU EA 113 112.36 5.18 14.37
C GLU EA 113 112.11 3.75 13.90
N MET EA 114 113.16 2.96 13.72
CA MET EA 114 113.01 1.55 13.42
C MET EA 114 112.16 0.87 14.49
N ASP EA 115 112.52 1.06 15.76
CA ASP EA 115 111.78 0.44 16.84
C ASP EA 115 110.40 1.07 17.04
N GLN EA 116 110.21 2.30 16.62
CA GLN EA 116 108.91 2.93 16.76
C GLN EA 116 107.96 2.56 15.63
N LEU EA 117 108.49 2.33 14.43
CA LEU EA 117 107.66 1.83 13.35
C LEU EA 117 107.30 0.37 13.58
N ALA EA 118 108.27 -0.45 13.98
CA ALA EA 118 107.99 -1.86 14.25
C ALA EA 118 107.04 -2.04 15.41
N SER EA 119 107.00 -1.10 16.34
CA SER EA 119 106.06 -1.16 17.45
C SER EA 119 104.68 -0.69 17.06
N GLU EA 120 104.54 -0.01 15.94
CA GLU EA 120 103.24 0.39 15.42
C GLU EA 120 102.63 -0.70 14.54
N VAL EA 121 103.46 -1.43 13.81
CA VAL EA 121 102.99 -2.60 13.08
C VAL EA 121 102.35 -3.60 14.03
N THR EA 122 102.97 -3.80 15.19
CA THR EA 122 102.39 -4.69 16.19
C THR EA 122 101.10 -4.14 16.77
N ARG EA 123 101.01 -2.81 16.93
CA ARG EA 123 99.79 -2.24 17.48
C ARG EA 123 98.61 -2.48 16.57
N ILE EA 124 98.80 -2.32 15.26
CA ILE EA 124 97.70 -2.51 14.32
C ILE EA 124 97.17 -3.93 14.39
N SER EA 125 98.07 -4.89 14.56
CA SER EA 125 97.63 -6.29 14.64
C SER EA 125 96.79 -6.53 15.89
N THR EA 126 97.26 -6.07 17.04
CA THR EA 126 96.56 -6.33 18.29
C THR EA 126 95.42 -5.38 18.56
N ASP EA 127 95.32 -4.27 17.84
CA ASP EA 127 94.26 -3.30 18.09
C ASP EA 127 93.13 -3.37 17.08
N THR EA 128 93.41 -3.78 15.84
CA THR EA 128 92.36 -3.86 14.84
C THR EA 128 91.31 -4.85 15.29
N GLU EA 129 90.09 -4.36 15.48
CA GLU EA 129 89.04 -5.15 16.09
C GLU EA 129 87.70 -4.78 15.48
N PHE EA 130 87.09 -5.73 14.78
CA PHE EA 130 85.72 -5.61 14.34
C PHE EA 130 84.83 -6.31 15.35
N ASN EA 131 83.73 -5.65 15.73
CA ASN EA 131 82.83 -6.17 16.76
C ASN EA 131 83.72 -6.31 17.99
N THR EA 132 83.88 -7.50 18.55
CA THR EA 132 84.87 -7.74 19.60
C THR EA 132 85.88 -8.82 19.19
N LYS EA 133 86.21 -8.86 17.90
CA LYS EA 133 87.09 -9.87 17.35
C LYS EA 133 88.38 -9.22 16.89
N LYS EA 134 89.50 -9.73 17.37
CA LYS EA 134 90.80 -9.28 16.91
C LYS EA 134 91.10 -9.98 15.59
N LEU EA 135 91.18 -9.22 14.51
CA LEU EA 135 91.27 -9.81 13.19
C LEU EA 135 92.69 -10.21 12.82
N LEU EA 136 93.66 -9.33 13.06
CA LEU EA 136 95.00 -9.51 12.53
C LEU EA 136 95.96 -10.12 13.53
N ASP EA 137 95.47 -10.63 14.66
CA ASP EA 137 96.35 -11.23 15.66
C ASP EA 137 96.43 -12.75 15.56
N GLY EA 138 95.92 -13.31 14.46
CA GLY EA 138 96.02 -14.73 14.24
C GLY EA 138 94.94 -15.56 14.91
N THR EA 139 93.98 -14.93 15.58
CA THR EA 139 92.89 -15.66 16.21
C THR EA 139 91.63 -15.73 15.34
N ALA EA 140 91.53 -14.88 14.33
CA ALA EA 140 90.38 -14.90 13.42
C ALA EA 140 90.64 -15.94 12.34
N GLN EA 141 90.36 -17.18 12.68
CA GLN EA 141 90.52 -18.31 11.77
C GLN EA 141 89.21 -19.05 11.65
N ASN EA 142 88.95 -19.61 10.47
CA ASN EA 142 87.76 -20.41 10.22
C ASN EA 142 86.49 -19.58 10.38
N LEU EA 143 86.59 -18.29 10.07
CA LEU EA 143 85.42 -17.42 10.12
C LEU EA 143 84.41 -17.87 9.08
N THR EA 144 83.26 -18.33 9.55
CA THR EA 144 82.24 -18.91 8.69
C THR EA 144 81.11 -17.90 8.50
N PHE EA 145 80.93 -17.44 7.28
CA PHE EA 145 79.81 -16.57 6.94
C PHE EA 145 78.71 -17.42 6.31
N GLN EA 146 77.52 -17.36 6.90
CA GLN EA 146 76.38 -18.08 6.35
C GLN EA 146 75.83 -17.26 5.21
N ILE EA 147 76.42 -17.44 4.02
CA ILE EA 147 75.91 -16.80 2.82
C ILE EA 147 74.97 -17.78 2.12
N GLY EA 148 73.74 -17.83 2.59
CA GLY EA 148 72.78 -18.79 2.09
C GLY EA 148 71.79 -19.13 3.18
N ALA EA 149 70.62 -19.60 2.76
CA ALA EA 149 69.51 -19.81 3.67
C ALA EA 149 69.49 -21.21 4.27
N ASN EA 150 70.46 -22.07 3.96
CA ASN EA 150 70.41 -23.46 4.37
C ASN EA 150 71.72 -23.85 5.03
N GLU EA 151 71.81 -25.13 5.42
CA GLU EA 151 73.06 -25.68 5.92
C GLU EA 151 74.14 -25.68 4.87
N GLY EA 152 75.39 -25.55 5.32
CA GLY EA 152 76.54 -25.72 4.46
C GLY EA 152 76.67 -24.69 3.37
N GLN EA 153 75.84 -23.66 3.38
CA GLN EA 153 75.94 -22.57 2.42
C GLN EA 153 76.79 -21.46 3.02
N THR EA 154 78.01 -21.82 3.37
CA THR EA 154 78.91 -20.97 4.12
C THR EA 154 80.18 -20.72 3.31
N MET EA 155 80.96 -19.76 3.80
CA MET EA 155 82.29 -19.49 3.28
C MET EA 155 83.24 -19.32 4.46
N SER EA 156 84.38 -19.98 4.40
CA SER EA 156 85.37 -19.84 5.46
C SER EA 156 86.36 -18.72 5.13
N LEU EA 157 87.14 -18.35 6.13
CA LEU EA 157 88.14 -17.31 5.97
C LEU EA 157 89.13 -17.41 7.12
N SER EA 158 90.41 -17.17 6.83
CA SER EA 158 91.43 -17.24 7.86
C SER EA 158 92.45 -16.16 7.58
N ILE EA 159 92.50 -15.16 8.45
CA ILE EA 159 93.48 -14.09 8.36
C ILE EA 159 94.67 -14.45 9.25
N ASN EA 160 95.87 -14.43 8.68
CA ASN EA 160 97.04 -14.81 9.43
C ASN EA 160 97.49 -13.68 10.35
N LYS EA 161 98.34 -14.02 11.30
CA LYS EA 161 98.89 -13.03 12.20
C LYS EA 161 99.83 -12.11 11.44
N MET EA 162 99.59 -10.80 11.52
CA MET EA 162 100.27 -9.81 10.71
C MET EA 162 100.91 -8.75 11.57
N ASP EA 163 101.62 -9.17 12.60
CA ASP EA 163 102.38 -8.28 13.46
C ASP EA 163 103.85 -8.35 13.10
N SER EA 164 104.65 -7.50 13.74
CA SER EA 164 106.06 -7.41 13.38
C SER EA 164 106.80 -8.70 13.67
N GLU EA 165 106.39 -9.41 14.71
CA GLU EA 165 107.02 -10.69 15.02
C GLU EA 165 106.80 -11.69 13.89
N SER EA 166 105.58 -11.74 13.35
CA SER EA 166 105.27 -12.69 12.29
C SER EA 166 105.93 -12.32 10.97
N LEU EA 167 105.92 -11.03 10.64
CA LEU EA 167 106.61 -10.58 9.43
C LEU EA 167 108.12 -10.55 9.58
N LYS EA 168 108.63 -10.78 10.79
CA LYS EA 168 110.06 -10.82 11.09
C LYS EA 168 110.72 -9.46 10.93
N VAL EA 169 109.96 -8.38 11.05
CA VAL EA 169 110.52 -7.04 11.03
C VAL EA 169 110.65 -6.47 12.44
N GLY EA 170 110.57 -7.32 13.46
CA GLY EA 170 110.67 -6.84 14.82
C GLY EA 170 110.64 -8.01 15.77
N THR EA 171 110.62 -7.69 17.05
CA THR EA 171 110.53 -8.71 18.09
C THR EA 171 109.94 -8.08 19.33
N THR EA 172 109.09 -8.83 20.01
CA THR EA 172 108.31 -8.30 21.13
C THR EA 172 108.76 -8.99 22.41
N TYR EA 173 109.38 -8.21 23.30
CA TYR EA 173 109.73 -8.68 24.63
C TYR EA 173 108.60 -8.36 25.57
N THR EA 174 108.32 -9.27 26.49
CA THR EA 174 107.34 -9.02 27.54
C THR EA 174 108.05 -9.06 28.89
N ALA EA 175 107.55 -8.26 29.82
CA ALA EA 175 108.19 -8.12 31.12
C ALA EA 175 107.74 -9.25 32.04
N ASN EA 176 108.72 -9.87 32.69
CA ASN EA 176 108.41 -10.92 33.64
C ASN EA 176 107.69 -10.33 34.85
N ASP EA 177 107.27 -11.21 35.76
CA ASP EA 177 106.39 -10.79 36.85
C ASP EA 177 107.06 -9.75 37.75
N ASP EA 178 108.31 -9.96 38.10
CA ASP EA 178 109.08 -9.01 38.89
C ASP EA 178 109.53 -7.82 38.06
N GLY EA 179 109.77 -8.00 36.76
CA GLY EA 179 110.26 -6.94 35.92
C GLY EA 179 111.77 -6.88 35.84
N SER EA 180 112.42 -7.95 36.32
CA SER EA 180 113.87 -8.00 36.28
C SER EA 180 114.39 -8.21 34.87
N LYS EA 181 113.73 -9.09 34.11
CA LYS EA 181 114.22 -9.48 32.79
C LYS EA 181 113.06 -9.45 31.79
N LEU EA 182 113.24 -8.69 30.72
CA LEU EA 182 112.30 -8.71 29.61
C LEU EA 182 112.42 -10.03 28.87
N VAL EA 183 111.28 -10.69 28.64
CA VAL EA 183 111.25 -12.02 28.06
C VAL EA 183 110.44 -11.94 26.77
N THR EA 184 111.03 -12.43 25.69
CA THR EA 184 110.28 -12.59 24.45
C THR EA 184 109.80 -14.03 24.30
N ALA EA 185 108.86 -14.23 23.39
CA ALA EA 185 108.53 -15.59 23.00
C ALA EA 185 109.74 -16.21 22.31
N ASP EA 186 109.94 -17.51 22.54
CA ASP EA 186 111.14 -18.28 22.28
C ASP EA 186 112.15 -18.01 23.41
N GLY EA 187 111.90 -17.03 24.26
CA GLY EA 187 112.70 -16.86 25.47
C GLY EA 187 114.09 -16.27 25.27
N LYS EA 188 114.16 -15.01 24.85
CA LYS EA 188 115.41 -14.27 24.83
C LYS EA 188 115.38 -13.28 25.98
N GLU EA 189 116.37 -13.37 26.86
CA GLU EA 189 116.38 -12.65 28.11
C GLU EA 189 116.93 -11.23 27.92
N ALA EA 190 116.47 -10.32 28.78
CA ALA EA 190 116.98 -8.97 28.79
C ALA EA 190 116.90 -8.45 30.23
N THR EA 191 118.00 -8.58 30.96
CA THR EA 191 118.01 -8.26 32.37
C THR EA 191 118.18 -6.76 32.61
N LEU EA 192 117.65 -6.31 33.74
CA LEU EA 192 117.69 -4.90 34.11
C LEU EA 192 118.95 -4.47 34.83
N VAL EA 193 119.32 -3.20 34.64
CA VAL EA 193 120.53 -2.53 35.15
C VAL EA 193 121.84 -3.29 34.98
N THR EA 194 122.08 -3.78 33.78
CA THR EA 194 123.24 -4.63 33.53
C THR EA 194 124.23 -4.11 32.48
N LYS EA 198 128.30 -1.45 34.49
CA LYS EA 198 127.00 -0.81 34.62
C LYS EA 198 126.61 -0.15 33.30
N GLY EA 199 127.32 0.91 32.93
CA GLY EA 199 127.06 1.61 31.70
C GLY EA 199 125.73 2.33 31.73
N PRO EA 200 125.26 2.78 30.56
CA PRO EA 200 123.93 3.39 30.49
C PRO EA 200 122.87 2.40 30.96
N ASN EA 201 121.84 2.95 31.61
CA ASN EA 201 120.90 2.13 32.36
C ASN EA 201 119.76 1.65 31.47
N GLY EA 202 119.42 0.38 31.56
CA GLY EA 202 118.34 -0.20 30.79
C GLY EA 202 118.36 -1.71 30.88
N TYR EA 203 117.49 -2.33 30.09
CA TYR EA 203 117.37 -3.79 30.04
C TYR EA 203 118.40 -4.32 29.04
N TYR EA 204 119.53 -4.77 29.58
CA TYR EA 204 120.58 -5.25 28.69
C TYR EA 204 120.34 -6.71 28.32
N ASP EA 205 120.99 -7.11 27.23
CA ASP EA 205 120.87 -8.42 26.64
C ASP EA 205 122.18 -9.19 26.92
N ASP EA 206 122.26 -10.44 26.48
CA ASP EA 206 123.42 -11.29 26.75
C ASP EA 206 124.66 -10.86 25.98
N ALA EA 207 124.58 -9.78 25.21
CA ALA EA 207 125.74 -9.29 24.46
C ALA EA 207 126.02 -7.81 24.73
N ASP EA 208 125.47 -7.28 25.82
CA ASP EA 208 125.72 -5.92 26.31
C ASP EA 208 125.00 -4.93 25.38
N LYS EA 209 124.37 -5.43 24.32
CA LYS EA 209 123.53 -4.59 23.48
C LYS EA 209 122.30 -4.17 24.29
N LEU EA 210 122.15 -2.87 24.53
CA LEU EA 210 120.97 -2.37 25.19
C LEU EA 210 119.73 -2.72 24.37
N VAL EA 211 118.71 -3.22 25.06
CA VAL EA 211 117.44 -3.57 24.43
C VAL EA 211 116.39 -2.50 24.68
N TYR EA 212 116.18 -2.15 25.95
CA TYR EA 212 115.25 -1.10 26.32
C TYR EA 212 115.96 -0.09 27.20
N GLN EA 213 115.58 1.18 27.04
CA GLN EA 213 116.15 2.27 27.81
C GLN EA 213 115.17 2.63 28.92
N ALA EA 214 115.43 2.10 30.12
CA ALA EA 214 114.63 2.44 31.29
C ALA EA 214 115.49 2.26 32.52
N ASP EA 215 115.32 3.16 33.49
CA ASP EA 215 116.05 3.09 34.74
C ASP EA 215 115.26 2.43 35.85
N SER EA 216 113.93 2.59 35.87
CA SER EA 216 113.09 1.86 36.80
C SER EA 216 112.83 0.46 36.26
N ALA EA 217 111.88 -0.25 36.86
CA ALA EA 217 111.54 -1.59 36.40
C ALA EA 217 110.18 -1.52 35.74
N LEU EA 218 110.05 -2.11 34.56
CA LEU EA 218 108.77 -2.11 33.86
C LEU EA 218 107.73 -2.89 34.67
N ALA EA 219 106.46 -2.54 34.43
CA ALA EA 219 105.37 -3.20 35.12
C ALA EA 219 105.21 -4.62 34.63
N LYS EA 220 104.19 -5.33 35.12
CA LYS EA 220 103.97 -6.73 34.81
C LYS EA 220 103.23 -6.85 33.49
N ASP EA 221 103.71 -7.74 32.63
CA ASP EA 221 103.13 -7.97 31.30
C ASP EA 221 103.07 -6.68 30.47
N THR EA 222 104.14 -5.90 30.52
CA THR EA 222 104.28 -4.77 29.60
C THR EA 222 105.16 -5.21 28.43
N LYS EA 223 104.60 -5.13 27.23
CA LYS EA 223 105.31 -5.55 26.04
C LYS EA 223 106.07 -4.38 25.43
N VAL EA 224 107.29 -4.65 24.98
CA VAL EA 224 108.07 -3.70 24.21
C VAL EA 224 108.42 -4.36 22.89
N THR EA 225 108.38 -3.57 21.82
CA THR EA 225 108.71 -4.06 20.49
C THR EA 225 109.97 -3.38 20.01
N LYS EA 226 110.90 -4.19 19.51
CA LYS EA 226 112.21 -3.71 19.09
C LYS EA 226 112.38 -4.04 17.62
N GLY EA 227 112.70 -3.04 16.81
CA GLY EA 227 112.78 -3.23 15.38
C GLY EA 227 113.93 -4.14 14.98
N ILE EA 228 113.92 -4.52 13.70
CA ILE EA 228 115.00 -5.35 13.19
C ILE EA 228 116.30 -4.55 13.19
N ASP EA 229 117.41 -5.25 13.38
CA ASP EA 229 118.70 -4.61 13.59
C ASP EA 229 119.18 -3.95 12.32
N ILE EA 230 119.30 -2.63 12.33
CA ILE EA 230 119.94 -1.87 11.26
C ILE EA 230 121.08 -1.01 11.75
N SER EA 231 121.32 -0.97 13.06
CA SER EA 231 122.28 -0.02 13.62
C SER EA 231 123.61 -0.66 13.99
N SER EA 232 123.72 -1.99 13.97
CA SER EA 232 124.96 -2.63 14.34
C SER EA 232 126.05 -2.46 13.30
N SER EA 233 125.68 -2.36 12.02
CA SER EA 233 126.67 -2.28 10.94
C SER EA 233 125.94 -1.88 9.67
N ALA EA 234 126.72 -1.63 8.63
CA ALA EA 234 126.15 -1.43 7.31
C ALA EA 234 125.72 -2.76 6.68
N LYS EA 235 126.45 -3.83 6.98
CA LYS EA 235 126.05 -5.15 6.50
C LYS EA 235 124.70 -5.56 7.09
N ALA EA 236 124.50 -5.29 8.38
CA ALA EA 236 123.23 -5.64 9.01
C ALA EA 236 122.08 -4.85 8.41
N ALA EA 237 122.29 -3.58 8.13
CA ALA EA 237 121.24 -2.77 7.53
C ALA EA 237 120.87 -3.28 6.15
N SER EA 238 121.87 -3.69 5.36
CA SER EA 238 121.58 -4.30 4.07
C SER EA 238 120.82 -5.61 4.24
N SER EA 239 121.18 -6.41 5.24
CA SER EA 239 120.49 -7.66 5.48
C SER EA 239 119.02 -7.41 5.78
N ALA EA 240 118.73 -6.38 6.58
CA ALA EA 240 117.35 -6.03 6.89
C ALA EA 240 116.57 -5.59 5.67
N LEU EA 241 117.24 -5.22 4.57
CA LEU EA 241 116.53 -4.77 3.39
C LEU EA 241 115.71 -5.89 2.78
N THR EA 242 116.27 -7.08 2.63
CA THR EA 242 115.50 -8.20 2.10
C THR EA 242 114.42 -8.63 3.08
N THR EA 243 114.70 -8.60 4.38
CA THR EA 243 113.69 -8.96 5.35
C THR EA 243 112.49 -8.03 5.28
N ILE EA 244 112.75 -6.73 5.10
CA ILE EA 244 111.65 -5.79 5.01
C ILE EA 244 110.91 -5.95 3.70
N LYS EA 245 111.64 -6.09 2.59
CA LYS EA 245 110.98 -6.19 1.29
C LYS EA 245 110.22 -7.50 1.15
N THR EA 246 110.60 -8.52 1.90
CA THR EA 246 109.83 -9.75 1.92
C THR EA 246 108.57 -9.57 2.75
N ALA EA 247 108.64 -8.81 3.84
CA ALA EA 247 107.46 -8.54 4.64
C ALA EA 247 106.41 -7.80 3.84
N ILE EA 248 106.84 -6.89 2.96
CA ILE EA 248 105.90 -6.24 2.06
C ILE EA 248 105.25 -7.25 1.14
N ASP EA 249 105.96 -8.33 0.82
CA ASP EA 249 105.39 -9.35 -0.06
C ASP EA 249 104.35 -10.20 0.67
N THR EA 250 104.59 -10.55 1.92
CA THR EA 250 103.62 -11.33 2.67
C THR EA 250 102.50 -10.49 3.24
N VAL EA 251 102.57 -9.18 3.12
CA VAL EA 251 101.42 -8.33 3.41
C VAL EA 251 100.56 -8.15 2.19
N SER EA 252 101.19 -7.97 1.02
CA SER EA 252 100.44 -7.92 -0.23
C SER EA 252 99.69 -9.22 -0.48
N SER EA 253 100.27 -10.35 -0.09
CA SER EA 253 99.57 -11.62 -0.21
C SER EA 253 98.34 -11.66 0.66
N GLU EA 254 98.44 -11.15 1.89
CA GLU EA 254 97.29 -11.16 2.78
C GLU EA 254 96.23 -10.18 2.32
N ARG EA 255 96.63 -9.02 1.80
CA ARG EA 255 95.64 -8.04 1.39
C ARG EA 255 94.77 -8.53 0.25
N ALA EA 256 95.34 -9.23 -0.72
CA ALA EA 256 94.55 -9.73 -1.82
C ALA EA 256 93.94 -11.10 -1.56
N LYS EA 257 94.38 -11.80 -0.51
CA LYS EA 257 93.58 -12.90 -0.02
C LYS EA 257 92.29 -12.41 0.61
N LEU EA 258 92.26 -11.16 1.07
CA LEU EA 258 91.06 -10.54 1.59
C LEU EA 258 90.33 -9.71 0.57
N GLY EA 259 91.01 -9.26 -0.47
CA GLY EA 259 90.33 -8.57 -1.54
C GLY EA 259 89.66 -9.55 -2.48
N ALA EA 260 90.17 -10.76 -2.53
CA ALA EA 260 89.53 -11.80 -3.32
C ALA EA 260 88.22 -12.24 -2.69
N VAL EA 261 88.20 -12.38 -1.36
CA VAL EA 261 86.97 -12.76 -0.68
C VAL EA 261 85.94 -11.65 -0.78
N GLN EA 262 86.37 -10.40 -0.70
CA GLN EA 262 85.42 -9.30 -0.78
C GLN EA 262 84.82 -9.19 -2.18
N ASN EA 263 85.61 -9.44 -3.22
CA ASN EA 263 85.06 -9.47 -4.57
C ASN EA 263 84.03 -10.58 -4.72
N ARG EA 264 84.31 -11.75 -4.15
CA ARG EA 264 83.35 -12.84 -4.19
C ARG EA 264 82.08 -12.48 -3.46
N LEU EA 265 82.21 -11.87 -2.29
CA LEU EA 265 81.03 -11.51 -1.50
C LEU EA 265 80.20 -10.42 -2.18
N GLU EA 266 80.79 -9.64 -3.06
CA GLU EA 266 80.01 -8.68 -3.83
C GLU EA 266 79.19 -9.36 -4.90
N HIS EA 267 79.69 -10.46 -5.47
CA HIS EA 267 78.90 -11.26 -6.40
C HIS EA 267 77.84 -12.06 -5.68
N THR EA 268 78.17 -12.57 -4.48
CA THR EA 268 77.19 -13.31 -3.70
C THR EA 268 76.00 -12.44 -3.30
N ILE EA 269 76.22 -11.14 -3.11
CA ILE EA 269 75.13 -10.27 -2.71
C ILE EA 269 74.17 -10.00 -3.86
N ASN EA 270 74.70 -9.75 -5.07
CA ASN EA 270 73.83 -9.56 -6.21
C ASN EA 270 73.02 -10.81 -6.52
N ASN EA 271 73.63 -11.98 -6.35
CA ASN EA 271 72.92 -13.21 -6.63
C ASN EA 271 71.90 -13.52 -5.55
N LEU EA 272 72.20 -13.21 -4.29
CA LEU EA 272 71.22 -13.38 -3.23
C LEU EA 272 70.07 -12.38 -3.39
N GLY EA 273 70.38 -11.15 -3.79
CA GLY EA 273 69.33 -10.18 -4.04
C GLY EA 273 68.45 -10.53 -5.21
N THR EA 274 69.04 -11.06 -6.29
CA THR EA 274 68.25 -11.48 -7.43
C THR EA 274 67.39 -12.68 -7.10
N SER EA 275 67.88 -13.60 -6.28
CA SER EA 275 67.10 -14.78 -5.93
C SER EA 275 65.98 -14.48 -4.95
N SER EA 276 66.01 -13.34 -4.26
CA SER EA 276 64.88 -12.96 -3.43
C SER EA 276 63.75 -12.38 -4.26
N GLU EA 277 64.07 -11.55 -5.25
CA GLU EA 277 63.05 -11.02 -6.13
C GLU EA 277 62.38 -12.13 -6.91
N ASN EA 278 63.16 -13.07 -7.44
CA ASN EA 278 62.59 -14.15 -8.22
C ASN EA 278 61.74 -15.07 -7.36
N LEU EA 279 62.06 -15.18 -6.09
CA LEU EA 279 61.24 -16.00 -5.19
C LEU EA 279 60.12 -15.20 -4.56
N THR EA 280 60.32 -13.91 -4.31
CA THR EA 280 59.22 -13.09 -3.82
C THR EA 280 58.11 -13.02 -4.86
N SER EA 281 58.47 -12.82 -6.12
CA SER EA 281 57.47 -12.83 -7.18
C SER EA 281 56.85 -14.21 -7.32
N ALA EA 282 57.64 -15.26 -7.17
CA ALA EA 282 57.12 -16.61 -7.26
C ALA EA 282 56.12 -16.89 -6.13
N GLU EA 283 56.43 -16.43 -4.93
CA GLU EA 283 55.53 -16.67 -3.80
C GLU EA 283 54.28 -15.80 -3.88
N SER EA 284 54.39 -14.60 -4.43
CA SER EA 284 53.23 -13.74 -4.55
C SER EA 284 52.19 -14.33 -5.48
N ARG EA 285 52.62 -14.93 -6.59
CA ARG EA 285 51.66 -15.56 -7.49
C ARG EA 285 50.94 -16.72 -6.82
N ILE EA 286 51.64 -17.48 -5.98
CA ILE EA 286 51.02 -18.61 -5.31
C ILE EA 286 50.09 -18.13 -4.20
N ARG EA 287 50.51 -17.11 -3.45
CA ARG EA 287 49.83 -16.76 -2.21
C ARG EA 287 48.94 -15.54 -2.33
N ASP EA 288 49.43 -14.45 -2.92
CA ASP EA 288 48.64 -13.23 -2.97
C ASP EA 288 47.46 -13.39 -3.91
N VAL EA 289 46.41 -12.63 -3.64
CA VAL EA 289 45.18 -12.70 -4.42
C VAL EA 289 45.24 -11.65 -5.51
N ASP EA 290 44.50 -11.89 -6.59
CA ASP EA 290 44.35 -10.91 -7.67
C ASP EA 290 43.17 -10.02 -7.31
N MET EA 291 43.46 -8.74 -7.06
CA MET EA 291 42.42 -7.84 -6.59
C MET EA 291 41.30 -7.71 -7.60
N ALA EA 292 41.65 -7.60 -8.89
CA ALA EA 292 40.64 -7.43 -9.92
C ALA EA 292 39.78 -8.68 -10.06
N SER EA 293 40.41 -9.84 -10.17
CA SER EA 293 39.67 -11.08 -10.38
C SER EA 293 38.88 -11.50 -9.15
N GLU EA 294 39.15 -10.92 -7.99
CA GLU EA 294 38.47 -11.26 -6.76
C GLU EA 294 37.35 -10.28 -6.41
N MET EA 295 37.57 -8.99 -6.65
CA MET EA 295 36.51 -8.02 -6.46
C MET EA 295 35.35 -8.29 -7.41
N MET EA 296 35.68 -8.64 -8.65
CA MET EA 296 34.64 -8.99 -9.62
C MET EA 296 33.88 -10.24 -9.21
N GLU EA 297 34.55 -11.19 -8.57
CA GLU EA 297 33.86 -12.39 -8.12
C GLU EA 297 33.07 -12.13 -6.85
N TYR EA 298 33.57 -11.24 -5.98
CA TYR EA 298 32.82 -10.89 -4.77
C TYR EA 298 31.51 -10.23 -5.12
N THR EA 299 31.52 -9.33 -6.10
CA THR EA 299 30.30 -8.65 -6.50
C THR EA 299 29.27 -9.62 -7.06
N LYS EA 300 29.72 -10.66 -7.76
CA LYS EA 300 28.78 -11.63 -8.30
C LYS EA 300 28.01 -12.35 -7.20
N ASN EA 301 28.72 -12.94 -6.24
CA ASN EA 301 28.02 -13.59 -5.13
C ASN EA 301 27.27 -12.60 -4.27
N ASN EA 302 27.70 -11.34 -4.25
CA ASN EA 302 26.96 -10.33 -3.52
C ASN EA 302 25.66 -9.97 -4.21
N ILE EA 303 25.51 -10.32 -5.49
CA ILE EA 303 24.24 -10.13 -6.19
C ILE EA 303 23.40 -11.39 -6.13
N LEU EA 304 24.02 -12.56 -6.29
CA LEU EA 304 23.29 -13.81 -6.22
C LEU EA 304 22.60 -14.00 -4.87
N THR EA 305 23.14 -13.42 -3.80
CA THR EA 305 22.46 -13.48 -2.52
C THR EA 305 21.29 -12.51 -2.43
N GLN EA 306 21.37 -11.38 -3.13
CA GLN EA 306 20.23 -10.47 -3.17
C GLN EA 306 19.12 -11.01 -4.08
N ALA EA 307 19.49 -11.70 -5.14
CA ALA EA 307 18.48 -12.36 -5.97
C ALA EA 307 17.74 -13.42 -5.18
N SER EA 308 18.46 -14.21 -4.39
CA SER EA 308 17.81 -15.19 -3.52
C SER EA 308 17.04 -14.50 -2.41
N GLN EA 309 17.56 -13.38 -1.91
CA GLN EA 309 16.83 -12.61 -0.91
C GLN EA 309 15.51 -12.10 -1.47
N ALA EA 310 15.53 -11.58 -2.70
CA ALA EA 310 14.32 -11.04 -3.31
C ALA EA 310 13.29 -12.13 -3.53
N MET EA 311 13.71 -13.30 -4.00
CA MET EA 311 12.76 -14.38 -4.27
C MET EA 311 12.28 -15.08 -3.01
N LEU EA 312 13.07 -15.03 -1.92
CA LEU EA 312 12.62 -15.60 -0.67
C LEU EA 312 11.41 -14.85 -0.13
N ALA EA 313 11.40 -13.54 -0.29
CA ALA EA 313 10.24 -12.75 0.15
C ALA EA 313 8.97 -13.16 -0.59
N GLN EA 314 9.08 -13.37 -1.90
CA GLN EA 314 7.91 -13.79 -2.67
C GLN EA 314 7.54 -15.23 -2.37
N ALA EA 315 8.53 -16.07 -2.05
CA ALA EA 315 8.24 -17.47 -1.73
C ALA EA 315 7.36 -17.59 -0.50
N ASN EA 316 7.49 -16.67 0.45
CA ASN EA 316 6.64 -16.69 1.64
C ASN EA 316 5.24 -16.16 1.34
N GLN EA 317 5.09 -15.31 0.33
CA GLN EA 317 3.78 -14.74 0.03
C GLN EA 317 2.86 -15.77 -0.63
N GLN EA 318 3.45 -16.72 -1.37
CA GLN EA 318 2.64 -17.69 -2.10
C GLN EA 318 1.72 -18.52 -1.22
N PRO EA 319 2.15 -19.06 -0.07
CA PRO EA 319 1.20 -19.80 0.77
C PRO EA 319 0.09 -18.94 1.35
N GLN EA 320 0.24 -17.63 1.36
CA GLN EA 320 -0.76 -16.74 1.96
C GLN EA 320 -2.05 -16.66 1.16
N GLN EA 321 -2.09 -17.20 -0.05
CA GLN EA 321 -3.25 -17.05 -0.92
C GLN EA 321 -4.32 -18.11 -0.68
N VAL EA 322 -4.05 -19.12 0.14
CA VAL EA 322 -5.07 -20.12 0.41
C VAL EA 322 -6.11 -19.63 1.41
N LEU EA 323 -5.81 -18.56 2.13
CA LEU EA 323 -6.78 -18.03 3.11
C LEU EA 323 -8.02 -17.49 2.42
N GLN EA 324 -7.85 -16.82 1.29
CA GLN EA 324 -9.00 -16.32 0.54
C GLN EA 324 -9.85 -17.46 -0.01
N LEU EA 325 -9.26 -18.63 -0.22
CA LEU EA 325 -10.01 -19.80 -0.65
C LEU EA 325 -10.68 -20.51 0.52
N LEU EA 326 -10.06 -20.47 1.70
CA LEU EA 326 -10.60 -21.19 2.85
C LEU EA 326 -11.84 -20.54 3.43
N LYS EA 327 -12.07 -19.26 3.14
CA LYS EA 327 -13.27 -18.59 3.63
C LYS EA 327 -14.41 -18.70 2.63
N MET FA 1 -7.48 -9.52 -22.87
CA MET FA 1 -6.30 -9.69 -22.02
C MET FA 1 -5.86 -11.14 -21.98
N ARG FA 2 -4.80 -11.46 -22.71
CA ARG FA 2 -4.25 -12.80 -22.74
C ARG FA 2 -3.12 -12.91 -21.72
N ILE FA 3 -3.17 -13.93 -20.88
CA ILE FA 3 -2.30 -14.04 -19.73
C ILE FA 3 -1.17 -15.03 -19.96
N ASN FA 4 -1.43 -16.11 -20.69
CA ASN FA 4 -0.44 -17.16 -20.86
C ASN FA 4 0.81 -16.70 -21.60
N HIS FA 5 0.76 -15.55 -22.26
CA HIS FA 5 1.92 -15.04 -22.97
C HIS FA 5 1.94 -13.52 -22.87
N ASN FA 6 3.07 -12.97 -22.50
CA ASN FA 6 3.25 -11.53 -22.38
C ASN FA 6 4.16 -11.09 -23.52
N ILE FA 7 3.55 -10.81 -24.67
CA ILE FA 7 4.33 -10.44 -25.85
C ILE FA 7 5.03 -9.10 -25.63
N ALA FA 8 4.41 -8.21 -24.85
CA ALA FA 8 5.05 -6.93 -24.54
C ALA FA 8 6.34 -7.14 -23.77
N ALA FA 9 6.35 -8.03 -22.79
CA ALA FA 9 7.56 -8.31 -22.05
C ALA FA 9 8.52 -9.19 -22.84
N LEU FA 10 8.00 -10.13 -23.63
CA LEU FA 10 8.85 -10.97 -24.45
C LEU FA 10 9.58 -10.16 -25.51
N ASN FA 11 8.91 -9.15 -26.08
CA ASN FA 11 9.57 -8.27 -27.03
C ASN FA 11 10.63 -7.41 -26.36
N THR FA 12 10.33 -6.92 -25.15
CA THR FA 12 11.30 -6.08 -24.43
C THR FA 12 12.52 -6.88 -24.02
N SER FA 13 12.36 -8.19 -23.79
CA SER FA 13 13.51 -9.02 -23.43
C SER FA 13 14.52 -9.08 -24.56
N ARG FA 14 14.06 -9.19 -25.80
CA ARG FA 14 14.98 -9.25 -26.93
C ARG FA 14 15.75 -7.95 -27.08
N GLN FA 15 15.09 -6.82 -26.92
CA GLN FA 15 15.80 -5.55 -26.94
C GLN FA 15 16.72 -5.41 -25.75
N LEU FA 16 16.39 -6.07 -24.64
CA LEU FA 16 17.30 -6.08 -23.49
C LEU FA 16 18.56 -6.89 -23.82
N ASN FA 17 18.40 -8.06 -24.41
CA ASN FA 17 19.55 -8.81 -24.89
C ASN FA 17 19.92 -8.44 -26.31
N ALA FA 18 19.94 -7.14 -26.60
CA ALA FA 18 20.54 -6.61 -27.82
C ALA FA 18 21.31 -5.33 -27.60
N GLY FA 19 21.12 -4.65 -26.48
CA GLY FA 19 21.91 -3.49 -26.13
C GLY FA 19 22.97 -3.91 -25.13
N SER FA 20 22.68 -4.97 -24.38
CA SER FA 20 23.71 -5.57 -23.53
C SER FA 20 24.83 -6.17 -24.37
N ASN FA 21 24.47 -6.86 -25.46
CA ASN FA 21 25.49 -7.39 -26.35
C ASN FA 21 26.32 -6.27 -26.98
N ALA FA 22 25.65 -5.21 -27.41
CA ALA FA 22 26.37 -4.08 -28.01
C ALA FA 22 27.28 -3.41 -27.00
N ALA FA 23 26.81 -3.25 -25.76
CA ALA FA 23 27.65 -2.66 -24.72
C ALA FA 23 28.85 -3.55 -24.40
N SER FA 24 28.64 -4.87 -24.38
CA SER FA 24 29.74 -5.78 -24.16
C SER FA 24 30.77 -5.68 -25.27
N LYS FA 25 30.31 -5.60 -26.52
CA LYS FA 25 31.23 -5.44 -27.63
C LYS FA 25 31.96 -4.11 -27.56
N ASN FA 26 31.27 -3.06 -27.13
CA ASN FA 26 31.92 -1.76 -27.02
C ASN FA 26 32.96 -1.74 -25.90
N MET FA 27 32.71 -2.47 -24.82
CA MET FA 27 33.65 -2.49 -23.71
C MET FA 27 34.88 -3.35 -24.02
N GLU FA 28 34.75 -4.33 -24.91
CA GLU FA 28 35.92 -5.05 -25.38
C GLU FA 28 36.90 -4.11 -26.06
N LYS FA 29 36.39 -3.26 -26.94
CA LYS FA 29 37.23 -2.30 -27.64
C LYS FA 29 37.84 -1.30 -26.67
N LEU FA 30 37.05 -0.83 -25.72
CA LEU FA 30 37.54 0.19 -24.80
C LEU FA 30 38.64 -0.36 -23.90
N SER FA 31 38.48 -1.59 -23.42
CA SER FA 31 39.49 -2.19 -22.56
C SER FA 31 40.77 -2.49 -23.32
N SER FA 32 40.65 -3.14 -24.48
CA SER FA 32 41.84 -3.54 -25.23
C SER FA 32 42.44 -2.37 -25.99
N GLY FA 33 41.64 -1.39 -26.38
CA GLY FA 33 42.14 -0.31 -27.19
C GLY FA 33 42.21 -0.62 -28.66
N LEU FA 34 41.62 -1.71 -29.11
CA LEU FA 34 41.70 -2.14 -30.50
C LEU FA 34 40.31 -2.25 -31.10
N ARG FA 35 40.15 -1.73 -32.32
CA ARG FA 35 38.89 -1.90 -33.03
C ARG FA 35 38.64 -3.36 -33.36
N ILE FA 36 39.67 -4.06 -33.82
CA ILE FA 36 39.53 -5.41 -34.33
C ILE FA 36 40.14 -6.34 -33.28
N ASN FA 37 39.28 -6.92 -32.44
CA ASN FA 37 39.69 -7.97 -31.53
C ASN FA 37 39.50 -9.33 -32.18
N ARG FA 38 38.27 -9.65 -32.56
CA ARG FA 38 37.97 -10.83 -33.33
C ARG FA 38 38.10 -10.51 -34.82
N ALA FA 39 38.13 -11.57 -35.63
CA ALA FA 39 38.20 -11.38 -37.07
C ALA FA 39 36.87 -10.95 -37.67
N GLY FA 40 35.77 -11.05 -36.91
CA GLY FA 40 34.48 -10.65 -37.41
C GLY FA 40 34.23 -9.16 -37.39
N ASP FA 41 35.07 -8.40 -36.69
CA ASP FA 41 34.94 -6.94 -36.68
C ASP FA 41 35.43 -6.33 -37.98
N ASP FA 42 36.49 -6.87 -38.56
CA ASP FA 42 36.95 -6.45 -39.88
C ASP FA 42 37.82 -7.57 -40.44
N ALA FA 43 37.33 -8.27 -41.45
CA ALA FA 43 38.12 -9.32 -42.08
C ALA FA 43 39.31 -8.73 -42.81
N ALA FA 44 39.06 -7.76 -43.70
CA ALA FA 44 40.15 -7.09 -44.39
C ALA FA 44 40.98 -6.26 -43.43
N GLY FA 45 40.36 -5.70 -42.39
CA GLY FA 45 41.13 -5.00 -41.38
C GLY FA 45 42.08 -5.91 -40.64
N LEU FA 46 41.62 -7.11 -40.30
CA LEU FA 46 42.50 -8.10 -39.68
C LEU FA 46 43.62 -8.50 -40.63
N ALA FA 47 43.30 -8.74 -41.90
CA ALA FA 47 44.32 -9.18 -42.84
C ALA FA 47 45.37 -8.09 -43.06
N ILE FA 48 44.93 -6.85 -43.28
CA ILE FA 48 45.87 -5.76 -43.54
C ILE FA 48 46.73 -5.50 -42.32
N SER FA 49 46.13 -5.55 -41.13
CA SER FA 49 46.85 -5.27 -39.90
C SER FA 49 48.03 -6.22 -39.72
N GLU FA 50 47.79 -7.52 -39.86
CA GLU FA 50 48.84 -8.50 -39.64
C GLU FA 50 49.98 -8.34 -40.62
N LYS FA 51 49.66 -8.08 -41.89
CA LYS FA 51 50.70 -7.74 -42.85
C LYS FA 51 51.47 -6.52 -42.37
N MET FA 52 50.73 -5.51 -41.91
CA MET FA 52 51.34 -4.28 -41.43
C MET FA 52 52.25 -4.52 -40.23
N ARG FA 53 51.74 -5.23 -39.21
CA ARG FA 53 52.54 -5.50 -38.02
C ARG FA 53 53.80 -6.27 -38.39
N SER FA 54 53.66 -7.29 -39.22
CA SER FA 54 54.80 -8.07 -39.69
C SER FA 54 55.84 -7.17 -40.33
N GLN FA 55 55.38 -6.23 -41.14
CA GLN FA 55 56.30 -5.31 -41.81
C GLN FA 55 56.91 -4.32 -40.82
N ILE FA 56 56.11 -3.81 -39.88
CA ILE FA 56 56.62 -2.84 -38.93
C ILE FA 56 57.66 -3.49 -38.02
N ARG FA 57 57.37 -4.68 -37.50
CA ARG FA 57 58.35 -5.37 -36.68
C ARG FA 57 59.53 -5.87 -37.50
N GLY FA 58 59.44 -5.82 -38.82
CA GLY FA 58 60.57 -6.15 -39.67
C GLY FA 58 61.45 -4.95 -39.93
N LEU FA 59 60.85 -3.80 -40.21
CA LEU FA 59 61.64 -2.60 -40.46
C LEU FA 59 62.32 -2.11 -39.19
N ASP FA 60 61.70 -2.28 -38.03
CA ASP FA 60 62.37 -1.87 -36.81
C ASP FA 60 63.47 -2.84 -36.42
N MET FA 61 63.36 -4.10 -36.85
CA MET FA 61 64.43 -5.05 -36.64
C MET FA 61 65.49 -4.94 -37.73
N ALA FA 62 65.07 -4.73 -38.98
CA ALA FA 62 66.03 -4.46 -40.04
C ALA FA 62 66.76 -3.15 -39.84
N SER FA 63 66.26 -2.27 -38.99
CA SER FA 63 67.00 -1.09 -38.59
C SER FA 63 68.07 -1.42 -37.55
N LYS FA 64 67.91 -2.51 -36.80
CA LYS FA 64 68.97 -2.98 -35.94
C LYS FA 64 70.08 -3.63 -36.76
N ASN FA 65 69.71 -4.41 -37.78
CA ASN FA 65 70.71 -5.02 -38.64
C ASN FA 65 71.52 -3.96 -39.36
N ALA FA 66 70.86 -2.90 -39.84
CA ALA FA 66 71.58 -1.82 -40.50
C ALA FA 66 72.54 -1.14 -39.54
N GLN FA 67 72.18 -1.05 -38.27
CA GLN FA 67 73.07 -0.43 -37.30
C GLN FA 67 74.11 -1.40 -36.76
N ASP FA 68 73.82 -2.70 -36.77
CA ASP FA 68 74.85 -3.69 -36.47
C ASP FA 68 75.82 -3.88 -37.62
N GLY FA 69 75.51 -3.36 -38.80
CA GLY FA 69 76.44 -3.36 -39.90
C GLY FA 69 77.25 -2.09 -39.90
N ILE FA 70 76.66 -1.01 -39.38
CA ILE FA 70 77.41 0.22 -39.22
C ILE FA 70 78.51 0.03 -38.20
N SER FA 71 78.24 -0.74 -37.15
CA SER FA 71 79.26 -1.03 -36.15
C SER FA 71 80.34 -1.95 -36.71
N LEU FA 72 79.94 -2.95 -37.49
CA LEU FA 72 80.92 -3.85 -38.09
C LEU FA 72 81.83 -3.11 -39.07
N ILE FA 73 81.31 -2.06 -39.70
CA ILE FA 73 82.10 -1.32 -40.67
C ILE FA 73 82.96 -0.26 -40.00
N GLN FA 74 82.45 0.36 -38.93
CA GLN FA 74 83.27 1.31 -38.19
C GLN FA 74 84.48 0.62 -37.58
N THR FA 75 84.32 -0.62 -37.16
CA THR FA 75 85.45 -1.36 -36.60
C THR FA 75 86.54 -1.58 -37.64
N SER FA 76 86.15 -1.93 -38.87
CA SER FA 76 87.14 -2.19 -39.90
C SER FA 76 87.90 -0.93 -40.28
N GLU FA 77 87.18 0.14 -40.59
CA GLU FA 77 87.87 1.36 -40.98
C GLU FA 77 88.58 2.00 -39.79
N GLY FA 78 88.08 1.78 -38.58
CA GLY FA 78 88.82 2.20 -37.41
C GLY FA 78 90.17 1.50 -37.32
N ALA FA 79 90.21 0.22 -37.71
CA ALA FA 79 91.46 -0.51 -37.72
C ALA FA 79 92.38 -0.02 -38.83
N LEU FA 80 91.85 0.16 -40.07
CA LEU FA 80 92.68 0.69 -41.14
C LEU FA 80 93.10 2.12 -40.89
N ASN FA 81 92.48 2.81 -39.95
CA ASN FA 81 92.98 4.13 -39.56
C ASN FA 81 94.40 4.05 -39.08
N GLU FA 82 94.80 2.93 -38.49
CA GLU FA 82 96.14 2.78 -37.97
C GLU FA 82 97.09 2.16 -38.97
N THR FA 83 96.62 1.28 -39.83
CA THR FA 83 97.46 0.86 -40.93
C THR FA 83 97.89 2.04 -41.77
N HIS FA 84 97.13 3.12 -41.78
CA HIS FA 84 97.60 4.31 -42.45
C HIS FA 84 98.76 4.96 -41.73
N SER FA 85 98.70 5.01 -40.40
CA SER FA 85 99.77 5.66 -39.66
C SER FA 85 101.03 4.84 -39.65
N ILE FA 86 100.87 3.55 -39.62
CA ILE FA 86 102.06 2.70 -39.69
C ILE FA 86 102.68 2.79 -41.07
N LEU FA 87 101.88 2.76 -42.12
CA LEU FA 87 102.40 2.93 -43.46
C LEU FA 87 103.00 4.32 -43.65
N GLN FA 88 102.48 5.31 -42.94
CA GLN FA 88 103.01 6.66 -43.07
C GLN FA 88 104.38 6.76 -42.41
N ARG FA 89 104.52 6.21 -41.21
CA ARG FA 89 105.82 6.13 -40.57
C ARG FA 89 106.76 5.22 -41.35
N MET FA 90 106.24 4.14 -41.91
CA MET FA 90 107.04 3.22 -42.67
C MET FA 90 107.61 3.87 -43.93
N SER FA 91 107.05 4.99 -44.36
CA SER FA 91 107.56 5.70 -45.52
C SER FA 91 108.65 6.70 -45.17
N GLU FA 92 108.70 7.18 -43.93
CA GLU FA 92 109.85 7.97 -43.49
C GLU FA 92 111.08 7.11 -43.35
N LEU FA 93 110.92 5.87 -42.88
CA LEU FA 93 112.06 4.96 -42.87
C LEU FA 93 112.26 4.31 -44.23
N ALA FA 94 112.14 5.10 -45.29
CA ALA FA 94 112.69 4.77 -46.59
C ALA FA 94 113.24 5.98 -47.30
N THR FA 95 112.87 7.18 -46.89
CA THR FA 95 113.53 8.40 -47.34
C THR FA 95 114.77 8.66 -46.53
N GLN FA 96 114.81 8.16 -45.30
CA GLN FA 96 116.02 8.24 -44.50
C GLN FA 96 117.01 7.15 -44.87
N ALA FA 97 116.51 5.97 -45.19
CA ALA FA 97 117.37 4.87 -45.59
C ALA FA 97 117.92 5.03 -47.00
N ALA FA 98 117.31 5.86 -47.83
CA ALA FA 98 117.79 6.09 -49.18
C ALA FA 98 118.97 7.04 -49.24
N ASN FA 99 119.13 7.89 -48.22
CA ASN FA 99 120.28 8.78 -48.17
C ASN FA 99 121.55 7.97 -48.02
N ASP FA 100 122.62 8.41 -48.67
CA ASP FA 100 123.86 7.65 -48.69
C ASP FA 100 124.86 8.12 -47.64
N THR FA 101 124.46 9.00 -46.74
CA THR FA 101 125.24 9.22 -45.54
C THR FA 101 125.06 8.12 -44.52
N ASN FA 102 123.98 7.35 -44.64
CA ASN FA 102 123.80 6.16 -43.82
C ASN FA 102 124.81 5.09 -44.23
N THR FA 103 125.20 4.27 -43.27
CA THR FA 103 125.97 3.07 -43.55
C THR FA 103 125.08 1.85 -43.41
N ASP FA 104 125.58 0.70 -43.84
CA ASP FA 104 124.80 -0.52 -43.73
C ASP FA 104 124.54 -0.86 -42.26
N SER FA 105 125.44 -0.45 -41.36
CA SER FA 105 125.18 -0.61 -39.95
C SER FA 105 123.98 0.20 -39.49
N ASP FA 106 123.62 1.24 -40.22
CA ASP FA 106 122.48 2.10 -39.89
C ASP FA 106 121.27 1.86 -40.75
N ARG FA 107 121.44 1.41 -41.99
CA ARG FA 107 120.31 0.95 -42.77
C ARG FA 107 119.70 -0.30 -42.13
N SER FA 108 120.55 -1.26 -41.77
CA SER FA 108 120.07 -2.42 -41.02
C SER FA 108 119.56 -2.01 -39.66
N GLU FA 109 119.96 -0.83 -39.19
CA GLU FA 109 119.46 -0.34 -37.92
C GLU FA 109 118.02 0.14 -38.10
N LEU FA 110 117.75 0.80 -39.23
CA LEU FA 110 116.38 1.19 -39.58
C LEU FA 110 115.52 -0.02 -39.89
N GLN FA 111 116.13 -1.08 -40.45
CA GLN FA 111 115.37 -2.27 -40.79
C GLN FA 111 114.73 -2.90 -39.56
N LYS FA 112 115.30 -2.64 -38.38
CA LYS FA 112 114.71 -3.19 -37.16
C LYS FA 112 113.29 -2.65 -36.96
N GLU FA 113 113.09 -1.36 -37.18
CA GLU FA 113 111.75 -0.80 -37.09
C GLU FA 113 110.93 -1.12 -38.33
N MET FA 114 111.58 -1.28 -39.48
CA MET FA 114 110.89 -1.75 -40.68
C MET FA 114 110.18 -3.06 -40.42
N ASP FA 115 110.89 -4.04 -39.85
CA ASP FA 115 110.29 -5.33 -39.58
C ASP FA 115 109.30 -5.29 -38.44
N GLN FA 116 109.42 -4.31 -37.54
CA GLN FA 116 108.50 -4.21 -36.43
C GLN FA 116 107.23 -3.48 -36.82
N LEU FA 117 107.32 -2.53 -37.74
CA LEU FA 117 106.11 -1.89 -38.27
C LEU FA 117 105.36 -2.83 -39.18
N ALA FA 118 106.08 -3.53 -40.06
CA ALA FA 118 105.43 -4.47 -40.97
C ALA FA 118 104.81 -5.63 -40.23
N SER FA 119 105.32 -5.99 -39.05
CA SER FA 119 104.73 -7.03 -38.24
C SER FA 119 103.52 -6.55 -37.46
N GLU FA 120 103.33 -5.24 -37.33
CA GLU FA 120 102.16 -4.69 -36.69
C GLU FA 120 101.01 -4.50 -37.68
N VAL FA 121 101.34 -4.18 -38.94
CA VAL FA 121 100.33 -4.16 -39.98
C VAL FA 121 99.67 -5.51 -40.12
N THR FA 122 100.47 -6.59 -40.04
CA THR FA 122 99.90 -7.93 -40.09
C THR FA 122 99.06 -8.23 -38.86
N ARG FA 123 99.47 -7.73 -37.69
CA ARG FA 123 98.69 -8.00 -36.48
C ARG FA 123 97.30 -7.40 -36.58
N ILE FA 124 97.20 -6.18 -37.09
CA ILE FA 124 95.89 -5.52 -37.18
C ILE FA 124 94.96 -6.32 -38.08
N SER FA 125 95.49 -6.90 -39.16
CA SER FA 125 94.65 -7.69 -40.05
C SER FA 125 94.14 -8.95 -39.37
N THR FA 126 95.01 -9.68 -38.69
CA THR FA 126 94.61 -10.94 -38.09
C THR FA 126 93.96 -10.78 -36.72
N ASP FA 127 94.06 -9.61 -36.10
CA ASP FA 127 93.47 -9.41 -34.78
C ASP FA 127 92.17 -8.64 -34.80
N THR FA 128 91.97 -7.76 -35.77
CA THR FA 128 90.73 -7.00 -35.84
C THR FA 128 89.56 -7.94 -36.00
N GLU FA 129 88.67 -7.94 -35.01
CA GLU FA 129 87.61 -8.94 -34.95
C GLU FA 129 86.37 -8.30 -34.36
N PHE FA 130 85.32 -8.22 -35.17
CA PHE FA 130 83.99 -7.87 -34.69
C PHE FA 130 83.22 -9.15 -34.45
N ASN FA 131 82.54 -9.22 -33.31
CA ASN FA 131 81.81 -10.43 -32.91
C ASN FA 131 82.89 -11.50 -32.86
N THR FA 132 82.80 -12.57 -33.64
CA THR FA 132 83.88 -13.53 -33.80
C THR FA 132 84.33 -13.64 -35.24
N LYS FA 133 84.27 -12.53 -35.97
CA LYS FA 133 84.60 -12.50 -37.40
C LYS FA 133 85.87 -11.69 -37.60
N LYS FA 134 86.84 -12.29 -38.27
CA LYS FA 134 88.05 -11.58 -38.65
C LYS FA 134 87.74 -10.77 -39.90
N LEU FA 135 87.80 -9.45 -39.78
CA LEU FA 135 87.33 -8.59 -40.86
C LEU FA 135 88.40 -8.39 -41.93
N LEU FA 136 89.63 -8.09 -41.52
CA LEU FA 136 90.65 -7.63 -42.44
C LEU FA 136 91.59 -8.74 -42.92
N ASP FA 137 91.26 -10.00 -42.64
CA ASP FA 137 92.13 -11.10 -43.05
C ASP FA 137 91.65 -11.76 -44.34
N GLY FA 138 90.74 -11.13 -45.06
CA GLY FA 138 90.28 -11.64 -46.33
C GLY FA 138 89.21 -12.70 -46.26
N THR FA 139 88.72 -13.03 -45.06
CA THR FA 139 87.65 -14.01 -44.93
C THR FA 139 86.28 -13.38 -44.83
N ALA FA 140 86.19 -12.08 -44.55
CA ALA FA 140 84.90 -11.38 -44.47
C ALA FA 140 84.51 -10.94 -45.87
N GLN FA 141 83.94 -11.88 -46.61
CA GLN FA 141 83.49 -11.63 -47.97
C GLN FA 141 82.01 -11.98 -48.09
N ASN FA 142 81.29 -11.26 -48.93
CA ASN FA 142 79.87 -11.51 -49.18
C ASN FA 142 79.05 -11.32 -47.91
N LEU FA 143 79.48 -10.40 -47.05
CA LEU FA 143 78.72 -10.10 -45.86
C LEU FA 143 77.39 -9.48 -46.24
N THR FA 144 76.31 -10.19 -45.93
CA THR FA 144 74.97 -9.80 -46.34
C THR FA 144 74.24 -9.22 -45.14
N PHE FA 145 73.90 -7.94 -45.22
CA PHE FA 145 73.09 -7.28 -44.20
C PHE FA 145 71.65 -7.23 -44.69
N GLN FA 146 70.74 -7.78 -43.90
CA GLN FA 146 69.32 -7.75 -44.25
C GLN FA 146 68.79 -6.39 -43.85
N ILE FA 147 68.96 -5.41 -44.75
CA ILE FA 147 68.40 -4.08 -44.54
C ILE FA 147 67.05 -4.03 -45.23
N GLY FA 148 66.04 -4.54 -44.57
CA GLY FA 148 64.72 -4.64 -45.15
C GLY FA 148 63.99 -5.81 -44.54
N ALA FA 149 62.66 -5.76 -44.61
CA ALA FA 149 61.83 -6.74 -43.93
C ALA FA 149 61.49 -7.96 -44.78
N ASN FA 150 62.01 -8.04 -46.00
CA ASN FA 150 61.60 -9.08 -46.93
C ASN FA 150 62.84 -9.77 -47.51
N GLU FA 151 62.60 -10.73 -48.40
CA GLU FA 151 63.67 -11.36 -49.15
C GLU FA 151 64.40 -10.38 -50.06
N GLY FA 152 65.69 -10.63 -50.26
CA GLY FA 152 66.44 -9.89 -51.25
C GLY FA 152 66.62 -8.42 -50.94
N GLN FA 153 66.21 -7.97 -49.77
CA GLN FA 153 66.42 -6.59 -49.36
C GLN FA 153 67.71 -6.51 -48.55
N THR FA 154 68.78 -6.92 -49.20
CA THR FA 154 70.08 -7.08 -48.57
C THR FA 154 71.10 -6.17 -49.23
N MET FA 155 72.26 -6.07 -48.60
CA MET FA 155 73.43 -5.42 -49.15
C MET FA 155 74.64 -6.27 -48.89
N SER FA 156 75.46 -6.48 -49.92
CA SER FA 156 76.66 -7.27 -49.76
C SER FA 156 77.85 -6.37 -49.43
N LEU FA 157 78.94 -6.99 -49.02
CA LEU FA 157 80.15 -6.26 -48.68
C LEU FA 157 81.31 -7.25 -48.67
N SER FA 158 82.47 -6.80 -49.13
CA SER FA 158 83.65 -7.65 -49.17
C SER FA 158 84.87 -6.81 -48.84
N ILE FA 159 85.46 -7.07 -47.69
CA ILE FA 159 86.68 -6.39 -47.29
C ILE FA 159 87.86 -7.27 -47.68
N ASN FA 160 88.81 -6.68 -48.41
CA ASN FA 160 89.96 -7.44 -48.88
C ASN FA 160 90.96 -7.65 -47.77
N LYS FA 161 91.87 -8.59 -47.99
CA LYS FA 161 92.94 -8.84 -47.04
C LYS FA 161 93.90 -7.66 -47.01
N MET FA 162 94.13 -7.10 -45.82
CA MET FA 162 94.86 -5.86 -45.67
C MET FA 162 96.02 -6.03 -44.71
N ASP FA 163 96.79 -7.10 -44.90
CA ASP FA 163 98.00 -7.35 -44.13
C ASP FA 163 99.21 -6.97 -44.96
N SER FA 164 100.38 -7.05 -44.33
CA SER FA 164 101.61 -6.61 -44.99
C SER FA 164 101.92 -7.44 -46.22
N GLU FA 165 101.60 -8.73 -46.17
CA GLU FA 165 101.82 -9.58 -47.33
C GLU FA 165 100.99 -9.13 -48.52
N SER FA 166 99.73 -8.75 -48.27
CA SER FA 166 98.86 -8.34 -49.37
C SER FA 166 99.24 -6.97 -49.90
N LEU FA 167 99.58 -6.04 -49.02
CA LEU FA 167 100.03 -4.72 -49.46
C LEU FA 167 101.45 -4.75 -50.00
N LYS FA 168 102.15 -5.88 -49.87
CA LYS FA 168 103.52 -6.05 -50.37
C LYS FA 168 104.52 -5.19 -49.63
N VAL FA 169 104.22 -4.82 -48.40
CA VAL FA 169 105.16 -4.10 -47.56
C VAL FA 169 105.84 -5.03 -46.55
N GLY FA 170 105.74 -6.33 -46.76
CA GLY FA 170 106.35 -7.27 -45.83
C GLY FA 170 106.18 -8.67 -46.36
N THR FA 171 106.59 -9.63 -45.54
CA THR FA 171 106.45 -11.03 -45.88
C THR FA 171 106.44 -11.83 -44.59
N THR FA 172 105.59 -12.85 -44.55
CA THR FA 172 105.35 -13.61 -43.32
C THR FA 172 105.86 -15.03 -43.51
N TYR FA 173 106.91 -15.37 -42.77
CA TYR FA 173 107.42 -16.73 -42.72
C TYR FA 173 106.74 -17.47 -41.58
N THR FA 174 106.42 -18.73 -41.80
CA THR FA 174 105.89 -19.58 -40.76
C THR FA 174 106.87 -20.72 -40.50
N ALA FA 175 106.93 -21.16 -39.25
CA ALA FA 175 107.88 -22.17 -38.84
C ALA FA 175 107.35 -23.56 -39.16
N ASN FA 176 108.19 -24.37 -39.79
CA ASN FA 176 107.81 -25.74 -40.11
C ASN FA 176 107.67 -26.54 -38.80
N ASP FA 177 107.22 -27.79 -38.95
CA ASP FA 177 106.84 -28.58 -37.78
C ASP FA 177 108.03 -28.79 -36.84
N ASP FA 178 109.19 -29.12 -37.38
CA ASP FA 178 110.40 -29.29 -36.60
C ASP FA 178 111.00 -27.95 -36.18
N GLY FA 179 110.83 -26.90 -36.98
CA GLY FA 179 111.40 -25.60 -36.69
C GLY FA 179 112.76 -25.43 -37.31
N SER FA 180 113.12 -26.32 -38.23
CA SER FA 180 114.42 -26.21 -38.89
C SER FA 180 114.44 -25.06 -39.88
N LYS FA 181 113.36 -24.88 -40.63
CA LYS FA 181 113.33 -23.91 -41.71
C LYS FA 181 112.04 -23.10 -41.64
N LEU FA 182 112.18 -21.78 -41.57
CA LEU FA 182 111.03 -20.90 -41.67
C LEU FA 182 110.50 -20.90 -43.10
N VAL FA 183 109.20 -21.11 -43.24
CA VAL FA 183 108.57 -21.26 -44.55
C VAL FA 183 107.53 -20.16 -44.72
N THR FA 184 107.63 -19.42 -45.81
CA THR FA 184 106.58 -18.48 -46.16
C THR FA 184 105.63 -19.10 -47.18
N ALA FA 185 104.47 -18.48 -47.33
CA ALA FA 185 103.62 -18.83 -48.46
C ALA FA 185 104.34 -18.46 -49.75
N ASP FA 186 104.14 -19.29 -50.79
CA ASP FA 186 104.92 -19.38 -52.02
C ASP FA 186 106.21 -20.16 -51.73
N GLY FA 187 106.54 -20.42 -50.47
CA GLY FA 187 107.62 -21.32 -50.16
C GLY FA 187 109.02 -20.77 -50.34
N LYS FA 188 109.39 -19.78 -49.54
CA LYS FA 188 110.77 -19.31 -49.46
C LYS FA 188 111.37 -19.83 -48.17
N GLU FA 189 112.47 -20.56 -48.28
CA GLU FA 189 113.04 -21.28 -47.16
C GLU FA 189 113.95 -20.39 -46.34
N ALA FA 190 114.06 -20.71 -45.06
CA ALA FA 190 114.97 -20.00 -44.17
C ALA FA 190 115.45 -21.00 -43.11
N THR FA 191 116.60 -21.62 -43.35
CA THR FA 191 117.08 -22.70 -42.49
C THR FA 191 117.78 -22.15 -41.27
N LEU FA 192 117.75 -22.93 -40.19
CA LEU FA 192 118.34 -22.54 -38.92
C LEU FA 192 119.83 -22.88 -38.80
N VAL FA 193 120.54 -22.06 -38.01
CA VAL FA 193 121.98 -22.09 -37.75
C VAL FA 193 122.87 -22.23 -38.98
N THR FA 194 122.61 -21.42 -40.00
CA THR FA 194 123.32 -21.55 -41.26
C THR FA 194 124.12 -20.32 -41.70
N LYS FA 198 129.22 -20.48 -40.40
CA LYS FA 198 128.28 -20.35 -39.29
C LYS FA 198 127.81 -18.92 -39.16
N GLY FA 199 128.71 -18.02 -38.77
CA GLY FA 199 128.38 -16.63 -38.63
C GLY FA 199 127.43 -16.37 -37.48
N PRO FA 200 126.85 -15.18 -37.42
CA PRO FA 200 125.83 -14.90 -36.42
C PRO FA 200 124.65 -15.86 -36.57
N ASN FA 201 124.07 -16.23 -35.43
CA ASN FA 201 123.13 -17.34 -35.37
C ASN FA 201 121.71 -16.88 -35.65
N GLY FA 202 121.01 -17.61 -36.50
CA GLY FA 202 119.63 -17.31 -36.84
C GLY FA 202 119.18 -18.13 -38.02
N TYR FA 203 117.98 -17.80 -38.50
CA TYR FA 203 117.38 -18.49 -39.64
C TYR FA 203 117.87 -17.83 -40.92
N TYR FA 204 118.88 -18.44 -41.53
CA TYR FA 204 119.44 -17.84 -42.73
C TYR FA 204 118.65 -18.26 -43.97
N ASP FA 205 118.83 -17.48 -45.02
CA ASP FA 205 118.13 -17.62 -46.28
C ASP FA 205 119.13 -18.16 -47.30
N ASP FA 206 118.68 -18.39 -48.53
CA ASP FA 206 119.53 -18.98 -49.58
C ASP FA 206 120.59 -18.01 -50.08
N ALA FA 207 120.68 -16.81 -49.51
CA ALA FA 207 121.70 -15.85 -49.92
C ALA FA 207 122.52 -15.34 -48.75
N ASP FA 208 122.47 -16.04 -47.61
CA ASP FA 208 123.28 -15.78 -46.42
C ASP FA 208 122.71 -14.54 -45.72
N LYS FA 209 121.70 -13.90 -46.32
CA LYS FA 209 121.00 -12.81 -45.65
C LYS FA 209 120.23 -13.39 -44.47
N LEU FA 210 120.59 -12.96 -43.26
CA LEU FA 210 119.85 -13.36 -42.08
C LEU FA 210 118.40 -12.90 -42.19
N VAL FA 211 117.49 -13.81 -41.88
CA VAL FA 211 116.05 -13.53 -41.91
C VAL FA 211 115.53 -13.28 -40.50
N TYR FA 212 115.78 -14.22 -39.59
CA TYR FA 212 115.37 -14.08 -38.20
C TYR FA 212 116.59 -14.29 -37.30
N GLN FA 213 116.61 -13.54 -36.21
CA GLN FA 213 117.70 -13.64 -35.23
C GLN FA 213 117.22 -14.49 -34.06
N ALA FA 214 117.59 -15.76 -34.08
CA ALA FA 214 117.28 -16.66 -32.98
C ALA FA 214 118.32 -17.76 -32.95
N ASP FA 215 118.70 -18.16 -31.74
CA ASP FA 215 119.67 -19.24 -31.56
C ASP FA 215 119.02 -20.58 -31.29
N SER FA 216 117.88 -20.60 -30.60
CA SER FA 216 117.10 -21.81 -30.43
C SER FA 216 116.27 -22.07 -31.68
N ALA FA 217 115.34 -23.00 -31.60
CA ALA FA 217 114.45 -23.28 -32.73
C ALA FA 217 113.07 -22.77 -32.38
N LEU FA 218 112.45 -22.05 -33.32
CA LEU FA 218 111.11 -21.53 -33.09
C LEU FA 218 110.12 -22.67 -32.94
N ALA FA 219 109.03 -22.38 -32.24
CA ALA FA 219 107.99 -23.38 -32.01
C ALA FA 219 107.24 -23.67 -33.30
N LYS FA 220 106.22 -24.51 -33.23
CA LYS FA 220 105.48 -24.95 -34.39
C LYS FA 220 104.41 -23.92 -34.75
N ASP FA 221 104.33 -23.59 -36.04
CA ASP FA 221 103.39 -22.59 -36.54
C ASP FA 221 103.55 -21.24 -35.84
N THR FA 222 104.79 -20.81 -35.64
CA THR FA 222 105.07 -19.45 -35.19
C THR FA 222 105.40 -18.60 -36.40
N LYS FA 223 104.63 -17.56 -36.62
CA LYS FA 223 104.81 -16.69 -37.76
C LYS FA 223 105.73 -15.53 -37.40
N VAL FA 224 106.63 -15.20 -38.32
CA VAL FA 224 107.45 -14.01 -38.20
C VAL FA 224 107.22 -13.17 -39.45
N THR FA 225 107.17 -11.86 -39.26
CA THR FA 225 106.95 -10.93 -40.36
C THR FA 225 108.21 -10.08 -40.55
N LYS FA 226 108.66 -10.00 -41.80
CA LYS FA 226 109.89 -9.31 -42.14
C LYS FA 226 109.55 -8.19 -43.10
N GLY FA 227 109.96 -6.97 -42.78
CA GLY FA 227 109.60 -5.83 -43.58
C GLY FA 227 110.24 -5.85 -44.95
N ILE FA 228 109.78 -4.94 -45.81
CA ILE FA 228 110.35 -4.84 -47.15
C ILE FA 228 111.79 -4.36 -47.04
N ASP FA 229 112.61 -4.80 -47.98
CA ASP FA 229 114.05 -4.58 -47.91
C ASP FA 229 114.38 -3.11 -48.13
N ILE FA 230 114.94 -2.46 -47.11
CA ILE FA 230 115.48 -1.12 -47.23
C ILE FA 230 116.94 -1.04 -46.80
N SER FA 231 117.51 -2.13 -46.30
CA SER FA 231 118.83 -2.09 -45.71
C SER FA 231 119.93 -2.64 -46.62
N SER FA 232 119.57 -3.27 -47.73
CA SER FA 232 120.59 -3.84 -48.60
C SER FA 232 121.37 -2.77 -49.36
N SER FA 233 120.74 -1.65 -49.68
CA SER FA 233 121.38 -0.62 -50.48
C SER FA 233 120.52 0.64 -50.40
N ALA FA 234 121.05 1.72 -50.98
CA ALA FA 234 120.24 2.92 -51.15
C ALA FA 234 119.25 2.78 -52.30
N LYS FA 235 119.64 2.04 -53.34
CA LYS FA 235 118.71 1.77 -54.43
C LYS FA 235 117.52 0.97 -53.95
N ALA FA 236 117.75 -0.03 -53.10
CA ALA FA 236 116.65 -0.84 -52.58
C ALA FA 236 115.70 0.00 -51.73
N ALA FA 237 116.25 0.90 -50.92
CA ALA FA 237 115.40 1.75 -50.08
C ALA FA 237 114.55 2.67 -50.94
N SER FA 238 115.11 3.21 -52.02
CA SER FA 238 114.32 4.01 -52.94
C SER FA 238 113.23 3.16 -53.61
N SER FA 239 113.56 1.93 -53.97
CA SER FA 239 112.57 1.05 -54.58
C SER FA 239 111.40 0.81 -53.63
N ALA FA 240 111.68 0.61 -52.35
CA ALA FA 240 110.64 0.43 -51.36
C ALA FA 240 109.75 1.66 -51.21
N LEU FA 241 110.21 2.83 -51.67
CA LEU FA 241 109.40 4.03 -51.51
C LEU FA 241 108.12 3.96 -52.32
N THR FA 242 108.20 3.53 -53.58
CA THR FA 242 106.99 3.37 -54.39
C THR FA 242 106.12 2.25 -53.87
N THR FA 243 106.73 1.16 -53.40
CA THR FA 243 105.94 0.07 -52.85
C THR FA 243 105.14 0.52 -51.64
N ILE FA 244 105.76 1.33 -50.78
CA ILE FA 244 105.05 1.81 -49.60
C ILE FA 244 103.98 2.82 -49.99
N LYS FA 245 104.32 3.76 -50.88
CA LYS FA 245 103.35 4.78 -51.24
C LYS FA 245 102.20 4.22 -52.05
N THR FA 246 102.40 3.08 -52.70
CA THR FA 246 101.29 2.39 -53.35
C THR FA 246 100.42 1.69 -52.33
N ALA FA 247 101.03 1.12 -51.29
CA ALA FA 247 100.24 0.48 -50.24
C ALA FA 247 99.33 1.48 -49.54
N ILE FA 248 99.80 2.72 -49.37
CA ILE FA 248 98.92 3.76 -48.84
C ILE FA 248 97.76 4.01 -49.78
N ASP FA 249 97.96 3.81 -51.08
CA ASP FA 249 96.89 4.02 -52.03
C ASP FA 249 95.85 2.91 -51.97
N THR FA 250 96.27 1.66 -51.82
CA THR FA 250 95.32 0.56 -51.72
C THR FA 250 94.73 0.41 -50.34
N VAL FA 251 95.20 1.17 -49.36
CA VAL FA 251 94.52 1.26 -48.09
C VAL FA 251 93.48 2.36 -48.11
N SER FA 252 93.81 3.50 -48.73
CA SER FA 252 92.82 4.55 -48.90
C SER FA 252 91.64 4.08 -49.74
N SER FA 253 91.90 3.22 -50.73
CA SER FA 253 90.80 2.66 -51.51
C SER FA 253 89.90 1.78 -50.65
N GLU FA 254 90.49 0.99 -49.77
CA GLU FA 254 89.67 0.14 -48.91
C GLU FA 254 88.91 0.95 -47.88
N ARG FA 255 89.52 2.01 -47.34
CA ARG FA 255 88.85 2.78 -46.31
C ARG FA 255 87.60 3.47 -46.83
N ALA FA 256 87.63 3.99 -48.05
CA ALA FA 256 86.46 4.65 -48.59
C ALA FA 256 85.53 3.71 -49.34
N LYS FA 257 85.96 2.49 -49.62
CA LYS FA 257 85.00 1.45 -49.97
C LYS FA 257 84.16 1.07 -48.77
N LEU FA 258 84.67 1.30 -47.55
CA LEU FA 258 83.91 1.06 -46.33
C LEU FA 258 83.25 2.32 -45.81
N GLY FA 259 83.75 3.49 -46.17
CA GLY FA 259 83.10 4.72 -45.80
C GLY FA 259 81.92 4.99 -46.69
N ALA FA 260 81.97 4.46 -47.92
CA ALA FA 260 80.83 4.60 -48.82
C ALA FA 260 79.66 3.74 -48.35
N VAL FA 261 79.94 2.53 -47.89
CA VAL FA 261 78.87 1.67 -47.39
C VAL FA 261 78.28 2.25 -46.12
N GLN FA 262 79.11 2.82 -45.26
CA GLN FA 262 78.60 3.38 -44.01
C GLN FA 262 77.72 4.59 -44.27
N ASN FA 263 78.09 5.42 -45.25
CA ASN FA 263 77.23 6.54 -45.62
C ASN FA 263 75.89 6.05 -46.15
N ARG FA 264 75.91 5.00 -46.96
CA ARG FA 264 74.66 4.44 -47.46
C ARG FA 264 73.81 3.90 -46.32
N LEU FA 265 74.44 3.19 -45.39
CA LEU FA 265 73.69 2.63 -44.27
C LEU FA 265 73.12 3.69 -43.35
N GLU FA 266 73.70 4.89 -43.34
CA GLU FA 266 73.11 5.97 -42.58
C GLU FA 266 71.85 6.50 -43.24
N HIS FA 267 71.81 6.49 -44.57
CA HIS FA 267 70.58 6.84 -45.28
C HIS FA 267 69.54 5.75 -45.18
N THR FA 268 69.97 4.49 -45.21
CA THR FA 268 69.05 3.38 -45.06
C THR FA 268 68.37 3.39 -43.70
N ILE FA 269 69.03 3.88 -42.67
CA ILE FA 269 68.43 3.89 -41.34
C ILE FA 269 67.36 4.97 -41.22
N ASN FA 270 67.61 6.16 -41.75
CA ASN FA 270 66.59 7.20 -41.73
C ASN FA 270 65.37 6.78 -42.54
N ASN FA 271 65.57 6.10 -43.66
CA ASN FA 271 64.44 5.69 -44.47
C ASN FA 271 63.69 4.52 -43.83
N LEU FA 272 64.40 3.62 -43.17
CA LEU FA 272 63.72 2.55 -42.43
C LEU FA 272 62.98 3.10 -41.23
N GLY FA 273 63.55 4.08 -40.54
CA GLY FA 273 62.86 4.70 -39.43
C GLY FA 273 61.64 5.50 -39.86
N THR FA 274 61.73 6.19 -40.98
CA THR FA 274 60.58 6.93 -41.49
C THR FA 274 59.47 5.99 -41.95
N SER FA 275 59.83 4.85 -42.54
CA SER FA 275 58.83 3.91 -43.01
C SER FA 275 58.16 3.14 -41.88
N SER FA 276 58.74 3.12 -40.69
CA SER FA 276 58.05 2.52 -39.56
C SER FA 276 57.01 3.44 -38.98
N GLU FA 277 57.33 4.74 -38.86
CA GLU FA 277 56.34 5.70 -38.40
C GLU FA 277 55.16 5.77 -39.35
N ASN FA 278 55.43 5.82 -40.64
CA ASN FA 278 54.35 5.93 -41.62
C ASN FA 278 53.50 4.67 -41.63
N LEU FA 279 54.07 3.53 -41.30
CA LEU FA 279 53.31 2.30 -41.24
C LEU FA 279 52.70 2.07 -39.86
N THR FA 280 53.37 2.50 -38.80
CA THR FA 280 52.79 2.42 -37.48
C THR FA 280 51.53 3.27 -37.40
N SER FA 281 51.59 4.50 -37.93
CA SER FA 281 50.41 5.34 -37.98
C SER FA 281 49.35 4.74 -38.89
N ALA FA 282 49.77 4.14 -40.00
CA ALA FA 282 48.81 3.51 -40.90
C ALA FA 282 48.11 2.35 -40.23
N GLU FA 283 48.85 1.54 -39.46
CA GLU FA 283 48.25 0.40 -38.81
C GLU FA 283 47.39 0.81 -37.62
N SER FA 284 47.74 1.89 -36.94
CA SER FA 284 46.95 2.34 -35.82
C SER FA 284 45.56 2.78 -36.26
N ARG FA 285 45.47 3.47 -37.40
CA ARG FA 285 44.16 3.88 -37.90
C ARG FA 285 43.29 2.68 -38.23
N ILE FA 286 43.90 1.63 -38.77
CA ILE FA 286 43.12 0.43 -39.14
C ILE FA 286 42.73 -0.35 -37.89
N ARG FA 287 43.63 -0.47 -36.92
CA ARG FA 287 43.47 -1.41 -35.83
C ARG FA 287 43.02 -0.76 -34.53
N ASP FA 288 43.68 0.32 -34.11
CA ASP FA 288 43.36 0.94 -32.83
C ASP FA 288 41.98 1.59 -32.87
N VAL FA 289 41.35 1.66 -31.72
CA VAL FA 289 40.01 2.22 -31.59
C VAL FA 289 40.13 3.70 -31.24
N ASP FA 290 39.10 4.46 -31.59
CA ASP FA 290 39.02 5.86 -31.20
C ASP FA 290 38.34 5.92 -29.85
N MET FA 291 39.08 6.36 -28.83
CA MET FA 291 38.56 6.33 -27.47
C MET FA 291 37.33 7.20 -27.34
N ALA FA 292 37.36 8.39 -27.94
CA ALA FA 292 36.22 9.30 -27.83
C ALA FA 292 34.99 8.75 -28.54
N SER FA 293 35.14 8.31 -29.78
CA SER FA 293 34.01 7.82 -30.55
C SER FA 293 33.47 6.50 -30.03
N GLU FA 294 34.21 5.81 -29.18
CA GLU FA 294 33.79 4.52 -28.65
C GLU FA 294 33.19 4.63 -27.26
N MET FA 295 33.76 5.49 -26.41
CA MET FA 295 33.17 5.74 -25.10
C MET FA 295 31.79 6.36 -25.25
N MET FA 296 31.64 7.28 -26.20
CA MET FA 296 30.34 7.87 -26.46
C MET FA 296 29.34 6.85 -26.97
N GLU FA 297 29.80 5.86 -27.74
CA GLU FA 297 28.89 4.83 -28.23
C GLU FA 297 28.58 3.82 -27.13
N TYR FA 298 29.55 3.54 -26.27
CA TYR FA 298 29.30 2.62 -25.17
C TYR FA 298 28.24 3.16 -24.23
N THR FA 299 28.31 4.46 -23.93
CA THR FA 299 27.32 5.07 -23.05
C THR FA 299 25.92 5.00 -23.65
N LYS FA 300 25.80 5.11 -24.97
CA LYS FA 300 24.49 5.05 -25.59
C LYS FA 300 23.84 3.69 -25.37
N ASN FA 301 24.53 2.60 -25.72
CA ASN FA 301 23.96 1.28 -25.48
C ASN FA 301 23.84 0.98 -24.01
N ASN FA 302 24.65 1.61 -23.16
CA ASN FA 302 24.51 1.44 -21.73
C ASN FA 302 23.26 2.13 -21.21
N ILE FA 303 22.69 3.05 -21.97
CA ILE FA 303 21.42 3.67 -21.60
C ILE FA 303 20.24 2.93 -22.22
N LEU FA 304 20.38 2.54 -23.48
CA LEU FA 304 19.32 1.80 -24.16
C LEU FA 304 18.98 0.50 -23.45
N THR FA 305 19.93 -0.11 -22.75
CA THR FA 305 19.63 -1.30 -21.96
C THR FA 305 18.92 -0.96 -20.67
N GLN FA 306 19.19 0.21 -20.09
CA GLN FA 306 18.43 0.63 -18.90
C GLN FA 306 17.03 1.07 -19.26
N ALA FA 307 16.85 1.67 -20.43
CA ALA FA 307 15.51 2.00 -20.89
C ALA FA 307 14.68 0.74 -21.10
N SER FA 308 15.29 -0.30 -21.69
CA SER FA 308 14.59 -1.57 -21.83
C SER FA 308 14.40 -2.25 -20.48
N GLN FA 309 15.37 -2.08 -19.59
CA GLN FA 309 15.22 -2.61 -18.23
C GLN FA 309 14.05 -1.96 -17.52
N ALA FA 310 13.93 -0.64 -17.63
CA ALA FA 310 12.85 0.07 -16.96
C ALA FA 310 11.49 -0.34 -17.50
N MET FA 311 11.36 -0.49 -18.82
CA MET FA 311 10.09 -0.85 -19.40
C MET FA 311 9.75 -2.33 -19.23
N LEU FA 312 10.75 -3.18 -19.06
CA LEU FA 312 10.47 -4.59 -18.78
C LEU FA 312 9.76 -4.76 -17.45
N ALA FA 313 10.15 -3.96 -16.45
CA ALA FA 313 9.49 -4.03 -15.16
C ALA FA 313 8.00 -3.68 -15.28
N GLN FA 314 7.69 -2.64 -16.05
CA GLN FA 314 6.30 -2.26 -16.24
C GLN FA 314 5.55 -3.27 -17.11
N ALA FA 315 6.25 -3.89 -18.05
CA ALA FA 315 5.61 -4.87 -18.92
C ALA FA 315 5.09 -6.06 -18.12
N ASN FA 316 5.76 -6.42 -17.02
CA ASN FA 316 5.29 -7.51 -16.18
C ASN FA 316 4.11 -7.09 -15.31
N GLN FA 317 4.00 -5.79 -14.99
CA GLN FA 317 2.92 -5.34 -14.12
C GLN FA 317 1.59 -5.33 -14.85
N GLN FA 318 1.60 -5.13 -16.17
CA GLN FA 318 0.37 -5.02 -16.93
C GLN FA 318 -0.52 -6.26 -16.84
N PRO FA 319 -0.02 -7.50 -16.96
CA PRO FA 319 -0.91 -8.66 -16.79
C PRO FA 319 -1.48 -8.80 -15.39
N GLN FA 320 -0.90 -8.14 -14.39
CA GLN FA 320 -1.36 -8.29 -13.02
C GLN FA 320 -2.70 -7.64 -12.76
N GLN FA 321 -3.23 -6.86 -13.69
CA GLN FA 321 -4.47 -6.12 -13.47
C GLN FA 321 -5.73 -6.92 -13.76
N VAL FA 322 -5.61 -8.11 -14.33
CA VAL FA 322 -6.80 -8.91 -14.60
C VAL FA 322 -7.32 -9.60 -13.35
N LEU FA 323 -6.51 -9.67 -12.29
CA LEU FA 323 -6.95 -10.32 -11.06
C LEU FA 323 -8.08 -9.55 -10.40
N GLN FA 324 -7.99 -8.21 -10.42
CA GLN FA 324 -9.06 -7.39 -9.86
C GLN FA 324 -10.35 -7.54 -10.66
N LEU FA 325 -10.26 -7.90 -11.93
CA LEU FA 325 -11.45 -8.16 -12.74
C LEU FA 325 -11.99 -9.56 -12.53
N LEU FA 326 -11.11 -10.52 -12.26
CA LEU FA 326 -11.54 -11.92 -12.12
C LEU FA 326 -12.30 -12.17 -10.83
N LYS FA 327 -12.16 -11.31 -9.84
CA LYS FA 327 -12.89 -11.47 -8.58
C LYS FA 327 -14.22 -10.74 -8.63
N MET GA 1 -11.47 16.34 -15.08
CA MET GA 1 -10.25 15.60 -15.34
C MET GA 1 -10.32 14.87 -16.67
N ARG GA 2 -9.64 15.42 -17.68
CA ARG GA 2 -9.60 14.81 -18.99
C ARG GA 2 -8.35 13.96 -19.12
N ILE GA 3 -8.52 12.71 -19.55
CA ILE GA 3 -7.47 11.72 -19.50
C ILE GA 3 -6.82 11.50 -20.86
N ASN GA 4 -7.62 11.58 -21.94
CA ASN GA 4 -7.10 11.26 -23.27
C ASN GA 4 -6.01 12.22 -23.73
N HIS GA 5 -5.85 13.36 -23.08
CA HIS GA 5 -4.81 14.30 -23.46
C HIS GA 5 -4.27 14.97 -22.20
N ASN GA 6 -2.94 14.99 -22.07
CA ASN GA 6 -2.28 15.63 -20.93
C ASN GA 6 -1.60 16.89 -21.45
N ILE GA 7 -2.35 17.98 -21.47
CA ILE GA 7 -1.82 19.24 -22.00
C ILE GA 7 -0.70 19.75 -21.12
N ALA GA 8 -0.77 19.48 -19.81
CA ALA GA 8 0.31 19.89 -18.93
C ALA GA 8 1.62 19.22 -19.30
N ALA GA 9 1.58 17.92 -19.59
CA ALA GA 9 2.78 17.21 -20.01
C ALA GA 9 3.15 17.52 -21.45
N LEU GA 10 2.17 17.71 -22.31
CA LEU GA 10 2.46 18.06 -23.70
C LEU GA 10 3.11 19.43 -23.80
N ASN GA 11 2.69 20.37 -22.96
CA ASN GA 11 3.34 21.68 -22.95
C ASN GA 11 4.75 21.59 -22.40
N THR GA 12 4.95 20.77 -21.36
CA THR GA 12 6.29 20.62 -20.79
C THR GA 12 7.25 19.96 -21.76
N SER GA 13 6.73 19.09 -22.64
CA SER GA 13 7.59 18.44 -23.63
C SER GA 13 8.21 19.46 -24.58
N ARG GA 14 7.41 20.44 -25.02
CA ARG GA 14 7.94 21.46 -25.93
C ARG GA 14 9.04 22.27 -25.27
N GLN GA 15 8.84 22.67 -24.01
CA GLN GA 15 9.91 23.36 -23.31
C GLN GA 15 11.11 22.45 -23.07
N LEU GA 16 10.88 21.15 -22.98
CA LEU GA 16 11.99 20.21 -22.89
C LEU GA 16 12.78 20.17 -24.19
N ASN GA 17 12.09 20.08 -25.32
CA ASN GA 17 12.76 20.20 -26.61
C ASN GA 17 12.86 21.65 -27.07
N ALA GA 18 13.23 22.53 -26.16
CA ALA GA 18 13.63 23.90 -26.51
C ALA GA 18 14.81 24.39 -25.71
N GLY GA 19 15.15 23.75 -24.59
CA GLY GA 19 16.35 24.06 -23.85
C GLY GA 19 17.43 23.07 -24.20
N SER GA 20 17.01 21.87 -24.60
CA SER GA 20 17.96 20.91 -25.15
C SER GA 20 18.56 21.41 -26.44
N ASN GA 21 17.74 21.99 -27.32
CA ASN GA 21 18.25 22.56 -28.56
C ASN GA 21 19.20 23.72 -28.28
N ALA GA 22 18.85 24.58 -27.33
CA ALA GA 22 19.72 25.69 -26.98
C ALA GA 22 21.03 25.20 -26.38
N ALA GA 23 20.97 24.19 -25.53
CA ALA GA 23 22.19 23.63 -24.96
C ALA GA 23 23.06 23.00 -26.03
N SER GA 24 22.44 22.32 -26.99
CA SER GA 24 23.21 21.73 -28.09
C SER GA 24 23.88 22.82 -28.92
N LYS GA 25 23.16 23.91 -29.20
CA LYS GA 25 23.76 25.01 -29.92
C LYS GA 25 24.89 25.66 -29.14
N ASN GA 26 24.74 25.76 -27.82
CA ASN GA 26 25.78 26.35 -27.00
C ASN GA 26 27.00 25.47 -26.93
N MET GA 27 26.82 24.15 -26.95
CA MET GA 27 27.95 23.24 -26.89
C MET GA 27 28.70 23.16 -28.21
N GLU GA 28 28.03 23.44 -29.34
CA GLU GA 28 28.74 23.55 -30.60
C GLU GA 28 29.76 24.68 -30.54
N LYS GA 29 29.35 25.83 -30.02
CA LYS GA 29 30.25 26.96 -29.90
C LYS GA 29 31.39 26.66 -28.94
N LEU GA 30 31.08 26.02 -27.82
CA LEU GA 30 32.10 25.75 -26.81
C LEU GA 30 33.15 24.78 -27.33
N SER GA 31 32.71 23.74 -28.04
CA SER GA 31 33.66 22.76 -28.56
C SER GA 31 34.52 23.36 -29.67
N SER GA 32 33.89 24.02 -30.64
CA SER GA 32 34.64 24.57 -31.77
C SER GA 32 35.38 25.84 -31.42
N GLY GA 33 34.89 26.60 -30.46
CA GLY GA 33 35.48 27.88 -30.15
C GLY GA 33 35.07 29.01 -31.06
N LEU GA 34 34.06 28.81 -31.89
CA LEU GA 34 33.62 29.81 -32.86
C LEU GA 34 32.17 30.18 -32.62
N ARG GA 35 31.88 31.48 -32.66
CA ARG GA 35 30.49 31.94 -32.58
C ARG GA 35 29.70 31.48 -33.79
N ILE GA 36 30.28 31.61 -34.98
CA ILE GA 36 29.58 31.35 -36.23
C ILE GA 36 30.09 30.04 -36.77
N ASN GA 37 29.34 28.97 -36.52
CA ASN GA 37 29.61 27.67 -37.14
C ASN GA 37 28.81 27.54 -38.44
N ARG GA 38 27.49 27.64 -38.34
CA ARG GA 38 26.62 27.72 -39.49
C ARG GA 38 26.47 29.16 -39.94
N ALA GA 39 25.93 29.34 -41.14
CA ALA GA 39 25.68 30.69 -41.63
C ALA GA 39 24.47 31.33 -41.00
N GLY GA 40 23.64 30.55 -40.30
CA GLY GA 40 22.46 31.10 -39.64
C GLY GA 40 22.74 31.81 -38.34
N ASP GA 41 23.94 31.63 -37.77
CA ASP GA 41 24.29 32.34 -36.55
C ASP GA 41 24.60 33.81 -36.82
N ASP GA 42 25.25 34.10 -37.95
CA ASP GA 42 25.46 35.48 -38.37
C ASP GA 42 25.74 35.47 -39.86
N ALA GA 43 24.79 35.97 -40.65
CA ALA GA 43 25.00 36.04 -42.10
C ALA GA 43 26.09 37.05 -42.43
N ALA GA 44 25.95 38.28 -41.92
CA ALA GA 44 26.98 39.28 -42.14
C ALA GA 44 28.27 38.91 -41.40
N GLY GA 45 28.16 38.25 -40.26
CA GLY GA 45 29.35 37.78 -39.57
C GLY GA 45 30.10 36.74 -40.39
N LEU GA 46 29.37 35.82 -41.02
CA LEU GA 46 30.01 34.86 -41.90
C LEU GA 46 30.65 35.55 -43.10
N ALA GA 47 29.94 36.50 -43.71
CA ALA GA 47 30.48 37.17 -44.88
C ALA GA 47 31.73 37.97 -44.54
N ILE GA 48 31.69 38.74 -43.45
CA ILE GA 48 32.83 39.57 -43.08
C ILE GA 48 34.02 38.70 -42.71
N SER GA 49 33.76 37.61 -41.98
CA SER GA 49 34.82 36.73 -41.54
C SER GA 49 35.63 36.18 -42.71
N GLU GA 50 34.94 35.64 -43.71
CA GLU GA 50 35.63 35.03 -44.84
C GLU GA 50 36.46 36.03 -45.61
N LYS GA 51 35.94 37.24 -45.81
CA LYS GA 51 36.75 38.31 -46.39
C LYS GA 51 37.96 38.54 -45.51
N MET GA 52 37.75 38.61 -44.20
CA MET GA 52 38.84 38.84 -43.27
C MET GA 52 39.89 37.73 -43.32
N ARG GA 53 39.46 36.47 -43.24
CA ARG GA 53 40.40 35.36 -43.29
C ARG GA 53 41.20 35.38 -44.57
N SER GA 54 40.51 35.59 -45.70
CA SER GA 54 41.16 35.67 -46.99
C SER GA 54 42.25 36.74 -46.98
N GLN GA 55 41.93 37.89 -46.38
CA GLN GA 55 42.89 38.97 -46.30
C GLN GA 55 44.03 38.65 -45.35
N ILE GA 56 43.72 38.04 -44.20
CA ILE GA 56 44.76 37.73 -43.23
C ILE GA 56 45.72 36.69 -43.78
N ARG GA 57 45.19 35.63 -44.40
CA ARG GA 57 46.07 34.65 -45.02
C ARG GA 57 46.75 35.18 -46.26
N GLY GA 58 46.35 36.34 -46.74
CA GLY GA 58 47.05 36.99 -47.84
C GLY GA 58 48.18 37.86 -47.35
N LEU GA 59 47.93 38.65 -46.30
CA LEU GA 59 48.99 39.50 -45.78
C LEU GA 59 50.10 38.70 -45.12
N ASP GA 60 49.78 37.57 -44.50
CA ASP GA 60 50.83 36.75 -43.93
C ASP GA 60 51.61 36.00 -45.00
N MET GA 61 50.98 35.75 -46.13
CA MET GA 61 51.70 35.17 -47.27
C MET GA 61 52.41 36.23 -48.09
N ALA GA 62 51.78 37.39 -48.27
CA ALA GA 62 52.47 38.51 -48.91
C ALA GA 62 53.62 39.03 -48.08
N SER GA 63 53.67 38.70 -46.79
CA SER GA 63 54.84 38.98 -45.99
C SER GA 63 55.96 37.99 -46.25
N LYS GA 64 55.65 36.79 -46.73
CA LYS GA 64 56.69 35.89 -47.19
C LYS GA 64 57.25 36.34 -48.52
N ASN GA 65 56.40 36.80 -49.43
CA ASN GA 65 56.88 37.32 -50.70
C ASN GA 65 57.79 38.53 -50.50
N ALA GA 66 57.41 39.42 -49.58
CA ALA GA 66 58.26 40.57 -49.30
C ALA GA 66 59.60 40.14 -48.74
N GLN GA 67 59.63 39.06 -47.97
CA GLN GA 67 60.89 38.58 -47.44
C GLN GA 67 61.65 37.69 -48.41
N ASP GA 68 60.96 37.05 -49.34
CA ASP GA 68 61.64 36.36 -50.42
C ASP GA 68 62.16 37.33 -51.47
N GLY GA 69 61.75 38.58 -51.43
CA GLY GA 69 62.31 39.60 -52.30
C GLY GA 69 63.46 40.29 -51.61
N ILE GA 70 63.42 40.34 -50.28
CA ILE GA 70 64.55 40.86 -49.52
C ILE GA 70 65.75 39.95 -49.69
N SER GA 71 65.52 38.64 -49.76
CA SER GA 71 66.62 37.70 -49.99
C SER GA 71 67.14 37.80 -51.41
N LEU GA 72 66.25 37.95 -52.38
CA LEU GA 72 66.68 38.08 -53.77
C LEU GA 72 67.50 39.35 -53.97
N ILE GA 73 67.23 40.39 -53.19
CA ILE GA 73 67.92 41.65 -53.34
C ILE GA 73 69.22 41.66 -52.56
N GLN GA 74 69.25 41.01 -51.40
CA GLN GA 74 70.49 40.88 -50.65
C GLN GA 74 71.53 40.10 -51.43
N THR GA 75 71.08 39.09 -52.19
CA THR GA 75 72.00 38.32 -53.01
C THR GA 75 72.65 39.19 -54.09
N SER GA 76 71.87 40.04 -54.74
CA SER GA 76 72.41 40.88 -55.80
C SER GA 76 73.41 41.88 -55.27
N GLU GA 77 73.04 42.64 -54.23
CA GLU GA 77 73.97 43.63 -53.71
C GLU GA 77 75.13 42.96 -52.98
N GLY GA 78 74.91 41.76 -52.43
CA GLY GA 78 76.03 41.00 -51.92
C GLY GA 78 77.04 40.67 -53.00
N ALA GA 79 76.55 40.38 -54.20
CA ALA GA 79 77.45 40.10 -55.32
C ALA GA 79 78.16 41.36 -55.77
N LEU GA 80 77.41 42.50 -55.94
CA LEU GA 80 78.06 43.74 -56.32
C LEU GA 80 78.99 44.26 -55.24
N ASN GA 81 78.90 43.74 -54.02
CA ASN GA 81 79.88 44.10 -53.01
C ASN GA 81 81.28 43.74 -53.45
N GLU GA 82 81.42 42.70 -54.26
CA GLU GA 82 82.72 42.26 -54.72
C GLU GA 82 83.12 42.88 -56.04
N THR GA 83 82.18 43.16 -56.92
CA THR GA 83 82.51 43.96 -58.08
C THR GA 83 83.08 45.31 -57.67
N HIS GA 84 82.74 45.79 -56.49
CA HIS GA 84 83.40 47.00 -56.02
C HIS GA 84 84.85 46.76 -55.67
N SER GA 85 85.15 45.64 -55.04
CA SER GA 85 86.53 45.39 -54.63
C SER GA 85 87.41 45.07 -55.82
N ILE GA 86 86.84 44.38 -56.78
CA ILE GA 86 87.62 44.09 -57.98
C ILE GA 86 87.87 45.37 -58.75
N LEU GA 87 86.84 46.21 -58.90
CA LEU GA 87 87.04 47.50 -59.56
C LEU GA 87 87.98 48.39 -58.77
N GLN GA 88 88.03 48.23 -57.45
CA GLN GA 88 88.93 49.04 -56.65
C GLN GA 88 90.36 48.62 -56.86
N ARG GA 89 90.62 47.31 -56.84
CA ARG GA 89 91.94 46.79 -57.18
C ARG GA 89 92.29 47.09 -58.61
N MET GA 90 91.31 47.01 -59.51
CA MET GA 90 91.55 47.27 -60.92
C MET GA 90 91.95 48.70 -61.17
N SER GA 91 91.70 49.59 -60.22
CA SER GA 91 92.10 50.98 -60.35
C SER GA 91 93.52 51.25 -59.86
N GLU GA 92 94.03 50.42 -58.96
CA GLU GA 92 95.45 50.51 -58.61
C GLU GA 92 96.32 50.03 -59.77
N LEU GA 93 95.89 49.00 -60.49
CA LEU GA 93 96.62 48.62 -61.69
C LEU GA 93 96.25 49.49 -62.86
N ALA GA 94 96.12 50.79 -62.65
CA ALA GA 94 96.17 51.78 -63.70
C ALA GA 94 96.89 53.03 -63.26
N THR GA 95 97.05 53.25 -61.96
CA THR GA 95 97.94 54.29 -61.46
C THR GA 95 99.37 53.80 -61.42
N GLN GA 96 99.56 52.49 -61.31
CA GLN GA 96 100.88 51.91 -61.39
C GLN GA 96 101.32 51.76 -62.84
N ALA GA 97 100.39 51.42 -63.72
CA ALA GA 97 100.70 51.27 -65.14
C ALA GA 97 100.89 52.61 -65.84
N ALA GA 98 100.40 53.70 -65.27
CA ALA GA 98 100.57 55.01 -65.87
C ALA GA 98 101.94 55.61 -65.61
N ASN GA 99 102.63 55.17 -64.57
CA ASN GA 99 103.98 55.64 -64.31
C ASN GA 99 104.90 55.18 -65.42
N ASP GA 100 105.86 56.04 -65.80
CA ASP GA 100 106.73 55.75 -66.93
C ASP GA 100 108.05 55.15 -66.52
N THR GA 101 108.22 54.78 -65.26
CA THR GA 101 109.32 53.91 -64.89
C THR GA 101 109.03 52.46 -65.25
N ASN GA 102 107.77 52.11 -65.47
CA ASN GA 102 107.43 50.80 -66.01
C ASN GA 102 107.88 50.69 -67.46
N THR GA 103 108.21 49.48 -67.86
CA THR GA 103 108.44 49.18 -69.27
C THR GA 103 107.26 48.38 -69.81
N ASP GA 104 107.23 48.23 -71.13
CA ASP GA 104 106.15 47.46 -71.75
C ASP GA 104 106.17 46.01 -71.29
N SER GA 105 107.36 45.50 -70.94
CA SER GA 105 107.44 44.17 -70.36
C SER GA 105 106.73 44.10 -69.01
N ASP GA 106 106.57 45.24 -68.33
CA ASP GA 106 105.90 45.29 -67.03
C ASP GA 106 104.49 45.84 -67.10
N ARG GA 107 104.19 46.71 -68.06
CA ARG GA 107 102.80 47.07 -68.28
C ARG GA 107 102.00 45.87 -68.76
N SER GA 108 102.55 45.12 -69.72
CA SER GA 108 101.92 43.88 -70.14
C SER GA 108 101.95 42.86 -69.01
N GLU GA 109 102.83 43.06 -68.04
CA GLU GA 109 102.85 42.18 -66.88
C GLU GA 109 101.66 42.48 -65.98
N LEU GA 110 101.35 43.77 -65.82
CA LEU GA 110 100.15 44.18 -65.10
C LEU GA 110 98.89 43.79 -65.86
N GLN GA 111 98.94 43.79 -67.18
CA GLN GA 111 97.77 43.44 -67.97
C GLN GA 111 97.30 42.03 -67.69
N LYS GA 112 98.20 41.16 -67.21
CA LYS GA 112 97.79 39.81 -66.88
C LYS GA 112 96.75 39.80 -65.78
N GLU GA 113 96.93 40.62 -64.75
CA GLU GA 113 95.93 40.74 -63.70
C GLU GA 113 94.75 41.60 -64.15
N MET GA 114 95.00 42.55 -65.04
CA MET GA 114 93.90 43.31 -65.65
C MET GA 114 92.89 42.39 -66.28
N ASP GA 115 93.35 41.47 -67.12
CA ASP GA 115 92.45 40.55 -67.80
C ASP GA 115 91.87 39.52 -66.86
N GLN GA 116 92.54 39.23 -65.75
CA GLN GA 116 92.01 38.27 -64.81
C GLN GA 116 91.00 38.87 -63.86
N LEU GA 117 91.16 40.16 -63.52
CA LEU GA 117 90.14 40.84 -62.74
C LEU GA 117 88.91 41.12 -63.57
N ALA GA 118 89.10 41.59 -64.81
CA ALA GA 118 87.96 41.86 -65.68
C ALA GA 118 87.21 40.60 -66.04
N SER GA 119 87.87 39.44 -66.03
CA SER GA 119 87.20 38.18 -66.27
C SER GA 119 86.46 37.66 -65.05
N GLU GA 120 86.76 38.19 -63.88
CA GLU GA 120 86.03 37.84 -62.67
C GLU GA 120 84.81 38.71 -62.46
N VAL GA 121 84.88 39.97 -62.88
CA VAL GA 121 83.70 40.83 -62.89
C VAL GA 121 82.62 40.23 -63.77
N THR GA 122 83.00 39.69 -64.92
CA THR GA 122 82.04 39.02 -65.79
C THR GA 122 81.50 37.75 -65.16
N ARG GA 123 82.33 37.02 -64.42
CA ARG GA 123 81.85 35.79 -63.79
C ARG GA 123 80.75 36.08 -62.78
N ILE GA 124 80.93 37.12 -61.97
CA ILE GA 124 79.94 37.44 -60.94
C ILE GA 124 78.60 37.76 -61.58
N SER GA 125 78.61 38.43 -62.73
CA SER GA 125 77.37 38.77 -63.39
C SER GA 125 76.65 37.52 -63.90
N THR GA 126 77.38 36.63 -64.56
CA THR GA 126 76.76 35.45 -65.15
C THR GA 126 76.57 34.31 -64.16
N ASP GA 127 77.21 34.36 -62.99
CA ASP GA 127 77.09 33.28 -62.03
C ASP GA 127 76.15 33.58 -60.87
N THR GA 128 76.01 34.86 -60.50
CA THR GA 128 75.13 35.21 -59.40
C THR GA 128 73.70 34.80 -59.74
N GLU GA 129 73.15 33.89 -58.96
CA GLU GA 129 71.88 33.27 -59.29
C GLU GA 129 71.11 32.99 -58.01
N PHE GA 130 69.98 33.67 -57.85
CA PHE GA 130 69.02 33.35 -56.81
C PHE GA 130 67.94 32.46 -57.41
N ASN GA 131 67.60 31.38 -56.70
CA ASN GA 131 66.64 30.39 -57.20
C ASN GA 131 67.27 29.88 -58.49
N THR GA 132 66.64 30.02 -59.64
CA THR GA 132 67.26 29.76 -60.93
C THR GA 132 67.26 30.98 -61.83
N LYS GA 133 67.39 32.16 -61.22
CA LYS GA 133 67.33 33.43 -61.93
C LYS GA 133 68.69 34.09 -61.91
N LYS GA 134 69.20 34.44 -63.08
CA LYS GA 134 70.44 35.20 -63.17
C LYS GA 134 70.12 36.66 -62.94
N LEU GA 135 70.63 37.22 -61.85
CA LEU GA 135 70.21 38.54 -61.43
C LEU GA 135 70.97 39.64 -62.16
N LEU GA 136 72.29 39.51 -62.26
CA LEU GA 136 73.13 40.61 -62.71
C LEU GA 136 73.49 40.52 -64.19
N ASP GA 137 72.85 39.64 -64.95
CA ASP GA 137 73.16 39.50 -66.37
C ASP GA 137 72.18 40.26 -67.26
N GLY GA 138 71.37 41.14 -66.67
CA GLY GA 138 70.46 41.95 -67.45
C GLY GA 138 69.15 41.30 -67.82
N THR GA 139 68.92 40.07 -67.36
CA THR GA 139 67.66 39.40 -67.64
C THR GA 139 66.63 39.54 -66.53
N ALA GA 140 67.06 39.93 -65.32
CA ALA GA 140 66.16 40.13 -64.21
C ALA GA 140 65.58 41.54 -64.29
N GLN GA 141 64.56 41.68 -65.12
CA GLN GA 141 63.87 42.94 -65.32
C GLN GA 141 62.39 42.77 -65.04
N ASN GA 142 61.76 43.82 -64.51
CA ASN GA 142 60.33 43.81 -64.24
C ASN GA 142 59.97 42.76 -63.20
N LEU GA 143 60.89 42.50 -62.27
CA LEU GA 143 60.61 41.56 -61.19
C LEU GA 143 59.50 42.11 -60.31
N THR GA 144 58.38 41.42 -60.30
CA THR GA 144 57.18 41.88 -59.61
C THR GA 144 57.02 41.09 -58.32
N PHE GA 145 57.12 41.77 -57.19
CA PHE GA 145 56.86 41.17 -55.89
C PHE GA 145 55.44 41.51 -55.46
N GLN GA 146 54.64 40.50 -55.19
CA GLN GA 146 53.28 40.73 -54.73
C GLN GA 146 53.34 41.02 -53.23
N ILE GA 147 53.60 42.29 -52.91
CA ILE GA 147 53.59 42.74 -51.53
C ILE GA 147 52.19 43.28 -51.22
N GLY GA 148 51.28 42.38 -50.91
CA GLY GA 148 49.89 42.74 -50.71
C GLY GA 148 49.00 41.58 -51.09
N ALA GA 149 47.80 41.59 -50.52
CA ALA GA 149 46.89 40.47 -50.66
C ALA GA 149 45.97 40.58 -51.86
N ASN GA 150 46.08 41.62 -52.68
CA ASN GA 150 45.13 41.88 -53.74
C ASN GA 150 45.87 42.11 -55.05
N GLU GA 151 45.11 42.40 -56.11
CA GLU GA 151 45.68 42.81 -57.38
C GLU GA 151 46.43 44.13 -57.27
N GLY GA 152 47.46 44.26 -58.10
CA GLY GA 152 48.14 45.53 -58.24
C GLY GA 152 48.86 46.01 -57.02
N GLN GA 153 48.94 45.19 -55.98
CA GLN GA 153 49.71 45.53 -54.79
C GLN GA 153 51.11 44.96 -54.90
N THR GA 154 51.79 45.39 -55.97
CA THR GA 154 53.08 44.85 -56.36
C THR GA 154 54.13 45.94 -56.34
N MET GA 155 55.38 45.51 -56.46
CA MET GA 155 56.52 46.39 -56.66
C MET GA 155 57.40 45.82 -57.75
N SER GA 156 57.79 46.66 -58.69
CA SER GA 156 58.68 46.21 -59.75
C SER GA 156 60.12 46.45 -59.37
N LEU GA 157 61.02 45.85 -60.16
CA LEU GA 157 62.45 46.00 -59.93
C LEU GA 157 63.18 45.58 -61.21
N SER GA 158 64.26 46.28 -61.51
CA SER GA 158 65.03 45.97 -62.72
C SER GA 158 66.50 46.18 -62.39
N ILE GA 159 67.26 45.10 -62.36
CA ILE GA 159 68.70 45.15 -62.15
C ILE GA 159 69.37 45.14 -63.50
N ASN GA 160 70.23 46.12 -63.74
CA ASN GA 160 70.90 46.23 -65.03
C ASN GA 160 72.03 45.22 -65.14
N LYS GA 161 72.49 45.01 -66.37
CA LYS GA 161 73.62 44.13 -66.61
C LYS GA 161 74.89 44.75 -66.04
N MET GA 162 75.58 44.02 -65.18
CA MET GA 162 76.71 44.55 -64.43
C MET GA 162 77.95 43.71 -64.64
N ASP GA 163 78.25 43.40 -65.89
CA ASP GA 163 79.45 42.69 -66.27
C ASP GA 163 80.48 43.67 -66.83
N SER GA 164 81.67 43.16 -67.11
CA SER GA 164 82.76 44.03 -67.54
C SER GA 164 82.44 44.70 -68.86
N GLU GA 165 81.73 44.00 -69.74
CA GLU GA 165 81.35 44.60 -71.01
C GLU GA 165 80.44 45.80 -70.81
N SER GA 166 79.49 45.70 -69.88
CA SER GA 166 78.55 46.79 -69.66
C SER GA 166 79.21 47.95 -68.95
N LEU GA 167 80.06 47.67 -67.96
CA LEU GA 167 80.79 48.73 -67.28
C LEU GA 167 81.94 49.28 -68.13
N LYS GA 168 82.24 48.66 -69.27
CA LYS GA 168 83.28 49.10 -70.18
C LYS GA 168 84.68 48.94 -69.60
N VAL GA 169 84.84 48.04 -68.64
CA VAL GA 169 86.15 47.73 -68.10
C VAL GA 169 86.72 46.45 -68.70
N GLY GA 170 86.15 45.98 -69.79
CA GLY GA 170 86.62 44.74 -70.39
C GLY GA 170 85.87 44.49 -71.68
N THR GA 171 86.13 43.33 -72.26
CA THR GA 171 85.45 42.92 -73.48
C THR GA 171 85.50 41.40 -73.57
N THR GA 172 84.41 40.80 -74.01
CA THR GA 172 84.26 39.35 -73.99
C THR GA 172 84.20 38.84 -75.42
N TYR GA 173 85.23 38.10 -75.82
CA TYR GA 173 85.26 37.42 -77.10
C TYR GA 173 84.70 36.02 -76.91
N THR GA 174 83.92 35.57 -77.89
CA THR GA 174 83.44 34.20 -77.91
C THR GA 174 84.01 33.48 -79.11
N ALA GA 175 84.23 32.18 -78.95
CA ALA GA 175 84.87 31.39 -79.99
C ALA GA 175 83.84 30.95 -81.03
N ASN GA 176 84.18 31.14 -82.30
CA ASN GA 176 83.31 30.71 -83.36
C ASN GA 176 83.23 29.18 -83.38
N ASP GA 177 82.38 28.66 -84.27
CA ASP GA 177 82.09 27.22 -84.24
C ASP GA 177 83.33 26.38 -84.51
N ASP GA 178 84.14 26.76 -85.49
CA ASP GA 178 85.39 26.08 -85.78
C ASP GA 178 86.47 26.42 -84.77
N GLY GA 179 86.45 27.64 -84.21
CA GLY GA 179 87.48 28.06 -83.28
C GLY GA 179 88.62 28.78 -83.97
N SER GA 180 88.42 29.14 -85.23
CA SER GA 180 89.45 29.85 -85.98
C SER GA 180 89.60 31.29 -85.49
N LYS GA 181 88.49 31.96 -85.22
CA LYS GA 181 88.50 33.38 -84.88
C LYS GA 181 87.62 33.63 -83.67
N LEU GA 182 88.20 34.22 -82.63
CA LEU GA 182 87.41 34.67 -81.49
C LEU GA 182 86.57 35.87 -81.89
N VAL GA 183 85.28 35.82 -81.57
CA VAL GA 183 84.33 36.84 -81.99
C VAL GA 183 83.72 37.45 -80.75
N THR GA 184 83.75 38.77 -80.67
CA THR GA 184 83.03 39.47 -79.63
C THR GA 184 81.70 39.98 -80.16
N ALA GA 185 80.81 40.36 -79.25
CA ALA GA 185 79.63 41.10 -79.66
C ALA GA 185 80.07 42.44 -80.23
N ASP GA 186 79.35 42.92 -81.25
CA ASP GA 186 79.70 43.99 -82.17
C ASP GA 186 80.70 43.45 -83.20
N GLY GA 187 81.22 42.24 -83.01
CA GLY GA 187 82.00 41.59 -84.05
C GLY GA 187 83.40 42.11 -84.27
N LYS GA 188 84.28 41.94 -83.29
CA LYS GA 188 85.69 42.20 -83.46
C LYS GA 188 86.41 40.86 -83.56
N GLU GA 189 87.14 40.66 -84.65
CA GLU GA 189 87.69 39.36 -84.99
C GLU GA 189 89.04 39.17 -84.30
N ALA GA 190 89.36 37.90 -84.05
CA ALA GA 190 90.65 37.53 -83.48
C ALA GA 190 91.02 36.16 -84.02
N THR GA 191 91.79 36.14 -85.10
CA THR GA 191 92.10 34.89 -85.80
C THR GA 191 93.24 34.15 -85.12
N LEU GA 192 93.22 32.83 -85.27
CA LEU GA 192 94.22 31.95 -84.67
C LEU GA 192 95.49 31.78 -85.50
N VAL GA 193 96.60 31.55 -84.80
CA VAL GA 193 97.97 31.40 -85.31
C VAL GA 193 98.42 32.45 -86.33
N THR GA 194 98.20 33.72 -86.01
CA THR GA 194 98.47 34.80 -86.94
C THR GA 194 99.48 35.83 -86.47
N LYS GA 198 104.39 34.97 -88.17
CA LYS GA 198 103.88 34.01 -87.20
C LYS GA 198 103.95 34.58 -85.79
N GLY GA 199 105.17 34.74 -85.28
CA GLY GA 199 105.38 35.29 -83.96
C GLY GA 199 104.88 34.36 -82.88
N PRO GA 200 104.77 34.87 -81.65
CA PRO GA 200 104.19 34.07 -80.57
C PRO GA 200 102.77 33.64 -80.92
N ASN GA 201 102.41 32.44 -80.48
CA ASN GA 201 101.22 31.78 -80.97
C ASN GA 201 100.00 32.15 -80.11
N GLY GA 202 98.90 32.48 -80.78
CA GLY GA 202 97.68 32.84 -80.11
C GLY GA 202 96.67 33.43 -81.09
N TYR GA 203 95.56 33.93 -80.54
CA TYR GA 203 94.50 34.53 -81.32
C TYR GA 203 94.84 35.99 -81.55
N TYR GA 204 95.40 36.28 -82.72
CA TYR GA 204 95.79 37.65 -82.99
C TYR GA 204 94.63 38.47 -83.52
N ASP GA 205 94.76 39.79 -83.42
CA ASP GA 205 93.77 40.76 -83.79
C ASP GA 205 94.22 41.44 -85.08
N ASP GA 206 93.42 42.36 -85.60
CA ASP GA 206 93.73 43.03 -86.87
C ASP GA 206 94.89 44.02 -86.76
N ALA GA 207 95.50 44.12 -85.59
CA ALA GA 207 96.64 45.01 -85.41
C ALA GA 207 97.87 44.31 -84.83
N ASP GA 208 97.87 42.97 -84.90
CA ASP GA 208 99.01 42.13 -84.51
C ASP GA 208 99.08 42.11 -82.97
N LYS GA 209 98.22 42.87 -82.30
CA LYS GA 209 98.12 42.79 -80.85
C LYS GA 209 97.55 41.43 -80.48
N LEU GA 210 98.32 40.62 -79.78
CA LEU GA 210 97.82 39.35 -79.28
C LEU GA 210 96.63 39.58 -78.36
N VAL GA 211 95.57 38.81 -78.58
CA VAL GA 211 94.37 38.87 -77.76
C VAL GA 211 94.33 37.73 -76.75
N TYR GA 212 94.48 36.50 -77.21
CA TYR GA 212 94.52 35.34 -76.34
C TYR GA 212 95.78 34.54 -76.62
N GLN GA 213 96.34 33.96 -75.56
CA GLN GA 213 97.54 33.14 -75.67
C GLN GA 213 97.13 31.68 -75.65
N ALA GA 214 97.03 31.08 -76.83
CA ALA GA 214 96.75 29.67 -76.95
C ALA GA 214 97.33 29.15 -78.26
N ASP GA 215 97.86 27.94 -78.23
CA ASP GA 215 98.43 27.31 -79.41
C ASP GA 215 97.46 26.36 -80.10
N SER GA 216 96.60 25.69 -79.34
CA SER GA 216 95.53 24.89 -79.93
C SER GA 216 94.37 25.79 -80.31
N ALA GA 217 93.23 25.20 -80.65
CA ALA GA 217 92.04 25.98 -80.98
C ALA GA 217 91.05 25.84 -79.86
N LEU GA 218 90.49 26.97 -79.42
CA LEU GA 218 89.51 26.94 -78.36
C LEU GA 218 88.27 26.18 -78.80
N ALA GA 219 87.55 25.64 -77.81
CA ALA GA 219 86.34 24.89 -78.08
C ALA GA 219 85.23 25.80 -78.56
N LYS GA 220 84.04 25.26 -78.77
CA LYS GA 220 82.92 26.01 -79.32
C LYS GA 220 82.20 26.75 -78.19
N ASP GA 221 81.91 28.03 -78.44
CA ASP GA 221 81.25 28.90 -77.47
C ASP GA 221 82.02 28.97 -76.15
N THR GA 222 83.34 29.09 -76.24
CA THR GA 222 84.16 29.39 -75.08
C THR GA 222 84.44 30.88 -75.05
N LYS GA 223 84.02 31.55 -73.98
CA LYS GA 223 84.19 32.98 -73.85
C LYS GA 223 85.49 33.30 -73.16
N VAL GA 224 86.19 34.32 -73.65
CA VAL GA 224 87.37 34.86 -72.99
C VAL GA 224 87.10 36.35 -72.75
N THR GA 225 87.53 36.83 -71.60
CA THR GA 225 87.37 38.23 -71.23
C THR GA 225 88.73 38.89 -71.17
N LYS GA 226 88.85 40.05 -71.80
CA LYS GA 226 90.12 40.76 -71.92
C LYS GA 226 89.93 42.14 -71.29
N GLY GA 227 90.79 42.48 -70.35
CA GLY GA 227 90.64 43.72 -69.63
C GLY GA 227 90.85 44.94 -70.49
N ILE GA 228 90.52 46.10 -69.93
CA ILE GA 228 90.72 47.34 -70.67
C ILE GA 228 92.21 47.58 -70.84
N ASP GA 229 92.57 48.24 -71.93
CA ASP GA 229 93.97 48.37 -72.32
C ASP GA 229 94.70 49.31 -71.39
N ILE GA 230 95.68 48.78 -70.66
CA ILE GA 230 96.58 49.59 -69.85
C ILE GA 230 98.04 49.36 -70.21
N SER GA 231 98.32 48.43 -71.11
CA SER GA 231 99.69 48.01 -71.38
C SER GA 231 100.27 48.60 -72.65
N SER GA 232 99.45 49.22 -73.50
CA SER GA 232 99.97 49.76 -74.75
C SER GA 232 100.82 51.00 -74.55
N SER GA 233 100.55 51.79 -73.51
CA SER GA 233 101.26 53.04 -73.29
C SER GA 233 100.92 53.54 -71.90
N ALA GA 234 101.61 54.61 -71.49
CA ALA GA 234 101.23 55.30 -70.27
C ALA GA 234 100.00 56.16 -70.47
N LYS GA 235 99.82 56.72 -71.67
CA LYS GA 235 98.62 57.47 -71.96
C LYS GA 235 97.39 56.59 -71.91
N ALA GA 236 97.49 55.37 -72.43
CA ALA GA 236 96.36 54.45 -72.40
C ALA GA 236 95.99 54.07 -70.98
N ALA GA 237 97.00 53.84 -70.13
CA ALA GA 237 96.73 53.49 -68.75
C ALA GA 237 96.04 54.63 -68.01
N SER GA 238 96.45 55.87 -68.28
CA SER GA 238 95.75 57.01 -67.71
C SER GA 238 94.32 57.09 -68.21
N SER GA 239 94.11 56.82 -69.50
CA SER GA 239 92.76 56.85 -70.05
C SER GA 239 91.87 55.84 -69.36
N ALA GA 240 92.39 54.64 -69.08
CA ALA GA 240 91.63 53.63 -68.37
C ALA GA 240 91.28 54.04 -66.95
N LEU GA 241 91.96 55.06 -66.39
CA LEU GA 241 91.68 55.47 -65.03
C LEU GA 241 90.27 56.05 -64.90
N THR GA 242 89.88 56.94 -65.83
CA THR GA 242 88.53 57.48 -65.79
C THR GA 242 87.50 56.41 -66.10
N THR GA 243 87.81 55.50 -67.04
CA THR GA 243 86.86 54.43 -67.35
C THR GA 243 86.61 53.56 -66.14
N ILE GA 244 87.65 53.25 -65.37
CA ILE GA 244 87.48 52.43 -64.19
C ILE GA 244 86.75 53.19 -63.10
N LYS GA 245 87.13 54.45 -62.88
CA LYS GA 245 86.51 55.21 -61.80
C LYS GA 245 85.06 55.55 -62.12
N THR GA 246 84.69 55.57 -63.40
CA THR GA 246 83.30 55.72 -63.77
C THR GA 246 82.53 54.43 -63.53
N ALA GA 247 83.16 53.28 -63.79
CA ALA GA 247 82.51 52.00 -63.53
C ALA GA 247 82.19 51.84 -62.05
N ILE GA 248 83.07 52.34 -61.17
CA ILE GA 248 82.76 52.34 -59.75
C ILE GA 248 81.55 53.20 -59.47
N ASP GA 249 81.33 54.23 -60.28
CA ASP GA 249 80.18 55.10 -60.08
C ASP GA 249 78.88 54.43 -60.50
N THR GA 250 78.90 53.70 -61.61
CA THR GA 250 77.69 53.01 -62.06
C THR GA 250 77.46 51.70 -61.34
N VAL GA 251 78.40 51.26 -60.51
CA VAL GA 251 78.13 50.15 -59.61
C VAL GA 251 77.55 50.66 -58.29
N SER GA 252 78.06 51.77 -57.78
CA SER GA 252 77.46 52.39 -56.61
C SER GA 252 76.03 52.80 -56.87
N SER GA 253 75.72 53.25 -58.07
CA SER GA 253 74.34 53.57 -58.42
C SER GA 253 73.45 52.34 -58.36
N GLU GA 254 73.95 51.22 -58.87
CA GLU GA 254 73.15 49.99 -58.85
C GLU GA 254 72.99 49.47 -57.42
N ARG GA 255 74.03 49.55 -56.61
CA ARG GA 255 73.95 49.01 -55.26
C ARG GA 255 72.91 49.72 -54.42
N ALA GA 256 72.80 51.04 -54.53
CA ALA GA 256 71.81 51.75 -53.75
C ALA GA 256 70.46 51.88 -54.44
N LYS GA 257 70.38 51.54 -55.73
CA LYS GA 257 69.07 51.26 -56.31
C LYS GA 257 68.49 49.98 -55.75
N LEU GA 258 69.34 49.08 -55.26
CA LEU GA 258 68.90 47.85 -54.61
C LEU GA 258 68.85 47.97 -53.10
N GLY GA 259 69.59 48.91 -52.52
CA GLY GA 259 69.51 49.15 -51.10
C GLY GA 259 68.29 49.99 -50.78
N ALA GA 260 67.85 50.78 -51.74
CA ALA GA 260 66.63 51.56 -51.56
C ALA GA 260 65.41 50.66 -51.56
N VAL GA 261 65.38 49.66 -52.44
CA VAL GA 261 64.26 48.74 -52.48
C VAL GA 261 64.23 47.89 -51.22
N GLN GA 262 65.41 47.48 -50.73
CA GLN GA 262 65.44 46.65 -49.55
C GLN GA 262 64.98 47.42 -48.32
N ASN GA 263 65.34 48.70 -48.22
CA ASN GA 263 64.84 49.52 -47.13
C ASN GA 263 63.33 49.65 -47.19
N ARG GA 264 62.78 49.84 -48.39
CA ARG GA 264 61.33 49.90 -48.54
C ARG GA 264 60.68 48.59 -48.13
N LEU GA 265 61.25 47.47 -48.55
CA LEU GA 265 60.67 46.18 -48.23
C LEU GA 265 60.74 45.87 -46.74
N GLU GA 266 61.67 46.49 -46.01
CA GLU GA 266 61.69 46.33 -44.57
C GLU GA 266 60.55 47.09 -43.91
N HIS GA 267 60.16 48.23 -44.47
CA HIS GA 267 58.99 48.95 -43.98
C HIS GA 267 57.71 48.25 -44.39
N THR GA 268 57.68 47.68 -45.59
CA THR GA 268 56.51 46.93 -46.03
C THR GA 268 56.24 45.72 -45.16
N ILE GA 269 57.27 45.11 -44.59
CA ILE GA 269 57.08 43.93 -43.77
C ILE GA 269 56.49 44.29 -42.41
N ASN GA 270 56.98 45.36 -41.79
CA ASN GA 270 56.39 45.79 -40.52
C ASN GA 270 54.95 46.20 -40.69
N ASN GA 271 54.62 46.85 -41.80
CA ASN GA 271 53.24 47.26 -42.01
C ASN GA 271 52.34 46.08 -42.36
N LEU GA 272 52.86 45.11 -43.10
CA LEU GA 272 52.08 43.91 -43.35
C LEU GA 272 51.89 43.09 -42.09
N GLY GA 273 52.92 43.01 -41.24
CA GLY GA 273 52.78 42.32 -39.98
C GLY GA 273 51.84 43.00 -39.03
N THR GA 274 51.85 44.32 -38.98
CA THR GA 274 50.92 45.05 -38.14
C THR GA 274 49.49 44.91 -38.62
N SER GA 275 49.28 44.88 -39.93
CA SER GA 275 47.93 44.76 -40.48
C SER GA 275 47.37 43.36 -40.33
N SER GA 276 48.21 42.35 -40.08
CA SER GA 276 47.66 41.03 -39.80
C SER GA 276 47.18 40.92 -38.37
N GLU GA 277 47.93 41.48 -37.42
CA GLU GA 277 47.47 41.49 -36.03
C GLU GA 277 46.17 42.27 -35.89
N ASN GA 278 46.10 43.43 -36.52
CA ASN GA 278 44.91 44.26 -36.40
C ASN GA 278 43.71 43.60 -37.07
N LEU GA 279 43.93 42.78 -38.08
CA LEU GA 279 42.85 42.06 -38.72
C LEU GA 279 42.58 40.72 -38.06
N THR GA 280 43.62 40.06 -37.54
CA THR GA 280 43.39 38.84 -36.79
C THR GA 280 42.55 39.11 -35.55
N SER GA 281 42.88 40.18 -34.82
CA SER GA 281 42.08 40.57 -33.67
C SER GA 281 40.68 40.99 -34.11
N ALA GA 282 40.57 41.68 -35.24
CA ALA GA 282 39.27 42.08 -35.75
C ALA GA 282 38.41 40.88 -36.10
N GLU GA 283 39.01 39.87 -36.72
CA GLU GA 283 38.26 38.69 -37.10
C GLU GA 283 37.92 37.81 -35.90
N SER GA 284 38.78 37.78 -34.89
CA SER GA 284 38.49 36.98 -33.72
C SER GA 284 37.26 37.49 -32.98
N ARG GA 285 37.11 38.81 -32.87
CA ARG GA 285 35.94 39.37 -32.22
C ARG GA 285 34.67 39.01 -32.97
N ILE GA 286 34.72 38.99 -34.30
CA ILE GA 286 33.54 38.66 -35.08
C ILE GA 286 33.24 37.17 -35.02
N ARG GA 287 34.26 36.33 -35.07
CA ARG GA 287 34.09 34.90 -35.29
C ARG GA 287 34.23 34.07 -34.02
N ASP GA 288 35.30 34.28 -33.25
CA ASP GA 288 35.54 33.47 -32.07
C ASP GA 288 34.49 33.74 -31.00
N VAL GA 289 34.25 32.72 -30.19
CA VAL GA 289 33.26 32.81 -29.12
C VAL GA 289 33.94 33.24 -27.84
N ASP GA 290 33.18 33.87 -26.96
CA ASP GA 290 33.66 34.22 -25.63
C ASP GA 290 33.42 33.03 -24.71
N MET GA 291 34.50 32.41 -24.24
CA MET GA 291 34.37 31.19 -23.46
C MET GA 291 33.57 31.44 -22.19
N ALA GA 292 33.83 32.54 -21.50
CA ALA GA 292 33.14 32.84 -20.25
C ALA GA 292 31.65 33.08 -20.49
N SER GA 293 31.32 33.95 -21.44
CA SER GA 293 29.93 34.30 -21.68
C SER GA 293 29.14 33.16 -22.30
N GLU GA 294 29.81 32.13 -22.81
CA GLU GA 294 29.14 31.00 -23.44
C GLU GA 294 29.00 29.82 -22.50
N MET GA 295 30.01 29.54 -21.68
CA MET GA 295 29.89 28.50 -20.68
C MET GA 295 28.81 28.84 -19.67
N MET GA 296 28.73 30.11 -19.28
CA MET GA 296 27.68 30.55 -18.36
C MET GA 296 26.30 30.42 -19.00
N GLU GA 297 26.19 30.63 -20.31
CA GLU GA 297 24.91 30.48 -20.96
C GLU GA 297 24.57 29.01 -21.19
N TYR GA 298 25.57 28.18 -21.45
CA TYR GA 298 25.34 26.75 -21.60
C TYR GA 298 24.79 26.15 -20.32
N THR GA 299 25.36 26.53 -19.18
CA THR GA 299 24.89 26.01 -17.90
C THR GA 299 23.45 26.40 -17.64
N LYS GA 300 23.03 27.59 -18.07
CA LYS GA 300 21.65 28.01 -17.83
C LYS GA 300 20.67 27.10 -18.56
N ASN GA 301 20.85 26.91 -19.86
CA ASN GA 301 19.97 26.01 -20.59
C ASN GA 301 20.13 24.57 -20.15
N ASN GA 302 21.29 24.22 -19.62
CA ASN GA 302 21.48 22.88 -19.08
C ASN GA 302 20.70 22.68 -17.79
N ILE GA 303 20.29 23.77 -17.13
CA ILE GA 303 19.45 23.66 -15.95
C ILE GA 303 17.97 23.76 -16.32
N LEU GA 304 17.64 24.67 -17.24
CA LEU GA 304 16.26 24.83 -17.69
C LEU GA 304 15.71 23.55 -18.28
N THR GA 305 16.56 22.70 -18.86
CA THR GA 305 16.09 21.42 -19.35
C THR GA 305 15.88 20.40 -18.23
N GLN GA 306 16.66 20.50 -17.15
CA GLN GA 306 16.43 19.63 -16.00
C GLN GA 306 15.20 20.07 -15.21
N ALA GA 307 14.94 21.37 -15.16
CA ALA GA 307 13.71 21.85 -14.54
C ALA GA 307 12.49 21.35 -15.29
N SER GA 308 12.54 21.39 -16.62
CA SER GA 308 11.45 20.83 -17.42
C SER GA 308 11.41 19.31 -17.31
N GLN GA 309 12.57 18.68 -17.19
CA GLN GA 309 12.61 17.23 -16.97
C GLN GA 309 11.96 16.87 -15.66
N ALA GA 310 12.25 17.61 -14.60
CA ALA GA 310 11.67 17.32 -13.29
C ALA GA 310 10.16 17.49 -13.29
N MET GA 311 9.66 18.55 -13.93
CA MET GA 311 8.23 18.79 -13.93
C MET GA 311 7.48 17.88 -14.90
N LEU GA 312 8.15 17.37 -15.94
CA LEU GA 312 7.50 16.43 -16.83
C LEU GA 312 7.14 15.14 -16.10
N ALA GA 313 8.01 14.70 -15.19
CA ALA GA 313 7.73 13.50 -14.41
C ALA GA 313 6.47 13.68 -13.57
N GLN GA 314 6.33 14.84 -12.93
CA GLN GA 314 5.14 15.10 -12.13
C GLN GA 314 3.91 15.31 -13.00
N ALA GA 315 4.09 15.86 -14.20
CA ALA GA 315 2.97 16.08 -15.09
C ALA GA 315 2.30 14.77 -15.48
N ASN GA 316 3.08 13.69 -15.58
CA ASN GA 316 2.51 12.39 -15.89
C ASN GA 316 1.79 11.77 -14.70
N GLN GA 317 2.21 12.13 -13.48
CA GLN GA 317 1.61 11.54 -12.29
C GLN GA 317 0.21 12.07 -12.05
N GLN GA 318 -0.04 13.32 -12.45
CA GLN GA 318 -1.33 13.95 -12.19
C GLN GA 318 -2.53 13.19 -12.77
N PRO GA 319 -2.51 12.71 -14.02
CA PRO GA 319 -3.66 11.94 -14.51
C PRO GA 319 -3.87 10.62 -13.79
N GLN GA 320 -2.86 10.12 -13.07
CA GLN GA 320 -2.97 8.83 -12.41
C GLN GA 320 -3.91 8.84 -11.22
N GLN GA 321 -4.38 10.00 -10.78
CA GLN GA 321 -5.19 10.09 -9.57
C GLN GA 321 -6.67 9.86 -9.81
N VAL GA 322 -7.11 9.77 -11.07
CA VAL GA 322 -8.52 9.54 -11.33
C VAL GA 322 -8.90 8.08 -11.12
N LEU GA 323 -7.91 7.18 -11.08
CA LEU GA 323 -8.21 5.77 -10.87
C LEU GA 323 -8.81 5.51 -9.51
N GLN GA 324 -8.29 6.19 -8.47
CA GLN GA 324 -8.85 6.04 -7.14
C GLN GA 324 -10.27 6.57 -7.06
N LEU GA 325 -10.63 7.51 -7.93
CA LEU GA 325 -12.01 8.00 -8.00
C LEU GA 325 -12.90 7.08 -8.80
N LEU GA 326 -12.36 6.42 -9.83
CA LEU GA 326 -13.17 5.59 -10.71
C LEU GA 326 -13.62 4.29 -10.05
N LYS GA 327 -12.95 3.87 -8.98
CA LYS GA 327 -13.34 2.66 -8.27
C LYS GA 327 -14.33 2.97 -7.15
#